data_9UJ0
#
_entry.id   9UJ0
#
_cell.length_a   1.00
_cell.length_b   1.00
_cell.length_c   1.00
_cell.angle_alpha   90.00
_cell.angle_beta   90.00
_cell.angle_gamma   90.00
#
_symmetry.space_group_name_H-M   'P 1'
#
_entity_poly.entity_id   1
_entity_poly.type   'polypeptide(L)'
_entity_poly.pdbx_seq_one_letter_code
;MGEVVPYKAGMQRGQGYNTYLQSLCVKDAVTIERHDDSNPPFKKEYYSEFIEEYEKIAKSMRISAGAAVSGWGQEANVNV
DILNRSEFETSTLTYEVKVLVQHQVSVLDKHSFNKIQTTTPHATYGDRFIADFIKGGHFYARVSITAKNSSETSELKQSA
EVAMTMYGVSGKITQEVERAVSSIKRNASVKITIIESTGTSKSLEVLFQGPAEESSDLLAVKEKADQFYKDADSGKHSYV
LFAVLGKYRNLSNFESYFAPFDYQMASLRSWALFNDFTLYKAIETMIKAVPESKFKDGPERKTQLIKQAINIFETIRDRV
ILISEHPEAAKEDPDHMKPGDFRLEVLNSIQTKLFHAQSQPIPNTDDYWTDVILTTKGSGNQPLFTFPAFDFGDLIGTEV
VSFGKKKNGEEYNCLIGERVTSLDDYKELSYFWVFPDSVQKFAMEMYGVSKVPTRNYMRVYAADQSDIENPRPYQRFWFY
VPSANSPP
;
_entity_poly.pdbx_strand_id   A,B,C,D,E,F,G,H,I,J,K,L,M,N,O,P,Q,R,a,b,c,d,e,f,g,h,i,j,k,l,m,n,o,p,q,r
#
# COMPACT_ATOMS: atom_id res chain seq x y z
N GLY A 2 -28.26 71.40 0.27
CA GLY A 2 -27.31 70.57 -0.42
C GLY A 2 -27.46 69.10 -0.09
N GLU A 3 -28.41 68.44 -0.74
CA GLU A 3 -28.64 67.02 -0.54
C GLU A 3 -28.71 66.28 -1.87
N VAL A 4 -29.08 66.97 -2.94
CA VAL A 4 -29.18 66.38 -4.26
C VAL A 4 -28.53 67.30 -5.27
N VAL A 5 -28.17 66.75 -6.42
CA VAL A 5 -27.53 67.51 -7.48
C VAL A 5 -27.87 66.86 -8.82
N PRO A 6 -28.19 67.63 -9.87
CA PRO A 6 -28.46 67.03 -11.17
C PRO A 6 -27.27 66.26 -11.69
N TYR A 7 -27.56 65.15 -12.39
CA TYR A 7 -26.49 64.30 -12.90
C TYR A 7 -25.62 65.07 -13.88
N LYS A 8 -24.31 64.93 -13.74
CA LYS A 8 -23.33 65.50 -14.67
C LYS A 8 -22.49 64.37 -15.23
N ALA A 9 -22.41 64.28 -16.55
CA ALA A 9 -21.76 63.14 -17.18
C ALA A 9 -20.34 62.99 -16.67
N GLY A 10 -19.89 61.75 -16.55
CA GLY A 10 -18.59 61.44 -16.01
C GLY A 10 -18.57 61.22 -14.52
N MET A 11 -19.67 61.47 -13.83
CA MET A 11 -19.71 61.27 -12.39
C MET A 11 -19.40 59.83 -12.05
N GLN A 12 -18.55 59.64 -11.03
CA GLN A 12 -18.18 58.34 -10.56
C GLN A 12 -18.60 58.22 -9.09
N ARG A 13 -19.29 57.14 -8.76
CA ARG A 13 -19.75 56.96 -7.39
C ARG A 13 -18.57 57.04 -6.43
N GLY A 14 -18.74 57.79 -5.34
CA GLY A 14 -17.72 57.89 -4.34
C GLY A 14 -16.61 58.84 -4.75
N GLN A 15 -16.95 60.11 -4.98
CA GLN A 15 -15.97 61.12 -5.34
C GLN A 15 -16.33 62.42 -4.65
N GLY A 16 -15.31 63.25 -4.44
CA GLY A 16 -15.52 64.53 -3.81
C GLY A 16 -16.33 65.47 -4.68
N TYR A 17 -17.00 66.40 -4.03
CA TYR A 17 -17.84 67.38 -4.71
C TYR A 17 -17.70 68.72 -4.02
N ASN A 18 -17.13 69.69 -4.74
CA ASN A 18 -16.99 71.05 -4.22
C ASN A 18 -18.33 71.74 -4.40
N THR A 19 -19.15 71.75 -3.34
CA THR A 19 -20.52 72.20 -3.49
C THR A 19 -20.62 73.66 -3.92
N TYR A 20 -19.64 74.48 -3.58
CA TYR A 20 -19.65 75.87 -4.01
C TYR A 20 -19.38 75.99 -5.51
N LEU A 21 -18.23 75.49 -5.96
CA LEU A 21 -17.91 75.53 -7.37
C LEU A 21 -18.71 74.53 -8.20
N GLN A 22 -19.46 73.63 -7.55
CA GLN A 22 -20.28 72.64 -8.25
C GLN A 22 -19.47 71.82 -9.24
N SER A 23 -18.18 71.69 -8.98
CA SER A 23 -17.30 70.94 -9.85
C SER A 23 -17.16 69.51 -9.29
N LEU A 24 -16.29 68.72 -9.90
CA LEU A 24 -16.01 67.36 -9.47
C LEU A 24 -14.62 67.27 -8.89
N CYS A 25 -14.48 66.44 -7.86
CA CYS A 25 -13.19 66.31 -7.17
C CYS A 25 -12.76 64.85 -7.12
N VAL A 26 -11.74 64.55 -6.32
CA VAL A 26 -11.05 63.26 -6.40
C VAL A 26 -12.06 62.12 -6.45
N LYS A 27 -11.77 61.13 -7.28
CA LYS A 27 -12.62 59.96 -7.40
C LYS A 27 -12.07 58.83 -6.53
N ASP A 28 -12.99 58.05 -5.96
CA ASP A 28 -12.65 56.88 -5.16
C ASP A 28 -12.11 57.27 -3.79
N ALA A 29 -12.56 58.40 -3.25
CA ALA A 29 -12.25 58.72 -1.86
C ALA A 29 -13.09 57.86 -0.91
N VAL A 30 -14.27 57.46 -1.34
CA VAL A 30 -15.20 56.68 -0.52
C VAL A 30 -15.51 55.39 -1.27
N THR A 31 -15.33 54.26 -0.60
CA THR A 31 -15.70 52.96 -1.14
C THR A 31 -16.98 52.51 -0.48
N ILE A 32 -17.98 52.19 -1.31
CA ILE A 32 -19.27 51.72 -0.83
C ILE A 32 -19.36 50.23 -1.14
N GLU A 33 -19.53 49.42 -0.10
CA GLU A 33 -19.68 47.97 -0.25
C GLU A 33 -21.15 47.63 -0.28
N ARG A 34 -21.59 47.00 -1.37
CA ARG A 34 -22.97 46.53 -1.50
C ARG A 34 -23.07 45.19 -0.78
N HIS A 35 -23.49 45.23 0.48
CA HIS A 35 -23.59 43.99 1.25
C HIS A 35 -24.60 43.04 0.63
N ASP A 36 -25.74 43.57 0.19
CA ASP A 36 -26.81 42.78 -0.40
C ASP A 36 -27.08 43.25 -1.82
N ASP A 37 -27.17 42.30 -2.75
CA ASP A 37 -27.44 42.62 -4.15
C ASP A 37 -28.94 42.62 -4.37
N SER A 38 -29.54 43.80 -4.30
CA SER A 38 -30.98 43.93 -4.50
C SER A 38 -31.31 45.36 -4.87
N ASN A 39 -32.19 45.55 -5.83
CA ASN A 39 -32.57 46.88 -6.23
C ASN A 39 -33.37 47.56 -5.13
N PRO A 40 -33.25 48.87 -4.97
CA PRO A 40 -33.91 49.54 -3.86
C PRO A 40 -35.40 49.70 -4.12
N PRO A 41 -36.17 50.03 -3.09
CA PRO A 41 -37.61 50.25 -3.29
C PRO A 41 -37.87 51.41 -4.24
N PHE A 42 -38.96 51.31 -4.98
CA PHE A 42 -39.24 52.25 -6.07
C PHE A 42 -40.68 52.73 -6.00
N LYS A 43 -40.91 53.89 -6.60
CA LYS A 43 -42.22 54.52 -6.65
C LYS A 43 -42.64 54.70 -8.10
N LYS A 44 -43.86 54.31 -8.43
CA LYS A 44 -44.35 54.31 -9.80
C LYS A 44 -45.53 55.27 -9.96
N GLU A 45 -45.65 55.81 -11.16
CA GLU A 45 -46.82 56.58 -11.57
C GLU A 45 -47.24 56.14 -12.97
N TYR A 46 -48.53 56.34 -13.27
CA TYR A 46 -49.05 55.94 -14.58
C TYR A 46 -50.29 56.78 -14.87
N TYR A 47 -50.13 57.80 -15.72
CA TYR A 47 -51.23 58.62 -16.19
C TYR A 47 -51.51 58.24 -17.64
N SER A 48 -52.74 57.84 -17.93
CA SER A 48 -53.11 57.35 -19.25
C SER A 48 -54.39 58.01 -19.73
N GLU A 49 -54.45 58.30 -21.04
CA GLU A 49 -55.63 58.86 -21.68
C GLU A 49 -55.87 58.12 -22.99
N PHE A 50 -57.13 57.81 -23.27
CA PHE A 50 -57.53 57.18 -24.53
C PHE A 50 -58.73 57.97 -25.06
N ILE A 51 -58.46 58.96 -25.92
CA ILE A 51 -59.50 59.89 -26.32
C ILE A 51 -60.51 59.17 -27.21
N GLU A 52 -61.69 59.78 -27.31
CA GLU A 52 -62.86 59.13 -27.90
C GLU A 52 -62.56 58.58 -29.29
N GLU A 53 -63.39 57.64 -29.71
CA GLU A 53 -63.35 57.11 -31.08
C GLU A 53 -64.40 57.88 -31.88
N TYR A 54 -63.95 58.89 -32.62
CA TYR A 54 -64.86 59.72 -33.40
C TYR A 54 -65.38 58.89 -34.56
N GLU A 55 -66.38 58.06 -34.24
CA GLU A 55 -66.99 57.18 -35.28
C GLU A 55 -68.26 57.88 -35.81
N LYS A 56 -68.21 58.31 -37.06
CA LYS A 56 -69.33 59.03 -37.68
C LYS A 56 -69.58 58.44 -39.06
N ILE A 57 -70.70 57.74 -39.21
CA ILE A 57 -71.14 57.24 -40.51
C ILE A 57 -72.32 58.10 -40.94
N ALA A 58 -72.18 58.77 -42.09
CA ALA A 58 -73.28 59.46 -42.74
C ALA A 58 -73.46 58.85 -44.12
N LYS A 59 -74.68 58.40 -44.42
CA LYS A 59 -74.94 57.63 -45.62
C LYS A 59 -76.17 58.17 -46.31
N SER A 60 -76.18 58.10 -47.65
CA SER A 60 -77.23 58.70 -48.46
C SER A 60 -77.91 57.64 -49.31
N MET A 61 -79.24 57.76 -49.47
CA MET A 61 -79.98 56.85 -50.37
C MET A 61 -81.11 57.66 -51.03
N ARG A 62 -80.87 58.17 -52.23
CA ARG A 62 -81.80 59.01 -52.99
C ARG A 62 -82.23 58.27 -54.23
N ILE A 63 -83.53 58.02 -54.35
CA ILE A 63 -84.10 57.34 -55.50
C ILE A 63 -85.22 58.20 -56.06
N SER A 64 -85.37 58.16 -57.38
CA SER A 64 -86.42 58.93 -58.04
C SER A 64 -86.73 58.26 -59.37
N ALA A 65 -87.99 57.87 -59.57
CA ALA A 65 -88.40 57.25 -60.81
C ALA A 65 -89.87 57.55 -61.06
N GLY A 66 -90.25 57.59 -62.33
CA GLY A 66 -91.62 57.86 -62.72
C GLY A 66 -91.78 58.09 -64.20
N VAL A 78 -91.15 56.43 -71.43
CA VAL A 78 -90.20 57.43 -70.97
C VAL A 78 -90.14 57.41 -69.45
N ASN A 79 -89.55 56.35 -68.91
CA ASN A 79 -89.39 56.18 -67.47
C ASN A 79 -87.93 56.38 -67.09
N VAL A 80 -87.69 57.20 -66.08
CA VAL A 80 -86.34 57.54 -65.65
C VAL A 80 -86.12 56.99 -64.26
N ASP A 81 -84.85 56.77 -63.92
CA ASP A 81 -84.44 56.28 -62.62
C ASP A 81 -83.23 57.06 -62.14
N ILE A 82 -83.15 57.28 -60.83
CA ILE A 82 -82.00 57.91 -60.21
C ILE A 82 -81.68 57.15 -58.93
N LEU A 83 -80.42 56.79 -58.73
CA LEU A 83 -80.00 55.98 -57.58
C LEU A 83 -78.66 56.54 -57.10
N ASN A 84 -78.70 57.36 -56.06
CA ASN A 84 -77.50 58.03 -55.55
C ASN A 84 -77.18 57.55 -54.14
N ARG A 85 -75.91 57.23 -53.91
CA ARG A 85 -75.44 56.78 -52.62
C ARG A 85 -74.27 57.63 -52.15
N SER A 86 -74.05 57.62 -50.84
CA SER A 86 -72.87 58.26 -50.27
C SER A 86 -72.55 57.55 -48.96
N GLU A 87 -71.33 57.76 -48.48
CA GLU A 87 -70.91 57.14 -47.23
C GLU A 87 -69.69 57.90 -46.72
N PHE A 88 -69.81 58.47 -45.53
CA PHE A 88 -68.72 59.22 -44.91
C PHE A 88 -68.40 58.60 -43.58
N GLU A 89 -67.15 58.18 -43.39
CA GLU A 89 -66.70 57.53 -42.18
C GLU A 89 -65.60 58.35 -41.54
N THR A 90 -65.57 58.36 -40.20
CA THR A 90 -64.54 59.04 -39.46
C THR A 90 -64.12 58.19 -38.28
N SER A 91 -62.85 58.26 -37.90
CA SER A 91 -62.36 57.52 -36.75
C SER A 91 -61.08 58.22 -36.26
N THR A 92 -61.22 59.01 -35.21
CA THR A 92 -60.08 59.67 -34.59
C THR A 92 -59.80 59.01 -33.26
N LEU A 93 -58.70 58.29 -33.17
CA LEU A 93 -58.24 57.68 -31.93
C LEU A 93 -56.96 58.39 -31.50
N THR A 94 -56.89 58.72 -30.21
CA THR A 94 -55.70 59.34 -29.65
C THR A 94 -55.36 58.63 -28.34
N TYR A 95 -54.08 58.60 -28.01
CA TYR A 95 -53.61 57.91 -26.81
C TYR A 95 -52.47 58.71 -26.21
N GLU A 96 -52.26 58.52 -24.90
CA GLU A 96 -51.16 59.19 -24.22
C GLU A 96 -50.96 58.58 -22.85
N VAL A 97 -49.71 58.22 -22.54
CA VAL A 97 -49.35 57.73 -21.22
C VAL A 97 -48.11 58.47 -20.75
N LYS A 98 -47.88 58.41 -19.44
CA LYS A 98 -46.70 59.05 -18.83
C LYS A 98 -46.36 58.27 -17.56
N VAL A 99 -45.33 57.45 -17.64
CA VAL A 99 -44.94 56.56 -16.54
C VAL A 99 -43.68 57.14 -15.91
N LEU A 100 -43.73 57.38 -14.60
CA LEU A 100 -42.59 57.89 -13.85
C LEU A 100 -42.21 56.87 -12.78
N VAL A 101 -40.94 56.48 -12.76
CA VAL A 101 -40.41 55.54 -11.78
C VAL A 101 -39.25 56.19 -11.07
N GLN A 102 -39.27 56.16 -9.74
CA GLN A 102 -38.21 56.73 -8.93
C GLN A 102 -37.83 55.73 -7.86
N HIS A 103 -36.55 55.37 -7.82
CA HIS A 103 -36.04 54.42 -6.85
C HIS A 103 -35.66 55.17 -5.57
N GLN A 104 -35.07 54.45 -4.61
CA GLN A 104 -34.55 55.06 -3.41
C GLN A 104 -33.13 54.60 -3.17
N VAL A 105 -32.49 55.08 -2.11
CA VAL A 105 -31.12 54.71 -1.77
C VAL A 105 -31.16 53.65 -0.68
N SER A 106 -30.47 52.54 -0.91
CA SER A 106 -30.51 51.45 0.04
C SER A 106 -29.91 51.87 1.38
N VAL A 107 -30.49 51.34 2.46
CA VAL A 107 -30.09 51.74 3.80
C VAL A 107 -29.14 50.74 4.46
N LEU A 108 -28.77 49.68 3.75
CA LEU A 108 -27.95 48.61 4.31
C LEU A 108 -26.58 48.53 3.65
N ASP A 109 -25.97 49.69 3.40
CA ASP A 109 -24.64 49.75 2.82
C ASP A 109 -23.66 50.33 3.83
N LYS A 110 -22.37 50.08 3.59
CA LYS A 110 -21.30 50.56 4.45
C LYS A 110 -20.47 51.57 3.68
N HIS A 111 -20.16 52.70 4.32
CA HIS A 111 -19.39 53.78 3.72
C HIS A 111 -18.05 53.91 4.44
N SER A 112 -16.98 54.01 3.67
CA SER A 112 -15.63 54.12 4.22
C SER A 112 -14.92 55.29 3.55
N PHE A 113 -13.80 55.69 4.15
CA PHE A 113 -13.03 56.83 3.67
C PHE A 113 -11.59 56.41 3.44
N ASN A 114 -11.11 56.60 2.21
CA ASN A 114 -9.75 56.23 1.82
C ASN A 114 -8.87 57.47 1.83
N LYS A 115 -7.60 57.28 2.19
CA LYS A 115 -6.69 58.39 2.40
C LYS A 115 -5.90 58.67 1.12
N ILE A 116 -5.93 59.92 0.65
CA ILE A 116 -5.21 60.30 -0.61
C ILE A 116 -4.05 61.25 -0.24
N GLN A 117 -3.20 61.61 -1.21
CA GLN A 117 -2.00 62.44 -0.91
C GLN A 117 -2.15 63.88 -1.41
N THR A 118 -2.27 64.85 -0.49
CA THR A 118 -2.26 66.27 -0.93
C THR A 118 -1.97 67.16 0.25
N THR A 119 -1.04 68.12 0.10
CA THR A 119 -0.80 69.11 1.16
C THR A 119 -2.00 70.02 1.19
N THR A 120 -2.83 69.98 0.14
CA THR A 120 -4.08 70.77 0.12
C THR A 120 -5.24 69.78 0.01
N PRO A 121 -5.58 69.05 1.10
CA PRO A 121 -6.70 68.10 1.09
C PRO A 121 -8.04 68.77 0.85
N HIS A 122 -8.14 70.07 1.13
CA HIS A 122 -9.41 70.77 0.95
C HIS A 122 -9.80 70.83 -0.52
N ALA A 123 -8.85 71.17 -1.39
CA ALA A 123 -9.15 71.29 -2.81
C ALA A 123 -9.21 69.94 -3.50
N THR A 124 -8.63 68.91 -2.90
CA THR A 124 -8.68 67.57 -3.49
C THR A 124 -9.96 66.85 -3.07
N TYR A 125 -10.22 66.75 -1.77
CA TYR A 125 -11.40 66.05 -1.29
C TYR A 125 -12.67 66.86 -1.55
N GLY A 126 -12.62 68.16 -1.27
CA GLY A 126 -13.80 69.00 -1.41
C GLY A 126 -14.58 69.11 -0.12
N ASP A 127 -15.90 69.03 -0.21
CA ASP A 127 -16.77 69.07 0.97
C ASP A 127 -17.57 67.79 1.14
N ARG A 128 -18.27 67.34 0.11
CA ARG A 128 -19.17 66.21 0.21
C ARG A 128 -18.88 65.20 -0.91
N PHE A 129 -19.23 63.95 -0.64
CA PHE A 129 -18.96 62.84 -1.54
C PHE A 129 -20.27 62.27 -2.08
N ILE A 130 -20.15 61.54 -3.20
CA ILE A 130 -21.30 60.99 -3.89
C ILE A 130 -21.53 59.57 -3.36
N ALA A 131 -22.51 59.44 -2.46
CA ALA A 131 -22.72 58.15 -1.80
C ALA A 131 -23.49 57.19 -2.70
N ASP A 132 -24.72 57.55 -3.07
CA ASP A 132 -25.56 56.71 -3.89
C ASP A 132 -26.23 57.56 -4.95
N PHE A 133 -26.56 56.95 -6.08
CA PHE A 133 -27.20 57.63 -7.18
C PHE A 133 -28.70 57.34 -7.15
N ILE A 134 -29.50 58.41 -7.16
CA ILE A 134 -30.95 58.27 -7.24
C ILE A 134 -31.31 57.88 -8.66
N LYS A 135 -31.92 56.71 -8.81
CA LYS A 135 -32.25 56.17 -10.13
C LYS A 135 -33.74 56.27 -10.40
N GLY A 136 -34.09 56.19 -11.68
CA GLY A 136 -35.47 56.30 -12.08
C GLY A 136 -35.70 55.98 -13.55
N GLY A 137 -36.83 56.42 -14.08
CA GLY A 137 -37.18 56.15 -15.46
C GLY A 137 -38.32 57.05 -15.89
N HIS A 138 -38.65 56.97 -17.18
CA HIS A 138 -39.63 57.88 -17.75
C HIS A 138 -40.25 57.23 -18.98
N PHE A 139 -41.51 57.57 -19.25
CA PHE A 139 -42.18 57.11 -20.46
C PHE A 139 -43.10 58.22 -20.95
N TYR A 140 -43.30 58.25 -22.26
CA TYR A 140 -44.12 59.29 -22.87
C TYR A 140 -44.52 58.82 -24.26
N ALA A 141 -45.81 58.59 -24.46
CA ALA A 141 -46.29 58.07 -25.74
C ALA A 141 -47.46 58.89 -26.23
N ARG A 142 -47.60 58.96 -27.55
CA ARG A 142 -48.72 59.63 -28.19
C ARG A 142 -49.04 58.88 -29.48
N VAL A 143 -50.27 58.41 -29.60
CA VAL A 143 -50.77 57.81 -30.83
C VAL A 143 -51.88 58.69 -31.37
N SER A 144 -51.83 58.97 -32.66
CA SER A 144 -52.83 59.80 -33.33
C SER A 144 -53.28 59.06 -34.58
N ILE A 145 -54.27 58.18 -34.44
CA ILE A 145 -54.82 57.45 -35.56
C ILE A 145 -55.89 58.32 -36.22
N THR A 146 -55.66 58.74 -37.46
CA THR A 146 -56.59 59.66 -38.17
C THR A 146 -57.77 58.86 -38.70
N ALA A 147 -58.79 59.54 -39.21
CA ALA A 147 -60.02 58.92 -39.74
C ALA A 147 -59.74 58.06 -40.96
N LYS A 148 -60.75 57.32 -41.43
CA LYS A 148 -60.62 56.54 -42.69
C LYS A 148 -61.13 57.46 -43.80
N ASN A 149 -62.11 58.32 -43.50
CA ASN A 149 -62.75 59.15 -44.51
C ASN A 149 -63.22 58.30 -45.69
N SER A 150 -63.88 57.19 -45.38
CA SER A 150 -64.51 56.39 -46.42
C SER A 150 -65.47 57.26 -47.21
N SER A 151 -65.43 57.14 -48.53
CA SER A 151 -66.22 58.01 -49.40
C SER A 151 -66.97 57.20 -50.46
N GLU A 152 -67.64 56.13 -50.06
CA GLU A 152 -68.41 55.32 -51.00
C GLU A 152 -69.54 56.18 -51.57
N THR A 153 -69.51 56.41 -52.88
CA THR A 153 -70.57 57.13 -53.57
C THR A 153 -70.90 56.40 -54.86
N SER A 154 -72.09 56.66 -55.40
CA SER A 154 -72.50 56.03 -56.64
C SER A 154 -73.75 56.73 -57.18
N GLU A 155 -73.96 56.60 -58.48
CA GLU A 155 -75.10 57.18 -59.17
C GLU A 155 -75.53 56.22 -60.27
N LEU A 156 -76.82 56.23 -60.60
CA LEU A 156 -77.35 55.41 -61.68
C LEU A 156 -78.47 56.17 -62.36
N LYS A 157 -78.65 55.89 -63.67
CA LYS A 157 -79.63 56.61 -64.48
C LYS A 157 -80.16 55.67 -65.57
N GLN A 158 -81.43 55.26 -65.43
CA GLN A 158 -82.07 54.36 -66.39
C GLN A 158 -83.23 55.09 -67.06
N SER A 159 -82.95 55.65 -68.23
CA SER A 159 -83.98 56.29 -69.03
C SER A 159 -84.57 55.28 -70.01
N ALA A 160 -85.84 54.96 -69.82
CA ALA A 160 -86.53 54.00 -70.68
C ALA A 160 -85.79 52.66 -70.72
N THR A 174 -84.98 52.34 -76.64
CA THR A 174 -84.03 53.29 -76.09
C THR A 174 -83.71 52.98 -74.63
N GLN A 175 -82.43 53.08 -74.28
CA GLN A 175 -81.97 52.73 -72.94
C GLN A 175 -80.77 53.60 -72.61
N GLU A 176 -80.50 53.73 -71.31
CA GLU A 176 -79.37 54.54 -70.85
C GLU A 176 -78.95 54.07 -69.48
N VAL A 177 -77.63 53.97 -69.27
CA VAL A 177 -77.07 53.62 -67.98
C VAL A 177 -75.88 54.54 -67.71
N GLU A 178 -75.77 55.03 -66.48
CA GLU A 178 -74.73 55.99 -66.10
C GLU A 178 -74.31 55.69 -64.67
N ARG A 179 -73.16 55.03 -64.50
CA ARG A 179 -72.61 54.71 -63.19
C ARG A 179 -71.23 55.34 -62.97
N ALA A 180 -70.99 56.52 -63.55
CA ALA A 180 -69.68 57.17 -63.42
C ALA A 180 -69.57 57.93 -62.10
N VAL A 181 -69.83 57.25 -60.99
CA VAL A 181 -69.66 57.84 -59.66
C VAL A 181 -69.20 56.73 -58.73
N SER A 182 -68.01 56.89 -58.16
CA SER A 182 -67.44 55.92 -57.24
C SER A 182 -66.18 56.50 -56.64
N SER A 183 -66.02 56.33 -55.33
CA SER A 183 -64.84 56.81 -54.62
C SER A 183 -64.67 55.98 -53.36
N ILE A 184 -63.46 56.00 -52.80
CA ILE A 184 -63.10 55.17 -51.66
C ILE A 184 -62.36 56.03 -50.63
N LYS A 185 -62.12 55.43 -49.47
CA LYS A 185 -61.46 56.10 -48.36
C LYS A 185 -60.09 56.61 -48.76
N ARG A 186 -59.72 57.75 -48.18
CA ARG A 186 -58.34 58.21 -48.28
C ARG A 186 -58.03 58.95 -46.97
N ASN A 187 -57.60 58.18 -45.97
CA ASN A 187 -56.97 58.73 -44.78
C ASN A 187 -56.45 57.61 -43.90
N ALA A 188 -55.18 57.67 -43.52
CA ALA A 188 -54.65 56.76 -42.50
C ALA A 188 -53.35 57.37 -41.98
N SER A 189 -53.43 58.02 -40.81
CA SER A 189 -52.28 58.67 -40.21
C SER A 189 -52.01 58.03 -38.86
N VAL A 190 -50.78 57.56 -38.65
CA VAL A 190 -50.37 56.98 -37.39
C VAL A 190 -49.13 57.75 -36.95
N LYS A 191 -49.31 58.72 -36.07
CA LYS A 191 -48.21 59.46 -35.47
C LYS A 191 -47.89 58.84 -34.12
N ILE A 192 -46.68 58.34 -33.98
CA ILE A 192 -46.22 57.71 -32.75
C ILE A 192 -44.98 58.45 -32.27
N THR A 193 -44.99 58.88 -31.02
CA THR A 193 -43.80 59.40 -30.35
C THR A 193 -43.61 58.61 -29.07
N ILE A 194 -42.42 58.06 -28.87
CA ILE A 194 -42.11 57.29 -27.67
C ILE A 194 -40.81 57.83 -27.10
N ILE A 195 -40.84 58.29 -25.86
CA ILE A 195 -39.67 58.82 -25.18
C ILE A 195 -39.44 57.97 -23.93
N GLU A 196 -38.29 57.33 -23.85
CA GLU A 196 -38.03 56.36 -22.81
C GLU A 196 -36.68 56.63 -22.15
N SER A 197 -36.61 56.33 -20.86
CA SER A 197 -35.37 56.38 -20.09
C SER A 197 -35.37 55.13 -19.21
N THR A 198 -34.80 54.04 -19.73
CA THR A 198 -34.85 52.77 -19.03
C THR A 198 -33.46 52.15 -18.94
N GLY A 199 -33.37 50.90 -18.49
CA GLY A 199 -32.11 50.25 -18.32
C GLY A 199 -32.11 48.85 -18.92
N THR A 200 -30.90 48.34 -19.13
CA THR A 200 -30.74 47.01 -19.71
C THR A 200 -31.02 45.94 -18.68
N SER A 201 -31.42 44.76 -19.16
CA SER A 201 -31.67 43.64 -18.28
C SER A 201 -30.38 43.16 -17.63
N SER A 216 -53.07 47.85 -35.29
CA SER A 216 -53.05 47.59 -33.86
C SER A 216 -51.94 48.38 -33.20
N ASP A 217 -51.62 49.55 -33.76
CA ASP A 217 -50.56 50.35 -33.18
C ASP A 217 -50.96 50.93 -31.83
N LEU A 218 -52.26 51.15 -31.61
CA LEU A 218 -52.71 51.59 -30.29
C LEU A 218 -52.42 50.53 -29.24
N LEU A 219 -52.66 49.26 -29.57
CA LEU A 219 -52.38 48.18 -28.62
C LEU A 219 -50.89 47.97 -28.44
N ALA A 220 -50.10 48.12 -29.51
CA ALA A 220 -48.66 47.91 -29.40
C ALA A 220 -48.04 48.89 -28.41
N VAL A 221 -48.43 50.16 -28.49
CA VAL A 221 -47.94 51.14 -27.53
C VAL A 221 -48.39 50.77 -26.13
N LYS A 222 -49.61 50.24 -26.01
CA LYS A 222 -50.13 49.89 -24.69
C LYS A 222 -49.31 48.79 -24.05
N GLU A 223 -48.91 47.78 -24.82
CA GLU A 223 -48.15 46.68 -24.25
C GLU A 223 -46.81 47.16 -23.72
N LYS A 224 -46.10 47.98 -24.49
CA LYS A 224 -44.87 48.56 -23.98
C LYS A 224 -45.14 49.46 -22.79
N ALA A 225 -46.24 50.21 -22.82
CA ALA A 225 -46.59 51.04 -21.67
C ALA A 225 -46.92 50.19 -20.45
N ASP A 226 -47.70 49.13 -20.63
CA ASP A 226 -48.00 48.25 -19.51
C ASP A 226 -46.79 47.41 -19.12
N GLN A 227 -46.06 46.88 -20.10
CA GLN A 227 -44.85 46.13 -19.78
C GLN A 227 -43.86 47.01 -19.03
N PHE A 228 -43.86 48.31 -19.29
CA PHE A 228 -43.00 49.21 -18.54
C PHE A 228 -43.37 49.16 -17.07
N TYR A 229 -44.68 49.21 -16.78
CA TYR A 229 -45.17 49.12 -15.39
C TYR A 229 -44.65 47.82 -14.81
N LYS A 230 -44.97 46.69 -15.45
CA LYS A 230 -44.55 45.40 -14.93
C LYS A 230 -43.04 45.28 -14.91
N ASP A 231 -42.37 45.89 -15.89
CA ASP A 231 -40.91 45.80 -15.96
C ASP A 231 -40.26 46.40 -14.72
N ALA A 232 -40.84 47.50 -14.20
CA ALA A 232 -40.26 48.12 -13.03
C ALA A 232 -40.17 47.14 -11.86
N ASP A 233 -41.20 46.32 -11.67
CA ASP A 233 -41.19 45.40 -10.53
C ASP A 233 -39.96 44.52 -10.55
N SER A 234 -39.51 44.11 -11.74
CA SER A 234 -38.27 43.36 -11.85
C SER A 234 -37.05 44.21 -11.49
N GLY A 235 -37.22 45.52 -11.36
CA GLY A 235 -36.13 46.39 -10.96
C GLY A 235 -35.05 46.53 -12.00
N LYS A 236 -35.45 46.74 -13.26
CA LYS A 236 -34.49 46.93 -14.37
C LYS A 236 -34.42 48.41 -14.74
N HIS A 237 -35.22 49.25 -14.07
CA HIS A 237 -35.29 50.66 -14.42
C HIS A 237 -34.22 51.40 -13.62
N SER A 238 -32.97 51.24 -14.07
CA SER A 238 -31.84 51.85 -13.39
C SER A 238 -31.28 52.90 -14.34
N TYR A 239 -31.82 54.11 -14.26
CA TYR A 239 -31.32 55.26 -15.00
C TYR A 239 -30.93 56.32 -13.98
N VAL A 240 -29.74 56.87 -14.13
CA VAL A 240 -29.21 57.81 -13.14
C VAL A 240 -29.91 59.15 -13.31
N LEU A 241 -30.55 59.62 -12.24
CA LEU A 241 -31.25 60.91 -12.26
C LEU A 241 -30.59 61.91 -11.33
N PHE A 242 -30.47 61.59 -10.05
CA PHE A 242 -29.92 62.50 -9.06
C PHE A 242 -28.83 61.80 -8.26
N ALA A 243 -27.98 62.61 -7.63
CA ALA A 243 -26.91 62.12 -6.79
C ALA A 243 -27.11 62.64 -5.36
N VAL A 244 -27.00 61.74 -4.39
CA VAL A 244 -27.21 62.07 -2.99
C VAL A 244 -25.86 62.38 -2.35
N LEU A 245 -25.77 63.51 -1.67
CA LEU A 245 -24.52 63.99 -1.09
C LEU A 245 -24.42 63.61 0.37
N GLY A 246 -23.23 63.28 0.81
CA GLY A 246 -22.98 62.97 2.21
C GLY A 246 -21.76 63.69 2.72
N LYS A 247 -21.77 63.97 4.02
CA LYS A 247 -20.70 64.74 4.64
C LYS A 247 -19.60 63.83 5.14
N TYR A 248 -18.35 64.21 4.87
CA TYR A 248 -17.22 63.36 5.25
C TYR A 248 -17.13 63.15 6.75
N ARG A 249 -17.73 64.03 7.54
CA ARG A 249 -17.64 63.88 9.00
C ARG A 249 -18.39 62.64 9.46
N ASN A 250 -19.53 62.35 8.85
CA ASN A 250 -20.36 61.22 9.26
C ASN A 250 -19.72 59.87 8.98
N LEU A 251 -18.64 59.83 8.19
CA LEU A 251 -17.96 58.57 7.95
C LEU A 251 -17.34 58.06 9.24
N SER A 252 -17.55 56.77 9.52
CA SER A 252 -16.90 56.18 10.69
C SER A 252 -15.38 56.20 10.55
N ASN A 253 -14.87 55.84 9.38
CA ASN A 253 -13.43 55.74 9.15
C ASN A 253 -12.76 57.10 9.14
N PHE A 254 -13.53 58.17 9.08
CA PHE A 254 -12.97 59.52 9.12
C PHE A 254 -12.46 59.81 10.52
N GLU A 255 -11.14 59.87 10.66
CA GLU A 255 -10.49 60.31 11.89
C GLU A 255 -10.06 61.77 11.79
N SER A 256 -10.88 62.59 11.14
CA SER A 256 -10.59 64.02 10.99
C SER A 256 -9.28 64.23 10.23
N TYR A 257 -9.27 63.73 9.00
CA TYR A 257 -8.14 63.98 8.11
C TYR A 257 -7.99 65.46 7.81
N PHE A 258 -9.08 66.22 7.93
CA PHE A 258 -9.05 67.66 7.71
C PHE A 258 -10.31 68.25 8.30
N ALA A 259 -10.46 69.57 8.15
CA ALA A 259 -11.63 70.26 8.65
C ALA A 259 -12.44 70.76 7.47
N PRO A 260 -13.50 70.07 7.04
CA PRO A 260 -14.25 70.53 5.87
C PRO A 260 -14.88 71.88 6.11
N PHE A 261 -14.90 72.69 5.04
CA PHE A 261 -15.57 73.97 5.12
C PHE A 261 -17.08 73.79 5.03
N ASP A 262 -17.81 74.83 5.50
CA ASP A 262 -19.29 74.88 5.38
C ASP A 262 -19.56 76.07 4.46
N TYR A 263 -19.82 75.84 3.18
CA TYR A 263 -19.94 76.89 2.18
C TYR A 263 -21.34 77.49 2.10
N GLN A 264 -22.26 77.06 2.97
CA GLN A 264 -23.62 77.59 2.90
C GLN A 264 -23.62 79.11 3.01
N MET A 265 -22.94 79.64 4.02
CA MET A 265 -22.89 81.10 4.18
C MET A 265 -22.02 81.75 3.11
N ALA A 266 -20.89 81.14 2.78
CA ALA A 266 -20.00 81.72 1.78
C ALA A 266 -20.70 81.85 0.43
N SER A 267 -21.43 80.82 0.02
CA SER A 267 -22.17 80.91 -1.23
C SER A 267 -23.23 81.99 -1.17
N LEU A 268 -23.92 82.09 -0.04
CA LEU A 268 -24.95 83.13 0.10
C LEU A 268 -24.34 84.52 -0.04
N ARG A 269 -23.21 84.76 0.64
CA ARG A 269 -22.58 86.07 0.55
C ARG A 269 -22.10 86.38 -0.87
N SER A 270 -21.50 85.39 -1.52
CA SER A 270 -20.90 85.60 -2.84
C SER A 270 -21.85 85.20 -3.97
N TRP A 271 -23.03 85.80 -3.98
CA TRP A 271 -23.95 85.61 -5.08
C TRP A 271 -23.88 86.72 -6.12
N ALA A 272 -23.64 87.96 -5.70
CA ALA A 272 -23.49 89.04 -6.67
C ALA A 272 -22.31 88.77 -7.62
N LEU A 273 -21.32 88.02 -7.16
CA LEU A 273 -20.18 87.68 -8.01
C LEU A 273 -20.55 86.57 -8.99
N PHE A 274 -21.32 85.58 -8.54
CA PHE A 274 -21.67 84.46 -9.41
C PHE A 274 -22.46 84.94 -10.62
N ASN A 275 -23.41 85.85 -10.42
CA ASN A 275 -24.15 86.38 -11.56
C ASN A 275 -23.24 87.13 -12.52
N ASP A 276 -22.33 87.94 -12.00
CA ASP A 276 -21.44 88.69 -12.87
C ASP A 276 -20.57 87.76 -13.71
N PHE A 277 -20.34 86.54 -13.24
CA PHE A 277 -19.60 85.57 -14.02
C PHE A 277 -20.35 85.21 -15.31
N THR A 278 -21.61 84.81 -15.18
CA THR A 278 -22.38 84.42 -16.35
C THR A 278 -22.51 85.59 -17.32
N LEU A 279 -22.75 86.79 -16.80
CA LEU A 279 -22.89 87.95 -17.68
C LEU A 279 -21.60 88.22 -18.43
N TYR A 280 -20.45 88.14 -17.76
CA TYR A 280 -19.19 88.42 -18.44
C TYR A 280 -18.88 87.37 -19.50
N LYS A 281 -19.15 86.10 -19.21
CA LYS A 281 -18.96 85.07 -20.22
C LYS A 281 -19.87 85.30 -21.42
N ALA A 282 -21.11 85.71 -21.18
CA ALA A 282 -22.03 85.96 -22.28
C ALA A 282 -21.53 87.10 -23.17
N ILE A 283 -21.00 88.16 -22.57
CA ILE A 283 -20.59 89.31 -23.37
C ILE A 283 -19.25 89.11 -24.07
N GLU A 284 -18.55 88.02 -23.82
CA GLU A 284 -17.43 87.66 -24.69
C GLU A 284 -17.95 87.39 -26.10
N THR A 285 -19.03 86.62 -26.20
CA THR A 285 -19.64 86.36 -27.50
C THR A 285 -20.27 87.61 -28.10
N MET A 286 -20.65 88.59 -27.28
CA MET A 286 -21.06 89.89 -27.82
C MET A 286 -20.02 90.40 -28.81
N ILE A 287 -18.77 90.54 -28.34
CA ILE A 287 -17.74 91.17 -29.16
C ILE A 287 -17.40 90.28 -30.36
N LYS A 288 -17.21 88.98 -30.12
CA LYS A 288 -16.78 88.10 -31.19
C LYS A 288 -17.81 88.03 -32.30
N ALA A 289 -19.10 87.96 -31.94
CA ALA A 289 -20.13 87.76 -32.95
C ALA A 289 -20.20 88.91 -33.94
N VAL A 290 -20.13 90.15 -33.47
CA VAL A 290 -20.34 91.32 -34.32
C VAL A 290 -19.13 91.51 -35.23
N PRO A 291 -19.31 91.88 -36.50
CA PRO A 291 -18.18 91.95 -37.43
C PRO A 291 -17.35 93.21 -37.22
N GLU A 292 -16.27 93.28 -37.99
CA GLU A 292 -15.33 94.39 -37.88
C GLU A 292 -15.92 95.66 -38.49
N SER A 293 -16.72 95.53 -39.54
CA SER A 293 -17.19 96.68 -40.30
C SER A 293 -18.22 97.51 -39.56
N LYS A 294 -18.47 97.26 -38.28
CA LYS A 294 -19.44 98.00 -37.50
C LYS A 294 -18.90 98.33 -36.12
N PHE A 295 -17.58 98.55 -36.09
CA PHE A 295 -16.92 98.98 -34.82
C PHE A 295 -16.49 100.43 -35.06
N LYS A 296 -16.60 101.26 -34.03
CA LYS A 296 -16.29 102.68 -34.20
C LYS A 296 -14.82 102.91 -34.49
N ASP A 297 -13.93 102.31 -33.67
CA ASP A 297 -12.51 102.57 -33.81
C ASP A 297 -11.86 101.74 -34.91
N GLY A 298 -12.56 100.75 -35.45
CA GLY A 298 -12.04 99.97 -36.55
C GLY A 298 -11.23 98.77 -36.10
N PRO A 299 -10.05 98.58 -36.70
CA PRO A 299 -9.33 97.32 -36.45
C PRO A 299 -8.93 97.11 -35.00
N GLU A 300 -8.21 98.06 -34.41
CA GLU A 300 -7.69 97.87 -33.05
C GLU A 300 -8.75 98.20 -32.02
N ARG A 301 -9.94 97.60 -32.18
CA ARG A 301 -11.00 97.72 -31.21
C ARG A 301 -11.51 96.35 -30.82
N LYS A 302 -11.47 95.41 -31.76
CA LYS A 302 -11.89 94.04 -31.46
C LYS A 302 -10.98 93.41 -30.42
N THR A 303 -9.66 93.53 -30.60
CA THR A 303 -8.76 92.73 -29.78
C THR A 303 -8.70 93.24 -28.34
N GLN A 304 -8.58 94.55 -28.12
CA GLN A 304 -8.50 95.04 -26.75
C GLN A 304 -9.86 95.14 -26.09
N LEU A 305 -10.96 95.11 -26.86
CA LEU A 305 -12.25 94.86 -26.24
C LEU A 305 -12.38 93.39 -25.85
N ILE A 306 -11.94 92.49 -26.74
CA ILE A 306 -11.92 91.07 -26.37
C ILE A 306 -10.95 90.83 -25.24
N LYS A 307 -9.75 91.42 -25.31
CA LYS A 307 -8.76 91.18 -24.27
C LYS A 307 -9.19 91.82 -22.95
N GLN A 308 -9.80 93.00 -23.00
CA GLN A 308 -10.23 93.65 -21.77
C GLN A 308 -11.26 92.81 -21.04
N ALA A 309 -12.20 92.22 -21.78
CA ALA A 309 -13.21 91.36 -21.15
C ALA A 309 -12.58 90.13 -20.54
N ILE A 310 -11.68 89.47 -21.26
CA ILE A 310 -11.06 88.25 -20.75
C ILE A 310 -10.14 88.56 -19.59
N ASN A 311 -9.41 89.68 -19.65
CA ASN A 311 -8.52 90.02 -18.54
C ASN A 311 -9.31 90.16 -17.24
N ILE A 312 -10.47 90.82 -17.29
CA ILE A 312 -11.29 90.94 -16.10
C ILE A 312 -12.10 89.68 -15.84
N PHE A 313 -12.24 88.80 -16.83
CA PHE A 313 -12.78 87.47 -16.56
C PHE A 313 -11.85 86.67 -15.66
N GLU A 314 -10.54 86.87 -15.83
CA GLU A 314 -9.57 86.25 -14.94
C GLU A 314 -9.75 86.73 -13.51
N THR A 315 -9.98 88.03 -13.34
CA THR A 315 -10.03 88.59 -11.99
C THR A 315 -11.15 87.97 -11.17
N ILE A 316 -12.32 87.77 -11.78
CA ILE A 316 -13.43 87.19 -11.04
C ILE A 316 -13.32 85.67 -10.94
N ARG A 317 -12.73 85.01 -11.94
CA ARG A 317 -12.55 83.57 -11.84
C ARG A 317 -11.55 83.21 -10.75
N ASP A 318 -10.46 83.98 -10.64
CA ASP A 318 -9.49 83.72 -9.58
C ASP A 318 -10.04 84.11 -8.22
N ARG A 319 -10.97 85.06 -8.16
CA ARG A 319 -11.64 85.35 -6.91
C ARG A 319 -12.45 84.15 -6.45
N VAL A 320 -13.15 83.50 -7.40
CA VAL A 320 -13.89 82.28 -7.06
C VAL A 320 -12.95 81.19 -6.60
N ILE A 321 -11.82 81.01 -7.31
CA ILE A 321 -10.86 79.99 -6.91
C ILE A 321 -10.27 80.34 -5.55
N LEU A 322 -10.17 81.64 -5.24
CA LEU A 322 -9.69 82.02 -3.93
C LEU A 322 -10.69 81.68 -2.83
N ILE A 323 -11.99 81.80 -3.12
CA ILE A 323 -12.99 81.44 -2.12
C ILE A 323 -12.87 79.96 -1.76
N SER A 324 -12.42 79.13 -2.70
CA SER A 324 -12.21 77.72 -2.38
C SER A 324 -11.17 77.56 -1.28
N GLU A 325 -10.05 78.29 -1.39
CA GLU A 325 -9.03 78.20 -0.35
C GLU A 325 -9.45 78.94 0.91
N HIS A 326 -10.08 80.10 0.77
CA HIS A 326 -10.45 80.94 1.90
C HIS A 326 -11.91 81.38 1.77
N PRO A 327 -12.86 80.55 2.22
CA PRO A 327 -14.26 81.01 2.23
C PRO A 327 -14.50 82.18 3.15
N GLU A 328 -13.65 82.39 4.16
CA GLU A 328 -13.77 83.58 4.97
C GLU A 328 -13.51 84.84 4.16
N ALA A 329 -12.82 84.72 3.03
CA ALA A 329 -12.57 85.86 2.16
C ALA A 329 -13.81 86.33 1.42
N ALA A 330 -14.98 85.74 1.69
CA ALA A 330 -16.20 86.21 1.06
C ALA A 330 -16.58 87.62 1.51
N LYS A 331 -16.05 88.10 2.63
CA LYS A 331 -16.40 89.43 3.11
C LYS A 331 -15.94 90.51 2.14
N GLU A 332 -14.73 90.39 1.62
CA GLU A 332 -14.16 91.45 0.80
C GLU A 332 -15.08 91.77 -0.37
N ASP A 333 -15.27 93.06 -0.62
CA ASP A 333 -16.14 93.48 -1.71
C ASP A 333 -15.43 93.25 -3.05
N PRO A 334 -16.18 93.17 -4.15
CA PRO A 334 -15.54 93.01 -5.45
C PRO A 334 -14.61 94.17 -5.76
N ASP A 335 -13.53 93.88 -6.46
CA ASP A 335 -12.55 94.89 -6.89
C ASP A 335 -12.44 94.93 -8.41
N HIS A 336 -13.52 94.59 -9.12
CA HIS A 336 -13.51 94.49 -10.56
C HIS A 336 -14.62 95.36 -11.14
N MET A 337 -14.42 95.77 -12.38
CA MET A 337 -15.38 96.64 -13.04
C MET A 337 -16.73 95.93 -13.18
N LYS A 338 -17.80 96.68 -13.05
CA LYS A 338 -19.13 96.10 -13.11
C LYS A 338 -19.42 95.60 -14.52
N PRO A 339 -20.20 94.53 -14.68
CA PRO A 339 -20.66 94.17 -16.03
C PRO A 339 -21.47 95.27 -16.70
N GLY A 340 -22.25 96.02 -15.92
CA GLY A 340 -23.00 97.12 -16.51
C GLY A 340 -22.10 98.18 -17.11
N ASP A 341 -21.08 98.60 -16.36
CA ASP A 341 -20.19 99.63 -16.88
C ASP A 341 -19.41 99.13 -18.08
N PHE A 342 -18.88 97.90 -18.00
CA PHE A 342 -18.16 97.36 -19.14
C PHE A 342 -19.11 97.12 -20.32
N ARG A 343 -20.33 96.67 -20.05
CA ARG A 343 -21.30 96.54 -21.13
C ARG A 343 -21.55 97.88 -21.80
N LEU A 344 -21.74 98.93 -20.99
CA LEU A 344 -21.86 100.28 -21.54
C LEU A 344 -20.70 100.59 -22.47
N GLU A 345 -19.48 100.25 -22.05
CA GLU A 345 -18.33 100.48 -22.91
C GLU A 345 -18.45 99.74 -24.23
N VAL A 346 -19.05 98.54 -24.21
CA VAL A 346 -19.21 97.78 -25.44
C VAL A 346 -20.10 98.53 -26.43
N LEU A 347 -21.26 98.99 -25.98
CA LEU A 347 -22.20 99.63 -26.90
C LEU A 347 -21.75 101.02 -27.32
N ASN A 348 -20.95 101.71 -26.50
CA ASN A 348 -20.51 103.04 -26.87
C ASN A 348 -19.65 103.02 -28.12
N SER A 349 -18.90 101.94 -28.34
CA SER A 349 -17.96 101.84 -29.44
C SER A 349 -18.56 101.11 -30.64
N ILE A 350 -19.86 101.29 -30.87
CA ILE A 350 -20.59 100.61 -31.92
C ILE A 350 -21.20 101.65 -32.85
N GLN A 351 -20.94 101.51 -34.16
CA GLN A 351 -21.56 102.37 -35.14
C GLN A 351 -23.06 102.11 -35.21
N THR A 352 -23.79 103.12 -35.70
CA THR A 352 -25.24 103.09 -35.69
C THR A 352 -25.77 103.58 -37.02
N LYS A 353 -27.05 103.29 -37.28
CA LYS A 353 -27.71 103.69 -38.51
C LYS A 353 -28.78 104.73 -38.20
N LEU A 354 -28.80 105.79 -39.01
CA LEU A 354 -29.67 106.94 -38.77
C LEU A 354 -31.00 106.71 -39.47
N PHE A 355 -31.83 105.86 -38.86
CA PHE A 355 -33.14 105.58 -39.42
C PHE A 355 -33.99 106.83 -39.25
N HIS A 356 -34.02 107.68 -40.28
CA HIS A 356 -34.80 108.95 -40.24
C HIS A 356 -36.22 108.64 -40.74
N ALA A 357 -37.16 108.42 -39.82
CA ALA A 357 -38.53 108.11 -40.20
C ALA A 357 -39.14 109.29 -40.94
N GLN A 358 -39.92 108.99 -41.99
CA GLN A 358 -40.50 110.01 -42.84
C GLN A 358 -41.99 109.74 -42.98
N SER A 359 -42.79 110.80 -43.00
CA SER A 359 -44.24 110.69 -43.05
C SER A 359 -44.68 110.77 -44.51
N GLN A 360 -45.05 109.63 -45.08
CA GLN A 360 -45.53 109.61 -46.45
C GLN A 360 -46.88 110.29 -46.58
N PRO A 361 -47.04 111.20 -47.55
CA PRO A 361 -48.36 111.80 -47.79
C PRO A 361 -49.21 110.99 -48.73
N ILE A 362 -50.42 110.62 -48.29
CA ILE A 362 -51.34 109.84 -49.11
C ILE A 362 -52.57 110.70 -49.41
N PRO A 363 -53.09 110.68 -50.64
CA PRO A 363 -54.28 111.48 -50.93
C PRO A 363 -55.47 111.06 -50.07
N ASN A 364 -56.42 111.99 -49.92
CA ASN A 364 -57.61 111.75 -49.10
C ASN A 364 -57.26 111.68 -47.62
N THR A 365 -56.34 112.54 -47.19
CA THR A 365 -55.93 112.64 -45.79
C THR A 365 -55.63 114.09 -45.46
N ASP A 366 -56.24 114.59 -44.39
CA ASP A 366 -56.05 115.95 -43.93
C ASP A 366 -55.52 115.91 -42.50
N ASP A 367 -54.36 116.54 -42.28
CA ASP A 367 -53.69 116.55 -40.99
C ASP A 367 -53.31 115.16 -40.53
N TYR A 368 -53.40 114.16 -41.42
CA TYR A 368 -53.04 112.78 -41.11
C TYR A 368 -52.05 112.31 -42.16
N TRP A 369 -50.90 111.83 -41.72
CA TRP A 369 -49.83 111.39 -42.60
C TRP A 369 -49.65 109.88 -42.45
N THR A 370 -48.64 109.34 -43.13
CA THR A 370 -48.31 107.92 -43.04
C THR A 370 -46.82 107.81 -42.74
N ASP A 371 -46.49 107.42 -41.51
CA ASP A 371 -45.11 107.35 -41.05
C ASP A 371 -44.47 106.06 -41.59
N VAL A 372 -43.41 106.22 -42.38
CA VAL A 372 -42.62 105.10 -42.89
C VAL A 372 -41.21 105.25 -42.36
N ILE A 373 -40.73 104.23 -41.66
CA ILE A 373 -39.39 104.25 -41.06
C ILE A 373 -38.44 103.65 -42.09
N LEU A 374 -38.00 104.49 -43.02
CA LEU A 374 -37.05 104.09 -44.05
C LEU A 374 -35.85 105.01 -44.03
N THR A 375 -34.66 104.41 -44.18
CA THR A 375 -33.42 105.17 -44.16
C THR A 375 -33.23 106.03 -45.41
N THR A 376 -33.94 105.73 -46.49
CA THR A 376 -33.78 106.47 -47.74
C THR A 376 -34.64 107.74 -47.70
N LYS A 377 -34.02 108.87 -48.05
CA LYS A 377 -34.76 110.12 -48.08
C LYS A 377 -35.85 110.08 -49.14
N GLY A 378 -37.03 110.57 -48.79
CA GLY A 378 -38.15 110.59 -49.71
C GLY A 378 -38.53 111.98 -50.13
N SER A 379 -39.37 112.09 -51.16
CA SER A 379 -39.83 113.38 -51.67
C SER A 379 -41.24 113.64 -51.17
N GLY A 380 -41.42 114.76 -50.47
CA GLY A 380 -42.72 115.11 -49.93
C GLY A 380 -43.10 114.42 -48.64
N ASN A 381 -42.19 113.59 -48.14
CA ASN A 381 -42.44 112.86 -46.86
C ASN A 381 -41.86 113.67 -45.69
N GLN A 382 -42.65 113.93 -44.65
CA GLN A 382 -42.17 114.72 -43.54
C GLN A 382 -41.26 113.89 -42.64
N PRO A 383 -40.00 114.26 -42.44
CA PRO A 383 -39.15 113.53 -41.50
C PRO A 383 -39.59 113.77 -40.06
N LEU A 384 -39.58 112.69 -39.27
CA LEU A 384 -39.98 112.77 -37.87
C LEU A 384 -38.80 112.97 -36.94
N PHE A 385 -37.86 112.01 -36.92
CA PHE A 385 -36.66 112.13 -36.11
C PHE A 385 -35.56 111.29 -36.75
N THR A 386 -34.32 111.69 -36.51
CA THR A 386 -33.15 110.96 -36.98
C THR A 386 -32.33 110.53 -35.79
N PHE A 387 -32.12 109.22 -35.66
CA PHE A 387 -31.54 108.63 -34.47
C PHE A 387 -30.59 107.50 -34.82
N PRO A 388 -29.52 107.30 -34.04
CA PRO A 388 -28.70 106.11 -34.22
C PRO A 388 -29.51 104.85 -33.96
N ALA A 389 -29.24 103.80 -34.75
CA ALA A 389 -29.90 102.52 -34.58
C ALA A 389 -28.94 101.40 -34.94
N PHE A 390 -29.34 100.17 -34.63
CA PHE A 390 -28.51 98.99 -34.81
C PHE A 390 -29.04 98.21 -36.01
N ASP A 391 -28.20 98.04 -37.02
CA ASP A 391 -28.58 97.40 -38.26
C ASP A 391 -28.06 95.97 -38.37
N PHE A 392 -27.69 95.36 -37.25
CA PHE A 392 -27.16 94.01 -37.25
C PHE A 392 -27.42 93.38 -35.90
N GLY A 393 -27.66 92.07 -35.92
CA GLY A 393 -27.95 91.35 -34.70
C GLY A 393 -26.69 91.12 -33.92
N ASP A 394 -26.55 89.93 -33.33
CA ASP A 394 -25.36 89.52 -32.60
C ASP A 394 -25.08 90.40 -31.39
N LEU A 395 -26.00 91.29 -31.02
CA LEU A 395 -25.88 92.11 -29.82
C LEU A 395 -27.04 91.71 -28.91
N ILE A 396 -26.74 90.95 -27.86
CA ILE A 396 -27.80 90.43 -27.01
C ILE A 396 -28.55 91.61 -26.39
N GLY A 397 -29.81 91.37 -26.03
CA GLY A 397 -30.65 92.42 -25.51
C GLY A 397 -31.33 93.26 -26.57
N THR A 398 -31.30 92.82 -27.84
CA THR A 398 -31.87 93.60 -28.97
C THR A 398 -32.82 92.74 -29.78
N GLU A 399 -33.86 93.34 -30.34
CA GLU A 399 -34.82 92.67 -31.21
C GLU A 399 -35.12 93.54 -32.42
N VAL A 400 -35.58 92.89 -33.49
CA VAL A 400 -35.76 93.53 -34.78
C VAL A 400 -37.22 93.88 -34.98
N VAL A 401 -37.46 95.00 -35.65
CA VAL A 401 -38.79 95.45 -36.04
C VAL A 401 -38.83 95.47 -37.57
N SER A 402 -39.29 94.37 -38.15
CA SER A 402 -39.26 94.17 -39.60
C SER A 402 -40.63 94.44 -40.16
N PHE A 403 -40.79 95.57 -40.85
CA PHE A 403 -42.06 95.89 -41.47
C PHE A 403 -42.41 94.82 -42.49
N GLY A 404 -43.68 94.43 -42.51
CA GLY A 404 -44.19 93.50 -43.49
C GLY A 404 -45.05 94.18 -44.52
N LYS A 405 -44.55 94.32 -45.74
CA LYS A 405 -45.31 94.92 -46.84
C LYS A 405 -45.77 93.84 -47.79
N LYS A 406 -47.07 93.78 -48.02
CA LYS A 406 -47.62 92.77 -48.91
C LYS A 406 -47.08 92.96 -50.32
N LYS A 407 -46.32 91.98 -50.82
CA LYS A 407 -45.94 91.98 -52.24
C LYS A 407 -47.15 91.73 -53.12
N ASN A 408 -48.11 90.96 -52.63
CA ASN A 408 -49.36 90.71 -53.33
C ASN A 408 -50.35 91.86 -53.16
N GLY A 409 -50.02 92.85 -52.35
CA GLY A 409 -50.90 93.97 -52.11
C GLY A 409 -50.13 95.20 -51.67
N GLU A 410 -50.71 95.97 -50.75
CA GLU A 410 -50.05 97.18 -50.26
C GLU A 410 -50.18 97.34 -48.75
N GLU A 411 -50.66 96.33 -48.04
CA GLU A 411 -50.83 96.43 -46.59
C GLU A 411 -49.49 96.74 -45.93
N TYR A 412 -49.51 97.67 -44.99
CA TYR A 412 -48.35 98.02 -44.17
C TYR A 412 -48.42 97.23 -42.87
N ASN A 413 -47.36 96.48 -42.56
CA ASN A 413 -47.29 95.71 -41.33
C ASN A 413 -46.03 96.07 -40.55
N CYS A 414 -46.06 95.74 -39.26
CA CYS A 414 -44.96 96.03 -38.36
C CYS A 414 -44.88 94.90 -37.34
N LEU A 415 -43.96 93.96 -37.56
CA LEU A 415 -43.82 92.79 -36.71
C LEU A 415 -42.43 92.79 -36.08
N ILE A 416 -42.39 92.67 -34.76
CA ILE A 416 -41.13 92.64 -34.03
C ILE A 416 -40.64 91.19 -33.96
N GLY A 417 -39.37 90.99 -34.30
CA GLY A 417 -38.81 89.65 -34.24
C GLY A 417 -39.52 88.66 -35.12
N GLU A 418 -40.30 89.13 -36.10
CA GLU A 418 -41.01 88.25 -37.03
C GLU A 418 -40.83 88.84 -38.43
N ARG A 419 -39.97 88.21 -39.22
CA ARG A 419 -39.67 88.72 -40.55
C ARG A 419 -40.78 88.31 -41.52
N VAL A 420 -40.59 88.72 -42.78
CA VAL A 420 -41.50 88.29 -43.84
C VAL A 420 -41.35 86.80 -44.14
N THR A 421 -40.19 86.22 -43.83
CA THR A 421 -39.94 84.83 -44.21
C THR A 421 -40.96 83.87 -43.62
N SER A 422 -41.59 84.23 -42.50
CA SER A 422 -42.64 83.37 -41.95
C SER A 422 -43.81 83.24 -42.91
N LEU A 423 -44.19 84.34 -43.55
CA LEU A 423 -45.25 84.35 -44.54
C LEU A 423 -44.64 84.31 -45.94
N ASP A 424 -45.49 84.43 -46.96
CA ASP A 424 -45.06 84.39 -48.35
C ASP A 424 -45.56 85.63 -49.09
N ASP A 425 -44.70 86.18 -49.95
CA ASP A 425 -45.01 87.37 -50.72
C ASP A 425 -45.30 88.56 -49.81
N TYR A 426 -44.25 88.94 -49.08
CA TYR A 426 -44.30 90.12 -48.17
C TYR A 426 -42.95 90.81 -48.33
N LYS A 427 -42.82 92.06 -47.88
CA LYS A 427 -41.55 92.81 -48.14
C LYS A 427 -41.07 93.49 -46.86
N GLU A 428 -39.76 93.46 -46.60
CA GLU A 428 -39.19 94.12 -45.41
C GLU A 428 -38.93 95.60 -45.69
N LEU A 429 -39.96 96.45 -45.55
CA LEU A 429 -39.73 97.91 -45.73
C LEU A 429 -38.46 98.28 -44.95
N SER A 430 -38.38 97.85 -43.68
CA SER A 430 -37.26 98.19 -42.83
C SER A 430 -37.12 97.15 -41.74
N TYR A 431 -35.89 96.70 -41.52
CA TYR A 431 -35.57 95.81 -40.42
C TYR A 431 -34.30 96.31 -39.73
N PHE A 432 -34.34 96.37 -38.41
CA PHE A 432 -33.19 96.86 -37.65
C PHE A 432 -33.36 96.50 -36.18
N TRP A 433 -32.36 95.86 -35.59
CA TRP A 433 -32.47 95.43 -34.20
C TRP A 433 -32.45 96.63 -33.26
N VAL A 434 -33.22 96.53 -32.18
CA VAL A 434 -33.33 97.61 -31.21
C VAL A 434 -33.50 97.01 -29.82
N PHE A 435 -33.33 97.85 -28.80
CA PHE A 435 -33.56 97.44 -27.42
C PHE A 435 -35.04 97.54 -27.10
N PRO A 436 -35.74 96.44 -26.84
CA PRO A 436 -37.15 96.55 -26.41
C PRO A 436 -37.31 97.22 -25.07
N ASP A 437 -36.26 97.27 -24.25
CA ASP A 437 -36.32 97.87 -22.92
C ASP A 437 -35.21 98.90 -22.79
N SER A 438 -35.28 99.68 -21.72
CA SER A 438 -34.31 100.74 -21.50
C SER A 438 -33.05 100.18 -20.87
N VAL A 439 -31.97 100.95 -20.97
CA VAL A 439 -30.70 100.60 -20.35
C VAL A 439 -30.20 101.82 -19.59
N GLN A 440 -29.34 101.58 -18.60
CA GLN A 440 -28.83 102.67 -17.79
C GLN A 440 -28.07 103.68 -18.66
N LYS A 441 -28.64 104.88 -18.76
CA LYS A 441 -27.98 106.05 -19.33
C LYS A 441 -27.57 105.87 -20.79
N PHE A 442 -28.11 104.88 -21.49
CA PHE A 442 -27.88 104.74 -22.93
C PHE A 442 -29.17 104.85 -23.74
N ALA A 443 -30.15 104.00 -23.45
CA ALA A 443 -31.37 103.93 -24.24
C ALA A 443 -32.52 104.49 -23.40
N MET A 444 -32.77 105.79 -23.55
CA MET A 444 -33.79 106.47 -22.75
C MET A 444 -34.92 107.06 -23.57
N GLU A 445 -34.72 107.31 -24.85
CA GLU A 445 -35.77 107.86 -25.69
C GLU A 445 -36.61 106.71 -26.27
N MET A 446 -37.89 106.99 -26.50
CA MET A 446 -38.89 105.96 -26.73
C MET A 446 -39.48 106.06 -28.13
N TYR A 447 -39.90 104.92 -28.66
CA TYR A 447 -40.67 104.83 -29.90
C TYR A 447 -41.79 103.82 -29.73
N GLY A 448 -42.96 104.16 -30.23
CA GLY A 448 -44.11 103.28 -30.11
C GLY A 448 -44.78 103.10 -31.46
N VAL A 449 -45.41 101.94 -31.62
CA VAL A 449 -46.05 101.53 -32.88
C VAL A 449 -47.55 101.50 -32.66
N SER A 450 -48.29 102.12 -33.58
CA SER A 450 -49.74 102.06 -33.60
C SER A 450 -50.20 101.93 -35.04
N LYS A 451 -51.28 101.18 -35.25
CA LYS A 451 -51.82 100.89 -36.58
C LYS A 451 -53.33 101.04 -36.60
N VAL A 452 -53.85 101.54 -37.70
CA VAL A 452 -55.30 101.72 -37.85
C VAL A 452 -55.88 100.49 -38.54
N PRO A 453 -56.81 99.76 -37.90
CA PRO A 453 -57.31 98.53 -38.53
C PRO A 453 -57.94 98.76 -39.89
N THR A 454 -58.68 99.86 -40.07
CA THR A 454 -59.38 100.08 -41.33
C THR A 454 -58.40 100.29 -42.48
N ARG A 455 -57.36 101.07 -42.24
CA ARG A 455 -56.35 101.37 -43.24
C ARG A 455 -54.97 101.26 -42.61
N ASN A 456 -54.07 100.57 -43.31
CA ASN A 456 -52.75 100.30 -42.76
C ASN A 456 -51.85 101.52 -42.86
N TYR A 457 -52.27 102.61 -42.23
CA TYR A 457 -51.44 103.82 -42.15
C TYR A 457 -50.57 103.68 -40.91
N MET A 458 -49.32 103.30 -41.12
CA MET A 458 -48.39 103.13 -40.00
C MET A 458 -48.39 104.39 -39.14
N ARG A 459 -48.68 104.21 -37.85
CA ARG A 459 -48.72 105.30 -36.88
C ARG A 459 -47.68 104.98 -35.82
N VAL A 460 -46.43 105.34 -36.10
CA VAL A 460 -45.33 105.19 -35.17
C VAL A 460 -45.00 106.57 -34.61
N TYR A 461 -44.94 106.69 -33.30
CA TYR A 461 -44.77 107.98 -32.66
C TYR A 461 -43.94 107.81 -31.40
N ALA A 462 -43.48 108.95 -30.87
CA ALA A 462 -42.72 108.96 -29.62
C ALA A 462 -43.69 108.73 -28.47
N ALA A 463 -43.79 107.49 -28.01
CA ALA A 463 -44.77 107.11 -26.99
C ALA A 463 -44.26 107.50 -25.62
N ASP A 464 -45.03 107.11 -24.60
CA ASP A 464 -44.69 107.46 -23.20
C ASP A 464 -44.92 106.21 -22.34
N GLN A 465 -44.49 106.23 -21.07
CA GLN A 465 -44.81 105.09 -20.19
C GLN A 465 -46.34 104.99 -20.08
N SER A 466 -47.05 106.08 -20.40
CA SER A 466 -48.52 106.10 -20.33
C SER A 466 -49.12 105.39 -21.55
N ASP A 467 -48.49 105.53 -22.72
CA ASP A 467 -48.96 104.79 -23.92
C ASP A 467 -48.93 103.29 -23.57
N ILE A 468 -47.94 102.87 -22.80
CA ILE A 468 -47.90 101.45 -22.33
C ILE A 468 -49.05 101.26 -21.33
N GLU A 469 -49.11 102.10 -20.31
CA GLU A 469 -50.18 102.00 -19.28
C GLU A 469 -51.54 101.89 -19.96
N ASN A 470 -51.92 102.89 -20.76
CA ASN A 470 -53.20 102.84 -21.52
C ASN A 470 -52.90 102.66 -23.01
N PRO A 471 -52.96 101.43 -23.55
CA PRO A 471 -52.61 101.15 -24.98
C PRO A 471 -53.78 101.43 -25.92
N ARG A 472 -53.50 102.04 -27.07
CA ARG A 472 -54.52 102.29 -28.07
C ARG A 472 -54.79 101.00 -28.85
N PRO A 473 -55.92 100.93 -29.56
CA PRO A 473 -56.21 99.72 -30.33
C PRO A 473 -55.13 99.41 -31.34
N TYR A 474 -54.81 98.12 -31.52
CA TYR A 474 -53.84 97.70 -32.59
C TYR A 474 -52.47 98.34 -32.37
N GLN A 475 -52.12 98.73 -31.14
CA GLN A 475 -50.78 99.23 -30.88
C GLN A 475 -49.89 98.03 -30.61
N ARG A 476 -48.93 97.79 -31.50
CA ARG A 476 -48.22 96.51 -31.48
C ARG A 476 -47.12 96.49 -30.42
N PHE A 477 -46.12 97.34 -30.55
CA PHE A 477 -44.95 97.25 -29.70
C PHE A 477 -44.32 98.63 -29.53
N TRP A 478 -43.53 98.77 -28.47
CA TRP A 478 -42.82 100.00 -28.15
C TRP A 478 -41.37 99.66 -27.83
N PHE A 479 -40.46 100.55 -28.23
CA PHE A 479 -39.04 100.28 -28.15
C PHE A 479 -38.28 101.55 -27.82
N TYR A 480 -37.14 101.37 -27.17
CA TYR A 480 -36.26 102.46 -26.78
C TYR A 480 -35.05 102.53 -27.70
N VAL A 481 -34.67 103.74 -28.07
CA VAL A 481 -33.54 103.98 -28.97
C VAL A 481 -32.46 104.74 -28.18
N PRO A 482 -31.18 104.53 -28.49
CA PRO A 482 -30.13 105.21 -27.72
C PRO A 482 -30.26 106.72 -27.75
N SER A 483 -29.94 107.32 -26.61
CA SER A 483 -29.97 108.78 -26.44
C SER A 483 -28.62 109.36 -26.84
N ALA A 484 -28.65 110.35 -27.72
CA ALA A 484 -27.42 110.99 -28.17
C ALA A 484 -26.74 111.80 -27.08
N ASN A 485 -27.42 112.04 -25.95
CA ASN A 485 -26.85 112.83 -24.87
C ASN A 485 -25.76 112.08 -24.10
N SER A 486 -25.58 110.80 -24.36
CA SER A 486 -24.56 110.03 -23.64
C SER A 486 -23.17 110.61 -23.96
N PRO A 487 -22.30 110.77 -22.97
CA PRO A 487 -20.97 111.34 -23.26
C PRO A 487 -20.05 110.29 -23.86
N PRO A 488 -19.38 110.60 -24.98
CA PRO A 488 -18.47 109.61 -25.56
C PRO A 488 -17.08 109.65 -24.93
N GLY B 2 -15.65 72.04 -21.50
CA GLY B 2 -14.88 70.88 -21.89
C GLY B 2 -15.26 69.62 -21.14
N GLU B 3 -16.34 68.97 -21.59
CA GLU B 3 -16.79 67.73 -20.97
C GLU B 3 -17.03 66.65 -22.03
N VAL B 4 -17.31 67.05 -23.26
CA VAL B 4 -17.55 66.13 -24.36
C VAL B 4 -16.78 66.59 -25.58
N VAL B 5 -16.56 65.66 -26.50
CA VAL B 5 -15.84 65.96 -27.74
C VAL B 5 -16.33 65.01 -28.82
N PRO B 6 -16.53 65.48 -30.05
CA PRO B 6 -16.96 64.57 -31.12
C PRO B 6 -15.92 63.48 -31.37
N TYR B 7 -16.41 62.30 -31.71
CA TYR B 7 -15.53 61.16 -31.92
C TYR B 7 -14.57 61.45 -33.07
N LYS B 8 -13.29 61.12 -32.86
CA LYS B 8 -12.27 61.21 -33.89
C LYS B 8 -11.65 59.84 -34.08
N ALA B 9 -11.62 59.36 -35.32
CA ALA B 9 -11.20 57.99 -35.57
C ALA B 9 -9.80 57.76 -35.01
N GLY B 10 -9.57 56.54 -34.52
CA GLY B 10 -8.33 56.19 -33.89
C GLY B 10 -8.30 56.41 -32.39
N MET B 11 -9.32 57.06 -31.83
CA MET B 11 -9.36 57.30 -30.39
C MET B 11 -9.27 55.99 -29.63
N GLN B 12 -8.45 55.97 -28.60
CA GLN B 12 -8.29 54.82 -27.73
C GLN B 12 -8.67 55.21 -26.33
N ARG B 13 -9.53 54.42 -25.70
CA ARG B 13 -9.97 54.73 -24.35
C ARG B 13 -8.77 54.88 -23.43
N GLY B 14 -8.78 55.94 -22.62
CA GLY B 14 -7.70 56.16 -21.67
C GLY B 14 -6.47 56.74 -22.32
N GLN B 15 -6.60 57.92 -22.92
CA GLN B 15 -5.47 58.59 -23.54
C GLN B 15 -5.58 60.08 -23.28
N GLY B 16 -4.43 60.74 -23.30
CA GLY B 16 -4.40 62.18 -23.07
C GLY B 16 -5.06 62.93 -24.21
N TYR B 17 -5.55 64.12 -23.88
CA TYR B 17 -6.23 64.98 -24.84
C TYR B 17 -5.83 66.42 -24.58
N ASN B 18 -5.14 67.03 -25.52
CA ASN B 18 -4.75 68.43 -25.44
C ASN B 18 -5.95 69.26 -25.84
N THR B 19 -6.72 69.72 -24.86
CA THR B 19 -8.01 70.33 -25.16
C THR B 19 -7.87 71.59 -26.01
N TYR B 20 -6.75 72.31 -25.90
CA TYR B 20 -6.55 73.49 -26.73
C TYR B 20 -6.32 73.10 -28.18
N LEU B 21 -5.28 72.30 -28.44
CA LEU B 21 -4.99 71.86 -29.80
C LEU B 21 -5.97 70.82 -30.30
N GLN B 22 -6.84 70.30 -29.44
CA GLN B 22 -7.85 69.31 -29.83
C GLN B 22 -7.22 68.11 -30.51
N SER B 23 -5.95 67.83 -30.20
CA SER B 23 -5.24 66.71 -30.78
C SER B 23 -5.34 65.52 -29.83
N LEU B 24 -4.62 64.44 -30.16
CA LEU B 24 -4.58 63.24 -29.35
C LEU B 24 -3.20 63.10 -28.72
N CYS B 25 -3.17 62.60 -27.50
CA CYS B 25 -1.92 62.45 -26.77
C CYS B 25 -1.74 61.01 -26.28
N VAL B 26 -0.74 60.79 -25.41
CA VAL B 26 -0.29 59.44 -25.09
C VAL B 26 -1.48 58.54 -24.82
N LYS B 27 -1.39 57.31 -25.31
CA LYS B 27 -2.43 56.31 -25.09
C LYS B 27 -2.06 55.43 -23.92
N ASP B 28 -3.08 55.01 -23.17
CA ASP B 28 -2.92 54.10 -22.03
C ASP B 28 -2.28 54.77 -20.83
N ALA B 29 -2.51 56.07 -20.67
CA ALA B 29 -2.12 56.72 -19.43
C ALA B 29 -3.05 56.36 -18.29
N VAL B 30 -4.31 56.05 -18.60
CA VAL B 30 -5.31 55.71 -17.61
C VAL B 30 -5.87 54.34 -17.95
N THR B 31 -5.87 53.44 -16.97
CA THR B 31 -6.46 52.12 -17.11
C THR B 31 -7.79 52.11 -16.38
N ILE B 32 -8.85 51.73 -17.09
CA ILE B 32 -10.19 51.65 -16.52
C ILE B 32 -10.54 50.18 -16.37
N GLU B 33 -10.81 49.75 -15.15
CA GLU B 33 -11.20 48.39 -14.86
C GLU B 33 -12.73 48.31 -14.83
N ARG B 34 -13.29 47.46 -15.68
CA ARG B 34 -14.73 47.22 -15.69
C ARG B 34 -15.04 46.19 -14.61
N HIS B 35 -15.40 46.68 -13.42
CA HIS B 35 -15.69 45.76 -12.33
C HIS B 35 -16.86 44.85 -12.67
N ASP B 36 -17.91 45.42 -13.27
CA ASP B 36 -19.13 44.69 -13.61
C ASP B 36 -19.34 44.76 -15.11
N ASP B 37 -19.62 43.61 -15.72
CA ASP B 37 -19.88 43.54 -17.17
C ASP B 37 -21.37 43.73 -17.40
N SER B 38 -21.76 44.96 -17.70
CA SER B 38 -23.16 45.27 -17.97
C SER B 38 -23.25 46.57 -18.74
N ASN B 39 -24.13 46.60 -19.73
CA ASN B 39 -24.27 47.80 -20.53
C ASN B 39 -24.93 48.90 -19.68
N PRO B 40 -24.56 50.17 -19.92
CA PRO B 40 -25.07 51.25 -19.07
C PRO B 40 -26.51 51.57 -19.40
N PRO B 41 -27.19 52.32 -18.53
CA PRO B 41 -28.58 52.71 -18.82
C PRO B 41 -28.66 53.55 -20.08
N PHE B 42 -29.78 53.43 -20.79
CA PHE B 42 -29.92 54.04 -22.10
C PHE B 42 -31.26 54.76 -22.20
N LYS B 43 -31.31 55.71 -23.14
CA LYS B 43 -32.49 56.53 -23.39
C LYS B 43 -32.91 56.33 -24.84
N LYS B 44 -34.20 56.07 -25.06
CA LYS B 44 -34.72 55.76 -26.38
C LYS B 44 -35.72 56.81 -26.84
N GLU B 45 -35.80 56.97 -28.16
CA GLU B 45 -36.82 57.79 -28.79
C GLU B 45 -37.35 57.04 -30.01
N TYR B 46 -38.60 57.36 -30.39
CA TYR B 46 -39.22 56.68 -31.53
C TYR B 46 -40.30 57.60 -32.08
N TYR B 47 -40.00 58.28 -33.18
CA TYR B 47 -40.97 59.10 -33.91
C TYR B 47 -41.35 58.36 -35.18
N SER B 48 -42.65 58.12 -35.37
CA SER B 48 -43.13 57.33 -36.49
C SER B 48 -44.29 58.03 -37.18
N GLU B 49 -44.34 57.92 -38.50
CA GLU B 49 -45.42 58.45 -39.31
C GLU B 49 -45.84 57.41 -40.34
N PHE B 50 -47.14 57.26 -40.55
CA PHE B 50 -47.67 56.37 -41.57
C PHE B 50 -48.73 57.15 -42.33
N ILE B 51 -48.33 57.79 -43.43
CA ILE B 51 -49.21 58.71 -44.13
C ILE B 51 -50.36 57.96 -44.80
N GLU B 52 -51.42 58.70 -45.09
CA GLU B 52 -52.69 58.12 -45.48
C GLU B 52 -52.53 57.14 -46.64
N GLU B 53 -53.52 56.26 -46.78
CA GLU B 53 -53.62 55.37 -47.93
C GLU B 53 -54.54 56.04 -48.94
N TYR B 54 -53.95 56.68 -49.94
CA TYR B 54 -54.73 57.39 -50.95
C TYR B 54 -55.43 56.36 -51.83
N GLU B 55 -56.54 55.83 -51.30
CA GLU B 55 -57.34 54.82 -52.04
C GLU B 55 -58.48 55.52 -52.78
N LYS B 56 -58.39 55.56 -54.11
CA LYS B 56 -59.39 56.25 -54.92
C LYS B 56 -59.78 55.32 -56.07
N ILE B 57 -61.00 54.82 -56.04
CA ILE B 57 -61.56 54.04 -57.13
C ILE B 57 -62.59 54.92 -57.84
N ALA B 58 -62.38 55.18 -59.11
CA ALA B 58 -63.36 55.84 -59.96
C ALA B 58 -63.69 54.88 -61.11
N LYS B 59 -64.97 54.58 -61.29
CA LYS B 59 -65.40 53.55 -62.21
C LYS B 59 -66.55 54.06 -63.06
N SER B 60 -66.61 53.60 -64.31
CA SER B 60 -67.56 54.09 -65.29
C SER B 60 -68.44 52.96 -65.79
N MET B 61 -69.73 53.27 -66.01
CA MET B 61 -70.65 52.27 -66.63
C MET B 61 -71.65 53.03 -67.52
N ARG B 62 -71.36 53.12 -68.81
CA ARG B 62 -72.15 53.84 -69.79
C ARG B 62 -72.74 52.85 -70.78
N ILE B 63 -74.07 52.80 -70.84
CA ILE B 63 -74.78 51.93 -71.75
C ILE B 63 -75.75 52.75 -72.56
N SER B 64 -75.95 52.35 -73.82
CA SER B 64 -76.88 53.07 -74.69
C SER B 64 -77.33 52.10 -75.78
N ALA B 65 -78.64 51.89 -75.87
CA ALA B 65 -79.20 51.01 -76.89
C ALA B 65 -80.61 51.47 -77.24
N GLY B 66 -81.01 51.20 -78.48
CA GLY B 66 -82.32 51.57 -78.95
C GLY B 66 -82.49 51.37 -80.44
N VAL B 78 -82.38 47.56 -86.85
CA VAL B 78 -81.26 48.49 -86.67
C VAL B 78 -81.15 48.91 -85.21
N ASN B 79 -80.73 47.97 -84.37
CA ASN B 79 -80.57 48.20 -82.95
C ASN B 79 -79.08 48.25 -82.62
N VAL B 80 -78.67 49.28 -81.89
CA VAL B 80 -77.27 49.49 -81.55
C VAL B 80 -77.10 49.35 -80.05
N ASP B 81 -75.87 49.03 -79.65
CA ASP B 81 -75.52 48.88 -78.25
C ASP B 81 -74.18 49.54 -77.99
N ILE B 82 -74.02 50.12 -76.81
CA ILE B 82 -72.75 50.70 -76.37
C ILE B 82 -72.54 50.31 -74.92
N LEU B 83 -71.35 49.81 -74.60
CA LEU B 83 -71.04 49.33 -73.25
C LEU B 83 -69.62 49.77 -72.93
N ASN B 84 -69.47 50.85 -72.17
CA ASN B 84 -68.17 51.41 -71.87
C ASN B 84 -67.89 51.33 -70.37
N ARG B 85 -66.68 50.89 -70.03
CA ARG B 85 -66.25 50.76 -68.64
C ARG B 85 -64.94 51.49 -68.44
N SER B 86 -64.69 51.84 -67.18
CA SER B 86 -63.40 52.40 -66.80
C SER B 86 -63.17 52.07 -65.33
N GLU B 87 -61.92 52.21 -64.91
CA GLU B 87 -61.56 51.92 -63.52
C GLU B 87 -60.23 52.57 -63.23
N PHE B 88 -60.20 53.48 -62.27
CA PHE B 88 -58.98 54.18 -61.88
C PHE B 88 -58.73 53.93 -60.40
N GLU B 89 -57.57 53.38 -60.09
CA GLU B 89 -57.20 53.05 -58.72
C GLU B 89 -55.95 53.83 -58.32
N THR B 90 -55.88 54.21 -57.07
CA THR B 90 -54.73 54.91 -56.53
C THR B 90 -54.43 54.37 -55.14
N SER B 91 -53.15 54.34 -54.78
CA SER B 91 -52.75 53.89 -53.44
C SER B 91 -51.37 54.47 -53.16
N THR B 92 -51.32 55.56 -52.38
CA THR B 92 -50.07 56.17 -51.98
C THR B 92 -49.87 55.89 -50.50
N LEU B 93 -48.90 55.05 -50.18
CA LEU B 93 -48.52 54.77 -48.81
C LEU B 93 -47.12 55.34 -48.56
N THR B 94 -46.96 56.03 -47.44
CA THR B 94 -45.66 56.56 -47.06
C THR B 94 -45.42 56.24 -45.59
N TYR B 95 -44.14 56.08 -45.24
CA TYR B 95 -43.77 55.71 -43.89
C TYR B 95 -42.48 56.43 -43.52
N GLU B 96 -42.27 56.61 -42.22
CA GLU B 96 -41.04 57.25 -41.74
C GLU B 96 -40.91 57.04 -40.25
N VAL B 97 -39.73 56.59 -39.82
CA VAL B 97 -39.42 56.45 -38.41
C VAL B 97 -38.05 57.07 -38.15
N LYS B 98 -37.80 57.37 -36.88
CA LYS B 98 -36.52 57.93 -36.46
C LYS B 98 -36.28 57.52 -35.01
N VAL B 99 -35.39 56.55 -34.81
CA VAL B 99 -35.13 55.99 -33.50
C VAL B 99 -33.77 56.49 -33.03
N LEU B 100 -33.74 57.11 -31.86
CA LEU B 100 -32.51 57.62 -31.27
C LEU B 100 -32.28 56.92 -29.94
N VAL B 101 -31.09 56.34 -29.78
CA VAL B 101 -30.70 55.64 -28.56
C VAL B 101 -29.42 56.28 -28.04
N GLN B 102 -29.41 56.64 -26.77
CA GLN B 102 -28.24 57.24 -26.13
C GLN B 102 -27.99 56.54 -24.81
N HIS B 103 -26.81 56.00 -24.64
CA HIS B 103 -26.44 55.30 -23.42
C HIS B 103 -25.88 56.32 -22.42
N GLN B 104 -25.40 55.82 -21.28
CA GLN B 104 -24.74 56.68 -20.30
C GLN B 104 -23.41 56.05 -19.90
N VAL B 105 -22.67 56.71 -19.01
CA VAL B 105 -21.37 56.23 -18.56
C VAL B 105 -21.56 55.57 -17.20
N SER B 106 -21.09 54.34 -17.08
CA SER B 106 -21.27 53.59 -15.84
C SER B 106 -20.57 54.30 -14.69
N VAL B 107 -21.19 54.21 -13.51
CA VAL B 107 -20.69 54.91 -12.32
C VAL B 107 -19.92 54.00 -11.40
N LEU B 108 -19.74 52.74 -11.74
CA LEU B 108 -19.10 51.76 -10.87
C LEU B 108 -17.78 51.25 -11.45
N ASP B 109 -17.00 52.15 -12.03
CA ASP B 109 -15.69 51.82 -12.57
C ASP B 109 -14.60 52.49 -11.75
N LYS B 110 -13.38 51.97 -11.87
CA LYS B 110 -12.22 52.49 -11.17
C LYS B 110 -11.26 53.07 -12.20
N HIS B 111 -10.73 54.26 -11.91
CA HIS B 111 -9.82 54.97 -12.78
C HIS B 111 -8.46 55.07 -12.10
N SER B 112 -7.40 54.75 -12.85
CA SER B 112 -6.04 54.78 -12.34
C SER B 112 -5.16 55.57 -13.30
N PHE B 113 -3.97 55.93 -12.83
CA PHE B 113 -3.02 56.72 -13.61
C PHE B 113 -1.68 56.01 -13.67
N ASN B 114 -1.22 55.74 -14.89
CA ASN B 114 0.03 55.05 -15.12
C ASN B 114 1.12 56.06 -15.46
N LYS B 115 2.34 55.77 -15.04
CA LYS B 115 3.45 56.72 -15.15
C LYS B 115 4.23 56.47 -16.43
N ILE B 116 4.41 57.51 -17.23
CA ILE B 116 5.30 57.49 -18.37
C ILE B 116 6.40 58.51 -18.12
N GLN B 117 7.65 58.04 -18.19
CA GLN B 117 8.81 58.92 -17.91
C GLN B 117 9.08 59.83 -19.12
N THR B 118 8.98 61.14 -18.92
CA THR B 118 9.24 62.11 -19.97
C THR B 118 9.81 63.38 -19.37
N THR B 119 10.65 64.07 -20.15
CA THR B 119 11.14 65.36 -19.73
C THR B 119 10.11 66.46 -19.96
N THR B 120 9.07 66.18 -20.72
CA THR B 120 8.00 67.13 -21.01
C THR B 120 6.66 66.47 -20.78
N PRO B 121 6.32 66.17 -19.53
CA PRO B 121 5.05 65.46 -19.27
C PRO B 121 3.84 66.25 -19.73
N HIS B 122 3.96 67.57 -19.85
CA HIS B 122 2.83 68.39 -20.26
C HIS B 122 2.40 68.08 -21.69
N ALA B 123 3.38 67.99 -22.60
CA ALA B 123 3.05 67.73 -24.00
C ALA B 123 2.74 66.26 -24.26
N THR B 124 3.16 65.36 -23.37
CA THR B 124 2.86 63.95 -23.53
C THR B 124 1.49 63.61 -22.95
N TYR B 125 1.27 63.96 -21.69
CA TYR B 125 0.00 63.65 -21.05
C TYR B 125 -1.12 64.55 -21.55
N GLY B 126 -0.85 65.84 -21.68
CA GLY B 126 -1.86 66.79 -22.08
C GLY B 126 -2.57 67.40 -20.90
N ASP B 127 -3.90 67.54 -20.98
CA ASP B 127 -4.71 68.06 -19.88
C ASP B 127 -5.70 67.05 -19.36
N ARG B 128 -6.50 66.44 -20.24
CA ARG B 128 -7.59 65.57 -19.82
C ARG B 128 -7.50 64.25 -20.58
N PHE B 129 -8.04 63.21 -19.96
CA PHE B 129 -8.01 61.85 -20.48
C PHE B 129 -9.40 61.38 -20.87
N ILE B 130 -9.45 60.35 -21.70
CA ILE B 130 -10.70 59.81 -22.23
C ILE B 130 -11.14 58.69 -21.30
N ALA B 131 -12.10 58.99 -20.43
CA ALA B 131 -12.52 58.01 -19.42
C ALA B 131 -13.47 56.98 -20.01
N ASP B 132 -14.62 57.42 -20.50
CA ASP B 132 -15.62 56.52 -21.06
C ASP B 132 -16.18 57.13 -22.33
N PHE B 133 -16.63 56.27 -23.23
CA PHE B 133 -17.19 56.70 -24.51
C PHE B 133 -18.71 56.70 -24.42
N ILE B 134 -19.31 57.83 -24.76
CA ILE B 134 -20.77 57.92 -24.83
C ILE B 134 -21.25 57.20 -26.07
N LYS B 135 -22.05 56.17 -25.89
CA LYS B 135 -22.49 55.33 -26.99
C LYS B 135 -23.96 55.59 -27.30
N GLY B 136 -24.35 55.20 -28.51
CA GLY B 136 -25.71 55.43 -28.97
C GLY B 136 -26.03 54.73 -30.27
N GLY B 137 -27.09 55.19 -30.93
CA GLY B 137 -27.52 54.58 -32.18
C GLY B 137 -28.51 55.49 -32.88
N HIS B 138 -28.88 55.09 -34.10
CA HIS B 138 -29.72 55.94 -34.94
C HIS B 138 -30.48 55.08 -35.92
N PHE B 139 -31.66 55.53 -36.31
CA PHE B 139 -32.44 54.87 -37.33
C PHE B 139 -33.17 55.92 -38.16
N TYR B 140 -33.40 55.59 -39.43
CA TYR B 140 -34.06 56.53 -40.33
C TYR B 140 -34.58 55.74 -41.53
N ALA B 141 -35.89 55.69 -41.69
CA ALA B 141 -36.49 54.90 -42.75
C ALA B 141 -37.52 55.73 -43.49
N ARG B 142 -37.68 55.44 -44.77
CA ARG B 142 -38.70 56.07 -45.62
C ARG B 142 -39.18 55.04 -46.63
N VAL B 143 -40.48 54.77 -46.63
CA VAL B 143 -41.10 53.92 -47.63
C VAL B 143 -42.06 54.79 -48.43
N SER B 144 -42.01 54.65 -49.76
CA SER B 144 -42.88 55.42 -50.65
C SER B 144 -43.48 54.42 -51.64
N ILE B 145 -44.61 53.82 -51.26
CA ILE B 145 -45.31 52.89 -52.13
C ILE B 145 -46.23 53.70 -53.04
N THR B 146 -45.97 53.68 -54.35
CA THR B 146 -46.75 54.49 -55.31
C THR B 146 -48.06 53.79 -55.61
N ALA B 147 -48.98 54.46 -56.32
CA ALA B 147 -50.31 53.93 -56.66
C ALA B 147 -50.22 52.71 -57.57
N LYS B 148 -51.35 52.05 -57.82
CA LYS B 148 -51.39 50.93 -58.78
C LYS B 148 -51.77 51.55 -60.13
N ASN B 149 -52.57 52.61 -60.12
CA ASN B 149 -53.10 53.20 -61.34
C ASN B 149 -53.74 52.13 -62.23
N SER B 150 -54.58 51.31 -61.62
CA SER B 150 -55.35 50.35 -62.39
C SER B 150 -56.19 51.10 -63.42
N SER B 151 -56.22 50.59 -64.65
CA SER B 151 -56.88 51.28 -65.75
C SER B 151 -57.78 50.34 -66.53
N GLU B 152 -58.60 49.56 -65.84
CA GLU B 152 -59.53 48.66 -66.53
C GLU B 152 -60.51 49.49 -67.34
N THR B 153 -60.49 49.32 -68.66
CA THR B 153 -61.43 49.97 -69.56
C THR B 153 -61.91 48.96 -70.59
N SER B 154 -63.06 49.24 -71.21
CA SER B 154 -63.62 48.36 -72.21
C SER B 154 -64.74 49.08 -72.96
N GLU B 155 -65.01 48.59 -74.17
CA GLU B 155 -66.06 49.14 -75.02
C GLU B 155 -66.67 47.99 -75.79
N LEU B 156 -67.95 48.12 -76.13
CA LEU B 156 -68.65 47.12 -76.92
C LEU B 156 -69.65 47.82 -77.85
N LYS B 157 -69.92 47.21 -78.99
CA LYS B 157 -70.78 47.82 -80.02
C LYS B 157 -71.50 46.70 -80.78
N GLN B 158 -72.81 46.58 -80.56
CA GLN B 158 -73.63 45.55 -81.22
C GLN B 158 -74.66 46.24 -82.11
N SER B 159 -74.33 46.37 -83.39
CA SER B 159 -75.27 46.92 -84.36
C SER B 159 -76.04 45.78 -85.00
N ALA B 160 -77.35 45.74 -84.76
CA ALA B 160 -78.22 44.71 -85.31
C ALA B 160 -77.71 43.32 -84.93
N THR B 174 -77.16 41.13 -90.47
CA THR B 174 -76.04 42.01 -90.21
C THR B 174 -75.73 42.10 -88.71
N GLN B 175 -74.44 42.09 -88.38
CA GLN B 175 -74.01 42.06 -86.99
C GLN B 175 -72.67 42.77 -86.91
N GLU B 176 -72.33 43.23 -85.70
CA GLU B 176 -71.08 43.93 -85.49
C GLU B 176 -70.69 43.83 -84.02
N VAL B 177 -69.41 43.56 -83.77
CA VAL B 177 -68.87 43.52 -82.41
C VAL B 177 -67.54 44.26 -82.41
N GLU B 178 -67.32 45.07 -81.37
CA GLU B 178 -66.12 45.91 -81.27
C GLU B 178 -65.71 45.98 -79.81
N ARG B 179 -64.68 45.21 -79.43
CA ARG B 179 -64.15 45.21 -78.07
C ARG B 179 -62.69 45.63 -78.02
N ALA B 180 -62.26 46.52 -78.91
CA ALA B 180 -60.85 46.94 -78.95
C ALA B 180 -60.57 48.03 -77.93
N VAL B 181 -60.91 47.76 -76.67
CA VAL B 181 -60.61 48.67 -75.57
C VAL B 181 -60.31 47.83 -74.34
N SER B 182 -59.09 47.95 -73.82
CA SER B 182 -58.67 47.21 -72.65
C SER B 182 -57.31 47.71 -72.21
N SER B 183 -57.14 47.91 -70.90
CA SER B 183 -55.88 48.37 -70.35
C SER B 183 -55.80 47.93 -68.89
N ILE B 184 -54.60 47.92 -68.35
CA ILE B 184 -54.35 47.41 -67.00
C ILE B 184 -53.44 48.39 -66.25
N LYS B 185 -53.27 48.13 -64.96
CA LYS B 185 -52.48 48.98 -64.09
C LYS B 185 -51.05 49.10 -64.59
N ARG B 186 -50.47 50.28 -64.36
CA ARG B 186 -49.03 50.45 -64.57
C ARG B 186 -48.57 51.48 -63.53
N ASN B 187 -48.24 50.97 -62.35
CA ASN B 187 -47.49 51.74 -61.37
C ASN B 187 -47.15 50.86 -60.17
N ALA B 188 -45.86 50.81 -59.79
CA ALA B 188 -45.46 50.16 -58.55
C ALA B 188 -44.07 50.67 -58.20
N SER B 189 -44.00 51.63 -57.29
CA SER B 189 -42.73 52.23 -56.87
C SER B 189 -42.54 51.98 -55.39
N VAL B 190 -41.41 51.39 -55.03
CA VAL B 190 -41.05 51.14 -53.64
C VAL B 190 -39.68 51.78 -53.43
N LYS B 191 -39.68 53.00 -52.88
CA LYS B 191 -38.45 53.67 -52.51
C LYS B 191 -38.20 53.43 -51.02
N ILE B 192 -37.08 52.79 -50.70
CA ILE B 192 -36.70 52.49 -49.33
C ILE B 192 -35.34 53.10 -49.08
N THR B 193 -35.24 53.89 -48.01
CA THR B 193 -33.96 54.36 -47.50
C THR B 193 -33.86 53.97 -46.04
N ILE B 194 -32.78 53.31 -45.67
CA ILE B 194 -32.57 52.89 -44.28
C ILE B 194 -31.17 53.34 -43.87
N ILE B 195 -31.10 54.15 -42.81
CA ILE B 195 -29.83 54.64 -42.30
C ILE B 195 -29.71 54.18 -40.85
N GLU B 196 -28.68 53.40 -40.56
CA GLU B 196 -28.55 52.74 -39.27
C GLU B 196 -27.16 52.96 -38.69
N SER B 197 -27.10 53.06 -37.37
CA SER B 197 -25.84 53.11 -36.62
C SER B 197 -26.03 52.20 -35.42
N THR B 198 -25.69 50.93 -35.58
CA THR B 198 -25.91 49.94 -34.53
C THR B 198 -24.65 49.16 -34.24
N GLY B 199 -24.77 48.10 -33.44
CA GLY B 199 -23.62 47.31 -33.04
C GLY B 199 -23.88 45.83 -33.21
N THR B 200 -22.79 45.08 -33.24
CA THR B 200 -22.87 43.63 -33.39
C THR B 200 -23.30 42.97 -32.09
N SER B 201 -23.91 41.80 -32.21
CA SER B 201 -24.32 41.05 -31.04
C SER B 201 -23.10 40.57 -30.25
N SER B 216 -45.21 43.64 -48.99
CA SER B 216 -45.18 43.81 -47.54
C SER B 216 -43.94 44.57 -47.12
N ASP B 217 -43.44 45.45 -47.99
CA ASP B 217 -42.23 46.19 -47.66
C ASP B 217 -42.50 47.20 -46.55
N LEU B 218 -43.72 47.70 -46.44
CA LEU B 218 -44.05 48.57 -45.32
C LEU B 218 -43.92 47.84 -43.99
N LEU B 219 -44.39 46.59 -43.94
CA LEU B 219 -44.27 45.82 -42.71
C LEU B 219 -42.81 45.42 -42.44
N ALA B 220 -42.05 45.10 -43.48
CA ALA B 220 -40.68 44.69 -43.28
C ALA B 220 -39.86 45.80 -42.62
N VAL B 221 -40.03 47.04 -43.09
CA VAL B 221 -39.35 48.16 -42.45
C VAL B 221 -39.81 48.29 -41.01
N LYS B 222 -41.10 48.05 -40.77
CA LYS B 222 -41.64 48.20 -39.42
C LYS B 222 -40.99 47.21 -38.45
N GLU B 223 -40.81 45.96 -38.88
CA GLU B 223 -40.22 44.97 -37.98
C GLU B 223 -38.80 45.34 -37.60
N LYS B 224 -37.99 45.77 -38.56
CA LYS B 224 -36.65 46.26 -38.23
C LYS B 224 -36.73 47.50 -37.36
N ALA B 225 -37.68 48.39 -37.64
CA ALA B 225 -37.86 49.56 -36.80
C ALA B 225 -38.28 49.17 -35.38
N ASP B 226 -39.25 48.25 -35.25
CA ASP B 226 -39.65 47.81 -33.93
C ASP B 226 -38.59 46.94 -33.28
N GLN B 227 -38.01 46.02 -34.05
CA GLN B 227 -36.92 45.21 -33.50
C GLN B 227 -35.77 46.08 -33.02
N PHE B 228 -35.56 47.23 -33.65
CA PHE B 228 -34.54 48.14 -33.18
C PHE B 228 -34.86 48.61 -31.77
N TYR B 229 -36.14 48.96 -31.55
CA TYR B 229 -36.60 49.37 -30.20
C TYR B 229 -36.28 48.23 -29.25
N LYS B 230 -36.81 47.02 -29.53
CA LYS B 230 -36.60 45.91 -28.63
C LYS B 230 -35.13 45.54 -28.56
N ASP B 231 -34.39 45.70 -29.66
CA ASP B 231 -32.98 45.34 -29.66
C ASP B 231 -32.20 46.17 -28.65
N ALA B 232 -32.56 47.45 -28.48
CA ALA B 232 -31.85 48.28 -27.53
C ALA B 232 -31.89 47.70 -26.13
N ASP B 233 -33.07 47.18 -25.74
CA ASP B 233 -33.21 46.59 -24.38
C ASP B 233 -32.06 45.62 -24.13
N SER B 234 -31.75 44.76 -25.10
CA SER B 234 -30.66 43.82 -24.96
C SER B 234 -29.31 44.51 -24.85
N GLY B 235 -29.26 45.82 -25.11
CA GLY B 235 -28.02 46.55 -24.96
C GLY B 235 -26.96 46.19 -25.98
N LYS B 236 -27.34 45.99 -27.23
CA LYS B 236 -26.39 45.78 -28.31
C LYS B 236 -26.15 47.02 -29.14
N HIS B 237 -26.73 48.17 -28.76
CA HIS B 237 -26.57 49.41 -29.52
C HIS B 237 -25.36 50.15 -28.95
N SER B 238 -24.18 49.66 -29.30
CA SER B 238 -22.93 50.23 -28.81
C SER B 238 -22.22 50.85 -30.02
N TYR B 239 -22.56 52.09 -30.32
CA TYR B 239 -21.89 52.87 -31.35
C TYR B 239 -21.30 54.11 -30.68
N VAL B 240 -20.03 54.37 -30.96
CA VAL B 240 -19.33 55.45 -30.29
C VAL B 240 -19.78 56.78 -30.87
N LEU B 241 -20.31 57.65 -30.00
CA LEU B 241 -20.77 58.97 -30.41
C LEU B 241 -19.92 60.09 -29.81
N PHE B 242 -19.82 60.14 -28.48
CA PHE B 242 -19.10 61.20 -27.80
C PHE B 242 -18.10 60.58 -26.81
N ALA B 243 -17.12 61.39 -26.43
CA ALA B 243 -16.12 60.99 -25.45
C ALA B 243 -16.19 61.93 -24.25
N VAL B 244 -16.20 61.36 -23.05
CA VAL B 244 -16.30 62.12 -21.81
C VAL B 244 -14.90 62.35 -21.28
N LEU B 245 -14.60 63.61 -20.95
CA LEU B 245 -13.27 64.02 -20.52
C LEU B 245 -13.20 64.08 -19.01
N GLY B 246 -12.06 63.70 -18.46
CA GLY B 246 -11.83 63.76 -17.03
C GLY B 246 -10.48 64.39 -16.73
N LYS B 247 -10.41 65.04 -15.58
CA LYS B 247 -9.20 65.76 -15.19
C LYS B 247 -8.26 64.86 -14.42
N TYR B 248 -6.98 64.92 -14.77
CA TYR B 248 -5.99 64.05 -14.13
C TYR B 248 -5.89 64.28 -12.63
N ARG B 249 -6.31 65.45 -12.14
CA ARG B 249 -6.21 65.72 -10.71
C ARG B 249 -7.14 64.82 -9.91
N ASN B 250 -8.34 64.56 -10.44
CA ASN B 250 -9.32 63.77 -9.72
C ASN B 250 -8.93 62.30 -9.58
N LEU B 251 -7.91 61.84 -10.30
CA LEU B 251 -7.45 60.47 -10.14
C LEU B 251 -6.88 60.26 -8.75
N SER B 252 -7.30 59.17 -8.09
CA SER B 252 -6.73 58.85 -6.79
C SER B 252 -5.23 58.58 -6.90
N ASN B 253 -4.82 57.79 -7.90
CA ASN B 253 -3.44 57.39 -8.06
C ASN B 253 -2.54 58.54 -8.45
N PHE B 254 -3.11 59.68 -8.85
CA PHE B 254 -2.35 60.85 -9.20
C PHE B 254 -1.74 61.45 -7.95
N GLU B 255 -0.43 61.32 -7.79
CA GLU B 255 0.32 61.99 -6.74
C GLU B 255 0.99 63.26 -7.25
N SER B 256 0.31 63.98 -8.14
CA SER B 256 0.83 65.23 -8.70
C SER B 256 2.13 64.97 -9.46
N TYR B 257 2.02 64.13 -10.49
CA TYR B 257 3.14 63.91 -11.39
C TYR B 257 3.54 65.20 -12.10
N PHE B 258 2.60 66.12 -12.23
CA PHE B 258 2.87 67.41 -12.88
C PHE B 258 1.75 68.36 -12.51
N ALA B 259 1.81 69.58 -13.05
CA ALA B 259 0.79 70.57 -12.81
C ALA B 259 0.04 70.84 -14.10
N PRO B 260 -1.13 70.24 -14.32
CA PRO B 260 -1.82 70.45 -15.59
C PRO B 260 -2.20 71.90 -15.79
N PHE B 261 -2.13 72.36 -17.03
CA PHE B 261 -2.56 73.70 -17.36
C PHE B 261 -4.09 73.77 -17.43
N ASP B 262 -4.61 74.99 -17.30
CA ASP B 262 -6.06 75.28 -17.46
C ASP B 262 -6.15 76.16 -18.69
N TYR B 263 -6.49 75.60 -19.85
CA TYR B 263 -6.47 76.31 -21.13
C TYR B 263 -7.74 77.09 -21.41
N GLN B 264 -8.69 77.11 -20.46
CA GLN B 264 -9.94 77.83 -20.72
C GLN B 264 -9.68 79.28 -21.06
N MET B 265 -8.89 79.98 -20.24
CA MET B 265 -8.58 81.37 -20.52
C MET B 265 -7.65 81.52 -21.72
N ALA B 266 -6.65 80.64 -21.83
CA ALA B 266 -5.71 80.75 -22.94
C ALA B 266 -6.42 80.60 -24.28
N SER B 267 -7.33 79.63 -24.39
CA SER B 267 -8.08 79.46 -25.63
C SER B 267 -8.94 80.69 -25.91
N LEU B 268 -9.57 81.24 -24.87
CA LEU B 268 -10.40 82.42 -25.07
C LEU B 268 -9.56 83.58 -25.60
N ARG B 269 -8.39 83.82 -25.00
CA ARG B 269 -7.56 84.92 -25.46
C ARG B 269 -7.07 84.70 -26.89
N SER B 270 -6.66 83.49 -27.22
CA SER B 270 -6.07 83.19 -28.52
C SER B 270 -7.11 82.64 -29.49
N TRP B 271 -8.18 83.41 -29.71
CA TRP B 271 -9.16 83.07 -30.73
C TRP B 271 -8.92 83.77 -32.05
N ALA B 272 -8.46 85.03 -32.02
CA ALA B 272 -8.16 85.72 -33.25
C ALA B 272 -7.09 84.99 -34.04
N LEU B 273 -6.21 84.25 -33.36
CA LEU B 273 -5.19 83.49 -34.06
C LEU B 273 -5.76 82.22 -34.67
N PHE B 274 -6.68 81.55 -33.97
CA PHE B 274 -7.24 80.31 -34.48
C PHE B 274 -7.98 80.53 -35.79
N ASN B 275 -8.73 81.62 -35.89
CA ASN B 275 -9.42 81.90 -37.15
C ASN B 275 -8.43 82.16 -38.28
N ASP B 276 -7.37 82.92 -37.99
CA ASP B 276 -6.39 83.21 -39.02
C ASP B 276 -5.72 81.95 -39.53
N PHE B 277 -5.69 80.89 -38.72
CA PHE B 277 -5.15 79.62 -39.17
C PHE B 277 -5.99 79.04 -40.29
N THR B 278 -7.30 78.92 -40.08
CA THR B 278 -8.15 78.33 -41.11
C THR B 278 -8.12 79.17 -42.38
N LEU B 279 -8.13 80.49 -42.24
CA LEU B 279 -8.10 81.35 -43.43
C LEU B 279 -6.81 81.16 -44.21
N TYR B 280 -5.67 81.08 -43.52
CA TYR B 280 -4.40 80.93 -44.21
C TYR B 280 -4.30 79.58 -44.91
N LYS B 281 -4.78 78.52 -44.27
CA LYS B 281 -4.80 77.21 -44.92
C LYS B 281 -5.69 77.23 -46.15
N ALA B 282 -6.84 77.90 -46.07
CA ALA B 282 -7.73 77.97 -47.22
C ALA B 282 -7.08 78.68 -48.39
N ILE B 283 -6.36 79.78 -48.13
CA ILE B 283 -5.78 80.55 -49.23
C ILE B 283 -4.52 79.93 -49.80
N GLU B 284 -4.01 78.84 -49.22
CA GLU B 284 -2.99 78.07 -49.92
C GLU B 284 -3.59 77.48 -51.19
N THR B 285 -4.79 76.91 -51.08
CA THR B 285 -5.48 76.40 -52.26
C THR B 285 -5.90 77.49 -53.22
N MET B 286 -6.09 78.73 -52.74
CA MET B 286 -6.28 79.86 -53.65
C MET B 286 -5.19 79.87 -54.71
N ILE B 287 -3.93 79.92 -54.29
CA ILE B 287 -2.84 80.08 -55.25
C ILE B 287 -2.69 78.85 -56.11
N LYS B 288 -2.72 77.66 -55.49
CA LYS B 288 -2.48 76.44 -56.25
C LYS B 288 -3.55 76.22 -57.31
N ALA B 289 -4.81 76.49 -56.97
CA ALA B 289 -5.89 76.17 -57.89
C ALA B 289 -5.80 76.97 -59.19
N VAL B 290 -5.51 78.26 -59.10
CA VAL B 290 -5.53 79.14 -60.26
C VAL B 290 -4.33 78.86 -61.17
N PRO B 291 -4.50 78.86 -62.49
CA PRO B 291 -3.39 78.45 -63.37
C PRO B 291 -2.36 79.56 -63.53
N GLU B 292 -1.30 79.21 -64.26
CA GLU B 292 -0.18 80.13 -64.47
C GLU B 292 -0.57 81.25 -65.44
N SER B 293 -1.41 80.94 -66.42
CA SER B 293 -1.70 81.89 -67.49
C SER B 293 -2.55 83.06 -67.06
N LYS B 294 -2.80 83.23 -65.76
CA LYS B 294 -3.61 84.34 -65.26
C LYS B 294 -2.98 84.96 -64.04
N PHE B 295 -1.64 84.95 -64.04
CA PHE B 295 -0.87 85.61 -62.95
C PHE B 295 -0.22 86.84 -63.59
N LYS B 296 -0.15 87.95 -62.86
CA LYS B 296 0.39 89.18 -63.43
C LYS B 296 1.88 89.04 -63.73
N ASP B 297 2.67 88.58 -62.77
CA ASP B 297 4.11 88.53 -62.95
C ASP B 297 4.57 87.31 -63.74
N GLY B 298 3.70 86.34 -63.98
CA GLY B 298 4.04 85.20 -64.78
C GLY B 298 4.66 84.07 -63.98
N PRO B 299 5.76 83.50 -64.47
CA PRO B 299 6.27 82.27 -63.84
C PRO B 299 6.67 82.44 -62.39
N GLU B 300 7.56 83.38 -62.08
CA GLU B 300 8.08 83.51 -60.73
C GLU B 300 7.12 84.30 -59.86
N ARG B 301 5.85 83.90 -59.87
CA ARG B 301 4.85 84.49 -58.99
C ARG B 301 4.13 83.40 -58.23
N LYS B 302 3.98 82.22 -58.84
CA LYS B 302 3.35 81.11 -58.16
C LYS B 302 4.16 80.65 -56.96
N THR B 303 5.47 80.49 -57.14
CA THR B 303 6.24 79.83 -56.10
C THR B 303 6.45 80.72 -54.87
N GLN B 304 6.79 82.00 -55.06
CA GLN B 304 6.99 82.85 -53.89
C GLN B 304 5.69 83.38 -53.32
N LEU B 305 4.60 83.30 -54.06
CA LEU B 305 3.29 83.48 -53.42
C LEU B 305 2.93 82.23 -52.63
N ILE B 306 3.18 81.05 -53.18
CA ILE B 306 2.97 79.82 -52.43
C ILE B 306 3.92 79.77 -51.25
N LYS B 307 5.19 80.09 -51.47
CA LYS B 307 6.15 80.01 -50.38
C LYS B 307 5.88 81.07 -49.32
N GLN B 308 5.48 82.27 -49.74
CA GLN B 308 5.21 83.31 -48.76
C GLN B 308 4.07 82.92 -47.84
N ALA B 309 3.03 82.30 -48.38
CA ALA B 309 1.91 81.86 -47.56
C ALA B 309 2.34 80.77 -46.58
N ILE B 310 3.09 79.78 -47.07
CA ILE B 310 3.50 78.69 -46.20
C ILE B 310 4.51 79.16 -45.16
N ASN B 311 5.41 80.06 -45.54
CA ASN B 311 6.37 80.56 -44.56
C ASN B 311 5.68 81.23 -43.38
N ILE B 312 4.64 82.02 -43.65
CA ILE B 312 3.88 82.63 -42.56
C ILE B 312 2.87 81.66 -41.96
N PHE B 313 2.56 80.57 -42.64
CA PHE B 313 1.80 79.49 -42.01
C PHE B 313 2.62 78.85 -40.90
N GLU B 314 3.94 78.76 -41.09
CA GLU B 314 4.81 78.27 -40.04
C GLU B 314 4.76 79.17 -38.81
N THR B 315 4.77 80.49 -39.03
CA THR B 315 4.85 81.42 -37.92
C THR B 315 3.66 81.27 -36.98
N ILE B 316 2.46 81.11 -37.53
CA ILE B 316 1.29 80.97 -36.66
C ILE B 316 1.14 79.56 -36.12
N ARG B 317 1.60 78.54 -36.86
CA ARG B 317 1.52 77.18 -36.34
C ARG B 317 2.48 76.99 -35.17
N ASP B 318 3.68 77.56 -35.26
CA ASP B 318 4.62 77.46 -34.16
C ASP B 318 4.19 78.33 -32.98
N ARG B 319 3.45 79.39 -33.24
CA ARG B 319 2.88 80.16 -32.14
C ARG B 319 1.88 79.30 -31.37
N VAL B 320 1.05 78.53 -32.08
CA VAL B 320 0.12 77.62 -31.42
C VAL B 320 0.89 76.56 -30.64
N ILE B 321 1.93 75.99 -31.24
CA ILE B 321 2.72 74.99 -30.54
C ILE B 321 3.41 75.61 -29.34
N LEU B 322 3.73 76.90 -29.42
CA LEU B 322 4.33 77.58 -28.26
C LEU B 322 3.31 77.74 -27.14
N ILE B 323 2.04 78.00 -27.47
CA ILE B 323 1.03 78.13 -26.42
C ILE B 323 0.90 76.82 -25.65
N SER B 324 1.17 75.69 -26.29
CA SER B 324 1.15 74.43 -25.56
C SER B 324 2.18 74.42 -24.44
N GLU B 325 3.41 74.88 -24.73
CA GLU B 325 4.43 74.93 -23.70
C GLU B 325 4.18 76.06 -22.72
N HIS B 326 3.75 77.22 -23.22
CA HIS B 326 3.57 78.41 -22.40
C HIS B 326 2.21 79.03 -22.68
N PRO B 327 1.14 78.56 -22.02
CA PRO B 327 -0.16 79.23 -22.19
C PRO B 327 -0.17 80.65 -21.66
N GLU B 328 0.73 80.99 -20.74
CA GLU B 328 0.84 82.37 -20.32
C GLU B 328 1.30 83.27 -21.46
N ALA B 329 1.92 82.71 -22.49
CA ALA B 329 2.33 83.49 -23.65
C ALA B 329 1.16 83.91 -24.52
N ALA B 330 -0.08 83.65 -24.11
CA ALA B 330 -1.23 84.11 -24.88
C ALA B 330 -1.35 85.62 -24.88
N LYS B 331 -0.71 86.31 -23.94
CA LYS B 331 -0.81 87.76 -23.88
C LYS B 331 -0.20 88.42 -25.12
N GLU B 332 0.96 87.94 -25.56
CA GLU B 332 1.67 88.60 -26.64
C GLU B 332 0.79 88.72 -27.88
N ASP B 333 0.80 89.89 -28.50
CA ASP B 333 -0.01 90.10 -29.68
C ASP B 333 0.61 89.37 -30.87
N PRO B 334 -0.18 89.10 -31.91
CA PRO B 334 0.38 88.46 -33.11
C PRO B 334 1.49 89.31 -33.72
N ASP B 335 2.48 88.63 -34.29
CA ASP B 335 3.59 89.28 -34.97
C ASP B 335 3.67 88.85 -36.42
N HIS B 336 2.53 88.50 -37.02
CA HIS B 336 2.48 87.98 -38.37
C HIS B 336 1.51 88.82 -39.20
N MET B 337 1.74 88.81 -40.51
CA MET B 337 0.91 89.59 -41.42
C MET B 337 -0.53 89.11 -41.36
N LYS B 338 -1.45 90.04 -41.49
CA LYS B 338 -2.87 89.72 -41.41
C LYS B 338 -3.28 88.88 -42.61
N PRO B 339 -4.24 87.96 -42.46
CA PRO B 339 -4.80 87.30 -43.65
C PRO B 339 -5.42 88.26 -44.63
N GLY B 340 -6.05 89.34 -44.13
CA GLY B 340 -6.61 90.32 -45.03
C GLY B 340 -5.56 90.99 -45.90
N ASP B 341 -4.46 91.43 -45.28
CA ASP B 341 -3.42 92.10 -46.08
C ASP B 341 -2.77 91.13 -47.05
N PHE B 342 -2.47 89.91 -46.60
CA PHE B 342 -1.89 88.94 -47.51
C PHE B 342 -2.89 88.53 -48.58
N ARG B 343 -4.17 88.41 -48.23
CA ARG B 343 -5.18 88.12 -49.23
C ARG B 343 -5.21 89.23 -50.28
N LEU B 344 -5.20 90.49 -49.82
CA LEU B 344 -5.10 91.61 -50.75
C LEU B 344 -3.94 91.42 -51.70
N GLU B 345 -2.78 91.02 -51.18
CA GLU B 345 -1.63 90.79 -52.04
C GLU B 345 -1.93 89.73 -53.08
N VAL B 346 -2.71 88.70 -52.73
CA VAL B 346 -3.04 87.65 -53.68
C VAL B 346 -3.82 88.21 -54.86
N LEU B 347 -4.88 88.99 -54.60
CA LEU B 347 -5.71 89.48 -55.68
C LEU B 347 -5.06 90.59 -56.48
N ASN B 348 -4.13 91.33 -55.89
CA ASN B 348 -3.48 92.40 -56.63
C ASN B 348 -2.67 91.86 -57.80
N SER B 349 -2.12 90.66 -57.67
CA SER B 349 -1.25 90.07 -58.67
C SER B 349 -2.00 89.14 -59.61
N ILE B 350 -3.26 89.47 -59.91
CA ILE B 350 -4.12 88.63 -60.74
C ILE B 350 -4.58 89.44 -61.94
N GLN B 351 -4.38 88.88 -63.14
CA GLN B 351 -4.88 89.51 -64.35
C GLN B 351 -6.41 89.49 -64.37
N THR B 352 -6.97 90.42 -65.14
CA THR B 352 -8.40 90.65 -65.16
C THR B 352 -8.88 90.80 -66.59
N LYS B 353 -10.19 90.67 -66.78
CA LYS B 353 -10.82 90.80 -68.09
C LYS B 353 -11.67 92.06 -68.13
N LEU B 354 -11.55 92.82 -69.21
CA LEU B 354 -12.20 94.12 -69.33
C LEU B 354 -13.58 93.93 -69.96
N PHE B 355 -14.51 93.44 -69.15
CA PHE B 355 -15.87 93.25 -69.63
C PHE B 355 -16.49 94.62 -69.86
N HIS B 356 -16.41 95.11 -71.09
CA HIS B 356 -16.96 96.45 -71.45
C HIS B 356 -18.42 96.25 -71.87
N ALA B 357 -19.36 96.48 -70.94
CA ALA B 357 -20.77 96.32 -71.24
C ALA B 357 -21.20 97.32 -72.32
N GLN B 358 -22.05 96.86 -73.23
CA GLN B 358 -22.47 97.67 -74.37
C GLN B 358 -23.99 97.62 -74.45
N SER B 359 -24.59 98.76 -74.80
CA SER B 359 -26.05 98.88 -74.85
C SER B 359 -26.51 98.61 -76.27
N GLN B 360 -27.09 97.43 -76.48
CA GLN B 360 -27.59 97.08 -77.80
C GLN B 360 -28.82 97.93 -78.16
N PRO B 361 -28.85 98.51 -79.36
CA PRO B 361 -30.06 99.24 -79.78
C PRO B 361 -31.07 98.33 -80.46
N ILE B 362 -32.31 98.34 -79.96
CA ILE B 362 -33.38 97.51 -80.54
C ILE B 362 -34.44 98.44 -81.10
N PRO B 363 -35.00 98.15 -82.28
CA PRO B 363 -36.05 99.03 -82.82
C PRO B 363 -37.26 99.09 -81.90
N ASN B 364 -38.03 100.16 -82.04
CA ASN B 364 -39.22 100.40 -81.23
C ASN B 364 -38.84 100.71 -79.78
N THR B 365 -37.77 101.48 -79.61
CA THR B 365 -37.31 101.91 -78.29
C THR B 365 -36.75 103.32 -78.40
N ASP B 366 -37.24 104.21 -77.54
CA ASP B 366 -36.80 105.59 -77.50
C ASP B 366 -36.25 105.90 -76.11
N ASP B 367 -34.99 106.35 -76.07
CA ASP B 367 -34.28 106.63 -74.82
C ASP B 367 -34.14 105.38 -73.95
N TYR B 368 -34.41 104.20 -74.51
CA TYR B 368 -34.30 102.93 -73.81
C TYR B 368 -33.44 102.01 -74.64
N TRP B 369 -32.37 101.50 -74.05
CA TRP B 369 -31.41 100.63 -74.74
C TRP B 369 -31.49 99.22 -74.15
N THR B 370 -30.60 98.35 -74.61
CA THR B 370 -30.52 96.98 -74.11
C THR B 370 -29.06 96.71 -73.75
N ASP B 371 -28.77 96.64 -72.45
CA ASP B 371 -27.40 96.48 -71.97
C ASP B 371 -27.01 95.01 -72.08
N VAL B 372 -25.97 94.74 -72.86
CA VAL B 372 -25.40 93.40 -73.00
C VAL B 372 -23.97 93.46 -72.51
N ILE B 373 -23.64 92.61 -71.52
CA ILE B 373 -22.31 92.60 -70.93
C ILE B 373 -21.50 91.55 -71.71
N LEU B 374 -20.95 91.99 -72.85
CA LEU B 374 -20.12 91.15 -73.70
C LEU B 374 -18.78 91.81 -73.92
N THR B 375 -17.71 91.01 -73.86
CA THR B 375 -16.36 91.52 -74.05
C THR B 375 -16.06 91.91 -75.48
N THR B 376 -16.85 91.43 -76.44
CA THR B 376 -16.61 91.74 -77.85
C THR B 376 -17.24 93.08 -78.21
N LYS B 377 -16.45 93.93 -78.86
CA LYS B 377 -16.95 95.24 -79.28
C LYS B 377 -18.07 95.06 -80.30
N GLY B 378 -19.15 95.83 -80.14
CA GLY B 378 -20.27 95.77 -81.05
C GLY B 378 -20.42 97.02 -81.87
N SER B 379 -21.26 96.97 -82.90
CA SER B 379 -21.51 98.11 -83.78
C SER B 379 -22.84 98.74 -83.41
N GLY B 380 -22.81 100.03 -83.08
CA GLY B 380 -24.01 100.74 -82.70
C GLY B 380 -24.46 100.55 -81.27
N ASN B 381 -23.68 99.75 -80.51
CA ASN B 381 -24.03 99.49 -79.09
C ASN B 381 -23.27 100.49 -78.21
N GLN B 382 -23.98 101.17 -77.30
CA GLN B 382 -23.33 102.17 -76.47
C GLN B 382 -22.55 101.50 -75.34
N PRO B 383 -21.24 101.70 -75.25
CA PRO B 383 -20.50 101.13 -74.10
C PRO B 383 -20.84 101.86 -72.81
N LEU B 384 -20.99 101.08 -71.73
CA LEU B 384 -21.34 101.63 -70.42
C LEU B 384 -20.11 101.89 -69.57
N PHE B 385 -19.35 100.85 -69.25
CA PHE B 385 -18.12 100.98 -68.49
C PHE B 385 -17.20 99.82 -68.83
N THR B 386 -15.90 100.06 -68.69
CA THR B 386 -14.89 99.03 -68.91
C THR B 386 -14.12 98.84 -67.61
N PHE B 387 -14.12 97.60 -67.10
CA PHE B 387 -13.62 97.30 -65.77
C PHE B 387 -12.89 95.96 -65.74
N PRO B 388 -11.85 95.84 -64.93
CA PRO B 388 -11.24 94.51 -64.73
C PRO B 388 -12.26 93.55 -64.13
N ALA B 389 -12.19 92.30 -64.56
CA ALA B 389 -13.05 91.24 -64.03
C ALA B 389 -12.30 89.92 -64.02
N PHE B 390 -12.90 88.94 -63.37
CA PHE B 390 -12.29 87.62 -63.18
C PHE B 390 -12.98 86.62 -64.09
N ASP B 391 -12.21 86.02 -64.99
CA ASP B 391 -12.73 85.12 -66.01
C ASP B 391 -12.47 83.65 -65.67
N PHE B 392 -12.18 83.35 -64.42
CA PHE B 392 -11.87 81.98 -64.00
C PHE B 392 -12.21 81.83 -62.53
N GLY B 393 -12.66 80.64 -62.16
CA GLY B 393 -13.03 80.38 -60.80
C GLY B 393 -11.81 80.17 -59.95
N ASP B 394 -11.85 79.21 -59.04
CA ASP B 394 -10.73 78.83 -58.20
C ASP B 394 -10.27 79.97 -57.29
N LEU B 395 -11.01 81.07 -57.23
CA LEU B 395 -10.71 82.18 -56.32
C LEU B 395 -11.89 82.27 -55.35
N ILE B 396 -11.70 81.81 -54.12
CA ILE B 396 -12.81 81.76 -53.18
C ILE B 396 -13.31 83.19 -52.94
N GLY B 397 -14.58 83.28 -52.56
CA GLY B 397 -15.23 84.56 -52.40
C GLY B 397 -15.78 85.16 -53.67
N THR B 398 -15.86 84.37 -54.75
CA THR B 398 -16.33 84.86 -56.07
C THR B 398 -17.43 83.97 -56.61
N GLU B 399 -18.39 84.55 -57.35
CA GLU B 399 -19.48 83.83 -57.99
C GLU B 399 -19.65 84.34 -59.41
N VAL B 400 -20.25 83.50 -60.25
CA VAL B 400 -20.36 83.75 -61.69
C VAL B 400 -21.74 84.26 -62.01
N VAL B 401 -21.80 85.16 -62.99
CA VAL B 401 -23.05 85.70 -63.52
C VAL B 401 -23.13 85.27 -64.98
N SER B 402 -23.80 84.14 -65.23
CA SER B 402 -23.84 83.53 -66.54
C SER B 402 -25.17 83.84 -67.20
N PHE B 403 -25.15 84.74 -68.19
CA PHE B 403 -26.37 85.07 -68.91
C PHE B 403 -26.93 83.82 -69.57
N GLY B 404 -28.25 83.67 -69.50
CA GLY B 404 -28.94 82.58 -70.17
C GLY B 404 -29.70 83.08 -71.37
N LYS B 405 -29.23 82.76 -72.57
CA LYS B 405 -29.89 83.14 -73.80
C LYS B 405 -30.56 81.91 -74.40
N LYS B 406 -31.86 82.01 -74.65
CA LYS B 406 -32.61 80.88 -75.20
C LYS B 406 -32.09 80.56 -76.59
N LYS B 407 -31.52 79.36 -76.76
CA LYS B 407 -31.19 78.89 -78.10
C LYS B 407 -32.45 78.59 -78.90
N ASN B 408 -33.52 78.17 -78.22
CA ASN B 408 -34.82 77.95 -78.84
C ASN B 408 -35.59 79.24 -79.04
N GLY B 409 -35.06 80.37 -78.55
CA GLY B 409 -35.74 81.64 -78.68
C GLY B 409 -34.76 82.79 -78.61
N GLU B 410 -35.17 83.88 -77.96
CA GLU B 410 -34.29 85.05 -77.84
C GLU B 410 -34.35 85.68 -76.46
N GLU B 411 -34.98 85.01 -75.49
CA GLU B 411 -35.06 85.57 -74.15
C GLU B 411 -33.68 85.82 -73.57
N TYR B 412 -33.51 86.99 -72.95
CA TYR B 412 -32.28 87.35 -72.24
C TYR B 412 -32.45 87.00 -70.77
N ASN B 413 -31.52 86.21 -70.24
CA ASN B 413 -31.55 85.84 -68.83
C ASN B 413 -30.22 86.19 -68.16
N CYS B 414 -30.26 86.27 -66.84
CA CYS B 414 -29.10 86.63 -66.03
C CYS B 414 -29.19 85.84 -64.73
N LEU B 415 -28.44 84.74 -64.63
CA LEU B 415 -28.48 83.87 -63.47
C LEU B 415 -27.10 83.82 -62.84
N ILE B 416 -27.03 84.08 -61.54
CA ILE B 416 -25.77 84.05 -60.80
C ILE B 416 -25.53 82.64 -60.30
N GLY B 417 -24.33 82.13 -60.55
CA GLY B 417 -24.01 80.79 -60.08
C GLY B 417 -24.90 79.71 -60.64
N GLU B 418 -25.62 80.00 -61.73
CA GLU B 418 -26.49 79.02 -62.37
C GLU B 418 -26.27 79.13 -63.88
N ARG B 419 -25.55 78.16 -64.44
CA ARG B 419 -25.22 78.19 -65.85
C ARG B 419 -26.40 77.72 -66.69
N VAL B 420 -26.19 77.68 -68.00
CA VAL B 420 -27.19 77.12 -68.90
C VAL B 420 -27.31 75.62 -68.74
N THR B 421 -26.25 74.96 -68.24
CA THR B 421 -26.24 73.50 -68.19
C THR B 421 -27.41 72.94 -67.37
N SER B 422 -27.93 73.72 -66.42
CA SER B 422 -29.08 73.26 -65.65
C SER B 422 -30.29 73.06 -66.57
N LEU B 423 -30.50 73.97 -67.51
CA LEU B 423 -31.58 73.87 -68.48
C LEU B 423 -31.02 73.31 -69.79
N ASP B 424 -31.86 73.27 -70.82
CA ASP B 424 -31.50 72.74 -72.13
C ASP B 424 -31.80 73.77 -73.21
N ASP B 425 -30.89 73.89 -74.17
CA ASP B 425 -31.02 74.83 -75.27
C ASP B 425 -31.07 76.28 -74.76
N TYR B 426 -29.95 76.67 -74.15
CA TYR B 426 -29.78 78.05 -73.63
C TYR B 426 -28.33 78.42 -73.97
N LYS B 427 -27.96 79.70 -73.91
CA LYS B 427 -26.60 80.10 -74.34
C LYS B 427 -25.97 81.06 -73.32
N GLU B 428 -24.68 80.88 -73.04
CA GLU B 428 -23.96 81.75 -72.07
C GLU B 428 -23.47 83.02 -72.79
N LEU B 429 -24.33 84.03 -72.92
CA LEU B 429 -23.86 85.31 -73.52
C LEU B 429 -22.53 85.67 -72.86
N SER B 430 -22.48 85.62 -71.52
CA SER B 430 -21.29 86.00 -70.78
C SER B 430 -21.30 85.32 -69.43
N TYR B 431 -20.15 84.76 -69.06
CA TYR B 431 -19.96 84.19 -67.74
C TYR B 431 -18.60 84.64 -67.21
N PHE B 432 -18.58 85.11 -65.96
CA PHE B 432 -17.35 85.58 -65.35
C PHE B 432 -17.54 85.71 -63.85
N TRP B 433 -16.64 85.11 -63.08
CA TRP B 433 -16.77 85.14 -61.63
C TRP B 433 -16.52 86.54 -61.08
N VAL B 434 -17.27 86.91 -60.04
CA VAL B 434 -17.16 88.22 -59.43
C VAL B 434 -17.38 88.10 -57.93
N PHE B 435 -17.03 89.16 -57.20
CA PHE B 435 -17.30 89.22 -55.77
C PHE B 435 -18.73 89.66 -55.53
N PRO B 436 -19.60 88.82 -54.96
CA PRO B 436 -20.95 89.30 -54.62
C PRO B 436 -20.95 90.35 -53.53
N ASP B 437 -19.89 90.47 -52.75
CA ASP B 437 -19.81 91.43 -51.66
C ASP B 437 -18.53 92.25 -51.81
N SER B 438 -18.44 93.31 -51.02
CA SER B 438 -17.29 94.20 -51.11
C SER B 438 -16.12 93.64 -50.32
N VAL B 439 -14.93 94.15 -50.61
CA VAL B 439 -13.72 93.79 -49.90
C VAL B 439 -12.99 95.07 -49.52
N GLN B 440 -12.16 94.99 -48.49
CA GLN B 440 -11.44 96.17 -48.02
C GLN B 440 -10.56 96.72 -49.14
N LYS B 441 -10.91 97.92 -49.60
CA LYS B 441 -10.09 98.75 -50.48
C LYS B 441 -9.76 98.08 -51.81
N PHE B 442 -10.47 97.02 -52.20
CA PHE B 442 -10.31 96.43 -53.52
C PHE B 442 -11.59 96.52 -54.35
N ALA B 443 -12.69 95.98 -53.86
CA ALA B 443 -13.94 95.88 -54.62
C ALA B 443 -14.94 96.86 -54.01
N MET B 444 -14.98 98.08 -54.53
CA MET B 444 -15.83 99.12 -53.99
C MET B 444 -16.88 99.62 -54.98
N GLU B 445 -16.67 99.45 -56.28
CA GLU B 445 -17.65 99.90 -57.26
C GLU B 445 -18.68 98.80 -57.49
N MET B 446 -19.90 99.21 -57.82
CA MET B 446 -21.07 98.35 -57.75
C MET B 446 -21.68 98.13 -59.13
N TYR B 447 -22.30 96.96 -59.30
CA TYR B 447 -23.11 96.66 -60.47
C TYR B 447 -24.38 95.95 -60.03
N GLY B 448 -25.50 96.31 -60.64
CA GLY B 448 -26.78 95.73 -60.30
C GLY B 448 -27.51 95.26 -61.54
N VAL B 449 -28.33 94.24 -61.36
CA VAL B 449 -29.06 93.60 -62.45
C VAL B 449 -30.55 93.89 -62.27
N SER B 450 -31.20 94.32 -63.35
CA SER B 450 -32.64 94.51 -63.38
C SER B 450 -33.16 94.04 -64.73
N LYS B 451 -34.37 93.46 -64.73
CA LYS B 451 -34.97 92.89 -65.92
C LYS B 451 -36.43 93.29 -66.01
N VAL B 452 -36.90 93.52 -67.24
CA VAL B 452 -38.31 93.90 -67.45
C VAL B 452 -39.10 92.63 -67.75
N PRO B 453 -40.12 92.30 -66.95
CA PRO B 453 -40.85 91.04 -67.21
C PRO B 453 -41.46 90.96 -68.59
N THR B 454 -42.02 92.07 -69.10
CA THR B 454 -42.71 92.03 -70.38
C THR B 454 -41.74 91.71 -71.51
N ARG B 455 -40.57 92.34 -71.50
CA ARG B 455 -39.56 92.15 -72.53
C ARG B 455 -38.21 92.00 -71.86
N ASN B 456 -37.45 90.99 -72.31
CA ASN B 456 -36.18 90.66 -71.67
C ASN B 456 -35.10 91.63 -72.11
N TYR B 457 -35.30 92.92 -71.84
CA TYR B 457 -34.28 93.93 -72.10
C TYR B 457 -33.40 94.02 -70.85
N MET B 458 -32.24 93.38 -70.91
CA MET B 458 -31.33 93.39 -69.78
C MET B 458 -31.07 94.83 -69.33
N ARG B 459 -31.36 95.09 -68.06
CA ARG B 459 -31.18 96.41 -67.45
C ARG B 459 -30.18 96.25 -66.31
N VAL B 460 -28.90 96.28 -66.67
CA VAL B 460 -27.81 96.24 -65.70
C VAL B 460 -27.23 97.64 -65.60
N TYR B 461 -27.11 98.13 -64.36
CA TYR B 461 -26.70 99.51 -64.13
C TYR B 461 -25.87 99.58 -62.86
N ALA B 462 -25.21 100.71 -62.68
CA ALA B 462 -24.43 100.97 -61.48
C ALA B 462 -25.38 101.27 -60.33
N ALA B 463 -25.68 100.25 -59.53
CA ALA B 463 -26.67 100.35 -58.47
C ALA B 463 -26.06 101.05 -57.25
N ASP B 464 -26.86 101.11 -56.19
CA ASP B 464 -26.41 101.80 -54.94
C ASP B 464 -26.83 100.91 -53.76
N GLN B 465 -26.34 101.23 -52.56
CA GLN B 465 -26.73 100.48 -51.37
C GLN B 465 -28.22 100.61 -51.12
N SER B 466 -28.80 101.72 -51.58
CA SER B 466 -30.26 101.96 -51.40
C SER B 466 -31.04 101.13 -52.44
N ASP B 467 -30.47 100.94 -53.63
CA ASP B 467 -31.12 100.06 -54.64
C ASP B 467 -31.37 98.70 -53.99
N ILE B 468 -30.42 98.25 -53.17
CA ILE B 468 -30.62 96.97 -52.43
C ILE B 468 -31.79 97.17 -51.45
N GLU B 469 -31.70 98.19 -50.59
CA GLU B 469 -32.77 98.45 -49.59
C GLU B 469 -34.15 98.39 -50.26
N ASN B 470 -34.38 99.24 -51.26
CA ASN B 470 -35.67 99.22 -52.01
C ASN B 470 -35.43 98.66 -53.40
N PRO B 471 -35.63 97.34 -53.63
CA PRO B 471 -35.35 96.70 -54.94
C PRO B 471 -36.48 96.88 -55.94
N ARG B 472 -36.13 97.07 -57.22
CA ARG B 472 -37.13 97.19 -58.26
C ARG B 472 -37.64 95.80 -58.64
N PRO B 473 -38.78 95.71 -59.32
CA PRO B 473 -39.31 94.40 -59.70
C PRO B 473 -38.33 93.61 -60.56
N TYR B 474 -38.24 92.30 -60.34
CA TYR B 474 -37.38 91.43 -61.21
C TYR B 474 -35.91 91.85 -61.16
N GLN B 475 -35.48 92.52 -60.10
CA GLN B 475 -34.06 92.84 -59.97
C GLN B 475 -33.37 91.64 -59.33
N ARG B 476 -32.50 90.99 -60.09
CA ARG B 476 -32.02 89.66 -59.69
C ARG B 476 -30.91 89.77 -58.64
N PHE B 477 -29.78 90.36 -59.00
CA PHE B 477 -28.61 90.33 -58.13
C PHE B 477 -27.76 91.56 -58.36
N TRP B 478 -26.92 91.87 -57.37
CA TRP B 478 -26.00 93.00 -57.43
C TRP B 478 -24.63 92.53 -56.99
N PHE B 479 -23.59 93.09 -57.62
CA PHE B 479 -22.23 92.61 -57.42
C PHE B 479 -21.26 93.78 -57.46
N TYR B 480 -20.13 93.60 -56.77
CA TYR B 480 -19.07 94.60 -56.70
C TYR B 480 -17.90 94.17 -57.57
N VAL B 481 -17.34 95.14 -58.29
CA VAL B 481 -16.21 94.91 -59.18
C VAL B 481 -14.99 95.65 -58.64
N PRO B 482 -13.78 95.16 -58.85
CA PRO B 482 -12.60 95.84 -58.29
C PRO B 482 -12.47 97.28 -58.76
N SER B 483 -12.01 98.12 -57.84
CA SER B 483 -11.80 99.54 -58.12
C SER B 483 -10.39 99.73 -58.65
N ALA B 484 -10.26 100.42 -59.78
CA ALA B 484 -8.97 100.67 -60.38
C ALA B 484 -8.12 101.64 -59.56
N ASN B 485 -8.71 102.32 -58.57
CA ASN B 485 -7.98 103.27 -57.76
C ASN B 485 -7.02 102.61 -56.78
N SER B 486 -7.06 101.30 -56.64
CA SER B 486 -6.16 100.62 -55.71
C SER B 486 -4.72 100.83 -56.16
N PRO B 487 -3.79 101.12 -55.24
CA PRO B 487 -2.40 101.34 -55.65
C PRO B 487 -1.69 100.03 -55.89
N PRO B 488 -1.01 99.87 -57.04
CA PRO B 488 -0.29 98.62 -57.29
C PRO B 488 1.10 98.59 -56.66
N GLY C 2 -3.81 64.02 -42.21
CA GLY C 2 -3.26 62.68 -42.23
C GLY C 2 -3.84 61.79 -41.15
N GLU C 3 -5.01 61.23 -41.41
CA GLU C 3 -5.65 60.33 -40.46
C GLU C 3 -6.10 59.04 -41.16
N VAL C 4 -6.35 59.11 -42.47
CA VAL C 4 -6.78 57.95 -43.23
C VAL C 4 -5.98 57.89 -44.52
N VAL C 5 -5.95 56.70 -45.12
CA VAL C 5 -5.23 56.50 -46.37
C VAL C 5 -5.90 55.37 -47.14
N PRO C 6 -6.07 55.48 -48.47
CA PRO C 6 -6.67 54.38 -49.21
C PRO C 6 -5.84 53.11 -49.11
N TYR C 7 -6.53 51.98 -49.10
CA TYR C 7 -5.87 50.70 -48.95
C TYR C 7 -4.91 50.47 -50.11
N LYS C 8 -3.70 50.00 -49.78
CA LYS C 8 -2.71 49.61 -50.78
C LYS C 8 -2.34 48.15 -50.53
N ALA C 9 -2.42 47.34 -51.57
CA ALA C 9 -2.26 45.90 -51.39
C ALA C 9 -0.91 45.60 -50.76
N GLY C 10 -0.87 44.57 -49.93
CA GLY C 10 0.31 44.20 -49.20
C GLY C 10 0.42 44.86 -47.83
N MET C 11 -0.45 45.80 -47.50
CA MET C 11 -0.39 46.46 -46.21
C MET C 11 -0.52 45.44 -45.10
N GLN C 12 0.32 45.59 -44.08
CA GLN C 12 0.31 44.73 -42.92
C GLN C 12 0.04 45.58 -41.69
N ARG C 13 -0.91 45.17 -40.87
CA ARG C 13 -1.25 45.94 -39.68
C ARG C 13 -0.01 46.15 -38.83
N GLY C 14 0.18 47.37 -38.37
CA GLY C 14 1.31 47.69 -37.50
C GLY C 14 2.61 47.83 -38.27
N GLN C 15 2.65 48.77 -39.21
CA GLN C 15 3.86 49.03 -39.98
C GLN C 15 4.02 50.53 -40.16
N GLY C 16 5.26 50.95 -40.36
CA GLY C 16 5.54 52.36 -40.56
C GLY C 16 4.99 52.85 -41.88
N TYR C 17 4.71 54.15 -41.93
CA TYR C 17 4.16 54.78 -43.12
C TYR C 17 4.80 56.15 -43.29
N ASN C 18 5.56 56.31 -44.36
CA ASN C 18 6.19 57.59 -44.69
C ASN C 18 5.13 58.46 -45.35
N THR C 19 4.48 59.31 -44.55
CA THR C 19 3.31 60.03 -45.05
C THR C 19 3.63 60.93 -46.23
N TYR C 20 4.86 61.44 -46.31
CA TYR C 20 5.24 62.27 -47.45
C TYR C 20 5.36 61.44 -48.72
N LEU C 21 6.24 60.43 -48.71
CA LEU C 21 6.40 59.57 -49.87
C LEU C 21 5.23 58.61 -50.06
N GLN C 22 4.32 58.52 -49.10
CA GLN C 22 3.15 57.66 -49.19
C GLN C 22 3.54 56.21 -49.48
N SER C 23 4.75 55.84 -49.08
CA SER C 23 5.23 54.48 -49.28
C SER C 23 4.98 53.65 -48.02
N LEU C 24 5.49 52.43 -48.01
CA LEU C 24 5.35 51.53 -46.87
C LEU C 24 6.70 51.35 -46.21
N CYS C 25 6.69 51.23 -44.88
CA CYS C 25 7.92 51.10 -44.12
C CYS C 25 7.87 49.86 -43.22
N VAL C 26 8.83 49.74 -42.30
CA VAL C 26 9.06 48.50 -41.60
C VAL C 26 7.74 47.92 -41.09
N LYS C 27 7.60 46.60 -41.19
CA LYS C 27 6.41 45.91 -40.72
C LYS C 27 6.67 45.36 -39.32
N ASP C 28 5.62 45.37 -38.50
CA ASP C 28 5.65 44.81 -37.15
C ASP C 28 6.43 45.70 -36.18
N ALA C 29 6.43 47.01 -36.42
CA ALA C 29 6.98 47.92 -35.41
C ALA C 29 6.03 48.07 -34.23
N VAL C 30 4.73 47.90 -34.47
CA VAL C 30 3.71 48.05 -33.45
C VAL C 30 2.91 46.75 -33.38
N THR C 31 2.79 46.20 -32.17
CA THR C 31 1.98 45.02 -31.92
C THR C 31 0.70 45.46 -31.26
N ILE C 32 -0.44 45.08 -31.85
CA ILE C 32 -1.75 45.40 -31.31
C ILE C 32 -2.34 44.11 -30.74
N GLU C 33 -2.64 44.13 -29.44
CA GLU C 33 -3.26 42.99 -28.77
C GLU C 33 -4.76 43.20 -28.75
N ARG C 34 -5.50 42.25 -29.33
CA ARG C 34 -6.95 42.25 -29.30
C ARG C 34 -7.39 41.67 -27.96
N HIS C 35 -7.64 42.54 -26.98
CA HIS C 35 -8.04 42.05 -25.66
C HIS C 35 -9.37 41.30 -25.75
N ASP C 36 -10.32 41.83 -26.52
CA ASP C 36 -11.65 41.24 -26.65
C ASP C 36 -11.90 40.90 -28.11
N ASP C 37 -12.39 39.70 -28.36
CA ASP C 37 -12.69 39.25 -29.71
C ASP C 37 -14.13 39.61 -30.03
N SER C 38 -14.32 40.75 -30.69
CA SER C 38 -15.66 41.20 -31.06
C SER C 38 -15.54 42.21 -32.19
N ASN C 39 -16.43 42.09 -33.18
CA ASN C 39 -16.40 43.02 -34.30
C ASN C 39 -16.83 44.42 -33.83
N PRO C 40 -16.26 45.46 -34.41
CA PRO C 40 -16.55 46.82 -33.95
C PRO C 40 -17.94 47.28 -34.38
N PRO C 41 -18.45 48.35 -33.78
CA PRO C 41 -19.74 48.87 -34.21
C PRO C 41 -19.73 49.31 -35.66
N PHE C 42 -20.87 49.19 -36.32
CA PHE C 42 -20.95 49.39 -37.76
C PHE C 42 -22.15 50.26 -38.10
N LYS C 43 -22.06 50.89 -39.27
CA LYS C 43 -23.10 51.78 -39.78
C LYS C 43 -23.59 51.24 -41.12
N LYS C 44 -24.91 51.16 -41.27
CA LYS C 44 -25.52 50.56 -42.45
C LYS C 44 -26.34 51.58 -43.22
N GLU C 45 -26.43 51.36 -44.53
CA GLU C 45 -27.31 52.12 -45.42
C GLU C 45 -28.01 51.15 -46.35
N TYR C 46 -29.18 51.54 -46.84
CA TYR C 46 -29.95 50.68 -47.74
C TYR C 46 -30.89 51.56 -48.56
N TYR C 47 -30.50 51.82 -49.81
CA TYR C 47 -31.33 52.54 -50.76
C TYR C 47 -31.88 51.54 -51.77
N SER C 48 -33.20 51.47 -51.91
CA SER C 48 -33.84 50.48 -52.75
C SER C 48 -34.89 51.14 -53.64
N GLU C 49 -35.00 50.66 -54.87
CA GLU C 49 -35.99 51.11 -55.83
C GLU C 49 -36.61 49.89 -56.51
N PHE C 50 -37.93 49.92 -56.70
CA PHE C 50 -38.64 48.87 -57.42
C PHE C 50 -39.57 49.56 -58.40
N ILE C 51 -39.10 49.76 -59.63
CA ILE C 51 -39.84 50.57 -60.59
C ILE C 51 -41.12 49.87 -61.02
N GLU C 52 -42.05 50.66 -61.54
CA GLU C 52 -43.41 50.22 -61.77
C GLU C 52 -43.45 48.94 -62.58
N GLU C 53 -44.59 48.24 -62.48
CA GLU C 53 -44.87 47.07 -63.32
C GLU C 53 -45.69 47.56 -64.49
N TYR C 54 -45.04 47.76 -65.63
CA TYR C 54 -45.72 48.27 -66.83
C TYR C 54 -46.60 47.15 -67.37
N GLU C 55 -47.76 46.99 -66.72
CA GLU C 55 -48.72 45.97 -67.18
C GLU C 55 -49.73 46.64 -68.11
N LYS C 56 -49.73 46.24 -69.36
CA LYS C 56 -50.62 46.82 -70.38
C LYS C 56 -51.20 45.68 -71.21
N ILE C 57 -52.49 45.42 -71.05
CA ILE C 57 -53.21 44.47 -71.88
C ILE C 57 -54.09 45.27 -72.83
N ALA C 58 -53.88 45.09 -74.12
CA ALA C 58 -54.77 45.63 -75.15
C ALA C 58 -55.27 44.45 -75.97
N LYS C 59 -56.60 44.33 -76.08
CA LYS C 59 -57.23 43.16 -76.66
C LYS C 59 -58.29 43.59 -77.65
N SER C 60 -58.47 42.80 -78.70
CA SER C 60 -59.35 43.14 -79.80
C SER C 60 -60.43 42.08 -79.98
N MET C 61 -61.65 42.52 -80.30
CA MET C 61 -62.75 41.56 -80.60
C MET C 61 -63.63 42.18 -81.71
N ARG C 62 -63.37 41.83 -82.96
CA ARG C 62 -64.06 42.36 -84.13
C ARG C 62 -64.84 41.24 -84.80
N ILE C 63 -66.16 41.41 -84.86
CA ILE C 63 -67.04 40.43 -85.49
C ILE C 63 -67.88 41.14 -86.53
N SER C 64 -68.18 40.43 -87.62
CA SER C 64 -69.00 41.00 -88.68
C SER C 64 -69.64 39.84 -89.44
N ALA C 65 -70.98 39.84 -89.50
CA ALA C 65 -71.70 38.82 -90.22
C ALA C 65 -73.02 39.39 -90.71
N GLY C 66 -73.50 38.83 -91.82
CA GLY C 66 -74.76 39.27 -92.41
C GLY C 66 -75.00 38.67 -93.79
N VAL C 78 -75.73 33.18 -98.76
CA VAL C 78 -74.46 33.90 -98.85
C VAL C 78 -74.24 34.71 -97.59
N ASN C 79 -73.97 34.01 -96.49
CA ASN C 79 -73.71 34.62 -95.19
C ASN C 79 -72.24 34.51 -94.87
N VAL C 80 -71.63 35.63 -94.47
CA VAL C 80 -70.21 35.68 -94.18
C VAL C 80 -70.02 35.96 -92.70
N ASP C 81 -68.86 35.56 -92.19
CA ASP C 81 -68.48 35.78 -90.80
C ASP C 81 -67.04 36.25 -90.73
N ILE C 82 -66.75 37.11 -89.76
CA ILE C 82 -65.39 37.57 -89.49
C ILE C 82 -65.20 37.59 -87.98
N LEU C 83 -64.11 37.02 -87.50
CA LEU C 83 -63.84 36.90 -86.07
C LEU C 83 -62.35 37.17 -85.86
N ASN C 84 -62.01 38.38 -85.46
CA ASN C 84 -60.61 38.79 -85.30
C ASN C 84 -60.30 39.10 -83.85
N ARG C 85 -59.19 38.58 -83.36
CA ARG C 85 -58.75 38.79 -81.99
C ARG C 85 -57.32 39.31 -81.99
N SER C 86 -56.97 39.97 -80.88
CA SER C 86 -55.59 40.39 -80.66
C SER C 86 -55.37 40.47 -79.15
N GLU C 87 -54.11 40.50 -78.76
CA GLU C 87 -53.77 40.58 -77.35
C GLU C 87 -52.32 41.05 -77.23
N PHE C 88 -52.11 42.19 -76.58
CA PHE C 88 -50.78 42.75 -76.40
C PHE C 88 -50.53 42.92 -74.90
N GLU C 89 -49.47 42.29 -74.41
CA GLU C 89 -49.12 42.32 -73.00
C GLU C 89 -47.75 42.95 -72.84
N THR C 90 -47.58 43.68 -71.74
CA THR C 90 -46.30 44.30 -71.42
C THR C 90 -46.06 44.14 -69.92
N SER C 91 -44.79 44.00 -69.54
CA SER C 91 -44.44 43.91 -68.13
C SER C 91 -42.96 44.30 -67.99
N THR C 92 -42.72 45.53 -67.58
CA THR C 92 -41.37 46.02 -67.35
C THR C 92 -41.17 46.16 -65.84
N LEU C 93 -40.34 45.29 -65.27
CA LEU C 93 -39.97 45.37 -63.87
C LEU C 93 -38.50 45.74 -63.78
N THR C 94 -38.18 46.69 -62.90
CA THR C 94 -36.80 47.08 -62.66
C THR C 94 -36.57 47.17 -61.17
N TYR C 95 -35.33 46.89 -60.76
CA TYR C 95 -34.98 46.89 -59.35
C TYR C 95 -33.57 47.46 -59.18
N GLU C 96 -33.30 47.97 -57.99
CA GLU C 96 -31.98 48.51 -57.70
C GLU C 96 -31.83 48.73 -56.21
N VAL C 97 -30.73 48.23 -55.64
CA VAL C 97 -30.40 48.46 -54.24
C VAL C 97 -28.94 48.89 -54.14
N LYS C 98 -28.60 49.51 -53.02
CA LYS C 98 -27.23 49.94 -52.77
C LYS C 98 -27.02 49.94 -51.25
N VAL C 99 -26.31 48.93 -50.76
CA VAL C 99 -26.10 48.74 -49.33
C VAL C 99 -24.66 49.11 -49.01
N LEU C 100 -24.49 50.04 -48.07
CA LEU C 100 -23.17 50.48 -47.63
C LEU C 100 -23.02 50.18 -46.15
N VAL C 101 -21.94 49.47 -45.80
CA VAL C 101 -21.65 49.12 -44.42
C VAL C 101 -20.26 49.64 -44.09
N GLN C 102 -20.15 50.36 -42.97
CA GLN C 102 -18.88 50.91 -42.52
C GLN C 102 -18.71 50.61 -41.04
N HIS C 103 -17.63 49.93 -40.70
CA HIS C 103 -17.35 49.58 -39.32
C HIS C 103 -16.60 50.73 -38.65
N GLN C 104 -16.17 50.52 -37.41
CA GLN C 104 -15.35 51.50 -36.70
C GLN C 104 -14.13 50.80 -36.11
N VAL C 105 -13.26 51.56 -35.45
CA VAL C 105 -12.05 51.02 -34.84
C VAL C 105 -12.30 50.83 -33.36
N SER C 106 -12.04 49.62 -32.87
CA SER C 106 -12.32 49.33 -31.47
C SER C 106 -11.47 50.21 -30.56
N VAL C 107 -12.05 50.58 -29.42
CA VAL C 107 -11.41 51.50 -28.49
C VAL C 107 -10.77 50.80 -27.31
N LEU C 108 -10.82 49.47 -27.27
CA LEU C 108 -10.34 48.70 -26.12
C LEU C 108 -9.14 47.83 -26.51
N ASP C 109 -8.23 48.37 -27.30
CA ASP C 109 -7.02 47.67 -27.70
C ASP C 109 -5.80 48.35 -27.09
N LYS C 110 -4.70 47.61 -27.04
CA LYS C 110 -3.44 48.11 -26.50
C LYS C 110 -2.42 48.18 -27.62
N HIS C 111 -1.70 49.30 -27.68
CA HIS C 111 -0.70 49.56 -28.71
C HIS C 111 0.68 49.62 -28.06
N SER C 112 1.64 48.92 -28.66
CA SER C 112 3.00 48.86 -28.15
C SER C 112 3.97 49.16 -29.29
N PHE C 113 5.22 49.44 -28.92
CA PHE C 113 6.26 49.79 -29.87
C PHE C 113 7.46 48.86 -29.70
N ASN C 114 7.83 48.18 -30.77
CA ASN C 114 8.94 47.25 -30.77
C ASN C 114 10.17 47.91 -31.37
N LYS C 115 11.34 47.55 -30.85
CA LYS C 115 12.58 48.22 -31.21
C LYS C 115 13.27 47.47 -32.35
N ILE C 116 13.61 48.19 -33.41
CA ILE C 116 14.44 47.67 -34.48
C ILE C 116 15.71 48.52 -34.52
N GLN C 117 16.86 47.86 -34.46
CA GLN C 117 18.13 48.58 -34.40
C GLN C 117 18.56 49.00 -35.80
N THR C 118 18.67 50.31 -36.00
CA THR C 118 19.05 50.86 -37.29
C THR C 118 19.86 52.13 -37.09
N THR C 119 20.77 52.40 -38.02
CA THR C 119 21.50 53.67 -37.99
C THR C 119 20.66 54.81 -38.55
N THR C 120 19.55 54.49 -39.22
CA THR C 120 18.66 55.49 -39.81
C THR C 120 17.23 55.16 -39.42
N PRO C 121 16.89 55.31 -38.14
CA PRO C 121 15.53 54.95 -37.72
C PRO C 121 14.46 55.76 -38.40
N HIS C 122 14.80 56.95 -38.91
CA HIS C 122 13.80 57.79 -39.57
C HIS C 122 13.29 57.14 -40.85
N ALA C 123 14.20 56.62 -41.67
CA ALA C 123 13.80 56.02 -42.93
C ALA C 123 13.23 54.61 -42.75
N THR C 124 13.53 53.97 -41.63
CA THR C 124 12.98 52.64 -41.37
C THR C 124 11.59 52.73 -40.75
N TYR C 125 11.48 53.47 -39.65
CA TYR C 125 10.18 53.58 -38.97
C TYR C 125 9.22 54.47 -39.73
N GLY C 126 9.71 55.60 -40.24
CA GLY C 126 8.85 56.54 -40.93
C GLY C 126 8.30 57.60 -39.99
N ASP C 127 7.02 57.93 -40.14
CA ASP C 127 6.35 58.88 -39.27
C ASP C 127 5.21 58.26 -38.49
N ARG C 128 4.29 57.57 -39.16
CA ARG C 128 3.08 57.04 -38.53
C ARG C 128 2.92 55.56 -38.85
N PHE C 129 2.22 54.87 -37.98
CA PHE C 129 2.02 53.43 -38.07
C PHE C 129 0.54 53.12 -38.32
N ILE C 130 0.30 51.91 -38.82
CA ILE C 130 -1.04 51.46 -39.19
C ILE C 130 -1.64 50.76 -37.98
N ALA C 131 -2.51 51.46 -37.25
CA ALA C 131 -3.06 50.92 -36.01
C ALA C 131 -4.18 49.93 -36.30
N ASP C 132 -5.26 50.40 -36.91
CA ASP C 132 -6.42 49.56 -37.20
C ASP C 132 -6.89 49.86 -38.61
N PHE C 133 -7.53 48.87 -39.22
CA PHE C 133 -8.04 48.98 -40.57
C PHE C 133 -9.52 49.28 -40.53
N ILE C 134 -9.94 50.34 -41.20
CA ILE C 134 -11.36 50.66 -41.31
C ILE C 134 -11.99 49.70 -42.30
N LYS C 135 -12.95 48.92 -41.84
CA LYS C 135 -13.57 47.88 -42.65
C LYS C 135 -14.97 48.28 -43.07
N GLY C 136 -15.47 47.62 -44.12
CA GLY C 136 -16.78 47.93 -44.63
C GLY C 136 -17.26 46.95 -45.68
N GLY C 137 -18.25 47.36 -46.48
CA GLY C 137 -18.81 46.50 -47.49
C GLY C 137 -19.64 47.31 -48.46
N HIS C 138 -20.11 46.65 -49.50
CA HIS C 138 -20.82 47.34 -50.57
C HIS C 138 -21.75 46.37 -51.28
N PHE C 139 -22.86 46.89 -51.80
CA PHE C 139 -23.77 46.09 -52.61
C PHE C 139 -24.33 46.96 -53.72
N TYR C 140 -24.65 46.32 -54.83
CA TYR C 140 -25.17 47.05 -55.99
C TYR C 140 -25.84 46.04 -56.91
N ALA C 141 -27.15 46.17 -57.08
CA ALA C 141 -27.91 45.22 -57.87
C ALA C 141 -28.82 45.96 -58.85
N ARG C 142 -29.06 45.33 -59.99
CA ARG C 142 -29.98 45.84 -60.99
C ARG C 142 -30.66 44.67 -61.67
N VAL C 143 -31.99 44.63 -61.61
CA VAL C 143 -32.77 43.65 -62.34
C VAL C 143 -33.59 44.40 -63.38
N SER C 144 -33.61 43.87 -64.60
CA SER C 144 -34.36 44.47 -65.70
C SER C 144 -35.16 43.34 -66.37
N ILE C 145 -36.36 43.08 -65.85
CA ILE C 145 -37.24 42.06 -66.41
C ILE C 145 -38.03 42.72 -67.54
N THR C 146 -37.82 42.28 -68.78
CA THR C 146 -38.49 42.89 -69.96
C THR C 146 -39.90 42.37 -70.06
N ALA C 147 -40.70 42.94 -70.96
CA ALA C 147 -42.12 42.57 -71.15
C ALA C 147 -42.27 41.14 -71.66
N LYS C 148 -43.50 40.64 -71.73
CA LYS C 148 -43.77 39.31 -72.32
C LYS C 148 -44.08 39.55 -73.79
N ASN C 149 -44.69 40.69 -74.12
CA ASN C 149 -45.15 40.97 -75.46
C ASN C 149 -45.99 39.83 -76.02
N SER C 150 -46.93 39.38 -75.20
CA SER C 150 -47.89 38.38 -75.67
C SER C 150 -48.62 38.93 -76.89
N SER C 151 -48.76 38.09 -77.91
CA SER C 151 -49.32 38.53 -79.18
C SER C 151 -50.39 37.56 -79.68
N GLU C 152 -51.32 37.17 -78.81
CA GLU C 152 -52.41 36.29 -79.21
C GLU C 152 -53.26 37.00 -80.26
N THR C 153 -53.31 36.44 -81.46
CA THR C 153 -54.16 36.94 -82.53
C THR C 153 -54.84 35.77 -83.23
N SER C 154 -55.94 36.06 -83.92
CA SER C 154 -56.67 35.03 -84.64
C SER C 154 -57.67 35.67 -85.58
N GLU C 155 -58.05 34.91 -86.60
CA GLU C 155 -59.02 35.36 -87.60
C GLU C 155 -59.85 34.14 -88.01
N LEU C 156 -61.10 34.39 -88.40
CA LEU C 156 -61.98 33.33 -88.88
C LEU C 156 -62.87 33.89 -89.98
N LYS C 157 -63.28 33.03 -90.90
CA LYS C 157 -64.05 33.43 -92.08
C LYS C 157 -64.98 32.29 -92.49
N GLN C 158 -66.29 32.46 -92.27
CA GLN C 158 -67.28 31.45 -92.61
C GLN C 158 -68.22 32.01 -93.68
N SER C 159 -67.90 31.69 -94.94
CA SER C 159 -68.76 32.08 -96.05
C SER C 159 -69.74 30.96 -96.35
N ALA C 160 -71.03 31.22 -96.13
CA ALA C 160 -72.07 30.23 -96.36
C ALA C 160 -71.80 28.95 -95.59
N THR C 174 -71.81 25.16 -100.21
CA THR C 174 -70.54 25.88 -100.20
C THR C 174 -70.18 26.35 -98.79
N GLN C 175 -68.90 26.21 -98.44
CA GLN C 175 -68.44 26.53 -97.10
C GLN C 175 -66.99 26.99 -97.20
N GLU C 176 -66.54 27.72 -96.18
CA GLU C 176 -65.19 28.23 -96.15
C GLU C 176 -64.78 28.50 -94.72
N VAL C 177 -63.55 28.11 -94.37
CA VAL C 177 -62.98 28.37 -93.05
C VAL C 177 -61.55 28.84 -93.24
N GLU C 178 -61.15 29.87 -92.48
CA GLU C 178 -59.82 30.48 -92.62
C GLU C 178 -59.36 30.90 -91.22
N ARG C 179 -58.48 30.12 -90.62
CA ARG C 179 -57.91 30.42 -89.31
C ARG C 179 -56.39 30.58 -89.34
N ALA C 180 -55.85 31.08 -90.45
CA ALA C 180 -54.40 31.23 -90.59
C ALA C 180 -53.90 32.50 -89.93
N VAL C 181 -54.25 32.69 -88.65
CA VAL C 181 -53.75 33.81 -87.87
C VAL C 181 -53.56 33.34 -86.44
N SER C 182 -52.33 33.39 -85.96
CA SER C 182 -52.00 32.97 -84.60
C SER C 182 -50.56 33.34 -84.31
N SER C 183 -50.32 33.88 -83.12
CA SER C 183 -48.98 34.26 -82.69
C SER C 183 -48.95 34.27 -81.17
N ILE C 184 -47.74 34.21 -80.62
CA ILE C 184 -47.54 34.09 -79.18
C ILE C 184 -46.45 35.07 -78.74
N LYS C 185 -46.29 35.17 -77.43
CA LYS C 185 -45.33 36.09 -76.82
C LYS C 185 -43.92 35.82 -77.31
N ARG C 186 -43.14 36.89 -77.43
CA ARG C 186 -41.71 36.74 -77.65
C ARG C 186 -41.04 37.93 -76.96
N ASN C 187 -40.77 37.76 -75.66
CA ASN C 187 -39.87 38.64 -74.93
C ASN C 187 -39.63 38.10 -73.53
N ALA C 188 -38.38 37.95 -73.13
CA ALA C 188 -38.06 37.64 -71.74
C ALA C 188 -36.58 37.98 -71.53
N SER C 189 -36.32 39.14 -70.94
CA SER C 189 -34.97 39.60 -70.69
C SER C 189 -34.76 39.78 -69.20
N VAL C 190 -33.74 39.13 -68.66
CA VAL C 190 -33.39 39.25 -67.25
C VAL C 190 -31.93 39.68 -67.21
N LYS C 191 -31.69 40.97 -67.04
CA LYS C 191 -30.36 41.52 -66.86
C LYS C 191 -30.11 41.69 -65.36
N ILE C 192 -29.11 40.98 -64.85
CA ILE C 192 -28.75 41.04 -63.45
C ILE C 192 -27.28 41.46 -63.34
N THR C 193 -27.01 42.50 -62.56
CA THR C 193 -25.66 42.88 -62.20
C THR C 193 -25.59 42.92 -60.68
N ILE C 194 -24.62 42.23 -60.10
CA ILE C 194 -24.44 42.21 -58.65
C ILE C 194 -22.98 42.51 -58.36
N ILE C 195 -22.73 43.57 -57.59
CA ILE C 195 -21.38 43.96 -57.22
C ILE C 195 -21.30 43.94 -55.70
N GLU C 196 -20.41 43.11 -55.17
CA GLU C 196 -20.36 42.86 -53.74
C GLU C 196 -18.93 42.99 -53.23
N SER C 197 -18.82 43.47 -51.99
CA SER C 197 -17.54 43.52 -51.27
C SER C 197 -17.85 43.05 -49.85
N THR C 198 -17.72 41.74 -49.62
CA THR C 198 -18.09 41.17 -48.34
C THR C 198 -16.97 40.30 -47.79
N GLY C 199 -17.23 39.56 -46.71
CA GLY C 199 -16.24 38.74 -46.08
C GLY C 199 -16.75 37.34 -45.80
N THR C 200 -15.80 36.44 -45.59
CA THR C 200 -16.13 35.06 -45.31
C THR C 200 -16.63 34.89 -43.88
N SER C 201 -17.43 33.85 -43.66
CA SER C 201 -17.93 33.56 -42.32
C SER C 201 -16.79 33.14 -41.41
N SER C 216 -38.62 34.30 -60.67
CA SER C 216 -38.52 34.88 -59.35
C SER C 216 -37.14 35.50 -59.13
N ASP C 217 -36.54 35.98 -60.22
CA ASP C 217 -35.22 36.57 -60.09
C ASP C 217 -35.26 37.89 -59.34
N LEU C 218 -36.39 38.61 -59.41
CA LEU C 218 -36.53 39.81 -58.61
C LEU C 218 -36.47 39.49 -57.12
N LEU C 219 -37.14 38.42 -56.71
CA LEU C 219 -37.12 38.03 -55.30
C LEU C 219 -35.76 37.48 -54.90
N ALA C 220 -35.09 36.74 -55.78
CA ALA C 220 -33.79 36.19 -55.44
C ALA C 220 -32.79 37.28 -55.12
N VAL C 221 -32.75 38.34 -55.94
CA VAL C 221 -31.87 39.46 -55.64
C VAL C 221 -32.27 40.09 -54.32
N LYS C 222 -33.57 40.16 -54.03
CA LYS C 222 -34.02 40.79 -52.81
C LYS C 222 -33.53 40.04 -51.58
N GLU C 223 -33.57 38.70 -51.62
CA GLU C 223 -33.14 37.93 -50.46
C GLU C 223 -31.65 38.16 -50.16
N LYS C 224 -30.82 38.13 -51.19
CA LYS C 224 -29.41 38.45 -50.99
C LYS C 224 -29.24 39.90 -50.53
N ALA C 225 -30.04 40.82 -51.08
CA ALA C 225 -29.99 42.20 -50.63
C ALA C 225 -30.43 42.32 -49.18
N ASP C 226 -31.53 41.66 -48.80
CA ASP C 226 -31.97 41.71 -47.41
C ASP C 226 -31.05 40.89 -46.52
N GLN C 227 -30.65 39.70 -46.96
CA GLN C 227 -29.70 38.93 -46.18
C GLN C 227 -28.41 39.69 -45.95
N PHE C 228 -28.03 40.53 -46.90
CA PHE C 228 -26.84 41.35 -46.68
C PHE C 228 -27.04 42.27 -45.48
N TYR C 229 -28.23 42.88 -45.40
CA TYR C 229 -28.57 43.75 -44.25
C TYR C 229 -28.43 42.90 -43.00
N LYS C 230 -29.16 41.78 -42.92
CA LYS C 230 -29.11 40.95 -41.73
C LYS C 230 -27.73 40.37 -41.51
N ASP C 231 -27.01 40.08 -42.60
CA ASP C 231 -25.67 39.50 -42.46
C ASP C 231 -24.74 40.45 -41.73
N ALA C 232 -24.87 41.75 -41.96
CA ALA C 232 -23.99 42.70 -41.28
C ALA C 232 -24.10 42.57 -39.76
N ASP C 233 -25.32 42.37 -39.24
CA ASP C 233 -25.47 42.30 -37.80
C ASP C 233 -24.59 41.21 -37.20
N SER C 234 -24.43 40.10 -37.91
CA SER C 234 -23.51 39.06 -37.47
C SER C 234 -22.06 39.51 -37.55
N GLY C 235 -21.79 40.65 -38.18
CA GLY C 235 -20.44 41.17 -38.24
C GLY C 235 -19.49 40.36 -39.07
N LYS C 236 -19.94 39.86 -40.22
CA LYS C 236 -19.08 39.18 -41.17
C LYS C 236 -18.65 40.06 -42.33
N HIS C 237 -19.02 41.35 -42.32
CA HIS C 237 -18.66 42.26 -43.40
C HIS C 237 -17.33 42.92 -43.05
N SER C 238 -16.26 42.15 -43.22
CA SER C 238 -14.92 42.61 -42.89
C SER C 238 -14.16 42.71 -44.21
N TYR C 239 -14.29 43.86 -44.87
CA TYR C 239 -13.52 44.17 -46.07
C TYR C 239 -12.71 45.42 -45.79
N VAL C 240 -11.43 45.38 -46.11
CA VAL C 240 -10.53 46.47 -45.76
C VAL C 240 -10.77 47.62 -46.73
N LEU C 241 -11.11 48.79 -46.17
CA LEU C 241 -11.36 49.99 -46.97
C LEU C 241 -10.32 51.07 -46.70
N PHE C 242 -10.15 51.49 -45.45
CA PHE C 242 -9.25 52.56 -45.09
C PHE C 242 -8.34 52.11 -43.94
N ALA C 243 -7.23 52.81 -43.80
CA ALA C 243 -6.28 52.55 -42.73
C ALA C 243 -6.15 53.80 -41.86
N VAL C 244 -6.22 53.62 -40.55
CA VAL C 244 -6.15 54.71 -39.59
C VAL C 244 -4.71 54.86 -39.12
N LEU C 245 -4.19 56.08 -39.18
CA LEU C 245 -2.80 56.36 -38.86
C LEU C 245 -2.67 56.86 -37.43
N GLY C 246 -1.60 56.46 -36.77
CA GLY C 246 -1.32 56.91 -35.42
C GLY C 246 0.12 57.35 -35.29
N LYS C 247 0.34 58.29 -34.38
CA LYS C 247 1.66 58.89 -34.20
C LYS C 247 2.46 58.10 -33.17
N TYR C 248 3.73 57.83 -33.49
CA TYR C 248 4.57 57.03 -32.61
C TYR C 248 4.75 57.68 -31.24
N ARG C 249 4.56 58.99 -31.13
CA ARG C 249 4.75 59.65 -29.84
C ARG C 249 3.71 59.21 -28.84
N ASN C 250 2.46 59.01 -29.29
CA ASN C 250 1.38 58.64 -28.38
C ASN C 250 1.52 57.24 -27.81
N LEU C 251 2.42 56.42 -28.34
CA LEU C 251 2.64 55.10 -27.77
C LEU C 251 3.22 55.21 -26.36
N SER C 252 2.64 54.46 -25.43
CA SER C 252 3.19 54.43 -24.08
C SER C 252 4.61 53.89 -24.07
N ASN C 253 4.84 52.80 -24.79
CA ASN C 253 6.14 52.13 -24.78
C ASN C 253 7.21 52.95 -25.49
N PHE C 254 6.82 53.98 -26.21
CA PHE C 254 7.77 54.86 -26.89
C PHE C 254 8.50 55.68 -25.85
N GLU C 255 9.77 55.39 -25.63
CA GLU C 255 10.67 56.20 -24.81
C GLU C 255 11.53 57.12 -25.66
N SER C 256 10.96 57.65 -26.74
CA SER C 256 11.66 58.57 -27.63
C SER C 256 12.87 57.88 -28.24
N TYR C 257 12.58 56.81 -28.99
CA TYR C 257 13.63 56.14 -29.76
C TYR C 257 14.21 57.07 -30.82
N PHE C 258 13.44 58.07 -31.24
CA PHE C 258 13.90 59.03 -32.23
C PHE C 258 12.97 60.24 -32.18
N ALA C 259 13.24 61.20 -33.06
CA ALA C 259 12.40 62.38 -33.14
C ALA C 259 11.67 62.39 -34.47
N PRO C 260 10.41 61.96 -34.53
CA PRO C 260 9.72 61.90 -35.82
C PRO C 260 9.58 63.27 -36.45
N PHE C 261 9.70 63.31 -37.77
CA PHE C 261 9.49 64.56 -38.47
C PHE C 261 8.00 64.86 -38.60
N ASP C 262 7.70 66.14 -38.85
CA ASP C 262 6.30 66.60 -39.11
C ASP C 262 6.34 67.09 -40.56
N TYR C 263 5.86 66.29 -41.51
CA TYR C 263 5.97 66.57 -42.94
C TYR C 263 4.84 67.44 -43.46
N GLN C 264 3.94 67.90 -42.60
CA GLN C 264 2.82 68.72 -43.06
C GLN C 264 3.32 69.93 -43.83
N MET C 265 4.24 70.69 -43.24
CA MET C 265 4.77 71.86 -43.90
C MET C 265 5.68 71.49 -45.07
N ALA C 266 6.51 70.47 -44.89
CA ALA C 266 7.42 70.07 -45.97
C ALA C 266 6.65 69.66 -47.22
N SER C 267 5.59 68.87 -47.05
CA SER C 267 4.78 68.48 -48.20
C SER C 267 4.14 69.70 -48.85
N LEU C 268 3.64 70.63 -48.04
CA LEU C 268 3.03 71.83 -48.60
C LEU C 268 4.03 72.61 -49.43
N ARG C 269 5.24 72.81 -48.91
CA ARG C 269 6.23 73.57 -49.65
C ARG C 269 6.64 72.86 -50.94
N SER C 270 6.81 71.55 -50.88
CA SER C 270 7.30 70.78 -52.03
C SER C 270 6.15 70.15 -52.82
N TRP C 271 5.23 70.99 -53.28
CA TRP C 271 4.17 70.53 -54.16
C TRP C 271 4.49 70.78 -55.64
N ALA C 272 5.15 71.89 -55.96
CA ALA C 272 5.53 72.12 -57.35
C ALA C 272 6.44 71.01 -57.86
N LEU C 273 7.20 70.37 -56.96
CA LEU C 273 8.06 69.27 -57.39
C LEU C 273 7.25 67.99 -57.60
N PHE C 274 6.26 67.74 -56.75
CA PHE C 274 5.49 66.51 -56.89
C PHE C 274 4.75 66.46 -58.22
N ASN C 275 4.18 67.57 -58.66
CA ASN C 275 3.52 67.58 -59.95
C ASN C 275 4.51 67.34 -61.08
N ASP C 276 5.68 67.96 -61.02
CA ASP C 276 6.67 67.76 -62.07
C ASP C 276 7.09 66.30 -62.17
N PHE C 277 6.97 65.55 -61.08
CA PHE C 277 7.28 64.12 -61.11
C PHE C 277 6.31 63.38 -62.03
N THR C 278 5.01 63.56 -61.83
CA THR C 278 4.03 62.86 -62.65
C THR C 278 4.18 63.25 -64.11
N LEU C 279 4.39 64.55 -64.37
CA LEU C 279 4.54 65.00 -65.76
C LEU C 279 5.75 64.35 -66.42
N TYR C 280 6.87 64.29 -65.71
CA TYR C 280 8.08 63.73 -66.31
C TYR C 280 7.92 62.24 -66.58
N LYS C 281 7.29 61.51 -65.65
CA LYS C 281 7.03 60.10 -65.89
C LYS C 281 6.12 59.90 -67.08
N ALA C 282 5.11 60.75 -67.23
CA ALA C 282 4.20 60.63 -68.37
C ALA C 282 4.92 60.84 -69.69
N ILE C 283 5.83 61.82 -69.74
CA ILE C 283 6.50 62.13 -71.00
C ILE C 283 7.62 61.16 -71.35
N GLU C 284 7.96 60.23 -70.46
CA GLU C 284 8.80 59.11 -70.87
C GLU C 284 8.07 58.29 -71.93
N THR C 285 6.79 57.99 -71.69
CA THR C 285 6.00 57.28 -72.67
C THR C 285 5.73 58.09 -73.93
N MET C 286 5.78 59.43 -73.83
CA MET C 286 5.75 60.25 -75.04
C MET C 286 6.79 59.77 -76.04
N ILE C 287 8.05 59.72 -75.62
CA ILE C 287 9.13 59.41 -76.55
C ILE C 287 9.04 57.96 -77.01
N LYS C 288 8.83 57.03 -76.07
CA LYS C 288 8.83 55.62 -76.42
C LYS C 288 7.70 55.29 -77.39
N ALA C 289 6.52 55.85 -77.17
CA ALA C 289 5.37 55.47 -77.99
C ALA C 289 5.56 55.83 -79.45
N VAL C 290 6.08 57.02 -79.75
CA VAL C 290 6.16 57.50 -81.13
C VAL C 290 7.27 56.76 -81.88
N PRO C 291 7.07 56.39 -83.13
CA PRO C 291 8.05 55.57 -83.84
C PRO C 291 9.26 56.38 -84.29
N GLU C 292 10.22 55.65 -84.87
CA GLU C 292 11.46 56.26 -85.33
C GLU C 292 11.25 57.08 -86.58
N SER C 293 10.34 56.66 -87.45
CA SER C 293 10.17 57.28 -88.76
C SER C 293 9.55 58.66 -88.71
N LYS C 294 9.38 59.25 -87.53
CA LYS C 294 8.78 60.57 -87.40
C LYS C 294 9.55 61.42 -86.39
N PHE C 295 10.87 61.18 -86.36
CA PHE C 295 11.78 61.99 -85.51
C PHE C 295 12.60 62.84 -86.46
N LYS C 296 12.88 64.08 -86.10
CA LYS C 296 13.61 64.97 -86.99
C LYS C 296 15.03 64.50 -87.22
N ASP C 297 15.76 64.22 -86.14
CA ASP C 297 17.18 63.86 -86.26
C ASP C 297 17.39 62.41 -86.66
N GLY C 298 16.36 61.58 -86.61
CA GLY C 298 16.48 60.21 -87.04
C GLY C 298 16.92 59.28 -85.92
N PRO C 299 17.89 58.41 -86.20
CA PRO C 299 18.21 57.35 -85.22
C PRO C 299 18.67 57.87 -83.88
N GLU C 300 19.71 58.69 -83.85
CA GLU C 300 20.30 59.13 -82.59
C GLU C 300 19.51 60.29 -82.00
N ARG C 301 18.19 60.13 -81.92
CA ARG C 301 17.34 61.12 -81.28
C ARG C 301 16.46 60.44 -80.23
N LYS C 302 16.09 59.18 -80.48
CA LYS C 302 15.30 58.45 -79.51
C LYS C 302 16.07 58.24 -78.22
N THR C 303 17.33 57.80 -78.31
CA THR C 303 18.01 57.35 -77.10
C THR C 303 18.40 58.52 -76.20
N GLN C 304 18.95 59.61 -76.74
CA GLN C 304 19.33 60.72 -75.88
C GLN C 304 18.15 61.60 -75.51
N LEU C 305 17.03 61.50 -76.22
CA LEU C 305 15.80 62.08 -75.69
C LEU C 305 15.26 61.21 -74.57
N ILE C 306 15.29 59.88 -74.75
CA ILE C 306 14.89 58.99 -73.67
C ILE C 306 15.86 59.12 -72.51
N LYS C 307 17.16 59.14 -72.78
CA LYS C 307 18.13 59.23 -71.69
C LYS C 307 18.07 60.58 -71.00
N GLN C 308 17.87 61.66 -71.76
CA GLN C 308 17.82 62.97 -71.15
C GLN C 308 16.65 63.07 -70.17
N ALA C 309 15.50 62.51 -70.54
CA ALA C 309 14.35 62.53 -69.64
C ALA C 309 14.62 61.73 -68.38
N ILE C 310 15.18 60.53 -68.53
CA ILE C 310 15.42 59.67 -67.37
C ILE C 310 16.52 60.25 -66.50
N ASN C 311 17.55 60.84 -67.11
CA ASN C 311 18.62 61.42 -66.30
C ASN C 311 18.07 62.52 -65.38
N ILE C 312 17.18 63.36 -65.90
CA ILE C 312 16.58 64.39 -65.06
C ILE C 312 15.44 63.84 -64.22
N PHE C 313 14.92 62.66 -64.55
CA PHE C 313 14.02 61.97 -63.64
C PHE C 313 14.74 61.54 -62.37
N GLU C 314 16.01 61.18 -62.50
CA GLU C 314 16.83 60.88 -61.33
C GLU C 314 16.97 62.10 -60.43
N THR C 315 17.19 63.27 -61.04
CA THR C 315 17.47 64.47 -60.24
C THR C 315 16.30 64.81 -59.33
N ILE C 316 15.08 64.70 -59.82
CA ILE C 316 13.93 65.02 -58.99
C ILE C 316 13.56 63.87 -58.06
N ARG C 317 13.80 62.63 -58.45
CA ARG C 317 13.52 61.52 -57.56
C ARG C 317 14.47 61.52 -56.36
N ASP C 318 15.75 61.81 -56.59
CA ASP C 318 16.69 61.89 -55.48
C ASP C 318 16.45 63.13 -54.63
N ARG C 319 15.89 64.19 -55.20
CA ARG C 319 15.49 65.32 -54.40
C ARG C 319 14.39 64.92 -53.42
N VAL C 320 13.42 64.12 -53.89
CA VAL C 320 12.37 63.61 -53.02
C VAL C 320 12.97 62.72 -51.93
N ILE C 321 13.88 61.84 -52.32
CA ILE C 321 14.51 60.96 -51.33
C ILE C 321 15.33 61.78 -50.35
N LEU C 322 15.87 62.92 -50.81
CA LEU C 322 16.59 63.80 -49.90
C LEU C 322 15.66 64.46 -48.89
N ILE C 323 14.44 64.81 -49.31
CA ILE C 323 13.50 65.42 -48.37
C ILE C 323 13.18 64.45 -47.25
N SER C 324 13.23 63.15 -47.52
CA SER C 324 13.02 62.18 -46.44
C SER C 324 14.07 62.33 -45.36
N GLU C 325 15.34 62.46 -45.75
CA GLU C 325 16.39 62.63 -44.75
C GLU C 325 16.37 64.03 -44.17
N HIS C 326 16.13 65.05 -44.99
CA HIS C 326 16.17 66.45 -44.56
C HIS C 326 14.94 67.18 -45.04
N PRO C 327 13.83 67.11 -44.30
CA PRO C 327 12.65 67.91 -44.68
C PRO C 327 12.90 69.40 -44.60
N GLU C 328 13.87 69.84 -43.80
CA GLU C 328 14.23 71.25 -43.81
C GLU C 328 14.80 71.69 -45.15
N ALA C 329 15.28 70.73 -45.96
CA ALA C 329 15.79 71.05 -47.28
C ALA C 329 14.68 71.40 -48.27
N ALA C 330 13.43 71.48 -47.82
CA ALA C 330 12.35 71.89 -48.72
C ALA C 330 12.48 73.33 -49.17
N LYS C 331 13.27 74.15 -48.46
CA LYS C 331 13.42 75.55 -48.84
C LYS C 331 14.08 75.69 -50.21
N GLU C 332 15.13 74.92 -50.46
CA GLU C 332 15.91 75.10 -51.67
C GLU C 332 15.01 74.98 -52.90
N ASP C 333 15.21 75.89 -53.84
CA ASP C 333 14.42 75.89 -55.05
C ASP C 333 14.86 74.74 -55.96
N PRO C 334 14.01 74.32 -56.90
CA PRO C 334 14.41 73.27 -57.83
C PRO C 334 15.63 73.69 -58.65
N ASP C 335 16.48 72.71 -58.96
CA ASP C 335 17.66 72.94 -59.78
C ASP C 335 17.62 72.08 -61.05
N HIS C 336 16.42 71.79 -61.54
CA HIS C 336 16.23 70.91 -62.68
C HIS C 336 15.41 71.60 -63.73
N MET C 337 15.59 71.17 -64.98
CA MET C 337 14.88 71.78 -66.09
C MET C 337 13.38 71.59 -65.94
N LYS C 338 12.62 72.59 -66.35
CA LYS C 338 11.17 72.56 -66.19
C LYS C 338 10.59 71.47 -67.11
N PRO C 339 9.49 70.82 -66.71
CA PRO C 339 8.79 69.95 -67.66
C PRO C 339 8.30 70.68 -68.89
N GLY C 340 7.90 71.94 -68.76
CA GLY C 340 7.48 72.70 -69.92
C GLY C 340 8.60 72.89 -70.92
N ASP C 341 9.78 73.30 -70.45
CA ASP C 341 10.89 73.51 -71.37
C ASP C 341 11.33 72.20 -72.01
N PHE C 342 11.44 71.13 -71.21
CA PHE C 342 11.81 69.85 -71.78
C PHE C 342 10.72 69.33 -72.70
N ARG C 343 9.46 69.52 -72.35
CA ARG C 343 8.38 69.13 -73.26
C ARG C 343 8.50 69.88 -74.58
N LEU C 344 8.75 71.19 -74.51
CA LEU C 344 9.00 71.96 -75.72
C LEU C 344 10.09 71.30 -76.56
N GLU C 345 11.17 70.88 -75.92
CA GLU C 345 12.24 70.21 -76.65
C GLU C 345 11.74 68.94 -77.33
N VAL C 346 10.80 68.23 -76.70
CA VAL C 346 10.26 67.02 -77.31
C VAL C 346 9.56 67.33 -78.63
N LEU C 347 8.66 68.31 -78.62
CA LEU C 347 7.88 68.59 -79.82
C LEU C 347 8.69 69.29 -80.90
N ASN C 348 9.76 70.01 -80.53
CA ASN C 348 10.56 70.68 -81.54
C ASN C 348 11.22 69.69 -82.49
N SER C 349 11.56 68.50 -81.99
CA SER C 349 12.30 67.50 -82.76
C SER C 349 11.35 66.48 -83.39
N ILE C 350 10.17 66.92 -83.81
CA ILE C 350 9.15 66.03 -84.36
C ILE C 350 8.80 66.52 -85.76
N GLN C 351 8.86 65.61 -86.73
CA GLN C 351 8.44 65.92 -88.08
C GLN C 351 6.93 66.16 -88.14
N THR C 352 6.51 66.90 -89.15
CA THR C 352 5.13 67.36 -89.27
C THR C 352 4.65 67.16 -90.70
N LYS C 353 3.34 67.21 -90.86
CA LYS C 353 2.70 67.05 -92.16
C LYS C 353 2.07 68.37 -92.59
N LEU C 354 2.28 68.74 -93.85
CA LEU C 354 1.86 70.04 -94.37
C LEU C 354 0.46 69.92 -94.93
N PHE C 355 -0.52 69.86 -94.04
CA PHE C 355 -1.91 69.77 -94.47
C PHE C 355 -2.30 71.09 -95.11
N HIS C 356 -2.17 71.18 -96.44
CA HIS C 356 -2.49 72.43 -97.18
C HIS C 356 -3.98 72.36 -97.54
N ALA C 357 -4.83 73.02 -96.76
CA ALA C 357 -6.27 73.02 -97.02
C ALA C 357 -6.54 73.71 -98.35
N GLN C 358 -7.48 73.15 -99.11
CA GLN C 358 -7.80 73.66 -100.44
C GLN C 358 -9.31 73.84 -100.54
N SER C 359 -9.72 74.91 -101.22
CA SER C 359 -11.13 75.26 -101.33
C SER C 359 -11.69 74.67 -102.63
N GLN C 360 -12.46 73.60 -102.49
CA GLN C 360 -13.06 72.96 -103.65
C GLN C 360 -14.14 73.87 -104.27
N PRO C 361 -14.11 74.07 -105.59
CA PRO C 361 -15.17 74.83 -106.24
C PRO C 361 -16.36 73.95 -106.64
N ILE C 362 -17.55 74.31 -106.19
CA ILE C 362 -18.76 73.56 -106.51
C ILE C 362 -19.68 74.45 -107.35
N PRO C 363 -20.31 73.93 -108.40
CA PRO C 363 -21.22 74.76 -109.20
C PRO C 363 -22.36 75.30 -108.36
N ASN C 364 -22.95 76.41 -108.84
CA ASN C 364 -24.06 77.07 -108.16
C ASN C 364 -23.58 77.72 -106.86
N THR C 365 -22.39 78.32 -106.90
CA THR C 365 -21.83 79.03 -105.77
C THR C 365 -21.04 80.22 -106.27
N ASP C 366 -21.34 81.40 -105.72
CA ASP C 366 -20.67 82.64 -106.08
C ASP C 366 -20.03 83.23 -104.84
N ASP C 367 -18.71 83.46 -104.91
CA ASP C 367 -17.92 83.97 -103.78
C ASP C 367 -17.96 83.02 -102.58
N TYR C 368 -18.46 81.81 -102.77
CA TYR C 368 -18.54 80.80 -101.72
C TYR C 368 -17.87 79.54 -102.23
N TRP C 369 -16.88 79.04 -101.48
CA TRP C 369 -16.12 77.86 -101.87
C TRP C 369 -16.42 76.73 -100.88
N THR C 370 -15.71 75.62 -101.05
CA THR C 370 -15.84 74.47 -100.16
C THR C 370 -14.45 74.06 -99.71
N ASP C 371 -14.13 74.34 -98.45
CA ASP C 371 -12.79 74.09 -97.90
C ASP C 371 -12.66 72.61 -97.57
N VAL C 372 -11.71 71.95 -98.21
CA VAL C 372 -11.37 70.55 -97.93
C VAL C 372 -9.93 70.50 -97.45
N ILE C 373 -9.73 69.94 -96.26
CA ILE C 373 -8.39 69.86 -95.65
C ILE C 373 -7.81 68.53 -96.08
N LEU C 374 -7.23 68.50 -97.28
CA LEU C 374 -6.59 67.32 -97.81
C LEU C 374 -5.14 67.65 -98.20
N THR C 375 -4.23 66.72 -97.88
CA THR C 375 -2.82 66.91 -98.18
C THR C 375 -2.51 66.81 -99.66
N THR C 376 -3.40 66.22 -100.45
CA THR C 376 -3.16 66.04 -101.88
C THR C 376 -3.55 67.31 -102.64
N LYS C 377 -2.66 67.78 -103.50
CA LYS C 377 -2.94 68.97 -104.30
C LYS C 377 -4.09 68.70 -105.24
N GLY C 378 -5.02 69.64 -105.33
CA GLY C 378 -6.17 69.51 -106.21
C GLY C 378 -6.13 70.47 -107.38
N SER C 379 -7.00 70.26 -108.37
CA SER C 379 -7.08 71.11 -109.54
C SER C 379 -8.28 72.04 -109.40
N GLY C 380 -8.01 73.35 -109.46
CA GLY C 380 -9.06 74.34 -109.34
C GLY C 380 -9.49 74.65 -107.93
N ASN C 381 -8.84 74.01 -106.95
CA ASN C 381 -9.17 74.23 -105.52
C ASN C 381 -8.24 75.30 -104.96
N GLN C 382 -8.79 76.34 -104.32
CA GLN C 382 -7.95 77.41 -103.80
C GLN C 382 -7.27 76.98 -102.51
N PRO C 383 -5.93 76.97 -102.45
CA PRO C 383 -5.27 76.65 -101.18
C PRO C 383 -5.44 77.77 -100.16
N LEU C 384 -5.68 77.38 -98.91
CA LEU C 384 -5.90 78.35 -97.83
C LEU C 384 -4.61 78.63 -97.06
N PHE C 385 -4.02 77.61 -96.43
CA PHE C 385 -2.76 77.76 -95.72
C PHE C 385 -2.07 76.40 -95.69
N THR C 386 -0.75 76.44 -95.59
CA THR C 386 0.06 75.24 -95.48
C THR C 386 0.84 75.31 -94.17
N PHE C 387 0.63 74.31 -93.31
CA PHE C 387 1.11 74.33 -91.94
C PHE C 387 1.61 72.95 -91.51
N PRO C 388 2.63 72.89 -90.66
CA PRO C 388 3.02 71.61 -90.07
C PRO C 388 1.88 71.05 -89.22
N ALA C 389 1.72 69.73 -89.26
CA ALA C 389 0.70 69.05 -88.47
C ALA C 389 1.21 67.69 -88.06
N PHE C 390 0.48 67.05 -87.15
CA PHE C 390 0.87 65.77 -86.57
C PHE C 390 -0.02 64.68 -87.16
N ASP C 391 0.61 63.72 -87.82
CA ASP C 391 -0.10 62.65 -88.53
C ASP C 391 -0.07 61.34 -87.77
N PHE C 392 0.21 61.36 -86.47
CA PHE C 392 0.28 60.16 -85.67
C PHE C 392 -0.02 60.50 -84.23
N GLY C 393 -0.66 59.57 -83.54
CA GLY C 393 -1.03 59.80 -82.16
C GLY C 393 0.17 59.64 -81.26
N ASP C 394 -0.02 59.01 -80.11
CA ASP C 394 1.06 58.72 -79.17
C ASP C 394 1.73 59.97 -78.63
N LEU C 395 1.20 61.16 -78.92
CA LEU C 395 1.69 62.41 -78.36
C LEU C 395 0.58 62.99 -77.50
N ILE C 396 0.74 62.89 -76.17
CA ILE C 396 -0.35 63.31 -75.29
C ILE C 396 -0.59 64.80 -75.50
N GLY C 397 -1.81 65.22 -75.19
CA GLY C 397 -2.23 66.59 -75.43
C GLY C 397 -2.71 66.86 -76.83
N THR C 398 -2.96 65.81 -77.63
CA THR C 398 -3.38 65.97 -79.04
C THR C 398 -4.63 65.17 -79.32
N GLU C 399 -5.48 65.65 -80.22
CA GLU C 399 -6.70 64.97 -80.63
C GLU C 399 -6.84 65.07 -82.15
N VAL C 400 -7.59 64.12 -82.72
CA VAL C 400 -7.70 63.95 -84.15
C VAL C 400 -8.99 64.58 -84.65
N VAL C 401 -8.92 65.15 -85.86
CA VAL C 401 -10.07 65.71 -86.55
C VAL C 401 -10.28 64.89 -87.82
N SER C 402 -11.13 63.88 -87.73
CA SER C 402 -11.32 62.91 -88.81
C SER C 402 -12.60 63.24 -89.55
N PHE C 403 -12.45 63.79 -90.76
CA PHE C 403 -13.62 64.10 -91.57
C PHE C 403 -14.42 62.83 -91.85
N GLY C 404 -15.73 62.93 -91.76
CA GLY C 404 -16.61 61.83 -92.09
C GLY C 404 -17.33 62.07 -93.41
N LYS C 405 -16.95 61.33 -94.45
CA LYS C 405 -17.58 61.44 -95.75
C LYS C 405 -18.46 60.22 -95.97
N LYS C 406 -19.73 60.47 -96.27
CA LYS C 406 -20.67 59.38 -96.48
C LYS C 406 -20.26 58.56 -97.70
N LYS C 407 -19.91 57.30 -97.49
CA LYS C 407 -19.71 56.40 -98.62
C LYS C 407 -21.03 56.11 -99.33
N ASN C 408 -22.13 56.09 -98.58
CA ASN C 408 -23.46 55.92 -99.14
C ASN C 408 -24.01 57.21 -99.72
N GLY C 409 -23.29 58.32 -99.57
CA GLY C 409 -23.73 59.60 -100.09
C GLY C 409 -22.58 60.53 -100.34
N GLU C 410 -22.76 61.82 -100.06
CA GLU C 410 -21.71 62.81 -100.27
C GLU C 410 -21.62 63.81 -99.13
N GLU C 411 -22.31 63.58 -98.02
CA GLU C 411 -22.27 64.51 -96.90
C GLU C 411 -20.83 64.68 -96.40
N TYR C 412 -20.45 65.93 -96.15
CA TYR C 412 -19.17 66.27 -95.56
C TYR C 412 -19.33 66.41 -94.05
N ASN C 413 -18.54 65.67 -93.29
CA ASN C 413 -18.58 65.73 -91.83
C ASN C 413 -17.20 66.03 -91.28
N CYS C 414 -17.19 66.50 -90.04
CA CYS C 414 -15.96 66.88 -89.35
C CYS C 414 -16.13 66.55 -87.87
N LEU C 415 -15.59 65.41 -87.45
CA LEU C 415 -15.73 64.94 -86.07
C LEU C 415 -14.36 64.84 -85.43
N ILE C 416 -14.22 65.46 -84.27
CA ILE C 416 -12.96 65.43 -83.53
C ILE C 416 -12.95 64.21 -82.62
N GLY C 417 -11.85 63.44 -82.67
CA GLY C 417 -11.75 62.28 -81.82
C GLY C 417 -12.83 61.25 -82.07
N GLU C 418 -13.52 61.32 -83.21
CA GLU C 418 -14.58 60.37 -83.55
C GLU C 418 -14.37 59.98 -85.01
N ARG C 419 -13.85 58.78 -85.24
CA ARG C 419 -13.56 58.34 -86.58
C ARG C 419 -14.84 57.85 -87.27
N VAL C 420 -14.68 57.40 -88.51
CA VAL C 420 -15.78 56.78 -89.23
C VAL C 420 -16.14 55.43 -88.63
N THR C 421 -15.21 54.76 -87.94
CA THR C 421 -15.45 53.42 -87.46
C THR C 421 -16.66 53.34 -86.54
N SER C 422 -17.02 54.43 -85.87
CA SER C 422 -18.21 54.43 -85.03
C SER C 422 -19.45 54.17 -85.86
N LEU C 423 -19.54 54.79 -87.03
CA LEU C 423 -20.65 54.59 -87.96
C LEU C 423 -20.24 53.58 -89.03
N ASP C 424 -21.11 53.39 -90.02
CA ASP C 424 -20.88 52.44 -91.10
C ASP C 424 -21.02 53.15 -92.45
N ASP C 425 -20.14 52.81 -93.39
CA ASP C 425 -20.14 53.39 -94.72
C ASP C 425 -19.94 54.91 -94.66
N TYR C 426 -18.74 55.27 -94.16
CA TYR C 426 -18.32 56.68 -94.08
C TYR C 426 -16.85 56.68 -94.48
N LYS C 427 -16.27 57.84 -94.79
CA LYS C 427 -14.86 57.85 -95.30
C LYS C 427 -14.05 58.95 -94.59
N GLU C 428 -12.80 58.65 -94.25
CA GLU C 428 -11.92 59.63 -93.56
C GLU C 428 -11.24 60.52 -94.61
N LEU C 429 -11.92 61.58 -95.07
CA LEU C 429 -11.26 62.53 -96.00
C LEU C 429 -9.86 62.85 -95.45
N SER C 430 -9.79 63.17 -94.15
CA SER C 430 -8.52 63.55 -93.54
C SER C 430 -8.60 63.31 -92.03
N TYR C 431 -7.55 62.69 -91.49
CA TYR C 431 -7.42 62.52 -90.06
C TYR C 431 -6.00 62.86 -89.66
N PHE C 432 -5.85 63.66 -88.61
CA PHE C 432 -4.54 64.08 -88.14
C PHE C 432 -4.66 64.68 -86.75
N TRP C 433 -3.85 64.18 -85.81
CA TRP C 433 -3.93 64.66 -84.44
C TRP C 433 -3.43 66.10 -84.33
N VAL C 434 -4.07 66.88 -83.46
CA VAL C 434 -3.72 68.28 -83.26
C VAL C 434 -3.91 68.64 -81.80
N PHE C 435 -3.37 69.80 -81.42
CA PHE C 435 -3.57 70.32 -80.07
C PHE C 435 -4.90 71.05 -80.00
N PRO C 436 -5.89 70.57 -79.23
CA PRO C 436 -7.12 71.36 -79.07
C PRO C 436 -6.91 72.68 -78.35
N ASP C 437 -5.81 72.83 -77.61
CA ASP C 437 -5.53 74.05 -76.86
C ASP C 437 -4.14 74.54 -77.21
N SER C 438 -3.85 75.76 -76.77
CA SER C 438 -2.57 76.37 -77.10
C SER C 438 -1.49 75.88 -76.15
N VAL C 439 -0.24 76.08 -76.56
CA VAL C 439 0.92 75.73 -75.74
C VAL C 439 1.86 76.92 -75.75
N GLN C 440 2.70 77.02 -74.73
CA GLN C 440 3.62 78.13 -74.61
C GLN C 440 4.55 78.18 -75.82
N LYS C 441 4.40 79.22 -76.62
CA LYS C 441 5.31 79.60 -77.69
C LYS C 441 5.49 78.51 -78.75
N PHE C 442 4.59 77.53 -78.82
CA PHE C 442 4.61 76.56 -79.92
C PHE C 442 3.34 76.62 -80.76
N ALA C 443 2.17 76.44 -80.15
CA ALA C 443 0.91 76.34 -80.87
C ALA C 443 0.10 77.61 -80.59
N MET C 444 0.26 78.61 -81.46
CA MET C 444 -0.39 79.89 -81.28
C MET C 444 -1.36 80.26 -82.39
N GLU C 445 -1.23 79.67 -83.57
CA GLU C 445 -2.15 79.97 -84.66
C GLU C 445 -3.36 79.05 -84.58
N MET C 446 -4.50 79.55 -85.05
CA MET C 446 -5.80 78.97 -84.75
C MET C 446 -6.47 78.45 -86.02
N TYR C 447 -7.29 77.41 -85.85
CA TYR C 447 -8.18 76.92 -86.89
C TYR C 447 -9.54 76.60 -86.28
N GLY C 448 -10.59 76.96 -87.00
CA GLY C 448 -11.94 76.72 -86.53
C GLY C 448 -12.78 76.06 -87.59
N VAL C 449 -13.76 75.27 -87.13
CA VAL C 449 -14.62 74.48 -88.00
C VAL C 449 -16.02 75.07 -87.94
N SER C 450 -16.63 75.26 -89.11
CA SER C 450 -18.02 75.68 -89.23
C SER C 450 -18.65 74.93 -90.40
N LYS C 451 -19.93 74.59 -90.24
CA LYS C 451 -20.67 73.81 -91.23
C LYS C 451 -22.05 74.41 -91.46
N VAL C 452 -22.50 74.35 -92.70
CA VAL C 452 -23.82 74.87 -93.06
C VAL C 452 -24.84 73.73 -92.98
N PRO C 453 -25.88 73.84 -92.15
CA PRO C 453 -26.81 72.70 -92.02
C PRO C 453 -27.48 72.32 -93.34
N THR C 454 -27.85 73.30 -94.15
CA THR C 454 -28.57 73.00 -95.39
C THR C 454 -27.71 72.22 -96.36
N ARG C 455 -26.45 72.61 -96.50
CA ARG C 455 -25.53 71.95 -97.41
C ARG C 455 -24.20 71.76 -96.69
N ASN C 456 -23.63 70.56 -96.81
CA ASN C 456 -22.42 70.23 -96.07
C ASN C 456 -21.20 70.82 -96.76
N TYR C 457 -21.16 72.15 -96.90
CA TYR C 457 -20.00 72.84 -97.42
C TYR C 457 -19.09 73.15 -96.24
N MET C 458 -18.05 72.33 -96.08
CA MET C 458 -17.11 72.52 -94.98
C MET C 458 -16.61 73.95 -94.96
N ARG C 459 -16.80 74.62 -93.84
CA ARG C 459 -16.38 76.01 -93.65
C ARG C 459 -15.39 76.02 -92.50
N VAL C 460 -14.13 75.73 -92.82
CA VAL C 460 -13.04 75.78 -91.86
C VAL C 460 -12.24 77.04 -92.16
N TYR C 461 -11.98 77.84 -91.13
CA TYR C 461 -11.34 79.12 -91.31
C TYR C 461 -10.47 79.43 -90.10
N ALA C 462 -9.62 80.43 -90.25
CA ALA C 462 -8.77 80.90 -89.16
C ALA C 462 -9.62 81.69 -88.17
N ALA C 463 -10.06 81.02 -87.10
CA ALA C 463 -10.99 81.60 -86.15
C ALA C 463 -10.23 82.50 -85.18
N ASP C 464 -10.97 83.02 -84.19
CA ASP C 464 -10.39 83.95 -83.20
C ASP C 464 -10.90 83.54 -81.81
N GLN C 465 -10.33 84.11 -80.76
CA GLN C 465 -10.80 83.82 -79.41
C GLN C 465 -12.25 84.27 -79.24
N SER C 466 -12.65 85.28 -80.04
CA SER C 466 -14.03 85.79 -79.98
C SER C 466 -14.97 84.88 -80.79
N ASP C 467 -14.43 84.18 -81.78
CA ASP C 467 -15.27 83.19 -82.53
C ASP C 467 -15.74 82.13 -81.53
N ILE C 468 -14.92 81.86 -80.51
CA ILE C 468 -15.35 80.91 -79.44
C ILE C 468 -16.41 81.63 -78.58
N GLU C 469 -16.14 82.88 -78.18
CA GLU C 469 -17.10 83.66 -77.36
C GLU C 469 -18.45 83.73 -78.10
N ASN C 470 -18.42 84.05 -79.39
CA ASN C 470 -19.68 84.11 -80.19
C ASN C 470 -19.65 83.00 -81.25
N PRO C 471 -20.11 81.77 -80.93
CA PRO C 471 -20.06 80.62 -81.87
C PRO C 471 -21.18 80.69 -82.90
N ARG C 472 -20.83 80.51 -84.18
CA ARG C 472 -21.82 80.48 -85.24
C ARG C 472 -22.58 79.15 -85.20
N PRO C 473 -23.73 79.07 -85.83
CA PRO C 473 -24.49 77.81 -85.82
C PRO C 473 -23.68 76.65 -86.39
N TYR C 474 -23.81 75.46 -85.78
CA TYR C 474 -23.15 74.25 -86.34
C TYR C 474 -21.63 74.39 -86.39
N GLN C 475 -21.05 75.26 -85.56
CA GLN C 475 -19.59 75.36 -85.51
C GLN C 475 -19.09 74.31 -84.53
N ARG C 476 -18.37 73.31 -85.04
CA ARG C 476 -18.11 72.12 -84.25
C ARG C 476 -16.97 72.33 -83.26
N PHE C 477 -15.77 72.59 -83.75
CA PHE C 477 -14.60 72.61 -82.89
C PHE C 477 -13.55 73.55 -83.46
N TRP C 478 -12.65 73.99 -82.59
CA TRP C 478 -11.55 74.87 -82.96
C TRP C 478 -10.26 74.33 -82.36
N PHE C 479 -9.17 74.49 -83.11
CA PHE C 479 -7.90 73.87 -82.76
C PHE C 479 -6.75 74.79 -83.12
N TYR C 480 -5.65 74.62 -82.39
CA TYR C 480 -4.44 75.40 -82.59
C TYR C 480 -3.38 74.55 -83.28
N VAL C 481 -2.68 75.15 -84.23
CA VAL C 481 -1.64 74.47 -84.99
C VAL C 481 -0.30 75.13 -84.67
N PRO C 482 0.82 74.38 -84.70
CA PRO C 482 2.11 74.98 -84.34
C PRO C 482 2.46 76.18 -85.21
N SER C 483 3.08 77.17 -84.58
CA SER C 483 3.53 78.38 -85.26
C SER C 483 4.94 78.17 -85.79
N ALA C 484 5.14 78.45 -87.08
CA ALA C 484 6.45 78.29 -87.69
C ALA C 484 7.46 79.30 -87.18
N ASN C 485 7.03 80.32 -86.45
CA ASN C 485 7.93 81.34 -85.94
C ASN C 485 8.81 80.84 -84.79
N SER C 486 8.54 79.65 -84.26
CA SER C 486 9.34 79.14 -83.16
C SER C 486 10.79 78.95 -83.61
N PRO C 487 11.78 79.34 -82.81
CA PRO C 487 13.17 79.19 -83.24
C PRO C 487 13.64 77.75 -83.07
N PRO C 488 14.25 77.15 -84.10
CA PRO C 488 14.73 75.78 -83.94
C PRO C 488 16.11 75.70 -83.31
N GLY D 2 5.84 48.32 -59.38
CA GLY D 2 6.16 46.96 -58.99
C GLY D 2 5.47 46.54 -57.71
N GLU D 3 4.20 46.15 -57.81
CA GLU D 3 3.46 45.68 -56.66
C GLU D 3 2.77 44.35 -56.95
N VAL D 4 2.50 44.07 -58.22
CA VAL D 4 1.85 42.82 -58.62
C VAL D 4 2.59 42.25 -59.81
N VAL D 5 2.40 40.95 -60.03
CA VAL D 5 3.03 40.26 -61.15
C VAL D 5 2.16 39.08 -61.57
N PRO D 6 1.98 38.84 -62.86
CA PRO D 6 1.17 37.69 -63.27
C PRO D 6 1.77 36.38 -62.77
N TYR D 7 0.89 35.44 -62.45
CA TYR D 7 1.33 34.16 -61.91
C TYR D 7 2.21 33.44 -62.92
N LYS D 8 3.33 32.89 -62.45
CA LYS D 8 4.21 32.06 -63.26
C LYS D 8 4.33 30.70 -62.58
N ALA D 9 4.07 29.64 -63.33
CA ALA D 9 4.01 28.31 -62.74
C ALA D 9 5.30 27.98 -62.02
N GLY D 10 5.18 27.25 -60.92
CA GLY D 10 6.32 26.93 -60.08
C GLY D 10 6.58 27.92 -58.97
N MET D 11 5.88 29.05 -58.96
CA MET D 11 6.09 30.05 -57.92
C MET D 11 5.83 29.44 -56.55
N GLN D 12 6.72 29.74 -55.61
CA GLN D 12 6.59 29.28 -54.24
C GLN D 12 6.51 30.49 -53.34
N ARG D 13 5.52 30.50 -52.45
CA ARG D 13 5.36 31.63 -51.55
C ARG D 13 6.64 31.87 -50.77
N GLY D 14 7.06 33.13 -50.69
CA GLY D 14 8.24 33.48 -49.94
C GLY D 14 9.52 33.16 -50.68
N GLN D 15 9.70 33.77 -51.84
CA GLN D 15 10.91 33.58 -52.63
C GLN D 15 11.32 34.91 -53.26
N GLY D 16 12.61 35.02 -53.53
CA GLY D 16 13.11 36.23 -54.15
C GLY D 16 12.61 36.41 -55.56
N TYR D 17 12.57 37.66 -56.00
CA TYR D 17 12.09 38.00 -57.34
C TYR D 17 12.95 39.12 -57.88
N ASN D 18 13.70 38.84 -58.94
CA ASN D 18 14.53 39.83 -59.62
C ASN D 18 13.61 40.63 -60.53
N THR D 19 13.14 41.78 -60.04
CA THR D 19 12.09 42.50 -60.74
C THR D 19 12.52 42.96 -62.14
N TYR D 20 13.81 43.20 -62.35
CA TYR D 20 14.29 43.58 -63.67
C TYR D 20 14.24 42.40 -64.63
N LEU D 21 14.92 41.30 -64.31
CA LEU D 21 14.91 40.12 -65.15
C LEU D 21 13.59 39.36 -65.08
N GLN D 22 12.70 39.72 -64.15
CA GLN D 22 11.39 39.08 -64.01
C GLN D 22 11.53 37.58 -63.84
N SER D 23 12.67 37.12 -63.32
CA SER D 23 12.91 35.71 -63.11
C SER D 23 12.55 35.35 -61.67
N LEU D 24 12.84 34.12 -61.27
CA LEU D 24 12.59 33.63 -59.93
C LEU D 24 13.91 33.42 -59.21
N CYS D 25 13.92 33.71 -57.91
CA CYS D 25 15.14 33.59 -57.12
C CYS D 25 14.90 32.71 -55.90
N VAL D 26 15.86 32.71 -54.97
CA VAL D 26 15.89 31.70 -53.91
C VAL D 26 14.51 31.54 -53.28
N LYS D 27 14.15 30.30 -52.99
CA LYS D 27 12.88 29.99 -52.36
C LYS D 27 13.07 29.84 -50.86
N ASP D 28 12.07 30.28 -50.11
CA ASP D 28 12.04 30.14 -48.65
C ASP D 28 13.00 31.12 -47.96
N ALA D 29 13.22 32.28 -48.58
CA ALA D 29 13.93 33.34 -47.89
C ALA D 29 13.06 34.00 -46.82
N VAL D 30 11.75 34.00 -47.03
CA VAL D 30 10.80 34.61 -46.11
C VAL D 30 9.79 33.55 -45.68
N THR D 31 9.63 33.40 -44.38
CA THR D 31 8.63 32.51 -43.80
C THR D 31 7.46 33.34 -43.32
N ILE D 32 6.27 33.01 -43.79
CA ILE D 32 5.04 33.69 -43.40
C ILE D 32 4.26 32.76 -42.50
N GLU D 33 4.00 33.21 -41.27
CA GLU D 33 3.22 32.44 -40.30
C GLU D 33 1.77 32.89 -40.38
N ARG D 34 0.87 31.95 -40.66
CA ARG D 34 -0.55 32.22 -40.67
C ARG D 34 -1.05 32.14 -39.23
N HIS D 35 -1.11 33.29 -38.55
CA HIS D 35 -1.56 33.28 -37.16
C HIS D 35 -2.99 32.79 -37.05
N ASP D 36 -3.87 33.22 -37.95
CA ASP D 36 -5.28 32.86 -37.94
C ASP D 36 -5.62 32.16 -39.23
N ASP D 37 -6.33 31.03 -39.13
CA ASP D 37 -6.74 30.26 -40.29
C ASP D 37 -8.11 30.76 -40.73
N SER D 38 -8.12 31.66 -41.71
CA SER D 38 -9.37 32.21 -42.22
C SER D 38 -9.12 32.80 -43.60
N ASN D 39 -10.05 32.56 -44.52
CA ASN D 39 -9.90 33.09 -45.86
C ASN D 39 -10.06 34.61 -45.84
N PRO D 40 -9.34 35.33 -46.69
CA PRO D 40 -9.38 36.78 -46.65
C PRO D 40 -10.67 37.32 -47.23
N PRO D 41 -10.99 38.59 -46.99
CA PRO D 41 -12.19 39.19 -47.58
C PRO D 41 -12.14 39.16 -49.10
N PHE D 42 -13.31 39.05 -49.72
CA PHE D 42 -13.40 38.83 -51.15
C PHE D 42 -14.44 39.75 -51.77
N LYS D 43 -14.28 39.99 -53.07
CA LYS D 43 -15.17 40.84 -53.84
C LYS D 43 -15.78 40.03 -54.96
N LYS D 44 -17.10 40.13 -55.12
CA LYS D 44 -17.84 39.33 -56.08
C LYS D 44 -18.50 40.20 -57.14
N GLU D 45 -18.66 39.63 -58.33
CA GLU D 45 -19.43 40.23 -59.40
C GLU D 45 -20.31 39.16 -60.03
N TYR D 46 -21.42 39.58 -60.64
CA TYR D 46 -22.35 38.64 -61.26
C TYR D 46 -23.15 39.39 -62.33
N TYR D 47 -22.76 39.20 -63.58
CA TYR D 47 -23.48 39.74 -64.73
C TYR D 47 -24.23 38.58 -65.40
N SER D 48 -25.54 38.72 -65.54
CA SER D 48 -26.37 37.64 -66.07
C SER D 48 -27.32 38.18 -67.14
N GLU D 49 -27.55 37.37 -68.16
CA GLU D 49 -28.48 37.69 -69.23
C GLU D 49 -29.31 36.46 -69.55
N PHE D 50 -30.61 36.64 -69.75
CA PHE D 50 -31.51 35.57 -70.15
C PHE D 50 -32.34 36.09 -71.31
N ILE D 51 -31.89 35.83 -72.53
CA ILE D 51 -32.49 36.44 -73.71
C ILE D 51 -33.89 35.88 -73.93
N GLU D 52 -34.69 36.62 -74.69
CA GLU D 52 -36.12 36.38 -74.80
C GLU D 52 -36.40 34.93 -75.20
N GLU D 53 -37.63 34.51 -74.92
CA GLU D 53 -38.14 33.21 -75.38
C GLU D 53 -38.90 33.46 -76.67
N TYR D 54 -38.26 33.20 -77.80
CA TYR D 54 -38.87 33.44 -79.10
C TYR D 54 -39.96 32.38 -79.31
N GLU D 55 -41.11 32.64 -78.68
CA GLU D 55 -42.26 31.70 -78.80
C GLU D 55 -43.18 32.21 -79.91
N LYS D 56 -43.25 31.48 -81.01
CA LYS D 56 -44.06 31.87 -82.17
C LYS D 56 -44.84 30.65 -82.64
N ILE D 57 -46.16 30.68 -82.44
CA ILE D 57 -47.06 29.66 -82.97
C ILE D 57 -47.81 30.28 -84.13
N ALA D 58 -47.68 29.70 -85.31
CA ALA D 58 -48.49 30.05 -86.46
C ALA D 58 -49.23 28.79 -86.90
N LYS D 59 -50.54 28.87 -87.00
CA LYS D 59 -51.38 27.70 -87.23
C LYS D 59 -52.39 28.00 -88.32
N SER D 60 -52.74 26.97 -89.09
CA SER D 60 -53.58 27.13 -90.27
C SER D 60 -54.83 26.27 -90.14
N MET D 61 -55.96 26.79 -90.61
CA MET D 61 -57.22 26.00 -90.64
C MET D 61 -58.01 26.41 -91.89
N ARG D 62 -57.86 25.66 -92.98
CA ARG D 62 -58.48 25.93 -94.27
C ARG D 62 -59.46 24.81 -94.59
N ILE D 63 -60.74 25.17 -94.73
CA ILE D 63 -61.78 24.22 -95.05
C ILE D 63 -62.53 24.73 -96.28
N SER D 64 -62.98 23.79 -97.11
CA SER D 64 -63.72 24.14 -98.31
C SER D 64 -64.57 22.95 -98.71
N ALA D 65 -65.89 23.16 -98.79
CA ALA D 65 -66.81 22.10 -99.19
C ALA D 65 -68.02 22.72 -99.86
N GLY D 66 -68.62 21.96 -100.77
CA GLY D 66 -69.79 22.41 -101.49
C GLY D 66 -70.18 21.48 -102.62
N VAL D 78 -71.99 14.98 -105.77
CA VAL D 78 -70.63 15.41 -106.04
C VAL D 78 -70.24 16.51 -105.06
N ASN D 79 -70.05 16.12 -103.80
CA ASN D 79 -69.65 17.04 -102.74
C ASN D 79 -68.20 16.77 -102.36
N VAL D 80 -67.41 17.84 -102.30
CA VAL D 80 -65.99 17.73 -102.01
C VAL D 80 -65.70 18.40 -100.68
N ASP D 81 -64.61 17.98 -100.04
CA ASP D 81 -64.17 18.53 -98.78
C ASP D 81 -62.66 18.74 -98.82
N ILE D 82 -62.20 19.79 -98.15
CA ILE D 82 -60.77 20.06 -97.99
C ILE D 82 -60.55 20.50 -96.55
N LEU D 83 -59.54 19.91 -95.91
CA LEU D 83 -59.26 20.18 -94.49
C LEU D 83 -57.74 20.24 -94.34
N ASN D 84 -57.17 21.44 -94.31
CA ASN D 84 -55.73 21.62 -94.26
C ASN D 84 -55.33 22.29 -92.95
N ARG D 85 -54.31 21.75 -92.30
CA ARG D 85 -53.79 22.28 -91.06
C ARG D 85 -52.29 22.54 -91.17
N SER D 86 -51.81 23.42 -90.30
CA SER D 86 -50.37 23.64 -90.18
C SER D 86 -50.09 24.13 -88.77
N GLU D 87 -48.83 24.06 -88.38
CA GLU D 87 -48.43 24.49 -87.04
C GLU D 87 -46.94 24.72 -87.04
N PHE D 88 -46.52 25.94 -86.75
CA PHE D 88 -45.10 26.30 -86.71
C PHE D 88 -44.78 26.85 -85.33
N GLU D 89 -43.83 26.22 -84.66
CA GLU D 89 -43.43 26.61 -83.32
C GLU D 89 -41.97 27.01 -83.32
N THR D 90 -41.64 27.99 -82.48
CA THR D 90 -40.27 28.45 -82.32
C THR D 90 -40.01 28.70 -80.84
N SER D 91 -38.78 28.47 -80.41
CA SER D 91 -38.39 28.74 -79.03
C SER D 91 -36.88 28.89 -78.99
N THR D 92 -36.41 30.13 -78.96
CA THR D 92 -34.98 30.42 -78.84
C THR D 92 -34.72 30.97 -77.44
N LEU D 93 -34.04 30.18 -76.62
CA LEU D 93 -33.62 30.60 -75.30
C LEU D 93 -32.11 30.72 -75.29
N THR D 94 -31.60 31.81 -74.73
CA THR D 94 -30.17 32.02 -74.60
C THR D 94 -29.88 32.50 -73.18
N TYR D 95 -28.69 32.16 -72.68
CA TYR D 95 -28.30 32.51 -71.33
C TYR D 95 -26.82 32.85 -71.31
N GLU D 96 -26.42 33.64 -70.32
CA GLU D 96 -25.01 34.01 -70.17
C GLU D 96 -24.79 34.62 -68.80
N VAL D 97 -23.77 34.14 -68.09
CA VAL D 97 -23.37 34.71 -66.82
C VAL D 97 -21.86 34.90 -66.83
N LYS D 98 -21.38 35.75 -65.92
CA LYS D 98 -19.95 35.99 -65.78
C LYS D 98 -19.70 36.40 -64.33
N VAL D 99 -19.16 35.47 -63.55
CA VAL D 99 -18.94 35.68 -62.12
C VAL D 99 -17.44 35.88 -61.89
N LEU D 100 -17.09 37.00 -61.26
CA LEU D 100 -15.70 37.32 -60.95
C LEU D 100 -15.56 37.45 -59.44
N VAL D 101 -14.60 36.71 -58.88
CA VAL D 101 -14.33 36.72 -57.45
C VAL D 101 -12.87 37.08 -57.25
N GLN D 102 -12.60 38.06 -56.41
CA GLN D 102 -11.24 38.49 -56.11
C GLN D 102 -11.08 38.62 -54.61
N HIS D 103 -10.12 37.90 -54.05
CA HIS D 103 -9.86 37.93 -52.63
C HIS D 103 -8.91 39.09 -52.31
N GLN D 104 -8.48 39.19 -51.05
CA GLN D 104 -7.48 40.17 -50.66
C GLN D 104 -6.38 39.47 -49.86
N VAL D 105 -5.37 40.23 -49.43
CA VAL D 105 -4.26 39.69 -48.67
C VAL D 105 -4.50 40.00 -47.19
N SER D 106 -4.43 38.97 -46.36
CA SER D 106 -4.70 39.15 -44.95
C SER D 106 -3.69 40.10 -44.32
N VAL D 107 -4.17 40.90 -43.35
CA VAL D 107 -3.35 41.92 -42.73
C VAL D 107 -2.81 41.49 -41.38
N LEU D 108 -3.08 40.27 -40.94
CA LEU D 108 -2.70 39.80 -39.62
C LEU D 108 -1.68 38.66 -39.70
N ASP D 109 -0.71 38.77 -40.60
CA ASP D 109 0.34 37.80 -40.74
C ASP D 109 1.68 38.41 -40.34
N LYS D 110 2.64 37.54 -40.04
CA LYS D 110 3.98 37.95 -39.65
C LYS D 110 4.96 37.51 -40.73
N HIS D 111 5.86 38.42 -41.10
CA HIS D 111 6.86 38.18 -42.13
C HIS D 111 8.25 38.20 -41.51
N SER D 112 9.06 37.19 -41.84
CA SER D 112 10.40 37.05 -41.31
C SER D 112 11.38 36.84 -42.47
N PHE D 113 12.66 37.00 -42.17
CA PHE D 113 13.72 36.87 -43.16
C PHE D 113 14.75 35.85 -42.69
N ASN D 114 14.96 34.81 -43.51
CA ASN D 114 15.90 33.75 -43.20
C ASN D 114 17.20 33.99 -43.95
N LYS D 115 18.31 33.60 -43.33
CA LYS D 115 19.64 33.91 -43.84
C LYS D 115 20.16 32.75 -44.68
N ILE D 116 20.57 33.05 -45.91
CA ILE D 116 21.28 32.11 -46.77
C ILE D 116 22.66 32.67 -47.02
N GLN D 117 23.69 31.88 -46.75
CA GLN D 117 25.07 32.36 -46.87
C GLN D 117 25.51 32.26 -48.32
N THR D 118 25.84 33.41 -48.91
CA THR D 118 26.26 33.48 -50.30
C THR D 118 27.28 34.60 -50.45
N THR D 119 28.20 34.43 -51.41
CA THR D 119 29.13 35.50 -51.74
C THR D 119 28.48 36.54 -52.63
N THR D 120 27.32 36.24 -53.21
CA THR D 120 26.60 37.16 -54.08
C THR D 120 25.14 37.22 -53.64
N PRO D 121 24.87 37.79 -52.46
CA PRO D 121 23.48 37.80 -51.98
C PRO D 121 22.54 38.54 -52.90
N HIS D 122 23.06 39.45 -53.73
CA HIS D 122 22.22 40.21 -54.63
C HIS D 122 21.55 39.32 -55.67
N ALA D 123 22.35 38.43 -56.28
CA ALA D 123 21.80 37.56 -57.32
C ALA D 123 21.01 36.40 -56.75
N THR D 124 21.22 36.07 -55.47
CA THR D 124 20.46 34.99 -54.84
C THR D 124 19.13 35.50 -54.31
N TYR D 125 19.17 36.53 -53.47
CA TYR D 125 17.94 37.06 -52.88
C TYR D 125 17.13 37.84 -53.91
N GLY D 126 17.78 38.67 -54.72
CA GLY D 126 17.08 39.50 -55.67
C GLY D 126 16.74 40.86 -55.10
N ASP D 127 15.53 41.35 -55.37
CA ASP D 127 15.06 42.61 -54.83
C ASP D 127 13.85 42.46 -53.93
N ARG D 128 12.81 41.77 -54.38
CA ARG D 128 11.55 41.66 -53.65
C ARG D 128 11.14 40.21 -53.53
N PHE D 129 10.36 39.93 -52.49
CA PHE D 129 9.90 38.59 -52.16
C PHE D 129 8.39 38.48 -52.34
N ILE D 130 7.93 37.23 -52.46
CA ILE D 130 6.52 36.94 -52.71
C ILE D 130 5.85 36.74 -51.36
N ALA D 131 5.14 37.76 -50.89
CA ALA D 131 4.54 37.71 -49.57
C ALA D 131 3.26 36.89 -49.56
N ASP D 132 2.26 37.34 -50.30
CA ASP D 132 0.98 36.66 -50.36
C ASP D 132 0.50 36.61 -51.80
N PHE D 133 -0.30 35.60 -52.11
CA PHE D 133 -0.83 35.40 -53.44
C PHE D 133 -2.25 35.94 -53.52
N ILE D 134 -2.49 36.81 -54.49
CA ILE D 134 -3.84 37.32 -54.72
C ILE D 134 -4.66 36.23 -55.40
N LYS D 135 -5.72 35.80 -54.74
CA LYS D 135 -6.53 34.69 -55.22
C LYS D 135 -7.86 35.19 -55.76
N GLY D 136 -8.48 34.35 -56.58
CA GLY D 136 -9.75 34.72 -57.20
C GLY D 136 -10.42 33.56 -57.91
N GLY D 137 -11.35 33.89 -58.82
CA GLY D 137 -12.09 32.88 -59.55
C GLY D 137 -12.79 33.50 -60.72
N HIS D 138 -13.40 32.64 -61.54
CA HIS D 138 -14.01 33.10 -62.78
C HIS D 138 -15.11 32.14 -63.18
N PHE D 139 -16.12 32.66 -63.86
CA PHE D 139 -17.18 31.83 -64.41
C PHE D 139 -17.62 32.42 -65.75
N TYR D 140 -18.09 31.54 -66.63
CA TYR D 140 -18.51 31.96 -67.97
C TYR D 140 -19.38 30.87 -68.56
N ALA D 141 -20.66 31.17 -68.77
CA ALA D 141 -21.59 30.16 -69.27
C ALA D 141 -22.37 30.73 -70.44
N ARG D 142 -22.76 29.84 -71.35
CA ARG D 142 -23.61 30.18 -72.48
C ARG D 142 -24.50 29.00 -72.79
N VAL D 143 -25.81 29.21 -72.76
CA VAL D 143 -26.78 28.20 -73.17
C VAL D 143 -27.49 28.73 -74.41
N SER D 144 -27.63 27.88 -75.42
CA SER D 144 -28.31 28.25 -76.66
C SER D 144 -29.30 27.13 -76.97
N ILE D 145 -30.51 27.24 -76.43
CA ILE D 145 -31.57 26.27 -76.70
C ILE D 145 -32.27 26.69 -77.98
N THR D 146 -32.18 25.88 -79.02
CA THR D 146 -32.76 26.21 -80.34
C THR D 146 -34.25 25.94 -80.32
N ALA D 147 -34.98 26.35 -81.36
CA ALA D 147 -36.44 26.19 -81.48
C ALA D 147 -36.85 24.72 -81.54
N LYS D 148 -38.15 24.44 -81.47
CA LYS D 148 -38.65 23.06 -81.64
C LYS D 148 -38.96 22.91 -83.13
N ASN D 149 -39.38 23.99 -83.79
CA ASN D 149 -39.82 23.94 -85.18
C ASN D 149 -40.86 22.84 -85.37
N SER D 150 -41.85 22.82 -84.49
CA SER D 150 -42.97 21.91 -84.66
C SER D 150 -43.63 22.18 -86.00
N SER D 151 -43.95 21.12 -86.73
CA SER D 151 -44.47 21.25 -88.09
C SER D 151 -45.70 20.38 -88.30
N GLU D 152 -46.66 20.44 -87.38
CA GLU D 152 -47.89 19.67 -87.52
C GLU D 152 -48.64 20.17 -88.74
N THR D 153 -48.82 19.30 -89.73
CA THR D 153 -49.60 19.60 -90.93
C THR D 153 -50.50 18.41 -91.25
N SER D 154 -51.55 18.67 -92.02
CA SER D 154 -52.46 17.62 -92.42
C SER D 154 -53.37 18.11 -93.53
N GLU D 155 -53.91 17.17 -94.29
CA GLU D 155 -54.82 17.45 -95.39
C GLU D 155 -55.86 16.34 -95.45
N LEU D 156 -57.05 16.66 -95.92
CA LEU D 156 -58.12 15.69 -96.07
C LEU D 156 -58.93 16.03 -97.31
N LYS D 157 -59.52 15.01 -97.95
CA LYS D 157 -60.24 15.18 -99.21
C LYS D 157 -61.36 14.15 -99.28
N GLN D 158 -62.61 14.60 -99.15
CA GLN D 158 -63.78 13.72 -99.21
C GLN D 158 -64.63 14.09 -100.42
N SER D 159 -64.42 13.36 -101.51
CA SER D 159 -65.23 13.55 -102.69
C SER D 159 -66.39 12.57 -102.67
N ALA D 160 -67.61 13.10 -102.57
CA ALA D 160 -68.81 12.28 -102.53
C ALA D 160 -68.74 11.26 -101.39
N THR D 174 -69.54 6.33 -104.69
CA THR D 174 -68.17 6.80 -104.86
C THR D 174 -67.68 7.59 -103.64
N GLN D 175 -66.44 7.35 -103.25
CA GLN D 175 -65.88 7.96 -102.05
C GLN D 175 -64.39 8.12 -102.25
N GLU D 176 -63.80 9.04 -101.49
CA GLU D 176 -62.36 9.29 -101.58
C GLU D 176 -61.87 9.89 -100.28
N VAL D 177 -60.72 9.42 -99.81
CA VAL D 177 -60.08 9.95 -98.61
C VAL D 177 -58.59 10.10 -98.90
N GLU D 178 -58.00 11.22 -98.48
CA GLU D 178 -56.59 11.52 -98.75
C GLU D 178 -56.03 12.25 -97.55
N ARG D 179 -55.27 11.54 -96.71
CA ARG D 179 -54.61 12.12 -95.54
C ARG D 179 -53.10 11.99 -95.59
N ALA D 180 -52.51 12.04 -96.79
CA ALA D 180 -51.06 11.90 -96.93
C ALA D 180 -50.33 13.20 -96.67
N VAL D 181 -50.60 13.81 -95.51
CA VAL D 181 -49.90 15.01 -95.08
C VAL D 181 -49.75 14.96 -93.57
N SER D 182 -48.51 14.94 -93.10
CA SER D 182 -48.22 14.89 -91.68
C SER D 182 -46.73 15.07 -91.47
N SER D 183 -46.36 15.89 -90.49
CA SER D 183 -44.97 16.14 -90.17
C SER D 183 -44.88 16.60 -88.73
N ILE D 184 -43.69 16.50 -88.14
CA ILE D 184 -43.46 16.78 -86.74
C ILE D 184 -42.22 17.63 -86.58
N LYS D 185 -41.99 18.10 -85.35
CA LYS D 185 -40.88 18.98 -85.04
C LYS D 185 -39.55 18.33 -85.39
N ARG D 186 -38.61 19.17 -85.80
CA ARG D 186 -37.22 18.73 -85.94
C ARG D 186 -36.34 19.93 -85.60
N ASN D 187 -36.06 20.10 -84.32
CA ASN D 187 -35.01 20.99 -83.87
C ASN D 187 -34.83 20.86 -82.36
N ALA D 188 -33.59 20.61 -81.91
CA ALA D 188 -33.29 20.68 -80.48
C ALA D 188 -31.77 20.81 -80.35
N SER D 189 -31.31 22.03 -80.12
CA SER D 189 -29.87 22.31 -80.00
C SER D 189 -29.61 22.88 -78.62
N VAL D 190 -28.69 22.25 -77.89
CA VAL D 190 -28.28 22.72 -76.57
C VAL D 190 -26.78 22.89 -76.63
N LYS D 191 -26.32 24.12 -76.85
CA LYS D 191 -24.90 24.44 -76.80
C LYS D 191 -24.58 25.01 -75.43
N ILE D 192 -23.69 24.32 -74.71
CA ILE D 192 -23.28 24.73 -73.37
C ILE D 192 -21.77 24.91 -73.37
N THR D 193 -21.31 26.07 -72.92
CA THR D 193 -19.90 26.30 -72.66
C THR D 193 -19.77 26.78 -71.22
N ILE D 194 -18.92 26.13 -70.44
CA ILE D 194 -18.70 26.50 -69.04
C ILE D 194 -17.21 26.62 -68.83
N ILE D 195 -16.75 27.80 -68.41
CA ILE D 195 -15.34 28.05 -68.14
C ILE D 195 -15.22 28.46 -66.68
N GLU D 196 -14.47 27.68 -65.90
CA GLU D 196 -14.41 27.86 -64.47
C GLU D 196 -12.98 27.89 -63.99
N SER D 197 -12.73 28.69 -62.94
CA SER D 197 -11.46 28.74 -62.23
C SER D 197 -11.79 28.77 -60.75
N THR D 198 -11.89 27.59 -60.14
CA THR D 198 -12.31 27.48 -58.75
C THR D 198 -11.33 26.64 -57.96
N GLY D 199 -11.69 26.31 -56.71
CA GLY D 199 -10.81 25.55 -55.85
C GLY D 199 -11.55 24.42 -55.18
N THR D 200 -10.77 23.46 -54.69
CA THR D 200 -11.32 22.29 -54.01
C THR D 200 -11.79 22.65 -52.61
N SER D 201 -12.76 21.88 -52.11
CA SER D 201 -13.26 22.09 -50.76
C SER D 201 -12.17 21.77 -49.74
N SER D 216 -34.07 20.91 -68.94
CA SER D 216 -33.84 21.83 -67.84
C SER D 216 -32.37 22.23 -67.79
N ASP D 217 -31.72 22.27 -68.96
CA ASP D 217 -30.31 22.63 -68.98
C ASP D 217 -30.11 24.10 -68.66
N LEU D 218 -31.09 24.95 -68.96
CA LEU D 218 -31.01 26.35 -68.55
C LEU D 218 -30.96 26.48 -67.04
N LEU D 219 -31.80 25.70 -66.34
CA LEU D 219 -31.80 25.75 -64.88
C LEU D 219 -30.54 25.12 -64.30
N ALA D 220 -30.03 24.05 -64.91
CA ALA D 220 -28.84 23.40 -64.39
C ALA D 220 -27.65 24.35 -64.39
N VAL D 221 -27.46 25.10 -65.48
CA VAL D 221 -26.39 26.09 -65.52
C VAL D 221 -26.63 27.15 -64.45
N LYS D 222 -27.89 27.51 -64.23
CA LYS D 222 -28.20 28.55 -63.25
C LYS D 222 -27.79 28.11 -61.84
N GLU D 223 -28.07 26.86 -61.48
CA GLU D 223 -27.73 26.40 -60.14
C GLU D 223 -26.23 26.45 -59.90
N LYS D 224 -25.44 25.98 -60.86
CA LYS D 224 -23.99 26.10 -60.73
C LYS D 224 -23.57 27.56 -60.71
N ALA D 225 -24.22 28.40 -61.52
CA ALA D 225 -23.92 29.82 -61.50
C ALA D 225 -24.29 30.45 -60.17
N ASP D 226 -25.47 30.12 -59.64
CA ASP D 226 -25.85 30.65 -58.33
C ASP D 226 -25.06 30.00 -57.21
N GLN D 227 -24.88 28.67 -57.28
CA GLN D 227 -24.06 28.01 -56.28
C GLN D 227 -22.65 28.57 -56.26
N PHE D 228 -22.16 29.03 -57.40
CA PHE D 228 -20.84 29.66 -57.42
C PHE D 228 -20.84 30.90 -56.54
N TYR D 229 -21.91 31.70 -56.68
CA TYR D 229 -22.06 32.93 -55.84
C TYR D 229 -22.03 32.47 -54.39
N LYS D 230 -22.94 31.57 -54.00
CA LYS D 230 -23.00 31.14 -52.61
C LYS D 230 -21.72 30.41 -52.21
N ASP D 231 -21.10 29.70 -53.14
CA ASP D 231 -19.88 28.96 -52.82
C ASP D 231 -18.77 29.91 -52.38
N ALA D 232 -18.68 31.09 -52.98
CA ALA D 232 -17.64 32.02 -52.60
C ALA D 232 -17.72 32.37 -51.12
N ASP D 233 -18.93 32.55 -50.58
CA ASP D 233 -19.06 32.93 -49.18
C ASP D 233 -18.35 31.93 -48.28
N SER D 234 -18.41 30.65 -48.63
CA SER D 234 -17.66 29.65 -47.87
C SER D 234 -16.16 29.80 -48.05
N GLY D 235 -15.72 30.63 -48.98
CA GLY D 235 -14.31 30.88 -49.17
C GLY D 235 -13.53 29.70 -49.70
N LYS D 236 -14.10 28.98 -50.65
CA LYS D 236 -13.39 27.90 -51.34
C LYS D 236 -12.86 28.32 -52.70
N HIS D 237 -13.00 29.60 -53.08
CA HIS D 237 -12.53 30.08 -54.38
C HIS D 237 -11.09 30.56 -54.21
N SER D 238 -10.18 29.61 -54.12
CA SER D 238 -8.77 29.91 -53.92
C SER D 238 -8.04 29.49 -55.19
N TYR D 239 -8.00 30.39 -56.16
CA TYR D 239 -7.23 30.20 -57.38
C TYR D 239 -6.20 31.31 -57.48
N VAL D 240 -4.95 30.95 -57.74
CA VAL D 240 -3.87 31.93 -57.72
C VAL D 240 -3.95 32.78 -58.98
N LEU D 241 -4.06 34.09 -58.80
CA LEU D 241 -4.13 35.03 -59.92
C LEU D 241 -2.91 35.94 -59.96
N PHE D 242 -2.64 36.68 -58.89
CA PHE D 242 -1.55 37.64 -58.84
C PHE D 242 -0.71 37.39 -57.60
N ALA D 243 0.52 37.90 -57.64
CA ALA D 243 1.45 37.81 -56.52
C ALA D 243 1.81 39.22 -56.07
N VAL D 244 1.75 39.45 -54.75
CA VAL D 244 2.03 40.76 -54.17
C VAL D 244 3.49 40.78 -53.73
N LEU D 245 4.21 41.83 -54.14
CA LEU D 245 5.63 41.94 -53.89
C LEU D 245 5.89 42.81 -52.66
N GLY D 246 6.90 42.44 -51.89
CA GLY D 246 7.29 43.22 -50.73
C GLY D 246 8.79 43.43 -50.71
N LYS D 247 9.20 44.54 -50.12
CA LYS D 247 10.61 44.92 -50.10
C LYS D 247 11.29 44.35 -48.86
N TYR D 248 12.48 43.79 -49.06
CA TYR D 248 13.20 43.16 -47.96
C TYR D 248 13.53 44.13 -46.85
N ARG D 249 13.57 45.43 -47.13
CA ARG D 249 13.91 46.39 -46.09
C ARG D 249 12.84 46.46 -45.02
N ASN D 250 11.56 46.35 -45.42
CA ASN D 250 10.47 46.46 -44.47
C ASN D 250 10.38 45.28 -43.50
N LEU D 251 11.12 44.21 -43.75
CA LEU D 251 11.12 43.10 -42.81
C LEU D 251 11.75 43.53 -41.49
N SER D 252 11.09 43.18 -40.38
CA SER D 252 11.66 43.47 -39.08
C SER D 252 12.97 42.73 -38.88
N ASN D 253 12.99 41.44 -39.23
CA ASN D 253 14.16 40.59 -39.00
C ASN D 253 15.33 40.97 -39.90
N PHE D 254 15.09 41.80 -40.90
CA PHE D 254 16.16 42.24 -41.78
C PHE D 254 17.06 43.21 -41.02
N GLU D 255 18.27 42.77 -40.70
CA GLU D 255 19.31 43.62 -40.13
C GLU D 255 20.28 44.10 -41.20
N SER D 256 19.78 44.37 -42.40
CA SER D 256 20.60 44.85 -43.51
C SER D 256 21.66 43.81 -43.87
N TYR D 257 21.17 42.64 -44.26
CA TYR D 257 22.06 41.61 -44.78
C TYR D 257 22.76 42.06 -46.06
N PHE D 258 22.16 43.01 -46.77
CA PHE D 258 22.75 43.53 -47.99
C PHE D 258 22.03 44.84 -48.32
N ALA D 259 22.43 45.45 -49.44
CA ALA D 259 21.81 46.68 -49.89
C ALA D 259 21.05 46.41 -51.17
N PRO D 260 19.73 46.21 -51.12
CA PRO D 260 19.00 45.89 -52.36
C PRO D 260 19.09 47.03 -53.36
N PHE D 261 19.16 46.65 -54.64
CA PHE D 261 19.15 47.65 -55.69
C PHE D 261 17.73 48.15 -55.93
N ASP D 262 17.64 49.33 -56.55
CA ASP D 262 16.34 49.93 -56.97
C ASP D 262 16.41 49.95 -58.50
N TYR D 263 15.77 48.99 -59.18
CA TYR D 263 15.88 48.82 -60.62
C TYR D 263 14.91 49.68 -61.41
N GLN D 264 14.13 50.53 -60.73
CA GLN D 264 13.15 51.34 -61.45
C GLN D 264 13.82 52.18 -62.52
N MET D 265 14.88 52.90 -62.15
CA MET D 265 15.58 53.71 -63.14
C MET D 265 16.37 52.87 -64.12
N ALA D 266 17.02 51.80 -63.63
CA ALA D 266 17.82 50.97 -64.52
C ALA D 266 16.96 50.34 -65.60
N SER D 267 15.78 49.83 -65.23
CA SER D 267 14.88 49.27 -66.23
C SER D 267 14.43 50.33 -67.23
N LEU D 268 14.12 51.52 -66.75
CA LEU D 268 13.70 52.59 -67.64
C LEU D 268 14.80 52.91 -68.65
N ARG D 269 16.04 53.05 -68.19
CA ARG D 269 17.14 53.37 -69.09
C ARG D 269 17.36 52.25 -70.11
N SER D 270 17.32 51.00 -69.66
CA SER D 270 17.64 49.86 -70.52
C SER D 270 16.37 49.24 -71.10
N TRP D 271 15.60 50.05 -71.81
CA TRP D 271 14.44 49.54 -72.55
C TRP D 271 14.75 49.28 -74.02
N ALA D 272 15.59 50.11 -74.65
CA ALA D 272 15.96 49.85 -76.03
C ALA D 272 16.65 48.50 -76.17
N LEU D 273 17.31 48.03 -75.12
CA LEU D 273 17.96 46.73 -75.17
C LEU D 273 16.95 45.60 -75.02
N PHE D 274 15.94 45.79 -74.15
CA PHE D 274 14.96 44.72 -73.93
C PHE D 274 14.19 44.41 -75.20
N ASN D 275 13.81 45.43 -75.96
CA ASN D 275 13.12 45.17 -77.22
C ASN D 275 14.01 44.44 -78.20
N ASP D 276 15.28 44.83 -78.29
CA ASP D 276 16.19 44.16 -79.22
C ASP D 276 16.35 42.69 -78.87
N PHE D 277 16.14 42.33 -77.61
CA PHE D 277 16.19 40.92 -77.22
C PHE D 277 15.09 40.12 -77.90
N THR D 278 13.84 40.57 -77.78
CA THR D 278 12.74 39.84 -78.38
C THR D 278 12.90 39.75 -79.89
N LEU D 279 13.32 40.86 -80.52
CA LEU D 279 13.49 40.84 -81.97
C LEU D 279 14.56 39.85 -82.39
N TYR D 280 15.69 39.79 -81.68
CA TYR D 280 16.76 38.88 -82.04
C TYR D 280 16.34 37.42 -81.86
N LYS D 281 15.62 37.12 -80.78
CA LYS D 281 15.12 35.77 -80.59
C LYS D 281 14.15 35.39 -81.70
N ALA D 282 13.29 36.33 -82.11
CA ALA D 282 12.34 36.03 -83.18
C ALA D 282 13.06 35.72 -84.49
N ILE D 283 14.12 36.47 -84.81
CA ILE D 283 14.78 36.26 -86.09
C ILE D 283 15.71 35.06 -86.11
N GLU D 284 15.91 34.38 -84.97
CA GLU D 284 16.54 33.07 -85.03
C GLU D 284 15.65 32.11 -85.79
N THR D 285 14.35 32.13 -85.51
CA THR D 285 13.42 31.29 -86.25
C THR D 285 13.26 31.74 -87.70
N MET D 286 13.52 33.01 -88.00
CA MET D 286 13.61 33.43 -89.39
C MET D 286 14.51 32.50 -90.19
N ILE D 287 15.76 32.36 -89.75
CA ILE D 287 16.74 31.61 -90.52
C ILE D 287 16.38 30.13 -90.53
N LYS D 288 16.05 29.58 -89.37
CA LYS D 288 15.81 28.14 -89.29
C LYS D 288 14.61 27.74 -90.13
N ALA D 289 13.54 28.54 -90.12
CA ALA D 289 12.33 28.14 -90.81
C ALA D 289 12.52 28.00 -92.31
N VAL D 290 13.23 28.94 -92.93
CA VAL D 290 13.35 28.98 -94.39
C VAL D 290 14.28 27.87 -94.86
N PRO D 291 13.99 27.19 -95.97
CA PRO D 291 14.80 26.04 -96.37
C PRO D 291 16.11 26.46 -97.02
N GLU D 292 16.91 25.44 -97.33
CA GLU D 292 18.23 25.67 -97.92
C GLU D 292 18.12 26.11 -99.37
N SER D 293 17.12 25.61 -100.09
CA SER D 293 17.03 25.83 -101.53
C SER D 293 16.66 27.25 -101.90
N LYS D 294 16.62 28.18 -100.95
CA LYS D 294 16.26 29.56 -101.23
C LYS D 294 17.19 30.52 -100.51
N PHE D 295 18.45 30.08 -100.38
CA PHE D 295 19.50 30.94 -99.79
C PHE D 295 20.44 31.31 -100.93
N LYS D 296 20.94 32.54 -100.94
CA LYS D 296 21.77 32.99 -102.05
C LYS D 296 23.10 32.24 -102.09
N ASP D 297 23.79 32.16 -100.96
CA ASP D 297 25.12 31.56 -100.95
C ASP D 297 25.08 30.03 -100.88
N GLY D 298 23.92 29.44 -100.62
CA GLY D 298 23.79 28.01 -100.61
C GLY D 298 24.10 27.38 -99.26
N PRO D 299 24.90 26.32 -99.25
CA PRO D 299 25.06 25.56 -98.00
C PRO D 299 25.65 26.37 -96.85
N GLU D 300 26.82 26.97 -97.05
CA GLU D 300 27.51 27.65 -95.96
C GLU D 300 26.94 29.05 -95.77
N ARG D 301 25.62 29.15 -95.67
CA ARG D 301 24.97 30.42 -95.37
C ARG D 301 24.03 30.24 -94.18
N LYS D 302 23.44 29.05 -94.06
CA LYS D 302 22.57 28.77 -92.94
C LYS D 302 23.33 28.83 -91.61
N THR D 303 24.48 28.18 -91.55
CA THR D 303 25.12 28.00 -90.25
C THR D 303 25.73 29.29 -89.72
N GLN D 304 26.43 30.06 -90.56
CA GLN D 304 27.03 31.29 -90.05
C GLN D 304 26.03 32.44 -89.99
N LEU D 305 24.89 32.33 -90.66
CA LEU D 305 23.79 33.23 -90.35
C LEU D 305 23.14 32.84 -89.04
N ILE D 306 22.94 31.54 -88.81
CA ILE D 306 22.43 31.09 -87.53
C ILE D 306 23.45 31.39 -86.43
N LYS D 307 24.72 31.10 -86.68
CA LYS D 307 25.71 31.33 -85.64
C LYS D 307 25.91 32.82 -85.38
N GLN D 308 25.88 33.63 -86.44
CA GLN D 308 26.07 35.07 -86.24
C GLN D 308 24.97 35.65 -85.36
N ALA D 309 23.73 35.21 -85.57
CA ALA D 309 22.62 35.70 -84.75
C ALA D 309 22.79 35.27 -83.29
N ILE D 310 23.13 34.00 -83.07
CA ILE D 310 23.26 33.50 -81.71
C ILE D 310 24.47 34.11 -81.01
N ASN D 311 25.57 34.31 -81.74
CA ASN D 311 26.74 34.91 -81.13
C ASN D 311 26.43 36.30 -80.60
N ILE D 312 25.68 37.10 -81.35
CA ILE D 312 25.28 38.42 -80.87
C ILE D 312 24.09 38.34 -79.92
N PHE D 313 23.37 37.22 -79.91
CA PHE D 313 22.38 37.00 -78.86
C PHE D 313 23.06 36.85 -77.50
N GLU D 314 24.26 36.25 -77.48
CA GLU D 314 25.04 36.18 -76.27
C GLU D 314 25.42 37.56 -75.76
N THR D 315 25.82 38.45 -76.68
CA THR D 315 26.32 39.75 -76.27
C THR D 315 25.26 40.55 -75.52
N ILE D 316 24.01 40.50 -75.99
CA ILE D 316 22.96 41.25 -75.31
C ILE D 316 22.43 40.52 -74.10
N ARG D 317 22.45 39.18 -74.09
CA ARG D 317 22.01 38.46 -72.91
C ARG D 317 22.97 38.65 -71.75
N ASP D 318 24.28 38.64 -72.04
CA ASP D 318 25.26 38.87 -70.99
C ASP D 318 25.26 40.33 -70.53
N ARG D 319 24.86 41.25 -71.41
CA ARG D 319 24.70 42.63 -70.98
C ARG D 319 23.56 42.73 -69.96
N VAL D 320 22.47 42.00 -70.20
CA VAL D 320 21.37 41.97 -69.23
C VAL D 320 21.84 41.35 -67.92
N ILE D 321 22.58 40.24 -68.01
CA ILE D 321 23.08 39.60 -66.79
C ILE D 321 24.06 40.53 -66.09
N LEU D 322 24.76 41.37 -66.84
CA LEU D 322 25.67 42.34 -66.21
C LEU D 322 24.88 43.41 -65.47
N ILE D 323 23.73 43.83 -66.00
CA ILE D 323 22.94 44.84 -65.30
C ILE D 323 22.48 44.32 -63.95
N SER D 324 22.31 43.00 -63.82
CA SER D 324 21.97 42.44 -62.52
C SER D 324 23.06 42.73 -61.50
N GLU D 325 24.33 42.52 -61.88
CA GLU D 325 25.42 42.80 -60.96
C GLU D 325 25.66 44.29 -60.82
N HIS D 326 25.57 45.04 -61.91
CA HIS D 326 25.87 46.47 -61.91
C HIS D 326 24.75 47.23 -62.61
N PRO D 327 23.67 47.58 -61.92
CA PRO D 327 22.64 48.42 -62.54
C PRO D 327 23.14 49.80 -62.89
N GLU D 328 24.20 50.28 -62.25
CA GLU D 328 24.80 51.55 -62.65
C GLU D 328 25.38 51.45 -64.05
N ALA D 329 25.67 50.25 -64.54
CA ALA D 329 26.18 50.06 -65.88
C ALA D 329 25.12 50.28 -66.95
N ALA D 330 23.92 50.72 -66.59
CA ALA D 330 22.89 51.01 -67.58
C ALA D 330 23.26 52.21 -68.44
N LYS D 331 24.19 53.05 -67.98
CA LYS D 331 24.56 54.23 -68.76
C LYS D 331 25.21 53.85 -70.09
N GLU D 332 26.10 52.87 -70.08
CA GLU D 332 26.85 52.54 -71.27
C GLU D 332 25.92 52.22 -72.43
N ASP D 333 26.24 52.78 -73.60
CA ASP D 333 25.42 52.55 -74.77
C ASP D 333 25.64 51.12 -75.28
N PRO D 334 24.70 50.60 -76.07
CA PRO D 334 24.89 49.26 -76.64
C PRO D 334 26.13 49.21 -77.52
N ASP D 335 26.78 48.05 -77.52
CA ASP D 335 27.96 47.82 -78.34
C ASP D 335 27.74 46.65 -79.30
N HIS D 336 26.49 46.43 -79.70
CA HIS D 336 26.12 45.29 -80.53
C HIS D 336 25.39 45.79 -81.77
N MET D 337 25.45 44.98 -82.82
CA MET D 337 24.83 45.35 -84.09
C MET D 337 23.33 45.48 -83.90
N LYS D 338 22.74 46.42 -84.61
CA LYS D 338 21.31 46.68 -84.49
C LYS D 338 20.52 45.49 -85.06
N PRO D 339 19.34 45.19 -84.51
CA PRO D 339 18.47 44.20 -85.17
C PRO D 339 18.09 44.61 -86.58
N GLY D 340 17.90 45.91 -86.82
CA GLY D 340 17.58 46.34 -88.17
C GLY D 340 18.68 46.03 -89.16
N ASP D 341 19.93 46.36 -88.79
CA ASP D 341 21.03 46.10 -89.72
C ASP D 341 21.22 44.60 -89.92
N PHE D 342 21.18 43.82 -88.84
CA PHE D 342 21.31 42.38 -89.01
C PHE D 342 20.11 41.80 -89.76
N ARG D 343 18.91 42.31 -89.51
CA ARG D 343 17.77 41.86 -90.27
C ARG D 343 17.97 42.15 -91.75
N LEU D 344 18.43 43.35 -92.07
CA LEU D 344 18.78 43.68 -93.45
C LEU D 344 19.71 42.63 -94.04
N GLU D 345 20.73 42.23 -93.27
CA GLU D 345 21.65 41.20 -93.75
C GLU D 345 20.91 39.89 -94.04
N VAL D 346 19.89 39.57 -93.25
CA VAL D 346 19.13 38.34 -93.48
C VAL D 346 18.45 38.37 -94.84
N LEU D 347 17.74 39.45 -95.15
CA LEU D 347 16.98 39.49 -96.39
C LEU D 347 17.86 39.69 -97.61
N ASN D 348 19.04 40.29 -97.45
CA ASN D 348 19.91 40.48 -98.60
C ASN D 348 20.37 39.16 -99.19
N SER D 349 20.52 38.13 -98.36
CA SER D 349 21.04 36.84 -98.78
C SER D 349 19.93 35.86 -99.10
N ILE D 350 18.82 36.34 -99.65
CA ILE D 350 17.65 35.53 -99.95
C ILE D 350 17.34 35.63 -101.43
N GLN D 351 17.22 34.47 -102.09
CA GLN D 351 16.82 34.44 -103.49
C GLN D 351 15.37 34.92 -103.64
N THR D 352 15.05 35.38 -104.83
CA THR D 352 13.77 36.01 -105.11
C THR D 352 13.22 35.49 -106.43
N LYS D 353 11.92 35.72 -106.63
CA LYS D 353 11.22 35.29 -107.83
C LYS D 353 10.82 36.50 -108.64
N LEU D 354 11.06 36.45 -109.95
CA LEU D 354 10.85 37.59 -110.84
C LEU D 354 9.42 37.54 -111.38
N PHE D 355 8.47 37.93 -110.52
CA PHE D 355 7.07 37.95 -110.94
C PHE D 355 6.90 39.08 -111.94
N HIS D 356 7.00 38.74 -113.23
CA HIS D 356 6.88 39.75 -114.32
C HIS D 356 5.39 39.84 -114.69
N ALA D 357 4.68 40.83 -114.15
CA ALA D 357 3.26 41.00 -114.43
C ALA D 357 3.07 41.31 -115.91
N GLN D 358 2.02 40.72 -116.48
CA GLN D 358 1.75 40.85 -117.91
C GLN D 358 0.30 41.26 -118.10
N SER D 359 0.05 42.13 -119.07
CA SER D 359 -1.29 42.67 -119.32
C SER D 359 -1.97 41.83 -120.38
N GLN D 360 -2.91 40.99 -119.96
CA GLN D 360 -3.64 40.15 -120.89
C GLN D 360 -4.57 41.00 -121.76
N PRO D 361 -4.54 40.80 -123.09
CA PRO D 361 -5.49 41.51 -123.96
C PRO D 361 -6.81 40.77 -124.10
N ILE D 362 -7.92 41.44 -123.81
CA ILE D 362 -9.25 40.85 -123.92
C ILE D 362 -10.02 41.59 -125.00
N PRO D 363 -10.77 40.90 -125.87
CA PRO D 363 -11.54 41.61 -126.89
C PRO D 363 -12.56 42.55 -126.28
N ASN D 364 -12.95 43.55 -127.07
CA ASN D 364 -13.91 44.57 -126.64
C ASN D 364 -13.29 45.48 -125.58
N THR D 365 -12.02 45.83 -125.78
CA THR D 365 -11.31 46.74 -124.88
C THR D 365 -10.35 47.57 -125.71
N ASP D 366 -10.42 48.89 -125.54
CA ASP D 366 -9.56 49.84 -126.24
C ASP D 366 -8.79 50.66 -125.22
N ASP D 367 -7.46 50.62 -125.32
CA ASP D 367 -6.57 51.30 -124.38
C ASP D 367 -6.73 50.78 -122.96
N TYR D 368 -7.43 49.65 -122.79
CA TYR D 368 -7.65 49.03 -121.48
C TYR D 368 -7.22 47.58 -121.57
N TRP D 369 -6.30 47.16 -120.71
CA TRP D 369 -5.76 45.81 -120.70
C TRP D 369 -6.22 45.09 -119.44
N THR D 370 -5.72 43.87 -119.25
CA THR D 370 -6.02 43.08 -118.05
C THR D 370 -4.69 42.59 -117.48
N ASP D 371 -4.30 43.17 -116.35
CA ASP D 371 -3.01 42.87 -115.73
C ASP D 371 -3.12 41.56 -114.97
N VAL D 372 -2.31 40.57 -115.37
CA VAL D 372 -2.22 39.29 -114.68
C VAL D 372 -0.79 39.14 -114.17
N ILE D 373 -0.65 38.93 -112.86
CA ILE D 373 0.67 38.81 -112.24
C ILE D 373 1.01 37.32 -112.23
N LEU D 374 1.53 36.85 -113.35
CA LEU D 374 1.96 35.46 -113.51
C LEU D 374 3.42 35.41 -113.94
N THR D 375 4.16 34.48 -113.35
CA THR D 375 5.57 34.32 -113.66
C THR D 375 5.82 33.74 -115.03
N THR D 376 4.82 33.10 -115.63
CA THR D 376 4.99 32.48 -116.94
C THR D 376 4.79 33.50 -118.05
N LYS D 377 5.72 33.54 -118.98
CA LYS D 377 5.63 34.47 -120.11
C LYS D 377 4.40 34.13 -120.96
N GLY D 378 3.65 35.16 -121.34
CA GLY D 378 2.47 34.97 -122.16
C GLY D 378 2.64 35.52 -123.56
N SER D 379 1.72 35.18 -124.46
CA SER D 379 1.75 35.64 -125.83
C SER D 379 0.74 36.77 -126.01
N GLY D 380 1.22 37.94 -126.45
CA GLY D 380 0.36 39.08 -126.65
C GLY D 380 0.03 39.87 -125.40
N ASN D 381 0.59 39.43 -124.26
CA ASN D 381 0.34 40.12 -122.97
C ASN D 381 1.47 41.13 -122.73
N GLN D 382 1.12 42.39 -122.44
CA GLN D 382 2.14 43.42 -122.24
C GLN D 382 2.78 43.27 -120.87
N PRO D 383 4.10 43.05 -120.77
CA PRO D 383 4.73 43.01 -119.45
C PRO D 383 4.79 44.40 -118.82
N LEU D 384 4.52 44.45 -117.51
CA LEU D 384 4.51 45.71 -116.77
C LEU D 384 5.86 45.98 -116.10
N PHE D 385 6.26 45.10 -115.18
CA PHE D 385 7.56 45.24 -114.52
C PHE D 385 8.01 43.86 -114.06
N THR D 386 9.32 43.70 -113.96
CA THR D 386 9.92 42.46 -113.48
C THR D 386 10.73 42.78 -112.23
N PHE D 387 10.39 42.12 -111.12
CA PHE D 387 10.91 42.46 -109.81
C PHE D 387 11.18 41.22 -108.97
N PRO D 388 12.21 41.24 -108.13
CA PRO D 388 12.38 40.14 -107.18
C PRO D 388 11.19 40.06 -106.23
N ALA D 389 10.81 38.84 -105.88
CA ALA D 389 9.72 38.61 -104.94
C ALA D 389 10.00 37.34 -104.13
N PHE D 390 9.19 37.15 -103.09
CA PHE D 390 9.37 36.05 -102.15
C PHE D 390 8.30 35.01 -102.41
N ASP D 391 8.74 33.79 -102.74
CA ASP D 391 7.84 32.71 -103.12
C ASP D 391 7.65 31.69 -102.01
N PHE D 392 7.97 32.06 -100.77
CA PHE D 392 7.87 31.14 -99.64
C PHE D 392 7.67 31.95 -98.38
N GLY D 393 6.91 31.39 -97.45
CA GLY D 393 6.62 32.06 -96.21
C GLY D 393 7.81 31.98 -95.28
N ASP D 394 7.55 31.76 -93.99
CA ASP D 394 8.58 31.58 -92.99
C ASP D 394 9.48 32.80 -92.83
N LEU D 395 9.14 33.92 -93.47
CA LEU D 395 9.87 35.18 -93.30
C LEU D 395 8.90 36.16 -92.67
N ILE D 396 9.08 36.44 -91.37
CA ILE D 396 8.12 37.28 -90.67
C ILE D 396 8.11 38.66 -91.33
N GLY D 397 7.00 39.36 -91.18
CA GLY D 397 6.81 40.65 -91.81
C GLY D 397 6.35 40.57 -93.25
N THR D 398 5.90 39.40 -93.71
CA THR D 398 5.47 39.19 -95.11
C THR D 398 4.09 38.57 -95.16
N GLU D 399 3.29 38.91 -96.19
CA GLU D 399 1.97 38.35 -96.41
C GLU D 399 1.81 38.01 -97.89
N VAL D 400 0.89 37.10 -98.16
CA VAL D 400 0.70 36.53 -99.49
C VAL D 400 -0.48 37.19 -100.17
N VAL D 401 -0.35 37.36 -101.49
CA VAL D 401 -1.41 37.88 -102.35
C VAL D 401 -1.79 36.77 -103.31
N SER D 402 -2.81 35.99 -102.95
CA SER D 402 -3.18 34.79 -103.70
C SER D 402 -4.41 35.11 -104.54
N PHE D 403 -4.22 35.23 -105.85
CA PHE D 403 -5.34 35.49 -106.74
C PHE D 403 -6.34 34.35 -106.65
N GLY D 404 -7.62 34.70 -106.62
CA GLY D 404 -8.68 33.72 -106.64
C GLY D 404 -9.38 33.68 -107.98
N LYS D 405 -9.16 32.61 -108.74
CA LYS D 405 -9.81 32.43 -110.02
C LYS D 405 -10.90 31.38 -109.89
N LYS D 406 -12.12 31.74 -110.27
CA LYS D 406 -13.23 30.82 -110.17
C LYS D 406 -13.01 29.62 -111.09
N LYS D 407 -12.88 28.42 -110.51
CA LYS D 407 -12.86 27.22 -111.32
C LYS D 407 -14.23 26.96 -111.93
N ASN D 408 -15.29 27.36 -111.24
CA ASN D 408 -16.65 27.26 -111.74
C ASN D 408 -16.99 28.39 -112.70
N GLY D 409 -16.08 29.35 -112.87
CA GLY D 409 -16.32 30.48 -113.75
C GLY D 409 -15.03 31.09 -114.25
N GLU D 410 -14.99 32.41 -114.36
CA GLU D 410 -13.79 33.09 -114.84
C GLU D 410 -13.49 34.35 -114.04
N GLU D 411 -14.18 34.59 -112.93
CA GLU D 411 -13.94 35.79 -112.14
C GLU D 411 -12.49 35.85 -111.69
N TYR D 412 -11.89 37.03 -111.81
CA TYR D 412 -10.54 37.30 -111.31
C TYR D 412 -10.65 37.91 -109.92
N ASN D 413 -9.97 37.30 -108.95
CA ASN D 413 -9.95 37.80 -107.58
C ASN D 413 -8.52 38.00 -107.10
N CYS D 414 -8.39 38.82 -106.05
CA CYS D 414 -7.09 39.16 -105.49
C CYS D 414 -7.28 39.31 -103.99
N LEU D 415 -6.92 38.28 -103.23
CA LEU D 415 -7.11 38.27 -101.78
C LEU D 415 -5.75 38.13 -101.11
N ILE D 416 -5.46 39.03 -100.17
CA ILE D 416 -4.20 39.01 -99.44
C ILE D 416 -4.37 38.13 -98.22
N GLY D 417 -3.43 37.20 -98.02
CA GLY D 417 -3.50 36.34 -96.86
C GLY D 417 -4.74 35.49 -96.80
N GLU D 418 -5.45 35.34 -97.92
CA GLU D 418 -6.66 34.51 -97.99
C GLU D 418 -6.57 33.69 -99.28
N ARG D 419 -6.27 32.41 -99.13
CA ARG D 419 -6.10 31.54 -100.27
C ARG D 419 -7.47 31.09 -100.81
N VAL D 420 -7.42 30.28 -101.86
CA VAL D 420 -8.63 29.67 -102.38
C VAL D 420 -9.20 28.64 -101.41
N THR D 421 -8.37 28.06 -100.55
CA THR D 421 -8.82 26.98 -99.68
C THR D 421 -10.00 27.39 -98.81
N SER D 422 -10.14 28.68 -98.50
CA SER D 422 -11.30 29.12 -97.72
C SER D 422 -12.60 28.85 -98.47
N LEU D 423 -12.61 29.10 -99.78
CA LEU D 423 -13.76 28.83 -100.62
C LEU D 423 -13.56 27.49 -101.34
N ASP D 424 -14.48 27.18 -102.24
CA ASP D 424 -14.45 25.93 -102.99
C ASP D 424 -14.52 26.21 -104.49
N ASP D 425 -13.73 25.47 -105.26
CA ASP D 425 -13.67 25.62 -106.72
C ASP D 425 -13.21 27.03 -107.10
N TYR D 426 -11.94 27.28 -106.76
CA TYR D 426 -11.30 28.57 -107.10
C TYR D 426 -9.86 28.24 -107.51
N LYS D 427 -9.54 28.34 -108.80
CA LYS D 427 -8.16 28.08 -109.30
C LYS D 427 -7.19 29.10 -108.69
N GLU D 428 -5.93 28.73 -108.57
CA GLU D 428 -4.90 29.65 -108.02
C GLU D 428 -4.09 30.25 -109.17
N LEU D 429 -4.19 31.56 -109.39
CA LEU D 429 -3.38 32.22 -110.45
C LEU D 429 -1.95 32.43 -109.93
N SER D 430 -1.79 33.20 -108.85
CA SER D 430 -0.46 33.51 -108.34
C SER D 430 -0.54 33.75 -106.85
N TYR D 431 0.40 33.15 -106.11
CA TYR D 431 0.56 33.39 -104.69
C TYR D 431 2.03 33.59 -104.39
N PHE D 432 2.34 34.62 -103.62
CA PHE D 432 3.71 34.92 -103.27
C PHE D 432 3.74 35.92 -102.12
N TRP D 433 4.49 35.60 -101.05
CA TRP D 433 4.53 36.46 -99.89
C TRP D 433 5.27 37.75 -100.20
N VAL D 434 4.80 38.86 -99.62
CA VAL D 434 5.39 40.17 -99.84
C VAL D 434 5.30 40.98 -98.56
N PHE D 435 6.05 42.09 -98.51
CA PHE D 435 5.98 43.01 -97.39
C PHE D 435 4.79 43.95 -97.57
N PRO D 436 3.78 43.90 -96.71
CA PRO D 436 2.69 44.89 -96.82
C PRO D 436 3.15 46.31 -96.51
N ASP D 437 4.27 46.48 -95.83
CA ASP D 437 4.78 47.80 -95.47
C ASP D 437 6.22 47.92 -95.93
N SER D 438 6.74 49.15 -95.85
CA SER D 438 8.09 49.41 -96.32
C SER D 438 9.09 49.04 -95.25
N VAL D 439 10.35 48.89 -95.66
CA VAL D 439 11.45 48.61 -94.76
C VAL D 439 12.59 49.56 -95.10
N GLN D 440 13.46 49.81 -94.13
CA GLN D 440 14.57 50.73 -94.34
C GLN D 440 15.44 50.25 -95.48
N LYS D 441 15.45 51.03 -96.57
CA LYS D 441 16.38 50.90 -97.67
C LYS D 441 16.33 49.54 -98.37
N PHE D 442 15.28 48.75 -98.17
CA PHE D 442 15.11 47.51 -98.92
C PHE D 442 13.84 47.54 -99.77
N ALA D 443 12.68 47.75 -99.16
CA ALA D 443 11.39 47.66 -99.85
C ALA D 443 10.82 49.08 -99.97
N MET D 444 11.12 49.73 -101.10
CA MET D 444 10.72 51.10 -101.31
C MET D 444 9.78 51.30 -102.51
N GLU D 445 9.77 50.37 -103.46
CA GLU D 445 8.89 50.48 -104.61
C GLU D 445 7.53 49.84 -104.28
N MET D 446 6.49 50.38 -104.89
CA MET D 446 5.12 50.13 -104.46
C MET D 446 4.32 49.39 -105.53
N TYR D 447 3.35 48.61 -105.08
CA TYR D 447 2.36 47.98 -105.95
C TYR D 447 0.98 48.09 -105.31
N GLY D 448 -0.02 48.41 -106.12
CA GLY D 448 -1.37 48.56 -105.63
C GLY D 448 -2.35 47.75 -106.47
N VAL D 449 -3.42 47.33 -105.81
CA VAL D 449 -4.44 46.47 -106.43
C VAL D 449 -5.72 47.28 -106.58
N SER D 450 -6.32 47.23 -107.76
CA SER D 450 -7.62 47.82 -108.03
C SER D 450 -8.41 46.88 -108.93
N LYS D 451 -9.72 46.83 -108.72
CA LYS D 451 -10.61 45.92 -109.44
C LYS D 451 -11.87 46.66 -109.87
N VAL D 452 -12.38 46.31 -111.04
CA VAL D 452 -13.60 46.93 -111.57
C VAL D 452 -14.78 46.05 -111.18
N PRO D 453 -15.76 46.57 -110.43
CA PRO D 453 -16.87 45.71 -110.01
C PRO D 453 -17.64 45.08 -111.15
N THR D 454 -17.86 45.82 -112.24
CA THR D 454 -18.66 45.30 -113.34
C THR D 454 -17.97 44.13 -114.02
N ARG D 455 -16.67 44.24 -114.24
CA ARG D 455 -15.90 43.19 -114.89
C ARG D 455 -14.60 43.00 -114.13
N ASN D 456 -14.26 41.74 -113.88
CA ASN D 456 -13.09 41.43 -113.04
C ASN D 456 -11.81 41.57 -113.86
N TYR D 457 -11.55 42.77 -114.37
CA TYR D 457 -10.31 43.07 -115.05
C TYR D 457 -9.32 43.55 -113.99
N MET D 458 -8.43 42.65 -113.58
CA MET D 458 -7.45 42.99 -112.56
C MET D 458 -6.70 44.25 -112.97
N ARG D 459 -6.75 45.26 -112.09
CA ARG D 459 -6.09 46.54 -112.32
C ARG D 459 -5.07 46.72 -111.19
N VAL D 460 -3.89 46.15 -111.39
CA VAL D 460 -2.77 46.28 -110.47
C VAL D 460 -1.78 47.24 -111.10
N TYR D 461 -1.37 48.26 -110.35
CA TYR D 461 -0.51 49.30 -110.89
C TYR D 461 0.43 49.79 -109.81
N ALA D 462 1.43 50.55 -110.23
CA ALA D 462 2.38 51.16 -109.32
C ALA D 462 1.71 52.33 -108.62
N ALA D 463 1.19 52.10 -107.42
CA ALA D 463 0.40 53.09 -106.69
C ALA D 463 1.34 54.10 -106.02
N ASP D 464 0.72 54.99 -105.25
CA ASP D 464 1.50 56.06 -104.56
C ASP D 464 0.96 56.18 -103.13
N GLN D 465 1.65 56.93 -102.27
CA GLN D 465 1.17 57.13 -100.92
C GLN D 465 -0.16 57.86 -100.91
N SER D 466 -0.40 58.65 -101.97
CA SER D 466 -1.68 59.39 -102.08
C SER D 466 -2.79 58.44 -102.55
N ASP D 467 -2.45 57.45 -103.39
CA ASP D 467 -3.46 56.44 -103.79
C ASP D 467 -4.07 55.84 -102.52
N ILE D 468 -3.24 55.61 -101.50
CA ILE D 468 -3.77 55.12 -100.20
C ILE D 468 -4.68 56.20 -99.61
N GLU D 469 -4.18 57.43 -99.46
CA GLU D 469 -4.98 58.53 -98.87
C GLU D 469 -6.37 58.56 -99.52
N ASN D 470 -6.43 58.73 -100.85
CA ASN D 470 -7.74 58.74 -101.56
C ASN D 470 -7.85 57.45 -102.38
N PRO D 471 -8.47 56.38 -101.85
CA PRO D 471 -8.54 55.06 -102.54
C PRO D 471 -9.65 55.02 -103.57
N ARG D 472 -9.41 54.34 -104.70
CA ARG D 472 -10.43 54.16 -105.72
C ARG D 472 -11.39 53.06 -105.30
N PRO D 473 -12.57 52.98 -105.91
CA PRO D 473 -13.53 51.94 -105.55
C PRO D 473 -12.95 50.55 -105.73
N TYR D 474 -13.26 49.64 -104.80
CA TYR D 474 -12.83 48.21 -104.95
C TYR D 474 -11.31 48.08 -105.01
N GLN D 475 -10.56 49.03 -104.47
CA GLN D 475 -9.11 48.89 -104.41
C GLN D 475 -8.77 48.11 -103.16
N ARG D 476 -8.25 46.90 -103.34
CA ARG D 476 -8.17 45.96 -102.22
C ARG D 476 -6.98 46.25 -101.31
N PHE D 477 -5.77 46.15 -101.84
CA PHE D 477 -4.58 46.22 -101.00
C PHE D 477 -3.41 46.77 -101.80
N TRP D 478 -2.41 47.28 -101.08
CA TRP D 478 -1.19 47.81 -101.67
C TRP D 478 0.01 47.25 -100.92
N PHE D 479 1.08 46.99 -101.65
CA PHE D 479 2.24 46.29 -101.09
C PHE D 479 3.52 46.85 -101.69
N TYR D 480 4.60 46.73 -100.92
CA TYR D 480 5.92 47.19 -101.32
C TYR D 480 6.79 46.00 -101.70
N VAL D 481 7.55 46.17 -102.77
CA VAL D 481 8.44 45.12 -103.27
C VAL D 481 9.89 45.61 -103.13
N PRO D 482 10.85 44.72 -102.92
CA PRO D 482 12.23 45.16 -102.73
C PRO D 482 12.76 45.96 -103.90
N SER D 483 13.57 46.97 -103.58
CA SER D 483 14.18 47.83 -104.59
C SER D 483 15.52 47.24 -105.00
N ALA D 484 15.73 47.08 -106.30
CA ALA D 484 16.97 46.53 -106.81
C ALA D 484 18.16 47.45 -106.60
N ASN D 485 17.92 48.70 -106.22
CA ASN D 485 19.01 49.65 -106.01
C ASN D 485 19.82 49.38 -104.75
N SER D 486 19.37 48.46 -103.90
CA SER D 486 20.11 48.17 -102.68
C SER D 486 21.48 47.61 -103.02
N PRO D 487 22.55 48.04 -102.35
CA PRO D 487 23.88 47.54 -102.69
C PRO D 487 24.11 46.16 -102.08
N PRO D 488 24.57 45.18 -102.89
CA PRO D 488 24.82 43.84 -102.32
C PRO D 488 26.19 43.74 -101.66
N GLY E 2 12.15 26.85 -70.90
CA GLY E 2 12.24 25.64 -70.12
C GLY E 2 11.54 25.75 -68.79
N GLU E 3 10.22 25.56 -68.79
CA GLU E 3 9.43 25.59 -67.57
C GLU E 3 8.52 24.37 -67.46
N VAL E 4 8.16 23.78 -68.60
CA VAL E 4 7.31 22.60 -68.62
C VAL E 4 7.90 21.59 -69.59
N VAL E 5 7.48 20.33 -69.41
CA VAL E 5 7.96 19.24 -70.26
C VAL E 5 6.87 18.17 -70.33
N PRO E 6 6.61 17.58 -71.49
CA PRO E 6 5.61 16.52 -71.57
C PRO E 6 5.99 15.33 -70.68
N TYR E 7 4.98 14.70 -70.11
CA TYR E 7 5.22 13.58 -69.20
C TYR E 7 5.92 12.45 -69.94
N LYS E 8 6.95 11.88 -69.31
CA LYS E 8 7.65 10.70 -69.82
C LYS E 8 7.56 9.62 -68.76
N ALA E 9 7.10 8.43 -69.18
CA ALA E 9 6.82 7.38 -68.21
C ALA E 9 8.07 7.06 -67.40
N GLY E 10 7.86 6.72 -66.14
CA GLY E 10 8.94 6.47 -65.21
C GLY E 10 9.41 7.69 -64.44
N MET E 11 8.92 8.87 -64.79
CA MET E 11 9.32 10.08 -64.08
C MET E 11 9.01 9.96 -62.60
N GLN E 12 9.96 10.36 -61.77
CA GLN E 12 9.80 10.36 -60.33
C GLN E 12 9.96 11.78 -59.83
N ARG E 13 9.02 12.22 -59.01
CA ARG E 13 9.07 13.58 -58.49
C ARG E 13 10.41 13.82 -57.78
N GLY E 14 11.02 14.94 -58.08
CA GLY E 14 12.27 15.30 -57.43
C GLY E 14 13.46 14.56 -58.02
N GLN E 15 13.71 14.75 -59.31
CA GLN E 15 14.84 14.14 -59.98
C GLN E 15 15.44 15.12 -60.96
N GLY E 16 16.73 14.94 -61.24
CA GLY E 16 17.41 15.80 -62.17
C GLY E 16 16.90 15.63 -63.58
N TYR E 17 17.06 16.68 -64.38
CA TYR E 17 16.61 16.69 -65.76
C TYR E 17 17.63 17.43 -66.59
N ASN E 18 18.28 16.72 -67.51
CA ASN E 18 19.24 17.32 -68.43
C ASN E 18 18.45 17.96 -69.56
N THR E 19 18.19 19.26 -69.44
CA THR E 19 17.26 19.91 -70.35
C THR E 19 17.73 19.85 -71.79
N TYR E 20 19.04 19.79 -72.04
CA TYR E 20 19.54 19.67 -73.41
C TYR E 20 19.24 18.29 -73.98
N LEU E 21 19.75 17.25 -73.33
CA LEU E 21 19.50 15.89 -73.79
C LEU E 21 18.07 15.42 -73.52
N GLN E 22 17.29 16.18 -72.76
CA GLN E 22 15.90 15.85 -72.46
C GLN E 22 15.78 14.46 -71.85
N SER E 23 16.84 14.00 -71.20
CA SER E 23 16.85 12.69 -70.58
C SER E 23 16.48 12.85 -69.09
N LEU E 24 16.56 11.74 -68.35
CA LEU E 24 16.28 11.73 -66.92
C LEU E 24 17.56 11.52 -66.15
N CYS E 25 17.65 12.17 -64.99
CA CYS E 25 18.87 12.09 -64.17
C CYS E 25 18.52 11.66 -62.75
N VAL E 26 19.49 11.77 -61.84
CA VAL E 26 19.38 11.13 -60.53
C VAL E 26 18.02 11.41 -59.92
N LYS E 27 17.45 10.38 -59.28
CA LYS E 27 16.17 10.49 -58.62
C LYS E 27 16.38 10.77 -57.13
N ASP E 28 15.49 11.57 -56.57
CA ASP E 28 15.49 11.88 -55.13
C ASP E 28 16.62 12.84 -54.75
N ALA E 29 17.01 13.72 -55.68
CA ALA E 29 17.93 14.79 -55.31
C ALA E 29 17.21 15.87 -54.51
N VAL E 30 15.91 16.03 -54.73
CA VAL E 30 15.11 17.05 -54.07
C VAL E 30 13.96 16.36 -53.35
N THR E 31 13.80 16.63 -52.06
CA THR E 31 12.68 16.13 -51.28
C THR E 31 11.69 17.25 -51.08
N ILE E 32 10.44 17.01 -51.47
CA ILE E 32 9.36 17.97 -51.32
C ILE E 32 8.46 17.50 -50.19
N GLU E 33 8.32 18.32 -49.17
CA GLU E 33 7.45 18.03 -48.03
C GLU E 33 6.10 18.69 -48.26
N ARG E 34 5.05 17.87 -48.28
CA ARG E 34 3.68 18.37 -48.39
C ARG E 34 3.22 18.80 -47.01
N HIS E 35 3.38 20.09 -46.70
CA HIS E 35 2.98 20.57 -45.38
C HIS E 35 1.50 20.39 -45.15
N ASP E 36 0.69 20.69 -46.16
CA ASP E 36 -0.76 20.59 -46.07
C ASP E 36 -1.27 19.60 -47.12
N ASP E 37 -2.15 18.69 -46.70
CA ASP E 37 -2.73 17.70 -47.59
C ASP E 37 -4.01 18.27 -48.19
N SER E 38 -3.89 18.83 -49.39
CA SER E 38 -5.04 19.40 -50.06
C SER E 38 -4.74 19.51 -51.55
N ASN E 39 -5.72 19.17 -52.37
CA ASN E 39 -5.52 19.25 -53.80
C ASN E 39 -5.42 20.71 -54.24
N PRO E 40 -4.63 21.01 -55.26
CA PRO E 40 -4.42 22.40 -55.65
C PRO E 40 -5.62 22.96 -56.39
N PRO E 41 -5.69 24.28 -56.54
CA PRO E 41 -6.80 24.87 -57.31
C PRO E 41 -6.80 24.39 -58.75
N PHE E 42 -7.99 24.30 -59.33
CA PHE E 42 -8.16 23.69 -60.64
C PHE E 42 -9.04 24.55 -61.52
N LYS E 43 -8.89 24.36 -62.83
CA LYS E 43 -9.64 25.09 -63.84
C LYS E 43 -10.43 24.09 -64.68
N LYS E 44 -11.71 24.37 -64.89
CA LYS E 44 -12.61 23.46 -65.59
C LYS E 44 -13.14 24.08 -66.87
N GLU E 45 -13.43 23.21 -67.84
CA GLU E 45 -14.12 23.59 -69.06
C GLU E 45 -15.19 22.55 -69.36
N TYR E 46 -16.23 22.96 -70.09
CA TYR E 46 -17.32 22.06 -70.42
C TYR E 46 -18.01 22.58 -71.68
N TYR E 47 -17.71 21.96 -72.81
CA TYR E 47 -18.36 22.26 -74.08
C TYR E 47 -19.30 21.10 -74.40
N SER E 48 -20.58 21.41 -74.59
CA SER E 48 -21.60 20.39 -74.80
C SER E 48 -22.47 20.74 -76.00
N GLU E 49 -22.87 19.71 -76.75
CA GLU E 49 -23.77 19.85 -77.89
C GLU E 49 -24.81 18.75 -77.84
N PHE E 50 -26.06 19.09 -78.12
CA PHE E 50 -27.15 18.12 -78.19
C PHE E 50 -27.92 18.41 -79.48
N ILE E 51 -27.55 17.72 -80.56
CA ILE E 51 -28.08 18.06 -81.87
C ILE E 51 -29.55 17.69 -81.94
N GLU E 52 -30.23 18.31 -82.91
CA GLU E 52 -31.69 18.28 -82.97
C GLU E 52 -32.23 16.87 -82.93
N GLU E 53 -33.51 16.76 -82.56
CA GLU E 53 -34.23 15.50 -82.63
C GLU E 53 -34.99 15.48 -83.95
N TYR E 54 -34.43 14.79 -84.94
CA TYR E 54 -35.04 14.73 -86.26
C TYR E 54 -36.29 13.87 -86.17
N GLU E 55 -37.36 14.49 -85.68
CA GLU E 55 -38.66 13.78 -85.53
C GLU E 55 -39.52 14.08 -86.76
N LYS E 56 -39.74 13.08 -87.61
CA LYS E 56 -40.51 13.24 -88.84
C LYS E 56 -41.51 12.09 -88.94
N ILE E 57 -42.78 12.41 -88.79
CA ILE E 57 -43.86 11.46 -89.00
C ILE E 57 -44.54 11.83 -90.32
N ALA E 58 -44.54 10.90 -91.26
CA ALA E 58 -45.32 11.03 -92.49
C ALA E 58 -46.26 9.84 -92.55
N LYS E 59 -47.56 10.12 -92.70
CA LYS E 59 -48.59 9.10 -92.59
C LYS E 59 -49.57 9.23 -93.74
N SER E 60 -50.10 8.09 -94.18
CA SER E 60 -50.95 8.03 -95.36
C SER E 60 -52.32 7.47 -95.01
N MET E 61 -53.37 8.03 -95.64
CA MET E 61 -54.74 7.48 -95.46
C MET E 61 -55.48 7.63 -96.79
N ARG E 62 -55.50 6.57 -97.61
CA ARG E 62 -56.10 6.56 -98.93
C ARG E 62 -57.27 5.59 -98.93
N ILE E 63 -58.46 6.11 -99.19
CA ILE E 63 -59.67 5.30 -99.24
C ILE E 63 -60.35 5.53 -100.58
N SER E 64 -60.98 4.49 -101.10
CA SER E 64 -61.69 4.59 -102.38
C SER E 64 -62.75 3.50 -102.42
N ALA E 65 -64.01 3.90 -102.59
CA ALA E 65 -65.11 2.95 -102.68
C ALA E 65 -66.21 3.54 -103.53
N GLY E 66 -66.96 2.66 -104.18
CA GLY E 66 -68.07 3.07 -105.02
C GLY E 66 -68.64 1.93 -105.84
N VAL E 78 -71.63 -4.80 -106.94
CA VAL E 78 -70.22 -4.71 -107.30
C VAL E 78 -69.62 -3.46 -106.69
N ASN E 79 -69.45 -3.48 -105.37
CA ASN E 79 -68.88 -2.37 -104.63
C ASN E 79 -67.49 -2.76 -104.15
N VAL E 80 -66.53 -1.87 -104.40
CA VAL E 80 -65.13 -2.14 -104.05
C VAL E 80 -64.69 -1.16 -102.97
N ASP E 81 -63.68 -1.56 -102.22
CA ASP E 81 -63.11 -0.74 -101.16
C ASP E 81 -61.59 -0.82 -101.23
N ILE E 82 -60.93 0.28 -100.88
CA ILE E 82 -59.48 0.34 -100.80
C ILE E 82 -59.12 1.14 -99.55
N LEU E 83 -58.22 0.61 -98.73
CA LEU E 83 -57.85 1.23 -97.46
C LEU E 83 -56.34 1.07 -97.30
N ASN E 84 -55.58 2.11 -97.62
CA ASN E 84 -54.12 2.05 -97.59
C ASN E 84 -53.58 3.00 -96.53
N ARG E 85 -52.63 2.50 -95.73
CA ARG E 85 -52.00 3.28 -94.68
C ARG E 85 -50.49 3.23 -94.84
N SER E 86 -49.82 4.23 -94.27
CA SER E 86 -48.38 4.23 -94.18
C SER E 86 -47.98 5.06 -92.97
N GLU E 87 -46.73 4.89 -92.55
CA GLU E 87 -46.22 5.62 -91.40
C GLU E 87 -44.72 5.58 -91.43
N PHE E 88 -44.07 6.75 -91.51
CA PHE E 88 -42.63 6.84 -91.55
C PHE E 88 -42.18 7.72 -90.39
N GLU E 89 -41.32 7.15 -89.53
CA GLU E 89 -40.82 7.85 -88.35
C GLU E 89 -39.31 7.99 -88.44
N THR E 90 -38.80 9.10 -87.93
CA THR E 90 -37.36 9.34 -87.88
C THR E 90 -37.02 9.97 -86.55
N SER E 91 -35.82 9.65 -86.03
CA SER E 91 -35.37 10.25 -84.79
C SER E 91 -33.85 10.15 -84.76
N THR E 92 -33.17 11.25 -85.09
CA THR E 92 -31.72 11.31 -85.04
C THR E 92 -31.32 12.19 -83.86
N LEU E 93 -30.76 11.58 -82.83
CA LEU E 93 -30.22 12.29 -81.68
C LEU E 93 -28.72 12.15 -81.67
N THR E 94 -28.01 13.25 -81.46
CA THR E 94 -26.57 13.24 -81.35
C THR E 94 -26.15 14.05 -80.14
N TYR E 95 -25.02 13.68 -79.54
CA TYR E 95 -24.55 14.34 -78.35
C TYR E 95 -23.03 14.41 -78.39
N GLU E 96 -22.46 15.38 -77.67
CA GLU E 96 -21.02 15.52 -77.61
C GLU E 96 -20.65 16.46 -76.49
N VAL E 97 -19.71 16.05 -75.64
CA VAL E 97 -19.17 16.90 -74.58
C VAL E 97 -17.65 16.81 -74.62
N LYS E 98 -17.01 17.79 -73.99
CA LYS E 98 -15.55 17.82 -73.90
C LYS E 98 -15.18 18.59 -72.63
N VAL E 99 -14.79 17.85 -71.59
CA VAL E 99 -14.49 18.43 -70.29
C VAL E 99 -12.98 18.44 -70.11
N LEU E 100 -12.42 19.61 -69.83
CA LEU E 100 -10.99 19.76 -69.59
C LEU E 100 -10.79 20.30 -68.19
N VAL E 101 -9.96 19.62 -67.41
CA VAL E 101 -9.63 20.00 -66.04
C VAL E 101 -8.12 20.14 -65.94
N GLN E 102 -7.67 21.27 -65.40
CA GLN E 102 -6.24 21.53 -65.23
C GLN E 102 -6.03 22.07 -63.83
N HIS E 103 -5.18 21.38 -63.06
CA HIS E 103 -4.87 21.80 -61.70
C HIS E 103 -3.73 22.81 -61.72
N GLN E 104 -3.25 23.20 -60.55
CA GLN E 104 -2.09 24.07 -60.43
C GLN E 104 -1.09 23.46 -59.45
N VAL E 105 0.03 24.13 -59.24
CA VAL E 105 1.07 23.66 -58.33
C VAL E 105 0.93 24.43 -57.02
N SER E 106 0.85 23.69 -55.92
CA SER E 106 0.65 24.32 -54.62
C SER E 106 1.83 25.23 -54.28
N VAL E 107 1.52 26.34 -53.61
CA VAL E 107 2.52 27.35 -53.30
C VAL E 107 3.03 27.26 -51.87
N LEU E 108 2.56 26.28 -51.10
CA LEU E 108 2.89 26.16 -49.68
C LEU E 108 3.70 24.90 -49.40
N ASP E 109 4.64 24.58 -50.28
CA ASP E 109 5.53 23.43 -50.10
C ASP E 109 6.95 23.89 -49.88
N LYS E 110 7.76 23.00 -49.30
CA LYS E 110 9.16 23.27 -49.02
C LYS E 110 10.03 22.37 -49.91
N HIS E 111 11.05 22.96 -50.51
CA HIS E 111 11.96 22.25 -51.41
C HIS E 111 13.35 22.22 -50.78
N SER E 112 13.96 21.04 -50.79
CA SER E 112 15.29 20.84 -50.22
C SER E 112 16.18 20.12 -51.23
N PHE E 113 17.48 20.14 -50.96
CA PHE E 113 18.46 19.53 -51.86
C PHE E 113 19.31 18.54 -51.09
N ASN E 114 19.32 17.29 -51.55
CA ASN E 114 20.08 16.22 -50.92
C ASN E 114 21.38 16.00 -51.68
N LYS E 115 22.41 15.63 -50.94
CA LYS E 115 23.76 15.54 -51.50
C LYS E 115 24.04 14.12 -51.95
N ILE E 116 24.47 13.96 -53.20
CA ILE E 116 24.97 12.70 -53.72
C ILE E 116 26.44 12.92 -54.10
N GLN E 117 27.31 12.07 -53.58
CA GLN E 117 28.75 12.25 -53.81
C GLN E 117 29.13 11.65 -55.16
N THR E 118 29.63 12.50 -56.05
CA THR E 118 30.02 12.09 -57.39
C THR E 118 31.21 12.92 -57.86
N THR E 119 32.05 12.31 -58.68
CA THR E 119 33.14 13.06 -59.30
C THR E 119 32.66 13.89 -60.48
N THR E 120 31.44 13.64 -60.96
CA THR E 120 30.86 14.37 -62.09
C THR E 120 29.45 14.80 -61.71
N PRO E 121 29.31 15.73 -60.77
CA PRO E 121 27.96 16.13 -60.34
C PRO E 121 27.13 16.71 -61.46
N HIS E 122 27.77 17.23 -62.51
CA HIS E 122 27.04 17.83 -63.61
C HIS E 122 26.21 16.80 -64.36
N ALA E 123 26.81 15.64 -64.66
CA ALA E 123 26.10 14.61 -65.41
C ALA E 123 25.14 13.82 -64.52
N THR E 124 25.33 13.86 -63.21
CA THR E 124 24.42 13.16 -62.31
C THR E 124 23.22 14.03 -61.97
N TYR E 125 23.45 15.24 -61.49
CA TYR E 125 22.36 16.12 -61.11
C TYR E 125 21.64 16.68 -62.33
N GLY E 126 22.41 17.11 -63.33
CA GLY E 126 21.83 17.73 -64.50
C GLY E 126 21.74 19.24 -64.37
N ASP E 127 20.63 19.82 -64.80
CA ASP E 127 20.39 21.26 -64.67
C ASP E 127 19.20 21.59 -63.78
N ARG E 128 18.05 20.98 -64.04
CA ARG E 128 16.83 21.32 -63.33
C ARG E 128 16.16 20.06 -62.80
N PHE E 129 15.38 20.24 -61.74
CA PHE E 129 14.71 19.15 -61.04
C PHE E 129 13.20 19.25 -61.20
N ILE E 130 12.53 18.12 -60.97
CA ILE E 130 11.09 18.02 -61.14
C ILE E 130 10.43 18.35 -59.81
N ALA E 131 9.91 19.57 -59.68
CA ALA E 131 9.37 20.01 -58.40
C ALA E 131 7.96 19.47 -58.19
N ASP E 132 7.03 19.84 -59.06
CA ASP E 132 5.65 19.41 -58.94
C ASP E 132 5.14 19.02 -60.31
N PHE E 133 4.16 18.12 -60.32
CA PHE E 133 3.56 17.62 -61.54
C PHE E 133 2.25 18.35 -61.80
N ILE E 134 2.13 18.93 -63.00
CA ILE E 134 0.88 19.57 -63.40
C ILE E 134 -0.12 18.48 -63.74
N LYS E 135 -1.23 18.46 -63.00
CA LYS E 135 -2.22 17.41 -63.14
C LYS E 135 -3.47 17.95 -63.85
N GLY E 136 -4.26 17.03 -64.39
CA GLY E 136 -5.45 17.40 -65.11
C GLY E 136 -6.34 16.22 -65.47
N GLY E 137 -7.22 16.42 -66.45
CA GLY E 137 -8.14 15.37 -66.86
C GLY E 137 -8.76 15.74 -68.19
N HIS E 138 -9.55 14.80 -68.72
CA HIS E 138 -10.10 14.96 -70.05
C HIS E 138 -11.36 14.13 -70.17
N PHE E 139 -12.30 14.60 -71.00
CA PHE E 139 -13.50 13.83 -71.30
C PHE E 139 -13.88 14.07 -72.75
N TYR E 140 -14.51 13.06 -73.35
CA TYR E 140 -14.89 13.14 -74.75
C TYR E 140 -15.94 12.09 -75.01
N ALA E 141 -17.15 12.52 -75.35
CA ALA E 141 -18.26 11.59 -75.53
C ALA E 141 -18.98 11.91 -76.85
N ARG E 142 -19.54 10.87 -77.45
CA ARG E 142 -20.35 11.00 -78.65
C ARG E 142 -21.44 9.95 -78.62
N VAL E 143 -22.69 10.39 -78.68
CA VAL E 143 -23.84 9.49 -78.79
C VAL E 143 -24.49 9.74 -80.14
N SER E 144 -24.81 8.67 -80.86
CA SER E 144 -25.45 8.76 -82.17
C SER E 144 -26.62 7.79 -82.16
N ILE E 145 -27.77 8.26 -81.70
CA ILE E 145 -28.99 7.46 -81.68
C ILE E 145 -29.65 7.59 -83.04
N THR E 146 -29.73 6.49 -83.80
CA THR E 146 -30.29 6.53 -85.18
C THR E 146 -31.80 6.53 -85.10
N ALA E 147 -32.48 6.74 -86.23
CA ALA E 147 -33.96 6.80 -86.33
C ALA E 147 -34.60 5.48 -85.95
N LYS E 148 -35.93 5.45 -85.84
CA LYS E 148 -36.67 4.19 -85.61
C LYS E 148 -37.05 3.66 -86.99
N ASN E 149 -37.30 4.56 -87.95
CA ASN E 149 -37.78 4.17 -89.26
C ASN E 149 -39.00 3.25 -89.16
N SER E 150 -39.94 3.67 -88.32
CA SER E 150 -41.21 2.96 -88.24
C SER E 150 -41.86 2.93 -89.61
N SER E 151 -42.37 1.77 -90.00
CA SER E 151 -42.90 1.58 -91.35
C SER E 151 -44.28 0.92 -91.32
N GLU E 152 -45.18 1.41 -90.47
CA GLU E 152 -46.53 0.85 -90.41
C GLU E 152 -47.22 1.10 -91.74
N THR E 153 -47.58 0.01 -92.44
CA THR E 153 -48.33 0.08 -93.68
C THR E 153 -49.42 -0.97 -93.65
N SER E 154 -50.44 -0.78 -94.49
CA SER E 154 -51.54 -1.73 -94.57
C SER E 154 -52.38 -1.45 -95.80
N GLU E 155 -53.10 -2.47 -96.26
CA GLU E 155 -53.98 -2.37 -97.41
C GLU E 155 -55.18 -3.24 -97.16
N LEU E 156 -56.33 -2.88 -97.72
CA LEU E 156 -57.55 -3.66 -97.61
C LEU E 156 -58.33 -3.55 -98.91
N LYS E 157 -59.09 -4.61 -99.24
CA LYS E 157 -59.82 -4.69 -100.50
C LYS E 157 -61.11 -5.49 -100.29
N GLN E 158 -62.25 -4.82 -100.33
CA GLN E 158 -63.55 -5.45 -100.14
C GLN E 158 -64.37 -5.32 -101.41
N SER E 159 -64.31 -6.36 -102.24
CA SER E 159 -65.12 -6.41 -103.45
C SER E 159 -66.44 -7.11 -103.16
N ALA E 160 -67.54 -6.37 -103.25
CA ALA E 160 -68.86 -6.92 -102.98
C ALA E 160 -68.93 -7.56 -101.60
N THR E 174 -70.66 -13.02 -103.30
CA THR E 174 -69.23 -12.87 -103.58
C THR E 174 -68.58 -11.85 -102.64
N GLN E 175 -67.39 -12.18 -102.16
CA GLN E 175 -66.70 -11.34 -101.20
C GLN E 175 -65.20 -11.52 -101.41
N GLU E 176 -64.44 -10.53 -100.93
CA GLU E 176 -62.99 -10.57 -101.06
C GLU E 176 -62.37 -9.70 -99.98
N VAL E 177 -61.30 -10.20 -99.37
CA VAL E 177 -60.53 -9.45 -98.37
C VAL E 177 -59.05 -9.66 -98.66
N GLU E 178 -58.28 -8.59 -98.58
CA GLU E 178 -56.84 -8.63 -98.90
C GLU E 178 -56.13 -7.67 -97.95
N ARG E 179 -55.47 -8.23 -96.93
CA ARG E 179 -54.69 -7.45 -95.97
C ARG E 179 -53.22 -7.85 -95.95
N ALA E 180 -52.66 -8.26 -97.09
CA ALA E 180 -51.27 -8.69 -97.15
C ALA E 180 -50.32 -7.50 -97.27
N VAL E 181 -50.45 -6.55 -96.35
CA VAL E 181 -49.54 -5.40 -96.29
C VAL E 181 -49.35 -5.05 -94.83
N SER E 182 -48.12 -5.14 -94.35
CA SER E 182 -47.80 -4.80 -92.97
C SER E 182 -46.29 -4.83 -92.79
N SER E 183 -45.76 -3.83 -92.09
CA SER E 183 -44.33 -3.74 -91.83
C SER E 183 -44.13 -2.90 -90.58
N ILE E 184 -42.95 -3.04 -89.97
CA ILE E 184 -42.65 -2.39 -88.70
C ILE E 184 -41.26 -1.75 -88.79
N LYS E 185 -40.92 -1.00 -87.75
CA LYS E 185 -39.66 -0.27 -87.67
C LYS E 185 -38.48 -1.20 -87.80
N ARG E 186 -37.42 -0.71 -88.43
CA ARG E 186 -36.14 -1.40 -88.39
C ARG E 186 -35.05 -0.32 -88.42
N ASN E 187 -34.71 0.17 -87.22
CA ASN E 187 -33.49 0.96 -87.04
C ASN E 187 -33.29 1.25 -85.56
N ALA E 188 -32.11 0.95 -85.03
CA ALA E 188 -31.76 1.38 -83.68
C ALA E 188 -30.23 1.28 -83.55
N SER E 189 -29.56 2.42 -83.70
CA SER E 189 -28.10 2.47 -83.63
C SER E 189 -27.70 3.36 -82.47
N VAL E 190 -26.88 2.83 -81.58
CA VAL E 190 -26.36 3.59 -80.45
C VAL E 190 -24.84 3.47 -80.51
N LYS E 191 -24.19 4.48 -81.08
CA LYS E 191 -22.74 4.56 -81.10
C LYS E 191 -22.28 5.44 -79.95
N ILE E 192 -21.51 4.86 -79.04
CA ILE E 192 -20.99 5.56 -77.88
C ILE E 192 -19.48 5.46 -77.90
N THR E 193 -18.81 6.62 -77.81
CA THR E 193 -17.36 6.66 -77.59
C THR E 193 -17.11 7.52 -76.36
N ILE E 194 -16.37 6.99 -75.41
CA ILE E 194 -16.05 7.72 -74.18
C ILE E 194 -14.54 7.64 -73.97
N ILE E 195 -13.89 8.79 -73.91
CA ILE E 195 -12.44 8.86 -73.69
C ILE E 195 -12.20 9.66 -72.42
N GLU E 196 -11.58 9.04 -71.44
CA GLU E 196 -11.44 9.62 -70.12
C GLU E 196 -10.00 9.54 -69.64
N SER E 197 -9.61 10.55 -68.87
CA SER E 197 -8.31 10.58 -68.19
C SER E 197 -8.60 11.11 -66.78
N THR E 198 -8.87 10.20 -65.86
CA THR E 198 -9.25 10.59 -64.51
C THR E 198 -8.41 9.86 -63.47
N GLY E 199 -8.79 9.98 -62.19
CA GLY E 199 -8.03 9.37 -61.12
C GLY E 199 -8.92 8.63 -60.16
N THR E 200 -8.30 7.75 -59.40
CA THR E 200 -9.02 6.95 -58.42
C THR E 200 -9.38 7.77 -57.19
N SER E 201 -10.44 7.36 -56.51
CA SER E 201 -10.86 8.04 -55.29
C SER E 201 -9.82 7.86 -54.20
N SER E 216 -32.12 5.14 -72.74
CA SER E 216 -31.70 6.29 -71.96
C SER E 216 -30.19 6.44 -72.01
N ASP E 217 -29.58 6.01 -73.11
CA ASP E 217 -28.14 6.10 -73.22
C ASP E 217 -27.68 7.54 -73.33
N LEU E 218 -28.52 8.42 -73.89
CA LEU E 218 -28.17 9.84 -73.93
C LEU E 218 -28.07 10.40 -72.51
N LEU E 219 -28.99 10.02 -71.63
CA LEU E 219 -28.94 10.49 -70.25
C LEU E 219 -27.78 9.86 -69.49
N ALA E 220 -27.49 8.58 -69.75
CA ALA E 220 -26.40 7.92 -69.03
C ALA E 220 -25.07 8.61 -69.29
N VAL E 221 -24.80 8.96 -70.54
CA VAL E 221 -23.58 9.70 -70.86
C VAL E 221 -23.60 11.04 -70.16
N LYS E 222 -24.76 11.67 -70.08
CA LYS E 222 -24.86 12.99 -69.45
C LYS E 222 -24.51 12.93 -67.97
N GLU E 223 -24.97 11.90 -67.26
CA GLU E 223 -24.68 11.81 -65.84
C GLU E 223 -23.19 11.67 -65.59
N LYS E 224 -22.52 10.81 -66.35
CA LYS E 224 -21.06 10.71 -66.23
C LYS E 224 -20.40 12.02 -66.64
N ALA E 225 -20.92 12.67 -67.68
CA ALA E 225 -20.39 13.96 -68.07
C ALA E 225 -20.59 15.02 -66.98
N ASP E 226 -21.79 15.06 -66.40
CA ASP E 226 -22.04 16.02 -65.33
C ASP E 226 -21.33 15.60 -64.05
N GLN E 227 -21.39 14.31 -63.72
CA GLN E 227 -20.66 13.84 -62.55
C GLN E 227 -19.18 14.12 -62.67
N PHE E 228 -18.65 14.13 -63.89
CA PHE E 228 -17.25 14.49 -64.07
C PHE E 228 -17.01 15.91 -63.59
N TYR E 229 -17.92 16.81 -63.98
CA TYR E 229 -17.85 18.24 -63.54
C TYR E 229 -17.85 18.23 -62.03
N LYS E 230 -18.88 17.66 -61.42
CA LYS E 230 -18.98 17.67 -59.95
C LYS E 230 -17.83 16.89 -59.33
N ASP E 231 -17.37 15.84 -59.99
CA ASP E 231 -16.28 15.04 -59.44
C ASP E 231 -15.01 15.86 -59.27
N ALA E 232 -14.74 16.78 -60.21
CA ALA E 232 -13.55 17.59 -60.10
C ALA E 232 -13.52 18.37 -58.79
N ASP E 233 -14.66 18.90 -58.35
CA ASP E 233 -14.67 19.70 -57.13
C ASP E 233 -14.13 18.90 -55.95
N SER E 234 -14.41 17.61 -55.90
CA SER E 234 -13.83 16.76 -54.88
C SER E 234 -12.33 16.60 -55.06
N GLY E 235 -11.78 17.02 -56.19
CA GLY E 235 -10.34 16.96 -56.40
C GLY E 235 -9.80 15.56 -56.55
N LYS E 236 -10.51 14.69 -57.26
CA LYS E 236 -10.02 13.36 -57.58
C LYS E 236 -9.47 13.26 -58.98
N HIS E 237 -9.40 14.37 -59.73
CA HIS E 237 -8.90 14.36 -61.10
C HIS E 237 -7.40 14.62 -61.06
N SER E 238 -6.65 13.59 -60.67
CA SER E 238 -5.21 13.69 -60.54
C SER E 238 -4.61 12.80 -61.61
N TYR E 239 -4.43 13.34 -62.80
CA TYR E 239 -3.75 12.67 -63.89
C TYR E 239 -2.55 13.52 -64.29
N VAL E 240 -1.39 12.88 -64.41
CA VAL E 240 -0.16 13.62 -64.65
C VAL E 240 -0.13 14.06 -66.11
N LEU E 241 -0.02 15.36 -66.34
CA LEU E 241 0.05 15.92 -67.68
C LEU E 241 1.40 16.56 -67.96
N PHE E 242 1.83 17.52 -67.15
CA PHE E 242 3.06 18.25 -67.37
C PHE E 242 3.89 18.24 -66.10
N ALA E 243 5.19 18.50 -66.26
CA ALA E 243 6.12 18.59 -65.15
C ALA E 243 6.73 19.97 -65.12
N VAL E 244 6.75 20.60 -63.95
CA VAL E 244 7.26 21.94 -63.76
C VAL E 244 8.72 21.86 -63.32
N LEU E 245 9.60 22.58 -64.00
CA LEU E 245 11.03 22.52 -63.76
C LEU E 245 11.47 23.66 -62.85
N GLY E 246 12.43 23.37 -61.99
CA GLY E 246 12.98 24.37 -61.10
C GLY E 246 14.49 24.31 -61.11
N LYS E 247 15.11 25.47 -60.86
CA LYS E 247 16.55 25.59 -60.92
C LYS E 247 17.17 25.30 -59.56
N TYR E 248 18.24 24.51 -59.56
CA TYR E 248 18.88 24.12 -58.31
C TYR E 248 19.40 25.30 -57.52
N ARG E 249 19.65 26.43 -58.18
CA ARG E 249 20.18 27.59 -57.47
C ARG E 249 19.16 28.15 -56.49
N ASN E 250 17.88 28.15 -56.86
CA ASN E 250 16.84 28.73 -56.02
C ASN E 250 16.59 27.93 -54.75
N LEU E 251 17.14 26.71 -54.64
CA LEU E 251 16.98 25.94 -53.41
C LEU E 251 17.70 26.63 -52.27
N SER E 252 17.03 26.75 -51.13
CA SER E 252 17.69 27.31 -49.95
C SER E 252 18.85 26.43 -49.51
N ASN E 253 18.64 25.12 -49.46
CA ASN E 253 19.66 24.19 -48.97
C ASN E 253 20.84 24.08 -49.92
N PHE E 254 20.73 24.60 -51.12
CA PHE E 254 21.83 24.58 -52.07
C PHE E 254 22.90 25.56 -51.61
N GLU E 255 24.02 25.02 -51.15
CA GLU E 255 25.21 25.82 -50.84
C GLU E 255 26.21 25.78 -51.99
N SER E 256 25.72 25.78 -53.22
CA SER E 256 26.59 25.75 -54.40
C SER E 256 27.44 24.49 -54.43
N TYR E 257 26.75 23.36 -54.46
CA TYR E 257 27.43 22.08 -54.62
C TYR E 257 28.16 22.01 -55.96
N PHE E 258 27.71 22.79 -56.94
CA PHE E 258 28.34 22.83 -58.25
C PHE E 258 27.85 24.08 -58.96
N ALA E 259 28.31 24.24 -60.20
CA ALA E 259 27.90 25.38 -61.01
C ALA E 259 27.06 24.88 -62.17
N PRO E 260 25.73 24.92 -62.10
CA PRO E 260 24.92 24.38 -63.20
C PRO E 260 25.16 25.14 -64.49
N PHE E 261 25.14 24.40 -65.59
CA PHE E 261 25.25 25.03 -66.89
C PHE E 261 23.94 25.67 -67.30
N ASP E 262 24.03 26.62 -68.25
CA ASP E 262 22.84 27.27 -68.85
C ASP E 262 22.86 26.83 -70.32
N TYR E 263 22.06 25.84 -70.69
CA TYR E 263 22.10 25.23 -72.02
C TYR E 263 21.25 25.98 -73.04
N GLN E 264 20.64 27.11 -72.67
CA GLN E 264 19.79 27.82 -73.61
C GLN E 264 20.57 28.18 -74.87
N MET E 265 21.74 28.79 -74.72
CA MET E 265 22.53 29.14 -75.88
C MET E 265 23.15 27.91 -76.55
N ALA E 266 23.63 26.95 -75.76
CA ALA E 266 24.23 25.76 -76.34
C ALA E 266 23.24 25.00 -77.21
N SER E 267 22.01 24.84 -76.72
CA SER E 267 21.00 24.17 -77.54
C SER E 267 20.71 24.94 -78.80
N LEU E 268 20.63 26.26 -78.71
CA LEU E 268 20.37 27.07 -79.89
C LEU E 268 21.47 26.90 -80.93
N ARG E 269 22.74 26.94 -80.49
CA ARG E 269 23.83 26.79 -81.43
C ARG E 269 23.83 25.40 -82.06
N SER E 270 23.59 24.37 -81.27
CA SER E 270 23.68 22.99 -81.74
C SER E 270 22.31 22.44 -82.15
N TRP E 271 21.66 23.13 -83.08
CA TRP E 271 20.43 22.63 -83.66
C TRP E 271 20.63 21.90 -84.97
N ALA E 272 21.58 22.35 -85.80
CA ALA E 272 21.86 21.64 -87.04
C ALA E 272 22.30 20.21 -86.75
N LEU E 273 22.90 19.96 -85.60
CA LEU E 273 23.32 18.61 -85.25
C LEU E 273 22.14 17.77 -84.79
N PHE E 274 21.21 18.37 -84.04
CA PHE E 274 20.07 17.61 -83.53
C PHE E 274 19.22 17.07 -84.66
N ASN E 275 18.99 17.87 -85.71
CA ASN E 275 18.23 17.37 -86.84
C ASN E 275 18.95 16.23 -87.54
N ASP E 276 20.26 16.36 -87.73
CA ASP E 276 21.01 15.30 -88.39
C ASP E 276 20.94 14.00 -87.62
N PHE E 277 20.70 14.07 -86.31
CA PHE E 277 20.52 12.85 -85.52
C PHE E 277 19.28 12.09 -85.95
N THR E 278 18.14 12.76 -86.00
CA THR E 278 16.90 12.08 -86.38
C THR E 278 17.01 11.53 -87.79
N LEU E 279 17.59 12.30 -88.71
CA LEU E 279 17.71 11.83 -90.09
C LEU E 279 18.58 10.58 -90.16
N TYR E 280 19.70 10.56 -89.45
CA TYR E 280 20.59 9.41 -89.51
C TYR E 280 19.93 8.17 -88.91
N LYS E 281 19.20 8.32 -87.81
CA LYS E 281 18.48 7.19 -87.23
C LYS E 281 17.44 6.68 -88.20
N ALA E 282 16.74 7.58 -88.88
CA ALA E 282 15.72 7.15 -89.83
C ALA E 282 16.32 6.34 -90.98
N ILE E 283 17.48 6.78 -91.49
CA ILE E 283 18.08 6.09 -92.64
C ILE E 283 18.78 4.80 -92.27
N GLU E 284 18.90 4.46 -90.99
CA GLU E 284 19.29 3.11 -90.63
C GLU E 284 18.22 2.12 -91.11
N THR E 285 16.96 2.45 -90.86
CA THR E 285 15.87 1.61 -91.34
C THR E 285 15.74 1.63 -92.86
N MET E 286 16.22 2.69 -93.52
CA MET E 286 16.32 2.65 -94.98
C MET E 286 17.03 1.40 -95.44
N ILE E 287 18.25 1.18 -94.95
CA ILE E 287 19.07 0.07 -95.45
C ILE E 287 18.47 -1.26 -95.02
N LYS E 288 18.08 -1.38 -93.75
CA LYS E 288 17.60 -2.67 -93.26
C LYS E 288 16.32 -3.09 -93.97
N ALA E 289 15.41 -2.15 -94.22
CA ALA E 289 14.11 -2.52 -94.78
C ALA E 289 14.24 -3.12 -96.18
N VAL E 290 15.08 -2.54 -97.03
CA VAL E 290 15.15 -2.96 -98.43
C VAL E 290 15.88 -4.31 -98.53
N PRO E 291 15.44 -5.22 -99.38
CA PRO E 291 16.02 -6.56 -99.42
C PRO E 291 17.37 -6.59 -100.13
N GLU E 292 17.98 -7.77 -100.12
CA GLU E 292 19.29 -7.96 -100.71
C GLU E 292 19.22 -7.95 -102.23
N SER E 293 18.13 -8.46 -102.79
CA SER E 293 18.02 -8.67 -104.24
C SER E 293 17.88 -7.38 -105.02
N LYS E 294 18.04 -6.22 -104.39
CA LYS E 294 17.91 -4.94 -105.07
C LYS E 294 19.02 -3.99 -104.64
N PHE E 295 20.18 -4.57 -104.36
CA PHE E 295 21.38 -3.78 -104.04
C PHE E 295 22.33 -3.93 -105.21
N LYS E 296 23.03 -2.85 -105.58
CA LYS E 296 23.90 -2.91 -106.75
C LYS E 296 25.07 -3.86 -106.54
N ASP E 297 25.78 -3.71 -105.43
CA ASP E 297 26.99 -4.51 -105.20
C ASP E 297 26.68 -5.91 -104.69
N GLY E 298 25.45 -6.18 -104.28
CA GLY E 298 25.08 -7.52 -103.86
C GLY E 298 25.32 -7.75 -102.39
N PRO E 299 25.93 -8.88 -102.04
CA PRO E 299 26.00 -9.25 -100.61
C PRO E 299 26.75 -8.26 -99.74
N GLU E 300 27.99 -7.95 -100.09
CA GLU E 300 28.82 -7.11 -99.23
C GLU E 300 28.51 -5.64 -99.48
N ARG E 301 27.24 -5.29 -99.44
CA ARG E 301 26.81 -3.90 -99.55
C ARG E 301 25.90 -3.56 -98.39
N LYS E 302 25.12 -4.54 -97.92
CA LYS E 302 24.24 -4.31 -96.79
C LYS E 302 25.04 -4.00 -95.52
N THR E 303 26.08 -4.79 -95.24
CA THR E 303 26.71 -4.68 -93.93
C THR E 303 27.55 -3.42 -93.80
N GLN E 304 28.35 -3.06 -94.80
CA GLN E 304 29.16 -1.86 -94.68
C GLN E 304 28.38 -0.59 -94.98
N LEU E 305 27.21 -0.70 -95.62
CA LEU E 305 26.29 0.43 -95.61
C LEU E 305 25.63 0.57 -94.25
N ILE E 306 25.21 -0.55 -93.66
CA ILE E 306 24.67 -0.52 -92.31
C ILE E 306 25.76 -0.08 -91.33
N LYS E 307 26.96 -0.65 -91.45
CA LYS E 307 28.01 -0.29 -90.51
C LYS E 307 28.47 1.15 -90.70
N GLN E 308 28.54 1.61 -91.95
CA GLN E 308 28.98 2.99 -92.18
C GLN E 308 28.02 3.98 -91.54
N ALA E 309 26.72 3.71 -91.63
CA ALA E 309 25.74 4.61 -91.01
C ALA E 309 25.87 4.61 -89.50
N ILE E 310 26.00 3.41 -88.89
CA ILE E 310 26.09 3.33 -87.45
C ILE E 310 27.40 3.90 -86.95
N ASN E 311 28.49 3.68 -87.68
CA ASN E 311 29.77 4.23 -87.25
C ASN E 311 29.71 5.75 -87.15
N ILE E 312 29.09 6.40 -88.13
CA ILE E 312 28.94 7.85 -88.06
C ILE E 312 27.78 8.27 -87.17
N PHE E 313 26.88 7.33 -86.83
CA PHE E 313 25.90 7.61 -85.78
C PHE E 313 26.60 7.76 -84.43
N GLU E 314 27.67 6.99 -84.22
CA GLU E 314 28.47 7.15 -83.01
C GLU E 314 29.09 8.54 -82.94
N THR E 315 29.60 9.03 -84.07
CA THR E 315 30.33 10.29 -84.05
C THR E 315 29.45 11.44 -83.59
N ILE E 316 28.20 11.47 -84.06
CA ILE E 316 27.31 12.56 -83.65
C ILE E 316 26.70 12.32 -82.28
N ARG E 317 26.49 11.06 -81.89
CA ARG E 317 25.97 10.80 -80.55
C ARG E 317 27.00 11.17 -79.48
N ASP E 318 28.26 10.85 -79.73
CA ASP E 318 29.31 11.21 -78.77
C ASP E 318 29.57 12.71 -78.77
N ARG E 319 29.31 13.38 -79.89
CA ARG E 319 29.38 14.84 -79.89
C ARG E 319 28.33 15.43 -78.96
N VAL E 320 27.11 14.87 -79.00
CA VAL E 320 26.06 15.30 -78.10
C VAL E 320 26.45 15.02 -76.65
N ILE E 321 26.99 13.83 -76.38
CA ILE E 321 27.42 13.51 -75.02
C ILE E 321 28.56 14.42 -74.60
N LEU E 322 29.38 14.86 -75.56
CA LEU E 322 30.44 15.81 -75.23
C LEU E 322 29.88 17.17 -74.86
N ILE E 323 28.81 17.61 -75.52
CA ILE E 323 28.21 18.90 -75.16
C ILE E 323 27.72 18.88 -73.72
N SER E 324 27.33 17.72 -73.21
CA SER E 324 26.93 17.63 -71.81
C SER E 324 28.10 18.01 -70.90
N GLU E 325 29.29 17.48 -71.18
CA GLU E 325 30.45 17.83 -70.36
C GLU E 325 30.93 19.24 -70.66
N HIS E 326 30.95 19.63 -71.93
CA HIS E 326 31.48 20.93 -72.34
C HIS E 326 30.48 21.63 -73.27
N PRO E 327 29.50 22.35 -72.72
CA PRO E 327 28.61 23.13 -73.58
C PRO E 327 29.33 24.24 -74.33
N GLU E 328 30.47 24.70 -73.82
CA GLU E 328 31.26 25.65 -74.58
C GLU E 328 31.79 25.06 -75.88
N ALA E 329 31.84 23.74 -75.98
CA ALA E 329 32.28 23.07 -77.20
C ALA E 329 31.24 23.15 -78.31
N ALA E 330 30.13 23.86 -78.11
CA ALA E 330 29.15 24.03 -79.16
C ALA E 330 29.69 24.84 -80.33
N LYS E 331 30.76 25.61 -80.12
CA LYS E 331 31.31 26.42 -81.21
C LYS E 331 31.83 25.56 -82.35
N GLU E 332 32.55 24.48 -82.03
CA GLU E 332 33.20 23.69 -83.06
C GLU E 332 32.18 23.22 -84.10
N ASP E 333 32.56 23.33 -85.36
CA ASP E 333 31.68 22.91 -86.44
C ASP E 333 31.63 21.38 -86.50
N PRO E 334 30.58 20.82 -87.11
CA PRO E 334 30.53 19.36 -87.26
C PRO E 334 31.71 18.84 -88.04
N ASP E 335 32.17 17.64 -87.69
CA ASP E 335 33.26 16.97 -88.38
C ASP E 335 32.81 15.63 -88.95
N HIS E 336 31.53 15.53 -89.30
CA HIS E 336 30.95 14.28 -89.77
C HIS E 336 30.28 14.49 -91.10
N MET E 337 30.18 13.41 -91.88
CA MET E 337 29.58 13.49 -93.20
C MET E 337 28.12 13.92 -93.10
N LYS E 338 27.68 14.71 -94.08
CA LYS E 338 26.32 15.23 -94.06
C LYS E 338 25.33 14.09 -94.26
N PRO E 339 24.13 14.16 -93.67
CA PRO E 339 23.09 13.19 -94.03
C PRO E 339 22.73 13.23 -95.50
N GLY E 340 22.76 14.40 -96.13
CA GLY E 340 22.48 14.46 -97.55
C GLY E 340 23.49 13.70 -98.38
N ASP E 341 24.78 13.90 -98.11
CA ASP E 341 25.79 13.19 -98.88
C ASP E 341 25.71 11.68 -98.63
N PHE E 342 25.57 11.27 -97.37
CA PHE E 342 25.44 9.84 -97.10
C PHE E 342 24.15 9.29 -97.66
N ARG E 343 23.07 10.06 -97.60
CA ARG E 343 21.82 9.60 -98.22
C ARG E 343 22.03 9.40 -99.72
N LEU E 344 22.69 10.36 -100.37
CA LEU E 344 23.04 10.18 -101.78
C LEU E 344 23.76 8.87 -102.00
N GLU E 345 24.72 8.55 -101.14
CA GLU E 345 25.43 7.29 -101.26
C GLU E 345 24.48 6.11 -101.17
N VAL E 346 23.43 6.20 -100.34
CA VAL E 346 22.48 5.11 -100.22
C VAL E 346 21.77 4.85 -101.54
N LEU E 347 21.23 5.90 -102.16
CA LEU E 347 20.46 5.71 -103.38
C LEU E 347 21.32 5.38 -104.59
N ASN E 348 22.60 5.78 -104.58
CA ASN E 348 23.46 5.47 -105.72
C ASN E 348 23.66 3.98 -105.89
N SER E 349 23.65 3.23 -104.78
CA SER E 349 23.94 1.80 -104.79
C SER E 349 22.66 0.97 -104.83
N ILE E 350 21.64 1.47 -105.53
CA ILE E 350 20.33 0.82 -105.58
C ILE E 350 20.00 0.52 -107.04
N GLN E 351 19.66 -0.74 -107.33
CA GLN E 351 19.22 -1.11 -108.65
C GLN E 351 17.87 -0.47 -108.98
N THR E 352 17.60 -0.33 -110.27
CA THR E 352 16.44 0.39 -110.73
C THR E 352 15.76 -0.38 -111.85
N LYS E 353 14.52 -0.01 -112.14
CA LYS E 353 13.72 -0.64 -113.18
C LYS E 353 13.50 0.33 -114.32
N LEU E 354 13.70 -0.15 -115.55
CA LEU E 354 13.65 0.70 -116.74
C LEU E 354 12.22 0.74 -117.27
N PHE E 355 11.38 1.51 -116.60
CA PHE E 355 9.99 1.65 -117.02
C PHE E 355 9.99 2.44 -118.32
N HIS E 356 10.00 1.73 -119.45
CA HIS E 356 10.00 2.37 -120.79
C HIS E 356 8.54 2.61 -121.20
N ALA E 357 8.03 3.82 -120.99
CA ALA E 357 6.66 4.14 -121.34
C ALA E 357 6.46 4.02 -122.85
N GLN E 358 5.31 3.48 -123.25
CA GLN E 358 5.02 3.23 -124.66
C GLN E 358 3.66 3.81 -124.99
N SER E 359 3.53 4.38 -126.18
CA SER E 359 2.31 5.05 -126.60
C SER E 359 1.45 4.06 -127.39
N GLN E 360 0.40 3.56 -126.75
CA GLN E 360 -0.50 2.62 -127.41
C GLN E 360 -1.28 3.32 -128.51
N PRO E 361 -1.35 2.73 -129.72
CA PRO E 361 -2.18 3.30 -130.78
C PRO E 361 -3.61 2.80 -130.73
N ILE E 362 -4.57 3.71 -130.66
CA ILE E 362 -5.99 3.34 -130.62
C ILE E 362 -6.66 3.85 -131.90
N PRO E 363 -7.53 3.07 -132.53
CA PRO E 363 -8.20 3.57 -133.74
C PRO E 363 -9.03 4.82 -133.45
N ASN E 364 -9.28 5.59 -134.51
CA ASN E 364 -10.03 6.84 -134.42
C ASN E 364 -9.24 7.90 -133.67
N THR E 365 -7.94 7.96 -133.93
CA THR E 365 -7.05 8.95 -133.34
C THR E 365 -5.97 9.33 -134.35
N ASP E 366 -5.83 10.62 -134.59
CA ASP E 366 -4.84 11.16 -135.52
C ASP E 366 -3.91 12.10 -134.76
N ASP E 367 -2.61 11.81 -134.82
CA ASP E 367 -1.58 12.57 -134.11
C ASP E 367 -1.79 12.52 -132.59
N TYR E 368 -2.66 11.63 -132.12
CA TYR E 368 -2.95 11.48 -130.69
C TYR E 368 -2.77 10.01 -130.34
N TRP E 369 -1.92 9.72 -129.36
CA TRP E 369 -1.62 8.36 -128.95
C TRP E 369 -2.15 8.14 -127.53
N THR E 370 -1.86 6.96 -126.98
CA THR E 370 -2.25 6.61 -125.62
C THR E 370 -1.01 6.10 -124.90
N ASP E 371 -0.48 6.91 -123.98
CA ASP E 371 0.75 6.59 -123.27
C ASP E 371 0.44 5.60 -122.15
N VAL E 372 1.06 4.42 -122.22
CA VAL E 372 0.95 3.40 -121.19
C VAL E 372 2.35 3.17 -120.62
N ILE E 373 2.49 3.33 -119.32
CA ILE E 373 3.79 3.18 -118.65
C ILE E 373 3.87 1.72 -118.20
N LEU E 374 4.27 0.85 -119.12
CA LEU E 374 4.44 -0.57 -118.85
C LEU E 374 5.86 -0.99 -119.21
N THR E 375 6.46 -1.82 -118.35
CA THR E 375 7.82 -2.29 -118.57
C THR E 375 7.91 -3.30 -119.71
N THR E 376 6.80 -3.91 -120.12
CA THR E 376 6.81 -4.91 -121.17
C THR E 376 6.77 -4.23 -122.53
N LYS E 377 7.66 -4.64 -123.43
CA LYS E 377 7.68 -4.08 -124.77
C LYS E 377 6.41 -4.44 -125.51
N GLY E 378 5.83 -3.46 -126.21
CA GLY E 378 4.61 -3.67 -126.96
C GLY E 378 4.82 -3.60 -128.45
N SER E 379 3.83 -4.03 -129.22
CA SER E 379 3.89 -4.00 -130.67
C SER E 379 3.09 -2.82 -131.20
N GLY E 380 3.74 -1.94 -131.94
CA GLY E 380 3.08 -0.77 -132.50
C GLY E 380 2.93 0.38 -131.55
N ASN E 381 3.45 0.22 -130.33
CA ASN E 381 3.36 1.29 -129.29
C ASN E 381 4.65 2.13 -129.34
N GLN E 382 4.53 3.45 -129.44
CA GLN E 382 5.72 4.30 -129.55
C GLN E 382 6.37 4.45 -128.18
N PRO E 383 7.62 4.05 -127.99
CA PRO E 383 8.29 4.29 -126.70
C PRO E 383 8.59 5.77 -126.50
N LEU E 384 8.38 6.26 -125.28
CA LEU E 384 8.62 7.66 -124.95
C LEU E 384 10.00 7.88 -124.35
N PHE E 385 10.29 7.25 -123.21
CA PHE E 385 11.61 7.36 -122.59
C PHE E 385 11.82 6.12 -121.74
N THR E 386 13.10 5.77 -121.56
CA THR E 386 13.50 4.65 -120.73
C THR E 386 14.38 5.18 -119.61
N PHE E 387 13.96 4.95 -118.36
CA PHE E 387 14.57 5.57 -117.20
C PHE E 387 14.65 4.59 -116.03
N PRO E 388 15.69 4.68 -115.21
CA PRO E 388 15.71 3.90 -113.96
C PRO E 388 14.55 4.31 -113.07
N ALA E 389 13.97 3.34 -112.37
CA ALA E 389 12.89 3.59 -111.44
C ALA E 389 12.98 2.60 -110.28
N PHE E 390 12.19 2.86 -109.25
CA PHE E 390 12.21 2.08 -108.02
C PHE E 390 10.96 1.20 -107.98
N ASP E 391 11.17 -0.12 -107.93
CA ASP E 391 10.09 -1.10 -107.99
C ASP E 391 9.78 -1.69 -106.62
N PHE E 392 10.20 -1.03 -105.55
CA PHE E 392 9.97 -1.54 -104.20
C PHE E 392 9.95 -0.37 -103.23
N GLY E 393 9.12 -0.50 -102.20
CA GLY E 393 9.01 0.56 -101.22
C GLY E 393 10.19 0.55 -100.29
N ASP E 394 9.93 0.77 -99.00
CA ASP E 394 10.96 0.71 -97.96
C ASP E 394 12.05 1.75 -98.16
N LEU E 395 11.89 2.67 -99.10
CA LEU E 395 12.82 3.78 -99.30
C LEU E 395 12.05 5.07 -99.01
N ILE E 396 12.32 5.68 -97.85
CA ILE E 396 11.53 6.84 -97.46
C ILE E 396 11.75 7.95 -98.49
N GLY E 397 10.77 8.84 -98.58
CA GLY E 397 10.79 9.88 -99.58
C GLY E 397 10.27 9.47 -100.94
N THR E 398 9.61 8.31 -101.03
CA THR E 398 9.11 7.77 -102.32
C THR E 398 7.65 7.42 -102.22
N GLU E 399 6.89 7.57 -103.30
CA GLU E 399 5.49 7.21 -103.38
C GLU E 399 5.22 6.48 -104.69
N VAL E 400 4.15 5.69 -104.70
CA VAL E 400 3.84 4.80 -105.81
C VAL E 400 2.76 5.43 -106.69
N VAL E 401 2.87 5.17 -107.99
CA VAL E 401 1.89 5.59 -108.98
C VAL E 401 1.30 4.33 -109.59
N SER E 402 0.18 3.87 -109.03
CA SER E 402 -0.42 2.59 -109.39
C SER E 402 -1.60 2.85 -110.32
N PHE E 403 -1.43 2.55 -111.60
CA PHE E 403 -2.52 2.72 -112.54
C PHE E 403 -3.70 1.84 -112.15
N GLY E 404 -4.90 2.40 -112.25
CA GLY E 404 -6.11 1.66 -111.99
C GLY E 404 -6.85 1.34 -113.28
N LYS E 405 -6.85 0.08 -113.68
CA LYS E 405 -7.55 -0.35 -114.87
C LYS E 405 -8.79 -1.12 -114.46
N LYS E 406 -9.95 -0.68 -114.96
CA LYS E 406 -11.20 -1.34 -114.60
C LYS E 406 -11.21 -2.77 -115.13
N LYS E 407 -11.26 -3.74 -114.21
CA LYS E 407 -11.48 -5.12 -114.62
C LYS E 407 -12.90 -5.30 -115.16
N ASN E 408 -13.85 -4.54 -114.65
CA ASN E 408 -15.22 -4.55 -115.13
C ASN E 408 -15.39 -3.71 -116.38
N GLY E 409 -14.34 -3.01 -116.81
CA GLY E 409 -14.41 -2.18 -117.99
C GLY E 409 -13.05 -1.97 -118.62
N GLU E 410 -12.79 -0.77 -119.12
CA GLU E 410 -11.51 -0.48 -119.75
C GLU E 410 -10.96 0.89 -119.35
N GLU E 411 -11.57 1.56 -118.38
CA GLU E 411 -11.11 2.88 -117.97
C GLU E 411 -9.65 2.82 -117.52
N TYR E 412 -8.87 3.80 -117.97
CA TYR E 412 -7.48 3.97 -117.57
C TYR E 412 -7.43 4.97 -116.41
N ASN E 413 -6.84 4.56 -115.29
CA ASN E 413 -6.69 5.44 -114.14
C ASN E 413 -5.23 5.52 -113.72
N CYS E 414 -4.94 6.57 -112.95
CA CYS E 414 -3.58 6.84 -112.48
C CYS E 414 -3.69 7.46 -111.09
N LEU E 415 -3.50 6.65 -110.06
CA LEU E 415 -3.63 7.10 -108.68
C LEU E 415 -2.29 6.93 -107.97
N ILE E 416 -1.84 8.01 -107.33
CA ILE E 416 -0.57 7.99 -106.60
C ILE E 416 -0.86 7.55 -105.17
N GLY E 417 -0.07 6.58 -104.69
CA GLY E 417 -0.26 6.13 -103.32
C GLY E 417 -1.63 5.55 -103.05
N GLU E 418 -2.38 5.20 -104.09
CA GLU E 418 -3.71 4.62 -103.94
C GLU E 418 -3.81 3.45 -104.91
N ARG E 419 -3.73 2.24 -104.39
CA ARG E 419 -3.75 1.06 -105.23
C ARG E 419 -5.17 0.71 -105.63
N VAL E 420 -5.31 -0.38 -106.38
CA VAL E 420 -6.62 -0.90 -106.73
C VAL E 420 -7.33 -1.47 -105.51
N THR E 421 -6.58 -1.90 -104.50
CA THR E 421 -7.18 -2.59 -103.36
C THR E 421 -8.25 -1.74 -102.67
N SER E 422 -8.16 -0.42 -102.76
CA SER E 422 -9.19 0.43 -102.18
C SER E 422 -10.54 0.18 -102.84
N LEU E 423 -10.55 0.02 -104.16
CA LEU E 423 -11.76 -0.27 -104.91
C LEU E 423 -11.82 -1.78 -105.19
N ASP E 424 -12.80 -2.20 -105.98
CA ASP E 424 -13.01 -3.60 -106.32
C ASP E 424 -13.07 -3.75 -107.84
N ASP E 425 -12.45 -4.82 -108.35
CA ASP E 425 -12.41 -5.12 -109.77
C ASP E 425 -11.73 -3.99 -110.55
N TYR E 426 -10.43 -3.83 -110.23
CA TYR E 426 -9.58 -2.82 -110.91
C TYR E 426 -8.23 -3.52 -111.11
N LYS E 427 -7.35 -3.00 -111.96
CA LYS E 427 -6.08 -3.73 -112.25
C LYS E 427 -4.89 -2.76 -112.21
N GLU E 428 -3.77 -3.21 -111.62
CA GLU E 428 -2.56 -2.36 -111.54
C GLU E 428 -1.75 -2.49 -112.83
N LEU E 429 -2.09 -1.70 -113.86
CA LEU E 429 -1.28 -1.71 -115.10
C LEU E 429 0.19 -1.62 -114.69
N SER E 430 0.52 -0.66 -113.81
CA SER E 430 1.89 -0.45 -113.39
C SER E 430 1.91 0.23 -112.03
N TYR E 431 2.75 -0.29 -111.14
CA TYR E 431 2.99 0.34 -109.84
C TYR E 431 4.48 0.36 -109.58
N PHE E 432 4.99 1.50 -109.15
CA PHE E 432 6.41 1.65 -108.87
C PHE E 432 6.64 2.92 -108.07
N TRP E 433 7.35 2.81 -106.94
CA TRP E 433 7.58 3.96 -106.09
C TRP E 433 8.52 4.95 -106.75
N VAL E 434 8.26 6.24 -106.53
CA VAL E 434 9.06 7.32 -107.12
C VAL E 434 9.15 8.47 -106.13
N PHE E 435 10.07 9.39 -106.41
CA PHE E 435 10.20 10.60 -105.60
C PHE E 435 9.19 11.64 -106.08
N PRO E 436 8.20 12.02 -105.27
CA PRO E 436 7.30 13.11 -105.69
C PRO E 436 7.99 14.45 -105.81
N ASP E 437 9.16 14.62 -105.18
CA ASP E 437 9.89 15.88 -105.22
C ASP E 437 11.33 15.61 -105.66
N SER E 438 12.04 16.69 -105.95
CA SER E 438 13.40 16.57 -106.45
C SER E 438 14.37 16.36 -105.29
N VAL E 439 15.56 15.88 -105.62
CA VAL E 439 16.62 15.70 -104.65
C VAL E 439 17.89 16.31 -105.23
N GLN E 440 18.83 16.67 -104.36
CA GLN E 440 20.06 17.28 -104.81
C GLN E 440 20.82 16.34 -105.74
N LYS E 441 20.92 16.76 -107.00
CA LYS E 441 21.78 16.15 -108.01
C LYS E 441 21.49 14.67 -108.26
N PHE E 442 20.32 14.17 -107.86
CA PHE E 442 19.91 12.82 -108.22
C PHE E 442 18.64 12.80 -109.06
N ALA E 443 17.55 13.38 -108.56
CA ALA E 443 16.26 13.32 -109.22
C ALA E 443 15.93 14.70 -109.77
N MET E 444 16.30 14.94 -111.03
CA MET E 444 16.12 16.24 -111.66
C MET E 444 15.20 16.22 -112.87
N GLU E 445 15.01 15.07 -113.51
CA GLU E 445 14.11 14.99 -114.65
C GLU E 445 12.69 14.73 -114.18
N MET E 446 11.72 15.22 -114.95
CA MET E 446 10.34 15.35 -114.50
C MET E 446 9.40 14.48 -115.32
N TYR E 447 8.32 14.04 -114.67
CA TYR E 447 7.21 13.37 -115.34
C TYR E 447 5.90 13.89 -114.79
N GLY E 448 4.95 14.13 -115.67
CA GLY E 448 3.66 14.65 -115.28
C GLY E 448 2.53 13.81 -115.86
N VAL E 449 1.41 13.78 -115.14
CA VAL E 449 0.25 12.98 -115.50
C VAL E 449 -0.88 13.92 -115.90
N SER E 450 -1.51 13.61 -117.03
CA SER E 450 -2.70 14.31 -117.49
C SER E 450 -3.67 13.30 -118.08
N LYS E 451 -4.96 13.54 -117.90
CA LYS E 451 -6.02 12.64 -118.33
C LYS E 451 -7.15 13.41 -118.99
N VAL E 452 -7.73 12.83 -120.02
CA VAL E 452 -8.85 13.46 -120.73
C VAL E 452 -10.16 12.95 -120.12
N PRO E 453 -11.02 13.83 -119.58
CA PRO E 453 -12.24 13.33 -118.94
C PRO E 453 -13.13 12.54 -119.87
N THR E 454 -13.26 12.96 -121.13
CA THR E 454 -14.17 12.28 -122.04
C THR E 454 -13.72 10.85 -122.32
N ARG E 455 -12.43 10.66 -122.55
CA ARG E 455 -11.86 9.36 -122.85
C ARG E 455 -10.59 9.18 -122.03
N ASN E 456 -10.46 8.01 -121.40
CA ASN E 456 -9.34 7.77 -120.50
C ASN E 456 -8.07 7.44 -121.28
N TYR E 457 -7.64 8.37 -122.12
CA TYR E 457 -6.37 8.24 -122.84
C TYR E 457 -5.30 8.83 -121.95
N MET E 458 -4.56 7.96 -121.27
CA MET E 458 -3.50 8.41 -120.38
C MET E 458 -2.56 9.35 -121.12
N ARG E 459 -2.41 10.56 -120.58
CA ARG E 459 -1.54 11.58 -121.17
C ARG E 459 -0.48 11.91 -120.13
N VAL E 460 0.58 11.11 -120.11
CA VAL E 460 1.72 11.32 -119.25
C VAL E 460 2.85 11.86 -120.13
N TYR E 461 3.45 12.96 -119.70
CA TYR E 461 4.45 13.64 -120.51
C TYR E 461 5.50 14.26 -119.60
N ALA E 462 6.60 14.67 -120.20
CA ALA E 462 7.68 15.35 -119.49
C ALA E 462 7.23 16.78 -119.19
N ALA E 463 6.72 17.00 -117.98
CA ALA E 463 6.14 18.28 -117.60
C ALA E 463 7.25 19.27 -117.24
N ASP E 464 6.82 20.44 -116.78
CA ASP E 464 7.78 21.52 -116.43
C ASP E 464 7.33 22.15 -115.10
N GLN E 465 8.15 22.98 -114.49
CA GLN E 465 7.77 23.66 -113.26
C GLN E 465 6.58 24.58 -113.52
N SER E 466 6.43 25.03 -114.76
CA SER E 466 5.29 25.91 -115.12
C SER E 466 4.02 25.06 -115.31
N ASP E 467 4.17 23.81 -115.77
CA ASP E 467 2.98 22.92 -115.87
C ASP E 467 2.33 22.83 -114.49
N ILE E 468 3.14 22.84 -113.44
CA ILE E 468 2.57 22.86 -112.05
C ILE E 468 1.87 24.21 -111.85
N GLU E 469 2.59 25.31 -112.08
CA GLU E 469 2.01 26.67 -111.89
C GLU E 469 0.64 26.75 -112.59
N ASN E 470 0.61 26.49 -113.91
CA ASN E 470 -0.67 26.49 -114.66
C ASN E 470 -1.04 25.05 -115.01
N PRO E 471 -1.87 24.36 -114.20
CA PRO E 471 -2.21 22.91 -114.42
C PRO E 471 -3.35 22.76 -115.43
N ARG E 472 -3.25 21.73 -116.28
CA ARG E 472 -4.32 21.44 -117.23
C ARG E 472 -5.44 20.69 -116.52
N PRO E 473 -6.64 20.65 -117.11
CA PRO E 473 -7.74 19.94 -116.46
C PRO E 473 -7.41 18.47 -116.21
N TYR E 474 -7.84 17.95 -115.06
CA TYR E 474 -7.67 16.49 -114.78
C TYR E 474 -6.19 16.08 -114.75
N GLN E 475 -5.28 17.02 -114.51
CA GLN E 475 -3.87 16.65 -114.39
C GLN E 475 -3.64 16.22 -112.95
N ARG E 476 -3.33 14.94 -112.74
CA ARG E 476 -3.38 14.38 -111.40
C ARG E 476 -2.13 14.72 -110.59
N PHE E 477 -0.97 14.25 -111.04
CA PHE E 477 0.24 14.36 -110.23
C PHE E 477 1.46 14.44 -111.13
N TRP E 478 2.55 14.97 -110.58
CA TRP E 478 3.82 15.08 -111.27
C TRP E 478 4.93 14.57 -110.36
N PHE E 479 5.93 13.92 -110.96
CA PHE E 479 6.96 13.24 -110.20
C PHE E 479 8.29 13.36 -110.92
N TYR E 480 9.36 13.29 -110.12
CA TYR E 480 10.73 13.38 -110.60
C TYR E 480 11.37 12.00 -110.60
N VAL E 481 12.12 11.71 -111.66
CA VAL E 481 12.80 10.42 -111.81
C VAL E 481 14.31 10.67 -111.78
N PRO E 482 15.12 9.73 -111.29
CA PRO E 482 16.56 9.96 -111.21
C PRO E 482 17.18 10.28 -112.57
N SER E 483 18.15 11.19 -112.54
CA SER E 483 18.88 11.59 -113.74
C SER E 483 20.08 10.68 -113.92
N ALA E 484 20.21 10.12 -115.12
CA ALA E 484 21.33 9.23 -115.42
C ALA E 484 22.66 9.96 -115.47
N ASN E 485 22.66 11.29 -115.47
CA ASN E 485 23.89 12.05 -115.54
C ASN E 485 24.69 12.03 -114.23
N SER E 486 24.11 11.50 -113.16
CA SER E 486 24.82 11.45 -111.89
C SER E 486 26.08 10.59 -112.03
N PRO E 487 27.22 11.01 -111.49
CA PRO E 487 28.44 10.21 -111.63
C PRO E 487 28.44 9.06 -110.64
N PRO E 488 28.71 7.82 -111.10
CA PRO E 488 28.74 6.70 -110.16
C PRO E 488 30.09 6.55 -109.47
N GLY F 2 14.35 2.18 -75.40
CA GLY F 2 14.25 1.25 -74.29
C GLY F 2 13.62 1.87 -73.06
N GLU F 3 12.29 1.92 -73.04
CA GLU F 3 11.56 2.45 -71.90
C GLU F 3 10.46 1.49 -71.45
N VAL F 4 9.97 0.66 -72.37
CA VAL F 4 8.93 -0.31 -72.06
C VAL F 4 9.30 -1.65 -72.66
N VAL F 5 8.69 -2.70 -72.14
CA VAL F 5 8.94 -4.06 -72.62
C VAL F 5 7.69 -4.90 -72.39
N PRO F 6 7.30 -5.75 -73.33
CA PRO F 6 6.12 -6.60 -73.10
C PRO F 6 6.33 -7.52 -71.91
N TYR F 7 5.24 -7.77 -71.19
CA TYR F 7 5.31 -8.60 -69.99
C TYR F 7 5.79 -10.01 -70.34
N LYS F 8 6.72 -10.53 -69.55
CA LYS F 8 7.20 -11.90 -69.67
C LYS F 8 6.95 -12.60 -68.35
N ALA F 9 6.29 -13.75 -68.39
CA ALA F 9 5.87 -14.41 -67.17
C ALA F 9 7.07 -14.69 -66.27
N GLY F 10 6.85 -14.59 -64.96
CA GLY F 10 7.90 -14.75 -63.99
C GLY F 10 8.58 -13.46 -63.60
N MET F 11 8.29 -12.36 -64.30
CA MET F 11 8.92 -11.09 -63.98
C MET F 11 8.63 -10.70 -62.53
N GLN F 12 9.66 -10.25 -61.84
CA GLN F 12 9.56 -9.80 -60.46
C GLN F 12 9.97 -8.34 -60.40
N ARG F 13 9.14 -7.52 -59.77
CA ARG F 13 9.44 -6.10 -59.67
C ARG F 13 10.81 -5.90 -59.04
N GLY F 14 11.61 -5.02 -59.65
CA GLY F 14 12.92 -4.73 -59.10
C GLY F 14 13.95 -5.79 -59.43
N GLN F 15 14.19 -6.04 -60.71
CA GLN F 15 15.17 -7.01 -61.14
C GLN F 15 15.90 -6.47 -62.35
N GLY F 16 17.13 -6.96 -62.53
CA GLY F 16 17.92 -6.53 -63.66
C GLY F 16 17.34 -7.02 -64.98
N TYR F 17 17.66 -6.29 -66.05
CA TYR F 17 17.17 -6.62 -67.37
C TYR F 17 18.28 -6.34 -68.37
N ASN F 18 18.77 -7.40 -69.02
CA ASN F 18 19.79 -7.27 -70.06
C ASN F 18 19.08 -6.86 -71.34
N THR F 19 19.06 -5.56 -71.62
CA THR F 19 18.22 -5.06 -72.70
C THR F 19 18.63 -5.63 -74.06
N TYR F 20 19.89 -5.97 -74.24
CA TYR F 20 20.32 -6.58 -75.51
C TYR F 20 19.78 -8.00 -75.64
N LEU F 21 20.11 -8.87 -74.71
CA LEU F 21 19.63 -10.25 -74.75
C LEU F 21 18.16 -10.36 -74.38
N GLN F 22 17.54 -9.28 -73.90
CA GLN F 22 16.11 -9.27 -73.55
C GLN F 22 15.78 -10.37 -72.55
N SER F 23 16.77 -10.80 -71.77
CA SER F 23 16.57 -11.84 -70.78
C SER F 23 16.27 -11.20 -69.43
N LEU F 24 16.20 -12.02 -68.39
CA LEU F 24 15.96 -11.56 -67.03
C LEU F 24 17.22 -11.75 -66.20
N CYS F 25 17.45 -10.82 -65.28
CA CYS F 25 18.65 -10.87 -64.45
C CYS F 25 18.29 -10.78 -62.98
N VAL F 26 19.29 -10.58 -62.12
CA VAL F 26 19.12 -10.77 -60.69
C VAL F 26 17.83 -10.10 -60.21
N LYS F 27 17.13 -10.78 -59.30
CA LYS F 27 15.90 -10.25 -58.73
C LYS F 27 16.20 -9.60 -57.39
N ASP F 28 15.48 -8.51 -57.11
CA ASP F 28 15.59 -7.81 -55.83
C ASP F 28 16.87 -6.99 -55.73
N ALA F 29 17.37 -6.51 -56.87
CA ALA F 29 18.46 -5.54 -56.82
C ALA F 29 17.97 -4.17 -56.39
N VAL F 30 16.71 -3.86 -56.68
CA VAL F 30 16.12 -2.57 -56.36
C VAL F 30 14.89 -2.81 -55.49
N THR F 31 14.81 -2.14 -54.35
CA THR F 31 13.66 -2.19 -53.47
C THR F 31 12.87 -0.91 -53.65
N ILE F 32 11.59 -1.03 -53.95
CA ILE F 32 10.70 0.10 -54.12
C ILE F 32 9.77 0.15 -52.93
N GLU F 33 9.80 1.25 -52.20
CA GLU F 33 8.93 1.45 -51.04
C GLU F 33 7.71 2.23 -51.49
N ARG F 34 6.53 1.64 -51.28
CA ARG F 34 5.26 2.32 -51.57
C ARG F 34 4.93 3.20 -50.39
N HIS F 35 5.31 4.48 -50.47
CA HIS F 35 5.04 5.39 -49.36
C HIS F 35 3.56 5.54 -49.12
N ASP F 36 2.78 5.66 -50.19
CA ASP F 36 1.33 5.85 -50.10
C ASP F 36 0.63 4.70 -50.82
N ASP F 37 -0.37 4.12 -50.16
CA ASP F 37 -1.14 3.02 -50.74
C ASP F 37 -2.32 3.60 -51.50
N SER F 38 -2.15 3.76 -52.82
CA SER F 38 -3.20 4.30 -53.66
C SER F 38 -2.94 3.90 -55.10
N ASN F 39 -3.98 3.51 -55.80
CA ASN F 39 -3.82 3.12 -57.19
C ASN F 39 -3.48 4.35 -58.04
N PRO F 40 -2.69 4.20 -59.09
CA PRO F 40 -2.25 5.35 -59.87
C PRO F 40 -3.36 5.86 -60.76
N PRO F 41 -3.22 7.07 -61.30
CA PRO F 41 -4.23 7.59 -62.23
C PRO F 41 -4.36 6.71 -63.46
N PHE F 42 -5.56 6.66 -64.01
CA PHE F 42 -5.88 5.73 -65.08
C PHE F 42 -6.63 6.43 -66.20
N LYS F 43 -6.54 5.84 -67.39
CA LYS F 43 -7.19 6.36 -68.59
C LYS F 43 -8.16 5.30 -69.12
N LYS F 44 -9.39 5.72 -69.43
CA LYS F 44 -10.45 4.81 -69.84
C LYS F 44 -10.91 5.11 -71.26
N GLU F 45 -11.36 4.06 -71.93
CA GLU F 45 -12.03 4.17 -73.22
C GLU F 45 -13.27 3.29 -73.22
N TYR F 46 -14.24 3.64 -74.07
CA TYR F 46 -15.48 2.88 -74.14
C TYR F 46 -16.11 3.12 -75.51
N TYR F 47 -15.95 2.15 -76.40
CA TYR F 47 -16.58 2.16 -77.71
C TYR F 47 -17.71 1.15 -77.70
N SER F 48 -18.93 1.60 -78.00
CA SER F 48 -20.12 0.76 -77.92
C SER F 48 -20.95 0.88 -79.18
N GLU F 49 -21.54 -0.24 -79.61
CA GLU F 49 -22.44 -0.28 -80.75
C GLU F 49 -23.65 -1.13 -80.39
N PHE F 50 -24.83 -0.67 -80.79
CA PHE F 50 -26.07 -1.43 -80.60
C PHE F 50 -26.82 -1.40 -81.92
N ILE F 51 -26.60 -2.42 -82.75
CA ILE F 51 -27.11 -2.42 -84.11
C ILE F 51 -28.63 -2.52 -84.10
N GLU F 52 -29.22 -2.11 -85.22
CA GLU F 52 -30.67 -1.91 -85.32
C GLU F 52 -31.44 -3.13 -84.85
N GLU F 53 -32.70 -2.91 -84.51
CA GLU F 53 -33.64 -3.99 -84.20
C GLU F 53 -34.42 -4.26 -85.48
N TYR F 54 -34.02 -5.30 -86.21
CA TYR F 54 -34.67 -5.64 -87.47
C TYR F 54 -36.05 -6.22 -87.16
N GLU F 55 -36.98 -5.29 -86.88
CA GLU F 55 -38.38 -5.70 -86.57
C GLU F 55 -39.21 -5.63 -87.85
N LYS F 56 -39.63 -6.78 -88.36
CA LYS F 56 -40.39 -6.86 -89.60
C LYS F 56 -41.57 -7.80 -89.38
N ILE F 57 -42.78 -7.24 -89.36
CA ILE F 57 -44.00 -8.02 -89.30
C ILE F 57 -44.65 -7.94 -90.67
N ALA F 58 -44.84 -9.08 -91.31
CA ALA F 58 -45.62 -9.20 -92.54
C ALA F 58 -46.76 -10.17 -92.26
N LYS F 59 -47.98 -9.73 -92.51
CA LYS F 59 -49.17 -10.47 -92.12
C LYS F 59 -50.15 -10.52 -93.28
N SER F 60 -50.89 -11.63 -93.38
CA SER F 60 -51.77 -11.89 -94.50
C SER F 60 -53.20 -12.08 -94.03
N MET F 61 -54.15 -11.56 -94.83
CA MET F 61 -55.59 -11.79 -94.52
C MET F 61 -56.35 -11.92 -95.85
N ARG F 62 -56.56 -13.14 -96.32
CA ARG F 62 -57.19 -13.44 -97.59
C ARG F 62 -58.52 -14.15 -97.32
N ILE F 63 -59.61 -13.54 -97.75
CA ILE F 63 -60.94 -14.10 -97.58
C ILE F 63 -61.61 -14.16 -98.94
N SER F 64 -62.43 -15.20 -99.15
CA SER F 64 -63.15 -15.35 -100.41
C SER F 64 -64.38 -16.20 -100.15
N ALA F 65 -65.56 -15.67 -100.45
CA ALA F 65 -66.80 -16.40 -100.27
C ALA F 65 -67.82 -15.90 -101.29
N GLY F 66 -68.73 -16.79 -101.66
CA GLY F 66 -69.77 -16.47 -102.62
C GLY F 66 -70.56 -17.68 -103.07
N VAL F 78 -74.68 -23.81 -102.20
CA VAL F 78 -73.29 -24.08 -102.54
C VAL F 78 -72.47 -22.82 -102.31
N ASN F 79 -72.27 -22.48 -101.04
CA ASN F 79 -71.49 -21.32 -100.64
C ASN F 79 -70.17 -21.79 -100.05
N VAL F 80 -69.07 -21.19 -100.52
CA VAL F 80 -67.74 -21.58 -100.09
C VAL F 80 -67.11 -20.41 -99.34
N ASP F 81 -66.15 -20.74 -98.48
CA ASP F 81 -65.41 -19.76 -97.70
C ASP F 81 -63.93 -20.11 -97.71
N ILE F 82 -63.09 -19.09 -97.70
CA ILE F 82 -61.64 -19.25 -97.60
C ILE F 82 -61.13 -18.20 -96.64
N LEU F 83 -60.30 -18.61 -95.68
CA LEU F 83 -59.79 -17.71 -94.64
C LEU F 83 -58.33 -18.08 -94.41
N ASN F 84 -57.41 -17.33 -95.00
CA ASN F 84 -55.98 -17.62 -94.93
C ASN F 84 -55.25 -16.51 -94.18
N ARG F 85 -54.38 -16.90 -93.26
CA ARG F 85 -53.59 -15.97 -92.47
C ARG F 85 -52.12 -16.33 -92.57
N SER F 86 -51.28 -15.33 -92.30
CA SER F 86 -49.84 -15.55 -92.20
C SER F 86 -49.27 -14.49 -91.28
N GLU F 87 -48.06 -14.74 -90.80
CA GLU F 87 -47.40 -13.80 -89.90
C GLU F 87 -45.92 -14.11 -89.89
N PHE F 88 -45.10 -13.14 -90.30
CA PHE F 88 -43.65 -13.31 -90.34
C PHE F 88 -43.02 -12.23 -89.48
N GLU F 89 -42.25 -12.64 -88.47
CA GLU F 89 -41.61 -11.73 -87.55
C GLU F 89 -40.09 -11.89 -87.64
N THR F 90 -39.39 -10.78 -87.47
CA THR F 90 -37.94 -10.79 -87.46
C THR F 90 -37.44 -9.85 -86.37
N SER F 91 -36.31 -10.20 -85.77
CA SER F 91 -35.71 -9.35 -84.74
C SER F 91 -34.23 -9.70 -84.65
N THR F 92 -33.39 -8.89 -85.27
CA THR F 92 -31.95 -9.06 -85.21
C THR F 92 -31.36 -7.96 -84.35
N LEU F 93 -30.89 -8.33 -83.16
CA LEU F 93 -30.20 -7.41 -82.27
C LEU F 93 -28.74 -7.80 -82.19
N THR F 94 -27.86 -6.82 -82.28
CA THR F 94 -26.43 -7.05 -82.16
C THR F 94 -25.84 -5.99 -81.24
N TYR F 95 -24.78 -6.37 -80.53
CA TYR F 95 -24.16 -5.47 -79.57
C TYR F 95 -22.65 -5.68 -79.60
N GLU F 96 -21.91 -4.65 -79.19
CA GLU F 96 -20.46 -4.75 -79.14
C GLU F 96 -19.89 -3.59 -78.34
N VAL F 97 -19.02 -3.90 -77.39
CA VAL F 97 -18.31 -2.88 -76.62
C VAL F 97 -16.83 -3.24 -76.59
N LYS F 98 -16.01 -2.23 -76.27
CA LYS F 98 -14.57 -2.44 -76.17
C LYS F 98 -14.04 -1.40 -75.18
N VAL F 99 -13.74 -1.85 -73.96
CA VAL F 99 -13.30 -0.98 -72.88
C VAL F 99 -11.81 -1.17 -72.67
N LEU F 100 -11.05 -0.09 -72.75
CA LEU F 100 -9.61 -0.12 -72.54
C LEU F 100 -9.27 0.76 -71.35
N VAL F 101 -8.55 0.21 -70.38
CA VAL F 101 -8.13 0.92 -69.19
C VAL F 101 -6.61 0.83 -69.09
N GLN F 102 -5.95 1.97 -68.91
CA GLN F 102 -4.51 2.01 -68.79
C GLN F 102 -4.15 2.90 -67.60
N HIS F 103 -3.40 2.34 -66.66
CA HIS F 103 -2.99 3.06 -65.47
C HIS F 103 -1.69 3.82 -65.77
N GLN F 104 -1.12 4.45 -64.75
CA GLN F 104 0.18 5.11 -64.88
C GLN F 104 1.08 4.65 -63.73
N VAL F 105 2.31 5.15 -63.71
CA VAL F 105 3.28 4.80 -62.67
C VAL F 105 3.31 5.93 -61.66
N SER F 106 3.15 5.58 -60.39
CA SER F 106 3.09 6.59 -59.34
C SER F 106 4.42 7.33 -59.26
N VAL F 107 4.33 8.63 -58.96
CA VAL F 107 5.50 9.50 -58.94
C VAL F 107 6.03 9.75 -57.54
N LEU F 108 5.42 9.15 -56.52
CA LEU F 108 5.77 9.39 -55.12
C LEU F 108 6.37 8.15 -54.47
N ASP F 109 7.21 7.42 -55.19
CA ASP F 109 7.88 6.24 -54.67
C ASP F 109 9.38 6.50 -54.55
N LYS F 110 10.05 5.69 -53.73
CA LYS F 110 11.48 5.79 -53.51
C LYS F 110 12.15 4.54 -54.06
N HIS F 111 13.23 4.73 -54.80
CA HIS F 111 13.98 3.65 -55.42
C HIS F 111 15.37 3.56 -54.79
N SER F 112 15.77 2.34 -54.44
CA SER F 112 17.05 2.10 -53.80
C SER F 112 17.77 0.97 -54.54
N PHE F 113 19.06 0.84 -54.26
CA PHE F 113 19.91 -0.15 -54.91
C PHE F 113 20.60 -1.01 -53.86
N ASN F 114 20.38 -2.32 -53.93
CA ASN F 114 20.96 -3.27 -52.99
C ASN F 114 22.18 -3.92 -53.62
N LYS F 115 23.17 -4.23 -52.80
CA LYS F 115 24.46 -4.71 -53.27
C LYS F 115 24.48 -6.24 -53.27
N ILE F 116 24.83 -6.82 -54.41
CA ILE F 116 25.10 -8.26 -54.52
C ILE F 116 26.56 -8.41 -54.93
N GLN F 117 27.31 -9.20 -54.17
CA GLN F 117 28.75 -9.35 -54.40
C GLN F 117 28.97 -10.36 -55.51
N THR F 118 29.58 -9.92 -56.60
CA THR F 118 29.86 -10.78 -57.74
C THR F 118 31.15 -10.34 -58.41
N THR F 119 31.86 -11.30 -59.00
CA THR F 119 33.03 -10.97 -59.79
C THR F 119 32.65 -10.44 -61.17
N THR F 120 31.41 -10.62 -61.58
CA THR F 120 30.92 -10.16 -62.88
C THR F 120 29.62 -9.40 -62.68
N PRO F 121 29.67 -8.23 -62.06
CA PRO F 121 28.42 -7.50 -61.80
C PRO F 121 27.67 -7.14 -63.07
N HIS F 122 28.36 -7.07 -64.20
CA HIS F 122 27.70 -6.71 -65.45
C HIS F 122 26.68 -7.76 -65.87
N ALA F 123 27.07 -9.03 -65.80
CA ALA F 123 26.17 -10.10 -66.23
C ALA F 123 25.12 -10.41 -65.18
N THR F 124 25.35 -10.02 -63.92
CA THR F 124 24.36 -10.26 -62.87
C THR F 124 23.33 -9.14 -62.83
N TYR F 125 23.80 -7.90 -62.72
CA TYR F 125 22.88 -6.77 -62.64
C TYR F 125 22.23 -6.47 -64.00
N GLY F 126 23.03 -6.50 -65.07
CA GLY F 126 22.53 -6.17 -66.38
C GLY F 126 22.71 -4.69 -66.70
N ASP F 127 21.69 -4.07 -67.31
CA ASP F 127 21.71 -2.66 -67.61
C ASP F 127 20.63 -1.88 -66.90
N ARG F 128 19.37 -2.32 -66.97
CA ARG F 128 18.25 -1.59 -66.43
C ARG F 128 17.39 -2.50 -65.56
N PHE F 129 16.69 -1.89 -64.62
CA PHE F 129 15.87 -2.58 -63.64
C PHE F 129 14.39 -2.28 -63.86
N ILE F 130 13.55 -3.15 -63.32
CA ILE F 130 12.09 -3.05 -63.48
C ILE F 130 11.55 -2.25 -62.31
N ALA F 131 11.26 -0.97 -62.57
CA ALA F 131 10.84 -0.08 -61.50
C ALA F 131 9.37 -0.28 -61.16
N ASP F 132 8.48 -0.03 -62.11
CA ASP F 132 7.05 -0.16 -61.90
C ASP F 132 6.43 -0.85 -63.11
N PHE F 133 5.32 -1.53 -62.87
CA PHE F 133 4.60 -2.26 -63.91
C PHE F 133 3.44 -1.42 -64.40
N ILE F 134 3.38 -1.21 -65.71
CA ILE F 134 2.24 -0.51 -66.31
C ILE F 134 1.06 -1.46 -66.32
N LYS F 135 -0.02 -1.08 -65.66
CA LYS F 135 -1.18 -1.93 -65.50
C LYS F 135 -2.33 -1.42 -66.35
N GLY F 136 -3.28 -2.30 -66.61
CA GLY F 136 -4.42 -1.97 -67.44
C GLY F 136 -5.50 -3.03 -67.45
N GLY F 137 -6.36 -2.98 -68.46
CA GLY F 137 -7.46 -3.93 -68.56
C GLY F 137 -8.07 -3.86 -69.95
N HIS F 138 -9.00 -4.77 -70.20
CA HIS F 138 -9.57 -4.92 -71.53
C HIS F 138 -10.95 -5.52 -71.42
N PHE F 139 -11.82 -5.17 -72.37
CA PHE F 139 -13.14 -5.77 -72.46
C PHE F 139 -13.52 -5.91 -73.92
N TYR F 140 -14.33 -6.92 -74.21
CA TYR F 140 -14.74 -7.20 -75.59
C TYR F 140 -15.97 -8.09 -75.55
N ALA F 141 -17.10 -7.57 -76.01
CA ALA F 141 -18.35 -8.30 -75.94
C ALA F 141 -19.04 -8.27 -77.30
N ARG F 142 -19.79 -9.33 -77.59
CA ARG F 142 -20.61 -9.42 -78.79
C ARG F 142 -21.86 -10.21 -78.47
N VAL F 143 -23.02 -9.61 -78.68
CA VAL F 143 -24.30 -10.28 -78.55
C VAL F 143 -24.93 -10.33 -79.93
N SER F 144 -25.46 -11.50 -80.30
CA SER F 144 -26.11 -11.69 -81.59
C SER F 144 -27.43 -12.39 -81.32
N ILE F 145 -28.48 -11.62 -81.05
CA ILE F 145 -29.81 -12.16 -80.81
C ILE F 145 -30.49 -12.32 -82.17
N THR F 146 -30.77 -13.57 -82.57
CA THR F 146 -31.36 -13.84 -83.90
C THR F 146 -32.84 -13.56 -83.86
N ALA F 147 -33.52 -13.58 -85.02
CA ALA F 147 -34.96 -13.30 -85.15
C ALA F 147 -35.81 -14.33 -84.42
N LYS F 148 -37.12 -14.08 -84.34
CA LYS F 148 -38.05 -15.08 -83.75
C LYS F 148 -38.56 -15.91 -84.92
N ASN F 149 -38.68 -15.31 -86.11
CA ASN F 149 -39.27 -15.98 -87.27
C ASN F 149 -40.62 -16.59 -86.91
N SER F 150 -41.45 -15.80 -86.26
CA SER F 150 -42.82 -16.23 -85.99
C SER F 150 -43.50 -16.55 -87.31
N SER F 151 -44.22 -17.67 -87.36
CA SER F 151 -44.82 -18.15 -88.59
C SER F 151 -46.28 -18.53 -88.39
N GLU F 152 -47.06 -17.66 -87.75
CA GLU F 152 -48.48 -17.92 -87.56
C GLU F 152 -49.16 -17.98 -88.91
N THR F 153 -49.72 -19.14 -89.26
CA THR F 153 -50.48 -19.31 -90.48
C THR F 153 -51.74 -20.12 -90.17
N SER F 154 -52.74 -20.00 -91.06
CA SER F 154 -53.98 -20.73 -90.86
C SER F 154 -54.80 -20.68 -92.14
N GLU F 155 -55.70 -21.65 -92.29
CA GLU F 155 -56.58 -21.74 -93.45
C GLU F 155 -57.92 -22.29 -92.96
N LEU F 156 -58.99 -21.91 -93.64
CA LEU F 156 -60.33 -22.41 -93.33
C LEU F 156 -61.12 -22.56 -94.62
N LYS F 157 -62.06 -23.50 -94.64
CA LYS F 157 -62.83 -23.84 -95.83
C LYS F 157 -64.22 -24.31 -95.41
N GLN F 158 -65.23 -23.49 -95.68
CA GLN F 158 -66.63 -23.81 -95.33
C GLN F 158 -67.45 -23.91 -96.61
N SER F 159 -67.59 -25.15 -97.10
CA SER F 159 -68.44 -25.40 -98.25
C SER F 159 -69.84 -25.77 -97.79
N ALA F 160 -70.80 -24.90 -98.11
CA ALA F 160 -72.19 -25.12 -97.74
C ALA F 160 -72.32 -25.29 -96.22
N THR F 174 -75.01 -30.64 -96.26
CA THR F 174 -73.59 -30.82 -96.54
C THR F 174 -72.75 -29.69 -95.94
N GLN F 175 -71.61 -30.07 -95.35
CA GLN F 175 -70.75 -29.11 -94.66
C GLN F 175 -69.32 -29.59 -94.77
N GLU F 176 -68.39 -28.66 -94.61
CA GLU F 176 -66.97 -28.99 -94.69
C GLU F 176 -66.17 -27.95 -93.90
N VAL F 177 -65.19 -28.43 -93.14
CA VAL F 177 -64.27 -27.56 -92.40
C VAL F 177 -62.86 -28.10 -92.58
N GLU F 178 -61.91 -27.19 -92.81
CA GLU F 178 -60.51 -27.57 -93.07
C GLU F 178 -59.62 -26.52 -92.43
N ARG F 179 -59.03 -26.86 -91.28
CA ARG F 179 -58.11 -25.98 -90.57
C ARG F 179 -56.72 -26.59 -90.41
N ALA F 180 -56.29 -27.41 -91.37
CA ALA F 180 -54.99 -28.08 -91.27
C ALA F 180 -53.85 -27.16 -91.72
N VAL F 181 -53.78 -25.97 -91.12
CA VAL F 181 -52.69 -25.04 -91.38
C VAL F 181 -52.40 -24.29 -90.08
N SER F 182 -51.19 -24.44 -89.57
CA SER F 182 -50.78 -23.78 -88.34
C SER F 182 -49.29 -24.02 -88.14
N SER F 183 -48.57 -22.97 -87.76
CA SER F 183 -47.15 -23.05 -87.50
C SER F 183 -46.77 -21.92 -86.56
N ILE F 184 -45.60 -22.07 -85.91
CA ILE F 184 -45.16 -21.14 -84.88
C ILE F 184 -43.68 -20.81 -85.12
N LYS F 185 -43.19 -19.85 -84.35
CA LYS F 185 -41.83 -19.36 -84.47
C LYS F 185 -40.82 -20.48 -84.29
N ARG F 186 -39.71 -20.38 -85.00
CA ARG F 186 -38.56 -21.24 -84.74
C ARG F 186 -37.31 -20.42 -85.06
N ASN F 187 -36.86 -19.66 -84.07
CA ASN F 187 -35.53 -19.08 -84.09
C ASN F 187 -35.23 -18.39 -82.77
N ALA F 188 -34.10 -18.73 -82.14
CA ALA F 188 -33.63 -17.99 -80.97
C ALA F 188 -32.15 -18.31 -80.80
N SER F 189 -31.30 -17.40 -81.25
CA SER F 189 -29.85 -17.58 -81.16
C SER F 189 -29.26 -16.46 -80.33
N VAL F 190 -28.52 -16.84 -79.29
CA VAL F 190 -27.84 -15.88 -78.42
C VAL F 190 -26.36 -16.28 -78.42
N LYS F 191 -25.57 -15.61 -79.25
CA LYS F 191 -24.13 -15.79 -79.27
C LYS F 191 -23.50 -14.71 -78.42
N ILE F 192 -22.80 -15.12 -77.36
CA ILE F 192 -22.14 -14.19 -76.44
C ILE F 192 -20.66 -14.55 -76.41
N THR F 193 -19.80 -13.56 -76.65
CA THR F 193 -18.37 -13.70 -76.43
C THR F 193 -17.94 -12.57 -75.50
N ILE F 194 -17.26 -12.91 -74.41
CA ILE F 194 -16.78 -11.92 -73.45
C ILE F 194 -15.31 -12.20 -73.20
N ILE F 195 -14.46 -11.21 -73.47
CA ILE F 195 -13.03 -11.33 -73.26
C ILE F 195 -12.62 -10.24 -72.27
N GLU F 196 -12.07 -10.65 -71.13
CA GLU F 196 -11.80 -9.72 -70.04
C GLU F 196 -10.38 -9.90 -69.53
N SER F 197 -9.79 -8.80 -69.09
CA SER F 197 -8.49 -8.79 -68.42
C SER F 197 -8.64 -7.83 -67.24
N THR F 198 -9.04 -8.37 -66.09
CA THR F 198 -9.30 -7.54 -64.92
C THR F 198 -8.56 -8.06 -63.70
N GLY F 199 -8.87 -7.50 -62.53
CA GLY F 199 -8.20 -7.89 -61.31
C GLY F 199 -9.17 -8.14 -60.19
N THR F 200 -8.69 -8.86 -59.18
CA THR F 200 -9.50 -9.20 -58.03
C THR F 200 -9.68 -8.00 -57.11
N SER F 201 -10.77 -8.00 -56.36
CA SER F 201 -11.03 -6.93 -55.40
C SER F 201 -10.00 -6.96 -54.28
N SER F 216 -33.02 -11.16 -71.65
CA SER F 216 -32.37 -9.92 -71.24
C SER F 216 -30.86 -10.06 -71.30
N ASP F 217 -30.37 -10.89 -72.21
CA ASP F 217 -28.93 -11.09 -72.31
C ASP F 217 -28.24 -9.84 -72.84
N LEU F 218 -28.94 -9.04 -73.65
CA LEU F 218 -28.36 -7.77 -74.09
C LEU F 218 -28.11 -6.85 -72.91
N LEU F 219 -29.07 -6.78 -71.98
CA LEU F 219 -28.88 -5.94 -70.79
C LEU F 219 -27.83 -6.51 -69.85
N ALA F 220 -27.77 -7.84 -69.72
CA ALA F 220 -26.79 -8.43 -68.81
C ALA F 220 -25.37 -8.09 -69.24
N VAL F 221 -25.08 -8.18 -70.53
CA VAL F 221 -23.77 -7.79 -71.02
C VAL F 221 -23.53 -6.31 -70.76
N LYS F 222 -24.58 -5.50 -70.89
CA LYS F 222 -24.42 -4.05 -70.68
C LYS F 222 -24.03 -3.74 -69.25
N GLU F 223 -24.65 -4.42 -68.28
CA GLU F 223 -24.33 -4.13 -66.89
C GLU F 223 -22.88 -4.44 -66.57
N LYS F 224 -22.39 -5.60 -67.03
CA LYS F 224 -20.97 -5.90 -66.85
C LYS F 224 -20.11 -4.91 -67.61
N ALA F 225 -20.55 -4.51 -68.81
CA ALA F 225 -19.80 -3.50 -69.57
C ALA F 225 -19.79 -2.16 -68.84
N ASP F 226 -20.95 -1.73 -68.33
CA ASP F 226 -21.00 -0.47 -67.58
C ASP F 226 -20.33 -0.62 -66.22
N GLN F 227 -20.59 -1.72 -65.52
CA GLN F 227 -19.93 -1.94 -64.25
C GLN F 227 -18.42 -1.96 -64.42
N PHE F 228 -17.93 -2.41 -65.58
CA PHE F 228 -16.50 -2.37 -65.82
C PHE F 228 -16.01 -0.92 -65.79
N TYR F 229 -16.76 -0.04 -66.45
CA TYR F 229 -16.44 1.41 -66.45
C TYR F 229 -16.38 1.86 -65.01
N LYS F 230 -17.49 1.67 -64.26
CA LYS F 230 -17.53 2.13 -62.88
C LYS F 230 -16.51 1.40 -62.03
N ASP F 231 -16.26 0.12 -62.34
CA ASP F 231 -15.31 -0.66 -61.55
C ASP F 231 -13.92 -0.04 -61.60
N ALA F 232 -13.53 0.49 -62.76
CA ALA F 232 -12.20 1.09 -62.88
C ALA F 232 -12.00 2.20 -61.86
N ASP F 233 -13.02 3.02 -61.62
CA ASP F 233 -12.86 4.13 -60.69
C ASP F 233 -12.43 3.65 -59.32
N SER F 234 -12.92 2.48 -58.89
CA SER F 234 -12.46 1.89 -57.65
C SER F 234 -11.01 1.43 -57.75
N GLY F 235 -10.44 1.40 -58.94
CA GLY F 235 -9.04 1.03 -59.10
C GLY F 235 -8.76 -0.42 -58.81
N LYS F 236 -9.63 -1.32 -59.24
CA LYS F 236 -9.37 -2.75 -59.15
C LYS F 236 -8.88 -3.35 -60.45
N HIS F 237 -8.65 -2.55 -61.49
CA HIS F 237 -8.20 -3.05 -62.78
C HIS F 237 -6.69 -3.06 -62.79
N SER F 238 -6.12 -4.02 -62.09
CA SER F 238 -4.67 -4.15 -61.96
C SER F 238 -4.26 -5.41 -62.71
N TYR F 239 -4.04 -5.27 -64.01
CA TYR F 239 -3.51 -6.35 -64.84
C TYR F 239 -2.21 -5.88 -65.44
N VAL F 240 -1.17 -6.71 -65.34
CA VAL F 240 0.16 -6.30 -65.77
C VAL F 240 0.23 -6.32 -67.29
N LEU F 241 0.55 -5.18 -67.89
CA LEU F 241 0.67 -5.07 -69.33
C LEU F 241 2.10 -4.79 -69.76
N PHE F 242 2.70 -3.71 -69.27
CA PHE F 242 4.04 -3.30 -69.67
C PHE F 242 4.90 -3.07 -68.44
N ALA F 243 6.21 -3.10 -68.63
CA ALA F 243 7.18 -2.85 -67.58
C ALA F 243 8.02 -1.64 -67.96
N VAL F 244 8.18 -0.72 -67.01
CA VAL F 244 8.92 0.51 -67.23
C VAL F 244 10.35 0.31 -66.75
N LEU F 245 11.32 0.65 -67.61
CA LEU F 245 12.72 0.41 -67.33
C LEU F 245 13.38 1.67 -66.78
N GLY F 246 14.30 1.49 -65.85
CA GLY F 246 15.05 2.60 -65.29
C GLY F 246 16.53 2.28 -65.24
N LYS F 247 17.34 3.33 -65.34
CA LYS F 247 18.78 3.19 -65.40
C LYS F 247 19.38 3.21 -64.01
N TYR F 248 20.31 2.28 -63.75
CA TYR F 248 20.89 2.17 -62.42
C TYR F 248 21.64 3.43 -62.01
N ARG F 249 22.05 4.25 -62.97
CA ARG F 249 22.79 5.45 -62.62
C ARG F 249 21.93 6.46 -61.87
N ASN F 250 20.66 6.56 -62.25
CA ASN F 250 19.76 7.53 -61.64
C ASN F 250 19.41 7.20 -60.20
N LEU F 251 19.74 6.00 -59.72
CA LEU F 251 19.50 5.65 -58.33
C LEU F 251 20.36 6.51 -57.42
N SER F 252 19.76 7.08 -56.38
CA SER F 252 20.53 7.85 -55.41
C SER F 252 21.55 6.96 -54.70
N ASN F 253 21.12 5.76 -54.28
CA ASN F 253 21.96 4.87 -53.51
C ASN F 253 23.09 4.28 -54.35
N PHE F 254 23.03 4.44 -55.66
CA PHE F 254 24.08 3.94 -56.55
C PHE F 254 25.31 4.82 -56.37
N GLU F 255 26.35 4.26 -55.75
CA GLU F 255 27.66 4.89 -55.67
C GLU F 255 28.60 4.34 -56.72
N SER F 256 28.09 4.06 -57.91
CA SER F 256 28.89 3.54 -59.01
C SER F 256 29.52 2.20 -58.64
N TYR F 257 28.64 1.24 -58.35
CA TYR F 257 29.10 -0.13 -58.12
C TYR F 257 29.76 -0.71 -59.36
N PHE F 258 29.41 -0.19 -60.53
CA PHE F 258 30.00 -0.65 -61.78
C PHE F 258 29.71 0.40 -62.85
N ALA F 259 30.15 0.11 -64.07
CA ALA F 259 29.91 1.01 -65.19
C ALA F 259 28.96 0.34 -66.16
N PRO F 260 27.67 0.64 -66.14
CA PRO F 260 26.74 -0.05 -67.04
C PRO F 260 27.07 0.23 -68.49
N PHE F 261 26.89 -0.79 -69.33
CA PHE F 261 27.07 -0.61 -70.75
C PHE F 261 25.87 0.11 -71.36
N ASP F 262 26.09 0.70 -72.55
CA ASP F 262 25.01 1.34 -73.34
C ASP F 262 24.91 0.49 -74.61
N TYR F 263 23.94 -0.42 -74.69
CA TYR F 263 23.83 -1.38 -75.77
C TYR F 263 23.09 -0.83 -76.99
N GLN F 264 22.70 0.43 -76.98
CA GLN F 264 21.96 0.98 -78.11
C GLN F 264 22.74 0.81 -79.41
N MET F 265 24.00 1.22 -79.41
CA MET F 265 24.81 1.08 -80.61
C MET F 265 25.18 -0.38 -80.87
N ALA F 266 25.51 -1.13 -79.83
CA ALA F 266 25.89 -2.52 -80.01
C ALA F 266 24.76 -3.33 -80.63
N SER F 267 23.53 -3.13 -80.16
CA SER F 267 22.40 -3.83 -80.74
C SER F 267 22.20 -3.42 -82.20
N LEU F 268 22.35 -2.14 -82.50
CA LEU F 268 22.20 -1.69 -83.87
C LEU F 268 23.23 -2.35 -84.78
N ARG F 269 24.48 -2.39 -84.36
CA ARG F 269 25.52 -3.01 -85.19
C ARG F 269 25.26 -4.49 -85.37
N SER F 270 24.86 -5.19 -84.32
CA SER F 270 24.71 -6.64 -84.36
C SER F 270 23.26 -7.03 -84.61
N TRP F 271 22.71 -6.55 -85.72
CA TRP F 271 21.38 -6.98 -86.15
C TRP F 271 21.43 -8.10 -87.18
N ALA F 272 22.40 -8.07 -88.09
CA ALA F 272 22.52 -9.16 -89.05
C ALA F 272 22.72 -10.50 -88.35
N LEU F 273 23.31 -10.49 -87.16
CA LEU F 273 23.50 -11.73 -86.41
C LEU F 273 22.20 -12.18 -85.75
N PHE F 274 21.41 -11.24 -85.24
CA PHE F 274 20.18 -11.61 -84.55
C PHE F 274 19.21 -12.30 -85.49
N ASN F 275 19.10 -11.81 -86.72
CA ASN F 275 18.22 -12.49 -87.68
C ASN F 275 18.72 -13.89 -88.00
N ASP F 276 20.03 -14.05 -88.18
CA ASP F 276 20.57 -15.37 -88.49
C ASP F 276 20.29 -16.36 -87.36
N PHE F 277 20.11 -15.86 -86.14
CA PHE F 277 19.76 -16.74 -85.02
C PHE F 277 18.39 -17.38 -85.24
N THR F 278 17.37 -16.55 -85.51
CA THR F 278 16.04 -17.10 -85.70
C THR F 278 15.99 -18.05 -86.88
N LEU F 279 16.67 -17.69 -87.97
CA LEU F 279 16.67 -18.56 -89.15
C LEU F 279 17.31 -19.90 -88.83
N TYR F 280 18.43 -19.91 -88.11
CA TYR F 280 19.11 -21.16 -87.81
C TYR F 280 18.27 -22.04 -86.89
N LYS F 281 17.62 -21.44 -85.89
CA LYS F 281 16.73 -22.20 -85.03
C LYS F 281 15.58 -22.80 -85.82
N ALA F 282 15.02 -22.03 -86.76
CA ALA F 282 13.92 -22.54 -87.56
C ALA F 282 14.34 -23.74 -88.39
N ILE F 283 15.55 -23.68 -88.99
CA ILE F 283 15.97 -24.77 -89.87
C ILE F 283 16.45 -26.00 -89.12
N GLU F 284 16.55 -25.96 -87.80
CA GLU F 284 16.72 -27.19 -87.05
C GLU F 284 15.49 -28.07 -87.23
N THR F 285 14.30 -27.48 -87.13
CA THR F 285 13.07 -28.22 -87.36
C THR F 285 12.91 -28.63 -88.81
N MET F 286 13.53 -27.91 -89.75
CA MET F 286 13.58 -28.39 -91.13
C MET F 286 14.05 -29.84 -91.18
N ILE F 287 15.24 -30.10 -90.62
CA ILE F 287 15.83 -31.43 -90.75
C ILE F 287 15.03 -32.46 -89.96
N LYS F 288 14.66 -32.12 -88.72
CA LYS F 288 13.98 -33.10 -87.88
C LYS F 288 12.63 -33.49 -88.46
N ALA F 289 11.89 -32.52 -89.00
CA ALA F 289 10.53 -32.81 -89.45
C ALA F 289 10.52 -33.82 -90.60
N VAL F 290 11.41 -33.67 -91.57
CA VAL F 290 11.38 -34.50 -92.78
C VAL F 290 11.85 -35.91 -92.46
N PRO F 291 11.23 -36.94 -93.02
CA PRO F 291 11.58 -38.31 -92.64
C PRO F 291 12.88 -38.78 -93.29
N GLU F 292 13.28 -39.99 -92.91
CA GLU F 292 14.52 -40.57 -93.38
C GLU F 292 14.40 -41.00 -94.85
N SER F 293 13.22 -41.46 -95.25
CA SER F 293 13.04 -42.06 -96.58
C SER F 293 13.10 -41.06 -97.71
N LYS F 294 13.47 -39.81 -97.45
CA LYS F 294 13.54 -38.78 -98.48
C LYS F 294 14.80 -37.96 -98.33
N PHE F 295 15.86 -38.63 -97.87
CA PHE F 295 17.20 -37.98 -97.76
C PHE F 295 18.06 -38.64 -98.81
N LYS F 296 18.93 -37.86 -99.47
CA LYS F 296 19.73 -38.40 -100.55
C LYS F 296 20.73 -39.43 -100.06
N ASP F 297 21.50 -39.09 -99.01
CA ASP F 297 22.55 -39.98 -98.54
C ASP F 297 22.03 -41.09 -97.64
N GLY F 298 20.78 -41.03 -97.21
CA GLY F 298 20.20 -42.08 -96.41
C GLY F 298 20.45 -41.91 -94.92
N PRO F 299 20.87 -42.98 -94.24
CA PRO F 299 20.91 -42.91 -92.77
C PRO F 299 21.85 -41.85 -92.22
N GLU F 300 23.12 -41.89 -92.61
CA GLU F 300 24.10 -40.98 -92.03
C GLU F 300 24.04 -39.61 -92.71
N ARG F 301 22.84 -39.06 -92.80
CA ARG F 301 22.67 -37.71 -93.32
C ARG F 301 21.84 -36.88 -92.33
N LYS F 302 20.94 -37.54 -91.62
CA LYS F 302 20.15 -36.83 -90.62
C LYS F 302 21.02 -36.31 -89.49
N THR F 303 21.91 -37.15 -88.96
CA THR F 303 22.59 -36.77 -87.73
C THR F 303 23.64 -35.68 -87.97
N GLN F 304 24.46 -35.78 -89.02
CA GLN F 304 25.47 -34.75 -89.23
C GLN F 304 24.90 -33.52 -89.92
N LEU F 305 23.71 -33.60 -90.52
CA LEU F 305 23.01 -32.38 -90.86
C LEU F 305 22.42 -31.74 -89.62
N ILE F 306 21.83 -32.55 -88.73
CA ILE F 306 21.36 -32.02 -87.46
C ILE F 306 22.52 -31.51 -86.63
N LYS F 307 23.60 -32.28 -86.55
CA LYS F 307 24.73 -31.85 -85.74
C LYS F 307 25.43 -30.63 -86.34
N GLN F 308 25.54 -30.58 -87.67
CA GLN F 308 26.19 -29.43 -88.29
C GLN F 308 25.44 -28.14 -87.99
N ALA F 309 24.11 -28.19 -88.03
CA ALA F 309 23.31 -27.01 -87.72
C ALA F 309 23.49 -26.59 -86.27
N ILE F 310 23.43 -27.54 -85.34
CA ILE F 310 23.55 -27.21 -83.93
C ILE F 310 24.97 -26.75 -83.59
N ASN F 311 25.97 -27.37 -84.21
CA ASN F 311 27.34 -26.94 -83.93
C ASN F 311 27.55 -25.48 -84.28
N ILE F 312 27.00 -25.04 -85.43
CA ILE F 312 27.11 -23.64 -85.80
C ILE F 312 26.07 -22.79 -85.09
N PHE F 313 25.03 -23.40 -84.52
CA PHE F 313 24.16 -22.66 -83.61
C PHE F 313 24.90 -22.25 -82.35
N GLU F 314 25.84 -23.09 -81.90
CA GLU F 314 26.68 -22.72 -80.78
C GLU F 314 27.54 -21.50 -81.10
N THR F 315 28.09 -21.46 -82.31
CA THR F 315 29.02 -20.40 -82.65
C THR F 315 28.36 -19.03 -82.58
N ILE F 316 27.12 -18.92 -83.06
CA ILE F 316 26.45 -17.63 -83.02
C ILE F 316 25.85 -17.34 -81.65
N ARG F 317 25.45 -18.36 -80.90
CA ARG F 317 24.92 -18.13 -79.57
C ARG F 317 26.02 -17.66 -78.63
N ASP F 318 27.22 -18.24 -78.74
CA ASP F 318 28.33 -17.80 -77.91
C ASP F 318 28.84 -16.43 -78.35
N ARG F 319 28.67 -16.08 -79.62
CA ARG F 319 29.00 -14.73 -80.05
C ARG F 319 28.08 -13.72 -79.37
N VAL F 320 26.79 -14.05 -79.26
CA VAL F 320 25.86 -13.19 -78.55
C VAL F 320 26.25 -13.10 -77.08
N ILE F 321 26.57 -14.22 -76.46
CA ILE F 321 26.97 -14.21 -75.06
C ILE F 321 28.27 -13.42 -74.90
N LEU F 322 29.12 -13.42 -75.93
CA LEU F 322 30.34 -12.63 -75.87
C LEU F 322 30.04 -11.13 -75.93
N ILE F 323 29.03 -10.74 -76.71
CA ILE F 323 28.68 -9.32 -76.77
C ILE F 323 28.23 -8.83 -75.40
N SER F 324 27.66 -9.70 -74.57
CA SER F 324 27.31 -9.30 -73.22
C SER F 324 28.54 -8.87 -72.44
N GLU F 325 29.63 -9.65 -72.52
CA GLU F 325 30.85 -9.28 -71.82
C GLU F 325 31.56 -8.13 -72.51
N HIS F 326 31.59 -8.14 -73.84
CA HIS F 326 32.33 -7.14 -74.61
C HIS F 326 31.44 -6.59 -75.72
N PRO F 327 30.61 -5.57 -75.43
CA PRO F 327 29.85 -4.94 -76.51
C PRO F 327 30.72 -4.24 -77.53
N GLU F 328 31.93 -3.86 -77.17
CA GLU F 328 32.86 -3.32 -78.15
C GLU F 328 33.22 -4.35 -79.21
N ALA F 329 33.06 -5.64 -78.90
CA ALA F 329 33.33 -6.69 -79.87
C ALA F 329 32.28 -6.78 -80.97
N ALA F 330 31.33 -5.84 -81.01
CA ALA F 330 30.35 -5.83 -82.10
C ALA F 330 30.98 -5.52 -83.44
N LYS F 331 32.17 -4.92 -83.45
CA LYS F 331 32.82 -4.57 -84.71
C LYS F 331 33.15 -5.80 -85.53
N GLU F 332 33.68 -6.85 -84.89
CA GLU F 332 34.16 -8.00 -85.63
C GLU F 332 33.05 -8.58 -86.49
N ASP F 333 33.39 -8.91 -87.73
CA ASP F 333 32.42 -9.48 -88.64
C ASP F 333 32.12 -10.92 -88.25
N PRO F 334 30.98 -11.45 -88.70
CA PRO F 334 30.66 -12.86 -88.41
C PRO F 334 31.71 -13.78 -88.98
N ASP F 335 31.97 -14.88 -88.27
CA ASP F 335 32.91 -15.91 -88.71
C ASP F 335 32.23 -17.26 -88.87
N HIS F 336 30.94 -17.24 -89.20
CA HIS F 336 30.14 -18.45 -89.28
C HIS F 336 29.47 -18.53 -90.65
N MET F 337 29.15 -19.74 -91.06
CA MET F 337 28.54 -19.96 -92.36
C MET F 337 27.18 -19.28 -92.42
N LYS F 338 26.85 -18.75 -93.59
CA LYS F 338 25.60 -18.02 -93.76
C LYS F 338 24.42 -18.99 -93.64
N PRO F 339 23.28 -18.53 -93.13
CA PRO F 339 22.07 -19.38 -93.21
C PRO F 339 21.68 -19.72 -94.63
N GLY F 340 21.89 -18.81 -95.57
CA GLY F 340 21.57 -19.11 -96.95
C GLY F 340 22.41 -20.25 -97.49
N ASP F 341 23.72 -20.21 -97.26
CA ASP F 341 24.58 -21.28 -97.77
C ASP F 341 24.26 -22.61 -97.09
N PHE F 342 24.08 -22.59 -95.77
CA PHE F 342 23.73 -23.83 -95.08
C PHE F 342 22.34 -24.30 -95.49
N ARG F 343 21.40 -23.37 -95.68
CA ARG F 343 20.08 -23.77 -96.16
C ARG F 343 20.21 -24.44 -97.52
N LEU F 344 21.00 -23.85 -98.43
CA LEU F 344 21.27 -24.48 -99.71
C LEU F 344 21.75 -25.91 -99.52
N GLU F 345 22.67 -26.12 -98.57
CA GLU F 345 23.15 -27.47 -98.31
C GLU F 345 22.01 -28.39 -97.89
N VAL F 346 21.03 -27.87 -97.15
CA VAL F 346 19.91 -28.69 -96.72
C VAL F 346 19.13 -29.21 -97.92
N LEU F 347 18.75 -28.31 -98.84
CA LEU F 347 17.91 -28.72 -99.97
C LEU F 347 18.68 -29.53 -101.00
N ASN F 348 20.00 -29.38 -101.09
CA ASN F 348 20.76 -30.14 -102.07
C ASN F 348 20.70 -31.63 -101.78
N SER F 349 20.60 -32.01 -100.50
CA SER F 349 20.64 -33.41 -100.08
C SER F 349 19.24 -33.97 -99.90
N ILE F 350 18.30 -33.54 -100.73
CA ILE F 350 16.90 -33.95 -100.62
C ILE F 350 16.47 -34.59 -101.94
N GLN F 351 15.91 -35.80 -101.84
CA GLN F 351 15.37 -36.48 -103.01
C GLN F 351 14.15 -35.73 -103.53
N THR F 352 13.86 -35.93 -104.82
CA THR F 352 12.83 -35.19 -105.51
C THR F 352 11.99 -36.14 -106.35
N LYS F 353 10.82 -35.65 -106.76
CA LYS F 353 9.90 -36.43 -107.59
C LYS F 353 9.81 -35.81 -108.97
N LEU F 354 9.88 -36.66 -109.99
CA LEU F 354 9.94 -36.21 -111.38
C LEU F 354 8.52 -36.08 -111.93
N PHE F 355 7.85 -35.00 -111.53
CA PHE F 355 6.49 -34.76 -112.01
C PHE F 355 6.58 -34.40 -113.48
N HIS F 356 6.43 -35.41 -114.35
CA HIS F 356 6.50 -35.20 -115.83
C HIS F 356 5.09 -34.85 -116.32
N ALA F 357 4.81 -33.56 -116.49
CA ALA F 357 3.50 -33.13 -116.95
C ALA F 357 3.24 -33.65 -118.35
N GLN F 358 2.00 -34.08 -118.60
CA GLN F 358 1.63 -34.68 -119.87
C GLN F 358 0.37 -34.00 -120.39
N SER F 359 0.31 -33.79 -121.70
CA SER F 359 -0.80 -33.08 -122.32
C SER F 359 -1.83 -34.10 -122.80
N GLN F 360 -2.93 -34.20 -122.06
CA GLN F 360 -4.00 -35.12 -122.44
C GLN F 360 -4.69 -34.65 -123.71
N PRO F 361 -4.88 -35.56 -124.69
CA PRO F 361 -5.64 -35.18 -125.89
C PRO F 361 -7.14 -35.40 -125.72
N ILE F 362 -7.92 -34.36 -125.96
CA ILE F 362 -9.38 -34.44 -125.83
C ILE F 362 -10.00 -34.22 -127.22
N PRO F 363 -11.01 -34.99 -127.61
CA PRO F 363 -11.62 -34.77 -128.92
C PRO F 363 -12.21 -33.37 -129.04
N ASN F 364 -12.36 -32.92 -130.28
CA ASN F 364 -12.89 -31.59 -130.58
C ASN F 364 -11.90 -30.50 -130.16
N THR F 365 -10.61 -30.75 -130.40
CA THR F 365 -9.55 -29.81 -130.10
C THR F 365 -8.46 -29.92 -131.17
N ASP F 366 -8.10 -28.79 -131.77
CA ASP F 366 -7.08 -28.74 -132.80
C ASP F 366 -5.97 -27.80 -132.33
N ASP F 367 -4.74 -28.31 -132.28
CA ASP F 367 -3.58 -27.56 -131.80
C ASP F 367 -3.74 -27.12 -130.35
N TYR F 368 -4.73 -27.67 -129.64
CA TYR F 368 -5.00 -27.34 -128.24
C TYR F 368 -5.07 -28.65 -127.48
N TRP F 369 -4.25 -28.77 -126.44
CA TRP F 369 -4.17 -29.98 -125.63
C TRP F 369 -4.69 -29.69 -124.23
N THR F 370 -4.59 -30.68 -123.35
CA THR F 370 -4.99 -30.53 -121.95
C THR F 370 -3.84 -31.02 -121.08
N ASP F 371 -3.15 -30.08 -120.43
CA ASP F 371 -1.96 -30.37 -119.63
C ASP F 371 -2.40 -30.93 -118.28
N VAL F 372 -1.99 -32.17 -117.99
CA VAL F 372 -2.24 -32.79 -116.70
C VAL F 372 -0.89 -33.09 -116.07
N ILE F 373 -0.68 -32.57 -114.86
CA ILE F 373 0.60 -32.74 -114.15
C ILE F 373 0.44 -33.99 -113.29
N LEU F 374 0.66 -35.15 -113.90
CA LEU F 374 0.60 -36.43 -113.21
C LEU F 374 1.91 -37.18 -113.40
N THR F 375 2.38 -37.81 -112.33
CA THR F 375 3.63 -38.56 -112.37
C THR F 375 3.52 -39.86 -113.15
N THR F 376 2.30 -40.36 -113.38
CA THR F 376 2.12 -41.61 -114.09
C THR F 376 2.14 -41.36 -115.59
N LYS F 377 2.93 -42.17 -116.31
CA LYS F 377 3.00 -42.04 -117.76
C LYS F 377 1.66 -42.38 -118.38
N GLY F 378 1.24 -41.56 -119.35
CA GLY F 378 -0.03 -41.77 -120.03
C GLY F 378 0.15 -42.18 -121.48
N SER F 379 -0.92 -42.64 -122.10
CA SER F 379 -0.91 -43.06 -123.50
C SER F 379 -1.51 -41.97 -124.36
N GLY F 380 -0.74 -41.47 -125.33
CA GLY F 380 -1.21 -40.43 -126.22
C GLY F 380 -1.13 -39.03 -125.66
N ASN F 381 -0.61 -38.92 -124.43
CA ASN F 381 -0.48 -37.58 -123.76
C ASN F 381 0.93 -37.04 -124.02
N GLN F 382 1.04 -35.81 -124.51
CA GLN F 382 2.34 -35.24 -124.84
C GLN F 382 3.05 -34.80 -123.57
N PRO F 383 4.22 -35.34 -123.24
CA PRO F 383 4.97 -34.85 -122.07
C PRO F 383 5.52 -33.45 -122.32
N LEU F 384 5.43 -32.60 -121.30
CA LEU F 384 5.91 -31.23 -121.38
C LEU F 384 7.33 -31.08 -120.86
N PHE F 385 7.55 -31.37 -119.58
CA PHE F 385 8.88 -31.32 -118.99
C PHE F 385 8.92 -32.28 -117.80
N THR F 386 10.11 -32.77 -117.50
CA THR F 386 10.34 -33.64 -116.36
C THR F 386 11.34 -32.97 -115.43
N PHE F 387 10.92 -32.74 -114.19
CA PHE F 387 11.67 -31.93 -113.24
C PHE F 387 11.61 -32.51 -111.84
N PRO F 388 12.68 -32.35 -111.06
CA PRO F 388 12.60 -32.72 -109.64
C PRO F 388 11.56 -31.87 -108.93
N ALA F 389 10.84 -32.49 -107.99
CA ALA F 389 9.85 -31.79 -107.19
C ALA F 389 9.81 -32.39 -105.79
N PHE F 390 9.10 -31.71 -104.90
CA PHE F 390 9.02 -32.09 -103.49
C PHE F 390 7.65 -32.68 -103.23
N ASP F 391 7.64 -33.94 -102.79
CA ASP F 391 6.41 -34.69 -102.56
C ASP F 391 6.03 -34.79 -101.09
N PHE F 392 6.59 -33.93 -100.26
CA PHE F 392 6.32 -33.97 -98.83
C PHE F 392 6.54 -32.58 -98.25
N GLY F 393 5.73 -32.25 -97.24
CA GLY F 393 5.82 -30.95 -96.62
C GLY F 393 7.01 -30.88 -95.70
N ASP F 394 6.85 -30.25 -94.53
CA ASP F 394 7.88 -30.18 -93.52
C ASP F 394 9.13 -29.44 -93.98
N LEU F 395 9.10 -28.83 -95.17
CA LEU F 395 10.19 -28.01 -95.66
C LEU F 395 9.66 -26.59 -95.78
N ILE F 396 10.06 -25.72 -94.85
CA ILE F 396 9.51 -24.37 -94.83
C ILE F 396 9.87 -23.68 -96.14
N GLY F 397 9.06 -22.70 -96.51
CA GLY F 397 9.23 -22.01 -97.77
C GLY F 397 8.59 -22.70 -98.96
N THR F 398 7.76 -23.71 -98.72
CA THR F 398 7.12 -24.51 -99.80
C THR F 398 5.62 -24.57 -99.63
N GLU F 399 4.87 -24.62 -100.73
CA GLU F 399 3.43 -24.73 -100.73
C GLU F 399 3.00 -25.76 -101.78
N VAL F 400 1.81 -26.32 -101.57
CA VAL F 400 1.31 -27.43 -102.37
C VAL F 400 0.34 -26.92 -103.41
N VAL F 401 0.36 -27.57 -104.58
CA VAL F 401 -0.57 -27.30 -105.67
C VAL F 401 -1.39 -28.57 -105.88
N SER F 402 -2.54 -28.63 -105.25
CA SER F 402 -3.37 -29.84 -105.23
C SER F 402 -4.51 -29.66 -106.20
N PHE F 403 -4.43 -30.35 -107.34
CA PHE F 403 -5.51 -30.29 -108.31
C PHE F 403 -6.80 -30.78 -107.70
N GLY F 404 -7.89 -30.09 -107.98
CA GLY F 404 -9.21 -30.50 -107.55
C GLY F 404 -10.02 -31.05 -108.70
N LYS F 405 -10.24 -32.36 -108.71
CA LYS F 405 -11.06 -33.00 -109.74
C LYS F 405 -12.40 -33.38 -109.14
N LYS F 406 -13.47 -32.92 -109.76
CA LYS F 406 -14.81 -33.21 -109.27
C LYS F 406 -15.07 -34.71 -109.34
N LYS F 407 -15.27 -35.34 -108.18
CA LYS F 407 -15.74 -36.72 -108.17
C LYS F 407 -17.18 -36.81 -108.66
N ASN F 408 -17.97 -35.78 -108.41
CA ASN F 408 -19.33 -35.70 -108.89
C ASN F 408 -19.40 -35.25 -110.34
N GLY F 409 -18.26 -34.90 -110.94
CA GLY F 409 -18.22 -34.45 -112.32
C GLY F 409 -16.87 -34.68 -112.95
N GLU F 410 -16.42 -33.73 -113.78
CA GLU F 410 -15.13 -33.88 -114.43
C GLU F 410 -14.35 -32.56 -114.45
N GLU F 411 -14.80 -31.54 -113.73
CA GLU F 411 -14.11 -30.26 -113.73
C GLU F 411 -12.67 -30.43 -113.25
N TYR F 412 -11.74 -29.79 -113.96
CA TYR F 412 -10.34 -29.74 -113.58
C TYR F 412 -10.08 -28.47 -112.78
N ASN F 413 -9.54 -28.63 -111.57
CA ASN F 413 -9.21 -27.48 -110.73
C ASN F 413 -7.74 -27.53 -110.32
N CYS F 414 -7.24 -26.37 -109.90
CA CYS F 414 -5.85 -26.21 -109.50
C CYS F 414 -5.81 -25.20 -108.36
N LEU F 415 -5.72 -25.68 -107.13
CA LEU F 415 -5.74 -24.84 -105.94
C LEU F 415 -4.43 -25.01 -105.19
N ILE F 416 -3.76 -23.89 -104.89
CA ILE F 416 -2.51 -23.91 -104.16
C ILE F 416 -2.81 -23.85 -102.66
N GLY F 417 -2.20 -24.76 -101.90
CA GLY F 417 -2.41 -24.75 -100.48
C GLY F 417 -3.85 -24.97 -100.07
N GLU F 418 -4.68 -25.48 -100.98
CA GLU F 418 -6.09 -25.75 -100.69
C GLU F 418 -6.42 -27.12 -101.28
N ARG F 419 -6.52 -28.12 -100.40
CA ARG F 419 -6.77 -29.47 -100.85
C ARG F 419 -8.25 -29.67 -101.18
N VAL F 420 -8.58 -30.90 -101.58
CA VAL F 420 -9.98 -31.25 -101.78
C VAL F 420 -10.74 -31.32 -100.46
N THR F 421 -10.04 -31.55 -99.34
CA THR F 421 -10.73 -31.76 -98.07
C THR F 421 -11.60 -30.58 -97.69
N SER F 422 -11.29 -29.38 -98.17
CA SER F 422 -12.15 -28.22 -97.88
C SER F 422 -13.54 -28.43 -98.46
N LEU F 423 -13.62 -28.96 -99.68
CA LEU F 423 -14.88 -29.25 -100.33
C LEU F 423 -15.20 -30.74 -100.16
N ASP F 424 -16.27 -31.20 -100.81
CA ASP F 424 -16.72 -32.58 -100.73
C ASP F 424 -16.86 -33.17 -102.13
N ASP F 425 -16.45 -34.42 -102.28
CA ASP F 425 -16.50 -35.12 -103.56
C ASP F 425 -15.66 -34.41 -104.62
N TYR F 426 -14.34 -34.39 -104.34
CA TYR F 426 -13.35 -33.80 -105.26
C TYR F 426 -12.16 -34.75 -105.21
N LYS F 427 -11.22 -34.66 -106.16
CA LYS F 427 -10.11 -35.64 -106.21
C LYS F 427 -8.76 -34.93 -106.42
N GLU F 428 -7.72 -35.37 -105.71
CA GLU F 428 -6.38 -34.75 -105.85
C GLU F 428 -5.64 -35.39 -107.04
N LEU F 429 -5.89 -34.90 -108.25
CA LEU F 429 -5.12 -35.42 -109.42
C LEU F 429 -3.64 -35.46 -109.02
N SER F 430 -3.14 -34.36 -108.45
CA SER F 430 -1.73 -34.28 -108.09
C SER F 430 -1.55 -33.23 -106.99
N TYR F 431 -0.79 -33.60 -105.97
CA TYR F 431 -0.41 -32.67 -104.91
C TYR F 431 1.08 -32.83 -104.63
N PHE F 432 1.78 -31.71 -104.56
CA PHE F 432 3.22 -31.73 -104.31
C PHE F 432 3.69 -30.34 -103.91
N TRP F 433 4.40 -30.24 -102.79
CA TRP F 433 4.84 -28.95 -102.30
C TRP F 433 5.92 -28.37 -103.21
N VAL F 434 5.89 -27.05 -103.39
CA VAL F 434 6.84 -26.36 -104.25
C VAL F 434 7.17 -24.99 -103.65
N PHE F 435 8.23 -24.37 -104.17
CA PHE F 435 8.58 -23.01 -103.76
C PHE F 435 7.74 -22.01 -104.54
N PRO F 436 6.86 -21.24 -103.91
CA PRO F 436 6.15 -20.19 -104.65
C PRO F 436 7.06 -19.08 -105.13
N ASP F 437 8.25 -18.93 -104.57
CA ASP F 437 9.18 -17.89 -104.96
C ASP F 437 10.54 -18.51 -105.28
N SER F 438 11.41 -17.71 -105.85
CA SER F 438 12.73 -18.20 -106.26
C SER F 438 13.67 -18.23 -105.07
N VAL F 439 14.75 -18.97 -105.22
CA VAL F 439 15.81 -19.05 -104.22
C VAL F 439 17.13 -18.87 -104.93
N GLN F 440 18.14 -18.43 -104.18
CA GLN F 440 19.46 -18.19 -104.76
C GLN F 440 20.01 -19.48 -105.37
N LYS F 441 20.14 -19.49 -106.68
CA LYS F 441 20.86 -20.51 -107.45
C LYS F 441 20.30 -21.91 -107.26
N PHE F 442 19.08 -22.07 -106.76
CA PHE F 442 18.43 -23.37 -106.70
C PHE F 442 17.15 -23.42 -107.53
N ALA F 443 16.20 -22.54 -107.26
CA ALA F 443 14.89 -22.56 -107.89
C ALA F 443 14.78 -21.37 -108.83
N MET F 444 15.15 -21.59 -110.10
CA MET F 444 15.18 -20.52 -111.08
C MET F 444 14.23 -20.74 -112.25
N GLU F 445 13.82 -21.97 -112.53
CA GLU F 445 12.90 -22.24 -113.62
C GLU F 445 11.46 -22.11 -113.11
N MET F 446 10.58 -21.69 -114.01
CA MET F 446 9.26 -21.20 -113.65
C MET F 446 8.16 -22.11 -114.19
N TYR F 447 7.03 -22.14 -113.48
CA TYR F 447 5.80 -22.78 -113.94
C TYR F 447 4.62 -21.89 -113.59
N GLY F 448 3.69 -21.78 -114.53
CA GLY F 448 2.52 -20.94 -114.34
C GLY F 448 1.25 -21.71 -114.67
N VAL F 449 0.17 -21.33 -113.99
CA VAL F 449 -1.13 -21.99 -114.12
C VAL F 449 -2.09 -21.03 -114.80
N SER F 450 -2.80 -21.55 -115.80
CA SER F 450 -3.87 -20.82 -116.48
C SER F 450 -5.01 -21.78 -116.77
N LYS F 451 -6.24 -21.28 -116.68
CA LYS F 451 -7.44 -22.08 -116.85
C LYS F 451 -8.44 -21.35 -117.74
N VAL F 452 -9.16 -22.10 -118.56
CA VAL F 452 -10.17 -21.52 -119.44
C VAL F 452 -11.53 -21.59 -118.75
N PRO F 453 -12.20 -20.46 -118.51
CA PRO F 453 -13.47 -20.53 -117.78
C PRO F 453 -14.52 -21.40 -118.45
N THR F 454 -14.61 -21.36 -119.77
CA THR F 454 -15.65 -22.10 -120.47
C THR F 454 -15.46 -23.61 -120.30
N ARG F 455 -14.23 -24.07 -120.43
CA ARG F 455 -13.89 -25.49 -120.31
C ARG F 455 -12.65 -25.63 -119.45
N ASN F 456 -12.70 -26.57 -118.51
CA ASN F 456 -11.61 -26.72 -117.55
C ASN F 456 -10.45 -27.47 -118.17
N TYR F 457 -9.89 -26.92 -119.25
CA TYR F 457 -8.69 -27.48 -119.86
C TYR F 457 -7.50 -26.85 -119.16
N MET F 458 -6.90 -27.59 -118.24
CA MET F 458 -5.75 -27.08 -117.50
C MET F 458 -4.69 -26.58 -118.48
N ARG F 459 -4.31 -25.31 -118.31
CA ARG F 459 -3.31 -24.67 -119.16
C ARG F 459 -2.17 -24.24 -118.24
N VAL F 460 -1.27 -25.17 -117.97
CA VAL F 460 -0.07 -24.92 -117.18
C VAL F 460 1.10 -24.87 -118.14
N TYR F 461 1.90 -23.80 -118.05
CA TYR F 461 2.98 -23.57 -119.01
C TYR F 461 4.14 -22.90 -118.30
N ALA F 462 5.28 -22.89 -118.98
CA ALA F 462 6.47 -22.22 -118.48
C ALA F 462 6.28 -20.71 -118.62
N ALA F 463 5.85 -20.06 -117.55
CA ALA F 463 5.51 -18.64 -117.57
C ALA F 463 6.79 -17.80 -117.50
N ASP F 464 6.58 -16.49 -117.42
CA ASP F 464 7.72 -15.54 -117.37
C ASP F 464 7.42 -14.48 -116.32
N GLN F 465 8.40 -13.66 -115.95
CA GLN F 465 8.17 -12.58 -115.00
C GLN F 465 7.14 -11.60 -115.53
N SER F 466 7.05 -11.50 -116.85
CA SER F 466 6.06 -10.58 -117.49
C SER F 466 4.67 -11.22 -117.44
N ASP F 467 4.57 -12.54 -117.54
CA ASP F 467 3.26 -13.22 -117.40
C ASP F 467 2.64 -12.77 -116.08
N ILE F 468 3.46 -12.64 -115.04
CA ILE F 468 2.96 -12.13 -113.73
C ILE F 468 2.50 -10.68 -113.94
N GLU F 469 3.39 -9.82 -114.45
CA GLU F 469 3.06 -8.38 -114.66
C GLU F 469 1.69 -8.27 -115.35
N ASN F 470 1.54 -8.86 -116.54
CA ASN F 470 0.24 -8.83 -117.26
C ASN F 470 -0.38 -10.24 -117.22
N PRO F 471 -1.24 -10.55 -116.24
CA PRO F 471 -1.81 -11.93 -116.09
C PRO F 471 -2.99 -12.17 -117.01
N ARG F 472 -3.10 -13.40 -117.53
CA ARG F 472 -4.23 -13.77 -118.36
C ARG F 472 -5.45 -14.07 -117.49
N PRO F 473 -6.65 -14.08 -118.07
CA PRO F 473 -7.84 -14.36 -117.27
C PRO F 473 -7.76 -15.72 -116.59
N TYR F 474 -8.24 -15.80 -115.35
CA TYR F 474 -8.31 -17.12 -114.64
C TYR F 474 -6.92 -17.75 -114.47
N GLN F 475 -5.85 -16.95 -114.49
CA GLN F 475 -4.52 -17.50 -114.23
C GLN F 475 -4.32 -17.52 -112.72
N ARG F 476 -4.23 -18.72 -112.15
CA ARG F 476 -4.33 -18.84 -110.70
C ARG F 476 -3.02 -18.49 -110.00
N PHE F 477 -1.97 -19.26 -110.26
CA PHE F 477 -0.74 -19.13 -109.50
C PHE F 477 0.45 -19.54 -110.36
N TRP F 478 1.63 -19.07 -109.96
CA TRP F 478 2.88 -19.38 -110.63
C TRP F 478 3.92 -19.79 -109.59
N PHE F 479 4.77 -20.73 -109.95
CA PHE F 479 5.68 -21.34 -109.00
C PHE F 479 7.01 -21.66 -109.68
N TYR F 480 8.06 -21.67 -108.88
CA TYR F 480 9.41 -21.97 -109.34
C TYR F 480 9.82 -23.38 -108.91
N VAL F 481 10.47 -24.10 -109.82
CA VAL F 481 10.92 -25.46 -109.57
C VAL F 481 12.45 -25.48 -109.59
N PRO F 482 13.09 -26.36 -108.82
CA PRO F 482 14.56 -26.36 -108.79
C PRO F 482 15.18 -26.57 -110.15
N SER F 483 16.29 -25.88 -110.38
CA SER F 483 17.04 -25.98 -111.63
C SER F 483 18.07 -27.09 -111.52
N ALA F 484 18.06 -28.00 -112.49
CA ALA F 484 19.00 -29.12 -112.48
C ALA F 484 20.44 -28.68 -112.71
N ASN F 485 20.66 -27.43 -113.12
CA ASN F 485 22.01 -26.93 -113.38
C ASN F 485 22.82 -26.71 -112.11
N SER F 486 22.20 -26.80 -110.95
CA SER F 486 22.94 -26.58 -109.70
C SER F 486 24.02 -27.65 -109.56
N PRO F 487 25.23 -27.29 -109.14
CA PRO F 487 26.29 -28.30 -109.01
C PRO F 487 26.12 -29.09 -107.72
N PRO F 488 26.16 -30.43 -107.79
CA PRO F 488 26.03 -31.22 -106.56
C PRO F 488 27.35 -31.39 -105.82
N GLY G 2 12.16 -22.70 -72.33
CA GLY G 2 11.95 -23.23 -71.00
C GLY G 2 11.47 -22.18 -70.02
N GLU G 3 10.16 -21.90 -70.05
CA GLU G 3 9.58 -20.94 -69.13
C GLU G 3 8.34 -21.52 -68.44
N VAL G 4 7.69 -22.49 -69.08
CA VAL G 4 6.50 -23.12 -68.53
C VAL G 4 6.63 -24.63 -68.69
N VAL G 5 5.86 -25.36 -67.90
CA VAL G 5 5.86 -26.82 -67.94
C VAL G 5 4.49 -27.33 -67.50
N PRO G 6 3.93 -28.33 -68.16
CA PRO G 6 2.64 -28.86 -67.71
C PRO G 6 2.72 -29.41 -66.29
N TYR G 7 1.63 -29.24 -65.56
CA TYR G 7 1.59 -29.69 -64.16
C TYR G 7 1.82 -31.19 -64.07
N LYS G 8 2.67 -31.60 -63.14
CA LYS G 8 2.90 -33.00 -62.84
C LYS G 8 2.58 -33.24 -61.37
N ALA G 9 1.73 -34.22 -61.10
CA ALA G 9 1.23 -34.40 -59.74
C ALA G 9 2.39 -34.60 -58.78
N GLY G 10 2.23 -34.09 -57.56
CA GLY G 10 3.28 -34.12 -56.56
C GLY G 10 4.18 -32.91 -56.56
N MET G 11 4.06 -32.03 -57.55
CA MET G 11 4.91 -30.85 -57.60
C MET G 11 4.74 -30.02 -56.35
N GLN G 12 5.85 -29.57 -55.80
CA GLN G 12 5.85 -28.72 -54.62
C GLN G 12 6.51 -27.41 -54.99
N ARG G 13 5.86 -26.29 -54.65
CA ARG G 13 6.41 -24.98 -54.97
C ARG G 13 7.81 -24.85 -54.39
N GLY G 14 8.73 -24.34 -55.21
CA GLY G 14 10.09 -24.13 -54.76
C GLY G 14 10.90 -25.40 -54.72
N GLN G 15 11.06 -26.05 -55.88
CA GLN G 15 11.85 -27.26 -55.97
C GLN G 15 12.63 -27.25 -57.28
N GLY G 16 13.75 -27.96 -57.28
CA GLY G 16 14.56 -28.03 -58.48
C GLY G 16 13.87 -28.78 -59.59
N TYR G 17 14.27 -28.46 -60.82
CA TYR G 17 13.69 -29.08 -62.00
C TYR G 17 14.80 -29.31 -63.01
N ASN G 18 15.09 -30.57 -63.31
CA ASN G 18 16.08 -30.94 -64.32
C ASN G 18 15.41 -30.81 -65.68
N THR G 19 15.60 -29.67 -66.34
CA THR G 19 14.83 -29.37 -67.53
C THR G 19 15.08 -30.38 -68.65
N TYR G 20 16.26 -30.98 -68.70
CA TYR G 20 16.55 -31.99 -69.72
C TYR G 20 15.77 -33.27 -69.44
N LEU G 21 15.98 -33.88 -68.27
CA LEU G 21 15.27 -35.09 -67.91
C LEU G 21 13.81 -34.84 -67.56
N GLN G 22 13.40 -33.57 -67.44
CA GLN G 22 12.01 -33.22 -67.14
C GLN G 22 11.53 -33.91 -65.86
N SER G 23 12.44 -34.25 -64.98
CA SER G 23 12.11 -34.89 -63.72
C SER G 23 11.97 -33.84 -62.62
N LEU G 24 11.79 -34.30 -61.39
CA LEU G 24 11.67 -33.41 -60.23
C LEU G 24 12.90 -33.57 -59.35
N CYS G 25 13.32 -32.46 -58.76
CA CYS G 25 14.52 -32.46 -57.93
C CYS G 25 14.22 -31.89 -56.55
N VAL G 26 15.27 -31.61 -55.76
CA VAL G 26 15.11 -31.35 -54.34
C VAL G 26 13.98 -30.35 -54.11
N LYS G 27 13.19 -30.60 -53.06
CA LYS G 27 12.10 -29.72 -52.70
C LYS G 27 12.54 -28.76 -51.61
N ASP G 28 12.03 -27.53 -51.67
CA ASP G 28 12.29 -26.51 -50.66
C ASP G 28 13.69 -25.93 -50.79
N ALA G 29 14.24 -25.90 -51.99
CA ALA G 29 15.47 -25.17 -52.22
C ALA G 29 15.24 -23.67 -52.22
N VAL G 30 14.04 -23.24 -52.62
CA VAL G 30 13.68 -21.84 -52.70
C VAL G 30 12.46 -21.60 -51.84
N THR G 31 12.54 -20.62 -50.95
CA THR G 31 11.42 -20.21 -50.12
C THR G 31 10.86 -18.92 -50.68
N ILE G 32 9.56 -18.91 -50.97
CA ILE G 32 8.87 -17.74 -51.49
C ILE G 32 8.00 -17.18 -50.38
N GLU G 33 8.24 -15.93 -49.99
CA GLU G 33 7.46 -15.25 -48.98
C GLU G 33 6.37 -14.44 -49.67
N ARG G 34 5.12 -14.73 -49.32
CA ARG G 34 3.98 -13.96 -49.81
C ARG G 34 3.84 -12.72 -48.96
N HIS G 35 4.43 -11.62 -49.41
CA HIS G 35 4.36 -10.38 -48.63
C HIS G 35 2.92 -9.92 -48.47
N ASP G 36 2.13 -9.99 -49.55
CA ASP G 36 0.75 -9.54 -49.55
C ASP G 36 -0.16 -10.71 -49.90
N ASP G 37 -1.22 -10.88 -49.13
CA ASP G 37 -2.18 -11.96 -49.37
C ASP G 37 -3.27 -11.43 -50.29
N SER G 38 -3.11 -11.70 -51.59
CA SER G 38 -4.09 -11.27 -52.58
C SER G 38 -3.94 -12.11 -53.83
N ASN G 39 -5.06 -12.51 -54.41
CA ASN G 39 -5.00 -13.31 -55.62
C ASN G 39 -4.50 -12.45 -56.79
N PRO G 40 -3.76 -13.06 -57.72
CA PRO G 40 -3.16 -12.28 -58.79
C PRO G 40 -4.20 -11.87 -59.82
N PRO G 41 -3.87 -10.92 -60.70
CA PRO G 41 -4.80 -10.53 -61.76
C PRO G 41 -5.11 -11.70 -62.68
N PHE G 42 -6.34 -11.70 -63.22
CA PHE G 42 -6.83 -12.85 -63.97
C PHE G 42 -7.49 -12.39 -65.27
N LYS G 43 -7.55 -13.31 -66.23
CA LYS G 43 -8.13 -13.06 -67.53
C LYS G 43 -9.28 -14.05 -67.75
N LYS G 44 -10.42 -13.53 -68.19
CA LYS G 44 -11.63 -14.32 -68.34
C LYS G 44 -12.08 -14.39 -69.79
N GLU G 45 -12.74 -15.49 -70.13
CA GLU G 45 -13.40 -15.65 -71.41
C GLU G 45 -14.78 -16.27 -71.17
N TYR G 46 -15.70 -16.02 -72.10
CA TYR G 46 -17.06 -16.54 -71.97
C TYR G 46 -17.67 -16.63 -73.36
N TYR G 47 -17.71 -17.82 -73.93
CA TYR G 47 -18.38 -18.08 -75.20
C TYR G 47 -19.67 -18.84 -74.90
N SER G 48 -20.80 -18.30 -75.36
CA SER G 48 -22.11 -18.86 -75.05
C SER G 48 -22.95 -18.98 -76.31
N GLU G 49 -23.73 -20.05 -76.40
CA GLU G 49 -24.66 -20.28 -77.50
C GLU G 49 -25.99 -20.77 -76.93
N PHE G 50 -27.09 -20.25 -77.47
CA PHE G 50 -28.42 -20.69 -77.09
C PHE G 50 -29.20 -20.93 -78.38
N ILE G 51 -29.19 -22.17 -78.85
CA ILE G 51 -29.72 -22.47 -80.17
C ILE G 51 -31.24 -22.31 -80.17
N GLU G 52 -31.80 -22.15 -81.36
CA GLU G 52 -33.18 -21.74 -81.54
C GLU G 52 -34.13 -22.62 -80.76
N GLU G 53 -35.33 -22.09 -80.51
CA GLU G 53 -36.42 -22.85 -79.93
C GLU G 53 -37.28 -23.35 -81.08
N TYR G 54 -37.08 -24.62 -81.46
CA TYR G 54 -37.82 -25.19 -82.58
C TYR G 54 -39.27 -25.41 -82.14
N GLU G 55 -40.02 -24.30 -82.17
CA GLU G 55 -41.46 -24.36 -81.78
C GLU G 55 -42.30 -24.52 -83.04
N LYS G 56 -42.93 -25.68 -83.19
CA LYS G 56 -43.73 -25.99 -84.37
C LYS G 56 -45.05 -26.60 -83.91
N ILE G 57 -46.14 -25.86 -84.08
CA ILE G 57 -47.48 -26.37 -83.81
C ILE G 57 -48.14 -26.59 -85.17
N ALA G 58 -48.55 -27.82 -85.44
CA ALA G 58 -49.37 -28.15 -86.59
C ALA G 58 -50.65 -28.78 -86.07
N LYS G 59 -51.79 -28.23 -86.47
CA LYS G 59 -53.07 -28.62 -85.89
C LYS G 59 -54.08 -28.84 -87.00
N SER G 60 -55.00 -29.79 -86.78
CA SER G 60 -55.94 -30.21 -87.81
C SER G 60 -57.37 -30.00 -87.33
N MET G 61 -58.25 -29.59 -88.26
CA MET G 61 -59.70 -29.46 -87.92
C MET G 61 -60.50 -29.84 -89.18
N ARG G 62 -60.94 -31.09 -89.26
CA ARG G 62 -61.66 -31.65 -90.40
C ARG G 62 -63.07 -32.01 -89.96
N ILE G 63 -64.06 -31.37 -90.58
CA ILE G 63 -65.45 -31.63 -90.28
C ILE G 63 -66.17 -31.97 -91.58
N SER G 64 -67.15 -32.85 -91.49
CA SER G 64 -67.93 -33.25 -92.66
C SER G 64 -69.28 -33.77 -92.18
N ALA G 65 -70.35 -33.15 -92.66
CA ALA G 65 -71.70 -33.57 -92.30
C ALA G 65 -72.65 -33.23 -93.44
N GLY G 66 -73.71 -34.03 -93.55
CA GLY G 66 -74.71 -33.82 -94.57
C GLY G 66 -75.70 -34.95 -94.67
N VAL G 78 -80.78 -39.76 -92.11
CA VAL G 78 -79.47 -40.34 -92.32
C VAL G 78 -78.44 -39.24 -92.46
N ASN G 79 -78.14 -38.57 -91.34
CA ASN G 79 -77.16 -37.49 -91.29
C ASN G 79 -75.92 -37.99 -90.55
N VAL G 80 -74.76 -37.75 -91.15
CA VAL G 80 -73.50 -38.21 -90.60
C VAL G 80 -72.66 -37.01 -90.21
N ASP G 81 -71.74 -37.24 -89.28
CA ASP G 81 -70.82 -36.21 -88.81
C ASP G 81 -69.43 -36.79 -88.69
N ILE G 82 -68.42 -35.97 -88.96
CA ILE G 82 -67.03 -36.35 -88.78
C ILE G 82 -66.30 -35.16 -88.17
N LEU G 83 -65.53 -35.41 -87.12
CA LEU G 83 -64.84 -34.34 -86.38
C LEU G 83 -63.46 -34.87 -86.01
N ASN G 84 -62.44 -34.49 -86.79
CA ASN G 84 -61.09 -35.00 -86.60
C ASN G 84 -60.15 -33.86 -86.20
N ARG G 85 -59.34 -34.11 -85.18
CA ARG G 85 -58.38 -33.13 -84.70
C ARG G 85 -56.98 -33.75 -84.65
N SER G 86 -55.98 -32.88 -84.68
CA SER G 86 -54.60 -33.30 -84.48
C SER G 86 -53.83 -32.12 -83.90
N GLU G 87 -52.66 -32.43 -83.35
CA GLU G 87 -51.82 -31.39 -82.75
C GLU G 87 -50.42 -31.93 -82.62
N PHE G 88 -49.46 -31.29 -83.28
CA PHE G 88 -48.07 -31.71 -83.23
C PHE G 88 -47.23 -30.54 -82.72
N GLU G 89 -46.52 -30.77 -81.63
CA GLU G 89 -45.69 -29.75 -81.00
C GLU G 89 -44.24 -30.19 -81.00
N THR G 90 -43.34 -29.21 -81.15
CA THR G 90 -41.92 -29.47 -81.11
C THR G 90 -41.24 -28.36 -80.33
N SER G 91 -40.17 -28.70 -79.62
CA SER G 91 -39.40 -27.70 -78.89
C SER G 91 -37.99 -28.26 -78.68
N THR G 92 -37.05 -27.82 -79.50
CA THR G 92 -35.65 -28.21 -79.35
C THR G 92 -34.86 -27.01 -78.83
N LEU G 93 -34.42 -27.09 -77.59
CA LEU G 93 -33.57 -26.08 -77.00
C LEU G 93 -32.18 -26.69 -76.77
N THR G 94 -31.16 -25.93 -77.15
CA THR G 94 -29.78 -26.36 -76.92
C THR G 94 -29.00 -25.20 -76.34
N TYR G 95 -27.99 -25.53 -75.53
CA TYR G 95 -27.19 -24.51 -74.87
C TYR G 95 -25.75 -24.97 -74.80
N GLU G 96 -24.83 -24.01 -74.70
CA GLU G 96 -23.41 -24.34 -74.59
C GLU G 96 -22.63 -23.11 -74.16
N VAL G 97 -21.79 -23.27 -73.14
CA VAL G 97 -20.91 -22.21 -72.69
C VAL G 97 -19.50 -22.79 -72.53
N LYS G 98 -18.52 -21.89 -72.51
CA LYS G 98 -17.13 -22.30 -72.31
C LYS G 98 -16.40 -21.12 -71.66
N VAL G 99 -16.15 -21.24 -70.36
CA VAL G 99 -15.54 -20.16 -69.59
C VAL G 99 -14.09 -20.55 -69.29
N LEU G 100 -13.16 -19.68 -69.67
CA LEU G 100 -11.74 -19.90 -69.43
C LEU G 100 -11.22 -18.77 -68.55
N VAL G 101 -10.56 -19.14 -67.45
CA VAL G 101 -10.00 -18.19 -66.51
C VAL G 101 -8.51 -18.51 -66.36
N GLN G 102 -7.67 -17.50 -66.52
CA GLN G 102 -6.22 -17.66 -66.38
C GLN G 102 -5.69 -16.54 -65.50
N HIS G 103 -5.03 -16.92 -64.42
CA HIS G 103 -4.46 -15.95 -63.49
C HIS G 103 -3.06 -15.56 -63.96
N GLN G 104 -2.36 -14.76 -63.17
CA GLN G 104 -0.98 -14.41 -63.46
C GLN G 104 -0.12 -14.65 -62.22
N VAL G 105 1.18 -14.38 -62.31
CA VAL G 105 2.09 -14.57 -61.20
C VAL G 105 2.36 -13.23 -60.56
N SER G 106 2.17 -13.14 -59.25
CA SER G 106 2.33 -11.87 -58.55
C SER G 106 3.76 -11.37 -58.67
N VAL G 107 3.90 -10.06 -58.76
CA VAL G 107 5.21 -9.44 -58.98
C VAL G 107 5.82 -8.88 -57.70
N LEU G 108 5.14 -9.04 -56.56
CA LEU G 108 5.58 -8.46 -55.30
C LEU G 108 5.97 -9.53 -54.29
N ASP G 109 6.65 -10.57 -54.74
CA ASP G 109 7.13 -11.64 -53.88
C ASP G 109 8.65 -11.62 -53.82
N LYS G 110 9.19 -12.25 -52.77
CA LYS G 110 10.63 -12.34 -52.57
C LYS G 110 11.05 -13.79 -52.72
N HIS G 111 12.14 -14.01 -53.45
CA HIS G 111 12.67 -15.35 -53.70
C HIS G 111 14.03 -15.49 -53.04
N SER G 112 14.24 -16.60 -52.34
CA SER G 112 15.48 -16.86 -51.63
C SER G 112 15.97 -18.26 -51.98
N PHE G 113 17.23 -18.52 -51.65
CA PHE G 113 17.87 -19.79 -51.96
C PHE G 113 18.45 -20.41 -50.69
N ASN G 114 18.00 -21.62 -50.37
CA ASN G 114 18.44 -22.34 -49.20
C ASN G 114 19.52 -23.35 -49.57
N LYS G 115 20.46 -23.56 -48.66
CA LYS G 115 21.64 -24.38 -48.95
C LYS G 115 21.40 -25.81 -48.49
N ILE G 116 21.61 -26.76 -49.41
CA ILE G 116 21.63 -28.18 -49.08
C ILE G 116 23.02 -28.69 -49.39
N GLN G 117 23.65 -29.35 -48.41
CA GLN G 117 25.03 -29.80 -48.56
C GLN G 117 25.04 -31.12 -49.31
N THR G 118 25.69 -31.14 -50.47
CA THR G 118 25.78 -32.32 -51.30
C THR G 118 27.10 -32.33 -52.03
N THR G 119 27.61 -33.52 -52.32
CA THR G 119 28.81 -33.65 -53.15
C THR G 119 28.48 -33.51 -54.62
N THR G 120 27.20 -33.57 -54.98
CA THR G 120 26.77 -33.45 -56.37
C THR G 120 25.61 -32.45 -56.44
N PRO G 121 25.89 -31.17 -56.18
CA PRO G 121 24.80 -30.20 -56.18
C PRO G 121 24.08 -30.10 -57.51
N HIS G 122 24.73 -30.50 -58.61
CA HIS G 122 24.11 -30.40 -59.92
C HIS G 122 22.91 -31.34 -60.03
N ALA G 123 23.07 -32.59 -59.58
CA ALA G 123 22.00 -33.56 -59.69
C ALA G 123 20.94 -33.36 -58.61
N THR G 124 21.28 -32.67 -57.52
CA THR G 124 20.30 -32.41 -56.47
C THR G 124 19.47 -31.17 -56.79
N TYR G 125 20.14 -30.04 -57.04
CA TYR G 125 19.43 -28.80 -57.33
C TYR G 125 18.81 -28.82 -58.71
N GLY G 126 19.55 -29.30 -59.71
CA GLY G 126 19.07 -29.28 -61.07
C GLY G 126 19.49 -28.03 -61.81
N ASP G 127 18.58 -27.45 -62.59
CA ASP G 127 18.83 -26.21 -63.31
C ASP G 127 17.91 -25.08 -62.87
N ARG G 128 16.61 -25.30 -62.85
CA ARG G 128 15.63 -24.26 -62.58
C ARG G 128 14.67 -24.71 -61.49
N PHE G 129 14.11 -23.73 -60.79
CA PHE G 129 13.21 -23.96 -59.66
C PHE G 129 11.80 -23.49 -60.00
N ILE G 130 10.84 -24.00 -59.24
CA ILE G 130 9.42 -23.72 -59.45
C ILE G 130 9.06 -22.51 -58.59
N ALA G 131 8.98 -21.34 -59.22
CA ALA G 131 8.75 -20.11 -58.47
C ALA G 131 7.28 -19.95 -58.11
N ASP G 132 6.42 -19.84 -59.12
CA ASP G 132 4.99 -19.65 -58.91
C ASP G 132 4.23 -20.56 -59.87
N PHE G 133 3.03 -20.94 -59.46
CA PHE G 133 2.17 -21.80 -60.25
C PHE G 133 1.14 -20.96 -60.99
N ILE G 134 1.08 -21.14 -62.31
CA ILE G 134 0.07 -20.46 -63.12
C ILE G 134 -1.27 -21.16 -62.88
N LYS G 135 -2.24 -20.41 -62.37
CA LYS G 135 -3.53 -20.97 -61.99
C LYS G 135 -4.60 -20.54 -62.98
N GLY G 136 -5.69 -21.30 -62.99
CA GLY G 136 -6.79 -21.02 -63.91
C GLY G 136 -8.03 -21.84 -63.62
N GLY G 137 -8.90 -21.94 -64.62
CA GLY G 137 -10.14 -22.66 -64.46
C GLY G 137 -10.77 -22.92 -65.82
N HIS G 138 -11.86 -23.69 -65.80
CA HIS G 138 -12.48 -24.11 -67.05
C HIS G 138 -13.95 -24.41 -66.79
N PHE G 139 -14.77 -24.22 -67.82
CA PHE G 139 -16.17 -24.57 -67.75
C PHE G 139 -16.62 -25.08 -69.12
N TYR G 140 -17.60 -25.98 -69.11
CA TYR G 140 -18.09 -26.58 -70.35
C TYR G 140 -19.45 -27.18 -70.07
N ALA G 141 -20.49 -26.64 -70.70
CA ALA G 141 -21.85 -27.10 -70.44
C ALA G 141 -22.56 -27.34 -71.75
N ARG G 142 -23.49 -28.29 -71.73
CA ARG G 142 -24.34 -28.60 -72.88
C ARG G 142 -25.70 -29.03 -72.36
N VAL G 143 -26.75 -28.33 -72.76
CA VAL G 143 -28.12 -28.70 -72.46
C VAL G 143 -28.80 -29.04 -73.78
N SER G 144 -29.52 -30.17 -73.80
CA SER G 144 -30.24 -30.61 -74.99
C SER G 144 -31.65 -30.96 -74.55
N ILE G 145 -32.54 -29.98 -74.54
CA ILE G 145 -33.94 -30.19 -74.19
C ILE G 145 -34.67 -30.63 -75.45
N THR G 146 -35.18 -31.86 -75.47
CA THR G 146 -35.85 -32.42 -76.67
C THR G 146 -37.26 -31.89 -76.74
N ALA G 147 -37.96 -32.13 -77.85
CA ALA G 147 -39.34 -31.65 -78.11
C ALA G 147 -40.33 -32.26 -77.12
N LYS G 148 -41.57 -31.78 -77.14
CA LYS G 148 -42.64 -32.38 -76.31
C LYS G 148 -43.32 -33.43 -77.19
N ASN G 149 -43.39 -33.19 -78.50
CA ASN G 149 -44.10 -34.06 -79.42
C ASN G 149 -45.53 -34.30 -78.92
N SER G 150 -46.20 -33.21 -78.55
CA SER G 150 -47.60 -33.31 -78.20
C SER G 150 -48.37 -33.88 -79.38
N SER G 151 -49.28 -34.82 -79.11
CA SER G 151 -49.98 -35.53 -80.16
C SER G 151 -51.48 -35.58 -79.89
N GLU G 152 -52.09 -34.45 -79.55
CA GLU G 152 -53.52 -34.39 -79.31
C GLU G 152 -54.24 -34.72 -80.61
N THR G 153 -55.00 -35.82 -80.60
CA THR G 153 -55.83 -36.22 -81.74
C THR G 153 -57.19 -36.66 -81.24
N SER G 154 -58.18 -36.65 -82.12
CA SER G 154 -59.52 -37.06 -81.75
C SER G 154 -60.36 -37.24 -83.01
N GLU G 155 -61.41 -38.06 -82.88
CA GLU G 155 -62.33 -38.33 -83.97
C GLU G 155 -63.73 -38.47 -83.38
N LEU G 156 -64.75 -38.13 -84.17
CA LEU G 156 -66.13 -38.28 -83.74
C LEU G 156 -66.97 -38.66 -84.95
N LYS G 157 -68.06 -39.39 -84.70
CA LYS G 157 -68.92 -39.93 -85.77
C LYS G 157 -70.36 -40.01 -85.25
N GLN G 158 -71.22 -39.13 -85.77
CA GLN G 158 -72.64 -39.10 -85.37
C GLN G 158 -73.51 -39.44 -86.58
N SER G 159 -73.87 -40.72 -86.68
CA SER G 159 -74.78 -41.15 -87.73
C SER G 159 -76.21 -41.11 -87.21
N ALA G 160 -77.02 -40.23 -87.80
CA ALA G 160 -78.42 -40.08 -87.40
C ALA G 160 -78.52 -39.78 -85.91
N THR G 174 -82.08 -44.35 -84.41
CA THR G 174 -80.73 -44.85 -84.59
C THR G 174 -79.69 -43.76 -84.33
N GLN G 175 -78.62 -44.13 -83.65
CA GLN G 175 -77.59 -43.18 -83.25
C GLN G 175 -76.26 -43.91 -83.19
N GLU G 176 -75.18 -43.14 -83.27
CA GLU G 176 -73.84 -43.72 -83.23
C GLU G 176 -72.85 -42.65 -82.77
N VAL G 177 -71.94 -43.04 -81.88
CA VAL G 177 -70.87 -42.17 -81.42
C VAL G 177 -69.58 -42.97 -81.39
N GLU G 178 -68.49 -42.35 -81.85
CA GLU G 178 -67.19 -43.03 -81.96
C GLU G 178 -66.11 -42.00 -81.65
N ARG G 179 -65.55 -42.08 -80.44
CA ARG G 179 -64.47 -41.20 -80.00
C ARG G 179 -63.21 -41.96 -79.63
N ALA G 180 -62.94 -43.08 -80.30
CA ALA G 180 -61.78 -43.91 -79.98
C ALA G 180 -60.52 -43.37 -80.65
N VAL G 181 -60.22 -42.09 -80.44
CA VAL G 181 -59.00 -41.48 -80.94
C VAL G 181 -58.55 -40.45 -79.92
N SER G 182 -57.36 -40.66 -79.36
CA SER G 182 -56.80 -39.73 -78.38
C SER G 182 -55.38 -40.15 -78.08
N SER G 183 -54.48 -39.17 -78.01
CA SER G 183 -53.08 -39.42 -77.71
C SER G 183 -52.48 -38.15 -77.14
N ILE G 184 -51.34 -38.30 -76.45
CA ILE G 184 -50.71 -37.20 -75.73
C ILE G 184 -49.21 -37.21 -76.03
N LYS G 185 -48.54 -36.15 -75.58
CA LYS G 185 -47.12 -35.97 -75.80
C LYS G 185 -46.31 -37.14 -75.27
N ARG G 186 -45.22 -37.45 -75.96
CA ARG G 186 -44.23 -38.37 -75.43
C ARG G 186 -42.87 -37.91 -75.95
N ASN G 187 -42.26 -36.99 -75.22
CA ASN G 187 -40.85 -36.68 -75.39
C ASN G 187 -40.41 -35.69 -74.31
N ALA G 188 -39.33 -36.01 -73.60
CA ALA G 188 -38.71 -35.05 -72.69
C ALA G 188 -37.29 -35.55 -72.40
N SER G 189 -36.31 -34.99 -73.08
CA SER G 189 -34.91 -35.38 -72.91
C SER G 189 -34.12 -34.19 -72.43
N VAL G 190 -33.42 -34.36 -71.32
CA VAL G 190 -32.55 -33.32 -70.77
C VAL G 190 -31.17 -33.94 -70.61
N LYS G 191 -30.30 -33.69 -71.59
CA LYS G 191 -28.92 -34.12 -71.52
C LYS G 191 -28.09 -32.96 -71.01
N ILE G 192 -27.43 -33.14 -69.86
CA ILE G 192 -26.59 -32.13 -69.25
C ILE G 192 -25.20 -32.71 -69.08
N THR G 193 -24.19 -32.00 -69.58
CA THR G 193 -22.80 -32.31 -69.30
C THR G 193 -22.16 -31.04 -68.74
N ILE G 194 -21.51 -31.16 -67.58
CA ILE G 194 -20.84 -30.03 -66.95
C ILE G 194 -19.43 -30.46 -66.60
N ILE G 195 -18.43 -29.76 -67.13
CA ILE G 195 -17.03 -30.05 -66.87
C ILE G 195 -16.41 -28.81 -66.24
N GLU G 196 -15.91 -28.95 -65.02
CA GLU G 196 -15.45 -27.82 -64.24
C GLU G 196 -14.07 -28.07 -63.67
N SER G 197 -13.28 -27.00 -63.57
CA SER G 197 -11.99 -27.02 -62.90
C SER G 197 -11.93 -25.74 -62.06
N THR G 198 -12.37 -25.84 -60.81
CA THR G 198 -12.46 -24.66 -59.95
C THR G 198 -11.79 -24.93 -58.62
N GLY G 199 -11.96 -24.01 -57.66
CA GLY G 199 -11.32 -24.12 -56.37
C GLY G 199 -12.30 -23.86 -55.25
N THR G 200 -11.91 -24.32 -54.06
CA THR G 200 -12.73 -24.16 -52.88
C THR G 200 -12.68 -22.73 -52.36
N SER G 201 -13.73 -22.32 -51.67
CA SER G 201 -13.76 -20.98 -51.08
C SER G 201 -12.72 -20.86 -49.98
N SER G 216 -36.64 -25.98 -65.81
CA SER G 216 -35.78 -24.81 -65.77
C SER G 216 -34.33 -25.22 -65.74
N ASP G 217 -34.01 -26.36 -66.36
CA ASP G 217 -32.63 -26.82 -66.36
C ASP G 217 -31.75 -25.92 -67.24
N LEU G 218 -32.32 -25.28 -68.25
CA LEU G 218 -31.55 -24.33 -69.04
C LEU G 218 -31.12 -23.15 -68.18
N LEU G 219 -32.01 -22.65 -67.33
CA LEU G 219 -31.66 -21.54 -66.45
C LEU G 219 -30.69 -21.97 -65.36
N ALA G 220 -30.85 -23.19 -64.83
CA ALA G 220 -29.96 -23.65 -63.78
C ALA G 220 -28.51 -23.70 -64.25
N VAL G 221 -28.28 -24.22 -65.46
CA VAL G 221 -26.94 -24.22 -66.01
C VAL G 221 -26.44 -22.79 -66.19
N LYS G 222 -27.34 -21.89 -66.58
CA LYS G 222 -26.95 -20.51 -66.81
C LYS G 222 -26.45 -19.85 -65.52
N GLU G 223 -27.15 -20.09 -64.41
CA GLU G 223 -26.74 -19.46 -63.15
C GLU G 223 -25.35 -19.92 -62.73
N LYS G 224 -25.08 -21.22 -62.82
CA LYS G 224 -23.73 -21.70 -62.53
C LYS G 224 -22.74 -21.14 -63.53
N ALA G 225 -23.13 -21.04 -64.80
CA ALA G 225 -22.26 -20.45 -65.80
C ALA G 225 -22.00 -18.97 -65.50
N ASP G 226 -23.06 -18.22 -65.18
CA ASP G 226 -22.86 -16.81 -64.83
C ASP G 226 -22.20 -16.66 -63.48
N GLN G 227 -22.62 -17.44 -62.49
CA GLN G 227 -21.95 -17.39 -61.19
C GLN G 227 -20.47 -17.71 -61.32
N PHE G 228 -20.11 -18.56 -62.29
CA PHE G 228 -18.70 -18.84 -62.50
C PHE G 228 -17.97 -17.57 -62.88
N TYR G 229 -18.59 -16.79 -63.79
CA TYR G 229 -18.01 -15.49 -64.22
C TYR G 229 -17.84 -14.65 -62.97
N LYS G 230 -18.93 -14.41 -62.23
CA LYS G 230 -18.85 -13.56 -61.04
C LYS G 230 -17.95 -14.19 -59.99
N ASP G 231 -17.93 -15.51 -59.91
CA ASP G 231 -17.10 -16.17 -58.90
C ASP G 231 -15.63 -15.86 -59.11
N ALA G 232 -15.19 -15.76 -60.35
CA ALA G 232 -13.78 -15.46 -60.62
C ALA G 232 -13.36 -14.15 -59.96
N ASP G 233 -14.22 -13.14 -60.01
CA ASP G 233 -13.86 -11.84 -59.45
C ASP G 233 -13.46 -11.96 -57.98
N SER G 234 -14.13 -12.84 -57.25
CA SER G 234 -13.74 -13.12 -55.87
C SER G 234 -12.40 -13.83 -55.79
N GLY G 235 -11.87 -14.30 -56.92
CA GLY G 235 -10.57 -14.94 -56.93
C GLY G 235 -10.52 -16.26 -56.21
N LYS G 236 -11.55 -17.09 -56.38
CA LYS G 236 -11.54 -18.46 -55.85
C LYS G 236 -11.20 -19.49 -56.92
N HIS G 237 -10.87 -19.07 -58.13
CA HIS G 237 -10.55 -20.01 -59.22
C HIS G 237 -9.05 -20.28 -59.18
N SER G 238 -8.64 -21.08 -58.23
CA SER G 238 -7.23 -21.40 -58.04
C SER G 238 -7.06 -22.89 -58.36
N TYR G 239 -6.86 -23.18 -59.65
CA TYR G 239 -6.55 -24.52 -60.10
C TYR G 239 -5.20 -24.48 -60.79
N VAL G 240 -4.32 -25.41 -60.42
CA VAL G 240 -2.96 -25.38 -60.93
C VAL G 240 -2.94 -25.87 -62.36
N LEU G 241 -2.45 -25.02 -63.27
CA LEU G 241 -2.36 -25.37 -64.69
C LEU G 241 -0.91 -25.48 -65.16
N PHE G 242 -0.12 -24.43 -64.99
CA PHE G 242 1.25 -24.39 -65.46
C PHE G 242 2.18 -23.96 -64.33
N ALA G 243 3.45 -24.27 -64.49
CA ALA G 243 4.48 -23.88 -63.52
C ALA G 243 5.51 -23.00 -64.23
N VAL G 244 5.86 -21.89 -63.60
CA VAL G 244 6.79 -20.92 -64.15
C VAL G 244 8.18 -21.22 -63.60
N LEU G 245 9.16 -21.32 -64.50
CA LEU G 245 10.51 -21.70 -64.14
C LEU G 245 11.39 -20.46 -63.98
N GLY G 246 12.30 -20.52 -63.01
CA GLY G 246 13.24 -19.44 -62.79
C GLY G 246 14.64 -19.98 -62.62
N LYS G 247 15.61 -19.15 -63.01
CA LYS G 247 17.01 -19.56 -62.99
C LYS G 247 17.64 -19.23 -61.65
N TYR G 248 18.40 -20.19 -61.12
CA TYR G 248 19.01 -20.00 -59.80
C TYR G 248 19.97 -18.82 -59.78
N ARG G 249 20.49 -18.40 -60.92
CA ARG G 249 21.44 -17.30 -60.93
C ARG G 249 20.78 -15.99 -60.53
N ASN G 250 19.52 -15.78 -60.95
CA ASN G 250 18.83 -14.54 -60.67
C ASN G 250 18.48 -14.37 -59.20
N LEU G 251 18.60 -15.41 -58.39
CA LEU G 251 18.36 -15.27 -56.96
C LEU G 251 19.38 -14.34 -56.33
N SER G 252 18.91 -13.40 -55.52
CA SER G 252 19.84 -12.53 -54.80
C SER G 252 20.71 -13.34 -53.85
N ASN G 253 20.10 -14.25 -53.09
CA ASN G 253 20.80 -15.01 -52.07
C ASN G 253 21.78 -16.01 -52.67
N PHE G 254 21.71 -16.23 -53.98
CA PHE G 254 22.63 -17.14 -54.65
C PHE G 254 24.00 -16.48 -54.72
N GLU G 255 24.94 -17.00 -53.93
CA GLU G 255 26.35 -16.61 -54.01
C GLU G 255 27.16 -17.60 -54.84
N SER G 256 26.56 -18.13 -55.90
CA SER G 256 27.22 -19.08 -56.78
C SER G 256 27.63 -20.33 -56.02
N TYR G 257 26.61 -21.00 -55.47
CA TYR G 257 26.82 -22.29 -54.84
C TYR G 257 27.33 -23.33 -55.83
N PHE G 258 27.06 -23.12 -57.11
CA PHE G 258 27.52 -24.03 -58.16
C PHE G 258 27.38 -23.31 -59.49
N ALA G 259 27.72 -24.01 -60.57
CA ALA G 259 27.60 -23.45 -61.90
C ALA G 259 26.53 -24.21 -62.66
N PRO G 260 25.31 -23.71 -62.75
CA PRO G 260 24.25 -24.46 -63.43
C PRO G 260 24.58 -24.68 -64.89
N PHE G 261 24.19 -25.86 -65.39
CA PHE G 261 24.36 -26.13 -66.80
C PHE G 261 23.28 -25.44 -67.62
N ASP G 262 23.57 -25.27 -68.92
CA ASP G 262 22.59 -24.71 -69.89
C ASP G 262 22.31 -25.88 -70.85
N TYR G 263 21.19 -26.58 -70.69
CA TYR G 263 20.88 -27.80 -71.44
C TYR G 263 20.21 -27.51 -72.77
N GLN G 264 20.04 -26.25 -73.14
CA GLN G 264 19.37 -25.94 -74.41
C GLN G 264 20.07 -26.62 -75.57
N MET G 265 21.39 -26.46 -75.67
CA MET G 265 22.12 -27.09 -76.77
C MET G 265 22.23 -28.60 -76.57
N ALA G 266 22.45 -29.05 -75.34
CA ALA G 266 22.59 -30.48 -75.10
C ALA G 266 21.32 -31.22 -75.47
N SER G 267 20.16 -30.68 -75.10
CA SER G 267 18.90 -31.32 -75.49
C SER G 267 18.73 -31.33 -77.00
N LEU G 268 19.09 -30.24 -77.66
CA LEU G 268 18.97 -30.20 -79.12
C LEU G 268 19.84 -31.26 -79.77
N ARG G 269 21.09 -31.39 -79.32
CA ARG G 269 21.97 -32.39 -79.91
C ARG G 269 21.46 -33.81 -79.64
N SER G 270 20.99 -34.07 -78.44
CA SER G 270 20.59 -35.42 -78.05
C SER G 270 19.07 -35.62 -78.21
N TRP G 271 18.58 -35.40 -79.42
CA TRP G 271 17.19 -35.70 -79.73
C TRP G 271 17.01 -37.06 -80.38
N ALA G 272 17.95 -37.48 -81.24
CA ALA G 272 17.85 -38.81 -81.83
C ALA G 272 17.85 -39.89 -80.76
N LEU G 273 18.47 -39.63 -79.62
CA LEU G 273 18.46 -40.60 -78.53
C LEU G 273 17.13 -40.61 -77.80
N PHE G 274 16.53 -39.43 -77.59
CA PHE G 274 15.27 -39.37 -76.86
C PHE G 274 14.17 -40.13 -77.57
N ASN G 275 14.09 -40.02 -78.89
CA ASN G 275 13.09 -40.78 -79.62
C ASN G 275 13.34 -42.28 -79.51
N ASP G 276 14.59 -42.71 -79.60
CA ASP G 276 14.88 -44.14 -79.50
C ASP G 276 14.48 -44.68 -78.13
N PHE G 277 14.43 -43.82 -77.11
CA PHE G 277 13.97 -44.26 -75.80
C PHE G 277 12.50 -44.68 -75.85
N THR G 278 11.64 -43.82 -76.37
CA THR G 278 10.22 -44.14 -76.41
C THR G 278 9.98 -45.39 -77.26
N LEU G 279 10.67 -45.50 -78.40
CA LEU G 279 10.49 -46.65 -79.26
C LEU G 279 10.90 -47.94 -78.55
N TYR G 280 12.03 -47.92 -77.84
CA TYR G 280 12.49 -49.13 -77.16
C TYR G 280 11.54 -49.54 -76.03
N LYS G 281 11.03 -48.56 -75.28
CA LYS G 281 10.06 -48.88 -74.24
C LYS G 281 8.79 -49.47 -74.85
N ALA G 282 8.35 -48.93 -75.98
CA ALA G 282 7.15 -49.46 -76.62
C ALA G 282 7.34 -50.91 -77.05
N ILE G 283 8.51 -51.23 -77.61
CA ILE G 283 8.71 -52.59 -78.12
C ILE G 283 9.00 -53.61 -77.03
N GLU G 284 9.15 -53.19 -75.78
CA GLU G 284 9.13 -54.16 -74.69
C GLU G 284 7.76 -54.83 -74.64
N THR G 285 6.69 -54.04 -74.73
CA THR G 285 5.35 -54.59 -74.76
C THR G 285 5.07 -55.37 -76.03
N MET G 286 5.78 -55.09 -77.12
CA MET G 286 5.71 -55.95 -78.29
C MET G 286 5.92 -57.41 -77.90
N ILE G 287 7.07 -57.70 -77.28
CA ILE G 287 7.42 -59.08 -76.99
C ILE G 287 6.48 -59.67 -75.95
N LYS G 288 6.22 -58.94 -74.88
CA LYS G 288 5.40 -59.48 -73.79
C LYS G 288 3.99 -59.79 -74.27
N ALA G 289 3.40 -58.91 -75.07
CA ALA G 289 2.00 -59.09 -75.45
C ALA G 289 1.79 -60.37 -76.25
N VAL G 290 2.66 -60.67 -77.21
CA VAL G 290 2.45 -61.79 -78.11
C VAL G 290 2.68 -63.11 -77.38
N PRO G 291 1.88 -64.14 -77.62
CA PRO G 291 2.00 -65.37 -76.84
C PRO G 291 3.18 -66.23 -77.30
N GLU G 292 3.37 -67.33 -76.56
CA GLU G 292 4.48 -68.23 -76.82
C GLU G 292 4.25 -69.05 -78.08
N SER G 293 3.00 -69.38 -78.37
CA SER G 293 2.68 -70.31 -79.46
C SER G 293 2.87 -69.71 -80.83
N LYS G 294 3.45 -68.53 -80.95
CA LYS G 294 3.67 -67.88 -82.24
C LYS G 294 5.06 -67.28 -82.32
N PHE G 295 6.00 -67.95 -81.64
CA PHE G 295 7.43 -67.54 -81.70
C PHE G 295 8.13 -68.62 -82.51
N LYS G 296 9.10 -68.23 -83.34
CA LYS G 296 9.77 -69.21 -84.20
C LYS G 296 10.59 -70.20 -83.39
N ASP G 297 11.44 -69.70 -82.49
CA ASP G 297 12.34 -70.57 -81.75
C ASP G 297 11.67 -71.26 -80.57
N GLY G 298 10.45 -70.86 -80.20
CA GLY G 298 9.73 -71.51 -79.14
C GLY G 298 10.05 -70.95 -77.76
N PRO G 299 10.31 -71.82 -76.79
CA PRO G 299 10.40 -71.34 -75.40
C PRO G 299 11.52 -70.34 -75.17
N GLU G 300 12.75 -70.71 -75.52
CA GLU G 300 13.89 -69.85 -75.20
C GLU G 300 14.05 -68.76 -76.26
N ARG G 301 12.96 -68.05 -76.53
CA ARG G 301 13.00 -66.91 -77.44
C ARG G 301 12.36 -65.71 -76.76
N LYS G 302 11.38 -65.96 -75.89
CA LYS G 302 10.74 -64.86 -75.17
C LYS G 302 11.74 -64.18 -74.23
N THR G 303 12.49 -64.97 -73.46
CA THR G 303 13.27 -64.37 -72.39
C THR G 303 14.47 -63.60 -72.90
N GLN G 304 15.23 -64.14 -73.86
CA GLN G 304 16.39 -63.41 -74.35
C GLN G 304 16.02 -62.36 -75.38
N LEU G 305 14.82 -62.41 -75.95
CA LEU G 305 14.32 -61.25 -76.66
C LEU G 305 13.88 -60.17 -75.67
N ILE G 306 13.20 -60.56 -74.60
CA ILE G 306 12.86 -59.61 -73.56
C ILE G 306 14.12 -59.09 -72.89
N LYS G 307 15.06 -59.98 -72.56
CA LYS G 307 16.27 -59.52 -71.89
C LYS G 307 17.14 -58.68 -72.81
N GLN G 308 17.22 -59.04 -74.09
CA GLN G 308 18.04 -58.25 -75.01
C GLN G 308 17.53 -56.83 -75.13
N ALA G 309 16.21 -56.65 -75.18
CA ALA G 309 15.64 -55.31 -75.26
C ALA G 309 15.93 -54.52 -73.99
N ILE G 310 15.74 -55.13 -72.82
CA ILE G 310 15.95 -54.43 -71.57
C ILE G 310 17.42 -54.14 -71.35
N ASN G 311 18.30 -55.07 -71.74
CA ASN G 311 19.73 -54.83 -71.56
C ASN G 311 20.16 -53.59 -72.34
N ILE G 312 19.68 -53.43 -73.57
CA ILE G 312 20.01 -52.23 -74.34
C ILE G 312 19.15 -51.04 -73.93
N PHE G 313 18.04 -51.27 -73.22
CA PHE G 313 17.33 -50.17 -72.60
C PHE G 313 18.18 -49.53 -71.50
N GLU G 314 18.97 -50.34 -70.79
CA GLU G 314 19.90 -49.81 -69.81
C GLU G 314 20.94 -48.92 -70.47
N THR G 315 21.45 -49.32 -71.63
CA THR G 315 22.55 -48.59 -72.26
C THR G 315 22.12 -47.16 -72.61
N ILE G 316 20.91 -46.99 -73.12
CA ILE G 316 20.47 -45.65 -73.48
C ILE G 316 19.97 -44.87 -72.27
N ARG G 317 19.41 -45.55 -71.26
CA ARG G 317 18.98 -44.84 -70.06
C ARG G 317 20.18 -44.30 -69.28
N ASP G 318 21.25 -45.10 -69.19
CA ASP G 318 22.45 -44.61 -68.50
C ASP G 318 23.17 -43.55 -69.32
N ARG G 319 23.02 -43.58 -70.64
CA ARG G 319 23.56 -42.49 -71.45
C ARG G 319 22.85 -41.19 -71.12
N VAL G 320 21.53 -41.24 -70.95
CA VAL G 320 20.78 -40.06 -70.54
C VAL G 320 21.22 -39.59 -69.15
N ILE G 321 21.37 -40.53 -68.22
CA ILE G 321 21.82 -40.17 -66.88
C ILE G 321 23.23 -39.61 -66.94
N LEU G 322 24.03 -40.06 -67.89
CA LEU G 322 25.38 -39.50 -68.05
C LEU G 322 25.33 -38.07 -68.55
N ILE G 323 24.38 -37.75 -69.44
CA ILE G 323 24.27 -36.38 -69.93
C ILE G 323 23.96 -35.43 -68.78
N SER G 324 23.28 -35.91 -67.74
CA SER G 324 23.04 -35.07 -66.58
C SER G 324 24.35 -34.65 -65.93
N GLU G 325 25.29 -35.60 -65.75
CA GLU G 325 26.56 -35.25 -65.16
C GLU G 325 27.45 -34.49 -66.15
N HIS G 326 27.44 -34.90 -67.42
CA HIS G 326 28.31 -34.32 -68.43
C HIS G 326 27.50 -33.97 -69.68
N PRO G 327 26.86 -32.80 -69.72
CA PRO G 327 26.17 -32.39 -70.95
C PRO G 327 27.12 -32.19 -72.11
N GLU G 328 28.40 -31.92 -71.86
CA GLU G 328 29.36 -31.87 -72.94
C GLU G 328 29.52 -33.21 -73.63
N ALA G 329 29.15 -34.30 -72.96
CA ALA G 329 29.21 -35.62 -73.56
C ALA G 329 28.13 -35.85 -74.62
N ALA G 330 27.34 -34.82 -74.95
CA ALA G 330 26.35 -34.96 -76.00
C ALA G 330 26.99 -35.17 -77.38
N LYS G 331 28.26 -34.82 -77.54
CA LYS G 331 28.91 -34.97 -78.83
C LYS G 331 29.01 -36.43 -79.24
N GLU G 332 29.37 -37.31 -78.31
CA GLU G 332 29.62 -38.71 -78.66
C GLU G 332 28.40 -39.32 -79.35
N ASP G 333 28.65 -40.05 -80.42
CA ASP G 333 27.57 -40.69 -81.14
C ASP G 333 27.02 -41.87 -80.35
N PRO G 334 25.80 -42.31 -80.63
CA PRO G 334 25.26 -43.48 -79.95
C PRO G 334 26.13 -44.70 -80.20
N ASP G 335 26.21 -45.58 -79.20
CA ASP G 335 26.95 -46.83 -79.29
C ASP G 335 26.04 -48.03 -79.05
N HIS G 336 24.76 -47.88 -79.40
CA HIS G 336 23.77 -48.90 -79.14
C HIS G 336 23.05 -49.26 -80.43
N MET G 337 22.52 -50.49 -80.47
CA MET G 337 21.84 -50.96 -81.66
C MET G 337 20.61 -50.11 -81.95
N LYS G 338 20.34 -49.91 -83.23
CA LYS G 338 19.24 -49.06 -83.63
C LYS G 338 17.91 -49.73 -83.25
N PRO G 339 16.88 -48.95 -82.92
CA PRO G 339 15.54 -49.55 -82.77
C PRO G 339 15.05 -50.23 -84.04
N GLY G 340 15.39 -49.68 -85.21
CA GLY G 340 14.98 -50.32 -86.44
C GLY G 340 15.60 -51.70 -86.60
N ASP G 341 16.90 -51.82 -86.37
CA ASP G 341 17.54 -53.13 -86.52
C ASP G 341 17.02 -54.11 -85.49
N PHE G 342 16.90 -53.68 -84.23
CA PHE G 342 16.36 -54.58 -83.22
C PHE G 342 14.90 -54.90 -83.49
N ARG G 343 14.13 -53.93 -83.96
CA ARG G 343 12.75 -54.21 -84.35
C ARG G 343 12.70 -55.27 -85.44
N LEU G 344 13.56 -55.11 -86.46
CA LEU G 344 13.68 -56.13 -87.50
C LEU G 344 13.91 -57.50 -86.87
N GLU G 345 14.81 -57.58 -85.89
CA GLU G 345 15.06 -58.85 -85.23
C GLU G 345 13.80 -59.39 -84.58
N VAL G 346 12.94 -58.52 -84.05
CA VAL G 346 11.71 -58.98 -83.41
C VAL G 346 10.81 -59.68 -84.43
N LEU G 347 10.57 -59.04 -85.58
CA LEU G 347 9.65 -59.62 -86.55
C LEU G 347 10.23 -60.83 -87.28
N ASN G 348 11.55 -60.92 -87.38
CA ASN G 348 12.14 -62.07 -88.07
C ASN G 348 11.83 -63.37 -87.35
N SER G 349 11.72 -63.33 -86.02
CA SER G 349 11.53 -64.52 -85.21
C SER G 349 10.06 -64.76 -84.90
N ILE G 350 9.18 -64.44 -85.84
CA ILE G 350 7.73 -64.55 -85.65
C ILE G 350 7.16 -65.48 -86.72
N GLN G 351 6.41 -66.49 -86.28
CA GLN G 351 5.73 -67.37 -87.21
C GLN G 351 4.64 -66.62 -87.96
N THR G 352 4.28 -67.13 -89.13
CA THR G 352 3.36 -66.46 -90.03
C THR G 352 2.34 -67.47 -90.57
N LYS G 353 1.27 -66.93 -91.13
CA LYS G 353 0.20 -67.74 -91.71
C LYS G 353 0.18 -67.55 -93.22
N LEU G 354 0.06 -68.66 -93.94
CA LEU G 354 0.16 -68.66 -95.40
C LEU G 354 -1.23 -68.45 -95.98
N PHE G 355 -1.70 -67.22 -95.94
CA PHE G 355 -3.01 -66.90 -96.50
C PHE G 355 -2.90 -67.01 -98.00
N HIS G 356 -3.25 -68.18 -98.54
CA HIS G 356 -3.19 -68.43 -100.01
C HIS G 356 -4.53 -68.01 -100.61
N ALA G 357 -4.60 -66.80 -101.16
CA ALA G 357 -5.83 -66.30 -101.76
C ALA G 357 -6.22 -67.17 -102.95
N GLN G 358 -7.52 -67.43 -103.09
CA GLN G 358 -8.03 -68.31 -104.13
C GLN G 358 -9.17 -67.61 -104.85
N SER G 359 -9.23 -67.78 -106.17
CA SER G 359 -10.22 -67.12 -107.00
C SER G 359 -11.43 -68.03 -107.17
N GLN G 360 -12.50 -67.72 -106.46
CA GLN G 360 -13.72 -68.50 -106.57
C GLN G 360 -14.36 -68.33 -107.95
N PRO G 361 -14.74 -69.44 -108.61
CA PRO G 361 -15.46 -69.31 -109.89
C PRO G 361 -16.97 -69.20 -109.69
N ILE G 362 -17.57 -68.16 -110.24
CA ILE G 362 -19.02 -67.95 -110.13
C ILE G 362 -19.63 -68.05 -111.53
N PRO G 363 -20.77 -68.72 -111.70
CA PRO G 363 -21.38 -68.79 -113.02
C PRO G 363 -21.72 -67.41 -113.56
N ASN G 364 -21.83 -67.32 -114.89
CA ASN G 364 -22.13 -66.07 -115.58
C ASN G 364 -20.96 -65.10 -115.48
N THR G 365 -19.75 -65.63 -115.61
CA THR G 365 -18.53 -64.83 -115.59
C THR G 365 -17.51 -65.45 -116.54
N ASP G 366 -16.99 -64.62 -117.44
CA ASP G 366 -15.99 -65.05 -118.41
C ASP G 366 -14.73 -64.22 -118.23
N ASP G 367 -13.60 -64.90 -118.01
CA ASP G 367 -12.31 -64.25 -117.74
C ASP G 367 -12.35 -63.37 -116.48
N TYR G 368 -13.41 -63.51 -115.68
CA TYR G 368 -13.57 -62.75 -114.45
C TYR G 368 -13.83 -63.74 -113.32
N TRP G 369 -13.01 -63.69 -112.28
CA TRP G 369 -13.11 -64.60 -111.15
C TRP G 369 -13.53 -63.82 -109.91
N THR G 370 -13.58 -64.50 -108.77
CA THR G 370 -13.90 -63.88 -107.48
C THR G 370 -12.82 -64.29 -106.49
N ASP G 371 -11.96 -63.32 -106.13
CA ASP G 371 -10.82 -63.57 -105.26
C ASP G 371 -11.31 -63.62 -103.82
N VAL G 372 -11.11 -64.77 -103.15
CA VAL G 372 -11.42 -64.93 -101.74
C VAL G 372 -10.12 -65.25 -101.02
N ILE G 373 -9.79 -64.45 -100.02
CA ILE G 373 -8.54 -64.62 -99.27
C ILE G 373 -8.88 -65.50 -98.07
N LEU G 374 -8.88 -66.82 -98.31
CA LEU G 374 -9.13 -67.80 -97.27
C LEU G 374 -7.98 -68.80 -97.21
N THR G 375 -7.59 -69.15 -95.98
CA THR G 375 -6.49 -70.08 -95.77
C THR G 375 -6.84 -71.51 -96.15
N THR G 376 -8.13 -71.83 -96.24
CA THR G 376 -8.55 -73.19 -96.55
C THR G 376 -8.52 -73.42 -98.06
N LYS G 377 -7.91 -74.51 -98.48
CA LYS G 377 -7.86 -74.84 -99.90
C LYS G 377 -9.26 -75.11 -100.43
N GLY G 378 -9.57 -74.55 -101.60
CA GLY G 378 -10.87 -74.73 -102.21
C GLY G 378 -10.81 -75.58 -103.47
N SER G 379 -11.96 -76.02 -103.95
CA SER G 379 -12.06 -76.82 -105.17
C SER G 379 -12.50 -75.94 -106.33
N GLY G 380 -11.68 -75.90 -107.37
CA GLY G 380 -12.00 -75.10 -108.54
C GLY G 380 -11.66 -73.63 -108.42
N ASN G 381 -11.10 -73.25 -107.27
CA ASN G 381 -10.72 -71.82 -107.02
C ASN G 381 -9.25 -71.63 -107.41
N GLN G 382 -8.95 -70.64 -108.25
CA GLN G 382 -7.58 -70.44 -108.69
C GLN G 382 -6.76 -69.75 -107.60
N PRO G 383 -5.69 -70.38 -107.10
CA PRO G 383 -4.84 -69.68 -106.11
C PRO G 383 -4.06 -68.55 -106.75
N LEU G 384 -3.97 -67.43 -106.02
CA LEU G 384 -3.26 -66.25 -106.51
C LEU G 384 -1.83 -66.20 -106.02
N PHE G 385 -1.63 -66.13 -104.71
CA PHE G 385 -0.29 -66.14 -104.13
C PHE G 385 -0.38 -66.69 -102.72
N THR G 386 0.73 -67.27 -102.25
CA THR G 386 0.83 -67.79 -100.90
C THR G 386 1.97 -67.06 -100.20
N PHE G 387 1.63 -66.40 -99.08
CA PHE G 387 2.54 -65.49 -98.41
C PHE G 387 2.43 -65.60 -96.90
N PRO G 388 3.53 -65.42 -96.17
CA PRO G 388 3.43 -65.33 -94.71
C PRO G 388 2.57 -64.14 -94.31
N ALA G 389 1.79 -64.31 -93.24
CA ALA G 389 0.95 -63.25 -92.70
C ALA G 389 0.85 -63.40 -91.19
N PHE G 390 0.31 -62.37 -90.56
CA PHE G 390 0.21 -62.29 -89.11
C PHE G 390 -1.24 -62.54 -88.70
N ASP G 391 -1.46 -63.59 -87.90
CA ASP G 391 -2.79 -64.02 -87.50
C ASP G 391 -3.12 -63.62 -86.08
N PHE G 392 -2.40 -62.65 -85.52
CA PHE G 392 -2.63 -62.23 -84.15
C PHE G 392 -2.16 -60.79 -84.00
N GLY G 393 -2.87 -60.04 -83.15
CA GLY G 393 -2.54 -58.64 -82.95
C GLY G 393 -1.33 -58.52 -82.06
N ASP G 394 -1.34 -57.56 -81.15
CA ASP G 394 -0.29 -57.35 -80.17
C ASP G 394 1.06 -57.01 -80.81
N LEU G 395 1.09 -56.79 -82.12
CA LEU G 395 2.29 -56.36 -82.81
C LEU G 395 2.02 -54.95 -83.37
N ILE G 396 2.58 -53.94 -82.72
CA ILE G 396 2.27 -52.57 -83.12
C ILE G 396 2.71 -52.37 -84.57
N GLY G 397 2.05 -51.41 -85.23
CA GLY G 397 2.30 -51.17 -86.63
C GLY G 397 1.53 -52.07 -87.57
N THR G 398 0.53 -52.80 -87.06
CA THR G 398 -0.26 -53.76 -87.88
C THR G 398 -1.74 -53.51 -87.73
N GLU G 399 -2.52 -53.75 -88.77
CA GLU G 399 -3.97 -53.61 -88.77
C GLU G 399 -4.60 -54.81 -89.47
N VAL G 400 -5.86 -55.07 -89.13
CA VAL G 400 -6.56 -56.27 -89.57
C VAL G 400 -7.46 -55.93 -90.75
N VAL G 401 -7.59 -56.88 -91.67
CA VAL G 401 -8.49 -56.79 -92.81
C VAL G 401 -9.52 -57.90 -92.66
N SER G 402 -10.65 -57.58 -92.05
CA SER G 402 -11.67 -58.56 -91.69
C SER G 402 -12.79 -58.49 -92.71
N PHE G 403 -12.87 -59.49 -93.58
CA PHE G 403 -13.94 -59.54 -94.56
C PHE G 403 -15.29 -59.60 -93.83
N GLY G 404 -16.26 -58.84 -94.35
CA GLY G 404 -17.61 -58.87 -93.84
C GLY G 404 -18.55 -59.59 -94.79
N LYS G 405 -18.98 -60.78 -94.42
CA LYS G 405 -19.92 -61.55 -95.22
C LYS G 405 -21.29 -61.50 -94.57
N LYS G 406 -22.29 -61.07 -95.32
CA LYS G 406 -23.64 -60.96 -94.79
C LYS G 406 -24.15 -62.35 -94.42
N LYS G 407 -24.42 -62.56 -93.13
CA LYS G 407 -25.12 -63.77 -92.71
C LYS G 407 -26.56 -63.77 -93.19
N ASN G 408 -27.17 -62.58 -93.28
CA ASN G 408 -28.51 -62.40 -93.79
C ASN G 408 -28.54 -62.41 -95.31
N GLY G 409 -27.38 -62.45 -95.96
CA GLY G 409 -27.30 -62.44 -97.41
C GLY G 409 -26.03 -63.08 -97.91
N GLU G 410 -25.45 -62.52 -98.98
CA GLU G 410 -24.23 -63.06 -99.53
C GLU G 410 -23.23 -61.97 -99.92
N GLU G 411 -23.48 -60.72 -99.55
CA GLU G 411 -22.59 -59.63 -99.91
C GLU G 411 -21.18 -59.90 -99.38
N TYR G 412 -20.18 -59.66 -100.22
CA TYR G 412 -18.78 -59.75 -99.84
C TYR G 412 -18.28 -58.37 -99.45
N ASN G 413 -17.73 -58.24 -98.25
CA ASN G 413 -17.19 -56.98 -97.77
C ASN G 413 -15.74 -57.15 -97.33
N CYS G 414 -15.04 -56.02 -97.26
CA CYS G 414 -13.63 -55.99 -96.90
C CYS G 414 -13.38 -54.72 -96.11
N LEU G 415 -13.34 -54.82 -94.79
CA LEU G 415 -13.17 -53.68 -93.91
C LEU G 415 -11.89 -53.84 -93.11
N ILE G 416 -11.04 -52.81 -93.15
CA ILE G 416 -9.78 -52.83 -92.41
C ILE G 416 -10.03 -52.28 -91.01
N GLY G 417 -9.55 -53.01 -90.00
CA GLY G 417 -9.72 -52.54 -88.64
C GLY G 417 -11.16 -52.38 -88.22
N GLU G 418 -12.09 -52.99 -88.95
CA GLU G 418 -13.52 -52.91 -88.63
C GLU G 418 -14.09 -54.32 -88.78
N ARG G 419 -14.33 -54.98 -87.66
CA ARG G 419 -14.82 -56.35 -87.70
C ARG G 419 -16.32 -56.37 -87.98
N VAL G 420 -16.87 -57.58 -88.00
CA VAL G 420 -18.32 -57.74 -88.12
C VAL G 420 -19.04 -57.29 -86.86
N THR G 421 -18.35 -57.29 -85.71
CA THR G 421 -19.02 -56.99 -84.44
C THR G 421 -19.67 -55.62 -84.44
N SER G 422 -19.17 -54.68 -85.26
CA SER G 422 -19.82 -53.37 -85.34
C SER G 422 -21.24 -53.50 -85.86
N LEU G 423 -21.44 -54.34 -86.88
CA LEU G 423 -22.76 -54.59 -87.43
C LEU G 423 -23.32 -55.88 -86.83
N ASP G 424 -24.47 -56.32 -87.35
CA ASP G 424 -25.15 -57.52 -86.87
C ASP G 424 -25.43 -58.45 -88.03
N ASP G 425 -25.24 -59.75 -87.79
CA ASP G 425 -25.45 -60.78 -88.81
C ASP G 425 -24.53 -60.57 -90.02
N TYR G 426 -23.23 -60.69 -89.72
CA TYR G 426 -22.17 -60.58 -90.76
C TYR G 426 -21.16 -61.67 -90.41
N LYS G 427 -20.25 -62.01 -91.33
CA LYS G 427 -19.32 -63.15 -91.05
C LYS G 427 -17.89 -62.77 -91.44
N GLU G 428 -16.91 -63.16 -90.61
CA GLU G 428 -15.49 -62.85 -90.89
C GLU G 428 -14.92 -63.93 -91.82
N LEU G 429 -15.10 -63.78 -93.14
CA LEU G 429 -14.48 -64.75 -94.08
C LEU G 429 -13.02 -64.93 -93.65
N SER G 430 -12.31 -63.82 -93.42
CA SER G 430 -10.90 -63.86 -93.07
C SER G 430 -10.52 -62.59 -92.32
N TYR G 431 -9.79 -62.76 -91.23
CA TYR G 431 -9.23 -61.65 -90.48
C TYR G 431 -7.78 -61.97 -90.14
N PHE G 432 -6.90 -61.01 -90.38
CA PHE G 432 -5.47 -61.20 -90.11
C PHE G 432 -4.76 -59.87 -90.13
N TRP G 433 -4.01 -59.56 -89.08
CA TRP G 433 -3.34 -58.27 -88.99
C TRP G 433 -2.20 -58.19 -90.01
N VAL G 434 -2.01 -56.99 -90.57
CA VAL G 434 -0.99 -56.76 -91.57
C VAL G 434 -0.42 -55.36 -91.40
N PHE G 435 0.70 -55.10 -92.05
CA PHE G 435 1.31 -53.78 -92.06
C PHE G 435 0.63 -52.92 -93.13
N PRO G 436 -0.09 -51.86 -92.77
CA PRO G 436 -0.63 -50.97 -93.80
C PRO G 436 0.43 -50.22 -94.58
N ASP G 437 1.65 -50.13 -94.06
CA ASP G 437 2.74 -49.42 -94.71
C ASP G 437 3.95 -50.34 -94.80
N SER G 438 4.94 -49.89 -95.58
CA SER G 438 6.13 -50.71 -95.80
C SER G 438 7.09 -50.54 -94.63
N VAL G 439 8.03 -51.48 -94.53
CA VAL G 439 9.09 -51.42 -93.53
C VAL G 439 10.40 -51.69 -94.22
N GLN G 440 11.49 -51.24 -93.62
CA GLN G 440 12.81 -51.42 -94.22
C GLN G 440 13.12 -52.90 -94.40
N LYS G 441 13.20 -53.32 -95.65
CA LYS G 441 13.72 -54.62 -96.06
C LYS G 441 12.93 -55.79 -95.49
N PHE G 442 11.72 -55.57 -94.98
CA PHE G 442 10.86 -56.68 -94.56
C PHE G 442 9.56 -56.74 -95.36
N ALA G 443 8.78 -55.67 -95.37
CA ALA G 443 7.47 -55.66 -96.00
C ALA G 443 7.54 -54.81 -97.26
N MET G 444 7.83 -55.45 -98.39
CA MET G 444 8.00 -54.73 -99.65
C MET G 444 7.00 -55.12 -100.73
N GLU G 445 6.38 -56.29 -100.62
CA GLU G 445 5.39 -56.71 -101.61
C GLU G 445 4.01 -56.19 -101.20
N MET G 446 3.18 -55.91 -102.20
CA MET G 446 1.97 -55.12 -102.03
C MET G 446 0.71 -55.94 -102.30
N TYR G 447 -0.38 -55.56 -101.63
CA TYR G 447 -1.70 -56.08 -101.91
C TYR G 447 -2.71 -54.94 -101.86
N GLY G 448 -3.63 -54.95 -102.81
CA GLY G 448 -4.64 -53.92 -102.90
C GLY G 448 -6.03 -54.51 -103.01
N VAL G 449 -7.01 -53.77 -102.50
CA VAL G 449 -8.40 -54.21 -102.46
C VAL G 449 -9.21 -53.35 -103.42
N SER G 450 -10.03 -54.00 -104.24
CA SER G 450 -10.98 -53.33 -105.11
C SER G 450 -12.27 -54.13 -105.14
N LYS G 451 -13.39 -53.41 -105.23
CA LYS G 451 -14.72 -54.02 -105.19
C LYS G 451 -15.60 -53.42 -106.26
N VAL G 452 -16.47 -54.25 -106.83
CA VAL G 452 -17.39 -53.79 -107.88
C VAL G 452 -18.72 -53.41 -107.22
N PRO G 453 -19.18 -52.17 -107.35
CA PRO G 453 -20.42 -51.79 -106.65
C PRO G 453 -21.62 -52.63 -107.06
N THR G 454 -21.74 -52.97 -108.33
CA THR G 454 -22.92 -53.70 -108.80
C THR G 454 -22.99 -55.09 -108.18
N ARG G 455 -21.85 -55.78 -108.15
CA ARG G 455 -21.76 -57.12 -107.61
C ARG G 455 -20.53 -57.22 -106.72
N ASN G 456 -20.71 -57.81 -105.54
CA ASN G 456 -19.64 -57.86 -104.55
C ASN G 456 -18.64 -58.96 -104.90
N TYR G 457 -18.03 -58.85 -106.08
CA TYR G 457 -16.96 -59.76 -106.48
C TYR G 457 -15.66 -59.17 -105.97
N MET G 458 -15.17 -59.70 -104.86
CA MET G 458 -13.92 -59.20 -104.28
C MET G 458 -12.83 -59.20 -105.33
N ARG G 459 -12.24 -58.03 -105.55
CA ARG G 459 -11.16 -57.85 -106.52
C ARG G 459 -9.95 -57.36 -105.75
N VAL G 460 -9.19 -58.32 -105.20
CA VAL G 460 -7.95 -58.05 -104.50
C VAL G 460 -6.82 -58.48 -105.41
N TYR G 461 -5.85 -57.59 -105.62
CA TYR G 461 -4.79 -57.85 -106.57
C TYR G 461 -3.51 -57.20 -106.07
N ALA G 462 -2.39 -57.59 -106.70
CA ALA G 462 -1.09 -57.02 -106.39
C ALA G 462 -1.03 -55.61 -106.98
N ALA G 463 -1.30 -54.61 -106.16
CA ALA G 463 -1.39 -53.23 -106.62
C ALA G 463 0.00 -52.63 -106.76
N ASP G 464 0.03 -51.33 -107.08
CA ASP G 464 1.32 -50.63 -107.30
C ASP G 464 1.23 -49.27 -106.60
N GLN G 465 2.34 -48.56 -106.49
CA GLN G 465 2.33 -47.23 -105.89
C GLN G 465 1.47 -46.28 -106.71
N SER G 466 1.35 -46.57 -108.01
CA SER G 466 0.52 -45.73 -108.91
C SER G 466 -0.97 -46.07 -108.71
N ASP G 467 -1.28 -47.32 -108.41
CA ASP G 467 -2.69 -47.70 -108.11
C ASP G 467 -3.19 -46.78 -106.99
N ILE G 468 -2.32 -46.48 -106.01
CA ILE G 468 -2.69 -45.53 -104.93
C ILE G 468 -2.90 -44.15 -105.57
N GLU G 469 -1.88 -43.65 -106.30
CA GLU G 469 -1.98 -42.31 -106.92
C GLU G 469 -3.33 -42.16 -107.65
N ASN G 470 -3.61 -43.04 -108.61
CA ASN G 470 -4.92 -43.00 -109.33
C ASN G 470 -5.75 -44.21 -108.89
N PRO G 471 -6.64 -44.07 -107.88
CA PRO G 471 -7.42 -45.22 -107.33
C PRO G 471 -8.66 -45.51 -108.18
N ARG G 472 -9.00 -46.80 -108.31
CA ARG G 472 -10.19 -47.20 -109.02
C ARG G 472 -11.42 -47.02 -108.12
N PRO G 473 -12.61 -46.99 -108.70
CA PRO G 473 -13.81 -46.82 -107.87
C PRO G 473 -13.94 -47.91 -106.83
N TYR G 474 -14.39 -47.54 -105.61
CA TYR G 474 -14.66 -48.55 -104.56
C TYR G 474 -13.39 -49.33 -104.17
N GLN G 475 -12.21 -48.78 -104.41
CA GLN G 475 -10.99 -49.44 -103.98
C GLN G 475 -10.74 -49.04 -102.52
N ARG G 476 -10.84 -50.01 -101.62
CA ARG G 476 -10.91 -49.69 -100.20
C ARG G 476 -9.54 -49.38 -99.61
N PHE G 477 -8.65 -50.36 -99.60
CA PHE G 477 -7.38 -50.22 -98.89
C PHE G 477 -6.31 -51.07 -99.57
N TRP G 478 -5.06 -50.70 -99.30
CA TRP G 478 -3.90 -51.42 -99.82
C TRP G 478 -2.92 -51.66 -98.68
N PHE G 479 -2.25 -52.81 -98.72
CA PHE G 479 -1.42 -53.25 -97.62
C PHE G 479 -0.19 -53.99 -98.15
N TYR G 480 0.87 -53.94 -97.36
CA TYR G 480 2.13 -54.59 -97.68
C TYR G 480 2.31 -55.85 -96.85
N VAL G 481 2.80 -56.91 -97.49
CA VAL G 481 3.01 -58.19 -96.83
C VAL G 481 4.51 -58.48 -96.81
N PRO G 482 5.02 -59.19 -95.81
CA PRO G 482 6.47 -59.43 -95.74
C PRO G 482 7.00 -60.15 -96.98
N SER G 483 8.21 -59.75 -97.38
CA SER G 483 8.89 -60.34 -98.52
C SER G 483 9.71 -61.53 -98.05
N ALA G 484 9.53 -62.67 -98.72
CA ALA G 484 10.25 -63.89 -98.36
C ALA G 484 11.74 -63.79 -98.69
N ASN G 485 12.16 -62.76 -99.43
CA ASN G 485 13.56 -62.62 -99.81
C ASN G 485 14.44 -62.17 -98.64
N SER G 486 13.85 -61.79 -97.51
CA SER G 486 14.65 -61.35 -96.38
C SER G 486 15.54 -62.50 -95.89
N PRO G 487 16.81 -62.25 -95.58
CA PRO G 487 17.69 -63.34 -95.13
C PRO G 487 17.42 -63.68 -93.67
N PRO G 488 17.23 -64.96 -93.33
CA PRO G 488 17.00 -65.32 -91.93
C PRO G 488 18.31 -65.49 -91.15
N GLY H 2 5.85 -44.81 -62.08
CA GLY H 2 5.59 -44.89 -60.66
C GLY H 2 5.33 -43.52 -60.05
N GLU H 3 4.08 -43.05 -60.18
CA GLU H 3 3.70 -41.77 -59.60
C GLU H 3 2.40 -41.90 -58.80
N VAL H 4 1.57 -42.88 -59.13
CA VAL H 4 0.31 -43.11 -58.44
C VAL H 4 0.18 -44.60 -58.15
N VAL H 5 -0.68 -44.92 -57.19
CA VAL H 5 -0.93 -46.31 -56.80
C VAL H 5 -2.34 -46.42 -56.25
N PRO H 6 -3.09 -47.46 -56.59
CA PRO H 6 -4.44 -47.61 -56.04
C PRO H 6 -4.41 -47.71 -54.52
N TYR H 7 -5.43 -47.16 -53.89
CA TYR H 7 -5.50 -47.15 -52.43
C TYR H 7 -5.53 -48.58 -51.90
N LYS H 8 -4.73 -48.83 -50.87
CA LYS H 8 -4.74 -50.10 -50.16
C LYS H 8 -5.05 -49.83 -48.69
N ALA H 9 -6.04 -50.52 -48.16
CA ALA H 9 -6.52 -50.21 -46.81
C ALA H 9 -5.37 -50.32 -45.81
N GLY H 10 -5.41 -49.45 -44.80
CA GLY H 10 -4.36 -49.36 -43.82
C GLY H 10 -3.25 -48.38 -44.16
N MET H 11 -3.26 -47.83 -45.37
CA MET H 11 -2.23 -46.88 -45.75
C MET H 11 -2.21 -45.70 -44.81
N GLN H 12 -1.03 -45.30 -44.39
CA GLN H 12 -0.83 -44.15 -43.52
C GLN H 12 0.03 -43.13 -44.24
N ARG H 13 -0.42 -41.88 -44.26
CA ARG H 13 0.33 -40.84 -44.95
C ARG H 13 1.75 -40.79 -44.41
N GLY H 14 2.71 -40.70 -45.32
CA GLY H 14 4.11 -40.61 -44.92
C GLY H 14 4.69 -41.93 -44.50
N GLN H 15 4.70 -42.90 -45.39
CA GLN H 15 5.27 -44.21 -45.12
C GLN H 15 6.00 -44.71 -46.36
N GLY H 16 6.98 -45.58 -46.12
CA GLY H 16 7.73 -46.14 -47.22
C GLY H 16 6.88 -47.06 -48.07
N TYR H 17 7.30 -47.19 -49.33
CA TYR H 17 6.58 -48.02 -50.30
C TYR H 17 7.61 -48.72 -51.17
N ASN H 18 7.66 -50.04 -51.07
CA ASN H 18 8.55 -50.86 -51.90
C ASN H 18 7.87 -51.03 -53.25
N THR H 19 8.23 -50.18 -54.22
CA THR H 19 7.48 -50.13 -55.46
C THR H 19 7.53 -51.45 -56.22
N TYR H 20 8.60 -52.23 -56.07
CA TYR H 20 8.66 -53.53 -56.73
C TYR H 20 7.69 -54.51 -56.10
N LEU H 21 7.83 -54.78 -54.81
CA LEU H 21 6.93 -55.69 -54.12
C LEU H 21 5.55 -55.09 -53.89
N GLN H 22 5.36 -53.80 -54.15
CA GLN H 22 4.07 -53.14 -54.01
C GLN H 22 3.51 -53.33 -52.60
N SER H 23 4.39 -53.53 -51.63
CA SER H 23 3.98 -53.72 -50.24
C SER H 23 4.07 -52.38 -49.51
N LEU H 24 3.84 -52.41 -48.20
CA LEU H 24 3.91 -51.22 -47.37
C LEU H 24 5.12 -51.32 -46.45
N CYS H 25 5.75 -50.17 -46.20
CA CYS H 25 6.95 -50.13 -45.38
C CYS H 25 6.80 -49.13 -44.24
N VAL H 26 7.90 -48.82 -43.55
CA VAL H 26 7.84 -48.12 -42.28
C VAL H 26 6.89 -46.93 -42.37
N LYS H 27 6.12 -46.72 -41.32
CA LYS H 27 5.20 -45.60 -41.26
C LYS H 27 5.83 -44.45 -40.49
N ASP H 28 5.53 -43.23 -40.93
CA ASP H 28 6.00 -42.01 -40.26
C ASP H 28 7.48 -41.74 -40.52
N ALA H 29 7.98 -42.17 -41.67
CA ALA H 29 9.32 -41.76 -42.08
C ALA H 29 9.34 -40.31 -42.53
N VAL H 30 8.22 -39.81 -43.06
CA VAL H 30 8.11 -38.46 -43.57
C VAL H 30 6.96 -37.77 -42.83
N THR H 31 7.24 -36.60 -42.27
CA THR H 31 6.23 -35.78 -41.62
C THR H 31 5.88 -34.63 -42.56
N ILE H 32 4.59 -34.49 -42.86
CA ILE H 32 4.10 -33.42 -43.72
C ILE H 32 3.37 -32.42 -42.85
N GLU H 33 3.84 -31.18 -42.85
CA GLU H 33 3.21 -30.11 -42.09
C GLU H 33 2.25 -29.35 -43.01
N ARG H 34 0.98 -29.31 -42.62
CA ARG H 34 -0.02 -28.55 -43.35
C ARG H 34 0.08 -27.09 -42.90
N HIS H 35 0.83 -26.30 -43.64
CA HIS H 35 1.00 -24.89 -43.27
C HIS H 35 -0.34 -24.16 -43.29
N ASP H 36 -1.16 -24.41 -44.31
CA ASP H 36 -2.44 -23.75 -44.48
C ASP H 36 -3.54 -24.80 -44.48
N ASP H 37 -4.60 -24.55 -43.72
CA ASP H 37 -5.74 -25.47 -43.64
C ASP H 37 -6.75 -25.06 -44.71
N SER H 38 -6.68 -25.72 -45.86
CA SER H 38 -7.60 -25.44 -46.95
C SER H 38 -7.63 -26.62 -47.90
N ASN H 39 -8.83 -26.98 -48.36
CA ASN H 39 -8.95 -28.10 -49.28
C ASN H 39 -8.33 -27.73 -50.63
N PRO H 40 -7.74 -28.70 -51.33
CA PRO H 40 -7.05 -28.39 -52.57
C PRO H 40 -8.05 -28.13 -53.70
N PRO H 41 -7.58 -27.56 -54.81
CA PRO H 41 -8.46 -27.35 -55.95
C PRO H 41 -9.00 -28.66 -56.50
N PHE H 42 -10.21 -28.61 -57.04
CA PHE H 42 -10.92 -29.83 -57.42
C PHE H 42 -11.53 -29.66 -58.81
N LYS H 43 -11.78 -30.80 -59.45
CA LYS H 43 -12.36 -30.85 -60.79
C LYS H 43 -13.66 -31.64 -60.72
N LYS H 44 -14.71 -31.09 -61.32
CA LYS H 44 -16.04 -31.68 -61.25
C LYS H 44 -16.53 -32.09 -62.63
N GLU H 45 -17.39 -33.12 -62.64
CA GLU H 45 -18.11 -33.53 -63.83
C GLU H 45 -19.55 -33.81 -63.45
N TYR H 46 -20.45 -33.69 -64.44
CA TYR H 46 -21.87 -33.91 -64.17
C TYR H 46 -22.54 -34.29 -65.50
N TYR H 47 -22.80 -35.57 -65.68
CA TYR H 47 -23.54 -36.09 -66.83
C TYR H 47 -24.93 -36.48 -66.35
N SER H 48 -25.96 -35.92 -66.97
CA SER H 48 -27.34 -36.13 -66.54
C SER H 48 -28.23 -36.47 -67.73
N GLU H 49 -29.18 -37.37 -67.50
CA GLU H 49 -30.16 -37.75 -68.51
C GLU H 49 -31.54 -37.80 -67.85
N PHE H 50 -32.55 -37.29 -68.54
CA PHE H 50 -33.93 -37.36 -68.08
C PHE H 50 -34.77 -37.84 -69.25
N ILE H 51 -34.99 -39.15 -69.33
CA ILE H 51 -35.61 -39.73 -70.52
C ILE H 51 -37.08 -39.31 -70.60
N GLU H 52 -37.63 -39.43 -71.80
CA GLU H 52 -38.93 -38.85 -72.12
C GLU H 52 -40.00 -39.28 -71.13
N GLU H 53 -41.08 -38.52 -71.08
CA GLU H 53 -42.27 -38.87 -70.32
C GLU H 53 -43.24 -39.53 -71.28
N TYR H 54 -43.28 -40.86 -71.27
CA TYR H 54 -44.13 -41.62 -72.18
C TYR H 54 -45.58 -41.43 -71.73
N GLU H 55 -46.13 -40.26 -72.10
CA GLU H 55 -47.54 -39.96 -71.74
C GLU H 55 -48.44 -40.34 -72.92
N LYS H 56 -49.26 -41.37 -72.73
CA LYS H 56 -50.14 -41.87 -73.78
C LYS H 56 -51.52 -42.08 -73.19
N ILE H 57 -52.48 -41.25 -73.59
CA ILE H 57 -53.87 -41.42 -73.22
C ILE H 57 -54.61 -41.91 -74.46
N ALA H 58 -55.22 -43.08 -74.36
CA ALA H 58 -56.13 -43.59 -75.38
C ALA H 58 -57.48 -43.82 -74.72
N LYS H 59 -58.52 -43.22 -75.28
CA LYS H 59 -59.83 -43.19 -74.65
C LYS H 59 -60.90 -43.55 -75.67
N SER H 60 -61.96 -44.22 -75.20
CA SER H 60 -62.99 -44.76 -76.07
C SER H 60 -64.35 -44.17 -75.70
N MET H 61 -65.17 -43.91 -76.73
CA MET H 61 -66.56 -43.45 -76.49
C MET H 61 -67.46 -44.04 -77.58
N ARG H 62 -68.11 -45.17 -77.30
CA ARG H 62 -68.94 -45.90 -78.24
C ARG H 62 -70.38 -45.87 -77.74
N ILE H 63 -71.27 -45.28 -78.53
CA ILE H 63 -72.68 -45.18 -78.20
C ILE H 63 -73.48 -45.77 -79.36
N SER H 64 -74.59 -46.41 -79.02
CA SER H 64 -75.47 -46.99 -80.04
C SER H 64 -76.87 -47.11 -79.47
N ALA H 65 -77.84 -46.48 -80.13
CA ALA H 65 -79.22 -46.53 -79.69
C ALA H 65 -80.13 -46.39 -80.90
N GLY H 66 -81.32 -47.00 -80.79
CA GLY H 66 -82.30 -46.93 -81.85
C GLY H 66 -83.47 -47.86 -81.63
N VAL H 78 -89.21 -50.74 -77.86
CA VAL H 78 -88.02 -51.57 -77.86
C VAL H 78 -86.82 -50.75 -78.29
N ASN H 79 -86.39 -49.85 -77.42
CA ASN H 79 -85.25 -48.99 -77.68
C ASN H 79 -84.08 -49.45 -76.81
N VAL H 80 -82.91 -49.60 -77.42
CA VAL H 80 -81.74 -50.10 -76.73
C VAL H 80 -80.69 -48.99 -76.69
N ASP H 81 -79.80 -49.08 -75.72
CA ASP H 81 -78.70 -48.14 -75.56
C ASP H 81 -77.42 -48.89 -75.24
N ILE H 82 -76.30 -48.37 -75.72
CA ILE H 82 -74.98 -48.91 -75.41
C ILE H 82 -74.04 -47.74 -75.16
N LEU H 83 -73.29 -47.79 -74.06
CA LEU H 83 -72.41 -46.70 -73.66
C LEU H 83 -71.12 -47.31 -73.12
N ASN H 84 -70.09 -47.37 -73.95
CA ASN H 84 -68.83 -48.01 -73.59
C ASN H 84 -67.71 -46.99 -73.54
N ARG H 85 -66.91 -47.05 -72.48
CA ARG H 85 -65.78 -46.16 -72.28
C ARG H 85 -64.52 -46.97 -72.03
N SER H 86 -63.38 -46.33 -72.28
CA SER H 86 -62.10 -46.91 -71.94
C SER H 86 -61.12 -45.77 -71.72
N GLU H 87 -60.00 -46.09 -71.08
CA GLU H 87 -58.98 -45.08 -70.80
C GLU H 87 -57.69 -45.79 -70.48
N PHE H 88 -56.66 -45.55 -71.28
CA PHE H 88 -55.35 -46.16 -71.09
C PHE H 88 -54.32 -45.07 -70.92
N GLU H 89 -53.60 -45.08 -69.79
CA GLU H 89 -52.61 -44.07 -69.48
C GLU H 89 -51.25 -44.74 -69.33
N THR H 90 -50.21 -44.02 -69.74
CA THR H 90 -48.84 -44.50 -69.60
C THR H 90 -47.96 -43.34 -69.17
N SER H 91 -46.94 -43.63 -68.37
CA SER H 91 -45.99 -42.60 -67.95
C SER H 91 -44.70 -43.31 -67.55
N THR H 92 -43.71 -43.29 -68.43
CA THR H 92 -42.40 -43.87 -68.16
C THR H 92 -41.41 -42.72 -68.00
N LEU H 93 -40.94 -42.50 -66.78
CA LEU H 93 -39.92 -41.52 -66.49
C LEU H 93 -38.65 -42.26 -66.07
N THR H 94 -37.51 -41.85 -66.63
CA THR H 94 -36.24 -42.42 -66.25
C THR H 94 -35.25 -41.29 -66.03
N TYR H 95 -34.29 -41.52 -65.14
CA TYR H 95 -33.31 -40.50 -64.79
C TYR H 95 -31.95 -41.17 -64.57
N GLU H 96 -30.89 -40.40 -64.73
CA GLU H 96 -29.54 -40.92 -64.50
C GLU H 96 -28.56 -39.77 -64.43
N VAL H 97 -27.72 -39.76 -63.40
CA VAL H 97 -26.65 -38.78 -63.27
C VAL H 97 -25.37 -39.52 -62.91
N LYS H 98 -24.24 -38.85 -63.13
CA LYS H 98 -22.94 -39.40 -62.79
C LYS H 98 -22.00 -38.24 -62.51
N VAL H 99 -21.73 -38.00 -61.23
CA VAL H 99 -20.92 -36.87 -60.79
C VAL H 99 -19.56 -37.39 -60.37
N LEU H 100 -18.50 -36.85 -60.97
CA LEU H 100 -17.13 -37.22 -60.65
C LEU H 100 -16.39 -36.00 -60.13
N VAL H 101 -15.78 -36.13 -58.95
CA VAL H 101 -15.02 -35.04 -58.33
C VAL H 101 -13.62 -35.57 -58.05
N GLN H 102 -12.62 -34.80 -58.49
CA GLN H 102 -11.22 -35.17 -58.28
C GLN H 102 -10.48 -33.95 -57.75
N HIS H 103 -9.85 -34.09 -56.60
CA HIS H 103 -9.10 -33.00 -55.99
C HIS H 103 -7.68 -33.02 -56.54
N GLN H 104 -6.82 -32.15 -56.00
CA GLN H 104 -5.40 -32.15 -56.35
C GLN H 104 -4.57 -32.15 -55.07
N VAL H 105 -3.25 -32.15 -55.21
CA VAL H 105 -2.34 -32.16 -54.08
C VAL H 105 -1.83 -30.74 -53.86
N SER H 106 -1.96 -30.25 -52.64
CA SER H 106 -1.57 -28.89 -52.35
C SER H 106 -0.07 -28.69 -52.58
N VAL H 107 0.29 -27.51 -53.05
CA VAL H 107 1.66 -27.21 -53.42
C VAL H 107 2.40 -26.41 -52.35
N LEU H 108 1.74 -26.11 -51.23
CA LEU H 108 2.31 -25.26 -50.18
C LEU H 108 2.55 -26.04 -48.89
N ASP H 109 3.04 -27.27 -49.00
CA ASP H 109 3.35 -28.10 -47.84
C ASP H 109 4.84 -28.33 -47.76
N LYS H 110 5.31 -28.71 -46.58
CA LYS H 110 6.71 -28.98 -46.32
C LYS H 110 6.88 -30.46 -46.01
N HIS H 111 7.89 -31.06 -46.63
CA HIS H 111 8.18 -32.48 -46.47
C HIS H 111 9.52 -32.65 -45.77
N SER H 112 9.56 -33.52 -44.76
CA SER H 112 10.75 -33.78 -43.98
C SER H 112 10.99 -35.27 -43.89
N PHE H 113 12.20 -35.64 -43.47
CA PHE H 113 12.60 -37.04 -43.37
C PHE H 113 13.10 -37.34 -41.97
N ASN H 114 12.47 -38.31 -41.32
CA ASN H 114 12.81 -38.71 -39.97
C ASN H 114 13.68 -39.96 -40.00
N LYS H 115 14.61 -40.05 -39.06
CA LYS H 115 15.62 -41.10 -39.06
C LYS H 115 15.15 -42.28 -38.20
N ILE H 116 15.17 -43.47 -38.79
CA ILE H 116 14.96 -44.72 -38.06
C ILE H 116 16.24 -45.52 -38.17
N GLN H 117 16.77 -45.96 -37.03
CA GLN H 117 18.05 -46.66 -37.00
C GLN H 117 17.82 -48.13 -37.32
N THR H 118 18.41 -48.60 -38.42
CA THR H 118 18.27 -49.98 -38.86
C THR H 118 19.55 -50.43 -39.54
N THR H 119 19.85 -51.72 -39.43
CA THR H 119 20.97 -52.28 -40.16
C THR H 119 20.63 -52.54 -41.62
N THR H 120 19.36 -52.49 -41.98
CA THR H 120 18.90 -52.71 -43.34
C THR H 120 17.94 -51.59 -43.73
N PRO H 121 18.43 -50.36 -43.86
CA PRO H 121 17.51 -49.25 -44.16
C PRO H 121 16.78 -49.43 -45.49
N HIS H 122 17.32 -50.24 -46.39
CA HIS H 122 16.69 -50.44 -47.69
C HIS H 122 15.35 -51.14 -47.54
N ALA H 123 15.31 -52.21 -46.74
CA ALA H 123 14.07 -52.97 -46.57
C ALA H 123 13.10 -52.29 -45.63
N THR H 124 13.59 -51.37 -44.79
CA THR H 124 12.70 -50.64 -43.88
C THR H 124 12.10 -49.44 -44.57
N TYR H 125 12.94 -48.56 -45.14
CA TYR H 125 12.43 -47.36 -45.79
C TYR H 125 11.77 -47.68 -47.12
N GLY H 126 12.39 -48.55 -47.92
CA GLY H 126 11.89 -48.86 -49.23
C GLY H 126 12.49 -47.97 -50.30
N ASP H 127 11.66 -47.50 -51.24
CA ASP H 127 12.10 -46.59 -52.28
C ASP H 127 11.40 -45.24 -52.22
N ARG H 128 10.07 -45.22 -52.16
CA ARG H 128 9.31 -43.99 -52.22
C ARG H 128 8.31 -43.93 -51.08
N PHE H 129 7.95 -42.71 -50.71
CA PHE H 129 7.06 -42.44 -49.59
C PHE H 129 5.73 -41.85 -50.07
N ILE H 130 4.73 -41.93 -49.22
CA ILE H 130 3.37 -41.49 -49.54
C ILE H 130 3.25 -40.05 -49.09
N ALA H 131 3.35 -39.11 -50.03
CA ALA H 131 3.35 -37.70 -49.69
C ALA H 131 1.95 -37.19 -49.42
N ASP H 132 1.08 -37.24 -50.43
CA ASP H 132 -0.28 -36.76 -50.32
C ASP H 132 -1.22 -37.75 -50.98
N PHE H 133 -2.45 -37.78 -50.50
CA PHE H 133 -3.47 -38.69 -51.03
C PHE H 133 -4.36 -37.94 -52.01
N ILE H 134 -4.49 -38.48 -53.21
CA ILE H 134 -5.40 -37.92 -54.20
C ILE H 134 -6.83 -38.26 -53.80
N LYS H 135 -7.64 -37.24 -53.55
CA LYS H 135 -8.99 -37.43 -53.06
C LYS H 135 -10.00 -37.14 -54.15
N GLY H 136 -11.21 -37.66 -53.95
CA GLY H 136 -12.27 -37.49 -54.93
C GLY H 136 -13.62 -37.96 -54.44
N GLY H 137 -14.53 -38.20 -55.38
CA GLY H 137 -15.88 -38.63 -55.04
C GLY H 137 -16.58 -39.16 -56.28
N HIS H 138 -17.78 -39.69 -56.06
CA HIS H 138 -18.51 -40.35 -57.13
C HIS H 138 -20.00 -40.30 -56.83
N PHE H 139 -20.79 -40.29 -57.90
CA PHE H 139 -22.24 -40.36 -57.75
C PHE H 139 -22.80 -41.16 -58.92
N TYR H 140 -23.92 -41.84 -58.66
CA TYR H 140 -24.55 -42.67 -59.68
C TYR H 140 -25.99 -42.93 -59.26
N ALA H 141 -26.94 -42.43 -60.04
CA ALA H 141 -28.34 -42.55 -59.69
C ALA H 141 -29.13 -43.05 -60.88
N ARG H 142 -30.21 -43.78 -60.60
CA ARG H 142 -31.14 -44.25 -61.62
C ARG H 142 -32.53 -44.27 -61.03
N VAL H 143 -33.45 -43.55 -61.64
CA VAL H 143 -34.86 -43.58 -61.28
C VAL H 143 -35.62 -44.18 -62.44
N SER H 144 -36.52 -45.11 -62.15
CA SER H 144 -37.35 -45.76 -63.17
C SER H 144 -38.79 -45.72 -62.67
N ILE H 145 -39.50 -44.63 -62.97
CA ILE H 145 -40.90 -44.49 -62.61
C ILE H 145 -41.74 -45.14 -63.69
N THR H 146 -42.44 -46.22 -63.35
CA THR H 146 -43.24 -46.99 -64.35
C THR H 146 -44.54 -46.27 -64.61
N ALA H 147 -45.30 -46.71 -65.61
CA ALA H 147 -46.58 -46.10 -66.02
C ALA H 147 -47.63 -46.21 -64.92
N LYS H 148 -48.77 -45.55 -65.11
CA LYS H 148 -49.90 -45.68 -64.16
C LYS H 148 -50.78 -46.80 -64.70
N ASN H 149 -50.83 -46.97 -66.03
CA ASN H 149 -51.73 -47.93 -66.66
C ASN H 149 -53.16 -47.76 -66.15
N SER H 150 -53.61 -46.52 -66.13
CA SER H 150 -55.01 -46.26 -65.80
C SER H 150 -55.90 -47.02 -66.77
N SER H 151 -56.93 -47.66 -66.25
CA SER H 151 -57.78 -48.52 -67.06
C SER H 151 -59.27 -48.22 -66.82
N GLU H 152 -59.65 -46.97 -66.84
CA GLU H 152 -61.05 -46.59 -66.66
C GLU H 152 -61.86 -47.16 -67.82
N THR H 153 -62.80 -48.06 -67.51
CA THR H 153 -63.70 -48.63 -68.49
C THR H 153 -65.11 -48.67 -67.90
N SER H 154 -66.11 -48.75 -68.77
CA SER H 154 -67.50 -48.79 -68.33
C SER H 154 -68.39 -49.20 -69.49
N GLU H 155 -69.56 -49.73 -69.16
CA GLU H 155 -70.55 -50.16 -70.13
C GLU H 155 -71.93 -49.87 -69.55
N LEU H 156 -72.90 -49.61 -70.42
CA LEU H 156 -74.28 -49.38 -70.01
C LEU H 156 -75.21 -49.96 -71.06
N LYS H 157 -76.40 -50.39 -70.62
CA LYS H 157 -77.37 -51.05 -71.50
C LYS H 157 -78.77 -50.74 -71.02
N GLN H 158 -79.50 -49.92 -71.79
CA GLN H 158 -80.87 -49.52 -71.46
C GLN H 158 -81.82 -50.06 -72.52
N SER H 159 -82.40 -51.21 -72.25
CA SER H 159 -83.41 -51.78 -73.14
C SER H 159 -84.79 -51.34 -72.69
N ALA H 160 -85.46 -50.55 -73.53
CA ALA H 160 -86.79 -50.06 -73.22
C ALA H 160 -86.81 -49.31 -71.89
N THR H 174 -91.04 -52.56 -69.19
CA THR H 174 -89.79 -53.31 -69.18
C THR H 174 -88.58 -52.38 -69.23
N GLN H 175 -87.56 -52.71 -68.44
CA GLN H 175 -86.38 -51.87 -68.33
C GLN H 175 -85.19 -52.78 -68.02
N GLU H 176 -83.99 -52.27 -68.31
CA GLU H 176 -82.77 -53.02 -68.06
C GLU H 176 -81.61 -52.05 -67.92
N VAL H 177 -80.75 -52.32 -66.94
CA VAL H 177 -79.53 -51.54 -66.73
C VAL H 177 -78.40 -52.51 -66.44
N GLU H 178 -77.24 -52.25 -67.04
CA GLU H 178 -76.07 -53.14 -66.93
C GLU H 178 -74.81 -52.27 -66.90
N ARG H 179 -74.25 -52.08 -65.71
CA ARG H 179 -73.02 -51.31 -65.54
C ARG H 179 -71.90 -52.14 -64.93
N ALA H 180 -71.84 -53.44 -65.23
CA ALA H 180 -70.82 -54.32 -64.65
C ALA H 180 -69.51 -54.22 -65.43
N VAL H 181 -69.00 -53.01 -65.60
CA VAL H 181 -67.71 -52.79 -66.23
C VAL H 181 -67.06 -51.59 -65.55
N SER H 182 -65.91 -51.83 -64.93
CA SER H 182 -65.17 -50.77 -64.25
C SER H 182 -63.82 -51.32 -63.81
N SER H 183 -62.77 -50.53 -64.03
CA SER H 183 -61.42 -50.92 -63.63
C SER H 183 -60.60 -49.66 -63.44
N ILE H 184 -59.49 -49.79 -62.73
CA ILE H 184 -58.66 -48.66 -62.35
C ILE H 184 -57.19 -49.01 -62.61
N LYS H 185 -56.33 -48.00 -62.47
CA LYS H 185 -54.90 -48.13 -62.70
C LYS H 185 -54.30 -49.22 -61.84
N ARG H 186 -53.30 -49.90 -62.39
CA ARG H 186 -52.46 -50.79 -61.58
C ARG H 186 -51.06 -50.74 -62.18
N ASN H 187 -50.27 -49.75 -61.74
CA ASN H 187 -48.84 -49.75 -61.97
C ASN H 187 -48.20 -48.58 -61.22
N ALA H 188 -47.17 -48.86 -60.42
CA ALA H 188 -46.37 -47.80 -59.83
C ALA H 188 -45.05 -48.43 -59.37
N SER H 189 -44.01 -48.26 -60.17
CA SER H 189 -42.70 -48.83 -59.87
C SER H 189 -41.69 -47.69 -59.74
N VAL H 190 -41.00 -47.65 -58.62
CA VAL H 190 -39.96 -46.66 -58.37
C VAL H 190 -38.70 -47.43 -58.02
N LYS H 191 -37.83 -47.63 -59.00
CA LYS H 191 -36.53 -48.25 -58.78
C LYS H 191 -35.49 -47.15 -58.62
N ILE H 192 -34.85 -47.10 -57.47
CA ILE H 192 -33.83 -46.11 -57.16
C ILE H 192 -32.56 -46.84 -56.79
N THR H 193 -31.46 -46.50 -57.46
CA THR H 193 -30.13 -46.94 -57.07
C THR H 193 -29.27 -45.70 -56.90
N ILE H 194 -28.61 -45.59 -55.75
CA ILE H 194 -27.74 -44.45 -55.47
C ILE H 194 -26.41 -45.00 -54.96
N ILE H 195 -25.33 -44.66 -55.66
CA ILE H 195 -23.99 -45.10 -55.29
C ILE H 195 -23.15 -43.85 -55.05
N GLU H 196 -22.64 -43.71 -53.83
CA GLU H 196 -21.97 -42.49 -53.42
C GLU H 196 -20.64 -42.81 -52.77
N SER H 197 -19.68 -41.90 -52.97
CA SER H 197 -18.38 -41.94 -52.31
C SER H 197 -18.08 -40.50 -51.88
N THR H 198 -18.50 -40.15 -50.67
CA THR H 198 -18.36 -38.77 -50.19
C THR H 198 -17.69 -38.74 -48.82
N GLY H 199 -17.67 -37.56 -48.20
CA GLY H 199 -17.03 -37.40 -46.92
C GLY H 199 -17.92 -36.66 -45.94
N THR H 200 -17.57 -36.80 -44.67
CA THR H 200 -18.31 -36.16 -43.60
C THR H 200 -18.00 -34.67 -43.54
N SER H 201 -18.94 -33.90 -43.01
CA SER H 201 -18.73 -32.46 -42.85
C SER H 201 -17.65 -32.20 -41.81
N SER H 216 -42.58 -37.59 -55.91
CA SER H 216 -41.54 -36.62 -56.20
C SER H 216 -40.17 -37.25 -56.02
N ASP H 217 -40.07 -38.56 -56.27
CA ASP H 217 -38.78 -39.23 -56.12
C ASP H 217 -37.79 -38.79 -57.18
N LEU H 218 -38.28 -38.41 -58.36
CA LEU H 218 -37.39 -37.86 -59.37
C LEU H 218 -36.73 -36.58 -58.89
N LEU H 219 -37.50 -35.70 -58.25
CA LEU H 219 -36.94 -34.46 -57.73
C LEU H 219 -36.02 -34.71 -56.55
N ALA H 220 -36.37 -35.67 -55.68
CA ALA H 220 -35.54 -35.95 -54.52
C ALA H 220 -34.14 -36.38 -54.92
N VAL H 221 -34.03 -37.26 -55.92
CA VAL H 221 -32.73 -37.66 -56.42
C VAL H 221 -32.00 -36.46 -57.00
N LYS H 222 -32.75 -35.57 -57.66
CA LYS H 222 -32.13 -34.41 -58.28
C LYS H 222 -31.49 -33.49 -57.24
N GLU H 223 -32.18 -33.27 -56.12
CA GLU H 223 -31.63 -32.38 -55.10
C GLU H 223 -30.33 -32.92 -54.53
N LYS H 224 -30.29 -34.21 -54.22
CA LYS H 224 -29.03 -34.81 -53.78
C LYS H 224 -27.99 -34.76 -54.88
N ALA H 225 -28.40 -34.97 -56.13
CA ALA H 225 -27.47 -34.86 -57.24
C ALA H 225 -26.95 -33.43 -57.39
N ASP H 226 -27.86 -32.44 -57.32
CA ASP H 226 -27.41 -31.05 -57.41
C ASP H 226 -26.69 -30.63 -56.15
N GLN H 227 -27.21 -30.99 -54.98
CA GLN H 227 -26.50 -30.67 -53.74
C GLN H 227 -25.11 -31.27 -53.73
N PHE H 228 -24.92 -32.41 -54.40
CA PHE H 228 -23.58 -32.99 -54.49
C PHE H 228 -22.66 -32.03 -55.22
N TYR H 229 -23.17 -31.46 -56.33
CA TYR H 229 -22.39 -30.46 -57.11
C TYR H 229 -22.04 -29.33 -56.16
N LYS H 230 -23.05 -28.70 -55.55
CA LYS H 230 -22.79 -27.57 -54.67
C LYS H 230 -21.98 -27.99 -53.45
N ASP H 231 -22.18 -29.23 -52.98
CA ASP H 231 -21.44 -29.68 -51.81
C ASP H 231 -19.95 -29.70 -52.07
N ALA H 232 -19.53 -30.06 -53.28
CA ALA H 232 -18.11 -30.10 -53.59
C ALA H 232 -17.45 -28.74 -53.35
N ASP H 233 -18.13 -27.65 -53.71
CA ASP H 233 -17.53 -26.33 -53.55
C ASP H 233 -17.11 -26.09 -52.11
N SER H 234 -17.91 -26.58 -51.16
CA SER H 234 -17.52 -26.49 -49.76
C SER H 234 -16.32 -27.37 -49.44
N GLY H 235 -15.91 -28.24 -50.36
CA GLY H 235 -14.74 -29.06 -50.16
C GLY H 235 -14.89 -30.10 -49.08
N LYS H 236 -16.05 -30.76 -49.01
CA LYS H 236 -16.26 -31.88 -48.11
C LYS H 236 -16.14 -33.23 -48.81
N HIS H 237 -15.77 -33.26 -50.09
CA HIS H 237 -15.66 -34.51 -50.84
C HIS H 237 -14.23 -35.00 -50.70
N SER H 238 -13.93 -35.55 -49.53
CA SER H 238 -12.59 -36.04 -49.22
C SER H 238 -12.69 -37.55 -49.10
N TYR H 239 -12.58 -38.24 -50.22
CA TYR H 239 -12.52 -39.69 -50.25
C TYR H 239 -11.20 -40.10 -50.90
N VAL H 240 -10.48 -41.01 -50.26
CA VAL H 240 -9.14 -41.37 -50.72
C VAL H 240 -9.26 -42.25 -51.95
N LEU H 241 -8.66 -41.81 -53.05
CA LEU H 241 -8.67 -42.57 -54.29
C LEU H 241 -7.28 -43.06 -54.68
N PHE H 242 -6.31 -42.16 -54.82
CA PHE H 242 -4.97 -42.50 -55.25
C PHE H 242 -3.96 -41.91 -54.28
N ALA H 243 -2.76 -42.47 -54.30
CA ALA H 243 -1.64 -42.01 -53.48
C ALA H 243 -0.51 -41.56 -54.39
N VAL H 244 0.05 -40.39 -54.12
CA VAL H 244 1.12 -39.80 -54.92
C VAL H 244 2.45 -40.16 -54.27
N LEU H 245 3.37 -40.69 -55.08
CA LEU H 245 4.65 -41.17 -54.59
C LEU H 245 5.73 -40.11 -54.79
N GLY H 246 6.64 -40.04 -53.83
CA GLY H 246 7.75 -39.11 -53.91
C GLY H 246 9.05 -39.82 -53.58
N LYS H 247 10.14 -39.32 -54.16
CA LYS H 247 11.44 -39.94 -53.99
C LYS H 247 12.17 -39.34 -52.80
N TYR H 248 12.77 -40.20 -51.99
CA TYR H 248 13.44 -39.75 -50.78
C TYR H 248 14.59 -38.80 -51.07
N ARG H 249 15.14 -38.83 -52.28
CA ARG H 249 16.26 -37.96 -52.60
C ARG H 249 15.84 -36.50 -52.62
N ASN H 250 14.63 -36.22 -53.11
CA ASN H 250 14.16 -34.85 -53.22
C ASN H 250 13.89 -34.18 -51.88
N LEU H 251 13.87 -34.95 -50.80
CA LEU H 251 13.68 -34.35 -49.48
C LEU H 251 14.88 -33.47 -49.13
N SER H 252 14.60 -32.26 -48.65
CA SER H 252 15.68 -31.39 -48.20
C SER H 252 16.43 -32.01 -47.03
N ASN H 253 15.69 -32.55 -46.05
CA ASN H 253 16.30 -33.08 -44.84
C ASN H 253 17.08 -34.37 -45.10
N PHE H 254 16.91 -34.96 -46.27
CA PHE H 254 17.65 -36.16 -46.63
C PHE H 254 19.11 -35.80 -46.86
N GLU H 255 19.98 -36.22 -45.94
CA GLU H 255 21.43 -36.11 -46.10
C GLU H 255 22.03 -37.42 -46.58
N SER H 256 21.32 -38.14 -47.45
CA SER H 256 21.78 -39.40 -47.99
C SER H 256 21.99 -40.42 -46.88
N TYR H 257 20.89 -40.72 -46.19
CA TYR H 257 20.90 -41.78 -45.19
C TYR H 257 21.20 -43.12 -45.82
N PHE H 258 20.91 -43.27 -47.12
CA PHE H 258 21.19 -44.51 -47.83
C PHE H 258 21.13 -44.20 -49.32
N ALA H 259 21.32 -45.24 -50.13
CA ALA H 259 21.25 -45.10 -51.57
C ALA H 259 20.04 -45.85 -52.09
N PRO H 260 18.92 -45.18 -52.35
CA PRO H 260 17.72 -45.91 -52.80
C PRO H 260 17.97 -46.61 -54.13
N PHE H 261 17.37 -47.79 -54.26
CA PHE H 261 17.45 -48.50 -55.52
C PHE H 261 16.47 -47.91 -56.53
N ASP H 262 16.75 -48.18 -57.82
CA ASP H 262 15.84 -47.78 -58.94
C ASP H 262 15.34 -49.10 -59.51
N TYR H 263 14.13 -49.53 -59.17
CA TYR H 263 13.59 -50.84 -59.53
C TYR H 263 12.94 -50.85 -60.90
N GLN H 264 12.98 -49.75 -61.64
CA GLN H 264 12.33 -49.72 -62.95
C GLN H 264 12.86 -50.82 -63.85
N MET H 265 14.19 -50.92 -63.96
CA MET H 265 14.77 -51.96 -64.80
C MET H 265 14.63 -53.34 -64.17
N ALA H 266 14.81 -53.44 -62.86
CA ALA H 266 14.71 -54.74 -62.19
C ALA H 266 13.31 -55.32 -62.36
N SER H 267 12.27 -54.51 -62.19
CA SER H 267 10.92 -55.00 -62.40
C SER H 267 10.70 -55.44 -63.84
N LEU H 268 11.22 -54.66 -64.79
CA LEU H 268 11.06 -55.04 -66.19
C LEU H 268 11.72 -56.38 -66.47
N ARG H 269 12.94 -56.58 -65.98
CA ARG H 269 13.63 -57.85 -66.23
C ARG H 269 12.89 -59.01 -65.58
N SER H 270 12.41 -58.83 -64.35
CA SER H 270 11.80 -59.92 -63.59
C SER H 270 10.28 -59.88 -63.71
N TRP H 271 9.79 -59.94 -64.94
CA TRP H 271 8.35 -60.09 -65.18
C TRP H 271 7.93 -61.53 -65.41
N ALA H 272 8.75 -62.34 -66.08
CA ALA H 272 8.41 -63.74 -66.25
C ALA H 272 8.25 -64.44 -64.91
N LEU H 273 8.95 -63.96 -63.88
CA LEU H 273 8.81 -64.56 -62.56
C LEU H 273 7.52 -64.12 -61.88
N PHE H 274 7.14 -62.85 -62.06
CA PHE H 274 5.93 -62.35 -61.39
C PHE H 274 4.70 -63.09 -61.86
N ASN H 275 4.60 -63.37 -63.17
CA ASN H 275 3.46 -64.12 -63.66
C ASN H 275 3.45 -65.54 -63.09
N ASP H 276 4.61 -66.19 -63.03
CA ASP H 276 4.66 -67.55 -62.50
C ASP H 276 4.21 -67.58 -61.05
N PHE H 277 4.33 -66.47 -60.32
CA PHE H 277 3.84 -66.41 -58.95
C PHE H 277 2.33 -66.57 -58.91
N THR H 278 1.61 -65.76 -59.68
CA THR H 278 0.15 -65.84 -59.65
C THR H 278 -0.32 -67.22 -60.11
N LEU H 279 0.31 -67.77 -61.14
CA LEU H 279 -0.09 -69.09 -61.62
C LEU H 279 0.11 -70.16 -60.55
N TYR H 280 1.25 -70.12 -59.85
CA TYR H 280 1.52 -71.13 -58.85
C TYR H 280 0.55 -71.02 -57.67
N LYS H 281 0.23 -69.80 -57.25
CA LYS H 281 -0.75 -69.62 -56.19
C LYS H 281 -2.11 -70.14 -56.60
N ALA H 282 -2.48 -69.90 -57.86
CA ALA H 282 -3.78 -70.37 -58.34
C ALA H 282 -3.86 -71.89 -58.32
N ILE H 283 -2.77 -72.56 -58.74
CA ILE H 283 -2.82 -74.02 -58.81
C ILE H 283 -2.67 -74.71 -57.46
N GLU H 284 -2.41 -73.97 -56.39
CA GLU H 284 -2.57 -74.56 -55.06
C GLU H 284 -4.03 -74.93 -54.83
N THR H 285 -4.94 -74.03 -55.19
CA THR H 285 -6.36 -74.33 -55.08
C THR H 285 -6.82 -75.39 -56.06
N MET H 286 -6.09 -75.57 -57.18
CA MET H 286 -6.35 -76.73 -58.04
C MET H 286 -6.38 -78.01 -57.24
N ILE H 287 -5.28 -78.29 -56.52
CA ILE H 287 -5.16 -79.57 -55.83
C ILE H 287 -6.15 -79.65 -54.69
N LYS H 288 -6.26 -78.59 -53.88
CA LYS H 288 -7.11 -78.65 -52.70
C LYS H 288 -8.58 -78.85 -53.10
N ALA H 289 -9.03 -78.16 -54.13
CA ALA H 289 -10.45 -78.19 -54.47
C ALA H 289 -10.91 -79.59 -54.86
N VAL H 290 -10.13 -80.31 -55.67
CA VAL H 290 -10.55 -81.59 -56.21
C VAL H 290 -10.53 -82.66 -55.11
N PRO H 291 -11.50 -83.56 -55.05
CA PRO H 291 -11.57 -84.51 -53.94
C PRO H 291 -10.56 -85.65 -54.09
N GLU H 292 -10.53 -86.49 -53.07
CA GLU H 292 -9.60 -87.61 -53.02
C GLU H 292 -10.01 -88.71 -53.99
N SER H 293 -11.31 -88.90 -54.19
CA SER H 293 -11.82 -90.04 -54.95
C SER H 293 -11.57 -89.92 -56.44
N LYS H 294 -10.80 -88.93 -56.90
CA LYS H 294 -10.52 -88.75 -58.31
C LYS H 294 -9.05 -88.44 -58.53
N PHE H 295 -8.21 -89.04 -57.67
CA PHE H 295 -6.74 -88.92 -57.82
C PHE H 295 -6.25 -90.29 -58.26
N LYS H 296 -5.26 -90.34 -59.15
CA LYS H 296 -4.79 -91.62 -59.67
C LYS H 296 -4.13 -92.45 -58.58
N ASP H 297 -3.18 -91.86 -57.84
CA ASP H 297 -2.42 -92.62 -56.86
C ASP H 297 -3.16 -92.80 -55.55
N GLY H 298 -4.27 -92.10 -55.34
CA GLY H 298 -5.06 -92.29 -54.15
C GLY H 298 -4.62 -91.40 -53.00
N PRO H 299 -4.48 -91.98 -51.80
CA PRO H 299 -4.26 -91.13 -50.62
C PRO H 299 -2.98 -90.32 -50.68
N GLU H 300 -1.84 -90.97 -50.86
CA GLU H 300 -0.56 -90.27 -50.79
C GLU H 300 -0.25 -89.59 -52.12
N ARG H 301 -1.22 -88.82 -52.62
CA ARG H 301 -1.01 -88.01 -53.81
C ARG H 301 -1.41 -86.58 -53.54
N LYS H 302 -2.40 -86.38 -52.67
CA LYS H 302 -2.81 -85.03 -52.30
C LYS H 302 -1.69 -84.29 -51.59
N THR H 303 -1.06 -84.93 -50.61
CA THR H 303 -0.16 -84.18 -49.74
C THR H 303 1.14 -83.82 -50.45
N GLN H 304 1.77 -84.74 -51.18
CA GLN H 304 3.02 -84.39 -51.84
C GLN H 304 2.81 -83.65 -53.14
N LEU H 305 1.59 -83.66 -53.70
CA LEU H 305 1.27 -82.69 -54.74
C LEU H 305 1.07 -81.31 -54.12
N ILE H 306 0.36 -81.25 -52.99
CA ILE H 306 0.21 -79.98 -52.28
C ILE H 306 1.57 -79.51 -51.78
N LYS H 307 2.35 -80.41 -51.18
CA LYS H 307 3.64 -79.99 -50.65
C LYS H 307 4.61 -79.63 -51.76
N GLN H 308 4.59 -80.35 -52.88
CA GLN H 308 5.50 -80.04 -53.97
C GLN H 308 5.24 -78.63 -54.50
N ALA H 309 3.96 -78.26 -54.63
CA ALA H 309 3.63 -76.92 -55.12
C ALA H 309 4.09 -75.85 -54.14
N ILE H 310 3.83 -76.05 -52.85
CA ILE H 310 4.20 -75.05 -51.86
C ILE H 310 5.71 -74.98 -51.71
N ASN H 311 6.40 -76.11 -51.78
CA ASN H 311 7.86 -76.07 -51.65
C ASN H 311 8.47 -75.22 -52.75
N ILE H 312 7.98 -75.34 -53.98
CA ILE H 312 8.49 -74.51 -55.06
C ILE H 312 7.86 -73.12 -55.05
N PHE H 313 6.75 -72.93 -54.33
CA PHE H 313 6.25 -71.59 -54.08
C PHE H 313 7.23 -70.82 -53.20
N GLU H 314 7.89 -71.51 -52.27
CA GLU H 314 8.94 -70.88 -51.47
C GLU H 314 10.09 -70.41 -52.35
N THR H 315 10.48 -71.23 -53.31
CA THR H 315 11.66 -70.90 -54.11
C THR H 315 11.49 -69.60 -54.87
N ILE H 316 10.31 -69.38 -55.44
CA ILE H 316 10.08 -68.15 -56.19
C ILE H 316 9.77 -66.97 -55.27
N ARG H 317 9.13 -67.22 -54.12
CA ARG H 317 8.87 -66.12 -53.20
C ARG H 317 10.17 -65.59 -52.59
N ASP H 318 11.08 -66.49 -52.24
CA ASP H 318 12.38 -66.05 -51.71
C ASP H 318 13.24 -65.41 -52.78
N ARG H 319 13.05 -65.80 -54.04
CA ARG H 319 13.73 -65.11 -55.13
C ARG H 319 13.26 -63.67 -55.21
N VAL H 320 11.96 -63.43 -55.06
CA VAL H 320 11.43 -62.08 -55.04
C VAL H 320 11.99 -61.31 -53.84
N ILE H 321 12.02 -61.94 -52.67
CA ILE H 321 12.56 -61.28 -51.49
C ILE H 321 14.04 -61.01 -51.67
N LEU H 322 14.72 -61.86 -52.44
CA LEU H 322 16.14 -61.62 -52.73
C LEU H 322 16.31 -60.40 -53.64
N ILE H 323 15.41 -60.21 -54.60
CA ILE H 323 15.52 -59.04 -55.47
C ILE H 323 15.42 -57.76 -54.66
N SER H 324 14.69 -57.78 -53.55
CA SER H 324 14.64 -56.60 -52.69
C SER H 324 16.01 -56.25 -52.16
N GLU H 325 16.78 -57.24 -51.70
CA GLU H 325 18.12 -56.96 -51.21
C GLU H 325 19.08 -56.69 -52.35
N HIS H 326 18.97 -57.46 -53.45
CA HIS H 326 19.89 -57.35 -54.57
C HIS H 326 19.11 -57.25 -55.88
N PRO H 327 18.68 -56.06 -56.28
CA PRO H 327 18.04 -55.93 -57.59
C PRO H 327 18.97 -56.24 -58.74
N GLU H 328 20.28 -56.13 -58.55
CA GLU H 328 21.22 -56.57 -59.58
C GLU H 328 21.11 -58.06 -59.83
N ALA H 329 20.58 -58.82 -58.88
CA ALA H 329 20.39 -60.25 -59.06
C ALA H 329 19.26 -60.59 -60.02
N ALA H 330 18.65 -59.59 -60.66
CA ALA H 330 17.62 -59.87 -61.65
C ALA H 330 18.16 -60.57 -62.88
N LYS H 331 19.48 -60.50 -63.12
CA LYS H 331 20.06 -61.15 -64.29
C LYS H 331 19.89 -62.66 -64.24
N GLU H 332 20.12 -63.27 -63.09
CA GLU H 332 20.12 -64.73 -63.00
C GLU H 332 18.80 -65.30 -63.50
N ASP H 333 18.89 -66.34 -64.30
CA ASP H 333 17.68 -66.97 -64.83
C ASP H 333 16.98 -67.75 -63.73
N PRO H 334 15.68 -68.04 -63.90
CA PRO H 334 14.98 -68.85 -62.91
C PRO H 334 15.61 -70.22 -62.76
N ASP H 335 15.57 -70.75 -61.55
CA ASP H 335 16.09 -72.08 -61.26
C ASP H 335 15.00 -72.99 -60.70
N HIS H 336 13.75 -72.74 -61.09
CA HIS H 336 12.60 -73.45 -60.56
C HIS H 336 11.80 -74.05 -61.71
N MET H 337 11.06 -75.11 -61.38
CA MET H 337 10.28 -75.79 -62.39
C MET H 337 9.21 -74.87 -62.95
N LYS H 338 8.94 -75.02 -64.24
CA LYS H 338 7.97 -74.14 -64.91
C LYS H 338 6.57 -74.43 -64.37
N PRO H 339 5.70 -73.43 -64.31
CA PRO H 339 4.29 -73.72 -64.01
C PRO H 339 3.65 -74.64 -65.03
N GLY H 340 4.04 -74.54 -66.30
CA GLY H 340 3.49 -75.44 -67.30
C GLY H 340 3.85 -76.88 -67.03
N ASP H 341 5.13 -77.15 -66.74
CA ASP H 341 5.53 -78.53 -66.48
C ASP H 341 4.88 -79.06 -65.22
N PHE H 342 4.87 -78.27 -64.15
CA PHE H 342 4.21 -78.71 -62.93
C PHE H 342 2.72 -78.85 -63.12
N ARG H 343 2.11 -77.94 -63.88
CA ARG H 343 0.68 -78.09 -64.18
C ARG H 343 0.44 -79.40 -64.93
N LEU H 344 1.27 -79.69 -65.92
CA LEU H 344 1.18 -80.98 -66.60
C LEU H 344 1.20 -82.13 -65.60
N GLU H 345 2.10 -82.05 -64.62
CA GLU H 345 2.15 -83.10 -63.60
C GLU H 345 0.84 -83.20 -62.85
N VAL H 346 0.16 -82.07 -62.63
CA VAL H 346 -1.11 -82.10 -61.91
C VAL H 346 -2.15 -82.91 -62.69
N LEU H 347 -2.31 -82.61 -63.98
CA LEU H 347 -3.36 -83.29 -64.75
C LEU H 347 -3.02 -84.73 -65.09
N ASN H 348 -1.73 -85.08 -65.12
CA ASN H 348 -1.37 -86.46 -65.43
C ASN H 348 -1.86 -87.42 -64.36
N SER H 349 -1.93 -86.97 -63.11
CA SER H 349 -2.30 -87.81 -61.98
C SER H 349 -3.77 -87.70 -61.64
N ILE H 350 -4.62 -87.53 -62.64
CA ILE H 350 -6.05 -87.32 -62.47
C ILE H 350 -6.80 -88.41 -63.22
N GLN H 351 -7.71 -89.10 -62.53
CA GLN H 351 -8.55 -90.09 -63.17
C GLN H 351 -9.53 -89.41 -64.13
N THR H 352 -10.01 -90.19 -65.09
CA THR H 352 -10.82 -89.67 -66.17
C THR H 352 -12.00 -90.59 -66.41
N LYS H 353 -13.00 -90.07 -67.14
CA LYS H 353 -14.20 -90.81 -67.47
C LYS H 353 -14.25 -91.08 -68.96
N LEU H 354 -14.56 -92.32 -69.33
CA LEU H 354 -14.51 -92.77 -70.72
C LEU H 354 -15.87 -92.52 -71.37
N PHE H 355 -16.12 -91.26 -71.71
CA PHE H 355 -17.36 -90.90 -72.35
C PHE H 355 -17.33 -91.47 -73.76
N HIS H 356 -17.89 -92.67 -73.93
CA HIS H 356 -17.92 -93.34 -75.26
C HIS H 356 -19.19 -92.90 -75.99
N ALA H 357 -19.06 -91.91 -76.88
CA ALA H 357 -20.21 -91.41 -77.62
C ALA H 357 -20.78 -92.50 -78.51
N GLN H 358 -22.11 -92.57 -78.59
CA GLN H 358 -22.79 -93.62 -79.33
C GLN H 358 -23.82 -92.97 -80.26
N SER H 359 -23.95 -93.52 -81.46
CA SER H 359 -24.83 -92.97 -82.48
C SER H 359 -26.18 -93.67 -82.39
N GLN H 360 -27.17 -92.98 -81.83
CA GLN H 360 -28.51 -93.55 -81.73
C GLN H 360 -29.15 -93.68 -83.10
N PRO H 361 -29.72 -94.85 -83.42
CA PRO H 361 -30.46 -94.98 -84.68
C PRO H 361 -31.91 -94.57 -84.56
N ILE H 362 -32.36 -93.64 -85.41
CA ILE H 362 -33.74 -93.18 -85.40
C ILE H 362 -34.40 -93.56 -86.71
N PRO H 363 -35.64 -94.05 -86.70
CA PRO H 363 -36.30 -94.41 -87.96
C PRO H 363 -36.42 -93.21 -88.89
N ASN H 364 -36.56 -93.51 -90.19
CA ASN H 364 -36.65 -92.48 -91.23
C ASN H 364 -35.33 -91.74 -91.40
N THR H 365 -34.23 -92.48 -91.33
CA THR H 365 -32.90 -91.94 -91.53
C THR H 365 -32.03 -92.97 -92.23
N ASP H 366 -31.40 -92.56 -93.32
CA ASP H 366 -30.52 -93.42 -94.11
C ASP H 366 -29.14 -92.79 -94.15
N ASP H 367 -28.12 -93.55 -93.71
CA ASP H 367 -26.75 -93.10 -93.62
C ASP H 367 -26.60 -91.89 -92.68
N TYR H 368 -27.64 -91.60 -91.90
CA TYR H 368 -27.62 -90.50 -90.95
C TYR H 368 -28.02 -91.05 -89.58
N TRP H 369 -27.17 -90.83 -88.58
CA TRP H 369 -27.39 -91.33 -87.24
C TRP H 369 -27.63 -90.16 -86.29
N THR H 370 -27.75 -90.46 -85.01
CA THR H 370 -27.93 -89.45 -83.97
C THR H 370 -26.90 -89.70 -82.88
N ASP H 371 -25.88 -88.85 -82.80
CA ASP H 371 -24.77 -89.02 -81.87
C ASP H 371 -25.21 -88.55 -80.50
N VAL H 372 -25.19 -89.46 -79.52
CA VAL H 372 -25.48 -89.15 -78.13
C VAL H 372 -24.23 -89.47 -77.31
N ILE H 373 -23.74 -88.47 -76.59
CA ILE H 373 -22.51 -88.62 -75.79
C ILE H 373 -22.97 -89.04 -74.40
N LEU H 374 -23.19 -90.34 -74.24
CA LEU H 374 -23.58 -90.92 -72.96
C LEU H 374 -22.61 -92.03 -72.58
N THR H 375 -22.25 -92.07 -71.29
CA THR H 375 -21.31 -93.07 -70.80
C THR H 375 -21.92 -94.46 -70.73
N THR H 376 -23.24 -94.58 -70.75
CA THR H 376 -23.89 -95.88 -70.66
C THR H 376 -23.97 -96.53 -72.02
N LYS H 377 -23.55 -97.79 -72.10
CA LYS H 377 -23.60 -98.53 -73.35
C LYS H 377 -25.05 -98.69 -73.81
N GLY H 378 -25.30 -98.47 -75.10
CA GLY H 378 -26.63 -98.60 -75.65
C GLY H 378 -26.74 -99.77 -76.61
N SER H 379 -27.98 -100.13 -76.96
CA SER H 379 -28.24 -101.23 -77.88
C SER H 379 -28.57 -100.67 -79.25
N GLY H 380 -27.79 -101.08 -80.26
CA GLY H 380 -27.99 -100.62 -81.61
C GLY H 380 -27.40 -99.26 -81.93
N ASN H 381 -26.75 -98.65 -80.93
CA ASN H 381 -26.13 -97.32 -81.12
C ASN H 381 -24.66 -97.50 -81.50
N GLN H 382 -24.22 -96.86 -82.59
CA GLN H 382 -22.85 -97.04 -83.05
C GLN H 382 -21.90 -96.22 -82.18
N PRO H 383 -20.93 -96.83 -81.51
CA PRO H 383 -19.94 -96.04 -80.75
C PRO H 383 -19.00 -95.30 -81.68
N LEU H 384 -18.70 -94.05 -81.32
CA LEU H 384 -17.82 -93.20 -82.12
C LEU H 384 -16.38 -93.25 -81.63
N PHE H 385 -16.13 -92.84 -80.39
CA PHE H 385 -14.80 -92.90 -79.81
C PHE H 385 -14.93 -92.99 -78.30
N THR H 386 -13.93 -93.58 -77.67
CA THR H 386 -13.87 -93.69 -76.21
C THR H 386 -12.61 -92.99 -75.74
N PHE H 387 -12.80 -91.98 -74.87
CA PHE H 387 -11.72 -91.08 -74.49
C PHE H 387 -11.80 -90.73 -73.01
N PRO H 388 -10.67 -90.52 -72.35
CA PRO H 388 -10.71 -90.00 -70.98
C PRO H 388 -11.34 -88.62 -70.97
N ALA H 389 -12.10 -88.33 -69.91
CA ALA H 389 -12.72 -87.03 -69.74
C ALA H 389 -12.80 -86.70 -68.25
N PHE H 390 -13.15 -85.46 -67.96
CA PHE H 390 -13.19 -84.93 -66.60
C PHE H 390 -14.64 -84.80 -66.18
N ASP H 391 -15.01 -85.51 -65.10
CA ASP H 391 -16.38 -85.56 -64.63
C ASP H 391 -16.60 -84.71 -63.38
N PHE H 392 -15.71 -83.75 -63.12
CA PHE H 392 -15.82 -82.91 -61.95
C PHE H 392 -15.11 -81.59 -62.22
N GLY H 393 -15.65 -80.53 -61.65
CA GLY H 393 -15.08 -79.22 -61.86
C GLY H 393 -13.84 -79.03 -61.03
N ASP H 394 -13.66 -77.85 -60.43
CA ASP H 394 -12.56 -77.56 -59.54
C ASP H 394 -11.20 -77.66 -60.23
N LEU H 395 -11.16 -77.84 -61.54
CA LEU H 395 -9.92 -77.84 -62.31
C LEU H 395 -9.98 -76.65 -63.26
N ILE H 396 -9.23 -75.60 -62.93
CA ILE H 396 -9.33 -74.37 -63.72
C ILE H 396 -8.90 -74.69 -65.16
N GLY H 397 -9.39 -73.87 -66.09
CA GLY H 397 -9.16 -74.10 -67.49
C GLY H 397 -10.10 -75.09 -68.14
N THR H 398 -11.19 -75.46 -67.46
CA THR H 398 -12.16 -76.47 -67.96
C THR H 398 -13.56 -75.93 -67.93
N GLU H 399 -14.41 -76.34 -68.88
CA GLU H 399 -15.81 -75.96 -68.94
C GLU H 399 -16.66 -77.18 -69.27
N VAL H 400 -17.93 -77.11 -68.89
CA VAL H 400 -18.84 -78.24 -68.98
C VAL H 400 -19.71 -78.12 -70.21
N VAL H 401 -20.02 -79.26 -70.82
CA VAL H 401 -20.93 -79.36 -71.95
C VAL H 401 -22.13 -80.18 -71.49
N SER H 402 -23.17 -79.51 -71.03
CA SER H 402 -24.33 -80.16 -70.43
C SER H 402 -25.45 -80.19 -71.44
N PHE H 403 -25.73 -81.37 -71.98
CA PHE H 403 -26.83 -81.52 -72.92
C PHE H 403 -28.13 -81.14 -72.25
N GLY H 404 -28.98 -80.41 -72.98
CA GLY H 404 -30.30 -80.06 -72.50
C GLY H 404 -31.38 -80.84 -73.22
N LYS H 405 -31.99 -81.79 -72.52
CA LYS H 405 -33.08 -82.59 -73.09
C LYS H 405 -34.40 -82.11 -72.50
N LYS H 406 -35.32 -81.75 -73.37
CA LYS H 406 -36.63 -81.27 -72.93
C LYS H 406 -37.36 -82.37 -72.17
N LYS H 407 -37.62 -82.15 -70.88
CA LYS H 407 -38.50 -83.05 -70.14
C LYS H 407 -39.93 -82.93 -70.62
N ASN H 408 -40.33 -81.73 -71.08
CA ASN H 408 -41.63 -81.50 -71.65
C ASN H 408 -41.71 -81.94 -73.10
N GLY H 409 -40.60 -82.37 -73.68
CA GLY H 409 -40.57 -82.80 -75.06
C GLY H 409 -39.43 -83.77 -75.32
N GLU H 410 -38.81 -83.66 -76.50
CA GLU H 410 -37.70 -84.54 -76.84
C GLU H 410 -36.56 -83.81 -77.52
N GLU H 411 -36.58 -82.47 -77.54
CA GLU H 411 -35.52 -81.72 -78.18
C GLU H 411 -34.17 -82.04 -77.56
N TYR H 412 -33.17 -82.24 -78.42
CA TYR H 412 -31.79 -82.46 -78.00
C TYR H 412 -31.05 -81.13 -78.03
N ASN H 413 -30.45 -80.75 -76.90
CA ASN H 413 -29.69 -79.52 -76.81
C ASN H 413 -28.28 -79.80 -76.32
N CYS H 414 -27.40 -78.83 -76.57
CA CYS H 414 -25.99 -78.94 -76.20
C CYS H 414 -25.50 -77.55 -75.83
N LEU H 415 -25.43 -77.27 -74.53
CA LEU H 415 -25.05 -75.95 -74.02
C LEU H 415 -23.79 -76.09 -73.18
N ILE H 416 -22.78 -75.29 -73.51
CA ILE H 416 -21.52 -75.30 -72.78
C ILE H 416 -21.62 -74.34 -71.60
N GLY H 417 -21.24 -74.80 -70.42
CA GLY H 417 -21.28 -73.94 -69.26
C GLY H 417 -22.66 -73.41 -68.94
N GLU H 418 -23.71 -74.03 -69.48
CA GLU H 418 -25.09 -73.62 -69.22
C GLU H 418 -25.90 -74.89 -68.96
N ARG H 419 -26.22 -75.14 -67.70
CA ARG H 419 -26.94 -76.35 -67.33
C ARG H 419 -28.42 -76.20 -67.63
N VAL H 420 -29.18 -77.25 -67.30
CA VAL H 420 -30.63 -77.18 -67.40
C VAL H 420 -31.22 -76.25 -66.35
N THR H 421 -30.51 -76.03 -65.23
CA THR H 421 -31.07 -75.27 -64.13
C THR H 421 -31.48 -73.87 -64.54
N SER H 422 -30.87 -73.31 -65.60
CA SER H 422 -31.28 -71.99 -66.07
C SER H 422 -32.71 -72.02 -66.57
N LEU H 423 -33.09 -73.07 -67.28
CA LEU H 423 -34.45 -73.26 -67.77
C LEU H 423 -35.20 -74.19 -66.83
N ASP H 424 -36.42 -74.57 -67.22
CA ASP H 424 -37.28 -75.43 -66.41
C ASP H 424 -37.75 -76.61 -67.25
N ASP H 425 -37.78 -77.79 -66.64
CA ASP H 425 -38.20 -79.02 -67.31
C ASP H 425 -37.29 -79.33 -68.50
N TYR H 426 -36.03 -79.65 -68.15
CA TYR H 426 -35.03 -80.04 -69.16
C TYR H 426 -34.20 -81.16 -68.53
N LYS H 427 -34.39 -82.39 -69.00
CA LYS H 427 -33.61 -83.55 -68.50
C LYS H 427 -32.11 -83.34 -68.80
N GLU H 428 -31.23 -83.95 -68.00
CA GLU H 428 -29.78 -83.84 -68.23
C GLU H 428 -29.27 -85.13 -68.91
N LEU H 429 -28.80 -85.02 -70.15
CA LEU H 429 -28.24 -86.21 -70.85
C LEU H 429 -26.82 -86.46 -70.34
N SER H 430 -25.91 -85.49 -70.54
CA SER H 430 -24.52 -85.67 -70.15
C SER H 430 -23.90 -84.32 -69.81
N TYR H 431 -23.18 -84.28 -68.70
CA TYR H 431 -22.42 -83.11 -68.31
C TYR H 431 -21.03 -83.56 -67.85
N PHE H 432 -20.01 -82.88 -68.35
CA PHE H 432 -18.63 -83.24 -68.00
C PHE H 432 -17.70 -82.10 -68.41
N TRP H 433 -16.88 -81.63 -67.47
CA TRP H 433 -15.99 -80.51 -67.76
C TRP H 433 -14.89 -80.93 -68.73
N VAL H 434 -14.52 -80.00 -69.61
CA VAL H 434 -13.50 -80.26 -70.63
C VAL H 434 -12.70 -78.98 -70.86
N PHE H 435 -11.56 -79.14 -71.54
CA PHE H 435 -10.75 -77.99 -71.93
C PHE H 435 -11.30 -77.39 -73.21
N PRO H 436 -11.82 -76.15 -73.20
CA PRO H 436 -12.23 -75.53 -74.46
C PRO H 436 -11.08 -75.25 -75.40
N ASP H 437 -9.84 -75.21 -74.90
CA ASP H 437 -8.67 -74.93 -75.72
C ASP H 437 -7.65 -76.02 -75.51
N SER H 438 -6.62 -76.01 -76.35
CA SER H 438 -5.59 -77.04 -76.30
C SER H 438 -4.58 -76.71 -75.22
N VAL H 439 -3.81 -77.71 -74.82
CA VAL H 439 -2.74 -77.55 -73.86
C VAL H 439 -1.50 -78.24 -74.41
N GLN H 440 -0.33 -77.82 -73.96
CA GLN H 440 0.92 -78.39 -74.44
C GLN H 440 0.95 -79.88 -74.17
N LYS H 441 0.94 -80.67 -75.24
CA LYS H 441 1.20 -82.09 -75.23
C LYS H 441 0.25 -82.89 -74.35
N PHE H 442 -0.90 -82.34 -73.96
CA PHE H 442 -1.91 -83.10 -73.25
C PHE H 442 -3.22 -83.17 -74.01
N ALA H 443 -3.81 -82.03 -74.37
CA ALA H 443 -5.13 -81.99 -75.00
C ALA H 443 -4.95 -81.56 -76.45
N MET H 444 -4.80 -82.55 -77.34
CA MET H 444 -4.55 -82.29 -78.75
C MET H 444 -5.64 -82.79 -79.67
N GLU H 445 -6.45 -83.76 -79.25
CA GLU H 445 -7.53 -84.27 -80.08
C GLU H 445 -8.78 -83.42 -79.88
N MET H 446 -9.59 -83.32 -80.93
CA MET H 446 -10.63 -82.31 -81.04
C MET H 446 -12.02 -82.94 -81.08
N TYR H 447 -13.01 -82.21 -80.57
CA TYR H 447 -14.41 -82.56 -80.70
C TYR H 447 -15.21 -81.30 -81.02
N GLY H 448 -16.15 -81.43 -81.94
CA GLY H 448 -16.97 -80.31 -82.36
C GLY H 448 -18.44 -80.67 -82.32
N VAL H 449 -19.26 -79.65 -82.08
CA VAL H 449 -20.70 -79.80 -81.92
C VAL H 449 -21.38 -79.14 -83.12
N SER H 450 -22.32 -79.86 -83.72
CA SER H 450 -23.17 -79.33 -84.78
C SER H 450 -24.59 -79.86 -84.59
N LYS H 451 -25.58 -79.03 -84.92
CA LYS H 451 -26.98 -79.35 -84.72
C LYS H 451 -27.79 -78.95 -85.95
N VAL H 452 -28.79 -79.75 -86.26
CA VAL H 452 -29.66 -79.47 -87.41
C VAL H 452 -30.88 -78.70 -86.93
N PRO H 453 -31.13 -77.48 -87.43
CA PRO H 453 -32.27 -76.71 -86.90
C PRO H 453 -33.60 -77.41 -87.06
N THR H 454 -33.83 -78.09 -88.19
CA THR H 454 -35.12 -78.70 -88.43
C THR H 454 -35.40 -79.83 -87.44
N ARG H 455 -34.39 -80.66 -87.18
CA ARG H 455 -34.52 -81.78 -86.27
C ARG H 455 -33.31 -81.82 -85.36
N ASN H 456 -33.54 -81.99 -84.06
CA ASN H 456 -32.46 -81.93 -83.08
C ASN H 456 -31.67 -83.23 -83.07
N TYR H 457 -31.09 -83.59 -84.21
CA TYR H 457 -30.20 -84.75 -84.30
C TYR H 457 -28.80 -84.26 -83.97
N MET H 458 -28.38 -84.52 -82.74
CA MET H 458 -27.05 -84.08 -82.30
C MET H 458 -26.00 -84.58 -83.29
N ARG H 459 -25.23 -83.64 -83.82
CA ARG H 459 -24.17 -83.95 -84.78
C ARG H 459 -22.86 -83.48 -84.17
N VAL H 460 -22.27 -84.33 -83.34
CA VAL H 460 -20.98 -84.10 -82.73
C VAL H 460 -19.97 -84.97 -83.44
N TYR H 461 -18.87 -84.36 -83.89
CA TYR H 461 -17.89 -85.07 -84.70
C TYR H 461 -16.50 -84.53 -84.39
N ALA H 462 -15.50 -85.26 -84.85
CA ALA H 462 -14.11 -84.87 -84.69
C ALA H 462 -13.82 -83.73 -85.68
N ALA H 463 -13.90 -82.49 -85.19
CA ALA H 463 -13.77 -81.31 -86.04
C ALA H 463 -12.30 -81.04 -86.33
N ASP H 464 -12.06 -79.92 -87.02
CA ASP H 464 -10.68 -79.54 -87.41
C ASP H 464 -10.52 -78.05 -87.15
N GLN H 465 -9.29 -77.53 -87.22
CA GLN H 465 -9.06 -76.11 -87.05
C GLN H 465 -9.76 -75.31 -88.13
N SER H 466 -9.97 -75.94 -89.29
CA SER H 466 -10.67 -75.28 -90.42
C SER H 466 -12.19 -75.27 -90.16
N ASP H 467 -12.70 -76.32 -89.50
CA ASP H 467 -14.15 -76.33 -89.13
C ASP H 467 -14.43 -75.06 -88.33
N ILE H 468 -13.48 -74.65 -87.48
CA ILE H 468 -13.64 -73.38 -86.72
C ILE H 468 -13.65 -72.22 -87.74
N GLU H 469 -12.61 -72.13 -88.56
CA GLU H 469 -12.50 -71.03 -89.57
C GLU H 469 -13.83 -70.88 -90.31
N ASN H 470 -14.28 -71.94 -90.99
CA ASN H 470 -15.59 -71.89 -91.71
C ASN H 470 -16.60 -72.75 -90.95
N PRO H 471 -17.42 -72.17 -90.05
CA PRO H 471 -18.37 -72.97 -89.21
C PRO H 471 -19.66 -73.28 -89.95
N ARG H 472 -20.21 -74.47 -89.72
CA ARG H 472 -21.48 -74.86 -90.31
C ARG H 472 -22.62 -74.21 -89.53
N PRO H 473 -23.82 -74.15 -90.12
CA PRO H 473 -24.95 -73.53 -89.40
C PRO H 473 -25.22 -74.22 -88.08
N TYR H 474 -25.57 -73.44 -87.05
CA TYR H 474 -25.97 -74.04 -85.74
C TYR H 474 -24.85 -74.88 -85.12
N GLN H 475 -23.59 -74.62 -85.48
CA GLN H 475 -22.49 -75.33 -84.84
C GLN H 475 -22.14 -74.57 -83.57
N ARG H 476 -22.37 -75.20 -82.41
CA ARG H 476 -22.34 -74.46 -81.16
C ARG H 476 -20.92 -74.24 -80.67
N PHE H 477 -20.20 -75.30 -80.34
CA PHE H 477 -18.92 -75.18 -79.69
C PHE H 477 -18.02 -76.35 -80.06
N TRP H 478 -16.72 -76.16 -79.88
CA TRP H 478 -15.72 -77.17 -80.14
C TRP H 478 -14.75 -77.24 -78.96
N PHE H 479 -14.30 -78.44 -78.65
CA PHE H 479 -13.51 -78.68 -77.44
C PHE H 479 -12.45 -79.73 -77.71
N TYR H 480 -11.37 -79.64 -76.94
CA TYR H 480 -10.24 -80.56 -77.04
C TYR H 480 -10.27 -81.53 -75.86
N VAL H 481 -9.98 -82.79 -76.15
CA VAL H 481 -9.97 -83.85 -75.14
C VAL H 481 -8.54 -84.37 -75.00
N PRO H 482 -8.12 -84.82 -73.82
CA PRO H 482 -6.74 -85.28 -73.65
C PRO H 482 -6.38 -86.41 -74.60
N SER H 483 -5.13 -86.37 -75.08
CA SER H 483 -4.60 -87.38 -75.98
C SER H 483 -3.98 -88.50 -75.16
N ALA H 484 -4.38 -89.74 -75.47
CA ALA H 484 -3.85 -90.88 -74.75
C ALA H 484 -2.37 -91.15 -75.06
N ASN H 485 -1.81 -90.48 -76.06
CA ASN H 485 -0.42 -90.69 -76.44
C ASN H 485 0.56 -90.08 -75.44
N SER H 486 0.08 -89.29 -74.49
CA SER H 486 0.97 -88.68 -73.51
C SER H 486 1.67 -89.76 -72.69
N PRO H 487 2.97 -89.66 -72.44
CA PRO H 487 3.66 -90.70 -71.67
C PRO H 487 3.39 -90.54 -70.19
N PRO H 488 2.99 -91.61 -69.49
CA PRO H 488 2.75 -91.49 -68.05
C PRO H 488 4.03 -91.64 -67.22
N GLY I 2 -3.79 -61.47 -45.86
CA GLY I 2 -4.01 -61.07 -44.48
C GLY I 2 -4.03 -59.57 -44.31
N GLU I 3 -5.16 -58.94 -44.60
CA GLU I 3 -5.31 -57.50 -44.43
C GLU I 3 -6.58 -57.16 -43.66
N VAL I 4 -7.57 -58.05 -43.71
CA VAL I 4 -8.83 -57.85 -43.00
C VAL I 4 -9.21 -59.14 -42.28
N VAL I 5 -10.08 -59.00 -41.30
CA VAL I 5 -10.54 -60.14 -40.52
C VAL I 5 -11.94 -59.85 -39.99
N PRO I 6 -12.88 -60.80 -40.02
CA PRO I 6 -14.21 -60.54 -39.47
C PRO I 6 -14.14 -60.20 -37.99
N TYR I 7 -15.04 -59.31 -37.58
CA TYR I 7 -15.06 -58.86 -36.19
C TYR I 7 -15.33 -60.04 -35.26
N LYS I 8 -14.55 -60.12 -34.18
CA LYS I 8 -14.75 -61.09 -33.13
C LYS I 8 -14.95 -60.35 -31.82
N ALA I 9 -16.04 -60.67 -31.11
CA ALA I 9 -16.41 -59.90 -29.94
C ALA I 9 -15.27 -59.90 -28.93
N GLY I 10 -15.13 -58.78 -28.23
CA GLY I 10 -14.05 -58.60 -27.29
C GLY I 10 -12.81 -57.96 -27.88
N MET I 11 -12.75 -57.79 -29.20
CA MET I 11 -11.58 -57.20 -29.82
C MET I 11 -11.35 -55.81 -29.27
N GLN I 12 -10.09 -55.52 -28.97
CA GLN I 12 -9.68 -54.22 -28.47
C GLN I 12 -8.68 -53.62 -29.44
N ARG I 13 -8.91 -52.38 -29.84
CA ARG I 13 -8.02 -51.72 -30.78
C ARG I 13 -6.59 -51.76 -30.26
N GLY I 14 -5.65 -52.12 -31.13
CA GLY I 14 -4.25 -52.15 -30.75
C GLY I 14 -3.89 -53.36 -29.94
N GLN I 15 -4.08 -54.55 -30.52
CA GLN I 15 -3.74 -55.80 -29.85
C GLN I 15 -3.14 -56.75 -30.86
N GLY I 16 -2.32 -57.67 -30.36
CA GLY I 16 -1.70 -58.65 -31.22
C GLY I 16 -2.71 -59.62 -31.79
N TYR I 17 -2.38 -60.19 -32.94
CA TYR I 17 -3.25 -61.13 -33.63
C TYR I 17 -2.39 -62.23 -34.25
N ASN I 18 -2.55 -63.45 -33.75
CA ASN I 18 -1.84 -64.61 -34.29
C ASN I 18 -2.59 -65.06 -35.54
N THR I 19 -2.11 -64.60 -36.70
CA THR I 19 -2.88 -64.79 -37.93
C THR I 19 -3.08 -66.25 -38.26
N TYR I 20 -2.16 -67.14 -37.85
CA TYR I 20 -2.33 -68.56 -38.10
C TYR I 20 -3.45 -69.13 -37.23
N LEU I 21 -3.31 -69.02 -35.91
CA LEU I 21 -4.33 -69.53 -35.01
C LEU I 21 -5.59 -68.66 -34.99
N GLN I 22 -5.55 -67.49 -35.64
CA GLN I 22 -6.71 -66.60 -35.71
C GLN I 22 -7.25 -66.27 -34.33
N SER I 23 -6.39 -66.32 -33.32
CA SER I 23 -6.78 -66.02 -31.95
C SER I 23 -6.45 -64.56 -31.64
N LEU I 24 -6.62 -64.16 -30.39
CA LEU I 24 -6.33 -62.81 -29.94
C LEU I 24 -5.13 -62.84 -29.02
N CYS I 25 -4.30 -61.79 -29.10
CA CYS I 25 -3.09 -61.73 -28.30
C CYS I 25 -3.04 -60.43 -27.52
N VAL I 26 -1.88 -60.12 -26.93
CA VAL I 26 -1.79 -59.06 -25.92
C VAL I 26 -2.50 -57.82 -26.39
N LYS I 27 -3.21 -57.17 -25.46
CA LYS I 27 -3.92 -55.94 -25.74
C LYS I 27 -3.07 -54.75 -25.35
N ASP I 28 -3.17 -53.67 -26.13
CA ASP I 28 -2.49 -52.41 -25.85
C ASP I 28 -1.00 -52.49 -26.14
N ALA I 29 -0.61 -53.32 -27.10
CA ALA I 29 0.77 -53.29 -27.58
C ALA I 29 1.02 -52.06 -28.44
N VAL I 30 -0.01 -51.56 -29.12
CA VAL I 30 0.09 -50.42 -30.01
C VAL I 30 -0.90 -49.35 -29.54
N THR I 31 -0.40 -48.14 -29.34
CA THR I 31 -1.24 -47.00 -28.98
C THR I 31 -1.42 -46.14 -30.23
N ILE I 32 -2.66 -45.87 -30.59
CA ILE I 32 -3.00 -45.04 -31.74
C ILE I 32 -3.53 -43.72 -31.21
N GLU I 33 -2.85 -42.63 -31.57
CA GLU I 33 -3.26 -41.29 -31.18
C GLU I 33 -4.10 -40.68 -32.30
N ARG I 34 -5.33 -40.32 -31.97
CA ARG I 34 -6.22 -39.63 -32.91
C ARG I 34 -5.86 -38.16 -32.90
N HIS I 35 -5.00 -37.75 -33.84
CA HIS I 35 -4.59 -36.36 -33.90
C HIS I 35 -5.77 -35.44 -34.16
N ASP I 36 -6.65 -35.84 -35.08
CA ASP I 36 -7.82 -35.05 -35.46
C ASP I 36 -9.08 -35.85 -35.18
N ASP I 37 -10.05 -35.20 -34.54
CA ASP I 37 -11.33 -35.85 -34.23
C ASP I 37 -12.28 -35.61 -35.39
N SER I 38 -12.37 -36.59 -36.29
CA SER I 38 -13.26 -36.47 -37.44
C SER I 38 -13.52 -37.86 -37.99
N ASN I 39 -14.77 -38.13 -38.35
CA ASN I 39 -15.11 -39.43 -38.90
C ASN I 39 -14.49 -39.60 -40.28
N PRO I 40 -14.09 -40.81 -40.65
CA PRO I 40 -13.39 -41.01 -41.92
C PRO I 40 -14.36 -40.93 -43.09
N PRO I 41 -13.83 -40.80 -44.31
CA PRO I 41 -14.71 -40.78 -45.48
C PRO I 41 -15.48 -42.09 -45.63
N PHE I 42 -16.69 -41.99 -46.18
CA PHE I 42 -17.60 -43.12 -46.21
C PHE I 42 -18.22 -43.27 -47.59
N LYS I 43 -18.67 -44.49 -47.87
CA LYS I 43 -19.29 -44.84 -49.14
C LYS I 43 -20.70 -45.33 -48.88
N LYS I 44 -21.67 -44.82 -49.63
CA LYS I 44 -23.08 -45.11 -49.42
C LYS I 44 -23.68 -45.82 -50.62
N GLU I 45 -24.69 -46.65 -50.36
CA GLU I 45 -25.51 -47.27 -51.38
C GLU I 45 -26.96 -47.16 -50.97
N TYR I 46 -27.86 -47.18 -51.96
CA TYR I 46 -29.29 -47.08 -51.68
C TYR I 46 -30.05 -47.70 -52.84
N TYR I 47 -30.53 -48.93 -52.64
CA TYR I 47 -31.39 -49.62 -53.60
C TYR I 47 -32.81 -49.61 -53.06
N SER I 48 -33.75 -49.08 -53.84
CA SER I 48 -35.12 -48.92 -53.39
C SER I 48 -36.09 -49.44 -54.45
N GLU I 49 -37.18 -50.05 -53.99
CA GLU I 49 -38.25 -50.53 -54.85
C GLU I 49 -39.59 -50.15 -54.24
N PHE I 50 -40.52 -49.71 -55.07
CA PHE I 50 -41.87 -49.39 -54.64
C PHE I 50 -42.82 -50.04 -55.64
N ILE I 51 -43.26 -51.27 -55.33
CA ILE I 51 -44.01 -52.05 -56.30
C ILE I 51 -45.39 -51.43 -56.53
N GLU I 52 -45.99 -51.80 -57.66
CA GLU I 52 -47.18 -51.13 -58.16
C GLU I 52 -48.27 -51.06 -57.11
N GLU I 53 -49.21 -50.13 -57.32
CA GLU I 53 -50.41 -50.03 -56.51
C GLU I 53 -51.51 -50.78 -57.25
N TYR I 54 -51.77 -52.02 -56.85
CA TYR I 54 -52.77 -52.84 -57.51
C TYR I 54 -54.14 -52.29 -57.17
N GLU I 55 -54.51 -51.22 -57.89
CA GLU I 55 -55.83 -50.58 -57.66
C GLU I 55 -56.83 -51.13 -58.69
N LYS I 56 -57.79 -51.90 -58.23
CA LYS I 56 -58.78 -52.53 -59.09
C LYS I 56 -60.17 -52.32 -58.50
N ILE I 57 -60.97 -51.49 -59.15
CA ILE I 57 -62.37 -51.30 -58.78
C ILE I 57 -63.21 -52.00 -59.83
N ALA I 58 -64.01 -52.96 -59.40
CA ALA I 58 -65.03 -53.59 -60.24
C ALA I 58 -66.37 -53.38 -59.57
N LYS I 59 -67.31 -52.79 -60.31
CA LYS I 59 -68.58 -52.36 -59.75
C LYS I 59 -69.73 -52.83 -60.63
N SER I 60 -70.86 -53.12 -60.01
CA SER I 60 -72.00 -53.71 -60.70
C SER I 60 -73.23 -52.82 -60.56
N MET I 61 -74.02 -52.73 -61.63
CA MET I 61 -75.31 -51.98 -61.56
C MET I 61 -76.33 -52.70 -62.46
N ARG I 62 -77.14 -53.58 -61.87
CA ARG I 62 -78.13 -54.40 -62.56
C ARG I 62 -79.52 -53.96 -62.13
N ILE I 63 -80.32 -53.51 -63.08
CA ILE I 63 -81.69 -53.08 -62.83
C ILE I 63 -82.61 -53.83 -63.77
N SER I 64 -83.80 -54.14 -63.29
CA SER I 64 -84.79 -54.83 -64.10
C SER I 64 -86.17 -54.53 -63.56
N ALA I 65 -87.04 -53.97 -64.40
CA ALA I 65 -88.40 -53.66 -63.98
C ALA I 65 -89.31 -53.72 -65.20
N GLY I 66 -90.58 -54.04 -64.94
CA GLY I 66 -91.57 -54.14 -66.00
C GLY I 66 -92.88 -54.74 -65.53
N VAL I 78 -98.90 -55.34 -61.21
CA VAL I 78 -97.87 -56.34 -60.94
C VAL I 78 -96.57 -55.90 -61.57
N ASN I 79 -95.96 -54.87 -60.99
CA ASN I 79 -94.69 -54.34 -61.46
C ASN I 79 -93.60 -54.70 -60.47
N VAL I 80 -92.49 -55.24 -60.98
CA VAL I 80 -91.39 -55.70 -60.16
C VAL I 80 -90.17 -54.82 -60.43
N ASP I 81 -89.28 -54.78 -59.46
CA ASP I 81 -88.03 -54.02 -59.55
C ASP I 81 -86.90 -54.86 -59.00
N ILE I 82 -85.71 -54.70 -59.59
CA ILE I 82 -84.50 -55.36 -59.10
C ILE I 82 -83.37 -54.33 -59.20
N LEU I 83 -82.60 -54.19 -58.11
CA LEU I 83 -81.53 -53.20 -58.04
C LEU I 83 -80.36 -53.84 -57.32
N ASN I 84 -79.38 -54.32 -58.07
CA ASN I 84 -78.24 -55.03 -57.50
C ASN I 84 -76.95 -54.25 -57.72
N ARG I 85 -76.15 -54.13 -56.67
CA ARG I 85 -74.88 -53.43 -56.73
C ARG I 85 -73.77 -54.33 -56.22
N SER I 86 -72.54 -54.00 -56.63
CA SER I 86 -71.36 -54.66 -56.10
C SER I 86 -70.19 -53.69 -56.21
N GLU I 87 -69.13 -53.99 -55.48
CA GLU I 87 -67.95 -53.14 -55.50
C GLU I 87 -66.78 -53.94 -54.95
N PHE I 88 -65.74 -54.12 -55.76
CA PHE I 88 -64.55 -54.87 -55.37
C PHE I 88 -63.35 -53.97 -55.51
N GLU I 89 -62.62 -53.77 -54.42
CA GLU I 89 -61.45 -52.91 -54.40
C GLU I 89 -60.22 -53.71 -54.03
N THR I 90 -59.09 -53.34 -54.60
CA THR I 90 -57.82 -53.98 -54.30
C THR I 90 -56.74 -52.92 -54.22
N SER I 91 -55.76 -53.14 -53.34
CA SER I 91 -54.64 -52.21 -53.22
C SER I 91 -53.47 -52.97 -52.61
N THR I 92 -52.53 -53.40 -53.44
CA THR I 92 -51.33 -54.07 -52.97
C THR I 92 -50.16 -53.12 -53.15
N LEU I 93 -49.62 -52.64 -52.03
CA LEU I 93 -48.43 -51.81 -52.03
C LEU I 93 -47.30 -52.59 -51.38
N THR I 94 -46.13 -52.56 -52.00
CA THR I 94 -44.94 -53.21 -51.45
C THR I 94 -43.77 -52.25 -51.55
N TYR I 95 -42.84 -52.38 -50.61
CA TYR I 95 -41.69 -51.49 -50.56
C TYR I 95 -40.47 -52.28 -50.11
N GLU I 96 -39.29 -51.78 -50.48
CA GLU I 96 -38.06 -52.44 -50.08
C GLU I 96 -36.88 -51.51 -50.33
N VAL I 97 -36.02 -51.34 -49.33
CA VAL I 97 -34.80 -50.57 -49.47
C VAL I 97 -33.65 -51.38 -48.89
N LYS I 98 -32.43 -51.00 -49.28
CA LYS I 98 -31.23 -51.64 -48.76
C LYS I 98 -30.10 -50.62 -48.81
N VAL I 99 -29.75 -50.07 -47.66
CA VAL I 99 -28.75 -49.02 -47.55
C VAL I 99 -27.49 -49.62 -46.96
N LEU I 100 -26.37 -49.47 -47.67
CA LEU I 100 -25.08 -49.96 -47.22
C LEU I 100 -24.12 -48.78 -47.08
N VAL I 101 -23.51 -48.66 -45.91
CA VAL I 101 -22.56 -47.59 -45.61
C VAL I 101 -21.25 -48.24 -45.17
N GLN I 102 -20.15 -47.82 -45.79
CA GLN I 102 -18.84 -48.34 -45.44
C GLN I 102 -17.87 -47.18 -45.29
N HIS I 103 -17.25 -47.07 -44.13
CA HIS I 103 -16.31 -46.00 -43.86
C HIS I 103 -14.91 -46.42 -44.34
N GLN I 104 -13.91 -45.60 -44.07
CA GLN I 104 -12.53 -45.93 -44.37
C GLN I 104 -11.67 -45.71 -43.14
N VAL I 105 -10.37 -45.97 -43.24
CA VAL I 105 -9.45 -45.81 -42.13
C VAL I 105 -8.69 -44.51 -42.34
N SER I 106 -8.70 -43.65 -41.32
CA SER I 106 -8.07 -42.35 -41.44
C SER I 106 -6.58 -42.49 -41.68
N VAL I 107 -6.03 -41.58 -42.48
CA VAL I 107 -4.63 -41.65 -42.88
C VAL I 107 -3.75 -40.71 -42.09
N LEU I 108 -4.30 -39.99 -41.12
CA LEU I 108 -3.57 -38.97 -40.36
C LEU I 108 -3.43 -39.37 -38.89
N ASP I 109 -3.16 -40.64 -38.62
CA ASP I 109 -2.96 -41.13 -37.27
C ASP I 109 -1.51 -41.58 -37.09
N LYS I 110 -1.09 -41.65 -35.82
CA LYS I 110 0.25 -42.07 -35.48
C LYS I 110 0.18 -43.41 -34.75
N HIS I 111 1.05 -44.33 -35.12
CA HIS I 111 1.10 -45.67 -34.54
C HIS I 111 2.41 -45.85 -33.80
N SER I 112 2.33 -46.37 -32.58
CA SER I 112 3.49 -46.59 -31.73
C SER I 112 3.47 -48.02 -31.20
N PHE I 113 4.61 -48.45 -30.67
CA PHE I 113 4.77 -49.80 -30.15
C PHE I 113 5.25 -49.75 -28.70
N ASN I 114 4.48 -50.37 -27.81
CA ASN I 114 4.80 -50.39 -26.39
C ASN I 114 5.44 -51.73 -26.04
N LYS I 115 6.36 -51.70 -25.08
CA LYS I 115 7.18 -52.86 -24.76
C LYS I 115 6.55 -53.63 -23.61
N ILE I 116 6.34 -54.93 -23.80
CA ILE I 116 5.95 -55.84 -22.75
C ILE I 116 7.07 -56.86 -22.59
N GLN I 117 7.55 -57.02 -21.36
CA GLN I 117 8.68 -57.89 -21.10
C GLN I 117 8.19 -59.34 -20.98
N THR I 118 8.67 -60.20 -21.86
CA THR I 118 8.28 -61.60 -21.89
C THR I 118 9.45 -62.44 -22.36
N THR I 119 9.52 -63.68 -21.87
CA THR I 119 10.51 -64.62 -22.37
C THR I 119 10.09 -65.22 -23.71
N THR I 120 8.82 -65.06 -24.09
CA THR I 120 8.29 -65.59 -25.35
C THR I 120 7.52 -64.50 -26.06
N PRO I 121 8.22 -63.46 -26.55
CA PRO I 121 7.50 -62.35 -27.19
C PRO I 121 6.71 -62.78 -28.40
N HIS I 122 7.07 -63.90 -29.02
CA HIS I 122 6.37 -64.37 -30.22
C HIS I 122 4.94 -64.76 -29.88
N ALA I 123 4.74 -65.51 -28.81
CA ALA I 123 3.41 -65.97 -28.46
C ALA I 123 2.59 -64.88 -27.77
N THR I 124 3.26 -63.85 -27.23
CA THR I 124 2.53 -62.75 -26.60
C THR I 124 2.11 -61.71 -27.63
N TYR I 125 3.08 -61.21 -28.41
CA TYR I 125 2.77 -60.18 -29.40
C TYR I 125 2.03 -60.77 -30.59
N GLY I 126 2.46 -61.92 -31.08
CA GLY I 126 1.87 -62.52 -32.26
C GLY I 126 2.58 -62.10 -33.53
N ASP I 127 1.82 -61.80 -34.58
CA ASP I 127 2.37 -61.32 -35.83
C ASP I 127 1.92 -59.92 -36.19
N ARG I 128 0.61 -59.65 -36.17
CA ARG I 128 0.06 -58.38 -36.61
C ARG I 128 -0.87 -57.81 -35.55
N PHE I 129 -1.01 -56.49 -35.57
CA PHE I 129 -1.80 -55.75 -34.60
C PHE I 129 -3.02 -55.12 -35.27
N ILE I 130 -4.00 -54.77 -34.44
CA ILE I 130 -5.26 -54.21 -34.92
C ILE I 130 -5.13 -52.70 -34.91
N ALA I 131 -4.90 -52.12 -36.09
CA ALA I 131 -4.65 -50.69 -36.18
C ALA I 131 -5.95 -49.89 -36.11
N ASP I 132 -6.82 -50.09 -37.08
CA ASP I 132 -8.08 -49.37 -37.14
C ASP I 132 -9.20 -50.34 -37.50
N PHE I 133 -10.40 -50.01 -37.07
CA PHE I 133 -11.58 -50.84 -37.31
C PHE I 133 -12.35 -50.28 -38.49
N ILE I 134 -12.62 -51.13 -39.48
CA ILE I 134 -13.44 -50.72 -40.62
C ILE I 134 -14.90 -50.69 -40.15
N LYS I 135 -15.51 -49.52 -40.23
CA LYS I 135 -16.86 -49.32 -39.73
C LYS I 135 -17.85 -49.20 -40.89
N GLY I 136 -19.11 -49.41 -40.58
CA GLY I 136 -20.16 -49.37 -41.59
C GLY I 136 -21.56 -49.42 -41.01
N GLY I 137 -22.53 -49.77 -41.85
CA GLY I 137 -23.92 -49.84 -41.43
C GLY I 137 -24.73 -50.59 -42.47
N HIS I 138 -25.99 -50.81 -42.13
CA HIS I 138 -26.85 -51.62 -42.98
C HIS I 138 -28.30 -51.24 -42.73
N PHE I 139 -29.13 -51.40 -43.77
CA PHE I 139 -30.56 -51.17 -43.64
C PHE I 139 -31.28 -52.17 -44.53
N TYR I 140 -32.49 -52.54 -44.11
CA TYR I 140 -33.28 -53.52 -44.84
C TYR I 140 -34.72 -53.39 -44.40
N ALA I 141 -35.60 -52.99 -45.32
CA ALA I 141 -37.00 -52.75 -44.97
C ALA I 141 -37.89 -53.44 -45.98
N ARG I 142 -39.07 -53.86 -45.51
CA ARG I 142 -40.10 -54.45 -46.37
C ARG I 142 -41.45 -54.04 -45.83
N VAL I 143 -42.26 -53.39 -46.66
CA VAL I 143 -43.64 -53.07 -46.32
C VAL I 143 -44.53 -53.83 -47.28
N SER I 144 -45.57 -54.48 -46.74
CA SER I 144 -46.52 -55.24 -47.53
C SER I 144 -47.92 -54.81 -47.11
N ILE I 145 -48.43 -53.77 -47.73
CA ILE I 145 -49.78 -53.28 -47.45
C ILE I 145 -50.75 -54.07 -48.32
N THR I 146 -51.62 -54.87 -47.68
CA THR I 146 -52.57 -55.74 -48.43
C THR I 146 -53.74 -54.92 -48.92
N ALA I 147 -54.59 -55.50 -49.76
CA ALA I 147 -55.76 -54.83 -50.35
C ALA I 147 -56.78 -54.42 -49.30
N LYS I 148 -57.80 -53.66 -49.70
CA LYS I 148 -58.91 -53.31 -48.78
C LYS I 148 -59.98 -54.38 -48.98
N ASN I 149 -60.10 -54.91 -50.20
CA ASN I 149 -61.16 -55.84 -50.54
C ASN I 149 -62.53 -55.29 -50.13
N SER I 150 -62.76 -54.04 -50.49
CA SER I 150 -64.08 -53.47 -50.28
C SER I 150 -65.12 -54.30 -51.02
N SER I 151 -66.23 -54.57 -50.33
CA SER I 151 -67.24 -55.48 -50.87
C SER I 151 -68.63 -54.87 -50.77
N GLU I 152 -68.80 -53.63 -51.17
CA GLU I 152 -70.12 -52.99 -51.14
C GLU I 152 -71.05 -53.72 -52.09
N THR I 153 -72.11 -54.32 -51.55
CA THR I 153 -73.14 -54.98 -52.33
C THR I 153 -74.51 -54.60 -51.79
N SER I 154 -75.53 -54.76 -52.62
CA SER I 154 -76.89 -54.44 -52.22
C SER I 154 -77.87 -55.00 -53.23
N GLU I 155 -79.11 -55.21 -52.76
CA GLU I 155 -80.18 -55.73 -53.59
C GLU I 155 -81.47 -55.05 -53.16
N LEU I 156 -82.41 -54.90 -54.09
CA LEU I 156 -83.72 -54.33 -53.79
C LEU I 156 -84.77 -55.02 -54.64
N LYS I 157 -86.00 -55.09 -54.13
CA LYS I 157 -87.10 -55.80 -54.79
C LYS I 157 -88.41 -55.12 -54.45
N GLN I 158 -89.01 -54.46 -55.45
CA GLN I 158 -90.28 -53.76 -55.27
C GLN I 158 -91.34 -54.40 -56.16
N SER I 159 -92.10 -55.31 -55.56
CA SER I 159 -93.22 -55.94 -56.27
C SER I 159 -94.49 -55.15 -56.00
N ALA I 160 -95.04 -54.54 -57.05
CA ALA I 160 -96.26 -53.74 -56.93
C ALA I 160 -96.11 -52.66 -55.87
N THR I 174 -100.75 -54.17 -52.42
CA THR I 174 -99.64 -55.10 -52.16
C THR I 174 -98.29 -54.45 -52.47
N GLN I 175 -97.32 -54.70 -51.59
CA GLN I 175 -96.01 -54.08 -51.70
C GLN I 175 -94.98 -55.04 -51.12
N GLU I 176 -93.73 -54.85 -51.52
CA GLU I 176 -92.65 -55.71 -51.05
C GLU I 176 -91.33 -54.96 -51.16
N VAL I 177 -90.50 -55.06 -50.13
CA VAL I 177 -89.16 -54.48 -50.14
C VAL I 177 -88.20 -55.49 -49.55
N GLU I 178 -87.03 -55.64 -50.17
CA GLU I 178 -86.03 -56.63 -49.77
C GLU I 178 -84.64 -56.03 -49.98
N ARG I 179 -84.02 -55.59 -48.89
CA ARG I 179 -82.67 -55.03 -48.93
C ARG I 179 -81.69 -55.82 -48.07
N ALA I 180 -81.87 -57.14 -47.96
CA ALA I 180 -80.99 -57.97 -47.14
C ALA I 180 -79.71 -58.34 -47.88
N VAL I 181 -79.01 -57.33 -48.39
CA VAL I 181 -77.72 -57.54 -49.03
C VAL I 181 -76.85 -56.33 -48.72
N SER I 182 -75.74 -56.56 -48.04
CA SER I 182 -74.81 -55.50 -47.69
C SER I 182 -73.56 -56.11 -47.08
N SER I 183 -72.40 -55.61 -47.49
CA SER I 183 -71.13 -56.10 -46.97
C SER I 183 -70.09 -54.99 -47.15
N ILE I 184 -69.00 -55.10 -46.40
CA ILE I 184 -67.97 -54.06 -46.36
C ILE I 184 -66.60 -54.72 -46.47
N LYS I 185 -65.58 -53.87 -46.61
CA LYS I 185 -64.20 -54.32 -46.77
C LYS I 185 -63.76 -55.18 -45.60
N ARG I 186 -62.91 -56.17 -45.91
CA ARG I 186 -62.22 -56.90 -44.86
C ARG I 186 -60.85 -57.28 -45.42
N ASN I 187 -59.89 -56.36 -45.27
CA ASN I 187 -58.48 -56.67 -45.46
C ASN I 187 -57.63 -55.47 -45.08
N ALA I 188 -56.65 -55.67 -44.21
CA ALA I 188 -55.65 -54.63 -43.94
C ALA I 188 -54.45 -55.31 -43.29
N SER I 189 -53.41 -55.57 -44.08
CA SER I 189 -52.22 -56.24 -43.59
C SER I 189 -51.03 -55.31 -43.79
N VAL I 190 -50.30 -55.05 -42.72
CA VAL I 190 -49.10 -54.23 -42.75
C VAL I 190 -47.98 -55.07 -42.16
N LYS I 191 -47.18 -55.70 -43.01
CA LYS I 191 -46.01 -56.44 -42.59
C LYS I 191 -44.79 -55.53 -42.75
N ILE I 192 -44.12 -55.25 -41.64
CA ILE I 192 -42.94 -54.41 -41.63
C ILE I 192 -41.79 -55.21 -41.02
N THR I 193 -40.67 -55.26 -41.74
CA THR I 193 -39.43 -55.79 -41.21
C THR I 193 -38.36 -54.74 -41.39
N ILE I 194 -37.65 -54.40 -40.32
CA ILE I 194 -36.60 -53.40 -40.36
C ILE I 194 -35.37 -53.99 -39.70
N ILE I 195 -34.26 -54.06 -40.44
CA ILE I 195 -33.01 -54.60 -39.93
C ILE I 195 -31.96 -53.50 -40.05
N GLU I 196 -31.40 -53.09 -38.91
CA GLU I 196 -30.52 -51.94 -38.87
C GLU I 196 -29.24 -52.27 -38.13
N SER I 197 -28.15 -51.64 -38.57
CA SER I 197 -26.85 -51.71 -37.89
C SER I 197 -26.30 -50.29 -37.91
N THR I 198 -26.61 -49.53 -36.86
CA THR I 198 -26.24 -48.12 -36.81
C THR I 198 -25.53 -47.80 -35.51
N GLY I 199 -25.29 -46.51 -35.25
CA GLY I 199 -24.58 -46.09 -34.07
C GLY I 199 -25.30 -44.94 -33.36
N THR I 200 -24.94 -44.77 -32.10
CA THR I 200 -25.54 -43.71 -31.29
C THR I 200 -24.97 -42.35 -31.66
N SER I 201 -25.76 -41.32 -31.41
CA SER I 201 -25.30 -39.95 -31.67
C SER I 201 -24.16 -39.58 -30.74
N SER I 216 -50.06 -44.53 -43.14
CA SER I 216 -48.87 -43.88 -43.69
C SER I 216 -47.62 -44.66 -43.30
N ASP I 217 -47.77 -45.97 -43.14
CA ASP I 217 -46.60 -46.78 -42.76
C ASP I 217 -45.59 -46.86 -43.89
N LEU I 218 -46.04 -46.75 -45.14
CA LEU I 218 -45.10 -46.71 -46.26
C LEU I 218 -44.21 -45.47 -46.16
N LEU I 219 -44.80 -44.32 -45.83
CA LEU I 219 -44.02 -43.10 -45.69
C LEU I 219 -43.13 -43.14 -44.45
N ALA I 220 -43.60 -43.74 -43.36
CA ALA I 220 -42.80 -43.78 -42.14
C ALA I 220 -41.51 -44.55 -42.38
N VAL I 221 -41.59 -45.69 -43.06
CA VAL I 221 -40.38 -46.44 -43.39
C VAL I 221 -39.48 -45.60 -44.29
N LYS I 222 -40.08 -44.84 -45.20
CA LYS I 222 -39.29 -44.03 -46.13
C LYS I 222 -38.48 -42.98 -45.38
N GLU I 223 -39.08 -42.32 -44.40
CA GLU I 223 -38.37 -41.28 -43.68
C GLU I 223 -37.15 -41.84 -42.95
N LYS I 224 -37.32 -42.97 -42.26
CA LYS I 224 -36.17 -43.62 -41.63
C LYS I 224 -35.17 -44.07 -42.68
N ALA I 225 -35.65 -44.57 -43.82
CA ALA I 225 -34.75 -44.95 -44.89
C ALA I 225 -34.01 -43.75 -45.45
N ASP I 226 -34.72 -42.64 -45.69
CA ASP I 226 -34.06 -41.44 -46.19
C ASP I 226 -33.22 -40.78 -45.10
N GLN I 227 -33.76 -40.70 -43.88
CA GLN I 227 -32.97 -40.15 -42.77
C GLN I 227 -31.71 -40.95 -42.56
N PHE I 228 -31.74 -42.25 -42.85
CA PHE I 228 -30.52 -43.04 -42.74
C PHE I 228 -29.47 -42.52 -43.71
N TYR I 229 -29.90 -42.22 -44.94
CA TYR I 229 -28.99 -41.65 -45.96
C TYR I 229 -28.43 -40.37 -45.39
N LYS I 230 -29.30 -39.42 -45.01
CA LYS I 230 -28.82 -38.15 -44.50
C LYS I 230 -28.05 -38.33 -43.20
N ASP I 231 -28.45 -39.31 -42.38
CA ASP I 231 -27.76 -39.52 -41.11
C ASP I 231 -26.31 -39.87 -41.33
N ALA I 232 -25.99 -40.64 -42.37
CA ALA I 232 -24.61 -41.01 -42.62
C ALA I 232 -23.72 -39.77 -42.78
N ASP I 233 -24.21 -38.74 -43.46
CA ASP I 233 -23.39 -37.56 -43.68
C ASP I 233 -22.89 -36.98 -42.37
N SER I 234 -23.73 -37.02 -41.33
CA SER I 234 -23.29 -36.60 -40.02
C SER I 234 -22.25 -37.53 -39.42
N GLY I 235 -22.03 -38.69 -40.03
CA GLY I 235 -21.01 -39.60 -39.58
C GLY I 235 -21.30 -40.24 -38.24
N LYS I 236 -22.55 -40.64 -38.01
CA LYS I 236 -22.92 -41.38 -36.82
C LYS I 236 -23.06 -42.88 -37.08
N HIS I 237 -22.75 -43.34 -38.29
CA HIS I 237 -22.86 -44.76 -38.63
C HIS I 237 -21.53 -45.43 -38.32
N SER I 238 -21.29 -45.66 -37.04
CA SER I 238 -20.05 -46.26 -36.57
C SER I 238 -20.40 -47.62 -36.00
N TYR I 239 -20.45 -48.63 -36.87
CA TYR I 239 -20.63 -50.01 -36.47
C TYR I 239 -19.43 -50.80 -36.94
N VAL I 240 -18.85 -51.59 -36.04
CA VAL I 240 -17.61 -52.29 -36.34
C VAL I 240 -17.92 -53.47 -37.26
N LEU I 241 -17.28 -53.49 -38.43
CA LEU I 241 -17.46 -54.56 -39.40
C LEU I 241 -16.19 -55.37 -39.59
N PHE I 242 -15.08 -54.74 -39.97
CA PHE I 242 -13.84 -55.42 -40.25
C PHE I 242 -12.70 -54.75 -39.47
N ALA I 243 -11.62 -55.50 -39.31
CA ALA I 243 -10.42 -55.01 -38.63
C ALA I 243 -9.25 -55.06 -39.61
N VAL I 244 -8.50 -53.96 -39.68
CA VAL I 244 -7.37 -53.83 -40.59
C VAL I 244 -6.10 -54.20 -39.85
N LEU I 245 -5.31 -55.09 -40.44
CA LEU I 245 -4.12 -55.63 -39.80
C LEU I 245 -2.88 -54.88 -40.28
N GLY I 246 -1.93 -54.68 -39.37
CA GLY I 246 -0.68 -54.03 -39.70
C GLY I 246 0.48 -54.81 -39.14
N LYS I 247 1.62 -54.70 -39.83
CA LYS I 247 2.80 -55.47 -39.46
C LYS I 247 3.66 -54.67 -38.48
N TYR I 248 4.13 -55.35 -37.43
CA TYR I 248 4.91 -54.68 -36.40
C TYR I 248 6.19 -54.07 -36.93
N ARG I 249 6.68 -54.55 -38.07
CA ARG I 249 7.93 -54.02 -38.61
C ARG I 249 7.76 -52.58 -39.06
N ASN I 250 6.60 -52.25 -39.65
CA ASN I 250 6.38 -50.91 -40.18
C ASN I 250 6.27 -49.86 -39.09
N LEU I 251 6.14 -50.24 -37.83
CA LEU I 251 6.11 -49.27 -36.75
C LEU I 251 7.44 -48.54 -36.65
N SER I 252 7.39 -47.21 -36.56
CA SER I 252 8.61 -46.45 -36.36
C SER I 252 9.28 -46.81 -35.04
N ASN I 253 8.51 -46.90 -33.97
CA ASN I 253 9.03 -47.15 -32.63
C ASN I 253 9.58 -48.56 -32.49
N PHE I 254 9.29 -49.44 -33.44
CA PHE I 254 9.79 -50.80 -33.41
C PHE I 254 11.28 -50.78 -33.70
N GLU I 255 12.09 -51.06 -32.68
CA GLU I 255 13.53 -51.25 -32.84
C GLU I 255 13.88 -52.72 -32.89
N SER I 256 13.04 -53.52 -33.52
CA SER I 256 13.27 -54.96 -33.66
C SER I 256 13.33 -55.63 -32.29
N TYR I 257 12.22 -55.51 -31.57
CA TYR I 257 12.07 -56.21 -30.30
C TYR I 257 12.12 -57.72 -30.50
N PHE I 258 11.78 -58.19 -31.70
CA PHE I 258 11.82 -59.60 -32.01
C PHE I 258 11.76 -59.75 -33.53
N ALA I 259 11.74 -61.00 -33.98
CA ALA I 259 11.66 -61.28 -35.40
C ALA I 259 10.33 -61.93 -35.71
N PRO I 260 9.32 -61.19 -36.17
CA PRO I 260 8.01 -61.80 -36.41
C PRO I 260 8.08 -62.89 -37.47
N PHE I 261 7.29 -63.94 -37.26
CA PHE I 261 7.21 -65.00 -38.25
C PHE I 261 6.32 -64.57 -39.41
N ASP I 262 6.51 -65.25 -40.55
CA ASP I 262 5.65 -65.05 -41.76
C ASP I 262 4.91 -66.37 -41.92
N TYR I 263 3.65 -66.46 -41.50
CA TYR I 263 2.89 -67.70 -41.46
C TYR I 263 2.21 -68.02 -42.79
N GLN I 264 2.40 -67.20 -43.82
CA GLN I 264 1.73 -67.45 -45.08
C GLN I 264 2.05 -68.84 -45.61
N MET I 265 3.33 -69.20 -45.66
CA MET I 265 3.70 -70.52 -46.14
C MET I 265 3.35 -71.60 -45.14
N ALA I 266 3.55 -71.34 -43.84
CA ALA I 266 3.25 -72.34 -42.83
C ALA I 266 1.76 -72.72 -42.84
N SER I 267 0.89 -71.72 -42.94
CA SER I 267 -0.54 -72.01 -43.02
C SER I 267 -0.87 -72.81 -44.28
N LEU I 268 -0.25 -72.45 -45.41
CA LEU I 268 -0.52 -73.18 -46.64
C LEU I 268 -0.11 -74.65 -46.49
N ARG I 269 1.07 -74.90 -45.94
CA ARG I 269 1.52 -76.29 -45.79
C ARG I 269 0.62 -77.05 -44.83
N SER I 270 0.22 -76.44 -43.73
CA SER I 270 -0.55 -77.13 -42.69
C SER I 270 -2.05 -76.87 -42.85
N TRP I 271 -2.58 -77.22 -44.02
CA TRP I 271 -4.01 -77.17 -44.23
C TRP I 271 -4.69 -78.51 -44.03
N ALA I 272 -4.03 -79.61 -44.41
CA ALA I 272 -4.62 -80.93 -44.17
C ALA I 272 -4.85 -81.16 -42.69
N LEU I 273 -4.05 -80.52 -41.83
CA LEU I 273 -4.25 -80.68 -40.40
C LEU I 273 -5.43 -79.84 -39.91
N PHE I 274 -5.59 -78.63 -40.45
CA PHE I 274 -6.67 -77.76 -40.00
C PHE I 274 -8.03 -78.39 -40.26
N ASN I 275 -8.21 -79.01 -41.42
CA ASN I 275 -9.48 -79.67 -41.69
C ASN I 275 -9.71 -80.84 -40.73
N ASP I 276 -8.69 -81.62 -40.46
CA ASP I 276 -8.85 -82.75 -39.55
C ASP I 276 -9.25 -82.28 -38.16
N PHE I 277 -8.92 -81.05 -37.80
CA PHE I 277 -9.35 -80.50 -36.51
C PHE I 277 -10.86 -80.38 -36.45
N THR I 278 -11.46 -79.72 -37.45
CA THR I 278 -12.91 -79.53 -37.42
C THR I 278 -13.62 -80.88 -37.46
N LEU I 279 -13.13 -81.82 -38.27
CA LEU I 279 -13.77 -83.12 -38.34
C LEU I 279 -13.71 -83.85 -37.00
N TYR I 280 -12.56 -83.81 -36.33
CA TYR I 280 -12.44 -84.51 -35.05
C TYR I 280 -13.34 -83.89 -33.99
N LYS I 281 -13.43 -82.56 -33.96
CA LYS I 281 -14.33 -81.91 -33.02
C LYS I 281 -15.77 -82.29 -33.30
N ALA I 282 -16.14 -82.35 -34.57
CA ALA I 282 -17.51 -82.72 -34.92
C ALA I 282 -17.85 -84.13 -34.45
N ILE I 283 -16.91 -85.08 -34.62
CA ILE I 283 -17.20 -86.47 -34.26
C ILE I 283 -17.13 -86.73 -32.77
N GLU I 284 -16.72 -85.76 -31.96
CA GLU I 284 -16.93 -85.90 -30.53
C GLU I 284 -18.43 -85.93 -30.22
N THR I 285 -19.18 -85.03 -30.85
CA THR I 285 -20.63 -85.04 -30.68
C THR I 285 -21.29 -86.26 -31.32
N MET I 286 -20.65 -86.87 -32.32
CA MET I 286 -21.11 -88.17 -32.81
C MET I 286 -21.34 -89.13 -31.65
N ILE I 287 -20.29 -89.37 -30.87
CA ILE I 287 -20.36 -90.39 -29.82
C ILE I 287 -21.33 -89.96 -28.73
N LYS I 288 -21.22 -88.72 -28.27
CA LYS I 288 -22.04 -88.27 -27.15
C LYS I 288 -23.52 -88.31 -27.50
N ALA I 289 -23.88 -87.89 -28.71
CA ALA I 289 -25.29 -87.79 -29.05
C ALA I 289 -26.00 -89.14 -29.02
N VAL I 290 -25.37 -90.18 -29.56
CA VAL I 290 -26.04 -91.48 -29.70
C VAL I 290 -26.15 -92.16 -28.34
N PRO I 291 -27.27 -92.81 -28.03
CA PRO I 291 -27.45 -93.37 -26.69
C PRO I 291 -26.67 -94.66 -26.48
N GLU I 292 -26.76 -95.15 -25.25
CA GLU I 292 -26.02 -96.35 -24.86
C GLU I 292 -26.65 -97.60 -25.46
N SER I 293 -27.97 -97.62 -25.63
CA SER I 293 -28.68 -98.83 -26.03
C SER I 293 -28.46 -99.19 -27.48
N LYS I 294 -27.54 -98.53 -28.19
CA LYS I 294 -27.28 -98.83 -29.59
C LYS I 294 -25.79 -98.86 -29.86
N PHE I 295 -25.04 -99.31 -28.85
CA PHE I 295 -23.58 -99.49 -28.99
C PHE I 295 -23.34 -100.99 -28.99
N LYS I 296 -22.40 -101.48 -29.81
CA LYS I 296 -22.18 -102.91 -29.91
C LYS I 296 -21.63 -103.48 -28.61
N ASP I 297 -20.58 -102.88 -28.06
CA ASP I 297 -19.93 -103.43 -26.89
C ASP I 297 -20.65 -103.09 -25.59
N GLY I 298 -21.61 -102.18 -25.62
CA GLY I 298 -22.39 -101.86 -24.45
C GLY I 298 -21.76 -100.77 -23.61
N PRO I 299 -21.69 -100.98 -22.28
CA PRO I 299 -21.29 -99.87 -21.41
C PRO I 299 -19.89 -99.34 -21.67
N GLU I 300 -18.88 -100.21 -21.63
CA GLU I 300 -17.50 -99.75 -21.74
C GLU I 300 -17.13 -99.55 -23.20
N ARG I 301 -17.96 -98.81 -23.94
CA ARG I 301 -17.66 -98.45 -25.31
C ARG I 301 -17.79 -96.94 -25.48
N LYS I 302 -18.71 -96.33 -24.73
CA LYS I 302 -18.87 -94.89 -24.79
C LYS I 302 -17.62 -94.18 -24.31
N THR I 303 -17.08 -94.59 -23.16
CA THR I 303 -16.03 -93.79 -22.54
C THR I 303 -14.71 -93.88 -23.29
N GLN I 304 -14.28 -95.07 -23.70
CA GLN I 304 -13.01 -95.16 -24.41
C GLN I 304 -13.13 -94.80 -25.88
N LEU I 305 -14.34 -94.77 -26.43
CA LEU I 305 -14.52 -94.10 -27.72
C LEU I 305 -14.48 -92.59 -27.54
N ILE I 306 -15.13 -92.08 -26.49
CA ILE I 306 -15.03 -90.66 -26.20
C ILE I 306 -13.60 -90.29 -25.83
N LYS I 307 -12.96 -91.10 -24.97
CA LYS I 307 -11.61 -90.77 -24.55
C LYS I 307 -10.62 -90.93 -25.71
N GLN I 308 -10.81 -91.93 -26.56
CA GLN I 308 -9.89 -92.11 -27.68
C GLN I 308 -9.92 -90.91 -28.61
N ALA I 309 -11.12 -90.37 -28.88
CA ALA I 309 -11.23 -89.21 -29.74
C ALA I 309 -10.57 -87.99 -29.10
N ILE I 310 -10.82 -87.75 -27.83
CA ILE I 310 -10.26 -86.58 -27.17
C ILE I 310 -8.74 -86.72 -27.01
N ASN I 311 -8.26 -87.93 -26.72
CA ASN I 311 -6.82 -88.11 -26.59
C ASN I 311 -6.10 -87.73 -27.88
N ILE I 312 -6.64 -88.14 -29.03
CA ILE I 312 -6.03 -87.76 -30.29
C ILE I 312 -6.43 -86.34 -30.71
N PHE I 313 -7.45 -85.77 -30.10
CA PHE I 313 -7.71 -84.34 -30.27
C PHE I 313 -6.58 -83.52 -29.64
N GLU I 314 -6.03 -84.01 -28.53
CA GLU I 314 -4.86 -83.36 -27.93
C GLU I 314 -3.68 -83.38 -28.89
N THR I 315 -3.46 -84.50 -29.56
CA THR I 315 -2.27 -84.63 -30.38
C THR I 315 -2.24 -83.60 -31.50
N ILE I 316 -3.38 -83.37 -32.14
CA ILE I 316 -3.41 -82.39 -33.22
C ILE I 316 -3.50 -80.96 -32.70
N ARG I 317 -4.13 -80.73 -31.54
CA ARG I 317 -4.17 -79.39 -30.99
C ARG I 317 -2.79 -78.93 -30.54
N ASP I 318 -2.03 -79.84 -29.92
CA ASP I 318 -0.66 -79.48 -29.51
C ASP I 318 0.26 -79.35 -30.71
N ARG I 319 -0.03 -80.06 -31.81
CA ARG I 319 0.73 -79.84 -33.03
C ARG I 319 0.52 -78.43 -33.54
N VAL I 320 -0.72 -77.95 -33.50
CA VAL I 320 -1.01 -76.56 -33.89
C VAL I 320 -0.30 -75.60 -32.97
N ILE I 321 -0.35 -75.84 -31.65
CA ILE I 321 0.34 -74.97 -30.72
C ILE I 321 1.84 -75.03 -30.94
N LEU I 322 2.35 -76.16 -31.41
CA LEU I 322 3.76 -76.26 -31.72
C LEU I 322 4.12 -75.43 -32.94
N ILE I 323 3.24 -75.37 -33.94
CA ILE I 323 3.51 -74.55 -35.12
C ILE I 323 3.66 -73.09 -34.73
N SER I 324 2.97 -72.66 -33.66
CA SER I 324 3.15 -71.29 -33.20
C SER I 324 4.59 -71.04 -32.78
N GLU I 325 5.17 -71.96 -32.02
CA GLU I 325 6.57 -71.79 -31.61
C GLU I 325 7.52 -72.04 -32.76
N HIS I 326 7.25 -73.06 -33.58
CA HIS I 326 8.13 -73.44 -34.67
C HIS I 326 7.35 -73.62 -35.95
N PRO I 327 7.12 -72.53 -36.70
CA PRO I 327 6.47 -72.68 -38.01
C PRO I 327 7.30 -73.48 -38.99
N GLU I 328 8.61 -73.54 -38.81
CA GLU I 328 9.42 -74.42 -39.65
C GLU I 328 9.06 -75.88 -39.45
N ALA I 329 8.44 -76.23 -38.33
CA ALA I 329 8.01 -77.59 -38.08
C ALA I 329 6.80 -77.99 -38.93
N ALA I 330 6.35 -77.14 -39.84
CA ALA I 330 5.25 -77.51 -40.73
C ALA I 330 5.63 -78.63 -41.68
N LYS I 331 6.93 -78.87 -41.89
CA LYS I 331 7.35 -79.92 -42.82
C LYS I 331 6.93 -81.29 -42.33
N GLU I 332 7.10 -81.57 -41.04
CA GLU I 332 6.85 -82.91 -40.53
C GLU I 332 5.43 -83.36 -40.86
N ASP I 333 5.31 -84.60 -41.32
CA ASP I 333 4.01 -85.14 -41.66
C ASP I 333 3.20 -85.43 -40.39
N PRO I 334 1.88 -85.53 -40.50
CA PRO I 334 1.08 -85.87 -39.33
C PRO I 334 1.48 -87.23 -38.77
N ASP I 335 1.39 -87.36 -37.45
CA ASP I 335 1.67 -88.62 -36.77
C ASP I 335 0.46 -89.11 -35.98
N HIS I 336 -0.74 -88.77 -36.46
CA HIS I 336 -1.98 -89.09 -35.77
C HIS I 336 -2.91 -89.85 -36.70
N MET I 337 -3.80 -90.64 -36.10
CA MET I 337 -4.71 -91.44 -36.88
C MET I 337 -5.63 -90.55 -37.71
N LYS I 338 -5.96 -91.01 -38.91
CA LYS I 338 -6.79 -90.23 -39.81
C LYS I 338 -8.20 -90.10 -39.25
N PRO I 339 -8.88 -88.99 -39.51
CA PRO I 339 -10.31 -88.94 -39.17
C PRO I 339 -11.13 -89.99 -39.88
N GLY I 340 -10.77 -90.34 -41.12
CA GLY I 340 -11.49 -91.39 -41.82
C GLY I 340 -11.38 -92.73 -41.12
N ASP I 341 -10.16 -93.11 -40.73
CA ASP I 341 -9.98 -94.40 -40.08
C ASP I 341 -10.67 -94.41 -38.72
N PHE I 342 -10.52 -93.34 -37.93
CA PHE I 342 -11.21 -93.30 -36.65
C PHE I 342 -12.70 -93.22 -36.83
N ARG I 343 -13.18 -92.49 -37.83
CA ARG I 343 -14.61 -92.47 -38.11
C ARG I 343 -15.10 -93.87 -38.44
N LEU I 344 -14.37 -94.59 -39.29
CA LEU I 344 -14.69 -95.99 -39.56
C LEU I 344 -14.84 -96.77 -38.26
N GLU I 345 -13.91 -96.57 -37.33
CA GLU I 345 -14.00 -97.27 -36.04
C GLU I 345 -15.29 -96.91 -35.32
N VAL I 346 -15.76 -95.67 -35.46
CA VAL I 346 -17.00 -95.26 -34.79
C VAL I 346 -18.18 -96.08 -35.32
N LEU I 347 -18.33 -96.16 -36.64
CA LEU I 347 -19.50 -96.83 -37.20
C LEU I 347 -19.41 -98.34 -37.09
N ASN I 348 -18.21 -98.91 -36.99
CA ASN I 348 -18.10 -100.36 -36.87
C ASN I 348 -18.72 -100.86 -35.58
N SER I 349 -18.67 -100.05 -34.52
CA SER I 349 -19.15 -100.45 -33.19
C SER I 349 -20.57 -99.99 -32.94
N ILE I 350 -21.40 -99.97 -33.97
CA ILE I 350 -22.77 -99.48 -33.88
C ILE I 350 -23.72 -100.59 -34.30
N GLN I 351 -24.70 -100.89 -33.44
CA GLN I 351 -25.73 -101.86 -33.79
C GLN I 351 -26.60 -101.34 -34.92
N THR I 352 -27.23 -102.27 -35.63
CA THR I 352 -27.98 -101.96 -36.83
C THR I 352 -29.31 -102.69 -36.81
N LYS I 353 -30.23 -102.25 -37.68
CA LYS I 353 -31.55 -102.84 -37.80
C LYS I 353 -31.67 -103.52 -39.15
N LEU I 354 -32.21 -104.74 -39.14
CA LEU I 354 -32.28 -105.58 -40.33
C LEU I 354 -33.59 -105.30 -41.05
N PHE I 355 -33.63 -104.18 -41.75
CA PHE I 355 -34.82 -103.82 -42.52
C PHE I 355 -34.93 -104.78 -43.69
N HIS I 356 -35.70 -105.85 -43.50
CA HIS I 356 -35.87 -106.88 -44.57
C HIS I 356 -37.07 -106.45 -45.42
N ALA I 357 -36.82 -105.81 -46.56
CA ALA I 357 -37.88 -105.36 -47.45
C ALA I 357 -38.64 -106.56 -47.98
N GLN I 358 -39.96 -106.41 -48.07
CA GLN I 358 -40.84 -107.50 -48.49
C GLN I 358 -41.77 -106.99 -49.58
N SER I 359 -42.04 -107.85 -50.56
CA SER I 359 -42.85 -107.46 -51.72
C SER I 359 -44.29 -107.88 -51.46
N GLN I 360 -45.13 -106.88 -51.15
CA GLN I 360 -46.53 -107.16 -50.91
C GLN I 360 -47.24 -107.58 -52.21
N PRO I 361 -48.01 -108.68 -52.17
CA PRO I 361 -48.80 -109.05 -53.36
C PRO I 361 -50.16 -108.37 -53.39
N ILE I 362 -50.46 -107.68 -54.49
CA ILE I 362 -51.74 -106.99 -54.65
C ILE I 362 -52.50 -107.64 -55.80
N PRO I 363 -53.81 -107.87 -55.67
CA PRO I 363 -54.55 -108.47 -56.78
C PRO I 363 -54.50 -107.61 -58.03
N ASN I 364 -54.71 -108.24 -59.18
CA ASN I 364 -54.68 -107.56 -60.48
C ASN I 364 -53.25 -107.15 -60.83
N THR I 365 -52.29 -108.01 -60.53
CA THR I 365 -50.89 -107.79 -60.84
C THR I 365 -50.23 -109.12 -61.19
N ASP I 366 -49.57 -109.15 -62.34
CA ASP I 366 -48.88 -110.35 -62.82
C ASP I 366 -47.41 -110.02 -63.01
N ASP I 367 -46.54 -110.77 -62.34
CA ASP I 367 -45.10 -110.55 -62.37
C ASP I 367 -44.72 -109.18 -61.83
N TYR I 368 -45.65 -108.48 -61.18
CA TYR I 368 -45.42 -107.16 -60.61
C TYR I 368 -45.87 -107.21 -59.14
N TRP I 369 -44.97 -106.87 -58.23
CA TRP I 369 -45.23 -106.90 -56.80
C TRP I 369 -45.23 -105.48 -56.26
N THR I 370 -45.37 -105.36 -54.94
CA THR I 370 -45.33 -104.07 -54.26
C THR I 370 -44.33 -104.17 -53.11
N ASP I 371 -43.19 -103.51 -53.28
CA ASP I 371 -42.10 -103.60 -52.31
C ASP I 371 -42.40 -102.67 -51.14
N VAL I 372 -42.51 -103.24 -49.95
CA VAL I 372 -42.70 -102.48 -48.71
C VAL I 372 -41.49 -102.75 -47.82
N ILE I 373 -40.81 -101.69 -47.41
CA ILE I 373 -39.61 -101.81 -46.58
C ILE I 373 -40.08 -101.73 -45.13
N LEU I 374 -40.53 -102.85 -44.59
CA LEU I 374 -40.97 -102.96 -43.21
C LEU I 374 -40.19 -104.05 -42.50
N THR I 375 -39.80 -103.77 -41.26
CA THR I 375 -39.04 -104.72 -40.47
C THR I 375 -39.86 -105.91 -40.00
N THR I 376 -41.19 -105.79 -40.02
CA THR I 376 -42.05 -106.87 -39.55
C THR I 376 -42.27 -107.88 -40.67
N LYS I 377 -42.09 -109.16 -40.35
CA LYS I 377 -42.30 -110.21 -41.33
C LYS I 377 -43.77 -110.26 -41.76
N GLY I 378 -44.01 -110.37 -43.06
CA GLY I 378 -45.36 -110.44 -43.58
C GLY I 378 -45.71 -111.80 -44.14
N SER I 379 -46.99 -112.03 -44.40
CA SER I 379 -47.47 -113.28 -44.95
C SER I 379 -47.74 -113.11 -46.44
N GLY I 380 -47.07 -113.93 -47.26
CA GLY I 380 -47.23 -113.86 -48.70
C GLY I 380 -46.43 -112.78 -49.39
N ASN I 381 -45.66 -112.02 -48.60
CA ASN I 381 -44.82 -110.93 -49.16
C ASN I 381 -43.42 -111.48 -49.44
N GLN I 382 -42.91 -111.27 -50.66
CA GLN I 382 -41.60 -111.81 -51.02
C GLN I 382 -40.50 -110.94 -50.41
N PRO I 383 -39.63 -111.49 -49.56
CA PRO I 383 -38.50 -110.69 -49.06
C PRO I 383 -37.47 -110.43 -50.14
N LEU I 384 -36.95 -109.19 -50.16
CA LEU I 384 -35.98 -108.78 -51.16
C LEU I 384 -34.54 -108.94 -50.65
N PHE I 385 -34.18 -108.23 -49.59
CA PHE I 385 -32.87 -108.35 -48.98
C PHE I 385 -32.97 -107.95 -47.52
N THR I 386 -32.07 -108.50 -46.71
CA THR I 386 -31.99 -108.19 -45.29
C THR I 386 -30.61 -107.60 -45.02
N PHE I 387 -30.58 -106.37 -44.50
CA PHE I 387 -29.37 -105.59 -44.37
C PHE I 387 -29.34 -104.81 -43.07
N PRO I 388 -28.16 -104.63 -42.47
CA PRO I 388 -28.07 -103.71 -41.32
C PRO I 388 -28.45 -102.30 -41.73
N ALA I 389 -29.12 -101.59 -40.82
CA ALA I 389 -29.51 -100.20 -41.05
C ALA I 389 -29.49 -99.45 -39.73
N PHE I 390 -29.61 -98.12 -39.83
CA PHE I 390 -29.52 -97.23 -38.70
C PHE I 390 -30.91 -96.73 -38.35
N ASP I 391 -31.35 -97.02 -37.13
CA ASP I 391 -32.70 -96.69 -36.69
C ASP I 391 -32.74 -95.48 -35.77
N PHE I 392 -31.70 -94.67 -35.77
CA PHE I 392 -31.61 -93.51 -34.91
C PHE I 392 -30.71 -92.47 -35.54
N GLY I 393 -31.03 -91.20 -35.32
CA GLY I 393 -30.26 -90.13 -35.91
C GLY I 393 -28.97 -89.93 -35.13
N ASP I 394 -28.59 -88.68 -34.92
CA ASP I 394 -27.42 -88.33 -34.12
C ASP I 394 -26.12 -88.87 -34.71
N LEU I 395 -26.16 -89.42 -35.93
CA LEU I 395 -24.96 -89.87 -36.62
C LEU I 395 -24.84 -89.02 -37.89
N ILE I 396 -23.91 -88.06 -37.87
CA ILE I 396 -23.82 -87.13 -38.99
C ILE I 396 -23.49 -87.92 -40.26
N GLY I 397 -23.88 -87.35 -41.39
CA GLY I 397 -23.73 -88.02 -42.67
C GLY I 397 -24.84 -88.97 -43.01
N THR I 398 -25.96 -88.93 -42.27
CA THR I 398 -27.09 -89.86 -42.48
C THR I 398 -28.39 -89.10 -42.63
N GLU I 399 -29.32 -89.62 -43.43
CA GLU I 399 -30.65 -89.03 -43.64
C GLU I 399 -31.69 -90.14 -43.61
N VAL I 400 -32.92 -89.74 -43.30
CA VAL I 400 -34.01 -90.67 -43.07
C VAL I 400 -34.89 -90.77 -44.31
N VAL I 401 -35.41 -91.97 -44.54
CA VAL I 401 -36.35 -92.25 -45.62
C VAL I 401 -37.66 -92.67 -44.97
N SER I 402 -38.56 -91.73 -44.76
CA SER I 402 -39.79 -91.95 -44.00
C SER I 402 -40.94 -92.10 -44.98
N PHE I 403 -41.43 -93.32 -45.15
CA PHE I 403 -42.56 -93.55 -46.02
C PHE I 403 -43.77 -92.76 -45.53
N GLY I 404 -44.49 -92.16 -46.46
CA GLY I 404 -45.72 -91.45 -46.14
C GLY I 404 -46.93 -92.22 -46.62
N LYS I 405 -47.69 -92.79 -45.68
CA LYS I 405 -48.90 -93.52 -46.00
C LYS I 405 -50.10 -92.68 -45.62
N LYS I 406 -50.99 -92.43 -46.58
CA LYS I 406 -52.16 -91.62 -46.32
C LYS I 406 -53.06 -92.32 -45.29
N LYS I 407 -53.23 -91.68 -44.13
CA LYS I 407 -54.22 -92.16 -43.18
C LYS I 407 -55.63 -91.93 -43.71
N ASN I 408 -55.83 -90.88 -44.50
CA ASN I 408 -57.10 -90.60 -45.14
C ASN I 408 -57.30 -91.43 -46.40
N GLY I 409 -56.29 -92.21 -46.79
CA GLY I 409 -56.38 -93.02 -47.98
C GLY I 409 -55.43 -94.20 -47.93
N GLU I 410 -54.84 -94.55 -49.07
CA GLU I 410 -53.91 -95.67 -49.12
C GLU I 410 -52.68 -95.38 -49.95
N GLU I 411 -52.47 -94.13 -50.36
CA GLU I 411 -51.31 -93.79 -51.19
C GLU I 411 -50.02 -94.15 -50.47
N TYR I 412 -49.10 -94.76 -51.21
CA TYR I 412 -47.76 -95.07 -50.71
C TYR I 412 -46.82 -93.96 -51.12
N ASN I 413 -46.12 -93.37 -50.14
CA ASN I 413 -45.16 -92.31 -50.41
C ASN I 413 -43.80 -92.68 -49.81
N CYS I 414 -42.77 -92.00 -50.33
CA CYS I 414 -41.39 -92.23 -49.91
C CYS I 414 -40.67 -90.90 -49.95
N LEU I 415 -40.52 -90.26 -48.79
CA LEU I 415 -39.89 -88.95 -48.70
C LEU I 415 -38.65 -89.05 -47.82
N ILE I 416 -37.53 -88.56 -48.34
CA ILE I 416 -36.26 -88.58 -47.62
C ILE I 416 -36.17 -87.30 -46.79
N GLY I 417 -35.85 -87.45 -45.51
CA GLY I 417 -35.69 -86.29 -44.66
C GLY I 417 -36.96 -85.46 -44.53
N GLU I 418 -38.11 -86.03 -44.89
CA GLU I 418 -39.39 -85.33 -44.79
C GLU I 418 -40.40 -86.30 -44.20
N ARG I 419 -40.72 -86.11 -42.92
CA ARG I 419 -41.62 -87.02 -42.23
C ARG I 419 -43.06 -86.70 -42.59
N VAL I 420 -43.97 -87.47 -41.98
CA VAL I 420 -45.39 -87.18 -42.12
C VAL I 420 -45.78 -85.91 -41.41
N THR I 421 -45.02 -85.49 -40.39
CA THR I 421 -45.41 -84.34 -39.58
C THR I 421 -45.59 -83.07 -40.41
N SER I 422 -44.91 -82.97 -41.55
CA SER I 422 -45.10 -81.80 -42.41
C SER I 422 -46.54 -81.73 -42.91
N LEU I 423 -47.11 -82.87 -43.28
CA LEU I 423 -48.49 -82.96 -43.73
C LEU I 423 -49.37 -83.42 -42.57
N ASP I 424 -50.65 -83.67 -42.84
CA ASP I 424 -51.61 -84.10 -41.85
C ASP I 424 -52.31 -85.37 -42.31
N ASP I 425 -52.51 -86.30 -41.37
CA ASP I 425 -53.16 -87.59 -41.65
C ASP I 425 -52.35 -88.39 -42.68
N TYR I 426 -51.17 -88.79 -42.23
CA TYR I 426 -50.26 -89.63 -43.06
C TYR I 426 -49.63 -90.64 -42.11
N LYS I 427 -50.03 -91.90 -42.20
CA LYS I 427 -49.44 -92.98 -41.35
C LYS I 427 -47.95 -93.14 -41.69
N GLU I 428 -47.17 -93.61 -40.71
CA GLU I 428 -45.71 -93.83 -40.93
C GLU I 428 -45.47 -95.33 -41.19
N LEU I 429 -45.02 -95.68 -42.40
CA LEU I 429 -44.68 -97.09 -42.69
C LEU I 429 -43.31 -97.43 -42.11
N SER I 430 -42.26 -96.73 -42.55
CA SER I 430 -40.91 -97.03 -42.11
C SER I 430 -40.06 -95.77 -42.17
N TYR I 431 -39.31 -95.53 -41.10
CA TYR I 431 -38.34 -94.44 -41.06
C TYR I 431 -37.05 -94.96 -40.46
N PHE I 432 -35.93 -94.65 -41.12
CA PHE I 432 -34.64 -95.12 -40.65
C PHE I 432 -33.54 -94.33 -41.36
N TRP I 433 -32.61 -93.75 -40.58
CA TRP I 433 -31.56 -92.94 -41.16
C TRP I 433 -30.59 -93.81 -41.95
N VAL I 434 -30.07 -93.26 -43.06
CA VAL I 434 -29.15 -93.98 -43.92
C VAL I 434 -28.14 -92.99 -44.51
N PHE I 435 -27.08 -93.52 -45.09
CA PHE I 435 -26.10 -92.70 -45.78
C PHE I 435 -26.58 -92.42 -47.20
N PRO I 436 -26.87 -91.16 -47.56
CA PRO I 436 -27.21 -90.88 -48.96
C PRO I 436 -26.06 -91.10 -49.92
N ASP I 437 -24.82 -91.12 -49.42
CA ASP I 437 -23.64 -91.30 -50.27
C ASP I 437 -22.81 -92.44 -49.72
N SER I 438 -21.82 -92.86 -50.51
CA SER I 438 -20.99 -93.98 -50.13
C SER I 438 -19.89 -93.52 -49.17
N VAL I 439 -19.30 -94.49 -48.48
CA VAL I 439 -18.18 -94.24 -47.59
C VAL I 439 -17.11 -95.26 -47.88
N GLN I 440 -15.86 -94.93 -47.54
CA GLN I 440 -14.75 -95.82 -47.81
C GLN I 440 -14.96 -97.15 -47.11
N LYS I 441 -15.14 -98.20 -47.91
CA LYS I 441 -15.13 -99.59 -47.47
C LYS I 441 -16.17 -99.92 -46.41
N PHE I 442 -17.19 -99.08 -46.23
CA PHE I 442 -18.30 -99.41 -45.34
C PHE I 442 -19.62 -99.48 -46.08
N ALA I 443 -20.02 -98.42 -46.77
CA ALA I 443 -21.33 -98.33 -47.41
C ALA I 443 -21.13 -98.40 -48.93
N MET I 444 -21.18 -99.60 -49.47
CA MET I 444 -20.93 -99.82 -50.89
C MET I 444 -22.12 -100.38 -51.64
N GLU I 445 -23.07 -101.03 -50.98
CA GLU I 445 -24.24 -101.57 -51.64
C GLU I 445 -25.32 -100.49 -51.72
N MET I 446 -26.14 -100.57 -52.77
CA MET I 446 -27.00 -99.47 -53.20
C MET I 446 -28.47 -99.84 -53.08
N TYR I 447 -29.30 -98.84 -52.83
CA TYR I 447 -30.75 -98.96 -52.89
C TYR I 447 -31.33 -97.74 -53.59
N GLY I 448 -32.31 -97.96 -54.44
CA GLY I 448 -32.94 -96.89 -55.19
C GLY I 448 -34.45 -96.96 -55.08
N VAL I 449 -35.07 -95.79 -55.16
CA VAL I 449 -36.51 -95.65 -55.01
C VAL I 449 -37.11 -95.27 -56.35
N SER I 450 -38.18 -95.95 -56.74
CA SER I 450 -38.95 -95.62 -57.92
C SER I 450 -40.44 -95.82 -57.62
N LYS I 451 -41.27 -94.96 -58.20
CA LYS I 451 -42.71 -94.96 -57.95
C LYS I 451 -43.47 -94.81 -59.25
N VAL I 452 -44.61 -95.49 -59.34
CA VAL I 452 -45.44 -95.42 -60.53
C VAL I 452 -46.51 -94.33 -60.32
N PRO I 453 -46.56 -93.29 -61.17
CA PRO I 453 -47.53 -92.22 -60.92
C PRO I 453 -48.97 -92.70 -60.90
N THR I 454 -49.33 -93.63 -61.77
CA THR I 454 -50.73 -94.06 -61.86
C THR I 454 -51.16 -94.77 -60.58
N ARG I 455 -50.31 -95.64 -60.06
CA ARG I 455 -50.60 -96.41 -58.86
C ARG I 455 -49.37 -96.39 -57.96
N ASN I 456 -49.60 -96.12 -56.67
CA ASN I 456 -48.49 -95.97 -55.73
C ASN I 456 -47.95 -97.32 -55.32
N TYR I 457 -47.46 -98.09 -56.29
CA TYR I 457 -46.79 -99.35 -56.02
C TYR I 457 -45.31 -99.05 -55.81
N MET I 458 -44.90 -98.99 -54.55
CA MET I 458 -43.52 -98.69 -54.23
C MET I 458 -42.59 -99.63 -55.00
N ARG I 459 -41.68 -99.04 -55.78
CA ARG I 459 -40.73 -99.79 -56.59
C ARG I 459 -39.34 -99.39 -56.10
N VAL I 460 -38.88 -100.05 -55.05
CA VAL I 460 -37.54 -99.86 -54.51
C VAL I 460 -36.72 -101.07 -54.91
N TYR I 461 -35.55 -100.83 -55.49
CA TYR I 461 -34.73 -101.90 -56.03
C TYR I 461 -33.26 -101.54 -55.87
N ALA I 462 -32.41 -102.54 -56.07
CA ALA I 462 -30.96 -102.36 -56.01
C ALA I 462 -30.52 -101.63 -57.28
N ALA I 463 -30.37 -100.31 -57.18
CA ALA I 463 -30.07 -99.48 -58.34
C ALA I 463 -28.59 -99.55 -58.66
N ASP I 464 -28.18 -98.75 -59.65
CA ASP I 464 -26.77 -98.74 -60.11
C ASP I 464 -26.34 -97.29 -60.30
N GLN I 465 -25.05 -97.04 -60.49
CA GLN I 465 -24.57 -95.69 -60.75
C GLN I 465 -25.17 -95.14 -62.03
N SER I 466 -25.53 -96.04 -62.95
CA SER I 466 -26.14 -95.62 -64.23
C SER I 466 -27.63 -95.28 -64.01
N ASP I 467 -28.29 -95.97 -63.07
CA ASP I 467 -29.69 -95.62 -62.75
C ASP I 467 -29.75 -94.14 -62.37
N ILE I 468 -28.70 -93.65 -61.70
CA ILE I 468 -28.63 -92.19 -61.38
C ILE I 468 -28.46 -91.43 -62.70
N GLU I 469 -27.43 -91.78 -63.49
CA GLU I 469 -27.18 -91.10 -64.78
C GLU I 469 -28.48 -91.00 -65.58
N ASN I 470 -29.12 -92.13 -65.86
CA ASN I 470 -30.41 -92.13 -66.60
C ASN I 470 -31.54 -92.48 -65.62
N PRO I 471 -32.22 -91.50 -65.00
CA PRO I 471 -33.27 -91.79 -63.97
C PRO I 471 -34.62 -92.08 -64.60
N ARG I 472 -35.36 -93.03 -64.02
CA ARG I 472 -36.70 -93.34 -64.50
C ARG I 472 -37.69 -92.30 -63.97
N PRO I 473 -38.88 -92.22 -64.57
CA PRO I 473 -39.85 -91.23 -64.10
C PRO I 473 -40.20 -91.45 -62.63
N TYR I 474 -40.38 -90.35 -61.89
CA TYR I 474 -40.84 -90.45 -60.47
C TYR I 474 -39.86 -91.25 -59.60
N GLN I 475 -38.58 -91.33 -60.00
CA GLN I 475 -37.60 -92.00 -59.15
C GLN I 475 -37.09 -90.96 -58.16
N ARG I 476 -37.38 -91.18 -56.88
CA ARG I 476 -37.19 -90.11 -55.90
C ARG I 476 -35.74 -90.00 -55.46
N PHE I 477 -35.21 -91.04 -54.82
CA PHE I 477 -33.90 -90.95 -54.21
C PHE I 477 -33.23 -92.31 -54.18
N TRP I 478 -31.90 -92.30 -54.05
CA TRP I 478 -31.09 -93.51 -53.98
C TRP I 478 -30.12 -93.38 -52.81
N PHE I 479 -29.88 -94.51 -52.14
CA PHE I 479 -29.10 -94.50 -50.91
C PHE I 479 -28.25 -95.75 -50.83
N TYR I 480 -27.14 -95.63 -50.10
CA TYR I 480 -26.20 -96.71 -49.88
C TYR I 480 -26.35 -97.27 -48.48
N VAL I 481 -26.28 -98.59 -48.37
CA VAL I 481 -26.42 -99.29 -47.09
C VAL I 481 -25.10 -99.98 -46.78
N PRO I 482 -24.73 -100.13 -45.51
CA PRO I 482 -23.44 -100.76 -45.18
C PRO I 482 -23.30 -102.15 -45.75
N SER I 483 -22.08 -102.46 -46.19
CA SER I 483 -21.76 -103.77 -46.75
C SER I 483 -21.32 -104.69 -45.62
N ALA I 484 -21.93 -105.87 -45.55
CA ALA I 484 -21.58 -106.85 -44.51
C ALA I 484 -20.19 -107.43 -44.70
N ASN I 485 -19.55 -107.20 -45.84
CA ASN I 485 -18.23 -107.74 -46.10
C ASN I 485 -17.13 -107.05 -45.31
N SER I 486 -17.44 -105.94 -44.64
CA SER I 486 -16.42 -105.23 -43.88
C SER I 486 -15.90 -106.12 -42.75
N PRO I 487 -14.58 -106.17 -42.53
CA PRO I 487 -14.07 -107.05 -41.47
C PRO I 487 -14.25 -106.41 -40.10
N PRO I 488 -14.81 -107.15 -39.12
CA PRO I 488 -14.97 -106.57 -37.79
C PRO I 488 -13.72 -106.69 -36.93
N GLY J 2 -15.63 -70.68 -25.63
CA GLY J 2 -15.73 -69.85 -24.44
C GLY J 2 -15.49 -68.39 -24.72
N GLU J 3 -16.52 -67.69 -25.21
CA GLU J 3 -16.40 -66.27 -25.48
C GLU J 3 -17.58 -65.50 -24.87
N VAL J 4 -18.71 -66.18 -24.67
CA VAL J 4 -19.89 -65.56 -24.09
C VAL J 4 -20.46 -66.50 -23.03
N VAL J 5 -21.26 -65.92 -22.14
CA VAL J 5 -21.89 -66.69 -21.07
C VAL J 5 -23.20 -66.02 -20.69
N PRO J 6 -24.28 -66.77 -20.45
CA PRO J 6 -25.54 -66.13 -20.03
C PRO J 6 -25.37 -65.38 -18.72
N TYR J 7 -26.09 -64.27 -18.61
CA TYR J 7 -25.98 -63.44 -17.42
C TYR J 7 -26.41 -64.22 -16.18
N LYS J 8 -25.63 -64.11 -15.12
CA LYS J 8 -25.96 -64.68 -13.82
C LYS J 8 -26.00 -63.56 -12.80
N ALA J 9 -27.10 -63.47 -12.05
CA ALA J 9 -27.30 -62.34 -11.17
C ALA J 9 -26.15 -62.23 -10.18
N GLY J 10 -25.80 -60.99 -9.84
CA GLY J 10 -24.67 -60.73 -8.98
C GLY J 10 -23.36 -60.51 -9.70
N MET J 11 -23.32 -60.76 -11.01
CA MET J 11 -22.08 -60.59 -11.76
C MET J 11 -21.60 -59.16 -11.64
N GLN J 12 -20.29 -59.01 -11.41
CA GLN J 12 -19.66 -57.70 -11.31
C GLN J 12 -18.60 -57.61 -12.40
N ARG J 13 -18.63 -56.52 -13.15
CA ARG J 13 -17.66 -56.34 -14.22
C ARG J 13 -16.25 -56.46 -13.68
N GLY J 14 -15.41 -57.22 -14.38
CA GLY J 14 -14.03 -57.37 -13.98
C GLY J 14 -13.85 -58.34 -12.84
N GLN J 15 -14.26 -59.59 -13.05
CA GLN J 15 -14.10 -60.62 -12.03
C GLN J 15 -13.72 -61.93 -12.70
N GLY J 16 -13.04 -62.78 -11.93
CA GLY J 16 -12.64 -64.06 -12.45
C GLY J 16 -13.82 -64.96 -12.73
N TYR J 17 -13.61 -65.90 -13.65
CA TYR J 17 -14.66 -66.83 -14.06
C TYR J 17 -14.01 -68.19 -14.29
N ASN J 18 -14.37 -69.17 -13.46
CA ASN J 18 -13.89 -70.54 -13.61
C ASN J 18 -14.73 -71.20 -14.69
N THR J 19 -14.22 -71.19 -15.93
CA THR J 19 -15.05 -71.60 -17.05
C THR J 19 -15.52 -73.05 -16.94
N TYR J 20 -14.74 -73.92 -16.28
CA TYR J 20 -15.16 -75.30 -16.10
C TYR J 20 -16.33 -75.39 -15.12
N LEU J 21 -16.13 -74.92 -13.89
CA LEU J 21 -17.19 -74.94 -12.89
C LEU J 21 -18.28 -73.91 -13.17
N GLN J 22 -18.07 -73.00 -14.13
CA GLN J 22 -19.07 -72.00 -14.48
C GLN J 22 -19.49 -71.18 -13.28
N SER J 23 -18.63 -71.09 -12.28
CA SER J 23 -18.91 -70.33 -11.07
C SER J 23 -18.33 -68.93 -11.21
N LEU J 24 -18.40 -68.14 -10.13
CA LEU J 24 -17.87 -66.80 -10.10
C LEU J 24 -16.66 -66.76 -9.17
N CYS J 25 -15.67 -65.94 -9.55
CA CYS J 25 -14.44 -65.85 -8.78
C CYS J 25 -14.14 -64.40 -8.42
N VAL J 26 -12.93 -64.14 -7.92
CA VAL J 26 -12.62 -62.87 -7.27
C VAL J 26 -13.14 -61.71 -8.10
N LYS J 27 -13.69 -60.71 -7.42
CA LYS J 27 -14.19 -59.51 -8.07
C LYS J 27 -13.14 -58.42 -8.02
N ASP J 28 -13.09 -57.62 -9.09
CA ASP J 28 -12.19 -56.47 -9.19
C ASP J 28 -10.74 -56.89 -9.41
N ALA J 29 -10.52 -58.02 -10.08
CA ALA J 29 -9.18 -58.36 -10.52
C ALA J 29 -8.75 -57.51 -11.70
N VAL J 30 -9.70 -57.06 -12.51
CA VAL J 30 -9.43 -56.27 -13.70
C VAL J 30 -10.21 -54.97 -13.59
N THR J 31 -9.51 -53.84 -13.75
CA THR J 31 -10.12 -52.53 -13.77
C THR J 31 -10.19 -52.05 -15.21
N ILE J 32 -11.39 -51.70 -15.66
CA ILE J 32 -11.61 -51.20 -17.01
C ILE J 32 -11.89 -49.70 -16.90
N GLU J 33 -11.05 -48.91 -17.56
CA GLU J 33 -11.21 -47.47 -17.60
C GLU J 33 -11.98 -47.09 -18.85
N ARG J 34 -13.12 -46.42 -18.68
CA ARG J 34 -13.90 -45.91 -19.79
C ARG J 34 -13.30 -44.59 -20.23
N HIS J 35 -12.41 -44.63 -21.22
CA HIS J 35 -11.77 -43.40 -21.68
C HIS J 35 -12.80 -42.42 -22.23
N ASP J 36 -13.75 -42.91 -23.00
CA ASP J 36 -14.78 -42.08 -23.62
C ASP J 36 -16.14 -42.53 -23.15
N ASP J 37 -16.97 -41.58 -22.75
CA ASP J 37 -18.33 -41.87 -22.29
C ASP J 37 -19.27 -41.82 -23.48
N SER J 38 -19.55 -42.98 -24.06
CA SER J 38 -20.44 -43.07 -25.20
C SER J 38 -20.95 -44.50 -25.32
N ASN J 39 -22.24 -44.64 -25.61
CA ASN J 39 -22.81 -45.97 -25.76
C ASN J 39 -22.27 -46.63 -27.02
N PRO J 40 -22.09 -47.95 -27.00
CA PRO J 40 -21.48 -48.63 -28.14
C PRO J 40 -22.45 -48.74 -29.31
N PRO J 41 -21.96 -49.06 -30.50
CA PRO J 41 -22.85 -49.24 -31.64
C PRO J 41 -23.84 -50.38 -31.41
N PHE J 42 -25.03 -50.25 -31.99
CA PHE J 42 -26.12 -51.16 -31.70
C PHE J 42 -26.79 -51.61 -32.99
N LYS J 43 -27.46 -52.76 -32.91
CA LYS J 43 -28.17 -53.36 -34.03
C LYS J 43 -29.64 -53.50 -33.66
N LYS J 44 -30.52 -53.07 -34.55
CA LYS J 44 -31.95 -53.05 -34.29
C LYS J 44 -32.70 -53.97 -35.24
N GLU J 45 -33.83 -54.48 -34.77
CA GLU J 45 -34.77 -55.23 -35.58
C GLU J 45 -36.18 -54.76 -35.25
N TYR J 46 -37.10 -54.92 -36.20
CA TYR J 46 -38.48 -54.49 -36.00
C TYR J 46 -39.37 -55.30 -36.94
N TYR J 47 -40.05 -56.30 -36.39
CA TYR J 47 -41.03 -57.09 -37.13
C TYR J 47 -42.41 -56.67 -36.65
N SER J 48 -43.27 -56.25 -37.56
CA SER J 48 -44.59 -55.73 -37.21
C SER J 48 -45.67 -56.36 -38.09
N GLU J 49 -46.82 -56.61 -37.49
CA GLU J 49 -47.98 -57.13 -38.19
C GLU J 49 -49.22 -56.37 -37.75
N PHE J 50 -50.09 -56.04 -38.70
CA PHE J 50 -51.36 -55.38 -38.40
C PHE J 50 -52.43 -56.13 -39.18
N ILE J 51 -53.06 -57.10 -38.54
CA ILE J 51 -53.96 -58.00 -39.24
C ILE J 51 -55.23 -57.26 -39.67
N GLU J 52 -55.91 -57.82 -40.66
CA GLU J 52 -56.99 -57.14 -41.37
C GLU J 52 -58.02 -56.58 -40.40
N GLU J 53 -58.79 -55.60 -40.90
CA GLU J 53 -59.94 -55.07 -40.18
C GLU J 53 -61.16 -55.80 -40.69
N TYR J 54 -61.62 -56.80 -39.95
CA TYR J 54 -62.76 -57.60 -40.36
C TYR J 54 -64.02 -56.75 -40.22
N GLU J 55 -64.22 -55.89 -41.23
CA GLU J 55 -65.40 -54.98 -41.23
C GLU J 55 -66.51 -55.64 -42.08
N LYS J 56 -67.58 -56.06 -41.42
CA LYS J 56 -68.68 -56.75 -42.09
C LYS J 56 -69.99 -56.13 -41.61
N ILE J 57 -70.66 -55.40 -42.49
CA ILE J 57 -72.00 -54.88 -42.22
C ILE J 57 -72.98 -55.70 -43.04
N ALA J 58 -73.92 -56.35 -42.36
CA ALA J 58 -75.04 -57.01 -43.00
C ALA J 58 -76.32 -56.37 -42.45
N LYS J 59 -77.17 -55.89 -43.34
CA LYS J 59 -78.33 -55.10 -42.96
C LYS J 59 -79.56 -55.59 -43.70
N SER J 60 -80.71 -55.49 -43.04
CA SER J 60 -81.95 -56.05 -43.54
C SER J 60 -83.00 -54.96 -43.69
N MET J 61 -83.81 -55.06 -44.77
CA MET J 61 -84.94 -54.12 -44.95
C MET J 61 -86.09 -54.89 -45.62
N ARG J 62 -87.03 -55.39 -44.81
CA ARG J 62 -88.16 -56.20 -45.26
C ARG J 62 -89.45 -55.43 -44.99
N ILE J 63 -90.18 -55.14 -46.07
CA ILE J 63 -91.45 -54.42 -45.97
C ILE J 63 -92.52 -55.25 -46.67
N SER J 64 -93.73 -55.19 -46.14
CA SER J 64 -94.85 -55.92 -46.73
C SER J 64 -96.14 -55.24 -46.32
N ALA J 65 -96.93 -54.81 -47.32
CA ALA J 65 -98.20 -54.16 -47.04
C ALA J 65 -99.15 -54.42 -48.20
N GLY J 66 -100.44 -54.43 -47.89
CA GLY J 66 -101.47 -54.66 -48.90
C GLY J 66 -102.84 -54.87 -48.29
N VAL J 78 -108.75 -53.11 -44.11
CA VAL J 78 -107.89 -54.15 -43.54
C VAL J 78 -106.55 -54.15 -44.24
N ASN J 79 -105.76 -53.11 -43.99
CA ASN J 79 -104.43 -52.97 -44.56
C ASN J 79 -103.38 -53.22 -43.48
N VAL J 80 -102.40 -54.05 -43.80
CA VAL J 80 -101.37 -54.43 -42.85
C VAL J 80 -100.03 -53.90 -43.35
N ASP J 81 -99.11 -53.73 -42.40
CA ASP J 81 -97.76 -53.26 -42.70
C ASP J 81 -96.76 -54.08 -41.89
N ILE J 82 -95.60 -54.31 -42.47
CA ILE J 82 -94.49 -54.98 -41.80
C ILE J 82 -93.21 -54.25 -42.17
N LEU J 83 -92.40 -53.93 -41.16
CA LEU J 83 -91.18 -53.15 -41.35
C LEU J 83 -90.10 -53.74 -40.45
N ASN J 84 -89.24 -54.58 -41.02
CA ASN J 84 -88.22 -55.28 -40.23
C ASN J 84 -86.83 -54.83 -40.65
N ARG J 85 -85.98 -54.55 -39.66
CA ARG J 85 -84.61 -54.12 -39.90
C ARG J 85 -83.65 -55.01 -39.12
N SER J 86 -82.41 -55.03 -39.59
CA SER J 86 -81.34 -55.70 -38.86
C SER J 86 -80.03 -55.02 -39.22
N GLU J 87 -79.01 -55.28 -38.42
CA GLU J 87 -77.71 -54.68 -38.66
C GLU J 87 -76.67 -55.47 -37.88
N PHE J 88 -75.71 -56.06 -38.58
CA PHE J 88 -74.65 -56.85 -37.96
C PHE J 88 -73.31 -56.25 -38.33
N GLU J 89 -72.53 -55.87 -37.34
CA GLU J 89 -71.23 -55.25 -37.54
C GLU J 89 -70.15 -56.11 -36.92
N THR J 90 -68.98 -56.13 -37.57
CA THR J 90 -67.84 -56.85 -37.05
C THR J 90 -66.59 -56.01 -37.27
N SER J 91 -65.63 -56.13 -36.35
CA SER J 91 -64.36 -55.42 -36.49
C SER J 91 -63.33 -56.16 -35.65
N THR J 92 -62.50 -56.96 -36.29
CA THR J 92 -61.41 -57.66 -35.63
C THR J 92 -60.11 -57.02 -36.04
N LEU J 93 -59.45 -56.33 -35.11
CA LEU J 93 -58.15 -55.76 -35.32
C LEU J 93 -57.15 -56.50 -34.46
N THR J 94 -56.01 -56.85 -35.04
CA THR J 94 -54.93 -57.50 -34.30
C THR J 94 -53.62 -56.83 -34.65
N TYR J 95 -52.69 -56.82 -33.70
CA TYR J 95 -51.41 -56.18 -33.88
C TYR J 95 -50.32 -57.00 -33.20
N GLU J 96 -49.10 -56.85 -33.66
CA GLU J 96 -47.97 -57.55 -33.07
C GLU J 96 -46.66 -56.95 -33.57
N VAL J 97 -45.76 -56.64 -32.64
CA VAL J 97 -44.42 -56.18 -32.98
C VAL J 97 -43.41 -56.96 -32.15
N LYS J 98 -42.17 -56.93 -32.61
CA LYS J 98 -41.08 -57.59 -31.89
C LYS J 98 -39.79 -56.84 -32.22
N VAL J 99 -39.32 -56.04 -31.27
CA VAL J 99 -38.15 -55.19 -31.47
C VAL J 99 -36.97 -55.79 -30.70
N LEU J 100 -35.88 -56.06 -31.40
CA LEU J 100 -34.68 -56.61 -30.80
C LEU J 100 -33.53 -55.62 -30.99
N VAL J 101 -32.87 -55.26 -29.89
CA VAL J 101 -31.75 -54.34 -29.91
C VAL J 101 -30.56 -55.04 -29.27
N GLN J 102 -29.42 -55.02 -29.96
CA GLN J 102 -28.20 -55.64 -29.46
C GLN J 102 -27.05 -54.66 -29.63
N HIS J 103 -26.38 -54.32 -28.54
CA HIS J 103 -25.26 -53.40 -28.58
C HIS J 103 -23.98 -54.17 -28.89
N GLN J 104 -22.84 -53.49 -28.84
CA GLN J 104 -21.55 -54.14 -29.01
C GLN J 104 -20.62 -53.70 -27.88
N VAL J 105 -19.39 -54.21 -27.86
CA VAL J 105 -18.41 -53.89 -26.84
C VAL J 105 -17.46 -52.84 -27.41
N SER J 106 -17.29 -51.74 -26.68
CA SER J 106 -16.45 -50.66 -27.17
C SER J 106 -15.02 -51.14 -27.33
N VAL J 107 -14.34 -50.60 -28.36
CA VAL J 107 -12.99 -51.02 -28.69
C VAL J 107 -11.94 -50.06 -28.19
N LEU J 108 -12.33 -48.99 -27.48
CA LEU J 108 -11.41 -47.95 -27.05
C LEU J 108 -11.29 -47.91 -25.53
N ASP J 109 -11.24 -49.07 -24.89
CA ASP J 109 -11.09 -49.17 -23.44
C ASP J 109 -9.73 -49.78 -23.11
N LYS J 110 -9.29 -49.55 -21.88
CA LYS J 110 -8.02 -50.07 -21.39
C LYS J 110 -8.30 -51.10 -20.29
N HIS J 111 -7.61 -52.23 -20.36
CA HIS J 111 -7.78 -53.33 -19.41
C HIS J 111 -6.49 -53.50 -18.62
N SER J 112 -6.62 -53.62 -17.30
CA SER J 112 -5.49 -53.77 -16.41
C SER J 112 -5.74 -54.95 -15.48
N PHE J 113 -4.67 -55.39 -14.81
CA PHE J 113 -4.72 -56.54 -13.91
C PHE J 113 -4.20 -56.14 -12.54
N ASN J 114 -5.03 -56.32 -11.52
CA ASN J 114 -4.68 -55.99 -10.15
C ASN J 114 -4.27 -57.25 -9.40
N LYS J 115 -3.32 -57.10 -8.49
CA LYS J 115 -2.71 -58.24 -7.81
C LYS J 115 -3.42 -58.51 -6.50
N ILE J 116 -3.85 -59.75 -6.31
CA ILE J 116 -4.36 -60.23 -5.03
C ILE J 116 -3.44 -61.33 -4.55
N GLN J 117 -2.94 -61.20 -3.32
CA GLN J 117 -1.96 -62.14 -2.79
C GLN J 117 -2.69 -63.37 -2.26
N THR J 118 -2.39 -64.53 -2.85
CA THR J 118 -3.02 -65.78 -2.45
C THR J 118 -2.03 -66.92 -2.63
N THR J 119 -2.16 -67.95 -1.80
CA THR J 119 -1.35 -69.15 -1.98
C THR J 119 -1.91 -70.04 -3.08
N THR J 120 -3.14 -69.78 -3.52
CA THR J 120 -3.80 -70.56 -4.57
C THR J 120 -4.39 -69.61 -5.60
N PRO J 121 -3.55 -68.91 -6.35
CA PRO J 121 -4.09 -67.93 -7.31
C PRO J 121 -4.97 -68.55 -8.36
N HIS J 122 -4.82 -69.85 -8.61
CA HIS J 122 -5.62 -70.51 -9.63
C HIS J 122 -7.10 -70.54 -9.23
N ALA J 123 -7.39 -70.91 -7.98
CA ALA J 123 -8.77 -71.00 -7.53
C ALA J 123 -9.37 -69.63 -7.22
N THR J 124 -8.52 -68.62 -6.99
CA THR J 124 -9.03 -67.27 -6.74
C THR J 124 -9.29 -66.53 -8.03
N TYR J 125 -8.28 -66.45 -8.90
CA TYR J 125 -8.44 -65.73 -10.16
C TYR J 125 -9.31 -66.49 -11.14
N GLY J 126 -9.09 -67.81 -11.26
CA GLY J 126 -9.82 -68.60 -12.22
C GLY J 126 -9.08 -68.71 -13.54
N ASP J 127 -9.82 -68.61 -14.65
CA ASP J 127 -9.23 -68.64 -15.98
C ASP J 127 -9.45 -67.34 -16.74
N ARG J 128 -10.69 -66.86 -16.82
CA ARG J 128 -11.02 -65.70 -17.65
C ARG J 128 -11.81 -64.69 -16.82
N PHE J 129 -11.72 -63.43 -17.24
CA PHE J 129 -12.35 -62.31 -16.54
C PHE J 129 -13.46 -61.72 -17.40
N ILE J 130 -14.34 -60.97 -16.73
CA ILE J 130 -15.51 -60.37 -17.37
C ILE J 130 -15.12 -58.97 -17.81
N ALA J 131 -14.83 -58.81 -19.10
CA ALA J 131 -14.34 -57.54 -19.61
C ALA J 131 -15.48 -56.55 -19.81
N ASP J 132 -16.41 -56.87 -20.69
CA ASP J 132 -17.52 -55.99 -20.99
C ASP J 132 -18.80 -56.82 -21.07
N PHE J 133 -19.92 -56.17 -20.77
CA PHE J 133 -21.22 -56.83 -20.79
C PHE J 133 -21.93 -56.51 -22.10
N ILE J 134 -22.36 -57.55 -22.80
CA ILE J 134 -23.15 -57.37 -24.01
C ILE J 134 -24.56 -56.95 -23.62
N LYS J 135 -24.96 -55.77 -24.06
CA LYS J 135 -26.24 -55.21 -23.67
C LYS J 135 -27.23 -55.25 -24.83
N GLY J 136 -28.51 -55.15 -24.49
CA GLY J 136 -29.56 -55.23 -25.49
C GLY J 136 -30.93 -54.88 -24.95
N GLY J 137 -31.97 -55.29 -25.68
CA GLY J 137 -33.33 -54.98 -25.28
C GLY J 137 -34.29 -55.85 -26.07
N HIS J 138 -35.57 -55.75 -25.70
CA HIS J 138 -36.58 -56.61 -26.28
C HIS J 138 -37.94 -55.92 -26.20
N PHE J 139 -38.81 -56.24 -27.16
CA PHE J 139 -40.17 -55.75 -27.14
C PHE J 139 -41.09 -56.83 -27.70
N TYR J 140 -42.32 -56.84 -27.21
CA TYR J 140 -43.29 -57.84 -27.65
C TYR J 140 -44.68 -57.34 -27.29
N ALA J 141 -45.50 -57.08 -28.30
CA ALA J 141 -46.82 -56.52 -28.08
C ALA J 141 -47.85 -57.31 -28.85
N ARG J 142 -49.06 -57.37 -28.32
CA ARG J 142 -50.21 -57.99 -28.97
C ARG J 142 -51.46 -57.22 -28.61
N VAL J 143 -52.17 -56.71 -29.61
CA VAL J 143 -53.46 -56.07 -29.41
C VAL J 143 -54.50 -56.93 -30.11
N SER J 144 -55.62 -57.19 -29.43
CA SER J 144 -56.71 -57.99 -29.98
C SER J 144 -57.99 -57.21 -29.73
N ILE J 145 -58.35 -56.32 -30.66
CA ILE J 145 -59.58 -55.55 -30.56
C ILE J 145 -60.70 -56.39 -31.16
N THR J 146 -61.67 -56.79 -30.35
CA THR J 146 -62.77 -57.67 -30.82
C THR J 146 -63.79 -56.85 -31.56
N ALA J 147 -64.77 -57.50 -32.21
CA ALA J 147 -65.83 -56.83 -33.00
C ALA J 147 -66.73 -55.96 -32.14
N LYS J 148 -67.61 -55.19 -32.76
CA LYS J 148 -68.61 -54.40 -32.01
C LYS J 148 -69.85 -55.28 -31.90
N ASN J 149 -70.11 -56.12 -32.92
CA ASN J 149 -71.32 -56.92 -32.98
C ASN J 149 -72.56 -56.04 -32.79
N SER J 150 -72.59 -54.93 -33.50
CA SER J 150 -73.78 -54.10 -33.51
C SER J 150 -74.97 -54.93 -33.97
N SER J 151 -76.10 -54.79 -33.27
CA SER J 151 -77.27 -55.62 -33.54
C SER J 151 -78.53 -54.80 -33.64
N GLU J 152 -78.50 -53.71 -34.40
CA GLU J 152 -79.67 -52.87 -34.59
C GLU J 152 -80.75 -53.69 -35.30
N THR J 153 -81.87 -53.90 -34.63
CA THR J 153 -83.03 -54.58 -35.20
C THR J 153 -84.29 -53.83 -34.84
N SER J 154 -85.36 -54.05 -35.60
CA SER J 154 -86.62 -53.40 -35.33
C SER J 154 -87.72 -54.05 -36.15
N GLU J 155 -88.96 -53.90 -35.68
CA GLU J 155 -90.14 -54.44 -36.34
C GLU J 155 -91.28 -53.46 -36.14
N LEU J 156 -92.20 -53.43 -37.11
CA LEU J 156 -93.37 -52.58 -37.01
C LEU J 156 -94.56 -53.30 -37.64
N LYS J 157 -95.77 -53.00 -37.16
CA LYS J 157 -96.99 -53.69 -37.59
C LYS J 157 -98.16 -52.72 -37.51
N GLN J 158 -98.66 -52.28 -38.67
CA GLN J 158 -99.80 -51.35 -38.74
C GLN J 158 -100.98 -52.04 -39.41
N SER J 159 -101.87 -52.59 -38.59
CA SER J 159 -103.09 -53.19 -39.09
C SER J 159 -104.21 -52.15 -39.10
N ALA J 160 -104.67 -51.80 -40.29
CA ALA J 160 -105.73 -50.80 -40.44
C ALA J 160 -105.37 -49.50 -39.76
N THR J 174 -110.08 -49.11 -36.11
CA THR J 174 -109.15 -50.09 -35.57
C THR J 174 -107.72 -49.81 -36.02
N GLN J 175 -106.78 -49.95 -35.09
CA GLN J 175 -105.38 -49.63 -35.35
C GLN J 175 -104.52 -50.53 -34.48
N GLU J 176 -103.26 -50.69 -34.90
CA GLU J 176 -102.33 -51.53 -34.17
C GLU J 176 -100.91 -51.09 -34.48
N VAL J 177 -100.07 -51.02 -33.45
CA VAL J 177 -98.66 -50.71 -33.59
C VAL J 177 -97.86 -51.66 -32.71
N GLU J 178 -96.75 -52.17 -33.25
CA GLU J 178 -95.93 -53.16 -32.54
C GLU J 178 -94.47 -52.89 -32.90
N ARG J 179 -93.74 -52.27 -31.96
CA ARG J 179 -92.32 -51.98 -32.13
C ARG J 179 -91.45 -52.65 -31.07
N ALA J 180 -91.86 -53.81 -30.58
CA ALA J 180 -91.11 -54.50 -29.53
C ALA J 180 -89.94 -55.29 -30.09
N VAL J 181 -89.09 -54.62 -30.86
CA VAL J 181 -87.87 -55.23 -31.39
C VAL J 181 -86.81 -54.15 -31.44
N SER J 182 -85.72 -54.35 -30.69
CA SER J 182 -84.61 -53.40 -30.65
C SER J 182 -83.48 -54.02 -29.86
N SER J 183 -82.26 -53.86 -30.38
CA SER J 183 -81.07 -54.38 -29.71
C SER J 183 -79.87 -53.58 -30.18
N ILE J 184 -78.78 -53.65 -29.42
CA ILE J 184 -77.60 -52.85 -29.66
C ILE J 184 -76.36 -53.72 -29.55
N LYS J 185 -75.22 -53.15 -29.91
CA LYS J 185 -73.94 -53.85 -29.90
C LYS J 185 -73.62 -54.39 -28.52
N ARG J 186 -72.95 -55.55 -28.50
CA ARG J 186 -72.36 -56.05 -27.26
C ARG J 186 -71.09 -56.80 -27.66
N ASN J 187 -70.00 -56.06 -27.78
CA ASN J 187 -68.67 -56.65 -27.83
C ASN J 187 -67.61 -55.56 -27.81
N ALA J 188 -66.65 -55.66 -26.90
CA ALA J 188 -65.49 -54.78 -26.93
C ALA J 188 -64.40 -55.42 -26.08
N SER J 189 -63.45 -56.08 -26.74
CA SER J 189 -62.36 -56.77 -26.05
C SER J 189 -61.04 -56.16 -26.48
N VAL J 190 -60.24 -55.72 -25.52
CA VAL J 190 -58.93 -55.17 -25.77
C VAL J 190 -57.95 -55.98 -24.93
N LYS J 191 -57.30 -56.96 -25.55
CA LYS J 191 -56.26 -57.73 -24.90
C LYS J 191 -54.91 -57.13 -25.29
N ILE J 192 -54.16 -56.67 -24.30
CA ILE J 192 -52.85 -56.07 -24.51
C ILE J 192 -51.84 -56.84 -23.69
N THR J 193 -50.77 -57.29 -24.33
CA THR J 193 -49.62 -57.85 -23.63
C THR J 193 -48.39 -57.09 -24.10
N ILE J 194 -47.61 -56.57 -23.16
CA ILE J 194 -46.40 -55.83 -23.47
C ILE J 194 -45.27 -56.41 -22.64
N ILE J 195 -44.22 -56.88 -23.30
CA ILE J 195 -43.05 -57.45 -22.63
C ILE J 195 -41.84 -56.63 -23.04
N GLU J 196 -41.18 -56.01 -22.07
CA GLU J 196 -40.11 -55.07 -22.36
C GLU J 196 -38.89 -55.37 -21.51
N SER J 197 -37.72 -55.11 -22.10
CA SER J 197 -36.44 -55.19 -21.40
C SER J 197 -35.65 -53.95 -21.83
N THR J 198 -35.79 -52.87 -21.07
CA THR J 198 -35.18 -51.60 -21.43
C THR J 198 -34.39 -51.03 -20.26
N GLY J 199 -33.92 -49.78 -20.40
CA GLY J 199 -33.12 -49.17 -19.37
C GLY J 199 -33.61 -47.77 -19.06
N THR J 200 -33.19 -47.28 -17.90
CA THR J 200 -33.58 -45.95 -17.45
C THR J 200 -32.80 -44.88 -18.19
N SER J 201 -33.38 -43.69 -18.28
CA SER J 201 -32.71 -42.57 -18.93
C SER J 201 -31.50 -42.14 -18.12
N SER J 216 -58.23 -46.01 -29.04
CA SER J 216 -56.97 -45.76 -29.73
C SER J 216 -55.86 -46.60 -29.10
N ASP J 217 -56.21 -47.76 -28.56
CA ASP J 217 -55.20 -48.60 -27.95
C ASP J 217 -54.25 -49.18 -28.98
N LEU J 218 -54.71 -49.38 -30.21
CA LEU J 218 -53.82 -49.82 -31.27
C LEU J 218 -52.73 -48.79 -31.52
N LEU J 219 -53.11 -47.50 -31.55
CA LEU J 219 -52.12 -46.45 -31.77
C LEU J 219 -51.21 -46.28 -30.56
N ALA J 220 -51.74 -46.43 -29.35
CA ALA J 220 -50.92 -46.26 -28.16
C ALA J 220 -49.79 -47.27 -28.13
N VAL J 221 -50.08 -48.53 -28.44
CA VAL J 221 -49.03 -49.54 -28.51
C VAL J 221 -48.03 -49.17 -29.59
N LYS J 222 -48.52 -48.62 -30.71
CA LYS J 222 -47.63 -48.28 -31.81
C LYS J 222 -46.63 -47.19 -31.40
N GLU J 223 -47.08 -46.19 -30.66
CA GLU J 223 -46.18 -45.12 -30.28
C GLU J 223 -45.05 -45.64 -29.38
N LYS J 224 -45.40 -46.47 -28.39
CA LYS J 224 -44.35 -47.09 -27.58
C LYS J 224 -43.47 -48.00 -28.43
N ALA J 225 -44.07 -48.72 -29.38
CA ALA J 225 -43.28 -49.55 -30.26
C ALA J 225 -42.37 -48.71 -31.14
N ASP J 226 -42.89 -47.62 -31.71
CA ASP J 226 -42.04 -46.75 -32.53
C ASP J 226 -41.07 -45.96 -31.66
N GLN J 227 -41.55 -45.43 -30.54
CA GLN J 227 -40.66 -44.72 -29.63
C GLN J 227 -39.53 -45.62 -29.16
N PHE J 228 -39.79 -46.93 -29.05
CA PHE J 228 -38.72 -47.85 -28.69
C PHE J 228 -37.63 -47.82 -29.74
N TYR J 229 -38.05 -47.84 -31.02
CA TYR J 229 -37.08 -47.76 -32.14
C TYR J 229 -36.29 -46.48 -31.96
N LYS J 230 -36.98 -45.33 -31.90
CA LYS J 230 -36.27 -44.06 -31.79
C LYS J 230 -35.50 -43.98 -30.47
N ASP J 231 -36.03 -44.59 -29.41
CA ASP J 231 -35.36 -44.53 -28.12
C ASP J 231 -33.99 -45.18 -28.19
N ALA J 232 -33.84 -46.25 -28.95
CA ALA J 232 -32.55 -46.91 -29.05
C ALA J 232 -31.48 -45.96 -29.54
N ASP J 233 -31.80 -45.10 -30.52
CA ASP J 233 -30.80 -44.20 -31.06
C ASP J 233 -30.17 -43.35 -29.97
N SER J 234 -30.97 -42.94 -28.99
CA SER J 234 -30.42 -42.22 -27.84
C SER J 234 -29.53 -43.11 -26.99
N GLY J 235 -29.53 -44.41 -27.22
CA GLY J 235 -28.67 -45.32 -26.49
C GLY J 235 -29.03 -45.46 -25.03
N LYS J 236 -30.32 -45.56 -24.71
CA LYS J 236 -30.78 -45.85 -23.36
C LYS J 236 -31.17 -47.30 -23.17
N HIS J 237 -30.98 -48.15 -24.19
CA HIS J 237 -31.35 -49.56 -24.09
C HIS J 237 -30.14 -50.33 -23.56
N SER J 238 -29.90 -50.20 -22.27
CA SER J 238 -28.76 -50.84 -21.62
C SER J 238 -29.33 -51.90 -20.68
N TYR J 239 -29.57 -53.09 -21.21
CA TYR J 239 -29.97 -54.23 -20.43
C TYR J 239 -28.93 -55.33 -20.62
N VAL J 240 -28.47 -55.90 -19.51
CA VAL J 240 -27.39 -56.86 -19.56
C VAL J 240 -27.92 -58.19 -20.10
N LEU J 241 -27.33 -58.66 -21.20
CA LEU J 241 -27.72 -59.92 -21.81
C LEU J 241 -26.61 -60.97 -21.72
N PHE J 242 -25.43 -60.67 -22.24
CA PHE J 242 -24.32 -61.61 -22.29
C PHE J 242 -23.07 -60.94 -21.72
N ALA J 243 -22.12 -61.78 -21.32
CA ALA J 243 -20.83 -61.33 -20.79
C ALA J 243 -19.72 -61.86 -21.69
N VAL J 244 -18.80 -60.98 -22.07
CA VAL J 244 -17.69 -61.32 -22.95
C VAL J 244 -16.48 -61.67 -22.10
N LEU J 245 -15.87 -62.82 -22.39
CA LEU J 245 -14.77 -63.34 -21.60
C LEU J 245 -13.44 -62.98 -22.25
N GLY J 246 -12.45 -62.69 -21.41
CA GLY J 246 -11.11 -62.40 -21.90
C GLY J 246 -10.08 -63.16 -21.11
N LYS J 247 -8.97 -63.47 -21.76
CA LYS J 247 -7.91 -64.27 -21.17
C LYS J 247 -6.91 -63.38 -20.45
N TYR J 248 -6.53 -63.79 -19.23
CA TYR J 248 -5.61 -62.99 -18.43
C TYR J 248 -4.27 -62.80 -19.10
N ARG J 249 -3.90 -63.67 -20.03
CA ARG J 249 -2.59 -63.55 -20.68
C ARG J 249 -2.53 -62.29 -21.54
N ASN J 250 -3.63 -61.96 -22.22
CA ASN J 250 -3.64 -60.82 -23.12
C ASN J 250 -3.54 -59.49 -22.41
N LEU J 251 -3.69 -59.46 -21.08
CA LEU J 251 -3.52 -58.22 -20.35
C LEU J 251 -2.08 -57.73 -20.44
N SER J 252 -1.90 -56.44 -20.75
CA SER J 252 -0.56 -55.88 -20.77
C SER J 252 0.08 -55.96 -19.39
N ASN J 253 -0.67 -55.58 -18.34
CA ASN J 253 -0.15 -55.51 -16.99
C ASN J 253 0.15 -56.89 -16.42
N PHE J 254 -0.32 -57.95 -17.07
CA PHE J 254 -0.05 -59.31 -16.62
C PHE J 254 1.41 -59.63 -16.88
N GLU J 255 2.20 -59.72 -15.81
CA GLU J 255 3.58 -60.20 -15.87
C GLU J 255 3.67 -61.66 -15.47
N SER J 256 2.68 -62.46 -15.86
CA SER J 256 2.66 -63.89 -15.56
C SER J 256 2.64 -64.11 -14.04
N TYR J 257 1.59 -63.60 -13.41
CA TYR J 257 1.37 -63.87 -12.00
C TYR J 257 1.16 -65.35 -11.75
N PHE J 258 0.70 -66.08 -12.76
CA PHE J 258 0.49 -67.51 -12.63
C PHE J 258 0.36 -68.08 -14.04
N ALA J 259 0.12 -69.39 -14.10
CA ALA J 259 -0.05 -70.06 -15.39
C ALA J 259 -1.49 -70.53 -15.51
N PRO J 260 -2.37 -69.81 -16.20
CA PRO J 260 -3.78 -70.22 -16.27
C PRO J 260 -3.91 -71.57 -16.95
N PHE J 261 -4.87 -72.36 -16.46
CA PHE J 261 -5.16 -73.63 -17.09
C PHE J 261 -6.00 -73.42 -18.35
N ASP J 262 -5.97 -74.43 -19.23
CA ASP J 262 -6.81 -74.45 -20.46
C ASP J 262 -7.77 -75.62 -20.24
N TYR J 263 -9.01 -75.36 -19.83
CA TYR J 263 -9.97 -76.38 -19.45
C TYR J 263 -10.74 -76.95 -20.63
N GLN J 264 -10.43 -76.53 -21.86
CA GLN J 264 -11.19 -77.01 -23.01
C GLN J 264 -11.13 -78.53 -23.08
N MET J 265 -9.93 -79.10 -23.00
CA MET J 265 -9.81 -80.55 -23.06
C MET J 265 -10.31 -81.21 -21.79
N ALA J 266 -10.02 -80.62 -20.63
CA ALA J 266 -10.46 -81.22 -19.37
C ALA J 266 -11.97 -81.31 -19.31
N SER J 267 -12.68 -80.25 -19.72
CA SER J 267 -14.14 -80.30 -19.74
C SER J 267 -14.64 -81.36 -20.70
N LEU J 268 -14.01 -81.47 -21.87
CA LEU J 268 -14.42 -82.48 -22.84
C LEU J 268 -14.26 -83.88 -22.26
N ARG J 269 -13.13 -84.16 -21.63
CA ARG J 269 -12.92 -85.49 -21.06
C ARG J 269 -13.91 -85.77 -19.95
N SER J 270 -14.16 -84.80 -19.08
CA SER J 270 -15.00 -85.01 -17.89
C SER J 270 -16.44 -84.56 -18.16
N TRP J 271 -17.06 -85.14 -19.18
CA TRP J 271 -18.47 -84.91 -19.44
C TRP J 271 -19.36 -86.01 -18.86
N ALA J 272 -18.92 -87.26 -18.88
CA ALA J 272 -19.70 -88.33 -18.27
C ALA J 272 -19.93 -88.06 -16.80
N LEU J 273 -19.01 -87.35 -16.15
CA LEU J 273 -19.18 -87.03 -14.73
C LEU J 273 -20.18 -85.90 -14.54
N PHE J 274 -20.16 -84.90 -15.43
CA PHE J 274 -21.06 -83.76 -15.27
C PHE J 274 -22.52 -84.19 -15.36
N ASN J 275 -22.83 -85.09 -16.29
CA ASN J 275 -24.20 -85.57 -16.38
C ASN J 275 -24.61 -86.34 -15.12
N ASP J 276 -23.71 -87.18 -14.61
CA ASP J 276 -24.04 -87.94 -13.40
C ASP J 276 -24.32 -87.02 -12.22
N PHE J 277 -23.76 -85.80 -12.24
CA PHE J 277 -24.05 -84.84 -11.19
C PHE J 277 -25.52 -84.45 -11.20
N THR J 278 -26.03 -84.03 -12.35
CA THR J 278 -27.42 -83.59 -12.42
C THR J 278 -28.36 -84.75 -12.07
N LEU J 279 -28.05 -85.96 -12.55
CA LEU J 279 -28.91 -87.10 -12.26
C LEU J 279 -28.94 -87.39 -10.76
N TYR J 280 -27.78 -87.34 -10.10
CA TYR J 280 -27.74 -87.64 -8.67
C TYR J 280 -28.48 -86.59 -7.86
N LYS J 281 -28.34 -85.32 -8.22
CA LYS J 281 -29.09 -84.28 -7.53
C LYS J 281 -30.58 -84.46 -7.73
N ALA J 282 -31.00 -84.85 -8.93
CA ALA J 282 -32.42 -85.06 -9.18
C ALA J 282 -32.97 -86.19 -8.32
N ILE J 283 -32.22 -87.29 -8.18
CA ILE J 283 -32.74 -88.43 -7.44
C ILE J 283 -32.67 -88.26 -5.93
N GLU J 284 -32.07 -87.17 -5.43
CA GLU J 284 -32.25 -86.84 -4.03
C GLU J 284 -33.73 -86.54 -3.77
N THR J 285 -34.34 -85.74 -4.64
CA THR J 285 -35.76 -85.44 -4.52
C THR J 285 -36.63 -86.67 -4.77
N MET J 286 -36.14 -87.65 -5.53
CA MET J 286 -36.84 -88.93 -5.63
C MET J 286 -37.19 -89.46 -4.24
N ILE J 287 -36.16 -89.64 -3.40
CA ILE J 287 -36.38 -90.26 -2.10
C ILE J 287 -37.22 -89.38 -1.21
N LYS J 288 -36.89 -88.09 -1.14
CA LYS J 288 -37.58 -87.20 -0.21
C LYS J 288 -39.05 -87.08 -0.56
N ALA J 289 -39.38 -86.99 -1.85
CA ALA J 289 -40.77 -86.74 -2.24
C ALA J 289 -41.69 -87.89 -1.83
N VAL J 290 -41.27 -89.13 -2.02
CA VAL J 290 -42.15 -90.27 -1.78
C VAL J 290 -42.34 -90.50 -0.28
N PRO J 291 -43.53 -90.83 0.18
CA PRO J 291 -43.78 -90.92 1.62
C PRO J 291 -43.21 -92.21 2.22
N GLU J 292 -43.34 -92.29 3.55
CA GLU J 292 -42.81 -93.43 4.29
C GLU J 292 -43.66 -94.68 4.07
N SER J 293 -44.97 -94.51 3.90
CA SER J 293 -45.88 -95.64 3.85
C SER J 293 -45.78 -96.46 2.57
N LYS J 294 -44.79 -96.21 1.73
CA LYS J 294 -44.63 -96.94 0.48
C LYS J 294 -43.16 -97.31 0.26
N PHE J 295 -42.47 -97.55 1.38
CA PHE J 295 -41.07 -98.03 1.33
C PHE J 295 -41.09 -99.48 1.78
N LYS J 296 -40.27 -100.32 1.17
CA LYS J 296 -40.30 -101.75 1.49
C LYS J 296 -39.82 -102.00 2.91
N ASP J 297 -38.66 -101.44 3.27
CA ASP J 297 -38.08 -101.72 4.58
C ASP J 297 -38.69 -100.91 5.70
N GLY J 298 -39.49 -99.89 5.38
CA GLY J 298 -40.16 -99.11 6.39
C GLY J 298 -39.33 -97.94 6.89
N PRO J 299 -39.26 -97.77 8.21
CA PRO J 299 -38.64 -96.52 8.73
C PRO J 299 -37.18 -96.35 8.35
N GLU J 300 -36.33 -97.33 8.67
CA GLU J 300 -34.90 -97.17 8.45
C GLU J 300 -34.54 -97.47 7.00
N ARG J 301 -35.26 -96.85 6.07
CA ARG J 301 -34.94 -96.97 4.65
C ARG J 301 -34.83 -95.58 4.04
N LYS J 302 -35.61 -94.63 4.57
CA LYS J 302 -35.52 -93.26 4.07
C LYS J 302 -34.15 -92.66 4.34
N THR J 303 -33.65 -92.81 5.57
CA THR J 303 -32.47 -92.05 5.95
C THR J 303 -31.21 -92.58 5.29
N GLN J 304 -30.99 -93.90 5.26
CA GLN J 304 -29.78 -94.40 4.64
C GLN J 304 -29.89 -94.49 3.13
N LEU J 305 -31.09 -94.41 2.56
CA LEU J 305 -31.19 -94.13 1.14
C LEU J 305 -30.89 -92.67 0.86
N ILE J 306 -31.41 -91.77 1.69
CA ILE J 306 -31.05 -90.37 1.55
C ILE J 306 -29.58 -90.16 1.82
N LYS J 307 -29.06 -90.77 2.89
CA LYS J 307 -27.66 -90.58 3.23
C LYS J 307 -26.75 -91.22 2.19
N GLN J 308 -27.13 -92.39 1.67
CA GLN J 308 -26.29 -93.05 0.68
C GLN J 308 -26.15 -92.19 -0.58
N ALA J 309 -27.24 -91.56 -1.00
CA ALA J 309 -27.18 -90.70 -2.18
C ALA J 309 -26.30 -89.48 -1.93
N ILE J 310 -26.46 -88.84 -0.77
CA ILE J 310 -25.69 -87.63 -0.48
C ILE J 310 -24.22 -87.98 -0.25
N ASN J 311 -23.95 -89.12 0.38
CA ASN J 311 -22.55 -89.50 0.59
C ASN J 311 -21.81 -89.65 -0.73
N ILE J 312 -22.46 -90.27 -1.73
CA ILE J 312 -21.83 -90.40 -3.03
C ILE J 312 -21.99 -89.12 -3.85
N PHE J 313 -22.89 -88.22 -3.46
CA PHE J 313 -22.90 -86.89 -4.05
C PHE J 313 -21.63 -86.12 -3.68
N GLU J 314 -21.13 -86.35 -2.46
CA GLU J 314 -19.86 -85.77 -2.06
C GLU J 314 -18.72 -86.26 -2.93
N THR J 315 -18.71 -87.56 -3.23
CA THR J 315 -17.59 -88.13 -3.96
C THR J 315 -17.43 -87.50 -5.33
N ILE J 316 -18.53 -87.27 -6.04
CA ILE J 316 -18.43 -86.66 -7.36
C ILE J 316 -18.25 -85.15 -7.29
N ARG J 317 -18.80 -84.50 -6.27
CA ARG J 317 -18.60 -83.06 -6.14
C ARG J 317 -17.14 -82.73 -5.82
N ASP J 318 -16.52 -83.52 -4.94
CA ASP J 318 -15.11 -83.31 -4.62
C ASP J 318 -14.21 -83.70 -5.79
N ARG J 319 -14.65 -84.64 -6.63
CA ARG J 319 -13.90 -84.93 -7.84
C ARG J 319 -13.89 -83.71 -8.76
N VAL J 320 -15.04 -83.03 -8.88
CA VAL J 320 -15.09 -81.80 -9.68
C VAL J 320 -14.19 -80.74 -9.07
N ILE J 321 -14.25 -80.58 -7.74
CA ILE J 321 -13.40 -79.59 -7.09
C ILE J 321 -11.93 -79.98 -7.25
N LEU J 322 -11.64 -81.27 -7.35
CA LEU J 322 -10.26 -81.70 -7.59
C LEU J 322 -9.81 -81.33 -9.00
N ILE J 323 -10.71 -81.42 -9.99
CA ILE J 323 -10.32 -81.05 -11.34
C ILE J 323 -9.93 -79.58 -11.41
N SER J 324 -10.50 -78.75 -10.54
CA SER J 324 -10.07 -77.35 -10.49
C SER J 324 -8.60 -77.24 -10.13
N GLU J 325 -8.15 -77.98 -9.12
CA GLU J 325 -6.74 -77.94 -8.75
C GLU J 325 -5.88 -78.68 -9.76
N HIS J 326 -6.35 -79.83 -10.25
CA HIS J 326 -5.57 -80.68 -11.14
C HIS J 326 -6.42 -81.07 -12.35
N PRO J 327 -6.49 -80.24 -13.39
CA PRO J 327 -7.20 -80.65 -14.60
C PRO J 327 -6.54 -81.84 -15.29
N GLU J 328 -5.25 -82.07 -15.07
CA GLU J 328 -4.64 -83.28 -15.59
C GLU J 328 -5.23 -84.53 -14.98
N ALA J 329 -5.87 -84.42 -13.82
CA ALA J 329 -6.52 -85.55 -13.18
C ALA J 329 -7.80 -85.97 -13.90
N ALA J 330 -8.12 -85.37 -15.04
CA ALA J 330 -9.30 -85.78 -15.79
C ALA J 330 -9.14 -87.19 -16.36
N LYS J 331 -7.91 -87.70 -16.46
CA LYS J 331 -7.70 -89.02 -17.03
C LYS J 331 -8.34 -90.10 -16.16
N GLU J 332 -8.18 -90.01 -14.84
CA GLU J 332 -8.64 -91.08 -13.97
C GLU J 332 -10.12 -91.36 -14.18
N ASP J 333 -10.47 -92.64 -14.25
CA ASP J 333 -11.85 -93.02 -14.45
C ASP J 333 -12.64 -92.78 -13.16
N PRO J 334 -13.97 -92.68 -13.27
CA PRO J 334 -14.79 -92.51 -12.07
C PRO J 334 -14.61 -93.69 -11.12
N ASP J 335 -14.68 -93.41 -9.83
CA ASP J 335 -14.59 -94.43 -8.79
C ASP J 335 -15.84 -94.46 -7.92
N HIS J 336 -16.98 -94.09 -8.50
CA HIS J 336 -18.23 -93.97 -7.78
C HIS J 336 -19.30 -94.80 -8.46
N MET J 337 -20.30 -95.20 -7.67
CA MET J 337 -21.37 -96.03 -8.19
C MET J 337 -22.14 -95.28 -9.27
N LYS J 338 -22.58 -96.02 -10.28
CA LYS J 338 -23.28 -95.40 -11.40
C LYS J 338 -24.64 -94.88 -10.93
N PRO J 339 -25.14 -93.78 -11.52
CA PRO J 339 -26.53 -93.39 -11.24
C PRO J 339 -27.53 -94.45 -11.62
N GLY J 340 -27.28 -95.20 -12.69
CA GLY J 340 -28.19 -96.26 -13.06
C GLY J 340 -28.28 -97.34 -12.01
N ASP J 341 -27.13 -97.80 -11.49
CA ASP J 341 -27.17 -98.85 -10.48
C ASP J 341 -27.80 -98.34 -9.19
N PHE J 342 -27.44 -97.13 -8.77
CA PHE J 342 -28.06 -96.59 -7.56
C PHE J 342 -29.54 -96.31 -7.79
N ARG J 343 -29.91 -95.84 -8.98
CA ARG J 343 -31.32 -95.66 -9.27
C ARG J 343 -32.05 -96.99 -9.18
N LEU J 344 -31.48 -98.04 -9.76
CA LEU J 344 -32.05 -99.38 -9.62
C LEU J 344 -32.28 -99.70 -8.15
N GLU J 345 -31.30 -99.41 -7.29
CA GLU J 345 -31.47 -99.65 -5.86
C GLU J 345 -32.67 -98.89 -5.32
N VAL J 346 -32.92 -97.68 -5.82
CA VAL J 346 -34.05 -96.89 -5.33
C VAL J 346 -35.36 -97.61 -5.61
N LEU J 347 -35.58 -98.04 -6.85
CA LEU J 347 -36.85 -98.65 -7.22
C LEU J 347 -37.02 -100.05 -6.65
N ASN J 348 -35.94 -100.76 -6.37
CA ASN J 348 -36.06 -102.10 -5.83
C ASN J 348 -36.72 -102.09 -4.45
N SER J 349 -36.50 -101.03 -3.68
CA SER J 349 -36.99 -100.93 -2.31
C SER J 349 -38.31 -100.17 -2.23
N ILE J 350 -39.16 -100.32 -3.24
CA ILE J 350 -40.42 -99.59 -3.33
C ILE J 350 -41.56 -100.61 -3.42
N GLN J 351 -42.56 -100.45 -2.54
CA GLN J 351 -43.74 -101.29 -2.60
C GLN J 351 -44.54 -101.00 -3.86
N THR J 352 -45.35 -101.97 -4.27
CA THR J 352 -46.07 -101.91 -5.52
C THR J 352 -47.50 -102.36 -5.31
N LYS J 353 -48.35 -102.04 -6.30
CA LYS J 353 -49.76 -102.41 -6.26
C LYS J 353 -50.05 -103.42 -7.35
N LEU J 354 -50.78 -104.48 -6.99
CA LEU J 354 -51.04 -105.60 -7.88
C LEU J 354 -52.30 -105.33 -8.68
N PHE J 355 -52.17 -104.47 -9.69
CA PHE J 355 -53.30 -104.15 -10.54
C PHE J 355 -53.61 -105.38 -11.38
N HIS J 356 -54.54 -106.21 -10.90
CA HIS J 356 -54.93 -107.46 -11.62
C HIS J 356 -56.06 -107.11 -12.59
N ALA J 357 -55.72 -106.88 -13.86
CA ALA J 357 -56.73 -106.54 -14.85
C ALA J 357 -57.70 -107.69 -15.03
N GLN J 358 -58.99 -107.36 -15.18
CA GLN J 358 -60.05 -108.35 -15.27
C GLN J 358 -60.90 -108.04 -16.48
N SER J 359 -61.33 -109.08 -17.19
CA SER J 359 -62.11 -108.92 -18.42
C SER J 359 -63.59 -108.98 -18.08
N GLN J 360 -64.24 -107.82 -18.09
CA GLN J 360 -65.67 -107.76 -17.82
C GLN J 360 -66.47 -108.42 -18.94
N PRO J 361 -67.42 -109.30 -18.60
CA PRO J 361 -68.30 -109.87 -19.63
C PRO J 361 -69.51 -109.01 -19.90
N ILE J 362 -69.73 -108.63 -21.16
CA ILE J 362 -70.88 -107.81 -21.53
C ILE J 362 -71.77 -108.64 -22.46
N PRO J 363 -73.10 -108.60 -22.30
CA PRO J 363 -73.96 -109.36 -23.20
C PRO J 363 -73.80 -108.92 -24.65
N ASN J 364 -74.17 -109.82 -25.56
CA ASN J 364 -74.05 -109.57 -27.00
C ASN J 364 -72.59 -109.53 -27.43
N THR J 365 -71.78 -110.42 -26.86
CA THR J 365 -70.37 -110.55 -27.20
C THR J 365 -69.96 -112.01 -27.13
N ASP J 366 -69.35 -112.50 -28.20
CA ASP J 366 -68.88 -113.88 -28.28
C ASP J 366 -67.39 -113.88 -28.54
N ASP J 367 -66.64 -114.54 -27.65
CA ASP J 367 -65.18 -114.59 -27.71
C ASP J 367 -64.56 -113.20 -27.60
N TYR J 368 -65.34 -112.20 -27.21
CA TYR J 368 -64.87 -110.83 -27.04
C TYR J 368 -65.28 -110.36 -25.65
N TRP J 369 -64.30 -109.93 -24.87
CA TRP J 369 -64.51 -109.50 -23.49
C TRP J 369 -64.26 -107.99 -23.40
N THR J 370 -64.33 -107.47 -22.16
CA THR J 370 -64.06 -106.06 -21.90
C THR J 370 -63.05 -105.99 -20.76
N ASP J 371 -61.82 -105.61 -21.08
CA ASP J 371 -60.73 -105.59 -20.12
C ASP J 371 -60.84 -104.32 -19.28
N VAL J 372 -61.00 -104.49 -17.97
CA VAL J 372 -61.02 -103.38 -17.02
C VAL J 372 -59.86 -103.58 -16.06
N ILE J 373 -58.99 -102.58 -15.97
CA ILE J 373 -57.80 -102.64 -15.12
C ILE J 373 -58.20 -102.05 -13.77
N LEU J 374 -58.82 -102.89 -12.93
CA LEU J 374 -59.22 -102.50 -11.59
C LEU J 374 -58.63 -103.45 -10.57
N THR J 375 -58.15 -102.88 -9.46
CA THR J 375 -57.54 -103.67 -8.41
C THR J 375 -58.55 -104.50 -7.63
N THR J 376 -59.82 -104.18 -7.71
CA THR J 376 -60.85 -104.91 -6.96
C THR J 376 -61.27 -106.15 -7.74
N LYS J 377 -61.30 -107.29 -7.04
CA LYS J 377 -61.71 -108.53 -7.68
C LYS J 377 -63.18 -108.44 -8.10
N GLY J 378 -63.48 -108.90 -9.31
CA GLY J 378 -64.84 -108.88 -9.82
C GLY J 378 -65.43 -110.26 -9.96
N SER J 379 -66.74 -110.34 -10.16
CA SER J 379 -67.44 -111.61 -10.33
C SER J 379 -67.72 -111.83 -11.81
N GLY J 380 -67.23 -112.96 -12.33
CA GLY J 380 -67.42 -113.29 -13.73
C GLY J 380 -66.48 -112.61 -14.69
N ASN J 381 -65.56 -111.81 -14.14
CA ASN J 381 -64.57 -111.08 -14.99
C ASN J 381 -63.28 -111.92 -15.07
N GLN J 382 -62.78 -112.17 -16.29
CA GLN J 382 -61.60 -113.01 -16.44
C GLN J 382 -60.34 -112.21 -16.09
N PRO J 383 -59.56 -112.62 -15.10
CA PRO J 383 -58.30 -111.91 -14.82
C PRO J 383 -57.27 -112.16 -15.92
N LEU J 384 -56.56 -111.10 -16.30
CA LEU J 384 -55.55 -111.18 -17.35
C LEU J 384 -54.15 -111.42 -16.78
N PHE J 385 -53.65 -110.50 -15.97
CA PHE J 385 -52.35 -110.66 -15.33
C PHE J 385 -52.34 -109.83 -14.05
N THR J 386 -51.52 -110.27 -13.10
CA THR J 386 -51.33 -109.57 -11.84
C THR J 386 -49.87 -109.17 -11.72
N PHE J 387 -49.62 -107.87 -11.59
CA PHE J 387 -48.29 -107.31 -11.67
C PHE J 387 -48.09 -106.19 -10.66
N PRO J 388 -46.87 -106.04 -10.12
CA PRO J 388 -46.60 -104.86 -9.29
C PRO J 388 -46.75 -103.59 -10.10
N ALA J 389 -47.26 -102.54 -9.47
CA ALA J 389 -47.41 -101.24 -10.11
C ALA J 389 -47.22 -100.14 -9.07
N PHE J 390 -47.11 -98.91 -9.56
CA PHE J 390 -46.83 -97.74 -8.73
C PHE J 390 -48.12 -96.93 -8.59
N ASP J 391 -48.56 -96.76 -7.35
CA ASP J 391 -49.82 -96.10 -7.04
C ASP J 391 -49.62 -94.69 -6.52
N PHE J 392 -48.45 -94.10 -6.75
CA PHE J 392 -48.16 -92.76 -6.26
C PHE J 392 -47.10 -92.14 -7.16
N GLY J 393 -47.20 -90.83 -7.34
CA GLY J 393 -46.27 -90.12 -8.19
C GLY J 393 -44.95 -89.92 -7.49
N ASP J 394 -44.35 -88.75 -7.64
CA ASP J 394 -43.11 -88.39 -6.97
C ASP J 394 -41.94 -89.28 -7.35
N LEU J 395 -42.11 -90.16 -8.33
CA LEU J 395 -41.03 -90.99 -8.84
C LEU J 395 -40.80 -90.59 -10.30
N ILE J 396 -39.72 -89.85 -10.55
CA ILE J 396 -39.51 -89.32 -11.89
C ILE J 396 -39.37 -90.49 -12.87
N GLY J 397 -39.68 -90.23 -14.12
CA GLY J 397 -39.69 -91.25 -15.13
C GLY J 397 -40.97 -92.06 -15.21
N THR J 398 -42.03 -91.61 -14.54
CA THR J 398 -43.31 -92.35 -14.48
C THR J 398 -44.47 -91.46 -14.88
N GLU J 399 -45.49 -92.03 -15.52
CA GLU J 399 -46.70 -91.31 -15.91
C GLU J 399 -47.92 -92.15 -15.58
N VAL J 400 -49.06 -91.49 -15.42
CA VAL J 400 -50.29 -92.10 -14.95
C VAL J 400 -51.20 -92.41 -16.11
N VAL J 401 -51.93 -93.52 -16.00
CA VAL J 401 -52.94 -93.93 -16.97
C VAL J 401 -54.27 -93.93 -16.24
N SER J 402 -54.99 -92.81 -16.34
CA SER J 402 -56.21 -92.59 -15.58
C SER J 402 -57.41 -92.81 -16.50
N PHE J 403 -58.10 -93.93 -16.31
CA PHE J 403 -59.28 -94.21 -17.11
C PHE J 403 -60.32 -93.12 -16.88
N GLY J 404 -60.96 -92.70 -17.97
CA GLY J 404 -62.04 -91.73 -17.90
C GLY J 404 -63.37 -92.39 -18.15
N LYS J 405 -64.19 -92.52 -17.11
CA LYS J 405 -65.53 -93.09 -17.22
C LYS J 405 -66.56 -91.98 -17.13
N LYS J 406 -67.41 -91.88 -18.14
CA LYS J 406 -68.43 -90.85 -18.16
C LYS J 406 -69.39 -91.03 -16.99
N LYS J 407 -69.42 -90.06 -16.07
CA LYS J 407 -70.45 -90.06 -15.04
C LYS J 407 -71.81 -89.76 -15.64
N ASN J 408 -71.86 -88.97 -16.71
CA ASN J 408 -73.07 -88.69 -17.44
C ASN J 408 -73.45 -89.80 -18.39
N GLY J 409 -72.60 -90.82 -18.53
CA GLY J 409 -72.87 -91.92 -19.43
C GLY J 409 -72.13 -93.18 -19.00
N GLU J 410 -71.64 -93.94 -19.97
CA GLU J 410 -70.92 -95.17 -19.65
C GLU J 410 -69.67 -95.35 -20.53
N GLU J 411 -69.28 -94.34 -21.28
CA GLU J 411 -68.11 -94.46 -22.15
C GLU J 411 -66.87 -94.81 -21.32
N TYR J 412 -66.09 -95.76 -21.83
CA TYR J 412 -64.82 -96.14 -21.24
C TYR J 412 -63.70 -95.37 -21.93
N ASN J 413 -62.89 -94.65 -21.16
CA ASN J 413 -61.77 -93.91 -21.70
C ASN J 413 -60.48 -94.31 -21.01
N CYS J 414 -59.36 -93.99 -21.67
CA CYS J 414 -58.04 -94.33 -21.17
C CYS J 414 -57.09 -93.21 -21.60
N LEU J 415 -56.80 -92.30 -20.68
CA LEU J 415 -55.96 -91.14 -20.96
C LEU J 415 -54.72 -91.19 -20.07
N ILE J 416 -53.54 -91.07 -20.69
CA ILE J 416 -52.28 -91.09 -19.96
C ILE J 416 -51.94 -89.66 -19.55
N GLY J 417 -51.61 -89.49 -18.28
CA GLY J 417 -51.25 -88.16 -17.81
C GLY J 417 -52.34 -87.13 -17.96
N GLU J 418 -53.58 -87.57 -18.16
CA GLU J 418 -54.72 -86.67 -18.30
C GLU J 418 -55.86 -87.23 -17.46
N ARG J 419 -56.10 -86.62 -16.31
CA ARG J 419 -57.12 -87.11 -15.39
C ARG J 419 -58.51 -86.67 -15.86
N VAL J 420 -59.51 -87.05 -15.07
CA VAL J 420 -60.87 -86.59 -15.33
C VAL J 420 -61.02 -85.11 -15.03
N THR J 421 -60.15 -84.56 -14.17
CA THR J 421 -60.32 -83.16 -13.74
C THR J 421 -60.30 -82.19 -14.90
N SER J 422 -59.65 -82.55 -16.02
CA SER J 422 -59.68 -81.67 -17.18
C SER J 422 -61.09 -81.50 -17.71
N LEU J 423 -61.86 -82.59 -17.75
CA LEU J 423 -63.25 -82.56 -18.17
C LEU J 423 -64.15 -82.51 -16.94
N ASP J 424 -65.47 -82.60 -17.17
CA ASP J 424 -66.45 -82.54 -16.10
C ASP J 424 -67.37 -83.76 -16.18
N ASP J 425 -67.71 -84.31 -15.02
CA ASP J 425 -68.57 -85.49 -14.92
C ASP J 425 -67.95 -86.69 -15.65
N TYR J 426 -66.79 -87.10 -15.10
CA TYR J 426 -66.06 -88.29 -15.63
C TYR J 426 -65.55 -89.02 -14.38
N LYS J 427 -65.13 -90.27 -14.50
CA LYS J 427 -64.73 -91.04 -13.29
C LYS J 427 -63.41 -91.77 -13.52
N GLU J 428 -62.53 -91.77 -12.51
CA GLU J 428 -61.22 -92.46 -12.63
C GLU J 428 -61.38 -93.95 -12.28
N LEU J 429 -61.79 -94.77 -13.25
CA LEU J 429 -61.87 -96.23 -12.99
C LEU J 429 -60.56 -96.65 -12.30
N SER J 430 -59.42 -96.23 -12.84
CA SER J 430 -58.12 -96.61 -12.29
C SER J 430 -57.08 -95.58 -12.71
N TYR J 431 -56.27 -95.18 -11.74
CA TYR J 431 -55.13 -94.31 -12.00
C TYR J 431 -53.92 -94.85 -11.25
N PHE J 432 -52.79 -94.93 -11.94
CA PHE J 432 -51.57 -95.46 -11.34
C PHE J 432 -50.38 -95.11 -12.22
N TRP J 433 -49.35 -94.51 -11.64
CA TRP J 433 -48.19 -94.09 -12.41
C TRP J 433 -47.40 -95.31 -12.88
N VAL J 434 -46.85 -95.21 -14.09
CA VAL J 434 -46.08 -96.30 -14.69
C VAL J 434 -44.95 -95.72 -15.52
N PHE J 435 -43.99 -96.57 -15.89
CA PHE J 435 -42.91 -96.17 -16.77
C PHE J 435 -43.38 -96.24 -18.22
N PRO J 436 -43.48 -95.12 -18.94
CA PRO J 436 -43.81 -95.21 -20.37
C PRO J 436 -42.73 -95.89 -21.20
N ASP J 437 -41.51 -95.99 -20.70
CA ASP J 437 -40.40 -96.61 -21.42
C ASP J 437 -39.75 -97.66 -20.54
N SER J 438 -38.88 -98.45 -21.15
CA SER J 438 -38.23 -99.53 -20.43
C SER J 438 -37.06 -99.01 -19.63
N VAL J 439 -36.61 -99.82 -18.67
CA VAL J 439 -35.43 -99.50 -17.87
C VAL J 439 -34.56 -100.75 -17.83
N GLN J 440 -33.27 -100.54 -17.59
CA GLN J 440 -32.33 -101.65 -17.54
C GLN J 440 -32.74 -102.66 -16.49
N LYS J 441 -33.13 -103.85 -16.94
CA LYS J 441 -33.33 -105.03 -16.11
C LYS J 441 -34.39 -104.84 -15.02
N PHE J 442 -35.24 -103.82 -15.12
CA PHE J 442 -36.36 -103.68 -14.19
C PHE J 442 -37.70 -103.74 -14.91
N ALA J 443 -37.93 -102.88 -15.89
CA ALA J 443 -39.23 -102.76 -16.56
C ALA J 443 -39.09 -103.30 -17.98
N MET J 444 -39.37 -104.60 -18.15
CA MET J 444 -39.19 -105.26 -19.43
C MET J 444 -40.49 -105.81 -20.01
N GLU J 445 -41.51 -106.05 -19.19
CA GLU J 445 -42.78 -106.55 -19.70
C GLU J 445 -43.67 -105.39 -20.12
N MET J 446 -44.51 -105.63 -21.12
CA MET J 446 -45.18 -104.57 -21.86
C MET J 446 -46.69 -104.64 -21.67
N TYR J 447 -47.34 -103.47 -21.76
CA TYR J 447 -48.79 -103.36 -21.81
C TYR J 447 -49.16 -102.31 -22.84
N GLY J 448 -50.20 -102.61 -23.62
CA GLY J 448 -50.66 -101.72 -24.65
C GLY J 448 -52.15 -101.49 -24.57
N VAL J 449 -52.57 -100.31 -25.01
CA VAL J 449 -53.97 -99.88 -24.93
C VAL J 449 -54.53 -99.81 -26.34
N SER J 450 -55.71 -100.39 -26.53
CA SER J 450 -56.45 -100.30 -27.78
C SER J 450 -57.93 -100.13 -27.45
N LYS J 451 -58.63 -99.35 -28.28
CA LYS J 451 -60.03 -99.04 -28.06
C LYS J 451 -60.80 -99.16 -29.37
N VAL J 452 -62.04 -99.62 -29.28
CA VAL J 452 -62.90 -99.76 -30.46
C VAL J 452 -63.74 -98.50 -30.60
N PRO J 453 -63.64 -97.77 -31.72
CA PRO J 453 -64.41 -96.52 -31.82
C PRO J 453 -65.91 -96.71 -31.69
N THR J 454 -66.46 -97.78 -32.26
CA THR J 454 -67.90 -97.97 -32.24
C THR J 454 -68.41 -98.18 -30.83
N ARG J 455 -67.70 -99.00 -30.04
CA ARG J 455 -68.08 -99.31 -28.68
C ARG J 455 -66.84 -99.24 -27.80
N ASN J 456 -66.99 -98.57 -26.65
CA ASN J 456 -65.84 -98.33 -25.78
C ASN J 456 -65.51 -99.58 -24.97
N TYR J 457 -65.20 -100.67 -25.66
CA TYR J 457 -64.75 -101.90 -25.01
C TYR J 457 -63.23 -101.80 -24.87
N MET J 458 -62.77 -101.45 -23.67
CA MET J 458 -61.35 -101.31 -23.43
C MET J 458 -60.63 -102.57 -23.87
N ARG J 459 -59.66 -102.41 -24.77
CA ARG J 459 -58.86 -103.52 -25.30
C ARG J 459 -57.41 -103.23 -24.92
N VAL J 460 -57.05 -103.62 -23.71
CA VAL J 460 -55.68 -103.52 -23.21
C VAL J 460 -55.08 -104.92 -23.22
N TYR J 461 -53.90 -105.05 -23.83
CA TYR J 461 -53.30 -106.36 -24.02
C TYR J 461 -51.79 -106.23 -23.93
N ALA J 462 -51.13 -107.37 -23.80
CA ALA J 462 -49.67 -107.43 -23.78
C ALA J 462 -49.14 -107.20 -25.19
N ALA J 463 -48.78 -105.96 -25.49
CA ALA J 463 -48.38 -105.57 -26.83
C ALA J 463 -46.93 -106.00 -27.09
N ASP J 464 -46.43 -105.59 -28.26
CA ASP J 464 -45.05 -105.97 -28.67
C ASP J 464 -44.38 -104.73 -29.28
N GLN J 465 -43.08 -104.78 -29.51
CA GLN J 465 -42.39 -103.67 -30.14
C GLN J 465 -42.91 -103.42 -31.55
N SER J 466 -43.45 -104.49 -32.16
CA SER J 466 -44.03 -104.37 -33.52
C SER J 466 -45.43 -103.74 -33.44
N ASP J 467 -46.16 -103.98 -32.36
CA ASP J 467 -47.49 -103.32 -32.19
C ASP J 467 -47.27 -101.80 -32.27
N ILE J 468 -46.14 -101.33 -31.74
CA ILE J 468 -45.80 -99.88 -31.86
C ILE J 468 -45.55 -99.58 -33.34
N GLU J 469 -44.63 -100.33 -33.97
CA GLU J 469 -44.29 -100.10 -35.40
C GLU J 469 -45.58 -100.02 -36.23
N ASN J 470 -46.41 -101.06 -36.18
CA ASN J 470 -47.71 -101.05 -36.91
C ASN J 470 -48.85 -100.91 -35.91
N PRO J 471 -49.34 -99.69 -35.61
CA PRO J 471 -50.39 -99.46 -34.57
C PRO J 471 -51.79 -99.71 -35.12
N ARG J 472 -52.66 -100.28 -34.28
CA ARG J 472 -54.04 -100.49 -34.67
C ARG J 472 -54.82 -99.19 -34.50
N PRO J 473 -56.00 -99.08 -35.12
CA PRO J 473 -56.79 -97.84 -34.99
C PRO J 473 -57.12 -97.55 -33.54
N TYR J 474 -57.08 -96.27 -33.15
CA TYR J 474 -57.51 -95.86 -31.77
C TYR J 474 -56.65 -96.52 -30.69
N GLN J 475 -55.42 -96.94 -31.02
CA GLN J 475 -54.54 -97.49 -29.99
C GLN J 475 -53.82 -96.32 -29.34
N ARG J 476 -54.12 -96.08 -28.06
CA ARG J 476 -53.72 -94.83 -27.44
C ARG J 476 -52.25 -94.83 -27.01
N PHE J 477 -51.89 -95.72 -26.09
CA PHE J 477 -50.56 -95.67 -25.50
C PHE J 477 -50.14 -97.06 -25.06
N TRP J 478 -48.83 -97.24 -24.92
CA TRP J 478 -48.23 -98.49 -24.46
C TRP J 478 -47.22 -98.20 -23.37
N PHE J 479 -47.14 -99.09 -22.39
CA PHE J 479 -46.35 -98.86 -21.20
C PHE J 479 -45.71 -100.16 -20.73
N TYR J 480 -44.58 -100.02 -20.05
CA TYR J 480 -43.82 -101.14 -19.51
C TYR J 480 -44.02 -101.22 -18.00
N VAL J 481 -44.19 -102.44 -17.50
CA VAL J 481 -44.40 -102.69 -16.08
C VAL J 481 -43.20 -103.48 -15.55
N PRO J 482 -42.83 -103.31 -14.28
CA PRO J 482 -41.66 -104.02 -13.76
C PRO J 482 -41.77 -105.53 -13.88
N SER J 483 -40.64 -106.16 -14.19
CA SER J 483 -40.56 -107.61 -14.32
C SER J 483 -40.24 -108.22 -12.96
N ALA J 484 -41.05 -109.20 -12.55
CA ALA J 484 -40.84 -109.86 -11.27
C ALA J 484 -39.57 -110.71 -11.24
N ASN J 485 -38.94 -110.93 -12.39
CA ASN J 485 -37.73 -111.75 -12.45
C ASN J 485 -36.51 -111.05 -11.89
N SER J 486 -36.61 -109.76 -11.58
CA SER J 486 -35.46 -109.04 -11.03
C SER J 486 -35.07 -109.65 -9.69
N PRO J 487 -33.77 -109.85 -9.42
CA PRO J 487 -33.37 -110.44 -8.14
C PRO J 487 -33.41 -109.41 -7.03
N PRO J 488 -34.05 -109.72 -5.89
CA PRO J 488 -34.07 -108.75 -4.79
C PRO J 488 -32.82 -108.83 -3.91
N GLY K 2 -28.23 -71.31 -3.85
CA GLY K 2 -28.15 -70.17 -2.97
C GLY K 2 -27.67 -68.92 -3.67
N GLU K 3 -28.58 -68.23 -4.36
CA GLU K 3 -28.23 -66.99 -5.04
C GLU K 3 -29.24 -65.89 -4.71
N VAL K 4 -30.46 -66.28 -4.34
CA VAL K 4 -31.50 -65.32 -3.99
C VAL K 4 -32.20 -65.78 -2.72
N VAL K 5 -32.85 -64.84 -2.06
CA VAL K 5 -33.57 -65.14 -0.82
C VAL K 5 -34.74 -64.17 -0.68
N PRO K 6 -35.93 -64.61 -0.25
CA PRO K 6 -37.03 -63.68 -0.07
C PRO K 6 -36.71 -62.62 0.96
N TYR K 7 -37.21 -61.41 0.73
CA TYR K 7 -36.93 -60.30 1.61
C TYR K 7 -37.46 -60.59 3.02
N LYS K 8 -36.64 -60.30 4.02
CA LYS K 8 -37.02 -60.41 5.42
C LYS K 8 -36.83 -59.05 6.07
N ALA K 9 -37.88 -58.55 6.72
CA ALA K 9 -37.85 -57.18 7.23
C ALA K 9 -36.67 -56.99 8.17
N GLY K 10 -36.10 -55.80 8.14
CA GLY K 10 -34.92 -55.48 8.89
C GLY K 10 -33.62 -55.73 8.18
N MET K 11 -33.65 -56.35 7.00
CA MET K 11 -32.43 -56.62 6.26
C MET K 11 -31.71 -55.32 5.96
N GLN K 12 -30.39 -55.34 6.17
CA GLN K 12 -29.54 -54.20 5.89
C GLN K 12 -28.52 -54.60 4.84
N ARG K 13 -28.37 -53.80 3.80
CA ARG K 13 -27.43 -54.11 2.73
C ARG K 13 -26.04 -54.31 3.32
N GLY K 14 -25.37 -55.37 2.89
CA GLY K 14 -24.02 -55.64 3.35
C GLY K 14 -23.98 -56.24 4.74
N GLN K 15 -24.60 -57.41 4.91
CA GLN K 15 -24.60 -58.10 6.17
C GLN K 15 -24.45 -59.59 5.93
N GLY K 16 -23.91 -60.28 6.93
CA GLY K 16 -23.74 -61.72 6.82
C GLY K 16 -25.07 -62.44 6.80
N TYR K 17 -25.06 -63.63 6.20
CA TYR K 17 -26.25 -64.45 6.08
C TYR K 17 -25.86 -65.90 6.26
N ASN K 18 -26.35 -66.51 7.34
CA ASN K 18 -26.12 -67.92 7.61
C ASN K 18 -27.10 -68.73 6.75
N THR K 19 -26.63 -69.17 5.59
CA THR K 19 -27.55 -69.75 4.62
C THR K 19 -28.24 -71.00 5.14
N TYR K 20 -27.61 -71.74 6.05
CA TYR K 20 -28.26 -72.91 6.62
C TYR K 20 -29.39 -72.51 7.56
N LEU K 21 -29.08 -71.73 8.60
CA LEU K 21 -30.10 -71.28 9.53
C LEU K 21 -31.01 -70.21 8.94
N GLN K 22 -30.67 -69.68 7.76
CA GLN K 22 -31.49 -68.67 7.11
C GLN K 22 -31.74 -67.47 8.00
N SER K 23 -30.84 -67.23 8.95
CA SER K 23 -30.96 -66.12 9.87
C SER K 23 -30.14 -64.94 9.34
N LEU K 24 -30.05 -63.88 10.13
CA LEU K 24 -29.29 -62.69 9.78
C LEU K 24 -28.06 -62.59 10.66
N CYS K 25 -26.97 -62.10 10.09
CA CYS K 25 -25.70 -62.00 10.82
C CYS K 25 -25.16 -60.58 10.75
N VAL K 26 -23.91 -60.40 11.17
CA VAL K 26 -23.37 -59.07 11.43
C VAL K 26 -23.71 -58.13 10.27
N LYS K 27 -24.06 -56.90 10.61
CA LYS K 27 -24.37 -55.88 9.62
C LYS K 27 -23.14 -55.01 9.37
N ASP K 28 -22.98 -54.59 8.12
CA ASP K 28 -21.91 -53.69 7.71
C ASP K 28 -20.56 -54.40 7.65
N ALA K 29 -20.57 -55.70 7.35
CA ALA K 29 -19.31 -56.37 7.06
C ALA K 29 -18.77 -56.00 5.69
N VAL K 30 -19.66 -55.66 4.76
CA VAL K 30 -19.29 -55.31 3.40
C VAL K 30 -19.84 -53.92 3.10
N THR K 31 -18.96 -53.04 2.63
CA THR K 31 -19.35 -51.69 2.21
C THR K 31 -19.38 -51.67 0.69
N ILE K 32 -20.52 -51.25 0.13
CA ILE K 32 -20.68 -51.14 -1.32
C ILE K 32 -20.70 -49.67 -1.67
N GLU K 33 -19.76 -49.25 -2.50
CA GLU K 33 -19.67 -47.88 -2.97
C GLU K 33 -20.40 -47.77 -4.31
N ARG K 34 -21.40 -46.89 -4.36
CA ARG K 34 -22.12 -46.62 -5.59
C ARG K 34 -21.31 -45.60 -6.39
N HIS K 35 -20.48 -46.09 -7.30
CA HIS K 35 -19.65 -45.18 -8.09
C HIS K 35 -20.51 -44.24 -8.93
N ASP K 36 -21.57 -44.76 -9.54
CA ASP K 36 -22.45 -44.00 -10.41
C ASP K 36 -23.86 -44.05 -9.85
N ASP K 37 -24.51 -42.88 -9.77
CA ASP K 37 -25.87 -42.79 -9.26
C ASP K 37 -26.82 -42.93 -10.45
N SER K 38 -27.31 -44.15 -10.65
CA SER K 38 -28.25 -44.42 -11.74
C SER K 38 -29.00 -45.71 -11.44
N ASN K 39 -30.30 -45.70 -11.70
CA ASN K 39 -31.09 -46.90 -11.46
C ASN K 39 -30.71 -47.99 -12.46
N PRO K 40 -30.76 -49.25 -12.04
CA PRO K 40 -30.31 -50.33 -12.92
C PRO K 40 -31.32 -50.61 -14.01
N PRO K 41 -30.93 -51.35 -15.05
CA PRO K 41 -31.87 -51.71 -16.11
C PRO K 41 -33.03 -52.54 -15.57
N PHE K 42 -34.19 -52.38 -16.19
CA PHE K 42 -35.42 -52.96 -15.66
C PHE K 42 -36.20 -53.65 -16.77
N LYS K 43 -37.05 -54.59 -16.37
CA LYS K 43 -37.89 -55.36 -17.28
C LYS K 43 -39.34 -55.13 -16.92
N LYS K 44 -40.17 -54.85 -17.91
CA LYS K 44 -41.56 -54.50 -17.71
C LYS K 44 -42.49 -55.52 -18.35
N GLU K 45 -43.68 -55.66 -17.76
CA GLU K 45 -44.75 -56.45 -18.34
C GLU K 45 -46.05 -55.66 -18.20
N TYR K 46 -47.01 -55.94 -19.08
CA TYR K 46 -48.29 -55.23 -19.05
C TYR K 46 -49.34 -56.11 -19.72
N TYR K 47 -50.16 -56.79 -18.92
CA TYR K 47 -51.29 -57.57 -19.40
C TYR K 47 -52.56 -56.81 -19.10
N SER K 48 -53.36 -56.53 -20.12
CA SER K 48 -54.56 -55.72 -19.97
C SER K 48 -55.75 -56.38 -20.63
N GLU K 49 -56.92 -56.24 -20.02
CA GLU K 49 -58.17 -56.74 -20.56
C GLU K 49 -59.25 -55.68 -20.38
N PHE K 50 -60.07 -55.49 -21.41
CA PHE K 50 -61.20 -54.57 -21.34
C PHE K 50 -62.41 -55.32 -21.89
N ILE K 51 -63.18 -55.94 -21.00
CA ILE K 51 -64.25 -56.83 -21.43
C ILE K 51 -65.37 -56.04 -22.09
N GLU K 52 -66.17 -56.76 -22.88
CA GLU K 52 -67.14 -56.14 -23.78
C GLU K 52 -68.03 -55.14 -23.04
N GLU K 53 -68.63 -54.24 -23.83
CA GLU K 53 -69.65 -53.33 -23.32
C GLU K 53 -71.00 -53.96 -23.62
N TYR K 54 -71.60 -54.60 -22.62
CA TYR K 54 -72.88 -55.28 -22.81
C TYR K 54 -73.96 -54.21 -22.95
N GLU K 55 -74.04 -53.67 -24.17
CA GLU K 55 -75.05 -52.63 -24.47
C GLU K 55 -76.28 -53.29 -25.10
N LYS K 56 -77.38 -53.31 -24.37
CA LYS K 56 -78.62 -53.96 -24.84
C LYS K 56 -79.78 -53.01 -24.59
N ILE K 57 -80.35 -52.48 -25.65
CA ILE K 57 -81.56 -51.67 -25.59
C ILE K 57 -82.70 -52.53 -26.15
N ALA K 58 -83.71 -52.76 -25.32
CA ALA K 58 -84.96 -53.38 -25.76
C ALA K 58 -86.08 -52.40 -25.45
N LYS K 59 -86.87 -52.07 -26.47
CA LYS K 59 -87.86 -51.01 -26.37
C LYS K 59 -89.17 -51.48 -26.94
N SER K 60 -90.27 -51.00 -26.37
CA SER K 60 -91.62 -51.46 -26.71
C SER K 60 -92.47 -50.31 -27.21
N MET K 61 -93.31 -50.57 -28.22
CA MET K 61 -94.27 -49.54 -28.69
C MET K 61 -95.55 -50.26 -29.12
N ARG K 62 -96.54 -50.34 -28.23
CA ARG K 62 -97.80 -51.04 -28.44
C ARG K 62 -98.93 -50.02 -28.44
N ILE K 63 -99.64 -49.94 -29.56
CA ILE K 63 -100.76 -49.02 -29.72
C ILE K 63 -101.97 -49.82 -30.16
N SER K 64 -103.14 -49.40 -29.70
CA SER K 64 -104.38 -50.06 -30.07
C SER K 64 -105.53 -49.08 -29.91
N ALA K 65 -106.26 -48.84 -31.00
CA ALA K 65 -107.39 -47.93 -30.96
C ALA K 65 -108.41 -48.35 -32.01
N GLY K 66 -109.67 -48.05 -31.73
CA GLY K 66 -110.75 -48.37 -32.65
C GLY K 66 -112.13 -48.16 -32.05
N VAL K 78 -117.51 -44.26 -28.70
CA VAL K 78 -116.83 -45.21 -27.82
C VAL K 78 -115.53 -45.65 -28.47
N ASN K 79 -114.56 -44.74 -28.51
CA ASN K 79 -113.26 -45.00 -29.08
C ASN K 79 -112.23 -45.09 -27.96
N VAL K 80 -111.42 -46.15 -27.98
CA VAL K 80 -110.43 -46.39 -26.95
C VAL K 80 -109.04 -46.28 -27.54
N ASP K 81 -108.07 -45.98 -26.68
CA ASP K 81 -106.68 -45.87 -27.07
C ASP K 81 -105.81 -46.57 -26.04
N ILE K 82 -104.71 -47.17 -26.50
CA ILE K 82 -103.72 -47.79 -25.64
C ILE K 82 -102.34 -47.42 -26.16
N LEU K 83 -101.46 -46.96 -25.28
CA LEU K 83 -100.13 -46.49 -25.68
C LEU K 83 -99.14 -46.97 -24.61
N ASN K 84 -98.45 -48.08 -24.88
CA ASN K 84 -97.55 -48.68 -23.91
C ASN K 84 -96.11 -48.63 -24.42
N ARG K 85 -95.20 -48.22 -23.54
CA ARG K 85 -93.79 -48.11 -23.86
C ARG K 85 -92.97 -48.88 -22.83
N SER K 86 -91.76 -49.25 -23.25
CA SER K 86 -90.80 -49.85 -22.33
C SER K 86 -89.41 -49.55 -22.86
N GLU K 87 -88.42 -49.72 -21.98
CA GLU K 87 -87.04 -49.46 -22.36
C GLU K 87 -86.13 -50.15 -21.36
N PHE K 88 -85.31 -51.07 -21.83
CA PHE K 88 -84.39 -51.81 -20.99
C PHE K 88 -82.98 -51.60 -21.50
N GLU K 89 -82.10 -51.08 -20.64
CA GLU K 89 -80.73 -50.78 -20.99
C GLU K 89 -79.79 -51.59 -20.12
N THR K 90 -78.66 -52.00 -20.70
CA THR K 90 -77.64 -52.73 -19.98
C THR K 90 -76.27 -52.21 -20.40
N SER K 91 -75.32 -52.21 -19.47
CA SER K 91 -73.97 -51.80 -19.79
C SER K 91 -73.03 -52.42 -18.75
N THR K 92 -72.38 -53.52 -19.10
CA THR K 92 -71.41 -54.17 -18.24
C THR K 92 -70.02 -53.91 -18.80
N LEU K 93 -69.25 -53.10 -18.10
CA LEU K 93 -67.85 -52.85 -18.45
C LEU K 93 -66.97 -53.46 -17.38
N THR K 94 -65.92 -54.16 -17.80
CA THR K 94 -64.96 -54.73 -16.87
C THR K 94 -63.56 -54.44 -17.38
N TYR K 95 -62.62 -54.31 -16.45
CA TYR K 95 -61.25 -53.97 -16.80
C TYR K 95 -60.31 -54.73 -15.88
N GLU K 96 -59.07 -54.94 -16.35
CA GLU K 96 -58.07 -55.61 -15.54
C GLU K 96 -56.70 -55.43 -16.17
N VAL K 97 -55.72 -55.01 -15.35
CA VAL K 97 -54.34 -54.90 -15.78
C VAL K 97 -53.45 -55.56 -14.74
N LYS K 98 -52.23 -55.88 -15.16
CA LYS K 98 -51.25 -56.49 -14.26
C LYS K 98 -49.86 -56.10 -14.77
N VAL K 99 -49.23 -55.15 -14.10
CA VAL K 99 -47.95 -54.61 -14.51
C VAL K 99 -46.88 -55.16 -13.57
N LEU K 100 -45.86 -55.79 -14.14
CA LEU K 100 -44.75 -56.35 -13.37
C LEU K 100 -43.46 -55.67 -13.82
N VAL K 101 -42.71 -55.12 -12.86
CA VAL K 101 -41.45 -54.45 -13.13
C VAL K 101 -40.38 -55.13 -12.29
N GLN K 102 -39.27 -55.50 -12.93
CA GLN K 102 -38.16 -56.14 -12.23
C GLN K 102 -36.87 -55.47 -12.67
N HIS K 103 -36.12 -54.96 -11.71
CA HIS K 103 -34.86 -54.29 -11.99
C HIS K 103 -33.74 -55.32 -12.04
N GLN K 104 -32.50 -54.87 -12.18
CA GLN K 104 -31.34 -55.75 -12.11
C GLN K 104 -30.32 -55.17 -11.14
N VAL K 105 -29.20 -55.85 -10.96
CA VAL K 105 -28.15 -55.41 -10.05
C VAL K 105 -27.04 -54.77 -10.88
N SER K 106 -26.67 -53.55 -10.51
CA SER K 106 -25.68 -52.82 -11.28
C SER K 106 -24.34 -53.55 -11.26
N VAL K 107 -23.63 -53.48 -12.38
CA VAL K 107 -22.37 -54.20 -12.55
C VAL K 107 -21.16 -53.33 -12.33
N LEU K 108 -21.33 -52.05 -11.99
CA LEU K 108 -20.24 -51.10 -11.86
C LEU K 108 -20.07 -50.63 -10.42
N ASP K 109 -20.20 -51.54 -9.46
CA ASP K 109 -20.01 -51.23 -8.05
C ASP K 109 -18.77 -51.94 -7.52
N LYS K 110 -18.27 -51.45 -6.41
CA LYS K 110 -17.09 -52.00 -5.75
C LYS K 110 -17.51 -52.60 -4.41
N HIS K 111 -17.03 -53.81 -4.12
CA HIS K 111 -17.34 -54.52 -2.90
C HIS K 111 -16.09 -54.67 -2.06
N SER K 112 -16.19 -54.36 -0.77
CA SER K 112 -15.07 -54.43 0.16
C SER K 112 -15.49 -55.23 1.38
N PHE K 113 -14.49 -55.63 2.17
CA PHE K 113 -14.71 -56.43 3.37
C PHE K 113 -14.09 -55.75 4.57
N ASN K 114 -14.90 -55.47 5.58
CA ASN K 114 -14.46 -54.81 6.81
C ASN K 114 -14.24 -55.85 7.89
N LYS K 115 -13.26 -55.60 8.75
CA LYS K 115 -12.83 -56.57 9.74
C LYS K 115 -13.54 -56.32 11.06
N ILE K 116 -14.17 -57.36 11.61
CA ILE K 116 -14.72 -57.34 12.95
C ILE K 116 -13.97 -58.39 13.76
N GLN K 117 -13.42 -57.99 14.90
CA GLN K 117 -12.61 -58.89 15.71
C GLN K 117 -13.51 -59.76 16.57
N THR K 118 -13.44 -61.08 16.36
CA THR K 118 -14.25 -62.03 17.08
C THR K 118 -13.47 -63.32 17.28
N THR K 119 -13.75 -64.02 18.38
CA THR K 119 -13.17 -65.35 18.57
C THR K 119 -13.90 -66.41 17.77
N THR K 120 -15.09 -66.09 17.25
CA THR K 120 -15.89 -67.02 16.46
C THR K 120 -16.35 -66.32 15.19
N PRO K 121 -15.43 -66.02 14.28
CA PRO K 121 -15.82 -65.29 13.07
C PRO K 121 -16.83 -66.04 12.23
N HIS K 122 -16.91 -67.36 12.38
CA HIS K 122 -17.85 -68.15 11.59
C HIS K 122 -19.29 -67.80 11.94
N ALA K 123 -19.60 -67.72 13.24
CA ALA K 123 -20.96 -67.44 13.66
C ALA K 123 -21.31 -65.97 13.54
N THR K 124 -20.30 -65.10 13.47
CA THR K 124 -20.56 -63.67 13.31
C THR K 124 -20.73 -63.30 11.84
N TYR K 125 -19.75 -63.66 11.02
CA TYR K 125 -19.83 -63.32 9.60
C TYR K 125 -20.84 -64.19 8.87
N GLY K 126 -20.85 -65.49 9.16
CA GLY K 126 -21.73 -66.40 8.45
C GLY K 126 -21.07 -67.02 7.25
N ASP K 127 -21.80 -67.12 6.14
CA ASP K 127 -21.27 -67.64 4.88
C ASP K 127 -21.30 -66.61 3.77
N ARG K 128 -22.43 -65.97 3.52
CA ARG K 128 -22.59 -65.07 2.39
C ARG K 128 -23.18 -63.74 2.86
N PHE K 129 -22.89 -62.70 2.10
CA PHE K 129 -23.28 -61.33 2.41
C PHE K 129 -24.30 -60.83 1.39
N ILE K 130 -25.02 -59.78 1.79
CA ILE K 130 -26.09 -59.21 0.98
C ILE K 130 -25.48 -58.08 0.15
N ALA K 131 -25.21 -58.37 -1.12
CA ALA K 131 -24.53 -57.40 -1.98
C ALA K 131 -25.49 -56.34 -2.48
N ASP K 132 -26.49 -56.74 -3.26
CA ASP K 132 -27.45 -55.82 -3.83
C ASP K 132 -28.85 -56.39 -3.67
N PHE K 133 -29.83 -55.51 -3.62
CA PHE K 133 -31.22 -55.90 -3.47
C PHE K 133 -31.91 -55.87 -4.82
N ILE K 134 -32.53 -56.98 -5.19
CA ILE K 134 -33.31 -57.03 -6.43
C ILE K 134 -34.62 -56.28 -6.20
N LYS K 135 -34.83 -55.23 -6.98
CA LYS K 135 -35.98 -54.37 -6.80
C LYS K 135 -36.99 -54.59 -7.91
N GLY K 136 -38.23 -54.17 -7.65
CA GLY K 136 -39.30 -54.36 -8.60
C GLY K 136 -40.58 -53.63 -8.23
N GLY K 137 -41.70 -54.06 -8.82
CA GLY K 137 -42.98 -53.42 -8.56
C GLY K 137 -44.09 -54.29 -9.07
N HIS K 138 -45.32 -53.88 -8.78
CA HIS K 138 -46.48 -54.68 -9.11
C HIS K 138 -47.70 -53.79 -9.25
N PHE K 139 -48.64 -54.21 -10.10
CA PHE K 139 -49.90 -53.51 -10.24
C PHE K 139 -51.00 -54.53 -10.49
N TYR K 140 -52.20 -54.18 -10.05
CA TYR K 140 -53.35 -55.09 -10.17
C TYR K 140 -54.61 -54.27 -10.01
N ALA K 141 -55.41 -54.18 -11.08
CA ALA K 141 -56.61 -53.36 -11.05
C ALA K 141 -57.79 -54.16 -11.59
N ARG K 142 -58.98 -53.84 -11.08
CA ARG K 142 -60.22 -54.43 -11.55
C ARG K 142 -61.31 -53.38 -11.45
N VAL K 143 -61.95 -53.08 -12.57
CA VAL K 143 -63.12 -52.21 -12.60
C VAL K 143 -64.31 -53.04 -13.04
N SER K 144 -65.42 -52.89 -12.34
CA SER K 144 -66.65 -53.60 -12.66
C SER K 144 -67.79 -52.58 -12.67
N ILE K 145 -68.01 -51.96 -13.81
CA ILE K 145 -69.09 -51.00 -13.98
C ILE K 145 -70.35 -51.77 -14.34
N THR K 146 -71.35 -51.75 -13.46
CA THR K 146 -72.61 -52.52 -13.67
C THR K 146 -73.50 -51.78 -14.65
N ALA K 147 -74.58 -52.41 -15.09
CA ALA K 147 -75.53 -51.85 -16.07
C ALA K 147 -76.25 -50.62 -15.51
N LYS K 148 -77.00 -49.93 -16.36
CA LYS K 148 -77.84 -48.79 -15.91
C LYS K 148 -79.21 -49.38 -15.57
N ASN K 149 -79.63 -50.42 -16.29
CA ASN K 149 -80.96 -50.98 -16.14
C ASN K 149 -82.02 -49.89 -16.24
N SER K 150 -81.89 -49.05 -17.26
CA SER K 150 -82.92 -48.06 -17.53
C SER K 150 -84.25 -48.77 -17.76
N SER K 151 -85.31 -48.25 -17.15
CA SER K 151 -86.61 -48.91 -17.18
C SER K 151 -87.71 -47.94 -17.56
N GLU K 152 -87.52 -47.15 -18.60
CA GLU K 152 -88.55 -46.21 -19.06
C GLU K 152 -89.77 -47.01 -19.51
N THR K 153 -90.89 -46.81 -18.84
CA THR K 153 -92.16 -47.43 -19.21
C THR K 153 -93.26 -46.40 -19.10
N SER K 154 -94.37 -46.65 -19.79
CA SER K 154 -95.50 -45.73 -19.76
C SER K 154 -96.73 -46.40 -20.37
N GLU K 155 -97.89 -45.91 -19.99
CA GLU K 155 -99.17 -46.42 -20.48
C GLU K 155 -100.12 -45.24 -20.61
N LEU K 156 -101.06 -45.33 -21.55
CA LEU K 156 -102.07 -44.30 -21.75
C LEU K 156 -103.38 -44.96 -22.16
N LYS K 157 -104.49 -44.33 -21.82
CA LYS K 157 -105.83 -44.89 -22.06
C LYS K 157 -106.81 -43.75 -22.29
N GLN K 158 -107.28 -43.60 -23.53
CA GLN K 158 -108.23 -42.55 -23.89
C GLN K 158 -109.53 -43.19 -24.36
N SER K 159 -110.47 -43.32 -23.43
CA SER K 159 -111.80 -43.82 -23.77
C SER K 159 -112.72 -42.66 -24.10
N ALA K 160 -113.16 -42.60 -25.36
CA ALA K 160 -114.03 -41.53 -25.82
C ALA K 160 -113.43 -40.16 -25.54
N THR K 174 -117.90 -37.91 -22.27
CA THR K 174 -117.13 -38.83 -21.44
C THR K 174 -115.68 -38.93 -21.93
N GLN K 175 -114.76 -38.96 -20.98
CA GLN K 175 -113.34 -38.97 -21.29
C GLN K 175 -112.62 -39.71 -20.18
N GLU K 176 -111.41 -40.20 -20.50
CA GLU K 176 -110.62 -40.94 -19.53
C GLU K 176 -109.15 -40.86 -19.93
N VAL K 177 -108.29 -40.63 -18.94
CA VAL K 177 -106.84 -40.62 -19.15
C VAL K 177 -106.19 -41.40 -18.01
N GLU K 178 -105.21 -42.22 -18.35
CA GLU K 178 -104.54 -43.09 -17.36
C GLU K 178 -103.07 -43.19 -17.75
N ARG K 179 -102.22 -42.46 -17.03
CA ARG K 179 -100.77 -42.49 -17.25
C ARG K 179 -100.00 -42.94 -16.02
N ALA K 180 -100.58 -43.82 -15.21
CA ALA K 180 -99.93 -44.29 -13.98
C ALA K 180 -98.93 -45.40 -14.26
N VAL K 181 -98.00 -45.13 -15.18
CA VAL K 181 -96.92 -46.07 -15.48
C VAL K 181 -95.68 -45.26 -15.82
N SER K 182 -94.63 -45.41 -15.03
CA SER K 182 -93.39 -44.70 -15.24
C SER K 182 -92.34 -45.25 -14.28
N SER K 183 -91.13 -45.46 -14.79
CA SER K 183 -90.03 -45.96 -13.98
C SER K 183 -88.72 -45.55 -14.64
N ILE K 184 -87.65 -45.58 -13.87
CA ILE K 184 -86.35 -45.09 -14.32
C ILE K 184 -85.27 -46.09 -13.92
N LYS K 185 -84.06 -45.86 -14.41
CA LYS K 185 -82.92 -46.74 -14.16
C LYS K 185 -82.65 -46.90 -12.68
N ARG K 186 -82.20 -48.09 -12.31
CA ARG K 186 -81.67 -48.29 -10.96
C ARG K 186 -80.55 -49.34 -11.10
N ASN K 187 -79.35 -48.87 -11.40
CA ASN K 187 -78.14 -49.66 -11.24
C ASN K 187 -76.91 -48.81 -11.53
N ALA K 188 -75.95 -48.80 -10.61
CA ALA K 188 -74.66 -48.18 -10.87
C ALA K 188 -73.67 -48.73 -9.85
N SER K 189 -72.86 -49.70 -10.26
CA SER K 189 -71.89 -50.33 -9.38
C SER K 189 -70.50 -50.12 -9.94
N VAL K 190 -69.62 -49.56 -9.13
CA VAL K 190 -68.23 -49.34 -9.52
C VAL K 190 -67.38 -50.02 -8.45
N LYS K 191 -66.92 -51.23 -8.73
CA LYS K 191 -66.00 -51.94 -7.87
C LYS K 191 -64.59 -51.73 -8.38
N ILE K 192 -63.75 -51.13 -7.56
CA ILE K 192 -62.36 -50.85 -7.92
C ILE K 192 -61.47 -51.51 -6.88
N THR K 193 -60.51 -52.31 -7.33
CA THR K 193 -59.45 -52.83 -6.48
C THR K 193 -58.12 -52.46 -7.12
N ILE K 194 -57.24 -51.83 -6.36
CA ILE K 194 -55.93 -51.43 -6.86
C ILE K 194 -54.89 -51.92 -5.86
N ILE K 195 -53.96 -52.74 -6.33
CA ILE K 195 -52.89 -53.28 -5.50
C ILE K 195 -51.57 -52.84 -6.11
N GLU K 196 -50.78 -52.09 -5.35
CA GLU K 196 -49.59 -51.46 -5.88
C GLU K 196 -48.40 -51.72 -4.96
N SER K 197 -47.23 -51.84 -5.57
CA SER K 197 -45.94 -51.93 -4.86
C SER K 197 -44.97 -51.03 -5.62
N THR K 198 -44.91 -49.76 -5.21
CA THR K 198 -44.10 -48.78 -5.92
C THR K 198 -43.19 -48.04 -4.95
N GLY K 199 -42.52 -46.99 -5.44
CA GLY K 199 -41.60 -46.24 -4.64
C GLY K 199 -41.83 -44.74 -4.76
N THR K 200 -41.30 -44.02 -3.78
CA THR K 200 -41.43 -42.57 -3.76
C THR K 200 -40.50 -41.92 -4.77
N SER K 201 -40.88 -40.73 -5.22
CA SER K 201 -40.05 -39.98 -6.16
C SER K 201 -38.76 -39.55 -5.49
N SER K 216 -66.08 -41.80 -15.33
CA SER K 216 -64.83 -42.00 -16.03
C SER K 216 -63.85 -42.78 -15.17
N ASP K 217 -64.39 -43.67 -14.32
CA ASP K 217 -63.51 -44.45 -13.46
C ASP K 217 -62.70 -45.47 -14.25
N LEU K 218 -63.24 -45.93 -15.38
CA LEU K 218 -62.46 -46.82 -16.23
C LEU K 218 -61.22 -46.11 -16.76
N LEU K 219 -61.37 -44.85 -17.18
CA LEU K 219 -60.23 -44.09 -17.68
C LEU K 219 -59.26 -43.73 -16.56
N ALA K 220 -59.78 -43.41 -15.37
CA ALA K 220 -58.90 -43.04 -14.26
C ALA K 220 -57.96 -44.18 -13.91
N VAL K 221 -58.47 -45.41 -13.84
CA VAL K 221 -57.61 -46.55 -13.59
C VAL K 221 -56.60 -46.71 -14.71
N LYS K 222 -57.02 -46.43 -15.94
CA LYS K 222 -56.12 -46.58 -17.08
C LYS K 222 -54.95 -45.63 -16.99
N GLU K 223 -55.19 -44.37 -16.59
CA GLU K 223 -54.10 -43.41 -16.52
C GLU K 223 -53.06 -43.83 -15.48
N LYS K 224 -53.50 -44.26 -14.31
CA LYS K 224 -52.57 -44.78 -13.32
C LYS K 224 -51.87 -46.04 -13.85
N ALA K 225 -52.61 -46.89 -14.55
CA ALA K 225 -52.00 -48.07 -15.13
C ALA K 225 -50.98 -47.70 -16.20
N ASP K 226 -51.33 -46.76 -17.08
CA ASP K 226 -50.38 -46.32 -18.10
C ASP K 226 -49.26 -45.49 -17.48
N GLN K 227 -49.61 -44.57 -16.58
CA GLN K 227 -48.57 -43.80 -15.91
C GLN K 227 -47.61 -44.70 -15.17
N PHE K 228 -48.08 -45.85 -14.68
CA PHE K 228 -47.17 -46.79 -14.04
C PHE K 228 -46.12 -47.27 -15.03
N TYR K 229 -46.58 -47.59 -16.25
CA TYR K 229 -45.65 -48.01 -17.33
C TYR K 229 -44.65 -46.89 -17.51
N LYS K 230 -45.12 -45.68 -17.81
CA LYS K 230 -44.21 -44.57 -18.06
C LYS K 230 -43.40 -44.24 -16.82
N ASP K 231 -43.99 -44.40 -15.63
CA ASP K 231 -43.28 -44.08 -14.40
C ASP K 231 -42.04 -44.95 -14.25
N ALA K 232 -42.10 -46.21 -14.66
CA ALA K 232 -40.95 -47.08 -14.53
C ALA K 232 -39.74 -46.52 -15.26
N ASP K 233 -39.95 -45.95 -16.45
CA ASP K 233 -38.82 -45.43 -17.22
C ASP K 233 -38.02 -44.41 -16.41
N SER K 234 -38.71 -43.60 -15.61
CA SER K 234 -38.01 -42.68 -14.72
C SER K 234 -37.26 -43.41 -13.62
N GLY K 235 -37.49 -44.71 -13.46
CA GLY K 235 -36.77 -45.48 -12.47
C GLY K 235 -37.11 -45.13 -11.04
N LYS K 236 -38.38 -44.91 -10.74
CA LYS K 236 -38.84 -44.70 -9.38
C LYS K 236 -39.47 -45.95 -8.77
N HIS K 237 -39.46 -47.07 -9.48
CA HIS K 237 -40.06 -48.31 -8.98
C HIS K 237 -38.99 -49.08 -8.22
N SER K 238 -38.69 -48.62 -7.03
CA SER K 238 -37.66 -49.23 -6.19
C SER K 238 -38.36 -49.85 -4.99
N TYR K 239 -38.82 -51.08 -5.15
CA TYR K 239 -39.39 -51.86 -4.07
C TYR K 239 -38.56 -53.12 -3.90
N VAL K 240 -38.18 -53.41 -2.67
CA VAL K 240 -37.26 -54.51 -2.41
C VAL K 240 -38.03 -55.83 -2.54
N LEU K 241 -37.56 -56.69 -3.44
CA LEU K 241 -38.18 -58.00 -3.65
C LEU K 241 -37.27 -59.14 -3.23
N PHE K 242 -36.06 -59.22 -3.80
CA PHE K 242 -35.13 -60.30 -3.54
C PHE K 242 -33.77 -59.73 -3.17
N ALA K 243 -32.97 -60.56 -2.51
CA ALA K 243 -31.62 -60.21 -2.13
C ALA K 243 -30.63 -61.16 -2.80
N VAL K 244 -29.58 -60.61 -3.40
CA VAL K 244 -28.58 -61.38 -4.12
C VAL K 244 -27.42 -61.66 -3.18
N LEU K 245 -27.03 -62.93 -3.09
CA LEU K 245 -26.00 -63.37 -2.16
C LEU K 245 -24.65 -63.46 -2.86
N GLY K 246 -23.60 -63.10 -2.14
CA GLY K 246 -22.25 -63.20 -2.65
C GLY K 246 -21.34 -63.87 -1.65
N LYS K 247 -20.31 -64.54 -2.16
CA LYS K 247 -19.40 -65.30 -1.33
C LYS K 247 -18.23 -64.42 -0.88
N TYR K 248 -17.89 -64.52 0.41
CA TYR K 248 -16.83 -63.68 0.95
C TYR K 248 -15.49 -63.93 0.29
N ARG K 249 -15.30 -65.09 -0.34
CA ARG K 249 -14.02 -65.39 -0.97
C ARG K 249 -13.76 -64.48 -2.16
N ASN K 250 -14.81 -64.18 -2.93
CA ASN K 250 -14.66 -63.37 -4.13
C ASN K 250 -14.31 -61.92 -3.84
N LEU K 251 -14.41 -61.48 -2.59
CA LEU K 251 -14.02 -60.12 -2.25
C LEU K 251 -12.51 -59.95 -2.45
N SER K 252 -12.14 -58.85 -3.12
CA SER K 252 -10.71 -58.57 -3.27
C SER K 252 -10.06 -58.33 -1.92
N ASN K 253 -10.70 -57.54 -1.05
CA ASN K 253 -10.13 -57.17 0.23
C ASN K 253 -10.05 -58.34 1.19
N PHE K 254 -10.72 -59.45 0.87
CA PHE K 254 -10.66 -60.64 1.70
C PHE K 254 -9.29 -61.27 1.58
N GLU K 255 -8.50 -61.17 2.64
CA GLU K 255 -7.22 -61.88 2.76
C GLU K 255 -7.37 -63.16 3.58
N SER K 256 -8.49 -63.85 3.43
CA SER K 256 -8.75 -65.09 4.13
C SER K 256 -8.75 -64.87 5.64
N TYR K 257 -9.69 -64.01 6.07
CA TYR K 257 -9.90 -63.80 7.50
C TYR K 257 -10.36 -65.09 8.17
N PHE K 258 -10.96 -66.00 7.42
CA PHE K 258 -11.42 -67.27 7.95
C PHE K 258 -11.68 -68.20 6.78
N ALA K 259 -12.14 -69.40 7.10
CA ALA K 259 -12.46 -70.38 6.07
C ALA K 259 -13.96 -70.61 6.07
N PRO K 260 -14.72 -69.98 5.17
CA PRO K 260 -16.18 -70.16 5.20
C PRO K 260 -16.57 -71.60 4.94
N PHE K 261 -17.63 -72.03 5.63
CA PHE K 261 -18.15 -73.36 5.40
C PHE K 261 -18.98 -73.39 4.11
N ASP K 262 -19.15 -74.60 3.57
CA ASP K 262 -20.03 -74.84 2.39
C ASP K 262 -21.16 -75.71 2.92
N TYR K 263 -22.33 -75.13 3.21
CA TYR K 263 -23.43 -75.82 3.85
C TYR K 263 -24.32 -76.58 2.87
N GLN K 264 -24.00 -76.58 1.59
CA GLN K 264 -24.85 -77.25 0.62
C GLN K 264 -25.05 -78.71 1.00
N MET K 265 -23.97 -79.44 1.27
CA MET K 265 -24.09 -80.84 1.65
C MET K 265 -24.66 -80.99 3.05
N ALA K 266 -24.24 -80.14 3.98
CA ALA K 266 -24.73 -80.25 5.35
C ALA K 266 -26.25 -80.06 5.41
N SER K 267 -26.76 -79.07 4.69
CA SER K 267 -28.21 -78.87 4.66
C SER K 267 -28.92 -80.07 4.04
N LEU K 268 -28.35 -80.62 2.97
CA LEU K 268 -28.96 -81.79 2.34
C LEU K 268 -29.03 -82.95 3.30
N ARG K 269 -27.94 -83.23 4.02
CA ARG K 269 -27.94 -84.34 4.95
C ARG K 269 -28.93 -84.12 6.09
N SER K 270 -28.98 -82.90 6.62
CA SER K 270 -29.81 -82.60 7.78
C SER K 270 -31.16 -82.01 7.38
N TRP K 271 -31.90 -82.75 6.56
CA TRP K 271 -33.26 -82.37 6.22
C TRP K 271 -34.31 -83.07 7.07
N ALA K 272 -34.08 -84.34 7.43
CA ALA K 272 -35.02 -85.01 8.31
C ALA K 272 -35.15 -84.30 9.65
N LEU K 273 -34.11 -83.59 10.06
CA LEU K 273 -34.18 -82.84 11.32
C LEU K 273 -34.96 -81.55 11.14
N PHE K 274 -34.79 -80.88 10.00
CA PHE K 274 -35.48 -79.61 9.80
C PHE K 274 -36.99 -79.79 9.81
N ASN K 275 -37.49 -80.86 9.18
CA ASN K 275 -38.92 -81.10 9.21
C ASN K 275 -39.41 -81.38 10.63
N ASP K 276 -38.66 -82.17 11.39
CA ASP K 276 -39.07 -82.47 12.76
C ASP K 276 -39.15 -81.21 13.60
N PHE K 277 -38.40 -80.18 13.23
CA PHE K 277 -38.49 -78.91 13.95
C PHE K 277 -39.87 -78.28 13.79
N THR K 278 -40.33 -78.14 12.56
CA THR K 278 -41.63 -77.52 12.33
C THR K 278 -42.75 -78.34 12.99
N LEU K 279 -42.67 -79.67 12.89
CA LEU K 279 -43.69 -80.50 13.50
C LEU K 279 -43.73 -80.33 15.01
N TYR K 280 -42.55 -80.29 15.65
CA TYR K 280 -42.52 -80.16 17.11
C TYR K 280 -43.05 -78.80 17.56
N LYS K 281 -42.70 -77.74 16.83
CA LYS K 281 -43.24 -76.42 17.16
C LYS K 281 -44.75 -76.41 17.01
N ALA K 282 -45.27 -77.05 15.96
CA ALA K 282 -46.71 -77.08 15.75
C ALA K 282 -47.42 -77.79 16.90
N ILE K 283 -46.86 -78.91 17.37
CA ILE K 283 -47.53 -79.68 18.41
C ILE K 283 -47.40 -79.08 19.80
N GLU K 284 -46.61 -78.02 19.96
CA GLU K 284 -46.69 -77.26 21.21
C GLU K 284 -48.07 -76.64 21.33
N THR K 285 -48.57 -76.05 20.25
CA THR K 285 -49.91 -75.49 20.25
C THR K 285 -50.99 -76.56 20.34
N MET K 286 -50.70 -77.79 19.93
CA MET K 286 -51.60 -78.90 20.20
C MET K 286 -51.99 -78.94 21.67
N ILE K 287 -51.00 -79.02 22.56
CA ILE K 287 -51.27 -79.20 23.98
C ILE K 287 -51.92 -77.95 24.55
N LYS K 288 -51.37 -76.78 24.24
CA LYS K 288 -51.88 -75.55 24.84
C LYS K 288 -53.32 -75.29 24.44
N ALA K 289 -53.67 -75.53 23.18
CA ALA K 289 -55.00 -75.17 22.70
C ALA K 289 -56.09 -75.96 23.42
N VAL K 290 -55.89 -77.26 23.61
CA VAL K 290 -56.95 -78.12 24.16
C VAL K 290 -57.12 -77.85 25.65
N PRO K 291 -58.35 -77.82 26.17
CA PRO K 291 -58.55 -77.44 27.57
C PRO K 291 -58.20 -78.57 28.53
N GLU K 292 -58.30 -78.24 29.81
CA GLU K 292 -57.95 -79.17 30.88
C GLU K 292 -59.00 -80.26 31.01
N SER K 293 -60.27 -79.93 30.77
CA SER K 293 -61.37 -80.86 31.05
C SER K 293 -61.45 -82.02 30.07
N LYS K 294 -60.44 -82.20 29.21
CA LYS K 294 -60.44 -83.29 28.24
C LYS K 294 -59.08 -83.95 28.17
N PHE K 295 -58.41 -83.97 29.33
CA PHE K 295 -57.10 -84.67 29.44
C PHE K 295 -57.36 -85.90 30.31
N LYS K 296 -56.72 -87.02 29.99
CA LYS K 296 -56.98 -88.24 30.73
C LYS K 296 -56.50 -88.15 32.17
N ASP K 297 -55.26 -87.72 32.37
CA ASP K 297 -54.69 -87.70 33.71
C ASP K 297 -55.12 -86.49 34.53
N GLY K 298 -55.74 -85.50 33.90
CA GLY K 298 -56.23 -84.34 34.62
C GLY K 298 -55.21 -83.25 34.77
N PRO K 299 -55.06 -82.70 35.98
CA PRO K 299 -54.24 -81.48 36.13
C PRO K 299 -52.78 -81.69 35.74
N GLU K 300 -52.10 -82.66 36.35
CA GLU K 300 -50.67 -82.82 36.13
C GLU K 300 -50.41 -83.60 34.84
N ARG K 301 -51.04 -83.17 33.75
CA ARG K 301 -50.80 -83.74 32.44
C ARG K 301 -50.47 -82.65 31.44
N LYS K 302 -51.05 -81.46 31.65
CA LYS K 302 -50.74 -80.34 30.77
C LYS K 302 -49.28 -79.92 30.89
N THR K 303 -48.79 -79.79 32.11
CA THR K 303 -47.47 -79.16 32.28
C THR K 303 -46.34 -80.08 31.83
N GLN K 304 -46.36 -81.35 32.19
CA GLN K 304 -45.27 -82.23 31.78
C GLN K 304 -45.44 -82.74 30.35
N LEU K 305 -46.63 -82.62 29.77
CA LEU K 305 -46.72 -82.77 28.32
C LEU K 305 -46.18 -81.53 27.63
N ILE K 306 -46.52 -80.34 28.15
CA ILE K 306 -45.94 -79.12 27.61
C ILE K 306 -44.43 -79.11 27.84
N LYS K 307 -44.00 -79.46 29.05
CA LYS K 307 -42.57 -79.42 29.34
C LYS K 307 -41.82 -80.48 28.56
N GLN K 308 -42.41 -81.67 28.41
CA GLN K 308 -41.72 -82.72 27.67
C GLN K 308 -41.48 -82.31 26.22
N ALA K 309 -42.46 -81.66 25.60
CA ALA K 309 -42.28 -81.21 24.22
C ALA K 309 -41.20 -80.13 24.12
N ILE K 310 -41.23 -79.16 25.03
CA ILE K 310 -40.25 -78.08 24.97
C ILE K 310 -38.85 -78.59 25.32
N ASN K 311 -38.75 -79.53 26.27
CA ASN K 311 -37.44 -80.05 26.62
C ASN K 311 -36.78 -80.71 25.41
N ILE K 312 -37.55 -81.48 24.64
CA ILE K 312 -36.99 -82.09 23.44
C ILE K 312 -36.96 -81.11 22.27
N PHE K 313 -37.68 -79.99 22.35
CA PHE K 313 -37.48 -78.92 21.40
C PHE K 313 -36.09 -78.30 21.56
N GLU K 314 -35.60 -78.24 22.80
CA GLU K 314 -34.23 -77.79 23.03
C GLU K 314 -33.22 -78.71 22.37
N THR K 315 -33.45 -80.02 22.46
CA THR K 315 -32.46 -80.97 21.96
C THR K 315 -32.23 -80.81 20.47
N ILE K 316 -33.30 -80.60 19.70
CA ILE K 316 -33.14 -80.45 18.26
C ILE K 316 -32.71 -79.04 17.89
N ARG K 317 -33.10 -78.02 18.66
CA ARG K 317 -32.65 -76.68 18.36
C ARG K 317 -31.15 -76.52 18.61
N ASP K 318 -30.66 -77.12 19.69
CA ASP K 318 -29.22 -77.07 19.96
C ASP K 318 -28.43 -77.93 18.98
N ARG K 319 -29.05 -78.98 18.44
CA ARG K 319 -28.41 -79.74 17.38
C ARG K 319 -28.21 -78.88 16.15
N VAL K 320 -29.23 -78.07 15.81
CA VAL K 320 -29.10 -77.14 14.69
C VAL K 320 -28.02 -76.12 14.97
N ILE K 321 -28.00 -75.56 16.19
CA ILE K 321 -26.97 -74.59 16.54
C ILE K 321 -25.59 -75.25 16.52
N LEU K 322 -25.54 -76.55 16.83
CA LEU K 322 -24.27 -77.26 16.74
C LEU K 322 -23.80 -77.41 15.31
N ILE K 323 -24.72 -77.63 14.37
CA ILE K 323 -24.33 -77.75 12.97
C ILE K 323 -23.69 -76.45 12.49
N SER K 324 -24.08 -75.32 13.06
CA SER K 324 -23.43 -74.07 12.69
C SER K 324 -21.94 -74.11 13.03
N GLU K 325 -21.60 -74.59 14.23
CA GLU K 325 -20.19 -74.67 14.60
C GLU K 325 -19.50 -75.82 13.88
N HIS K 326 -20.17 -76.96 13.75
CA HIS K 326 -19.58 -78.16 13.14
C HIS K 326 -20.52 -78.74 12.10
N PRO K 327 -20.47 -78.25 10.87
CA PRO K 327 -21.28 -78.88 9.80
C PRO K 327 -20.86 -80.30 9.52
N GLU K 328 -19.62 -80.68 9.83
CA GLU K 328 -19.23 -82.07 9.70
C GLU K 328 -20.01 -82.97 10.64
N ALA K 329 -20.59 -82.41 11.70
CA ALA K 329 -21.40 -83.18 12.64
C ALA K 329 -22.76 -83.56 12.05
N ALA K 330 -23.01 -83.27 10.78
CA ALA K 330 -24.26 -83.69 10.15
C ALA K 330 -24.36 -85.20 10.03
N LYS K 331 -23.24 -85.92 10.10
CA LYS K 331 -23.28 -87.37 9.96
C LYS K 331 -24.07 -88.03 11.09
N GLU K 332 -23.85 -87.57 12.33
CA GLU K 332 -24.45 -88.24 13.47
C GLU K 332 -25.97 -88.31 13.32
N ASP K 333 -26.53 -89.47 13.63
CA ASP K 333 -27.97 -89.64 13.52
C ASP K 333 -28.67 -88.91 14.66
N PRO K 334 -29.96 -88.61 14.50
CA PRO K 334 -30.69 -87.96 15.59
C PRO K 334 -30.69 -88.83 16.84
N ASP K 335 -30.67 -88.16 18.00
CA ASP K 335 -30.73 -88.84 19.28
C ASP K 335 -31.94 -88.38 20.10
N HIS K 336 -33.02 -88.01 19.41
CA HIS K 336 -34.21 -87.47 20.04
C HIS K 336 -35.43 -88.27 19.61
N MET K 337 -36.45 -88.25 20.46
CA MET K 337 -37.65 -89.00 20.18
C MET K 337 -38.32 -88.48 18.92
N LYS K 338 -38.92 -89.39 18.16
CA LYS K 338 -39.54 -89.02 16.89
C LYS K 338 -40.77 -88.15 17.16
N PRO K 339 -41.10 -87.21 16.26
CA PRO K 339 -42.38 -86.53 16.38
C PRO K 339 -43.57 -87.47 16.31
N GLY K 340 -43.47 -88.53 15.52
CA GLY K 340 -44.56 -89.49 15.46
C GLY K 340 -44.80 -90.17 16.79
N ASP K 341 -43.74 -90.65 17.43
CA ASP K 341 -43.91 -91.33 18.72
C ASP K 341 -44.42 -90.35 19.78
N PHE K 342 -43.84 -89.15 19.83
CA PHE K 342 -44.33 -88.19 20.81
C PHE K 342 -45.74 -87.74 20.48
N ARG K 343 -46.07 -87.58 19.20
CA ARG K 343 -47.44 -87.26 18.84
C ARG K 343 -48.38 -88.35 19.30
N LEU K 344 -48.01 -89.61 19.06
CA LEU K 344 -48.79 -90.72 19.60
C LEU K 344 -49.04 -90.56 21.09
N GLU K 345 -47.99 -90.19 21.83
CA GLU K 345 -48.16 -89.97 23.26
C GLU K 345 -49.18 -88.89 23.54
N VAL K 346 -49.24 -87.86 22.70
CA VAL K 346 -50.21 -86.78 22.91
C VAL K 346 -51.64 -87.31 22.82
N LEU K 347 -51.95 -88.05 21.76
CA LEU K 347 -53.32 -88.50 21.57
C LEU K 347 -53.72 -89.63 22.51
N ASN K 348 -52.76 -90.40 23.02
CA ASN K 348 -53.10 -91.47 23.94
C ASN K 348 -53.70 -90.94 25.23
N SER K 349 -53.28 -89.75 25.65
CA SER K 349 -53.71 -89.16 26.93
C SER K 349 -54.86 -88.21 26.74
N ILE K 350 -55.76 -88.50 25.81
CA ILE K 350 -56.89 -87.64 25.48
C ILE K 350 -58.18 -88.41 25.67
N GLN K 351 -59.10 -87.85 26.44
CA GLN K 351 -60.42 -88.45 26.61
C GLN K 351 -61.20 -88.39 25.31
N THR K 352 -62.17 -89.29 25.19
CA THR K 352 -62.90 -89.47 23.95
C THR K 352 -64.39 -89.60 24.25
N LYS K 353 -65.20 -89.44 23.21
CA LYS K 353 -66.65 -89.53 23.31
C LYS K 353 -67.14 -90.76 22.58
N LEU K 354 -68.04 -91.51 23.21
CA LEU K 354 -68.50 -92.80 22.69
C LEU K 354 -69.72 -92.56 21.82
N PHE K 355 -69.47 -92.07 20.61
CA PHE K 355 -70.57 -91.83 19.67
C PHE K 355 -71.11 -93.18 19.23
N HIS K 356 -72.15 -93.66 19.91
CA HIS K 356 -72.76 -94.98 19.59
C HIS K 356 -73.85 -94.73 18.53
N ALA K 357 -73.52 -94.96 17.26
CA ALA K 357 -74.48 -94.76 16.18
C ALA K 357 -75.65 -95.73 16.34
N GLN K 358 -76.85 -95.23 16.07
CA GLN K 358 -78.07 -96.01 16.24
C GLN K 358 -78.90 -95.93 14.98
N SER K 359 -79.53 -97.04 14.61
CA SER K 359 -80.30 -97.13 13.37
C SER K 359 -81.76 -96.82 13.69
N GLN K 360 -82.21 -95.63 13.31
CA GLN K 360 -83.59 -95.24 13.54
C GLN K 360 -84.52 -96.06 12.64
N PRO K 361 -85.60 -96.62 13.20
CA PRO K 361 -86.59 -97.32 12.36
C PRO K 361 -87.65 -96.37 11.83
N ILE K 362 -87.84 -96.36 10.51
CA ILE K 362 -88.85 -95.50 9.88
C ILE K 362 -89.89 -96.39 9.22
N PRO K 363 -91.19 -96.07 9.34
CA PRO K 363 -92.20 -96.92 8.68
C PRO K 363 -92.01 -96.96 7.17
N ASN K 364 -92.54 -98.01 6.57
CA ASN K 364 -92.44 -98.23 5.12
C ASN K 364 -91.00 -98.57 4.73
N THR K 365 -90.34 -99.37 5.55
CA THR K 365 -88.98 -99.83 5.30
C THR K 365 -88.83 -101.25 5.80
N ASP K 366 -88.34 -102.14 4.94
CA ASP K 366 -88.12 -103.53 5.28
C ASP K 366 -86.66 -103.87 5.07
N ASP K 367 -86.00 -104.35 6.12
CA ASP K 367 -84.58 -104.67 6.11
C ASP K 367 -83.72 -103.44 5.82
N TYR K 368 -84.31 -102.25 5.88
CA TYR K 368 -83.61 -100.99 5.64
C TYR K 368 -83.88 -100.07 6.84
N TRP K 369 -82.82 -99.60 7.47
CA TRP K 369 -82.93 -98.75 8.66
C TRP K 369 -82.41 -97.35 8.30
N THR K 370 -82.36 -96.48 9.32
CA THR K 370 -81.84 -95.13 9.16
C THR K 370 -80.80 -94.90 10.25
N ASP K 371 -79.53 -94.86 9.86
CA ASP K 371 -78.42 -94.73 10.79
C ASP K 371 -78.29 -93.28 11.22
N VAL K 372 -78.44 -93.02 12.52
CA VAL K 372 -78.24 -91.70 13.09
C VAL K 372 -77.09 -91.80 14.10
N ILE K 373 -76.07 -90.97 13.90
CA ILE K 373 -74.89 -90.99 14.75
C ILE K 373 -75.14 -89.97 15.86
N LEU K 374 -75.86 -90.40 16.89
CA LEU K 374 -76.15 -89.56 18.04
C LEU K 374 -75.70 -90.26 19.31
N THR K 375 -75.10 -89.48 20.22
CA THR K 375 -74.60 -90.02 21.48
C THR K 375 -75.69 -90.40 22.44
N THR K 376 -76.91 -89.89 22.25
CA THR K 376 -78.02 -90.18 23.15
C THR K 376 -78.67 -91.50 22.77
N LYS K 377 -78.87 -92.37 23.76
CA LYS K 377 -79.51 -93.65 23.52
C LYS K 377 -80.96 -93.44 23.07
N GLY K 378 -81.37 -94.18 22.04
CA GLY K 378 -82.72 -94.07 21.52
C GLY K 378 -83.54 -95.31 21.79
N SER K 379 -84.85 -95.22 21.58
CA SER K 379 -85.76 -96.34 21.78
C SER K 379 -86.12 -96.95 20.43
N GLY K 380 -85.84 -98.24 20.27
CA GLY K 380 -86.13 -98.93 19.04
C GLY K 380 -85.11 -98.74 17.94
N ASN K 381 -84.05 -97.98 18.24
CA ASN K 381 -82.98 -97.73 17.24
C ASN K 381 -81.87 -98.76 17.43
N GLN K 382 -81.46 -99.44 16.37
CA GLN K 382 -80.44 -100.47 16.49
C GLN K 382 -79.05 -99.83 16.62
N PRO K 383 -78.31 -100.06 17.70
CA PRO K 383 -76.94 -99.53 17.77
C PRO K 383 -76.00 -100.26 16.82
N LEU K 384 -75.13 -99.50 16.17
CA LEU K 384 -74.19 -100.06 15.21
C LEU K 384 -72.84 -100.36 15.85
N PHE K 385 -72.16 -99.34 16.36
CA PHE K 385 -70.89 -99.52 17.04
C PHE K 385 -70.69 -98.37 18.02
N THR K 386 -69.94 -98.64 19.08
CA THR K 386 -69.60 -97.64 20.08
C THR K 386 -68.08 -97.49 20.10
N PHE K 387 -67.61 -96.26 19.86
CA PHE K 387 -66.20 -95.99 19.63
C PHE K 387 -65.78 -94.67 20.28
N PRO K 388 -64.55 -94.58 20.77
CA PRO K 388 -64.05 -93.28 21.22
C PRO K 388 -64.00 -92.30 20.06
N ALA K 389 -64.30 -91.03 20.34
CA ALA K 389 -64.25 -89.98 19.35
C ALA K 389 -63.84 -88.67 20.02
N PHE K 390 -63.55 -87.68 19.18
CA PHE K 390 -63.05 -86.39 19.63
C PHE K 390 -64.17 -85.36 19.51
N ASP K 391 -64.54 -84.76 20.63
CA ASP K 391 -65.66 -83.83 20.70
C ASP K 391 -65.21 -82.38 20.78
N PHE K 392 -63.96 -82.09 20.41
CA PHE K 392 -63.42 -80.75 20.49
C PHE K 392 -62.31 -80.61 19.47
N GLY K 393 -62.18 -79.41 18.91
CA GLY K 393 -61.18 -79.16 17.90
C GLY K 393 -59.82 -79.00 18.55
N ASP K 394 -59.04 -78.04 18.06
CA ASP K 394 -57.73 -77.71 18.63
C ASP K 394 -56.75 -78.87 18.55
N LEU K 395 -57.10 -79.96 17.87
CA LEU K 395 -56.18 -81.08 17.65
C LEU K 395 -55.94 -81.16 16.15
N ILE K 396 -54.75 -80.73 15.71
CA ILE K 396 -54.50 -80.66 14.28
C ILE K 396 -54.58 -82.07 13.70
N GLY K 397 -54.89 -82.14 12.41
CA GLY K 397 -55.11 -83.40 11.75
C GLY K 397 -56.50 -83.97 11.90
N THR K 398 -57.45 -83.17 12.38
CA THR K 398 -58.84 -83.63 12.63
C THR K 398 -59.83 -82.71 11.95
N GLU K 399 -60.96 -83.25 11.49
CA GLU K 399 -62.05 -82.49 10.87
C GLU K 399 -63.38 -82.97 11.42
N VAL K 400 -64.38 -82.10 11.34
CA VAL K 400 -65.68 -82.33 11.96
C VAL K 400 -66.67 -82.81 10.91
N VAL K 401 -67.57 -83.69 11.33
CA VAL K 401 -68.67 -84.19 10.51
C VAL K 401 -69.96 -83.74 11.17
N SER K 402 -70.48 -82.59 10.74
CA SER K 402 -71.62 -81.95 11.37
C SER K 402 -72.87 -82.23 10.53
N PHE K 403 -73.73 -83.10 11.03
CA PHE K 403 -74.97 -83.40 10.32
C PHE K 403 -75.80 -82.13 10.19
N GLY K 404 -76.39 -81.95 9.02
CA GLY K 404 -77.28 -80.83 8.77
C GLY K 404 -78.72 -81.29 8.70
N LYS K 405 -79.51 -80.97 9.72
CA LYS K 405 -80.93 -81.30 9.75
C LYS K 405 -81.74 -80.06 9.49
N LYS K 406 -82.61 -80.12 8.48
CA LYS K 406 -83.43 -78.97 8.14
C LYS K 406 -84.37 -78.64 9.28
N LYS K 407 -84.21 -77.45 9.87
CA LYS K 407 -85.19 -76.96 10.83
C LYS K 407 -86.50 -76.63 10.14
N ASN K 408 -86.44 -76.20 8.89
CA ASN K 408 -87.62 -75.93 8.08
C ASN K 408 -88.21 -77.20 7.49
N GLY K 409 -87.55 -78.35 7.69
CA GLY K 409 -88.02 -79.60 7.15
C GLY K 409 -87.51 -80.78 7.94
N GLU K 410 -87.18 -81.87 7.25
CA GLU K 410 -86.67 -83.05 7.93
C GLU K 410 -85.51 -83.69 7.18
N GLU K 411 -84.97 -83.04 6.16
CA GLU K 411 -83.86 -83.60 5.40
C GLU K 411 -82.68 -83.90 6.31
N TYR K 412 -82.08 -85.08 6.13
CA TYR K 412 -80.87 -85.48 6.84
C TYR K 412 -79.67 -85.16 5.97
N ASN K 413 -78.71 -84.39 6.51
CA ASN K 413 -77.51 -84.04 5.80
C ASN K 413 -76.27 -84.44 6.61
N CYS K 414 -75.15 -84.53 5.90
CA CYS K 414 -73.88 -84.92 6.51
C CYS K 414 -72.78 -84.16 5.79
N LEU K 415 -72.30 -83.08 6.40
CA LEU K 415 -71.29 -82.23 5.80
C LEU K 415 -70.05 -82.23 6.69
N ILE K 416 -68.90 -82.50 6.10
CA ILE K 416 -67.63 -82.51 6.82
C ILE K 416 -67.04 -81.12 6.80
N GLY K 417 -66.64 -80.62 7.97
CA GLY K 417 -66.04 -79.31 8.03
C GLY K 417 -66.95 -78.19 7.56
N GLU K 418 -68.25 -78.45 7.47
CA GLU K 418 -69.23 -77.45 7.05
C GLU K 418 -70.42 -77.54 8.00
N ARG K 419 -70.52 -76.58 8.91
CA ARG K 419 -71.58 -76.60 9.90
C ARG K 419 -72.88 -76.08 9.30
N VAL K 420 -73.91 -76.04 10.14
CA VAL K 420 -75.17 -75.44 9.74
C VAL K 420 -75.05 -73.93 9.58
N THR K 421 -74.09 -73.30 10.25
CA THR K 421 -74.00 -71.85 10.25
C THR K 421 -73.86 -71.28 8.85
N SER K 422 -73.31 -72.05 7.90
CA SER K 422 -73.22 -71.57 6.53
C SER K 422 -74.61 -71.33 5.94
N LEU K 423 -75.55 -72.22 6.22
CA LEU K 423 -76.92 -72.08 5.77
C LEU K 423 -77.77 -71.52 6.91
N ASP K 424 -79.08 -71.45 6.70
CA ASP K 424 -80.01 -70.91 7.67
C ASP K 424 -81.13 -71.91 7.94
N ASP K 425 -81.51 -72.04 9.21
CA ASP K 425 -82.55 -72.96 9.63
C ASP K 425 -82.17 -74.41 9.31
N TYR K 426 -81.13 -74.85 10.02
CA TYR K 426 -80.64 -76.25 9.88
C TYR K 426 -80.26 -76.71 11.29
N LYS K 427 -81.06 -77.59 11.89
CA LYS K 427 -80.75 -78.14 13.23
C LYS K 427 -79.43 -78.93 13.19
N GLU K 428 -78.74 -79.01 14.33
CA GLU K 428 -77.46 -79.77 14.40
C GLU K 428 -77.73 -81.13 15.04
N LEU K 429 -77.56 -82.22 14.29
CA LEU K 429 -77.73 -83.58 14.87
C LEU K 429 -76.47 -83.95 15.66
N SER K 430 -75.32 -84.02 15.00
CA SER K 430 -74.09 -84.43 15.66
C SER K 430 -72.90 -83.77 14.98
N TYR K 431 -71.99 -83.24 15.80
CA TYR K 431 -70.73 -82.70 15.32
C TYR K 431 -69.62 -83.19 16.22
N PHE K 432 -68.54 -83.67 15.61
CA PHE K 432 -67.41 -84.19 16.36
C PHE K 432 -66.20 -84.33 15.45
N TRP K 433 -65.06 -83.77 15.85
CA TRP K 433 -63.87 -83.80 15.01
C TRP K 433 -63.32 -85.23 14.94
N VAL K 434 -62.80 -85.59 13.77
CA VAL K 434 -62.24 -86.92 13.54
C VAL K 434 -61.06 -86.81 12.59
N PHE K 435 -60.28 -87.89 12.52
CA PHE K 435 -59.17 -87.95 11.57
C PHE K 435 -59.69 -88.37 10.20
N PRO K 436 -59.61 -87.51 9.18
CA PRO K 436 -59.99 -87.96 7.84
C PRO K 436 -59.08 -89.04 7.27
N ASP K 437 -57.88 -89.19 7.80
CA ASP K 437 -56.91 -90.16 7.32
C ASP K 437 -56.43 -91.01 8.48
N SER K 438 -55.72 -92.09 8.16
CA SER K 438 -55.25 -93.01 9.18
C SER K 438 -53.97 -92.49 9.81
N VAL K 439 -53.64 -93.03 10.97
CA VAL K 439 -52.41 -92.71 11.67
C VAL K 439 -51.75 -94.01 12.10
N GLN K 440 -50.44 -93.96 12.31
CA GLN K 440 -49.71 -95.16 12.68
C GLN K 440 -50.26 -95.73 13.99
N LYS K 441 -50.85 -96.90 13.91
CA LYS K 441 -51.23 -97.73 15.04
C LYS K 441 -52.20 -97.05 16.00
N PHE K 442 -52.87 -95.98 15.59
CA PHE K 442 -53.92 -95.38 16.40
C PHE K 442 -55.27 -95.41 15.71
N ALA K 443 -55.38 -94.85 14.51
CA ALA K 443 -56.66 -94.72 13.81
C ALA K 443 -56.66 -95.67 12.62
N MET K 444 -57.15 -96.89 12.84
CA MET K 444 -57.14 -97.92 11.81
C MET K 444 -58.52 -98.39 11.39
N GLU K 445 -59.55 -98.20 12.22
CA GLU K 445 -60.90 -98.60 11.86
C GLU K 445 -61.58 -97.48 11.10
N MET K 446 -62.49 -97.86 10.20
CA MET K 446 -63.00 -96.97 9.16
C MET K 446 -64.49 -96.71 9.33
N TYR K 447 -64.92 -95.53 8.89
CA TYR K 447 -66.33 -95.19 8.78
C TYR K 447 -66.56 -94.44 7.47
N GLY K 448 -67.66 -94.78 6.80
CA GLY K 448 -67.99 -94.17 5.53
C GLY K 448 -69.42 -93.67 5.52
N VAL K 449 -69.64 -92.62 4.74
CA VAL K 449 -70.94 -91.96 4.65
C VAL K 449 -71.53 -92.21 3.27
N SER K 450 -72.79 -92.61 3.24
CA SER K 450 -73.54 -92.76 2.01
C SER K 450 -74.97 -92.27 2.23
N LYS K 451 -75.55 -91.66 1.20
CA LYS K 451 -76.87 -91.05 1.28
C LYS K 451 -77.69 -91.41 0.04
N VAL K 452 -78.99 -91.61 0.24
CA VAL K 452 -79.89 -91.94 -0.86
C VAL K 452 -80.51 -90.65 -1.39
N PRO K 453 -80.32 -90.31 -2.66
CA PRO K 453 -80.87 -89.03 -3.15
C PRO K 453 -82.37 -88.92 -3.00
N THR K 454 -83.11 -90.01 -3.24
CA THR K 454 -84.57 -89.92 -3.20
C THR K 454 -85.06 -89.62 -1.78
N ARG K 455 -84.48 -90.28 -0.79
CA ARG K 455 -84.86 -90.10 0.60
C ARG K 455 -83.61 -89.99 1.45
N ASN K 456 -83.59 -89.00 2.34
CA ASN K 456 -82.39 -88.71 3.13
C ASN K 456 -82.27 -89.70 4.28
N TYR K 457 -82.16 -90.99 3.95
CA TYR K 457 -81.90 -92.02 4.94
C TYR K 457 -80.39 -92.14 5.08
N MET K 458 -79.84 -91.54 6.12
CA MET K 458 -78.41 -91.59 6.35
C MET K 458 -77.92 -93.02 6.32
N ARG K 459 -76.98 -93.31 5.43
CA ARG K 459 -76.40 -94.64 5.27
C ARG K 459 -74.91 -94.51 5.58
N VAL K 460 -74.58 -94.58 6.86
CA VAL K 460 -73.19 -94.57 7.33
C VAL K 460 -72.84 -95.99 7.74
N TYR K 461 -71.73 -96.50 7.23
CA TYR K 461 -71.36 -97.88 7.46
C TYR K 461 -69.85 -98.00 7.53
N ALA K 462 -69.39 -99.15 8.01
CA ALA K 462 -67.96 -99.45 8.08
C ALA K 462 -67.45 -99.74 6.67
N ALA K 463 -66.89 -98.72 6.03
CA ALA K 463 -66.47 -98.82 4.64
C ALA K 463 -65.12 -99.55 4.55
N ASP K 464 -64.59 -99.60 3.33
CA ASP K 464 -63.31 -100.31 3.07
C ASP K 464 -62.47 -99.45 2.14
N GLN K 465 -61.19 -99.79 1.96
CA GLN K 465 -60.34 -99.04 1.05
C GLN K 465 -60.87 -99.15 -0.38
N SER K 466 -61.59 -100.23 -0.67
CA SER K 466 -62.17 -100.43 -2.02
C SER K 466 -63.44 -99.57 -2.17
N ASP K 467 -64.18 -99.36 -1.07
CA ASP K 467 -65.35 -98.46 -1.13
C ASP K 467 -64.88 -97.09 -1.64
N ILE K 468 -63.68 -96.68 -1.21
CA ILE K 468 -63.10 -95.40 -1.73
C ILE K 468 -62.85 -95.58 -3.23
N GLU K 469 -62.09 -96.61 -3.61
CA GLU K 469 -61.75 -96.85 -5.04
C GLU K 469 -63.02 -96.73 -5.90
N ASN K 470 -64.03 -97.57 -5.62
CA ASN K 470 -65.31 -97.50 -6.38
C ASN K 470 -66.39 -96.92 -5.46
N PRO K 471 -66.66 -95.60 -5.50
CA PRO K 471 -67.65 -94.96 -4.58
C PRO K 471 -69.08 -95.10 -5.06
N ARG K 472 -70.01 -95.33 -4.13
CA ARG K 472 -71.42 -95.39 -4.47
C ARG K 472 -71.97 -93.99 -4.71
N PRO K 473 -73.12 -93.87 -5.36
CA PRO K 473 -73.69 -92.53 -5.61
C PRO K 473 -73.91 -91.77 -4.32
N TYR K 474 -73.65 -90.45 -4.34
CA TYR K 474 -73.95 -89.59 -3.15
C TYR K 474 -73.19 -90.04 -1.90
N GLN K 475 -72.06 -90.75 -2.07
CA GLN K 475 -71.26 -91.11 -0.90
C GLN K 475 -70.33 -89.93 -0.61
N ARG K 476 -70.53 -89.28 0.54
CA ARG K 476 -69.91 -87.99 0.77
C ARG K 476 -68.46 -88.12 1.20
N PHE K 477 -68.22 -88.74 2.36
CA PHE K 477 -66.89 -88.76 2.94
C PHE K 477 -66.69 -90.01 3.77
N TRP K 478 -65.43 -90.35 4.00
CA TRP K 478 -65.04 -91.49 4.80
C TRP K 478 -63.96 -91.08 5.78
N PHE K 479 -64.01 -91.64 6.99
CA PHE K 479 -63.14 -91.21 8.07
C PHE K 479 -62.73 -92.40 8.92
N TYR K 480 -61.56 -92.26 9.56
CA TYR K 480 -60.99 -93.28 10.42
C TYR K 480 -61.16 -92.88 11.88
N VAL K 481 -61.51 -93.85 12.71
CA VAL K 481 -61.72 -93.63 14.14
C VAL K 481 -60.66 -94.41 14.91
N PRO K 482 -60.23 -93.95 16.08
CA PRO K 482 -59.17 -94.65 16.81
C PRO K 482 -59.55 -96.09 17.13
N SER K 483 -58.55 -96.97 17.06
CA SER K 483 -58.73 -98.39 17.36
C SER K 483 -58.48 -98.61 18.85
N ALA K 484 -59.42 -99.27 19.51
CA ALA K 484 -59.29 -99.55 20.93
C ALA K 484 -58.18 -100.56 21.24
N ASN K 485 -57.64 -101.22 20.22
CA ASN K 485 -56.59 -102.21 20.44
C ASN K 485 -55.24 -101.60 20.80
N SER K 486 -55.11 -100.28 20.70
CA SER K 486 -53.84 -99.64 21.03
C SER K 486 -53.52 -99.87 22.50
N PRO K 487 -52.27 -100.21 22.84
CA PRO K 487 -51.94 -100.46 24.24
C PRO K 487 -51.76 -99.16 25.01
N PRO K 488 -52.41 -99.00 26.17
CA PRO K 488 -52.23 -97.76 26.93
C PRO K 488 -50.99 -97.78 27.82
N GLY L 2 -40.09 -63.30 16.86
CA GLY L 2 -39.80 -61.98 17.37
C GLY L 2 -39.13 -61.09 16.34
N GLU L 3 -39.93 -60.50 15.46
CA GLU L 3 -39.41 -59.59 14.45
C GLU L 3 -40.19 -58.29 14.42
N VAL L 4 -41.45 -58.33 14.85
CA VAL L 4 -42.30 -57.15 14.88
C VAL L 4 -43.02 -57.09 16.23
N VAL L 5 -43.49 -55.90 16.56
CA VAL L 5 -44.21 -55.69 17.81
C VAL L 5 -45.19 -54.53 17.64
N PRO L 6 -46.41 -54.62 18.15
CA PRO L 6 -47.34 -53.50 18.02
C PRO L 6 -46.80 -52.25 18.70
N TYR L 7 -47.11 -51.10 18.11
CA TYR L 7 -46.62 -49.84 18.64
C TYR L 7 -47.13 -49.61 20.05
N LYS L 8 -46.24 -49.18 20.93
CA LYS L 8 -46.59 -48.80 22.30
C LYS L 8 -46.16 -47.35 22.51
N ALA L 9 -47.09 -46.52 22.97
CA ALA L 9 -46.81 -45.09 23.05
C ALA L 9 -45.58 -44.84 23.91
N GLY L 10 -44.82 -43.81 23.54
CA GLY L 10 -43.58 -43.50 24.20
C GLY L 10 -42.36 -44.17 23.61
N MET L 11 -42.54 -45.09 22.67
CA MET L 11 -41.41 -45.78 22.06
C MET L 11 -40.47 -44.77 21.42
N GLN L 12 -39.19 -44.96 21.64
CA GLN L 12 -38.15 -44.11 21.06
C GLN L 12 -37.25 -44.98 20.21
N ARG L 13 -37.01 -44.56 18.97
CA ARG L 13 -36.17 -45.33 18.07
C ARG L 13 -34.81 -45.58 18.71
N GLY L 14 -34.35 -46.82 18.63
CA GLY L 14 -33.05 -47.18 19.17
C GLY L 14 -33.07 -47.33 20.68
N GLN L 15 -33.88 -48.27 21.17
CA GLN L 15 -33.94 -48.55 22.60
C GLN L 15 -34.07 -50.04 22.81
N GLY L 16 -33.62 -50.49 23.98
CA GLY L 16 -33.70 -51.89 24.30
C GLY L 16 -35.13 -52.35 24.47
N TYR L 17 -35.34 -53.65 24.25
CA TYR L 17 -36.67 -54.25 24.35
C TYR L 17 -36.52 -55.63 24.97
N ASN L 18 -37.07 -55.81 26.17
CA ASN L 18 -37.07 -57.10 26.85
C ASN L 18 -38.20 -57.92 26.24
N THR L 19 -37.86 -58.78 25.28
CA THR L 19 -38.90 -59.44 24.50
C THR L 19 -39.77 -60.34 25.35
N TYR L 20 -39.25 -60.88 26.45
CA TYR L 20 -40.06 -61.71 27.34
C TYR L 20 -41.09 -60.85 28.09
N LEU L 21 -40.61 -59.87 28.85
CA LEU L 21 -41.51 -59.00 29.60
C LEU L 21 -42.23 -58.01 28.70
N GLN L 22 -41.85 -57.91 27.42
CA GLN L 22 -42.51 -57.01 26.47
C GLN L 22 -42.51 -55.57 26.97
N SER L 23 -41.55 -55.23 27.82
CA SER L 23 -41.46 -53.89 28.37
C SER L 23 -40.48 -53.08 27.52
N LEU L 24 -40.18 -51.86 27.97
CA LEU L 24 -39.24 -50.98 27.29
C LEU L 24 -37.98 -50.84 28.14
N CYS L 25 -36.84 -50.73 27.47
CA CYS L 25 -35.57 -50.64 28.16
C CYS L 25 -34.78 -49.43 27.68
N VAL L 26 -33.50 -49.34 28.06
CA VAL L 26 -32.74 -48.11 27.92
C VAL L 26 -32.94 -47.52 26.53
N LYS L 27 -33.06 -46.20 26.48
CA LYS L 27 -33.23 -45.48 25.23
C LYS L 27 -31.89 -44.95 24.76
N ASP L 28 -31.70 -44.95 23.43
CA ASP L 28 -30.49 -44.42 22.80
C ASP L 28 -29.28 -45.33 22.99
N ALA L 29 -29.53 -46.63 23.08
CA ALA L 29 -28.42 -47.57 23.04
C ALA L 29 -27.87 -47.72 21.63
N VAL L 30 -28.72 -47.52 20.62
CA VAL L 30 -28.34 -47.66 19.22
C VAL L 30 -28.64 -46.34 18.51
N THR L 31 -27.65 -45.80 17.82
CA THR L 31 -27.81 -44.61 17.02
C THR L 31 -27.88 -45.02 15.55
N ILE L 32 -28.95 -44.61 14.87
CA ILE L 32 -29.15 -44.90 13.46
C ILE L 32 -28.92 -43.61 12.69
N GLU L 33 -27.94 -43.63 11.78
CA GLU L 33 -27.64 -42.49 10.93
C GLU L 33 -28.38 -42.65 9.61
N ARG L 34 -29.23 -41.69 9.28
CA ARG L 34 -29.92 -41.66 8.00
C ARG L 34 -28.97 -41.07 6.96
N HIS L 35 -28.27 -41.95 6.25
CA HIS L 35 -27.32 -41.47 5.25
C HIS L 35 -28.03 -40.69 4.14
N ASP L 36 -29.18 -41.19 3.70
CA ASP L 36 -29.95 -40.57 2.63
C ASP L 36 -31.33 -40.20 3.14
N ASP L 37 -31.75 -38.98 2.86
CA ASP L 37 -33.08 -38.50 3.28
C ASP L 37 -34.08 -38.83 2.18
N SER L 38 -34.77 -39.94 2.34
CA SER L 38 -35.77 -40.36 1.36
C SER L 38 -36.72 -41.36 2.01
N ASN L 39 -38.01 -41.20 1.72
CA ASN L 39 -38.99 -42.12 2.29
C ASN L 39 -38.83 -43.50 1.68
N PRO L 40 -39.08 -44.56 2.45
CA PRO L 40 -38.85 -45.90 1.94
C PRO L 40 -39.93 -46.32 0.95
N PRO L 41 -39.70 -47.39 0.20
CA PRO L 41 -40.72 -47.88 -0.73
C PRO L 41 -41.99 -48.30 0.01
N PHE L 42 -43.13 -48.13 -0.65
CA PHE L 42 -44.41 -48.31 -0.01
C PHE L 42 -45.33 -49.15 -0.88
N LYS L 43 -46.32 -49.77 -0.23
CA LYS L 43 -47.30 -50.62 -0.89
C LYS L 43 -48.69 -50.05 -0.64
N LYS L 44 -49.48 -49.93 -1.70
CA LYS L 44 -50.79 -49.30 -1.63
C LYS L 44 -51.90 -50.29 -1.97
N GLU L 45 -53.07 -50.05 -1.39
CA GLU L 45 -54.29 -50.77 -1.72
C GLU L 45 -55.42 -49.77 -1.85
N TYR L 46 -56.44 -50.13 -2.63
CA TYR L 46 -57.58 -49.24 -2.83
C TYR L 46 -58.79 -50.08 -3.25
N TYR L 47 -59.68 -50.33 -2.29
CA TYR L 47 -60.94 -51.02 -2.55
C TYR L 47 -62.06 -49.99 -2.50
N SER L 48 -62.84 -49.89 -3.58
CA SER L 48 -63.87 -48.87 -3.70
C SER L 48 -65.18 -49.49 -4.17
N GLU L 49 -66.28 -48.97 -3.64
CA GLU L 49 -67.62 -49.40 -4.03
C GLU L 49 -68.50 -48.16 -4.20
N PHE L 50 -69.31 -48.14 -5.26
CA PHE L 50 -70.26 -47.06 -5.50
C PHE L 50 -71.60 -47.72 -5.83
N ILE L 51 -72.43 -47.91 -4.80
CA ILE L 51 -73.64 -48.69 -4.97
C ILE L 51 -74.64 -47.95 -5.86
N GLU L 52 -75.58 -48.71 -6.41
CA GLU L 52 -76.45 -48.23 -7.47
C GLU L 52 -77.14 -46.93 -7.09
N GLU L 53 -77.60 -46.21 -8.11
CA GLU L 53 -78.44 -45.02 -7.92
C GLU L 53 -79.88 -45.47 -8.05
N TYR L 54 -80.55 -45.68 -6.92
CA TYR L 54 -81.92 -46.15 -6.92
C TYR L 54 -82.81 -45.00 -7.40
N GLU L 55 -82.84 -44.85 -8.73
CA GLU L 55 -83.67 -43.77 -9.35
C GLU L 55 -85.01 -44.38 -9.78
N LYS L 56 -86.08 -44.00 -9.10
CA LYS L 56 -87.41 -44.53 -9.37
C LYS L 56 -88.39 -43.36 -9.43
N ILE L 57 -88.90 -43.07 -10.63
CA ILE L 57 -89.95 -42.09 -10.83
C ILE L 57 -91.23 -42.86 -11.13
N ALA L 58 -92.24 -42.66 -10.29
CA ALA L 58 -93.59 -43.16 -10.56
C ALA L 58 -94.52 -41.96 -10.58
N LYS L 59 -95.27 -41.81 -11.67
CA LYS L 59 -96.06 -40.61 -11.90
C LYS L 59 -97.46 -41.00 -12.34
N SER L 60 -98.45 -40.19 -11.95
CA SER L 60 -99.85 -40.49 -12.18
C SER L 60 -100.51 -39.40 -13.01
N MET L 61 -101.41 -39.81 -13.91
CA MET L 61 -102.20 -38.82 -14.70
C MET L 61 -103.61 -39.40 -14.92
N ARG L 62 -104.56 -39.04 -14.06
CA ARG L 62 -105.92 -39.54 -14.08
C ARG L 62 -106.87 -38.38 -14.41
N ILE L 63 -107.58 -38.52 -15.52
CA ILE L 63 -108.53 -37.51 -15.95
C ILE L 63 -109.87 -38.18 -16.17
N SER L 64 -110.94 -37.45 -15.88
CA SER L 64 -112.30 -37.98 -16.06
C SER L 64 -113.25 -36.80 -16.23
N ALA L 65 -113.96 -36.77 -17.35
CA ALA L 65 -114.92 -35.71 -17.61
C ALA L 65 -116.02 -36.24 -18.51
N GLY L 66 -117.22 -35.66 -18.36
CA GLY L 66 -118.36 -36.06 -19.15
C GLY L 66 -119.66 -35.43 -18.67
N VAL L 78 -124.19 -29.86 -16.74
CA VAL L 78 -123.65 -30.61 -15.62
C VAL L 78 -122.47 -31.43 -16.07
N ASN L 79 -121.36 -30.76 -16.36
CA ASN L 79 -120.14 -31.40 -16.81
C ASN L 79 -119.11 -31.32 -15.69
N VAL L 80 -118.48 -32.46 -15.38
CA VAL L 80 -117.53 -32.56 -14.29
C VAL L 80 -116.15 -32.86 -14.87
N ASP L 81 -115.13 -32.51 -14.11
CA ASP L 81 -113.75 -32.75 -14.49
C ASP L 81 -112.98 -33.26 -13.28
N ILE L 82 -112.01 -34.14 -13.52
CA ILE L 82 -111.11 -34.64 -12.49
C ILE L 82 -109.71 -34.69 -13.08
N LEU L 83 -108.73 -34.14 -12.36
CA LEU L 83 -107.35 -34.05 -12.84
C LEU L 83 -106.43 -34.36 -11.66
N ASN L 84 -105.95 -35.59 -11.58
CA ASN L 84 -105.13 -36.02 -10.45
C ASN L 84 -103.73 -36.37 -10.92
N ARG L 85 -102.72 -35.89 -10.19
CA ARG L 85 -101.33 -36.12 -10.49
C ARG L 85 -100.62 -36.69 -9.27
N SER L 86 -99.51 -37.37 -9.52
CA SER L 86 -98.64 -37.82 -8.45
C SER L 86 -97.23 -37.93 -9.02
N GLU L 87 -96.26 -38.00 -8.11
CA GLU L 87 -94.86 -38.12 -8.52
C GLU L 87 -94.06 -38.62 -7.34
N PHE L 88 -93.42 -39.78 -7.50
CA PHE L 88 -92.61 -40.37 -6.45
C PHE L 88 -91.20 -40.56 -6.98
N GLU L 89 -90.22 -39.97 -6.29
CA GLU L 89 -88.83 -40.03 -6.70
C GLU L 89 -88.02 -40.70 -5.59
N THR L 90 -87.00 -41.44 -6.01
CA THR L 90 -86.09 -42.10 -5.08
C THR L 90 -84.68 -41.97 -5.61
N SER L 91 -83.71 -41.86 -4.70
CA SER L 91 -82.31 -41.80 -5.09
C SER L 91 -81.47 -42.24 -3.89
N THR L 92 -81.01 -43.49 -3.90
CA THR L 92 -80.14 -44.00 -2.86
C THR L 92 -78.75 -44.18 -3.44
N LEU L 93 -77.82 -43.34 -3.00
CA LEU L 93 -76.43 -43.44 -3.38
C LEU L 93 -75.63 -43.85 -2.16
N THR L 94 -74.73 -44.81 -2.33
CA THR L 94 -73.85 -45.25 -1.25
C THR L 94 -72.44 -45.36 -1.81
N TYR L 95 -71.46 -45.13 -0.93
CA TYR L 95 -70.06 -45.15 -1.33
C TYR L 95 -69.23 -45.75 -0.21
N GLU L 96 -68.07 -46.30 -0.57
CA GLU L 96 -67.17 -46.87 0.43
C GLU L 96 -65.80 -47.11 -0.20
N VAL L 97 -64.75 -46.64 0.47
CA VAL L 97 -63.39 -46.92 0.06
C VAL L 97 -62.59 -47.38 1.26
N LYS L 98 -61.46 -48.01 0.99
CA LYS L 98 -60.56 -48.49 2.05
C LYS L 98 -59.15 -48.51 1.47
N VAL L 99 -58.34 -47.53 1.85
CA VAL L 99 -57.00 -47.37 1.32
C VAL L 99 -56.01 -47.78 2.40
N LEU L 100 -55.13 -48.73 2.07
CA LEU L 100 -54.11 -49.21 2.99
C LEU L 100 -52.74 -48.93 2.38
N VAL L 101 -51.88 -48.25 3.15
CA VAL L 101 -50.53 -47.93 2.73
C VAL L 101 -49.56 -48.49 3.76
N GLN L 102 -48.56 -49.22 3.28
CA GLN L 102 -47.55 -49.81 4.15
C GLN L 102 -46.17 -49.54 3.56
N HIS L 103 -45.32 -48.89 4.34
CA HIS L 103 -43.97 -48.57 3.90
C HIS L 103 -43.05 -49.76 4.19
N GLN L 104 -41.75 -49.58 3.95
CA GLN L 104 -40.76 -50.59 4.30
C GLN L 104 -39.62 -49.93 5.07
N VAL L 105 -38.64 -50.71 5.48
CA VAL L 105 -37.49 -50.21 6.23
C VAL L 105 -36.33 -50.03 5.27
N SER L 106 -35.74 -48.84 5.27
CA SER L 106 -34.66 -48.56 4.33
C SER L 106 -33.47 -49.47 4.61
N VAL L 107 -32.78 -49.85 3.53
CA VAL L 107 -31.68 -50.80 3.60
C VAL L 107 -30.32 -50.13 3.57
N LEU L 108 -30.28 -48.80 3.52
CA LEU L 108 -29.03 -48.05 3.39
C LEU L 108 -28.74 -47.21 4.63
N ASP L 109 -28.99 -47.76 5.81
CA ASP L 109 -28.71 -47.08 7.07
C ASP L 109 -27.60 -47.82 7.80
N LYS L 110 -26.97 -47.10 8.74
CA LYS L 110 -25.89 -47.64 9.55
C LYS L 110 -26.36 -47.72 11.00
N HIS L 111 -26.08 -48.86 11.64
CA HIS L 111 -26.47 -49.11 13.02
C HIS L 111 -25.24 -49.22 13.89
N SER L 112 -25.25 -48.54 15.03
CA SER L 112 -24.13 -48.53 15.95
C SER L 112 -24.63 -48.83 17.36
N PHE L 113 -23.70 -49.14 18.25
CA PHE L 113 -24.02 -49.51 19.63
C PHE L 113 -23.24 -48.62 20.59
N ASN L 114 -23.97 -47.92 21.45
CA ASN L 114 -23.39 -47.02 22.43
C ASN L 114 -23.32 -47.70 23.78
N LYS L 115 -22.27 -47.39 24.54
CA LYS L 115 -21.98 -48.08 25.79
C LYS L 115 -22.59 -47.33 26.96
N ILE L 116 -23.37 -48.03 27.77
CA ILE L 116 -23.87 -47.53 29.04
C ILE L 116 -23.30 -48.41 30.14
N GLN L 117 -22.65 -47.78 31.13
CA GLN L 117 -21.97 -48.53 32.18
C GLN L 117 -22.98 -48.95 33.24
N THR L 118 -23.15 -50.25 33.43
CA THR L 118 -24.08 -50.80 34.40
C THR L 118 -23.53 -52.09 34.97
N THR L 119 -23.89 -52.36 36.23
CA THR L 119 -23.54 -53.65 36.82
C THR L 119 -24.47 -54.76 36.35
N THR L 120 -25.60 -54.41 35.73
CA THR L 120 -26.57 -55.38 35.25
C THR L 120 -26.95 -55.02 33.81
N PRO L 121 -26.01 -55.17 32.88
CA PRO L 121 -26.32 -54.77 31.49
C PRO L 121 -27.47 -55.56 30.90
N HIS L 122 -27.77 -56.74 31.43
CA HIS L 122 -28.84 -57.55 30.88
C HIS L 122 -30.20 -56.87 31.09
N ALA L 123 -30.44 -56.36 32.29
CA ALA L 123 -31.73 -55.74 32.58
C ALA L 123 -31.82 -54.32 32.02
N THR L 124 -30.68 -53.70 31.73
CA THR L 124 -30.70 -52.36 31.14
C THR L 124 -30.85 -52.42 29.63
N TYR L 125 -29.97 -53.17 28.97
CA TYR L 125 -30.03 -53.26 27.51
C TYR L 125 -31.20 -54.11 27.05
N GLY L 126 -31.43 -55.25 27.70
CA GLY L 126 -32.47 -56.17 27.29
C GLY L 126 -31.96 -57.22 26.33
N ASP L 127 -32.74 -57.51 25.29
CA ASP L 127 -32.34 -58.47 24.26
C ASP L 127 -32.22 -57.83 22.89
N ARG L 128 -33.24 -57.10 22.44
CA ARG L 128 -33.28 -56.56 21.09
C ARG L 128 -33.61 -55.07 21.14
N PHE L 129 -33.17 -54.36 20.10
CA PHE L 129 -33.33 -52.93 19.99
C PHE L 129 -34.27 -52.57 18.84
N ILE L 130 -34.80 -51.34 18.90
CA ILE L 130 -35.77 -50.87 17.93
C ILE L 130 -35.00 -50.16 16.81
N ALA L 131 -34.83 -50.85 15.69
CA ALA L 131 -34.02 -50.31 14.61
C ALA L 131 -34.79 -49.29 13.78
N ASP L 132 -35.87 -49.73 13.15
CA ASP L 132 -36.68 -48.86 12.30
C ASP L 132 -38.15 -49.13 12.59
N PHE L 133 -38.97 -48.10 12.37
CA PHE L 133 -40.40 -48.20 12.60
C PHE L 133 -41.11 -48.44 11.28
N ILE L 134 -41.93 -49.49 11.25
CA ILE L 134 -42.74 -49.77 10.07
C ILE L 134 -43.89 -48.77 10.03
N LYS L 135 -43.95 -47.98 8.97
CA LYS L 135 -44.93 -46.91 8.86
C LYS L 135 -46.00 -47.28 7.84
N GLY L 136 -47.13 -46.59 7.95
CA GLY L 136 -48.26 -46.86 7.06
C GLY L 136 -49.37 -45.85 7.18
N GLY L 137 -50.57 -46.23 6.72
CA GLY L 137 -51.71 -45.34 6.76
C GLY L 137 -52.98 -46.13 6.50
N HIS L 138 -54.10 -45.43 6.63
CA HIS L 138 -55.40 -46.09 6.54
C HIS L 138 -56.45 -45.07 6.10
N PHE L 139 -57.47 -45.56 5.40
CA PHE L 139 -58.59 -44.73 5.02
C PHE L 139 -59.87 -45.57 5.08
N TYR L 140 -60.98 -44.91 5.37
CA TYR L 140 -62.26 -45.60 5.48
C TYR L 140 -63.37 -44.57 5.38
N ALA L 141 -64.17 -44.66 4.32
CA ALA L 141 -65.21 -43.68 4.06
C ALA L 141 -66.52 -44.39 3.77
N ARG L 142 -67.62 -43.73 4.14
CA ARG L 142 -68.97 -44.21 3.84
C ARG L 142 -69.86 -43.01 3.60
N VAL L 143 -70.48 -42.94 2.43
CA VAL L 143 -71.47 -41.92 2.11
C VAL L 143 -72.79 -42.63 1.91
N SER L 144 -73.85 -42.09 2.51
CA SER L 144 -75.19 -42.65 2.40
C SER L 144 -76.13 -41.50 2.07
N ILE L 145 -76.29 -41.22 0.78
CA ILE L 145 -77.19 -40.17 0.31
C ILE L 145 -78.57 -40.79 0.17
N THR L 146 -79.53 -40.33 0.98
CA THR L 146 -80.89 -40.91 0.98
C THR L 146 -81.68 -40.35 -0.18
N ALA L 147 -82.88 -40.89 -0.44
CA ALA L 147 -83.75 -40.48 -1.56
C ALA L 147 -84.22 -39.03 -1.41
N LYS L 148 -84.87 -38.50 -2.44
CA LYS L 148 -85.49 -37.16 -2.36
C LYS L 148 -86.92 -37.37 -1.90
N ASN L 149 -87.53 -38.49 -2.29
CA ASN L 149 -88.95 -38.75 -2.01
C ASN L 149 -89.81 -37.57 -2.45
N SER L 150 -89.56 -37.11 -3.66
CA SER L 150 -90.42 -36.08 -4.24
C SER L 150 -91.86 -36.59 -4.27
N SER L 151 -92.79 -35.74 -3.87
CA SER L 151 -94.18 -36.13 -3.73
C SER L 151 -95.13 -35.14 -4.40
N GLU L 152 -94.83 -34.75 -5.63
CA GLU L 152 -95.70 -33.83 -6.36
C GLU L 152 -97.04 -34.50 -6.58
N THR L 153 -98.10 -33.93 -6.02
CA THR L 153 -99.46 -34.39 -6.22
C THR L 153 -100.37 -33.19 -6.45
N SER L 154 -101.52 -33.45 -7.06
CA SER L 154 -102.49 -32.38 -7.32
C SER L 154 -103.82 -32.99 -7.73
N GLU L 155 -104.88 -32.20 -7.53
CA GLU L 155 -106.23 -32.61 -7.88
C GLU L 155 -106.98 -31.37 -8.38
N LEU L 156 -107.94 -31.57 -9.27
CA LEU L 156 -108.77 -30.50 -9.78
C LEU L 156 -110.18 -31.01 -10.00
N LYS L 157 -111.17 -30.12 -9.88
CA LYS L 157 -112.59 -30.50 -9.98
C LYS L 157 -113.36 -29.32 -10.56
N GLN L 158 -113.84 -29.47 -11.80
CA GLN L 158 -114.61 -28.43 -12.47
C GLN L 158 -116.02 -28.95 -12.75
N SER L 159 -116.93 -28.62 -11.86
CA SER L 159 -118.34 -28.97 -12.05
C SER L 159 -119.06 -27.81 -12.74
N ALA L 160 -119.52 -28.05 -13.96
CA ALA L 160 -120.21 -27.04 -14.73
C ALA L 160 -119.37 -25.77 -14.87
N THR L 174 -123.29 -21.91 -12.50
CA THR L 174 -122.66 -22.66 -11.43
C THR L 174 -121.27 -23.17 -11.83
N GLN L 175 -120.33 -23.07 -10.89
CA GLN L 175 -118.94 -23.42 -11.15
C GLN L 175 -118.32 -23.91 -9.86
N GLU L 176 -117.24 -24.66 -10.00
CA GLU L 176 -116.54 -25.21 -8.84
C GLU L 176 -115.10 -25.50 -9.22
N VAL L 177 -114.18 -25.15 -8.32
CA VAL L 177 -112.76 -25.45 -8.49
C VAL L 177 -112.21 -25.94 -7.16
N GLU L 178 -111.39 -27.00 -7.21
CA GLU L 178 -110.86 -27.63 -6.01
C GLU L 178 -109.44 -28.10 -6.30
N ARG L 179 -108.45 -27.34 -5.83
CA ARG L 179 -107.04 -27.68 -6.00
C ARG L 179 -106.32 -27.87 -4.66
N ALA L 180 -107.02 -28.37 -3.64
CA ALA L 180 -106.42 -28.56 -2.32
C ALA L 180 -105.63 -29.85 -2.24
N VAL L 181 -104.70 -30.05 -3.18
CA VAL L 181 -103.81 -31.19 -3.16
C VAL L 181 -102.46 -30.75 -3.70
N SER L 182 -101.43 -30.83 -2.87
CA SER L 182 -100.07 -30.45 -3.26
C SER L 182 -99.11 -30.86 -2.17
N SER L 183 -97.97 -31.42 -2.57
CA SER L 183 -96.95 -31.83 -1.62
C SER L 183 -95.61 -31.87 -2.35
N ILE L 184 -94.53 -31.84 -1.58
CA ILE L 184 -93.19 -31.75 -2.13
C ILE L 184 -92.28 -32.76 -1.42
N LYS L 185 -91.06 -32.89 -1.93
CA LYS L 185 -90.09 -33.84 -1.41
C LYS L 185 -89.81 -33.60 0.05
N ARG L 186 -89.55 -34.69 0.77
CA ARG L 186 -89.01 -34.57 2.12
C ARG L 186 -88.10 -35.78 2.34
N ASN L 187 -86.84 -35.64 1.94
CA ASN L 187 -85.78 -36.55 2.33
C ASN L 187 -84.44 -36.04 1.84
N ALA L 188 -83.46 -35.93 2.74
CA ALA L 188 -82.09 -35.64 2.33
C ALA L 188 -81.18 -36.03 3.49
N SER L 189 -80.57 -37.20 3.40
CA SER L 189 -79.69 -37.71 4.45
C SER L 189 -78.30 -37.90 3.87
N VAL L 190 -77.31 -37.29 4.50
CA VAL L 190 -75.92 -37.44 4.11
C VAL L 190 -75.16 -37.91 5.33
N LYS L 191 -74.94 -39.21 5.43
CA LYS L 191 -74.12 -39.78 6.49
C LYS L 191 -72.71 -39.98 5.97
N ILE L 192 -71.75 -39.32 6.59
CA ILE L 192 -70.34 -39.40 6.20
C ILE L 192 -69.55 -39.86 7.41
N THR L 193 -68.76 -40.91 7.23
CA THR L 193 -67.78 -41.32 8.22
C THR L 193 -66.43 -41.40 7.52
N ILE L 194 -65.42 -40.74 8.08
CA ILE L 194 -64.08 -40.73 7.52
C ILE L 194 -63.11 -41.08 8.63
N ILE L 195 -62.34 -42.15 8.44
CA ILE L 195 -61.36 -42.59 9.42
C ILE L 195 -60.00 -42.59 8.74
N GLU L 196 -59.07 -41.79 9.25
CA GLU L 196 -57.80 -41.57 8.59
C GLU L 196 -56.66 -41.74 9.57
N SER L 197 -55.53 -42.24 9.04
CA SER L 197 -54.27 -42.33 9.78
C SER L 197 -53.18 -41.88 8.81
N THR L 198 -52.89 -40.58 8.82
CA THR L 198 -51.94 -40.01 7.88
C THR L 198 -50.88 -39.18 8.59
N GLY L 199 -50.07 -38.45 7.82
CA GLY L 199 -49.00 -37.67 8.40
C GLY L 199 -48.98 -36.27 7.83
N THR L 200 -48.30 -35.38 8.55
CA THR L 200 -48.19 -34.00 8.15
C THR L 200 -47.19 -33.84 7.01
N SER L 201 -47.37 -32.78 6.22
CA SER L 201 -46.46 -32.50 5.13
C SER L 201 -45.09 -32.12 5.66
N SER L 216 -72.71 -32.46 -3.64
CA SER L 216 -71.51 -33.05 -4.23
C SER L 216 -70.67 -33.71 -3.15
N ASP L 217 -71.32 -34.20 -2.08
CA ASP L 217 -70.56 -34.82 -1.02
C ASP L 217 -69.96 -36.15 -1.45
N LEU L 218 -70.60 -36.83 -2.41
CA LEU L 218 -70.01 -38.05 -2.94
C LEU L 218 -68.69 -37.75 -3.64
N LEU L 219 -68.64 -36.67 -4.41
CA LEU L 219 -67.40 -36.30 -5.09
C LEU L 219 -66.35 -35.79 -4.10
N ALA L 220 -66.77 -35.06 -3.07
CA ALA L 220 -65.80 -34.53 -2.10
C ALA L 220 -65.05 -35.67 -1.41
N VAL L 221 -65.78 -36.70 -0.99
CA VAL L 221 -65.11 -37.85 -0.39
C VAL L 221 -64.17 -38.50 -1.39
N LYS L 222 -64.59 -38.54 -2.66
CA LYS L 222 -63.76 -39.17 -3.68
C LYS L 222 -62.43 -38.44 -3.85
N GLU L 223 -62.45 -37.11 -3.86
CA GLU L 223 -61.21 -36.37 -4.05
C GLU L 223 -60.23 -36.64 -2.92
N LYS L 224 -60.70 -36.62 -1.68
CA LYS L 224 -59.82 -36.98 -0.56
C LYS L 224 -59.38 -38.43 -0.67
N ALA L 225 -60.28 -39.32 -1.10
CA ALA L 225 -59.90 -40.71 -1.30
C ALA L 225 -58.86 -40.85 -2.41
N ASP L 226 -59.07 -40.16 -3.54
CA ASP L 226 -58.08 -40.23 -4.61
C ASP L 226 -56.83 -39.44 -4.25
N GLN L 227 -56.99 -38.26 -3.66
CA GLN L 227 -55.81 -37.50 -3.22
C GLN L 227 -54.99 -38.31 -2.23
N PHE L 228 -55.65 -39.15 -1.44
CA PHE L 228 -54.89 -40.01 -0.53
C PHE L 228 -53.97 -40.93 -1.31
N TYR L 229 -54.51 -41.51 -2.39
CA TYR L 229 -53.70 -42.39 -3.28
C TYR L 229 -52.52 -41.57 -3.77
N LYS L 230 -52.80 -40.43 -4.43
CA LYS L 230 -51.71 -39.62 -4.98
C LYS L 230 -50.82 -39.08 -3.87
N ASP L 231 -51.40 -38.78 -2.70
CA ASP L 231 -50.60 -38.24 -1.61
C ASP L 231 -49.52 -39.22 -1.18
N ALA L 232 -49.82 -40.52 -1.19
CA ALA L 232 -48.82 -41.50 -0.78
C ALA L 232 -47.56 -41.39 -1.63
N ASP L 233 -47.71 -41.16 -2.94
CA ASP L 233 -46.53 -41.11 -3.80
C ASP L 233 -45.54 -40.05 -3.31
N SER L 234 -46.06 -38.93 -2.81
CA SER L 234 -45.19 -37.92 -2.21
C SER L 234 -44.54 -38.41 -0.93
N GLY L 235 -44.98 -39.55 -0.40
CA GLY L 235 -44.37 -40.11 0.80
C GLY L 235 -44.60 -39.30 2.05
N LYS L 236 -45.81 -38.78 2.24
CA LYS L 236 -46.17 -38.10 3.47
C LYS L 236 -46.99 -38.99 4.40
N HIS L 237 -47.19 -40.26 4.06
CA HIS L 237 -47.98 -41.17 4.89
C HIS L 237 -47.03 -41.86 5.87
N SER L 238 -46.63 -41.11 6.88
CA SER L 238 -45.68 -41.62 7.88
C SER L 238 -46.45 -41.72 9.20
N TYR L 239 -47.11 -42.85 9.40
CA TYR L 239 -47.78 -43.17 10.65
C TYR L 239 -47.17 -44.44 11.20
N VAL L 240 -46.80 -44.42 12.48
CA VAL L 240 -46.08 -45.54 13.07
C VAL L 240 -47.06 -46.68 13.31
N LEU L 241 -46.78 -47.83 12.73
CA LEU L 241 -47.61 -49.02 12.90
C LEU L 241 -46.90 -50.12 13.65
N PHE L 242 -45.75 -50.58 13.16
CA PHE L 242 -45.00 -51.68 13.75
C PHE L 242 -43.56 -51.26 13.97
N ALA L 243 -42.89 -51.99 14.85
CA ALA L 243 -41.47 -51.77 15.14
C ALA L 243 -40.70 -53.03 14.81
N VAL L 244 -39.58 -52.87 14.09
CA VAL L 244 -38.75 -53.98 13.65
C VAL L 244 -37.63 -54.17 14.66
N LEU L 245 -37.46 -55.41 15.13
CA LEU L 245 -36.49 -55.72 16.17
C LEU L 245 -35.20 -56.25 15.55
N GLY L 246 -34.08 -55.88 16.16
CA GLY L 246 -32.78 -56.35 15.73
C GLY L 246 -31.97 -56.84 16.91
N LYS L 247 -31.09 -57.80 16.63
CA LYS L 247 -30.29 -58.42 17.68
C LYS L 247 -28.98 -57.68 17.86
N TYR L 248 -28.62 -57.44 19.13
CA TYR L 248 -27.41 -56.67 19.42
C TYR L 248 -26.16 -57.34 18.89
N ARG L 249 -26.19 -58.64 18.64
CA ARG L 249 -24.99 -59.33 18.16
C ARG L 249 -24.64 -58.87 16.75
N ASN L 250 -25.63 -58.63 15.91
CA ASN L 250 -25.38 -58.25 14.52
C ASN L 250 -24.78 -56.86 14.38
N LEU L 251 -24.77 -56.07 15.44
CA LEU L 251 -24.14 -54.76 15.36
C LEU L 251 -22.63 -54.91 15.15
N SER L 252 -22.09 -54.15 14.21
CA SER L 252 -20.65 -54.16 14.00
C SER L 252 -19.92 -53.66 15.23
N ASN L 253 -20.39 -52.55 15.81
CA ASN L 253 -19.72 -51.92 16.94
C ASN L 253 -19.82 -52.75 18.21
N PHE L 254 -20.67 -53.77 18.21
CA PHE L 254 -20.80 -54.65 19.37
C PHE L 254 -19.56 -55.52 19.47
N GLU L 255 -18.73 -55.25 20.47
CA GLU L 255 -17.60 -56.10 20.82
C GLU L 255 -17.92 -57.03 21.98
N SER L 256 -19.16 -57.53 22.01
CA SER L 256 -19.59 -58.45 23.05
C SER L 256 -19.51 -57.79 24.42
N TYR L 257 -20.27 -56.70 24.57
CA TYR L 257 -20.40 -56.05 25.85
C TYR L 257 -21.05 -56.98 26.87
N PHE L 258 -21.82 -57.94 26.40
CA PHE L 258 -22.48 -58.91 27.29
C PHE L 258 -22.93 -60.08 26.44
N ALA L 259 -23.58 -61.04 27.09
CA ALA L 259 -24.09 -62.21 26.39
C ALA L 259 -25.62 -62.17 26.43
N PRO L 260 -26.28 -61.71 25.37
CA PRO L 260 -27.75 -61.61 25.41
C PRO L 260 -28.39 -62.98 25.59
N PHE L 261 -29.48 -63.00 26.35
CA PHE L 261 -30.22 -64.23 26.51
C PHE L 261 -31.09 -64.49 25.28
N ASP L 262 -31.48 -65.76 25.12
CA ASP L 262 -32.42 -66.19 24.04
C ASP L 262 -33.68 -66.65 24.77
N TYR L 263 -34.72 -65.82 24.86
CA TYR L 263 -35.90 -66.08 25.65
C TYR L 263 -36.94 -66.92 24.93
N GLN L 264 -36.65 -67.37 23.71
CA GLN L 264 -37.63 -68.14 22.97
C GLN L 264 -38.07 -69.37 23.75
N MET L 265 -37.12 -70.15 24.24
CA MET L 265 -37.47 -71.33 25.03
C MET L 265 -38.01 -70.97 26.40
N ALA L 266 -37.42 -69.96 27.05
CA ALA L 266 -37.89 -69.58 28.37
C ALA L 266 -39.35 -69.12 28.34
N SER L 267 -39.71 -68.31 27.35
CA SER L 267 -41.10 -67.88 27.23
C SER L 267 -42.01 -69.07 26.98
N LEU L 268 -41.58 -70.01 26.13
CA LEU L 268 -42.40 -71.18 25.86
C LEU L 268 -42.64 -71.99 27.12
N ARG L 269 -41.59 -72.22 27.92
CA ARG L 269 -41.76 -73.00 29.14
C ARG L 269 -42.65 -72.27 30.13
N SER L 270 -42.49 -70.96 30.28
CA SER L 270 -43.22 -70.19 31.28
C SER L 270 -44.45 -69.52 30.70
N TRP L 271 -45.33 -70.33 30.11
CA TRP L 271 -46.62 -69.85 29.65
C TRP L 271 -47.74 -70.07 30.65
N ALA L 272 -47.72 -71.19 31.37
CA ALA L 272 -48.73 -71.41 32.40
C ALA L 272 -48.70 -70.32 33.46
N LEU L 273 -47.53 -69.71 33.68
CA LEU L 273 -47.44 -68.62 34.64
C LEU L 273 -48.00 -67.32 34.07
N PHE L 274 -47.76 -67.06 32.79
CA PHE L 274 -48.22 -65.81 32.20
C PHE L 274 -49.74 -65.72 32.23
N ASN L 275 -50.42 -66.82 31.94
CA ASN L 275 -51.89 -66.80 32.01
C ASN L 275 -52.37 -66.55 33.43
N ASP L 276 -51.73 -67.20 34.42
CA ASP L 276 -52.15 -67.01 35.80
C ASP L 276 -51.98 -65.56 36.24
N PHE L 277 -51.08 -64.82 35.59
CA PHE L 277 -50.93 -63.40 35.90
C PHE L 277 -52.19 -62.63 35.54
N THR L 278 -52.66 -62.78 34.30
CA THR L 278 -53.84 -62.04 33.88
C THR L 278 -55.05 -62.42 34.72
N LEU L 279 -55.20 -63.71 35.03
CA LEU L 279 -56.34 -64.14 35.83
C LEU L 279 -56.30 -63.53 37.22
N TYR L 280 -55.11 -63.51 37.85
CA TYR L 280 -55.01 -62.95 39.20
C TYR L 280 -55.29 -61.46 39.21
N LYS L 281 -54.79 -60.73 38.22
CA LYS L 281 -55.09 -59.31 38.13
C LYS L 281 -56.58 -59.07 37.94
N ALA L 282 -57.23 -59.90 37.12
CA ALA L 282 -58.66 -59.73 36.90
C ALA L 282 -59.45 -59.95 38.20
N ILE L 283 -59.07 -60.96 38.99
CA ILE L 283 -59.83 -61.26 40.20
C ILE L 283 -59.54 -60.30 41.35
N GLU L 284 -58.58 -59.40 41.21
CA GLU L 284 -58.50 -58.30 42.16
C GLU L 284 -59.75 -57.44 42.08
N THR L 285 -60.17 -57.12 40.85
CA THR L 285 -61.40 -56.36 40.66
C THR L 285 -62.64 -57.16 41.05
N MET L 286 -62.58 -58.49 41.02
CA MET L 286 -63.65 -59.29 41.59
C MET L 286 -63.99 -58.83 43.00
N ILE L 287 -63.00 -58.82 43.88
CA ILE L 287 -63.26 -58.52 45.29
C ILE L 287 -63.66 -57.06 45.46
N LYS L 288 -62.94 -56.14 44.82
CA LYS L 288 -63.20 -54.72 45.02
C LYS L 288 -64.60 -54.35 44.53
N ALA L 289 -65.01 -54.89 43.39
CA ALA L 289 -66.28 -54.46 42.80
C ALA L 289 -67.46 -54.81 43.70
N VAL L 290 -67.49 -56.01 44.27
CA VAL L 290 -68.66 -56.47 45.02
C VAL L 290 -68.73 -55.75 46.37
N PRO L 291 -69.92 -55.36 46.83
CA PRO L 291 -70.01 -54.55 48.04
C PRO L 291 -69.83 -55.38 49.31
N GLU L 292 -69.83 -54.67 50.43
CA GLU L 292 -69.61 -55.30 51.73
C GLU L 292 -70.83 -56.10 52.17
N SER L 293 -72.02 -55.65 51.81
CA SER L 293 -73.26 -56.24 52.33
C SER L 293 -73.56 -57.61 51.74
N LYS L 294 -72.64 -58.21 50.98
CA LYS L 294 -72.86 -59.51 50.38
C LYS L 294 -71.63 -60.39 50.54
N PHE L 295 -70.93 -60.18 51.67
CA PHE L 295 -69.77 -61.03 52.01
C PHE L 295 -70.20 -61.89 53.19
N LYS L 296 -69.77 -63.14 53.23
CA LYS L 296 -70.21 -64.04 54.30
C LYS L 296 -69.68 -63.60 55.66
N ASP L 297 -68.38 -63.35 55.75
CA ASP L 297 -67.76 -63.03 57.03
C ASP L 297 -67.95 -61.58 57.44
N GLY L 298 -68.42 -60.72 56.53
CA GLY L 298 -68.69 -59.35 56.87
C GLY L 298 -67.48 -58.45 56.71
N PRO L 299 -67.21 -57.60 57.71
CA PRO L 299 -66.18 -56.56 57.50
C PRO L 299 -64.80 -57.12 57.23
N GLU L 300 -64.27 -57.96 58.12
CA GLU L 300 -62.90 -58.43 57.97
C GLU L 300 -62.82 -59.59 56.98
N ARG L 301 -63.40 -59.39 55.80
CA ARG L 301 -63.29 -60.36 54.73
C ARG L 301 -62.82 -59.68 53.47
N LYS L 302 -63.18 -58.41 53.29
CA LYS L 302 -62.72 -57.67 52.12
C LYS L 302 -61.21 -57.49 52.14
N THR L 303 -60.65 -57.09 53.28
CA THR L 303 -59.25 -56.68 53.28
C THR L 303 -58.30 -57.86 53.15
N GLN L 304 -58.53 -58.96 53.88
CA GLN L 304 -57.61 -60.09 53.76
C GLN L 304 -57.90 -60.96 52.55
N LEU L 305 -59.09 -60.82 51.94
CA LEU L 305 -59.25 -61.36 50.59
C LEU L 305 -58.52 -60.49 49.57
N ILE L 306 -58.64 -59.18 49.71
CA ILE L 306 -57.88 -58.29 48.84
C ILE L 306 -56.39 -58.46 49.09
N LYS L 307 -55.97 -58.51 50.36
CA LYS L 307 -54.55 -58.63 50.65
C LYS L 307 -54.01 -60.00 50.24
N GLN L 308 -54.81 -61.05 50.43
CA GLN L 308 -54.34 -62.38 50.06
C GLN L 308 -54.07 -62.46 48.57
N ALA L 309 -54.95 -61.86 47.75
CA ALA L 309 -54.74 -61.88 46.31
C ALA L 309 -53.50 -61.09 45.92
N ILE L 310 -53.33 -59.90 46.49
CA ILE L 310 -52.17 -59.07 46.14
C ILE L 310 -50.88 -59.69 46.65
N ASN L 311 -50.91 -60.30 47.84
CA ASN L 311 -49.69 -60.92 48.35
C ASN L 311 -49.20 -62.01 47.42
N ILE L 312 -50.11 -62.82 46.89
CA ILE L 312 -49.70 -63.85 45.93
C ILE L 312 -49.54 -63.28 44.52
N PHE L 313 -50.06 -62.08 44.26
CA PHE L 313 -49.71 -61.38 43.03
C PHE L 313 -48.23 -61.00 43.03
N GLU L 314 -47.70 -60.67 44.21
CA GLU L 314 -46.26 -60.40 44.34
C GLU L 314 -45.45 -61.64 43.99
N THR L 315 -45.89 -62.81 44.46
CA THR L 315 -45.09 -64.01 44.29
C THR L 315 -44.89 -64.34 42.82
N ILE L 316 -45.94 -64.19 42.00
CA ILE L 316 -45.79 -64.50 40.59
C ILE L 316 -45.14 -63.36 39.81
N ARG L 317 -45.32 -62.11 40.24
CA ARG L 317 -44.66 -61.00 39.57
C ARG L 317 -43.16 -61.05 39.79
N ASP L 318 -42.73 -61.38 41.01
CA ASP L 318 -41.30 -61.49 41.27
C ASP L 318 -40.70 -62.73 40.62
N ARG L 319 -41.52 -63.77 40.41
CA ARG L 319 -41.04 -64.91 39.64
C ARG L 319 -40.74 -64.49 38.20
N VAL L 320 -41.62 -63.67 37.62
CA VAL L 320 -41.36 -63.15 36.28
C VAL L 320 -40.11 -62.29 36.27
N ILE L 321 -39.96 -61.41 37.26
CA ILE L 321 -38.78 -60.57 37.33
C ILE L 321 -37.53 -61.43 37.53
N LEU L 322 -37.69 -62.57 38.21
CA LEU L 322 -36.55 -63.48 38.37
C LEU L 322 -36.17 -64.13 37.05
N ILE L 323 -37.15 -64.45 36.20
CA ILE L 323 -36.82 -65.05 34.90
C ILE L 323 -35.99 -64.08 34.08
N SER L 324 -36.16 -62.78 34.28
CA SER L 324 -35.31 -61.82 33.57
C SER L 324 -33.85 -62.02 33.94
N GLU L 325 -33.55 -62.17 35.24
CA GLU L 325 -32.17 -62.39 35.64
C GLU L 325 -31.70 -63.79 35.31
N HIS L 326 -32.57 -64.79 35.51
CA HIS L 326 -32.20 -66.19 35.31
C HIS L 326 -33.26 -66.89 34.46
N PRO L 327 -33.17 -66.80 33.13
CA PRO L 327 -34.11 -67.56 32.29
C PRO L 327 -33.95 -69.06 32.45
N GLU L 328 -32.78 -69.54 32.88
CA GLU L 328 -32.64 -70.95 33.18
C GLU L 328 -33.54 -71.38 34.33
N ALA L 329 -33.97 -70.44 35.17
CA ALA L 329 -34.87 -70.75 36.26
C ALA L 329 -36.29 -71.05 35.79
N ALA L 330 -36.53 -71.11 34.48
CA ALA L 330 -37.86 -71.47 33.99
C ALA L 330 -38.22 -72.91 34.31
N LYS L 331 -37.23 -73.75 34.62
CA LYS L 331 -37.52 -75.16 34.92
C LYS L 331 -38.38 -75.30 36.18
N GLU L 332 -38.05 -74.54 37.23
CA GLU L 332 -38.72 -74.72 38.50
C GLU L 332 -40.22 -74.58 38.35
N ASP L 333 -40.97 -75.48 38.97
CA ASP L 333 -42.41 -75.43 38.90
C ASP L 333 -42.95 -74.29 39.74
N PRO L 334 -44.16 -73.83 39.48
CA PRO L 334 -44.75 -72.78 40.31
C PRO L 334 -44.86 -73.21 41.76
N ASP L 335 -44.69 -72.26 42.67
CA ASP L 335 -44.82 -72.50 44.10
C ASP L 335 -45.91 -71.62 44.71
N HIS L 336 -46.92 -71.29 43.92
CA HIS L 336 -47.98 -70.38 44.34
C HIS L 336 -49.33 -71.06 44.15
N MET L 337 -50.31 -70.61 44.92
CA MET L 337 -51.64 -71.19 44.85
C MET L 337 -52.24 -70.95 43.48
N LYS L 338 -53.01 -71.94 43.02
CA LYS L 338 -53.60 -71.86 41.69
C LYS L 338 -54.66 -70.75 41.66
N PRO L 339 -54.84 -70.09 40.52
CA PRO L 339 -56.00 -69.17 40.40
C PRO L 339 -57.32 -69.88 40.59
N GLY L 340 -57.44 -71.12 40.14
CA GLY L 340 -58.67 -71.85 40.35
C GLY L 340 -58.99 -72.06 41.82
N ASP L 341 -58.00 -72.50 42.60
CA ASP L 341 -58.25 -72.73 44.02
C ASP L 341 -58.54 -71.42 44.73
N PHE L 342 -57.77 -70.37 44.45
CA PHE L 342 -58.05 -69.09 45.08
C PHE L 342 -59.38 -68.53 44.61
N ARG L 343 -59.71 -68.71 43.33
CA ARG L 343 -61.01 -68.26 42.85
C ARG L 343 -62.12 -69.00 43.60
N LEU L 344 -61.98 -70.31 43.76
CA LEU L 344 -62.91 -71.07 44.58
C LEU L 344 -63.08 -70.43 45.94
N GLU L 345 -61.97 -70.04 46.57
CA GLU L 345 -62.05 -69.39 47.87
C GLU L 345 -62.87 -68.10 47.80
N VAL L 346 -62.78 -67.37 46.68
CA VAL L 346 -63.54 -66.14 46.54
C VAL L 346 -65.03 -66.42 46.58
N LEU L 347 -65.50 -67.38 45.79
CA LEU L 347 -66.94 -67.61 45.71
C LEU L 347 -67.49 -68.32 46.94
N ASN L 348 -66.65 -69.07 47.67
CA ASN L 348 -67.16 -69.74 48.86
C ASN L 348 -67.61 -68.76 49.91
N SER L 349 -66.98 -67.59 49.97
CA SER L 349 -67.25 -66.59 51.01
C SER L 349 -68.25 -65.54 50.53
N ILE L 350 -69.21 -65.94 49.70
CA ILE L 350 -70.18 -65.02 49.11
C ILE L 350 -71.58 -65.48 49.49
N GLN L 351 -72.37 -64.56 50.04
CA GLN L 351 -73.75 -64.85 50.36
C GLN L 351 -74.56 -65.05 49.07
N THR L 352 -75.67 -65.76 49.21
CA THR L 352 -76.46 -66.17 48.07
C THR L 352 -77.95 -65.95 48.37
N LYS L 353 -78.74 -65.97 47.30
CA LYS L 353 -80.18 -65.77 47.40
C LYS L 353 -80.90 -67.07 47.05
N LEU L 354 -81.89 -67.43 47.86
CA LEU L 354 -82.58 -68.71 47.74
C LEU L 354 -83.77 -68.53 46.80
N PHE L 355 -83.49 -68.47 45.51
CA PHE L 355 -84.55 -68.34 44.52
C PHE L 355 -85.33 -69.64 44.48
N HIS L 356 -86.41 -69.72 45.26
CA HIS L 356 -87.25 -70.94 45.33
C HIS L 356 -88.31 -70.84 44.23
N ALA L 357 -88.07 -71.48 43.09
CA ALA L 357 -89.02 -71.44 41.99
C ALA L 357 -90.32 -72.11 42.39
N GLN L 358 -91.43 -71.52 41.96
CA GLN L 358 -92.76 -71.98 42.34
C GLN L 358 -93.61 -72.14 41.09
N SER L 359 -94.42 -73.18 41.05
CA SER L 359 -95.23 -73.50 39.89
C SER L 359 -96.61 -72.87 40.05
N GLN L 360 -96.86 -71.78 39.34
CA GLN L 360 -98.15 -71.11 39.40
C GLN L 360 -99.24 -71.98 38.77
N PRO L 361 -100.38 -72.16 39.46
CA PRO L 361 -101.49 -72.90 38.84
C PRO L 361 -102.40 -71.98 38.03
N ILE L 362 -102.62 -72.32 36.75
CA ILE L 362 -103.48 -71.53 35.89
C ILE L 362 -104.69 -72.38 35.50
N PRO L 363 -105.90 -71.83 35.49
CA PRO L 363 -107.07 -72.63 35.09
C PRO L 363 -106.93 -73.15 33.67
N ASN L 364 -107.66 -74.24 33.39
CA ASN L 364 -107.64 -74.88 32.07
C ASN L 364 -106.29 -75.56 31.83
N THR L 365 -105.75 -76.19 32.86
CA THR L 365 -104.50 -76.93 32.78
C THR L 365 -104.58 -78.14 33.70
N ASP L 366 -104.28 -79.31 33.15
CA ASP L 366 -104.29 -80.57 33.89
C ASP L 366 -102.91 -81.19 33.82
N ASP L 367 -102.31 -81.46 34.98
CA ASP L 367 -100.96 -81.99 35.09
C ASP L 367 -99.92 -81.08 34.48
N TYR L 368 -100.30 -79.83 34.17
CA TYR L 368 -99.40 -78.84 33.58
C TYR L 368 -99.48 -77.59 34.44
N TRP L 369 -98.33 -77.13 34.93
CA TRP L 369 -98.25 -75.96 35.79
C TRP L 369 -97.52 -74.85 35.07
N THR L 370 -97.28 -73.74 35.77
CA THR L 370 -96.54 -72.60 35.23
C THR L 370 -95.45 -72.25 36.22
N ASP L 371 -94.21 -72.54 35.86
CA ASP L 371 -93.06 -72.34 36.75
C ASP L 371 -92.67 -70.86 36.72
N VAL L 372 -92.74 -70.21 37.88
CA VAL L 372 -92.29 -68.83 38.04
C VAL L 372 -91.15 -68.83 39.05
N ILE L 373 -90.00 -68.29 38.64
CA ILE L 373 -88.82 -68.26 39.49
C ILE L 373 -88.86 -66.93 40.24
N LEU L 374 -89.60 -66.90 41.33
CA LEU L 374 -89.72 -65.72 42.18
C LEU L 374 -89.34 -66.08 43.62
N THR L 375 -88.59 -65.19 44.26
CA THR L 375 -88.14 -65.40 45.62
C THR L 375 -89.27 -65.28 46.64
N THR L 376 -90.39 -64.66 46.28
CA THR L 376 -91.50 -64.47 47.19
C THR L 376 -92.38 -65.71 47.22
N LYS L 377 -92.69 -66.20 48.42
CA LYS L 377 -93.55 -67.36 48.55
C LYS L 377 -94.94 -67.05 48.03
N GLY L 378 -95.51 -67.97 47.26
CA GLY L 378 -96.84 -67.80 46.70
C GLY L 378 -97.85 -68.76 47.31
N SER L 379 -99.13 -68.49 47.05
CA SER L 379 -100.22 -69.34 47.55
C SER L 379 -100.71 -70.24 46.44
N GLY L 380 -100.66 -71.54 46.68
CA GLY L 380 -101.12 -72.52 45.70
C GLY L 380 -100.11 -72.83 44.61
N ASN L 381 -98.93 -72.22 44.70
CA ASN L 381 -97.85 -72.45 43.69
C ASN L 381 -96.93 -73.55 44.21
N GLN L 382 -96.68 -74.58 43.39
CA GLN L 382 -95.84 -75.70 43.85
C GLN L 382 -94.37 -75.29 43.79
N PRO L 383 -93.64 -75.32 44.92
CA PRO L 383 -92.21 -75.03 44.86
C PRO L 383 -91.43 -76.17 44.19
N LEU L 384 -90.46 -75.79 43.36
CA LEU L 384 -89.67 -76.77 42.63
C LEU L 384 -88.36 -77.09 43.36
N PHE L 385 -87.50 -76.10 43.56
CA PHE L 385 -86.26 -76.28 44.29
C PHE L 385 -85.85 -74.95 44.89
N THR L 386 -85.11 -75.02 45.99
CA THR L 386 -84.57 -73.84 46.65
C THR L 386 -83.05 -73.94 46.66
N PHE L 387 -82.39 -72.95 46.08
CA PHE L 387 -80.96 -73.00 45.81
C PHE L 387 -80.30 -71.65 46.05
N PRO L 388 -79.06 -71.63 46.51
CA PRO L 388 -78.33 -70.36 46.56
C PRO L 388 -78.15 -69.79 45.17
N ALA L 389 -78.23 -68.47 45.06
CA ALA L 389 -78.03 -67.77 43.80
C ALA L 389 -77.38 -66.42 44.06
N PHE L 390 -76.94 -65.79 42.98
CA PHE L 390 -76.21 -64.52 43.03
C PHE L 390 -77.15 -63.41 42.58
N ASP L 391 -77.38 -62.44 43.47
CA ASP L 391 -78.32 -61.36 43.23
C ASP L 391 -77.62 -60.05 42.89
N PHE L 392 -76.36 -60.11 42.49
CA PHE L 392 -75.59 -58.92 42.16
C PHE L 392 -74.50 -59.27 41.17
N GLY L 393 -74.20 -58.33 40.29
CA GLY L 393 -73.19 -58.57 39.28
C GLY L 393 -71.82 -58.46 39.87
N ASP L 394 -70.90 -57.84 39.14
CA ASP L 394 -69.53 -57.59 39.61
C ASP L 394 -68.77 -58.86 39.91
N LEU L 395 -69.31 -60.03 39.56
CA LEU L 395 -68.61 -61.31 39.71
C LEU L 395 -68.43 -61.86 38.30
N ILE L 396 -67.21 -61.79 37.78
CA ILE L 396 -66.99 -62.20 36.39
C ILE L 396 -67.33 -63.68 36.26
N GLY L 397 -67.69 -64.07 35.05
CA GLY L 397 -68.13 -65.43 34.78
C GLY L 397 -69.60 -65.67 35.07
N THR L 398 -70.38 -64.60 35.26
CA THR L 398 -71.82 -64.73 35.61
C THR L 398 -72.66 -63.90 34.67
N GLU L 399 -73.89 -64.34 34.37
CA GLU L 399 -74.84 -63.62 33.53
C GLU L 399 -76.22 -63.69 34.17
N VAL L 400 -77.06 -62.72 33.81
CA VAL L 400 -78.36 -62.53 34.45
C VAL L 400 -79.45 -63.12 33.56
N VAL L 401 -80.47 -63.67 34.21
CA VAL L 401 -81.66 -64.19 33.56
C VAL L 401 -82.84 -63.35 34.02
N SER L 402 -83.17 -62.31 33.26
CA SER L 402 -84.17 -61.32 33.65
C SER L 402 -85.46 -61.62 32.90
N PHE L 403 -86.45 -62.14 33.62
CA PHE L 403 -87.74 -62.42 33.01
C PHE L 403 -88.35 -61.12 32.49
N GLY L 404 -88.93 -61.19 31.29
CA GLY L 404 -89.63 -60.07 30.71
C GLY L 404 -91.13 -60.28 30.76
N LYS L 405 -91.81 -59.53 31.61
CA LYS L 405 -93.27 -59.59 31.71
C LYS L 405 -93.88 -58.36 31.08
N LYS L 406 -94.77 -58.57 30.11
CA LYS L 406 -95.39 -57.45 29.42
C LYS L 406 -96.22 -56.63 30.40
N LYS L 407 -95.84 -55.37 30.62
CA LYS L 407 -96.69 -54.46 31.37
C LYS L 407 -97.95 -54.13 30.58
N ASN L 408 -97.86 -54.10 29.25
CA ASN L 408 -99.00 -53.89 28.38
C ASN L 408 -99.81 -55.15 28.19
N GLY L 409 -99.35 -56.28 28.72
CA GLY L 409 -100.05 -57.54 28.57
C GLY L 409 -99.72 -58.50 29.69
N GLU L 410 -99.60 -59.79 29.36
CA GLU L 410 -99.28 -60.80 30.37
C GLU L 410 -98.27 -61.82 29.87
N GLU L 411 -97.65 -61.58 28.72
CA GLU L 411 -96.69 -62.54 28.19
C GLU L 411 -95.54 -62.76 29.18
N TYR L 412 -95.17 -64.01 29.35
CA TYR L 412 -94.02 -64.39 30.17
C TYR L 412 -92.81 -64.55 29.27
N ASN L 413 -91.72 -63.83 29.59
CA ASN L 413 -90.49 -63.93 28.82
C ASN L 413 -89.32 -64.26 29.74
N CYS L 414 -88.25 -64.76 29.11
CA CYS L 414 -87.05 -65.17 29.84
C CYS L 414 -85.86 -64.85 28.95
N LEU L 415 -85.18 -63.74 29.23
CA LEU L 415 -84.06 -63.28 28.42
C LEU L 415 -82.81 -63.23 29.30
N ILE L 416 -81.74 -63.87 28.83
CA ILE L 416 -80.47 -63.89 29.55
C ILE L 416 -79.65 -62.67 29.13
N GLY L 417 -79.14 -61.94 30.10
CA GLY L 417 -78.32 -60.79 29.79
C GLY L 417 -79.04 -59.73 28.99
N GLU L 418 -80.37 -59.77 28.96
CA GLU L 418 -81.17 -58.79 28.23
C GLU L 418 -82.33 -58.38 29.14
N ARG L 419 -82.24 -57.20 29.73
CA ARG L 419 -83.25 -56.73 30.65
C ARG L 419 -84.47 -56.20 29.91
N VAL L 420 -85.45 -55.74 30.67
CA VAL L 420 -86.61 -55.07 30.09
C VAL L 420 -86.24 -53.73 29.48
N THR L 421 -85.16 -53.11 29.96
CA THR L 421 -84.82 -51.75 29.53
C THR L 421 -84.63 -51.66 28.02
N SER L 422 -84.25 -52.76 27.36
CA SER L 422 -84.12 -52.73 25.91
C SER L 422 -85.46 -52.44 25.24
N LEU L 423 -86.53 -53.03 25.75
CA LEU L 423 -87.88 -52.80 25.26
C LEU L 423 -88.58 -51.78 26.16
N ASP L 424 -89.87 -51.55 25.91
CA ASP L 424 -90.67 -50.60 26.67
C ASP L 424 -91.92 -51.27 27.19
N ASP L 425 -92.28 -50.95 28.43
CA ASP L 425 -93.46 -51.52 29.10
C ASP L 425 -93.33 -53.03 29.21
N TYR L 426 -92.32 -53.43 30.00
CA TYR L 426 -92.07 -54.86 30.31
C TYR L 426 -91.68 -54.89 31.78
N LYS L 427 -91.69 -56.06 32.43
CA LYS L 427 -91.43 -56.10 33.89
C LYS L 427 -90.44 -57.23 34.23
N GLU L 428 -89.50 -56.95 35.13
CA GLU L 428 -88.50 -57.97 35.55
C GLU L 428 -89.09 -58.86 36.64
N LEU L 429 -89.85 -59.89 36.27
CA LEU L 429 -90.36 -60.84 37.30
C LEU L 429 -89.19 -61.19 38.22
N SER L 430 -88.04 -61.56 37.64
CA SER L 430 -86.88 -61.96 38.42
C SER L 430 -85.61 -61.74 37.61
N TYR L 431 -84.61 -61.16 38.25
CA TYR L 431 -83.29 -61.01 37.65
C TYR L 431 -82.25 -61.40 38.68
N PHE L 432 -81.28 -62.22 38.26
CA PHE L 432 -80.24 -62.68 39.17
C PHE L 432 -79.11 -63.29 38.36
N TRP L 433 -77.87 -62.84 38.60
CA TRP L 433 -76.74 -63.32 37.84
C TRP L 433 -76.44 -64.77 38.19
N VAL L 434 -76.01 -65.55 37.20
CA VAL L 434 -75.70 -66.96 37.38
C VAL L 434 -74.54 -67.34 36.48
N PHE L 435 -73.97 -68.52 36.74
CA PHE L 435 -72.92 -69.04 35.89
C PHE L 435 -73.54 -69.76 34.68
N PRO L 436 -73.34 -69.26 33.46
CA PRO L 436 -73.84 -70.02 32.30
C PRO L 436 -73.15 -71.35 32.10
N ASP L 437 -71.97 -71.54 32.67
CA ASP L 437 -71.21 -72.78 32.52
C ASP L 437 -70.84 -73.31 33.90
N SER L 438 -70.34 -74.53 33.92
CA SER L 438 -69.99 -75.18 35.18
C SER L 438 -68.63 -74.73 35.65
N VAL L 439 -68.35 -74.95 36.93
CA VAL L 439 -67.07 -74.64 37.53
C VAL L 439 -66.62 -75.85 38.33
N GLN L 440 -65.32 -75.98 38.54
CA GLN L 440 -64.79 -77.12 39.28
C GLN L 440 -65.39 -77.18 40.68
N LYS L 441 -66.18 -78.20 40.93
CA LYS L 441 -66.66 -78.59 42.26
C LYS L 441 -67.47 -77.49 42.96
N PHE L 442 -67.95 -76.48 42.22
CA PHE L 442 -68.86 -75.50 42.80
C PHE L 442 -70.22 -75.51 42.12
N ALA L 443 -70.27 -75.32 40.81
CA ALA L 443 -71.53 -75.18 40.08
C ALA L 443 -71.73 -76.42 39.22
N MET L 444 -72.42 -77.42 39.78
CA MET L 444 -72.61 -78.69 39.11
C MET L 444 -74.07 -79.02 38.82
N GLU L 445 -75.02 -78.42 39.52
CA GLU L 445 -76.43 -78.67 39.28
C GLU L 445 -76.93 -77.72 38.20
N MET L 446 -77.92 -78.19 37.44
CA MET L 446 -78.30 -77.57 36.17
C MET L 446 -79.72 -77.02 36.22
N TYR L 447 -79.95 -75.97 35.44
CA TYR L 447 -81.29 -75.43 35.21
C TYR L 447 -81.43 -75.09 33.74
N GLY L 448 -82.59 -75.41 33.17
CA GLY L 448 -82.85 -75.16 31.77
C GLY L 448 -84.17 -74.45 31.58
N VAL L 449 -84.24 -73.65 30.52
CA VAL L 449 -85.40 -72.83 30.22
C VAL L 449 -86.07 -73.37 28.96
N SER L 450 -87.39 -73.53 29.02
CA SER L 450 -88.20 -73.91 27.87
C SER L 450 -89.51 -73.14 27.91
N LYS L 451 -90.01 -72.77 26.73
CA LYS L 451 -91.20 -71.95 26.60
C LYS L 451 -92.11 -72.51 25.52
N VAL L 452 -93.41 -72.42 25.74
CA VAL L 452 -94.39 -72.91 24.76
C VAL L 452 -94.80 -71.74 23.87
N PRO L 453 -94.60 -71.83 22.55
CA PRO L 453 -94.94 -70.68 21.69
C PRO L 453 -96.39 -70.26 21.77
N THR L 454 -97.31 -71.23 21.85
CA THR L 454 -98.73 -70.90 21.83
C THR L 454 -99.12 -70.11 23.08
N ARG L 455 -98.63 -70.53 24.24
CA ARG L 455 -98.93 -69.88 25.51
C ARG L 455 -97.65 -69.74 26.31
N ASN L 456 -97.43 -68.56 26.87
CA ASN L 456 -96.19 -68.26 27.56
C ASN L 456 -96.19 -68.87 28.95
N TYR L 457 -96.31 -70.19 29.02
CA TYR L 457 -96.21 -70.92 30.28
C TYR L 457 -94.73 -71.25 30.48
N MET L 458 -94.06 -70.46 31.31
CA MET L 458 -92.65 -70.69 31.56
C MET L 458 -92.42 -72.14 31.98
N ARG L 459 -91.56 -72.83 31.23
CA ARG L 459 -91.22 -74.22 31.49
C ARG L 459 -89.73 -74.27 31.77
N VAL L 460 -89.37 -74.02 33.02
CA VAL L 460 -87.99 -74.11 33.50
C VAL L 460 -87.88 -75.38 34.32
N TYR L 461 -86.88 -76.20 34.01
CA TYR L 461 -86.75 -77.50 34.64
C TYR L 461 -85.27 -77.85 34.78
N ALA L 462 -85.00 -78.87 35.58
CA ALA L 462 -83.65 -79.37 35.77
C ALA L 462 -83.23 -80.14 34.52
N ALA L 463 -82.52 -79.48 33.61
CA ALA L 463 -82.17 -80.06 32.33
C ALA L 463 -80.97 -81.00 32.49
N ASP L 464 -80.51 -81.50 31.34
CA ASP L 464 -79.37 -82.47 31.35
C ASP L 464 -78.42 -82.07 30.22
N GLN L 465 -77.23 -82.66 30.18
CA GLN L 465 -76.30 -82.38 29.09
C GLN L 465 -76.88 -82.80 27.75
N SER L 466 -77.79 -83.78 27.79
CA SER L 466 -78.45 -84.25 26.54
C SER L 466 -79.55 -83.27 26.12
N ASP L 467 -80.19 -82.62 27.09
CA ASP L 467 -81.21 -81.58 26.75
C ASP L 467 -80.53 -80.54 25.86
N ILE L 468 -79.26 -80.25 26.12
CA ILE L 468 -78.49 -79.32 25.25
C ILE L 468 -78.33 -80.00 23.88
N GLU L 469 -77.77 -81.21 23.85
CA GLU L 469 -77.54 -81.95 22.58
C GLU L 469 -78.82 -81.92 21.74
N ASN L 470 -79.93 -82.42 22.29
CA ASN L 470 -81.23 -82.39 21.56
C ASN L 470 -82.15 -81.36 22.21
N PRO L 471 -82.18 -80.10 21.72
CA PRO L 471 -82.97 -79.01 22.36
C PRO L 471 -84.43 -79.03 21.92
N ARG L 472 -85.34 -78.75 22.85
CA ARG L 472 -86.75 -78.67 22.51
C ARG L 472 -87.06 -77.33 21.85
N PRO L 473 -88.20 -77.21 21.17
CA PRO L 473 -88.53 -75.93 20.52
C PRO L 473 -88.59 -74.79 21.52
N TYR L 474 -88.10 -73.61 21.13
CA TYR L 474 -88.22 -72.40 22.00
C TYR L 474 -87.51 -72.58 23.35
N GLN L 475 -86.52 -73.49 23.42
CA GLN L 475 -85.75 -73.61 24.65
C GLN L 475 -84.63 -72.59 24.60
N ARG L 476 -84.69 -71.60 25.50
CA ARG L 476 -83.84 -70.42 25.35
C ARG L 476 -82.42 -70.67 25.84
N PHE L 477 -82.26 -70.96 27.13
CA PHE L 477 -80.92 -71.02 27.71
C PHE L 477 -80.92 -71.99 28.88
N TRP L 478 -79.73 -72.47 29.23
CA TRP L 478 -79.52 -73.37 30.35
C TRP L 478 -78.35 -72.86 31.18
N PHE L 479 -78.45 -73.04 32.49
CA PHE L 479 -77.49 -72.45 33.43
C PHE L 479 -77.26 -73.40 34.59
N TYR L 480 -76.07 -73.27 35.18
CA TYR L 480 -75.66 -74.08 36.32
C TYR L 480 -75.71 -73.24 37.59
N VAL L 481 -76.19 -73.84 38.67
CA VAL L 481 -76.31 -73.18 39.96
C VAL L 481 -75.38 -73.88 40.95
N PRO L 482 -74.83 -73.16 41.94
CA PRO L 482 -73.89 -73.80 42.87
C PRO L 482 -74.50 -74.98 43.59
N SER L 483 -73.67 -76.01 43.80
CA SER L 483 -74.08 -77.21 44.51
C SER L 483 -73.82 -77.03 45.99
N ALA L 484 -74.84 -77.30 46.81
CA ALA L 484 -74.72 -77.16 48.26
C ALA L 484 -73.80 -78.21 48.87
N ASN L 485 -73.41 -79.22 48.11
CA ASN L 485 -72.53 -80.28 48.62
C ASN L 485 -71.09 -79.81 48.81
N SER L 486 -70.73 -78.63 48.33
CA SER L 486 -69.37 -78.15 48.48
C SER L 486 -69.04 -77.99 49.96
N PRO L 487 -67.86 -78.41 50.42
CA PRO L 487 -67.53 -78.29 51.84
C PRO L 487 -67.10 -76.87 52.18
N PRO L 488 -67.68 -76.27 53.24
CA PRO L 488 -67.28 -74.91 53.59
C PRO L 488 -66.03 -74.88 54.48
N GLY M 2 -49.72 -47.61 34.02
CA GLY M 2 -49.19 -46.25 34.12
C GLY M 2 -48.42 -45.85 32.89
N GLU M 3 -49.13 -45.42 31.85
CA GLU M 3 -48.49 -44.94 30.64
C GLU M 3 -49.04 -43.59 30.20
N VAL M 4 -50.28 -43.29 30.60
CA VAL M 4 -50.91 -42.02 30.26
C VAL M 4 -51.56 -41.45 31.51
N VAL M 5 -51.82 -40.15 31.47
CA VAL M 5 -52.46 -39.46 32.59
C VAL M 5 -53.22 -38.25 32.05
N PRO M 6 -54.43 -37.98 32.54
CA PRO M 6 -55.16 -36.80 32.07
C PRO M 6 -54.40 -35.52 32.36
N TYR M 7 -54.53 -34.56 31.45
CA TYR M 7 -53.81 -33.30 31.58
C TYR M 7 -54.23 -32.58 32.86
N LYS M 8 -53.25 -32.07 33.60
CA LYS M 8 -53.50 -31.25 34.77
C LYS M 8 -52.82 -29.91 34.57
N ALA M 9 -53.57 -28.83 34.74
CA ALA M 9 -53.06 -27.51 34.39
C ALA M 9 -51.78 -27.22 35.17
N GLY M 10 -50.86 -26.51 34.52
CA GLY M 10 -49.57 -26.23 35.08
C GLY M 10 -48.50 -27.24 34.74
N MET M 11 -48.86 -28.36 34.12
CA MET M 11 -47.88 -29.37 33.77
C MET M 11 -46.82 -28.78 32.87
N GLN M 12 -45.56 -29.11 33.16
CA GLN M 12 -44.43 -28.65 32.38
C GLN M 12 -43.71 -29.89 31.84
N ARG M 13 -43.43 -29.89 30.54
CA ARG M 13 -42.77 -31.03 29.93
C ARG M 13 -41.45 -31.31 30.65
N GLY M 14 -41.21 -32.57 30.96
CA GLY M 14 -39.97 -32.97 31.60
C GLY M 14 -39.97 -32.67 33.08
N GLN M 15 -40.91 -33.26 33.82
CA GLN M 15 -40.99 -33.09 35.26
C GLN M 15 -41.35 -34.42 35.90
N GLY M 16 -40.95 -34.57 37.17
CA GLY M 16 -41.26 -35.78 37.88
C GLY M 16 -42.74 -35.91 38.15
N TYR M 17 -43.18 -37.17 38.32
CA TYR M 17 -44.58 -37.47 38.56
C TYR M 17 -44.65 -38.61 39.57
N ASN M 18 -45.19 -38.32 40.75
CA ASN M 18 -45.39 -39.33 41.78
C ASN M 18 -46.65 -40.10 41.43
N THR M 19 -46.49 -41.24 40.76
CA THR M 19 -47.65 -41.93 40.20
C THR M 19 -48.65 -42.36 41.26
N TYR M 20 -48.19 -42.64 42.48
CA TYR M 20 -49.10 -43.00 43.55
C TYR M 20 -49.94 -41.81 43.99
N LEU M 21 -49.28 -40.74 44.45
CA LEU M 21 -50.00 -39.54 44.88
C LEU M 21 -50.57 -38.76 43.71
N GLN M 22 -50.22 -39.11 42.47
CA GLN M 22 -50.74 -38.44 41.27
C GLN M 22 -50.49 -36.93 41.33
N SER M 23 -49.46 -36.53 42.06
CA SER M 23 -49.11 -35.12 42.19
C SER M 23 -48.04 -34.78 41.16
N LEU M 24 -47.52 -33.55 41.24
CA LEU M 24 -46.47 -33.09 40.36
C LEU M 24 -45.18 -32.92 41.15
N CYS M 25 -44.06 -33.21 40.50
CA CYS M 25 -42.76 -33.14 41.16
C CYS M 25 -41.80 -32.28 40.36
N VAL M 26 -40.52 -32.30 40.72
CA VAL M 26 -39.55 -31.31 40.23
C VAL M 26 -39.70 -31.13 38.74
N LYS M 27 -39.59 -29.89 38.29
CA LYS M 27 -39.68 -29.56 36.88
C LYS M 27 -38.28 -29.43 36.30
N ASP M 28 -38.13 -29.86 35.04
CA ASP M 28 -36.88 -29.74 34.30
C ASP M 28 -35.85 -30.75 34.77
N ALA M 29 -36.29 -31.91 35.25
CA ALA M 29 -35.36 -33.00 35.51
C ALA M 29 -34.89 -33.64 34.22
N VAL M 30 -35.72 -33.60 33.17
CA VAL M 30 -35.41 -34.22 31.89
C VAL M 30 -35.52 -33.14 30.82
N THR M 31 -34.46 -33.01 30.02
CA THR M 31 -34.44 -32.09 28.89
C THR M 31 -34.63 -32.91 27.62
N ILE M 32 -35.62 -32.53 26.83
CA ILE M 32 -35.92 -33.19 25.55
C ILE M 32 -35.50 -32.25 24.44
N GLU M 33 -34.57 -32.70 23.60
CA GLU M 33 -34.11 -31.94 22.46
C GLU M 33 -34.90 -32.35 21.23
N ARG M 34 -35.58 -31.39 20.61
CA ARG M 34 -36.30 -31.63 19.37
C ARG M 34 -35.30 -31.55 18.23
N HIS M 35 -34.77 -32.70 17.81
CA HIS M 35 -33.79 -32.71 16.73
C HIS M 35 -34.40 -32.17 15.44
N ASP M 36 -35.62 -32.58 15.13
CA ASP M 36 -36.30 -32.18 13.90
C ASP M 36 -37.58 -31.45 14.26
N ASP M 37 -37.81 -30.31 13.62
CA ASP M 37 -39.01 -29.51 13.85
C ASP M 37 -40.09 -29.97 12.88
N SER M 38 -40.96 -30.86 13.34
CA SER M 38 -42.04 -31.37 12.51
C SER M 38 -43.13 -31.95 13.40
N ASN M 39 -44.38 -31.66 13.07
CA ASN M 39 -45.48 -32.18 13.85
C ASN M 39 -45.58 -33.70 13.68
N PRO M 40 -45.98 -34.42 14.72
CA PRO M 40 -46.00 -35.88 14.65
C PRO M 40 -47.16 -36.37 13.80
N PRO M 41 -47.14 -37.64 13.41
CA PRO M 41 -48.26 -38.20 12.64
C PRO M 41 -49.56 -38.16 13.44
N PHE M 42 -50.67 -37.99 12.74
CA PHE M 42 -51.95 -37.76 13.38
C PHE M 42 -53.03 -38.65 12.78
N LYS M 43 -54.08 -38.87 13.55
CA LYS M 43 -55.21 -39.69 13.16
C LYS M 43 -56.48 -38.84 13.20
N LYS M 44 -57.27 -38.91 12.13
CA LYS M 44 -58.45 -38.08 11.99
C LYS M 44 -59.72 -38.91 11.93
N GLU M 45 -60.82 -38.32 12.40
CA GLU M 45 -62.15 -38.89 12.26
C GLU M 45 -63.10 -37.79 11.82
N TYR M 46 -64.19 -38.18 11.16
CA TYR M 46 -65.17 -37.20 10.67
C TYR M 46 -66.51 -37.92 10.51
N TYR M 47 -67.40 -37.72 11.47
CA TYR M 47 -68.77 -38.22 11.41
C TYR M 47 -69.69 -37.05 11.12
N SER M 48 -70.47 -37.14 10.05
CA SER M 48 -71.32 -36.04 9.61
C SER M 48 -72.73 -36.54 9.31
N GLU M 49 -73.72 -35.71 9.64
CA GLU M 49 -75.12 -35.99 9.36
C GLU M 49 -75.78 -34.73 8.82
N PHE M 50 -76.60 -34.88 7.79
CA PHE M 50 -77.37 -33.78 7.22
C PHE M 50 -78.80 -34.27 7.07
N ILE M 51 -79.62 -34.00 8.08
CA ILE M 51 -80.96 -34.58 8.13
C ILE M 51 -81.84 -33.97 7.04
N GLU M 52 -82.92 -34.69 6.72
CA GLU M 52 -83.72 -34.40 5.54
C GLU M 52 -84.17 -32.94 5.51
N GLU M 53 -84.54 -32.50 4.31
CA GLU M 53 -85.15 -31.18 4.13
C GLU M 53 -86.65 -31.39 4.10
N TYR M 54 -87.31 -31.14 5.23
CA TYR M 54 -88.74 -31.34 5.35
C TYR M 54 -89.44 -30.25 4.52
N GLU M 55 -89.48 -30.50 3.20
CA GLU M 55 -90.13 -29.53 2.28
C GLU M 55 -91.57 -29.99 2.03
N LYS M 56 -92.53 -29.24 2.53
CA LYS M 56 -93.95 -29.60 2.41
C LYS M 56 -94.71 -28.35 1.97
N ILE M 57 -95.20 -28.35 0.73
CA ILE M 57 -96.08 -27.31 0.24
C ILE M 57 -97.47 -27.90 0.14
N ALA M 58 -98.42 -27.30 0.86
CA ALA M 58 -99.83 -27.61 0.73
C ALA M 58 -100.55 -26.33 0.33
N LYS M 59 -101.29 -26.38 -0.77
CA LYS M 59 -101.87 -25.19 -1.36
C LYS M 59 -103.34 -25.44 -1.69
N SER M 60 -104.15 -24.39 -1.59
CA SER M 60 -105.59 -24.51 -1.74
C SER M 60 -106.09 -23.61 -2.87
N MET M 61 -107.07 -24.11 -3.62
CA MET M 61 -107.70 -23.27 -4.69
C MET M 61 -109.19 -23.65 -4.76
N ARG M 62 -110.04 -22.89 -4.07
CA ARG M 62 -111.48 -23.12 -3.97
C ARG M 62 -112.22 -21.98 -4.64
N ILE M 63 -112.98 -22.31 -5.68
CA ILE M 63 -113.76 -21.33 -6.42
C ILE M 63 -115.21 -21.79 -6.45
N SER M 64 -116.12 -20.84 -6.42
CA SER M 64 -117.55 -21.15 -6.46
C SER M 64 -118.28 -19.93 -6.99
N ALA M 65 -119.03 -20.11 -8.09
CA ALA M 65 -119.80 -19.03 -8.67
C ALA M 65 -121.00 -19.60 -9.39
N GLY M 66 -122.07 -18.82 -9.45
CA GLY M 66 -123.29 -19.23 -10.12
C GLY M 66 -124.44 -18.28 -9.86
N VAL M 78 -127.91 -11.69 -9.77
CA VAL M 78 -127.47 -12.15 -8.47
C VAL M 78 -126.46 -13.26 -8.63
N ASN M 79 -125.26 -12.91 -9.09
CA ASN M 79 -124.17 -13.85 -9.29
C ASN M 79 -123.11 -13.63 -8.23
N VAL M 80 -122.69 -14.71 -7.58
CA VAL M 80 -121.73 -14.64 -6.49
C VAL M 80 -120.44 -15.33 -6.92
N ASP M 81 -119.35 -14.95 -6.28
CA ASP M 81 -118.03 -15.53 -6.54
C ASP M 81 -117.32 -15.78 -5.22
N ILE M 82 -116.54 -16.85 -5.17
CA ILE M 82 -115.71 -17.16 -4.01
C ILE M 82 -114.35 -17.63 -4.53
N LEU M 83 -113.28 -17.07 -3.98
CA LEU M 83 -111.92 -17.36 -4.44
C LEU M 83 -111.03 -17.46 -3.20
N ASN M 84 -110.75 -18.67 -2.76
CA ASN M 84 -109.99 -18.90 -1.53
C ASN M 84 -108.68 -19.60 -1.84
N ARG M 85 -107.59 -19.09 -1.27
CA ARG M 85 -106.27 -19.65 -1.45
C ARG M 85 -105.63 -19.94 -0.11
N SER M 86 -104.65 -20.84 -0.13
CA SER M 86 -103.83 -21.10 1.05
C SER M 86 -102.49 -21.62 0.58
N GLU M 87 -101.51 -21.58 1.48
CA GLU M 87 -100.17 -22.05 1.15
C GLU M 87 -99.43 -22.31 2.45
N PHE M 88 -99.00 -23.55 2.65
CA PHE M 88 -98.27 -23.94 3.85
C PHE M 88 -96.93 -24.52 3.43
N GLU M 89 -95.85 -23.92 3.93
CA GLU M 89 -94.50 -24.34 3.59
C GLU M 89 -93.78 -24.79 4.85
N THR M 90 -92.91 -25.78 4.70
CA THR M 90 -92.10 -26.27 5.80
C THR M 90 -90.70 -26.56 5.29
N SER M 91 -89.70 -26.35 6.15
CA SER M 91 -88.32 -26.65 5.79
C SER M 91 -87.53 -26.84 7.08
N THR M 92 -87.31 -28.10 7.45
CA THR M 92 -86.50 -28.43 8.62
C THR M 92 -85.18 -29.00 8.14
N LEU M 93 -84.10 -28.24 8.34
CA LEU M 93 -82.76 -28.69 8.03
C LEU M 93 -82.00 -28.85 9.34
N THR M 94 -81.29 -29.97 9.48
CA THR M 94 -80.46 -30.20 10.66
C THR M 94 -79.10 -30.71 10.19
N TYR M 95 -78.07 -30.41 10.98
CA TYR M 95 -76.72 -30.79 10.63
C TYR M 95 -75.97 -31.16 11.90
N GLU M 96 -74.93 -31.97 11.74
CA GLU M 96 -74.11 -32.38 12.87
C GLU M 96 -72.82 -33.02 12.39
N VAL M 97 -71.69 -32.57 12.91
CA VAL M 97 -70.40 -33.18 12.63
C VAL M 97 -69.66 -33.39 13.94
N LYS M 98 -68.66 -34.27 13.88
CA LYS M 98 -67.82 -34.55 15.05
C LYS M 98 -66.45 -34.99 14.54
N VAL M 99 -65.48 -34.08 14.63
CA VAL M 99 -64.14 -34.32 14.10
C VAL M 99 -63.20 -34.56 15.28
N LEU M 100 -62.52 -35.70 15.26
CA LEU M 100 -61.56 -36.05 16.30
C LEU M 100 -60.18 -36.21 15.67
N VAL M 101 -59.20 -35.50 16.22
CA VAL M 101 -57.82 -35.54 15.74
C VAL M 101 -56.93 -35.93 16.91
N GLN M 102 -56.09 -36.94 16.70
CA GLN M 102 -55.17 -37.40 17.73
C GLN M 102 -53.79 -37.56 17.12
N HIS M 103 -52.81 -36.87 17.68
CA HIS M 103 -51.44 -36.92 17.20
C HIS M 103 -50.73 -38.10 17.84
N GLN M 104 -49.43 -38.23 17.59
CA GLN M 104 -48.61 -39.24 18.24
C GLN M 104 -47.35 -38.60 18.80
N VAL M 105 -46.49 -39.38 19.45
CA VAL M 105 -45.27 -38.88 20.04
C VAL M 105 -44.11 -39.20 19.10
N SER M 106 -43.33 -38.19 18.76
CA SER M 106 -42.25 -38.38 17.81
C SER M 106 -41.23 -39.37 18.36
N VAL M 107 -40.65 -40.16 17.45
CA VAL M 107 -39.72 -41.22 17.83
C VAL M 107 -38.27 -40.82 17.64
N LEU M 108 -38.00 -39.59 17.20
CA LEU M 108 -36.65 -39.15 16.88
C LEU M 108 -36.18 -38.04 17.81
N ASP M 109 -36.48 -38.17 19.10
CA ASP M 109 -36.06 -37.21 20.11
C ASP M 109 -35.06 -37.86 21.06
N LYS M 110 -34.30 -37.03 21.75
CA LYS M 110 -33.30 -37.48 22.71
C LYS M 110 -33.73 -37.05 24.10
N HIS M 111 -33.63 -37.97 25.05
CA HIS M 111 -34.02 -37.73 26.44
C HIS M 111 -32.79 -37.79 27.33
N SER M 112 -32.65 -36.81 28.22
CA SER M 112 -31.52 -36.72 29.12
C SER M 112 -32.02 -36.51 30.54
N PHE M 113 -31.13 -36.70 31.50
CA PHE M 113 -31.46 -36.58 32.92
C PHE M 113 -30.52 -35.59 33.59
N ASN M 114 -31.09 -34.56 34.19
CA ASN M 114 -30.33 -33.52 34.86
C ASN M 114 -30.33 -33.78 36.36
N LYS M 115 -29.23 -33.43 37.02
CA LYS M 115 -29.03 -33.76 38.42
C LYS M 115 -29.46 -32.60 39.31
N ILE M 116 -30.33 -32.90 40.27
CA ILE M 116 -30.69 -31.96 41.33
C ILE M 116 -30.24 -32.56 42.65
N GLN M 117 -29.47 -31.80 43.42
CA GLN M 117 -28.89 -32.30 44.66
C GLN M 117 -29.93 -32.20 45.77
N THR M 118 -30.30 -33.34 46.34
CA THR M 118 -31.30 -33.40 47.40
C THR M 118 -30.95 -34.54 48.34
N THR M 119 -31.31 -34.38 49.61
CA THR M 119 -31.17 -35.47 50.57
C THR M 119 -32.29 -36.50 50.44
N THR M 120 -33.36 -36.15 49.72
CA THR M 120 -34.50 -37.03 49.51
C THR M 120 -34.85 -37.06 48.04
N PRO M 121 -33.98 -37.64 47.20
CA PRO M 121 -34.25 -37.63 45.75
C PRO M 121 -35.54 -38.34 45.39
N HIS M 122 -36.02 -39.24 46.25
CA HIS M 122 -37.24 -39.98 45.95
C HIS M 122 -38.45 -39.05 45.92
N ALA M 123 -38.57 -38.17 46.91
CA ALA M 123 -39.71 -37.28 46.97
C ALA M 123 -39.58 -36.10 46.02
N THR M 124 -38.36 -35.80 45.57
CA THR M 124 -38.17 -34.70 44.62
C THR M 124 -38.38 -35.18 43.18
N TYR M 125 -37.66 -36.24 42.80
CA TYR M 125 -37.78 -36.75 41.43
C TYR M 125 -39.09 -37.49 41.21
N GLY M 126 -39.48 -38.31 42.17
CA GLY M 126 -40.69 -39.12 42.03
C GLY M 126 -40.39 -40.48 41.43
N ASP M 127 -41.24 -40.93 40.51
CA ASP M 127 -41.04 -42.20 39.82
C ASP M 127 -40.86 -42.02 38.32
N ARG M 128 -41.75 -41.30 37.66
CA ARG M 128 -41.74 -41.18 36.20
C ARG M 128 -41.81 -39.71 35.80
N PHE M 129 -41.29 -39.43 34.61
CA PHE M 129 -41.20 -38.08 34.08
C PHE M 129 -42.11 -37.93 32.86
N ILE M 130 -42.41 -36.67 32.53
CA ILE M 130 -43.32 -36.34 31.44
C ILE M 130 -42.48 -36.14 30.19
N ALA M 131 -42.46 -37.16 29.32
CA ALA M 131 -41.60 -37.11 28.15
C ALA M 131 -42.21 -36.26 27.05
N ASP M 132 -43.38 -36.66 26.55
CA ASP M 132 -44.04 -35.96 25.47
C ASP M 132 -45.53 -35.87 25.78
N PHE M 133 -46.17 -34.84 25.25
CA PHE M 133 -47.59 -34.61 25.47
C PHE M 133 -48.37 -35.12 24.26
N ILE M 134 -49.35 -35.97 24.52
CA ILE M 134 -50.24 -36.44 23.47
C ILE M 134 -51.21 -35.32 23.11
N LYS M 135 -51.16 -34.88 21.86
CA LYS M 135 -51.95 -33.73 21.42
C LYS M 135 -53.10 -34.19 20.53
N GLY M 136 -54.10 -33.33 20.41
CA GLY M 136 -55.27 -33.65 19.62
C GLY M 136 -56.20 -32.47 19.41
N GLY M 137 -57.45 -32.76 19.05
CA GLY M 137 -58.42 -31.72 18.81
C GLY M 137 -59.81 -32.31 18.76
N HIS M 138 -60.80 -31.42 18.66
CA HIS M 138 -62.19 -31.85 18.73
C HIS M 138 -63.07 -30.85 18.00
N PHE M 139 -64.18 -31.34 17.45
CA PHE M 139 -65.16 -30.47 16.81
C PHE M 139 -66.55 -31.03 17.10
N TYR M 140 -67.52 -30.13 17.15
CA TYR M 140 -68.90 -30.53 17.45
C TYR M 140 -69.82 -29.40 17.00
N ALA M 141 -70.66 -29.67 16.01
CA ALA M 141 -71.52 -28.63 15.45
C ALA M 141 -72.94 -29.16 15.36
N ARG M 142 -73.90 -28.25 15.48
CA ARG M 142 -75.31 -28.56 15.31
C ARG M 142 -76.00 -27.34 14.70
N VAL M 143 -76.63 -27.52 13.56
CA VAL M 143 -77.44 -26.49 12.94
C VAL M 143 -78.88 -26.99 12.93
N SER M 144 -79.81 -26.12 13.32
CA SER M 144 -81.23 -26.45 13.35
C SER M 144 -81.97 -25.30 12.66
N ILE M 145 -82.11 -25.40 11.34
CA ILE M 145 -82.84 -24.40 10.57
C ILE M 145 -84.31 -24.77 10.59
N THR M 146 -85.15 -23.95 11.21
CA THR M 146 -86.59 -24.26 11.36
C THR M 146 -87.30 -23.94 10.06
N ALA M 147 -88.58 -24.32 9.95
CA ALA M 147 -89.41 -24.12 8.74
C ALA M 147 -89.62 -22.63 8.44
N LYS M 148 -90.21 -22.33 7.28
CA LYS M 148 -90.57 -20.94 6.95
C LYS M 148 -92.02 -20.76 7.43
N ASN M 149 -92.83 -21.81 7.38
CA ASN M 149 -94.25 -21.73 7.69
C ASN M 149 -94.91 -20.61 6.90
N SER M 150 -94.63 -20.57 5.61
CA SER M 150 -95.32 -19.63 4.73
C SER M 150 -96.81 -19.88 4.83
N SER M 151 -97.58 -18.78 4.93
CA SER M 151 -99.02 -18.89 5.16
C SER M 151 -99.79 -17.99 4.20
N GLU M 152 -99.48 -18.03 2.91
CA GLU M 152 -100.19 -17.24 1.93
C GLU M 152 -101.65 -17.71 1.88
N THR M 153 -102.56 -16.81 2.23
CA THR M 153 -103.99 -17.08 2.14
C THR M 153 -104.70 -15.87 1.55
N SER M 154 -105.89 -16.08 1.02
CA SER M 154 -106.67 -15.00 0.43
C SER M 154 -108.10 -15.45 0.19
N GLU M 155 -109.00 -14.48 0.12
CA GLU M 155 -110.41 -14.73 -0.12
C GLU M 155 -110.95 -13.60 -0.97
N LEU M 156 -111.96 -13.88 -1.78
CA LEU M 156 -112.61 -12.87 -2.61
C LEU M 156 -114.09 -13.19 -2.69
N LYS M 157 -114.91 -12.15 -2.87
CA LYS M 157 -116.37 -12.28 -2.87
C LYS M 157 -116.96 -11.21 -3.79
N GLN M 158 -117.49 -11.64 -4.95
CA GLN M 158 -118.09 -10.72 -5.92
C GLN M 158 -119.57 -11.06 -6.07
N SER M 159 -120.40 -10.32 -5.32
CA SER M 159 -121.85 -10.46 -5.43
C SER M 159 -122.38 -9.46 -6.44
N ALA M 160 -122.91 -9.97 -7.55
CA ALA M 160 -123.44 -9.12 -8.61
C ALA M 160 -122.41 -8.12 -9.09
N THR M 174 -125.54 -3.12 -8.07
CA THR M 174 -125.01 -3.62 -6.80
C THR M 174 -123.74 -4.44 -7.00
N GLN M 175 -122.77 -4.23 -6.12
CA GLN M 175 -121.47 -4.88 -6.24
C GLN M 175 -120.90 -5.07 -4.84
N GLU M 176 -119.96 -6.01 -4.72
CA GLU M 176 -119.33 -6.29 -3.45
C GLU M 176 -117.98 -6.93 -3.68
N VAL M 177 -116.99 -6.50 -2.92
CA VAL M 177 -115.64 -7.06 -2.95
C VAL M 177 -115.16 -7.23 -1.52
N GLU M 178 -114.52 -8.38 -1.24
CA GLU M 178 -114.07 -8.71 0.11
C GLU M 178 -112.75 -9.48 -0.02
N ARG M 179 -111.63 -8.79 0.25
CA ARG M 179 -110.32 -9.40 0.21
C ARG M 179 -109.59 -9.32 1.56
N ALA M 180 -110.33 -9.36 2.66
CA ALA M 180 -109.73 -9.24 3.98
C ALA M 180 -109.18 -10.58 4.46
N VAL M 181 -108.33 -11.19 3.65
CA VAL M 181 -107.64 -12.42 4.03
C VAL M 181 -106.25 -12.38 3.41
N SER M 182 -105.22 -12.41 4.25
CA SER M 182 -103.84 -12.39 3.79
C SER M 182 -102.92 -12.61 4.98
N SER M 183 -101.91 -13.46 4.78
CA SER M 183 -100.95 -13.75 5.84
C SER M 183 -99.66 -14.22 5.18
N ILE M 184 -98.56 -14.16 5.93
CA ILE M 184 -97.23 -14.46 5.41
C ILE M 184 -96.50 -15.36 6.40
N LYS M 185 -95.34 -15.84 5.97
CA LYS M 185 -94.52 -16.75 6.77
C LYS M 185 -94.15 -16.13 8.11
N ARG M 186 -94.06 -16.98 9.12
CA ARG M 186 -93.48 -16.57 10.39
C ARG M 186 -92.78 -17.80 10.97
N ASN M 187 -91.53 -18.00 10.57
CA ASN M 187 -90.63 -18.92 11.25
C ASN M 187 -89.23 -18.82 10.65
N ALA M 188 -88.23 -18.62 11.50
CA ALA M 188 -86.84 -18.71 11.05
C ALA M 188 -85.97 -18.88 12.30
N SER M 189 -85.57 -20.11 12.57
CA SER M 189 -84.76 -20.43 13.74
C SER M 189 -83.44 -21.02 13.28
N VAL M 190 -82.34 -20.43 13.72
CA VAL M 190 -81.01 -20.92 13.40
C VAL M 190 -80.30 -21.14 14.74
N LYS M 191 -80.29 -22.37 15.23
CA LYS M 191 -79.56 -22.73 16.42
C LYS M 191 -78.22 -23.32 16.01
N ILE M 192 -77.14 -22.66 16.43
CA ILE M 192 -75.78 -23.10 16.12
C ILE M 192 -75.04 -23.32 17.42
N THR M 193 -74.44 -24.49 17.58
CA THR M 193 -73.52 -24.76 18.67
C THR M 193 -72.22 -25.27 18.05
N ILE M 194 -71.10 -24.65 18.41
CA ILE M 194 -69.80 -25.05 17.89
C ILE M 194 -68.87 -25.21 19.08
N ILE M 195 -68.30 -26.41 19.25
CA ILE M 195 -67.37 -26.69 20.33
C ILE M 195 -66.06 -27.13 19.70
N GLU M 196 -64.99 -26.38 19.97
CA GLU M 196 -63.72 -26.59 19.31
C GLU M 196 -62.60 -26.66 20.32
N SER M 197 -61.59 -27.47 19.98
CA SER M 197 -60.34 -27.57 20.75
C SER M 197 -59.22 -27.60 19.71
N THR M 198 -58.71 -26.43 19.34
CA THR M 198 -57.72 -26.34 18.28
C THR M 198 -56.52 -25.53 18.75
N GLY M 199 -55.61 -25.21 17.82
CA GLY M 199 -54.40 -24.48 18.16
C GLY M 199 -54.16 -23.34 17.19
N THR M 200 -53.32 -22.41 17.64
CA THR M 200 -52.99 -21.24 16.84
C THR M 200 -52.02 -21.61 15.73
N SER M 201 -52.05 -20.82 14.66
CA SER M 201 -51.13 -21.04 13.55
C SER M 201 -49.70 -20.75 13.98
N SER M 216 -77.23 -19.09 4.61
CA SER M 216 -76.18 -20.02 4.25
C SER M 216 -75.42 -20.47 5.49
N ASP M 217 -76.12 -20.49 6.63
CA ASP M 217 -75.44 -20.89 7.87
C ASP M 217 -75.10 -22.38 7.85
N LEU M 218 -75.86 -23.19 7.14
CA LEU M 218 -75.51 -24.60 6.99
C LEU M 218 -74.17 -24.75 6.26
N LEU M 219 -73.96 -23.97 5.21
CA LEU M 219 -72.70 -24.03 4.48
C LEU M 219 -71.56 -23.44 5.29
N ALA M 220 -71.81 -22.38 6.06
CA ALA M 220 -70.75 -21.76 6.84
C ALA M 220 -70.18 -22.74 7.85
N VAL M 221 -71.05 -23.48 8.55
CA VAL M 221 -70.57 -24.49 9.48
C VAL M 221 -69.79 -25.57 8.73
N LYS M 222 -70.23 -25.90 7.52
CA LYS M 222 -69.56 -26.94 6.74
C LYS M 222 -68.13 -26.54 6.40
N GLU M 223 -67.93 -25.29 6.00
CA GLU M 223 -66.59 -24.86 5.62
C GLU M 223 -65.63 -24.94 6.81
N LYS M 224 -66.05 -24.47 7.98
CA LYS M 224 -65.22 -24.63 9.17
C LYS M 224 -65.03 -26.10 9.50
N ALA M 225 -66.08 -26.91 9.33
CA ALA M 225 -65.95 -28.34 9.56
C ALA M 225 -64.99 -28.97 8.57
N ASP M 226 -65.11 -28.63 7.29
CA ASP M 226 -64.19 -29.17 6.29
C ASP M 226 -62.80 -28.56 6.43
N GLN M 227 -62.74 -27.23 6.63
CA GLN M 227 -61.44 -26.61 6.86
C GLN M 227 -60.74 -27.21 8.06
N PHE M 228 -61.50 -27.66 9.05
CA PHE M 228 -60.87 -28.32 10.19
C PHE M 228 -60.14 -29.58 9.74
N TYR M 229 -60.81 -30.35 8.87
CA TYR M 229 -60.19 -31.57 8.31
C TYR M 229 -58.91 -31.15 7.61
N LYS M 230 -59.00 -30.22 6.64
CA LYS M 230 -57.82 -29.80 5.90
C LYS M 230 -56.81 -29.12 6.82
N ASP M 231 -57.29 -28.40 7.83
CA ASP M 231 -56.38 -27.71 8.74
C ASP M 231 -55.48 -28.69 9.46
N ALA M 232 -55.98 -29.86 9.83
CA ALA M 232 -55.16 -30.83 10.53
C ALA M 232 -53.92 -31.20 9.72
N ASP M 233 -54.06 -31.35 8.40
CA ASP M 233 -52.93 -31.75 7.58
C ASP M 233 -51.76 -30.78 7.75
N SER M 234 -52.07 -29.49 7.89
CA SER M 234 -51.01 -28.52 8.18
C SER M 234 -50.42 -28.71 9.56
N GLY M 235 -51.04 -29.54 10.41
CA GLY M 235 -50.49 -29.82 11.71
C GLY M 235 -50.54 -28.65 12.67
N LYS M 236 -51.63 -27.90 12.67
CA LYS M 236 -51.85 -26.83 13.64
C LYS M 236 -52.77 -27.25 14.77
N HIS M 237 -53.20 -28.52 14.82
CA HIS M 237 -54.10 -28.99 15.86
C HIS M 237 -53.25 -29.51 17.02
N SER M 238 -52.70 -28.58 17.78
CA SER M 238 -51.82 -28.92 18.90
C SER M 238 -52.55 -28.50 20.17
N TYR M 239 -53.39 -29.39 20.68
CA TYR M 239 -54.06 -29.19 21.96
C TYR M 239 -53.66 -30.34 22.88
N VAL M 240 -53.25 -30.00 24.10
CA VAL M 240 -52.72 -31.00 25.01
C VAL M 240 -53.87 -31.83 25.56
N LEU M 241 -53.81 -33.15 25.35
CA LEU M 241 -54.84 -34.06 25.85
C LEU M 241 -54.29 -35.00 26.91
N PHE M 242 -53.24 -35.77 26.60
CA PHE M 242 -52.68 -36.75 27.50
C PHE M 242 -51.18 -36.54 27.62
N ALA M 243 -50.62 -37.09 28.69
CA ALA M 243 -49.17 -37.03 28.94
C ALA M 243 -48.64 -38.45 29.01
N VAL M 244 -47.54 -38.71 28.30
CA VAL M 244 -46.92 -40.02 28.23
C VAL M 244 -45.81 -40.09 29.27
N LEU M 245 -45.84 -41.14 30.08
CA LEU M 245 -44.91 -41.30 31.19
C LEU M 245 -43.74 -42.19 30.78
N GLY M 246 -42.56 -41.87 31.29
CA GLY M 246 -41.38 -42.67 31.04
C GLY M 246 -40.62 -42.90 32.32
N LYS M 247 -39.93 -44.04 32.36
CA LYS M 247 -39.21 -44.46 33.56
C LYS M 247 -37.79 -43.93 33.54
N TYR M 248 -37.36 -43.39 34.69
CA TYR M 248 -36.03 -42.78 34.78
C TYR M 248 -34.92 -43.78 34.48
N ARG M 249 -35.18 -45.08 34.64
CA ARG M 249 -34.14 -46.06 34.41
C ARG M 249 -33.74 -46.12 32.94
N ASN M 250 -34.72 -45.98 32.03
CA ASN M 250 -34.45 -46.07 30.61
C ASN M 250 -33.63 -44.91 30.08
N LEU M 251 -33.45 -43.84 30.85
CA LEU M 251 -32.60 -42.75 30.41
C LEU M 251 -31.15 -43.21 30.27
N SER M 252 -30.52 -42.88 29.15
CA SER M 252 -29.11 -43.20 28.99
C SER M 252 -28.26 -42.48 30.04
N ASN M 253 -28.52 -41.19 30.26
CA ASN M 253 -27.73 -40.38 31.16
C ASN M 253 -27.93 -40.76 32.62
N PHE M 254 -28.93 -41.57 32.91
CA PHE M 254 -29.17 -42.04 34.26
C PHE M 254 -28.09 -43.04 34.64
N GLU M 255 -27.20 -42.63 35.55
CA GLU M 255 -26.21 -43.52 36.15
C GLU M 255 -26.66 -43.99 37.52
N SER M 256 -27.96 -44.25 37.67
CA SER M 256 -28.52 -44.73 38.93
C SER M 256 -28.29 -43.72 40.05
N TYR M 257 -28.84 -42.52 39.84
CA TYR M 257 -28.82 -41.50 40.88
C TYR M 257 -29.59 -41.96 42.11
N PHE M 258 -30.53 -42.87 41.94
CA PHE M 258 -31.30 -43.41 43.05
C PHE M 258 -31.97 -44.68 42.58
N ALA M 259 -32.76 -45.28 43.47
CA ALA M 259 -33.49 -46.50 43.14
C ALA M 259 -34.98 -46.19 43.12
N PRO M 260 -35.59 -45.96 41.97
CA PRO M 260 -37.01 -45.60 41.95
C PRO M 260 -37.87 -46.72 42.51
N PHE M 261 -38.93 -46.33 43.21
CA PHE M 261 -39.87 -47.31 43.72
C PHE M 261 -40.80 -47.78 42.59
N ASP M 262 -41.41 -48.95 42.82
CA ASP M 262 -42.44 -49.51 41.90
C ASP M 262 -43.73 -49.51 42.71
N TYR M 263 -44.60 -48.53 42.52
CA TYR M 263 -45.80 -48.33 43.34
C TYR M 263 -46.99 -49.16 42.87
N GLN M 264 -46.81 -50.00 41.84
CA GLN M 264 -47.94 -50.77 41.34
C GLN M 264 -48.56 -51.61 42.44
N MET M 265 -47.73 -52.37 43.17
CA MET M 265 -48.26 -53.19 44.25
C MET M 265 -48.69 -52.34 45.44
N ALA M 266 -47.92 -51.31 45.78
CA ALA M 266 -48.26 -50.48 46.92
C ALA M 266 -49.62 -49.81 46.72
N SER M 267 -49.88 -49.28 45.53
CA SER M 267 -51.18 -48.68 45.26
C SER M 267 -52.29 -49.70 45.35
N LEU M 268 -52.05 -50.91 44.83
CA LEU M 268 -53.07 -51.95 44.90
C LEU M 268 -53.39 -52.29 46.35
N ARG M 269 -52.38 -52.46 47.19
CA ARG M 269 -52.64 -52.80 48.58
C ARG M 269 -53.37 -51.66 49.30
N SER M 270 -52.97 -50.43 49.06
CA SER M 270 -53.52 -49.28 49.78
C SER M 270 -54.65 -48.62 48.98
N TRP M 271 -55.67 -49.40 48.65
CA TRP M 271 -56.87 -48.84 48.03
C TRP M 271 -57.98 -48.58 49.03
N ALA M 272 -58.13 -49.42 50.06
CA ALA M 272 -59.13 -49.15 51.08
C ALA M 272 -58.88 -47.82 51.76
N LEU M 273 -57.63 -47.38 51.82
CA LEU M 273 -57.32 -46.09 52.42
C LEU M 273 -57.66 -44.94 51.48
N PHE M 274 -57.42 -45.11 50.18
CA PHE M 274 -57.69 -44.03 49.24
C PHE M 274 -59.17 -43.68 49.21
N ASN M 275 -60.04 -44.68 49.24
CA ASN M 275 -61.47 -44.38 49.27
C ASN M 275 -61.86 -43.66 50.55
N ASP M 276 -61.32 -44.07 51.70
CA ASP M 276 -61.65 -43.42 52.95
C ASP M 276 -61.23 -41.95 52.93
N PHE M 277 -60.23 -41.61 52.12
CA PHE M 277 -59.83 -40.21 52.00
C PHE M 277 -60.95 -39.37 51.40
N THR M 278 -61.48 -39.80 50.25
CA THR M 278 -62.53 -39.03 49.61
C THR M 278 -63.76 -38.93 50.50
N LEU M 279 -64.12 -40.03 51.16
CA LEU M 279 -65.29 -40.00 52.03
C LEU M 279 -65.09 -39.02 53.19
N TYR M 280 -63.91 -39.01 53.80
CA TYR M 280 -63.67 -38.11 54.93
C TYR M 280 -63.69 -36.65 54.49
N LYS M 281 -63.10 -36.35 53.33
CA LYS M 281 -63.16 -34.99 52.83
C LYS M 281 -64.59 -34.57 52.54
N ALA M 282 -65.40 -35.47 52.00
CA ALA M 282 -66.79 -35.14 51.71
C ALA M 282 -67.56 -34.83 52.99
N ILE M 283 -67.33 -35.59 54.05
CA ILE M 283 -68.11 -35.39 55.28
C ILE M 283 -67.62 -34.21 56.10
N GLU M 284 -66.52 -33.56 55.72
CA GLU M 284 -66.22 -32.26 56.31
C GLU M 284 -67.32 -31.27 55.94
N THR M 285 -67.71 -31.26 54.66
CA THR M 285 -68.80 -30.39 54.24
C THR M 285 -70.15 -30.81 54.81
N MET M 286 -70.30 -32.08 55.18
CA MET M 286 -71.49 -32.49 55.95
C MET M 286 -71.70 -31.57 57.14
N ILE M 287 -70.69 -31.47 58.01
CA ILE M 287 -70.86 -30.73 59.25
C ILE M 287 -71.00 -29.24 58.97
N LYS M 288 -70.15 -28.69 58.11
CA LYS M 288 -70.16 -27.25 57.88
C LYS M 288 -71.49 -26.81 57.27
N ALA M 289 -72.02 -27.58 56.32
CA ALA M 289 -73.22 -27.14 55.62
C ALA M 289 -74.42 -26.99 56.55
N VAL M 290 -74.63 -27.94 57.45
CA VAL M 290 -75.83 -27.96 58.28
C VAL M 290 -75.74 -26.87 59.35
N PRO M 291 -76.83 -26.16 59.65
CA PRO M 291 -76.75 -25.03 60.56
C PRO M 291 -76.67 -25.47 62.03
N GLU M 292 -76.52 -24.47 62.89
CA GLU M 292 -76.37 -24.72 64.31
C GLU M 292 -77.69 -25.13 64.94
N SER M 293 -78.80 -24.60 64.44
CA SER M 293 -80.11 -24.80 65.07
C SER M 293 -80.65 -26.21 64.91
N LYS M 294 -79.87 -27.15 64.40
CA LYS M 294 -80.32 -28.52 64.21
C LYS M 294 -79.25 -29.50 64.64
N PHE M 295 -78.50 -29.10 65.67
CA PHE M 295 -77.48 -29.99 66.28
C PHE M 295 -78.01 -30.37 67.65
N LYS M 296 -77.80 -31.61 68.07
CA LYS M 296 -78.36 -32.06 69.35
C LYS M 296 -77.73 -31.35 70.52
N ASP M 297 -76.39 -31.30 70.57
CA ASP M 297 -75.70 -30.73 71.71
C ASP M 297 -75.63 -29.21 71.67
N GLY M 298 -75.97 -28.59 70.54
CA GLY M 298 -75.99 -27.16 70.44
C GLY M 298 -74.65 -26.56 70.05
N PRO M 299 -74.21 -25.51 70.76
CA PRO M 299 -73.02 -24.78 70.27
C PRO M 299 -71.76 -25.62 70.20
N GLU M 300 -71.37 -26.25 71.30
CA GLU M 300 -70.10 -26.96 71.34
C GLU M 300 -70.25 -28.34 70.74
N ARG M 301 -70.82 -28.42 69.55
CA ARG M 301 -70.91 -29.67 68.81
C ARG M 301 -70.36 -29.48 67.41
N LYS M 302 -70.51 -28.28 66.87
CA LYS M 302 -69.97 -28.00 65.54
C LYS M 302 -68.45 -28.09 65.54
N THR M 303 -67.79 -27.47 66.52
CA THR M 303 -66.35 -27.33 66.42
C THR M 303 -65.62 -28.64 66.67
N GLN M 304 -66.00 -29.42 67.69
CA GLN M 304 -65.30 -30.67 67.93
C GLN M 304 -65.78 -31.79 67.02
N LEU M 305 -66.93 -31.64 66.36
CA LEU M 305 -67.22 -32.53 65.25
C LEU M 305 -66.40 -32.13 64.03
N ILE M 306 -66.28 -30.84 63.77
CA ILE M 306 -65.41 -30.38 62.69
C ILE M 306 -63.96 -30.74 63.01
N LYS M 307 -63.53 -30.46 64.25
CA LYS M 307 -62.14 -30.74 64.60
C LYS M 307 -61.85 -32.24 64.62
N GLN M 308 -62.80 -33.04 65.10
CA GLN M 308 -62.57 -34.48 65.14
C GLN M 308 -62.38 -35.05 63.75
N ALA M 309 -63.16 -34.57 62.77
CA ALA M 309 -63.01 -35.04 61.40
C ALA M 309 -61.66 -34.63 60.83
N ILE M 310 -61.26 -33.37 61.03
CA ILE M 310 -60.01 -32.90 60.47
C ILE M 310 -58.83 -33.55 61.17
N ASN M 311 -58.92 -33.76 62.48
CA ASN M 311 -57.81 -34.41 63.18
C ASN M 311 -57.54 -35.79 62.61
N ILE M 312 -58.59 -36.56 62.33
CA ILE M 312 -58.39 -37.88 61.73
C ILE M 312 -58.17 -37.79 60.22
N PHE M 313 -58.49 -36.65 59.61
CA PHE M 313 -58.06 -36.42 58.24
C PHE M 313 -56.55 -36.30 58.16
N GLU M 314 -55.92 -35.74 59.19
CA GLU M 314 -54.47 -35.70 59.26
C GLU M 314 -53.88 -37.10 59.32
N THR M 315 -54.50 -37.98 60.11
CA THR M 315 -53.93 -39.31 60.32
C THR M 315 -53.83 -40.08 59.01
N ILE M 316 -54.86 -40.00 58.17
CA ILE M 316 -54.81 -40.74 56.91
C ILE M 316 -54.00 -40.01 55.85
N ARG M 317 -53.97 -38.68 55.89
CA ARG M 317 -53.14 -37.95 54.92
C ARG M 317 -51.66 -38.19 55.19
N ASP M 318 -51.25 -38.21 56.45
CA ASP M 318 -49.85 -38.48 56.77
C ASP M 318 -49.50 -39.94 56.52
N ARG M 319 -50.48 -40.83 56.61
CA ARG M 319 -50.23 -42.21 56.23
C ARG M 319 -49.91 -42.30 54.74
N VAL M 320 -50.64 -41.55 53.91
CA VAL M 320 -50.35 -41.49 52.49
C VAL M 320 -48.97 -40.91 52.25
N ILE M 321 -48.65 -39.82 52.94
CA ILE M 321 -47.33 -39.21 52.78
C ILE M 321 -46.25 -40.17 53.26
N LEU M 322 -46.57 -41.02 54.24
CA LEU M 322 -45.60 -42.01 54.69
C LEU M 322 -45.38 -43.08 53.63
N ILE M 323 -46.43 -43.47 52.90
CA ILE M 323 -46.24 -44.47 51.85
C ILE M 323 -45.28 -43.95 50.78
N SER M 324 -45.22 -42.63 50.58
CA SER M 324 -44.25 -42.08 49.65
C SER M 324 -42.83 -42.41 50.08
N GLU M 325 -42.52 -42.23 51.37
CA GLU M 325 -41.19 -42.54 51.86
C GLU M 325 -40.98 -44.05 51.97
N HIS M 326 -42.00 -44.78 52.43
CA HIS M 326 -41.88 -46.22 52.66
C HIS M 326 -43.07 -46.94 52.04
N PRO M 327 -43.00 -47.27 50.74
CA PRO M 327 -44.08 -48.08 50.15
C PRO M 327 -44.17 -49.47 50.74
N GLU M 328 -43.10 -49.98 51.32
CA GLU M 328 -43.19 -51.25 52.03
C GLU M 328 -44.11 -51.16 53.24
N ALA M 329 -44.35 -49.95 53.75
CA ALA M 329 -45.25 -49.76 54.86
C ALA M 329 -46.72 -49.94 54.48
N ALA M 330 -47.01 -50.34 53.24
CA ALA M 330 -48.39 -50.60 52.85
C ALA M 330 -48.98 -51.80 53.58
N LYS M 331 -48.14 -52.67 54.14
CA LYS M 331 -48.66 -53.84 54.84
C LYS M 331 -49.47 -53.46 56.06
N GLU M 332 -49.00 -52.50 56.84
CA GLU M 332 -49.65 -52.18 58.10
C GLU M 332 -51.11 -51.82 57.88
N ASP M 333 -51.97 -52.36 58.72
CA ASP M 333 -53.39 -52.09 58.61
C ASP M 333 -53.70 -50.67 59.08
N PRO M 334 -54.83 -50.11 58.66
CA PRO M 334 -55.20 -48.77 59.12
C PRO M 334 -55.34 -48.74 60.64
N ASP M 335 -54.98 -47.60 61.22
CA ASP M 335 -55.11 -47.37 62.66
C ASP M 335 -56.01 -46.19 62.96
N HIS M 336 -56.98 -45.94 62.09
CA HIS M 336 -57.85 -44.78 62.19
C HIS M 336 -59.30 -45.24 62.17
N MET M 337 -60.16 -44.42 62.77
CA MET M 337 -61.58 -44.75 62.85
C MET M 337 -62.18 -44.85 61.45
N LYS M 338 -63.12 -45.77 61.28
CA LYS M 338 -63.72 -45.99 59.98
C LYS M 338 -64.58 -44.78 59.60
N PRO M 339 -64.68 -44.45 58.30
CA PRO M 339 -65.66 -43.43 57.90
C PRO M 339 -67.09 -43.81 58.26
N GLY M 340 -67.42 -45.10 58.20
CA GLY M 340 -68.76 -45.51 58.58
C GLY M 340 -69.06 -45.21 60.05
N ASP M 341 -68.14 -45.57 60.94
CA ASP M 341 -68.37 -45.33 62.36
C ASP M 341 -68.43 -43.83 62.65
N PHE M 342 -67.50 -43.06 62.08
CA PHE M 342 -67.53 -41.62 62.29
C PHE M 342 -68.76 -41.01 61.64
N ARG M 343 -69.15 -41.49 60.47
CA ARG M 343 -70.38 -41.00 59.86
C ARG M 343 -71.56 -41.27 60.77
N LEU M 344 -71.64 -42.49 61.32
CA LEU M 344 -72.68 -42.80 62.30
C LEU M 344 -72.69 -41.75 63.41
N GLU M 345 -71.50 -41.41 63.92
CA GLU M 345 -71.44 -40.39 64.97
C GLU M 345 -72.02 -39.06 64.50
N VAL M 346 -71.85 -38.73 63.22
CA VAL M 346 -72.38 -37.48 62.70
C VAL M 346 -73.90 -37.46 62.79
N LEU M 347 -74.56 -38.52 62.30
CA LEU M 347 -76.02 -38.53 62.27
C LEU M 347 -76.63 -38.73 63.65
N ASN M 348 -75.92 -39.36 64.57
CA ASN M 348 -76.49 -39.56 65.90
C ASN M 348 -76.74 -38.24 66.62
N SER M 349 -75.92 -37.23 66.34
CA SER M 349 -75.99 -35.94 67.03
C SER M 349 -76.80 -34.93 66.23
N ILE M 350 -77.83 -35.38 65.54
CA ILE M 350 -78.66 -34.53 64.69
C ILE M 350 -80.11 -34.60 65.15
N GLN M 351 -80.71 -33.44 65.39
CA GLN M 351 -82.12 -33.37 65.75
C GLN M 351 -82.98 -33.81 64.57
N THR M 352 -84.19 -34.25 64.88
CA THR M 352 -85.08 -34.84 63.89
C THR M 352 -86.49 -34.29 64.08
N LYS M 353 -87.31 -34.48 63.06
CA LYS M 353 -88.69 -34.02 63.06
C LYS M 353 -89.63 -35.21 63.09
N LEU M 354 -90.64 -35.15 63.96
CA LEU M 354 -91.55 -36.27 64.20
C LEU M 354 -92.72 -36.17 63.23
N PHE M 355 -92.46 -36.55 61.98
CA PHE M 355 -93.52 -36.53 60.97
C PHE M 355 -94.50 -37.64 61.31
N HIS M 356 -95.56 -37.29 62.06
CA HIS M 356 -96.60 -38.27 62.46
C HIS M 356 -97.66 -38.33 61.36
N ALA M 357 -97.56 -39.31 60.47
CA ALA M 357 -98.52 -39.44 59.38
C ALA M 357 -99.91 -39.71 59.94
N GLN M 358 -100.92 -39.10 59.32
CA GLN M 358 -102.29 -39.20 59.80
C GLN M 358 -103.19 -39.57 58.63
N SER M 359 -104.18 -40.42 58.89
CA SER M 359 -105.07 -40.93 57.85
C SER M 359 -106.30 -40.05 57.80
N GLN M 360 -106.39 -39.19 56.79
CA GLN M 360 -107.55 -38.32 56.62
C GLN M 360 -108.78 -39.14 56.25
N PRO M 361 -109.92 -38.92 56.93
CA PRO M 361 -111.16 -39.59 56.54
C PRO M 361 -111.92 -38.82 55.48
N ILE M 362 -112.23 -39.48 54.36
CA ILE M 362 -112.97 -38.85 53.27
C ILE M 362 -114.32 -39.55 53.13
N PRO M 363 -115.42 -38.82 52.93
CA PRO M 363 -116.71 -39.49 52.76
C PRO M 363 -116.72 -40.43 51.56
N ASN M 364 -117.63 -41.40 51.60
CA ASN M 364 -117.75 -42.40 50.54
C ASN M 364 -116.55 -43.35 50.54
N THR M 365 -116.09 -43.72 51.72
CA THR M 365 -114.99 -44.66 51.89
C THR M 365 -115.24 -45.51 53.12
N ASP M 366 -115.17 -46.83 52.95
CA ASP M 366 -115.36 -47.79 54.03
C ASP M 366 -114.11 -48.63 54.18
N ASP M 367 -113.54 -48.64 55.38
CA ASP M 367 -112.30 -49.34 55.67
C ASP M 367 -111.13 -48.84 54.83
N TYR M 368 -111.30 -47.70 54.15
CA TYR M 368 -110.27 -47.09 53.32
C TYR M 368 -110.10 -45.65 53.76
N TRP M 369 -108.88 -45.27 54.12
CA TRP M 369 -108.58 -43.94 54.61
C TRP M 369 -107.69 -43.22 53.60
N THR M 370 -107.25 -42.02 53.95
CA THR M 370 -106.34 -41.24 53.11
C THR M 370 -105.17 -40.79 53.98
N ASP M 371 -104.01 -41.38 53.75
CA ASP M 371 -102.82 -41.13 54.55
C ASP M 371 -102.19 -39.82 54.10
N VAL M 372 -102.10 -38.86 55.02
CA VAL M 372 -101.43 -37.58 54.77
C VAL M 372 -100.27 -37.48 55.75
N ILE M 373 -99.07 -37.29 55.23
CA ILE M 373 -97.86 -37.22 56.06
C ILE M 373 -97.66 -35.74 56.37
N LEU M 374 -98.35 -35.26 57.39
CA LEU M 374 -98.23 -33.88 57.86
C LEU M 374 -97.88 -33.86 59.34
N THR M 375 -96.97 -32.95 59.70
CA THR M 375 -96.53 -32.84 61.08
C THR M 375 -97.59 -32.24 61.99
N THR M 376 -98.59 -31.56 61.43
CA THR M 376 -99.63 -30.92 62.24
C THR M 376 -100.70 -31.93 62.61
N LYS M 377 -101.06 -31.98 63.88
CA LYS M 377 -102.10 -32.88 64.35
C LYS M 377 -103.43 -32.51 63.72
N GLY M 378 -104.17 -33.50 63.25
CA GLY M 378 -105.46 -33.29 62.64
C GLY M 378 -106.60 -33.82 63.48
N SER M 379 -107.83 -33.44 63.13
CA SER M 379 -109.03 -33.89 63.83
C SER M 379 -109.70 -34.98 63.03
N GLY M 380 -109.87 -36.15 63.65
CA GLY M 380 -110.50 -37.28 62.99
C GLY M 380 -109.60 -38.07 62.07
N ASN M 381 -108.34 -37.66 61.99
CA ASN M 381 -107.35 -38.36 61.12
C ASN M 381 -106.61 -39.41 61.96
N GLN M 382 -106.55 -40.66 61.49
CA GLN M 382 -105.91 -41.71 62.27
C GLN M 382 -104.40 -41.61 62.14
N PRO M 383 -103.65 -41.42 63.23
CA PRO M 383 -102.19 -41.41 63.13
C PRO M 383 -101.65 -42.81 62.84
N LEU M 384 -100.65 -42.87 61.95
CA LEU M 384 -100.04 -44.14 61.56
C LEU M 384 -98.80 -44.45 62.38
N PHE M 385 -97.78 -43.60 62.29
CA PHE M 385 -96.56 -43.78 63.08
C PHE M 385 -95.90 -42.42 63.26
N THR M 386 -95.16 -42.29 64.36
CA THR M 386 -94.41 -41.07 64.65
C THR M 386 -92.93 -41.43 64.72
N PHE M 387 -92.13 -40.78 63.88
CA PHE M 387 -90.74 -41.15 63.67
C PHE M 387 -89.85 -39.93 63.50
N PRO M 388 -88.61 -39.99 63.98
CA PRO M 388 -87.67 -38.90 63.66
C PRO M 388 -87.44 -38.81 62.16
N ALA M 389 -87.30 -37.58 61.67
CA ALA M 389 -87.02 -37.34 60.26
C ALA M 389 -86.15 -36.10 60.12
N PHE M 390 -85.64 -35.90 58.90
CA PHE M 390 -84.71 -34.82 58.60
C PHE M 390 -85.45 -33.74 57.82
N ASP M 391 -85.49 -32.53 58.38
CA ASP M 391 -86.23 -31.42 57.82
C ASP M 391 -85.33 -30.42 57.11
N PHE M 392 -84.11 -30.81 56.76
CA PHE M 392 -83.17 -29.91 56.12
C PHE M 392 -82.18 -30.72 55.31
N GLY M 393 -81.76 -30.16 54.19
CA GLY M 393 -80.83 -30.85 53.31
C GLY M 393 -79.44 -30.80 53.88
N ASP M 394 -78.44 -30.60 53.02
CA ASP M 394 -77.05 -30.46 53.41
C ASP M 394 -76.50 -31.71 54.10
N LEU M 395 -77.25 -32.80 54.10
CA LEU M 395 -76.78 -34.08 54.64
C LEU M 395 -76.74 -35.06 53.47
N ILE M 396 -75.53 -35.34 52.96
CA ILE M 396 -75.42 -36.18 51.77
C ILE M 396 -76.03 -37.55 52.07
N GLY M 397 -76.48 -38.22 51.02
CA GLY M 397 -77.15 -39.49 51.17
C GLY M 397 -78.63 -39.39 51.47
N THR M 398 -79.21 -38.20 51.33
CA THR M 398 -80.64 -37.96 51.66
C THR M 398 -81.36 -37.31 50.50
N GLU M 399 -82.65 -37.61 50.32
CA GLU M 399 -83.49 -37.01 49.30
C GLU M 399 -84.85 -36.65 49.89
N VAL M 400 -85.52 -35.71 49.25
CA VAL M 400 -86.74 -35.12 49.76
C VAL M 400 -87.94 -35.75 49.08
N VAL M 401 -89.03 -35.89 49.83
CA VAL M 401 -90.31 -36.37 49.34
C VAL M 401 -91.31 -35.24 49.50
N SER M 402 -91.48 -34.44 48.46
CA SER M 402 -92.29 -33.23 48.52
C SER M 402 -93.63 -33.50 47.87
N PHE M 403 -94.67 -33.62 48.70
CA PHE M 403 -96.01 -33.82 48.17
C PHE M 403 -96.40 -32.66 47.27
N GLY M 404 -97.02 -32.99 46.14
CA GLY M 404 -97.54 -31.97 45.23
C GLY M 404 -99.05 -31.89 45.30
N LYS M 405 -99.58 -30.83 45.89
CA LYS M 405 -101.02 -30.62 45.97
C LYS M 405 -101.42 -29.54 44.97
N LYS M 406 -102.35 -29.86 44.11
CA LYS M 406 -102.81 -28.91 43.10
C LYS M 406 -103.46 -27.71 43.78
N LYS M 407 -102.86 -26.53 43.61
CA LYS M 407 -103.53 -25.30 44.05
C LYS M 407 -104.73 -25.00 43.17
N ASN M 408 -104.68 -25.39 41.90
CA ASN M 408 -105.78 -25.25 40.98
C ASN M 408 -106.81 -26.35 41.15
N GLY M 409 -106.54 -27.34 42.00
CA GLY M 409 -107.44 -28.45 42.22
C GLY M 409 -107.25 -29.07 43.58
N GLU M 410 -107.35 -30.40 43.65
CA GLU M 410 -107.19 -31.10 44.92
C GLU M 410 -106.37 -32.38 44.76
N GLU M 411 -105.76 -32.62 43.61
CA GLU M 411 -104.99 -33.83 43.40
C GLU M 411 -103.87 -33.94 44.43
N TYR M 412 -103.70 -35.13 44.98
CA TYR M 412 -102.62 -35.44 45.91
C TYR M 412 -101.47 -36.07 45.12
N ASN M 413 -100.28 -35.48 45.23
CA ASN M 413 -99.10 -36.02 44.55
C ASN M 413 -97.98 -36.26 45.55
N CYS M 414 -97.03 -37.09 45.13
CA CYS M 414 -95.90 -37.47 45.97
C CYS M 414 -94.69 -37.64 45.05
N LEU M 415 -93.83 -36.62 44.99
CA LEU M 415 -92.67 -36.63 44.12
C LEU M 415 -91.40 -36.53 44.96
N ILE M 416 -90.47 -37.46 44.73
CA ILE M 416 -89.21 -37.48 45.45
C ILE M 416 -88.21 -36.61 44.71
N GLY M 417 -87.55 -35.71 45.44
CA GLY M 417 -86.55 -34.86 44.80
C GLY M 417 -87.11 -33.98 43.71
N GLU M 418 -88.42 -33.80 43.67
CA GLU M 418 -89.07 -32.95 42.66
C GLU M 418 -90.12 -32.11 43.39
N ARG M 419 -89.80 -30.84 43.60
CA ARG M 419 -90.69 -29.95 44.33
C ARG M 419 -91.82 -29.47 43.42
N VAL M 420 -92.69 -28.63 44.00
CA VAL M 420 -93.73 -27.99 43.22
C VAL M 420 -93.16 -26.96 42.25
N THR M 421 -91.97 -26.42 42.55
CA THR M 421 -91.43 -25.33 41.74
C THR M 421 -91.26 -25.72 40.28
N SER M 422 -91.10 -27.02 39.99
CA SER M 422 -91.02 -27.45 38.59
C SER M 422 -92.30 -27.13 37.84
N LEU M 423 -93.44 -27.36 38.48
CA LEU M 423 -94.75 -27.05 37.90
C LEU M 423 -95.23 -25.71 38.46
N ASP M 424 -96.47 -25.35 38.11
CA ASP M 424 -97.07 -24.09 38.53
C ASP M 424 -98.41 -24.35 39.22
N ASP M 425 -98.68 -23.62 40.30
CA ASP M 425 -99.91 -23.75 41.07
C ASP M 425 -100.04 -25.17 41.64
N TYR M 426 -99.08 -25.48 42.53
CA TYR M 426 -99.07 -26.78 43.25
C TYR M 426 -98.65 -26.44 44.68
N LYS M 427 -98.84 -27.34 45.63
CA LYS M 427 -98.54 -27.00 47.05
C LYS M 427 -97.75 -28.12 47.72
N GLU M 428 -96.75 -27.75 48.54
CA GLU M 428 -95.93 -28.76 49.24
C GLU M 428 -96.62 -29.18 50.56
N LEU M 429 -97.55 -30.13 50.48
CA LEU M 429 -98.18 -30.63 51.73
C LEU M 429 -97.06 -30.89 52.74
N SER M 430 -96.02 -31.60 52.32
CA SER M 430 -94.92 -31.95 53.21
C SER M 430 -93.66 -32.20 52.40
N TYR M 431 -92.55 -31.63 52.85
CA TYR M 431 -91.25 -31.90 52.27
C TYR M 431 -90.25 -32.14 53.40
N PHE M 432 -89.46 -33.19 53.26
CA PHE M 432 -88.47 -33.53 54.28
C PHE M 432 -87.48 -34.54 53.72
N TRP M 433 -86.19 -34.26 53.83
CA TRP M 433 -85.18 -35.14 53.27
C TRP M 433 -85.11 -36.45 54.06
N VAL M 434 -84.87 -37.55 53.34
CA VAL M 434 -84.80 -38.87 53.94
C VAL M 434 -83.74 -39.70 53.21
N PHE M 435 -83.36 -40.82 53.82
CA PHE M 435 -82.45 -41.76 53.19
C PHE M 435 -83.22 -42.66 52.24
N PRO M 436 -82.99 -42.60 50.93
CA PRO M 436 -83.64 -43.56 50.03
C PRO M 436 -83.18 -45.00 50.25
N ASP M 437 -82.04 -45.21 50.88
CA ASP M 437 -81.51 -46.54 51.12
C ASP M 437 -81.18 -46.70 52.60
N SER M 438 -80.90 -47.93 52.99
CA SER M 438 -80.63 -48.22 54.40
C SER M 438 -79.19 -47.89 54.74
N VAL M 439 -78.93 -47.76 56.03
CA VAL M 439 -77.58 -47.53 56.54
C VAL M 439 -77.33 -48.50 57.68
N GLN M 440 -76.07 -48.78 57.95
CA GLN M 440 -75.71 -49.73 59.00
C GLN M 440 -76.26 -49.26 60.33
N LYS M 441 -77.21 -50.02 60.87
CA LYS M 441 -77.70 -49.90 62.23
C LYS M 441 -78.29 -48.53 62.56
N PHE M 442 -78.63 -47.72 61.56
CA PHE M 442 -79.34 -46.46 61.79
C PHE M 442 -80.71 -46.45 61.12
N ALA M 443 -80.76 -46.64 59.81
CA ALA M 443 -81.99 -46.52 59.04
C ALA M 443 -82.42 -47.90 58.59
N MET M 444 -83.26 -48.55 59.40
CA MET M 444 -83.69 -49.92 59.13
C MET M 444 -85.19 -50.06 58.92
N GLU M 445 -86.00 -49.12 59.40
CA GLU M 445 -87.44 -49.19 59.21
C GLU M 445 -87.81 -48.53 57.88
N MET M 446 -88.88 -49.03 57.27
CA MET M 446 -89.18 -48.75 55.87
C MET M 446 -90.49 -47.98 55.73
N TYR M 447 -90.58 -47.18 54.67
CA TYR M 447 -91.80 -46.52 54.25
C TYR M 447 -91.93 -46.61 52.75
N GLY M 448 -93.14 -46.88 52.27
CA GLY M 448 -93.40 -47.01 50.86
C GLY M 448 -94.58 -46.17 50.44
N VAL M 449 -94.55 -45.72 49.19
CA VAL M 449 -95.57 -44.84 48.63
C VAL M 449 -96.35 -45.61 47.58
N SER M 450 -97.68 -45.52 47.65
CA SER M 450 -98.58 -46.07 46.66
C SER M 450 -99.72 -45.11 46.43
N LYS M 451 -100.19 -45.02 45.19
CA LYS M 451 -101.23 -44.09 44.80
C LYS M 451 -102.25 -44.78 43.91
N VAL M 452 -103.52 -44.41 44.06
CA VAL M 452 -104.60 -44.98 43.26
C VAL M 452 -104.84 -44.08 42.04
N PRO M 453 -104.68 -44.59 40.82
CA PRO M 453 -104.85 -43.70 39.65
C PRO M 453 -106.21 -43.05 39.57
N THR M 454 -107.28 -43.77 39.91
CA THR M 454 -108.62 -43.21 39.78
C THR M 454 -108.83 -42.04 40.71
N ARG M 455 -108.39 -42.18 41.96
CA ARG M 455 -108.53 -41.15 42.98
C ARG M 455 -107.22 -40.99 43.72
N ASN M 456 -106.79 -39.75 43.91
CA ASN M 456 -105.49 -39.48 44.50
C ASN M 456 -105.55 -39.65 46.02
N TYR M 457 -105.90 -40.84 46.47
CA TYR M 457 -105.88 -41.17 47.90
C TYR M 457 -104.48 -41.68 48.21
N MET M 458 -103.66 -40.81 48.79
CA MET M 458 -102.29 -41.19 49.13
C MET M 458 -102.31 -42.47 49.96
N ARG M 459 -101.59 -43.48 49.47
CA ARG M 459 -101.49 -44.77 50.14
C ARG M 459 -100.01 -45.00 50.45
N VAL M 460 -99.58 -44.45 51.58
CA VAL M 460 -98.24 -44.63 52.09
C VAL M 460 -98.30 -45.60 53.25
N TYR M 461 -97.47 -46.63 53.22
CA TYR M 461 -97.54 -47.69 54.22
C TYR M 461 -96.15 -48.23 54.48
N ALA M 462 -96.03 -48.99 55.55
CA ALA M 462 -94.78 -49.65 55.91
C ALA M 462 -94.55 -50.81 54.96
N ALA M 463 -93.75 -50.58 53.92
CA ALA M 463 -93.54 -51.56 52.86
C ALA M 463 -92.52 -52.60 53.32
N ASP M 464 -92.18 -53.49 52.39
CA ASP M 464 -91.23 -54.60 52.70
C ASP M 464 -90.26 -54.72 51.52
N GLN M 465 -89.18 -55.49 51.68
CA GLN M 465 -88.25 -55.70 50.58
C GLN M 465 -88.93 -56.40 49.42
N SER M 466 -89.99 -57.16 49.72
CA SER M 466 -90.75 -57.88 48.66
C SER M 466 -91.69 -56.89 47.96
N ASP M 467 -92.20 -55.89 48.68
CA ASP M 467 -93.04 -54.85 48.02
C ASP M 467 -92.23 -54.26 46.86
N ILE M 468 -90.92 -54.08 47.07
CA ILE M 468 -90.05 -53.58 45.97
C ILE M 468 -90.03 -54.65 44.87
N GLU M 469 -89.67 -55.89 45.23
CA GLU M 469 -89.58 -57.00 44.23
C GLU M 469 -90.84 -56.99 43.35
N ASN M 470 -92.02 -57.13 43.96
CA ASN M 470 -93.30 -57.09 43.19
C ASN M 470 -94.03 -55.79 43.51
N PRO M 471 -93.85 -54.71 42.73
CA PRO M 471 -94.46 -53.38 43.02
C PRO M 471 -95.91 -53.30 42.57
N ARG M 472 -96.74 -52.59 43.35
CA ARG M 472 -98.12 -52.38 42.98
C ARG M 472 -98.21 -51.25 41.95
N PRO M 473 -99.34 -51.15 41.23
CA PRO M 473 -99.47 -50.09 40.23
C PRO M 473 -99.30 -48.70 40.85
N TYR M 474 -98.63 -47.80 40.13
CA TYR M 474 -98.52 -46.38 40.59
C TYR M 474 -97.80 -46.28 41.95
N GLN M 475 -96.98 -47.27 42.31
CA GLN M 475 -96.21 -47.17 43.55
C GLN M 475 -94.93 -46.41 43.22
N ARG M 476 -94.80 -45.21 43.78
CA ARG M 476 -93.77 -44.29 43.30
C ARG M 476 -92.39 -44.62 43.87
N PHE M 477 -92.24 -44.54 45.19
CA PHE M 477 -90.92 -44.65 45.80
C PHE M 477 -91.05 -45.21 47.20
N TRP M 478 -89.94 -45.77 47.70
CA TRP M 478 -89.85 -46.31 49.04
C TRP M 478 -88.59 -45.80 49.72
N PHE M 479 -88.68 -45.56 51.02
CA PHE M 479 -87.61 -44.90 51.75
C PHE M 479 -87.50 -45.47 53.15
N TYR M 480 -86.30 -45.39 53.70
CA TYR M 480 -85.99 -45.88 55.03
C TYR M 480 -85.85 -44.71 56.00
N VAL M 481 -86.41 -44.87 57.20
CA VAL M 481 -86.38 -43.85 58.23
C VAL M 481 -85.54 -44.37 59.40
N PRO M 482 -84.85 -43.49 60.14
CA PRO M 482 -84.01 -43.99 61.25
C PRO M 482 -84.78 -44.78 62.28
N SER M 483 -84.14 -45.81 62.80
CA SER M 483 -84.71 -46.67 63.82
C SER M 483 -84.39 -46.11 65.19
N ALA M 484 -85.42 -45.94 66.03
CA ALA M 484 -85.23 -45.41 67.37
C ALA M 484 -84.46 -46.36 68.28
N ASN M 485 -84.28 -47.61 67.87
CA ASN M 485 -83.58 -48.59 68.69
C ASN M 485 -82.09 -48.37 68.76
N SER M 486 -81.55 -47.45 67.96
CA SER M 486 -80.11 -47.19 68.00
C SER M 486 -79.72 -46.66 69.37
N PRO M 487 -78.62 -47.13 69.95
CA PRO M 487 -78.22 -46.65 71.28
C PRO M 487 -77.56 -45.29 71.20
N PRO M 488 -77.99 -44.31 72.01
CA PRO M 488 -77.34 -42.99 71.96
C PRO M 488 -76.09 -42.92 72.82
N GLY N 2 -56.02 -26.13 45.55
CA GLY N 2 -55.26 -24.93 45.25
C GLY N 2 -54.47 -25.03 43.97
N GLU N 3 -55.13 -24.82 42.84
CA GLU N 3 -54.46 -24.84 41.55
C GLU N 3 -54.78 -23.61 40.72
N VAL N 4 -55.93 -22.99 40.99
CA VAL N 4 -56.35 -21.79 40.27
C VAL N 4 -56.87 -20.77 41.28
N VAL N 5 -56.90 -19.52 40.85
CA VAL N 5 -57.37 -18.43 41.71
C VAL N 5 -57.94 -17.32 40.81
N PRO N 6 -59.07 -16.71 41.18
CA PRO N 6 -59.60 -15.63 40.36
C PRO N 6 -58.62 -14.46 40.28
N TYR N 7 -58.62 -13.81 39.12
CA TYR N 7 -57.68 -12.72 38.89
C TYR N 7 -57.94 -11.59 39.88
N LYS N 8 -56.87 -11.05 40.46
CA LYS N 8 -56.93 -9.89 41.34
C LYS N 8 -56.05 -8.81 40.75
N ALA N 9 -56.59 -7.61 40.58
CA ALA N 9 -55.87 -6.57 39.88
C ALA N 9 -54.54 -6.29 40.56
N GLY N 10 -53.53 -5.96 39.74
CA GLY N 10 -52.19 -5.75 40.23
C GLY N 10 -51.32 -6.99 40.23
N MET N 11 -51.90 -8.16 39.95
CA MET N 11 -51.11 -9.38 39.94
C MET N 11 -49.99 -9.28 38.93
N GLN N 12 -48.80 -9.71 39.33
CA GLN N 12 -47.63 -9.72 38.47
C GLN N 12 -47.15 -11.16 38.35
N ARG N 13 -46.91 -11.59 37.11
CA ARG N 13 -46.48 -12.96 36.88
C ARG N 13 -45.20 -13.23 37.67
N GLY N 14 -45.17 -14.37 38.34
CA GLY N 14 -44.01 -14.77 39.10
C GLY N 14 -43.91 -14.05 40.43
N GLN N 15 -44.90 -14.24 41.29
CA GLN N 15 -44.91 -13.63 42.61
C GLN N 15 -45.48 -14.62 43.61
N GLY N 16 -45.07 -14.46 44.86
CA GLY N 16 -45.56 -15.33 45.90
C GLY N 16 -47.03 -15.12 46.17
N TYR N 17 -47.67 -16.17 46.69
CA TYR N 17 -49.09 -16.15 46.99
C TYR N 17 -49.33 -16.90 48.28
N ASN N 18 -49.77 -16.20 49.32
CA ASN N 18 -50.11 -16.81 50.60
C ASN N 18 -51.49 -17.41 50.46
N THR N 19 -51.55 -18.71 50.17
CA THR N 19 -52.82 -19.32 49.81
C THR N 19 -53.84 -19.25 50.93
N TYR N 20 -53.40 -19.23 52.19
CA TYR N 20 -54.33 -19.10 53.31
C TYR N 20 -54.94 -17.70 53.36
N LEU N 21 -54.09 -16.67 53.48
CA LEU N 21 -54.59 -15.31 53.51
C LEU N 21 -55.05 -14.81 52.15
N GLN N 22 -54.80 -15.57 51.09
CA GLN N 22 -55.24 -15.20 49.74
C GLN N 22 -54.73 -13.81 49.35
N SER N 23 -53.63 -13.39 49.95
CA SER N 23 -53.04 -12.09 49.66
C SER N 23 -51.96 -12.25 48.60
N LEU N 24 -51.24 -11.17 48.32
CA LEU N 24 -50.15 -11.17 47.35
C LEU N 24 -48.83 -11.01 48.09
N CYS N 25 -47.79 -11.67 47.58
CA CYS N 25 -46.49 -11.62 48.22
C CYS N 25 -45.41 -11.21 47.22
N VAL N 26 -44.14 -11.36 47.60
CA VAL N 26 -43.05 -10.74 46.87
C VAL N 26 -43.21 -10.98 45.38
N LYS N 27 -42.90 -9.96 44.58
CA LYS N 27 -42.97 -10.06 43.14
C LYS N 27 -41.59 -10.35 42.57
N ASP N 28 -41.56 -11.14 41.51
CA ASP N 28 -40.32 -11.46 40.79
C ASP N 28 -39.46 -12.45 41.57
N ALA N 29 -40.09 -13.33 42.35
CA ALA N 29 -39.34 -14.43 42.95
C ALA N 29 -39.03 -15.50 41.91
N VAL N 30 -39.87 -15.63 40.90
CA VAL N 30 -39.71 -16.63 39.86
C VAL N 30 -39.66 -15.93 38.51
N THR N 31 -38.63 -16.21 37.73
CA THR N 31 -38.49 -15.70 36.38
C THR N 31 -38.85 -16.80 35.40
N ILE N 32 -39.80 -16.52 34.51
CA ILE N 32 -40.23 -17.46 33.49
C ILE N 32 -39.69 -16.98 32.15
N GLU N 33 -38.88 -17.81 31.50
CA GLU N 33 -38.34 -17.51 30.19
C GLU N 33 -39.22 -18.13 29.13
N ARG N 34 -39.74 -17.29 28.23
CA ARG N 34 -40.53 -17.76 27.11
C ARG N 34 -39.57 -18.19 26.01
N HIS N 35 -39.26 -19.49 25.97
CA HIS N 35 -38.33 -19.98 24.97
C HIS N 35 -38.87 -19.76 23.55
N ASP N 36 -40.16 -20.02 23.35
CA ASP N 36 -40.80 -19.90 22.06
C ASP N 36 -41.93 -18.88 22.15
N ASP N 37 -41.98 -17.96 21.19
CA ASP N 37 -43.01 -16.93 21.15
C ASP N 37 -44.18 -17.47 20.34
N SER N 38 -45.18 -18.02 21.03
CA SER N 38 -46.36 -18.55 20.35
C SER N 38 -47.49 -18.64 21.36
N ASN N 39 -48.69 -18.27 20.92
CA ASN N 39 -49.84 -18.34 21.82
C ASN N 39 -50.20 -19.79 22.09
N PRO N 40 -50.69 -20.09 23.29
CA PRO N 40 -50.95 -21.48 23.65
C PRO N 40 -52.21 -22.00 22.97
N PRO N 41 -52.43 -23.31 22.96
CA PRO N 41 -53.65 -23.87 22.38
C PRO N 41 -54.88 -23.37 23.10
N PHE N 42 -55.98 -23.24 22.36
CA PHE N 42 -57.18 -22.60 22.87
C PHE N 42 -58.41 -23.43 22.54
N LYS N 43 -59.46 -23.23 23.33
CA LYS N 43 -60.73 -23.93 23.17
C LYS N 43 -61.82 -22.90 22.92
N LYS N 44 -62.65 -23.14 21.91
CA LYS N 44 -63.68 -22.20 21.50
C LYS N 44 -65.07 -22.78 21.67
N GLU N 45 -66.04 -21.90 21.91
CA GLU N 45 -67.45 -22.24 21.92
C GLU N 45 -68.22 -21.17 21.15
N TYR N 46 -69.37 -21.55 20.62
CA TYR N 46 -70.18 -20.61 19.85
C TYR N 46 -71.64 -21.09 19.87
N TYR N 47 -72.44 -20.47 20.71
CA TYR N 47 -73.89 -20.73 20.77
C TYR N 47 -74.60 -19.55 20.13
N SER N 48 -75.42 -19.82 19.11
CA SER N 48 -76.08 -18.78 18.35
C SER N 48 -77.56 -19.09 18.18
N GLU N 49 -78.38 -18.05 18.23
CA GLU N 49 -79.82 -18.15 18.01
C GLU N 49 -80.26 -17.01 17.11
N PHE N 50 -81.14 -17.32 16.15
CA PHE N 50 -81.73 -16.33 15.26
C PHE N 50 -83.23 -16.58 15.24
N ILE N 51 -83.96 -15.88 16.11
CA ILE N 51 -85.37 -16.18 16.30
C ILE N 51 -86.16 -15.78 15.06
N GLU N 52 -87.35 -16.37 14.93
CA GLU N 52 -88.14 -16.31 13.72
C GLU N 52 -88.33 -14.88 13.24
N GLU N 53 -88.65 -14.74 11.96
CA GLU N 53 -89.03 -13.46 11.38
C GLU N 53 -90.56 -13.41 11.38
N TYR N 54 -91.12 -12.71 12.37
CA TYR N 54 -92.57 -12.63 12.51
C TYR N 54 -93.09 -11.74 11.39
N GLU N 55 -93.21 -12.34 10.20
CA GLU N 55 -93.72 -11.59 9.02
C GLU N 55 -95.22 -11.86 8.88
N LYS N 56 -96.04 -10.84 9.13
CA LYS N 56 -97.49 -10.97 9.07
C LYS N 56 -98.05 -9.79 8.28
N ILE N 57 -98.57 -10.08 7.09
CA ILE N 57 -99.26 -9.10 6.28
C ILE N 57 -100.75 -9.43 6.34
N ALA N 58 -101.55 -8.50 6.83
CA ALA N 58 -103.00 -8.59 6.77
C ALA N 58 -103.50 -7.38 5.99
N LYS N 59 -104.28 -7.62 4.94
CA LYS N 59 -104.66 -6.57 4.00
C LYS N 59 -106.16 -6.66 3.73
N SER N 60 -106.78 -5.51 3.50
CA SER N 60 -108.22 -5.41 3.36
C SER N 60 -108.59 -4.83 2.01
N MET N 61 -109.67 -5.34 1.41
CA MET N 61 -110.18 -4.76 0.13
C MET N 61 -111.72 -4.87 0.15
N ARG N 62 -112.40 -3.81 0.56
CA ARG N 62 -113.85 -3.76 0.71
C ARG N 62 -114.40 -2.76 -0.31
N ILE N 63 -115.24 -3.24 -1.21
CA ILE N 63 -115.86 -2.41 -2.22
C ILE N 63 -117.37 -2.61 -2.14
N SER N 64 -118.11 -1.54 -2.42
CA SER N 64 -119.57 -1.60 -2.40
C SER N 64 -120.11 -0.49 -3.28
N ALA N 65 -120.89 -0.85 -4.29
CA ALA N 65 -121.49 0.12 -5.19
C ALA N 65 -122.80 -0.43 -5.73
N GLY N 66 -123.72 0.48 -6.04
CA GLY N 66 -125.00 0.11 -6.58
C GLY N 66 -125.97 1.28 -6.65
N VAL N 78 -128.26 8.09 -8.59
CA VAL N 78 -127.87 7.97 -7.19
C VAL N 78 -127.07 6.69 -6.99
N ASN N 79 -125.85 6.69 -7.51
CA ASN N 79 -124.93 5.56 -7.41
C ASN N 79 -123.82 5.91 -6.42
N VAL N 80 -123.57 5.00 -5.49
CA VAL N 80 -122.57 5.23 -4.45
C VAL N 80 -121.45 4.22 -4.62
N ASP N 81 -120.28 4.59 -4.10
CA ASP N 81 -119.09 3.74 -4.15
C ASP N 81 -118.40 3.78 -2.80
N ILE N 82 -117.80 2.66 -2.42
CA ILE N 82 -117.00 2.56 -1.21
C ILE N 82 -115.76 1.73 -1.54
N LEU N 83 -114.59 2.24 -1.15
CA LEU N 83 -113.32 1.59 -1.47
C LEU N 83 -112.42 1.72 -0.24
N ASN N 84 -112.33 0.65 0.55
CA ASN N 84 -111.59 0.68 1.80
C ASN N 84 -110.43 -0.30 1.74
N ARG N 85 -109.25 0.16 2.16
CA ARG N 85 -108.05 -0.64 2.17
C ARG N 85 -107.42 -0.63 3.57
N SER N 86 -106.62 -1.66 3.83
CA SER N 86 -105.83 -1.69 5.05
C SER N 86 -104.59 -2.54 4.78
N GLU N 87 -103.61 -2.41 5.65
CA GLU N 87 -102.37 -3.17 5.50
C GLU N 87 -101.65 -3.16 6.84
N PHE N 88 -101.43 -4.35 7.40
CA PHE N 88 -100.74 -4.49 8.69
C PHE N 88 -99.53 -5.38 8.49
N GLU N 89 -98.34 -4.86 8.81
CA GLU N 89 -97.10 -5.59 8.63
C GLU N 89 -96.42 -5.75 9.99
N THR N 90 -95.75 -6.88 10.16
CA THR N 90 -95.00 -7.16 11.37
C THR N 90 -93.69 -7.81 11.00
N SER N 91 -92.64 -7.54 11.78
CA SER N 91 -91.35 -8.17 11.55
C SER N 91 -90.56 -8.11 12.86
N THR N 92 -90.53 -9.21 13.59
CA THR N 92 -89.76 -9.31 14.82
C THR N 92 -88.57 -10.22 14.57
N LEU N 93 -87.38 -9.63 14.54
CA LEU N 93 -86.13 -10.37 14.42
C LEU N 93 -85.37 -10.26 15.73
N THR N 94 -84.86 -11.40 16.21
CA THR N 94 -84.05 -11.41 17.41
C THR N 94 -82.82 -12.26 17.16
N TYR N 95 -81.73 -11.92 17.84
CA TYR N 95 -80.46 -12.61 17.65
C TYR N 95 -79.75 -12.71 18.98
N GLU N 96 -78.87 -13.70 19.10
CA GLU N 96 -78.10 -13.88 20.33
C GLU N 96 -76.96 -14.86 20.07
N VAL N 97 -75.75 -14.48 20.47
CA VAL N 97 -74.59 -15.35 20.39
C VAL N 97 -73.86 -15.30 21.73
N LYS N 98 -73.02 -16.30 21.96
CA LYS N 98 -72.21 -16.37 23.18
C LYS N 98 -70.95 -17.16 22.85
N VAL N 99 -69.84 -16.46 22.68
CA VAL N 99 -68.58 -17.06 22.29
C VAL N 99 -67.66 -17.10 23.50
N LEU N 100 -67.17 -18.29 23.83
CA LEU N 100 -66.26 -18.49 24.95
C LEU N 100 -64.94 -19.05 24.42
N VAL N 101 -63.84 -18.39 24.75
CA VAL N 101 -62.51 -18.81 24.35
C VAL N 101 -61.67 -18.99 25.60
N GLN N 102 -61.01 -20.14 25.72
CA GLN N 102 -60.15 -20.43 26.85
C GLN N 102 -58.83 -20.99 26.34
N HIS N 103 -57.74 -20.34 26.70
CA HIS N 103 -56.41 -20.77 26.28
C HIS N 103 -55.89 -21.82 27.26
N GLN N 104 -54.64 -22.24 27.09
CA GLN N 104 -53.99 -23.14 28.03
C GLN N 104 -52.62 -22.58 28.40
N VAL N 105 -51.90 -23.27 29.26
CA VAL N 105 -50.58 -22.84 29.71
C VAL N 105 -49.53 -23.61 28.94
N SER N 106 -48.60 -22.89 28.32
CA SER N 106 -47.60 -23.54 27.49
C SER N 106 -46.73 -24.48 28.33
N VAL N 107 -46.33 -25.59 27.72
CA VAL N 107 -45.58 -26.63 28.42
C VAL N 107 -44.09 -26.57 28.14
N LEU N 108 -43.63 -25.59 27.37
CA LEU N 108 -42.24 -25.50 26.95
C LEU N 108 -41.56 -24.27 27.53
N ASP N 109 -41.84 -23.96 28.79
CA ASP N 109 -41.22 -22.83 29.47
C ASP N 109 -40.32 -23.33 30.60
N LYS N 110 -39.41 -22.47 31.02
CA LYS N 110 -38.47 -22.78 32.09
C LYS N 110 -38.78 -21.89 33.29
N HIS N 111 -38.81 -22.49 34.48
CA HIS N 111 -39.11 -21.80 35.72
C HIS N 111 -37.88 -21.81 36.61
N SER N 112 -37.55 -20.64 37.17
CA SER N 112 -36.39 -20.47 38.03
C SER N 112 -36.81 -19.77 39.31
N PHE N 113 -35.93 -19.82 40.31
CA PHE N 113 -36.19 -19.23 41.62
C PHE N 113 -35.08 -18.27 41.98
N ASN N 114 -35.45 -17.02 42.24
CA ASN N 114 -34.49 -15.98 42.60
C ASN N 114 -34.50 -15.77 44.11
N LYS N 115 -33.34 -15.45 44.64
CA LYS N 115 -33.14 -15.38 46.09
C LYS N 115 -33.36 -13.95 46.58
N ILE N 116 -34.23 -13.80 47.57
CA ILE N 116 -34.39 -12.54 48.29
C ILE N 116 -34.00 -12.79 49.74
N GLN N 117 -33.10 -11.97 50.27
CA GLN N 117 -32.57 -12.17 51.61
C GLN N 117 -33.54 -11.58 52.62
N THR N 118 -34.09 -12.42 53.49
CA THR N 118 -35.04 -12.00 54.51
C THR N 118 -34.87 -12.85 55.74
N THR N 119 -35.15 -12.25 56.91
CA THR N 119 -35.17 -13.02 58.15
C THR N 119 -36.45 -13.82 58.30
N THR N 120 -37.46 -13.54 57.49
CA THR N 120 -38.75 -14.23 57.54
C THR N 120 -39.14 -14.63 56.13
N PRO N 121 -38.41 -15.57 55.52
CA PRO N 121 -38.72 -15.95 54.13
C PRO N 121 -40.13 -16.49 53.96
N HIS N 122 -40.72 -17.01 55.04
CA HIS N 122 -42.06 -17.58 54.94
C HIS N 122 -43.09 -16.51 54.61
N ALA N 123 -43.03 -15.37 55.30
CA ALA N 123 -44.01 -14.31 55.07
C ALA N 123 -43.70 -13.51 53.81
N THR N 124 -42.46 -13.57 53.31
CA THR N 124 -42.12 -12.86 52.09
C THR N 124 -42.45 -13.70 50.87
N TYR N 125 -41.94 -14.93 50.81
CA TYR N 125 -42.18 -15.78 49.65
C TYR N 125 -43.61 -16.31 49.64
N GLY N 126 -44.10 -16.75 50.80
CA GLY N 126 -45.42 -17.34 50.87
C GLY N 126 -45.39 -18.85 50.71
N ASP N 127 -46.33 -19.39 49.94
CA ASP N 127 -46.38 -20.82 49.66
C ASP N 127 -46.21 -21.14 48.19
N ARG N 128 -46.99 -20.50 47.31
CA ARG N 128 -47.00 -20.82 45.90
C ARG N 128 -46.84 -19.55 45.08
N PHE N 129 -46.31 -19.72 43.87
CA PHE N 129 -46.01 -18.63 42.95
C PHE N 129 -46.91 -18.69 41.73
N ILE N 130 -47.00 -17.56 41.05
CA ILE N 130 -47.88 -17.40 39.89
C ILE N 130 -47.05 -17.73 38.65
N ALA N 131 -47.24 -18.94 38.12
CA ALA N 131 -46.42 -19.40 37.00
C ALA N 131 -46.92 -18.82 35.69
N ASP N 132 -48.15 -19.15 35.31
CA ASP N 132 -48.72 -18.69 34.05
C ASP N 132 -50.15 -18.26 34.29
N PHE N 133 -50.62 -17.34 33.46
CA PHE N 133 -51.97 -16.82 33.57
C PHE N 133 -52.86 -17.51 32.56
N ILE N 134 -53.98 -18.07 33.03
CA ILE N 134 -54.96 -18.67 32.15
C ILE N 134 -55.73 -17.56 31.46
N LYS N 135 -55.64 -17.51 30.13
CA LYS N 135 -56.24 -16.44 29.36
C LYS N 135 -57.47 -16.94 28.62
N GLY N 136 -58.32 -15.99 28.22
CA GLY N 136 -59.55 -16.33 27.54
C GLY N 136 -60.28 -15.12 26.97
N GLY N 137 -61.56 -15.28 26.70
CA GLY N 137 -62.36 -14.21 26.11
C GLY N 137 -63.83 -14.54 26.23
N HIS N 138 -64.66 -13.58 25.84
CA HIS N 138 -66.09 -13.70 26.01
C HIS N 138 -66.80 -12.84 24.99
N PHE N 139 -68.00 -13.27 24.59
CA PHE N 139 -68.84 -12.47 23.72
C PHE N 139 -70.30 -12.68 24.11
N TYR N 140 -71.10 -11.64 23.88
CA TYR N 140 -72.51 -11.70 24.25
C TYR N 140 -73.24 -10.61 23.48
N ALA N 141 -74.13 -11.01 22.58
CA ALA N 141 -74.83 -10.05 21.74
C ALA N 141 -76.33 -10.33 21.76
N ARG N 142 -77.11 -9.27 21.59
CA ARG N 142 -78.56 -9.37 21.49
C ARG N 142 -79.05 -8.29 20.54
N VAL N 143 -79.74 -8.69 19.47
CA VAL N 143 -80.39 -7.77 18.56
C VAL N 143 -81.88 -7.99 18.67
N SER N 144 -82.63 -6.90 18.76
CA SER N 144 -84.09 -6.96 18.86
C SER N 144 -84.64 -5.96 17.85
N ILE N 145 -84.84 -6.41 16.62
CA ILE N 145 -85.41 -5.58 15.56
C ILE N 145 -86.92 -5.67 15.67
N THR N 146 -87.59 -4.56 15.99
CA THR N 146 -89.06 -4.56 16.19
C THR N 146 -89.75 -4.53 14.85
N ALA N 147 -91.08 -4.70 14.82
CA ALA N 147 -91.89 -4.73 13.59
C ALA N 147 -91.86 -3.38 12.86
N LYS N 148 -92.42 -3.34 11.66
CA LYS N 148 -92.56 -2.06 10.92
C LYS N 148 -93.93 -1.50 11.29
N ASN N 149 -94.90 -2.38 11.54
CA ASN N 149 -96.28 -1.96 11.78
C ASN N 149 -96.77 -1.02 10.69
N SER N 150 -96.53 -1.42 9.44
CA SER N 150 -97.07 -0.68 8.32
C SER N 150 -98.58 -0.62 8.44
N SER N 151 -99.15 0.56 8.20
CA SER N 151 -100.58 0.78 8.42
C SER N 151 -101.22 1.48 7.22
N GLU N 152 -100.95 1.00 6.01
CA GLU N 152 -101.55 1.58 4.82
C GLU N 152 -103.05 1.38 4.88
N THR N 153 -103.80 2.47 4.93
CA THR N 153 -105.27 2.44 4.90
C THR N 153 -105.77 3.53 3.96
N SER N 154 -107.00 3.37 3.49
CA SER N 154 -107.59 4.36 2.60
C SER N 154 -109.08 4.10 2.47
N GLU N 155 -109.81 5.15 2.10
CA GLU N 155 -111.25 5.09 1.91
C GLU N 155 -111.61 5.99 0.74
N LEU N 156 -112.69 5.66 0.03
CA LEU N 156 -113.17 6.47 -1.07
C LEU N 156 -114.69 6.41 -1.09
N LYS N 157 -115.33 7.47 -1.58
CA LYS N 157 -116.79 7.59 -1.58
C LYS N 157 -117.22 8.43 -2.78
N GLN N 158 -117.84 7.78 -3.77
CA GLN N 158 -118.31 8.46 -4.99
C GLN N 158 -119.83 8.36 -5.06
N SER N 159 -120.50 9.40 -4.58
CA SER N 159 -121.95 9.48 -4.67
C SER N 159 -122.34 10.22 -5.95
N ALA N 160 -122.97 9.50 -6.87
CA ALA N 160 -123.39 10.08 -8.14
C ALA N 160 -122.22 10.70 -8.88
N THR N 174 -124.42 16.23 -9.45
CA THR N 174 -123.94 16.05 -8.08
C THR N 174 -122.84 15.00 -8.00
N GLN N 175 -121.82 15.29 -7.20
CA GLN N 175 -120.65 14.42 -7.10
C GLN N 175 -120.08 14.57 -5.70
N GLU N 176 -119.32 13.56 -5.28
CA GLU N 176 -118.72 13.55 -3.96
C GLU N 176 -117.49 12.66 -3.97
N VAL N 177 -116.41 13.13 -3.35
CA VAL N 177 -115.19 12.35 -3.19
C VAL N 177 -114.69 12.52 -1.76
N GLU N 178 -114.25 11.43 -1.14
CA GLU N 178 -113.82 11.43 0.26
C GLU N 178 -112.66 10.45 0.39
N ARG N 179 -111.43 10.98 0.47
CA ARG N 179 -110.24 10.17 0.64
C ARG N 179 -109.47 10.53 1.92
N ALA N 180 -110.18 10.93 2.97
CA ALA N 180 -109.52 11.34 4.21
C ALA N 180 -109.19 10.12 5.08
N VAL N 181 -108.48 9.16 4.50
CA VAL N 181 -108.00 8.00 5.24
C VAL N 181 -106.65 7.61 4.66
N SER N 182 -105.60 7.66 5.50
CA SER N 182 -104.26 7.31 5.08
C SER N 182 -103.36 7.29 6.30
N SER N 183 -102.51 6.28 6.39
CA SER N 183 -101.57 6.15 7.49
C SER N 183 -100.41 5.29 7.04
N ILE N 184 -99.29 5.37 7.76
CA ILE N 184 -98.06 4.71 7.39
C ILE N 184 -97.45 4.04 8.62
N LYS N 185 -96.41 3.25 8.38
CA LYS N 185 -95.73 2.50 9.42
C LYS N 185 -95.22 3.41 10.52
N ARG N 186 -95.25 2.89 11.75
CA ARG N 186 -94.56 3.55 12.85
C ARG N 186 -94.07 2.45 13.79
N ASN N 187 -92.88 1.93 13.48
CA ASN N 187 -92.14 1.11 14.43
C ASN N 187 -90.76 0.79 13.86
N ALA N 188 -89.71 1.05 14.62
CA ALA N 188 -88.37 0.60 14.25
C ALA N 188 -87.50 0.65 15.51
N SER N 189 -87.31 -0.48 16.15
CA SER N 189 -86.52 -0.57 17.38
C SER N 189 -85.35 -1.50 17.13
N VAL N 190 -84.14 -1.00 17.40
CA VAL N 190 -82.92 -1.79 17.29
C VAL N 190 -82.23 -1.71 18.64
N LYS N 191 -82.42 -2.73 19.47
CA LYS N 191 -81.72 -2.84 20.73
C LYS N 191 -80.51 -3.74 20.53
N ILE N 192 -79.32 -3.20 20.77
CA ILE N 192 -78.07 -3.93 20.63
C ILE N 192 -77.33 -3.87 21.95
N THR N 193 -76.95 -5.03 22.46
CA THR N 193 -76.05 -5.12 23.61
C THR N 193 -74.88 -6.00 23.19
N ILE N 194 -73.66 -5.51 23.38
CA ILE N 194 -72.45 -6.25 23.03
C ILE N 194 -71.52 -6.22 24.24
N ILE N 195 -71.17 -7.39 24.76
CA ILE N 195 -70.27 -7.50 25.90
C ILE N 195 -69.07 -8.32 25.46
N GLU N 196 -67.89 -7.72 25.52
CA GLU N 196 -66.69 -8.33 24.96
C GLU N 196 -65.55 -8.29 25.98
N SER N 197 -64.71 -9.33 25.92
CA SER N 197 -63.48 -9.40 26.70
C SER N 197 -62.42 -9.94 25.75
N THR N 198 -61.73 -9.03 25.06
CA THR N 198 -60.76 -9.42 24.05
C THR N 198 -59.42 -8.73 24.27
N GLY N 199 -58.51 -8.87 23.31
CA GLY N 199 -57.19 -8.30 23.44
C GLY N 199 -56.78 -7.54 22.19
N THR N 200 -55.79 -6.69 22.36
CA THR N 200 -55.28 -5.88 21.26
C THR N 200 -54.42 -6.72 20.33
N SER N 201 -54.34 -6.30 19.07
CA SER N 201 -53.51 -6.98 18.09
C SER N 201 -52.04 -6.83 18.45
N SER N 216 -79.17 -3.31 8.41
CA SER N 216 -78.31 -4.48 8.38
C SER N 216 -77.60 -4.65 9.71
N ASP N 217 -78.24 -4.22 10.79
CA ASP N 217 -77.61 -4.35 12.10
C ASP N 217 -77.52 -5.80 12.54
N LEU N 218 -78.44 -6.65 12.07
CA LEU N 218 -78.34 -8.08 12.37
C LEU N 218 -77.07 -8.66 11.74
N LEU N 219 -76.76 -8.27 10.51
CA LEU N 219 -75.54 -8.77 9.86
C LEU N 219 -74.30 -8.17 10.49
N ALA N 220 -74.35 -6.90 10.90
CA ALA N 220 -73.16 -6.27 11.48
C ALA N 220 -72.74 -7.00 12.76
N VAL N 221 -73.71 -7.33 13.62
CA VAL N 221 -73.39 -8.10 14.82
C VAL N 221 -72.82 -9.45 14.43
N LYS N 222 -73.35 -10.05 13.37
CA LYS N 222 -72.88 -11.37 12.95
C LYS N 222 -71.43 -11.34 12.54
N GLU N 223 -71.02 -10.31 11.79
CA GLU N 223 -69.64 -10.25 11.32
C GLU N 223 -68.67 -10.15 12.50
N LYS N 224 -68.97 -9.30 13.48
CA LYS N 224 -68.15 -9.23 14.67
C LYS N 224 -68.20 -10.55 15.43
N ALA N 225 -69.37 -11.18 15.49
CA ALA N 225 -69.48 -12.48 16.14
C ALA N 225 -68.67 -13.53 15.39
N ASP N 226 -68.77 -13.58 14.06
CA ASP N 226 -67.98 -14.53 13.30
C ASP N 226 -66.51 -14.14 13.28
N GLN N 227 -66.22 -12.85 13.09
CA GLN N 227 -64.83 -12.42 13.14
C GLN N 227 -64.20 -12.75 14.48
N PHE N 228 -64.99 -12.75 15.55
CA PHE N 228 -64.46 -13.14 16.84
C PHE N 228 -63.96 -14.57 16.79
N TYR N 229 -64.78 -15.45 16.19
CA TYR N 229 -64.40 -16.88 16.02
C TYR N 229 -63.08 -16.89 15.25
N LYS N 230 -63.05 -16.30 14.06
CA LYS N 230 -61.83 -16.33 13.25
C LYS N 230 -60.70 -15.60 13.94
N ASP N 231 -61.02 -14.53 14.70
CA ASP N 231 -59.98 -13.77 15.37
C ASP N 231 -59.22 -14.63 16.37
N ALA N 232 -59.92 -15.53 17.05
CA ALA N 232 -59.25 -16.38 18.02
C ALA N 232 -58.12 -17.17 17.38
N ASP N 233 -58.32 -17.68 16.17
CA ASP N 233 -57.29 -18.50 15.53
C ASP N 233 -55.98 -17.74 15.44
N SER N 234 -56.05 -16.43 15.18
CA SER N 234 -54.84 -15.61 15.19
C SER N 234 -54.24 -15.49 16.58
N GLY N 235 -54.96 -15.92 17.61
CA GLY N 235 -54.44 -15.89 18.96
C GLY N 235 -54.25 -14.49 19.53
N LYS N 236 -55.20 -13.60 19.27
CA LYS N 236 -55.21 -12.28 19.88
C LYS N 236 -56.15 -12.17 21.07
N HIS N 237 -56.79 -13.28 21.48
CA HIS N 237 -57.72 -13.25 22.60
C HIS N 237 -56.95 -13.55 23.87
N SER N 238 -56.21 -12.55 24.34
CA SER N 238 -55.38 -12.69 25.52
C SER N 238 -55.99 -11.79 26.60
N TYR N 239 -56.94 -12.33 27.34
CA TYR N 239 -57.54 -11.65 28.48
C TYR N 239 -57.30 -12.52 29.70
N VAL N 240 -56.81 -11.92 30.77
CA VAL N 240 -56.42 -12.68 31.96
C VAL N 240 -57.68 -13.10 32.70
N LEU N 241 -57.86 -14.40 32.90
CA LEU N 241 -59.00 -14.94 33.62
C LEU N 241 -58.59 -15.61 34.92
N PHE N 242 -57.70 -16.60 34.87
CA PHE N 242 -57.29 -17.36 36.04
C PHE N 242 -55.77 -17.39 36.12
N ALA N 243 -55.27 -17.66 37.32
CA ALA N 243 -53.84 -17.79 37.57
C ALA N 243 -53.54 -19.20 38.07
N VAL N 244 -52.53 -19.83 37.49
CA VAL N 244 -52.15 -21.20 37.83
C VAL N 244 -51.04 -21.15 38.87
N LEU N 245 -51.22 -21.90 39.96
CA LEU N 245 -50.29 -21.87 41.08
C LEU N 245 -49.31 -23.03 40.98
N GLY N 246 -48.07 -22.77 41.39
CA GLY N 246 -47.05 -23.81 41.41
C GLY N 246 -46.31 -23.79 42.73
N LYS N 247 -45.82 -24.95 43.12
CA LYS N 247 -45.15 -25.11 44.40
C LYS N 247 -43.66 -24.86 44.26
N TYR N 248 -43.10 -24.10 45.21
CA TYR N 248 -41.69 -23.73 45.13
C TYR N 248 -40.78 -24.94 45.18
N ARG N 249 -41.25 -26.08 45.70
CA ARG N 249 -40.40 -27.24 45.79
C ARG N 249 -40.07 -27.80 44.42
N ASN N 250 -41.03 -27.76 43.49
CA ASN N 250 -40.83 -28.32 42.16
C ASN N 250 -39.83 -27.53 41.33
N LEU N 251 -39.44 -26.33 41.75
CA LEU N 251 -38.45 -25.58 41.02
C LEU N 251 -37.10 -26.30 41.07
N SER N 252 -36.46 -26.42 39.91
CA SER N 252 -35.12 -27.01 39.88
C SER N 252 -34.14 -26.17 40.69
N ASN N 253 -34.16 -24.86 40.50
CA ASN N 253 -33.21 -23.95 41.14
C ASN N 253 -33.43 -23.86 42.64
N PHE N 254 -34.56 -24.37 43.14
CA PHE N 254 -34.83 -24.36 44.57
C PHE N 254 -33.92 -25.37 45.25
N GLU N 255 -32.94 -24.87 46.01
CA GLU N 255 -32.10 -25.70 46.87
C GLU N 255 -32.59 -25.67 48.31
N SER N 256 -33.90 -25.64 48.50
CA SER N 256 -34.50 -25.62 49.84
C SER N 256 -34.05 -24.38 50.60
N TYR N 257 -34.41 -23.21 50.04
CA TYR N 257 -34.18 -21.96 50.74
C TYR N 257 -34.97 -21.89 52.03
N PHE N 258 -36.07 -22.65 52.12
CA PHE N 258 -36.89 -22.68 53.31
C PHE N 258 -37.78 -23.91 53.23
N ALA N 259 -38.63 -24.07 54.25
CA ALA N 259 -39.56 -25.18 54.27
C ALA N 259 -40.97 -24.64 54.14
N PRO N 260 -41.57 -24.66 52.95
CA PRO N 260 -42.92 -24.09 52.80
C PRO N 260 -43.94 -24.83 53.65
N PHE N 261 -44.89 -24.07 54.19
CA PHE N 261 -45.97 -24.68 54.93
C PHE N 261 -47.00 -25.29 53.99
N ASP N 262 -47.79 -26.22 54.53
CA ASP N 262 -48.93 -26.83 53.79
C ASP N 262 -50.17 -26.38 54.54
N TYR N 263 -50.88 -25.36 54.05
CA TYR N 263 -51.99 -24.74 54.74
C TYR N 263 -53.31 -25.45 54.52
N GLN N 264 -53.33 -26.56 53.79
CA GLN N 264 -54.58 -27.25 53.52
C GLN N 264 -55.30 -27.61 54.81
N MET N 265 -54.60 -28.24 55.74
CA MET N 265 -55.22 -28.61 57.00
C MET N 265 -55.45 -27.38 57.88
N ALA N 266 -54.51 -26.45 57.91
CA ALA N 266 -54.68 -25.26 58.75
C ALA N 266 -55.90 -24.46 58.33
N SER N 267 -56.10 -24.28 57.02
CA SER N 267 -57.29 -23.56 56.57
C SER N 267 -58.55 -24.32 56.94
N LEU N 268 -58.54 -25.64 56.80
CA LEU N 268 -59.72 -26.43 57.15
C LEU N 268 -60.06 -26.25 58.63
N ARG N 269 -59.05 -26.34 59.50
CA ARG N 269 -59.32 -26.20 60.93
C ARG N 269 -59.84 -24.80 61.26
N SER N 270 -59.23 -23.78 60.67
CA SER N 270 -59.56 -22.40 61.00
C SER N 270 -60.58 -21.81 60.03
N TRP N 271 -61.73 -22.47 59.92
CA TRP N 271 -62.85 -21.93 59.14
C TRP N 271 -63.86 -21.19 60.00
N ALA N 272 -64.12 -21.65 61.21
CA ALA N 272 -65.03 -20.93 62.09
C ALA N 272 -64.54 -19.51 62.36
N LEU N 273 -63.22 -19.30 62.31
CA LEU N 273 -62.68 -17.96 62.51
C LEU N 273 -62.85 -17.10 61.26
N PHE N 274 -62.68 -17.69 60.07
CA PHE N 274 -62.79 -16.90 58.85
C PHE N 274 -64.18 -16.33 58.69
N ASN N 275 -65.21 -17.11 58.99
CA ASN N 275 -66.57 -16.58 58.90
C ASN N 275 -66.79 -15.45 59.90
N ASP N 276 -66.30 -15.60 61.13
CA ASP N 276 -66.47 -14.55 62.12
C ASP N 276 -65.81 -13.26 61.68
N PHE N 277 -64.79 -13.33 60.83
CA PHE N 277 -64.17 -12.13 60.31
C PHE N 277 -65.14 -11.33 59.46
N THR N 278 -65.77 -11.98 58.47
CA THR N 278 -66.70 -11.26 57.61
C THR N 278 -67.86 -10.69 58.41
N LEU N 279 -68.38 -11.47 59.36
CA LEU N 279 -69.50 -10.98 60.15
C LEU N 279 -69.11 -9.75 60.97
N TYR N 280 -67.93 -9.77 61.59
CA TYR N 280 -67.50 -8.64 62.40
C TYR N 280 -67.28 -7.39 61.55
N LYS N 281 -66.69 -7.55 60.37
CA LYS N 281 -66.53 -6.40 59.48
C LYS N 281 -67.88 -5.84 59.05
N ALA N 282 -68.84 -6.73 58.77
CA ALA N 282 -70.16 -6.25 58.38
C ALA N 282 -70.83 -5.46 59.49
N ILE N 283 -70.70 -5.90 60.74
CA ILE N 283 -71.39 -5.21 61.83
C ILE N 283 -70.69 -3.94 62.28
N GLU N 284 -69.51 -3.63 61.74
CA GLU N 284 -68.97 -2.29 61.93
C GLU N 284 -69.89 -1.28 61.25
N THR N 285 -70.32 -1.57 60.03
CA THR N 285 -71.26 -0.70 59.34
C THR N 285 -72.64 -0.70 59.98
N MET N 286 -73.00 -1.75 60.72
CA MET N 286 -74.21 -1.71 61.53
C MET N 286 -74.23 -0.45 62.40
N ILE N 287 -73.19 -0.28 63.21
CA ILE N 287 -73.18 0.82 64.18
C ILE N 287 -73.09 2.15 63.46
N LYS N 288 -72.17 2.27 62.50
CA LYS N 288 -71.95 3.55 61.85
C LYS N 288 -73.20 4.02 61.11
N ALA N 289 -73.89 3.11 60.42
CA ALA N 289 -75.01 3.52 59.60
C ALA N 289 -76.15 4.14 60.41
N VAL N 290 -76.48 3.55 61.56
CA VAL N 290 -77.65 3.99 62.33
C VAL N 290 -77.34 5.31 63.02
N PRO N 291 -78.28 6.25 63.07
CA PRO N 291 -77.98 7.58 63.62
C PRO N 291 -77.93 7.58 65.14
N GLU N 292 -77.58 8.75 65.67
CA GLU N 292 -77.43 8.92 67.11
C GLU N 292 -78.79 8.93 67.81
N SER N 293 -79.81 9.48 67.15
CA SER N 293 -81.10 9.70 67.79
C SER N 293 -81.89 8.43 68.04
N LYS N 294 -81.29 7.25 67.84
CA LYS N 294 -81.98 5.99 68.06
C LYS N 294 -81.08 5.00 68.78
N PHE N 295 -80.24 5.56 69.66
CA PHE N 295 -79.37 4.73 70.53
C PHE N 295 -79.92 4.87 71.94
N LYS N 296 -79.91 3.79 72.72
CA LYS N 296 -80.50 3.83 74.05
C LYS N 296 -79.70 4.75 74.98
N ASP N 297 -78.39 4.58 75.04
CA ASP N 297 -77.58 5.33 75.97
C ASP N 297 -77.24 6.74 75.48
N GLY N 298 -77.51 7.04 74.22
CA GLY N 298 -77.28 8.37 73.70
C GLY N 298 -75.88 8.58 73.18
N PRO N 299 -75.25 9.69 73.55
CA PRO N 299 -73.97 10.04 72.89
C PRO N 299 -72.87 9.01 73.10
N GLU N 300 -72.55 8.69 74.35
CA GLU N 300 -71.42 7.81 74.62
C GLU N 300 -71.82 6.35 74.46
N ARG N 301 -72.44 6.03 73.32
CA ARG N 301 -72.77 4.65 73.00
C ARG N 301 -72.23 4.32 71.62
N LYS N 302 -72.20 5.31 70.72
CA LYS N 302 -71.65 5.09 69.40
C LYS N 302 -70.17 4.74 69.45
N THR N 303 -69.39 5.51 70.22
CA THR N 303 -67.94 5.36 70.11
C THR N 303 -67.44 4.07 70.76
N GLN N 304 -67.93 3.71 71.95
CA GLN N 304 -67.44 2.49 72.57
C GLN N 304 -68.12 1.25 72.02
N LEU N 305 -69.25 1.39 71.33
CA LEU N 305 -69.73 0.28 70.51
C LEU N 305 -68.88 0.15 69.26
N ILE N 306 -68.56 1.27 68.63
CA ILE N 306 -67.65 1.22 67.48
C ILE N 306 -66.28 0.75 67.92
N LYS N 307 -65.76 1.28 69.03
CA LYS N 307 -64.43 0.90 69.47
C LYS N 307 -64.41 -0.56 69.95
N GLN N 308 -65.47 -1.00 70.62
CA GLN N 308 -65.48 -2.39 71.10
C GLN N 308 -65.42 -3.37 69.93
N ALA N 309 -66.15 -3.08 68.85
CA ALA N 309 -66.12 -3.95 67.68
C ALA N 309 -64.75 -3.96 67.04
N ILE N 310 -64.13 -2.79 66.87
CA ILE N 310 -62.83 -2.73 66.22
C ILE N 310 -61.76 -3.34 67.10
N ASN N 311 -61.84 -3.13 68.42
CA ASN N 311 -60.84 -3.71 69.30
C ASN N 311 -60.83 -5.24 69.18
N ILE N 312 -62.01 -5.86 69.12
CA ILE N 312 -62.05 -7.31 68.93
C ILE N 312 -61.86 -7.70 67.48
N PHE N 313 -62.00 -6.76 66.55
CA PHE N 313 -61.58 -7.03 65.17
C PHE N 313 -60.07 -7.21 65.10
N GLU N 314 -59.33 -6.47 65.93
CA GLU N 314 -57.89 -6.66 66.01
C GLU N 314 -57.55 -8.06 66.50
N THR N 315 -58.29 -8.56 67.50
CA THR N 315 -57.94 -9.83 68.10
C THR N 315 -58.02 -10.96 67.09
N ILE N 316 -59.04 -10.96 66.24
CA ILE N 316 -59.16 -12.03 65.26
C ILE N 316 -58.27 -11.80 64.05
N ARG N 317 -58.01 -10.55 63.68
CA ARG N 317 -57.10 -10.29 62.56
C ARG N 317 -55.67 -10.69 62.92
N ASP N 318 -55.23 -10.40 64.15
CA ASP N 318 -53.90 -10.80 64.56
C ASP N 318 -53.81 -12.31 64.77
N ARG N 319 -54.92 -12.96 65.10
CA ARG N 319 -54.92 -14.42 65.15
C ARG N 319 -54.67 -14.99 63.75
N VAL N 320 -55.29 -14.40 62.73
CA VAL N 320 -55.03 -14.83 61.35
C VAL N 320 -53.58 -14.58 60.98
N ILE N 321 -53.05 -13.40 61.33
CA ILE N 321 -51.66 -13.10 61.02
C ILE N 321 -50.74 -14.05 61.79
N LEU N 322 -51.17 -14.50 62.96
CA LEU N 322 -50.38 -15.47 63.71
C LEU N 322 -50.37 -16.83 63.03
N ILE N 323 -51.49 -17.24 62.42
CA ILE N 323 -51.51 -18.51 61.71
C ILE N 323 -50.50 -18.50 60.57
N SER N 324 -50.24 -17.33 59.98
CA SER N 324 -49.21 -17.26 58.95
C SER N 324 -47.86 -17.68 59.49
N GLU N 325 -47.48 -17.19 60.67
CA GLU N 325 -46.21 -17.56 61.25
C GLU N 325 -46.25 -18.99 61.81
N HIS N 326 -47.36 -19.36 62.45
CA HIS N 326 -47.49 -20.67 63.10
C HIS N 326 -48.80 -21.32 62.69
N PRO N 327 -48.83 -22.02 61.55
CA PRO N 327 -50.05 -22.78 61.21
C PRO N 327 -50.36 -23.88 62.18
N GLU N 328 -49.36 -24.39 62.92
CA GLU N 328 -49.65 -25.35 63.97
C GLU N 328 -50.51 -24.75 65.07
N ALA N 329 -50.52 -23.42 65.19
CA ALA N 329 -51.35 -22.76 66.18
C ALA N 329 -52.82 -22.79 65.84
N ALA N 330 -53.22 -23.49 64.76
CA ALA N 330 -54.63 -23.61 64.44
C ALA N 330 -55.40 -24.42 65.48
N LYS N 331 -54.70 -25.21 66.30
CA LYS N 331 -55.39 -26.02 67.29
C LYS N 331 -56.10 -25.16 68.34
N GLU N 332 -55.44 -24.11 68.80
CA GLU N 332 -55.99 -23.32 69.90
C GLU N 332 -57.37 -22.80 69.55
N ASP N 333 -58.29 -22.91 70.50
CA ASP N 333 -59.65 -22.44 70.28
C ASP N 333 -59.69 -20.92 70.29
N PRO N 334 -60.72 -20.32 69.70
CA PRO N 334 -60.84 -18.87 69.74
C PRO N 334 -60.93 -18.36 71.17
N ASP N 335 -60.36 -17.18 71.41
CA ASP N 335 -60.40 -16.53 72.71
C ASP N 335 -61.08 -15.17 72.62
N HIS N 336 -62.02 -15.02 71.69
CA HIS N 336 -62.68 -13.76 71.44
C HIS N 336 -64.19 -13.93 71.52
N MET N 337 -64.87 -12.84 71.82
CA MET N 337 -66.32 -12.89 71.97
C MET N 337 -66.98 -13.29 70.65
N LYS N 338 -68.06 -14.04 70.74
CA LYS N 338 -68.73 -14.53 69.55
C LYS N 338 -69.38 -13.36 68.81
N PRO N 339 -69.47 -13.42 67.48
CA PRO N 339 -70.28 -12.42 66.77
C PRO N 339 -71.73 -12.42 67.19
N GLY N 340 -72.28 -13.59 67.51
CA GLY N 340 -73.66 -13.63 67.97
C GLY N 340 -73.85 -12.88 69.27
N ASP N 341 -72.98 -13.10 70.25
CA ASP N 341 -73.13 -12.41 71.53
C ASP N 341 -72.92 -10.91 71.36
N PHE N 342 -71.89 -10.52 70.61
CA PHE N 342 -71.68 -9.09 70.39
C PHE N 342 -72.79 -8.49 69.56
N ARG N 343 -73.30 -9.23 68.57
CA ARG N 343 -74.45 -8.73 67.82
C ARG N 343 -75.64 -8.51 68.75
N LEU N 344 -75.90 -9.48 69.63
CA LEU N 344 -76.94 -9.31 70.64
C LEU N 344 -76.74 -8.01 71.39
N GLU N 345 -75.50 -7.72 71.79
CA GLU N 345 -75.23 -6.47 72.49
C GLU N 345 -75.59 -5.26 71.63
N VAL N 346 -75.40 -5.36 70.32
CA VAL N 346 -75.74 -4.24 69.44
C VAL N 346 -77.23 -3.94 69.50
N LEU N 347 -78.06 -4.97 69.33
CA LEU N 347 -79.50 -4.73 69.27
C LEU N 347 -80.11 -4.42 70.62
N ASN N 348 -79.48 -4.85 71.72
CA ASN N 348 -80.03 -4.55 73.03
C ASN N 348 -80.03 -3.05 73.31
N SER N 349 -79.06 -2.33 72.77
CA SER N 349 -78.89 -0.90 73.04
C SER N 349 -79.54 -0.05 71.97
N ILE N 350 -80.67 -0.49 71.42
CA ILE N 350 -81.35 0.19 70.33
C ILE N 350 -82.77 0.51 70.77
N GLN N 351 -83.15 1.77 70.63
CA GLN N 351 -84.53 2.18 70.92
C GLN N 351 -85.49 1.58 69.91
N THR N 352 -86.74 1.46 70.32
CA THR N 352 -87.75 0.77 69.53
C THR N 352 -89.03 1.58 69.51
N LYS N 353 -89.92 1.24 68.57
CA LYS N 353 -91.20 1.91 68.41
C LYS N 353 -92.32 0.96 68.78
N LEU N 354 -93.28 1.46 69.56
CA LEU N 354 -94.35 0.62 70.11
C LEU N 354 -95.52 0.63 69.13
N PHE N 355 -95.37 -0.14 68.05
CA PHE N 355 -96.44 -0.23 67.07
C PHE N 355 -97.59 -1.01 67.69
N HIS N 356 -98.55 -0.27 68.27
CA HIS N 356 -99.72 -0.91 68.94
C HIS N 356 -100.81 -1.09 67.88
N ALA N 357 -100.92 -2.30 67.31
CA ALA N 357 -101.92 -2.58 66.30
C ALA N 357 -103.31 -2.43 66.89
N GLN N 358 -104.22 -1.87 66.10
CA GLN N 358 -105.57 -1.59 66.54
C GLN N 358 -106.55 -2.12 65.52
N SER N 359 -107.66 -2.68 66.00
CA SER N 359 -108.66 -3.30 65.13
C SER N 359 -109.74 -2.29 64.80
N GLN N 360 -109.70 -1.76 63.58
CA GLN N 360 -110.69 -0.80 63.14
C GLN N 360 -112.07 -1.47 63.01
N PRO N 361 -113.12 -0.86 63.56
CA PRO N 361 -114.47 -1.39 63.35
C PRO N 361 -115.13 -0.85 62.10
N ILE N 362 -115.58 -1.74 61.22
CA ILE N 362 -116.24 -1.34 59.97
C ILE N 362 -117.69 -1.82 60.03
N PRO N 363 -118.66 -1.01 59.59
CA PRO N 363 -120.05 -1.47 59.60
C PRO N 363 -120.24 -2.70 58.74
N ASN N 364 -121.30 -3.45 59.04
CA ASN N 364 -121.64 -4.68 58.32
C ASN N 364 -120.61 -5.77 58.62
N THR N 365 -120.19 -5.85 59.88
CA THR N 365 -119.25 -6.88 60.34
C THR N 365 -119.61 -7.27 61.76
N ASP N 366 -119.76 -8.57 61.99
CA ASP N 366 -120.10 -9.11 63.30
C ASP N 366 -119.00 -10.08 63.72
N ASP N 367 -118.39 -9.83 64.88
CA ASP N 367 -117.29 -10.62 65.40
C ASP N 367 -116.07 -10.59 64.47
N TYR N 368 -116.08 -9.69 63.49
CA TYR N 368 -114.98 -9.55 62.53
C TYR N 368 -114.55 -8.08 62.53
N TRP N 369 -113.27 -7.83 62.78
CA TRP N 369 -112.73 -6.49 62.86
C TRP N 369 -111.76 -6.27 61.70
N THR N 370 -111.12 -5.11 61.70
CA THR N 370 -110.12 -4.78 60.67
C THR N 370 -108.86 -4.31 61.40
N ASP N 371 -107.83 -5.14 61.38
CA ASP N 371 -106.58 -4.86 62.10
C ASP N 371 -105.75 -3.88 61.30
N VAL N 372 -105.48 -2.71 61.88
CA VAL N 372 -104.60 -1.70 61.28
C VAL N 372 -103.41 -1.51 62.22
N ILE N 373 -102.20 -1.70 61.68
CA ILE N 373 -100.99 -1.59 62.48
C ILE N 373 -100.52 -0.14 62.35
N LEU N 374 -101.09 0.74 63.17
CA LEU N 374 -100.73 2.14 63.20
C LEU N 374 -100.33 2.54 64.61
N THR N 375 -99.28 3.34 64.72
CA THR N 375 -98.78 3.79 66.01
C THR N 375 -99.68 4.80 66.68
N THR N 376 -100.57 5.45 65.92
CA THR N 376 -101.46 6.46 66.48
C THR N 376 -102.68 5.80 67.11
N LYS N 377 -102.99 6.20 68.33
CA LYS N 377 -104.17 5.66 69.01
C LYS N 377 -105.44 6.06 68.28
N GLY N 378 -106.35 5.11 68.11
CA GLY N 378 -107.60 5.36 67.43
C GLY N 378 -108.79 5.30 68.37
N SER N 379 -109.95 5.77 67.90
CA SER N 379 -111.17 5.75 68.68
C SER N 379 -112.06 4.60 68.22
N GLY N 380 -112.40 3.72 69.15
CA GLY N 380 -113.23 2.58 68.84
C GLY N 380 -112.51 1.41 68.22
N ASN N 381 -111.19 1.55 68.05
CA ASN N 381 -110.38 0.46 67.45
C ASN N 381 -109.79 -0.40 68.57
N GLN N 382 -109.97 -1.73 68.51
CA GLN N 382 -109.49 -2.60 69.57
C GLN N 382 -107.98 -2.79 69.45
N PRO N 383 -107.18 -2.42 70.45
CA PRO N 383 -105.74 -2.70 70.38
C PRO N 383 -105.45 -4.19 70.53
N LEU N 384 -104.51 -4.68 69.73
CA LEU N 384 -104.15 -6.09 69.73
C LEU N 384 -102.94 -6.35 70.64
N PHE N 385 -101.80 -5.76 70.33
CA PHE N 385 -100.61 -5.91 71.15
C PHE N 385 -99.72 -4.68 70.93
N THR N 386 -98.94 -4.37 71.96
CA THR N 386 -97.98 -3.27 71.90
C THR N 386 -96.58 -3.83 72.10
N PHE N 387 -95.70 -3.61 71.13
CA PHE N 387 -94.41 -4.26 71.06
C PHE N 387 -93.33 -3.31 70.56
N PRO N 388 -92.10 -3.43 71.06
CA PRO N 388 -91.00 -2.67 70.46
C PRO N 388 -90.81 -3.06 69.00
N ALA N 389 -90.47 -2.08 68.17
CA ALA N 389 -90.20 -2.32 66.76
C ALA N 389 -89.13 -1.35 66.27
N PHE N 390 -88.63 -1.61 65.07
CA PHE N 390 -87.54 -0.84 64.48
C PHE N 390 -88.12 0.07 63.40
N ASP N 391 -87.93 1.38 63.57
CA ASP N 391 -88.49 2.38 62.68
C ASP N 391 -87.46 2.96 61.73
N PHE N 392 -86.33 2.28 61.54
CA PHE N 392 -85.27 2.77 60.69
C PHE N 392 -84.46 1.60 60.18
N GLY N 393 -83.98 1.73 58.95
CA GLY N 393 -83.21 0.66 58.33
C GLY N 393 -81.81 0.63 58.89
N ASP N 394 -80.84 0.40 58.03
CA ASP N 394 -79.42 0.41 58.40
C ASP N 394 -79.08 -0.66 59.43
N LEU N 395 -79.99 -1.56 59.75
CA LEU N 395 -79.73 -2.69 60.64
C LEU N 395 -79.90 -3.95 59.81
N ILE N 396 -78.77 -4.58 59.45
CA ILE N 396 -78.85 -5.73 58.57
C ILE N 396 -79.66 -6.83 59.25
N GLY N 397 -80.25 -7.69 58.42
CA GLY N 397 -81.12 -8.73 58.92
C GLY N 397 -82.56 -8.28 59.16
N THR N 398 -82.94 -7.10 58.66
CA THR N 398 -84.29 -6.54 58.87
C THR N 398 -84.93 -6.15 57.56
N GLU N 399 -86.25 -6.27 57.45
CA GLU N 399 -87.00 -5.87 56.27
C GLU N 399 -88.26 -5.12 56.70
N VAL N 400 -88.78 -4.30 55.79
CA VAL N 400 -89.87 -3.38 56.08
C VAL N 400 -91.18 -3.97 55.58
N VAL N 401 -92.25 -3.70 56.33
CA VAL N 401 -93.61 -4.08 55.98
C VAL N 401 -94.40 -2.80 55.78
N SER N 402 -94.46 -2.32 54.54
CA SER N 402 -95.05 -1.02 54.21
C SER N 402 -96.44 -1.24 53.65
N PHE N 403 -97.45 -0.92 54.45
CA PHE N 403 -98.83 -1.05 53.98
C PHE N 403 -99.04 -0.15 52.76
N GLY N 404 -99.75 -0.69 51.77
CA GLY N 404 -100.11 0.08 50.60
C GLY N 404 -101.59 0.44 50.60
N LYS N 405 -101.91 1.70 50.84
CA LYS N 405 -103.28 2.18 50.83
C LYS N 405 -103.52 2.97 49.55
N LYS N 406 -104.53 2.56 48.79
CA LYS N 406 -104.84 3.24 47.54
C LYS N 406 -105.27 4.68 47.82
N LYS N 407 -104.48 5.63 47.32
CA LYS N 407 -104.90 7.03 47.35
C LYS N 407 -106.07 7.26 46.41
N ASN N 408 -106.12 6.51 45.31
CA ASN N 408 -107.22 6.56 44.36
C ASN N 408 -108.42 5.74 44.83
N GLY N 409 -108.28 5.03 45.94
CA GLY N 409 -109.35 4.21 46.46
C GLY N 409 -109.22 3.98 47.95
N GLU N 410 -109.57 2.78 48.41
CA GLU N 410 -109.47 2.46 49.83
C GLU N 410 -108.90 1.07 50.08
N GLU N 411 -108.37 0.41 49.06
CA GLU N 411 -107.82 -0.92 49.24
C GLU N 411 -106.70 -0.92 50.27
N TYR N 412 -106.73 -1.90 51.17
CA TYR N 412 -105.68 -2.11 52.16
C TYR N 412 -104.69 -3.12 51.61
N ASN N 413 -103.40 -2.75 51.57
CA ASN N 413 -102.36 -3.64 51.11
C ASN N 413 -101.26 -3.78 52.16
N CYS N 414 -100.48 -4.85 52.02
CA CYS N 414 -99.40 -5.15 52.96
C CYS N 414 -98.27 -5.79 52.17
N LEU N 415 -97.26 -4.99 51.83
CA LEU N 415 -96.14 -5.46 51.01
C LEU N 415 -94.85 -5.34 51.82
N ILE N 416 -94.10 -6.43 51.89
CA ILE N 416 -92.84 -6.45 52.61
C ILE N 416 -91.73 -6.02 51.67
N GLY N 417 -90.89 -5.08 52.11
CA GLY N 417 -89.79 -4.65 51.28
C GLY N 417 -90.23 -4.05 49.97
N GLU N 418 -91.50 -3.66 49.84
CA GLU N 418 -92.01 -3.05 48.61
C GLU N 418 -92.88 -1.87 49.04
N ARG N 419 -92.35 -0.66 48.86
CA ARG N 419 -93.06 0.53 49.28
C ARG N 419 -94.11 0.92 48.25
N VAL N 420 -94.81 2.02 48.53
CA VAL N 420 -95.74 2.58 47.57
C VAL N 420 -95.03 3.16 46.36
N THR N 421 -93.77 3.55 46.50
CA THR N 421 -93.07 4.23 45.42
C THR N 421 -93.02 3.41 44.15
N SER N 422 -93.09 2.08 44.24
CA SER N 422 -93.12 1.25 43.05
C SER N 422 -94.35 1.55 42.21
N LEU N 423 -95.50 1.72 42.87
CA LEU N 423 -96.75 2.06 42.19
C LEU N 423 -96.99 3.56 42.31
N ASP N 424 -98.15 4.01 41.86
CA ASP N 424 -98.52 5.43 41.87
C ASP N 424 -99.86 5.61 42.56
N ASP N 425 -99.95 6.67 43.38
CA ASP N 425 -101.17 6.97 44.13
C ASP N 425 -101.53 5.84 45.10
N TYR N 426 -100.60 5.65 46.05
CA TYR N 426 -100.80 4.64 47.12
C TYR N 426 -100.28 5.31 48.40
N LYS N 427 -100.59 4.76 49.58
CA LYS N 427 -100.19 5.46 50.84
C LYS N 427 -99.59 4.48 51.84
N GLU N 428 -98.51 4.89 52.51
CA GLU N 428 -97.85 4.01 53.51
C GLU N 428 -98.57 4.12 54.86
N LEU N 429 -99.66 3.37 55.06
CA LEU N 429 -100.32 3.37 56.39
C LEU N 429 -99.23 3.24 57.45
N SER N 430 -98.33 2.27 57.28
CA SER N 430 -97.28 2.02 58.26
C SER N 430 -96.12 1.32 57.59
N TYR N 431 -94.90 1.79 57.89
CA TYR N 431 -93.68 1.15 57.43
C TYR N 431 -92.71 1.09 58.59
N PHE N 432 -92.11 -0.07 58.79
CA PHE N 432 -91.18 -0.26 59.89
C PHE N 432 -90.39 -1.55 59.67
N TRP N 433 -89.06 -1.47 59.73
CA TRP N 433 -88.22 -2.63 59.47
C TRP N 433 -88.36 -3.65 60.61
N VAL N 434 -88.32 -4.93 60.26
CA VAL N 434 -88.47 -6.01 61.23
C VAL N 434 -87.59 -7.18 60.80
N PHE N 435 -87.40 -8.12 61.73
CA PHE N 435 -86.66 -9.34 61.41
C PHE N 435 -87.61 -10.35 60.76
N PRO N 436 -87.41 -10.72 59.49
CA PRO N 436 -88.25 -11.78 58.91
C PRO N 436 -88.04 -13.14 59.55
N ASP N 437 -86.92 -13.35 60.25
CA ASP N 437 -86.61 -14.62 60.88
C ASP N 437 -86.28 -14.38 62.34
N SER N 438 -86.20 -15.47 63.09
CA SER N 438 -85.95 -15.38 64.52
C SER N 438 -84.46 -15.21 64.78
N VAL N 439 -84.14 -14.76 65.98
CA VAL N 439 -82.75 -14.62 66.43
C VAL N 439 -82.65 -15.24 67.81
N GLN N 440 -81.43 -15.63 68.18
CA GLN N 440 -81.21 -16.28 69.47
C GLN N 440 -81.63 -15.35 70.60
N LYS N 441 -82.68 -15.74 71.31
CA LYS N 441 -83.10 -15.13 72.57
C LYS N 441 -83.44 -13.65 72.46
N PHE N 442 -83.66 -13.13 71.25
CA PHE N 442 -84.14 -11.77 71.09
C PHE N 442 -85.50 -11.71 70.41
N ALA N 443 -85.63 -12.27 69.22
CA ALA N 443 -86.84 -12.16 68.42
C ALA N 443 -87.52 -13.53 68.40
N MET N 444 -88.43 -13.76 69.35
CA MET N 444 -89.10 -15.04 69.48
C MET N 444 -90.60 -14.98 69.28
N GLU N 445 -91.22 -13.83 69.45
CA GLU N 445 -92.67 -13.70 69.26
C GLU N 445 -92.96 -13.41 67.79
N MET N 446 -94.12 -13.87 67.33
CA MET N 446 -94.42 -13.97 65.91
C MET N 446 -95.57 -13.06 65.51
N TYR N 447 -95.55 -12.61 64.27
CA TYR N 447 -96.66 -11.90 63.65
C TYR N 447 -96.84 -12.41 62.23
N GLY N 448 -98.09 -12.60 61.83
CA GLY N 448 -98.41 -13.09 60.52
C GLY N 448 -99.45 -12.22 59.84
N VAL N 449 -99.39 -12.18 58.51
CA VAL N 449 -100.26 -11.34 57.69
C VAL N 449 -101.19 -12.24 56.90
N SER N 450 -102.48 -11.90 56.93
CA SER N 450 -103.49 -12.57 56.11
C SER N 450 -104.46 -11.53 55.59
N LYS N 451 -104.95 -11.74 54.37
CA LYS N 451 -105.83 -10.80 53.68
C LYS N 451 -106.99 -11.54 53.03
N VAL N 452 -108.15 -10.92 53.04
CA VAL N 452 -109.34 -11.51 52.42
C VAL N 452 -109.46 -10.99 50.98
N PRO N 453 -109.44 -11.86 49.96
CA PRO N 453 -109.48 -11.34 48.59
C PRO N 453 -110.71 -10.51 48.29
N THR N 454 -111.87 -10.90 48.81
CA THR N 454 -113.10 -10.19 48.48
C THR N 454 -113.08 -8.78 49.03
N ARG N 455 -112.63 -8.62 50.27
CA ARG N 455 -112.58 -7.32 50.93
C ARG N 455 -111.23 -7.18 51.62
N ASN N 456 -110.58 -6.03 51.44
CA ASN N 456 -109.24 -5.83 51.96
C ASN N 456 -109.29 -5.52 53.45
N TYR N 457 -109.82 -6.45 54.23
CA TYR N 457 -109.80 -6.34 55.69
C TYR N 457 -108.51 -6.96 56.18
N MET N 458 -107.53 -6.12 56.48
CA MET N 458 -106.24 -6.61 56.95
C MET N 458 -106.44 -7.56 58.12
N ARG N 459 -105.93 -8.78 57.97
CA ARG N 459 -106.03 -9.82 58.99
C ARG N 459 -104.61 -10.19 59.39
N VAL N 460 -104.05 -9.42 60.31
CA VAL N 460 -102.73 -9.66 60.87
C VAL N 460 -102.94 -10.21 62.28
N TYR N 461 -102.30 -11.34 62.57
CA TYR N 461 -102.52 -12.03 63.83
C TYR N 461 -101.23 -12.69 64.27
N ALA N 462 -101.21 -13.12 65.52
CA ALA N 462 -100.07 -13.84 66.09
C ALA N 462 -100.07 -15.26 65.53
N ALA N 463 -99.28 -15.48 64.48
CA ALA N 463 -99.27 -16.75 63.78
C ALA N 463 -98.43 -17.77 64.54
N ASP N 464 -98.28 -18.95 63.92
CA ASP N 464 -97.51 -20.05 64.57
C ASP N 464 -96.61 -20.68 63.50
N GLN N 465 -95.69 -21.54 63.91
CA GLN N 465 -94.84 -22.23 62.94
C GLN N 465 -95.66 -23.11 62.02
N SER N 466 -96.82 -23.55 62.51
CA SER N 466 -97.73 -24.41 61.69
C SER N 466 -98.50 -23.53 60.71
N ASP N 467 -98.83 -22.29 61.09
CA ASP N 467 -99.50 -21.36 60.13
C ASP N 467 -98.63 -21.28 58.87
N ILE N 468 -97.30 -21.28 59.05
CA ILE N 468 -96.38 -21.29 57.87
C ILE N 468 -96.57 -22.62 57.14
N GLU N 469 -96.42 -23.74 57.84
CA GLU N 469 -96.56 -25.09 57.22
C GLU N 469 -97.83 -25.13 56.35
N ASN N 470 -99.00 -24.88 56.95
CA ASN N 470 -100.27 -24.85 56.18
C ASN N 470 -100.76 -23.41 56.08
N PRO N 471 -100.42 -22.65 55.02
CA PRO N 471 -100.79 -21.21 54.89
C PRO N 471 -102.22 -21.02 54.41
N ARG N 472 -102.89 -19.99 54.93
CA ARG N 472 -104.23 -19.66 54.48
C ARG N 472 -104.16 -18.89 53.16
N PRO N 473 -105.27 -18.81 52.43
CA PRO N 473 -105.25 -18.08 51.15
C PRO N 473 -104.83 -16.64 51.34
N TYR N 474 -104.04 -16.11 50.39
CA TYR N 474 -103.66 -14.66 50.42
C TYR N 474 -102.90 -14.29 51.70
N GLN N 475 -102.26 -15.26 52.35
CA GLN N 475 -101.44 -14.92 53.52
C GLN N 475 -100.06 -14.53 53.01
N ARG N 476 -99.71 -13.25 53.19
CA ARG N 476 -98.55 -12.71 52.49
C ARG N 476 -97.24 -13.09 53.16
N PHE N 477 -97.03 -12.65 54.40
CA PHE N 477 -95.73 -12.80 55.04
C PHE N 477 -95.91 -12.89 56.54
N TRP N 478 -94.90 -13.45 57.20
CA TRP N 478 -94.86 -13.58 58.65
C TRP N 478 -93.51 -13.11 59.17
N PHE N 479 -93.52 -12.48 60.34
CA PHE N 479 -92.33 -11.84 60.86
C PHE N 479 -92.27 -11.98 62.38
N TYR N 480 -91.06 -11.95 62.89
CA TYR N 480 -90.80 -12.06 64.32
C TYR N 480 -90.44 -10.70 64.90
N VAL N 481 -90.97 -10.42 66.08
CA VAL N 481 -90.73 -9.14 66.77
C VAL N 481 -89.97 -9.43 68.05
N PRO N 482 -89.12 -8.51 68.52
CA PRO N 482 -88.33 -8.79 69.74
C PRO N 482 -89.21 -9.10 70.94
N SER N 483 -88.72 -10.03 71.75
CA SER N 483 -89.41 -10.44 72.98
C SER N 483 -88.94 -9.55 74.12
N ALA N 484 -89.91 -8.98 74.85
CA ALA N 484 -89.58 -8.12 75.97
C ALA N 484 -88.98 -8.87 77.15
N ASN N 485 -89.01 -10.20 77.13
CA ASN N 485 -88.48 -11.00 78.22
C ASN N 485 -86.95 -11.01 78.25
N SER N 486 -86.29 -10.49 77.23
CA SER N 486 -84.84 -10.47 77.21
C SER N 486 -84.31 -9.64 78.37
N PRO N 487 -83.29 -10.10 79.09
CA PRO N 487 -82.78 -9.32 80.23
C PRO N 487 -81.89 -8.19 79.76
N PRO N 488 -82.13 -6.95 80.24
CA PRO N 488 -81.27 -5.83 79.81
C PRO N 488 -79.99 -5.73 80.64
N GLY O 2 -58.23 -1.47 50.05
CA GLY O 2 -57.30 -0.55 49.43
C GLY O 2 -56.56 -1.17 48.26
N GLU O 3 -57.21 -1.18 47.09
CA GLU O 3 -56.59 -1.71 45.89
C GLU O 3 -56.74 -0.74 44.73
N VAL O 4 -57.76 0.12 44.77
CA VAL O 4 -57.98 1.11 43.73
C VAL O 4 -58.28 2.46 44.37
N VAL O 5 -58.11 3.52 43.59
CA VAL O 5 -58.36 4.87 44.07
C VAL O 5 -58.76 5.74 42.88
N PRO O 6 -59.76 6.62 43.03
CA PRO O 6 -60.13 7.49 41.91
C PRO O 6 -58.96 8.39 41.50
N TYR O 7 -58.88 8.66 40.20
CA TYR O 7 -57.78 9.46 39.68
C TYR O 7 -57.82 10.87 40.29
N LYS O 8 -56.65 11.35 40.70
CA LYS O 8 -56.49 12.71 41.20
C LYS O 8 -55.43 13.40 40.34
N ALA O 9 -55.79 14.57 39.80
CA ALA O 9 -54.92 15.22 38.84
C ALA O 9 -53.54 15.45 39.43
N GLY O 10 -52.52 15.35 38.59
CA GLY O 10 -51.14 15.45 39.01
C GLY O 10 -50.50 14.15 39.40
N MET O 11 -51.27 13.06 39.47
CA MET O 11 -50.71 11.77 39.83
C MET O 11 -49.62 11.37 38.87
N GLN O 12 -48.50 10.89 39.41
CA GLN O 12 -47.38 10.42 38.61
C GLN O 12 -47.16 8.95 38.92
N ARG O 13 -47.04 8.14 37.88
CA ARG O 13 -46.85 6.71 38.07
C ARG O 13 -45.62 6.47 38.94
N GLY O 14 -45.76 5.58 39.92
CA GLY O 14 -44.66 5.25 40.78
C GLY O 14 -44.40 6.29 41.84
N GLN O 15 -45.38 6.55 42.69
CA GLN O 15 -45.24 7.51 43.78
C GLN O 15 -45.94 6.97 45.01
N GLY O 16 -45.47 7.42 46.17
CA GLY O 16 -46.07 6.98 47.42
C GLY O 16 -47.48 7.52 47.57
N TYR O 17 -48.27 6.79 48.37
CA TYR O 17 -49.65 7.15 48.61
C TYR O 17 -49.98 6.86 50.07
N ASN O 18 -50.26 7.90 50.84
CA ASN O 18 -50.66 7.77 52.23
C ASN O 18 -52.13 7.40 52.25
N THR O 19 -52.42 6.10 52.36
CA THR O 19 -53.78 5.64 52.16
C THR O 19 -54.74 6.21 53.20
N TYR O 20 -54.26 6.54 54.40
CA TYR O 20 -55.12 7.14 55.40
C TYR O 20 -55.48 8.58 55.03
N LEU O 21 -54.48 9.43 54.85
CA LEU O 21 -54.72 10.81 54.48
C LEU O 21 -55.14 10.96 53.02
N GLN O 22 -55.06 9.89 52.23
CA GLN O 22 -55.47 9.91 50.82
C GLN O 22 -54.74 11.01 50.06
N SER O 23 -53.56 11.40 50.53
CA SER O 23 -52.78 12.43 49.88
C SER O 23 -51.76 11.78 48.94
N LEU O 24 -50.88 12.59 48.37
CA LEU O 24 -49.84 12.11 47.47
C LEU O 24 -48.48 12.27 48.14
N CYS O 25 -47.60 11.31 47.88
CA CYS O 25 -46.28 11.31 48.50
C CYS O 25 -45.18 11.22 47.45
N VAL O 26 -43.95 10.98 47.89
CA VAL O 26 -42.78 11.16 47.02
C VAL O 26 -43.03 10.52 45.67
N LYS O 27 -42.58 11.19 44.62
CA LYS O 27 -42.71 10.68 43.26
C LYS O 27 -41.41 10.01 42.84
N ASP O 28 -41.54 8.94 42.06
CA ASP O 28 -40.41 8.20 41.50
C ASP O 28 -39.71 7.35 42.55
N ALA O 29 -40.45 6.87 43.54
CA ALA O 29 -39.89 5.89 44.46
C ALA O 29 -39.80 4.53 43.78
N VAL O 30 -40.67 4.25 42.84
CA VAL O 30 -40.73 2.97 42.14
C VAL O 30 -40.59 3.23 40.65
N THR O 31 -39.65 2.55 40.02
CA THR O 31 -39.47 2.61 38.56
C THR O 31 -40.04 1.35 37.95
N ILE O 32 -40.95 1.51 37.00
CA ILE O 32 -41.57 0.40 36.30
C ILE O 32 -41.00 0.36 34.89
N GLU O 33 -40.37 -0.75 34.54
CA GLU O 33 -39.82 -0.95 33.21
C GLU O 33 -40.83 -1.69 32.36
N ARG O 34 -41.23 -1.07 31.24
CA ARG O 34 -42.13 -1.71 30.29
C ARG O 34 -41.29 -2.61 29.39
N HIS O 35 -41.19 -3.89 29.75
CA HIS O 35 -40.40 -4.81 28.95
C HIS O 35 -40.93 -4.93 27.53
N ASP O 36 -42.25 -5.01 27.39
CA ASP O 36 -42.91 -5.16 26.10
C ASP O 36 -43.83 -3.99 25.86
N ASP O 37 -43.76 -3.40 24.67
CA ASP O 37 -44.61 -2.27 24.31
C ASP O 37 -45.88 -2.81 23.66
N SER O 38 -46.94 -2.95 24.46
CA SER O 38 -48.20 -3.45 23.96
C SER O 38 -49.30 -3.04 24.91
N ASN O 39 -50.44 -2.62 24.37
CA ASN O 39 -51.55 -2.21 25.20
C ASN O 39 -52.14 -3.44 25.90
N PRO O 40 -52.65 -3.28 27.12
CA PRO O 40 -53.13 -4.44 27.87
C PRO O 40 -54.48 -4.91 27.35
N PRO O 41 -54.90 -6.11 27.72
CA PRO O 41 -56.22 -6.59 27.30
C PRO O 41 -57.34 -5.69 27.83
N PHE O 42 -58.41 -5.61 27.05
CA PHE O 42 -59.47 -4.65 27.33
C PHE O 42 -60.83 -5.32 27.22
N LYS O 43 -61.81 -4.71 27.90
CA LYS O 43 -63.18 -5.19 27.93
C LYS O 43 -64.10 -4.11 27.37
N LYS O 44 -64.99 -4.50 26.45
CA LYS O 44 -65.85 -3.55 25.75
C LYS O 44 -67.32 -3.82 26.06
N GLU O 45 -68.10 -2.75 26.02
CA GLU O 45 -69.55 -2.83 26.09
C GLU O 45 -70.15 -1.91 25.02
N TYR O 46 -71.38 -2.23 24.60
CA TYR O 46 -72.04 -1.44 23.57
C TYR O 46 -73.54 -1.64 23.71
N TYR O 47 -74.22 -0.66 24.30
CA TYR O 47 -75.66 -0.63 24.41
C TYR O 47 -76.19 0.41 23.43
N SER O 48 -77.07 -0.01 22.53
CA SER O 48 -77.57 0.86 21.47
C SER O 48 -79.09 0.78 21.38
N GLU O 49 -79.72 1.91 21.09
CA GLU O 49 -81.16 2.00 20.88
C GLU O 49 -81.43 2.88 19.67
N PHE O 50 -82.37 2.45 18.84
CA PHE O 50 -82.81 3.23 17.68
C PHE O 50 -84.33 3.25 17.69
N ILE O 51 -84.91 4.28 18.31
CA ILE O 51 -86.34 4.30 18.55
C ILE O 51 -87.09 4.45 17.23
N GLU O 52 -88.37 4.05 17.27
CA GLU O 52 -89.16 3.89 16.06
C GLU O 52 -89.13 5.13 15.18
N GLU O 53 -89.46 4.93 13.90
CA GLU O 53 -89.64 6.03 12.96
C GLU O 53 -91.13 6.35 12.92
N TYR O 54 -91.54 7.38 13.65
CA TYR O 54 -92.95 7.75 13.72
C TYR O 54 -93.34 8.36 12.38
N GLU O 55 -93.60 7.46 11.42
CA GLU O 55 -94.01 7.89 10.06
C GLU O 55 -95.54 7.86 9.98
N LYS O 56 -96.16 9.03 9.88
CA LYS O 56 -97.62 9.15 9.85
C LYS O 56 -97.99 10.11 8.73
N ILE O 57 -98.58 9.58 7.67
CA ILE O 57 -99.13 10.39 6.58
C ILE O 57 -100.64 10.34 6.71
N ALA O 58 -101.26 11.51 6.88
CA ALA O 58 -102.70 11.65 6.81
C ALA O 58 -103.01 12.65 5.71
N LYS O 59 -103.86 12.24 4.76
CA LYS O 59 -104.09 13.01 3.54
C LYS O 59 -105.58 13.11 3.29
N SER O 60 -106.00 14.23 2.71
CA SER O 60 -107.41 14.53 2.51
C SER O 60 -107.72 14.75 1.04
N MET O 61 -108.89 14.27 0.60
CA MET O 61 -109.34 14.53 -0.80
C MET O 61 -110.86 14.68 -0.78
N ARG O 62 -111.34 15.93 -0.73
CA ARG O 62 -112.75 16.26 -0.63
C ARG O 62 -113.15 17.00 -1.90
N ILE O 63 -114.10 16.43 -2.64
CA ILE O 63 -114.60 17.02 -3.87
C ILE O 63 -116.11 17.11 -3.77
N SER O 64 -116.67 18.16 -4.36
CA SER O 64 -118.11 18.36 -4.35
C SER O 64 -118.49 19.24 -5.54
N ALA O 65 -119.35 18.74 -6.41
CA ALA O 65 -119.79 19.49 -7.56
C ALA O 65 -121.20 19.04 -7.95
N GLY O 66 -121.95 19.96 -8.54
CA GLY O 66 -123.31 19.68 -8.98
C GLY O 66 -124.07 20.92 -9.40
N VAL O 78 -125.21 27.13 -13.32
CA VAL O 78 -124.80 27.37 -11.95
C VAL O 78 -124.22 26.09 -11.36
N ASN O 79 -123.04 25.73 -11.83
CA ASN O 79 -122.34 24.54 -11.37
C ASN O 79 -121.15 24.97 -10.52
N VAL O 80 -121.02 24.35 -9.34
CA VAL O 80 -119.97 24.69 -8.40
C VAL O 80 -119.04 23.50 -8.24
N ASP O 81 -117.81 23.80 -7.83
CA ASP O 81 -116.79 22.78 -7.60
C ASP O 81 -116.06 23.09 -6.31
N ILE O 82 -115.64 22.06 -5.60
CA ILE O 82 -114.84 22.18 -4.39
C ILE O 82 -113.77 21.10 -4.44
N LEU O 83 -112.51 21.48 -4.19
CA LEU O 83 -111.38 20.55 -4.29
C LEU O 83 -110.43 20.88 -3.13
N ASN O 84 -110.52 20.12 -2.05
CA ASN O 84 -109.73 20.37 -0.84
C ASN O 84 -108.75 19.24 -0.60
N ARG O 85 -107.51 19.59 -0.30
CA ARG O 85 -106.46 18.63 -0.02
C ARG O 85 -105.80 18.95 1.31
N SER O 86 -105.17 17.93 1.89
CA SER O 86 -104.36 18.11 3.08
C SER O 86 -103.31 17.02 3.10
N GLU O 87 -102.28 17.23 3.92
CA GLU O 87 -101.20 16.26 4.03
C GLU O 87 -100.44 16.54 5.31
N PHE O 88 -100.41 15.56 6.21
CA PHE O 88 -99.72 15.69 7.48
C PHE O 88 -98.69 14.57 7.58
N GLU O 89 -97.42 14.96 7.76
CA GLU O 89 -96.32 14.01 7.84
C GLU O 89 -95.65 14.14 9.20
N THR O 90 -95.16 13.01 9.71
CA THR O 90 -94.43 12.98 10.97
C THR O 90 -93.27 12.03 10.83
N SER O 91 -92.16 12.34 11.51
CA SER O 91 -91.01 11.46 11.51
C SER O 91 -90.19 11.77 12.76
N THR O 92 -90.32 10.94 13.78
CA THR O 92 -89.54 11.08 15.00
C THR O 92 -88.53 9.94 15.06
N LEU O 93 -87.26 10.28 14.89
CA LEU O 93 -86.16 9.33 15.02
C LEU O 93 -85.36 9.70 16.25
N THR O 94 -85.03 8.69 17.05
CA THR O 94 -84.20 8.88 18.23
C THR O 94 -83.13 7.80 18.26
N TYR O 95 -81.98 8.13 18.84
CA TYR O 95 -80.86 7.21 18.89
C TYR O 95 -80.14 7.38 20.21
N GLU O 96 -79.43 6.34 20.63
CA GLU O 96 -78.66 6.39 21.86
C GLU O 96 -77.72 5.20 21.94
N VAL O 97 -76.45 5.48 22.22
CA VAL O 97 -75.46 4.44 22.44
C VAL O 97 -74.68 4.75 23.71
N LYS O 98 -74.02 3.73 24.25
CA LYS O 98 -73.20 3.89 25.45
C LYS O 98 -72.10 2.83 25.40
N VAL O 99 -70.89 3.25 25.06
CA VAL O 99 -69.76 2.35 24.88
C VAL O 99 -68.83 2.51 26.07
N LEU O 100 -68.54 1.41 26.76
CA LEU O 100 -67.64 1.40 27.90
C LEU O 100 -66.47 0.49 27.59
N VAL O 101 -65.26 1.01 27.74
CA VAL O 101 -64.03 0.27 27.50
C VAL O 101 -63.18 0.32 28.77
N GLN O 102 -62.73 -0.83 29.23
CA GLN O 102 -61.90 -0.92 30.42
C GLN O 102 -60.72 -1.83 30.12
N HIS O 103 -59.51 -1.30 30.30
CA HIS O 103 -58.30 -2.05 30.06
C HIS O 103 -57.93 -2.83 31.32
N GLN O 104 -56.78 -3.50 31.30
CA GLN O 104 -56.26 -4.18 32.48
C GLN O 104 -54.81 -3.77 32.70
N VAL O 105 -54.18 -4.30 33.74
CA VAL O 105 -52.80 -3.98 34.07
C VAL O 105 -51.93 -5.12 33.58
N SER O 106 -50.90 -4.79 32.80
CA SER O 106 -50.05 -5.82 32.22
C SER O 106 -49.33 -6.59 33.32
N VAL O 107 -49.14 -7.89 33.07
CA VAL O 107 -48.57 -8.79 34.06
C VAL O 107 -47.09 -9.07 33.82
N LEU O 108 -46.50 -8.47 32.79
CA LEU O 108 -45.12 -8.74 32.39
C LEU O 108 -44.23 -7.52 32.60
N ASP O 109 -44.42 -6.81 33.70
CA ASP O 109 -43.59 -5.66 34.04
C ASP O 109 -42.76 -5.95 35.27
N LYS O 110 -41.69 -5.18 35.45
CA LYS O 110 -40.79 -5.31 36.58
C LYS O 110 -40.91 -4.07 37.46
N HIS O 111 -41.00 -4.29 38.76
CA HIS O 111 -41.14 -3.21 39.74
C HIS O 111 -39.90 -3.17 40.62
N SER O 112 -39.37 -1.96 40.81
CA SER O 112 -38.16 -1.75 41.61
C SER O 112 -38.41 -0.64 42.62
N PHE O 113 -37.53 -0.54 43.61
CA PHE O 113 -37.65 0.44 44.67
C PHE O 113 -36.37 1.26 44.76
N ASN O 114 -36.52 2.58 44.63
CA ASN O 114 -35.39 3.50 44.68
C ASN O 114 -35.31 4.14 46.06
N LYS O 115 -34.09 4.41 46.50
CA LYS O 115 -33.85 4.86 47.87
C LYS O 115 -33.80 6.38 47.91
N ILE O 116 -34.60 6.98 48.79
CA ILE O 116 -34.52 8.40 49.10
C ILE O 116 -34.14 8.52 50.57
N GLN O 117 -33.09 9.28 50.84
CA GLN O 117 -32.57 9.40 52.20
C GLN O 117 -33.39 10.43 52.97
N THR O 118 -34.04 9.99 54.04
CA THR O 118 -34.88 10.85 54.85
C THR O 118 -34.82 10.39 56.30
N THR O 119 -34.95 11.34 57.23
CA THR O 119 -35.06 10.99 58.64
C THR O 119 -36.46 10.50 59.00
N THR O 120 -37.43 10.71 58.12
CA THR O 120 -38.82 10.29 58.34
C THR O 120 -39.32 9.56 57.10
N PRO O 121 -38.78 8.37 56.82
CA PRO O 121 -39.19 7.67 55.59
C PRO O 121 -40.67 7.34 55.57
N HIS O 122 -41.31 7.27 56.73
CA HIS O 122 -42.73 6.94 56.78
C HIS O 122 -43.57 8.02 56.13
N ALA O 123 -43.29 9.29 56.44
CA ALA O 123 -44.08 10.39 55.89
C ALA O 123 -43.68 10.71 54.46
N THR O 124 -42.49 10.30 54.03
CA THR O 124 -42.07 10.54 52.66
C THR O 124 -42.58 9.45 51.73
N TYR O 125 -42.29 8.19 52.06
CA TYR O 125 -42.70 7.09 51.20
C TYR O 125 -44.20 6.83 51.31
N GLY O 126 -44.73 6.85 52.53
CA GLY O 126 -46.13 6.54 52.75
C GLY O 126 -46.36 5.08 53.05
N ASP O 127 -47.40 4.49 52.46
CA ASP O 127 -47.70 3.07 52.61
C ASP O 127 -47.63 2.32 51.30
N ARG O 128 -48.32 2.79 50.26
CA ARG O 128 -48.42 2.08 49.00
C ARG O 128 -48.07 3.00 47.84
N PHE O 129 -47.62 2.38 46.75
CA PHE O 129 -47.17 3.09 45.57
C PHE O 129 -48.11 2.83 44.40
N ILE O 130 -48.03 3.72 43.40
CA ILE O 130 -48.90 3.66 42.23
C ILE O 130 -48.19 2.84 41.16
N ALA O 131 -48.58 1.58 41.01
CA ALA O 131 -47.89 0.68 40.10
C ALA O 131 -48.32 0.92 38.66
N ASP O 132 -49.60 0.70 38.37
CA ASP O 132 -50.12 0.87 37.02
C ASP O 132 -51.45 1.59 37.10
N PHE O 133 -51.79 2.30 36.02
CA PHE O 133 -53.02 3.05 35.94
C PHE O 133 -54.06 2.26 35.16
N ILE O 134 -55.23 2.06 35.75
CA ILE O 134 -56.33 1.40 35.06
C ILE O 134 -56.91 2.38 34.06
N LYS O 135 -56.87 2.02 32.79
CA LYS O 135 -57.29 2.89 31.72
C LYS O 135 -58.63 2.42 31.13
N GLY O 136 -59.30 3.35 30.45
CA GLY O 136 -60.59 3.04 29.87
C GLY O 136 -61.12 4.13 28.96
N GLY O 137 -62.42 4.12 28.72
CA GLY O 137 -63.04 5.09 27.83
C GLY O 137 -64.53 5.06 28.00
N HIS O 138 -65.20 6.01 27.32
CA HIS O 138 -66.63 6.18 27.50
C HIS O 138 -67.22 6.82 26.25
N PHE O 139 -68.48 6.50 25.98
CA PHE O 139 -69.20 7.13 24.88
C PHE O 139 -70.65 7.31 25.28
N TYR O 140 -71.29 8.34 24.75
CA TYR O 140 -72.67 8.64 25.08
C TYR O 140 -73.22 9.56 24.01
N ALA O 141 -74.20 9.08 23.26
CA ALA O 141 -74.75 9.84 22.14
C ALA O 141 -76.27 9.85 22.22
N ARG O 142 -76.87 10.92 21.73
CA ARG O 142 -78.31 11.06 21.63
C ARG O 142 -78.63 11.88 20.39
N VAL O 143 -79.41 11.30 19.49
CA VAL O 143 -79.93 12.02 18.32
C VAL O 143 -81.44 12.09 18.46
N SER O 144 -81.99 13.28 18.21
CA SER O 144 -83.43 13.50 18.29
C SER O 144 -83.84 14.24 17.02
N ILE O 145 -84.14 13.48 15.97
CA ILE O 145 -84.59 14.05 14.71
C ILE O 145 -86.09 14.26 14.80
N THR O 146 -86.55 15.51 14.77
CA THR O 146 -88.00 15.82 14.92
C THR O 146 -88.71 15.58 13.62
N ALA O 147 -90.04 15.64 13.61
CA ALA O 147 -90.89 15.38 12.43
C ALA O 147 -90.65 16.42 11.34
N LYS O 148 -91.24 16.22 10.16
CA LYS O 148 -91.18 17.21 9.07
C LYS O 148 -92.42 18.09 9.23
N ASN O 149 -93.53 17.51 9.71
CA ASN O 149 -94.80 18.21 9.79
C ASN O 149 -95.16 18.85 8.45
N SER O 150 -95.02 18.06 7.39
CA SER O 150 -95.47 18.53 6.08
C SER O 150 -96.95 18.87 6.15
N SER O 151 -97.31 20.02 5.57
CA SER O 151 -98.67 20.52 5.67
C SER O 151 -99.21 20.94 4.31
N GLU O 152 -99.07 20.09 3.30
CA GLU O 152 -99.60 20.38 1.98
C GLU O 152 -101.12 20.48 2.07
N THR O 153 -101.67 21.65 1.77
CA THR O 153 -103.10 21.87 1.72
C THR O 153 -103.44 22.69 0.49
N SER O 154 -104.70 22.61 0.07
CA SER O 154 -105.15 23.37 -1.10
C SER O 154 -106.66 23.35 -1.17
N GLU O 155 -107.21 24.36 -1.85
CA GLU O 155 -108.65 24.48 -2.04
C GLU O 155 -108.88 25.06 -3.44
N LEU O 156 -110.02 24.72 -4.03
CA LEU O 156 -110.40 25.24 -5.34
C LEU O 156 -111.90 25.43 -5.38
N LYS O 157 -112.36 26.40 -6.17
CA LYS O 157 -113.79 26.77 -6.24
C LYS O 157 -114.10 27.27 -7.64
N GLN O 158 -114.86 26.48 -8.41
CA GLN O 158 -115.24 26.83 -9.77
C GLN O 158 -116.76 26.97 -9.85
N SER O 159 -117.22 28.22 -9.72
CA SER O 159 -118.64 28.51 -9.87
C SER O 159 -118.93 28.90 -11.31
N ALA O 160 -119.72 28.06 -11.99
CA ALA O 160 -120.06 28.31 -13.38
C ALA O 160 -118.82 28.47 -14.24
N THR O 174 -120.06 33.88 -16.47
CA THR O 174 -119.59 34.03 -15.10
C THR O 174 -118.67 32.87 -14.70
N GLN O 175 -117.59 33.21 -14.00
CA GLN O 175 -116.59 32.22 -13.62
C GLN O 175 -115.96 32.67 -12.30
N GLU O 176 -115.36 31.72 -11.60
CA GLU O 176 -114.73 32.00 -10.32
C GLU O 176 -113.68 30.94 -10.04
N VAL O 177 -112.52 31.38 -9.55
CA VAL O 177 -111.44 30.48 -9.15
C VAL O 177 -110.88 30.99 -7.83
N GLU O 178 -110.61 30.06 -6.89
CA GLU O 178 -110.15 30.41 -5.56
C GLU O 178 -109.16 29.33 -5.11
N ARG O 179 -107.86 29.63 -5.17
CA ARG O 179 -106.82 28.72 -4.74
C ARG O 179 -105.96 29.30 -3.61
N ALA O 180 -106.56 30.12 -2.74
CA ALA O 180 -105.81 30.75 -1.66
C ALA O 180 -105.65 29.81 -0.47
N VAL O 181 -105.14 28.61 -0.72
CA VAL O 181 -104.84 27.66 0.33
C VAL O 181 -103.59 26.88 -0.07
N SER O 182 -102.54 27.00 0.73
CA SER O 182 -101.28 26.31 0.47
C SER O 182 -100.36 26.51 1.66
N SER O 183 -99.70 25.42 2.07
CA SER O 183 -98.76 25.47 3.18
C SER O 183 -97.78 24.33 3.03
N ILE O 184 -96.65 24.44 3.71
CA ILE O 184 -95.54 23.48 3.57
C ILE O 184 -95.03 23.11 4.96
N LYS O 185 -94.14 22.12 4.99
CA LYS O 185 -93.57 21.60 6.22
C LYS O 185 -92.88 22.69 7.02
N ARG O 186 -92.96 22.58 8.33
CA ARG O 186 -92.14 23.41 9.21
C ARG O 186 -91.81 22.56 10.44
N ASN O 187 -90.73 21.78 10.34
CA ASN O 187 -90.11 21.16 11.49
C ASN O 187 -88.83 20.45 11.08
N ALA O 188 -87.72 20.75 11.74
CA ALA O 188 -86.49 19.98 11.55
C ALA O 188 -85.59 20.26 12.76
N SER O 189 -85.58 19.33 13.71
CA SER O 189 -84.78 19.48 14.92
C SER O 189 -83.79 18.34 15.00
N VAL O 190 -82.51 18.68 15.13
CA VAL O 190 -81.45 17.70 15.27
C VAL O 190 -80.70 18.05 16.55
N LYS O 191 -81.03 17.37 17.65
CA LYS O 191 -80.33 17.52 18.91
C LYS O 191 -79.30 16.41 19.01
N ILE O 192 -78.03 16.78 19.09
CA ILE O 192 -76.93 15.84 19.20
C ILE O 192 -76.16 16.15 20.47
N THR O 193 -75.96 15.14 21.31
CA THR O 193 -75.04 15.24 22.45
C THR O 193 -74.05 14.09 22.34
N ILE O 194 -72.77 14.40 22.38
CA ILE O 194 -71.71 13.39 22.31
C ILE O 194 -70.76 13.62 23.47
N ILE O 195 -70.60 12.62 24.32
CA ILE O 195 -69.69 12.69 25.46
C ILE O 195 -68.66 11.58 25.31
N GLU O 196 -67.39 11.96 25.22
CA GLU O 196 -66.34 11.02 24.89
C GLU O 196 -65.18 11.15 25.87
N SER O 197 -64.53 10.02 26.14
CA SER O 197 -63.31 9.97 26.93
C SER O 197 -62.38 9.00 26.21
N THR O 198 -61.56 9.53 25.30
CA THR O 198 -60.71 8.70 24.47
C THR O 198 -59.27 9.18 24.50
N GLY O 199 -58.42 8.61 23.65
CA GLY O 199 -57.02 8.96 23.63
C GLY O 199 -56.53 9.24 22.23
N THR O 200 -55.39 9.92 22.16
CA THR O 200 -54.80 10.26 20.87
C THR O 200 -54.12 9.05 20.25
N SER O 201 -54.01 9.07 18.92
CA SER O 201 -53.34 7.99 18.21
C SER O 201 -51.85 7.98 18.54
N SER O 216 -78.28 13.00 7.33
CA SER O 216 -77.63 11.74 7.67
C SER O 216 -76.92 11.85 9.01
N ASP O 217 -77.45 12.68 9.90
CA ASP O 217 -76.82 12.84 11.20
C ASP O 217 -76.96 11.58 12.05
N LEU O 218 -78.03 10.81 11.84
CA LEU O 218 -78.15 9.54 12.54
C LEU O 218 -77.03 8.59 12.15
N LEU O 219 -76.69 8.53 10.86
CA LEU O 219 -75.61 7.67 10.42
C LEU O 219 -74.25 8.20 10.86
N ALA O 220 -74.07 9.52 10.87
CA ALA O 220 -72.78 10.08 11.28
C ALA O 220 -72.45 9.70 12.71
N VAL O 221 -73.42 9.81 13.61
CA VAL O 221 -73.20 9.39 14.99
C VAL O 221 -72.89 7.91 15.04
N LYS O 222 -73.54 7.12 14.19
CA LYS O 222 -73.33 5.68 14.20
C LYS O 222 -71.90 5.33 13.82
N GLU O 223 -71.34 6.01 12.81
CA GLU O 223 -69.99 5.68 12.38
C GLU O 223 -68.99 5.97 13.49
N LYS O 224 -69.10 7.11 14.16
CA LYS O 224 -68.25 7.38 15.30
C LYS O 224 -68.49 6.37 16.42
N ALA O 225 -69.76 6.00 16.64
CA ALA O 225 -70.06 4.99 17.64
C ALA O 225 -69.47 3.64 17.26
N ASP O 226 -69.62 3.23 16.00
CA ASP O 226 -69.03 1.97 15.56
C ASP O 226 -67.51 2.07 15.46
N GLN O 227 -67.01 3.17 14.90
CA GLN O 227 -65.57 3.35 14.85
C GLN O 227 -64.97 3.34 16.24
N PHE O 228 -65.71 3.80 17.25
CA PHE O 228 -65.21 3.72 18.61
C PHE O 228 -64.97 2.27 19.00
N TYR O 229 -65.94 1.40 18.66
CA TYR O 229 -65.81 -0.05 18.93
C TYR O 229 -64.55 -0.52 18.25
N LYS O 230 -64.45 -0.32 16.92
CA LYS O 230 -63.29 -0.80 16.19
C LYS O 230 -62.02 -0.09 16.65
N ASP O 231 -62.13 1.17 17.04
CA ASP O 231 -60.96 1.92 17.48
C ASP O 231 -60.32 1.27 18.71
N ALA O 232 -61.15 0.74 19.62
CA ALA O 232 -60.60 0.12 20.81
C ALA O 232 -59.64 -1.01 20.46
N ASP O 233 -59.97 -1.81 19.45
CA ASP O 233 -59.11 -2.94 19.10
C ASP O 233 -57.70 -2.49 18.81
N SER O 234 -57.54 -1.32 18.18
CA SER O 234 -56.22 -0.76 17.97
C SER O 234 -55.56 -0.33 19.28
N GLY O 235 -56.31 -0.30 20.37
CA GLY O 235 -55.75 0.04 21.67
C GLY O 235 -55.31 1.48 21.79
N LYS O 236 -56.10 2.40 21.27
CA LYS O 236 -55.86 3.83 21.46
C LYS O 236 -56.73 4.45 22.54
N HIS O 237 -57.53 3.64 23.24
CA HIS O 237 -58.42 4.15 24.28
C HIS O 237 -57.67 4.12 25.60
N SER O 238 -56.76 5.07 25.77
CA SER O 238 -55.93 5.15 26.96
C SER O 238 -56.33 6.41 27.70
N TYR O 239 -57.34 6.29 28.54
CA TYR O 239 -57.78 7.36 29.43
C TYR O 239 -57.66 6.86 30.86
N VAL O 240 -57.04 7.67 31.71
CA VAL O 240 -56.75 7.23 33.07
C VAL O 240 -58.04 7.27 33.89
N LEU O 241 -58.43 6.14 34.45
CA LEU O 241 -59.62 6.03 35.27
C LEU O 241 -59.29 5.72 36.73
N PHE O 242 -58.58 4.63 37.00
CA PHE O 242 -58.27 4.20 38.35
C PHE O 242 -56.78 3.93 38.46
N ALA O 243 -56.30 3.93 39.70
CA ALA O 243 -54.91 3.63 40.00
C ALA O 243 -54.84 2.42 40.91
N VAL O 244 -53.97 1.47 40.56
CA VAL O 244 -53.82 0.23 41.29
C VAL O 244 -52.68 0.38 42.29
N LEU O 245 -52.95 0.04 43.55
CA LEU O 245 -52.00 0.24 44.65
C LEU O 245 -51.24 -1.05 44.91
N GLY O 246 -49.96 -0.91 45.25
CA GLY O 246 -49.13 -2.04 45.60
C GLY O 246 -48.35 -1.76 46.87
N LYS O 247 -48.05 -2.84 47.60
CA LYS O 247 -47.39 -2.72 48.89
C LYS O 247 -45.87 -2.78 48.71
N TYR O 248 -45.17 -1.88 49.39
CA TYR O 248 -43.73 -1.80 49.24
C TYR O 248 -43.03 -3.09 49.67
N ARG O 249 -43.68 -3.91 50.49
CA ARG O 249 -43.03 -5.13 50.95
C ARG O 249 -42.84 -6.12 49.80
N ASN O 250 -43.80 -6.18 48.89
CA ASN O 250 -43.75 -7.14 47.79
C ASN O 250 -42.66 -6.82 46.78
N LEU O 251 -42.06 -5.63 46.84
CA LEU O 251 -40.96 -5.31 45.94
C LEU O 251 -39.77 -6.21 46.22
N SER O 252 -39.18 -6.77 45.17
CA SER O 252 -37.98 -7.57 45.35
C SER O 252 -36.83 -6.71 45.89
N ASN O 253 -36.65 -5.52 45.32
CA ASN O 253 -35.53 -4.65 45.69
C ASN O 253 -35.69 -4.08 47.08
N PHE O 254 -36.86 -4.21 47.68
CA PHE O 254 -37.08 -3.74 49.04
C PHE O 254 -36.34 -4.64 50.01
N GLU O 255 -35.28 -4.12 50.60
CA GLU O 255 -34.56 -4.79 51.69
C GLU O 255 -34.99 -4.25 53.04
N SER O 256 -36.27 -3.93 53.19
CA SER O 256 -36.82 -3.42 54.45
C SER O 256 -36.15 -2.10 54.82
N TYR O 257 -36.31 -1.12 53.94
CA TYR O 257 -35.84 0.23 54.23
C TYR O 257 -36.58 0.81 55.43
N PHE O 258 -37.78 0.32 55.72
CA PHE O 258 -38.55 0.77 56.85
C PHE O 258 -39.65 -0.25 57.12
N ALA O 259 -40.48 0.04 58.11
CA ALA O 259 -41.58 -0.83 58.45
C ALA O 259 -42.90 -0.12 58.13
N PRO O 260 -43.52 -0.38 56.98
CA PRO O 260 -44.75 0.34 56.64
C PRO O 260 -45.86 0.07 57.65
N PHE O 261 -46.64 1.10 57.92
CA PHE O 261 -47.79 0.94 58.79
C PHE O 261 -48.93 0.27 58.05
N ASP O 262 -49.86 -0.31 58.82
CA ASP O 262 -51.11 -0.92 58.28
C ASP O 262 -52.24 -0.05 58.84
N TYR O 263 -52.77 0.88 58.05
CA TYR O 263 -53.74 1.87 58.51
C TYR O 263 -55.17 1.36 58.46
N GLN O 264 -55.39 0.09 58.10
CA GLN O 264 -56.76 -0.41 58.02
C GLN O 264 -57.48 -0.24 59.34
N MET O 265 -56.86 -0.68 60.43
CA MET O 265 -57.50 -0.54 61.73
C MET O 265 -57.51 0.90 62.21
N ALA O 266 -56.41 1.63 61.98
CA ALA O 266 -56.35 3.02 62.43
C ALA O 266 -57.43 3.86 61.76
N SER O 267 -57.64 3.69 60.46
CA SER O 267 -58.69 4.42 59.79
C SER O 267 -60.06 4.04 60.33
N LEU O 268 -60.28 2.75 60.59
CA LEU O 268 -61.56 2.33 61.14
C LEU O 268 -61.82 2.98 62.49
N ARG O 269 -60.82 2.99 63.37
CA ARG O 269 -61.01 3.58 64.69
C ARG O 269 -61.27 5.08 64.58
N SER O 270 -60.53 5.77 63.72
CA SER O 270 -60.60 7.23 63.63
C SER O 270 -61.54 7.66 62.50
N TRP O 271 -62.79 7.21 62.57
CA TRP O 271 -63.81 7.68 61.64
C TRP O 271 -64.65 8.80 62.21
N ALA O 272 -64.95 8.77 63.51
CA ALA O 272 -65.70 9.87 64.11
C ALA O 272 -64.96 11.20 63.95
N LEU O 273 -63.64 11.15 63.87
CA LEU O 273 -62.87 12.37 63.68
C LEU O 273 -62.93 12.84 62.23
N PHE O 274 -62.90 11.91 61.28
CA PHE O 274 -62.91 12.31 59.87
C PHE O 274 -64.19 13.03 59.51
N ASN O 275 -65.32 12.57 60.01
CA ASN O 275 -66.58 13.27 59.75
C ASN O 275 -66.57 14.67 60.35
N ASP O 276 -66.07 14.80 61.59
CA ASP O 276 -66.03 16.12 62.22
C ASP O 276 -65.17 17.09 61.44
N PHE O 277 -64.21 16.59 60.66
CA PHE O 277 -63.41 17.45 59.82
C PHE O 277 -64.25 18.12 58.75
N THR O 278 -65.02 17.34 57.99
CA THR O 278 -65.83 17.91 56.93
C THR O 278 -66.86 18.88 57.50
N LEU O 279 -67.47 18.53 58.63
CA LEU O 279 -68.47 19.41 59.22
C LEU O 279 -67.85 20.74 59.65
N TYR O 280 -66.67 20.70 60.26
CA TYR O 280 -66.03 21.94 60.71
C TYR O 280 -65.63 22.82 59.54
N LYS O 281 -65.11 22.21 58.47
CA LYS O 281 -64.78 22.99 57.27
C LYS O 281 -66.03 23.63 56.67
N ALA O 282 -67.14 22.89 56.66
CA ALA O 282 -68.37 23.44 56.11
C ALA O 282 -68.85 24.64 56.91
N ILE O 283 -68.77 24.56 58.24
CA ILE O 283 -69.29 25.65 59.07
C ILE O 283 -68.37 26.86 59.13
N GLU O 284 -67.17 26.78 58.55
CA GLU O 284 -66.41 28.01 58.35
C GLU O 284 -67.16 28.93 57.39
N THR O 285 -67.67 28.36 56.30
CA THR O 285 -68.46 29.13 55.35
C THR O 285 -69.80 29.57 55.94
N MET O 286 -70.32 28.85 56.94
CA MET O 286 -71.47 29.35 57.69
C MET O 286 -71.25 30.78 58.14
N ILE O 287 -70.18 31.01 58.89
CA ILE O 287 -69.95 32.32 59.49
C ILE O 287 -69.65 33.36 58.41
N LYS O 288 -68.77 33.01 57.47
CA LYS O 288 -68.35 33.99 56.48
C LYS O 288 -69.52 34.43 55.61
N ALA O 289 -70.38 33.49 55.21
CA ALA O 289 -71.43 33.82 54.27
C ALA O 289 -72.41 34.84 54.84
N VAL O 290 -72.81 34.68 56.10
CA VAL O 290 -73.86 35.52 56.68
C VAL O 290 -73.32 36.92 56.96
N PRO O 291 -74.08 37.98 56.71
CA PRO O 291 -73.53 39.33 56.84
C PRO O 291 -73.44 39.78 58.30
N GLU O 292 -72.88 40.97 58.47
CA GLU O 292 -72.66 41.53 59.80
C GLU O 292 -73.98 41.98 60.43
N SER O 293 -74.91 42.47 59.62
CA SER O 293 -76.12 43.10 60.13
C SER O 293 -77.11 42.10 60.73
N LYS O 294 -76.72 40.85 60.91
CA LYS O 294 -77.61 39.84 61.47
C LYS O 294 -76.87 38.98 62.47
N PHE O 295 -75.92 39.62 63.17
CA PHE O 295 -75.18 38.94 64.26
C PHE O 295 -75.66 39.58 65.55
N LYS O 296 -75.81 38.80 66.62
CA LYS O 296 -76.33 39.33 67.86
C LYS O 296 -75.36 40.33 68.49
N ASP O 297 -74.10 39.96 68.63
CA ASP O 297 -73.14 40.81 69.32
C ASP O 297 -72.59 41.92 68.44
N GLY O 298 -72.83 41.88 67.13
CA GLY O 298 -72.41 42.94 66.25
C GLY O 298 -71.01 42.73 65.72
N PRO O 299 -70.18 43.79 65.76
CA PRO O 299 -68.88 43.70 65.05
C PRO O 299 -67.97 42.60 65.58
N GLU O 300 -67.67 42.61 66.88
CA GLU O 300 -66.70 41.67 67.43
C GLU O 300 -67.35 40.32 67.70
N ARG O 301 -68.05 39.79 66.69
CA ARG O 301 -68.61 38.46 66.77
C ARG O 301 -68.20 37.65 65.57
N LYS O 302 -68.01 38.31 64.42
CA LYS O 302 -67.55 37.61 63.23
C LYS O 302 -66.15 37.04 63.43
N THR O 303 -65.23 37.85 63.95
CA THR O 303 -63.83 37.44 63.92
C THR O 303 -63.54 36.33 64.93
N GLN O 304 -64.04 36.43 66.16
CA GLN O 304 -63.75 35.37 67.12
C GLN O 304 -64.66 34.17 66.96
N LEU O 305 -65.77 34.29 66.22
CA LEU O 305 -66.45 33.10 65.77
C LEU O 305 -65.68 32.45 64.62
N ILE O 306 -65.18 33.26 63.69
CA ILE O 306 -64.33 32.72 62.64
C ILE O 306 -63.05 32.17 63.23
N LYS O 307 -62.42 32.91 64.14
CA LYS O 307 -61.16 32.45 64.71
C LYS O 307 -61.37 31.22 65.58
N GLN O 308 -62.47 31.18 66.34
CA GLN O 308 -62.71 30.03 67.20
C GLN O 308 -62.86 28.76 66.39
N ALA O 309 -63.55 28.84 65.25
CA ALA O 309 -63.71 27.66 64.39
C ALA O 309 -62.37 27.22 63.82
N ILE O 310 -61.58 28.17 63.32
CA ILE O 310 -60.30 27.81 62.71
C ILE O 310 -59.31 27.32 63.75
N ASN O 311 -59.33 27.91 64.95
CA ASN O 311 -58.42 27.45 65.99
C ASN O 311 -58.66 25.98 66.32
N ILE O 312 -59.92 25.58 66.42
CA ILE O 312 -60.23 24.18 66.67
C ILE O 312 -60.16 23.34 65.40
N PHE O 313 -60.16 23.98 64.23
CA PHE O 313 -59.84 23.25 63.00
C PHE O 313 -58.39 22.79 63.02
N GLU O 314 -57.50 23.60 63.61
CA GLU O 314 -56.11 23.20 63.78
C GLU O 314 -56.00 21.97 64.66
N THR O 315 -56.78 21.93 65.75
CA THR O 315 -56.64 20.85 66.72
C THR O 315 -56.93 19.50 66.09
N ILE O 316 -57.98 19.42 65.25
CA ILE O 316 -58.31 18.15 64.63
C ILE O 316 -57.43 17.86 63.41
N ARG O 317 -56.95 18.88 62.71
CA ARG O 317 -56.05 18.64 61.58
C ARG O 317 -54.71 18.12 62.07
N ASP O 318 -54.19 18.67 63.16
CA ASP O 318 -52.93 18.19 63.70
C ASP O 318 -53.09 16.82 64.35
N ARG O 319 -54.29 16.50 64.83
CA ARG O 319 -54.53 15.15 65.31
C ARG O 319 -54.43 14.16 64.15
N VAL O 320 -54.97 14.51 62.99
CA VAL O 320 -54.84 13.66 61.81
C VAL O 320 -53.37 13.53 61.41
N ILE O 321 -52.64 14.65 61.40
CA ILE O 321 -51.22 14.59 61.07
C ILE O 321 -50.46 13.78 62.09
N LEU O 322 -50.93 13.78 63.33
CA LEU O 322 -50.29 12.95 64.36
C LEU O 322 -50.54 11.47 64.10
N ILE O 323 -51.73 11.10 63.61
CA ILE O 323 -51.98 9.70 63.32
C ILE O 323 -51.02 9.19 62.24
N SER O 324 -50.59 10.07 61.35
CA SER O 324 -49.60 9.65 60.36
C SER O 324 -48.32 9.18 61.03
N GLU O 325 -47.83 9.94 62.03
CA GLU O 325 -46.62 9.54 62.72
C GLU O 325 -46.88 8.37 63.67
N HIS O 326 -48.02 8.40 64.36
CA HIS O 326 -48.35 7.40 65.37
C HIS O 326 -49.76 6.87 65.14
N PRO O 327 -49.95 5.89 64.27
CA PRO O 327 -51.28 5.29 64.14
C PRO O 327 -51.75 4.59 65.39
N GLU O 328 -50.84 4.16 66.25
CA GLU O 328 -51.24 3.61 67.54
C GLU O 328 -51.95 4.66 68.39
N ALA O 329 -51.74 5.93 68.12
CA ALA O 329 -52.41 6.99 68.85
C ALA O 329 -53.89 7.12 68.50
N ALA O 330 -54.42 6.22 67.68
CA ALA O 330 -55.85 6.25 67.37
C ALA O 330 -56.71 5.93 68.58
N LYS O 331 -56.13 5.31 69.61
CA LYS O 331 -56.92 4.95 70.80
C LYS O 331 -57.43 6.20 71.52
N GLU O 332 -56.59 7.21 71.67
CA GLU O 332 -56.96 8.36 72.47
C GLU O 332 -58.25 8.99 71.95
N ASP O 333 -59.14 9.33 72.87
CA ASP O 333 -60.40 9.93 72.50
C ASP O 333 -60.18 11.38 72.06
N PRO O 334 -61.12 11.93 71.29
CA PRO O 334 -60.99 13.34 70.89
C PRO O 334 -60.93 14.25 72.12
N ASP O 335 -60.17 15.34 71.99
CA ASP O 335 -60.06 16.34 73.05
C ASP O 335 -60.50 17.71 72.54
N HIS O 336 -61.43 17.73 71.59
CA HIS O 336 -61.87 18.96 70.96
C HIS O 336 -63.39 19.07 71.06
N MET O 337 -63.87 20.31 71.01
CA MET O 337 -65.29 20.56 71.13
C MET O 337 -66.04 19.91 69.98
N LYS O 338 -67.23 19.42 70.28
CA LYS O 338 -68.02 18.72 69.27
C LYS O 338 -68.48 19.70 68.19
N PRO O 339 -68.62 19.28 66.93
CA PRO O 339 -69.27 20.15 65.94
C PRO O 339 -70.68 20.52 66.32
N GLY O 340 -71.42 19.61 66.96
CA GLY O 340 -72.77 19.94 67.39
C GLY O 340 -72.80 21.08 68.40
N ASP O 341 -71.94 21.01 69.42
CA ASP O 341 -71.93 22.05 70.42
C ASP O 341 -71.46 23.38 69.83
N PHE O 342 -70.41 23.35 69.02
CA PHE O 342 -69.96 24.59 68.39
C PHE O 342 -70.99 25.09 67.39
N ARG O 343 -71.65 24.20 66.65
CA ARG O 343 -72.71 24.64 65.77
C ARG O 343 -73.82 25.32 66.56
N LEU O 344 -74.22 24.71 67.69
CA LEU O 344 -75.18 25.36 68.57
C LEU O 344 -74.73 26.78 68.91
N GLU O 345 -73.45 26.95 69.24
CA GLU O 345 -72.95 28.28 69.54
C GLU O 345 -73.14 29.22 68.36
N VAL O 346 -73.00 28.71 67.14
CA VAL O 346 -73.17 29.56 65.96
C VAL O 346 -74.58 30.11 65.89
N LEU O 347 -75.59 29.25 66.01
CA LEU O 347 -76.96 29.70 65.85
C LEU O 347 -77.46 30.50 67.05
N ASN O 348 -76.89 30.30 68.22
CA ASN O 348 -77.34 31.07 69.39
C ASN O 348 -77.07 32.56 69.21
N SER O 349 -76.01 32.92 68.50
CA SER O 349 -75.59 34.30 68.33
C SER O 349 -76.12 34.91 67.04
N ILE O 350 -77.32 34.51 66.63
CA ILE O 350 -77.91 34.95 65.38
C ILE O 350 -79.24 35.63 65.67
N GLN O 351 -79.41 36.85 65.16
CA GLN O 351 -80.68 37.55 65.28
C GLN O 351 -81.76 36.84 64.48
N THR O 352 -83.00 37.07 64.87
CA THR O 352 -84.14 36.37 64.30
C THR O 352 -85.26 37.34 64.01
N LYS O 353 -86.22 36.90 63.20
CA LYS O 353 -87.38 37.71 62.82
C LYS O 353 -88.64 37.11 63.42
N LEU O 354 -89.47 37.97 64.01
CA LEU O 354 -90.66 37.54 64.75
C LEU O 354 -91.83 37.45 63.79
N PHE O 355 -91.85 36.39 63.00
CA PHE O 355 -92.94 36.19 62.06
C PHE O 355 -94.19 35.85 62.87
N HIS O 356 -94.99 36.87 63.18
CA HIS O 356 -96.24 36.68 63.98
C HIS O 356 -97.37 36.37 62.99
N ALA O 357 -97.70 35.09 62.81
CA ALA O 357 -98.76 34.70 61.90
C ALA O 357 -100.09 35.25 62.38
N GLN O 358 -100.92 35.71 61.45
CA GLN O 358 -102.19 36.34 61.77
C GLN O 358 -103.28 35.70 60.93
N SER O 359 -104.45 35.51 61.53
CA SER O 359 -105.56 34.84 60.86
C SER O 359 -106.46 35.88 60.22
N GLN O 360 -106.37 36.01 58.90
CA GLN O 360 -107.21 36.95 58.17
C GLN O 360 -108.67 36.52 58.21
N PRO O 361 -109.58 37.44 58.54
CA PRO O 361 -111.02 37.11 58.48
C PRO O 361 -111.60 37.35 57.10
N ILE O 362 -112.23 36.34 56.52
CA ILE O 362 -112.86 36.46 55.20
C ILE O 362 -114.36 36.28 55.36
N PRO O 363 -115.19 37.08 54.68
CA PRO O 363 -116.64 36.89 54.81
C PRO O 363 -117.07 35.51 54.33
N ASN O 364 -118.23 35.08 54.81
CA ASN O 364 -118.78 33.76 54.49
C ASN O 364 -117.96 32.65 55.13
N THR O 365 -117.51 32.87 56.36
CA THR O 365 -116.76 31.90 57.12
C THR O 365 -117.13 32.00 58.59
N ASP O 366 -117.49 30.87 59.19
CA ASP O 366 -117.87 30.81 60.59
C ASP O 366 -116.94 29.83 61.30
N ASP O 367 -116.27 30.32 62.35
CA ASP O 367 -115.30 29.53 63.11
C ASP O 367 -114.13 29.07 62.23
N TYR O 368 -114.00 29.63 61.03
CA TYR O 368 -112.93 29.29 60.11
C TYR O 368 -112.27 30.59 59.67
N TRP O 369 -110.96 30.69 59.87
CA TRP O 369 -110.19 31.88 59.56
C TRP O 369 -109.24 31.57 58.40
N THR O 370 -108.39 32.54 58.06
CA THR O 370 -107.39 32.39 57.02
C THR O 370 -106.04 32.83 57.59
N ASP O 371 -105.17 31.87 57.84
CA ASP O 371 -103.88 32.12 58.47
C ASP O 371 -102.92 32.67 57.42
N VAL O 372 -102.43 33.89 57.65
CA VAL O 372 -101.41 34.51 56.80
C VAL O 372 -100.19 34.76 57.66
N ILE O 373 -99.05 34.22 57.24
CA ILE O 373 -97.79 34.35 57.98
C ILE O 373 -97.09 35.59 57.44
N LEU O 374 -97.48 36.75 57.95
CA LEU O 374 -96.88 38.02 57.57
C LEU O 374 -96.38 38.75 58.81
N THR O 375 -95.20 39.34 58.69
CA THR O 375 -94.59 40.06 59.81
C THR O 375 -95.29 41.37 60.12
N THR O 376 -96.08 41.90 59.19
CA THR O 376 -96.76 43.17 59.41
C THR O 376 -98.06 42.95 60.18
N LYS O 377 -98.27 43.74 61.23
CA LYS O 377 -99.49 43.64 62.01
C LYS O 377 -100.70 44.02 61.17
N GLY O 378 -101.76 43.22 61.26
CA GLY O 378 -102.98 43.47 60.52
C GLY O 378 -104.12 43.90 61.40
N SER O 379 -105.20 44.40 60.79
CA SER O 379 -106.38 44.84 61.51
C SER O 379 -107.46 43.77 61.39
N GLY O 380 -107.92 43.27 62.53
CA GLY O 380 -108.95 42.25 62.56
C GLY O 380 -108.46 40.84 62.33
N ASN O 381 -107.15 40.70 62.16
CA ASN O 381 -106.54 39.35 61.92
C ASN O 381 -106.08 38.78 63.27
N GLN O 382 -106.48 37.55 63.59
CA GLN O 382 -106.12 36.96 64.87
C GLN O 382 -104.67 36.48 64.85
N PRO O 383 -103.80 36.99 65.71
CA PRO O 383 -102.42 36.46 65.75
C PRO O 383 -102.40 35.05 66.35
N LEU O 384 -101.58 34.19 65.74
CA LEU O 384 -101.45 32.80 66.19
C LEU O 384 -100.29 32.61 67.15
N PHE O 385 -99.06 32.88 66.69
CA PHE O 385 -97.89 32.79 67.56
C PHE O 385 -96.82 33.72 67.01
N THR O 386 -95.95 34.19 67.90
CA THR O 386 -94.83 35.03 67.54
C THR O 386 -93.54 34.33 67.93
N PHE O 387 -92.68 34.08 66.95
CA PHE O 387 -91.51 33.24 67.12
C PHE O 387 -90.30 33.80 66.37
N PRO O 388 -89.09 33.61 66.91
CA PRO O 388 -87.90 33.97 66.13
C PRO O 388 -87.82 33.13 64.86
N ALA O 389 -87.35 33.75 63.79
CA ALA O 389 -87.17 33.07 62.52
C ALA O 389 -85.97 33.65 61.79
N PHE O 390 -85.56 32.97 60.72
CA PHE O 390 -84.37 33.32 59.95
C PHE O 390 -84.81 33.95 58.65
N ASP O 391 -84.41 35.21 58.43
CA ASP O 391 -84.81 35.98 57.27
C ASP O 391 -83.72 36.07 56.22
N PHE O 392 -82.74 35.18 56.26
CA PHE O 392 -81.63 35.21 55.32
C PHE O 392 -81.06 33.81 55.19
N GLY O 393 -80.59 33.49 54.00
CA GLY O 393 -80.05 32.17 53.74
C GLY O 393 -78.65 32.07 54.31
N ASP O 394 -77.75 31.42 53.58
CA ASP O 394 -76.35 31.30 53.95
C ASP O 394 -76.15 30.55 55.26
N LEU O 395 -77.21 29.95 55.81
CA LEU O 395 -77.10 29.11 57.01
C LEU O 395 -77.51 27.70 56.59
N ILE O 396 -76.52 26.82 56.45
CA ILE O 396 -76.83 25.48 55.95
C ILE O 396 -77.79 24.79 56.90
N GLY O 397 -78.54 23.84 56.37
CA GLY O 397 -79.57 23.17 57.13
C GLY O 397 -80.89 23.90 57.20
N THR O 398 -81.08 24.92 56.36
CA THR O 398 -82.31 25.75 56.37
C THR O 398 -82.90 25.84 54.98
N GLU O 399 -84.24 25.92 54.88
CA GLU O 399 -84.95 26.08 53.62
C GLU O 399 -86.04 27.13 53.79
N VAL O 400 -86.44 27.72 52.66
CA VAL O 400 -87.36 28.85 52.65
C VAL O 400 -88.76 28.38 52.32
N VAL O 401 -89.74 29.04 52.93
CA VAL O 401 -91.16 28.81 52.67
C VAL O 401 -91.72 30.09 52.09
N SER O 402 -91.75 30.19 50.76
CA SER O 402 -92.11 31.41 50.06
C SER O 402 -93.54 31.28 49.56
N PHE O 403 -94.46 31.98 50.19
CA PHE O 403 -95.85 31.96 49.75
C PHE O 403 -95.94 32.48 48.33
N GLY O 404 -96.76 31.82 47.52
CA GLY O 404 -97.03 32.26 46.16
C GLY O 404 -98.41 32.84 46.04
N LYS O 405 -98.50 34.16 45.87
CA LYS O 405 -99.77 34.84 45.69
C LYS O 405 -99.92 35.24 44.24
N LYS O 406 -101.01 34.82 43.61
CA LYS O 406 -101.23 35.13 42.21
C LYS O 406 -101.40 36.64 42.04
N LYS O 407 -100.47 37.25 41.29
CA LYS O 407 -100.65 38.65 40.91
C LYS O 407 -101.79 38.78 39.91
N ASN O 408 -102.00 37.76 39.08
CA ASN O 408 -103.11 37.72 38.14
C ASN O 408 -104.41 37.30 38.80
N GLY O 409 -104.36 36.93 40.08
CA GLY O 409 -105.55 36.50 40.79
C GLY O 409 -105.41 36.71 42.29
N GLU O 410 -105.93 35.77 43.07
CA GLU O 410 -105.85 35.88 44.52
C GLU O 410 -105.51 34.54 45.19
N GLU O 411 -105.15 33.53 44.42
CA GLU O 411 -104.82 32.23 45.00
C GLU O 411 -103.69 32.36 46.01
N TYR O 412 -103.86 31.70 47.15
CA TYR O 412 -102.83 31.61 48.18
C TYR O 412 -102.04 30.33 47.99
N ASN O 413 -100.72 30.45 47.87
CA ASN O 413 -99.85 29.28 47.71
C ASN O 413 -98.77 29.29 48.77
N CYS O 414 -98.18 28.11 48.98
CA CYS O 414 -97.14 27.92 49.99
C CYS O 414 -96.16 26.89 49.44
N LEU O 415 -95.03 27.35 48.91
CA LEU O 415 -94.04 26.48 48.29
C LEU O 415 -92.73 26.61 49.05
N ILE O 416 -92.17 25.48 49.46
CA ILE O 416 -90.90 25.46 50.18
C ILE O 416 -89.76 25.39 49.17
N GLY O 417 -88.78 26.26 49.33
CA GLY O 417 -87.65 26.24 48.43
C GLY O 417 -88.00 26.49 46.99
N GLU O 418 -89.19 27.03 46.73
CA GLU O 418 -89.64 27.34 45.37
C GLU O 418 -90.28 28.72 45.40
N ARG O 419 -89.55 29.71 44.89
CA ARG O 419 -90.03 31.07 44.92
C ARG O 419 -91.04 31.31 43.80
N VAL O 420 -91.52 32.55 43.73
CA VAL O 420 -92.39 32.95 42.62
C VAL O 420 -91.62 33.02 41.31
N THR O 421 -90.31 33.21 41.36
CA THR O 421 -89.53 33.42 40.15
C THR O 421 -89.67 32.25 39.17
N SER O 422 -89.96 31.05 39.66
CA SER O 422 -90.16 29.92 38.76
C SER O 422 -91.36 30.17 37.85
N LEU O 423 -92.44 30.71 38.39
CA LEU O 423 -93.63 31.06 37.63
C LEU O 423 -93.60 32.54 37.29
N ASP O 424 -94.68 33.03 36.70
CA ASP O 424 -94.80 34.43 36.29
C ASP O 424 -96.08 35.03 36.86
N ASP O 425 -95.96 36.29 37.32
CA ASP O 425 -97.08 37.01 37.92
C ASP O 425 -97.60 36.28 39.18
N TYR O 426 -96.71 36.28 40.18
CA TYR O 426 -97.06 35.68 41.49
C TYR O 426 -96.45 36.60 42.55
N LYS O 427 -97.29 37.35 43.27
CA LYS O 427 -96.80 38.25 44.35
C LYS O 427 -96.16 37.42 45.47
N GLU O 428 -95.20 38.01 46.19
CA GLU O 428 -94.53 37.31 47.31
C GLU O 428 -95.18 37.75 48.64
N LEU O 429 -95.83 36.82 49.34
CA LEU O 429 -96.42 37.16 50.67
C LEU O 429 -95.31 37.14 51.72
N SER O 430 -94.68 35.98 51.94
CA SER O 430 -93.66 35.86 52.97
C SER O 430 -92.65 34.79 52.56
N TYR O 431 -91.38 35.12 52.72
CA TYR O 431 -90.30 34.17 52.51
C TYR O 431 -89.31 34.29 53.66
N PHE O 432 -88.91 33.15 54.21
CA PHE O 432 -87.99 33.13 55.33
C PHE O 432 -87.44 31.72 55.52
N TRP O 433 -86.12 31.59 55.58
CA TRP O 433 -85.51 30.28 55.70
C TRP O 433 -85.77 29.69 57.08
N VAL O 434 -85.97 28.37 57.13
CA VAL O 434 -86.26 27.67 58.37
C VAL O 434 -85.61 26.28 58.32
N PHE O 435 -85.55 25.64 59.49
CA PHE O 435 -85.05 24.27 59.57
C PHE O 435 -86.17 23.31 59.22
N PRO O 436 -86.07 22.54 58.13
CA PRO O 436 -87.11 21.53 57.87
C PRO O 436 -87.10 20.40 58.89
N ASP O 437 -86.02 20.22 59.64
CA ASP O 437 -85.92 19.16 60.63
C ASP O 437 -85.50 19.75 61.96
N SER O 438 -85.59 18.94 63.01
CA SER O 438 -85.28 19.40 64.34
C SER O 438 -83.77 19.37 64.58
N VAL O 439 -83.34 20.10 65.60
CA VAL O 439 -81.94 20.13 66.01
C VAL O 439 -81.90 19.93 67.51
N GLN O 440 -80.76 19.46 68.00
CA GLN O 440 -80.61 19.20 69.44
C GLN O 440 -80.83 20.48 70.23
N LYS O 441 -81.91 20.51 71.00
CA LYS O 441 -82.18 21.51 72.02
C LYS O 441 -82.27 22.94 71.47
N PHE O 442 -82.43 23.11 70.16
CA PHE O 442 -82.68 24.42 69.59
C PHE O 442 -84.03 24.51 68.89
N ALA O 443 -84.29 23.65 67.91
CA ALA O 443 -85.49 23.73 67.09
C ALA O 443 -86.40 22.55 67.46
N MET O 444 -87.30 22.78 68.41
CA MET O 444 -88.17 21.73 68.91
C MET O 444 -89.65 21.98 68.68
N GLU O 445 -90.05 23.23 68.48
CA GLU O 445 -91.45 23.54 68.23
C GLU O 445 -91.75 23.43 66.73
N MET O 446 -92.97 23.05 66.41
CA MET O 446 -93.33 22.59 65.07
C MET O 446 -94.32 23.53 64.40
N TYR O 447 -94.27 23.58 63.07
CA TYR O 447 -95.26 24.25 62.25
C TYR O 447 -95.57 23.39 61.04
N GLY O 448 -96.85 23.32 60.70
CA GLY O 448 -97.29 22.51 59.57
C GLY O 448 -98.19 23.31 58.65
N VAL O 449 -98.15 22.95 57.37
CA VAL O 449 -98.89 23.64 56.32
C VAL O 449 -99.99 22.72 55.81
N SER O 450 -101.20 23.27 55.70
CA SER O 450 -102.33 22.57 55.11
C SER O 450 -103.13 23.57 54.28
N LYS O 451 -103.68 23.09 53.16
CA LYS O 451 -104.40 23.93 52.22
C LYS O 451 -105.69 23.24 51.78
N VAL O 452 -106.74 24.02 51.58
CA VAL O 452 -108.03 23.48 51.14
C VAL O 452 -108.11 23.57 49.62
N PRO O 453 -108.25 22.45 48.90
CA PRO O 453 -108.26 22.54 47.43
C PRO O 453 -109.34 23.45 46.87
N THR O 454 -110.53 23.43 47.45
CA THR O 454 -111.64 24.21 46.91
C THR O 454 -111.36 25.71 47.01
N ARG O 455 -110.84 26.14 48.16
CA ARG O 455 -110.54 27.55 48.41
C ARG O 455 -109.17 27.65 49.06
N ASN O 456 -108.36 28.57 48.55
CA ASN O 456 -106.98 28.68 49.02
C ASN O 456 -106.92 29.41 50.35
N TYR O 457 -107.58 28.86 51.36
CA TYR O 457 -107.50 29.40 52.72
C TYR O 457 -106.31 28.73 53.40
N MET O 458 -105.20 29.44 53.46
CA MET O 458 -104.00 28.90 54.08
C MET O 458 -104.33 28.38 55.48
N ARG O 459 -104.03 27.11 55.70
CA ARG O 459 -104.28 26.45 56.99
C ARG O 459 -102.92 25.98 57.51
N VAL O 460 -102.22 26.89 58.17
CA VAL O 460 -100.95 26.59 58.81
C VAL O 460 -101.20 26.51 60.31
N TYR O 461 -100.75 25.44 60.93
CA TYR O 461 -101.04 25.20 62.34
C TYR O 461 -99.87 24.48 62.99
N ALA O 462 -99.88 24.45 64.32
CA ALA O 462 -98.87 23.74 65.09
C ALA O 462 -99.13 22.25 64.97
N ALA O 463 -98.43 21.59 64.05
CA ALA O 463 -98.66 20.18 63.76
C ALA O 463 -97.98 19.31 64.81
N ASP O 464 -98.04 18.00 64.56
CA ASP O 464 -97.46 17.02 65.53
C ASP O 464 -96.72 15.95 64.71
N GLN O 465 -95.94 15.11 65.38
CA GLN O 465 -95.25 14.02 64.67
C GLN O 465 -96.25 13.07 64.04
N SER O 466 -97.45 13.00 64.61
CA SER O 466 -98.52 12.11 64.07
C SER O 466 -99.16 12.78 62.84
N ASP O 467 -99.25 14.11 62.84
CA ASP O 467 -99.78 14.82 61.63
C ASP O 467 -98.94 14.36 60.43
N ILE O 468 -97.63 14.20 60.62
CA ILE O 468 -96.76 13.68 59.53
C ILE O 468 -97.21 12.25 59.21
N GLU O 469 -97.23 11.37 60.22
CA GLU O 469 -97.62 9.95 60.01
C GLU O 469 -98.89 9.87 59.17
N ASN O 470 -99.98 10.48 59.65
CA ASN O 470 -101.25 10.50 58.87
C ASN O 470 -101.49 11.91 58.35
N PRO O 471 -101.07 12.25 57.11
CA PRO O 471 -101.18 13.63 56.56
C PRO O 471 -102.58 13.91 56.01
N ARG O 472 -103.05 15.15 56.19
CA ARG O 472 -104.32 15.56 55.63
C ARG O 472 -104.16 15.88 54.15
N PRO O 473 -105.27 15.93 53.40
CA PRO O 473 -105.16 16.23 51.97
C PRO O 473 -104.50 17.57 51.72
N TYR O 474 -103.66 17.65 50.68
CA TYR O 474 -103.04 18.96 50.29
C TYR O 474 -102.19 19.56 51.42
N GLN O 475 -101.70 18.73 52.34
CA GLN O 475 -100.79 19.24 53.37
C GLN O 475 -99.39 19.23 52.79
N ARG O 476 -98.82 20.41 52.60
CA ARG O 476 -97.61 20.53 51.79
C ARG O 476 -96.36 20.14 52.58
N PHE O 477 -96.04 20.88 53.63
CA PHE O 477 -94.77 20.70 54.32
C PHE O 477 -94.91 21.10 55.77
N TRP O 478 -93.99 20.59 56.59
CA TRP O 478 -93.93 20.88 58.02
C TRP O 478 -92.51 21.24 58.40
N PHE O 479 -92.37 22.18 59.33
CA PHE O 479 -91.08 22.75 59.66
C PHE O 479 -91.00 23.05 61.16
N TYR O 480 -89.77 23.02 61.67
CA TYR O 480 -89.49 23.30 63.07
C TYR O 480 -88.89 24.68 63.23
N VAL O 481 -89.33 25.39 64.26
CA VAL O 481 -88.86 26.74 64.54
C VAL O 481 -88.11 26.73 65.87
N PRO O 482 -87.11 27.57 66.06
CA PRO O 482 -86.34 27.54 67.32
C PRO O 482 -87.21 27.75 68.55
N SER O 483 -86.88 27.04 69.61
CA SER O 483 -87.58 27.13 70.88
C SER O 483 -86.94 28.23 71.72
N ALA O 484 -87.77 29.14 72.22
CA ALA O 484 -87.27 30.24 73.05
C ALA O 484 -86.76 29.77 74.41
N ASN O 485 -87.03 28.52 74.78
CA ASN O 485 -86.59 28.00 76.07
C ASN O 485 -85.10 27.74 76.14
N SER O 486 -84.39 27.82 75.02
CA SER O 486 -82.95 27.56 75.03
C SER O 486 -82.26 28.60 75.91
N PRO O 487 -81.31 28.21 76.75
CA PRO O 487 -80.63 29.19 77.61
C PRO O 487 -79.59 29.96 76.84
N PRO O 488 -79.59 31.31 76.93
CA PRO O 488 -78.58 32.08 76.21
C PRO O 488 -77.27 32.21 77.00
N GLY P 2 -56.05 23.43 46.99
CA GLY P 2 -54.99 23.94 46.14
C GLY P 2 -54.41 22.88 45.22
N GLU P 3 -55.09 22.64 44.10
CA GLU P 3 -54.61 21.68 43.12
C GLU P 3 -54.62 22.28 41.72
N VAL P 4 -55.47 23.28 41.49
CA VAL P 4 -55.56 23.93 40.18
C VAL P 4 -55.61 25.43 40.40
N VAL P 5 -55.28 26.17 39.34
CA VAL P 5 -55.29 27.63 39.40
C VAL P 5 -55.57 28.17 38.00
N PRO P 6 -56.39 29.21 37.85
CA PRO P 6 -56.64 29.76 36.52
C PRO P 6 -55.36 30.28 35.89
N TYR P 7 -55.27 30.13 34.57
CA TYR P 7 -54.07 30.55 33.86
C TYR P 7 -53.85 32.05 34.02
N LYS P 8 -52.60 32.42 34.30
CA LYS P 8 -52.19 33.83 34.37
C LYS P 8 -51.07 34.04 33.36
N ALA P 9 -51.23 35.03 32.50
CA ALA P 9 -50.30 35.21 31.39
C ALA P 9 -48.88 35.37 31.93
N GLY P 10 -47.92 34.85 31.17
CA GLY P 10 -46.53 34.84 31.58
C GLY P 10 -46.10 33.61 32.35
N MET P 11 -47.05 32.75 32.72
CA MET P 11 -46.71 31.55 33.47
C MET P 11 -45.72 30.70 32.68
N GLN P 12 -44.70 30.21 33.36
CA GLN P 12 -43.70 29.34 32.77
C GLN P 12 -43.72 28.02 33.50
N ARG P 13 -43.78 26.93 32.75
CA ARG P 13 -43.82 25.61 33.37
C ARG P 13 -42.63 25.42 34.29
N GLY P 14 -42.89 24.91 35.48
CA GLY P 14 -41.82 24.65 36.43
C GLY P 14 -41.36 25.91 37.14
N GLN P 15 -42.26 26.56 37.86
CA GLN P 15 -41.92 27.76 38.62
C GLN P 15 -42.67 27.74 39.94
N GLY P 16 -42.09 28.43 40.92
CA GLY P 16 -42.71 28.49 42.22
C GLY P 16 -44.01 29.28 42.19
N TYR P 17 -44.88 28.98 43.15
CA TYR P 17 -46.19 29.62 43.24
C TYR P 17 -46.50 29.83 44.71
N ASN P 18 -46.58 31.09 45.12
CA ASN P 18 -46.94 31.45 46.49
C ASN P 18 -48.47 31.36 46.59
N THR P 19 -48.96 30.22 47.07
CA THR P 19 -50.39 29.96 46.99
C THR P 19 -51.21 30.98 47.79
N TYR P 20 -50.65 31.55 48.85
CA TYR P 20 -51.36 32.56 49.61
C TYR P 20 -51.48 33.86 48.81
N LEU P 21 -50.35 34.44 48.43
CA LEU P 21 -50.36 35.67 47.65
C LEU P 21 -50.79 35.44 46.20
N GLN P 22 -50.92 34.19 45.77
CA GLN P 22 -51.36 33.87 44.41
C GLN P 22 -50.48 34.55 43.36
N SER P 23 -49.24 34.85 43.73
CA SER P 23 -48.31 35.49 42.81
C SER P 23 -47.46 34.42 42.13
N LEU P 24 -46.47 34.86 41.36
CA LEU P 24 -45.55 33.98 40.67
C LEU P 24 -44.17 34.09 41.30
N CYS P 25 -43.46 32.96 41.35
CA CYS P 25 -42.15 32.92 41.98
C CYS P 25 -41.12 32.33 41.02
N VAL P 26 -39.92 32.02 41.53
CA VAL P 26 -38.77 31.73 40.67
C VAL P 26 -39.17 30.77 39.57
N LYS P 27 -38.65 31.02 38.38
CA LYS P 27 -38.90 30.17 37.23
C LYS P 27 -37.75 29.17 37.06
N ASP P 28 -38.10 27.97 36.62
CA ASP P 28 -37.12 26.92 36.33
C ASP P 28 -36.53 26.31 37.60
N ALA P 29 -37.32 26.29 38.68
CA ALA P 29 -36.91 25.53 39.85
C ALA P 29 -37.07 24.03 39.62
N VAL P 30 -38.02 23.63 38.77
CA VAL P 30 -38.31 22.24 38.49
C VAL P 30 -38.17 22.02 36.99
N THR P 31 -37.39 21.03 36.61
CA THR P 31 -37.23 20.63 35.21
C THR P 31 -38.04 19.36 34.99
N ILE P 32 -38.93 19.40 34.01
CA ILE P 32 -39.76 18.24 33.66
C ILE P 32 -39.24 17.70 32.33
N GLU P 33 -38.82 16.43 32.34
CA GLU P 33 -38.35 15.76 31.14
C GLU P 33 -39.50 14.99 30.53
N ARG P 34 -39.82 15.31 29.28
CA ARG P 34 -40.84 14.58 28.53
C ARG P 34 -40.19 13.32 27.96
N HIS P 35 -40.32 12.21 28.68
CA HIS P 35 -39.71 10.97 28.22
C HIS P 35 -40.30 10.53 26.88
N ASP P 36 -41.62 10.65 26.74
CA ASP P 36 -42.33 10.23 25.54
C ASP P 36 -43.06 11.42 24.95
N ASP P 37 -42.92 11.61 23.64
CA ASP P 37 -43.58 12.71 22.94
C ASP P 37 -44.93 12.23 22.45
N SER P 38 -45.97 12.51 23.23
CA SER P 38 -47.32 12.12 22.87
C SER P 38 -48.31 12.97 23.64
N ASN P 39 -49.36 13.41 22.98
CA ASN P 39 -50.37 14.22 23.64
C ASN P 39 -51.15 13.38 24.64
N PRO P 40 -51.57 13.97 25.75
CA PRO P 40 -52.23 13.19 26.80
C PRO P 40 -53.65 12.82 26.41
N PRO P 41 -54.26 11.89 27.13
CA PRO P 41 -55.65 11.54 26.83
C PRO P 41 -56.58 12.72 27.05
N PHE P 42 -57.66 12.76 26.25
CA PHE P 42 -58.52 13.92 26.21
C PHE P 42 -59.98 13.50 26.28
N LYS P 43 -60.82 14.43 26.72
CA LYS P 43 -62.25 14.23 26.87
C LYS P 43 -62.99 15.24 25.99
N LYS P 44 -63.95 14.76 25.21
CA LYS P 44 -64.66 15.58 24.25
C LYS P 44 -66.14 15.68 24.59
N GLU P 45 -66.74 16.81 24.20
CA GLU P 45 -68.18 17.00 24.27
C GLU P 45 -68.64 17.65 22.97
N TYR P 46 -69.92 17.44 22.64
CA TYR P 46 -70.46 18.00 21.40
C TYR P 46 -71.97 18.11 21.56
N TYR P 47 -72.45 19.31 21.83
CA TYR P 47 -73.89 19.62 21.89
C TYR P 47 -74.26 20.39 20.64
N SER P 48 -75.22 19.88 19.88
CA SER P 48 -75.59 20.48 18.60
C SER P 48 -77.11 20.63 18.50
N GLU P 49 -77.54 21.72 17.89
CA GLU P 49 -78.95 21.99 17.63
C GLU P 49 -79.11 22.50 16.21
N PHE P 50 -80.14 22.02 15.51
CA PHE P 50 -80.47 22.49 14.17
C PHE P 50 -81.96 22.77 14.14
N ILE P 51 -82.33 24.01 14.41
CA ILE P 51 -83.74 24.36 14.61
C ILE P 51 -84.50 24.23 13.29
N GLU P 52 -85.82 24.10 13.41
CA GLU P 52 -86.67 23.72 12.29
C GLU P 52 -86.44 24.61 11.08
N GLU P 53 -86.84 24.11 9.92
CA GLU P 53 -86.87 24.89 8.69
C GLU P 53 -88.27 25.44 8.52
N TYR P 54 -88.47 26.69 8.90
CA TYR P 54 -89.80 27.31 8.84
C TYR P 54 -90.13 27.55 7.36
N GLU P 55 -90.56 26.46 6.71
CA GLU P 55 -90.94 26.55 5.27
C GLU P 55 -92.45 26.75 5.17
N LYS P 56 -92.86 27.93 4.72
CA LYS P 56 -94.28 28.27 4.62
C LYS P 56 -94.52 28.91 3.26
N ILE P 57 -95.23 28.20 2.38
CA ILE P 57 -95.66 28.74 1.11
C ILE P 57 -97.15 28.99 1.20
N ALA P 58 -97.57 30.24 1.01
CA ALA P 58 -98.96 30.60 0.88
C ALA P 58 -99.13 31.26 -0.48
N LYS P 59 -100.05 30.75 -1.28
CA LYS P 59 -100.19 31.16 -2.67
C LYS P 59 -101.66 31.43 -2.99
N SER P 60 -101.90 32.39 -3.88
CA SER P 60 -103.24 32.85 -4.18
C SER P 60 -103.55 32.67 -5.65
N MET P 61 -104.80 32.29 -5.97
CA MET P 61 -105.24 32.19 -7.38
C MET P 61 -106.71 32.61 -7.45
N ARG P 62 -106.98 33.87 -7.76
CA ARG P 62 -108.30 34.46 -7.81
C ARG P 62 -108.61 34.85 -9.26
N ILE P 63 -109.67 34.25 -9.81
CA ILE P 63 -110.09 34.53 -11.17
C ILE P 63 -111.57 34.91 -11.14
N SER P 64 -111.96 35.82 -12.02
CA SER P 64 -113.35 36.25 -12.10
C SER P 64 -113.60 36.80 -13.49
N ALA P 65 -114.56 36.21 -14.20
CA ALA P 65 -114.91 36.66 -15.54
C ALA P 65 -116.38 36.36 -15.81
N GLY P 66 -116.99 37.18 -16.65
CA GLY P 66 -118.37 37.02 -17.01
C GLY P 66 -118.92 38.19 -17.81
N VAL P 78 -119.12 43.07 -23.42
CA VAL P 78 -118.63 43.62 -22.17
C VAL P 78 -118.26 42.49 -21.22
N ASN P 79 -117.17 41.80 -21.53
CA ASN P 79 -116.66 40.71 -20.73
C ASN P 79 -115.40 41.15 -20.01
N VAL P 80 -115.34 40.91 -18.70
CA VAL P 80 -114.22 41.32 -17.88
C VAL P 80 -113.50 40.09 -17.36
N ASP P 81 -112.22 40.28 -17.03
CA ASP P 81 -111.38 39.22 -16.49
C ASP P 81 -110.57 39.77 -15.32
N ILE P 82 -110.33 38.93 -14.33
CA ILE P 82 -109.46 39.27 -13.20
C ILE P 82 -108.60 38.05 -12.90
N LEU P 83 -107.30 38.27 -12.76
CA LEU P 83 -106.34 37.18 -12.55
C LEU P 83 -105.32 37.66 -11.52
N ASN P 84 -105.49 37.27 -10.26
CA ASN P 84 -104.64 37.74 -9.18
C ASN P 84 -103.86 36.57 -8.58
N ARG P 85 -102.56 36.79 -8.38
CA ARG P 85 -101.69 35.78 -7.81
C ARG P 85 -100.94 36.36 -6.60
N SER P 86 -100.48 35.47 -5.75
CA SER P 86 -99.61 35.86 -4.64
C SER P 86 -98.76 34.65 -4.28
N GLU P 87 -97.69 34.92 -3.54
CA GLU P 87 -96.78 33.85 -3.12
C GLU P 87 -95.95 34.35 -1.96
N PHE P 88 -96.06 33.70 -0.81
CA PHE P 88 -95.31 34.08 0.38
C PHE P 88 -94.48 32.88 0.83
N GLU P 89 -93.17 33.08 0.90
CA GLU P 89 -92.24 32.03 1.29
C GLU P 89 -91.52 32.43 2.56
N THR P 90 -91.22 31.44 3.40
CA THR P 90 -90.47 31.66 4.62
C THR P 90 -89.48 30.52 4.80
N SER P 91 -88.32 30.83 5.38
CA SER P 91 -87.33 29.79 5.67
C SER P 91 -86.43 30.31 6.78
N THR P 92 -86.68 29.87 8.00
CA THR P 92 -85.84 30.22 9.15
C THR P 92 -85.03 29.00 9.55
N LEU P 93 -83.73 29.06 9.32
CA LEU P 93 -82.82 28.01 9.74
C LEU P 93 -81.92 28.58 10.83
N THR P 94 -81.75 27.81 11.90
CA THR P 94 -80.86 28.19 12.99
C THR P 94 -79.99 27.00 13.37
N TYR P 95 -78.78 27.29 13.83
CA TYR P 95 -77.83 26.24 14.18
C TYR P 95 -77.05 26.68 15.41
N GLU P 96 -76.52 25.69 16.13
CA GLU P 96 -75.71 25.99 17.32
C GLU P 96 -74.98 24.72 17.76
N VAL P 97 -73.67 24.84 17.97
CA VAL P 97 -72.87 23.77 18.51
C VAL P 97 -72.01 24.31 19.65
N LYS P 98 -71.53 23.38 20.48
CA LYS P 98 -70.65 23.75 21.59
C LYS P 98 -69.75 22.55 21.88
N VAL P 99 -68.49 22.63 21.47
CA VAL P 99 -67.55 21.55 21.58
C VAL P 99 -66.56 21.89 22.69
N LEU P 100 -66.45 21.01 23.67
CA LEU P 100 -65.53 21.18 24.79
C LEU P 100 -64.53 20.02 24.79
N VAL P 101 -63.24 20.36 24.80
CA VAL P 101 -62.17 19.38 24.82
C VAL P 101 -61.29 19.67 26.03
N GLN P 102 -61.03 18.63 26.82
CA GLN P 102 -60.19 18.76 28.01
C GLN P 102 -59.18 17.62 28.02
N HIS P 103 -57.91 17.95 28.05
CA HIS P 103 -56.85 16.96 28.08
C HIS P 103 -56.57 16.54 29.52
N GLN P 104 -55.55 15.72 29.72
CA GLN P 104 -55.12 15.34 31.06
C GLN P 104 -53.62 15.53 31.17
N VAL P 105 -53.05 15.24 32.34
CA VAL P 105 -51.62 15.40 32.60
C VAL P 105 -50.98 14.03 32.48
N SER P 106 -49.94 13.93 31.66
CA SER P 106 -49.28 12.66 31.43
C SER P 106 -48.69 12.12 32.72
N VAL P 107 -48.73 10.80 32.88
CA VAL P 107 -48.28 10.15 34.10
C VAL P 107 -46.88 9.56 33.98
N LEU P 108 -46.23 9.73 32.84
CA LEU P 108 -44.93 9.11 32.58
C LEU P 108 -43.83 10.16 32.42
N ASP P 109 -43.86 11.19 33.26
CA ASP P 109 -42.85 12.23 33.25
C ASP P 109 -42.03 12.17 34.54
N LYS P 110 -40.85 12.77 34.50
CA LYS P 110 -39.94 12.82 35.64
C LYS P 110 -39.82 14.27 36.11
N HIS P 111 -39.91 14.48 37.41
CA HIS P 111 -39.84 15.79 38.02
C HIS P 111 -38.58 15.89 38.87
N SER P 112 -37.84 16.98 38.72
CA SER P 112 -36.60 17.21 39.44
C SER P 112 -36.63 18.59 40.06
N PHE P 113 -35.71 18.82 40.99
CA PHE P 113 -35.62 20.08 41.72
C PHE P 113 -34.22 20.66 41.59
N ASN P 114 -34.14 21.89 41.07
CA ASN P 114 -32.88 22.57 40.86
C ASN P 114 -32.64 23.57 42.00
N LYS P 115 -31.39 23.74 42.37
CA LYS P 115 -31.02 24.53 43.55
C LYS P 115 -30.71 25.96 43.13
N ILE P 116 -31.37 26.92 43.78
CA ILE P 116 -31.05 28.34 43.65
C ILE P 116 -30.60 28.82 45.02
N GLN P 117 -29.43 29.44 45.08
CA GLN P 117 -28.85 29.86 46.36
C GLN P 117 -29.47 31.20 46.76
N THR P 118 -30.15 31.20 47.91
CA THR P 118 -30.81 32.41 48.42
C THR P 118 -30.77 32.39 49.94
N THR P 119 -30.73 33.58 50.53
CA THR P 119 -30.85 33.69 51.98
C THR P 119 -32.29 33.57 52.43
N THR P 120 -33.25 33.67 51.51
CA THR P 120 -34.66 33.57 51.82
C THR P 120 -35.32 32.61 50.84
N PRO P 121 -35.00 31.33 50.94
CA PRO P 121 -35.57 30.37 49.97
C PRO P 121 -37.08 30.31 50.02
N HIS P 122 -37.69 30.70 51.13
CA HIS P 122 -39.14 30.65 51.25
C HIS P 122 -39.81 31.62 50.28
N ALA P 123 -39.31 32.85 50.21
CA ALA P 123 -39.91 33.86 49.34
C ALA P 123 -39.51 33.67 47.89
N THR P 124 -38.42 32.95 47.63
CA THR P 124 -38.01 32.70 46.25
C THR P 124 -38.73 31.48 45.68
N TYR P 125 -38.64 30.35 46.38
CA TYR P 125 -39.27 29.14 45.87
C TYR P 125 -40.78 29.19 46.03
N GLY P 126 -41.26 29.65 47.18
CA GLY P 126 -42.69 29.67 47.45
C GLY P 126 -43.14 28.42 48.16
N ASP P 127 -44.29 27.87 47.75
CA ASP P 127 -44.82 26.63 48.31
C ASP P 127 -44.93 25.53 47.28
N ARG P 128 -45.55 25.78 46.14
CA ARG P 128 -45.82 24.76 45.15
C ARG P 128 -45.35 25.22 43.77
N PHE P 129 -45.05 24.24 42.92
CA PHE P 129 -44.52 24.48 41.59
C PHE P 129 -45.53 24.05 40.53
N ILE P 130 -45.33 24.56 39.32
CA ILE P 130 -46.23 24.32 38.20
C ILE P 130 -45.70 23.12 37.44
N ALA P 131 -46.31 21.95 37.66
CA ALA P 131 -45.81 20.72 37.06
C ALA P 131 -46.23 20.59 35.61
N ASP P 132 -47.54 20.53 35.37
CA ASP P 132 -48.07 20.37 34.03
C ASP P 132 -49.26 21.30 33.85
N PHE P 133 -49.50 21.70 32.62
CA PHE P 133 -50.60 22.60 32.29
C PHE P 133 -51.77 21.80 31.76
N ILE P 134 -52.94 21.99 32.36
CA ILE P 134 -54.15 21.36 31.87
C ILE P 134 -54.60 22.08 30.60
N LYS P 135 -54.65 21.35 29.50
CA LYS P 135 -54.96 21.94 28.20
C LYS P 135 -56.36 21.55 27.77
N GLY P 136 -56.89 22.33 26.83
CA GLY P 136 -58.24 22.10 26.33
C GLY P 136 -58.59 22.94 25.13
N GLY P 137 -59.89 23.08 24.87
CA GLY P 137 -60.35 23.84 23.73
C GLY P 137 -61.84 24.12 23.86
N HIS P 138 -62.35 24.91 22.92
CA HIS P 138 -63.73 25.37 23.01
C HIS P 138 -64.24 25.71 21.62
N PHE P 139 -65.53 25.54 21.42
CA PHE P 139 -66.17 25.94 20.18
C PHE P 139 -67.56 26.48 20.48
N TYR P 140 -68.02 27.39 19.64
CA TYR P 140 -69.33 28.02 19.84
C TYR P 140 -69.75 28.66 18.53
N ALA P 141 -70.82 28.15 17.93
CA ALA P 141 -71.26 28.63 16.63
C ALA P 141 -72.75 28.92 16.68
N ARG P 142 -73.17 29.89 15.88
CA ARG P 142 -74.58 30.24 15.71
C ARG P 142 -74.80 30.70 14.28
N VAL P 143 -75.69 30.02 13.57
CA VAL P 143 -76.11 30.43 12.24
C VAL P 143 -77.58 30.81 12.31
N SER P 144 -77.93 31.94 11.71
CA SER P 144 -79.30 32.42 11.69
C SER P 144 -79.62 32.81 10.25
N ILE P 145 -80.08 31.84 9.46
CA ILE P 145 -80.47 32.09 8.08
C ILE P 145 -81.91 32.56 8.08
N THR P 146 -82.15 33.80 7.66
CA THR P 146 -83.51 34.39 7.69
C THR P 146 -84.30 33.90 6.51
N ALA P 147 -85.61 34.19 6.46
CA ALA P 147 -86.52 33.75 5.38
C ALA P 147 -86.15 34.36 4.04
N LYS P 148 -86.79 33.91 2.96
CA LYS P 148 -86.59 34.52 1.63
C LYS P 148 -87.66 35.59 1.50
N ASN P 149 -88.83 35.38 2.10
CA ASN P 149 -89.97 36.28 1.94
C ASN P 149 -90.25 36.55 0.46
N SER P 150 -90.29 35.47 -0.32
CA SER P 150 -90.68 35.60 -1.71
C SER P 150 -92.08 36.21 -1.77
N SER P 151 -92.26 37.16 -2.69
CA SER P 151 -93.51 37.91 -2.76
C SER P 151 -94.03 37.99 -4.19
N GLU P 152 -94.06 36.87 -4.90
CA GLU P 152 -94.57 36.84 -6.26
C GLU P 152 -96.04 37.22 -6.24
N THR P 153 -96.40 38.32 -6.88
CA THR P 153 -97.78 38.76 -7.02
C THR P 153 -98.01 39.23 -8.45
N SER P 154 -99.28 39.26 -8.86
CA SER P 154 -99.61 39.69 -10.20
C SER P 154 -101.11 39.92 -10.30
N GLU P 155 -101.51 40.75 -11.27
CA GLU P 155 -102.91 41.06 -11.52
C GLU P 155 -103.09 41.23 -13.02
N LEU P 156 -104.28 40.93 -13.51
CA LEU P 156 -104.60 41.10 -14.92
C LEU P 156 -106.06 41.53 -15.05
N LYS P 157 -106.37 42.28 -16.10
CA LYS P 157 -107.70 42.85 -16.30
C LYS P 157 -107.98 42.96 -17.80
N GLN P 158 -108.87 42.11 -18.31
CA GLN P 158 -109.24 42.11 -19.73
C GLN P 158 -110.71 42.49 -19.88
N SER P 159 -110.95 43.78 -20.13
CA SER P 159 -112.29 44.26 -20.39
C SER P 159 -112.57 44.24 -21.89
N ALA P 160 -113.50 43.39 -22.31
CA ALA P 160 -113.85 43.27 -23.72
C ALA P 160 -112.62 42.94 -24.56
N THR P 174 -113.00 47.58 -28.31
CA THR P 174 -112.46 48.04 -27.05
C THR P 174 -111.75 46.93 -26.29
N GLN P 175 -110.61 47.26 -25.70
CA GLN P 175 -109.77 46.28 -25.03
C GLN P 175 -109.04 46.98 -23.89
N GLU P 176 -108.59 46.18 -22.93
CA GLU P 176 -107.87 46.72 -21.77
C GLU P 176 -107.00 45.64 -21.17
N VAL P 177 -105.77 45.98 -20.81
CA VAL P 177 -104.86 45.08 -20.14
C VAL P 177 -104.17 45.85 -19.01
N GLU P 178 -104.04 45.21 -17.85
CA GLU P 178 -103.48 45.85 -16.65
C GLU P 178 -102.69 44.79 -15.89
N ARG P 179 -101.36 44.84 -16.01
CA ARG P 179 -100.46 43.93 -15.30
C ARG P 179 -99.49 44.66 -14.38
N ALA P 180 -99.91 45.79 -13.81
CA ALA P 180 -99.03 46.57 -12.95
C ALA P 180 -99.00 46.02 -11.52
N VAL P 181 -98.70 44.72 -11.40
CA VAL P 181 -98.54 44.09 -10.10
C VAL P 181 -97.46 43.03 -10.23
N SER P 182 -96.37 43.20 -9.48
CA SER P 182 -95.26 42.26 -9.50
C SER P 182 -94.29 42.63 -8.40
N SER P 183 -93.80 41.62 -7.67
CA SER P 183 -92.84 41.83 -6.61
C SER P 183 -92.07 40.54 -6.40
N ILE P 184 -90.91 40.65 -5.75
CA ILE P 184 -90.00 39.53 -5.57
C ILE P 184 -89.51 39.50 -4.13
N LYS P 185 -88.80 38.43 -3.79
CA LYS P 185 -88.29 38.21 -2.45
C LYS P 185 -87.41 39.35 -1.99
N ARG P 186 -87.45 39.64 -0.70
CA ARG P 186 -86.47 40.54 -0.10
C ARG P 186 -86.26 40.05 1.34
N ASN P 187 -85.34 39.10 1.48
CA ASN P 187 -84.79 38.76 2.78
C ASN P 187 -83.67 37.75 2.63
N ALA P 188 -82.50 38.04 3.20
CA ALA P 188 -81.42 37.04 3.28
C ALA P 188 -80.46 37.50 4.36
N SER P 189 -80.58 36.92 5.54
CA SER P 189 -79.72 37.28 6.68
C SER P 189 -78.94 36.06 7.11
N VAL P 190 -77.62 36.19 7.16
CA VAL P 190 -76.73 35.13 7.61
C VAL P 190 -75.91 35.71 8.74
N LYS P 191 -76.31 35.45 9.98
CA LYS P 191 -75.55 35.85 11.15
C LYS P 191 -74.73 34.66 11.61
N ILE P 192 -73.41 34.82 11.61
CA ILE P 192 -72.48 33.77 12.01
C ILE P 192 -71.62 34.31 13.14
N THR P 193 -71.57 33.58 14.24
CA THR P 193 -70.62 33.85 15.32
C THR P 193 -69.85 32.56 15.58
N ILE P 194 -68.52 32.65 15.57
CA ILE P 194 -67.67 31.49 15.81
C ILE P 194 -66.65 31.89 16.87
N ILE P 195 -66.63 31.17 17.98
CA ILE P 195 -65.69 31.42 19.07
C ILE P 195 -64.87 30.15 19.27
N GLU P 196 -63.56 30.27 19.10
CA GLU P 196 -62.68 29.11 19.09
C GLU P 196 -61.50 29.33 20.01
N SER P 197 -61.04 28.24 20.62
CA SER P 197 -59.82 28.20 21.42
C SER P 197 -59.09 26.91 21.03
N THR P 198 -58.23 27.00 20.03
CA THR P 198 -57.55 25.83 19.50
C THR P 198 -56.06 26.05 19.41
N GLY P 199 -55.34 25.12 18.79
CA GLY P 199 -53.90 25.20 18.70
C GLY P 199 -53.42 24.95 17.28
N THR P 200 -52.19 25.38 17.03
CA THR P 200 -51.57 25.22 15.73
C THR P 200 -51.14 23.78 15.50
N SER P 201 -51.08 23.39 14.24
CA SER P 201 -50.61 22.05 13.89
C SER P 201 -49.14 21.88 14.24
N SER P 216 -74.66 27.82 1.49
CA SER P 216 -74.23 26.63 2.20
C SER P 216 -73.47 27.00 3.46
N ASP P 217 -73.82 28.14 4.05
CA ASP P 217 -73.12 28.56 5.26
C ASP P 217 -73.46 27.66 6.44
N LEU P 218 -74.64 27.06 6.45
CA LEU P 218 -74.96 26.09 7.49
C LEU P 218 -74.03 24.89 7.42
N LEU P 219 -73.75 24.40 6.21
CA LEU P 219 -72.84 23.27 6.06
C LEU P 219 -71.40 23.67 6.36
N ALA P 220 -70.99 24.88 5.99
CA ALA P 220 -69.62 25.30 6.23
C ALA P 220 -69.31 25.32 7.72
N VAL P 221 -70.23 25.85 8.53
CA VAL P 221 -70.03 25.83 9.97
C VAL P 221 -69.98 24.39 10.47
N LYS P 222 -70.79 23.51 9.88
CA LYS P 222 -70.82 22.12 10.31
C LYS P 222 -69.48 21.44 10.09
N GLU P 223 -68.86 21.68 8.93
CA GLU P 223 -67.58 21.02 8.65
C GLU P 223 -66.51 21.43 9.65
N LYS P 224 -66.42 22.73 9.94
CA LYS P 224 -65.48 23.18 10.98
C LYS P 224 -65.87 22.61 12.33
N ALA P 225 -67.17 22.53 12.62
CA ALA P 225 -67.62 21.94 13.87
C ALA P 225 -67.27 20.45 13.93
N ASP P 226 -67.53 19.72 12.83
CA ASP P 226 -67.17 18.30 12.82
C ASP P 226 -65.67 18.12 12.71
N GLN P 227 -65.00 18.89 11.86
CA GLN P 227 -63.55 18.80 11.80
C GLN P 227 -62.91 19.09 13.14
N PHE P 228 -63.54 19.95 13.95
CA PHE P 228 -63.02 20.19 15.28
C PHE P 228 -63.03 18.90 16.09
N TYR P 229 -64.14 18.16 16.00
CA TYR P 229 -64.25 16.85 16.69
C TYR P 229 -63.10 15.99 16.20
N LYS P 230 -63.02 15.76 14.89
CA LYS P 230 -61.97 14.90 14.35
C LYS P 230 -60.59 15.48 14.61
N ASP P 231 -60.47 16.81 14.61
CA ASP P 231 -59.17 17.43 14.83
C ASP P 231 -58.62 17.08 16.21
N ALA P 232 -59.49 16.99 17.22
CA ALA P 232 -59.02 16.67 18.55
C ALA P 232 -58.28 15.33 18.58
N ASP P 233 -58.77 14.34 17.83
CA ASP P 233 -58.13 13.03 17.86
C ASP P 233 -56.67 13.13 17.48
N SER P 234 -56.34 14.02 16.53
CA SER P 234 -54.95 14.25 16.19
C SER P 234 -54.19 14.93 17.33
N GLY P 235 -54.89 15.41 18.35
CA GLY P 235 -54.24 16.01 19.49
C GLY P 235 -53.56 17.33 19.20
N LYS P 236 -54.19 18.18 18.40
CA LYS P 236 -53.70 19.53 18.17
C LYS P 236 -54.42 20.58 19.00
N HIS P 237 -55.32 20.17 19.89
CA HIS P 237 -56.08 21.11 20.71
C HIS P 237 -55.30 21.34 22.01
N SER P 238 -54.24 22.12 21.90
CA SER P 238 -53.37 22.41 23.03
C SER P 238 -53.53 23.89 23.35
N TYR P 239 -54.53 24.19 24.18
CA TYR P 239 -54.74 25.54 24.69
C TYR P 239 -54.67 25.47 26.20
N VAL P 240 -53.89 26.37 26.80
CA VAL P 240 -53.64 26.31 28.24
C VAL P 240 -54.87 26.82 28.97
N LEU P 241 -55.43 25.99 29.84
CA LEU P 241 -56.60 26.34 30.63
C LEU P 241 -56.29 26.42 32.11
N PHE P 242 -55.77 25.35 32.71
CA PHE P 242 -55.49 25.29 34.12
C PHE P 242 -54.06 24.81 34.35
N ALA P 243 -53.55 25.10 35.54
CA ALA P 243 -52.22 24.68 35.96
C ALA P 243 -52.34 23.78 37.17
N VAL P 244 -51.65 22.64 37.15
CA VAL P 244 -51.69 21.65 38.23
C VAL P 244 -50.51 21.91 39.16
N LEU P 245 -50.79 22.01 40.45
CA LEU P 245 -49.79 22.35 41.45
C LEU P 245 -49.25 21.09 42.11
N GLY P 246 -47.96 21.10 42.41
CA GLY P 246 -47.32 20.00 43.10
C GLY P 246 -46.46 20.51 44.25
N LYS P 247 -46.34 19.66 45.26
CA LYS P 247 -45.61 20.04 46.47
C LYS P 247 -44.15 19.67 46.35
N TYR P 248 -43.28 20.60 46.75
CA TYR P 248 -41.85 20.37 46.62
C TYR P 248 -41.36 19.17 47.43
N ARG P 249 -42.11 18.75 48.44
CA ARG P 249 -41.68 17.63 49.25
C ARG P 249 -41.69 16.33 48.45
N ASN P 250 -42.69 16.16 47.58
CA ASN P 250 -42.82 14.93 46.82
C ASN P 250 -41.73 14.75 45.78
N LEU P 251 -40.93 15.77 45.50
CA LEU P 251 -39.82 15.62 44.56
C LEU P 251 -38.79 14.67 45.14
N SER P 252 -38.35 13.71 44.31
CA SER P 252 -37.28 12.81 44.73
C SER P 252 -36.00 13.58 45.03
N ASN P 253 -35.63 14.51 44.13
CA ASN P 253 -34.38 15.23 44.25
C ASN P 253 -34.38 16.21 45.40
N PHE P 254 -35.55 16.47 46.00
CA PHE P 254 -35.65 17.35 47.14
C PHE P 254 -35.03 16.66 48.36
N GLU P 255 -33.88 17.15 48.79
CA GLU P 255 -33.26 16.72 50.05
C GLU P 255 -33.54 17.70 51.16
N SER P 256 -34.75 18.26 51.19
CA SER P 256 -35.16 19.21 52.22
C SER P 256 -34.26 20.45 52.20
N TYR P 257 -34.28 21.13 51.06
CA TYR P 257 -33.59 22.41 50.94
C TYR P 257 -34.16 23.43 51.91
N PHE P 258 -35.42 23.26 52.30
CA PHE P 258 -36.07 24.16 53.23
C PHE P 258 -37.32 23.47 53.76
N ALA P 259 -38.06 24.18 54.61
CA ALA P 259 -39.29 23.64 55.17
C ALA P 259 -40.47 24.45 54.62
N PRO P 260 -41.16 23.96 53.60
CA PRO P 260 -42.27 24.75 53.03
C PRO P 260 -43.36 24.99 54.05
N PHE P 261 -43.96 26.18 53.98
CA PHE P 261 -45.09 26.47 54.84
C PHE P 261 -46.35 25.81 54.30
N ASP P 262 -47.34 25.67 55.20
CA ASP P 262 -48.68 25.14 54.83
C ASP P 262 -49.63 26.32 55.08
N TYR P 263 -50.02 27.06 54.04
CA TYR P 263 -50.79 28.29 54.16
C TYR P 263 -52.30 28.04 54.25
N GLN P 264 -52.73 26.78 54.27
CA GLN P 264 -54.17 26.52 54.31
C GLN P 264 -54.81 27.20 55.50
N MET P 265 -54.25 27.00 56.70
CA MET P 265 -54.81 27.62 57.89
C MET P 265 -54.55 29.13 57.91
N ALA P 266 -53.36 29.55 57.50
CA ALA P 266 -53.05 30.98 57.52
C ALA P 266 -53.99 31.76 56.61
N SER P 267 -54.26 31.24 55.40
CA SER P 267 -55.21 31.92 54.52
C SER P 267 -56.60 31.95 55.13
N LEU P 268 -57.02 30.86 55.75
CA LEU P 268 -58.34 30.84 56.38
C LEU P 268 -58.44 31.90 57.47
N ARG P 269 -57.43 31.99 58.33
CA ARG P 269 -57.48 32.97 59.40
C ARG P 269 -57.47 34.40 58.85
N SER P 270 -56.66 34.67 57.85
CA SER P 270 -56.48 36.01 57.32
C SER P 270 -57.37 36.25 56.09
N TRP P 271 -58.68 36.06 56.27
CA TRP P 271 -59.63 36.41 55.23
C TRP P 271 -60.26 37.77 55.41
N ALA P 272 -60.51 38.18 56.66
CA ALA P 272 -61.04 39.52 56.89
C ALA P 272 -60.09 40.59 56.37
N LEU P 273 -58.79 40.29 56.33
CA LEU P 273 -57.83 41.25 55.80
C LEU P 273 -57.86 41.28 54.27
N PHE P 274 -58.02 40.12 53.64
CA PHE P 274 -58.00 40.07 52.18
C PHE P 274 -59.15 40.88 51.60
N ASN P 275 -60.34 40.78 52.19
CA ASN P 275 -61.45 41.58 51.70
C ASN P 275 -61.19 43.06 51.86
N ASP P 276 -60.64 43.47 53.01
CA ASP P 276 -60.36 44.88 53.22
C ASP P 276 -59.37 45.43 52.21
N PHE P 277 -58.53 44.56 51.64
CA PHE P 277 -57.61 44.98 50.59
C PHE P 277 -58.38 45.44 49.35
N THR P 278 -59.28 44.61 48.84
CA THR P 278 -60.02 44.98 47.65
C THR P 278 -60.84 46.23 47.88
N LEU P 279 -61.48 46.33 49.05
CA LEU P 279 -62.29 47.51 49.33
C LEU P 279 -61.44 48.77 49.35
N TYR P 280 -60.26 48.72 49.98
CA TYR P 280 -59.41 49.90 50.06
C TYR P 280 -58.89 50.32 48.68
N LYS P 281 -58.52 49.34 47.85
CA LYS P 281 -58.10 49.67 46.49
C LYS P 281 -59.25 50.30 45.71
N ALA P 282 -60.46 49.79 45.88
CA ALA P 282 -61.60 50.35 45.17
C ALA P 282 -61.84 51.81 45.57
N ILE P 283 -61.73 52.11 46.87
CA ILE P 283 -62.04 53.47 47.32
C ILE P 283 -60.93 54.46 47.04
N GLU P 284 -59.78 54.02 46.54
CA GLU P 284 -58.82 54.99 45.99
C GLU P 284 -59.44 55.68 44.78
N THR P 285 -60.08 54.91 43.90
CA THR P 285 -60.76 55.50 42.76
C THR P 285 -61.98 56.31 43.15
N MET P 286 -62.58 56.03 44.32
CA MET P 286 -63.61 56.91 44.85
C MET P 286 -63.13 58.35 44.86
N ILE P 287 -62.00 58.60 45.54
CA ILE P 287 -61.55 59.98 45.73
C ILE P 287 -61.11 60.58 44.41
N LYS P 288 -60.32 59.83 43.62
CA LYS P 288 -59.77 60.39 42.39
C LYS P 288 -60.88 60.73 41.40
N ALA P 289 -61.89 59.89 41.29
CA ALA P 289 -62.91 60.10 40.26
C ALA P 289 -63.68 61.39 40.49
N VAL P 290 -64.07 61.68 41.73
CA VAL P 290 -64.93 62.82 42.02
C VAL P 290 -64.15 64.13 41.88
N PRO P 291 -64.73 65.18 41.31
CA PRO P 291 -63.97 66.40 41.05
C PRO P 291 -63.74 67.22 42.30
N GLU P 292 -62.99 68.31 42.12
CA GLU P 292 -62.64 69.19 43.23
C GLU P 292 -63.83 70.03 43.67
N SER P 293 -64.69 70.41 42.73
CA SER P 293 -65.77 71.35 43.01
C SER P 293 -66.88 70.78 43.86
N LYS P 294 -66.72 69.57 44.40
CA LYS P 294 -67.75 68.94 45.23
C LYS P 294 -67.13 68.30 46.46
N PHE P 295 -66.07 68.94 46.95
CA PHE P 295 -65.42 68.50 48.20
C PHE P 295 -65.74 69.57 49.24
N LYS P 296 -65.99 69.18 50.49
CA LYS P 296 -66.37 70.14 51.51
C LYS P 296 -65.24 71.10 51.83
N ASP P 297 -64.04 70.57 52.09
CA ASP P 297 -62.93 71.41 52.53
C ASP P 297 -62.23 72.10 51.37
N GLY P 298 -62.52 71.71 50.13
CA GLY P 298 -61.95 72.38 48.98
C GLY P 298 -60.61 71.79 48.57
N PRO P 299 -59.61 72.65 48.31
CA PRO P 299 -58.38 72.13 47.69
C PRO P 299 -57.65 71.10 48.54
N GLU P 300 -57.32 71.44 49.77
CA GLU P 300 -56.50 70.55 50.60
C GLU P 300 -57.36 69.48 51.24
N ARG P 301 -58.17 68.80 50.43
CA ARG P 301 -58.96 67.67 50.89
C ARG P 301 -58.71 66.48 49.99
N LYS P 302 -58.45 66.73 48.71
CA LYS P 302 -58.17 65.64 47.78
C LYS P 302 -56.87 64.93 48.16
N THR P 303 -55.81 65.69 48.44
CA THR P 303 -54.51 65.05 48.56
C THR P 303 -54.38 64.25 49.86
N GLN P 304 -54.81 64.79 51.00
CA GLN P 304 -54.67 64.04 52.24
C GLN P 304 -55.78 63.01 52.43
N LEU P 305 -56.88 63.11 51.67
CA LEU P 305 -57.77 61.96 51.57
C LEU P 305 -57.15 60.88 50.69
N ILE P 306 -56.55 61.29 49.56
CA ILE P 306 -55.85 60.32 48.73
C ILE P 306 -54.65 59.75 49.49
N LYS P 307 -53.88 60.61 50.15
CA LYS P 307 -52.70 60.12 50.86
C LYS P 307 -53.09 59.28 52.06
N GLN P 308 -54.15 59.65 52.77
CA GLN P 308 -54.56 58.86 53.93
C GLN P 308 -54.94 57.45 53.51
N ALA P 309 -55.65 57.31 52.39
CA ALA P 309 -56.03 55.98 51.92
C ALA P 309 -54.81 55.16 51.53
N ILE P 310 -53.88 55.76 50.79
CA ILE P 310 -52.70 55.03 50.33
C ILE P 310 -51.79 54.71 51.51
N ASN P 311 -51.66 55.62 52.47
CA ASN P 311 -50.81 55.33 53.62
C ASN P 311 -51.30 54.10 54.37
N ILE P 312 -52.60 53.97 54.55
CA ILE P 312 -53.13 52.78 55.21
C ILE P 312 -53.24 51.60 54.24
N PHE P 313 -53.18 51.85 52.94
CA PHE P 313 -53.02 50.75 52.00
C PHE P 313 -51.66 50.08 52.17
N GLU P 314 -50.64 50.87 52.51
CA GLU P 314 -49.33 50.30 52.82
C GLU P 314 -49.40 49.38 54.04
N THR P 315 -50.15 49.79 55.07
CA THR P 315 -50.16 49.05 56.31
C THR P 315 -50.71 47.64 56.10
N ILE P 316 -51.76 47.50 55.31
CA ILE P 316 -52.33 46.18 55.08
C ILE P 316 -51.55 45.39 54.04
N ARG P 317 -50.94 46.07 53.06
CA ARG P 317 -50.13 45.35 52.08
C ARG P 317 -48.87 44.78 52.72
N ASP P 318 -48.23 45.54 53.62
CA ASP P 318 -47.06 45.03 54.31
C ASP P 318 -47.43 43.96 55.32
N ARG P 319 -48.65 44.00 55.86
CA ARG P 319 -49.10 42.91 56.71
C ARG P 319 -49.20 41.62 55.90
N VAL P 320 -49.71 41.71 54.67
CA VAL P 320 -49.76 40.53 53.80
C VAL P 320 -48.35 40.05 53.49
N ILE P 321 -47.45 40.97 53.17
CA ILE P 321 -46.08 40.57 52.88
C ILE P 321 -45.43 39.97 54.12
N LEU P 322 -45.85 40.42 55.31
CA LEU P 322 -45.33 39.83 56.54
C LEU P 322 -45.83 38.41 56.73
N ILE P 323 -47.08 38.12 56.35
CA ILE P 323 -47.59 36.76 56.46
C ILE P 323 -46.77 35.80 55.62
N SER P 324 -46.20 36.29 54.51
CA SER P 324 -45.33 35.44 53.72
C SER P 324 -44.12 34.98 54.52
N GLU P 325 -43.48 35.90 55.25
CA GLU P 325 -42.34 35.51 56.07
C GLU P 325 -42.77 34.74 57.31
N HIS P 326 -43.87 35.18 57.94
CA HIS P 326 -44.33 34.58 59.20
C HIS P 326 -45.82 34.27 59.11
N PRO P 327 -46.20 33.11 58.56
CA PRO P 327 -47.62 32.75 58.58
C PRO P 327 -48.16 32.53 59.97
N GLU P 328 -47.31 32.24 60.95
CA GLU P 328 -47.77 32.17 62.33
C GLU P 328 -48.25 33.52 62.82
N ALA P 329 -47.83 34.60 62.19
CA ALA P 329 -48.29 35.94 62.55
C ALA P 329 -49.73 36.20 62.14
N ALA P 330 -50.44 35.20 61.62
CA ALA P 330 -51.85 35.38 61.29
C ALA P 330 -52.71 35.60 62.52
N LYS P 331 -52.22 35.21 63.70
CA LYS P 331 -53.01 35.37 64.91
C LYS P 331 -53.29 36.83 65.23
N GLU P 332 -52.28 37.69 65.09
CA GLU P 332 -52.42 39.08 65.50
C GLU P 332 -53.61 39.73 64.79
N ASP P 333 -54.40 40.47 65.56
CA ASP P 333 -55.55 41.15 64.99
C ASP P 333 -55.11 42.34 64.14
N PRO P 334 -55.96 42.80 63.23
CA PRO P 334 -55.60 43.98 62.44
C PRO P 334 -55.35 45.18 63.33
N ASP P 335 -54.41 46.04 62.91
CA ASP P 335 -54.10 47.27 63.62
C ASP P 335 -54.32 48.49 62.72
N HIS P 336 -55.26 48.38 61.79
CA HIS P 336 -55.51 49.43 60.81
C HIS P 336 -56.97 49.83 60.85
N MET P 337 -57.23 51.06 60.42
CA MET P 337 -58.60 51.57 60.43
C MET P 337 -59.48 50.75 59.51
N LYS P 338 -60.74 50.57 59.91
CA LYS P 338 -61.66 49.76 59.14
C LYS P 338 -61.97 50.45 57.81
N PRO P 339 -62.22 49.69 56.74
CA PRO P 339 -62.74 50.33 55.52
C PRO P 339 -64.07 51.03 55.73
N GLY P 340 -64.92 50.50 56.60
CA GLY P 340 -66.18 51.18 56.88
C GLY P 340 -65.98 52.53 57.51
N ASP P 341 -65.12 52.63 58.52
CA ASP P 341 -64.90 53.91 59.17
C ASP P 341 -64.24 54.90 58.21
N PHE P 342 -63.23 54.45 57.47
CA PHE P 342 -62.59 55.35 56.52
C PHE P 342 -63.55 55.71 55.39
N ARG P 343 -64.37 54.76 54.95
CA ARG P 343 -65.38 55.09 53.94
C ARG P 343 -66.33 56.15 54.47
N LEU P 344 -66.78 55.99 55.72
CA LEU P 344 -67.59 57.02 56.35
C LEU P 344 -66.91 58.37 56.26
N GLU P 345 -65.61 58.41 56.55
CA GLU P 345 -64.88 59.67 56.46
C GLU P 345 -64.93 60.24 55.05
N VAL P 346 -64.92 59.38 54.03
CA VAL P 346 -64.97 59.86 52.66
C VAL P 346 -66.29 60.60 52.39
N LEU P 347 -67.41 59.98 52.74
CA LEU P 347 -68.70 60.60 52.43
C LEU P 347 -69.02 61.80 53.32
N ASN P 348 -68.45 61.87 54.52
CA ASN P 348 -68.72 63.00 55.39
C ASN P 348 -68.22 64.30 54.78
N SER P 349 -67.12 64.24 54.02
CA SER P 349 -66.48 65.43 53.47
C SER P 349 -66.94 65.70 52.04
N ILE P 350 -68.21 65.41 51.73
CA ILE P 350 -68.76 65.56 50.39
C ILE P 350 -69.94 66.52 50.45
N GLN P 351 -69.91 67.53 49.59
CA GLN P 351 -71.04 68.45 49.48
C GLN P 351 -72.24 67.73 48.89
N THR P 352 -73.42 68.28 49.17
CA THR P 352 -74.68 67.64 48.82
C THR P 352 -75.63 68.68 48.22
N LYS P 353 -76.67 68.18 47.57
CA LYS P 353 -77.68 69.01 46.94
C LYS P 353 -79.00 68.85 47.67
N LEU P 354 -79.67 69.98 47.95
CA LEU P 354 -80.88 69.99 48.77
C LEU P 354 -82.08 69.83 47.85
N PHE P 355 -82.31 68.61 47.40
CA PHE P 355 -83.46 68.32 46.55
C PHE P 355 -84.71 68.46 47.39
N HIS P 356 -85.32 69.64 47.37
CA HIS P 356 -86.55 69.92 48.16
C HIS P 356 -87.75 69.54 47.29
N ALA P 357 -88.30 68.33 47.49
CA ALA P 357 -89.44 67.88 46.72
C ALA P 357 -90.64 68.77 46.99
N GLN P 358 -91.40 69.07 45.94
CA GLN P 358 -92.53 69.97 46.03
C GLN P 358 -93.75 69.31 45.39
N SER P 359 -94.91 69.51 46.00
CA SER P 359 -96.14 68.87 45.54
C SER P 359 -96.87 69.82 44.60
N GLN P 360 -96.81 69.53 43.30
CA GLN P 360 -97.49 70.34 42.32
C GLN P 360 -99.00 70.20 42.44
N PRO P 361 -99.74 71.33 42.47
CA PRO P 361 -101.20 71.24 42.47
C PRO P 361 -101.79 71.17 41.07
N ILE P 362 -102.59 70.15 40.80
CA ILE P 362 -103.22 69.98 39.50
C ILE P 362 -104.74 70.11 39.67
N PRO P 363 -105.43 70.81 38.77
CA PRO P 363 -106.90 70.91 38.91
C PRO P 363 -107.56 69.55 38.86
N ASN P 364 -108.77 69.48 39.43
CA ASN P 364 -109.55 68.25 39.49
C ASN P 364 -108.90 67.25 40.45
N THR P 365 -108.39 67.75 41.57
CA THR P 365 -107.79 66.92 42.60
C THR P 365 -108.09 67.52 43.96
N ASP P 366 -108.63 66.70 44.86
CA ASP P 366 -108.96 67.12 46.22
C ASP P 366 -108.20 66.25 47.21
N ASP P 367 -107.42 66.90 48.07
CA ASP P 367 -106.57 66.22 49.05
C ASP P 367 -105.52 65.33 48.38
N TYR P 368 -105.35 65.47 47.06
CA TYR P 368 -104.37 64.70 46.30
C TYR P 368 -103.51 65.68 45.52
N TRP P 369 -102.20 65.59 45.71
CA TRP P 369 -101.24 66.49 45.07
C TRP P 369 -100.39 65.70 44.08
N THR P 370 -99.42 66.37 43.48
CA THR P 370 -98.48 65.74 42.55
C THR P 370 -97.07 66.10 43.00
N ASP P 371 -96.35 65.11 43.54
CA ASP P 371 -95.02 65.32 44.10
C ASP P 371 -94.01 65.36 42.96
N VAL P 372 -93.31 66.49 42.82
CA VAL P 372 -92.24 66.64 41.85
C VAL P 372 -90.96 66.92 42.61
N ILE P 373 -89.94 66.10 42.40
CA ILE P 373 -88.66 66.23 43.10
C ILE P 373 -87.78 67.11 42.23
N LEU P 374 -87.96 68.42 42.36
CA LEU P 374 -87.16 69.39 41.63
C LEU P 374 -86.50 70.36 42.62
N THR P 375 -85.24 70.68 42.36
CA THR P 375 -84.48 71.58 43.22
C THR P 375 -84.94 73.02 43.11
N THR P 376 -85.66 73.38 42.05
CA THR P 376 -86.11 74.76 41.86
C THR P 376 -87.40 75.01 42.63
N LYS P 377 -87.43 76.08 43.40
CA LYS P 377 -88.63 76.43 44.16
C LYS P 377 -89.77 76.74 43.21
N GLY P 378 -90.96 76.22 43.52
CA GLY P 378 -92.13 76.44 42.70
C GLY P 378 -93.18 77.30 43.39
N SER P 379 -94.16 77.77 42.64
CA SER P 379 -95.23 78.59 43.17
C SER P 379 -96.48 77.74 43.35
N GLY P 380 -96.99 77.70 44.58
CA GLY P 380 -98.17 76.92 44.89
C GLY P 380 -97.93 75.44 45.10
N ASN P 381 -96.66 75.03 45.00
CA ASN P 381 -96.30 73.59 45.19
C ASN P 381 -95.91 73.37 46.65
N GLN P 382 -96.51 72.38 47.32
CA GLN P 382 -96.21 72.15 48.73
C GLN P 382 -94.87 71.43 48.87
N PRO P 383 -93.89 72.01 49.57
CA PRO P 383 -92.63 71.29 49.80
C PRO P 383 -92.82 70.15 50.78
N LEU P 384 -92.17 69.02 50.47
CA LEU P 384 -92.28 67.83 51.30
C LEU P 384 -91.13 67.73 52.31
N PHE P 385 -89.90 67.65 51.83
CA PHE P 385 -88.73 67.61 52.70
C PHE P 385 -87.54 68.14 51.92
N THR P 386 -86.58 68.69 52.66
CA THR P 386 -85.34 69.18 52.08
C THR P 386 -84.17 68.42 52.70
N PHE P 387 -83.39 67.75 51.84
CA PHE P 387 -82.38 66.81 52.28
C PHE P 387 -81.12 66.90 51.43
N PRO P 388 -79.95 66.68 52.02
CA PRO P 388 -78.73 66.57 51.20
C PRO P 388 -78.84 65.40 50.24
N ALA P 389 -78.30 65.59 49.04
CA ALA P 389 -78.28 64.53 48.03
C ALA P 389 -77.02 64.66 47.20
N PHE P 390 -76.76 63.64 46.38
CA PHE P 390 -75.56 63.54 45.57
C PHE P 390 -75.93 63.81 44.12
N ASP P 391 -75.32 64.85 43.55
CA ASP P 391 -75.63 65.31 42.20
C ASP P 391 -74.56 64.90 41.19
N PHE P 392 -73.74 63.91 41.53
CA PHE P 392 -72.68 63.47 40.64
C PHE P 392 -72.35 62.02 40.95
N GLY P 393 -72.00 61.27 39.90
CA GLY P 393 -71.68 59.87 40.06
C GLY P 393 -70.32 59.70 40.67
N ASP P 394 -69.55 58.73 40.18
CA ASP P 394 -68.19 58.48 40.61
C ASP P 394 -68.09 58.12 42.09
N LEU P 395 -69.20 57.91 42.77
CA LEU P 395 -69.21 57.46 44.16
C LEU P 395 -69.87 56.08 44.17
N ILE P 396 -69.05 55.03 44.32
CA ILE P 396 -69.58 53.68 44.23
C ILE P 396 -70.63 53.49 45.32
N GLY P 397 -71.55 52.56 45.08
CA GLY P 397 -72.64 52.33 45.99
C GLY P 397 -73.83 53.26 45.80
N THR P 398 -73.86 54.02 44.69
CA THR P 398 -74.93 55.00 44.43
C THR P 398 -75.55 54.78 43.07
N GLU P 399 -76.85 55.06 42.92
CA GLU P 399 -77.56 54.96 41.66
C GLU P 399 -78.46 56.18 41.49
N VAL P 400 -78.79 56.47 40.22
CA VAL P 400 -79.49 57.69 39.85
C VAL P 400 -80.96 57.39 39.65
N VAL P 401 -81.80 58.36 40.02
CA VAL P 401 -83.24 58.30 39.81
C VAL P 401 -83.59 59.44 38.85
N SER P 402 -83.64 59.14 37.56
CA SER P 402 -83.82 60.14 36.52
C SER P 402 -85.25 60.11 36.05
N PHE P 403 -86.03 61.13 36.44
CA PHE P 403 -87.41 61.22 35.99
C PHE P 403 -87.46 61.30 34.47
N GLY P 404 -88.40 60.57 33.88
CA GLY P 404 -88.63 60.63 32.45
C GLY P 404 -89.91 61.38 32.12
N LYS P 405 -89.77 62.58 31.58
CA LYS P 405 -90.92 63.39 31.18
C LYS P 405 -91.04 63.36 29.66
N LYS P 406 -92.19 62.96 29.17
CA LYS P 406 -92.42 62.88 27.73
C LYS P 406 -92.31 64.28 27.12
N LYS P 407 -91.32 64.47 26.25
CA LYS P 407 -91.28 65.71 25.46
C LYS P 407 -92.41 65.73 24.44
N ASN P 408 -92.82 64.56 23.95
CA ASN P 408 -93.95 64.44 23.04
C ASN P 408 -95.27 64.46 23.77
N GLY P 409 -95.26 64.48 25.10
CA GLY P 409 -96.47 64.49 25.88
C GLY P 409 -96.26 65.10 27.25
N GLU P 410 -96.90 64.54 28.27
CA GLU P 410 -96.76 65.06 29.62
C GLU P 410 -96.63 63.95 30.66
N GLU P 411 -96.47 62.70 30.24
CA GLU P 411 -96.36 61.60 31.18
C GLU P 411 -95.19 61.83 32.14
N TYR P 412 -95.42 61.57 33.42
CA TYR P 412 -94.40 61.63 34.45
C TYR P 412 -93.84 60.22 34.66
N ASN P 413 -92.52 60.07 34.53
CA ASN P 413 -91.87 58.78 34.75
C ASN P 413 -90.77 58.92 35.78
N CYS P 414 -90.39 57.76 36.35
CA CYS P 414 -89.37 57.70 37.38
C CYS P 414 -88.60 56.40 37.19
N LEU P 415 -87.43 56.49 36.56
CA LEU P 415 -86.61 55.33 36.25
C LEU P 415 -85.28 55.45 36.97
N ILE P 416 -84.91 54.41 37.70
CA ILE P 416 -83.64 54.38 38.43
C ILE P 416 -82.57 53.81 37.51
N GLY P 417 -81.44 54.52 37.44
CA GLY P 417 -80.35 54.03 36.61
C GLY P 417 -80.71 53.90 35.15
N GLU P 418 -81.80 54.54 34.71
CA GLU P 418 -82.23 54.50 33.31
C GLU P 418 -82.61 55.92 32.92
N ARG P 419 -81.74 56.57 32.15
CA ARG P 419 -81.98 57.95 31.76
C ARG P 419 -82.97 58.01 30.60
N VAL P 420 -83.25 59.24 30.15
CA VAL P 420 -84.06 59.43 28.96
C VAL P 420 -83.34 58.98 27.70
N THR P 421 -82.00 58.95 27.73
CA THR P 421 -81.25 58.65 26.52
C THR P 421 -81.60 57.29 25.92
N SER P 422 -82.08 56.35 26.75
CA SER P 422 -82.51 55.07 26.22
C SER P 422 -83.67 55.23 25.25
N LEU P 423 -84.62 56.09 25.59
CA LEU P 423 -85.76 56.39 24.73
C LEU P 423 -85.48 57.68 23.96
N ASP P 424 -86.50 58.16 23.23
CA ASP P 424 -86.39 59.36 22.42
C ASP P 424 -87.51 60.32 22.77
N ASP P 425 -87.18 61.61 22.84
CA ASP P 425 -88.14 62.67 23.17
C ASP P 425 -88.74 62.44 24.57
N TYR P 426 -87.83 62.59 25.55
CA TYR P 426 -88.23 62.48 26.98
C TYR P 426 -87.45 63.54 27.73
N LYS P 427 -88.12 64.61 28.18
CA LYS P 427 -87.46 65.68 28.95
C LYS P 427 -86.92 65.12 30.28
N GLU P 428 -85.88 65.74 30.82
CA GLU P 428 -85.31 65.29 32.11
C GLU P 428 -85.81 66.20 33.24
N LEU P 429 -86.60 65.66 34.17
CA LEU P 429 -87.07 66.47 35.32
C LEU P 429 -85.95 66.57 36.37
N SER P 430 -85.51 65.44 36.91
CA SER P 430 -84.50 65.44 37.95
C SER P 430 -83.69 64.15 37.90
N TYR P 431 -82.38 64.28 37.98
CA TYR P 431 -81.48 63.15 38.08
C TYR P 431 -80.45 63.43 39.17
N PHE P 432 -80.24 62.45 40.03
CA PHE P 432 -79.29 62.61 41.13
C PHE P 432 -78.99 61.25 41.74
N TRP P 433 -77.71 60.91 41.87
CA TRP P 433 -77.33 59.60 42.38
C TRP P 433 -77.64 59.51 43.87
N VAL P 434 -78.06 58.31 44.30
CA VAL P 434 -78.43 58.07 45.69
C VAL P 434 -78.03 56.66 46.08
N PHE P 435 -78.05 56.38 47.38
CA PHE P 435 -77.78 55.04 47.87
C PHE P 435 -79.06 54.21 47.81
N PRO P 436 -79.13 53.17 46.99
CA PRO P 436 -80.32 52.30 47.02
C PRO P 436 -80.49 51.55 48.32
N ASP P 437 -79.43 51.41 49.12
CA ASP P 437 -79.48 50.69 50.38
C ASP P 437 -78.92 51.57 51.49
N SER P 438 -79.11 51.13 52.72
CA SER P 438 -78.69 51.90 53.87
C SER P 438 -77.20 51.69 54.13
N VAL P 439 -76.63 52.61 54.90
CA VAL P 439 -75.23 52.51 55.31
C VAL P 439 -75.17 52.77 56.81
N GLN P 440 -74.12 52.27 57.45
CA GLN P 440 -73.98 52.43 58.89
C GLN P 440 -73.94 53.90 59.27
N LYS P 441 -74.98 54.34 59.97
CA LYS P 441 -75.04 55.63 60.63
C LYS P 441 -74.90 56.81 59.68
N PHE P 442 -75.07 56.62 58.38
CA PHE P 442 -75.11 57.74 57.43
C PHE P 442 -76.45 57.85 56.72
N ALA P 443 -76.88 56.79 56.04
CA ALA P 443 -78.08 56.83 55.20
C ALA P 443 -79.15 55.99 55.89
N MET P 444 -79.98 56.64 56.71
CA MET P 444 -80.99 55.94 57.48
C MET P 444 -82.42 56.37 57.15
N GLU P 445 -82.61 57.55 56.58
CA GLU P 445 -83.94 58.01 56.22
C GLU P 445 -84.30 57.51 54.82
N MET P 446 -85.58 57.27 54.59
CA MET P 446 -86.06 56.51 53.45
C MET P 446 -86.90 57.36 52.51
N TYR P 447 -86.87 57.01 51.23
CA TYR P 447 -87.76 57.56 50.22
C TYR P 447 -88.26 56.45 49.31
N GLY P 448 -89.53 56.49 48.98
CA GLY P 448 -90.13 55.49 48.13
C GLY P 448 -90.91 56.11 47.00
N VAL P 449 -90.98 55.39 45.89
CA VAL P 449 -91.62 55.86 44.66
C VAL P 449 -92.87 55.04 44.43
N SER P 450 -93.98 55.72 44.14
CA SER P 450 -95.23 55.10 43.75
C SER P 450 -95.87 55.92 42.65
N LYS P 451 -96.53 55.23 41.71
CA LYS P 451 -97.14 55.87 40.54
C LYS P 451 -98.54 55.31 40.31
N VAL P 452 -99.44 56.17 39.87
CA VAL P 452 -100.81 55.75 39.57
C VAL P 452 -100.92 55.39 38.09
N PRO P 453 -101.29 54.16 37.74
CA PRO P 453 -101.31 53.80 36.31
C PRO P 453 -102.24 54.68 35.48
N THR P 454 -103.40 55.04 36.03
CA THR P 454 -104.37 55.81 35.24
C THR P 454 -103.84 57.19 34.90
N ARG P 455 -103.23 57.85 35.88
CA ARG P 455 -102.68 59.18 35.71
C ARG P 455 -101.30 59.24 36.32
N ASN P 456 -100.35 59.82 35.59
CA ASN P 456 -98.96 59.82 36.03
C ASN P 456 -98.73 60.90 37.09
N TYR P 457 -99.44 60.79 38.20
CA TYR P 457 -99.24 61.68 39.34
C TYR P 457 -98.17 61.05 40.21
N MET P 458 -96.94 61.55 40.08
CA MET P 458 -95.83 61.02 40.86
C MET P 458 -96.20 61.00 42.34
N ARG P 459 -96.12 59.82 42.94
CA ARG P 459 -96.43 59.62 44.36
C ARG P 459 -95.17 59.10 45.02
N VAL P 460 -94.29 60.03 45.40
CA VAL P 460 -93.07 59.72 46.12
C VAL P 460 -93.28 60.13 47.57
N TYR P 461 -93.01 59.23 48.50
CA TYR P 461 -93.30 59.47 49.90
C TYR P 461 -92.24 58.78 50.76
N ALA P 462 -92.22 59.15 52.03
CA ALA P 462 -91.31 58.54 53.01
C ALA P 462 -91.83 57.15 53.34
N ALA P 463 -91.27 56.14 52.66
CA ALA P 463 -91.75 54.77 52.79
C ALA P 463 -91.19 54.14 54.07
N ASP P 464 -91.49 52.85 54.23
CA ASP P 464 -91.06 52.11 55.45
C ASP P 464 -90.53 50.75 55.01
N GLN P 465 -89.90 50.00 55.91
CA GLN P 465 -89.42 48.67 55.58
C GLN P 465 -90.58 47.76 55.23
N SER P 466 -91.76 48.06 55.78
CA SER P 466 -92.98 47.25 55.48
C SER P 466 -93.53 47.63 54.10
N ASP P 467 -93.37 48.89 53.68
CA ASP P 467 -93.80 49.29 52.32
C ASP P 467 -93.10 48.37 51.32
N ILE P 468 -91.84 48.00 51.61
CA ILE P 468 -91.12 47.03 50.73
C ILE P 468 -91.83 45.67 50.86
N GLU P 469 -91.97 45.17 52.10
CA GLU P 469 -92.62 43.85 52.33
C GLU P 469 -93.94 43.78 51.53
N ASN P 470 -94.87 44.70 51.80
CA ASN P 470 -96.15 44.75 51.04
C ASN P 470 -96.12 45.94 50.09
N PRO P 471 -95.74 45.78 48.81
CA PRO P 471 -95.61 46.91 47.85
C PRO P 471 -96.94 47.27 47.20
N ARG P 472 -97.17 48.56 46.97
CA ARG P 472 -98.38 49.00 46.29
C ARG P 472 -98.22 48.83 44.78
N PRO P 473 -99.31 48.84 44.03
CA PRO P 473 -99.20 48.69 42.58
C PRO P 473 -98.32 49.76 41.95
N TYR P 474 -97.51 49.39 40.96
CA TYR P 474 -96.70 50.39 40.20
C TYR P 474 -95.72 51.14 41.13
N GLN P 475 -95.35 50.55 42.27
CA GLN P 475 -94.35 51.19 43.11
C GLN P 475 -92.97 50.76 42.60
N ARG P 476 -92.21 51.72 42.07
CA ARG P 476 -91.03 51.37 41.29
C ARG P 476 -89.84 51.02 42.18
N PHE P 477 -89.37 51.98 42.97
CA PHE P 477 -88.13 51.80 43.70
C PHE P 477 -88.15 52.63 44.98
N TRP P 478 -87.31 52.23 45.93
CA TRP P 478 -87.15 52.92 47.20
C TRP P 478 -85.68 53.12 47.50
N PHE P 479 -85.36 54.26 48.11
CA PHE P 479 -83.97 54.66 48.28
C PHE P 479 -83.81 55.38 49.62
N TYR P 480 -82.59 55.29 50.14
CA TYR P 480 -82.22 55.91 51.41
C TYR P 480 -81.39 57.15 51.16
N VAL P 481 -81.66 58.21 51.93
CA VAL P 481 -80.96 59.48 51.80
C VAL P 481 -80.19 59.73 53.10
N PRO P 482 -79.04 60.41 53.04
CA PRO P 482 -78.25 60.62 54.27
C PRO P 482 -79.04 61.34 55.36
N SER P 483 -78.80 60.92 56.59
CA SER P 483 -79.43 61.50 57.77
C SER P 483 -78.59 62.67 58.27
N ALA P 484 -79.23 63.83 58.45
CA ALA P 484 -78.53 65.01 58.92
C ALA P 484 -78.07 64.88 60.37
N ASN P 485 -78.53 63.86 61.09
CA ASN P 485 -78.16 63.68 62.48
C ASN P 485 -76.72 63.19 62.67
N SER P 486 -76.04 62.82 61.58
CA SER P 486 -74.67 62.34 61.70
C SER P 486 -73.78 63.46 62.24
N PRO P 487 -72.89 63.17 63.19
CA PRO P 487 -72.03 64.24 63.73
C PRO P 487 -70.89 64.56 62.79
N PRO P 488 -70.66 65.85 62.47
CA PRO P 488 -69.55 66.18 61.58
C PRO P 488 -68.22 66.31 62.32
N GLY Q 2 -49.74 45.53 36.73
CA GLY Q 2 -48.63 45.59 35.79
C GLY Q 2 -48.26 44.22 35.23
N GLU Q 3 -49.02 43.78 34.22
CA GLU Q 3 -48.74 42.50 33.58
C GLU Q 3 -48.69 42.65 32.06
N VAL Q 4 -49.37 43.66 31.52
CA VAL Q 4 -49.38 43.91 30.09
C VAL Q 4 -49.17 45.39 29.85
N VAL Q 5 -48.76 45.72 28.63
CA VAL Q 5 -48.51 47.11 28.24
C VAL Q 5 -48.74 47.25 26.74
N PRO Q 6 -49.38 48.32 26.28
CA PRO Q 6 -49.57 48.49 24.84
C PRO Q 6 -48.23 48.57 24.11
N TYR Q 7 -48.21 48.03 22.90
CA TYR Q 7 -46.98 48.01 22.11
C TYR Q 7 -46.50 49.42 21.83
N LYS Q 8 -45.20 49.65 22.02
CA LYS Q 8 -44.56 50.91 21.68
C LYS Q 8 -43.45 50.62 20.67
N ALA Q 9 -43.46 51.33 19.55
CA ALA Q 9 -42.55 51.01 18.48
C ALA Q 9 -41.11 51.07 18.96
N GLY Q 10 -40.28 50.19 18.41
CA GLY Q 10 -38.90 50.06 18.83
C GLY Q 10 -38.66 49.07 19.94
N MET Q 11 -39.73 48.52 20.53
CA MET Q 11 -39.57 47.56 21.60
C MET Q 11 -38.77 46.36 21.12
N GLN Q 12 -37.83 45.93 21.94
CA GLN Q 12 -37.01 44.76 21.66
C GLN Q 12 -37.23 43.74 22.76
N ARG Q 13 -37.50 42.50 22.35
CA ARG Q 13 -37.75 41.45 23.33
C ARG Q 13 -36.57 41.35 24.29
N GLY Q 14 -36.88 41.26 25.58
CA GLY Q 14 -35.85 41.12 26.59
C GLY Q 14 -35.15 42.42 26.90
N GLN Q 15 -35.90 43.42 27.37
CA GLN Q 15 -35.35 44.70 27.74
C GLN Q 15 -36.04 45.21 29.00
N GLY Q 16 -35.32 46.04 29.74
CA GLY Q 16 -35.89 46.60 30.95
C GLY Q 16 -37.03 47.54 30.66
N TYR Q 17 -37.91 47.69 31.65
CA TYR Q 17 -39.08 48.55 31.52
C TYR Q 17 -39.31 49.24 32.86
N ASN Q 18 -39.16 50.55 32.88
CA ASN Q 18 -39.42 51.36 34.06
C ASN Q 18 -40.93 51.56 34.16
N THR Q 19 -41.60 50.72 34.93
CA THR Q 19 -43.05 50.70 34.91
C THR Q 19 -43.66 52.03 35.35
N TYR Q 20 -42.97 52.78 36.21
CA TYR Q 20 -43.48 54.09 36.62
C TYR Q 20 -43.40 55.09 35.48
N LEU Q 21 -42.20 55.33 34.95
CA LEU Q 21 -42.03 56.25 33.85
C LEU Q 21 -42.54 55.69 32.52
N GLN Q 22 -42.89 54.40 32.48
CA GLN Q 22 -43.43 53.78 31.27
C GLN Q 22 -42.47 53.96 30.08
N SER Q 23 -41.19 54.14 30.37
CA SER Q 23 -40.19 54.31 29.33
C SER Q 23 -39.56 52.96 29.01
N LEU Q 24 -38.53 52.97 28.17
CA LEU Q 24 -37.79 51.77 27.78
C LEU Q 24 -36.40 51.83 28.39
N CYS Q 25 -35.90 50.66 28.78
CA CYS Q 25 -34.59 50.59 29.42
C CYS Q 25 -33.70 49.57 28.69
N VAL Q 26 -32.56 49.23 29.30
CA VAL Q 26 -31.50 48.50 28.60
C VAL Q 26 -32.09 47.34 27.82
N LYS Q 27 -31.57 47.13 26.62
CA LYS Q 27 -32.00 46.03 25.77
C LYS Q 27 -31.05 44.86 25.92
N ASP Q 28 -31.61 43.65 25.86
CA ASP Q 28 -30.83 42.41 25.91
C ASP Q 28 -30.31 42.11 27.32
N ALA Q 29 -31.06 42.54 28.34
CA ALA Q 29 -30.75 42.10 29.69
C ALA Q 29 -31.17 40.65 29.91
N VAL Q 30 -32.20 40.21 29.20
CA VAL Q 30 -32.73 38.85 29.34
C VAL Q 30 -32.68 38.18 27.98
N THR Q 31 -32.09 37.00 27.92
CA THR Q 31 -32.05 36.19 26.70
C THR Q 31 -33.06 35.07 26.85
N ILE Q 32 -33.97 34.97 25.89
CA ILE Q 32 -34.99 33.92 25.88
C ILE Q 32 -34.62 32.93 24.78
N GLU Q 33 -34.41 31.67 25.18
CA GLU Q 33 -34.10 30.60 24.24
C GLU Q 33 -35.39 29.89 23.86
N ARG Q 34 -35.69 29.87 22.57
CA ARG Q 34 -36.84 29.14 22.05
C ARG Q 34 -36.44 27.69 21.89
N HIS Q 35 -36.73 26.88 22.90
CA HIS Q 35 -36.35 25.47 22.84
C HIS Q 35 -37.05 24.76 21.68
N ASP Q 36 -38.34 25.05 21.49
CA ASP Q 36 -39.14 24.43 20.45
C ASP Q 36 -39.68 25.50 19.51
N ASP Q 37 -39.54 25.27 18.21
CA ASP Q 37 -40.02 26.21 17.20
C ASP Q 37 -41.46 25.84 16.86
N SER Q 38 -42.41 26.52 17.50
CA SER Q 38 -43.83 26.28 17.24
C SER Q 38 -44.63 27.47 17.70
N ASN Q 39 -45.62 27.87 16.91
CA ASN Q 39 -46.43 29.00 17.27
C ASN Q 39 -47.31 28.64 18.47
N PRO Q 40 -47.60 29.60 19.35
CA PRO Q 40 -48.34 29.29 20.56
C PRO Q 40 -49.81 29.07 20.27
N PRO Q 41 -50.56 28.51 21.22
CA PRO Q 41 -52.00 28.33 21.01
C PRO Q 41 -52.70 29.67 20.85
N PHE Q 42 -53.78 29.66 20.06
CA PHE Q 42 -54.44 30.88 19.65
C PHE Q 42 -55.95 30.76 19.82
N LYS Q 43 -56.60 31.91 19.94
CA LYS Q 43 -58.04 32.01 20.11
C LYS Q 43 -58.62 32.82 18.96
N LYS Q 44 -59.68 32.31 18.34
CA LYS Q 44 -60.26 32.93 17.16
C LYS Q 44 -61.69 33.37 17.42
N GLU Q 45 -62.10 34.41 16.72
CA GLU Q 45 -63.49 34.87 16.69
C GLU Q 45 -63.87 35.17 15.24
N TYR Q 46 -65.17 35.09 14.96
CA TYR Q 46 -65.66 35.34 13.60
C TYR Q 46 -67.12 35.75 13.69
N TYR Q 47 -67.38 37.05 13.57
CA TYR Q 47 -68.73 37.60 13.52
C TYR Q 47 -69.00 38.03 12.09
N SER Q 48 -70.07 37.49 11.49
CA SER Q 48 -70.38 37.73 10.09
C SER Q 48 -71.84 38.11 9.91
N GLU Q 49 -72.10 39.02 8.99
CA GLU Q 49 -73.45 39.44 8.63
C GLU Q 49 -73.57 39.52 7.12
N PHE Q 50 -74.68 39.05 6.58
CA PHE Q 50 -74.96 39.14 5.15
C PHE Q 50 -76.39 39.66 5.02
N ILE Q 51 -76.54 40.97 4.89
CA ILE Q 51 -77.85 41.58 4.95
C ILE Q 51 -78.66 41.22 3.71
N GLU Q 52 -79.99 41.35 3.84
CA GLU Q 52 -80.93 40.82 2.87
C GLU Q 52 -80.59 41.26 1.45
N GLU Q 53 -81.10 40.52 0.48
CA GLU Q 53 -81.03 40.89 -0.93
C GLU Q 53 -82.33 41.59 -1.28
N TYR Q 54 -82.30 42.91 -1.29
CA TYR Q 54 -83.50 43.70 -1.57
C TYR Q 54 -83.84 43.55 -3.05
N GLU Q 55 -84.48 42.40 -3.36
CA GLU Q 55 -84.87 42.12 -4.77
C GLU Q 55 -86.33 42.55 -4.96
N LYS Q 56 -86.55 43.59 -5.74
CA LYS Q 56 -87.88 44.13 -5.97
C LYS Q 56 -88.05 44.37 -7.46
N ILE Q 57 -88.90 43.56 -8.11
CA ILE Q 57 -89.27 43.77 -9.49
C ILE Q 57 -90.70 44.29 -9.51
N ALA Q 58 -90.89 45.48 -10.07
CA ALA Q 58 -92.21 46.02 -10.33
C ALA Q 58 -92.31 46.28 -11.84
N LYS Q 59 -93.33 45.70 -12.47
CA LYS Q 59 -93.44 45.71 -13.92
C LYS Q 59 -94.85 46.11 -14.33
N SER Q 60 -94.95 46.79 -15.47
CA SER Q 60 -96.20 47.37 -15.92
C SER Q 60 -96.58 46.81 -17.28
N MET Q 61 -97.89 46.58 -17.49
CA MET Q 61 -98.38 46.15 -18.82
C MET Q 61 -99.77 46.77 -19.04
N ARG Q 62 -99.82 47.91 -19.72
CA ARG Q 62 -101.04 48.69 -19.97
C ARG Q 62 -101.32 48.68 -21.47
N ILE Q 63 -102.47 48.13 -21.85
CA ILE Q 63 -102.89 48.07 -23.24
C ILE Q 63 -104.28 48.68 -23.34
N SER Q 64 -104.52 49.34 -24.47
CA SER Q 64 -105.83 49.96 -24.70
C SER Q 64 -106.02 50.10 -26.20
N ALA Q 65 -107.09 49.52 -26.72
CA ALA Q 65 -107.40 49.60 -28.14
C ALA Q 65 -108.91 49.49 -28.33
N GLY Q 66 -109.39 50.11 -29.40
CA GLY Q 66 -110.81 50.09 -29.73
C GLY Q 66 -111.17 51.05 -30.84
N VAL Q 78 -110.70 54.02 -37.65
CA VAL Q 78 -110.09 54.83 -36.61
C VAL Q 78 -109.89 53.98 -35.36
N ASN Q 79 -108.94 53.06 -35.44
CA ASN Q 79 -108.60 52.17 -34.33
C ASN Q 79 -107.25 52.59 -33.75
N VAL Q 80 -107.20 52.73 -32.43
CA VAL Q 80 -106.00 53.17 -31.75
C VAL Q 80 -105.49 52.05 -30.87
N ASP Q 81 -104.19 52.10 -30.57
CA ASP Q 81 -103.52 51.12 -29.73
C ASP Q 81 -102.59 51.84 -28.77
N ILE Q 82 -102.46 51.30 -27.57
CA ILE Q 82 -101.52 51.81 -26.57
C ILE Q 82 -100.87 50.60 -25.90
N LEU Q 83 -99.54 50.63 -25.80
CA LEU Q 83 -98.78 49.50 -25.26
C LEU Q 83 -97.66 50.08 -24.40
N ASN Q 84 -97.85 50.12 -23.08
CA ASN Q 84 -96.90 50.73 -22.17
C ASN Q 84 -96.32 49.68 -21.23
N ARG Q 85 -95.00 49.71 -21.08
CA ARG Q 85 -94.29 48.79 -20.22
C ARG Q 85 -93.41 49.56 -19.23
N SER Q 86 -93.09 48.90 -18.13
CA SER Q 86 -92.13 49.44 -17.18
C SER Q 86 -91.48 48.27 -16.45
N GLU Q 87 -90.36 48.55 -15.80
CA GLU Q 87 -89.64 47.52 -15.06
C GLU Q 87 -88.70 48.19 -14.09
N PHE Q 88 -88.88 47.93 -12.80
CA PHE Q 88 -88.04 48.51 -11.76
C PHE Q 88 -87.41 47.38 -10.96
N GLU Q 89 -86.09 47.37 -10.91
CA GLU Q 89 -85.34 46.33 -10.22
C GLU Q 89 -84.51 46.95 -9.10
N THR Q 90 -84.37 46.23 -8.02
CA THR Q 90 -83.55 46.67 -6.90
C THR Q 90 -82.77 45.48 -6.36
N SER Q 91 -81.56 45.74 -5.87
CA SER Q 91 -80.74 44.68 -5.27
C SER Q 91 -79.73 45.35 -4.35
N THR Q 92 -80.02 45.32 -3.05
CA THR Q 92 -79.10 45.86 -2.05
C THR Q 92 -78.50 44.69 -1.28
N LEU Q 93 -77.22 44.44 -1.49
CA LEU Q 93 -76.48 43.43 -0.76
C LEU Q 93 -75.46 44.13 0.14
N THR Q 94 -75.39 43.70 1.38
CA THR Q 94 -74.41 44.22 2.32
C THR Q 94 -73.75 43.07 3.05
N TYR Q 95 -72.50 43.27 3.44
CA TYR Q 95 -71.73 42.23 4.10
C TYR Q 95 -70.84 42.86 5.17
N GLU Q 96 -70.48 42.06 6.16
CA GLU Q 96 -69.59 42.54 7.22
C GLU Q 96 -69.07 41.36 8.03
N VAL Q 97 -67.76 41.32 8.23
CA VAL Q 97 -67.13 40.32 9.08
C VAL Q 97 -66.17 41.02 10.03
N LYS Q 98 -65.82 40.32 11.10
CA LYS Q 98 -64.86 40.84 12.08
C LYS Q 98 -64.17 39.64 12.73
N VAL Q 99 -62.92 39.39 12.33
CA VAL Q 99 -62.18 38.22 12.78
C VAL Q 99 -61.11 38.71 13.76
N LEU Q 100 -61.12 38.15 14.97
CA LEU Q 100 -60.15 38.48 15.99
C LEU Q 100 -59.36 37.23 16.36
N VAL Q 101 -58.03 37.32 16.30
CA VAL Q 101 -57.15 36.23 16.63
C VAL Q 101 -56.19 36.70 17.71
N GLN Q 102 -56.08 35.92 18.79
CA GLN Q 102 -55.20 36.25 19.90
C GLN Q 102 -54.40 35.01 20.27
N HIS Q 103 -53.09 35.11 20.23
CA HIS Q 103 -52.20 34.01 20.57
C HIS Q 103 -51.97 33.98 22.08
N GLN Q 104 -51.09 33.10 22.53
CA GLN Q 104 -50.70 33.06 23.93
C GLN Q 104 -49.18 33.02 24.02
N VAL Q 105 -48.63 32.99 25.23
CA VAL Q 105 -47.20 32.97 25.46
C VAL Q 105 -46.79 31.54 25.77
N SER Q 106 -45.81 31.03 25.04
CA SER Q 106 -45.40 29.65 25.21
C SER Q 106 -44.85 29.42 26.62
N VAL Q 107 -45.12 28.24 27.15
CA VAL Q 107 -44.75 27.90 28.52
C VAL Q 107 -43.47 27.09 28.61
N LEU Q 108 -42.84 26.78 27.48
CA LEU Q 108 -41.68 25.90 27.44
C LEU Q 108 -40.42 26.66 27.00
N ASP Q 109 -40.24 27.87 27.50
CA ASP Q 109 -39.07 28.68 27.21
C ASP Q 109 -38.24 28.87 28.47
N LYS Q 110 -36.96 29.22 28.28
CA LYS Q 110 -36.03 29.45 29.37
C LYS Q 110 -35.65 30.92 29.40
N HIS Q 111 -35.67 31.52 30.57
CA HIS Q 111 -35.35 32.93 30.77
C HIS Q 111 -34.07 33.05 31.58
N SER Q 112 -33.16 33.90 31.12
CA SER Q 112 -31.88 34.11 31.77
C SER Q 112 -31.65 35.61 31.96
N PHE Q 113 -30.67 35.94 32.80
CA PHE Q 113 -30.35 37.32 33.12
C PHE Q 113 -28.88 37.59 32.85
N ASN Q 114 -28.61 38.57 32.00
CA ASN Q 114 -27.24 38.94 31.63
C ASN Q 114 -26.82 40.16 32.42
N LYS Q 115 -25.54 40.22 32.74
CA LYS Q 115 -25.00 41.25 33.63
C LYS Q 115 -24.47 42.43 32.83
N ILE Q 116 -24.94 43.62 33.15
CA ILE Q 116 -24.38 44.87 32.62
C ILE Q 116 -23.82 45.64 33.79
N GLN Q 117 -22.56 46.05 33.69
CA GLN Q 117 -21.88 46.72 34.79
C GLN Q 117 -22.25 48.20 34.77
N THR Q 118 -22.88 48.67 35.84
CA THR Q 118 -23.30 50.05 35.97
C THR Q 118 -23.23 50.48 37.41
N THR Q 119 -22.95 51.77 37.64
CA THR Q 119 -23.02 52.31 38.99
C THR Q 119 -24.44 52.58 39.42
N THR Q 120 -25.39 52.58 38.49
CA THR Q 120 -26.80 52.82 38.79
C THR Q 120 -27.63 51.74 38.13
N PRO Q 121 -27.54 50.50 38.61
CA PRO Q 121 -28.29 49.42 37.95
C PRO Q 121 -29.79 49.64 37.97
N HIS Q 122 -30.29 50.44 38.91
CA HIS Q 122 -31.72 50.67 39.01
C HIS Q 122 -32.24 51.41 37.78
N ALA Q 123 -31.54 52.46 37.37
CA ALA Q 123 -32.00 53.26 36.23
C ALA Q 123 -31.68 52.58 34.90
N THR Q 124 -30.73 51.65 34.88
CA THR Q 124 -30.41 50.93 33.66
C THR Q 124 -31.34 49.74 33.45
N TYR Q 125 -31.43 48.87 34.45
CA TYR Q 125 -32.27 47.67 34.32
C TYR Q 125 -33.75 48.04 34.42
N GLY Q 126 -34.11 48.89 35.38
CA GLY Q 126 -35.49 49.23 35.60
C GLY Q 126 -36.14 48.35 36.64
N ASP Q 127 -37.37 47.91 36.38
CA ASP Q 127 -38.09 47.01 37.27
C ASP Q 127 -38.41 45.68 36.62
N ARG Q 128 -39.02 45.69 35.43
CA ARG Q 128 -39.49 44.48 34.79
C ARG Q 128 -39.00 44.43 33.35
N PHE Q 129 -38.89 43.21 32.84
CA PHE Q 129 -38.37 42.94 31.51
C PHE Q 129 -39.46 42.40 30.60
N ILE Q 130 -39.22 42.50 29.29
CA ILE Q 130 -40.19 42.09 28.27
C ILE Q 130 -39.89 40.64 27.91
N ALA Q 131 -40.69 39.72 28.46
CA ALA Q 131 -40.42 38.30 28.27
C ALA Q 131 -40.91 37.82 26.91
N ASP Q 132 -42.21 37.91 26.67
CA ASP Q 132 -42.80 37.46 25.43
C ASP Q 132 -43.82 38.48 24.96
N PHE Q 133 -44.02 38.54 23.65
CA PHE Q 133 -44.96 39.47 23.05
C PHE Q 133 -46.27 38.77 22.76
N ILE Q 134 -47.37 39.33 23.25
CA ILE Q 134 -48.69 38.80 22.94
C ILE Q 134 -49.04 39.18 21.52
N LYS Q 135 -49.26 38.17 20.67
CA LYS Q 135 -49.50 38.39 19.26
C LYS Q 135 -50.97 38.14 18.92
N GLY Q 136 -51.38 38.69 17.78
CA GLY Q 136 -52.77 38.55 17.36
C GLY Q 136 -53.01 39.05 15.95
N GLY Q 137 -54.27 39.33 15.63
CA GLY Q 137 -54.64 39.78 14.31
C GLY Q 137 -56.04 40.35 14.32
N HIS Q 138 -56.44 40.90 13.18
CA HIS Q 138 -57.72 41.60 13.10
C HIS Q 138 -58.20 41.59 11.65
N PHE Q 139 -59.52 41.60 11.49
CA PHE Q 139 -60.11 41.70 10.17
C PHE Q 139 -61.38 42.54 10.27
N TYR Q 140 -61.70 43.23 9.18
CA TYR Q 140 -62.88 44.11 9.17
C TYR Q 140 -63.23 44.40 7.72
N ALA Q 141 -64.38 43.92 7.27
CA ALA Q 141 -64.78 44.07 5.88
C ALA Q 141 -66.19 44.60 5.80
N ARG Q 142 -66.47 45.36 4.74
CA ARG Q 142 -67.81 45.87 4.45
C ARG Q 142 -67.98 45.91 2.94
N VAL Q 143 -69.00 45.22 2.45
CA VAL Q 143 -69.38 45.29 1.04
C VAL Q 143 -70.76 45.91 0.98
N SER Q 144 -70.93 46.86 0.06
CA SER Q 144 -72.20 47.55 -0.14
C SER Q 144 -72.50 47.54 -1.63
N ILE Q 145 -73.14 46.48 -2.11
CA ILE Q 145 -73.53 46.36 -3.50
C ILE Q 145 -74.87 47.06 -3.68
N THR Q 146 -74.90 48.14 -4.45
CA THR Q 146 -76.14 48.94 -4.62
C THR Q 146 -77.04 48.26 -5.63
N ALA Q 147 -78.27 48.73 -5.79
CA ALA Q 147 -79.28 48.16 -6.70
C ALA Q 147 -78.85 48.28 -8.16
N LYS Q 148 -79.60 47.65 -9.06
CA LYS Q 148 -79.34 47.80 -10.51
C LYS Q 148 -80.21 48.95 -10.99
N ASN Q 149 -81.39 49.14 -10.38
CA ASN Q 149 -82.36 50.13 -10.81
C ASN Q 149 -82.63 49.99 -12.30
N SER Q 150 -82.88 48.75 -12.74
CA SER Q 150 -83.29 48.53 -14.11
C SER Q 150 -84.56 49.32 -14.38
N SER Q 151 -84.61 49.98 -15.54
CA SER Q 151 -85.72 50.88 -15.86
C SER Q 151 -86.25 50.61 -17.26
N GLU Q 152 -86.50 49.35 -17.60
CA GLU Q 152 -87.04 49.02 -18.91
C GLU Q 152 -88.45 49.63 -19.03
N THR Q 153 -88.61 50.54 -19.98
CA THR Q 153 -89.91 51.15 -20.27
C THR Q 153 -90.10 51.20 -21.78
N SER Q 154 -91.35 51.32 -22.20
CA SER Q 154 -91.65 51.40 -23.62
C SER Q 154 -93.09 51.84 -23.82
N GLU Q 155 -93.37 52.41 -24.99
CA GLU Q 155 -94.70 52.87 -25.35
C GLU Q 155 -94.90 52.61 -26.84
N LEU Q 156 -96.15 52.38 -27.25
CA LEU Q 156 -96.47 52.19 -28.65
C LEU Q 156 -97.84 52.80 -28.93
N LYS Q 157 -98.05 53.25 -30.16
CA LYS Q 157 -99.27 53.96 -30.55
C LYS Q 157 -99.57 53.66 -32.03
N GLN Q 158 -100.61 52.87 -32.28
CA GLN Q 158 -101.02 52.51 -33.64
C GLN Q 158 -102.41 53.07 -33.92
N SER Q 159 -102.43 54.25 -34.55
CA SER Q 159 -103.68 54.86 -34.96
C SER Q 159 -104.01 54.44 -36.40
N ALA Q 160 -105.08 53.69 -36.56
CA ALA Q 160 -105.49 53.21 -37.88
C ALA Q 160 -104.36 52.45 -38.57
N THR Q 174 -104.06 55.76 -43.54
CA THR Q 174 -103.41 56.48 -42.45
C THR Q 174 -102.87 55.52 -41.39
N GLN Q 175 -101.67 55.82 -40.90
CA GLN Q 175 -101.00 54.96 -39.94
C GLN Q 175 -100.11 55.82 -39.05
N GLU Q 176 -99.78 55.28 -37.88
CA GLU Q 176 -98.95 56.00 -36.93
C GLU Q 176 -98.27 55.01 -36.01
N VAL Q 177 -96.98 55.24 -35.75
CA VAL Q 177 -96.21 54.42 -34.81
C VAL Q 177 -95.36 55.36 -33.95
N GLU Q 178 -95.31 55.08 -32.65
CA GLU Q 178 -94.61 55.94 -31.70
C GLU Q 178 -93.99 55.03 -30.63
N ARG Q 179 -92.67 54.82 -30.73
CA ARG Q 179 -91.93 54.01 -29.76
C ARG Q 179 -90.82 54.81 -29.08
N ALA Q 180 -91.02 56.10 -28.88
CA ALA Q 180 -89.99 56.95 -28.27
C ALA Q 180 -90.01 56.84 -26.75
N VAL Q 181 -89.94 55.62 -26.23
CA VAL Q 181 -89.84 55.38 -24.80
C VAL Q 181 -88.97 54.16 -24.59
N SER Q 182 -87.84 54.35 -23.90
CA SER Q 182 -86.91 53.27 -23.62
C SER Q 182 -85.85 53.78 -22.66
N SER Q 183 -85.53 52.97 -21.66
CA SER Q 183 -84.51 53.31 -20.68
C SER Q 183 -83.96 52.03 -20.09
N ILE Q 184 -82.78 52.13 -19.47
CA ILE Q 184 -82.07 50.96 -18.95
C ILE Q 184 -81.54 51.28 -17.55
N LYS Q 185 -81.02 50.25 -16.90
CA LYS Q 185 -80.52 50.35 -15.54
C LYS Q 185 -79.43 51.41 -15.43
N ARG Q 186 -79.39 52.07 -14.28
CA ARG Q 186 -78.25 52.93 -13.95
C ARG Q 186 -78.08 52.85 -12.43
N ASN Q 187 -77.33 51.85 -11.99
CA ASN Q 187 -76.81 51.82 -10.63
C ASN Q 187 -75.88 50.62 -10.46
N ALA Q 188 -74.67 50.86 -9.97
CA ALA Q 188 -73.77 49.76 -9.59
C ALA Q 188 -72.70 50.35 -8.67
N SER Q 189 -72.88 50.18 -7.37
CA SER Q 189 -71.95 50.70 -6.38
C SER Q 189 -71.37 49.54 -5.59
N VAL Q 190 -70.05 49.46 -5.54
CA VAL Q 190 -69.34 48.44 -4.77
C VAL Q 190 -68.39 49.18 -3.85
N LYS Q 191 -68.80 49.38 -2.60
CA LYS Q 191 -67.95 49.97 -1.58
C LYS Q 191 -67.32 48.83 -0.78
N ILE Q 192 -65.99 48.75 -0.80
CA ILE Q 192 -65.25 47.74 -0.08
C ILE Q 192 -64.27 48.42 0.85
N THR Q 193 -64.31 48.06 2.13
CA THR Q 193 -63.30 48.47 3.09
C THR Q 193 -62.75 47.21 3.73
N ILE Q 194 -61.43 47.05 3.73
CA ILE Q 194 -60.77 45.89 4.32
C ILE Q 194 -59.68 46.40 5.23
N ILE Q 195 -59.74 46.05 6.51
CA ILE Q 195 -58.74 46.45 7.50
C ILE Q 195 -58.14 45.18 8.08
N GLU Q 196 -56.83 45.01 7.91
CA GLU Q 196 -56.17 43.77 8.27
C GLU Q 196 -54.94 44.03 9.10
N SER Q 197 -54.66 43.12 10.03
CA SER Q 197 -53.43 43.11 10.82
C SER Q 197 -52.95 41.66 10.84
N THR Q 198 -52.12 41.30 9.87
CA THR Q 198 -51.67 39.92 9.73
C THR Q 198 -50.16 39.85 9.62
N GLY Q 199 -49.63 38.66 9.31
CA GLY Q 199 -48.20 38.47 9.23
C GLY Q 199 -47.81 37.73 7.96
N THR Q 200 -46.53 37.85 7.63
CA THR Q 200 -46.00 37.20 6.44
C THR Q 200 -45.82 35.71 6.66
N SER Q 201 -45.86 34.96 5.57
CA SER Q 201 -45.65 33.52 5.65
C SER Q 201 -44.21 33.21 6.06
N SER Q 216 -68.73 39.42 -8.42
CA SER Q 216 -68.50 38.42 -7.38
C SER Q 216 -67.64 39.01 -6.26
N ASP Q 217 -67.77 40.32 -6.04
CA ASP Q 217 -66.98 40.96 -5.00
C ASP Q 217 -67.42 40.52 -3.62
N LEU Q 218 -68.69 40.15 -3.45
CA LEU Q 218 -69.14 39.61 -2.18
C LEU Q 218 -68.43 38.30 -1.86
N LEU Q 219 -68.28 37.43 -2.87
CA LEU Q 219 -67.58 36.18 -2.65
C LEU Q 219 -66.08 36.39 -2.46
N ALA Q 220 -65.49 37.35 -3.16
CA ALA Q 220 -64.06 37.58 -3.03
C ALA Q 220 -63.70 37.98 -1.60
N VAL Q 221 -64.49 38.87 -1.01
CA VAL Q 221 -64.26 39.26 0.38
C VAL Q 221 -64.43 38.03 1.28
N LYS Q 222 -65.39 37.18 0.95
CA LYS Q 222 -65.65 36.00 1.79
C LYS Q 222 -64.45 35.06 1.80
N GLU Q 223 -63.83 34.84 0.64
CA GLU Q 223 -62.70 33.92 0.59
C GLU Q 223 -61.54 34.43 1.44
N LYS Q 224 -61.22 35.72 1.34
CA LYS Q 224 -60.19 36.27 2.22
C LYS Q 224 -60.63 36.20 3.67
N ALA Q 225 -61.92 36.45 3.95
CA ALA Q 225 -62.42 36.33 5.31
C ALA Q 225 -62.32 34.90 5.80
N ASP Q 226 -62.74 33.93 4.97
CA ASP Q 226 -62.63 32.53 5.38
C ASP Q 226 -61.19 32.06 5.38
N GLN Q 227 -60.42 32.43 4.34
CA GLN Q 227 -59.00 32.07 4.34
C GLN Q 227 -58.28 32.64 5.55
N PHE Q 228 -58.73 33.78 6.06
CA PHE Q 228 -58.14 34.32 7.27
C PHE Q 228 -58.34 33.34 8.42
N TYR Q 229 -59.56 32.81 8.52
CA TYR Q 229 -59.87 31.81 9.57
C TYR Q 229 -58.91 30.66 9.39
N LYS Q 230 -58.90 30.04 8.20
CA LYS Q 230 -58.03 28.89 7.96
C LYS Q 230 -56.57 29.28 8.08
N ASP Q 231 -56.22 30.50 7.68
CA ASP Q 231 -54.83 30.93 7.74
C ASP Q 231 -54.31 30.91 9.16
N ALA Q 232 -55.15 31.28 10.13
CA ALA Q 232 -54.70 31.29 11.52
C ALA Q 232 -54.20 29.91 11.94
N ASP Q 233 -54.87 28.85 11.53
CA ASP Q 233 -54.46 27.51 11.95
C ASP Q 233 -53.02 27.24 11.59
N SER Q 234 -52.57 27.73 10.43
CA SER Q 234 -51.17 27.62 10.07
C SER Q 234 -50.28 28.46 10.96
N GLY Q 235 -50.85 29.33 11.78
CA GLY Q 235 -50.07 30.12 12.71
C GLY Q 235 -49.19 31.15 12.05
N LYS Q 236 -49.69 31.83 11.02
CA LYS Q 236 -48.98 32.95 10.41
C LYS Q 236 -49.49 34.30 10.89
N HIS Q 237 -50.42 34.33 11.83
CA HIS Q 237 -50.98 35.60 12.33
C HIS Q 237 -50.14 36.06 13.51
N SER Q 238 -48.96 36.58 13.20
CA SER Q 238 -48.01 37.02 14.21
C SER Q 238 -47.92 38.54 14.08
N TYR Q 239 -48.82 39.25 14.75
CA TYR Q 239 -48.78 40.71 14.84
C TYR Q 239 -48.68 41.07 16.31
N VAL Q 240 -47.74 41.96 16.62
CA VAL Q 240 -47.46 42.29 18.01
C VAL Q 240 -48.56 43.19 18.54
N LEU Q 241 -49.23 42.76 19.61
CA LEU Q 241 -50.29 43.53 20.23
C LEU Q 241 -49.92 43.99 21.63
N PHE Q 242 -49.58 43.06 22.53
CA PHE Q 242 -49.28 43.39 23.91
C PHE Q 242 -47.94 42.76 24.29
N ALA Q 243 -47.35 43.29 25.35
CA ALA Q 243 -46.10 42.79 25.90
C ALA Q 243 -46.33 42.32 27.33
N VAL Q 244 -45.85 41.13 27.66
CA VAL Q 244 -46.02 40.53 28.98
C VAL Q 244 -44.78 40.85 29.81
N LEU Q 245 -45.01 41.36 31.01
CA LEU Q 245 -43.94 41.81 31.89
C LEU Q 245 -43.59 40.73 32.90
N GLY Q 246 -42.31 40.61 33.22
CA GLY Q 246 -41.85 39.66 34.22
C GLY Q 246 -40.88 40.33 35.18
N LYS Q 247 -40.86 39.82 36.40
CA LYS Q 247 -40.05 40.40 37.46
C LYS Q 247 -38.68 39.77 37.48
N TYR Q 248 -37.65 40.61 37.62
CA TYR Q 248 -36.28 40.11 37.58
C TYR Q 248 -35.98 39.15 38.71
N ARG Q 249 -36.76 39.18 39.79
CA ARG Q 249 -36.50 38.28 40.91
C ARG Q 249 -36.76 36.83 40.53
N ASN Q 250 -37.79 36.59 39.73
CA ASN Q 250 -38.17 35.23 39.36
C ASN Q 250 -37.15 34.55 38.45
N LEU Q 251 -36.20 35.31 37.89
CA LEU Q 251 -35.16 34.70 37.07
C LEU Q 251 -34.29 33.78 37.92
N SER Q 252 -34.04 32.57 37.42
CA SER Q 252 -33.14 31.67 38.12
C SER Q 252 -31.72 32.26 38.19
N ASN Q 253 -31.23 32.79 37.07
CA ASN Q 253 -29.87 33.29 36.99
C ASN Q 253 -29.68 34.56 37.81
N PHE Q 254 -30.76 35.17 38.28
CA PHE Q 254 -30.67 36.36 39.11
C PHE Q 254 -30.15 35.97 40.48
N GLU Q 255 -28.91 36.35 40.77
CA GLU Q 255 -28.33 36.21 42.11
C GLU Q 255 -28.42 37.52 42.88
N SER Q 256 -29.51 38.26 42.72
CA SER Q 256 -29.72 39.52 43.42
C SER Q 256 -28.62 40.52 43.05
N TYR Q 257 -28.56 40.84 41.75
CA TYR Q 257 -27.66 41.88 41.28
C TYR Q 257 -28.03 43.23 41.89
N PHE Q 258 -29.28 43.40 42.28
CA PHE Q 258 -29.75 44.63 42.89
C PHE Q 258 -31.07 44.35 43.58
N ALA Q 259 -31.65 45.41 44.16
CA ALA Q 259 -32.94 45.28 44.82
C ALA Q 259 -33.98 46.06 44.05
N PRO Q 260 -34.78 45.43 43.19
CA PRO Q 260 -35.74 46.20 42.40
C PRO Q 260 -36.76 46.90 43.28
N PHE Q 261 -37.14 48.11 42.85
CA PHE Q 261 -38.18 48.83 43.55
C PHE Q 261 -39.55 48.27 43.21
N ASP Q 262 -40.52 48.56 44.08
CA ASP Q 262 -41.95 48.20 43.86
C ASP Q 262 -42.67 49.54 43.73
N TYR Q 263 -42.96 49.99 42.51
CA TYR Q 263 -43.51 51.32 42.25
C TYR Q 263 -45.03 51.37 42.37
N GLN Q 264 -45.67 50.27 42.75
CA GLN Q 264 -47.13 50.28 42.83
C GLN Q 264 -47.62 51.38 43.77
N MET Q 265 -47.05 51.44 44.97
CA MET Q 265 -47.46 52.49 45.91
C MET Q 265 -46.95 53.85 45.49
N ALA Q 266 -45.72 53.93 44.99
CA ALA Q 266 -45.17 55.23 44.60
C ALA Q 266 -45.99 55.85 43.48
N SER Q 267 -46.39 55.06 42.49
CA SER Q 267 -47.22 55.59 41.43
C SER Q 267 -48.57 56.04 41.96
N LEU Q 268 -49.15 55.28 42.87
CA LEU Q 268 -50.43 55.67 43.45
C LEU Q 268 -50.32 57.00 44.17
N ARG Q 269 -49.29 57.17 44.99
CA ARG Q 269 -49.13 58.42 45.72
C ARG Q 269 -48.90 59.59 44.77
N SER Q 270 -48.08 59.40 43.75
CA SER Q 270 -47.70 60.49 42.85
C SER Q 270 -48.56 60.50 41.59
N TRP Q 271 -49.87 60.59 41.78
CA TRP Q 271 -50.80 60.77 40.67
C TRP Q 271 -51.17 62.22 40.43
N ALA Q 272 -51.32 63.03 41.49
CA ALA Q 272 -51.60 64.43 41.30
C ALA Q 272 -50.50 65.13 40.50
N LEU Q 273 -49.28 64.61 40.58
CA LEU Q 273 -48.18 65.20 39.81
C LEU Q 273 -48.25 64.77 38.35
N PHE Q 274 -48.63 63.51 38.09
CA PHE Q 274 -48.67 63.04 36.71
C PHE Q 274 -49.68 63.82 35.88
N ASN Q 275 -50.84 64.12 36.45
CA ASN Q 275 -51.82 64.91 35.73
C ASN Q 275 -51.30 66.32 35.45
N ASP Q 276 -50.65 66.93 36.43
CA ASP Q 276 -50.13 68.28 36.23
C ASP Q 276 -49.09 68.31 35.12
N PHE Q 277 -48.44 67.19 34.85
CA PHE Q 277 -47.50 67.12 33.74
C PHE Q 277 -48.20 67.31 32.41
N THR Q 278 -49.26 66.54 32.15
CA THR Q 278 -49.96 66.65 30.89
C THR Q 278 -50.55 68.05 30.71
N LEU Q 279 -51.12 68.60 31.79
CA LEU Q 279 -51.71 69.93 31.69
C LEU Q 279 -50.65 70.98 31.36
N TYR Q 280 -49.49 70.90 32.00
CA TYR Q 280 -48.44 71.90 31.73
C TYR Q 280 -47.91 71.79 30.31
N LYS Q 281 -47.74 70.57 29.81
CA LYS Q 281 -47.31 70.40 28.43
C LYS Q 281 -48.35 70.96 27.47
N ALA Q 282 -49.63 70.73 27.76
CA ALA Q 282 -50.67 71.25 26.89
C ALA Q 282 -50.66 72.78 26.84
N ILE Q 283 -50.45 73.43 27.98
CA ILE Q 283 -50.51 74.89 28.01
C ILE Q 283 -49.26 75.55 27.47
N GLU Q 284 -48.21 74.80 27.15
CA GLU Q 284 -47.13 75.37 26.36
C GLU Q 284 -47.65 75.77 24.99
N THR Q 285 -48.44 74.90 24.35
CA THR Q 285 -49.04 75.23 23.08
C THR Q 285 -50.10 76.32 23.19
N MET Q 286 -50.69 76.50 24.37
CA MET Q 286 -51.55 77.67 24.60
C MET Q 286 -50.83 78.94 24.19
N ILE Q 287 -49.65 79.19 24.79
CA ILE Q 287 -48.96 80.45 24.57
C ILE Q 287 -48.47 80.54 23.13
N LYS Q 288 -47.85 79.48 22.63
CA LYS Q 288 -47.25 79.54 21.30
C LYS Q 288 -48.31 79.77 20.23
N ALA Q 289 -49.46 79.11 20.35
CA ALA Q 289 -50.46 79.19 19.29
C ALA Q 289 -50.99 80.60 19.11
N VAL Q 290 -51.29 81.30 20.20
CA VAL Q 290 -51.93 82.61 20.12
C VAL Q 290 -50.94 83.66 19.61
N PRO Q 291 -51.35 84.58 18.74
CA PRO Q 291 -50.40 85.52 18.15
C PRO Q 291 -50.00 86.64 19.11
N GLU Q 292 -49.07 87.47 18.63
CA GLU Q 292 -48.55 88.56 19.43
C GLU Q 292 -49.57 89.68 19.58
N SER Q 293 -50.38 89.91 18.55
CA SER Q 293 -51.27 91.07 18.51
C SER Q 293 -52.44 90.97 19.47
N LYS Q 294 -52.47 89.97 20.35
CA LYS Q 294 -53.56 89.80 21.30
C LYS Q 294 -53.02 89.45 22.68
N PHE Q 295 -51.85 90.02 22.98
CA PHE Q 295 -51.24 89.87 24.33
C PHE Q 295 -51.34 91.23 25.00
N LYS Q 296 -51.62 91.26 26.29
CA LYS Q 296 -51.81 92.54 26.98
C LYS Q 296 -50.51 93.34 27.02
N ASP Q 297 -49.42 92.72 27.46
CA ASP Q 297 -48.17 93.44 27.64
C ASP Q 297 -47.40 93.62 26.35
N GLY Q 298 -47.79 92.95 25.27
CA GLY Q 298 -47.15 93.13 23.99
C GLY Q 298 -45.94 92.22 23.80
N PRO Q 299 -44.83 92.78 23.32
CA PRO Q 299 -43.71 91.91 22.91
C PRO Q 299 -43.14 91.07 24.03
N GLU Q 300 -42.72 91.69 25.13
CA GLU Q 300 -42.04 90.96 26.19
C GLU Q 300 -43.06 90.29 27.11
N ARG Q 301 -43.99 89.55 26.51
CA ARG Q 301 -44.94 88.76 27.28
C ARG Q 301 -44.94 87.33 26.77
N LYS Q 302 -44.68 87.15 25.48
CA LYS Q 302 -44.61 85.80 24.92
C LYS Q 302 -43.45 85.02 25.52
N THR Q 303 -42.26 85.63 25.59
CA THR Q 303 -41.08 84.85 25.93
C THR Q 303 -41.05 84.46 27.40
N GLN Q 304 -41.35 85.38 28.32
CA GLN Q 304 -41.30 85.01 29.73
C GLN Q 304 -42.56 84.29 30.19
N LEU Q 305 -43.65 84.35 29.41
CA LEU Q 305 -44.72 83.40 29.65
C LEU Q 305 -44.33 82.01 29.13
N ILE Q 306 -43.71 81.95 27.95
CA ILE Q 306 -43.20 80.68 27.46
C ILE Q 306 -42.10 80.17 28.37
N LYS Q 307 -41.17 81.04 28.77
CA LYS Q 307 -40.07 80.59 29.61
C LYS Q 307 -40.56 80.21 31.00
N GLN Q 308 -41.52 80.95 31.55
CA GLN Q 308 -42.01 80.63 32.87
C GLN Q 308 -42.65 79.24 32.90
N ALA Q 309 -43.41 78.90 31.86
CA ALA Q 309 -44.02 77.57 31.79
C ALA Q 309 -42.98 76.49 31.68
N ILE Q 310 -41.97 76.67 30.81
CA ILE Q 310 -40.96 75.65 30.62
C ILE Q 310 -40.07 75.53 31.86
N ASN Q 311 -39.77 76.65 32.51
CA ASN Q 311 -38.94 76.57 33.71
C ASN Q 311 -39.59 75.72 34.78
N ILE Q 312 -40.91 75.88 34.97
CA ILE Q 312 -41.61 75.04 35.93
C ILE Q 312 -41.95 73.67 35.36
N PHE Q 313 -41.88 73.51 34.04
CA PHE Q 313 -41.94 72.16 33.46
C PHE Q 313 -40.72 71.36 33.87
N GLU Q 314 -39.56 72.02 33.98
CA GLU Q 314 -38.37 71.35 34.47
C GLU Q 314 -38.56 70.87 35.90
N THR Q 315 -39.18 71.69 36.75
CA THR Q 315 -39.28 71.35 38.16
C THR Q 315 -40.07 70.06 38.37
N ILE Q 316 -41.16 69.88 37.62
CA ILE Q 316 -41.95 68.67 37.79
C ILE Q 316 -41.34 67.48 37.03
N ARG Q 317 -40.66 67.73 35.91
CA ARG Q 317 -40.02 66.62 35.22
C ARG Q 317 -38.85 66.05 36.02
N ASP Q 318 -38.06 66.92 36.66
CA ASP Q 318 -36.98 66.45 37.50
C ASP Q 318 -37.49 65.81 38.78
N ARG Q 319 -38.67 66.22 39.25
CA ARG Q 319 -39.27 65.52 40.37
C ARG Q 319 -39.62 64.09 39.99
N VAL Q 320 -40.15 63.89 38.78
CA VAL Q 320 -40.42 62.54 38.29
C VAL Q 320 -39.13 61.75 38.17
N ILE Q 321 -38.09 62.36 37.61
CA ILE Q 321 -36.81 61.66 37.48
C ILE Q 321 -36.24 61.36 38.85
N LEU Q 322 -36.54 62.21 39.84
CA LEU Q 322 -36.09 61.93 41.21
C LEU Q 322 -36.82 60.73 41.80
N ILE Q 323 -38.11 60.57 41.49
CA ILE Q 323 -38.83 59.41 42.00
C ILE Q 323 -38.22 58.12 41.49
N SER Q 324 -37.62 58.15 40.31
CA SER Q 324 -36.92 56.97 39.81
C SER Q 324 -35.79 56.56 40.74
N GLU Q 325 -34.98 57.53 41.18
CA GLU Q 325 -33.89 57.22 42.09
C GLU Q 325 -34.41 56.94 43.50
N HIS Q 326 -35.40 57.72 43.95
CA HIS Q 326 -35.92 57.60 45.33
C HIS Q 326 -37.44 57.55 45.30
N PRO Q 327 -38.03 56.36 45.11
CA PRO Q 327 -39.49 56.27 45.21
C PRO Q 327 -40.01 56.57 46.59
N GLU Q 328 -39.19 56.43 47.63
CA GLU Q 328 -39.61 56.86 48.96
C GLU Q 328 -39.85 58.35 49.02
N ALA Q 329 -39.27 59.12 48.09
CA ALA Q 329 -39.48 60.56 48.04
C ALA Q 329 -40.87 60.93 47.54
N ALA Q 330 -41.75 59.96 47.32
CA ALA Q 330 -43.12 60.28 46.93
C ALA Q 330 -43.90 60.99 48.02
N LYS Q 331 -43.44 60.89 49.27
CA LYS Q 331 -44.16 61.53 50.36
C LYS Q 331 -44.17 63.05 50.22
N GLU Q 332 -43.04 63.64 49.86
CA GLU Q 332 -42.93 65.09 49.83
C GLU Q 332 -43.99 65.70 48.94
N ASP Q 333 -44.63 66.75 49.44
CA ASP Q 333 -45.67 67.42 48.67
C ASP Q 333 -45.05 68.20 47.52
N PRO Q 334 -45.83 68.52 46.49
CA PRO Q 334 -45.30 69.33 45.40
C PRO Q 334 -44.84 70.69 45.89
N ASP Q 335 -43.78 71.20 45.26
CA ASP Q 335 -43.24 72.53 45.58
C ASP Q 335 -43.27 73.44 44.36
N HIS Q 336 -44.25 73.23 43.48
CA HIS Q 336 -44.34 73.96 42.23
C HIS Q 336 -45.72 74.60 42.11
N MET Q 337 -45.79 75.67 41.34
CA MET Q 337 -47.04 76.39 41.17
C MET Q 337 -48.08 75.50 40.50
N LYS Q 338 -49.32 75.66 40.92
CA LYS Q 338 -50.40 74.83 40.40
C LYS Q 338 -50.64 75.14 38.92
N PRO Q 339 -51.04 74.15 38.11
CA PRO Q 339 -51.48 74.49 36.75
C PRO Q 339 -52.65 75.44 36.72
N GLY Q 340 -53.57 75.34 37.69
CA GLY Q 340 -54.69 76.27 37.73
C GLY Q 340 -54.23 77.70 37.92
N ASP Q 341 -53.33 77.94 38.89
CA ASP Q 341 -52.89 79.30 39.14
C ASP Q 341 -52.09 79.83 37.94
N PHE Q 342 -51.20 79.01 37.38
CA PHE Q 342 -50.45 79.46 36.23
C PHE Q 342 -51.37 79.64 35.02
N ARG Q 343 -52.35 78.76 34.86
CA ARG Q 343 -53.31 78.94 33.78
C ARG Q 343 -54.05 80.26 33.95
N LEU Q 344 -54.49 80.56 35.18
CA LEU Q 344 -55.10 81.85 35.46
C LEU Q 344 -54.20 82.98 34.99
N GLU Q 345 -52.89 82.88 35.29
CA GLU Q 345 -51.96 83.91 34.83
C GLU Q 345 -51.96 84.03 33.32
N VAL Q 346 -52.14 82.92 32.61
CA VAL Q 346 -52.15 82.97 31.15
C VAL Q 346 -53.31 83.81 30.65
N LEU Q 347 -54.53 83.54 31.15
CA LEU Q 347 -55.70 84.24 30.64
C LEU Q 347 -55.78 85.68 31.13
N ASN Q 348 -55.17 86.01 32.26
CA ASN Q 348 -55.22 87.38 32.75
C ASN Q 348 -54.51 88.34 31.80
N SER Q 349 -53.47 87.88 31.11
CA SER Q 349 -52.66 88.71 30.24
C SER Q 349 -53.10 88.62 28.79
N ILE Q 350 -54.41 88.48 28.56
CA ILE Q 350 -54.97 88.31 27.22
C ILE Q 350 -55.97 89.43 26.96
N GLN Q 351 -55.80 90.13 25.84
CA GLN Q 351 -56.75 91.15 25.44
C GLN Q 351 -58.09 90.51 25.07
N THR Q 352 -59.15 91.31 25.15
CA THR Q 352 -60.50 90.82 24.97
C THR Q 352 -61.28 91.79 24.08
N LYS Q 353 -62.41 91.30 23.58
CA LYS Q 353 -63.28 92.08 22.71
C LYS Q 353 -64.59 92.37 23.43
N LEU Q 354 -65.03 93.62 23.35
CA LEU Q 354 -66.21 94.09 24.09
C LEU Q 354 -67.45 93.87 23.24
N PHE Q 355 -67.89 92.62 23.17
CA PHE Q 355 -69.10 92.30 22.41
C PHE Q 355 -70.28 92.89 23.16
N HIS Q 356 -70.68 94.11 22.78
CA HIS Q 356 -71.82 94.81 23.42
C HIS Q 356 -73.10 94.40 22.67
N ALA Q 357 -73.83 93.42 23.21
CA ALA Q 357 -75.05 92.96 22.58
C ALA Q 357 -76.08 94.08 22.55
N GLN Q 358 -76.82 94.19 21.45
CA GLN Q 358 -77.78 95.26 21.24
C GLN Q 358 -79.10 94.65 20.80
N SER Q 359 -80.20 95.23 21.30
CA SER Q 359 -81.53 94.71 21.03
C SER Q 359 -82.11 95.43 19.83
N GLN Q 360 -82.14 94.76 18.68
CA GLN Q 360 -82.70 95.36 17.47
C GLN Q 360 -84.21 95.53 17.61
N PRO Q 361 -84.75 96.72 17.29
CA PRO Q 361 -86.21 96.89 17.29
C PRO Q 361 -86.84 96.51 15.95
N ILE Q 362 -87.81 95.60 15.99
CA ILE Q 362 -88.50 95.17 14.78
C ILE Q 362 -89.97 95.60 14.86
N PRO Q 363 -90.56 96.11 13.79
CA PRO Q 363 -91.97 96.51 13.86
C PRO Q 363 -92.87 95.33 14.21
N ASN Q 364 -94.06 95.64 14.74
CA ASN Q 364 -95.02 94.64 15.15
C ASN Q 364 -94.53 93.86 16.37
N THR Q 365 -93.90 94.57 17.30
CA THR Q 365 -93.42 93.99 18.55
C THR Q 365 -93.57 95.03 19.67
N ASP Q 366 -94.21 94.60 20.76
CA ASP Q 366 -94.43 95.45 21.92
C ASP Q 366 -93.79 94.81 23.14
N ASP Q 367 -92.89 95.54 23.80
CA ASP Q 367 -92.14 95.03 24.94
C ASP Q 367 -91.28 93.82 24.59
N TYR Q 368 -91.12 93.54 23.29
CA TYR Q 368 -90.32 92.42 22.81
C TYR Q 368 -89.33 92.96 21.79
N TRP Q 369 -88.04 92.72 22.03
CA TRP Q 369 -86.98 93.20 21.17
C TRP Q 369 -86.31 92.02 20.48
N THR Q 370 -85.25 92.31 19.73
CA THR Q 370 -84.45 91.28 19.05
C THR Q 370 -82.99 91.50 19.40
N ASP Q 371 -82.44 90.62 20.23
CA ASP Q 371 -81.08 90.75 20.73
C ASP Q 371 -80.11 90.27 19.64
N VAL Q 372 -79.24 91.17 19.20
CA VAL Q 372 -78.18 90.85 18.24
C VAL Q 372 -76.85 91.11 18.92
N ILE Q 373 -76.00 90.09 18.98
CA ILE Q 373 -74.69 90.21 19.64
C ILE Q 373 -73.70 90.63 18.56
N LEU Q 374 -73.65 91.92 18.30
CA LEU Q 374 -72.71 92.49 17.34
C LEU Q 374 -71.88 93.57 18.00
N THR Q 375 -70.58 93.59 17.67
CA THR Q 375 -69.66 94.55 18.25
C THR Q 375 -69.87 95.96 17.71
N THR Q 376 -70.55 96.11 16.57
CA THR Q 376 -70.76 97.42 15.98
C THR Q 376 -71.96 98.09 16.62
N LYS Q 377 -71.79 99.35 17.02
CA LYS Q 377 -72.89 100.11 17.62
C LYS Q 377 -73.99 100.31 16.60
N GLY Q 378 -75.24 100.11 17.02
CA GLY Q 378 -76.38 100.28 16.15
C GLY Q 378 -77.23 101.47 16.54
N SER Q 379 -78.15 101.86 15.65
CA SER Q 379 -79.05 102.98 15.90
C SER Q 379 -80.41 102.45 16.30
N GLY Q 380 -80.88 102.86 17.48
CA GLY Q 380 -82.18 102.42 17.97
C GLY Q 380 -82.19 101.05 18.62
N ASN Q 381 -81.01 100.42 18.68
CA ASN Q 381 -80.89 99.06 19.29
C ASN Q 381 -80.49 99.22 20.76
N GLN Q 382 -81.23 98.58 21.68
CA GLN Q 382 -80.94 98.74 23.09
C GLN Q 382 -79.74 97.88 23.47
N PRO Q 383 -78.65 98.46 23.98
CA PRO Q 383 -77.52 97.63 24.44
C PRO Q 383 -77.87 96.88 25.72
N LEU Q 384 -77.45 95.62 25.78
CA LEU Q 384 -77.72 94.75 26.92
C LEU Q 384 -76.58 94.77 27.94
N PHE Q 385 -75.39 94.33 27.53
CA PHE Q 385 -74.22 94.35 28.39
C PHE Q 385 -72.98 94.42 27.52
N THR Q 386 -71.91 94.98 28.07
CA THR Q 386 -70.62 95.07 27.41
C THR Q 386 -69.60 94.32 28.25
N PHE Q 387 -68.97 93.32 27.65
CA PHE Q 387 -68.11 92.38 28.36
C PHE Q 387 -66.89 92.01 27.55
N PRO Q 388 -65.75 91.77 28.20
CA PRO Q 388 -64.59 91.22 27.48
C PRO Q 388 -64.93 89.85 26.91
N ALA Q 389 -64.41 89.58 25.71
CA ALA Q 389 -64.60 88.28 25.07
C ALA Q 389 -63.36 87.95 24.25
N PHE Q 390 -63.31 86.70 23.79
CA PHE Q 390 -62.17 86.16 23.07
C PHE Q 390 -62.53 86.06 21.60
N ASP Q 391 -61.76 86.76 20.75
CA ASP Q 391 -62.03 86.85 19.33
C ASP Q 391 -61.09 85.97 18.51
N PHE Q 392 -60.44 85.00 19.13
CA PHE Q 392 -59.50 84.13 18.44
C PHE Q 392 -59.41 82.81 19.17
N GLY Q 393 -59.22 81.75 18.40
CA GLY Q 393 -59.15 80.42 18.98
C GLY Q 393 -57.81 80.20 19.64
N ASP Q 394 -57.24 79.01 19.48
CA ASP Q 394 -55.92 78.67 19.98
C ASP Q 394 -55.83 78.76 21.51
N LEU Q 395 -56.95 78.95 22.20
CA LEU Q 395 -57.00 78.94 23.66
C LEU Q 395 -57.87 77.76 24.06
N ILE Q 396 -57.24 76.69 24.53
CA ILE Q 396 -58.00 75.48 24.83
C ILE Q 396 -59.03 75.79 25.92
N GLY Q 397 -60.09 75.01 25.94
CA GLY Q 397 -61.19 75.25 26.85
C GLY Q 397 -62.20 76.28 26.37
N THR Q 398 -62.14 76.66 25.10
CA THR Q 398 -63.04 77.70 24.52
C THR Q 398 -63.73 77.19 23.28
N GLU Q 399 -64.96 77.63 23.03
CA GLU Q 399 -65.72 77.28 21.84
C GLU Q 399 -66.40 78.53 21.29
N VAL Q 400 -66.72 78.49 19.99
CA VAL Q 400 -67.21 79.65 19.26
C VAL Q 400 -68.72 79.56 19.13
N VAL Q 401 -69.37 80.72 19.17
CA VAL Q 401 -70.80 80.86 18.95
C VAL Q 401 -70.99 81.70 17.71
N SER Q 402 -71.12 81.05 16.56
CA SER Q 402 -71.16 81.71 15.26
C SER Q 402 -72.60 81.79 14.79
N PHE Q 403 -73.17 82.99 14.84
CA PHE Q 403 -74.53 83.18 14.36
C PHE Q 403 -74.61 82.82 12.89
N GLY Q 404 -75.68 82.12 12.52
CA GLY Q 404 -75.94 81.79 11.13
C GLY Q 404 -77.08 82.62 10.57
N LYS Q 405 -76.76 83.57 9.69
CA LYS Q 405 -77.77 84.40 9.04
C LYS Q 405 -77.94 83.95 7.60
N LYS Q 406 -79.16 83.62 7.23
CA LYS Q 406 -79.44 83.17 5.88
C LYS Q 406 -79.12 84.28 4.88
N LYS Q 407 -78.14 84.04 4.01
CA LYS Q 407 -77.91 84.95 2.89
C LYS Q 407 -79.05 84.87 1.89
N ASN Q 408 -79.66 83.70 1.75
CA ASN Q 408 -80.82 83.50 0.91
C ASN Q 408 -82.10 83.97 1.56
N GLY Q 409 -82.04 84.38 2.82
CA GLY Q 409 -83.21 84.83 3.55
C GLY Q 409 -82.85 85.77 4.67
N GLU Q 410 -83.55 85.66 5.80
CA GLU Q 410 -83.29 86.53 6.94
C GLU Q 410 -83.31 85.76 8.27
N GLU Q 411 -83.38 84.44 8.24
CA GLU Q 411 -83.43 83.66 9.47
C GLU Q 411 -82.21 83.95 10.34
N TYR Q 412 -82.44 84.13 11.63
CA TYR Q 412 -81.39 84.31 12.62
C TYR Q 412 -81.08 82.96 13.25
N ASN Q 413 -79.81 82.55 13.21
CA ASN Q 413 -79.38 81.29 13.80
C ASN Q 413 -78.24 81.54 14.77
N CYS Q 414 -78.04 80.55 15.66
CA CYS Q 414 -77.02 80.62 16.69
C CYS Q 414 -76.48 79.22 16.91
N LEU Q 415 -75.33 78.91 16.31
CA LEU Q 415 -74.74 77.58 16.38
C LEU Q 415 -73.38 77.69 17.05
N ILE Q 416 -73.17 76.85 18.08
CA ILE Q 416 -71.91 76.82 18.80
C ILE Q 416 -70.96 75.85 18.11
N GLY Q 417 -69.75 76.28 17.86
CA GLY Q 417 -68.78 75.40 17.23
C GLY Q 417 -69.20 74.91 15.86
N GLU Q 418 -70.17 75.57 15.24
CA GLU Q 418 -70.65 75.19 13.91
C GLU Q 418 -70.80 76.47 13.09
N ARG Q 419 -69.86 76.71 12.19
CA ARG Q 419 -69.87 77.94 11.41
C ARG Q 419 -70.87 77.82 10.26
N VAL Q 420 -70.94 78.88 9.46
CA VAL Q 420 -71.75 78.86 8.25
C VAL Q 420 -71.16 77.93 7.20
N THR Q 421 -69.85 77.68 7.26
CA THR Q 421 -69.19 76.91 6.20
C THR Q 421 -69.79 75.52 6.04
N SER Q 422 -70.40 74.96 7.09
CA SER Q 422 -71.06 73.67 6.96
C SER Q 422 -72.20 73.74 5.96
N LEU Q 423 -72.98 74.82 6.00
CA LEU Q 423 -74.08 75.04 5.08
C LEU Q 423 -73.61 75.98 3.97
N ASP Q 424 -74.55 76.38 3.10
CA ASP Q 424 -74.26 77.25 1.98
C ASP Q 424 -75.19 78.45 2.00
N ASP Q 425 -74.65 79.63 1.69
CA ASP Q 425 -75.40 80.88 1.67
C ASP Q 425 -75.98 81.19 3.07
N TYR Q 426 -75.04 81.45 3.98
CA TYR Q 426 -75.40 81.83 5.36
C TYR Q 426 -74.43 82.92 5.78
N LYS Q 427 -74.90 84.18 5.87
CA LYS Q 427 -74.03 85.31 6.31
C LYS Q 427 -73.57 85.08 7.75
N GLU Q 428 -72.41 85.63 8.11
CA GLU Q 428 -71.88 85.50 9.48
C GLU Q 428 -72.19 86.78 10.28
N LEU Q 429 -73.02 86.67 11.32
CA LEU Q 429 -73.32 87.85 12.16
C LEU Q 429 -72.17 88.07 13.15
N SER Q 430 -71.92 87.09 14.03
CA SER Q 430 -70.89 87.23 15.04
C SER Q 430 -70.31 85.87 15.39
N TYR Q 431 -68.98 85.80 15.45
CA TYR Q 431 -68.30 84.60 15.91
C TYR Q 431 -67.20 85.01 16.89
N PHE Q 432 -67.13 84.31 18.00
CA PHE Q 432 -66.14 84.62 19.03
C PHE Q 432 -66.05 83.46 20.02
N TRP Q 433 -64.85 82.96 20.27
CA TRP Q 433 -64.68 81.83 21.16
C TRP Q 433 -64.96 82.23 22.60
N VAL Q 434 -65.57 81.31 23.36
CA VAL Q 434 -65.92 81.55 24.75
C VAL Q 434 -65.76 80.27 25.54
N PHE Q 435 -65.77 80.40 26.86
CA PHE Q 435 -65.73 79.23 27.74
C PHE Q 435 -67.14 78.66 27.90
N PRO Q 436 -67.41 77.44 27.42
CA PRO Q 436 -68.73 76.85 27.69
C PRO Q 436 -68.97 76.55 29.15
N ASP Q 437 -67.93 76.48 29.97
CA ASP Q 437 -68.07 76.17 31.39
C ASP Q 437 -67.33 77.24 32.19
N SER Q 438 -67.56 77.22 33.50
CA SER Q 438 -66.96 78.22 34.38
C SER Q 438 -65.53 77.84 34.72
N VAL Q 439 -64.78 78.83 35.19
CA VAL Q 439 -63.41 78.62 35.65
C VAL Q 439 -63.26 79.29 37.00
N GLN Q 440 -62.29 78.83 37.78
CA GLN Q 440 -62.08 79.38 39.11
C GLN Q 440 -61.79 80.87 39.03
N LYS Q 441 -62.71 81.66 39.56
CA LYS Q 441 -62.53 83.10 39.80
C LYS Q 441 -62.22 83.90 38.55
N PHE Q 442 -62.46 83.36 37.36
CA PHE Q 442 -62.34 84.14 36.13
C PHE Q 442 -63.66 84.26 35.38
N ALA Q 443 -64.29 83.14 35.03
CA ALA Q 443 -65.49 83.13 34.21
C ALA Q 443 -66.67 82.73 35.08
N MET Q 444 -67.35 83.72 35.66
CA MET Q 444 -68.44 83.48 36.59
C MET Q 444 -69.78 84.02 36.10
N GLU Q 445 -69.79 85.00 35.21
CA GLU Q 445 -71.03 85.55 34.70
C GLU Q 445 -71.51 84.73 33.51
N MET Q 446 -72.82 84.66 33.33
CA MET Q 446 -73.45 83.68 32.46
C MET Q 446 -74.17 84.35 31.29
N TYR Q 447 -74.25 83.63 30.17
CA TYR Q 447 -75.05 84.02 29.02
C TYR Q 447 -75.76 82.78 28.48
N GLY Q 448 -77.02 82.95 28.12
CA GLY Q 448 -77.81 81.85 27.59
C GLY Q 448 -78.51 82.25 26.31
N VAL Q 449 -78.73 81.25 25.46
CA VAL Q 449 -79.32 81.44 24.14
C VAL Q 449 -80.70 80.81 24.14
N SER Q 450 -81.68 81.56 23.63
CA SER Q 450 -83.04 81.07 23.42
C SER Q 450 -83.57 81.62 22.11
N LYS Q 451 -84.36 80.82 21.41
CA LYS Q 451 -84.88 81.17 20.09
C LYS Q 451 -86.35 80.82 20.00
N VAL Q 452 -87.12 81.65 19.31
CA VAL Q 452 -88.55 81.41 19.12
C VAL Q 452 -88.75 80.65 17.81
N PRO Q 453 -89.34 79.44 17.83
CA PRO Q 453 -89.48 78.70 16.57
C PRO Q 453 -90.27 79.44 15.50
N THR Q 454 -91.33 80.13 15.88
CA THR Q 454 -92.18 80.79 14.89
C THR Q 454 -91.44 81.90 14.17
N ARG Q 455 -90.67 82.70 14.92
CA ARG Q 455 -89.92 83.81 14.37
C ARG Q 455 -88.53 83.81 14.97
N ASN Q 456 -87.52 83.97 14.12
CA ASN Q 456 -86.14 83.86 14.57
C ASN Q 456 -85.70 85.15 15.26
N TYR Q 457 -86.39 85.51 16.34
CA TYR Q 457 -85.99 86.64 17.17
C TYR Q 457 -85.02 86.12 18.21
N MET Q 458 -83.72 86.34 17.97
CA MET Q 458 -82.71 85.88 18.89
C MET Q 458 -83.02 86.37 20.29
N ARG Q 459 -83.13 85.41 21.23
CA ARG Q 459 -83.43 85.70 22.63
C ARG Q 459 -82.24 85.20 23.44
N VAL Q 460 -81.22 86.02 23.55
CA VAL Q 460 -80.04 85.75 24.36
C VAL Q 460 -80.13 86.60 25.61
N TYR Q 461 -79.98 85.97 26.78
CA TYR Q 461 -80.18 86.67 28.04
C TYR Q 461 -79.23 86.09 29.08
N ALA Q 462 -79.11 86.81 30.19
CA ALA Q 462 -78.31 86.36 31.32
C ALA Q 462 -79.03 85.25 32.04
N ALA Q 463 -78.68 84.00 31.70
CA ALA Q 463 -79.39 82.83 32.22
C ALA Q 463 -78.91 82.53 33.64
N ASP Q 464 -79.42 81.41 34.17
CA ASP Q 464 -79.07 81.00 35.56
C ASP Q 464 -78.80 79.50 35.55
N GLN Q 465 -78.26 78.96 36.64
CA GLN Q 465 -78.04 77.53 36.74
C GLN Q 465 -79.34 76.76 36.65
N SER Q 466 -80.44 77.42 37.06
CA SER Q 466 -81.78 76.78 36.99
C SER Q 466 -82.31 76.82 35.55
N ASP Q 467 -81.94 77.86 34.78
CA ASP Q 467 -82.34 77.90 33.34
C ASP Q 467 -81.83 76.62 32.68
N ILE Q 468 -80.66 76.14 33.10
CA ILE Q 468 -80.13 74.84 32.57
C ILE Q 468 -81.06 73.72 33.08
N GLU Q 469 -81.25 73.65 34.40
CA GLU Q 469 -82.11 72.59 35.00
C GLU Q 469 -83.45 72.52 34.24
N ASN Q 470 -84.19 73.63 34.19
CA ASN Q 470 -85.47 73.66 33.43
C ASN Q 470 -85.28 74.50 32.16
N PRO Q 471 -84.96 73.89 31.00
CA PRO Q 471 -84.67 74.65 29.75
C PRO Q 471 -85.95 75.02 29.00
N ARG Q 472 -85.95 76.21 28.39
CA ARG Q 472 -87.09 76.63 27.59
C ARG Q 472 -87.00 76.00 26.20
N PRO Q 473 -88.11 75.98 25.45
CA PRO Q 473 -88.07 75.38 24.11
C PRO Q 473 -87.04 76.06 23.21
N TYR Q 474 -86.34 75.27 22.39
CA TYR Q 474 -85.39 75.85 21.39
C TYR Q 474 -84.28 76.66 22.08
N GLN Q 475 -83.97 76.38 23.34
CA GLN Q 475 -82.84 77.05 23.99
C GLN Q 475 -81.59 76.27 23.65
N ARG Q 476 -80.69 76.88 22.88
CA ARG Q 476 -79.61 76.12 22.27
C ARG Q 476 -78.47 75.86 23.24
N PHE Q 477 -77.82 76.90 23.72
CA PHE Q 477 -76.60 76.74 24.50
C PHE Q 477 -76.45 77.89 25.48
N TRP Q 478 -75.65 77.65 26.52
CA TRP Q 478 -75.35 78.65 27.54
C TRP Q 478 -73.85 78.68 27.78
N PHE Q 479 -73.32 79.88 28.03
CA PHE Q 479 -71.88 80.07 28.11
C PHE Q 479 -71.55 81.11 29.18
N TYR Q 480 -70.35 80.97 29.73
CA TYR Q 480 -69.84 81.86 30.77
C TYR Q 480 -68.81 82.82 30.18
N VAL Q 481 -68.89 84.08 30.59
CA VAL Q 481 -67.98 85.12 30.11
C VAL Q 481 -67.13 85.60 31.28
N PRO Q 482 -65.90 86.03 31.06
CA PRO Q 482 -65.05 86.45 32.18
C PRO Q 482 -65.66 87.58 33.00
N SER Q 483 -65.46 87.51 34.31
CA SER Q 483 -65.95 88.52 35.24
C SER Q 483 -64.90 89.61 35.38
N ALA Q 484 -65.33 90.87 35.20
CA ALA Q 484 -64.42 92.00 35.32
C ALA Q 484 -63.94 92.22 36.75
N ASN Q 485 -64.55 91.57 37.73
CA ASN Q 485 -64.17 91.74 39.13
C ASN Q 485 -62.84 91.09 39.46
N SER Q 486 -62.27 90.30 38.56
CA SER Q 486 -60.99 89.65 38.85
C SER Q 486 -59.91 90.71 39.05
N PRO Q 487 -59.05 90.56 40.05
CA PRO Q 487 -58.01 91.58 40.28
C PRO Q 487 -56.86 91.40 39.31
N PRO Q 488 -56.43 92.49 38.63
CA PRO Q 488 -55.29 92.34 37.70
C PRO Q 488 -53.95 92.46 38.39
N GLY R 2 -40.10 62.20 20.49
CA GLY R 2 -39.04 61.79 19.61
C GLY R 2 -38.92 60.29 19.49
N GLU R 3 -39.76 59.69 18.64
CA GLU R 3 -39.73 58.25 18.40
C GLU R 3 -39.70 57.94 16.91
N VAL R 4 -40.22 58.85 16.09
CA VAL R 4 -40.23 58.66 14.65
C VAL R 4 -39.78 59.95 13.98
N VAL R 5 -39.35 59.82 12.73
CA VAL R 5 -38.88 60.97 11.96
C VAL R 5 -39.12 60.70 10.47
N PRO R 6 -39.60 61.68 9.70
CA PRO R 6 -39.79 61.44 8.27
C PRO R 6 -38.49 61.08 7.57
N TYR R 7 -38.59 60.20 6.58
CA TYR R 7 -37.41 59.74 5.87
C TYR R 7 -36.71 60.89 5.19
N LYS R 8 -35.39 60.94 5.32
CA LYS R 8 -34.55 61.92 4.63
C LYS R 8 -33.54 61.16 3.80
N ALA R 9 -33.47 61.50 2.51
CA ALA R 9 -32.65 60.72 1.59
C ALA R 9 -31.20 60.67 2.07
N GLY R 10 -30.55 59.54 1.83
CA GLY R 10 -29.21 59.31 2.29
C GLY R 10 -29.12 58.66 3.66
N MET R 11 -30.23 58.51 4.36
CA MET R 11 -30.20 57.89 5.67
C MET R 11 -29.64 56.48 5.58
N GLN R 12 -28.76 56.16 6.52
CA GLN R 12 -28.16 54.84 6.61
C GLN R 12 -28.52 54.24 7.95
N ARG R 13 -29.00 53.00 7.93
CA ARG R 13 -29.40 52.35 9.17
C ARG R 13 -28.23 52.33 10.15
N GLY R 14 -28.50 52.69 11.39
CA GLY R 14 -27.48 52.67 12.42
C GLY R 14 -26.57 53.88 12.34
N GLN R 15 -27.13 55.07 12.49
CA GLN R 15 -26.35 56.29 12.47
C GLN R 15 -26.91 57.26 13.51
N GLY R 16 -26.04 58.14 13.98
CA GLY R 16 -26.46 59.12 14.96
C GLY R 16 -27.44 60.12 14.38
N TYR R 17 -28.24 60.69 15.25
CA TYR R 17 -29.25 61.67 14.86
C TYR R 17 -29.32 62.75 15.92
N ASN R 18 -28.95 63.97 15.55
CA ASN R 18 -29.03 65.12 16.44
C ASN R 18 -30.48 65.60 16.44
N THR R 19 -31.26 65.15 17.42
CA THR R 19 -32.69 65.38 17.37
C THR R 19 -33.05 66.86 17.38
N TYR R 20 -32.22 67.70 17.99
CA TYR R 20 -32.48 69.14 17.99
C TYR R 20 -32.27 69.73 16.59
N LEU R 21 -31.05 69.59 16.05
CA LEU R 21 -30.77 70.10 14.72
C LEU R 21 -31.41 69.27 13.62
N GLN R 22 -31.97 68.12 13.95
CA GLN R 22 -32.64 67.25 12.98
C GLN R 22 -31.72 66.91 11.81
N SER R 23 -30.41 66.94 12.05
CA SER R 23 -29.44 66.62 11.03
C SER R 23 -29.04 65.15 11.14
N LEU R 24 -28.06 64.74 10.35
CA LEU R 24 -27.54 63.37 10.36
C LEU R 24 -26.14 63.36 10.95
N CYS R 25 -25.84 62.30 11.68
CA CYS R 25 -24.54 62.19 12.35
C CYS R 25 -23.86 60.87 11.97
N VAL R 26 -22.79 60.53 12.68
CA VAL R 26 -21.89 59.46 12.25
C VAL R 26 -22.69 58.23 11.83
N LYS R 27 -22.25 57.59 10.76
CA LYS R 27 -22.89 56.39 10.26
C LYS R 27 -22.13 55.16 10.78
N ASP R 28 -22.89 54.10 11.07
CA ASP R 28 -22.34 52.82 11.50
C ASP R 28 -21.85 52.87 12.94
N ALA R 29 -22.48 53.70 13.77
CA ALA R 29 -22.20 53.64 15.20
C ALA R 29 -22.86 52.41 15.83
N VAL R 30 -23.96 51.96 15.27
CA VAL R 30 -24.72 50.82 15.79
C VAL R 30 -24.82 49.79 14.68
N THR R 31 -24.44 48.55 15.00
CA THR R 31 -24.58 47.42 14.07
C THR R 31 -25.76 46.59 14.53
N ILE R 32 -26.71 46.36 13.62
CA ILE R 32 -27.89 45.55 13.90
C ILE R 32 -27.72 44.23 13.16
N GLU R 33 -27.73 43.14 13.91
CA GLU R 33 -27.63 41.80 13.34
C GLU R 33 -29.03 41.24 13.16
N ARG R 34 -29.37 40.89 11.92
CA ARG R 34 -30.65 40.25 11.61
C ARG R 34 -30.50 38.77 11.90
N HIS R 35 -30.90 38.35 13.11
CA HIS R 35 -30.77 36.95 13.47
C HIS R 35 -31.61 36.07 12.56
N ASP R 36 -32.83 36.50 12.26
CA ASP R 36 -33.77 35.74 11.44
C ASP R 36 -34.13 36.57 10.22
N ASP R 37 -34.09 35.94 9.04
CA ASP R 37 -34.43 36.61 7.79
C ASP R 37 -35.92 36.41 7.53
N SER R 38 -36.72 37.40 7.92
CA SER R 38 -38.15 37.33 7.73
C SER R 38 -38.73 38.74 7.80
N ASN R 39 -39.65 39.04 6.89
CA ASN R 39 -40.27 40.35 6.89
C ASN R 39 -41.15 40.52 8.13
N PRO R 40 -41.25 41.73 8.67
CA PRO R 40 -42.00 41.92 9.91
C PRO R 40 -43.50 41.89 9.66
N PRO R 41 -44.29 41.76 10.72
CA PRO R 41 -45.75 41.78 10.55
C PRO R 41 -46.22 43.12 9.97
N PHE R 42 -47.30 43.05 9.20
CA PHE R 42 -47.75 44.21 8.43
C PHE R 42 -49.26 44.39 8.60
N LYS R 43 -49.69 45.63 8.36
CA LYS R 43 -51.09 46.01 8.46
C LYS R 43 -51.56 46.54 7.11
N LYS R 44 -52.71 46.06 6.64
CA LYS R 44 -53.22 46.38 5.32
C LYS R 44 -54.55 47.13 5.41
N GLU R 45 -54.79 47.97 4.42
CA GLU R 45 -56.08 48.63 4.23
C GLU R 45 -56.45 48.55 2.76
N TYR R 46 -57.75 48.61 2.48
CA TYR R 46 -58.23 48.53 1.09
C TYR R 46 -59.60 49.20 1.02
N TYR R 47 -59.63 50.43 0.52
CA TYR R 47 -60.87 51.16 0.28
C TYR R 47 -61.11 51.18 -1.22
N SER R 48 -62.27 50.68 -1.65
CA SER R 48 -62.57 50.55 -3.07
C SER R 48 -63.95 51.10 -3.38
N GLU R 49 -64.09 51.74 -4.54
CA GLU R 49 -65.36 52.26 -5.03
C GLU R 49 -65.50 51.91 -6.50
N PHE R 50 -66.69 51.49 -6.90
CA PHE R 50 -67.01 51.21 -8.30
C PHE R 50 -68.33 51.90 -8.61
N ILE R 51 -68.26 53.12 -9.13
CA ILE R 51 -69.45 53.94 -9.28
C ILE R 51 -70.35 53.36 -10.36
N GLU R 52 -71.61 53.76 -10.31
CA GLU R 52 -72.66 53.12 -11.10
C GLU R 52 -72.29 53.07 -12.58
N GLU R 53 -72.97 52.16 -13.30
CA GLU R 53 -72.87 52.09 -14.75
C GLU R 53 -74.05 52.87 -15.33
N TYR R 54 -73.80 54.11 -15.72
CA TYR R 54 -74.85 54.98 -16.25
C TYR R 54 -75.25 54.45 -17.62
N GLU R 55 -76.08 53.39 -17.60
CA GLU R 55 -76.55 52.78 -18.86
C GLU R 55 -77.93 53.38 -19.20
N LYS R 56 -77.99 54.16 -20.26
CA LYS R 56 -79.22 54.83 -20.68
C LYS R 56 -79.40 54.64 -22.18
N ILE R 57 -80.38 53.84 -22.57
CA ILE R 57 -80.77 53.68 -23.96
C ILE R 57 -82.08 54.41 -24.16
N ALA R 58 -82.08 55.39 -25.05
CA ALA R 58 -83.30 56.06 -25.50
C ALA R 58 -83.40 55.87 -27.00
N LYS R 59 -84.53 55.33 -27.46
CA LYS R 59 -84.68 54.91 -28.85
C LYS R 59 -86.00 55.42 -29.39
N SER R 60 -86.02 55.73 -30.68
CA SER R 60 -87.17 56.36 -31.31
C SER R 60 -87.69 55.49 -32.46
N MET R 61 -89.01 55.45 -32.62
CA MET R 61 -89.61 54.72 -33.77
C MET R 61 -90.88 55.49 -34.19
N ARG R 62 -90.75 56.37 -35.19
CA ARG R 62 -91.83 57.22 -35.68
C ARG R 62 -92.15 56.83 -37.11
N ILE R 63 -93.39 56.40 -37.33
CA ILE R 63 -93.86 56.00 -38.65
C ILE R 63 -95.12 56.78 -38.97
N SER R 64 -95.30 57.12 -40.24
CA SER R 64 -96.47 57.86 -40.67
C SER R 64 -96.69 57.58 -42.15
N ALA R 65 -97.87 57.05 -42.50
CA ALA R 65 -98.19 56.77 -43.88
C ALA R 65 -99.70 56.86 -44.07
N GLY R 66 -100.11 57.22 -45.28
CA GLY R 66 -101.52 57.35 -45.62
C GLY R 66 -101.74 57.98 -46.97
N VAL R 78 -100.99 58.66 -54.35
CA VAL R 78 -100.21 59.63 -53.58
C VAL R 78 -100.12 59.18 -52.13
N ASN R 79 -99.34 58.12 -51.91
CA ASN R 79 -99.13 57.56 -50.58
C ASN R 79 -97.71 57.89 -50.12
N VAL R 80 -97.60 58.40 -48.90
CA VAL R 80 -96.32 58.82 -48.35
C VAL R 80 -95.98 57.93 -47.17
N ASP R 81 -94.68 57.84 -46.88
CA ASP R 81 -94.17 57.06 -45.77
C ASP R 81 -93.09 57.86 -45.04
N ILE R 82 -93.02 57.68 -43.74
CA ILE R 82 -91.99 58.29 -42.91
C ILE R 82 -91.52 57.25 -41.91
N LEU R 83 -90.21 57.07 -41.78
CA LEU R 83 -89.63 56.04 -40.92
C LEU R 83 -88.40 56.65 -40.25
N ASN R 84 -88.56 57.11 -39.01
CA ASN R 84 -87.48 57.79 -38.29
C ASN R 84 -87.05 56.98 -37.08
N ARG R 85 -85.74 56.82 -36.91
CA ARG R 85 -85.18 56.09 -35.79
C ARG R 85 -84.16 56.96 -35.07
N SER R 86 -83.91 56.60 -33.81
CA SER R 86 -82.84 57.23 -33.04
C SER R 86 -82.38 56.23 -31.98
N GLU R 87 -81.21 56.49 -31.43
CA GLU R 87 -80.66 55.61 -30.40
C GLU R 87 -79.58 56.38 -29.65
N PHE R 88 -79.77 56.54 -28.35
CA PHE R 88 -78.81 57.26 -27.51
C PHE R 88 -78.36 56.32 -26.40
N GLU R 89 -77.06 56.09 -26.32
CA GLU R 89 -76.47 55.20 -25.33
C GLU R 89 -75.52 55.97 -24.44
N THR R 90 -75.46 55.59 -23.17
CA THR R 90 -74.55 56.18 -22.21
C THR R 90 -73.97 55.09 -21.34
N SER R 91 -72.72 55.27 -20.92
CA SER R 91 -72.07 54.32 -20.02
C SER R 91 -70.94 55.04 -19.31
N THR R 92 -71.18 55.45 -18.08
CA THR R 92 -70.17 56.10 -17.25
C THR R 92 -69.75 55.12 -16.17
N LEU R 93 -68.53 54.61 -16.26
CA LEU R 93 -67.95 53.75 -15.25
C LEU R 93 -66.81 54.50 -14.57
N THR R 94 -66.77 54.44 -13.25
CA THR R 94 -65.69 55.05 -12.50
C THR R 94 -65.21 54.07 -11.44
N TYR R 95 -63.93 54.15 -11.10
CA TYR R 95 -63.32 53.24 -10.14
C TYR R 95 -62.32 53.99 -9.30
N GLU R 96 -62.05 53.47 -8.10
CA GLU R 96 -61.07 54.09 -7.22
C GLU R 96 -60.74 53.13 -6.09
N VAL R 97 -59.44 52.92 -5.85
CA VAL R 97 -58.98 52.13 -4.73
C VAL R 97 -57.87 52.90 -4.02
N LYS R 98 -57.60 52.50 -2.77
CA LYS R 98 -56.55 53.10 -1.97
C LYS R 98 -56.05 52.05 -0.98
N VAL R 99 -54.89 51.48 -1.26
CA VAL R 99 -54.33 50.40 -0.47
C VAL R 99 -53.17 50.96 0.34
N LEU R 100 -53.23 50.79 1.66
CA LEU R 100 -52.19 51.24 2.57
C LEU R 100 -51.62 50.04 3.30
N VAL R 101 -50.30 49.89 3.25
CA VAL R 101 -49.59 48.79 3.91
C VAL R 101 -48.55 49.40 4.83
N GLN R 102 -48.54 48.97 6.09
CA GLN R 102 -47.58 49.45 7.07
C GLN R 102 -47.00 48.25 7.80
N HIS R 103 -45.68 48.12 7.76
CA HIS R 103 -44.99 47.03 8.43
C HIS R 103 -44.72 47.42 9.88
N GLN R 104 -43.99 46.56 10.60
CA GLN R 104 -43.56 46.87 11.96
C GLN R 104 -42.07 46.59 12.09
N VAL R 105 -41.51 46.84 13.26
CA VAL R 105 -40.09 46.64 13.52
C VAL R 105 -39.93 45.31 14.24
N SER R 106 -39.06 44.45 13.72
CA SER R 106 -38.89 43.13 14.30
C SER R 106 -38.35 43.24 15.73
N VAL R 107 -38.80 42.32 16.58
CA VAL R 107 -38.45 42.37 18.00
C VAL R 107 -37.33 41.39 18.35
N LEU R 108 -36.79 40.66 17.37
CA LEU R 108 -35.79 39.63 17.62
C LEU R 108 -34.44 40.00 17.01
N ASP R 109 -34.05 41.26 17.12
CA ASP R 109 -32.75 41.72 16.64
C ASP R 109 -31.87 42.13 17.80
N LYS R 110 -30.57 42.18 17.54
CA LYS R 110 -29.58 42.56 18.54
C LYS R 110 -28.94 43.89 18.12
N HIS R 111 -28.82 44.80 19.08
CA HIS R 111 -28.26 46.13 18.86
C HIS R 111 -26.95 46.26 19.62
N SER R 112 -25.93 46.77 18.94
CA SER R 112 -24.61 46.94 19.54
C SER R 112 -24.12 48.35 19.28
N PHE R 113 -23.08 48.75 20.00
CA PHE R 113 -22.51 50.09 19.91
C PHE R 113 -21.03 50.01 19.59
N ASN R 114 -20.62 50.63 18.50
CA ASN R 114 -19.23 50.64 18.06
C ASN R 114 -18.57 51.95 18.46
N LYS R 115 -17.29 51.87 18.78
CA LYS R 115 -16.57 53.02 19.34
C LYS R 115 -15.87 53.78 18.23
N ILE R 116 -16.11 55.09 18.17
CA ILE R 116 -15.37 56.01 17.31
C ILE R 116 -14.64 56.98 18.21
N GLN R 117 -13.33 57.11 18.03
CA GLN R 117 -12.52 57.96 18.89
C GLN R 117 -12.62 59.40 18.43
N THR R 118 -13.13 60.27 19.30
CA THR R 118 -13.31 61.68 18.98
C THR R 118 -13.12 62.50 20.26
N THR R 119 -12.63 63.73 20.09
CA THR R 119 -12.55 64.65 21.21
C THR R 119 -13.90 65.29 21.52
N THR R 120 -14.86 65.17 20.61
CA THR R 120 -16.20 65.72 20.79
C THR R 120 -17.23 64.65 20.46
N PRO R 121 -17.34 63.62 21.29
CA PRO R 121 -18.28 62.53 20.96
C PRO R 121 -19.71 63.00 20.90
N HIS R 122 -20.04 64.11 21.54
CA HIS R 122 -21.41 64.61 21.53
C HIS R 122 -21.83 65.04 20.13
N ALA R 123 -20.98 65.79 19.44
CA ALA R 123 -21.32 66.26 18.10
C ALA R 123 -21.17 65.19 17.04
N THR R 124 -20.40 64.13 17.33
CA THR R 124 -20.23 63.04 16.37
C THR R 124 -21.36 62.03 16.52
N TYR R 125 -21.57 61.51 17.72
CA TYR R 125 -22.61 60.51 17.94
C TYR R 125 -23.99 61.13 17.90
N GLY R 126 -24.17 62.28 18.54
CA GLY R 126 -25.47 62.90 18.62
C GLY R 126 -26.23 62.49 19.86
N ASP R 127 -27.53 62.22 19.72
CA ASP R 127 -28.36 61.76 20.82
C ASP R 127 -28.93 60.37 20.59
N ARG R 128 -29.56 60.13 19.44
CA ARG R 128 -30.25 58.88 19.18
C ARG R 128 -29.82 58.32 17.83
N PHE R 129 -29.94 57.00 17.70
CA PHE R 129 -29.51 56.27 16.52
C PHE R 129 -30.70 55.68 15.79
N ILE R 130 -30.49 55.34 14.52
CA ILE R 130 -31.54 54.83 13.65
C ILE R 130 -31.50 53.30 13.75
N ALA R 131 -32.43 52.74 14.52
CA ALA R 131 -32.41 51.30 14.77
C ALA R 131 -33.02 50.54 13.59
N ASP R 132 -34.30 50.78 13.31
CA ASP R 132 -35.00 50.09 12.25
C ASP R 132 -35.83 51.08 11.48
N PHE R 133 -36.07 50.79 10.21
CA PHE R 133 -36.85 51.65 9.34
C PHE R 133 -38.28 51.12 9.24
N ILE R 134 -39.25 51.98 9.52
CA ILE R 134 -40.65 51.63 9.36
C ILE R 134 -40.97 51.62 7.87
N LYS R 135 -41.38 50.46 7.36
CA LYS R 135 -41.62 50.29 5.94
C LYS R 135 -43.12 50.20 5.66
N GLY R 136 -43.48 50.45 4.40
CA GLY R 136 -44.86 50.44 4.00
C GLY R 136 -45.07 50.53 2.51
N GLY R 137 -46.27 50.92 2.10
CA GLY R 137 -46.60 51.02 0.68
C GLY R 137 -47.88 51.79 0.51
N HIS R 138 -48.22 52.05 -0.76
CA HIS R 138 -49.35 52.89 -1.07
C HIS R 138 -49.88 52.54 -2.45
N PHE R 139 -51.18 52.72 -2.64
CA PHE R 139 -51.79 52.55 -3.95
C PHE R 139 -52.89 53.57 -4.12
N TYR R 140 -53.12 53.97 -5.37
CA TYR R 140 -54.13 54.97 -5.68
C TYR R 140 -54.46 54.87 -7.16
N ALA R 141 -55.70 54.51 -7.46
CA ALA R 141 -56.11 54.30 -8.84
C ALA R 141 -57.43 55.02 -9.11
N ARG R 142 -57.60 55.46 -10.35
CA ARG R 142 -58.83 56.09 -10.81
C ARG R 142 -59.05 55.71 -12.26
N VAL R 143 -60.18 55.10 -12.56
CA VAL R 143 -60.59 54.80 -13.92
C VAL R 143 -61.85 55.61 -14.21
N SER R 144 -61.88 56.26 -15.36
CA SER R 144 -63.02 57.06 -15.78
C SER R 144 -63.36 56.66 -17.22
N ILE R 145 -64.18 55.64 -17.36
CA ILE R 145 -64.62 55.18 -18.68
C ILE R 145 -65.83 56.01 -19.07
N THR R 146 -65.71 56.82 -20.13
CA THR R 146 -66.80 57.73 -20.57
C THR R 146 -67.83 56.94 -21.34
N ALA R 147 -68.97 57.56 -21.66
CA ALA R 147 -70.08 56.92 -22.39
C ALA R 147 -69.69 56.52 -23.80
N LYS R 148 -70.56 55.79 -24.50
CA LYS R 148 -70.33 55.46 -25.92
C LYS R 148 -71.01 56.56 -26.74
N ASN R 149 -72.11 57.11 -26.23
CA ASN R 149 -72.91 58.07 -26.96
C ASN R 149 -73.25 57.56 -28.36
N SER R 150 -73.71 56.31 -28.40
CA SER R 150 -74.20 55.76 -29.65
C SER R 150 -75.33 56.64 -30.17
N SER R 151 -75.29 56.92 -31.48
CA SER R 151 -76.24 57.86 -32.07
C SER R 151 -76.85 57.30 -33.35
N GLU R 152 -77.32 56.06 -33.31
CA GLU R 152 -77.97 55.45 -34.47
C GLU R 152 -79.24 56.22 -34.79
N THR R 153 -79.28 56.83 -35.96
CA THR R 153 -80.46 57.54 -36.45
C THR R 153 -80.68 57.19 -37.92
N SER R 154 -81.91 57.39 -38.38
CA SER R 154 -82.24 57.08 -39.77
C SER R 154 -83.59 57.69 -40.12
N GLU R 155 -83.80 57.92 -41.41
CA GLU R 155 -85.05 58.47 -41.92
C GLU R 155 -85.33 57.83 -43.27
N LEU R 156 -86.61 57.71 -43.62
CA LEU R 156 -87.01 57.16 -44.90
C LEU R 156 -88.26 57.89 -45.38
N LYS R 157 -88.43 57.99 -46.70
CA LYS R 157 -89.52 58.75 -47.30
C LYS R 157 -89.91 58.08 -48.63
N GLN R 158 -91.08 57.45 -48.66
CA GLN R 158 -91.58 56.78 -49.86
C GLN R 158 -92.86 57.47 -50.33
N SER R 159 -92.71 58.39 -51.27
CA SER R 159 -93.85 59.05 -51.88
C SER R 159 -94.28 58.29 -53.13
N ALA R 160 -95.47 57.71 -53.09
CA ALA R 160 -96.00 56.95 -54.21
C ALA R 160 -95.04 55.83 -54.63
N THR R 174 -94.32 57.42 -60.34
CA THR R 174 -93.53 58.32 -59.51
C THR R 174 -93.13 57.64 -58.19
N GLN R 175 -91.89 57.85 -57.78
CA GLN R 175 -91.33 57.21 -56.60
C GLN R 175 -90.30 58.13 -55.99
N GLU R 176 -90.03 57.92 -54.70
CA GLU R 176 -89.05 58.73 -53.99
C GLU R 176 -88.52 57.95 -52.81
N VAL R 177 -87.20 58.01 -52.59
CA VAL R 177 -86.56 57.40 -51.45
C VAL R 177 -85.54 58.38 -50.88
N GLU R 178 -85.50 58.51 -49.55
CA GLU R 178 -84.63 59.47 -48.88
C GLU R 178 -84.14 58.83 -47.58
N ARG R 179 -82.88 58.37 -47.59
CA ARG R 179 -82.25 57.78 -46.42
C ARG R 179 -81.01 58.53 -45.97
N ALA R 180 -80.97 59.85 -46.17
CA ALA R 180 -79.80 60.64 -45.81
C ALA R 180 -79.79 60.99 -44.33
N VAL R 181 -79.91 59.97 -43.47
CA VAL R 181 -79.81 60.16 -42.03
C VAL R 181 -79.15 58.93 -41.46
N SER R 182 -77.99 59.11 -40.82
CA SER R 182 -77.25 58.02 -40.21
C SER R 182 -76.09 58.60 -39.43
N SER R 183 -75.88 58.08 -38.23
CA SER R 183 -74.78 58.52 -37.37
C SER R 183 -74.45 57.40 -36.40
N ILE R 184 -73.24 57.47 -35.83
CA ILE R 184 -72.73 56.40 -34.97
C ILE R 184 -72.12 57.03 -33.72
N LYS R 185 -71.76 56.16 -32.78
CA LYS R 185 -71.20 56.57 -31.50
C LYS R 185 -69.95 57.41 -31.68
N ARG R 186 -69.76 58.37 -30.78
CA ARG R 186 -68.48 59.07 -30.69
C ARG R 186 -68.28 59.43 -29.22
N ASN R 187 -67.70 58.48 -28.48
CA ASN R 187 -67.15 58.76 -27.16
C ASN R 187 -66.43 57.53 -26.63
N ALA R 188 -65.18 57.69 -26.21
CA ALA R 188 -64.48 56.63 -25.50
C ALA R 188 -63.29 57.27 -24.77
N SER R 189 -63.46 57.51 -23.48
CA SER R 189 -62.43 58.14 -22.67
C SER R 189 -62.02 57.19 -21.55
N VAL R 190 -60.73 56.89 -21.47
CA VAL R 190 -60.19 56.04 -20.42
C VAL R 190 -59.10 56.85 -19.74
N LYS R 191 -59.43 57.47 -18.60
CA LYS R 191 -58.46 58.18 -17.79
C LYS R 191 -58.01 57.24 -16.67
N ILE R 192 -56.72 56.93 -16.65
CA ILE R 192 -56.14 56.05 -15.64
C ILE R 192 -55.02 56.82 -14.93
N THR R 193 -55.09 56.85 -13.60
CA THR R 193 -53.99 57.35 -12.78
C THR R 193 -53.64 56.26 -11.78
N ILE R 194 -52.37 55.89 -11.71
CA ILE R 194 -51.90 54.87 -10.79
C ILE R 194 -50.71 55.43 -10.05
N ILE R 195 -50.79 55.48 -8.72
CA ILE R 195 -49.71 55.97 -7.88
C ILE R 195 -49.32 54.85 -6.93
N GLU R 196 -48.06 54.42 -7.01
CA GLU R 196 -47.62 53.24 -6.29
C GLU R 196 -46.32 53.53 -5.55
N SER R 197 -46.19 52.88 -4.39
CA SER R 197 -44.95 52.91 -3.61
C SER R 197 -44.72 51.47 -3.14
N THR R 198 -43.99 50.70 -3.94
CA THR R 198 -43.80 49.28 -3.65
C THR R 198 -42.32 48.92 -3.71
N GLY R 199 -42.01 47.63 -3.64
CA GLY R 199 -40.64 47.18 -3.63
C GLY R 199 -40.42 46.04 -4.61
N THR R 200 -39.15 45.83 -4.94
CA THR R 200 -38.77 44.79 -5.88
C THR R 200 -38.84 43.42 -5.22
N SER R 201 -39.05 42.39 -6.03
CA SER R 201 -39.08 41.02 -5.53
C SER R 201 -37.71 40.61 -5.02
N SER R 216 -61.24 46.38 -21.20
CA SER R 216 -61.14 45.71 -19.91
C SER R 216 -60.17 46.45 -19.00
N ASP R 217 -60.07 47.76 -19.18
CA ASP R 217 -59.15 48.54 -18.36
C ASP R 217 -59.62 48.61 -16.91
N LEU R 218 -60.93 48.53 -16.68
CA LEU R 218 -61.42 48.48 -15.32
C LEU R 218 -60.94 47.21 -14.61
N LEU R 219 -60.96 46.08 -15.30
CA LEU R 219 -60.48 44.84 -14.71
C LEU R 219 -58.96 44.84 -14.55
N ALA R 220 -58.24 45.43 -15.51
CA ALA R 220 -56.78 45.44 -15.41
C ALA R 220 -56.32 46.18 -14.16
N VAL R 221 -56.92 47.33 -13.88
CA VAL R 221 -56.59 48.05 -12.65
C VAL R 221 -56.94 47.21 -11.44
N LYS R 222 -58.05 46.47 -11.52
CA LYS R 222 -58.47 45.66 -10.38
C LYS R 222 -57.46 44.57 -10.06
N GLU R 223 -56.92 43.91 -11.09
CA GLU R 223 -55.97 42.85 -10.84
C GLU R 223 -54.72 43.37 -10.15
N LYS R 224 -54.17 44.49 -10.62
CA LYS R 224 -53.05 45.10 -9.93
C LYS R 224 -53.43 45.54 -8.53
N ALA R 225 -54.65 46.07 -8.38
CA ALA R 225 -55.12 46.44 -7.05
C ALA R 225 -55.27 45.23 -6.15
N ASP R 226 -55.86 44.15 -6.66
CA ASP R 226 -55.98 42.94 -5.85
C ASP R 226 -54.63 42.25 -5.69
N GLN R 227 -53.85 42.16 -6.76
CA GLN R 227 -52.52 41.57 -6.64
C GLN R 227 -51.68 42.34 -5.64
N PHE R 228 -51.91 43.64 -5.51
CA PHE R 228 -51.19 44.41 -4.49
C PHE R 228 -51.52 43.86 -3.10
N TYR R 229 -52.81 43.60 -2.86
CA TYR R 229 -53.26 43.02 -1.58
C TYR R 229 -52.51 41.72 -1.39
N LYS R 230 -52.64 40.79 -2.34
CA LYS R 230 -52.00 39.50 -2.21
C LYS R 230 -50.48 39.64 -2.19
N ASP R 231 -49.95 40.61 -2.92
CA ASP R 231 -48.50 40.79 -2.97
C ASP R 231 -47.94 41.10 -1.59
N ALA R 232 -48.68 41.88 -0.79
CA ALA R 232 -48.20 42.22 0.54
C ALA R 232 -47.92 40.97 1.37
N ASP R 233 -48.78 39.95 1.27
CA ASP R 233 -48.59 38.76 2.09
C ASP R 233 -47.23 38.15 1.84
N SER R 234 -46.74 38.20 0.60
CA SER R 234 -45.39 37.73 0.32
C SER R 234 -44.34 38.63 0.95
N GLY R 235 -44.73 39.80 1.46
CA GLY R 235 -43.79 40.68 2.13
C GLY R 235 -42.77 41.31 1.21
N LYS R 236 -43.18 41.72 0.02
CA LYS R 236 -42.32 42.47 -0.88
C LYS R 236 -42.57 43.97 -0.85
N HIS R 237 -43.45 44.45 0.03
CA HIS R 237 -43.77 45.87 0.12
C HIS R 237 -42.83 46.51 1.12
N SER R 238 -41.58 46.70 0.70
CA SER R 238 -40.54 47.27 1.55
C SER R 238 -40.19 48.62 0.98
N TYR R 239 -40.94 49.64 1.39
CA TYR R 239 -40.66 51.03 1.05
C TYR R 239 -40.44 51.80 2.34
N VAL R 240 -39.36 52.56 2.40
CA VAL R 240 -38.98 53.24 3.64
C VAL R 240 -39.90 54.43 3.85
N LEU R 241 -40.59 54.45 4.98
CA LEU R 241 -41.50 55.54 5.33
C LEU R 241 -41.01 56.33 6.54
N PHE R 242 -40.80 55.66 7.67
CA PHE R 242 -40.40 56.32 8.90
C PHE R 242 -39.19 55.62 9.48
N ALA R 243 -38.48 56.33 10.35
CA ALA R 243 -37.32 55.79 11.05
C ALA R 243 -37.57 55.83 12.55
N VAL R 244 -37.30 54.72 13.22
CA VAL R 244 -37.52 54.58 14.66
C VAL R 244 -36.23 54.91 15.39
N LEU R 245 -36.32 55.78 16.38
CA LEU R 245 -35.17 56.27 17.11
C LEU R 245 -34.98 55.50 18.41
N GLY R 246 -33.72 55.26 18.76
CA GLY R 246 -33.40 54.59 20.01
C GLY R 246 -32.32 55.34 20.75
N LYS R 247 -32.34 55.21 22.07
CA LYS R 247 -31.42 55.93 22.93
C LYS R 247 -30.16 55.11 23.17
N TYR R 248 -29.00 55.77 23.06
CA TYR R 248 -27.73 55.05 23.20
C TYR R 248 -27.58 54.42 24.58
N ARG R 249 -28.30 54.92 25.58
CA ARG R 249 -28.16 54.36 26.92
C ARG R 249 -28.68 52.92 26.98
N ASN R 250 -29.77 52.63 26.27
CA ASN R 250 -30.38 51.31 26.32
C ASN R 250 -29.52 50.24 25.67
N LEU R 251 -28.47 50.62 24.93
CA LEU R 251 -27.58 49.62 24.34
C LEU R 251 -26.86 48.86 25.44
N SER R 252 -26.82 47.53 25.33
CA SER R 252 -26.07 46.74 26.28
C SER R 252 -24.59 47.07 26.22
N ASN R 253 -24.04 47.16 25.00
CA ASN R 253 -22.61 47.38 24.80
C ASN R 253 -22.19 48.77 25.21
N PHE R 254 -23.13 49.67 25.45
CA PHE R 254 -22.81 51.01 25.90
C PHE R 254 -22.32 50.97 27.33
N GLU R 255 -21.03 51.20 27.52
CA GLU R 255 -20.45 51.37 28.85
C GLU R 255 -20.27 52.83 29.21
N SER R 256 -21.23 53.66 28.80
CA SER R 256 -21.19 55.09 29.10
C SER R 256 -19.95 55.74 28.47
N TYR R 257 -19.89 55.64 27.14
CA TYR R 257 -18.84 56.33 26.40
C TYR R 257 -18.96 57.83 26.57
N PHE R 258 -20.15 58.33 26.87
CA PHE R 258 -20.37 59.75 27.07
C PHE R 258 -21.70 59.92 27.78
N ALA R 259 -22.08 61.17 28.02
CA ALA R 259 -23.34 61.47 28.66
C ALA R 259 -24.25 62.16 27.66
N PRO R 260 -25.19 61.46 27.02
CA PRO R 260 -26.03 62.10 26.01
C PRO R 260 -26.88 63.20 26.62
N PHE R 261 -27.06 64.27 25.85
CA PHE R 261 -27.94 65.34 26.28
C PHE R 261 -29.40 64.94 26.09
N ASP R 262 -30.28 65.65 26.81
CA ASP R 262 -31.75 65.48 26.68
C ASP R 262 -32.24 66.83 26.14
N TYR R 263 -32.49 66.94 24.84
CA TYR R 263 -32.81 68.20 24.19
C TYR R 263 -34.28 68.55 24.25
N GLN R 264 -35.11 67.74 24.93
CA GLN R 264 -36.54 68.03 24.98
C GLN R 264 -36.79 69.42 25.53
N MET R 265 -36.19 69.74 26.67
CA MET R 265 -36.39 71.06 27.25
C MET R 265 -35.67 72.15 26.45
N ALA R 266 -34.45 71.85 25.99
CA ALA R 266 -33.70 72.85 25.23
C ALA R 266 -34.45 73.26 23.97
N SER R 267 -34.99 72.29 23.24
CA SER R 267 -35.76 72.61 22.04
C SER R 267 -36.99 73.44 22.40
N LEU R 268 -37.67 73.08 23.49
CA LEU R 268 -38.85 73.84 23.88
C LEU R 268 -38.49 75.29 24.18
N ARG R 269 -37.41 75.51 24.94
CA ARG R 269 -37.02 76.87 25.27
C ARG R 269 -36.63 77.66 24.02
N SER R 270 -35.88 77.03 23.12
CA SER R 270 -35.35 77.73 21.94
C SER R 270 -36.24 77.51 20.72
N TRP R 271 -37.51 77.89 20.85
CA TRP R 271 -38.41 77.88 19.71
C TRP R 271 -38.55 79.24 19.04
N ALA R 272 -38.52 80.32 19.82
CA ALA R 272 -38.57 81.65 19.21
C ALA R 272 -37.39 81.87 18.28
N LEU R 273 -36.28 81.20 18.53
CA LEU R 273 -35.12 81.32 17.65
C LEU R 273 -35.30 80.51 16.37
N PHE R 274 -35.89 79.32 16.48
CA PHE R 274 -36.05 78.47 15.30
C PHE R 274 -36.94 79.13 14.26
N ASN R 275 -38.03 79.78 14.70
CA ASN R 275 -38.87 80.48 13.74
C ASN R 275 -38.13 81.63 13.08
N ASP R 276 -37.36 82.39 13.84
CA ASP R 276 -36.63 83.50 13.27
C ASP R 276 -35.63 83.02 12.21
N PHE R 277 -35.19 81.77 12.31
CA PHE R 277 -34.30 81.22 11.29
C PHE R 277 -35.01 81.13 9.94
N THR R 278 -36.18 80.52 9.90
CA THR R 278 -36.89 80.36 8.64
C THR R 278 -37.24 81.73 8.06
N LEU R 279 -37.68 82.66 8.91
CA LEU R 279 -38.03 83.99 8.41
C LEU R 279 -36.82 84.68 7.80
N TYR R 280 -35.66 84.61 8.45
CA TYR R 280 -34.48 85.28 7.94
C TYR R 280 -34.02 84.67 6.62
N LYS R 281 -34.07 83.34 6.51
CA LYS R 281 -33.72 82.71 5.25
C LYS R 281 -34.68 83.13 4.14
N ALA R 282 -35.96 83.22 4.46
CA ALA R 282 -36.94 83.63 3.45
C ALA R 282 -36.66 85.04 2.95
N ILE R 283 -36.31 85.96 3.85
CA ILE R 283 -36.12 87.35 3.44
C ILE R 283 -34.78 87.60 2.76
N GLU R 284 -33.90 86.61 2.70
CA GLU R 284 -32.75 86.73 1.80
C GLU R 284 -33.25 86.79 0.36
N THR R 285 -34.19 85.92 0.00
CA THR R 285 -34.77 85.95 -1.34
C THR R 285 -35.62 87.20 -1.57
N MET R 286 -36.14 87.82 -0.50
CA MET R 286 -36.77 89.13 -0.66
C MET R 286 -35.86 90.08 -1.40
N ILE R 287 -34.64 90.29 -0.88
CA ILE R 287 -33.75 91.29 -1.46
C ILE R 287 -33.30 90.87 -2.84
N LYS R 288 -32.88 89.61 -3.00
CA LYS R 288 -32.33 89.17 -4.27
C LYS R 288 -33.36 89.25 -5.38
N ALA R 289 -34.60 88.87 -5.09
CA ALA R 289 -35.61 88.79 -6.15
C ALA R 289 -35.89 90.16 -6.76
N VAL R 290 -36.03 91.20 -5.93
CA VAL R 290 -36.45 92.51 -6.41
C VAL R 290 -35.31 93.18 -7.19
N PRO R 291 -35.58 93.86 -8.30
CA PRO R 291 -34.50 94.40 -9.12
C PRO R 291 -33.89 95.67 -8.52
N GLU R 292 -32.85 96.15 -9.21
CA GLU R 292 -32.11 97.31 -8.76
C GLU R 292 -32.93 98.59 -8.97
N SER R 293 -33.72 98.64 -10.04
CA SER R 293 -34.39 99.87 -10.44
C SER R 293 -35.54 100.26 -9.51
N LYS R 294 -35.71 99.59 -8.38
CA LYS R 294 -36.79 99.89 -7.45
C LYS R 294 -36.28 99.88 -6.01
N PHE R 295 -35.01 100.31 -5.87
CA PHE R 295 -34.41 100.46 -4.52
C PHE R 295 -34.24 101.95 -4.30
N LYS R 296 -34.47 102.42 -3.08
CA LYS R 296 -34.42 103.85 -2.80
C LYS R 296 -33.01 104.39 -2.97
N ASP R 297 -32.02 103.75 -2.34
CA ASP R 297 -30.66 104.27 -2.36
C ASP R 297 -29.91 103.93 -3.64
N GLY R 298 -30.44 103.04 -4.46
CA GLY R 298 -29.82 102.73 -5.73
C GLY R 298 -28.79 101.61 -5.62
N PRO R 299 -27.62 101.80 -6.22
CA PRO R 299 -26.68 100.67 -6.33
C PRO R 299 -26.23 100.11 -4.99
N GLU R 300 -25.67 100.95 -4.12
CA GLU R 300 -25.09 100.46 -2.87
C GLU R 300 -26.17 100.27 -1.82
N ARG R 301 -27.24 99.56 -2.20
CA ARG R 301 -28.29 99.20 -1.25
C ARG R 301 -28.55 97.71 -1.31
N LYS R 302 -28.36 97.12 -2.49
CA LYS R 302 -28.53 95.67 -2.61
C LYS R 302 -27.51 94.92 -1.79
N THR R 303 -26.24 95.30 -1.88
CA THR R 303 -25.20 94.47 -1.29
C THR R 303 -25.19 94.53 0.22
N GLN R 304 -25.30 95.72 0.83
CA GLN R 304 -25.27 95.79 2.28
C GLN R 304 -26.62 95.46 2.91
N LEU R 305 -27.70 95.46 2.13
CA LEU R 305 -28.92 94.82 2.61
C LEU R 305 -28.78 93.31 2.53
N ILE R 306 -28.22 92.80 1.44
CA ILE R 306 -27.94 91.37 1.36
C ILE R 306 -26.92 90.97 2.40
N LYS R 307 -25.85 91.75 2.54
CA LYS R 307 -24.81 91.38 3.50
C LYS R 307 -25.32 91.52 4.94
N GLN R 308 -26.12 92.54 5.22
CA GLN R 308 -26.63 92.72 6.58
C GLN R 308 -27.49 91.53 6.99
N ALA R 309 -28.32 91.03 6.08
CA ALA R 309 -29.16 89.87 6.40
C ALA R 309 -28.31 88.64 6.63
N ILE R 310 -27.32 88.38 5.78
CA ILE R 310 -26.50 87.19 5.92
C ILE R 310 -25.62 87.30 7.16
N ASN R 311 -25.10 88.49 7.45
CA ASN R 311 -24.25 88.63 8.63
C ASN R 311 -25.02 88.25 9.89
N ILE R 312 -26.28 88.68 10.00
CA ILE R 312 -27.08 88.30 11.16
C ILE R 312 -27.67 86.90 11.01
N PHE R 313 -27.67 86.35 9.80
CA PHE R 313 -27.97 84.93 9.65
C PHE R 313 -26.89 84.08 10.29
N GLU R 314 -25.64 84.53 10.23
CA GLU R 314 -24.56 83.85 10.92
C GLU R 314 -24.79 83.84 12.43
N THR R 315 -25.24 84.98 12.98
CA THR R 315 -25.35 85.10 14.43
C THR R 315 -26.34 84.07 14.99
N ILE R 316 -27.46 83.87 14.31
CA ILE R 316 -28.44 82.91 14.81
C ILE R 316 -28.07 81.48 14.46
N ARG R 317 -27.39 81.26 13.34
CA ARG R 317 -26.97 79.91 13.00
C ARG R 317 -25.90 79.41 13.97
N ASP R 318 -24.96 80.28 14.34
CA ASP R 318 -23.94 79.89 15.31
C ASP R 318 -24.51 79.76 16.70
N ARG R 319 -25.59 80.48 17.00
CA ARG R 319 -26.28 80.27 18.27
C ARG R 319 -26.87 78.86 18.33
N VAL R 320 -27.45 78.41 17.21
CA VAL R 320 -27.97 77.05 17.14
C VAL R 320 -26.84 76.04 17.28
N ILE R 321 -25.72 76.28 16.60
CA ILE R 321 -24.59 75.37 16.70
C ILE R 321 -24.03 75.39 18.12
N LEU R 322 -24.15 76.53 18.80
CA LEU R 322 -23.72 76.59 20.19
C LEU R 322 -24.62 75.77 21.11
N ILE R 323 -25.93 75.75 20.84
CA ILE R 323 -26.83 74.93 21.65
C ILE R 323 -26.45 73.46 21.56
N SER R 324 -25.89 73.03 20.43
CA SER R 324 -25.43 71.66 20.33
C SER R 324 -24.36 71.36 21.37
N GLU R 325 -23.38 72.27 21.51
CA GLU R 325 -22.33 72.04 22.50
C GLU R 325 -22.85 72.30 23.91
N HIS R 326 -23.67 73.32 24.10
CA HIS R 326 -24.16 73.71 25.42
C HIS R 326 -25.67 73.91 25.37
N PRO R 327 -26.47 72.85 25.54
CA PRO R 327 -27.91 73.03 25.62
C PRO R 327 -28.34 73.83 26.85
N GLU R 328 -27.51 73.86 27.89
CA GLU R 328 -27.82 74.72 29.03
C GLU R 328 -27.79 76.19 28.64
N ALA R 329 -27.12 76.53 27.54
CA ALA R 329 -27.08 77.90 27.06
C ALA R 329 -28.40 78.35 26.45
N ALA R 330 -29.45 77.52 26.50
CA ALA R 330 -30.75 77.94 25.99
C ALA R 330 -31.35 79.06 26.82
N LYS R 331 -30.88 79.26 28.05
CA LYS R 331 -31.45 80.31 28.89
C LYS R 331 -31.21 81.70 28.30
N GLU R 332 -30.00 81.95 27.81
CA GLU R 332 -29.64 83.30 27.36
C GLU R 332 -30.63 83.78 26.30
N ASP R 333 -31.05 85.03 26.44
CA ASP R 333 -31.98 85.60 25.49
C ASP R 333 -31.28 85.90 24.18
N PRO R 334 -32.03 86.02 23.08
CA PRO R 334 -31.41 86.37 21.80
C PRO R 334 -30.69 87.72 21.89
N ASP R 335 -29.59 87.83 21.16
CA ASP R 335 -28.82 89.07 21.08
C ASP R 335 -28.74 89.58 19.64
N HIS R 336 -29.76 89.29 18.84
CA HIS R 336 -29.77 89.62 17.42
C HIS R 336 -31.01 90.42 17.10
N MET R 337 -30.92 91.21 16.04
CA MET R 337 -32.03 92.06 15.64
C MET R 337 -33.23 91.19 15.25
N LYS R 338 -34.43 91.69 15.57
CA LYS R 338 -35.63 90.94 15.29
C LYS R 338 -35.86 90.83 13.78
N PRO R 339 -36.45 89.74 13.30
CA PRO R 339 -36.87 89.72 11.89
C PRO R 339 -37.87 90.81 11.55
N GLY R 340 -38.75 91.16 12.48
CA GLY R 340 -39.69 92.24 12.22
C GLY R 340 -39.00 93.57 12.00
N ASP R 341 -38.05 93.92 12.87
CA ASP R 341 -37.36 95.19 12.71
C ASP R 341 -36.53 95.20 11.43
N PHE R 342 -35.80 94.12 11.16
CA PHE R 342 -35.02 94.07 9.93
C PHE R 342 -35.93 94.03 8.71
N ARG R 343 -37.06 93.33 8.80
CA ARG R 343 -38.01 93.35 7.69
C ARG R 343 -38.51 94.77 7.45
N LEU R 344 -38.85 95.48 8.52
CA LEU R 344 -39.21 96.88 8.39
C LEU R 344 -38.15 97.65 7.63
N GLU R 345 -36.88 97.42 7.97
CA GLU R 345 -35.80 98.09 7.26
C GLU R 345 -35.83 97.76 5.77
N VAL R 346 -36.20 96.53 5.41
CA VAL R 346 -36.26 96.15 4.01
C VAL R 346 -37.29 97.00 3.26
N LEU R 347 -38.50 97.09 3.79
CA LEU R 347 -39.55 97.81 3.07
C LEU R 347 -39.36 99.32 3.10
N ASN R 348 -38.67 99.85 4.11
CA ASN R 348 -38.48 101.30 4.16
C ASN R 348 -37.65 101.79 2.99
N SER R 349 -36.73 100.98 2.49
CA SER R 349 -35.81 101.36 1.43
C SER R 349 -36.31 100.94 0.06
N ILE R 350 -37.62 100.95 -0.15
CA ILE R 350 -38.24 100.49 -1.38
C ILE R 350 -39.04 101.64 -1.98
N GLN R 351 -38.80 101.94 -3.26
CA GLN R 351 -39.58 102.94 -3.96
C GLN R 351 -41.00 102.46 -4.16
N THR R 352 -41.91 103.42 -4.34
CA THR R 352 -43.33 103.14 -4.39
C THR R 352 -43.96 103.92 -5.54
N LYS R 353 -45.17 103.50 -5.91
CA LYS R 353 -45.93 104.13 -6.99
C LYS R 353 -47.15 104.84 -6.41
N LEU R 354 -47.37 106.07 -6.87
CA LEU R 354 -48.42 106.93 -6.32
C LEU R 354 -49.71 106.69 -7.10
N PHE R 355 -50.36 105.57 -6.81
CA PHE R 355 -51.62 105.26 -7.46
C PHE R 355 -52.67 106.23 -6.95
N HIS R 356 -52.86 107.33 -7.68
CA HIS R 356 -53.85 108.37 -7.30
C HIS R 356 -55.20 107.99 -7.92
N ALA R 357 -56.07 107.36 -7.13
CA ALA R 357 -57.38 106.95 -7.62
C ALA R 357 -58.19 108.17 -8.01
N GLN R 358 -58.94 108.06 -9.11
CA GLN R 358 -59.70 109.18 -9.65
C GLN R 358 -61.12 108.71 -9.91
N SER R 359 -62.09 109.58 -9.64
CA SER R 359 -63.51 109.23 -9.76
C SER R 359 -63.98 109.68 -11.14
N GLN R 360 -64.17 108.70 -12.03
CA GLN R 360 -64.66 109.01 -13.38
C GLN R 360 -66.11 109.46 -13.33
N PRO R 361 -66.44 110.58 -14.00
CA PRO R 361 -67.85 110.99 -14.08
C PRO R 361 -68.58 110.35 -15.25
N ILE R 362 -69.69 109.67 -14.98
CA ILE R 362 -70.48 109.02 -16.02
C ILE R 362 -71.84 109.71 -16.09
N PRO R 363 -72.38 109.97 -17.28
CA PRO R 363 -73.70 110.61 -17.37
C PRO R 363 -74.78 109.76 -16.70
N ASN R 364 -75.87 110.41 -16.32
CA ASN R 364 -76.99 109.75 -15.64
C ASN R 364 -76.59 109.31 -14.24
N THR R 365 -75.83 110.14 -13.54
CA THR R 365 -75.41 109.89 -12.17
C THR R 365 -75.35 111.21 -11.41
N ASP R 366 -76.02 111.25 -10.26
CA ASP R 366 -76.06 112.43 -9.42
C ASP R 366 -75.49 112.06 -8.04
N ASP R 367 -74.46 112.78 -7.61
CA ASP R 367 -73.77 112.54 -6.35
C ASP R 367 -73.15 111.14 -6.31
N TYR R 368 -73.07 110.47 -7.46
CA TYR R 368 -72.49 109.13 -7.57
C TYR R 368 -71.46 109.17 -8.68
N TRP R 369 -70.23 108.79 -8.36
CA TRP R 369 -69.12 108.81 -9.30
C TRP R 369 -68.68 107.37 -9.60
N THR R 370 -67.61 107.24 -10.37
CA THR R 370 -67.04 105.94 -10.70
C THR R 370 -65.55 106.00 -10.40
N ASP R 371 -65.12 105.33 -9.34
CA ASP R 371 -63.74 105.36 -8.87
C ASP R 371 -62.91 104.42 -9.74
N VAL R 372 -61.91 104.98 -10.41
CA VAL R 372 -60.95 104.21 -11.21
C VAL R 372 -59.57 104.44 -10.62
N ILE R 373 -58.91 103.34 -10.24
CA ILE R 373 -57.58 103.43 -9.61
C ILE R 373 -56.57 103.32 -10.75
N LEU R 374 -56.30 104.46 -11.38
CA LEU R 374 -55.31 104.56 -12.45
C LEU R 374 -54.28 105.62 -12.11
N THR R 375 -53.01 105.31 -12.40
CA THR R 375 -51.92 106.23 -12.12
C THR R 375 -51.91 107.43 -13.05
N THR R 376 -52.58 107.35 -14.19
CA THR R 376 -52.58 108.44 -15.16
C THR R 376 -53.64 109.48 -14.78
N LYS R 377 -53.24 110.75 -14.76
CA LYS R 377 -54.18 111.82 -14.44
C LYS R 377 -55.26 111.91 -15.50
N GLY R 378 -56.50 112.05 -15.06
CA GLY R 378 -57.63 112.15 -15.96
C GLY R 378 -58.25 113.53 -15.97
N SER R 379 -59.12 113.80 -16.94
CA SER R 379 -59.80 115.07 -17.06
C SER R 379 -61.23 114.93 -16.55
N GLY R 380 -61.58 115.74 -15.56
CA GLY R 380 -62.91 115.70 -14.98
C GLY R 380 -63.14 114.60 -13.96
N ASN R 381 -62.10 113.82 -13.69
CA ASN R 381 -62.18 112.71 -12.71
C ASN R 381 -61.72 113.23 -11.34
N GLN R 382 -62.53 113.03 -10.29
CA GLN R 382 -62.17 113.53 -8.97
C GLN R 382 -61.11 112.63 -8.33
N PRO R 383 -59.93 113.15 -8.00
CA PRO R 383 -58.95 112.32 -7.28
C PRO R 383 -59.39 112.04 -5.86
N LEU R 384 -59.18 110.79 -5.41
CA LEU R 384 -59.56 110.37 -4.07
C LEU R 384 -58.40 110.49 -3.08
N PHE R 385 -57.32 109.76 -3.32
CA PHE R 385 -56.13 109.83 -2.47
C PHE R 385 -54.93 109.42 -3.30
N THR R 386 -53.76 109.93 -2.91
CA THR R 386 -52.50 109.59 -3.55
C THR R 386 -51.59 108.97 -2.50
N PHE R 387 -51.16 107.73 -2.76
CA PHE R 387 -50.46 106.92 -1.78
C PHE R 387 -49.34 106.12 -2.42
N PRO R 388 -48.24 105.89 -1.70
CA PRO R 388 -47.22 104.97 -2.21
C PRO R 388 -47.80 103.57 -2.36
N ALA R 389 -47.37 102.86 -3.40
CA ALA R 389 -47.80 101.49 -3.64
C ALA R 389 -46.66 100.72 -4.29
N PHE R 390 -46.84 99.40 -4.36
CA PHE R 390 -45.83 98.49 -4.86
C PHE R 390 -46.25 98.01 -6.25
N ASP R 391 -45.40 98.29 -7.24
CA ASP R 391 -45.69 98.00 -8.63
C ASP R 391 -44.94 96.77 -9.14
N PHE R 392 -44.45 95.93 -8.24
CA PHE R 392 -43.69 94.76 -8.63
C PHE R 392 -43.81 93.71 -7.53
N GLY R 393 -43.82 92.45 -7.95
CA GLY R 393 -43.96 91.37 -7.00
C GLY R 393 -42.66 91.13 -6.28
N ASP R 394 -42.31 89.86 -6.07
CA ASP R 394 -41.05 89.46 -5.45
C ASP R 394 -40.90 89.97 -4.02
N LEU R 395 -41.95 90.55 -3.45
CA LEU R 395 -41.95 90.98 -2.05
C LEU R 395 -43.00 90.14 -1.34
N ILE R 396 -42.55 89.16 -0.54
CA ILE R 396 -43.50 88.24 0.08
C ILE R 396 -44.42 89.05 1.00
N GLY R 397 -45.61 88.50 1.23
CA GLY R 397 -46.61 89.18 2.00
C GLY R 397 -47.45 90.18 1.22
N THR R 398 -47.36 90.15 -0.11
CA THR R 398 -48.09 91.11 -0.98
C THR R 398 -48.89 90.38 -2.04
N GLU R 399 -50.04 90.93 -2.43
CA GLU R 399 -50.88 90.39 -3.48
C GLU R 399 -51.35 91.51 -4.39
N VAL R 400 -51.71 91.14 -5.62
CA VAL R 400 -52.03 92.11 -6.67
C VAL R 400 -53.53 92.24 -6.81
N VAL R 401 -53.97 93.46 -7.12
CA VAL R 401 -55.36 93.77 -7.40
C VAL R 401 -55.44 94.22 -8.85
N SER R 402 -55.72 93.29 -9.75
CA SER R 402 -55.68 93.54 -11.20
C SER R 402 -57.10 93.72 -11.70
N PHE R 403 -57.46 94.96 -12.02
CA PHE R 403 -58.78 95.24 -12.56
C PHE R 403 -58.97 94.47 -13.86
N GLY R 404 -60.15 93.90 -14.03
CA GLY R 404 -60.51 93.22 -15.27
C GLY R 404 -61.50 94.02 -16.07
N LYS R 405 -61.05 94.59 -17.18
CA LYS R 405 -61.93 95.37 -18.07
C LYS R 405 -62.22 94.55 -19.31
N LYS R 406 -63.49 94.34 -19.60
CA LYS R 406 -63.88 93.55 -20.76
C LYS R 406 -63.41 94.25 -22.04
N LYS R 407 -62.51 93.60 -22.77
CA LYS R 407 -62.16 94.09 -24.11
C LYS R 407 -63.33 93.91 -25.06
N ASN R 408 -64.14 92.88 -24.86
CA ASN R 408 -65.34 92.64 -25.64
C ASN R 408 -66.50 93.49 -25.17
N GLY R 409 -66.33 94.25 -24.09
CA GLY R 409 -67.39 95.08 -23.56
C GLY R 409 -66.83 96.24 -22.75
N GLU R 410 -67.51 96.59 -21.66
CA GLU R 410 -67.06 97.68 -20.82
C GLU R 410 -67.18 97.37 -19.33
N GLU R 411 -67.47 96.12 -18.97
CA GLU R 411 -67.62 95.77 -17.57
C GLU R 411 -66.33 96.09 -16.80
N TYR R 412 -66.50 96.69 -15.62
CA TYR R 412 -65.40 96.96 -14.71
C TYR R 412 -65.30 95.82 -13.69
N ASN R 413 -64.12 95.21 -13.60
CA ASN R 413 -63.90 94.13 -12.64
C ASN R 413 -62.70 94.45 -11.76
N CYS R 414 -62.65 93.75 -10.61
CA CYS R 414 -61.59 93.95 -9.64
C CYS R 414 -61.30 92.60 -9.00
N LEU R 415 -60.24 91.94 -9.45
CA LEU R 415 -59.88 90.61 -8.98
C LEU R 415 -58.51 90.66 -8.33
N ILE R 416 -58.41 90.15 -7.12
CA ILE R 416 -57.15 90.12 -6.38
C ILE R 416 -56.41 88.84 -6.73
N GLY R 417 -55.14 88.97 -7.07
CA GLY R 417 -54.36 87.78 -7.40
C GLY R 417 -54.90 86.99 -8.56
N GLU R 418 -55.77 87.59 -9.38
CA GLU R 418 -56.34 86.92 -10.55
C GLU R 418 -56.29 87.91 -11.70
N ARG R 419 -55.35 87.71 -12.61
CA ARG R 419 -55.18 88.63 -13.72
C ARG R 419 -56.22 88.35 -14.81
N VAL R 420 -56.13 89.13 -15.89
CA VAL R 420 -56.97 88.89 -17.05
C VAL R 420 -56.58 87.61 -17.77
N THR R 421 -55.32 87.16 -17.62
CA THR R 421 -54.85 86.01 -18.38
C THR R 421 -55.68 84.76 -18.13
N SER R 422 -56.33 84.66 -16.98
CA SER R 422 -57.21 83.51 -16.73
C SER R 422 -58.36 83.48 -17.73
N LEU R 423 -58.94 84.64 -18.03
CA LEU R 423 -60.01 84.76 -19.00
C LEU R 423 -59.43 85.23 -20.33
N ASP R 424 -60.31 85.52 -21.30
CA ASP R 424 -59.91 85.96 -22.62
C ASP R 424 -60.62 87.25 -22.98
N ASP R 425 -59.89 88.17 -23.61
CA ASP R 425 -60.42 89.48 -24.01
C ASP R 425 -60.89 90.27 -22.78
N TYR R 426 -59.90 90.64 -21.97
CA TYR R 426 -60.15 91.46 -20.77
C TYR R 426 -58.99 92.45 -20.68
N LYS R 427 -59.23 93.73 -20.99
CA LYS R 427 -58.19 94.78 -20.88
C LYS R 427 -57.73 94.91 -19.42
N GLU R 428 -56.49 95.34 -19.21
CA GLU R 428 -55.96 95.52 -17.83
C GLU R 428 -55.99 97.00 -17.46
N LEU R 429 -56.80 97.37 -16.47
CA LEU R 429 -56.85 98.78 -16.02
C LEU R 429 -55.65 99.06 -15.11
N SER R 430 -55.54 98.36 -13.98
CA SER R 430 -54.48 98.61 -13.03
C SER R 430 -54.14 97.33 -12.28
N TYR R 431 -52.84 97.06 -12.17
CA TYR R 431 -52.35 95.95 -11.37
C TYR R 431 -51.18 96.43 -10.53
N PHE R 432 -51.20 96.10 -9.25
CA PHE R 432 -50.13 96.52 -8.35
C PHE R 432 -50.21 95.72 -7.06
N TRP R 433 -49.10 95.11 -6.65
CA TRP R 433 -49.10 94.28 -5.46
C TRP R 433 -49.27 95.13 -4.20
N VAL R 434 -49.99 94.60 -3.23
CA VAL R 434 -50.26 95.29 -1.97
C VAL R 434 -50.29 94.29 -0.84
N PHE R 435 -50.25 94.81 0.39
CA PHE R 435 -50.37 93.97 1.58
C PHE R 435 -51.85 93.72 1.87
N PRO R 436 -52.34 92.48 1.76
CA PRO R 436 -53.74 92.23 2.17
C PRO R 436 -53.99 92.43 3.64
N ASP R 437 -52.94 92.41 4.48
CA ASP R 437 -53.08 92.58 5.91
C ASP R 437 -52.15 93.69 6.38
N SER R 438 -52.34 94.09 7.64
CA SER R 438 -51.56 95.19 8.18
C SER R 438 -50.20 94.69 8.65
N VAL R 439 -49.28 95.63 8.83
CA VAL R 439 -47.95 95.34 9.36
C VAL R 439 -47.66 96.33 10.45
N GLN R 440 -46.75 95.97 11.35
CA GLN R 440 -46.41 96.84 12.46
C GLN R 440 -45.86 98.17 11.96
N LYS R 441 -46.62 99.23 12.20
CA LYS R 441 -46.20 100.61 12.02
C LYS R 441 -45.79 100.95 10.59
N PHE R 442 -46.16 100.13 9.61
CA PHE R 442 -45.94 100.48 8.20
C PHE R 442 -47.25 100.59 7.42
N ALA R 443 -48.06 99.55 7.41
CA ALA R 443 -49.27 99.51 6.60
C ALA R 443 -50.48 99.59 7.53
N MET R 444 -50.96 100.81 7.77
CA MET R 444 -52.05 101.04 8.70
C MET R 444 -53.29 101.64 8.06
N GLU R 445 -53.16 102.30 6.91
CA GLU R 445 -54.31 102.88 6.23
C GLU R 445 -54.95 101.83 5.32
N MET R 446 -56.27 101.95 5.15
CA MET R 446 -57.08 100.87 4.59
C MET R 446 -57.71 101.27 3.26
N TYR R 447 -57.93 100.29 2.40
CA TYR R 447 -58.70 100.44 1.18
C TYR R 447 -59.63 99.25 1.01
N GLY R 448 -60.85 99.52 0.59
CA GLY R 448 -61.83 98.47 0.40
C GLY R 448 -62.49 98.57 -0.96
N VAL R 449 -62.91 97.42 -1.48
CA VAL R 449 -63.50 97.31 -2.81
C VAL R 449 -64.96 96.96 -2.66
N SER R 450 -65.82 97.68 -3.38
CA SER R 450 -67.24 97.39 -3.47
C SER R 450 -67.70 97.62 -4.89
N LYS R 451 -68.65 96.79 -5.34
CA LYS R 451 -69.15 96.82 -6.71
C LYS R 451 -70.66 96.71 -6.73
N VAL R 452 -71.28 97.42 -7.66
CA VAL R 452 -72.75 97.38 -7.79
C VAL R 452 -73.12 96.32 -8.83
N PRO R 453 -73.90 95.30 -8.46
CA PRO R 453 -74.19 94.25 -9.45
C PRO R 453 -74.88 94.76 -10.70
N THR R 454 -75.80 95.71 -10.56
CA THR R 454 -76.55 96.18 -11.73
C THR R 454 -75.65 96.88 -12.73
N ARG R 455 -74.75 97.73 -12.24
CA ARG R 455 -73.83 98.48 -13.07
C ARG R 455 -72.44 98.41 -12.46
N ASN R 456 -71.45 98.14 -13.30
CA ASN R 456 -70.09 97.94 -12.82
C ASN R 456 -69.42 99.27 -12.53
N TYR R 457 -70.00 100.05 -11.61
CA TYR R 457 -69.39 101.29 -11.15
C TYR R 457 -68.50 100.94 -9.98
N MET R 458 -67.19 100.86 -10.26
CA MET R 458 -66.23 100.52 -9.21
C MET R 458 -66.42 101.45 -8.02
N ARG R 459 -66.66 100.84 -6.85
CA ARG R 459 -66.86 101.58 -5.60
C ARG R 459 -65.76 101.14 -4.65
N VAL R 460 -64.60 101.77 -4.77
CA VAL R 460 -63.47 101.54 -3.89
C VAL R 460 -63.37 102.74 -2.95
N TYR R 461 -63.30 102.47 -1.65
CA TYR R 461 -63.34 103.53 -0.66
C TYR R 461 -62.47 103.13 0.53
N ALA R 462 -62.20 104.11 1.38
CA ALA R 462 -61.43 103.90 2.60
C ALA R 462 -62.32 103.17 3.61
N ALA R 463 -62.19 101.85 3.67
CA ALA R 463 -63.07 101.03 4.50
C ALA R 463 -62.60 101.07 5.95
N ASP R 464 -63.28 100.27 6.78
CA ASP R 464 -62.97 100.24 8.23
C ASP R 464 -62.97 98.78 8.67
N GLN R 465 -62.50 98.50 9.89
CA GLN R 465 -62.51 97.15 10.41
C GLN R 465 -63.93 96.62 10.52
N SER R 466 -64.89 97.54 10.72
CA SER R 466 -66.31 97.17 10.83
C SER R 466 -66.90 96.89 9.44
N ASP R 467 -66.37 97.57 8.41
CA ASP R 467 -66.83 97.30 7.01
C ASP R 467 -66.55 95.82 6.72
N ILE R 468 -65.51 95.25 7.32
CA ILE R 468 -65.24 93.79 7.16
C ILE R 468 -66.30 93.03 7.96
N GLU R 469 -66.44 93.36 9.26
CA GLU R 469 -67.44 92.68 10.13
C GLU R 469 -68.79 92.61 9.39
N ASN R 470 -69.34 93.77 9.00
CA ASN R 470 -70.61 93.79 8.23
C ASN R 470 -70.30 94.18 6.78
N PRO R 471 -70.13 93.22 5.86
CA PRO R 471 -69.75 93.52 4.45
C PRO R 471 -70.97 93.87 3.59
N ARG R 472 -70.80 94.80 2.66
CA ARG R 472 -71.87 95.15 1.74
C ARG R 472 -71.93 94.14 0.60
N PRO R 473 -73.05 94.08 -0.13
CA PRO R 473 -73.14 93.11 -1.22
C PRO R 473 -72.05 93.32 -2.26
N TYR R 474 -71.51 92.21 -2.80
CA TYR R 474 -70.51 92.30 -3.90
C TYR R 474 -69.25 93.06 -3.47
N GLN R 475 -68.96 93.13 -2.17
CA GLN R 475 -67.72 93.75 -1.73
C GLN R 475 -66.63 92.70 -1.80
N ARG R 476 -65.66 92.90 -2.69
CA ARG R 476 -64.74 91.82 -3.03
C ARG R 476 -63.64 91.65 -1.99
N PHE R 477 -62.79 92.67 -1.84
CA PHE R 477 -61.61 92.54 -1.01
C PHE R 477 -61.23 93.89 -0.42
N TRP R 478 -60.45 93.84 0.66
CA TRP R 478 -59.95 95.02 1.35
C TRP R 478 -58.46 94.85 1.60
N PHE R 479 -57.72 95.96 1.50
CA PHE R 479 -56.28 95.92 1.55
C PHE R 479 -55.75 97.15 2.27
N TYR R 480 -54.57 96.98 2.86
CA TYR R 480 -53.89 98.05 3.60
C TYR R 480 -52.73 98.58 2.77
N VAL R 481 -52.57 99.91 2.78
CA VAL R 481 -51.51 100.59 2.04
C VAL R 481 -50.57 101.24 3.04
N PRO R 482 -49.28 101.37 2.72
CA PRO R 482 -48.33 101.95 3.69
C PRO R 482 -48.73 103.35 4.11
N SER R 483 -48.49 103.64 5.39
CA SER R 483 -48.77 104.94 5.97
C SER R 483 -47.55 105.84 5.81
N ALA R 484 -47.77 107.04 5.25
CA ALA R 484 -46.68 107.97 5.05
C ALA R 484 -46.12 108.53 6.36
N ASN R 485 -46.80 108.31 7.48
CA ASN R 485 -46.36 108.82 8.77
C ASN R 485 -45.14 108.07 9.31
N SER R 486 -44.74 106.97 8.69
CA SER R 486 -43.59 106.23 9.18
C SER R 486 -42.34 107.10 9.09
N PRO R 487 -41.48 107.11 10.11
CA PRO R 487 -40.28 107.94 10.05
C PRO R 487 -39.20 107.30 9.19
N PRO R 488 -38.62 108.03 8.24
CA PRO R 488 -37.57 107.44 7.42
C PRO R 488 -36.19 107.51 8.08
N GLY S 2 14.52 70.19 27.58
CA GLY S 2 13.76 68.98 27.88
C GLY S 2 14.17 67.81 27.03
N GLU S 3 15.26 67.14 27.42
CA GLU S 3 15.72 65.97 26.70
C GLU S 3 15.98 64.81 27.65
N VAL S 4 16.25 65.11 28.93
CA VAL S 4 16.51 64.08 29.93
C VAL S 4 15.73 64.43 31.19
N VAL S 5 15.53 63.43 32.03
CA VAL S 5 14.81 63.61 33.28
C VAL S 5 15.30 62.58 34.29
N PRO S 6 15.50 62.94 35.56
CA PRO S 6 15.95 61.94 36.54
C PRO S 6 14.93 60.83 36.69
N TYR S 7 15.44 59.63 36.94
CA TYR S 7 14.58 58.47 37.05
C TYR S 7 13.61 58.63 38.21
N LYS S 8 12.34 58.31 37.98
CA LYS S 8 11.31 58.30 39.02
C LYS S 8 10.72 56.90 39.08
N ALA S 9 10.69 56.32 40.28
CA ALA S 9 10.29 54.93 40.41
C ALA S 9 8.90 54.71 39.83
N GLY S 10 8.70 53.54 39.23
CA GLY S 10 7.46 53.22 38.57
C GLY S 10 7.42 53.57 37.10
N MET S 11 8.44 54.27 36.60
CA MET S 11 8.46 54.65 35.19
C MET S 11 8.40 53.41 34.32
N GLN S 12 7.58 53.47 33.29
CA GLN S 12 7.43 52.39 32.33
C GLN S 12 7.81 52.91 30.95
N ARG S 13 8.68 52.18 30.27
CA ARG S 13 9.12 52.61 28.94
C ARG S 13 7.91 52.82 28.05
N GLY S 14 7.91 53.95 27.32
CA GLY S 14 6.83 54.24 26.40
C GLY S 14 5.58 54.74 27.09
N GLN S 15 5.69 55.86 27.80
CA GLN S 15 4.55 56.46 28.48
C GLN S 15 4.64 57.97 28.34
N GLY S 16 3.47 58.61 28.41
CA GLY S 16 3.43 60.05 28.31
C GLY S 16 4.08 60.72 29.50
N TYR S 17 4.54 61.94 29.28
CA TYR S 17 5.21 62.72 30.31
C TYR S 17 4.79 64.18 30.17
N ASN S 18 4.08 64.69 31.17
CA ASN S 18 3.67 66.09 31.20
C ASN S 18 4.86 66.90 31.68
N THR S 19 5.62 67.45 30.74
CA THR S 19 6.90 68.06 31.08
C THR S 19 6.75 69.23 32.04
N TYR S 20 5.62 69.93 32.00
CA TYR S 20 5.39 71.04 32.92
C TYR S 20 5.15 70.53 34.34
N LEU S 21 4.14 69.69 34.53
CA LEU S 21 3.86 69.13 35.84
C LEU S 21 4.86 68.06 36.25
N GLN S 22 5.74 67.64 35.34
CA GLN S 22 6.77 66.63 35.65
C GLN S 22 6.15 65.36 36.23
N SER S 23 4.89 65.10 35.89
CA SER S 23 4.20 63.92 36.37
C SER S 23 4.30 62.81 35.33
N LEU S 24 3.62 61.71 35.56
CA LEU S 24 3.60 60.58 34.65
C LEU S 24 2.21 60.47 34.02
N CYS S 25 2.19 60.06 32.75
CA CYS S 25 0.94 59.96 32.02
C CYS S 25 0.78 58.58 31.40
N VAL S 26 -0.20 58.42 30.51
CA VAL S 26 -0.64 57.09 30.08
C VAL S 26 0.57 56.23 29.73
N LYS S 27 0.50 54.97 30.12
CA LYS S 27 1.55 54.01 29.82
C LYS S 27 1.20 53.22 28.57
N ASP S 28 2.22 52.89 27.79
CA ASP S 28 2.07 52.07 26.59
C ASP S 28 1.42 52.83 25.44
N ALA S 29 1.63 54.15 25.39
CA ALA S 29 1.23 54.89 24.21
C ALA S 29 2.17 54.63 23.04
N VAL S 30 3.43 54.33 23.33
CA VAL S 30 4.44 54.09 22.32
C VAL S 30 5.02 52.71 22.53
N THR S 31 5.03 51.89 21.48
CA THR S 31 5.64 50.57 21.51
C THR S 31 6.98 50.65 20.78
N ILE S 32 8.04 50.23 21.45
CA ILE S 32 9.38 50.22 20.89
C ILE S 32 9.75 48.77 20.62
N GLU S 33 10.03 48.46 19.35
CA GLU S 33 10.45 47.13 18.95
C GLU S 33 11.97 47.08 18.92
N ARG S 34 12.54 46.17 19.69
CA ARG S 34 13.99 45.95 19.69
C ARG S 34 14.31 45.02 18.52
N HIS S 35 14.67 45.61 17.38
CA HIS S 35 14.97 44.80 16.21
C HIS S 35 16.17 43.89 16.47
N ASP S 36 17.20 44.41 17.12
CA ASP S 36 18.42 43.66 17.40
C ASP S 36 18.64 43.61 18.90
N ASP S 37 18.94 42.42 19.41
CA ASP S 37 19.20 42.23 20.84
C ASP S 37 20.68 42.43 21.09
N SER S 38 21.05 43.64 21.50
CA SER S 38 22.46 43.95 21.79
C SER S 38 22.52 45.17 22.68
N ASN S 39 23.40 45.14 23.67
CA ASN S 39 23.53 46.27 24.57
C ASN S 39 24.16 47.45 23.82
N PRO S 40 23.77 48.67 24.16
CA PRO S 40 24.26 49.83 23.41
C PRO S 40 25.71 50.15 23.77
N PRO S 41 26.37 50.98 22.96
CA PRO S 41 27.75 51.37 23.28
C PRO S 41 27.82 52.11 24.61
N PHE S 42 28.95 51.95 25.30
CA PHE S 42 29.07 52.44 26.67
C PHE S 42 30.40 53.17 26.83
N LYS S 43 30.44 54.05 27.83
CA LYS S 43 31.61 54.84 28.17
C LYS S 43 32.03 54.53 29.60
N LYS S 44 33.32 54.29 29.79
CA LYS S 44 33.85 53.87 31.08
C LYS S 44 34.83 54.89 31.63
N GLU S 45 34.91 54.94 32.96
CA GLU S 45 35.91 55.71 33.67
C GLU S 45 36.46 54.88 34.80
N TYR S 46 37.70 55.17 35.21
CA TYR S 46 38.33 54.42 36.29
C TYR S 46 39.41 55.30 36.93
N TYR S 47 39.09 55.87 38.08
CA TYR S 47 40.04 56.65 38.87
C TYR S 47 40.44 55.81 40.08
N SER S 48 41.73 55.57 40.25
CA SER S 48 42.24 54.70 41.30
C SER S 48 43.39 55.36 42.04
N GLU S 49 43.43 55.13 43.35
CA GLU S 49 44.51 55.61 44.20
C GLU S 49 44.94 54.49 45.15
N PHE S 50 46.24 54.35 45.34
CA PHE S 50 46.79 53.38 46.29
C PHE S 50 47.84 54.11 47.11
N ILE S 51 47.42 54.64 48.26
CA ILE S 51 48.29 55.53 49.04
C ILE S 51 49.46 54.73 49.63
N GLU S 52 50.51 55.46 49.99
CA GLU S 52 51.79 54.87 50.34
C GLU S 52 51.64 53.79 51.39
N GLU S 53 52.65 52.94 51.47
CA GLU S 53 52.76 51.94 52.54
C GLU S 53 53.67 52.53 53.60
N TYR S 54 53.07 53.07 54.66
CA TYR S 54 53.84 53.71 55.72
C TYR S 54 54.55 52.62 56.51
N GLU S 55 55.68 52.16 55.94
CA GLU S 55 56.49 51.10 56.59
C GLU S 55 57.62 51.75 57.39
N LYS S 56 57.53 51.67 58.71
CA LYS S 56 58.51 52.31 59.59
C LYS S 56 58.92 51.29 60.65
N ILE S 57 60.16 50.82 60.57
CA ILE S 57 60.73 49.96 61.60
C ILE S 57 61.74 50.80 62.37
N ALA S 58 61.53 50.93 63.67
CA ALA S 58 62.50 51.53 64.58
C ALA S 58 62.84 50.49 65.64
N LYS S 59 64.12 50.19 65.79
CA LYS S 59 64.57 49.09 66.62
C LYS S 59 65.71 49.55 67.52
N SER S 60 65.78 48.98 68.72
CA SER S 60 66.73 49.42 69.73
C SER S 60 67.63 48.26 70.14
N MET S 61 68.91 48.57 70.40
CA MET S 61 69.85 47.54 70.92
C MET S 61 70.83 48.24 71.88
N ARG S 62 70.55 48.20 73.17
CA ARG S 62 71.32 48.85 74.21
C ARG S 62 71.94 47.79 75.11
N ILE S 63 73.25 47.76 75.17
CA ILE S 63 73.98 46.82 75.99
C ILE S 63 74.94 47.60 76.88
N SER S 64 75.14 47.10 78.09
CA SER S 64 76.06 47.73 79.04
C SER S 64 76.54 46.69 80.02
N ALA S 65 77.85 46.49 80.11
CA ALA S 65 78.42 45.53 81.05
C ALA S 65 79.82 45.99 81.43
N GLY S 66 80.23 45.62 82.64
CA GLY S 66 81.54 45.97 83.15
C GLY S 66 81.71 45.66 84.62
N VAL S 78 81.66 41.32 90.66
CA VAL S 78 80.52 42.22 90.58
C VAL S 78 80.41 42.76 89.16
N ASN S 79 80.00 41.90 88.24
CA ASN S 79 79.84 42.25 86.84
C ASN S 79 78.35 42.30 86.52
N VAL S 80 77.92 43.38 85.88
CA VAL S 80 76.52 43.59 85.56
C VAL S 80 76.35 43.58 84.04
N ASP S 81 75.13 43.28 83.62
CA ASP S 81 74.78 43.24 82.21
C ASP S 81 73.43 43.91 82.01
N ILE S 82 73.25 44.57 80.88
CA ILE S 82 71.98 45.17 80.49
C ILE S 82 71.77 44.91 79.01
N LEU S 83 70.59 44.41 78.64
CA LEU S 83 70.28 44.04 77.27
C LEU S 83 68.85 44.48 76.97
N ASN S 84 68.69 45.63 76.32
CA ASN S 84 67.37 46.20 76.06
C ASN S 84 67.11 46.23 74.57
N ARG S 85 65.90 45.80 74.18
CA ARG S 85 65.48 45.78 72.79
C ARG S 85 64.15 46.51 72.65
N SER S 86 63.89 46.96 71.43
CA SER S 86 62.60 47.52 71.09
C SER S 86 62.37 47.32 69.61
N GLU S 87 61.12 47.47 69.19
CA GLU S 87 60.76 47.30 67.79
C GLU S 87 59.42 47.95 67.55
N PHE S 88 59.38 48.94 66.67
CA PHE S 88 58.15 49.65 66.34
C PHE S 88 57.90 49.53 64.85
N GLU S 89 56.74 48.98 64.49
CA GLU S 89 56.38 48.77 63.10
C GLU S 89 55.12 49.56 62.77
N THR S 90 55.05 50.05 61.54
CA THR S 90 53.88 50.77 61.07
C THR S 90 53.59 50.34 59.64
N SER S 91 52.31 50.32 59.27
CA SER S 91 51.92 49.98 57.90
C SER S 91 50.53 50.57 57.67
N THR S 92 50.46 51.71 56.99
CA THR S 92 49.20 52.34 56.63
C THR S 92 49.00 52.19 55.13
N LEU S 93 48.05 51.36 54.75
CA LEU S 93 47.66 51.18 53.36
C LEU S 93 46.26 51.75 53.17
N THR S 94 46.10 52.53 52.10
CA THR S 94 44.79 53.07 51.76
C THR S 94 44.54 52.87 50.28
N TYR S 95 43.27 52.72 49.92
CA TYR S 95 42.90 52.46 48.54
C TYR S 95 41.60 53.20 48.22
N GLU S 96 41.39 53.48 46.94
CA GLU S 96 40.15 54.15 46.53
C GLU S 96 40.02 54.05 45.01
N VAL S 97 38.85 53.62 44.55
CA VAL S 97 38.54 53.60 43.13
C VAL S 97 37.17 54.23 42.92
N LYS S 98 36.91 54.63 41.68
CA LYS S 98 35.61 55.20 41.31
C LYS S 98 35.38 54.90 39.83
N VAL S 99 34.52 53.94 39.56
CA VAL S 99 34.26 53.48 38.19
C VAL S 99 32.89 54.00 37.77
N LEU S 100 32.84 54.73 36.66
CA LEU S 100 31.61 55.26 36.11
C LEU S 100 31.38 54.67 34.73
N VAL S 101 30.20 54.10 34.51
CA VAL S 101 29.83 53.50 33.24
C VAL S 101 28.54 54.15 32.78
N GLN S 102 28.52 54.62 31.54
CA GLN S 102 27.35 55.26 30.96
C GLN S 102 27.11 54.68 29.58
N HIS S 103 25.93 54.11 29.37
CA HIS S 103 25.57 53.53 28.09
C HIS S 103 25.00 54.61 27.18
N GLN S 104 24.53 54.22 25.99
CA GLN S 104 23.85 55.13 25.09
C GLN S 104 22.53 54.53 24.64
N VAL S 105 21.78 55.25 23.82
CA VAL S 105 20.49 54.79 23.32
C VAL S 105 20.68 54.24 21.91
N SER S 106 20.23 53.02 21.68
CA SER S 106 20.42 52.38 20.39
C SER S 106 19.72 53.17 19.29
N VAL S 107 20.33 53.20 18.11
CA VAL S 107 19.83 53.99 17.00
C VAL S 107 19.07 53.16 15.98
N LEU S 108 18.92 51.86 16.23
CA LEU S 108 18.30 50.94 15.27
C LEU S 108 16.98 50.38 15.80
N ASP S 109 16.18 51.21 16.45
CA ASP S 109 14.87 50.81 16.97
C ASP S 109 13.77 51.54 16.21
N LYS S 110 12.57 50.97 16.28
CA LYS S 110 11.40 51.54 15.63
C LYS S 110 10.42 52.02 16.71
N HIS S 111 9.88 53.21 16.51
CA HIS S 111 8.95 53.84 17.44
C HIS S 111 7.59 53.97 16.78
N SER S 112 6.53 53.57 17.49
CA SER S 112 5.18 53.62 16.99
C SER S 112 4.29 54.31 18.01
N PHE S 113 3.09 54.69 17.56
CA PHE S 113 2.13 55.40 18.41
C PHE S 113 0.80 54.66 18.41
N ASN S 114 0.35 54.28 19.60
CA ASN S 114 -0.90 53.56 19.78
C ASN S 114 -2.00 54.52 20.19
N LYS S 115 -3.22 54.25 19.75
CA LYS S 115 -4.34 55.16 19.94
C LYS S 115 -5.11 54.79 21.19
N ILE S 116 -5.31 55.76 22.07
CA ILE S 116 -6.21 55.63 23.23
C ILE S 116 -7.31 56.65 23.05
N GLN S 117 -8.56 56.15 23.08
CA GLN S 117 -9.75 57.03 22.87
C GLN S 117 -10.03 57.83 24.15
N THR S 118 -9.94 59.15 24.08
CA THR S 118 -10.21 60.02 25.20
C THR S 118 -10.81 61.33 24.72
N THR S 119 -11.66 61.94 25.54
CA THR S 119 -12.16 63.27 25.24
C THR S 119 -11.15 64.36 25.55
N THR S 120 -10.10 64.02 26.29
CA THR S 120 -9.06 64.98 26.67
C THR S 120 -7.70 64.35 26.38
N PRO S 121 -7.36 64.16 25.11
CA PRO S 121 -6.08 63.50 24.79
C PRO S 121 -4.88 64.27 25.32
N HIS S 122 -5.02 65.57 25.55
CA HIS S 122 -3.90 66.37 26.03
C HIS S 122 -3.48 65.94 27.43
N ALA S 123 -4.44 65.75 28.32
CA ALA S 123 -4.11 65.39 29.70
C ALA S 123 -3.78 63.90 29.83
N THR S 124 -4.19 63.08 28.86
CA THR S 124 -3.86 61.66 28.92
C THR S 124 -2.49 61.40 28.31
N TYR S 125 -2.27 61.85 27.07
CA TYR S 125 -0.99 61.61 26.41
C TYR S 125 0.11 62.48 26.99
N GLY S 126 -0.19 63.76 27.23
CA GLY S 126 0.81 64.68 27.72
C GLY S 126 1.51 65.42 26.58
N ASP S 127 2.83 65.56 26.68
CA ASP S 127 3.63 66.19 25.64
C ASP S 127 4.65 65.25 25.03
N ARG S 128 5.46 64.58 25.85
CA ARG S 128 6.55 63.76 25.36
C ARG S 128 6.49 62.38 26.00
N PHE S 129 7.05 61.40 25.30
CA PHE S 129 7.03 60.00 25.71
C PHE S 129 8.44 59.52 26.05
N ILE S 130 8.50 58.43 26.80
CA ILE S 130 9.76 57.87 27.28
C ILE S 130 10.22 56.83 26.26
N ALA S 131 11.18 57.22 25.41
CA ALA S 131 11.61 56.35 24.33
C ALA S 131 12.57 55.28 24.82
N ASP S 132 13.72 55.70 25.35
CA ASP S 132 14.74 54.78 25.82
C ASP S 132 15.28 55.28 27.15
N PHE S 133 15.75 54.35 27.97
CA PHE S 133 16.30 54.68 29.28
C PHE S 133 17.82 54.72 29.20
N ILE S 134 18.40 55.82 29.64
CA ILE S 134 19.86 55.93 29.70
C ILE S 134 20.35 55.11 30.89
N LYS S 135 21.17 54.11 30.61
CA LYS S 135 21.63 53.19 31.64
C LYS S 135 23.09 53.45 31.98
N GLY S 136 23.49 52.96 33.15
CA GLY S 136 24.85 53.16 33.62
C GLY S 136 25.18 52.37 34.86
N GLY S 137 26.23 52.78 35.56
CA GLY S 137 26.67 52.08 36.75
C GLY S 137 27.64 52.94 37.53
N HIS S 138 28.02 52.45 38.71
CA HIS S 138 28.85 53.24 39.62
C HIS S 138 29.62 52.30 40.53
N PHE S 139 30.79 52.75 40.95
CA PHE S 139 31.58 52.00 41.92
C PHE S 139 32.30 52.99 42.83
N TYR S 140 32.53 52.57 44.07
CA TYR S 140 33.18 53.43 45.05
C TYR S 140 33.71 52.56 46.18
N ALA S 141 35.03 52.51 46.33
CA ALA S 141 35.63 51.64 47.32
C ALA S 141 36.65 52.43 48.13
N ARG S 142 36.82 52.03 49.39
CA ARG S 142 37.83 52.60 50.28
C ARG S 142 38.33 51.49 51.20
N VAL S 143 39.63 51.24 51.18
CA VAL S 143 40.27 50.33 52.10
C VAL S 143 41.21 51.14 52.98
N SER S 144 41.17 50.89 54.28
CA SER S 144 42.03 51.58 55.24
C SER S 144 42.64 50.51 56.14
N ILE S 145 43.77 49.97 55.72
CA ILE S 145 44.49 48.97 56.51
C ILE S 145 45.40 49.72 57.47
N THR S 146 45.15 49.59 58.78
CA THR S 146 45.91 50.32 59.81
C THR S 146 47.23 49.62 60.04
N ALA S 147 48.14 50.25 60.82
CA ALA S 147 49.48 49.70 61.12
C ALA S 147 49.40 48.41 61.91
N LYS S 148 50.55 47.75 62.11
CA LYS S 148 50.61 46.55 62.97
C LYS S 148 50.98 47.06 64.36
N ASN S 149 51.77 48.13 64.45
CA ASN S 149 52.29 48.62 65.71
C ASN S 149 52.94 47.50 66.51
N SER S 150 53.80 46.75 65.82
CA SER S 150 54.58 45.73 66.52
C SER S 150 55.42 46.40 67.60
N SER S 151 55.44 45.79 68.78
CA SER S 151 56.08 46.40 69.94
C SER S 151 57.00 45.41 70.64
N GLU S 152 57.85 44.71 69.90
CA GLU S 152 58.79 43.76 70.50
C GLU S 152 59.76 44.54 71.39
N THR S 153 59.74 44.25 72.68
CA THR S 153 60.67 44.84 73.64
C THR S 153 61.17 43.75 74.57
N SER S 154 62.31 44.01 75.21
CA SER S 154 62.89 43.05 76.14
C SER S 154 63.99 43.71 76.94
N GLU S 155 64.26 43.14 78.12
CA GLU S 155 65.30 43.62 79.01
C GLU S 155 65.95 42.42 79.68
N LEU S 156 67.22 42.54 80.03
CA LEU S 156 67.94 41.49 80.74
C LEU S 156 68.92 42.13 81.71
N LYS S 157 69.20 41.43 82.81
CA LYS S 157 70.06 41.95 83.89
C LYS S 157 70.79 40.79 84.54
N GLN S 158 72.11 40.71 84.31
CA GLN S 158 72.94 39.65 84.88
C GLN S 158 73.97 40.27 85.83
N SER S 159 73.63 40.28 87.11
CA SER S 159 74.56 40.76 88.14
C SER S 159 75.36 39.58 88.68
N ALA S 160 76.66 39.59 88.43
CA ALA S 160 77.54 38.53 88.89
C ALA S 160 77.06 37.16 88.41
N THR S 174 76.55 34.50 93.73
CA THR S 174 75.41 35.39 93.54
C THR S 174 75.11 35.60 92.06
N GLN S 175 73.82 35.59 91.73
CA GLN S 175 73.39 35.69 90.34
C GLN S 175 72.03 36.38 90.31
N GLU S 176 71.69 36.94 89.15
CA GLU S 176 70.42 37.63 88.99
C GLU S 176 70.04 37.64 87.53
N VAL S 177 68.77 37.38 87.25
CA VAL S 177 68.22 37.45 85.89
C VAL S 177 66.87 38.15 85.95
N GLU S 178 66.63 39.05 84.99
CA GLU S 178 65.42 39.88 84.97
C GLU S 178 65.01 40.06 83.50
N ARG S 179 64.01 39.31 83.07
CA ARG S 179 63.47 39.41 81.72
C ARG S 179 61.99 39.81 81.69
N ALA S 180 61.55 40.61 82.66
CA ALA S 180 60.15 41.01 82.73
C ALA S 180 59.85 42.18 81.81
N VAL S 181 60.19 42.03 80.52
CA VAL S 181 59.87 43.03 79.51
C VAL S 181 59.59 42.29 78.21
N SER S 182 58.36 42.43 77.70
CA SER S 182 57.96 41.79 76.47
C SER S 182 56.58 42.31 76.08
N SER S 183 56.41 42.61 74.80
CA SER S 183 55.14 43.09 74.28
C SER S 183 55.08 42.78 72.79
N ILE S 184 53.88 42.79 72.24
CA ILE S 184 53.63 42.40 70.86
C ILE S 184 52.71 43.42 70.20
N LYS S 185 52.54 43.27 68.89
CA LYS S 185 51.72 44.17 68.09
C LYS S 185 50.29 44.24 68.60
N ARG S 186 49.70 45.42 68.48
CA ARG S 186 48.26 45.55 68.69
C ARG S 186 47.78 46.64 67.75
N ASN S 187 47.46 46.24 66.51
CA ASN S 187 46.69 47.08 65.60
C ASN S 187 46.36 46.30 64.34
N ALA S 188 45.09 46.26 63.96
CA ALA S 188 44.69 45.72 62.67
C ALA S 188 43.29 46.23 62.35
N SER S 189 43.20 47.26 61.53
CA SER S 189 41.93 47.87 61.17
C SER S 189 41.74 47.75 59.67
N VAL S 190 40.62 47.17 59.27
CA VAL S 190 40.27 47.04 57.85
C VAL S 190 38.89 47.67 57.69
N LYS S 191 38.87 48.92 57.25
CA LYS S 191 37.63 49.62 56.94
C LYS S 191 37.37 49.50 55.43
N ILE S 192 36.27 48.86 55.07
CA ILE S 192 35.89 48.68 53.68
C ILE S 192 34.52 49.29 53.47
N THR S 193 34.41 50.16 52.47
CA THR S 193 33.12 50.66 52.02
C THR S 193 33.03 50.39 50.52
N ILE S 194 31.96 49.74 50.09
CA ILE S 194 31.75 49.44 48.67
C ILE S 194 30.35 49.91 48.30
N ILE S 195 30.25 50.80 47.32
CA ILE S 195 28.98 51.31 46.84
C ILE S 195 28.87 50.97 45.36
N GLU S 196 27.85 50.20 45.01
CA GLU S 196 27.73 49.66 43.66
C GLU S 196 26.33 49.91 43.11
N SER S 197 26.27 50.11 41.80
CA SER S 197 25.02 50.21 41.05
C SER S 197 25.22 49.41 39.78
N THR S 198 24.90 48.12 39.83
CA THR S 198 25.14 47.22 38.70
C THR S 198 23.88 46.46 38.34
N GLY S 199 24.02 45.47 37.45
CA GLY S 199 22.89 44.71 36.99
C GLY S 199 23.18 43.21 37.03
N THR S 200 22.09 42.45 37.00
CA THR S 200 22.19 40.99 37.02
C THR S 200 22.63 40.46 35.67
N SER S 201 23.26 39.28 35.70
CA SER S 201 23.69 38.63 34.46
C SER S 201 22.48 38.21 33.63
N SER S 216 44.54 40.04 52.58
CA SER S 216 44.51 40.33 51.16
C SER S 216 43.25 41.10 50.80
N ASP S 217 42.74 41.88 51.75
CA ASP S 217 41.53 42.64 51.47
C ASP S 217 41.77 43.74 50.45
N LEU S 218 42.99 44.27 50.38
CA LEU S 218 43.31 45.24 49.34
C LEU S 218 43.18 44.62 47.97
N LEU S 219 43.67 43.39 47.80
CA LEU S 219 43.56 42.71 46.51
C LEU S 219 42.12 42.32 46.20
N ALA S 220 41.36 41.90 47.22
CA ALA S 220 39.99 41.49 46.99
C ALA S 220 39.15 42.63 46.42
N VAL S 221 39.30 43.83 46.99
CA VAL S 221 38.61 45.00 46.45
C VAL S 221 39.07 45.26 45.03
N LYS S 222 40.36 45.06 44.76
CA LYS S 222 40.89 45.33 43.43
C LYS S 222 40.26 44.42 42.38
N GLU S 223 40.09 43.13 42.71
CA GLU S 223 39.52 42.21 41.73
C GLU S 223 38.10 42.60 41.37
N LYS S 224 37.28 42.93 42.37
CA LYS S 224 35.94 43.41 42.08
C LYS S 224 35.99 44.73 41.31
N ALA S 225 36.94 45.60 41.67
CA ALA S 225 37.09 46.85 40.93
C ALA S 225 37.52 46.60 39.49
N ASP S 226 38.50 45.70 39.29
CA ASP S 226 38.91 45.39 37.92
C ASP S 226 37.87 44.55 37.21
N GLN S 227 37.29 43.56 37.89
CA GLN S 227 36.21 42.78 37.28
C GLN S 227 35.06 43.67 36.87
N PHE S 228 34.82 44.76 37.61
CA PHE S 228 33.79 45.70 37.20
C PHE S 228 34.10 46.28 35.84
N TYR S 229 35.37 46.67 35.65
CA TYR S 229 35.83 47.21 34.34
C TYR S 229 35.53 46.15 33.30
N LYS S 230 36.08 44.93 33.48
CA LYS S 230 35.89 43.88 32.48
C LYS S 230 34.42 43.49 32.38
N ASP S 231 33.68 43.55 33.49
CA ASP S 231 32.27 43.18 33.46
C ASP S 231 31.49 44.08 32.52
N ALA S 232 31.82 45.36 32.47
CA ALA S 232 31.09 46.27 31.59
C ALA S 232 31.15 45.81 30.14
N ASP S 233 32.30 45.31 29.69
CA ASP S 233 32.43 44.90 28.30
C ASP S 233 31.37 43.87 27.94
N SER S 234 31.06 42.97 28.87
CA SER S 234 29.97 42.02 28.65
C SER S 234 28.62 42.70 28.59
N GLY S 235 28.54 43.97 28.96
CA GLY S 235 27.30 44.71 28.88
C GLY S 235 26.24 44.25 29.85
N LYS S 236 26.63 43.94 31.09
CA LYS S 236 25.68 43.62 32.15
C LYS S 236 25.42 44.79 33.08
N HIS S 237 25.98 45.97 32.80
CA HIS S 237 25.80 47.14 33.66
C HIS S 237 24.58 47.91 33.16
N SER S 238 23.41 47.37 33.46
CA SER S 238 22.15 47.95 33.03
C SER S 238 21.43 48.45 34.28
N TYR S 239 21.75 49.68 34.68
CA TYR S 239 21.07 50.36 35.76
C TYR S 239 20.46 51.63 35.22
N VAL S 240 19.18 51.85 35.52
CA VAL S 240 18.46 52.97 34.94
C VAL S 240 18.89 54.26 35.62
N LEU S 241 19.41 55.21 34.84
CA LEU S 241 19.84 56.49 35.36
C LEU S 241 18.99 57.64 34.86
N PHE S 242 18.87 57.80 33.54
CA PHE S 242 18.14 58.90 32.94
C PHE S 242 17.16 58.37 31.91
N ALA S 243 16.16 59.18 31.60
CA ALA S 243 15.16 58.85 30.59
C ALA S 243 15.21 59.89 29.48
N VAL S 244 15.23 59.42 28.23
CA VAL S 244 15.32 60.29 27.06
C VAL S 244 13.92 60.55 26.54
N LEU S 245 13.60 61.83 26.33
CA LEU S 245 12.26 62.25 25.94
C LEU S 245 12.19 62.43 24.43
N GLY S 246 11.05 62.08 23.85
CA GLY S 246 10.82 62.27 22.43
C GLY S 246 9.47 62.90 22.19
N LYS S 247 9.38 63.64 21.09
CA LYS S 247 8.17 64.38 20.77
C LYS S 247 7.24 63.53 19.91
N TYR S 248 5.95 63.54 20.26
CA TYR S 248 4.98 62.71 19.56
C TYR S 248 4.88 63.06 18.09
N ARG S 249 5.28 64.27 17.70
CA ARG S 249 5.17 64.66 16.30
C ARG S 249 6.11 63.86 15.42
N ASN S 250 7.32 63.57 15.92
CA ASN S 250 8.31 62.86 15.14
C ASN S 250 7.95 61.40 14.88
N LEU S 251 6.93 60.87 15.56
CA LEU S 251 6.50 59.50 15.28
C LEU S 251 5.93 59.41 13.87
N SER S 252 6.36 58.38 13.13
CA SER S 252 5.80 58.17 11.80
C SER S 252 4.31 57.86 11.89
N ASN S 253 3.92 56.99 12.82
CA ASN S 253 2.53 56.55 12.93
C ASN S 253 1.62 57.65 13.43
N PHE S 254 2.18 58.76 13.92
CA PHE S 254 1.38 59.88 14.37
C PHE S 254 0.77 60.58 13.17
N GLU S 255 -0.53 60.43 13.01
CA GLU S 255 -1.31 61.18 12.01
C GLU S 255 -1.99 62.39 12.63
N SER S 256 -1.33 63.05 13.58
CA SER S 256 -1.86 64.22 14.24
C SER S 256 -3.16 63.89 14.97
N TYR S 257 -3.03 62.97 15.93
CA TYR S 257 -4.15 62.65 16.81
C TYR S 257 -4.56 63.87 17.63
N PHE S 258 -3.64 64.80 17.85
CA PHE S 258 -3.93 66.01 18.59
C PHE S 258 -2.82 67.02 18.31
N ALA S 259 -2.91 68.17 18.95
CA ALA S 259 -1.91 69.20 18.80
C ALA S 259 -1.16 69.37 20.10
N PRO S 260 0.02 68.78 20.27
CA PRO S 260 0.72 68.89 21.56
C PRO S 260 1.08 70.33 21.88
N PHE S 261 0.99 70.67 23.16
CA PHE S 261 1.40 71.99 23.59
C PHE S 261 2.92 72.07 23.68
N ASP S 262 3.42 73.31 23.65
CA ASP S 262 4.88 73.60 23.83
C ASP S 262 4.95 74.38 25.14
N TYR S 263 5.31 73.74 26.25
CA TYR S 263 5.26 74.33 27.58
C TYR S 263 6.52 75.11 27.92
N GLN S 264 7.48 75.23 27.00
CA GLN S 264 8.71 75.93 27.30
C GLN S 264 8.43 77.35 27.77
N MET S 265 7.63 78.09 27.01
CA MET S 265 7.30 79.45 27.41
C MET S 265 6.36 79.49 28.61
N ALA S 266 5.38 78.59 28.65
CA ALA S 266 4.43 78.59 29.77
C ALA S 266 5.14 78.33 31.08
N SER S 267 6.07 77.37 31.11
CA SER S 267 6.83 77.11 32.33
C SER S 267 7.67 78.33 32.71
N LEU S 268 8.29 78.97 31.74
CA LEU S 268 9.09 80.15 32.04
C LEU S 268 8.24 81.25 32.66
N ARG S 269 7.06 81.51 32.09
CA ARG S 269 6.21 82.56 32.63
C ARG S 269 5.73 82.21 34.03
N SER S 270 5.35 80.96 34.26
CA SER S 270 4.76 80.54 35.53
C SER S 270 5.81 79.93 36.45
N TRP S 271 6.87 80.70 36.74
CA TRP S 271 7.85 80.29 37.72
C TRP S 271 7.60 80.87 39.10
N ALA S 272 7.13 82.12 39.17
CA ALA S 272 6.80 82.70 40.47
C ALA S 272 5.74 81.88 41.20
N LEU S 273 4.88 81.20 40.45
CA LEU S 273 3.87 80.36 41.08
C LEU S 273 4.46 79.05 41.58
N PHE S 274 5.40 78.46 40.82
CA PHE S 274 5.98 77.19 41.22
C PHE S 274 6.71 77.31 42.54
N ASN S 275 7.45 78.39 42.74
CA ASN S 275 8.14 78.58 44.02
C ASN S 275 7.14 78.73 45.16
N ASP S 276 6.07 79.49 44.95
CA ASP S 276 5.08 79.68 45.99
C ASP S 276 4.43 78.36 46.40
N PHE S 277 4.42 77.38 45.49
CA PHE S 277 3.90 76.06 45.83
C PHE S 277 4.75 75.40 46.90
N THR S 278 6.06 75.32 46.69
CA THR S 278 6.93 74.67 47.65
C THR S 278 6.88 75.39 49.00
N LEU S 279 6.87 76.72 48.98
CA LEU S 279 6.83 77.47 50.23
C LEU S 279 5.54 77.20 50.99
N TYR S 280 4.40 77.16 50.29
CA TYR S 280 3.13 76.93 50.97
C TYR S 280 3.06 75.52 51.56
N LYS S 281 3.56 74.52 50.82
CA LYS S 281 3.59 73.17 51.37
C LYS S 281 4.48 73.10 52.59
N ALA S 282 5.62 73.80 52.57
CA ALA S 282 6.51 73.77 53.72
C ALA S 282 5.85 74.38 54.95
N ILE S 283 5.11 75.48 54.77
CA ILE S 283 4.52 76.15 55.93
C ILE S 283 3.26 75.45 56.45
N GLU S 284 2.77 74.42 55.77
CA GLU S 284 1.77 73.57 56.41
C GLU S 284 2.38 72.88 57.63
N THR S 285 3.59 72.35 57.48
CA THR S 285 4.28 71.74 58.60
C THR S 285 4.69 72.75 59.66
N MET S 286 4.85 74.03 59.28
CA MET S 286 5.03 75.08 60.28
C MET S 286 3.95 74.99 61.35
N ILE S 287 2.69 75.06 60.94
CA ILE S 287 1.59 75.12 61.88
C ILE S 287 1.46 73.81 62.64
N LYS S 288 1.51 72.68 61.93
CA LYS S 288 1.29 71.40 62.58
C LYS S 288 2.37 71.11 63.61
N ALA S 289 3.62 71.42 63.30
CA ALA S 289 4.71 71.04 64.20
C ALA S 289 4.60 71.73 65.55
N VAL S 290 4.28 73.03 65.58
CA VAL S 290 4.31 73.80 66.82
C VAL S 290 3.10 73.42 67.69
N PRO S 291 3.27 73.30 69.00
CA PRO S 291 2.18 72.81 69.84
C PRO S 291 1.12 73.88 70.10
N GLU S 292 0.07 73.45 70.80
CA GLU S 292 -1.06 74.33 71.08
C GLU S 292 -0.70 75.37 72.14
N SER S 293 0.15 75.01 73.10
CA SER S 293 0.43 75.85 74.25
C SER S 293 1.27 77.07 73.91
N LYS S 294 1.51 77.36 72.64
CA LYS S 294 2.30 78.51 72.24
C LYS S 294 1.66 79.23 71.06
N PHE S 295 0.32 79.20 71.06
CA PHE S 295 -0.46 79.94 70.04
C PHE S 295 -1.13 81.09 70.77
N LYS S 296 -1.22 82.26 70.14
CA LYS S 296 -1.79 83.43 70.82
C LYS S 296 -3.26 83.24 71.11
N ASP S 297 -4.04 82.85 70.11
CA ASP S 297 -5.49 82.76 70.27
C ASP S 297 -5.93 81.47 70.96
N GLY S 298 -5.04 80.50 71.12
CA GLY S 298 -5.36 79.29 71.82
C GLY S 298 -5.97 78.22 70.92
N PRO S 299 -7.06 77.59 71.36
CA PRO S 299 -7.55 76.41 70.64
C PRO S 299 -7.95 76.70 69.20
N GLU S 300 -8.86 77.65 68.98
CA GLU S 300 -9.38 77.88 67.65
C GLU S 300 -8.43 78.77 66.84
N ARG S 301 -7.15 78.39 66.81
CA ARG S 301 -6.17 79.06 65.99
C ARG S 301 -5.43 78.05 65.13
N LYS S 302 -5.27 76.83 65.66
CA LYS S 302 -4.60 75.79 64.88
C LYS S 302 -5.42 75.43 63.64
N THR S 303 -6.73 75.23 63.81
CA THR S 303 -7.49 74.65 62.70
C THR S 303 -7.71 75.63 61.57
N GLN S 304 -8.07 76.89 61.85
CA GLN S 304 -8.29 77.83 60.77
C GLN S 304 -7.00 78.43 60.24
N LEU S 305 -5.89 78.31 60.98
CA LEU S 305 -4.59 78.55 60.36
C LEU S 305 -4.21 77.39 59.46
N ILE S 306 -4.44 76.16 59.91
CA ILE S 306 -4.21 75.00 59.06
C ILE S 306 -5.17 75.03 57.88
N LYS S 307 -6.45 75.31 58.12
CA LYS S 307 -7.41 75.31 57.02
C LYS S 307 -7.15 76.47 56.06
N GLN S 308 -6.77 77.63 56.58
CA GLN S 308 -6.52 78.77 55.70
C GLN S 308 -5.38 78.47 54.74
N ALA S 309 -4.31 77.81 55.24
CA ALA S 309 -3.19 77.47 54.37
C ALA S 309 -3.60 76.46 53.31
N ILE S 310 -4.33 75.43 53.71
CA ILE S 310 -4.73 74.39 52.76
C ILE S 310 -5.74 74.94 51.76
N ASN S 311 -6.66 75.79 52.21
CA ASN S 311 -7.63 76.36 51.27
C ASN S 311 -6.94 77.13 50.16
N ILE S 312 -5.92 77.92 50.49
CA ILE S 312 -5.18 78.63 49.46
C ILE S 312 -4.15 77.73 48.78
N PHE S 313 -3.82 76.59 49.38
CA PHE S 313 -3.04 75.59 48.65
C PHE S 313 -3.86 75.03 47.49
N GLU S 314 -5.17 74.90 47.67
CA GLU S 314 -6.04 74.49 46.57
C GLU S 314 -6.01 75.50 45.43
N THR S 315 -6.02 76.79 45.76
CA THR S 315 -6.13 77.81 44.73
C THR S 315 -4.94 77.76 43.78
N ILE S 316 -3.73 77.57 44.32
CA ILE S 316 -2.56 77.52 43.45
C ILE S 316 -2.40 76.16 42.79
N ARG S 317 -2.83 75.08 43.44
CA ARG S 317 -2.74 73.77 42.80
C ARG S 317 -3.69 73.67 41.63
N ASP S 318 -4.90 74.20 41.76
CA ASP S 318 -5.84 74.18 40.65
C ASP S 318 -5.43 75.15 39.54
N ARG S 319 -4.69 76.21 39.90
CA ARG S 319 -4.14 77.08 38.87
C ARG S 319 -3.12 76.30 38.03
N VAL S 320 -2.28 75.49 38.67
CA VAL S 320 -1.35 74.65 37.95
C VAL S 320 -2.09 73.65 37.07
N ILE S 321 -3.12 73.01 37.62
CA ILE S 321 -3.91 72.06 36.83
C ILE S 321 -4.61 72.77 35.68
N LEU S 322 -4.94 74.04 35.88
CA LEU S 322 -5.55 74.82 34.79
C LEU S 322 -4.53 75.08 33.68
N ILE S 323 -3.27 75.34 34.04
CA ILE S 323 -2.26 75.56 33.00
C ILE S 323 -2.11 74.34 32.12
N SER S 324 -2.36 73.15 32.66
CA SER S 324 -2.33 71.95 31.83
C SER S 324 -3.35 72.03 30.71
N GLU S 325 -4.59 72.44 31.04
CA GLU S 325 -5.61 72.56 30.01
C GLU S 325 -5.38 73.78 29.13
N HIS S 326 -4.97 74.90 29.74
CA HIS S 326 -4.81 76.15 29.01
C HIS S 326 -3.46 76.77 29.35
N PRO S 327 -2.38 76.38 28.66
CA PRO S 327 -1.09 77.05 28.88
C PRO S 327 -1.10 78.51 28.47
N GLU S 328 -2.01 78.91 27.58
CA GLU S 328 -2.14 80.32 27.28
C GLU S 328 -2.61 81.12 28.49
N ALA S 329 -3.22 80.46 29.47
CA ALA S 329 -3.65 81.12 30.69
C ALA S 329 -2.49 81.49 31.60
N ALA S 330 -1.24 81.28 31.17
CA ALA S 330 -0.10 81.70 31.98
C ALA S 330 0.00 83.20 32.11
N LYS S 331 -0.66 83.96 31.23
CA LYS S 331 -0.58 85.42 31.30
C LYS S 331 -1.20 85.95 32.58
N GLU S 332 -2.35 85.42 32.98
CA GLU S 332 -3.07 85.98 34.12
C GLU S 332 -2.19 85.99 35.35
N ASP S 333 -2.22 87.11 36.07
CA ASP S 333 -1.42 87.24 37.27
C ASP S 333 -2.01 86.39 38.40
N PRO S 334 -1.23 86.05 39.41
CA PRO S 334 -1.77 85.30 40.55
C PRO S 334 -2.90 86.07 41.22
N ASP S 335 -3.88 85.33 41.73
CA ASP S 335 -5.00 85.91 42.47
C ASP S 335 -5.07 85.35 43.88
N HIS S 336 -3.92 84.98 44.44
CA HIS S 336 -3.86 84.34 45.75
C HIS S 336 -2.91 85.12 46.64
N MET S 337 -3.13 84.99 47.95
CA MET S 337 -2.33 85.71 48.92
C MET S 337 -0.88 85.25 48.83
N LYS S 338 0.04 86.19 49.04
CA LYS S 338 1.46 85.90 48.92
C LYS S 338 1.88 84.96 50.05
N PRO S 339 2.86 84.08 49.83
CA PRO S 339 3.42 83.33 50.95
C PRO S 339 4.04 84.22 52.01
N GLY S 340 4.63 85.34 51.61
CA GLY S 340 5.19 86.25 52.60
C GLY S 340 4.14 86.83 53.51
N ASP S 341 3.02 87.30 52.94
CA ASP S 341 1.97 87.88 53.77
C ASP S 341 1.34 86.82 54.67
N PHE S 342 1.05 85.64 54.12
CA PHE S 342 0.50 84.58 54.95
C PHE S 342 1.50 84.11 55.97
N ARG S 343 2.78 84.03 55.61
CA ARG S 343 3.79 83.68 56.59
C ARG S 343 3.82 84.69 57.72
N LEU S 344 3.78 85.98 57.38
CA LEU S 344 3.67 87.02 58.39
C LEU S 344 2.51 86.73 59.33
N GLU S 345 1.36 86.36 58.77
CA GLU S 345 0.21 86.04 59.61
C GLU S 345 0.52 84.89 60.56
N VAL S 346 1.32 83.93 60.12
CA VAL S 346 1.67 82.79 60.98
C VAL S 346 2.44 83.27 62.21
N LEU S 347 3.48 84.08 62.01
CA LEU S 347 4.31 84.48 63.13
C LEU S 347 3.64 85.51 64.02
N ASN S 348 2.69 86.29 63.49
CA ASN S 348 2.02 87.28 64.32
C ASN S 348 1.24 86.63 65.44
N SER S 349 0.70 85.44 65.20
CA SER S 349 -0.17 84.75 66.16
C SER S 349 0.61 83.76 67.02
N ILE S 350 1.86 84.07 67.35
CA ILE S 350 2.74 83.19 68.09
C ILE S 350 3.18 83.90 69.37
N GLN S 351 3.00 83.24 70.50
CA GLN S 351 3.48 83.77 71.76
C GLN S 351 5.00 83.78 71.79
N THR S 352 5.56 84.64 72.64
CA THR S 352 6.98 84.89 72.68
C THR S 352 7.46 84.92 74.12
N LYS S 353 8.77 84.80 74.30
CA LYS S 353 9.40 84.83 75.61
C LYS S 353 10.24 86.09 75.75
N LEU S 354 10.10 86.76 76.89
CA LEU S 354 10.73 88.05 77.13
C LEU S 354 12.11 87.83 77.75
N PHE S 355 13.05 87.43 76.90
CA PHE S 355 14.42 87.22 77.36
C PHE S 355 15.01 88.57 77.70
N HIS S 356 14.92 88.96 78.98
CA HIS S 356 15.45 90.27 79.44
C HIS S 356 16.92 90.07 79.84
N ALA S 357 17.85 90.39 78.95
CA ALA S 357 19.27 90.22 79.23
C ALA S 357 19.67 91.13 80.38
N GLN S 358 20.53 90.61 81.26
CA GLN S 358 20.94 91.32 82.46
C GLN S 358 22.47 91.29 82.54
N SER S 359 23.05 92.40 82.99
CA SER S 359 24.50 92.55 83.04
C SER S 359 24.98 92.16 84.44
N GLN S 360 25.57 90.98 84.56
CA GLN S 360 26.08 90.52 85.84
C GLN S 360 27.29 91.36 86.26
N PRO S 361 27.32 91.84 87.52
CA PRO S 361 28.50 92.55 88.00
C PRO S 361 29.54 91.60 88.60
N ILE S 362 30.78 91.66 88.10
CA ILE S 362 31.85 90.82 88.60
C ILE S 362 32.91 91.71 89.24
N PRO S 363 33.46 91.33 90.40
CA PRO S 363 34.51 92.17 91.01
C PRO S 363 35.71 92.32 90.10
N ASN S 364 36.47 93.40 90.34
CA ASN S 364 37.66 93.73 89.54
C ASN S 364 37.27 94.14 88.13
N THR S 365 36.19 94.92 88.02
CA THR S 365 35.72 95.45 86.75
C THR S 365 35.14 96.84 86.97
N ASP S 366 35.61 97.81 86.19
CA ASP S 366 35.15 99.18 86.27
C ASP S 366 34.58 99.59 84.92
N ASP S 367 33.33 100.02 84.91
CA ASP S 367 32.62 100.40 83.69
C ASP S 367 32.49 99.23 82.72
N TYR S 368 32.78 98.01 83.18
CA TYR S 368 32.69 96.80 82.36
C TYR S 368 31.83 95.79 83.11
N TRP S 369 30.77 95.32 82.49
CA TRP S 369 29.84 94.39 83.09
C TRP S 369 29.94 93.04 82.38
N THR S 370 29.07 92.10 82.77
CA THR S 370 29.00 90.79 82.15
C THR S 370 27.55 90.52 81.77
N ASP S 371 27.27 90.57 80.48
CA ASP S 371 25.89 90.42 79.97
C ASP S 371 25.53 88.94 79.96
N VAL S 372 24.48 88.59 80.71
CA VAL S 372 23.94 87.23 80.74
C VAL S 372 22.50 87.30 80.25
N ILE S 373 22.20 86.54 79.20
CA ILE S 373 20.86 86.56 78.60
C ILE S 373 20.08 85.44 79.30
N LEU S 374 19.52 85.77 80.46
CA LEU S 374 18.69 84.84 81.23
C LEU S 374 17.34 85.47 81.51
N THR S 375 16.29 84.65 81.38
CA THR S 375 14.93 85.12 81.61
C THR S 375 14.64 85.39 83.07
N THR S 376 15.43 84.84 83.99
CA THR S 376 15.18 85.02 85.42
C THR S 376 15.79 86.34 85.89
N LYS S 377 15.00 87.12 86.61
CA LYS S 377 15.47 88.39 87.15
C LYS S 377 16.59 88.15 88.15
N GLY S 378 17.65 88.94 88.05
CA GLY S 378 18.78 88.82 88.95
C GLY S 378 18.91 90.00 89.88
N SER S 379 19.75 89.87 90.90
CA SER S 379 19.99 90.93 91.88
C SER S 379 21.30 91.62 91.56
N GLY S 380 21.25 92.93 91.34
CA GLY S 380 22.44 93.70 91.03
C GLY S 380 22.88 93.63 89.59
N ASN S 381 22.13 92.89 88.76
CA ASN S 381 22.47 92.76 87.32
C ASN S 381 21.70 93.81 86.53
N GLN S 382 22.40 94.59 85.69
CA GLN S 382 21.73 95.64 84.94
C GLN S 382 20.97 95.06 83.76
N PRO S 383 19.65 95.24 83.68
CA PRO S 383 18.92 94.77 82.49
C PRO S 383 19.25 95.60 81.26
N LEU S 384 19.41 94.92 80.12
CA LEU S 384 19.75 95.59 78.87
C LEU S 384 18.50 95.89 78.04
N PHE S 385 17.76 94.87 77.63
CA PHE S 385 16.53 95.06 76.88
C PHE S 385 15.64 93.86 77.12
N THR S 386 14.33 94.07 77.01
CA THR S 386 13.34 93.03 77.14
C THR S 386 12.56 92.93 75.82
N PHE S 387 12.60 91.74 75.21
CA PHE S 387 12.10 91.55 73.86
C PHE S 387 11.39 90.20 73.72
N PRO S 388 10.35 90.13 72.90
CA PRO S 388 9.76 88.82 72.58
C PRO S 388 10.79 87.93 71.90
N ALA S 389 10.74 86.64 72.22
CA ALA S 389 11.62 85.65 71.60
C ALA S 389 10.89 84.32 71.49
N PHE S 390 11.50 83.41 70.75
CA PHE S 390 10.92 82.10 70.45
C PHE S 390 11.63 81.04 71.28
N ASP S 391 10.87 80.35 72.12
CA ASP S 391 11.41 79.37 73.06
C ASP S 391 11.17 77.94 72.59
N PHE S 392 10.88 77.74 71.31
CA PHE S 392 10.60 76.41 70.78
C PHE S 392 10.93 76.39 69.30
N GLY S 393 11.41 75.24 68.84
CA GLY S 393 11.78 75.10 67.45
C GLY S 393 10.55 74.95 66.59
N ASP S 394 10.63 74.06 65.60
CA ASP S 394 9.50 73.75 64.72
C ASP S 394 9.02 74.95 63.92
N LEU S 395 9.75 76.07 63.96
CA LEU S 395 9.43 77.24 63.14
C LEU S 395 10.61 77.44 62.19
N ILE S 396 10.41 77.08 60.92
CA ILE S 396 11.54 77.13 59.98
C ILE S 396 12.01 78.57 59.87
N GLY S 397 13.28 78.73 59.50
CA GLY S 397 13.91 80.03 59.45
C GLY S 397 14.45 80.51 60.76
N THR S 398 14.55 79.64 61.77
CA THR S 398 15.01 80.03 63.13
C THR S 398 16.12 79.12 63.59
N GLU S 399 17.07 79.64 64.39
CA GLU S 399 18.17 78.88 64.96
C GLU S 399 18.34 79.27 66.42
N VAL S 400 18.94 78.36 67.18
CA VAL S 400 19.04 78.49 68.63
C VAL S 400 20.43 79.01 69.00
N VAL S 401 20.47 79.83 70.06
CA VAL S 401 21.71 80.33 70.63
C VAL S 401 21.80 79.78 72.05
N SER S 402 22.48 78.65 72.20
CA SER S 402 22.54 77.91 73.46
C SER S 402 23.87 78.21 74.14
N PHE S 403 23.83 79.00 75.20
CA PHE S 403 25.04 79.30 75.95
C PHE S 403 25.63 78.01 76.51
N GLY S 404 26.95 77.88 76.42
CA GLY S 404 27.65 76.75 76.99
C GLY S 404 28.42 77.16 78.24
N LYS S 405 27.94 76.73 79.40
CA LYS S 405 28.61 77.01 80.66
C LYS S 405 29.29 75.75 81.16
N LYS S 406 30.59 75.85 81.41
CA LYS S 406 31.35 74.69 81.87
C LYS S 406 30.84 74.24 83.24
N LYS S 407 30.29 73.02 83.29
CA LYS S 407 29.97 72.42 84.58
C LYS S 407 31.24 72.09 85.36
N ASN S 408 32.31 71.75 84.65
CA ASN S 408 33.61 71.49 85.25
C ASN S 408 34.36 72.78 85.56
N GLY S 409 33.82 73.92 85.17
CA GLY S 409 34.47 75.20 85.40
C GLY S 409 33.48 76.34 85.43
N GLU S 410 33.86 77.49 84.88
CA GLU S 410 32.98 78.64 84.86
C GLU S 410 33.01 79.38 83.52
N GLU S 411 33.65 78.82 82.50
CA GLU S 411 33.73 79.49 81.22
C GLU S 411 32.34 79.77 80.67
N TYR S 412 32.16 80.98 80.15
CA TYR S 412 30.93 81.38 79.47
C TYR S 412 31.09 81.16 77.98
N ASN S 413 30.17 80.40 77.37
CA ASN S 413 30.21 80.15 75.94
C ASN S 413 28.87 80.54 75.31
N CYS S 414 28.92 80.73 73.99
CA CYS S 414 27.75 81.13 73.22
C CYS S 414 27.85 80.47 71.86
N LEU S 415 27.13 79.37 71.66
CA LEU S 415 27.16 78.60 70.44
C LEU S 415 25.79 78.59 69.80
N ILE S 416 25.72 78.95 68.53
CA ILE S 416 24.46 78.96 67.79
C ILE S 416 24.24 77.60 67.17
N GLY S 417 23.05 77.05 67.37
CA GLY S 417 22.75 75.75 66.78
C GLY S 417 23.66 74.65 67.26
N GLU S 418 24.37 74.84 68.36
CA GLU S 418 25.27 73.84 68.93
C GLU S 418 25.03 73.81 70.43
N ARG S 419 24.34 72.78 70.90
CA ARG S 419 24.00 72.69 72.31
C ARG S 419 25.19 72.17 73.10
N VAL S 420 24.99 72.02 74.41
CA VAL S 420 25.99 71.40 75.26
C VAL S 420 26.13 69.91 74.97
N THR S 421 25.10 69.28 74.43
CA THR S 421 25.11 67.83 74.25
C THR S 421 26.28 67.37 73.39
N SER S 422 26.79 68.23 72.50
CA SER S 422 27.95 67.85 71.71
C SER S 422 29.16 67.60 72.60
N LEU S 423 29.35 68.42 73.61
CA LEU S 423 30.43 68.26 74.58
C LEU S 423 29.89 67.58 75.83
N ASP S 424 30.73 67.48 76.85
CA ASP S 424 30.38 66.83 78.11
C ASP S 424 30.66 67.76 79.27
N ASP S 425 29.74 67.78 80.25
CA ASP S 425 29.86 68.63 81.43
C ASP S 425 29.89 70.11 81.04
N TYR S 426 28.76 70.54 80.46
CA TYR S 426 28.56 71.96 80.06
C TYR S 426 27.11 72.27 80.43
N LYS S 427 26.73 73.54 80.48
CA LYS S 427 25.36 73.89 80.94
C LYS S 427 24.72 74.92 80.00
N GLU S 428 23.42 74.74 79.70
CA GLU S 428 22.70 75.69 78.81
C GLU S 428 22.19 76.88 79.64
N LEU S 429 23.02 77.89 79.86
CA LEU S 429 22.54 79.10 80.56
C LEU S 429 21.20 79.50 79.93
N SER S 430 21.15 79.57 78.60
CA SER S 430 19.95 79.99 77.89
C SER S 430 19.97 79.43 76.47
N TYR S 431 18.83 78.87 76.07
CA TYR S 431 18.64 78.42 74.70
C TYR S 431 17.29 78.89 74.22
N PHE S 432 17.26 79.45 73.01
CA PHE S 432 16.02 79.97 72.45
C PHE S 432 16.20 80.22 70.96
N TRP S 433 15.31 79.68 70.13
CA TRP S 433 15.44 79.83 68.69
C TRP S 433 15.17 81.27 68.27
N VAL S 434 15.91 81.74 67.26
CA VAL S 434 15.78 83.10 66.76
C VAL S 434 16.00 83.11 65.25
N PHE S 435 15.64 84.22 64.63
CA PHE S 435 15.90 84.41 63.21
C PHE S 435 17.33 84.90 63.01
N PRO S 436 18.21 84.11 62.37
CA PRO S 436 19.54 84.64 62.07
C PRO S 436 19.54 85.79 61.08
N ASP S 437 18.47 85.95 60.31
CA ASP S 437 18.37 87.00 59.31
C ASP S 437 17.08 87.78 59.52
N SER S 438 16.97 88.91 58.83
CA SER S 438 15.81 89.77 58.98
C SER S 438 14.65 89.26 58.16
N VAL S 439 13.45 89.73 58.48
CA VAL S 439 12.25 89.40 57.74
C VAL S 439 11.50 90.70 57.47
N GLN S 440 10.66 90.70 56.44
CA GLN S 440 9.92 91.90 56.08
C GLN S 440 9.04 92.34 57.23
N LYS S 441 9.37 93.50 57.79
CA LYS S 441 8.54 94.23 58.74
C LYS S 441 8.22 93.45 60.01
N PHE S 442 8.95 92.37 60.31
CA PHE S 442 8.80 91.67 61.57
C PHE S 442 10.07 91.71 62.41
N ALA S 443 11.19 91.23 61.87
CA ALA S 443 12.44 91.09 62.62
C ALA S 443 13.43 92.12 62.10
N MET S 444 13.44 93.30 62.73
CA MET S 444 14.27 94.40 62.28
C MET S 444 15.31 94.84 63.31
N GLU S 445 15.11 94.55 64.59
CA GLU S 445 16.08 94.92 65.60
C GLU S 445 17.13 93.83 65.73
N MET S 446 18.34 94.23 66.10
CA MET S 446 19.53 93.40 65.97
C MET S 446 20.14 93.06 67.32
N TYR S 447 20.78 91.90 67.39
CA TYR S 447 21.59 91.51 68.53
C TYR S 447 22.87 90.85 68.04
N GLY S 448 23.99 91.19 68.68
CA GLY S 448 25.28 90.66 68.29
C GLY S 448 26.02 90.10 69.49
N VAL S 449 26.85 89.10 69.22
CA VAL S 449 27.60 88.39 70.25
C VAL S 449 29.08 88.72 70.09
N SER S 450 29.72 89.07 71.21
CA SER S 450 31.16 89.27 71.26
C SER S 450 31.69 88.71 72.56
N LYS S 451 32.90 88.15 72.51
CA LYS S 451 33.51 87.48 73.65
C LYS S 451 34.97 87.90 73.78
N VAL S 452 35.44 88.03 75.01
CA VAL S 452 36.83 88.40 75.27
C VAL S 452 37.65 87.13 75.45
N PRO S 453 38.68 86.89 74.64
CA PRO S 453 39.43 85.62 74.78
C PRO S 453 40.05 85.44 76.15
N THR S 454 40.58 86.51 76.75
CA THR S 454 41.27 86.36 78.02
C THR S 454 40.31 85.95 79.12
N ARG S 455 39.13 86.55 79.16
CA ARG S 455 38.12 86.26 80.17
C ARG S 455 36.77 86.13 79.49
N ASN S 456 36.03 85.09 79.85
CA ASN S 456 34.76 84.80 79.19
C ASN S 456 33.67 85.71 79.71
N TYR S 457 33.84 87.01 79.55
CA TYR S 457 32.80 87.98 79.89
C TYR S 457 31.94 88.16 78.66
N MET S 458 30.78 87.51 78.66
CA MET S 458 29.88 87.60 77.53
C MET S 458 29.59 89.05 77.21
N ARG S 459 29.88 89.44 75.97
CA ARG S 459 29.67 90.80 75.47
C ARG S 459 28.67 90.72 74.32
N VAL S 460 27.39 90.70 74.68
CA VAL S 460 26.30 90.72 73.71
C VAL S 460 25.71 92.12 73.73
N TYR S 461 25.57 92.70 72.54
CA TYR S 461 25.14 94.09 72.43
C TYR S 461 24.31 94.25 71.16
N ALA S 462 23.63 95.39 71.08
CA ALA S 462 22.84 95.75 69.91
C ALA S 462 23.79 96.15 68.78
N ALA S 463 24.11 95.21 67.91
CA ALA S 463 25.10 95.42 66.86
C ALA S 463 24.47 96.21 65.70
N ASP S 464 25.27 96.38 64.65
CA ASP S 464 24.82 97.16 63.46
C ASP S 464 25.24 96.39 62.21
N GLN S 465 24.74 96.79 61.04
CA GLN S 465 25.15 96.16 59.80
C GLN S 465 26.64 96.33 59.55
N SER S 466 27.20 97.40 60.12
CA SER S 466 28.66 97.66 59.97
C SER S 466 29.45 96.76 60.94
N ASP S 467 28.87 96.44 62.10
CA ASP S 467 29.55 95.49 63.03
C ASP S 467 29.82 94.20 62.27
N ILE S 468 28.91 93.81 61.38
CA ILE S 468 29.14 92.61 60.53
C ILE S 468 30.30 92.93 59.58
N GLU S 469 30.19 94.02 58.82
CA GLU S 469 31.25 94.41 57.86
C GLU S 469 32.62 94.36 58.55
N ASN S 470 32.79 95.12 59.64
CA ASN S 470 34.07 95.09 60.40
C ASN S 470 33.85 94.36 61.72
N PRO S 471 34.12 93.04 61.80
CA PRO S 471 33.84 92.24 63.04
C PRO S 471 34.96 92.35 64.05
N ARG S 472 34.60 92.41 65.34
CA ARG S 472 35.60 92.45 66.39
C ARG S 472 36.13 91.04 66.64
N PRO S 473 37.28 90.92 67.31
CA PRO S 473 37.83 89.58 67.58
C PRO S 473 36.86 88.72 68.38
N TYR S 474 36.79 87.42 68.04
CA TYR S 474 35.95 86.47 68.83
C TYR S 474 34.48 86.87 68.81
N GLN S 475 34.03 87.62 67.82
CA GLN S 475 32.60 87.93 67.71
C GLN S 475 31.94 86.78 66.97
N ARG S 476 31.08 86.04 67.68
CA ARG S 476 30.61 84.76 67.16
C ARG S 476 29.51 84.92 66.12
N PHE S 477 28.37 85.48 66.53
CA PHE S 477 27.19 85.49 65.67
C PHE S 477 26.33 86.69 66.00
N TRP S 478 25.48 87.07 65.04
CA TRP S 478 24.55 88.16 65.19
C TRP S 478 23.17 87.72 64.71
N PHE S 479 22.13 88.21 65.39
CA PHE S 479 20.78 87.73 65.14
C PHE S 479 19.79 88.87 65.29
N TYR S 480 18.66 88.73 64.59
CA TYR S 480 17.59 89.71 64.59
C TYR S 480 16.43 89.20 65.43
N VAL S 481 15.84 90.09 66.21
CA VAL S 481 14.72 89.76 67.09
C VAL S 481 13.50 90.54 66.61
N PRO S 482 12.28 90.01 66.77
CA PRO S 482 11.09 90.71 66.28
C PRO S 482 10.94 92.11 66.87
N SER S 483 10.47 93.02 66.03
CA SER S 483 10.25 94.40 66.42
C SER S 483 8.83 94.53 66.96
N ALA S 484 8.69 95.11 68.16
CA ALA S 484 7.38 95.29 68.76
C ALA S 484 6.53 96.31 68.04
N ASN S 485 7.11 97.07 67.11
CA ASN S 485 6.36 98.10 66.37
C ASN S 485 5.40 97.50 65.34
N SER S 486 5.47 96.20 65.09
CA SER S 486 4.58 95.60 64.10
C SER S 486 3.13 95.74 64.57
N PRO S 487 2.20 96.09 63.69
CA PRO S 487 0.81 96.25 64.12
C PRO S 487 0.12 94.91 64.24
N PRO S 488 -0.57 94.65 65.37
CA PRO S 488 -1.25 93.37 65.50
C PRO S 488 -2.64 93.37 64.87
N GLY T 2 27.09 71.62 5.82
CA GLY T 2 26.16 70.70 6.44
C GLY T 2 26.33 69.27 5.99
N GLU T 3 27.30 68.58 6.58
CA GLU T 3 27.53 67.18 6.26
C GLU T 3 27.62 66.32 7.52
N VAL T 4 27.99 66.94 8.64
CA VAL T 4 28.10 66.24 9.91
C VAL T 4 27.43 67.06 10.99
N VAL T 5 27.08 66.40 12.09
CA VAL T 5 26.44 67.06 13.22
C VAL T 5 26.79 66.31 14.50
N PRO T 6 27.09 66.99 15.61
CA PRO T 6 27.38 66.27 16.85
C PRO T 6 26.19 65.44 17.30
N TYR T 7 26.50 64.30 17.90
CA TYR T 7 25.45 63.39 18.34
C TYR T 7 24.57 64.06 19.39
N LYS T 8 23.25 63.91 19.23
CA LYS T 8 22.28 64.38 20.20
C LYS T 8 21.45 63.19 20.66
N ALA T 9 21.36 62.99 21.97
CA ALA T 9 20.75 61.79 22.50
C ALA T 9 19.32 61.66 21.99
N GLY T 10 18.90 60.43 21.76
CA GLY T 10 17.60 60.14 21.20
C GLY T 10 17.58 60.05 19.69
N MET T 11 18.68 60.37 19.02
CA MET T 11 18.72 60.31 17.57
C MET T 11 18.43 58.89 17.10
N GLN T 12 17.59 58.78 16.08
CA GLN T 12 17.24 57.51 15.49
C GLN T 12 17.66 57.53 14.03
N ARG T 13 18.36 56.49 13.60
CA ARG T 13 18.83 56.43 12.22
C ARG T 13 17.64 56.57 11.27
N GLY T 14 17.81 57.41 10.25
CA GLY T 14 16.76 57.59 9.26
C GLY T 14 15.64 58.48 9.75
N GLN T 15 15.97 59.73 10.10
CA GLN T 15 14.98 60.69 10.53
C GLN T 15 15.30 62.06 9.96
N GLY T 16 14.28 62.87 9.82
CA GLY T 16 14.47 64.21 9.29
C GLY T 16 15.26 65.09 10.24
N TYR T 17 15.92 66.09 9.68
CA TYR T 17 16.74 67.01 10.45
C TYR T 17 16.58 68.41 9.87
N ASN T 18 16.00 69.30 10.66
CA ASN T 18 15.82 70.69 10.27
C ASN T 18 17.16 71.40 10.51
N THR T 19 17.97 71.51 9.45
CA THR T 19 19.35 71.96 9.64
C THR T 19 19.42 73.37 10.20
N TYR T 20 18.43 74.21 9.92
CA TYR T 20 18.42 75.56 10.47
C TYR T 20 18.15 75.55 11.97
N LEU T 21 17.01 74.99 12.37
CA LEU T 21 16.69 74.90 13.79
C LEU T 21 17.50 73.85 14.52
N GLN T 22 18.27 73.02 13.80
CA GLN T 22 19.11 72.00 14.42
C GLN T 22 18.31 71.08 15.33
N SER T 23 17.02 70.95 15.06
CA SER T 23 16.15 70.10 15.86
C SER T 23 16.03 68.73 15.19
N LEU T 24 15.17 67.88 15.72
CA LEU T 24 14.92 66.55 15.19
C LEU T 24 13.53 66.50 14.59
N CYS T 25 13.39 65.75 13.49
CA CYS T 25 12.12 65.66 12.80
C CYS T 25 11.71 64.20 12.62
N VAL T 26 10.69 63.96 11.80
CA VAL T 26 10.02 62.66 11.78
C VAL T 26 11.05 61.53 11.72
N LYS T 27 10.78 60.47 12.46
CA LYS T 27 11.64 59.30 12.48
C LYS T 27 11.12 58.25 11.52
N ASP T 28 12.05 57.53 10.89
CA ASP T 28 11.73 56.43 9.98
C ASP T 28 11.18 56.92 8.65
N ALA T 29 11.60 58.11 8.21
CA ALA T 29 11.29 58.53 6.86
C ALA T 29 12.14 57.78 5.84
N VAL T 30 13.34 57.36 6.23
CA VAL T 30 14.26 56.67 5.35
C VAL T 30 14.61 55.32 5.99
N THR T 31 14.45 54.25 5.22
CA THR T 31 14.82 52.91 5.65
C THR T 31 16.13 52.54 4.97
N ILE T 32 17.13 52.17 5.75
CA ILE T 32 18.42 51.75 5.24
C ILE T 32 18.54 50.25 5.42
N GLU T 33 18.72 49.53 4.31
CA GLU T 33 18.89 48.09 4.34
C GLU T 33 20.38 47.77 4.34
N ARG T 34 20.82 47.05 5.38
CA ARG T 34 22.20 46.60 5.46
C ARG T 34 22.32 45.32 4.63
N HIS T 35 22.74 45.47 3.37
CA HIS T 35 22.87 44.31 2.50
C HIS T 35 23.90 43.33 3.05
N ASP T 36 25.03 43.83 3.53
CA ASP T 36 26.11 43.01 4.05
C ASP T 36 26.36 43.37 5.50
N ASP T 37 26.47 42.35 6.35
CA ASP T 37 26.73 42.55 7.77
C ASP T 37 28.24 42.56 7.99
N SER T 38 28.82 43.75 8.02
CA SER T 38 30.26 43.87 8.24
C SER T 38 30.56 45.29 8.72
N ASN T 39 31.45 45.39 9.70
CA ASN T 39 31.81 46.70 10.23
C ASN T 39 32.60 47.48 9.17
N PRO T 40 32.44 48.80 9.12
CA PRO T 40 33.09 49.58 8.08
C PRO T 40 34.58 49.73 8.35
N PRO T 41 35.36 50.16 7.36
CA PRO T 41 36.79 50.39 7.57
C PRO T 41 37.03 51.46 8.62
N PHE T 42 38.13 51.32 9.35
CA PHE T 42 38.38 52.16 10.51
C PHE T 42 39.82 52.67 10.49
N LYS T 43 40.03 53.79 11.18
CA LYS T 43 41.34 54.43 11.29
C LYS T 43 41.74 54.49 12.75
N LYS T 44 42.97 54.09 13.04
CA LYS T 44 43.46 53.99 14.41
C LYS T 44 44.62 54.95 14.65
N GLU T 45 44.75 55.37 15.90
CA GLU T 45 45.89 56.13 16.36
C GLU T 45 46.33 55.59 17.71
N TYR T 46 47.61 55.78 18.04
CA TYR T 46 48.14 55.28 19.31
C TYR T 46 49.37 56.11 19.67
N TYR T 47 49.19 57.04 20.60
CA TYR T 47 50.28 57.85 21.15
C TYR T 47 50.57 57.34 22.56
N SER T 48 51.81 56.95 22.81
CA SER T 48 52.19 56.36 24.09
C SER T 48 53.46 56.99 24.62
N GLU T 49 53.51 57.16 25.94
CA GLU T 49 54.67 57.68 26.64
C GLU T 49 54.94 56.84 27.88
N PHE T 50 56.20 56.54 28.13
CA PHE T 50 56.61 55.81 29.34
C PHE T 50 57.79 56.56 29.92
N ILE T 51 57.51 57.47 30.86
CA ILE T 51 58.54 58.38 31.35
C ILE T 51 59.57 57.61 32.18
N GLU T 52 60.74 58.21 32.33
CA GLU T 52 61.91 57.54 32.86
C GLU T 52 61.62 56.87 34.18
N GLU T 53 62.47 55.91 34.54
CA GLU T 53 62.44 55.28 35.86
C GLU T 53 63.47 55.99 36.72
N TYR T 54 63.01 56.91 37.55
CA TYR T 54 63.90 57.69 38.39
C TYR T 54 64.45 56.78 39.48
N GLU T 55 65.45 55.98 39.09
CA GLU T 55 66.08 55.04 40.06
C GLU T 55 67.34 55.70 40.64
N LYS T 56 67.28 56.04 41.92
CA LYS T 56 68.39 56.72 42.59
C LYS T 56 68.65 56.01 43.92
N ILE T 57 69.78 55.33 44.02
CA ILE T 57 70.24 54.73 45.27
C ILE T 57 71.39 55.56 45.77
N ALA T 58 71.26 56.12 46.97
CA ALA T 58 72.34 56.78 47.67
C ALA T 58 72.53 56.06 49.00
N LYS T 59 73.74 55.60 49.26
CA LYS T 59 74.03 54.74 50.39
C LYS T 59 75.25 55.24 51.13
N SER T 60 75.26 55.04 52.45
CA SER T 60 76.31 55.58 53.31
C SER T 60 77.01 54.46 54.07
N MET T 61 78.33 54.61 54.24
CA MET T 61 79.09 53.63 55.07
C MET T 61 80.21 54.40 55.79
N ARG T 62 79.96 54.80 57.03
CA ARG T 62 80.87 55.60 57.85
C ARG T 62 81.32 54.76 59.04
N ILE T 63 82.63 54.51 59.12
CA ILE T 63 83.21 53.74 60.21
C ILE T 63 84.31 54.57 60.84
N SER T 64 84.46 54.43 62.16
CA SER T 64 85.50 55.15 62.88
C SER T 64 85.83 54.39 64.15
N ALA T 65 87.09 54.00 64.32
CA ALA T 65 87.51 53.28 65.50
C ALA T 65 88.98 53.58 65.77
N GLY T 66 89.35 53.52 67.04
CA GLY T 66 90.73 53.77 67.45
C GLY T 66 90.89 53.88 68.95
N VAL T 78 90.28 51.60 76.01
CA VAL T 78 89.32 52.62 75.63
C VAL T 78 89.26 52.73 74.12
N ASN T 79 88.68 51.71 73.48
CA ASN T 79 88.54 51.66 72.04
C ASN T 79 87.07 51.87 71.69
N VAL T 80 86.81 52.77 70.75
CA VAL T 80 85.46 53.12 70.35
C VAL T 80 85.23 52.69 68.91
N ASP T 81 83.98 52.48 68.56
CA ASP T 81 83.57 52.09 67.22
C ASP T 81 82.35 52.89 66.81
N ILE T 82 82.26 53.21 65.52
CA ILE T 82 81.10 53.88 64.95
C ILE T 82 80.80 53.23 63.61
N LEU T 83 79.53 52.87 63.39
CA LEU T 83 79.13 52.15 62.17
C LEU T 83 77.78 52.73 61.74
N ASN T 84 77.80 53.63 60.77
CA ASN T 84 76.60 54.32 60.32
C ASN T 84 76.28 53.96 58.87
N ARG T 85 75.02 53.64 58.61
CA ARG T 85 74.55 53.29 57.29
C ARG T 85 73.37 54.16 56.91
N SER T 86 73.14 54.27 55.60
CA SER T 86 71.95 54.92 55.08
C SER T 86 71.66 54.34 53.72
N GLU T 87 70.43 54.57 53.25
CA GLU T 87 70.01 54.05 51.95
C GLU T 87 68.78 54.82 51.51
N PHE T 88 68.88 55.50 50.37
CA PHE T 88 67.78 56.28 49.82
C PHE T 88 67.47 55.77 48.43
N GLU T 89 66.23 55.35 48.22
CA GLU T 89 65.79 54.80 46.94
C GLU T 89 64.68 55.65 46.38
N THR T 90 64.65 55.77 45.06
CA THR T 90 63.61 56.50 44.36
C THR T 90 63.20 55.73 43.12
N SER T 91 61.93 55.82 42.75
CA SER T 91 61.44 55.17 41.54
C SER T 91 60.16 55.89 41.11
N THR T 92 60.28 56.78 40.13
CA THR T 92 59.13 57.47 39.57
C THR T 92 58.87 56.92 38.18
N LEU T 93 57.76 56.18 38.04
CA LEU T 93 57.32 55.69 36.75
C LEU T 93 56.03 56.40 36.38
N THR T 94 55.96 56.85 35.13
CA THR T 94 54.75 57.48 34.61
C THR T 94 54.43 56.89 33.25
N TYR T 95 53.14 56.86 32.92
CA TYR T 95 52.69 56.28 31.67
C TYR T 95 51.52 57.09 31.13
N GLU T 96 51.32 57.02 29.82
CA GLU T 96 50.21 57.73 29.20
C GLU T 96 50.02 57.22 27.78
N VAL T 97 48.77 56.89 27.43
CA VAL T 97 48.42 56.50 26.08
C VAL T 97 47.17 57.26 25.66
N LYS T 98 46.94 57.31 24.36
CA LYS T 98 45.76 57.97 23.81
C LYS T 98 45.42 57.30 22.48
N VAL T 99 44.40 56.45 22.49
CA VAL T 99 44.02 55.67 21.32
C VAL T 99 42.75 56.26 20.74
N LEU T 100 42.80 56.62 19.45
CA LEU T 100 41.65 57.18 18.75
C LEU T 100 41.29 56.25 17.59
N VAL T 101 40.02 55.85 17.54
CA VAL T 101 39.51 54.98 16.49
C VAL T 101 38.34 55.68 15.83
N GLN T 102 38.36 55.75 14.51
CA GLN T 102 37.29 56.38 13.74
C GLN T 102 36.91 55.46 12.59
N HIS T 103 35.65 55.07 12.53
CA HIS T 103 35.16 54.20 11.47
C HIS T 103 34.76 55.05 10.26
N GLN T 104 34.18 54.41 9.25
CA GLN T 104 33.65 55.13 8.10
C GLN T 104 32.23 54.66 7.82
N VAL T 105 31.58 55.22 6.80
CA VAL T 105 30.22 54.85 6.45
C VAL T 105 30.28 53.90 5.26
N SER T 106 29.62 52.76 5.39
CA SER T 106 29.66 51.74 4.35
C SER T 106 29.06 52.28 3.06
N VAL T 107 29.63 51.85 1.94
CA VAL T 107 29.24 52.36 0.62
C VAL T 107 28.31 51.40 -0.11
N LEU T 108 27.94 50.27 0.50
CA LEU T 108 27.15 49.24 -0.15
C LEU T 108 25.78 49.09 0.50
N ASP T 109 25.15 50.20 0.86
CA ASP T 109 23.82 50.21 1.44
C ASP T 109 22.82 50.85 0.48
N LYS T 110 21.55 50.56 0.69
CA LYS T 110 20.47 51.10 -0.12
C LYS T 110 19.63 52.03 0.73
N HIS T 111 19.29 53.19 0.18
CA HIS T 111 18.51 54.20 0.87
C HIS T 111 17.17 54.37 0.17
N SER T 112 16.09 54.39 0.94
CA SER T 112 14.74 54.52 0.42
C SER T 112 14.01 55.62 1.17
N PHE T 113 12.88 56.06 0.62
CA PHE T 113 12.09 57.14 1.18
C PHE T 113 10.66 56.67 1.39
N ASN T 114 10.18 56.75 2.63
CA ASN T 114 8.84 56.34 2.97
C ASN T 114 7.93 57.56 3.08
N LYS T 115 6.67 57.37 2.70
CA LYS T 115 5.74 58.48 2.59
C LYS T 115 4.94 58.64 3.88
N ILE T 116 4.93 59.84 4.43
CA ILE T 116 4.08 60.21 5.55
C ILE T 116 3.15 61.31 5.05
N GLN T 117 1.84 61.11 5.22
CA GLN T 117 0.86 62.05 4.71
C GLN T 117 0.70 63.21 5.69
N THR T 118 1.02 64.42 5.23
CA THR T 118 0.94 65.62 6.05
C THR T 118 0.55 66.79 5.18
N THR T 119 -0.15 67.76 5.78
CA THR T 119 -0.44 69.00 5.08
C THR T 119 0.76 69.94 5.07
N THR T 120 1.76 69.68 5.91
CA THR T 120 2.96 70.50 6.01
C THR T 120 4.19 69.59 5.94
N PRO T 121 4.45 68.97 4.79
CA PRO T 121 5.59 68.05 4.72
C PRO T 121 6.91 68.71 5.01
N HIS T 122 7.00 70.03 4.84
CA HIS T 122 8.26 70.73 5.09
C HIS T 122 8.65 70.67 6.55
N ALA T 123 7.70 70.93 7.45
CA ALA T 123 7.99 70.93 8.88
C ALA T 123 8.07 69.53 9.45
N THR T 124 7.50 68.54 8.76
CA THR T 124 7.59 67.16 9.23
C THR T 124 8.87 66.50 8.76
N TYR T 125 9.12 66.52 7.45
CA TYR T 125 10.32 65.88 6.91
C TYR T 125 11.57 66.69 7.23
N GLY T 126 11.51 68.00 7.09
CA GLY T 126 12.67 68.84 7.29
C GLY T 126 13.44 69.08 6.00
N ASP T 127 14.77 69.01 6.09
CA ASP T 127 15.63 69.16 4.92
C ASP T 127 16.45 67.92 4.64
N ARG T 128 17.16 67.39 5.64
CA ARG T 128 18.09 66.28 5.44
C ARG T 128 17.81 65.19 6.46
N PHE T 129 18.17 63.97 6.09
CA PHE T 129 17.93 62.78 6.89
C PHE T 129 19.25 62.19 7.39
N ILE T 130 19.15 61.36 8.43
CA ILE T 130 20.31 60.76 9.08
C ILE T 130 20.55 59.41 8.42
N ALA T 131 21.53 59.36 7.52
CA ALA T 131 21.78 58.14 6.76
C ALA T 131 22.56 57.12 7.58
N ASP T 132 23.77 57.48 7.96
CA ASP T 132 24.63 56.57 8.73
C ASP T 132 25.30 57.35 9.84
N PHE T 133 25.62 56.64 10.91
CA PHE T 133 26.27 57.24 12.08
C PHE T 133 27.76 56.98 12.02
N ILE T 134 28.54 58.06 12.12
CA ILE T 134 29.99 57.93 12.18
C ILE T 134 30.37 57.43 13.57
N LYS T 135 31.00 56.26 13.63
CA LYS T 135 31.33 55.62 14.88
C LYS T 135 32.82 55.71 15.16
N GLY T 136 33.18 55.54 16.44
CA GLY T 136 34.56 55.63 16.85
C GLY T 136 34.79 55.19 18.28
N GLY T 137 35.92 55.61 18.85
CA GLY T 137 36.28 55.22 20.20
C GLY T 137 37.40 56.10 20.71
N HIS T 138 37.72 55.92 21.98
CA HIS T 138 38.70 56.78 22.64
C HIS T 138 39.33 56.04 23.80
N PHE T 139 40.58 56.38 24.10
CA PHE T 139 41.27 55.84 25.26
C PHE T 139 42.16 56.91 25.85
N TYR T 140 42.36 56.84 27.15
CA TYR T 140 43.17 57.83 27.86
C TYR T 140 43.58 57.25 29.20
N ALA T 141 44.87 57.02 29.39
CA ALA T 141 45.36 56.39 30.60
C ALA T 141 46.51 57.20 31.17
N ARG T 142 46.65 57.16 32.49
CA ARG T 142 47.77 57.78 33.19
C ARG T 142 48.10 56.94 34.41
N VAL T 143 49.34 56.48 34.49
CA VAL T 143 49.84 55.77 35.66
C VAL T 143 50.94 56.64 36.28
N SER T 144 50.90 56.80 37.58
CA SER T 144 51.88 57.59 38.32
C SER T 144 52.35 56.75 39.51
N ILE T 145 53.35 55.91 39.29
CA ILE T 145 53.91 55.08 40.35
C ILE T 145 54.96 55.91 41.08
N THR T 146 54.73 56.23 42.35
CA THR T 146 55.65 57.08 43.14
C THR T 146 56.84 56.27 43.60
N ALA T 147 57.85 56.92 44.16
CA ALA T 147 59.09 56.27 44.64
C ALA T 147 58.83 55.31 45.78
N LYS T 148 59.84 54.55 46.18
CA LYS T 148 59.73 53.67 47.37
C LYS T 148 60.22 54.49 48.56
N ASN T 149 61.19 55.38 48.33
CA ASN T 149 61.82 56.14 49.40
C ASN T 149 62.30 55.21 50.52
N SER T 150 62.99 54.14 50.10
CA SER T 150 63.62 53.26 51.08
C SER T 150 64.58 54.07 51.93
N SER T 151 64.54 53.84 53.25
CA SER T 151 65.32 54.64 54.18
C SER T 151 66.07 53.77 55.16
N GLU T 152 66.76 52.74 54.68
CA GLU T 152 67.55 51.87 55.56
C GLU T 152 68.66 52.69 56.19
N THR T 153 68.64 52.81 57.52
CA THR T 153 69.68 53.48 58.27
C THR T 153 70.02 52.65 59.50
N SER T 154 71.21 52.89 60.05
CA SER T 154 71.64 52.16 61.24
C SER T 154 72.86 52.83 61.84
N GLU T 155 73.07 52.59 63.13
CA GLU T 155 74.21 53.13 63.85
C GLU T 155 74.66 52.09 64.86
N LEU T 156 75.95 52.09 65.19
CA LEU T 156 76.50 51.19 66.20
C LEU T 156 77.61 51.91 66.95
N LYS T 157 77.79 51.52 68.22
CA LYS T 157 78.76 52.18 69.10
C LYS T 157 79.31 51.17 70.09
N GLN T 158 80.58 50.79 69.93
CA GLN T 158 81.24 49.82 70.81
C GLN T 158 82.38 50.51 71.54
N SER T 159 82.09 50.96 72.76
CA SER T 159 83.12 51.55 73.61
C SER T 159 83.72 50.47 74.50
N ALA T 160 85.01 50.18 74.29
CA ALA T 160 85.70 49.16 75.06
C ALA T 160 84.98 47.82 74.98
N THR T 174 84.19 46.98 80.86
CA THR T 174 83.21 47.95 80.38
C THR T 174 82.90 47.76 78.90
N GLN T 175 81.62 47.88 78.56
CA GLN T 175 81.17 47.63 77.20
C GLN T 175 79.96 48.52 76.94
N GLU T 176 79.67 48.75 75.67
CA GLU T 176 78.55 49.58 75.27
C GLU T 176 78.12 49.21 73.86
N VAL T 177 76.81 49.11 73.65
CA VAL T 177 76.24 48.86 72.32
C VAL T 177 75.05 49.78 72.14
N GLU T 178 74.93 50.38 70.96
CA GLU T 178 73.88 51.35 70.65
C GLU T 178 73.46 51.17 69.20
N ARG T 179 72.32 50.51 68.99
CA ARG T 179 71.77 50.29 67.65
C ARG T 179 70.39 50.91 67.48
N ALA T 180 70.11 52.03 68.15
CA ALA T 180 68.80 52.67 68.08
C ALA T 180 68.68 53.54 66.84
N VAL T 181 68.95 52.96 65.67
CA VAL T 181 68.77 53.66 64.40
C VAL T 181 68.32 52.62 63.37
N SER T 182 67.13 52.82 62.83
CA SER T 182 66.57 51.92 61.82
C SER T 182 65.30 52.53 61.27
N SER T 183 65.14 52.46 59.95
CA SER T 183 63.95 52.98 59.29
C SER T 183 63.80 52.26 57.96
N ILE T 184 62.59 52.31 57.41
CA ILE T 184 62.24 51.58 56.20
C ILE T 184 61.49 52.51 55.25
N LYS T 185 61.26 52.01 54.04
CA LYS T 185 60.59 52.76 52.98
C LYS T 185 59.20 53.21 53.43
N ARG T 186 58.82 54.38 52.95
CA ARG T 186 57.43 54.82 53.09
C ARG T 186 57.11 55.66 51.85
N ASN T 187 56.68 54.97 50.78
CA ASN T 187 56.05 55.61 49.64
C ASN T 187 55.54 54.56 48.67
N ALA T 188 54.27 54.64 48.28
CA ALA T 188 53.75 53.81 47.20
C ALA T 188 52.44 54.44 46.73
N SER T 189 52.52 55.19 45.63
CA SER T 189 51.35 55.86 45.08
C SER T 189 51.09 55.34 43.68
N VAL T 190 49.88 54.87 43.44
CA VAL T 190 49.47 54.39 42.12
C VAL T 190 48.22 55.18 41.75
N LYS T 191 48.38 56.22 40.96
CA LYS T 191 47.27 56.99 40.43
C LYS T 191 46.96 56.47 39.03
N ILE T 192 45.75 55.97 38.85
CA ILE T 192 45.31 55.44 37.56
C ILE T 192 44.05 56.20 37.14
N THR T 193 44.05 56.74 35.93
CA THR T 193 42.85 57.30 35.32
C THR T 193 42.67 56.62 33.97
N ILE T 194 41.49 56.07 33.73
CA ILE T 194 41.19 55.40 32.47
C ILE T 194 39.89 55.96 31.95
N ILE T 195 39.91 56.52 30.74
CA ILE T 195 38.73 57.09 30.10
C ILE T 195 38.52 56.35 28.79
N GLU T 196 37.37 55.70 28.66
CA GLU T 196 37.12 54.81 27.54
C GLU T 196 35.77 55.12 26.91
N SER T 197 35.71 54.94 25.60
CA SER T 197 34.45 55.03 24.83
C SER T 197 34.48 53.85 23.85
N THR T 198 33.94 52.72 24.27
CA THR T 198 34.00 51.50 23.47
C THR T 198 32.62 50.88 23.33
N GLY T 199 32.55 49.68 22.77
CA GLY T 199 31.29 49.02 22.54
C GLY T 199 31.32 47.57 23.02
N THR T 200 30.13 47.03 23.19
CA THR T 200 29.99 45.65 23.66
C THR T 200 30.28 44.67 22.53
N SER T 201 30.70 43.47 22.92
CA SER T 201 30.97 42.42 21.94
C SER T 201 29.68 41.99 21.25
N SER T 216 52.32 45.52 39.26
CA SER T 216 52.29 45.37 37.82
C SER T 216 51.16 46.21 37.21
N ASP T 217 50.84 47.32 37.87
CA ASP T 217 49.75 48.15 37.36
C ASP T 217 50.15 48.85 36.07
N LEU T 218 51.45 49.11 35.87
CA LEU T 218 51.89 49.66 34.60
C LEU T 218 51.61 48.69 33.46
N LEU T 219 51.88 47.41 33.67
CA LEU T 219 51.61 46.41 32.65
C LEU T 219 50.12 46.19 32.45
N ALA T 220 49.33 46.23 33.52
CA ALA T 220 47.90 46.01 33.38
C ALA T 220 47.27 47.06 32.49
N VAL T 221 47.63 48.32 32.68
CA VAL T 221 47.12 49.38 31.81
C VAL T 221 47.58 49.13 30.37
N LYS T 222 48.81 48.64 30.21
CA LYS T 222 49.34 48.41 28.87
C LYS T 222 48.52 47.35 28.13
N GLU T 223 48.15 46.27 28.82
CA GLU T 223 47.40 45.21 28.14
C GLU T 223 46.05 45.71 27.66
N LYS T 224 45.34 46.46 28.50
CA LYS T 224 44.09 47.06 28.05
C LYS T 224 44.34 48.06 26.92
N ALA T 225 45.43 48.83 27.02
CA ALA T 225 45.77 49.76 25.96
C ALA T 225 46.11 49.01 24.67
N ASP T 226 46.91 47.95 24.76
CA ASP T 226 47.23 47.18 23.57
C ASP T 226 46.02 46.36 23.11
N GLN T 227 45.31 45.73 24.04
CA GLN T 227 44.11 45.00 23.66
C GLN T 227 43.11 45.92 22.99
N PHE T 228 43.09 47.19 23.36
CA PHE T 228 42.20 48.13 22.68
C PHE T 228 42.57 48.22 21.20
N TYR T 229 43.88 48.32 20.93
CA TYR T 229 44.38 48.35 19.54
C TYR T 229 43.88 47.10 18.85
N LYS T 230 44.21 45.92 19.39
CA LYS T 230 43.82 44.68 18.75
C LYS T 230 42.30 44.53 18.73
N ASP T 231 41.62 45.04 19.76
CA ASP T 231 40.17 44.92 19.81
C ASP T 231 39.52 45.63 18.64
N ALA T 232 40.06 46.76 18.21
CA ALA T 232 39.47 47.48 17.09
C ALA T 232 39.40 46.61 15.84
N ASP T 233 40.44 45.81 15.59
CA ASP T 233 40.46 44.98 14.38
C ASP T 233 39.23 44.09 14.32
N SER T 234 38.79 43.57 15.47
CA SER T 234 37.56 42.80 15.51
C SER T 234 36.33 43.66 15.23
N GLY T 235 36.49 44.98 15.21
CA GLY T 235 35.38 45.86 14.89
C GLY T 235 34.29 45.90 15.93
N LYS T 236 34.66 45.91 17.21
CA LYS T 236 33.71 46.08 18.30
C LYS T 236 33.68 47.50 18.83
N HIS T 237 34.42 48.43 18.23
CA HIS T 237 34.47 49.82 18.69
C HIS T 237 33.38 50.60 17.96
N SER T 238 32.15 50.38 18.39
CA SER T 238 31.00 51.02 17.77
C SER T 238 30.42 51.98 18.80
N TYR T 239 30.95 53.19 18.83
CA TYR T 239 30.42 54.28 19.66
C TYR T 239 30.02 55.41 18.74
N VAL T 240 28.81 55.94 18.93
CA VAL T 240 28.28 56.93 18.02
C VAL T 240 28.95 58.27 18.32
N LEU T 241 29.59 58.84 17.29
CA LEU T 241 30.26 60.14 17.42
C LEU T 241 29.59 61.21 16.58
N PHE T 242 29.46 60.99 15.27
CA PHE T 242 28.91 61.98 14.36
C PHE T 242 27.81 61.33 13.51
N ALA T 243 26.97 62.17 12.95
CA ALA T 243 25.90 61.74 12.06
C ALA T 243 26.09 62.38 10.69
N VAL T 244 25.99 61.56 9.65
CA VAL T 244 26.19 62.02 8.27
C VAL T 244 24.84 62.36 7.66
N LEU T 245 24.73 63.55 7.08
CA LEU T 245 23.47 64.05 6.55
C LEU T 245 23.39 63.79 5.05
N GLY T 246 22.19 63.49 4.59
CA GLY T 246 21.95 63.28 3.17
C GLY T 246 20.72 64.03 2.72
N LYS T 247 20.72 64.42 1.46
CA LYS T 247 19.65 65.23 0.90
C LYS T 247 18.55 64.34 0.33
N TYR T 248 17.30 64.67 0.62
CA TYR T 248 16.18 63.85 0.18
C TYR T 248 16.09 63.77 -1.33
N ARG T 249 16.68 64.72 -2.06
CA ARG T 249 16.59 64.69 -3.51
C ARG T 249 17.36 63.51 -4.09
N ASN T 250 18.51 63.18 -3.50
CA ASN T 250 19.35 62.11 -4.01
C ASN T 250 18.73 60.73 -3.84
N LEU T 251 17.66 60.60 -3.06
CA LEU T 251 16.99 59.32 -2.92
C LEU T 251 16.37 58.91 -4.26
N SER T 252 16.60 57.65 -4.65
CA SER T 252 15.97 57.14 -5.86
C SER T 252 14.45 57.14 -5.72
N ASN T 253 13.94 56.67 -4.58
CA ASN T 253 12.51 56.53 -4.37
C ASN T 253 11.81 57.87 -4.24
N PHE T 254 12.57 58.95 -4.09
CA PHE T 254 11.99 60.28 -4.01
C PHE T 254 11.47 60.68 -5.38
N GLU T 255 10.15 60.73 -5.52
CA GLU T 255 9.49 61.27 -6.71
C GLU T 255 9.04 62.71 -6.48
N SER T 256 9.84 63.48 -5.76
CA SER T 256 9.53 64.88 -5.49
C SER T 256 8.22 65.01 -4.72
N TYR T 257 8.22 64.41 -3.53
CA TYR T 257 7.09 64.56 -2.63
C TYR T 257 6.92 66.01 -2.21
N PHE T 258 7.99 66.79 -2.26
CA PHE T 258 7.94 68.21 -1.91
C PHE T 258 9.19 68.87 -2.46
N ALA T 259 9.31 70.16 -2.19
CA ALA T 259 10.48 70.92 -2.62
C ALA T 259 11.28 71.34 -1.41
N PRO T 260 12.35 70.62 -1.05
CA PRO T 260 13.09 70.98 0.17
C PRO T 260 13.69 72.38 0.05
N PHE T 261 13.72 73.09 1.17
CA PHE T 261 14.36 74.38 1.20
C PHE T 261 15.88 74.22 1.28
N ASP T 262 16.58 75.30 0.90
CA ASP T 262 18.07 75.37 1.02
C ASP T 262 18.30 76.48 2.04
N TYR T 263 18.58 76.14 3.30
CA TYR T 263 18.69 77.09 4.39
C TYR T 263 20.07 77.71 4.51
N GLN T 264 21.00 77.39 3.62
CA GLN T 264 22.35 77.92 3.72
C GLN T 264 22.32 79.45 3.75
N MET T 265 21.63 80.06 2.79
CA MET T 265 21.56 81.51 2.76
C MET T 265 20.68 82.06 3.87
N ALA T 266 19.56 81.40 4.15
CA ALA T 266 18.66 81.88 5.19
C ALA T 266 19.37 81.91 6.55
N SER T 267 20.11 80.85 6.87
CA SER T 267 20.85 80.85 8.13
C SER T 267 21.89 81.95 8.16
N LEU T 268 22.59 82.17 7.05
CA LEU T 268 23.59 83.23 7.00
C LEU T 268 22.96 84.58 7.25
N ARG T 269 21.83 84.87 6.60
CA ARG T 269 21.18 86.16 6.79
C ARG T 269 20.70 86.34 8.22
N SER T 270 20.11 85.29 8.80
CA SER T 270 19.50 85.37 10.13
C SER T 270 20.47 84.89 11.21
N TRP T 271 21.64 85.51 11.28
CA TRP T 271 22.57 85.24 12.36
C TRP T 271 22.47 86.25 13.50
N ALA T 272 22.21 87.53 13.18
CA ALA T 272 22.04 88.51 14.25
C ALA T 272 20.88 88.14 15.15
N LEU T 273 19.89 87.42 14.63
CA LEU T 273 18.76 86.99 15.46
C LEU T 273 19.15 85.81 16.34
N PHE T 274 19.94 84.87 15.81
CA PHE T 274 20.30 83.69 16.59
C PHE T 274 21.09 84.07 17.83
N ASN T 275 22.02 85.02 17.71
CA ASN T 275 22.75 85.46 18.89
C ASN T 275 21.84 86.11 19.90
N ASP T 276 20.91 86.95 19.45
CA ASP T 276 20.01 87.60 20.38
C ASP T 276 19.15 86.59 21.15
N PHE T 277 18.95 85.41 20.57
CA PHE T 277 18.22 84.37 21.28
C PHE T 277 18.98 83.91 22.52
N THR T 278 20.24 83.55 22.35
CA THR T 278 21.02 83.07 23.50
C THR T 278 21.14 84.15 24.56
N LEU T 279 21.35 85.40 24.15
CA LEU T 279 21.47 86.48 25.11
C LEU T 279 20.18 86.67 25.90
N TYR T 280 19.03 86.63 25.22
CA TYR T 280 17.76 86.83 25.92
C TYR T 280 17.47 85.69 26.89
N LYS T 281 17.77 84.45 26.49
CA LYS T 281 17.59 83.33 27.41
C LYS T 281 18.49 83.47 28.62
N ALA T 282 19.73 83.92 28.41
CA ALA T 282 20.64 84.09 29.53
C ALA T 282 20.14 85.14 30.52
N ILE T 283 19.59 86.25 30.01
CA ILE T 283 19.15 87.33 30.91
C ILE T 283 17.82 87.04 31.58
N GLU T 284 17.14 85.95 31.24
CA GLU T 284 16.03 85.51 32.07
C GLU T 284 16.55 85.12 33.45
N THR T 285 17.65 84.37 33.48
CA THR T 285 18.26 84.01 34.75
C THR T 285 18.87 85.21 35.48
N MET T 286 19.24 86.26 34.75
CA MET T 286 19.61 87.52 35.39
C MET T 286 18.57 87.94 36.41
N ILE T 287 17.32 88.08 35.97
CA ILE T 287 16.28 88.62 36.83
C ILE T 287 15.97 87.63 37.95
N LYS T 288 15.79 86.36 37.60
CA LYS T 288 15.38 85.37 38.60
C LYS T 288 16.42 85.23 39.69
N ALA T 289 17.70 85.21 39.33
CA ALA T 289 18.73 84.94 40.31
C ALA T 289 18.79 86.00 41.40
N VAL T 290 18.69 87.28 41.03
CA VAL T 290 18.88 88.37 41.99
C VAL T 290 17.67 88.47 42.91
N PRO T 291 17.85 88.73 44.20
CA PRO T 291 16.72 88.71 45.13
C PRO T 291 15.87 89.97 45.03
N GLU T 292 14.79 89.95 45.81
CA GLU T 292 13.83 91.05 45.80
C GLU T 292 14.39 92.27 46.51
N SER T 293 15.21 92.07 47.54
CA SER T 293 15.66 93.16 48.39
C SER T 293 16.68 94.07 47.73
N LYS T 294 16.92 93.92 46.43
CA LYS T 294 17.89 94.75 45.72
C LYS T 294 17.34 95.18 44.38
N PHE T 295 16.02 95.38 44.36
CA PHE T 295 15.34 95.91 43.14
C PHE T 295 14.90 97.32 43.49
N LYS T 296 14.99 98.25 42.54
CA LYS T 296 14.66 99.64 42.83
C LYS T 296 13.17 99.82 43.13
N ASP T 297 12.31 99.28 42.27
CA ASP T 297 10.88 99.50 42.43
C ASP T 297 10.25 98.57 43.46
N GLY T 298 10.96 97.55 43.92
CA GLY T 298 10.46 96.67 44.94
C GLY T 298 9.66 95.51 44.39
N PRO T 299 8.49 95.23 44.97
CA PRO T 299 7.78 93.99 44.61
C PRO T 299 7.39 93.91 43.15
N GLU T 300 6.65 94.89 42.64
CA GLU T 300 6.13 94.81 41.28
C GLU T 300 7.19 95.23 40.27
N ARG T 301 8.38 94.65 40.39
CA ARG T 301 9.45 94.88 39.42
C ARG T 301 9.97 93.54 38.92
N LYS T 302 9.95 92.53 39.78
CA LYS T 302 10.39 91.20 39.36
C LYS T 302 9.49 90.63 38.27
N THR T 303 8.17 90.72 38.46
CA THR T 303 7.28 89.99 37.57
C THR T 303 7.20 90.61 36.19
N GLN T 304 7.08 91.93 36.08
CA GLN T 304 6.98 92.54 34.76
C GLN T 304 8.34 92.72 34.10
N LEU T 305 9.43 92.63 34.87
CA LEU T 305 10.73 92.46 34.22
C LEU T 305 10.88 91.03 33.72
N ILE T 306 10.46 90.05 34.52
CA ILE T 306 10.46 88.67 34.05
C ILE T 306 9.49 88.51 32.89
N LYS T 307 8.28 89.07 33.01
CA LYS T 307 7.30 88.91 31.94
C LYS T 307 7.72 89.66 30.69
N GLN T 308 8.31 90.84 30.85
CA GLN T 308 8.73 91.61 29.68
C GLN T 308 9.77 90.85 28.87
N ALA T 309 10.72 90.21 29.57
CA ALA T 309 11.74 89.43 28.87
C ALA T 309 11.13 88.24 28.15
N ILE T 310 10.25 87.50 28.81
CA ILE T 310 9.64 86.32 28.20
C ILE T 310 8.71 86.71 27.07
N ASN T 311 7.97 87.81 27.22
CA ASN T 311 7.07 88.23 26.15
C ASN T 311 7.85 88.50 24.86
N ILE T 312 9.00 89.17 24.97
CA ILE T 312 9.82 89.41 23.79
C ILE T 312 10.66 88.19 23.43
N PHE T 313 10.81 87.23 24.34
CA PHE T 313 11.38 85.94 23.96
C PHE T 313 10.45 85.21 23.00
N GLU T 314 9.14 85.37 23.18
CA GLU T 314 8.18 84.80 22.24
C GLU T 314 8.35 85.42 20.85
N THR T 315 8.57 86.72 20.79
CA THR T 315 8.60 87.40 19.50
C THR T 315 9.73 86.87 18.63
N ILE T 316 10.90 86.64 19.22
CA ILE T 316 12.02 86.14 18.43
C ILE T 316 11.94 84.64 18.21
N ARG T 317 11.35 83.88 19.14
CA ARG T 317 11.20 82.45 18.93
C ARG T 317 10.20 82.17 17.80
N ASP T 318 9.11 82.92 17.76
CA ASP T 318 8.13 82.74 16.68
C ASP T 318 8.68 83.25 15.35
N ARG T 319 9.59 84.22 15.38
CA ARG T 319 10.26 84.63 14.16
C ARG T 319 11.09 83.49 13.61
N VAL T 320 11.79 82.76 14.49
CA VAL T 320 12.56 81.60 14.05
C VAL T 320 11.63 80.53 13.51
N ILE T 321 10.51 80.27 14.19
CA ILE T 321 9.56 79.27 13.71
C ILE T 321 8.96 79.73 12.39
N LEU T 322 8.85 81.05 12.18
CA LEU T 322 8.36 81.54 10.90
C LEU T 322 9.36 81.30 9.78
N ILE T 323 10.66 81.42 10.08
CA ILE T 323 11.66 81.15 9.05
C ILE T 323 11.57 79.71 8.57
N SER T 324 11.14 78.80 9.43
CA SER T 324 10.94 77.43 8.99
C SER T 324 9.90 77.34 7.89
N GLU T 325 8.78 78.04 8.05
CA GLU T 325 7.75 78.01 7.02
C GLU T 325 8.16 78.87 5.81
N HIS T 326 8.77 80.03 6.06
CA HIS T 326 9.13 80.96 5.01
C HIS T 326 10.57 81.41 5.17
N PRO T 327 11.54 80.65 4.65
CA PRO T 327 12.93 81.13 4.70
C PRO T 327 13.15 82.38 3.87
N GLU T 328 12.31 82.65 2.88
CA GLU T 328 12.40 83.92 2.17
C GLU T 328 12.12 85.09 3.08
N ALA T 329 11.43 84.87 4.20
CA ALA T 329 11.16 85.93 5.16
C ALA T 329 12.40 86.35 5.94
N ALA T 330 13.57 85.81 5.62
CA ALA T 330 14.80 86.24 6.29
C ALA T 330 15.16 87.68 5.97
N LYS T 331 14.61 88.24 4.89
CA LYS T 331 14.94 89.62 4.53
C LYS T 331 14.46 90.60 5.58
N GLU T 332 13.25 90.42 6.09
CA GLU T 332 12.67 91.41 7.00
C GLU T 332 13.59 91.63 8.20
N ASP T 333 13.77 92.90 8.55
CA ASP T 333 14.61 93.24 9.68
C ASP T 333 13.91 92.89 10.99
N PRO T 334 14.67 92.73 12.08
CA PRO T 334 14.04 92.45 13.36
C PRO T 334 13.08 93.56 13.77
N ASP T 335 12.00 93.20 14.44
CA ASP T 335 11.02 94.15 14.95
C ASP T 335 10.90 94.05 16.47
N HIS T 336 11.99 93.67 17.14
CA HIS T 336 11.99 93.45 18.58
C HIS T 336 13.07 94.28 19.22
N MET T 337 12.87 94.59 20.50
CA MET T 337 13.83 95.41 21.23
C MET T 337 15.17 94.71 21.31
N LYS T 338 16.24 95.49 21.25
CA LYS T 338 17.58 94.93 21.26
C LYS T 338 17.87 94.32 22.63
N PRO T 339 18.68 93.25 22.68
CA PRO T 339 19.14 92.79 24.00
C PRO T 339 19.94 93.83 24.76
N GLY T 340 20.70 94.66 24.06
CA GLY T 340 21.43 95.72 24.74
C GLY T 340 20.52 96.71 25.41
N ASP T 341 19.49 97.17 24.70
CA ASP T 341 18.58 98.14 25.31
C ASP T 341 17.81 97.52 26.46
N PHE T 342 17.30 96.30 26.29
CA PHE T 342 16.60 95.65 27.38
C PHE T 342 17.54 95.33 28.53
N ARG T 343 18.78 94.93 28.22
CA ARG T 343 19.75 94.72 29.29
C ARG T 343 19.98 96.01 30.06
N LEU T 344 20.16 97.12 29.35
CA LEU T 344 20.25 98.41 30.01
C LEU T 344 19.09 98.62 30.97
N GLU T 345 17.87 98.30 30.52
CA GLU T 345 16.71 98.45 31.39
C GLU T 345 16.85 97.59 32.64
N VAL T 346 17.47 96.41 32.53
CA VAL T 346 17.65 95.55 33.69
C VAL T 346 18.51 96.22 34.74
N LEU T 347 19.67 96.74 34.33
CA LEU T 347 20.60 97.32 35.31
C LEU T 347 20.14 98.66 35.83
N ASN T 348 19.32 99.40 35.07
CA ASN T 348 18.86 100.70 35.56
C ASN T 348 18.01 100.55 36.80
N SER T 349 17.27 99.44 36.93
CA SER T 349 16.33 99.23 38.03
C SER T 349 16.95 98.42 39.15
N ILE T 350 18.24 98.61 39.39
CA ILE T 350 18.99 97.84 40.39
C ILE T 350 19.58 98.80 41.40
N GLN T 351 19.32 98.55 42.69
CA GLN T 351 19.93 99.34 43.75
C GLN T 351 21.44 99.09 43.80
N THR T 352 22.15 100.07 44.36
CA THR T 352 23.60 100.06 44.36
C THR T 352 24.12 100.44 45.73
N LYS T 353 25.40 100.15 45.96
CA LYS T 353 26.06 100.46 47.22
C LYS T 353 27.10 101.55 47.00
N LEU T 354 27.12 102.53 47.89
CA LEU T 354 27.97 103.71 47.74
C LEU T 354 29.30 103.44 48.42
N PHE T 355 30.14 102.66 47.75
CA PHE T 355 31.46 102.36 48.29
C PHE T 355 32.29 103.63 48.23
N HIS T 356 32.31 104.39 49.32
CA HIS T 356 33.07 105.67 49.38
C HIS T 356 34.48 105.34 49.86
N ALA T 357 35.44 105.21 48.93
CA ALA T 357 36.81 104.90 49.28
C ALA T 357 37.39 106.02 50.12
N GLN T 358 38.18 105.64 51.13
CA GLN T 358 38.75 106.60 52.07
C GLN T 358 40.25 106.33 52.19
N SER T 359 41.02 107.41 52.30
CA SER T 359 42.48 107.32 52.35
C SER T 359 42.92 107.29 53.80
N GLN T 360 43.32 106.10 54.27
CA GLN T 360 43.78 105.97 55.64
C GLN T 360 45.13 106.67 55.82
N PRO T 361 45.27 107.49 56.88
CA PRO T 361 46.59 108.09 57.16
C PRO T 361 47.46 107.20 58.03
N ILE T 362 48.67 106.90 57.56
CA ILE T 362 49.61 106.07 58.32
C ILE T 362 50.82 106.91 58.69
N PRO T 363 51.33 106.81 59.91
CA PRO T 363 52.53 107.59 60.26
C PRO T 363 53.71 107.27 59.37
N ASN T 364 54.64 108.22 59.30
CA ASN T 364 55.84 108.07 58.47
C ASN T 364 55.49 108.13 56.99
N THR T 365 54.55 109.00 56.64
CA THR T 365 54.14 109.21 55.25
C THR T 365 53.82 110.68 55.04
N ASP T 366 54.42 111.28 54.02
CA ASP T 366 54.20 112.67 53.67
C ASP T 366 53.68 112.75 52.25
N ASP T 367 52.51 113.38 52.09
CA ASP T 367 51.83 113.49 50.80
C ASP T 367 51.48 112.13 50.22
N TYR T 368 51.57 111.06 51.02
CA TYR T 368 51.25 109.71 50.60
C TYR T 368 50.26 109.13 51.60
N TRP T 369 49.11 108.68 51.11
CA TRP T 369 48.05 108.14 51.95
C TRP T 369 47.90 106.65 51.68
N THR T 370 46.90 106.03 52.31
CA THR T 370 46.59 104.62 52.10
C THR T 370 45.10 104.51 51.80
N ASP T 371 44.79 104.22 50.54
CA ASP T 371 43.40 104.17 50.07
C ASP T 371 42.78 102.83 50.49
N VAL T 372 41.73 102.91 51.29
CA VAL T 372 40.96 101.74 51.71
C VAL T 372 39.53 101.91 51.18
N ILE T 373 39.07 100.94 50.40
CA ILE T 373 37.74 100.99 49.81
C ILE T 373 36.79 100.29 50.78
N LEU T 374 36.34 101.04 51.79
CA LEU T 374 35.40 100.53 52.78
C LEU T 374 34.18 101.43 52.83
N THR T 375 33.00 100.82 52.93
CA THR T 375 31.75 101.56 52.97
C THR T 375 31.54 102.29 54.29
N THR T 376 32.26 101.91 55.34
CA THR T 376 32.10 102.54 56.64
C THR T 376 32.93 103.82 56.72
N LYS T 377 32.30 104.91 57.16
CA LYS T 377 33.00 106.18 57.30
C LYS T 377 34.10 106.05 58.36
N GLY T 378 35.28 106.58 58.05
CA GLY T 378 36.40 106.54 58.97
C GLY T 378 36.76 107.92 59.51
N SER T 379 37.60 107.95 60.54
CA SER T 379 38.04 109.19 61.16
C SER T 379 39.45 109.52 60.68
N GLY T 380 39.61 110.69 60.08
CA GLY T 380 40.90 111.11 59.58
C GLY T 380 41.28 110.54 58.23
N ASN T 381 40.38 109.74 57.65
CA ASN T 381 40.66 109.12 56.32
C ASN T 381 40.05 110.02 55.23
N GLN T 382 40.84 110.38 54.22
CA GLN T 382 40.35 111.27 53.18
C GLN T 382 39.45 110.49 52.21
N PRO T 383 38.18 110.87 52.04
CA PRO T 383 37.35 110.19 51.04
C PRO T 383 37.77 110.56 49.62
N LEU T 384 37.78 109.56 48.74
CA LEU T 384 38.19 109.76 47.35
C LEU T 384 36.99 110.02 46.44
N PHE T 385 36.07 109.05 46.35
CA PHE T 385 34.87 109.22 45.54
C PHE T 385 33.79 108.31 46.11
N THR T 386 32.54 108.71 45.91
CA THR T 386 31.39 107.94 46.32
C THR T 386 30.56 107.59 45.09
N PHE T 387 30.37 106.29 44.85
CA PHE T 387 29.81 105.79 43.61
C PHE T 387 28.88 104.62 43.86
N PRO T 388 27.81 104.47 43.07
CA PRO T 388 27.01 103.25 43.15
C PRO T 388 27.84 102.03 42.78
N ALA T 389 27.58 100.92 43.47
CA ALA T 389 28.26 99.67 43.20
C ALA T 389 27.32 98.51 43.46
N PHE T 390 27.74 97.32 43.05
CA PHE T 390 26.94 96.11 43.13
C PHE T 390 27.47 95.24 44.25
N ASP T 391 26.63 94.97 45.24
CA ASP T 391 27.03 94.23 46.43
C ASP T 391 26.54 92.79 46.42
N PHE T 392 26.18 92.27 45.25
CA PHE T 392 25.66 90.92 45.14
C PHE T 392 25.92 90.40 43.74
N GLY T 393 26.19 89.10 43.64
CA GLY T 393 26.50 88.50 42.37
C GLY T 393 25.23 88.31 41.56
N ASP T 394 25.12 87.18 40.89
CA ASP T 394 23.92 86.81 40.12
C ASP T 394 23.64 87.79 38.98
N LEU T 395 24.54 88.72 38.71
CA LEU T 395 24.41 89.64 37.56
C LEU T 395 25.57 89.33 36.63
N ILE T 396 25.28 88.66 35.51
CA ILE T 396 26.36 88.24 34.63
C ILE T 396 27.08 89.47 34.10
N GLY T 397 28.34 89.29 33.73
CA GLY T 397 29.18 90.39 33.31
C GLY T 397 29.83 91.14 34.44
N THR T 398 29.81 90.60 35.66
CA THR T 398 30.37 91.29 36.85
C THR T 398 31.33 90.38 37.58
N GLU T 399 32.37 90.94 38.20
CA GLU T 399 33.35 90.22 39.00
C GLU T 399 33.63 90.99 40.28
N VAL T 400 34.09 90.26 41.29
CA VAL T 400 34.26 90.79 42.64
C VAL T 400 35.73 91.14 42.87
N VAL T 401 35.94 92.20 43.63
CA VAL T 401 37.26 92.65 44.06
C VAL T 401 37.31 92.53 45.57
N SER T 402 37.78 91.39 46.07
CA SER T 402 37.75 91.07 47.49
C SER T 402 39.14 91.32 48.09
N PHE T 403 39.27 92.39 48.86
CA PHE T 403 40.53 92.67 49.50
C PHE T 403 40.91 91.52 50.43
N GLY T 404 42.19 91.15 50.41
CA GLY T 404 42.70 90.15 51.32
C GLY T 404 43.56 90.76 52.40
N LYS T 405 43.06 90.78 53.63
CA LYS T 405 43.80 91.30 54.76
C LYS T 405 44.28 90.15 55.62
N LYS T 406 45.58 90.09 55.86
CA LYS T 406 46.15 89.02 56.66
C LYS T 406 45.61 89.08 58.09
N LYS T 407 44.87 88.05 58.49
CA LYS T 407 44.49 87.92 59.89
C LYS T 407 45.71 87.63 60.76
N ASN T 408 46.68 86.91 60.20
CA ASN T 408 47.94 86.62 60.89
C ASN T 408 48.91 87.79 60.82
N GLY T 409 48.55 88.85 60.08
CA GLY T 409 49.41 90.00 59.95
C GLY T 409 48.63 91.25 59.62
N GLU T 410 49.19 92.10 58.75
CA GLU T 410 48.52 93.34 58.38
C GLU T 410 48.64 93.62 56.89
N GLU T 411 49.14 92.69 56.09
CA GLU T 411 49.29 92.92 54.67
C GLU T 411 47.95 93.26 54.02
N TYR T 412 47.96 94.26 53.16
CA TYR T 412 46.80 94.66 52.38
C TYR T 412 46.88 93.99 51.02
N ASN T 413 45.82 93.25 50.65
CA ASN T 413 45.77 92.59 49.35
C ASN T 413 44.50 92.99 48.61
N CYS T 414 44.54 92.78 47.29
CA CYS T 414 43.43 93.13 46.41
C CYS T 414 43.37 92.08 45.31
N LEU T 415 42.46 91.12 45.45
CA LEU T 415 42.34 90.02 44.50
C LEU T 415 40.96 90.05 43.86
N ILE T 416 40.91 90.04 42.54
CA ILE T 416 39.65 90.05 41.80
C ILE T 416 39.18 88.61 41.61
N GLY T 417 37.91 88.36 41.94
CA GLY T 417 37.38 87.02 41.77
C GLY T 417 38.10 85.97 42.56
N GLU T 418 38.88 86.36 43.57
CA GLU T 418 39.60 85.42 44.43
C GLU T 418 39.41 85.89 45.87
N ARG T 419 38.57 85.18 46.61
CA ARG T 419 38.27 85.57 47.97
C ARG T 419 39.38 85.10 48.91
N VAL T 420 39.19 85.39 50.21
CA VAL T 420 40.10 84.88 51.22
C VAL T 420 39.97 83.38 51.39
N THR T 421 38.83 82.80 51.03
CA THR T 421 38.59 81.39 51.29
C THR T 421 39.64 80.49 50.63
N SER T 422 40.26 80.95 49.54
CA SER T 422 41.32 80.17 48.91
C SER T 422 42.49 79.98 49.87
N LEU T 423 42.85 81.02 50.59
CA LEU T 423 43.92 80.97 51.58
C LEU T 423 43.31 80.79 52.97
N ASP T 424 44.15 80.86 54.00
CA ASP T 424 43.73 80.67 55.39
C ASP T 424 44.20 81.85 56.22
N ASP T 425 43.34 82.32 57.12
CA ASP T 425 43.63 83.45 58.01
C ASP T 425 43.91 84.72 57.19
N TYR T 426 42.83 85.17 56.55
CA TYR T 426 42.88 86.42 55.74
C TYR T 426 41.55 87.14 55.98
N LYS T 427 41.57 88.22 56.75
CA LYS T 427 40.34 89.02 57.00
C LYS T 427 39.80 89.60 55.68
N GLU T 428 38.49 89.85 55.61
CA GLU T 428 37.88 90.44 54.39
C GLU T 428 37.65 91.94 54.62
N LEU T 429 38.35 92.79 53.85
CA LEU T 429 38.12 94.25 53.96
C LEU T 429 36.85 94.62 53.19
N SER T 430 36.83 94.38 51.88
CA SER T 430 35.70 94.77 51.06
C SER T 430 35.58 93.82 49.87
N TYR T 431 34.35 93.37 49.61
CA TYR T 431 34.05 92.58 48.44
C TYR T 431 32.78 93.11 47.81
N PHE T 432 32.80 93.30 46.49
CA PHE T 432 31.65 93.82 45.78
C PHE T 432 31.83 93.59 44.28
N TRP T 433 30.83 92.98 43.64
CA TRP T 433 30.94 92.67 42.22
C TRP T 433 30.91 93.95 41.39
N VAL T 434 31.68 93.96 40.30
CA VAL T 434 31.77 95.12 39.42
C VAL T 434 31.94 94.64 37.99
N PHE T 435 31.76 95.56 37.05
CA PHE T 435 32.00 95.28 35.63
C PHE T 435 33.48 95.43 35.33
N PRO T 436 34.20 94.36 34.97
CA PRO T 436 35.60 94.53 34.56
C PRO T 436 35.76 95.32 33.27
N ASP T 437 34.70 95.42 32.46
CA ASP T 437 34.75 96.14 31.19
C ASP T 437 33.62 97.15 31.14
N SER T 438 33.68 98.03 30.14
CA SER T 438 32.69 99.08 30.02
C SER T 438 31.43 98.55 29.34
N VAL T 439 30.35 99.30 29.50
CA VAL T 439 29.09 98.98 28.86
C VAL T 439 28.56 100.25 28.20
N GLN T 440 27.71 100.09 27.20
CA GLN T 440 27.17 101.23 26.48
C GLN T 440 26.41 102.15 27.44
N LYS T 441 26.95 103.34 27.63
CA LYS T 441 26.28 104.45 28.31
C LYS T 441 25.87 104.15 29.74
N PHE T 442 26.43 103.10 30.36
CA PHE T 442 26.19 102.84 31.78
C PHE T 442 27.48 102.91 32.59
N ALA T 443 28.48 102.10 32.24
CA ALA T 443 29.71 101.97 33.02
C ALA T 443 30.84 102.63 32.23
N MET T 444 31.07 103.91 32.49
CA MET T 444 32.07 104.67 31.75
C MET T 444 33.20 105.20 32.61
N GLU T 445 33.00 105.35 33.93
CA GLU T 445 34.04 105.84 34.81
C GLU T 445 34.90 104.66 35.28
N MET T 446 36.17 104.94 35.54
CA MET T 446 37.19 103.91 35.68
C MET T 446 37.78 103.90 37.09
N TYR T 447 38.22 102.72 37.52
CA TYR T 447 38.99 102.55 38.74
C TYR T 447 40.12 101.57 38.48
N GLY T 448 41.29 101.88 39.00
CA GLY T 448 42.46 101.04 38.83
C GLY T 448 43.13 100.75 40.15
N VAL T 449 43.78 99.59 40.22
CA VAL T 449 44.42 99.09 41.42
C VAL T 449 45.92 99.10 41.20
N SER T 450 46.66 99.65 42.17
CA SER T 450 48.11 99.61 42.19
C SER T 450 48.58 99.36 43.62
N LYS T 451 49.67 98.62 43.76
CA LYS T 451 50.21 98.22 45.06
C LYS T 451 51.72 98.40 45.09
N VAL T 452 52.24 98.81 46.24
CA VAL T 452 53.67 99.00 46.40
C VAL T 452 54.28 97.72 46.98
N PRO T 453 55.22 97.07 46.29
CA PRO T 453 55.74 95.80 46.81
C PRO T 453 56.37 95.92 48.18
N THR T 454 57.09 97.01 48.45
CA THR T 454 57.78 97.13 49.73
C THR T 454 56.80 97.23 50.89
N ARG T 455 55.75 98.02 50.72
CA ARG T 455 54.74 98.21 51.75
C ARG T 455 53.36 98.13 51.11
N ASN T 456 52.47 97.38 51.74
CA ASN T 456 51.15 97.13 51.17
C ASN T 456 50.24 98.32 51.38
N TYR T 457 50.63 99.47 50.85
CA TYR T 457 49.79 100.66 50.86
C TYR T 457 48.92 100.62 49.61
N MET T 458 47.67 100.20 49.78
CA MET T 458 46.75 100.11 48.66
C MET T 458 46.72 101.44 47.90
N ARG T 459 47.02 101.37 46.61
CA ARG T 459 47.04 102.54 45.75
C ARG T 459 46.01 102.30 44.65
N VAL T 460 44.76 102.62 44.96
CA VAL T 460 43.65 102.53 44.02
C VAL T 460 43.31 103.94 43.59
N TYR T 461 43.24 104.17 42.28
CA TYR T 461 43.04 105.51 41.76
C TYR T 461 42.21 105.44 40.49
N ALA T 462 41.73 106.60 40.06
CA ALA T 462 40.97 106.71 38.82
C ALA T 462 41.95 106.60 37.64
N ALA T 463 42.07 105.40 37.08
CA ALA T 463 43.05 105.13 36.04
C ALA T 463 42.53 105.63 34.69
N ASP T 464 43.31 105.33 33.65
CA ASP T 464 42.96 105.80 32.29
C ASP T 464 43.20 104.63 31.32
N GLN T 465 42.75 104.75 30.08
CA GLN T 465 43.00 103.71 29.09
C GLN T 465 44.49 103.54 28.84
N SER T 466 45.25 104.63 29.06
CA SER T 466 46.72 104.58 28.87
C SER T 466 47.38 103.90 30.07
N ASP T 467 46.80 104.04 31.26
CA ASP T 467 47.33 103.31 32.45
C ASP T 467 47.34 101.82 32.11
N ILE T 468 46.32 101.35 31.40
CA ILE T 468 46.29 99.94 30.94
C ILE T 468 47.46 99.72 29.97
N GLU T 469 47.52 100.53 28.91
CA GLU T 469 48.60 100.40 27.90
C GLU T 469 49.97 100.25 28.59
N ASN T 470 50.36 101.25 29.38
CA ASN T 470 51.64 101.18 30.13
C ASN T 470 51.34 100.98 31.61
N PRO T 471 51.34 99.73 32.13
CA PRO T 471 50.97 99.44 33.55
C PRO T 471 52.14 99.66 34.50
N ARG T 472 51.85 100.21 35.69
CA ARG T 472 52.88 100.38 36.71
C ARG T 472 53.17 99.05 37.38
N PRO T 473 54.30 98.94 38.08
CA PRO T 473 54.62 97.67 38.73
C PRO T 473 53.54 97.25 39.72
N TYR T 474 53.25 95.95 39.79
CA TYR T 474 52.28 95.43 40.81
C TYR T 474 50.89 96.05 40.65
N GLN T 475 50.54 96.54 39.46
CA GLN T 475 49.20 97.04 39.24
C GLN T 475 48.32 95.86 38.87
N ARG T 476 47.36 95.52 39.74
CA ARG T 476 46.67 94.24 39.61
C ARG T 476 45.58 94.29 38.56
N PHE T 477 44.56 95.11 38.75
CA PHE T 477 43.39 95.08 37.90
C PHE T 477 42.74 96.46 37.84
N TRP T 478 41.95 96.67 36.80
CA TRP T 478 41.21 97.91 36.59
C TRP T 478 39.77 97.58 36.24
N PHE T 479 38.85 98.42 36.72
CA PHE T 479 37.43 98.13 36.60
C PHE T 479 36.65 99.41 36.39
N TYR T 480 35.51 99.27 35.73
CA TYR T 480 34.62 100.38 35.42
C TYR T 480 33.41 100.35 36.35
N VAL T 481 33.01 101.52 36.82
CA VAL T 481 31.87 101.66 37.73
C VAL T 481 30.78 102.46 37.02
N PRO T 482 29.50 102.22 37.31
CA PRO T 482 28.44 102.93 36.59
C PRO T 482 28.55 104.44 36.74
N SER T 483 28.22 105.14 35.66
CA SER T 483 28.23 106.60 35.63
C SER T 483 26.88 107.12 36.08
N ALA T 484 26.88 108.04 37.04
CA ALA T 484 25.64 108.61 37.54
C ALA T 484 24.95 109.50 36.52
N ASN T 485 25.62 109.85 35.42
CA ASN T 485 25.04 110.72 34.41
C ASN T 485 23.96 110.02 33.58
N SER T 486 23.79 108.71 33.72
CA SER T 486 22.79 108.00 32.94
C SER T 486 21.40 108.52 33.31
N PRO T 487 20.51 108.76 32.34
CA PRO T 487 19.19 109.28 32.68
C PRO T 487 18.28 108.16 33.17
N PRO T 488 17.60 108.37 34.32
CA PRO T 488 16.71 107.33 34.81
C PRO T 488 15.31 107.38 34.18
N GLY U 2 -5.07 -50.04 58.03
CA GLY U 2 -4.82 -49.98 56.61
C GLY U 2 -4.58 -48.57 56.11
N GLU U 3 -3.34 -48.08 56.29
CA GLU U 3 -2.98 -46.76 55.81
C GLU U 3 -1.68 -46.79 55.01
N VAL U 4 -0.84 -47.80 55.27
CA VAL U 4 0.42 -47.95 54.54
C VAL U 4 0.58 -49.40 54.13
N VAL U 5 1.45 -49.61 53.15
CA VAL U 5 1.71 -50.96 52.64
C VAL U 5 3.13 -51.00 52.09
N PRO U 6 3.90 -52.07 52.34
CA PRO U 6 5.25 -52.14 51.77
C PRO U 6 5.22 -52.12 50.25
N TYR U 7 6.23 -51.48 49.68
CA TYR U 7 6.29 -51.35 48.23
C TYR U 7 6.36 -52.72 47.56
N LYS U 8 5.56 -52.92 46.52
CA LYS U 8 5.59 -54.12 45.70
C LYS U 8 5.88 -53.72 44.27
N ALA U 9 6.89 -54.34 43.67
CA ALA U 9 7.36 -53.90 42.36
C ALA U 9 6.22 -53.94 41.36
N GLY U 10 6.24 -52.99 40.43
CA GLY U 10 5.19 -52.85 39.46
C GLY U 10 4.07 -51.91 39.87
N MET U 11 4.06 -51.47 41.12
CA MET U 11 3.02 -50.57 41.59
C MET U 11 2.99 -49.31 40.75
N GLN U 12 1.78 -48.90 40.36
CA GLN U 12 1.58 -47.69 39.59
C GLN U 12 0.70 -46.75 40.40
N ARG U 13 1.12 -45.50 40.52
CA ARG U 13 0.36 -44.53 41.29
C ARG U 13 -1.07 -44.45 40.76
N GLY U 14 -2.03 -44.46 41.67
CA GLY U 14 -3.42 -44.36 41.30
C GLY U 14 -3.98 -45.65 40.75
N GLN U 15 -3.97 -46.70 41.57
CA GLN U 15 -4.52 -47.98 41.18
C GLN U 15 -5.24 -48.60 42.37
N GLY U 16 -6.21 -49.46 42.06
CA GLY U 16 -6.95 -50.12 43.10
C GLY U 16 -6.09 -51.10 43.88
N TYR U 17 -6.49 -51.34 45.12
CA TYR U 17 -5.77 -52.24 46.00
C TYR U 17 -6.78 -53.03 46.83
N ASN U 18 -6.82 -54.34 46.61
CA ASN U 18 -7.69 -55.24 47.37
C ASN U 18 -7.00 -55.50 48.70
N THR U 19 -7.38 -54.75 49.73
CA THR U 19 -6.64 -54.79 50.98
C THR U 19 -6.66 -56.17 51.62
N TYR U 20 -7.71 -56.96 51.40
CA TYR U 20 -7.76 -58.30 51.95
C TYR U 20 -6.77 -59.22 51.24
N LEU U 21 -6.91 -59.37 49.92
CA LEU U 21 -5.99 -60.21 49.16
C LEU U 21 -4.62 -59.57 48.99
N GLN U 22 -4.45 -58.30 49.36
CA GLN U 22 -3.17 -57.61 49.26
C GLN U 22 -2.61 -57.66 47.85
N SER U 23 -3.49 -57.81 46.86
CA SER U 23 -3.08 -57.87 45.48
C SER U 23 -3.18 -56.48 44.86
N LEU U 24 -2.96 -56.38 43.55
CA LEU U 24 -3.05 -55.14 42.81
C LEU U 24 -4.26 -55.17 41.90
N CYS U 25 -4.90 -54.02 41.75
CA CYS U 25 -6.11 -53.93 40.93
C CYS U 25 -5.97 -52.84 39.88
N VAL U 26 -7.08 -52.49 39.22
CA VAL U 26 -7.02 -51.67 38.01
C VAL U 26 -6.11 -50.48 38.21
N LYS U 27 -5.33 -50.17 37.18
CA LYS U 27 -4.43 -49.03 37.21
C LYS U 27 -5.09 -47.83 36.55
N ASP U 28 -4.81 -46.65 37.08
CA ASP U 28 -5.29 -45.38 36.53
C ASP U 28 -6.77 -45.16 36.80
N ALA U 29 -7.27 -45.70 37.92
CA ALA U 29 -8.62 -45.34 38.35
C ALA U 29 -8.65 -43.94 38.93
N VAL U 30 -7.55 -43.47 39.49
CA VAL U 30 -7.45 -42.17 40.12
C VAL U 30 -6.32 -41.40 39.45
N THR U 31 -6.62 -40.19 38.98
CA THR U 31 -5.62 -39.29 38.41
C THR U 31 -5.29 -38.23 39.44
N ILE U 32 -4.01 -38.09 39.76
CA ILE U 32 -3.54 -37.10 40.71
C ILE U 32 -2.82 -36.01 39.91
N GLU U 33 -3.30 -34.78 40.03
CA GLU U 33 -2.69 -33.64 39.36
C GLU U 33 -1.75 -32.95 40.34
N ARG U 34 -0.48 -32.86 39.96
CA ARG U 34 0.52 -32.14 40.76
C ARG U 34 0.39 -30.66 40.43
N HIS U 35 -0.37 -29.93 41.24
CA HIS U 35 -0.56 -28.51 40.99
C HIS U 35 0.75 -27.76 41.07
N ASP U 36 1.57 -28.08 42.06
CA ASP U 36 2.85 -27.42 42.29
C ASP U 36 3.98 -28.44 42.21
N ASP U 37 5.02 -28.11 41.46
CA ASP U 37 6.18 -29.00 41.32
C ASP U 37 7.18 -28.67 42.41
N SER U 38 7.13 -29.43 43.50
CA SER U 38 8.04 -29.22 44.61
C SER U 38 8.10 -30.49 45.45
N ASN U 39 9.29 -30.86 45.88
CA ASN U 39 9.43 -32.05 46.70
C ASN U 39 8.81 -31.82 48.08
N PRO U 40 8.24 -32.84 48.70
CA PRO U 40 7.55 -32.65 49.96
C PRO U 40 8.52 -32.48 51.11
N PRO U 41 8.05 -32.01 52.26
CA PRO U 41 8.95 -31.87 53.42
C PRO U 41 9.50 -33.23 53.85
N PHE U 42 10.72 -33.20 54.39
CA PHE U 42 11.45 -34.43 54.67
C PHE U 42 12.05 -34.37 56.07
N LYS U 43 12.31 -35.56 56.61
CA LYS U 43 12.89 -35.73 57.93
C LYS U 43 14.21 -36.48 57.81
N LYS U 44 15.25 -35.97 58.46
CA LYS U 44 16.60 -36.52 58.33
C LYS U 44 17.10 -37.04 59.67
N GLU U 45 17.95 -38.05 59.60
CA GLU U 45 18.69 -38.55 60.75
C GLU U 45 20.14 -38.77 60.35
N TYR U 46 21.04 -38.73 61.34
CA TYR U 46 22.46 -38.90 61.07
C TYR U 46 23.13 -39.38 62.35
N TYR U 47 23.42 -40.68 62.42
CA TYR U 47 24.16 -41.27 63.52
C TYR U 47 25.56 -41.60 63.01
N SER U 48 26.58 -41.08 63.67
CA SER U 48 27.96 -41.23 63.23
C SER U 48 28.85 -41.65 64.38
N GLU U 49 29.82 -42.51 64.10
CA GLU U 49 30.82 -42.95 65.06
C GLU U 49 32.18 -42.93 64.40
N PHE U 50 33.19 -42.47 65.12
CA PHE U 50 34.58 -42.48 64.66
C PHE U 50 35.43 -43.04 65.80
N ILE U 51 35.66 -44.35 65.77
CA ILE U 51 36.30 -45.02 66.89
C ILE U 51 37.76 -44.59 67.00
N GLU U 52 38.31 -44.79 68.19
CA GLU U 52 39.60 -44.22 68.56
C GLU U 52 40.68 -44.55 67.54
N GLU U 53 41.74 -43.76 67.56
CA GLU U 53 42.94 -44.03 66.77
C GLU U 53 43.93 -44.76 67.67
N TYR U 54 43.98 -46.08 67.55
CA TYR U 54 44.85 -46.90 68.40
C TYR U 54 46.28 -46.64 67.96
N GLU U 55 46.82 -45.51 68.44
CA GLU U 55 48.23 -45.15 68.10
C GLU U 55 49.14 -45.62 69.24
N LYS U 56 49.97 -46.62 68.97
CA LYS U 56 50.86 -47.18 69.98
C LYS U 56 52.25 -47.33 69.36
N ILE U 57 53.18 -46.52 69.84
CA ILE U 57 54.59 -46.63 69.46
C ILE U 57 55.34 -47.22 70.65
N ALA U 58 55.96 -48.36 70.45
CA ALA U 58 56.88 -48.94 71.42
C ALA U 58 58.23 -49.09 70.74
N LYS U 59 59.27 -48.53 71.36
CA LYS U 59 60.58 -48.42 70.73
C LYS U 59 61.65 -48.85 71.71
N SER U 60 62.71 -49.46 71.19
CA SER U 60 63.76 -50.05 72.01
C SER U 60 65.11 -49.41 71.70
N MET U 61 65.93 -49.23 72.75
CA MET U 61 67.31 -48.72 72.55
C MET U 61 68.21 -49.39 73.59
N ARG U 62 68.88 -50.48 73.21
CA ARG U 62 69.73 -51.27 74.08
C ARG U 62 71.16 -51.18 73.59
N ILE U 63 72.04 -50.65 74.44
CA ILE U 63 73.45 -50.50 74.12
C ILE U 63 74.26 -51.17 75.22
N SER U 64 75.39 -51.76 74.83
CA SER U 64 76.27 -52.41 75.79
C SER U 64 77.67 -52.45 75.22
N ALA U 65 78.63 -51.87 75.93
CA ALA U 65 80.01 -51.87 75.48
C ALA U 65 80.93 -51.81 76.70
N GLY U 66 82.12 -52.38 76.55
CA GLY U 66 83.10 -52.38 77.61
C GLY U 66 84.29 -53.28 77.30
N VAL U 78 90.08 -55.73 73.31
CA VAL U 78 88.90 -56.58 73.24
C VAL U 78 87.69 -55.82 73.74
N ASN U 79 87.24 -54.86 72.95
CA ASN U 79 86.08 -54.04 73.26
C ASN U 79 84.92 -54.44 72.36
N VAL U 80 83.76 -54.67 72.96
CA VAL U 80 82.59 -55.12 72.24
C VAL U 80 81.52 -54.03 72.29
N ASP U 81 80.62 -54.06 71.31
CA ASP U 81 79.52 -53.11 71.23
C ASP U 81 78.25 -53.87 70.85
N ILE U 82 77.12 -53.40 71.37
CA ILE U 82 75.81 -53.93 71.02
C ILE U 82 74.86 -52.76 70.87
N LEU U 83 74.11 -52.73 69.77
CA LEU U 83 73.21 -51.61 69.46
C LEU U 83 71.93 -52.21 68.87
N ASN U 84 70.90 -52.35 69.70
CA ASN U 84 69.65 -52.99 69.28
C ASN U 84 68.51 -51.99 69.30
N ARG U 85 67.71 -51.97 68.24
CA ARG U 85 66.57 -51.08 68.12
C ARG U 85 65.32 -51.89 67.80
N SER U 86 64.17 -51.29 68.11
CA SER U 86 62.89 -51.85 67.71
C SER U 86 61.89 -50.72 67.59
N GLU U 87 60.78 -51.00 66.92
CA GLU U 87 59.75 -49.99 66.74
C GLU U 87 58.46 -50.69 66.36
N PHE U 88 57.42 -50.53 67.18
CA PHE U 88 56.13 -51.14 66.93
C PHE U 88 55.08 -50.06 66.86
N GLU U 89 54.37 -49.99 65.74
CA GLU U 89 53.36 -48.97 65.51
C GLU U 89 52.01 -49.65 65.30
N THR U 90 50.96 -48.99 65.76
CA THR U 90 49.60 -49.47 65.58
C THR U 90 48.70 -48.29 65.25
N SER U 91 47.68 -48.53 64.43
CA SER U 91 46.72 -47.49 64.10
C SER U 91 45.43 -48.18 63.63
N THR U 92 44.45 -48.25 64.53
CA THR U 92 43.16 -48.82 64.19
C THR U 92 42.15 -47.69 64.13
N LEU U 93 41.67 -47.38 62.94
CA LEU U 93 40.62 -46.39 62.73
C LEU U 93 39.37 -47.11 62.26
N THR U 94 38.23 -46.76 62.84
CA THR U 94 36.96 -47.31 62.42
C THR U 94 35.95 -46.19 62.29
N TYR U 95 34.99 -46.37 61.38
CA TYR U 95 33.99 -45.33 61.12
C TYR U 95 32.66 -46.01 60.84
N GLU U 96 31.57 -45.27 61.07
CA GLU U 96 30.25 -45.79 60.79
C GLU U 96 29.24 -44.65 60.83
N VAL U 97 28.40 -44.56 59.80
CA VAL U 97 27.32 -43.61 59.75
C VAL U 97 26.05 -44.33 59.33
N LYS U 98 24.91 -43.69 59.60
CA LYS U 98 23.61 -44.23 59.21
C LYS U 98 22.65 -43.06 59.03
N VAL U 99 22.37 -42.73 57.78
CA VAL U 99 21.55 -41.57 57.44
C VAL U 99 20.19 -42.08 56.97
N LEU U 100 19.13 -41.61 57.61
CA LEU U 100 17.76 -41.97 57.26
C LEU U 100 17.01 -40.72 56.84
N VAL U 101 16.41 -40.76 55.66
CA VAL U 101 15.62 -39.65 55.13
C VAL U 101 14.22 -40.16 54.82
N GLN U 102 13.21 -39.46 55.31
CA GLN U 102 11.82 -39.82 55.07
C GLN U 102 11.07 -38.57 54.65
N HIS U 103 10.44 -38.63 53.48
CA HIS U 103 9.67 -37.51 52.97
C HIS U 103 8.24 -37.59 53.51
N GLN U 104 7.37 -36.69 53.05
CA GLN U 104 5.95 -36.74 53.40
C GLN U 104 5.13 -36.64 52.14
N VAL U 105 3.80 -36.69 52.27
CA VAL U 105 2.89 -36.62 51.13
C VAL U 105 2.36 -35.20 51.04
N SER U 106 2.48 -34.60 49.86
CA SER U 106 2.07 -33.21 49.69
C SER U 106 0.57 -33.07 49.93
N VAL U 107 0.19 -31.93 50.51
CA VAL U 107 -1.19 -31.69 50.90
C VAL U 107 -1.94 -30.82 49.90
N LEU U 108 -1.29 -30.42 48.81
CA LEU U 108 -1.87 -29.49 47.84
C LEU U 108 -2.09 -30.15 46.49
N ASP U 109 -2.56 -31.40 46.49
CA ASP U 109 -2.86 -32.13 45.26
C ASP U 109 -4.36 -32.38 45.16
N LYS U 110 -4.82 -32.65 43.95
CA LYS U 110 -6.22 -32.93 43.67
C LYS U 110 -6.36 -34.37 43.24
N HIS U 111 -7.36 -35.06 43.80
CA HIS U 111 -7.62 -36.46 43.52
C HIS U 111 -8.97 -36.59 42.80
N SER U 112 -8.98 -37.36 41.73
CA SER U 112 -10.18 -37.57 40.92
C SER U 112 -10.39 -39.06 40.70
N PHE U 113 -11.60 -39.41 40.26
CA PHE U 113 -11.98 -40.81 40.04
C PHE U 113 -12.46 -40.99 38.62
N ASN U 114 -11.81 -41.90 37.89
CA ASN U 114 -12.16 -42.18 36.50
C ASN U 114 -13.01 -43.45 36.44
N LYS U 115 -13.94 -43.47 35.48
CA LYS U 115 -14.92 -44.54 35.39
C LYS U 115 -14.44 -45.63 34.44
N ILE U 116 -14.44 -46.87 34.93
CA ILE U 116 -14.21 -48.04 34.09
C ILE U 116 -15.48 -48.87 34.13
N GLN U 117 -16.01 -49.17 32.94
CA GLN U 117 -17.27 -49.94 32.83
C GLN U 117 -17.01 -51.43 33.06
N THR U 118 -17.60 -51.99 34.12
CA THR U 118 -17.43 -53.41 34.44
C THR U 118 -18.70 -53.93 35.07
N THR U 119 -18.98 -55.22 34.85
CA THR U 119 -20.10 -55.86 35.53
C THR U 119 -19.76 -56.23 36.97
N THR U 120 -18.48 -56.18 37.33
CA THR U 120 -18.01 -56.52 38.68
C THR U 120 -17.07 -55.42 39.15
N PRO U 121 -17.58 -54.21 39.40
CA PRO U 121 -16.69 -53.12 39.79
C PRO U 121 -15.95 -53.40 41.09
N HIS U 122 -16.48 -54.29 41.93
CA HIS U 122 -15.84 -54.59 43.20
C HIS U 122 -14.49 -55.26 42.99
N ALA U 123 -14.43 -56.25 42.11
CA ALA U 123 -13.19 -56.97 41.88
C ALA U 123 -12.23 -56.20 40.99
N THR U 124 -12.72 -55.22 40.23
CA THR U 124 -11.85 -54.40 39.39
C THR U 124 -11.26 -53.24 40.18
N TYR U 125 -12.11 -52.45 40.82
CA TYR U 125 -11.64 -51.29 41.57
C TYR U 125 -10.97 -51.71 42.87
N GLY U 126 -11.58 -52.66 43.58
CA GLY U 126 -11.06 -53.07 44.87
C GLY U 126 -11.67 -52.28 46.02
N ASP U 127 -10.85 -51.89 46.99
CA ASP U 127 -11.31 -51.07 48.12
C ASP U 127 -10.63 -49.71 48.17
N ARG U 128 -9.30 -49.67 48.11
CA ARG U 128 -8.56 -48.43 48.27
C ARG U 128 -7.56 -48.25 47.13
N PHE U 129 -7.22 -47.00 46.87
CA PHE U 129 -6.34 -46.62 45.78
C PHE U 129 -5.03 -46.06 46.32
N ILE U 130 -4.01 -46.05 45.45
CA ILE U 130 -2.67 -45.62 45.81
C ILE U 130 -2.57 -44.13 45.49
N ALA U 131 -2.68 -43.28 46.51
CA ALA U 131 -2.71 -41.84 46.28
C ALA U 131 -1.31 -41.29 46.07
N ASP U 132 -0.45 -41.42 47.08
CA ASP U 132 0.91 -40.90 47.00
C ASP U 132 1.86 -41.94 47.57
N PHE U 133 3.10 -41.90 47.10
CA PHE U 133 4.12 -42.83 47.54
C PHE U 133 5.01 -42.16 48.58
N ILE U 134 5.15 -42.81 49.73
CA ILE U 134 6.05 -42.30 50.77
C ILE U 134 7.48 -42.60 50.34
N LYS U 135 8.27 -41.55 50.17
CA LYS U 135 9.63 -41.68 49.67
C LYS U 135 10.64 -41.47 50.79
N GLY U 136 11.86 -41.95 50.54
CA GLY U 136 12.91 -41.84 51.54
C GLY U 136 14.27 -42.24 51.02
N GLY U 137 15.18 -42.55 51.93
CA GLY U 137 16.54 -42.92 51.56
C GLY U 137 17.24 -43.54 52.74
N HIS U 138 18.46 -44.04 52.48
CA HIS U 138 19.19 -44.78 53.49
C HIS U 138 20.67 -44.68 53.20
N PHE U 139 21.48 -44.73 54.26
CA PHE U 139 22.93 -44.77 54.11
C PHE U 139 23.51 -45.66 55.20
N TYR U 140 24.64 -46.29 54.89
CA TYR U 140 25.27 -47.21 55.83
C TYR U 140 26.71 -47.40 55.40
N ALA U 141 27.65 -46.95 56.21
CA ALA U 141 29.06 -47.02 55.85
C ALA U 141 29.86 -47.60 57.01
N ARG U 142 30.95 -48.29 56.67
CA ARG U 142 31.88 -48.83 57.64
C ARG U 142 33.28 -48.78 57.04
N VAL U 143 34.19 -48.10 57.73
CA VAL U 143 35.60 -48.07 57.36
C VAL U 143 36.38 -48.75 58.47
N SER U 144 37.29 -49.64 58.10
CA SER U 144 38.13 -50.36 59.06
C SER U 144 39.57 -50.26 58.57
N ILE U 145 40.25 -49.19 58.96
CA ILE U 145 41.65 -48.99 58.60
C ILE U 145 42.49 -49.73 59.64
N THR U 146 43.22 -50.76 59.21
CA THR U 146 44.03 -51.59 60.14
C THR U 146 45.33 -50.88 60.46
N ALA U 147 46.09 -51.39 61.42
CA ALA U 147 47.36 -50.80 61.87
C ALA U 147 48.42 -50.79 60.77
N LYS U 148 49.54 -50.13 61.02
CA LYS U 148 50.68 -50.16 60.06
C LYS U 148 51.58 -51.32 60.50
N ASN U 149 51.63 -51.59 61.82
CA ASN U 149 52.54 -52.59 62.36
C ASN U 149 53.97 -52.36 61.87
N SER U 150 54.40 -51.11 61.95
CA SER U 150 55.80 -50.80 61.65
C SER U 150 56.70 -51.62 62.56
N SER U 151 57.75 -52.20 61.98
CA SER U 151 58.61 -53.12 62.71
C SER U 151 60.08 -52.79 62.50
N GLU U 152 60.45 -51.52 62.64
CA GLU U 152 61.85 -51.11 62.48
C GLU U 152 62.66 -51.76 63.59
N THR U 153 63.61 -52.62 63.20
CA THR U 153 64.53 -53.25 64.13
C THR U 153 65.94 -53.21 63.54
N SER U 154 66.94 -53.35 64.41
CA SER U 154 68.31 -53.33 63.97
C SER U 154 69.23 -53.82 65.09
N GLU U 155 70.40 -54.31 64.70
CA GLU U 155 71.40 -54.80 65.65
C GLU U 155 72.77 -54.44 65.09
N LEU U 156 73.74 -54.24 65.99
CA LEU U 156 75.11 -53.96 65.59
C LEU U 156 76.05 -54.61 66.59
N LYS U 157 77.25 -54.98 66.12
CA LYS U 157 78.22 -55.70 66.94
C LYS U 157 79.63 -55.32 66.49
N GLN U 158 80.35 -54.56 67.33
CA GLN U 158 81.71 -54.11 67.02
C GLN U 158 82.67 -54.72 68.05
N SER U 159 83.27 -55.84 67.67
CA SER U 159 84.28 -56.47 68.51
C SER U 159 85.67 -55.97 68.10
N ALA U 160 86.31 -55.24 69.01
CA ALA U 160 87.64 -54.69 68.74
C ALA U 160 87.65 -53.84 67.48
N THR U 174 91.92 -56.78 64.51
CA THR U 174 90.69 -57.54 64.44
C THR U 174 89.46 -56.65 64.58
N GLN U 175 88.45 -56.92 63.76
CA GLN U 175 87.26 -56.10 63.71
C GLN U 175 86.08 -56.99 63.32
N GLU U 176 84.88 -56.53 63.65
CA GLU U 176 83.66 -57.27 63.36
C GLU U 176 82.49 -56.32 63.29
N VAL U 177 81.63 -56.51 62.30
CA VAL U 177 80.40 -55.74 62.15
C VAL U 177 79.27 -56.70 61.78
N GLU U 178 78.11 -56.52 62.40
CA GLU U 178 76.97 -57.41 62.20
C GLU U 178 75.69 -56.56 62.26
N ARG U 179 75.12 -56.28 61.08
CA ARG U 179 73.88 -55.52 60.97
C ARG U 179 72.76 -56.31 60.30
N ALA U 180 72.74 -57.63 60.48
CA ALA U 180 71.74 -58.47 59.83
C ALA U 180 70.42 -58.47 60.61
N VAL U 181 69.89 -57.28 60.88
CA VAL U 181 68.60 -57.14 61.54
C VAL U 181 67.93 -55.91 60.96
N SER U 182 66.77 -56.10 60.32
CA SER U 182 66.02 -55.00 59.73
C SER U 182 64.68 -55.53 59.25
N SER U 183 63.63 -54.78 59.52
CA SER U 183 62.28 -55.15 59.10
C SER U 183 61.44 -53.90 59.01
N ILE U 184 60.32 -53.98 58.29
CA ILE U 184 59.47 -52.84 58.02
C ILE U 184 58.02 -53.23 58.23
N LYS U 185 57.14 -52.22 58.18
CA LYS U 185 55.72 -52.41 58.41
C LYS U 185 55.12 -53.42 57.45
N ARG U 186 54.14 -54.16 57.93
CA ARG U 186 53.32 -54.99 57.06
C ARG U 186 51.92 -55.02 57.66
N ASN U 187 51.12 -54.02 57.30
CA ASN U 187 49.68 -54.06 57.53
C ASN U 187 49.02 -52.84 56.89
N ALA U 188 48.00 -53.07 56.07
CA ALA U 188 47.18 -51.96 55.57
C ALA U 188 45.87 -52.57 55.06
N SER U 189 44.82 -52.50 55.87
CA SER U 189 43.52 -53.05 55.52
C SER U 189 42.50 -51.93 55.49
N VAL U 190 41.81 -51.80 54.37
CA VAL U 190 40.75 -50.82 54.21
C VAL U 190 39.50 -51.57 53.79
N LYS U 191 38.63 -51.87 54.74
CA LYS U 191 37.35 -52.49 54.47
C LYS U 191 36.29 -51.39 54.41
N ILE U 192 35.65 -51.26 53.26
CA ILE U 192 34.62 -50.27 53.04
C ILE U 192 33.35 -50.98 52.62
N THR U 193 32.24 -50.71 53.31
CA THR U 193 30.92 -51.14 52.88
C THR U 193 30.03 -49.90 52.81
N ILE U 194 29.38 -49.70 51.67
CA ILE U 194 28.49 -48.56 51.48
C ILE U 194 27.17 -49.09 50.95
N ILE U 195 26.08 -48.82 51.66
CA ILE U 195 24.75 -49.25 51.26
C ILE U 195 23.89 -48.01 51.12
N GLU U 196 23.39 -47.77 49.92
CA GLU U 196 22.70 -46.52 49.61
C GLU U 196 21.36 -46.80 48.94
N SER U 197 20.39 -45.93 49.22
CA SER U 197 19.09 -45.95 48.55
C SER U 197 18.77 -44.48 48.25
N THR U 198 19.17 -44.02 47.07
CA THR U 198 19.02 -42.61 46.71
C THR U 198 18.35 -42.47 45.36
N GLY U 199 18.32 -41.25 44.83
CA GLY U 199 17.67 -40.99 43.57
C GLY U 199 18.53 -40.14 42.65
N THR U 200 18.18 -40.19 41.37
CA THR U 200 18.93 -39.44 40.37
C THR U 200 18.58 -37.97 40.43
N SER U 201 19.52 -37.13 39.97
CA SER U 201 19.29 -35.70 39.93
C SER U 201 18.20 -35.36 38.92
N SER U 216 43.22 -41.53 52.52
CA SER U 216 42.16 -40.60 52.89
C SER U 216 40.81 -41.24 52.67
N ASP U 217 40.73 -42.56 52.80
CA ASP U 217 39.45 -43.23 52.59
C ASP U 217 38.45 -42.91 53.69
N LEU U 218 38.94 -42.61 54.90
CA LEU U 218 38.03 -42.17 55.96
C LEU U 218 37.36 -40.86 55.58
N LEU U 219 38.11 -39.92 55.02
CA LEU U 219 37.52 -38.66 54.60
C LEU U 219 36.61 -38.82 53.40
N ALA U 220 36.97 -39.70 52.47
CA ALA U 220 36.15 -39.89 51.27
C ALA U 220 34.76 -40.38 51.65
N VAL U 221 34.67 -41.34 52.56
CA VAL U 221 33.37 -41.80 53.02
C VAL U 221 32.63 -40.66 53.70
N LYS U 222 33.35 -39.83 54.43
CA LYS U 222 32.71 -38.72 55.16
C LYS U 222 32.07 -37.73 54.20
N GLU U 223 32.75 -37.41 53.09
CA GLU U 223 32.19 -36.44 52.16
C GLU U 223 30.90 -36.95 51.54
N LYS U 224 30.87 -38.21 51.12
CA LYS U 224 29.63 -38.79 50.63
C LYS U 224 28.59 -38.85 51.73
N ALA U 225 29.00 -39.17 52.95
CA ALA U 225 28.06 -39.16 54.07
C ALA U 225 27.53 -37.76 54.35
N ASP U 226 28.41 -36.76 54.36
CA ASP U 226 27.95 -35.39 54.57
C ASP U 226 27.21 -34.86 53.35
N GLN U 227 27.74 -35.13 52.15
CA GLN U 227 27.03 -34.71 50.95
C GLN U 227 25.65 -35.33 50.88
N PHE U 228 25.48 -36.53 51.44
CA PHE U 228 24.16 -37.12 51.49
C PHE U 228 23.20 -36.24 52.30
N TYR U 229 23.71 -35.77 53.45
CA TYR U 229 22.91 -34.85 54.32
C TYR U 229 22.54 -33.65 53.47
N LYS U 230 23.55 -32.95 52.92
CA LYS U 230 23.28 -31.76 52.13
C LYS U 230 22.46 -32.09 50.89
N ASP U 231 22.69 -33.27 50.31
CA ASP U 231 21.96 -33.64 49.10
C ASP U 231 20.46 -33.71 49.36
N ALA U 232 20.06 -34.17 50.54
CA ALA U 232 18.63 -34.26 50.84
C ALA U 232 17.96 -32.90 50.71
N ASP U 233 18.61 -31.83 51.17
CA ASP U 233 17.98 -30.51 51.11
C ASP U 233 17.57 -30.16 49.70
N SER U 234 18.37 -30.55 48.71
CA SER U 234 17.98 -30.36 47.33
C SER U 234 16.79 -31.22 46.94
N GLY U 235 16.41 -32.17 47.78
CA GLY U 235 15.24 -32.99 47.50
C GLY U 235 15.41 -33.94 46.34
N LYS U 236 16.58 -34.57 46.21
CA LYS U 236 16.81 -35.60 45.22
C LYS U 236 16.71 -37.01 45.80
N HIS U 237 16.35 -37.15 47.08
CA HIS U 237 16.25 -38.46 47.71
C HIS U 237 14.83 -38.96 47.54
N SER U 238 14.53 -39.42 46.32
CA SER U 238 13.20 -39.90 45.98
C SER U 238 13.33 -41.40 45.72
N TYR U 239 13.22 -42.18 46.78
CA TYR U 239 13.19 -43.63 46.69
C TYR U 239 11.88 -44.10 47.30
N VAL U 240 11.18 -44.98 46.58
CA VAL U 240 9.84 -45.38 47.00
C VAL U 240 9.98 -46.37 48.16
N LEU U 241 9.37 -46.04 49.29
CA LEU U 241 9.39 -46.90 50.48
C LEU U 241 8.01 -47.44 50.81
N PHE U 242 7.04 -46.57 51.02
CA PHE U 242 5.69 -46.97 51.42
C PHE U 242 4.67 -46.32 50.50
N ALA U 243 3.47 -46.91 50.48
CA ALA U 243 2.36 -46.38 49.70
C ALA U 243 1.22 -46.04 50.65
N VAL U 244 0.65 -44.85 50.47
CA VAL U 244 -0.43 -44.35 51.32
C VAL U 244 -1.76 -44.67 50.65
N LEU U 245 -2.67 -45.28 51.40
CA LEU U 245 -3.95 -45.74 50.87
C LEU U 245 -5.04 -44.72 51.16
N GLY U 246 -5.95 -44.58 50.21
CA GLY U 246 -7.09 -43.69 50.38
C GLY U 246 -8.37 -44.38 49.97
N LYS U 247 -9.47 -43.95 50.59
CA LYS U 247 -10.76 -44.59 50.38
C LYS U 247 -11.50 -43.89 49.24
N TYR U 248 -12.09 -44.70 48.35
CA TYR U 248 -12.76 -44.15 47.19
C TYR U 248 -13.93 -43.25 47.56
N ARG U 249 -14.47 -43.40 48.77
CA ARG U 249 -15.60 -42.57 49.16
C ARG U 249 -15.21 -41.11 49.30
N ASN U 250 -14.01 -40.84 49.81
CA ASN U 250 -13.56 -39.48 50.05
C ASN U 250 -13.30 -38.71 48.76
N LEU U 251 -13.27 -39.37 47.61
CA LEU U 251 -13.10 -38.67 46.35
C LEU U 251 -14.30 -37.78 46.08
N SER U 252 -14.05 -36.52 45.70
CA SER U 252 -15.14 -35.65 45.34
C SER U 252 -15.88 -36.17 44.11
N ASN U 253 -15.14 -36.61 43.09
CA ASN U 253 -15.74 -37.05 41.83
C ASN U 253 -16.48 -38.36 41.99
N PHE U 254 -16.32 -39.04 43.10
CA PHE U 254 -17.03 -40.29 43.36
C PHE U 254 -18.50 -39.97 43.61
N GLU U 255 -19.35 -40.32 42.66
CA GLU U 255 -20.80 -40.26 42.83
C GLU U 255 -21.38 -41.61 43.20
N SER U 256 -20.66 -42.38 44.00
CA SER U 256 -21.11 -43.70 44.44
C SER U 256 -21.30 -44.63 43.24
N TYR U 257 -20.20 -44.85 42.53
CA TYR U 257 -20.20 -45.82 41.44
C TYR U 257 -20.47 -47.22 41.96
N PHE U 258 -20.18 -47.47 43.23
CA PHE U 258 -20.43 -48.77 43.85
C PHE U 258 -20.38 -48.58 45.35
N ALA U 259 -20.55 -49.70 46.07
CA ALA U 259 -20.49 -49.67 47.52
C ALA U 259 -19.25 -50.45 47.97
N PRO U 260 -18.14 -49.79 48.29
CA PRO U 260 -16.95 -50.53 48.68
C PRO U 260 -17.17 -51.35 49.94
N PHE U 261 -16.56 -52.52 49.98
CA PHE U 261 -16.62 -53.35 51.17
C PHE U 261 -15.67 -52.81 52.23
N ASP U 262 -15.92 -53.21 53.48
CA ASP U 262 -15.03 -52.89 54.63
C ASP U 262 -14.50 -54.25 55.09
N TYR U 263 -13.28 -54.62 54.71
CA TYR U 263 -12.73 -55.94 54.96
C TYR U 263 -12.07 -56.07 56.33
N GLN U 264 -12.13 -55.03 57.16
CA GLN U 264 -11.48 -55.10 58.47
C GLN U 264 -11.99 -56.29 59.27
N MET U 265 -13.32 -56.41 59.37
CA MET U 265 -13.88 -57.53 60.12
C MET U 265 -13.72 -58.85 59.37
N ALA U 266 -13.90 -58.83 58.05
CA ALA U 266 -13.77 -60.07 57.28
C ALA U 266 -12.38 -60.65 57.40
N SER U 267 -11.35 -59.81 57.30
CA SER U 267 -9.99 -60.30 57.46
C SER U 267 -9.76 -60.85 58.86
N LEU U 268 -10.30 -60.16 59.88
CA LEU U 268 -10.14 -60.65 61.24
C LEU U 268 -10.76 -62.02 61.41
N ARG U 269 -11.98 -62.21 60.90
CA ARG U 269 -12.64 -63.50 61.04
C ARG U 269 -11.88 -64.60 60.29
N SER U 270 -11.41 -64.30 59.08
CA SER U 270 -10.78 -65.30 58.23
C SER U 270 -9.26 -65.25 58.36
N TRP U 271 -8.77 -65.42 59.59
CA TRP U 271 -7.33 -65.56 59.81
C TRP U 271 -6.88 -67.00 59.91
N ALA U 272 -7.70 -67.88 60.50
CA ALA U 272 -7.33 -69.29 60.56
C ALA U 272 -7.16 -69.87 59.17
N LEU U 273 -7.86 -69.31 58.18
CA LEU U 273 -7.72 -69.79 56.82
C LEU U 273 -6.44 -69.27 56.18
N PHE U 274 -6.07 -68.02 56.46
CA PHE U 274 -4.89 -67.45 55.84
C PHE U 274 -3.63 -68.21 56.25
N ASN U 275 -3.53 -68.59 57.52
CA ASN U 275 -2.38 -69.37 57.95
C ASN U 275 -2.35 -70.73 57.27
N ASP U 276 -3.49 -71.39 57.16
CA ASP U 276 -3.52 -72.70 56.51
C ASP U 276 -3.07 -72.61 55.05
N PHE U 277 -3.21 -71.43 54.43
CA PHE U 277 -2.72 -71.25 53.07
C PHE U 277 -1.21 -71.39 53.01
N THR U 278 -0.50 -70.63 53.84
CA THR U 278 0.95 -70.69 53.82
C THR U 278 1.46 -72.09 54.15
N LEU U 279 0.83 -72.74 55.13
CA LEU U 279 1.26 -74.08 55.50
C LEU U 279 1.06 -75.06 54.34
N TYR U 280 -0.07 -74.99 53.66
CA TYR U 280 -0.32 -75.91 52.56
C TYR U 280 0.64 -75.69 51.40
N LYS U 281 0.94 -74.42 51.09
CA LYS U 281 1.91 -74.14 50.03
C LYS U 281 3.28 -74.67 50.42
N ALA U 282 3.66 -74.52 51.69
CA ALA U 282 4.96 -75.02 52.12
C ALA U 282 5.06 -76.54 51.98
N ILE U 283 3.99 -77.26 52.33
CA ILE U 283 4.05 -78.72 52.28
C ILE U 283 3.92 -79.29 50.88
N GLU U 284 3.65 -78.46 49.87
CA GLU U 284 3.81 -78.93 48.50
C GLU U 284 5.28 -79.27 48.25
N THR U 285 6.18 -78.38 48.67
CA THR U 285 7.61 -78.64 48.54
C THR U 285 8.07 -79.79 49.43
N MET U 286 7.36 -80.07 50.52
CA MET U 286 7.63 -81.28 51.29
C MET U 286 7.68 -82.49 50.37
N ILE U 287 6.60 -82.73 49.64
CA ILE U 287 6.49 -83.95 48.84
C ILE U 287 7.49 -83.92 47.70
N LYS U 288 7.57 -82.80 46.99
CA LYS U 288 8.42 -82.74 45.81
C LYS U 288 9.89 -82.93 46.18
N ALA U 289 10.33 -82.33 47.28
CA ALA U 289 11.75 -82.37 47.61
C ALA U 289 12.23 -83.79 47.88
N VAL U 290 11.47 -84.59 48.62
CA VAL U 290 11.92 -85.91 49.04
C VAL U 290 11.90 -86.87 47.87
N PRO U 291 12.89 -87.75 47.73
CA PRO U 291 12.97 -88.60 46.54
C PRO U 291 11.99 -89.76 46.59
N GLU U 292 11.98 -90.53 45.49
CA GLU U 292 11.05 -91.65 45.36
C GLU U 292 11.49 -92.81 46.24
N SER U 293 12.79 -93.00 46.41
CA SER U 293 13.31 -94.20 47.08
C SER U 293 13.07 -94.20 48.58
N LYS U 294 12.28 -93.28 49.11
CA LYS U 294 12.00 -93.21 50.54
C LYS U 294 10.52 -92.96 50.78
N PHE U 295 9.70 -93.49 49.87
CA PHE U 295 8.22 -93.40 50.03
C PHE U 295 7.75 -94.81 50.34
N LYS U 296 6.76 -94.96 51.23
CA LYS U 296 6.32 -96.29 51.64
C LYS U 296 5.67 -97.04 50.48
N ASP U 297 4.71 -96.39 49.80
CA ASP U 297 3.96 -97.08 48.76
C ASP U 297 4.70 -97.14 47.43
N GLY U 298 5.81 -96.41 47.29
CA GLY U 298 6.60 -96.47 46.08
C GLY U 298 6.13 -95.51 45.01
N PRO U 299 6.01 -95.98 43.77
CA PRO U 299 5.77 -95.04 42.66
C PRO U 299 4.48 -94.25 42.78
N GLU U 300 3.34 -94.94 42.91
CA GLU U 300 2.06 -94.26 42.91
C GLU U 300 1.75 -93.69 44.29
N ARG U 301 2.69 -92.96 44.85
CA ARG U 301 2.48 -92.26 46.11
C ARG U 301 2.85 -90.79 45.96
N LYS U 302 3.84 -90.51 45.11
CA LYS U 302 4.23 -89.13 44.87
C LYS U 302 3.09 -88.34 44.22
N THR U 303 2.47 -88.91 43.18
CA THR U 303 1.56 -88.10 42.38
C THR U 303 0.25 -87.82 43.11
N GLN U 304 -0.36 -88.81 43.76
CA GLN U 304 -1.61 -88.55 44.44
C GLN U 304 -1.41 -87.92 45.81
N LEU U 305 -0.20 -87.95 46.36
CA LEU U 305 0.11 -87.06 47.48
C LEU U 305 0.29 -85.64 46.98
N ILE U 306 1.00 -85.48 45.87
CA ILE U 306 1.12 -84.15 45.27
C ILE U 306 -0.24 -83.66 44.81
N LYS U 307 -1.01 -84.52 44.14
CA LYS U 307 -2.31 -84.08 43.64
C LYS U 307 -3.29 -83.81 44.77
N GLN U 308 -3.25 -84.64 45.82
CA GLN U 308 -4.16 -84.42 46.93
C GLN U 308 -3.92 -83.08 47.60
N ALA U 309 -2.66 -82.69 47.76
CA ALA U 309 -2.34 -81.40 48.35
C ALA U 309 -2.82 -80.25 47.47
N ILE U 310 -2.55 -80.34 46.16
CA ILE U 310 -2.95 -79.27 45.25
C ILE U 310 -4.46 -79.19 45.11
N ASN U 311 -5.13 -80.35 45.08
CA ASN U 311 -6.59 -80.32 44.97
C ASN U 311 -7.22 -79.58 46.13
N ILE U 312 -6.72 -79.80 47.35
CA ILE U 312 -7.24 -79.06 48.49
C ILE U 312 -6.63 -77.67 48.60
N PHE U 313 -5.53 -77.41 47.90
CA PHE U 313 -5.05 -76.04 47.76
C PHE U 313 -6.05 -75.21 46.96
N GLU U 314 -6.69 -75.82 45.98
CA GLU U 314 -7.75 -75.15 45.23
C GLU U 314 -8.90 -74.77 46.14
N THR U 315 -9.29 -75.67 47.04
CA THR U 315 -10.48 -75.44 47.86
C THR U 315 -10.32 -74.21 48.72
N ILE U 316 -9.14 -74.01 49.31
CA ILE U 316 -8.95 -72.85 50.16
C ILE U 316 -8.64 -71.60 49.34
N ARG U 317 -8.00 -71.72 48.18
CA ARG U 317 -7.76 -70.56 47.36
C ARG U 317 -9.07 -70.00 46.79
N ASP U 318 -9.97 -70.87 46.38
CA ASP U 318 -11.26 -70.41 45.87
C ASP U 318 -12.14 -69.89 47.00
N ARG U 319 -11.94 -70.38 48.22
CA ARG U 319 -12.64 -69.79 49.36
C ARG U 319 -12.20 -68.34 49.57
N VAL U 320 -10.89 -68.09 49.43
CA VAL U 320 -10.38 -66.72 49.53
C VAL U 320 -10.96 -65.86 48.40
N ILE U 321 -10.97 -66.40 47.18
CA ILE U 321 -11.53 -65.65 46.06
C ILE U 321 -13.02 -65.42 46.27
N LEU U 322 -13.69 -66.34 46.96
CA LEU U 322 -15.10 -66.14 47.27
C LEU U 322 -15.30 -65.02 48.27
N ILE U 323 -14.40 -64.89 49.25
CA ILE U 323 -14.52 -63.81 50.22
C ILE U 323 -14.44 -62.46 49.52
N SER U 324 -13.71 -62.37 48.41
CA SER U 324 -13.68 -61.13 47.65
C SER U 324 -15.08 -60.75 47.16
N GLU U 325 -15.81 -61.71 46.61
CA GLU U 325 -17.16 -61.41 46.15
C GLU U 325 -18.13 -61.26 47.31
N HIS U 326 -18.00 -62.10 48.33
CA HIS U 326 -18.92 -62.12 49.46
C HIS U 326 -18.14 -62.12 50.77
N PRO U 327 -17.74 -60.95 51.28
CA PRO U 327 -17.10 -60.92 52.60
C PRO U 327 -18.02 -61.34 53.71
N GLU U 328 -19.34 -61.25 53.52
CA GLU U 328 -20.25 -61.78 54.51
C GLU U 328 -20.12 -63.29 54.64
N ALA U 329 -19.58 -63.95 53.63
CA ALA U 329 -19.38 -65.40 53.69
C ALA U 329 -18.24 -65.79 54.62
N ALA U 330 -17.64 -64.84 55.35
CA ALA U 330 -16.61 -65.19 56.30
C ALA U 330 -17.14 -66.00 57.47
N LYS U 331 -18.46 -65.98 57.70
CA LYS U 331 -19.01 -66.72 58.82
C LYS U 331 -18.83 -68.23 58.65
N GLU U 332 -19.05 -68.74 57.45
CA GLU U 332 -19.02 -70.18 57.24
C GLU U 332 -17.70 -70.77 57.68
N ASP U 333 -17.76 -71.89 58.39
CA ASP U 333 -16.55 -72.53 58.87
C ASP U 333 -15.83 -73.22 57.71
N PRO U 334 -14.54 -73.48 57.86
CA PRO U 334 -13.82 -74.20 56.79
C PRO U 334 -14.43 -75.57 56.53
N ASP U 335 -14.39 -75.99 55.27
CA ASP U 335 -14.87 -77.30 54.87
C ASP U 335 -13.77 -78.13 54.23
N HIS U 336 -12.52 -77.89 54.65
CA HIS U 336 -11.37 -78.54 54.06
C HIS U 336 -10.55 -79.22 55.15
N MET U 337 -9.80 -80.24 54.75
CA MET U 337 -9.01 -81.00 55.69
C MET U 337 -7.95 -80.11 56.33
N LYS U 338 -7.68 -80.35 57.60
CA LYS U 338 -6.72 -79.53 58.33
C LYS U 338 -5.32 -79.74 57.78
N PRO U 339 -4.46 -78.72 57.80
CA PRO U 339 -3.04 -78.98 57.48
C PRO U 339 -2.39 -79.96 58.42
N GLY U 340 -2.78 -79.97 59.69
CA GLY U 340 -2.22 -80.95 60.62
C GLY U 340 -2.56 -82.38 60.23
N ASP U 341 -3.83 -82.64 59.91
CA ASP U 341 -4.21 -84.00 59.54
C ASP U 341 -3.55 -84.41 58.22
N PHE U 342 -3.55 -83.52 57.23
CA PHE U 342 -2.89 -83.86 55.98
C PHE U 342 -1.40 -83.98 56.16
N ARG U 343 -0.80 -83.13 57.00
CA ARG U 343 0.63 -83.28 57.28
C ARG U 343 0.90 -84.64 57.91
N LEU U 344 0.07 -85.04 58.88
CA LEU U 344 0.18 -86.37 59.45
C LEU U 344 0.18 -87.43 58.36
N GLU U 345 -0.72 -87.29 57.38
CA GLU U 345 -0.76 -88.25 56.28
C GLU U 345 0.56 -88.26 55.52
N VAL U 346 1.21 -87.11 55.40
CA VAL U 346 2.48 -87.06 54.68
C VAL U 346 3.54 -87.91 55.39
N LEU U 347 3.70 -87.73 56.70
CA LEU U 347 4.75 -88.44 57.42
C LEU U 347 4.44 -89.91 57.61
N ASN U 348 3.15 -90.30 57.63
CA ASN U 348 2.81 -91.70 57.82
C ASN U 348 3.34 -92.56 56.67
N SER U 349 3.38 -91.99 55.46
CA SER U 349 3.77 -92.74 54.26
C SER U 349 5.24 -92.56 53.94
N ILE U 350 6.09 -92.46 54.96
CA ILE U 350 7.52 -92.22 54.79
C ILE U 350 8.28 -93.35 55.46
N GLN U 351 9.19 -93.97 54.71
CA GLN U 351 10.06 -95.00 55.25
C GLN U 351 11.02 -94.39 56.26
N THR U 352 11.51 -95.23 57.17
CA THR U 352 12.32 -94.79 58.29
C THR U 352 13.52 -95.71 58.46
N LYS U 353 14.50 -95.25 59.22
CA LYS U 353 15.72 -96.00 59.48
C LYS U 353 15.77 -96.39 60.95
N LEU U 354 16.10 -97.65 61.21
CA LEU U 354 16.06 -98.21 62.56
C LEU U 354 17.42 -98.00 63.23
N PHE U 355 17.65 -96.76 63.66
CA PHE U 355 18.89 -96.44 64.35
C PHE U 355 18.86 -97.13 65.70
N HIS U 356 19.45 -98.33 65.78
CA HIS U 356 19.48 -99.12 67.03
C HIS U 356 20.74 -98.72 67.80
N ALA U 357 20.61 -97.81 68.78
CA ALA U 357 21.75 -97.35 69.55
C ALA U 357 22.33 -98.51 70.34
N GLN U 358 23.66 -98.56 70.42
CA GLN U 358 24.36 -99.66 71.08
C GLN U 358 25.37 -99.08 72.05
N SER U 359 25.52 -99.73 73.20
CA SER U 359 26.39 -99.25 74.26
C SER U 359 27.76 -99.92 74.12
N GLN U 360 28.74 -99.17 73.62
CA GLN U 360 30.08 -99.69 73.46
C GLN U 360 30.73 -99.94 74.83
N PRO U 361 31.32 -101.12 75.05
CA PRO U 361 32.06 -101.35 76.29
C PRO U 361 33.51 -100.90 76.21
N ILE U 362 33.94 -100.04 77.13
CA ILE U 362 35.30 -99.55 77.16
C ILE U 362 35.98 -100.05 78.44
N PRO U 363 37.22 -100.51 78.39
CA PRO U 363 37.89 -100.96 79.62
C PRO U 363 37.99 -99.84 80.64
N ASN U 364 38.13 -100.25 81.91
CA ASN U 364 38.22 -99.31 83.04
C ASN U 364 36.88 -98.61 83.27
N THR U 365 35.79 -99.37 83.13
CA THR U 365 34.45 -98.86 83.37
C THR U 365 33.60 -99.96 83.98
N ASP U 366 32.96 -99.66 85.11
CA ASP U 366 32.10 -100.59 85.81
C ASP U 366 30.70 -100.00 85.91
N ASP U 367 29.71 -100.74 85.40
CA ASP U 367 28.32 -100.30 85.35
C ASP U 367 28.15 -99.02 84.53
N TYR U 368 29.18 -98.64 83.77
CA TYR U 368 29.15 -97.45 82.92
C TYR U 368 29.55 -97.88 81.51
N TRP U 369 28.70 -97.60 80.53
CA TRP U 369 28.92 -97.98 79.15
C TRP U 369 29.14 -96.73 78.31
N THR U 370 29.27 -96.92 77.00
CA THR U 370 29.43 -95.81 76.06
C THR U 370 28.41 -96.00 74.95
N ASP U 371 27.38 -95.15 74.95
CA ASP U 371 26.27 -95.26 74.00
C ASP U 371 26.70 -94.67 72.66
N VAL U 372 26.69 -95.50 71.62
CA VAL U 372 26.98 -95.07 70.25
C VAL U 372 25.73 -95.33 69.42
N ILE U 373 25.22 -94.28 68.78
CA ILE U 373 24.01 -94.38 67.98
C ILE U 373 24.46 -94.68 66.55
N LEU U 374 24.71 -95.97 66.27
CA LEU U 374 25.10 -96.42 64.95
C LEU U 374 24.15 -97.50 64.48
N THR U 375 23.79 -97.44 63.19
CA THR U 375 22.87 -98.41 62.62
C THR U 375 23.50 -99.78 62.43
N THR U 376 24.83 -99.87 62.44
CA THR U 376 25.50 -101.15 62.24
C THR U 376 25.59 -101.92 63.55
N LYS U 377 25.19 -103.19 63.52
CA LYS U 377 25.25 -104.03 64.70
C LYS U 377 26.70 -104.22 65.14
N GLY U 378 26.94 -104.09 66.44
CA GLY U 378 28.27 -104.24 66.98
C GLY U 378 28.42 -105.49 67.84
N SER U 379 29.65 -105.85 68.16
CA SER U 379 29.94 -107.03 68.98
C SER U 379 30.25 -106.59 70.40
N GLY U 380 29.48 -107.09 71.36
CA GLY U 380 29.68 -106.74 72.76
C GLY U 380 29.07 -105.42 73.18
N ASN U 381 28.40 -104.75 72.24
CA ASN U 381 27.76 -103.44 72.53
C ASN U 381 26.29 -103.68 72.91
N GLN U 382 25.85 -103.14 74.05
CA GLN U 382 24.47 -103.38 74.48
C GLN U 382 23.51 -102.51 73.69
N PRO U 383 22.55 -103.07 72.96
CA PRO U 383 21.55 -102.24 72.28
C PRO U 383 20.60 -101.59 73.26
N LEU U 384 20.28 -100.32 73.01
CA LEU U 384 19.40 -99.56 73.89
C LEU U 384 17.95 -99.60 73.39
N PHE U 385 17.69 -99.08 72.19
CA PHE U 385 16.36 -99.11 71.60
C PHE U 385 16.50 -99.07 70.10
N THR U 386 15.51 -99.63 69.41
CA THR U 386 15.45 -99.62 67.96
C THR U 386 14.17 -98.89 67.53
N PHE U 387 14.34 -97.82 66.76
CA PHE U 387 13.26 -96.90 66.46
C PHE U 387 13.33 -96.42 65.01
N PRO U 388 12.19 -96.19 64.37
CA PRO U 388 12.21 -95.54 63.05
C PRO U 388 12.82 -94.15 63.16
N ALA U 389 13.58 -93.77 62.13
CA ALA U 389 14.18 -92.44 62.06
C ALA U 389 14.26 -91.98 60.61
N PHE U 390 14.58 -90.71 60.43
CA PHE U 390 14.61 -90.08 59.11
C PHE U 390 16.06 -89.89 58.70
N ASP U 391 16.44 -90.50 57.58
CA ASP U 391 17.81 -90.49 57.11
C ASP U 391 18.01 -89.52 55.94
N PHE U 392 17.11 -88.57 55.76
CA PHE U 392 17.20 -87.62 54.66
C PHE U 392 16.47 -86.35 55.05
N GLY U 393 16.99 -85.23 54.57
CA GLY U 393 16.40 -83.94 54.89
C GLY U 393 15.16 -83.72 54.07
N ASP U 394 14.97 -82.50 53.59
CA ASP U 394 13.85 -82.14 52.72
C ASP U 394 12.50 -82.33 53.39
N LEU U 395 12.46 -82.62 54.69
CA LEU U 395 11.23 -82.71 55.45
C LEU U 395 11.26 -81.59 56.49
N ILE U 396 10.49 -80.53 56.26
CA ILE U 396 10.57 -79.38 57.16
C ILE U 396 10.15 -79.82 58.56
N GLY U 397 10.64 -79.09 59.55
CA GLY U 397 10.41 -79.43 60.93
C GLY U 397 11.36 -80.46 61.49
N THR U 398 12.46 -80.75 60.78
CA THR U 398 13.44 -81.78 61.20
C THR U 398 14.84 -81.21 61.21
N GLU U 399 15.69 -81.69 62.12
CA GLU U 399 17.08 -81.29 62.22
C GLU U 399 17.96 -82.52 62.44
N VAL U 400 19.23 -82.40 62.08
CA VAL U 400 20.15 -83.52 62.07
C VAL U 400 21.02 -83.49 63.31
N VAL U 401 21.36 -84.68 63.81
CA VAL U 401 22.26 -84.86 64.93
C VAL U 401 23.48 -85.63 64.41
N SER U 402 24.50 -84.89 64.01
CA SER U 402 25.68 -85.46 63.34
C SER U 402 26.80 -85.57 64.35
N PHE U 403 27.10 -86.78 64.78
CA PHE U 403 28.20 -86.99 65.71
C PHE U 403 29.51 -86.54 65.08
N GLY U 404 30.33 -85.86 65.88
CA GLY U 404 31.64 -85.44 65.43
C GLY U 404 32.73 -86.27 66.08
N LYS U 405 33.36 -87.14 65.31
CA LYS U 405 34.46 -87.97 65.80
C LYS U 405 35.78 -87.42 65.26
N LYS U 406 36.71 -87.12 66.16
CA LYS U 406 37.99 -86.59 65.75
C LYS U 406 38.74 -87.60 64.90
N LYS U 407 38.99 -87.27 63.64
CA LYS U 407 39.89 -88.09 62.83
C LYS U 407 41.32 -87.99 63.33
N ASN U 408 41.70 -86.84 63.87
CA ASN U 408 42.99 -86.62 64.47
C ASN U 408 43.08 -87.19 65.88
N GLY U 409 41.98 -87.69 66.41
CA GLY U 409 41.96 -88.23 67.75
C GLY U 409 40.84 -89.24 67.93
N GLU U 410 40.21 -89.23 69.11
CA GLU U 410 39.13 -90.16 69.38
C GLU U 410 37.96 -89.51 70.11
N GLU U 411 37.96 -88.18 70.25
CA GLU U 411 36.90 -87.50 70.95
C GLU U 411 35.54 -87.79 70.31
N TYR U 412 34.56 -88.09 71.15
CA TYR U 412 33.18 -88.28 70.71
C TYR U 412 32.41 -86.97 70.85
N ASN U 413 31.81 -86.51 69.76
CA ASN U 413 31.02 -85.28 69.77
C ASN U 413 29.62 -85.54 69.25
N CYS U 414 28.72 -84.62 69.59
CA CYS U 414 27.31 -84.72 69.21
C CYS U 414 26.81 -83.31 68.94
N LEU U 415 26.73 -82.92 67.68
CA LEU U 415 26.32 -81.58 67.29
C LEU U 415 25.07 -81.66 66.44
N ILE U 416 24.05 -80.90 66.83
CA ILE U 416 22.79 -80.87 66.10
C ILE U 416 22.87 -79.81 65.02
N GLY U 417 22.50 -80.17 63.79
CA GLY U 417 22.53 -79.21 62.71
C GLY U 417 23.90 -78.64 62.43
N GLU U 418 24.96 -79.29 62.93
CA GLU U 418 26.33 -78.84 62.70
C GLU U 418 27.16 -80.07 62.34
N ARG U 419 27.48 -80.20 61.06
CA ARG U 419 28.21 -81.36 60.59
C ARG U 419 29.71 -81.21 60.89
N VAL U 420 30.47 -82.22 60.49
CA VAL U 420 31.92 -82.14 60.59
C VAL U 420 32.50 -81.12 59.62
N THR U 421 31.79 -80.82 58.53
CA THR U 421 32.34 -79.95 57.49
C THR U 421 32.73 -78.58 58.04
N SER U 422 32.09 -78.12 59.11
CA SER U 422 32.48 -76.85 59.71
C SER U 422 33.92 -76.89 60.20
N LEU U 423 34.31 -78.01 60.83
CA LEU U 423 35.68 -78.21 61.30
C LEU U 423 36.45 -79.04 60.28
N ASP U 424 37.67 -79.42 60.63
CA ASP U 424 38.54 -80.20 59.76
C ASP U 424 39.03 -81.44 60.50
N ASP U 425 39.08 -82.57 59.79
CA ASP U 425 39.52 -83.84 60.34
C ASP U 425 38.62 -84.27 61.51
N TYR U 426 37.37 -84.57 61.13
CA TYR U 426 36.37 -85.06 62.10
C TYR U 426 35.56 -86.15 61.39
N LYS U 427 35.79 -87.41 61.75
CA LYS U 427 35.02 -88.53 61.14
C LYS U 427 33.53 -88.39 61.48
N GLU U 428 32.65 -88.92 60.63
CA GLU U 428 31.20 -88.84 60.87
C GLU U 428 30.70 -90.19 61.41
N LEU U 429 30.22 -90.21 62.66
CA LEU U 429 29.68 -91.46 63.25
C LEU U 429 28.26 -91.69 62.71
N SER U 430 27.34 -90.76 63.00
CA SER U 430 25.95 -90.93 62.61
C SER U 430 25.31 -89.58 62.38
N TYR U 431 24.59 -89.46 61.27
CA TYR U 431 23.81 -88.26 60.98
C TYR U 431 22.44 -88.70 60.50
N PHE U 432 21.40 -88.07 61.04
CA PHE U 432 20.03 -88.42 60.66
C PHE U 432 19.07 -87.33 61.17
N TRP U 433 18.25 -86.80 60.27
CA TRP U 433 17.34 -85.73 60.66
C TRP U 433 16.25 -86.24 61.58
N VAL U 434 15.86 -85.41 62.54
CA VAL U 434 14.84 -85.76 63.53
C VAL U 434 14.02 -84.53 63.87
N PHE U 435 12.89 -84.76 64.54
CA PHE U 435 12.07 -83.65 65.01
C PHE U 435 12.60 -83.15 66.35
N PRO U 436 13.10 -81.91 66.43
CA PRO U 436 13.50 -81.40 67.75
C PRO U 436 12.35 -81.22 68.71
N ASP U 437 11.11 -81.15 68.22
CA ASP U 437 9.94 -80.96 69.05
C ASP U 437 8.93 -82.05 68.75
N SER U 438 7.90 -82.13 69.60
CA SER U 438 6.89 -83.16 69.45
C SER U 438 5.86 -82.76 68.40
N VAL U 439 5.12 -83.74 67.92
CA VAL U 439 4.04 -83.51 66.98
C VAL U 439 2.82 -84.26 67.47
N GLN U 440 1.64 -83.82 67.04
CA GLN U 440 0.41 -84.45 67.48
C GLN U 440 0.39 -85.93 67.09
N LYS U 441 0.43 -86.79 68.08
CA LYS U 441 0.19 -88.23 67.96
C LYS U 441 1.14 -88.93 67.01
N PHE U 442 2.28 -88.32 66.67
CA PHE U 442 3.31 -89.00 65.89
C PHE U 442 4.62 -89.12 66.65
N ALA U 443 5.19 -88.00 67.10
CA ALA U 443 6.51 -87.99 67.74
C ALA U 443 6.32 -87.69 69.22
N MET U 444 6.19 -88.76 70.02
CA MET U 444 5.94 -88.62 71.44
C MET U 444 7.04 -89.18 72.33
N GLU U 445 7.87 -90.09 71.82
CA GLU U 445 8.95 -90.66 72.61
C GLU U 445 10.18 -89.77 72.48
N MET U 446 10.99 -89.75 73.54
CA MET U 446 12.02 -88.74 73.72
C MET U 446 13.42 -89.35 73.71
N TYR U 447 14.39 -88.56 73.27
CA TYR U 447 15.80 -88.89 73.38
C TYR U 447 16.58 -87.66 73.80
N GLY U 448 17.52 -87.85 74.71
CA GLY U 448 18.33 -86.75 75.22
C GLY U 448 19.80 -87.09 75.16
N VAL U 449 20.61 -86.03 75.00
CA VAL U 449 22.05 -86.15 74.83
C VAL U 449 22.72 -85.58 76.07
N SER U 450 23.67 -86.34 76.62
CA SER U 450 24.51 -85.89 77.72
C SER U 450 25.94 -86.38 77.49
N LYS U 451 26.92 -85.55 77.89
CA LYS U 451 28.32 -85.83 77.66
C LYS U 451 29.12 -85.53 78.92
N VAL U 452 30.13 -86.34 79.17
CA VAL U 452 31.01 -86.15 80.34
C VAL U 452 32.21 -85.31 79.92
N PRO U 453 32.44 -84.14 80.52
CA PRO U 453 33.56 -83.31 80.06
C PRO U 453 34.91 -83.99 80.16
N THR U 454 35.14 -84.77 81.23
CA THR U 454 36.46 -85.38 81.43
C THR U 454 36.74 -86.41 80.34
N ARG U 455 35.76 -87.22 80.00
CA ARG U 455 35.91 -88.27 79.00
C ARG U 455 34.69 -88.25 78.09
N ASN U 456 34.92 -88.30 76.78
CA ASN U 456 33.84 -88.18 75.82
C ASN U 456 33.07 -89.48 75.69
N TYR U 457 32.50 -89.95 76.79
CA TYR U 457 31.63 -91.12 76.78
C TYR U 457 30.22 -90.63 76.49
N MET U 458 29.80 -90.79 75.24
CA MET U 458 28.47 -90.35 74.84
C MET U 458 27.43 -90.94 75.79
N ARG U 459 26.64 -90.07 76.40
CA ARG U 459 25.59 -90.48 77.34
C ARG U 459 24.27 -89.97 76.76
N VAL U 460 23.70 -90.76 75.86
CA VAL U 460 22.40 -90.49 75.27
C VAL U 460 21.40 -91.44 75.91
N TYR U 461 20.29 -90.89 76.40
CA TYR U 461 19.33 -91.68 77.15
C TYR U 461 17.93 -91.14 76.88
N ALA U 462 16.94 -91.93 77.28
CA ALA U 462 15.54 -91.54 77.16
C ALA U 462 15.23 -90.50 78.23
N ALA U 463 15.29 -89.22 77.85
CA ALA U 463 15.15 -88.12 78.80
C ALA U 463 13.67 -87.90 79.11
N ASP U 464 13.42 -86.84 79.89
CA ASP U 464 12.03 -86.52 80.31
C ASP U 464 11.84 -85.01 80.18
N GLN U 465 10.60 -84.53 80.30
CA GLN U 465 10.35 -83.10 80.25
C GLN U 465 11.04 -82.38 81.40
N SER U 466 11.25 -83.11 82.50
CA SER U 466 11.93 -82.52 83.69
C SER U 466 13.44 -82.50 83.45
N ASP U 467 13.96 -83.45 82.67
CA ASP U 467 15.41 -83.45 82.34
C ASP U 467 15.73 -82.13 81.62
N ILE U 468 14.75 -81.58 80.90
CA ILE U 468 14.94 -80.25 80.25
C ILE U 468 14.90 -79.19 81.37
N GLU U 469 13.84 -79.20 82.17
CA GLU U 469 13.70 -78.20 83.28
C GLU U 469 15.02 -78.14 84.06
N ASN U 470 15.48 -79.27 84.60
CA ASN U 470 16.78 -79.30 85.33
C ASN U 470 17.80 -80.04 84.47
N PRO U 471 18.62 -79.35 83.66
CA PRO U 471 19.59 -80.00 82.73
C PRO U 471 20.89 -80.38 83.44
N ARG U 472 21.47 -81.52 83.06
CA ARG U 472 22.75 -81.93 83.62
C ARG U 472 23.88 -81.20 82.90
N PRO U 473 25.09 -81.17 83.48
CA PRO U 473 26.20 -80.48 82.83
C PRO U 473 26.48 -81.04 81.45
N TYR U 474 26.82 -80.17 80.49
CA TYR U 474 27.22 -80.65 79.13
C TYR U 474 26.12 -81.45 78.44
N GLN U 475 24.85 -81.25 78.82
CA GLN U 475 23.77 -81.92 78.12
C GLN U 475 23.40 -81.06 76.92
N ARG U 476 23.64 -81.58 75.72
CA ARG U 476 23.60 -80.73 74.53
C ARG U 476 22.18 -80.49 74.06
N PHE U 477 21.47 -81.55 73.64
CA PHE U 477 20.19 -81.39 73.00
C PHE U 477 19.31 -82.59 73.26
N TRP U 478 18.00 -82.41 73.11
CA TRP U 478 17.02 -83.46 73.28
C TRP U 478 16.06 -83.44 72.09
N PHE U 479 15.62 -84.63 71.68
CA PHE U 479 14.84 -84.76 70.46
C PHE U 479 13.80 -85.86 70.63
N TYR U 480 12.71 -85.72 69.88
CA TYR U 480 11.61 -86.66 69.89
C TYR U 480 11.64 -87.52 68.64
N VAL U 481 11.37 -88.81 68.81
CA VAL U 481 11.38 -89.78 67.71
C VAL U 481 9.96 -90.30 67.53
N PRO U 482 9.55 -90.67 66.32
CA PRO U 482 8.17 -91.14 66.11
C PRO U 482 7.83 -92.34 66.97
N SER U 483 6.58 -92.36 67.44
CA SER U 483 6.07 -93.45 68.26
C SER U 483 5.46 -94.51 67.34
N ALA U 484 5.88 -95.76 67.54
CA ALA U 484 5.37 -96.85 66.73
C ALA U 484 3.91 -97.17 67.01
N ASN U 485 3.33 -96.60 68.07
CA ASN U 485 1.95 -96.86 68.42
C ASN U 485 0.95 -96.18 67.48
N SER U 486 1.42 -95.31 66.59
CA SER U 486 0.52 -94.63 65.68
C SER U 486 -0.16 -95.65 64.77
N PRO U 487 -1.46 -95.54 64.52
CA PRO U 487 -2.14 -96.52 63.67
C PRO U 487 -1.88 -96.24 62.21
N PRO U 488 -1.46 -97.24 61.42
CA PRO U 488 -1.22 -97.00 59.99
C PRO U 488 -2.50 -97.09 59.16
N GLY V 2 -6.59 42.99 63.27
CA GLY V 2 -6.89 41.66 62.77
C GLY V 2 -6.20 41.37 61.45
N GLU V 3 -4.93 40.99 61.52
CA GLU V 3 -4.17 40.63 60.34
C GLU V 3 -3.47 39.29 60.51
N VAL V 4 -3.19 38.91 61.75
CA VAL V 4 -2.52 37.64 62.04
C VAL V 4 -3.24 36.96 63.19
N VAL V 5 -3.03 35.65 63.30
CA VAL V 5 -3.66 34.86 64.35
C VAL V 5 -2.75 33.66 64.67
N PRO V 6 -2.57 33.31 65.94
CA PRO V 6 -1.74 32.14 66.25
C PRO V 6 -2.32 30.87 65.64
N TYR V 7 -1.43 29.98 65.23
CA TYR V 7 -1.86 28.75 64.58
C TYR V 7 -2.72 27.92 65.54
N LYS V 8 -3.82 27.39 65.02
CA LYS V 8 -4.69 26.48 65.75
C LYS V 8 -4.79 25.19 64.97
N ALA V 9 -4.52 24.07 65.63
CA ALA V 9 -4.43 22.80 64.91
C ALA V 9 -5.73 22.51 64.17
N GLY V 10 -5.58 21.88 63.01
CA GLY V 10 -6.72 21.62 62.15
C GLY V 10 -7.00 22.69 61.12
N MET V 11 -6.31 23.83 61.21
CA MET V 11 -6.54 24.91 60.26
C MET V 11 -6.28 24.42 58.85
N GLN V 12 -7.17 24.79 57.94
CA GLN V 12 -7.04 24.44 56.53
C GLN V 12 -6.99 25.73 55.73
N ARG V 13 -6.00 25.84 54.85
CA ARG V 13 -5.85 27.05 54.05
C ARG V 13 -7.14 27.33 53.29
N GLY V 14 -7.58 28.57 53.32
CA GLY V 14 -8.76 28.98 52.60
C GLY V 14 -10.03 28.57 53.31
N GLN V 15 -10.23 29.07 54.52
CA GLN V 15 -11.43 28.80 55.30
C GLN V 15 -11.85 30.06 56.02
N GLY V 16 -13.15 30.13 56.32
CA GLY V 16 -13.67 31.28 57.02
C GLY V 16 -13.17 31.33 58.46
N TYR V 17 -13.15 32.55 59.00
CA TYR V 17 -12.68 32.78 60.35
C TYR V 17 -13.56 33.84 61.00
N ASN V 18 -14.29 33.45 62.02
CA ASN V 18 -15.13 34.37 62.78
C ASN V 18 -14.23 35.11 63.76
N THR V 19 -13.78 36.30 63.37
CA THR V 19 -12.74 36.98 64.14
C THR V 19 -13.19 37.29 65.55
N TYR V 20 -14.48 37.50 65.78
CA TYR V 20 -14.97 37.76 67.13
C TYR V 20 -14.88 36.51 67.99
N LEU V 21 -15.56 35.43 67.57
CA LEU V 21 -15.52 34.18 68.32
C LEU V 21 -14.19 33.45 68.18
N GLN V 22 -13.31 33.91 67.29
CA GLN V 22 -11.99 33.29 67.09
C GLN V 22 -12.10 31.81 66.80
N SER V 23 -13.24 31.39 66.25
CA SER V 23 -13.45 30.00 65.91
C SER V 23 -13.09 29.76 64.44
N LEU V 24 -13.36 28.57 63.95
CA LEU V 24 -13.10 28.20 62.57
C LEU V 24 -14.42 28.03 61.83
N CYS V 25 -14.43 28.42 60.56
CA CYS V 25 -15.65 28.35 59.76
C CYS V 25 -15.41 27.59 58.46
N VAL V 26 -16.36 27.64 57.53
CA VAL V 26 -16.37 26.73 56.40
C VAL V 26 -14.99 26.65 55.77
N LYS V 27 -14.61 25.45 55.37
CA LYS V 27 -13.34 25.21 54.72
C LYS V 27 -13.53 25.19 53.21
N ASP V 28 -12.53 25.71 52.49
CA ASP V 28 -12.51 25.69 51.03
C ASP V 28 -13.48 26.71 50.44
N ALA V 29 -13.71 27.82 51.14
CA ALA V 29 -14.46 28.92 50.54
C ALA V 29 -13.59 29.67 49.54
N VAL V 30 -12.28 29.67 49.74
CA VAL V 30 -11.35 30.38 48.89
C VAL V 30 -10.32 29.38 48.37
N THR V 31 -10.15 29.35 47.04
CA THR V 31 -9.14 28.52 46.40
C THR V 31 -7.98 29.40 45.99
N ILE V 32 -6.78 29.06 46.44
CA ILE V 32 -5.57 29.79 46.11
C ILE V 32 -4.77 28.95 45.12
N GLU V 33 -4.53 29.50 43.93
CA GLU V 33 -3.73 28.83 42.92
C GLU V 33 -2.29 29.31 43.02
N ARG V 34 -1.38 28.37 43.23
CA ARG V 34 0.04 28.66 43.25
C ARG V 34 0.54 28.70 41.82
N HIS V 35 0.59 29.90 41.23
CA HIS V 35 1.03 30.03 39.85
C HIS V 35 2.47 29.56 39.70
N ASP V 36 3.33 29.94 40.64
CA ASP V 36 4.75 29.60 40.59
C ASP V 36 5.11 28.79 41.82
N ASP V 37 5.84 27.69 41.62
CA ASP V 37 6.26 26.83 42.72
C ASP V 37 7.62 27.31 43.20
N SER V 38 7.62 28.12 44.25
CA SER V 38 8.86 28.65 44.81
C SER V 38 8.60 29.12 46.23
N ASN V 39 9.53 28.81 47.13
CA ASN V 39 9.38 29.23 48.51
C ASN V 39 9.51 30.75 48.61
N PRO V 40 8.79 31.37 49.53
CA PRO V 40 8.80 32.83 49.61
C PRO V 40 10.09 33.34 50.24
N PRO V 41 10.38 34.63 50.11
CA PRO V 41 11.57 35.20 50.74
C PRO V 41 11.52 35.04 52.26
N PHE V 42 12.70 34.89 52.86
CA PHE V 42 12.79 34.55 54.27
C PHE V 42 13.81 35.43 54.97
N LYS V 43 13.65 35.57 56.28
CA LYS V 43 14.53 36.37 57.13
C LYS V 43 15.16 35.46 58.18
N LYS V 44 16.47 35.57 58.34
CA LYS V 44 17.22 34.70 59.23
C LYS V 44 17.87 35.50 60.36
N GLU V 45 18.04 34.82 61.49
CA GLU V 45 18.80 35.34 62.62
C GLU V 45 19.70 34.23 63.15
N TYR V 46 20.80 34.63 63.79
CA TYR V 46 21.74 33.65 64.33
C TYR V 46 22.54 34.32 65.46
N TYR V 47 22.16 34.01 66.69
CA TYR V 47 22.87 34.46 67.88
C TYR V 47 23.63 33.28 68.46
N SER V 48 24.95 33.42 68.60
CA SER V 48 25.79 32.32 69.04
C SER V 48 26.73 32.78 70.15
N GLU V 49 26.97 31.89 71.11
CA GLU V 49 27.91 32.13 72.20
C GLU V 49 28.76 30.89 72.41
N PHE V 50 30.05 31.08 72.63
CA PHE V 50 30.98 29.98 72.93
C PHE V 50 31.80 30.43 74.14
N ILE V 51 31.35 30.05 75.33
CA ILE V 51 31.95 30.56 76.55
C ILE V 51 33.35 30.01 76.73
N GLU V 52 34.14 30.70 77.54
CA GLU V 52 35.57 30.47 77.64
C GLU V 52 35.88 29.00 77.91
N GLU V 53 37.12 28.62 77.60
CA GLU V 53 37.64 27.30 77.94
C GLU V 53 38.41 27.45 79.25
N TYR V 54 37.76 27.09 80.36
CA TYR V 54 38.38 27.22 81.68
C TYR V 54 39.47 26.17 81.79
N GLU V 55 40.62 26.49 81.19
CA GLU V 55 41.79 25.57 81.23
C GLU V 55 42.71 26.00 82.37
N LYS V 56 42.79 25.18 83.42
CA LYS V 56 43.59 25.48 84.60
C LYS V 56 44.40 24.24 84.96
N ILE V 57 45.71 24.31 84.77
CA ILE V 57 46.63 23.27 85.20
C ILE V 57 47.38 23.80 86.41
N ALA V 58 47.25 23.11 87.54
CA ALA V 58 48.06 23.38 88.72
C ALA V 58 48.81 22.10 89.06
N LYS V 59 50.13 22.20 89.16
CA LYS V 59 50.99 21.03 89.28
C LYS V 59 52.00 21.25 90.40
N SER V 60 52.36 20.16 91.09
CA SER V 60 53.20 20.23 92.26
C SER V 60 54.46 19.40 92.06
N MET V 61 55.59 19.90 92.58
CA MET V 61 56.86 19.12 92.54
C MET V 61 57.65 19.43 93.82
N ARG V 62 57.50 18.60 94.85
CA ARG V 62 58.11 18.77 96.16
C ARG V 62 59.12 17.65 96.37
N ILE V 63 60.38 18.02 96.54
CA ILE V 63 61.45 17.06 96.78
C ILE V 63 62.19 17.47 98.05
N SER V 64 62.65 16.47 98.80
CA SER V 64 63.39 16.73 100.03
C SER V 64 64.27 15.53 100.32
N ALA V 65 65.57 15.75 100.42
CA ALA V 65 66.51 14.68 100.73
C ALA V 65 67.72 15.26 101.46
N GLY V 66 68.33 14.43 102.30
CA GLY V 66 69.51 14.83 103.05
C GLY V 66 69.90 13.83 104.11
N VAL V 78 71.82 7.11 106.68
CA VAL V 78 70.45 7.50 106.98
C VAL V 78 70.04 8.66 106.11
N ASN V 79 69.86 8.38 104.82
CA ASN V 79 69.44 9.38 103.84
C ASN V 79 68.00 9.13 103.45
N VAL V 80 67.19 10.18 103.47
CA VAL V 80 65.77 10.07 103.17
C VAL V 80 65.47 10.84 101.90
N ASP V 81 64.39 10.46 101.24
CA ASP V 81 63.93 11.11 100.02
C ASP V 81 62.42 11.30 100.08
N ILE V 82 61.94 12.39 99.49
CA ILE V 82 60.52 12.65 99.36
C ILE V 82 60.27 13.20 97.97
N LEU V 83 59.28 12.65 97.27
CA LEU V 83 58.99 13.04 95.89
C LEU V 83 57.47 13.09 95.74
N ASN V 84 56.89 14.28 95.81
CA ASN V 84 55.44 14.44 95.77
C ASN V 84 55.03 15.22 94.53
N ARG V 85 54.01 14.71 93.84
CA ARG V 85 53.49 15.34 92.64
C ARG V 85 51.99 15.56 92.77
N SER V 86 51.48 16.50 91.99
CA SER V 86 50.04 16.71 91.89
C SER V 86 49.76 17.31 90.51
N GLU V 87 48.50 17.26 90.12
CA GLU V 87 48.09 17.79 88.83
C GLU V 87 46.59 18.00 88.85
N PHE V 88 46.15 19.23 88.66
CA PHE V 88 44.73 19.56 88.66
C PHE V 88 44.40 20.23 87.33
N GLU V 89 43.45 19.64 86.59
CA GLU V 89 43.05 20.13 85.30
C GLU V 89 41.58 20.52 85.32
N THR V 90 41.24 21.56 84.57
CA THR V 90 39.86 22.00 84.45
C THR V 90 39.60 22.38 83.01
N SER V 91 38.37 22.15 82.55
CA SER V 91 37.98 22.54 81.20
C SER V 91 36.46 22.67 81.17
N THR V 92 35.96 23.90 81.24
CA THR V 92 34.54 24.18 81.15
C THR V 92 34.27 24.84 79.81
N LEU V 93 33.60 24.11 78.93
CA LEU V 93 33.16 24.63 77.63
C LEU V 93 31.65 24.73 77.64
N THR V 94 31.13 25.87 77.17
CA THR V 94 29.69 26.05 77.06
C THR V 94 29.39 26.65 75.69
N TYR V 95 28.22 26.33 75.17
CA TYR V 95 27.82 26.78 73.85
C TYR V 95 26.33 27.10 73.86
N GLU V 96 25.91 27.97 72.93
CA GLU V 96 24.50 28.31 72.82
C GLU V 96 24.27 29.05 71.51
N VAL V 97 23.26 28.61 70.75
CA VAL V 97 22.85 29.28 69.54
C VAL V 97 21.33 29.44 69.56
N LYS V 98 20.84 30.35 68.73
CA LYS V 98 19.40 30.58 68.61
C LYS V 98 19.13 31.11 67.20
N VAL V 99 18.61 30.25 66.33
CA VAL V 99 18.39 30.57 64.94
C VAL V 99 16.90 30.77 64.72
N LEU V 100 16.52 31.93 64.19
CA LEU V 100 15.13 32.26 63.91
C LEU V 100 14.98 32.50 62.42
N VAL V 101 14.04 31.80 61.80
CA VAL V 101 13.76 31.94 60.37
C VAL V 101 12.29 32.28 60.20
N GLN V 102 12.01 33.33 59.43
CA GLN V 102 10.64 33.76 59.18
C GLN V 102 10.48 34.01 57.70
N HIS V 103 9.53 33.33 57.08
CA HIS V 103 9.26 33.48 55.66
C HIS V 103 8.30 34.64 55.45
N GLN V 104 7.87 34.83 54.20
CA GLN V 104 6.85 35.82 53.89
C GLN V 104 5.76 35.19 53.04
N VAL V 105 4.75 35.96 52.67
CA VAL V 105 3.64 35.47 51.87
C VAL V 105 3.86 35.91 50.42
N SER V 106 3.81 34.96 49.51
CA SER V 106 4.09 35.26 48.12
C SER V 106 3.06 36.23 47.57
N VAL V 107 3.52 37.12 46.67
CA VAL V 107 2.68 38.18 46.14
C VAL V 107 2.15 37.86 44.76
N LEU V 108 2.44 36.68 44.21
CA LEU V 108 2.07 36.32 42.86
C LEU V 108 1.06 35.17 42.84
N ASP V 109 0.10 35.19 43.75
CA ASP V 109 -0.95 34.18 43.81
C ASP V 109 -2.30 34.80 43.46
N LYS V 110 -3.24 33.95 43.09
CA LYS V 110 -4.58 34.37 42.73
C LYS V 110 -5.56 33.82 43.76
N HIS V 111 -6.47 34.69 44.21
CA HIS V 111 -7.47 34.34 45.22
C HIS V 111 -8.85 34.38 44.60
N SER V 112 -9.65 33.34 44.85
CA SER V 112 -10.99 33.24 44.31
C SER V 112 -11.96 32.90 45.44
N PHE V 113 -13.25 33.06 45.16
CA PHE V 113 -14.30 32.83 46.13
C PHE V 113 -15.31 31.83 45.59
N ASN V 114 -15.50 30.74 46.31
CA ASN V 114 -16.43 29.69 45.91
C ASN V 114 -17.74 29.84 46.68
N LYS V 115 -18.83 29.49 46.02
CA LYS V 115 -20.17 29.73 46.56
C LYS V 115 -20.66 28.49 47.30
N ILE V 116 -21.08 28.68 48.55
CA ILE V 116 -21.77 27.66 49.31
C ILE V 116 -23.17 28.19 49.62
N GLN V 117 -24.18 27.38 49.24
CA GLN V 117 -25.60 27.79 49.42
C GLN V 117 -26.01 27.61 50.88
N THR V 118 -26.36 28.70 51.57
CA THR V 118 -26.79 28.64 52.94
C THR V 118 -27.82 29.73 53.20
N THR V 119 -28.74 29.46 54.13
CA THR V 119 -29.69 30.48 54.56
C THR V 119 -29.04 31.46 55.53
N THR V 120 -27.89 31.13 56.08
CA THR V 120 -27.18 31.98 57.03
C THR V 120 -25.72 32.10 56.59
N PRO V 121 -25.45 32.77 55.47
CA PRO V 121 -24.07 32.85 55.00
C PRO V 121 -23.14 33.53 55.98
N HIS V 122 -23.68 34.35 56.88
CA HIS V 122 -22.83 35.05 57.84
C HIS V 122 -22.17 34.08 58.80
N ALA V 123 -22.93 33.13 59.33
CA ALA V 123 -22.38 32.19 60.30
C ALA V 123 -21.57 31.08 59.62
N THR V 124 -21.77 30.87 58.32
CA THR V 124 -21.01 29.85 57.61
C THR V 124 -19.69 30.42 57.12
N TYR V 125 -19.74 31.54 56.38
CA TYR V 125 -18.52 32.13 55.83
C TYR V 125 -17.71 32.83 56.93
N GLY V 126 -18.39 33.57 57.80
CA GLY V 126 -17.69 34.33 58.82
C GLY V 126 -17.38 35.75 58.37
N ASP V 127 -16.17 36.22 58.68
CA ASP V 127 -15.72 37.55 58.25
C ASP V 127 -14.51 37.48 57.34
N ARG V 128 -13.45 36.78 57.73
CA ARG V 128 -12.21 36.76 56.99
C ARG V 128 -11.76 35.33 56.75
N PHE V 129 -10.97 35.15 55.69
CA PHE V 129 -10.50 33.85 55.25
C PHE V 129 -8.99 33.74 55.42
N ILE V 130 -8.51 32.50 55.43
CA ILE V 130 -7.10 32.21 55.66
C ILE V 130 -6.43 32.14 54.29
N ALA V 131 -5.72 33.21 53.92
CA ALA V 131 -5.13 33.28 52.58
C ALA V 131 -3.83 32.48 52.51
N ASP V 132 -2.84 32.88 53.30
CA ASP V 132 -1.54 32.23 53.30
C ASP V 132 -1.08 32.06 54.72
N PHE V 133 -0.25 31.04 54.95
CA PHE V 133 0.28 30.73 56.27
C PHE V 133 1.69 31.29 56.38
N ILE V 134 1.93 32.08 57.42
CA ILE V 134 3.26 32.59 57.70
C ILE V 134 4.09 31.46 58.28
N LYS V 135 5.17 31.11 57.59
CA LYS V 135 5.99 29.98 57.96
C LYS V 135 7.31 30.44 58.55
N GLY V 136 7.97 29.55 59.29
CA GLY V 136 9.21 29.88 59.95
C GLY V 136 9.91 28.69 60.56
N GLY V 137 10.82 28.94 61.49
CA GLY V 137 11.58 27.88 62.13
C GLY V 137 12.28 28.42 63.36
N HIS V 138 12.91 27.51 64.09
CA HIS V 138 13.51 27.87 65.37
C HIS V 138 14.62 26.88 65.69
N PHE V 139 15.63 27.37 66.41
CA PHE V 139 16.70 26.51 66.89
C PHE V 139 17.14 26.98 68.27
N TYR V 140 17.62 26.04 69.07
CA TYR V 140 18.03 26.37 70.44
C TYR V 140 18.91 25.23 70.94
N ALA V 141 20.18 25.53 71.18
CA ALA V 141 21.13 24.51 71.59
C ALA V 141 21.91 24.99 72.81
N ARG V 142 22.32 24.03 73.64
CA ARG V 142 23.16 24.29 74.80
C ARG V 142 24.07 23.10 75.01
N VAL V 143 25.38 23.33 74.99
CA VAL V 143 26.37 22.31 75.31
C VAL V 143 27.07 22.75 76.59
N SER V 144 27.23 21.82 77.52
CA SER V 144 27.90 22.09 78.79
C SER V 144 28.91 20.97 79.01
N ILE V 145 30.11 21.15 78.48
CA ILE V 145 31.19 20.18 78.66
C ILE V 145 31.88 20.49 79.97
N THR V 146 31.81 19.58 80.95
CA THR V 146 32.39 19.82 82.29
C THR V 146 33.88 19.57 82.25
N ALA V 147 34.60 19.91 83.32
CA ALA V 147 36.07 19.75 83.42
C ALA V 147 36.50 18.30 83.36
N LYS V 148 37.80 18.04 83.27
CA LYS V 148 38.33 16.66 83.32
C LYS V 148 38.64 16.39 84.79
N ASN V 149 39.04 17.43 85.54
CA ASN V 149 39.49 17.26 86.92
C ASN V 149 40.55 16.16 87.02
N SER V 150 41.53 16.23 86.14
CA SER V 150 42.66 15.32 86.23
C SER V 150 43.32 15.50 87.59
N SER V 151 43.66 14.38 88.23
CA SER V 151 44.18 14.41 89.59
C SER V 151 45.43 13.54 89.72
N GLU V 152 46.39 13.69 88.82
CA GLU V 152 47.63 12.94 88.89
C GLU V 152 48.37 13.35 90.15
N THR V 153 48.56 12.40 91.07
CA THR V 153 49.34 12.61 92.28
C THR V 153 50.26 11.41 92.51
N SER V 154 51.30 11.63 93.30
CA SER V 154 52.24 10.55 93.59
C SER V 154 53.15 10.96 94.75
N GLU V 155 53.70 9.97 95.43
CA GLU V 155 54.60 10.17 96.55
C GLU V 155 55.66 9.07 96.51
N LEU V 156 56.85 9.38 97.00
CA LEU V 156 57.92 8.41 97.08
C LEU V 156 58.74 8.66 98.34
N LYS V 157 59.33 7.61 98.90
CA LYS V 157 60.06 7.68 100.17
C LYS V 157 61.20 6.66 100.14
N GLN V 158 62.45 7.15 100.05
CA GLN V 158 63.62 6.28 100.03
C GLN V 158 64.47 6.55 101.27
N SER V 159 64.27 5.74 102.29
CA SER V 159 65.09 5.83 103.50
C SER V 159 66.27 4.88 103.39
N ALA V 160 67.47 5.44 103.33
CA ALA V 160 68.69 4.65 103.21
C ALA V 160 68.63 3.73 102.00
N THR V 174 69.51 -1.45 104.87
CA THR V 174 68.13 -1.02 105.08
C THR V 174 67.64 -0.13 103.94
N GLN V 175 66.39 -0.37 103.52
CA GLN V 175 65.83 0.34 102.38
C GLN V 175 64.32 0.45 102.59
N GLU V 176 63.72 1.41 101.91
CA GLU V 176 62.29 1.63 102.03
C GLU V 176 61.79 2.34 100.78
N VAL V 177 60.64 1.89 100.26
CA VAL V 177 59.98 2.52 99.13
C VAL V 177 58.50 2.61 99.42
N GLU V 178 57.89 3.75 99.10
CA GLU V 178 56.48 4.00 99.39
C GLU V 178 55.90 4.84 98.25
N ARG V 179 55.15 4.18 97.37
CA ARG V 179 54.49 4.84 96.24
C ARG V 179 52.98 4.69 96.28
N ALA V 180 52.38 4.63 97.47
CA ALA V 180 50.94 4.44 97.60
C ALA V 180 50.19 5.76 97.45
N VAL V 181 50.45 6.47 96.35
CA VAL V 181 49.73 7.69 96.04
C VAL V 181 49.58 7.76 94.52
N SER V 182 48.32 7.76 94.05
CA SER V 182 48.04 7.83 92.63
C SER V 182 46.54 8.00 92.44
N SER V 183 46.17 8.90 91.53
CA SER V 183 44.76 9.15 91.23
C SER V 183 44.67 9.72 89.83
N ILE V 184 43.48 9.66 89.24
CA ILE V 184 43.25 10.04 87.86
C ILE V 184 41.99 10.90 87.78
N LYS V 185 41.76 11.47 86.60
CA LYS V 185 40.63 12.34 86.35
C LYS V 185 39.31 11.64 86.65
N ARG V 186 38.35 12.43 87.13
CA ARG V 186 36.97 11.95 87.23
C ARG V 186 36.07 13.17 87.00
N ASN V 187 35.79 13.45 85.74
CA ASN V 187 34.72 14.35 85.36
C ASN V 187 34.54 14.35 83.84
N ALA V 188 33.32 14.13 83.38
CA ALA V 188 33.01 14.31 81.96
C ALA V 188 31.49 14.42 81.84
N SER V 189 31.00 15.65 81.72
CA SER V 189 29.57 15.91 81.62
C SER V 189 29.29 16.59 80.29
N VAL V 190 28.38 16.02 79.51
CA VAL V 190 27.95 16.59 78.24
C VAL V 190 26.45 16.72 78.31
N LYS V 191 25.97 17.93 78.63
CA LYS V 191 24.55 18.23 78.62
C LYS V 191 24.22 18.90 77.29
N ILE V 192 23.35 18.26 76.51
CA ILE V 192 22.93 18.78 75.21
C ILE V 192 21.41 18.92 75.23
N THR V 193 20.93 20.12 74.88
CA THR V 193 19.51 20.35 74.64
C THR V 193 19.38 20.94 73.25
N ILE V 194 18.54 20.34 72.41
CA ILE V 194 18.31 20.83 71.06
C ILE V 194 16.81 20.95 70.85
N ILE V 195 16.35 22.15 70.52
CA ILE V 195 14.93 22.40 70.28
C ILE V 195 14.80 22.94 68.87
N GLU V 196 14.06 22.22 68.02
CA GLU V 196 14.00 22.52 66.60
C GLU V 196 12.55 22.56 66.13
N SER V 197 12.31 23.43 65.16
CA SER V 197 11.03 23.52 64.46
C SER V 197 11.36 23.69 62.98
N THR V 198 11.47 22.57 62.28
CA THR V 198 11.89 22.58 60.88
C THR V 198 10.92 21.79 60.01
N GLY V 199 11.29 21.58 58.75
CA GLY V 199 10.43 20.89 57.82
C GLY V 199 11.18 19.82 57.05
N THR V 200 10.42 18.90 56.48
CA THR V 200 10.99 17.80 55.71
C THR V 200 11.45 18.30 54.35
N SER V 201 12.42 17.58 53.78
CA SER V 201 12.91 17.91 52.46
C SER V 201 11.84 17.65 51.41
N SER V 216 33.77 15.52 70.48
CA SER V 216 33.51 16.54 69.46
C SER V 216 32.05 16.92 69.45
N ASP V 217 31.40 16.84 70.61
CA ASP V 217 29.98 17.18 70.67
C ASP V 217 29.76 18.67 70.46
N LEU V 218 30.73 19.50 70.84
CA LEU V 218 30.62 20.93 70.55
C LEU V 218 30.58 21.18 69.06
N LEU V 219 31.42 20.48 68.29
CA LEU V 219 31.41 20.66 66.84
C LEU V 219 30.16 20.06 66.21
N ALA V 220 29.68 18.93 66.73
CA ALA V 220 28.48 18.31 66.16
C ALA V 220 27.29 19.24 66.24
N VAL V 221 27.10 19.89 67.39
CA VAL V 221 26.01 20.85 67.51
C VAL V 221 26.22 22.00 66.54
N LYS V 222 27.48 22.41 66.34
CA LYS V 222 27.77 23.52 65.45
C LYS V 222 27.38 23.21 64.02
N GLU V 223 27.66 21.99 63.56
CA GLU V 223 27.34 21.64 62.18
C GLU V 223 25.84 21.69 61.95
N LYS V 224 25.05 21.11 62.85
CA LYS V 224 23.60 21.23 62.74
C LYS V 224 23.15 22.68 62.84
N ALA V 225 23.80 23.45 63.73
CA ALA V 225 23.46 24.87 63.82
C ALA V 225 23.83 25.61 62.54
N ASP V 226 25.01 25.36 61.99
CA ASP V 226 25.38 26.00 60.73
C ASP V 226 24.59 25.43 59.56
N GLN V 227 24.44 24.11 59.52
CA GLN V 227 23.63 23.51 58.46
C GLN V 227 22.21 24.05 58.49
N PHE V 228 21.71 24.40 59.67
CA PHE V 228 20.39 25.00 59.75
C PHE V 228 20.36 26.32 58.97
N TYR V 229 21.42 27.13 59.17
CA TYR V 229 21.55 28.41 58.44
C TYR V 229 21.52 28.08 56.96
N LYS V 230 22.45 27.23 56.50
CA LYS V 230 22.51 26.92 55.08
C LYS V 230 21.25 26.21 54.62
N ASP V 231 20.64 25.41 55.48
CA ASP V 231 19.43 24.69 55.09
C ASP V 231 18.31 25.65 54.74
N ALA V 232 18.21 26.77 55.45
CA ALA V 232 17.14 27.72 55.14
C ALA V 232 17.22 28.19 53.69
N ASP V 233 18.43 28.43 53.18
CA ASP V 233 18.54 28.93 51.81
C ASP V 233 17.85 28.01 50.82
N SER V 234 17.93 26.70 51.06
CA SER V 234 17.20 25.76 50.22
C SER V 234 15.70 25.88 50.41
N GLY V 235 15.25 26.61 51.41
CA GLY V 235 13.82 26.82 51.62
C GLY V 235 13.07 25.58 52.05
N LYS V 236 13.65 24.79 52.94
CA LYS V 236 12.96 23.66 53.54
C LYS V 236 12.42 23.94 54.92
N HIS V 237 12.54 25.19 55.41
CA HIS V 237 12.07 25.54 56.74
C HIS V 237 10.63 26.02 56.62
N SER V 238 9.72 25.07 56.45
CA SER V 238 8.32 25.35 56.27
C SER V 238 7.59 24.82 57.50
N TYR V 239 7.53 25.63 58.54
CA TYR V 239 6.77 25.32 59.74
C TYR V 239 5.73 26.41 59.93
N VAL V 240 4.48 26.01 60.16
CA VAL V 240 3.38 26.97 60.22
C VAL V 240 3.44 27.70 61.55
N LEU V 241 3.55 29.03 61.49
CA LEU V 241 3.59 29.87 62.68
C LEU V 241 2.36 30.75 62.80
N PHE V 242 2.07 31.57 61.80
CA PHE V 242 0.97 32.51 61.83
C PHE V 242 0.13 32.37 60.57
N ALA V 243 -1.11 32.85 60.65
CA ALA V 243 -2.03 32.84 59.53
C ALA V 243 -2.42 34.27 59.20
N VAL V 244 -2.36 34.62 57.92
CA VAL V 244 -2.67 35.96 57.43
C VAL V 244 -4.13 36.00 57.00
N LEU V 245 -4.86 37.00 57.50
CA LEU V 245 -6.29 37.10 57.25
C LEU V 245 -6.56 38.07 56.11
N GLY V 246 -7.57 37.76 55.31
CA GLY V 246 -7.98 38.62 54.22
C GLY V 246 -9.47 38.80 54.22
N LYS V 247 -9.90 39.96 53.71
CA LYS V 247 -11.31 40.32 53.73
C LYS V 247 -11.99 39.84 52.44
N TYR V 248 -13.17 39.25 52.60
CA TYR V 248 -13.88 38.69 51.45
C TYR V 248 -14.23 39.75 50.43
N ARG V 249 -14.28 41.03 50.81
CA ARG V 249 -14.64 42.07 49.87
C ARG V 249 -13.57 42.24 48.80
N ASN V 250 -12.30 42.13 49.18
CA ASN V 250 -11.20 42.33 48.25
C ASN V 250 -11.10 41.25 47.20
N LEU V 251 -11.82 40.14 47.34
CA LEU V 251 -11.81 39.11 46.32
C LEU V 251 -12.45 39.64 45.03
N SER V 252 -11.78 39.40 43.91
CA SER V 252 -12.35 39.79 42.62
C SER V 252 -13.65 39.04 42.37
N ASN V 253 -13.66 37.73 42.60
CA ASN V 253 -14.80 36.88 42.30
C ASN V 253 -15.98 37.17 43.22
N PHE V 254 -15.76 37.91 44.30
CA PHE V 254 -16.83 38.27 45.21
C PHE V 254 -17.75 39.28 44.54
N GLU V 255 -18.95 38.84 44.18
CA GLU V 255 -20.01 39.72 43.69
C GLU V 255 -20.99 40.09 44.80
N SER V 256 -20.48 40.27 46.01
CA SER V 256 -21.31 40.65 47.15
C SER V 256 -22.35 39.56 47.43
N TYR V 257 -21.84 38.37 47.72
CA TYR V 257 -22.72 37.28 48.15
C TYR V 257 -23.42 37.61 49.45
N PHE V 258 -22.84 38.50 50.25
CA PHE V 258 -23.43 38.92 51.51
C PHE V 258 -22.74 40.20 51.95
N ALA V 259 -23.15 40.70 53.11
CA ALA V 259 -22.55 41.90 53.67
C ALA V 259 -21.78 41.54 54.92
N PRO V 260 -20.46 41.37 54.86
CA PRO V 260 -19.72 40.95 56.06
C PRO V 260 -19.82 41.99 57.16
N PHE V 261 -19.89 41.51 58.39
CA PHE V 261 -19.89 42.41 59.53
C PHE V 261 -18.48 42.92 59.81
N ASP V 262 -18.42 44.04 60.53
CA ASP V 262 -17.13 44.62 61.01
C ASP V 262 -17.19 44.52 62.53
N TYR V 263 -16.54 43.52 63.12
CA TYR V 263 -16.65 43.22 64.55
C TYR V 263 -15.69 44.03 65.40
N GLN V 264 -14.91 44.94 64.80
CA GLN V 264 -13.95 45.70 65.58
C GLN V 264 -14.63 46.43 66.72
N MET V 265 -15.70 47.17 66.43
CA MET V 265 -16.41 47.89 67.48
C MET V 265 -17.20 46.94 68.37
N ALA V 266 -17.83 45.92 67.80
CA ALA V 266 -18.60 45.00 68.61
C ALA V 266 -17.73 44.29 69.64
N SER V 267 -16.55 43.84 69.22
CA SER V 267 -15.65 43.20 70.18
C SER V 267 -15.21 44.18 71.25
N LEU V 268 -14.93 45.42 70.88
CA LEU V 268 -14.52 46.41 71.86
C LEU V 268 -15.62 46.63 72.89
N ARG V 269 -16.87 46.79 72.44
CA ARG V 269 -17.96 47.01 73.38
C ARG V 269 -18.16 45.81 74.29
N SER V 270 -18.11 44.60 73.74
CA SER V 270 -18.40 43.39 74.49
C SER V 270 -17.13 42.73 75.03
N TRP V 271 -16.36 43.50 75.80
CA TRP V 271 -15.20 42.94 76.50
C TRP V 271 -15.51 42.55 77.93
N ALA V 272 -16.35 43.31 78.64
CA ALA V 272 -16.72 42.93 79.99
C ALA V 272 -17.38 41.57 80.01
N LEU V 273 -18.04 41.19 78.92
CA LEU V 273 -18.67 39.86 78.87
C LEU V 273 -17.64 38.77 78.61
N PHE V 274 -16.64 39.05 77.77
CA PHE V 274 -15.64 38.03 77.46
C PHE V 274 -14.86 37.61 78.69
N ASN V 275 -14.50 38.57 79.54
CA ASN V 275 -13.80 38.22 80.77
C ASN V 275 -14.68 37.38 81.69
N ASP V 276 -15.96 37.75 81.81
CA ASP V 276 -16.85 36.99 82.68
C ASP V 276 -16.99 35.55 82.21
N PHE V 277 -16.77 35.30 80.91
CA PHE V 277 -16.81 33.94 80.41
C PHE V 277 -15.68 33.10 81.02
N THR V 278 -14.45 33.58 80.94
CA THR V 278 -13.34 32.81 81.48
C THR V 278 -13.49 32.60 82.97
N LEU V 279 -13.93 33.63 83.70
CA LEU V 279 -14.10 33.50 85.14
C LEU V 279 -15.16 32.44 85.47
N TYR V 280 -16.28 32.44 84.75
CA TYR V 280 -17.34 31.48 85.04
C TYR V 280 -16.89 30.06 84.73
N LYS V 281 -16.17 29.86 83.63
CA LYS V 281 -15.65 28.54 83.34
C LYS V 281 -14.67 28.08 84.40
N ALA V 282 -13.83 28.98 84.90
CA ALA V 282 -12.87 28.62 85.93
C ALA V 282 -13.58 28.18 87.21
N ILE V 283 -14.64 28.88 87.60
CA ILE V 283 -15.31 28.56 88.85
C ILE V 283 -16.22 27.34 88.76
N GLU V 284 -16.41 26.77 87.58
CA GLU V 284 -17.02 25.44 87.52
C GLU V 284 -16.11 24.43 88.21
N THR V 285 -14.81 24.49 87.92
CA THR V 285 -13.86 23.62 88.59
C THR V 285 -13.70 23.94 90.07
N MET V 286 -13.99 25.18 90.48
CA MET V 286 -14.09 25.48 91.91
C MET V 286 -14.97 24.47 92.62
N ILE V 287 -16.22 24.35 92.17
CA ILE V 287 -17.19 23.52 92.87
C ILE V 287 -16.81 22.05 92.76
N LYS V 288 -16.47 21.60 91.55
CA LYS V 288 -16.19 20.18 91.35
C LYS V 288 -15.00 19.72 92.16
N ALA V 289 -13.94 20.54 92.21
CA ALA V 289 -12.72 20.10 92.87
C ALA V 289 -12.91 19.84 94.36
N VAL V 290 -13.62 20.71 95.05
CA VAL V 290 -13.75 20.62 96.50
C VAL V 290 -14.67 19.46 96.89
N PRO V 291 -14.36 18.69 97.92
CA PRO V 291 -15.15 17.50 98.22
C PRO V 291 -16.47 17.84 98.91
N GLU V 292 -17.25 16.79 99.14
CA GLU V 292 -18.57 16.94 99.73
C GLU V 292 -18.47 17.26 101.22
N SER V 293 -17.46 16.72 101.89
CA SER V 293 -17.37 16.81 103.35
C SER V 293 -17.01 18.21 103.84
N LYS V 294 -17.00 19.22 102.97
CA LYS V 294 -16.66 20.57 103.37
C LYS V 294 -17.61 21.57 102.73
N PHE V 295 -18.86 21.12 102.56
CA PHE V 295 -19.93 22.01 102.05
C PHE V 295 -20.87 22.27 103.21
N LYS V 296 -21.39 23.49 103.33
CA LYS V 296 -22.23 23.82 104.48
C LYS V 296 -23.54 23.05 104.46
N ASP V 297 -24.24 23.06 103.32
CA ASP V 297 -25.55 22.44 103.25
C ASP V 297 -25.49 20.93 103.06
N GLY V 298 -24.32 20.38 102.74
CA GLY V 298 -24.17 18.95 102.62
C GLY V 298 -24.47 18.44 101.22
N PRO V 299 -25.26 17.37 101.11
CA PRO V 299 -25.40 16.71 99.80
C PRO V 299 -26.00 17.61 98.74
N GLU V 300 -27.19 18.16 98.98
CA GLU V 300 -27.88 18.92 97.94
C GLU V 300 -27.35 20.35 97.88
N ARG V 301 -26.02 20.49 97.79
CA ARG V 301 -25.39 21.78 97.59
C ARG V 301 -24.44 21.71 96.41
N LYS V 302 -23.84 20.54 96.18
CA LYS V 302 -22.96 20.39 95.03
C LYS V 302 -23.72 20.54 93.72
N THR V 303 -24.87 19.88 93.60
CA THR V 303 -25.51 19.80 92.29
C THR V 303 -26.14 21.13 91.88
N GLN V 304 -26.85 21.80 92.77
CA GLN V 304 -27.46 23.07 92.37
C GLN V 304 -26.50 24.24 92.41
N LEU V 305 -25.35 24.09 93.07
CA LEU V 305 -24.26 25.03 92.84
C LEU V 305 -23.61 24.76 91.49
N ILE V 306 -23.39 23.49 91.16
CA ILE V 306 -22.87 23.15 89.84
C ILE V 306 -23.89 23.53 88.77
N LYS V 307 -25.16 23.20 88.99
CA LYS V 307 -26.17 23.51 87.98
C LYS V 307 -26.39 25.00 87.85
N GLN V 308 -26.36 25.73 88.97
CA GLN V 308 -26.57 27.18 88.90
C GLN V 308 -25.49 27.84 88.07
N ALA V 309 -24.23 27.41 88.24
CA ALA V 309 -23.15 27.99 87.46
C ALA V 309 -23.30 27.67 85.98
N ILE V 310 -23.62 26.42 85.65
CA ILE V 310 -23.75 26.04 84.24
C ILE V 310 -24.97 26.69 83.61
N ASN V 311 -26.07 26.81 84.36
CA ASN V 311 -27.25 27.44 83.79
C ASN V 311 -26.95 28.87 83.38
N ILE V 312 -26.22 29.61 84.21
CA ILE V 312 -25.85 30.97 83.83
C ILE V 312 -24.66 30.99 82.89
N PHE V 313 -23.92 29.89 82.77
CA PHE V 313 -22.93 29.78 81.70
C PHE V 313 -23.62 29.74 80.34
N GLU V 314 -24.79 29.12 80.28
CA GLU V 314 -25.58 29.14 79.05
C GLU V 314 -25.98 30.55 78.68
N THR V 315 -26.38 31.36 79.66
CA THR V 315 -26.91 32.68 79.36
C THR V 315 -25.87 33.56 78.69
N ILE V 316 -24.62 33.50 79.15
CA ILE V 316 -23.58 34.31 78.54
C ILE V 316 -23.04 33.69 77.26
N ARG V 317 -23.03 32.36 77.15
CA ARG V 317 -22.58 31.75 75.91
C ARG V 317 -23.56 32.02 74.77
N ASP V 318 -24.86 31.97 75.05
CA ASP V 318 -25.84 32.27 74.02
C ASP V 318 -25.87 33.76 73.70
N ARG V 319 -25.49 34.61 74.66
CA ARG V 319 -25.34 36.03 74.34
C ARG V 319 -24.21 36.22 73.33
N VAL V 320 -23.11 35.50 73.51
CA VAL V 320 -22.01 35.57 72.54
C VAL V 320 -22.47 35.06 71.18
N ILE V 321 -23.19 33.93 71.17
CA ILE V 321 -23.68 33.39 69.91
C ILE V 321 -24.67 34.36 69.28
N LEU V 322 -25.40 35.12 70.11
CA LEU V 322 -26.31 36.12 69.57
C LEU V 322 -25.55 37.27 68.92
N ILE V 323 -24.41 37.66 69.48
CA ILE V 323 -23.63 38.74 68.87
C ILE V 323 -23.17 38.34 67.48
N SER V 324 -22.96 37.04 67.24
CA SER V 324 -22.63 36.60 65.90
C SER V 324 -23.73 36.96 64.90
N GLU V 325 -24.98 36.70 65.26
CA GLU V 325 -26.08 37.03 64.37
C GLU V 325 -26.34 38.53 64.35
N HIS V 326 -26.27 39.18 65.50
CA HIS V 326 -26.58 40.60 65.62
C HIS V 326 -25.48 41.32 66.40
N PRO V 327 -24.40 41.74 65.72
CA PRO V 327 -23.39 42.55 66.42
C PRO V 327 -23.91 43.89 66.89
N GLU V 328 -24.98 44.40 66.28
CA GLU V 328 -25.60 45.62 66.80
C GLU V 328 -26.17 45.39 68.19
N ALA V 329 -26.45 44.15 68.57
CA ALA V 329 -26.95 43.84 69.89
C ALA V 329 -25.90 43.98 70.98
N ALA V 330 -24.70 44.47 70.65
CA ALA V 330 -23.68 44.69 71.66
C ALA V 330 -24.07 45.81 72.62
N LYS V 331 -25.01 46.67 72.23
CA LYS V 331 -25.40 47.77 73.11
C LYS V 331 -26.03 47.27 74.40
N GLU V 332 -26.91 46.28 74.31
CA GLU V 332 -27.66 45.84 75.48
C GLU V 332 -26.73 45.44 76.60
N ASP V 333 -27.04 45.89 77.81
CA ASP V 333 -26.23 45.57 78.96
C ASP V 333 -26.42 44.10 79.35
N PRO V 334 -25.47 43.53 80.09
CA PRO V 334 -25.63 42.15 80.54
C PRO V 334 -26.87 42.00 81.41
N ASP V 335 -27.51 40.84 81.31
CA ASP V 335 -28.69 40.51 82.12
C ASP V 335 -28.45 39.27 82.96
N HIS V 336 -27.19 39.04 83.35
CA HIS V 336 -26.80 37.85 84.07
C HIS V 336 -26.08 38.24 85.36
N MET V 337 -26.13 37.35 86.34
CA MET V 337 -25.51 37.62 87.62
C MET V 337 -24.00 37.78 87.46
N LYS V 338 -23.43 38.68 88.25
CA LYS V 338 -22.01 38.96 88.14
C LYS V 338 -21.20 37.74 88.61
N PRO V 339 -20.02 37.52 88.03
CA PRO V 339 -19.13 36.49 88.61
C PRO V 339 -18.75 36.78 90.05
N GLY V 340 -18.58 38.06 90.40
CA GLY V 340 -18.27 38.38 91.78
C GLY V 340 -19.37 37.97 92.74
N ASP V 341 -20.62 38.31 92.42
CA ASP V 341 -21.72 37.94 93.30
C ASP V 341 -21.88 36.43 93.38
N PHE V 342 -21.82 35.74 92.25
CA PHE V 342 -21.93 34.30 92.28
C PHE V 342 -20.73 33.68 92.98
N ARG V 343 -19.54 34.23 92.77
CA ARG V 343 -18.38 33.73 93.50
C ARG V 343 -18.58 33.89 94.99
N LEU V 344 -19.07 35.06 95.41
CA LEU V 344 -19.42 35.24 96.82
C LEU V 344 -20.33 34.14 97.31
N GLU V 345 -21.34 33.79 96.51
CA GLU V 345 -22.24 32.72 96.90
C GLU V 345 -21.49 31.40 97.08
N VAL V 346 -20.46 31.17 96.27
CA VAL V 346 -19.68 29.94 96.39
C VAL V 346 -19.00 29.85 97.75
N LEU V 347 -18.30 30.91 98.15
CA LEU V 347 -17.55 30.87 99.39
C LEU V 347 -18.43 30.95 100.63
N ASN V 348 -19.62 31.53 100.51
CA ASN V 348 -20.49 31.61 101.68
C ASN V 348 -20.93 30.24 102.15
N SER V 349 -21.06 29.29 101.24
CA SER V 349 -21.56 27.95 101.54
C SER V 349 -20.43 26.97 101.78
N ILE V 350 -19.33 27.42 102.37
CA ILE V 350 -18.15 26.60 102.59
C ILE V 350 -17.84 26.58 104.08
N GLN V 351 -17.70 25.38 104.64
CA GLN V 351 -17.29 25.24 106.03
C GLN V 351 -15.86 25.71 106.22
N THR V 352 -15.55 26.08 107.46
CA THR V 352 -14.27 26.70 107.78
C THR V 352 -13.71 26.08 109.05
N LYS V 353 -12.41 26.31 109.27
CA LYS V 353 -11.71 25.80 110.44
C LYS V 353 -11.32 26.95 111.36
N LEU V 354 -11.57 26.77 112.65
CA LEU V 354 -11.37 27.84 113.62
C LEU V 354 -9.94 27.76 114.16
N PHE V 355 -9.01 28.24 113.35
CA PHE V 355 -7.61 28.25 113.76
C PHE V 355 -7.45 29.30 114.86
N HIS V 356 -7.55 28.84 116.12
CA HIS V 356 -7.43 29.76 117.28
C HIS V 356 -5.95 29.84 117.65
N ALA V 357 -5.26 30.89 117.20
CA ALA V 357 -3.84 31.05 117.50
C ALA V 357 -3.64 31.23 119.00
N GLN V 358 -2.59 30.63 119.53
CA GLN V 358 -2.32 30.64 120.96
C GLN V 358 -0.88 31.05 121.18
N SER V 359 -0.64 31.84 122.22
CA SER V 359 0.68 32.38 122.52
C SER V 359 1.38 31.46 123.50
N GLN V 360 2.33 30.68 123.01
CA GLN V 360 3.09 29.78 123.86
C GLN V 360 4.00 30.56 124.81
N PRO V 361 3.98 30.25 126.11
CA PRO V 361 4.91 30.90 127.05
C PRO V 361 6.24 30.17 127.12
N ILE V 362 7.34 30.88 126.89
CA ILE V 362 8.68 30.30 126.94
C ILE V 362 9.44 30.97 128.09
N PRO V 363 10.20 30.21 128.89
CA PRO V 363 10.96 30.84 129.98
C PRO V 363 11.95 31.86 129.44
N ASN V 364 12.34 32.79 130.31
CA ASN V 364 13.29 33.85 129.97
C ASN V 364 12.66 34.85 129.00
N THR V 365 11.38 35.15 129.22
CA THR V 365 10.65 36.12 128.41
C THR V 365 9.67 36.87 129.31
N ASP V 366 9.73 38.20 129.24
CA ASP V 366 8.85 39.07 130.02
C ASP V 366 8.07 39.95 129.07
N ASP V 367 6.73 39.89 129.17
CA ASP V 367 5.83 40.63 128.29
C ASP V 367 6.01 40.23 126.83
N TYR V 368 6.72 39.14 126.56
CA TYR V 368 6.95 38.64 125.21
C TYR V 368 6.53 37.18 125.18
N TRP V 369 5.63 36.83 124.27
CA TRP V 369 5.11 35.47 124.16
C TRP V 369 5.58 34.87 122.83
N THR V 370 5.10 33.65 122.54
CA THR V 370 5.41 32.97 121.29
C THR V 370 4.09 32.51 120.68
N ASP V 371 3.69 33.18 119.60
CA ASP V 371 2.40 32.91 118.96
C ASP V 371 2.53 31.67 118.08
N VAL V 372 1.74 30.64 118.40
CA VAL V 372 1.67 29.42 117.61
C VAL V 372 0.25 29.29 117.09
N ILE V 373 0.10 29.19 115.76
CA ILE V 373 -1.21 29.10 115.13
C ILE V 373 -1.53 27.62 115.00
N LEU V 374 -2.05 27.04 116.08
CA LEU V 374 -2.45 25.64 116.11
C LEU V 374 -3.90 25.53 116.53
N THR V 375 -4.63 24.64 115.87
CA THR V 375 -6.04 24.44 116.16
C THR V 375 -6.28 23.73 117.49
N THR V 376 -5.27 23.05 118.03
CA THR V 376 -5.42 22.32 119.27
C THR V 376 -5.24 23.26 120.46
N LYS V 377 -6.18 23.20 121.40
CA LYS V 377 -6.08 24.03 122.60
C LYS V 377 -4.87 23.64 123.42
N GLY V 378 -4.13 24.64 123.89
CA GLY V 378 -2.94 24.41 124.69
C GLY V 378 -3.12 24.83 126.13
N SER V 379 -2.20 24.42 126.99
CA SER V 379 -2.22 24.77 128.41
C SER V 379 -1.24 25.90 128.67
N GLY V 380 -1.74 27.02 129.21
CA GLY V 380 -0.90 28.15 129.51
C GLY V 380 -0.58 29.05 128.33
N ASN V 381 -1.14 28.70 127.16
CA ASN V 381 -0.90 29.51 125.93
C ASN V 381 -2.04 30.51 125.78
N GLN V 382 -1.72 31.80 125.60
CA GLN V 382 -2.75 32.81 125.50
C GLN V 382 -3.39 32.78 124.11
N PRO V 383 -4.70 32.55 123.99
CA PRO V 383 -5.34 32.61 122.67
C PRO V 383 -5.42 34.04 122.16
N LEU V 384 -5.15 34.21 120.86
CA LEU V 384 -5.16 35.52 120.23
C LEU V 384 -6.51 35.83 119.58
N PHE V 385 -6.91 35.04 118.59
CA PHE V 385 -8.20 35.20 117.95
C PHE V 385 -8.64 33.86 117.38
N THR V 386 -9.94 33.68 117.26
CA THR V 386 -10.52 32.49 116.67
C THR V 386 -11.34 32.89 115.45
N PHE V 387 -10.99 32.34 114.29
CA PHE V 387 -11.51 32.78 113.01
C PHE V 387 -11.77 31.60 112.08
N PRO V 388 -12.79 31.68 111.24
CA PRO V 388 -12.95 30.66 110.20
C PRO V 388 -11.76 30.68 109.24
N ALA V 389 -11.35 29.50 108.79
CA ALA V 389 -10.26 29.37 107.84
C ALA V 389 -10.53 28.19 106.92
N PHE V 390 -9.72 28.09 105.87
CA PHE V 390 -9.88 27.07 104.84
C PHE V 390 -8.79 26.02 105.01
N ASP V 391 -9.20 24.78 105.24
CA ASP V 391 -8.29 23.68 105.52
C ASP V 391 -8.09 22.76 104.32
N PHE V 392 -8.42 23.23 103.12
CA PHE V 392 -8.30 22.41 101.93
C PHE V 392 -8.13 23.33 100.73
N GLY V 393 -7.34 22.87 99.76
CA GLY V 393 -7.07 23.65 98.58
C GLY V 393 -8.26 23.62 97.65
N ASP V 394 -8.00 23.52 96.35
CA ASP V 394 -9.04 23.41 95.33
C ASP V 394 -9.94 24.63 95.28
N LEU V 395 -9.62 25.69 96.01
CA LEU V 395 -10.37 26.95 95.95
C LEU V 395 -9.42 28.00 95.40
N ILE V 396 -9.60 28.37 94.13
CA ILE V 396 -8.65 29.30 93.52
C ILE V 396 -8.68 30.62 94.28
N GLY V 397 -7.57 31.34 94.19
CA GLY V 397 -7.40 32.57 94.94
C GLY V 397 -6.93 32.38 96.37
N THR V 398 -6.47 31.18 96.72
CA THR V 398 -6.03 30.86 98.10
C THR V 398 -4.65 30.27 98.10
N GLU V 399 -3.86 30.53 99.15
CA GLU V 399 -2.53 29.97 99.32
C GLU V 399 -2.35 29.52 100.76
N VAL V 400 -1.41 28.59 100.96
CA VAL V 400 -1.23 27.91 102.23
C VAL V 400 -0.05 28.54 102.98
N VAL V 401 -0.18 28.60 104.30
CA VAL V 401 0.87 29.06 105.19
C VAL V 401 1.27 27.87 106.07
N SER V 402 2.29 27.14 105.64
CA SER V 402 2.69 25.89 106.28
C SER V 402 3.92 26.15 107.15
N PHE V 403 3.73 26.17 108.46
CA PHE V 403 4.83 26.37 109.37
C PHE V 403 5.86 25.25 109.18
N GLY V 404 7.13 25.62 109.18
CA GLY V 404 8.21 24.66 109.11
C GLY V 404 8.91 24.52 110.45
N LYS V 405 8.72 23.39 111.12
CA LYS V 405 9.36 23.11 112.39
C LYS V 405 10.47 22.09 112.17
N LYS V 406 11.69 22.44 112.57
CA LYS V 406 12.82 21.55 112.40
C LYS V 406 12.61 20.27 113.21
N LYS V 407 12.50 19.13 112.53
CA LYS V 407 12.50 17.86 113.23
C LYS V 407 13.88 17.57 113.82
N ASN V 408 14.93 18.05 113.16
CA ASN V 408 16.29 17.93 113.67
C ASN V 408 16.62 18.98 114.71
N GLY V 409 15.69 19.90 114.96
CA GLY V 409 15.91 20.95 115.94
C GLY V 409 14.61 21.50 116.48
N GLU V 410 14.55 22.81 116.71
CA GLU V 410 13.34 23.43 117.24
C GLU V 410 13.02 24.75 116.55
N GLU V 411 13.70 25.09 115.47
CA GLU V 411 13.44 26.35 114.78
C GLU V 411 11.98 26.42 114.33
N TYR V 412 11.38 27.58 114.55
CA TYR V 412 10.02 27.87 114.09
C TYR V 412 10.11 28.59 112.75
N ASN V 413 9.44 28.06 111.72
CA ASN V 413 9.42 28.67 110.41
C ASN V 413 7.98 28.89 109.96
N CYS V 414 7.84 29.79 108.98
CA CYS V 414 6.53 30.15 108.44
C CYS V 414 6.72 30.44 106.95
N LEU V 415 6.37 29.47 106.12
CA LEU V 415 6.55 29.58 104.67
C LEU V 415 5.20 29.48 103.99
N ILE V 416 4.90 30.45 103.14
CA ILE V 416 3.64 30.47 102.40
C ILE V 416 3.82 29.70 101.10
N GLY V 417 2.89 28.78 100.82
CA GLY V 417 2.98 28.02 99.60
C GLY V 417 4.24 27.20 99.48
N GLU V 418 4.94 26.96 100.58
CA GLU V 418 6.17 26.16 100.58
C GLU V 418 6.10 25.23 101.78
N ARG V 419 5.82 23.96 101.52
CA ARG V 419 5.67 22.99 102.59
C ARG V 419 7.03 22.53 103.09
N VAL V 420 7.00 21.62 104.06
CA VAL V 420 8.22 21.00 104.53
C VAL V 420 8.81 20.07 103.49
N THR V 421 7.99 19.55 102.57
CA THR V 421 8.46 18.54 101.61
C THR V 421 9.63 19.05 100.78
N SER V 422 9.75 20.36 100.59
CA SER V 422 10.89 20.89 99.85
C SER V 422 12.20 20.58 100.57
N LEU V 423 12.20 20.71 101.89
CA LEU V 423 13.36 20.40 102.71
C LEU V 423 13.19 19.00 103.31
N ASP V 424 14.11 18.61 104.18
CA ASP V 424 14.10 17.30 104.83
C ASP V 424 14.18 17.46 106.34
N ASP V 425 13.39 16.64 107.05
CA ASP V 425 13.34 16.67 108.51
C ASP V 425 12.85 18.04 109.01
N TYR V 426 11.60 18.32 108.65
CA TYR V 426 10.92 19.56 109.08
C TYR V 426 9.48 19.14 109.40
N LYS V 427 8.70 19.97 110.10
CA LYS V 427 7.35 19.54 110.54
C LYS V 427 6.32 20.65 110.26
N GLU V 428 5.14 20.26 109.76
CA GLU V 428 4.06 21.25 109.48
C GLU V 428 3.27 21.54 110.76
N LEU V 429 3.76 22.45 111.60
CA LEU V 429 2.97 22.84 112.79
C LEU V 429 1.52 23.07 112.35
N SER V 430 1.33 23.84 111.28
CA SER V 430 0.00 24.17 110.79
C SER V 430 0.07 24.55 109.32
N TYR V 431 -0.86 23.99 108.55
CA TYR V 431 -1.02 24.34 107.15
C TYR V 431 -2.49 24.54 106.87
N PHE V 432 -2.82 25.64 106.18
CA PHE V 432 -4.20 25.95 105.87
C PHE V 432 -4.25 27.04 104.79
N TRP V 433 -4.99 26.79 103.71
CA TRP V 433 -5.05 27.75 102.62
C TRP V 433 -5.80 29.00 103.05
N VAL V 434 -5.36 30.16 102.55
CA VAL V 434 -5.97 31.44 102.88
C VAL V 434 -5.90 32.35 101.67
N PHE V 435 -6.66 33.45 101.74
CA PHE V 435 -6.61 34.46 100.68
C PHE V 435 -5.44 35.40 100.95
N PRO V 436 -4.41 35.45 100.09
CA PRO V 436 -3.36 36.45 100.29
C PRO V 436 -3.82 37.87 100.09
N ASP V 437 -4.96 38.08 99.43
CA ASP V 437 -5.49 39.42 99.18
C ASP V 437 -6.93 39.48 99.64
N SER V 438 -7.46 40.69 99.68
CA SER V 438 -8.82 40.89 100.18
C SER V 438 -9.83 40.60 99.07
N VAL V 439 -11.07 40.39 99.48
CA VAL V 439 -12.18 40.17 98.55
C VAL V 439 -13.32 41.08 98.97
N GLN V 440 -14.20 41.39 98.02
CA GLN V 440 -15.32 42.27 98.31
C GLN V 440 -16.20 41.69 99.41
N LYS V 441 -16.21 42.37 100.55
CA LYS V 441 -17.14 42.13 101.64
C LYS V 441 -17.07 40.72 102.22
N PHE V 442 -16.00 39.97 101.95
CA PHE V 442 -15.80 38.67 102.59
C PHE V 442 -14.53 38.64 103.44
N ALA V 443 -13.38 38.93 102.85
CA ALA V 443 -12.09 38.81 103.53
C ALA V 443 -11.55 40.21 103.78
N MET V 444 -11.86 40.76 104.95
CA MET V 444 -11.47 42.12 105.29
C MET V 444 -10.54 42.22 106.49
N GLU V 445 -10.52 41.21 107.36
CA GLU V 445 -9.63 41.24 108.52
C GLU V 445 -8.27 40.67 108.13
N MET V 446 -7.23 41.16 108.79
CA MET V 446 -5.85 40.97 108.35
C MET V 446 -5.04 40.16 109.35
N TYR V 447 -4.05 39.43 108.83
CA TYR V 447 -3.06 38.75 109.65
C TYR V 447 -1.68 38.94 109.02
N GLY V 448 -0.70 39.19 109.85
CA GLY V 448 0.66 39.42 109.38
C GLY V 448 1.65 38.56 110.14
N VAL V 449 2.74 38.21 109.46
CA VAL V 449 3.76 37.32 110.00
C VAL V 449 5.03 38.13 110.21
N SER V 450 5.63 37.99 111.39
CA SER V 450 6.92 38.58 111.71
C SER V 450 7.73 37.58 112.52
N LYS V 451 9.04 37.57 112.31
CA LYS V 451 9.94 36.62 112.95
C LYS V 451 11.20 37.34 113.44
N VAL V 452 11.71 36.89 114.59
CA VAL V 452 12.91 37.49 115.16
C VAL V 452 14.12 36.66 114.70
N PRO V 453 15.09 37.26 114.00
CA PRO V 453 16.21 36.45 113.50
C PRO V 453 16.99 35.74 114.59
N THR V 454 17.19 36.40 115.74
CA THR V 454 18.01 35.80 116.78
C THR V 454 17.34 34.56 117.36
N ARG V 455 16.04 34.62 117.60
CA ARG V 455 15.28 33.51 118.16
C ARG V 455 13.99 33.37 117.38
N ASN V 456 13.66 32.13 117.01
CA ASN V 456 12.50 31.87 116.16
C ASN V 456 11.22 31.92 116.98
N TYR V 457 10.94 33.07 117.60
CA TYR V 457 9.69 33.29 118.30
C TYR V 457 8.70 33.84 117.28
N MET V 458 7.82 32.97 116.80
CA MET V 458 6.84 33.37 115.81
C MET V 458 6.07 34.59 116.32
N ARG V 459 6.09 35.66 115.53
CA ARG V 459 5.41 36.91 115.87
C ARG V 459 4.40 37.17 114.77
N VAL V 460 3.23 36.56 114.91
CA VAL V 460 2.11 36.76 114.01
C VAL V 460 1.10 37.64 114.72
N TYR V 461 0.67 38.70 114.05
CA TYR V 461 -0.20 39.69 114.69
C TYR V 461 -1.15 40.26 113.64
N ALA V 462 -2.17 40.96 114.13
CA ALA V 462 -3.14 41.63 113.26
C ALA V 462 -2.48 42.87 112.68
N ALA V 463 -1.96 42.74 111.45
CA ALA V 463 -1.19 43.80 110.82
C ALA V 463 -2.14 44.85 110.23
N ASP V 464 -1.54 45.83 109.54
CA ASP V 464 -2.33 46.94 108.95
C ASP V 464 -1.80 47.18 107.54
N GLN V 465 -2.51 47.98 106.75
CA GLN V 465 -2.03 48.32 105.41
C GLN V 465 -0.70 49.06 105.47
N SER V 466 -0.47 49.76 106.59
CA SER V 466 0.79 50.51 106.78
C SER V 466 1.92 49.54 107.16
N ASP V 467 1.59 48.47 107.90
CA ASP V 467 2.62 47.45 108.22
C ASP V 467 3.24 46.97 106.90
N ILE V 468 2.41 46.83 105.86
CA ILE V 468 2.94 46.45 104.52
C ILE V 468 3.84 47.60 104.03
N GLU V 469 3.31 48.82 103.98
CA GLU V 469 4.08 49.98 103.50
C GLU V 469 5.47 50.00 104.14
N ASN V 470 5.53 50.04 105.48
CA ASN V 470 6.84 50.01 106.20
C ASN V 470 6.98 48.66 106.90
N PRO V 471 7.61 47.64 106.27
CA PRO V 471 7.71 46.28 106.87
C PRO V 471 8.82 46.16 107.89
N ARG V 472 8.59 45.37 108.94
CA ARG V 472 9.62 45.14 109.94
C ARG V 472 10.61 44.09 109.44
N PRO V 473 11.78 43.98 110.04
CA PRO V 473 12.76 42.99 109.59
C PRO V 473 12.20 41.58 109.65
N TYR V 474 12.52 40.75 108.65
CA TYR V 474 12.12 39.31 108.67
C TYR V 474 10.60 39.14 108.72
N GLN V 475 9.83 40.14 108.27
CA GLN V 475 8.39 39.98 108.20
C GLN V 475 8.06 39.29 106.88
N ARG V 476 7.56 38.06 106.95
CA ARG V 476 7.49 37.22 105.77
C ARG V 476 6.30 37.58 104.88
N PHE V 477 5.09 37.40 105.39
CA PHE V 477 3.90 37.53 104.56
C PHE V 477 2.72 37.98 105.40
N TRP V 478 1.72 38.54 104.73
CA TRP V 478 0.49 39.00 105.36
C TRP V 478 -0.70 38.49 104.57
N PHE V 479 -1.77 38.15 105.27
CA PHE V 479 -2.91 37.49 104.66
C PHE V 479 -4.20 37.96 105.31
N TYR V 480 -5.28 37.89 104.53
CA TYR V 480 -6.61 38.29 104.97
C TYR V 480 -7.46 37.06 105.24
N VAL V 481 -8.23 37.12 106.32
CA VAL V 481 -9.10 36.03 106.73
C VAL V 481 -10.55 36.50 106.64
N PRO V 482 -11.50 35.61 106.33
CA PRO V 482 -12.89 36.05 106.18
C PRO V 482 -13.43 36.74 107.43
N SER V 483 -14.25 37.76 107.19
CA SER V 483 -14.88 38.52 108.26
C SER V 483 -16.20 37.87 108.62
N ALA V 484 -16.41 37.60 109.91
CA ALA V 484 -17.64 36.98 110.37
C ALA V 484 -18.85 37.91 110.25
N ASN V 485 -18.64 39.19 109.96
CA ASN V 485 -19.73 40.14 109.84
C ASN V 485 -20.54 39.96 108.56
N SER V 486 -20.08 39.12 107.63
CA SER V 486 -20.81 38.92 106.39
C SER V 486 -22.18 38.31 106.69
N PRO V 487 -23.25 38.78 106.05
CA PRO V 487 -24.57 38.23 106.35
C PRO V 487 -24.78 36.91 105.62
N PRO V 488 -25.22 35.85 106.34
CA PRO V 488 -25.45 34.57 105.67
C PRO V 488 -26.82 34.48 105.00
N GLY W 2 2.80 60.24 47.53
CA GLY W 2 2.27 58.89 47.43
C GLY W 2 2.86 58.11 46.28
N GLU W 3 4.05 57.55 46.49
CA GLU W 3 4.69 56.74 45.47
C GLU W 3 5.17 55.40 46.05
N VAL W 4 5.42 55.36 47.36
CA VAL W 4 5.87 54.15 48.02
C VAL W 4 5.06 53.97 49.31
N VAL W 5 5.06 52.74 49.80
CA VAL W 5 4.34 52.41 51.03
C VAL W 5 5.03 51.23 51.70
N PRO W 6 5.19 51.23 53.02
CA PRO W 6 5.82 50.09 53.69
C PRO W 6 5.01 48.82 53.47
N TYR W 7 5.73 47.70 53.36
CA TYR W 7 5.08 46.42 53.11
C TYR W 7 4.12 46.08 54.23
N LYS W 8 2.92 45.62 53.88
CA LYS W 8 1.94 45.13 54.84
C LYS W 8 1.59 43.70 54.46
N ALA W 9 1.69 42.79 55.42
CA ALA W 9 1.55 41.38 55.13
C ALA W 9 0.20 41.11 54.47
N GLY W 10 0.18 40.16 53.56
CA GLY W 10 -1.00 39.84 52.79
C GLY W 10 -1.12 40.60 51.49
N MET W 11 -0.26 41.57 51.24
CA MET W 11 -0.33 42.35 50.01
C MET W 11 -0.19 41.43 48.82
N GLN W 12 -1.04 41.65 47.81
CA GLN W 12 -1.01 40.89 46.58
C GLN W 12 -0.75 41.86 45.43
N ARG W 13 0.21 41.52 44.58
CA ARG W 13 0.53 42.39 43.46
C ARG W 13 -0.71 42.66 42.63
N GLY W 14 -0.93 43.92 42.27
CA GLY W 14 -2.06 44.28 41.44
C GLY W 14 -3.36 44.34 42.22
N GLN W 15 -3.42 45.20 43.23
CA GLN W 15 -4.62 45.37 44.02
C GLN W 15 -4.81 46.85 44.33
N GLY W 16 -6.07 47.23 44.55
CA GLY W 16 -6.36 48.60 44.88
C GLY W 16 -5.81 48.99 46.23
N TYR W 17 -5.57 50.29 46.40
CA TYR W 17 -5.02 50.83 47.63
C TYR W 17 -5.69 52.16 47.91
N ASN W 18 -6.45 52.23 49.00
CA ASN W 18 -7.10 53.46 49.43
C ASN W 18 -6.05 54.29 50.16
N THR W 19 -5.42 55.21 49.45
CA THR W 19 -4.26 55.90 50.00
C THR W 19 -4.59 56.70 51.26
N TYR W 20 -5.83 57.18 51.38
CA TYR W 20 -6.21 57.90 52.58
C TYR W 20 -6.32 56.96 53.78
N LEU W 21 -7.18 55.95 53.69
CA LEU W 21 -7.34 54.99 54.77
C LEU W 21 -6.16 54.03 54.87
N GLN W 22 -5.24 54.04 53.90
CA GLN W 22 -4.05 53.19 53.94
C GLN W 22 -4.42 51.72 54.09
N SER W 23 -5.62 51.36 53.67
CA SER W 23 -6.09 49.99 53.75
C SER W 23 -5.82 49.28 52.43
N LEU W 24 -6.30 48.05 52.30
CA LEU W 24 -6.15 47.25 51.10
C LEU W 24 -7.51 47.11 50.41
N CYS W 25 -7.49 47.09 49.08
CA CYS W 25 -8.72 47.01 48.32
C CYS W 25 -8.65 45.86 47.32
N VAL W 26 -9.61 45.80 46.39
CA VAL W 26 -9.82 44.61 45.58
C VAL W 26 -8.50 44.11 45.02
N LYS W 27 -8.34 42.79 45.01
CA LYS W 27 -7.14 42.16 44.48
C LYS W 27 -7.38 41.73 43.05
N ASP W 28 -6.33 41.83 42.23
CA ASP W 28 -6.35 41.38 40.84
C ASP W 28 -7.15 42.33 39.95
N ALA W 29 -7.18 43.62 40.29
CA ALA W 29 -7.73 44.60 39.37
C ALA W 29 -6.79 44.86 38.22
N VAL W 30 -5.49 44.70 38.43
CA VAL W 30 -4.47 44.95 37.43
C VAL W 30 -3.65 43.69 37.24
N THR W 31 -3.52 43.23 36.00
CA THR W 31 -2.70 42.09 35.66
C THR W 31 -1.41 42.61 35.03
N ILE W 32 -0.28 42.19 35.58
CA ILE W 32 1.03 42.59 35.07
C ILE W 32 1.64 41.36 34.40
N GLU W 33 1.94 41.49 33.11
CA GLU W 33 2.57 40.42 32.35
C GLU W 33 4.08 40.66 32.34
N ARG W 34 4.83 39.67 32.84
CA ARG W 34 6.28 39.70 32.81
C ARG W 34 6.73 39.24 31.43
N HIS W 35 6.96 40.19 30.53
CA HIS W 35 7.37 39.83 29.18
C HIS W 35 8.72 39.09 29.19
N ASP W 36 9.65 39.57 30.00
CA ASP W 36 10.99 39.00 30.09
C ASP W 36 11.25 38.54 31.51
N ASP W 37 11.76 37.33 31.65
CA ASP W 37 12.07 36.76 32.98
C ASP W 37 13.51 37.13 33.32
N SER W 38 13.67 38.21 34.08
CA SER W 38 15.01 38.64 34.48
C SER W 38 14.88 39.55 35.69
N ASN W 39 15.77 39.37 36.66
CA ASN W 39 15.73 40.20 37.86
C ASN W 39 16.13 41.63 37.51
N PRO W 40 15.55 42.61 38.18
CA PRO W 40 15.81 44.01 37.82
C PRO W 40 17.18 44.44 38.30
N PRO W 41 17.69 45.58 37.80
CA PRO W 41 18.97 46.08 38.27
C PRO W 41 18.95 46.40 39.75
N PHE W 42 20.10 46.24 40.40
CA PHE W 42 20.18 46.32 41.85
C PHE W 42 21.36 47.18 42.27
N LYS W 43 21.26 47.71 43.49
CA LYS W 43 22.29 48.56 44.08
C LYS W 43 22.78 47.92 45.36
N LYS W 44 24.10 47.84 45.51
CA LYS W 44 24.72 47.16 46.63
C LYS W 44 25.53 48.12 47.49
N GLU W 45 25.62 47.80 48.78
CA GLU W 45 26.49 48.48 49.72
C GLU W 45 27.20 47.45 50.57
N TYR W 46 28.37 47.82 51.09
CA TYR W 46 29.15 46.90 51.91
C TYR W 46 30.08 47.73 52.81
N TYR W 47 29.69 47.86 54.07
CA TYR W 47 30.51 48.53 55.09
C TYR W 47 31.07 47.44 56.00
N SER W 48 32.39 47.40 56.14
CA SER W 48 33.06 46.35 56.90
C SER W 48 34.09 46.94 57.84
N GLU W 49 34.21 46.35 59.02
CA GLU W 49 35.20 46.73 60.01
C GLU W 49 35.84 45.48 60.59
N PHE W 50 37.15 45.51 60.78
CA PHE W 50 37.88 44.41 61.40
C PHE W 50 38.80 45.04 62.45
N ILE W 51 38.33 45.12 63.69
CA ILE W 51 39.04 45.86 64.71
C ILE W 51 40.34 45.15 65.08
N GLU W 52 41.26 45.90 65.67
CA GLU W 52 42.63 45.46 65.87
C GLU W 52 42.69 44.11 66.56
N GLU W 53 43.85 43.45 66.41
CA GLU W 53 44.14 42.23 67.14
C GLU W 53 44.96 42.62 68.35
N TYR W 54 44.31 42.72 69.51
CA TYR W 54 44.97 43.13 70.73
C TYR W 54 45.87 41.99 71.19
N GLU W 55 47.05 41.92 70.53
CA GLU W 55 48.04 40.87 70.87
C GLU W 55 49.05 41.44 71.87
N LYS W 56 49.02 40.96 73.10
CA LYS W 56 49.90 41.46 74.15
C LYS W 56 50.49 40.27 74.89
N ILE W 57 51.79 40.04 74.70
CA ILE W 57 52.53 39.04 75.46
C ILE W 57 53.39 39.76 76.46
N ALA W 58 53.19 39.47 77.74
CA ALA W 58 54.06 39.94 78.81
C ALA W 58 54.60 38.70 79.53
N LYS W 59 55.91 38.60 79.62
CA LYS W 59 56.56 37.39 80.10
C LYS W 59 57.63 37.74 81.13
N SER W 60 57.82 36.87 82.11
CA SER W 60 58.70 37.13 83.24
C SER W 60 59.80 36.09 83.32
N MET W 61 61.00 36.51 83.69
CA MET W 61 62.12 35.55 83.90
C MET W 61 62.99 36.09 85.06
N ARG W 62 62.74 35.62 86.28
CA ARG W 62 63.42 36.07 87.49
C ARG W 62 64.21 34.91 88.06
N ILE W 63 65.54 35.09 88.14
CA ILE W 63 66.43 34.08 88.68
C ILE W 63 67.26 34.71 89.78
N SER W 64 67.57 33.91 90.80
CA SER W 64 68.38 34.40 91.90
C SER W 64 69.04 33.20 92.56
N ALA W 65 70.38 33.21 92.62
CA ALA W 65 71.12 32.14 93.25
C ALA W 65 72.44 32.69 93.80
N GLY W 66 72.92 32.06 94.86
CA GLY W 66 74.17 32.45 95.48
C GLY W 66 74.42 31.75 96.80
N VAL W 78 75.25 25.86 101.29
CA VAL W 78 73.97 26.56 101.44
C VAL W 78 73.74 27.47 100.25
N ASN W 79 73.47 26.86 99.09
CA ASN W 79 73.20 27.58 97.86
C ASN W 79 71.73 27.46 97.52
N VAL W 80 71.11 28.60 97.22
CA VAL W 80 69.68 28.65 96.93
C VAL W 80 69.49 29.06 95.48
N ASP W 81 68.33 28.69 94.94
CA ASP W 81 67.95 29.02 93.57
C ASP W 81 66.50 29.47 93.54
N ILE W 82 66.20 30.40 92.65
CA ILE W 82 64.84 30.85 92.42
C ILE W 82 64.64 31.01 90.92
N LEU W 83 63.55 30.46 90.40
CA LEU W 83 63.29 30.46 88.95
C LEU W 83 61.80 30.72 88.76
N ASN W 84 61.43 31.96 88.47
CA ASN W 84 60.03 32.35 88.36
C ASN W 84 59.72 32.78 86.93
N ARG W 85 58.60 32.28 86.40
CA ARG W 85 58.17 32.61 85.05
C ARG W 85 56.73 33.10 85.09
N SER W 86 56.36 33.85 84.04
CA SER W 86 54.98 34.25 83.85
C SER W 86 54.76 34.47 82.36
N GLU W 87 53.49 34.51 81.97
CA GLU W 87 53.15 34.71 80.57
C GLU W 87 51.70 35.16 80.49
N PHE W 88 51.47 36.34 79.94
CA PHE W 88 50.13 36.90 79.80
C PHE W 88 49.88 37.19 78.33
N GLU W 89 48.83 36.58 77.79
CA GLU W 89 48.48 36.73 76.39
C GLU W 89 47.10 37.36 76.28
N THR W 90 46.91 38.17 75.24
CA THR W 90 45.63 38.79 74.96
C THR W 90 45.38 38.76 73.47
N SER W 91 44.12 38.63 73.07
CA SER W 91 43.76 38.65 71.65
C SER W 91 42.28 39.03 71.56
N THR W 92 42.02 40.29 71.26
CA THR W 92 40.65 40.77 71.06
C THR W 92 40.46 41.04 69.57
N LEU W 93 39.64 40.21 68.93
CA LEU W 93 39.27 40.40 67.53
C LEU W 93 37.80 40.75 67.48
N THR W 94 37.46 41.76 66.69
CA THR W 94 36.07 42.16 66.48
C THR W 94 35.84 42.36 65.00
N TYR W 95 34.61 42.11 64.57
CA TYR W 95 34.25 42.22 63.16
C TYR W 95 32.84 42.77 63.04
N GLU W 96 32.55 43.39 61.90
CA GLU W 96 31.22 43.92 61.66
C GLU W 96 31.07 44.26 60.18
N VAL W 97 29.98 43.80 59.57
CA VAL W 97 29.65 44.14 58.20
C VAL W 97 28.18 44.55 58.14
N LYS W 98 27.83 45.26 57.07
CA LYS W 98 26.45 45.69 56.85
C LYS W 98 26.24 45.81 55.34
N VAL W 99 25.55 44.84 54.77
CA VAL W 99 25.34 44.77 53.33
C VAL W 99 23.89 45.15 53.04
N LEU W 100 23.71 46.14 52.18
CA LEU W 100 22.38 46.60 51.79
C LEU W 100 22.23 46.42 50.28
N VAL W 101 21.17 45.74 49.87
CA VAL W 101 20.88 45.49 48.47
C VAL W 101 19.48 46.02 48.18
N GLN W 102 19.36 46.82 47.13
CA GLN W 102 18.08 47.39 46.73
C GLN W 102 17.91 47.21 45.23
N HIS W 103 16.84 46.55 44.83
CA HIS W 103 16.56 46.32 43.42
C HIS W 103 15.80 47.51 42.85
N GLN W 104 15.37 47.41 41.60
CA GLN W 104 14.53 48.42 40.98
C GLN W 104 13.33 47.76 40.33
N VAL W 105 12.44 48.56 39.73
CA VAL W 105 11.24 48.04 39.08
C VAL W 105 11.50 47.99 37.58
N SER W 106 11.26 46.82 36.99
CA SER W 106 11.53 46.66 35.57
C SER W 106 10.67 47.59 34.74
N VAL W 107 11.25 48.08 33.64
CA VAL W 107 10.59 49.06 32.79
C VAL W 107 9.95 48.45 31.55
N LEU W 108 10.04 47.13 31.39
CA LEU W 108 9.56 46.44 30.19
C LEU W 108 8.38 45.53 30.49
N ASP W 109 7.46 45.98 31.34
CA ASP W 109 6.26 45.24 31.67
C ASP W 109 5.03 45.95 31.13
N LYS W 110 3.95 45.20 31.00
CA LYS W 110 2.68 45.72 30.51
C LYS W 110 1.66 45.68 31.64
N HIS W 111 0.92 46.78 31.80
CA HIS W 111 -0.09 46.92 32.84
C HIS W 111 -1.46 47.02 32.20
N SER W 112 -2.42 46.25 32.73
CA SER W 112 -3.78 46.22 32.22
C SER W 112 -4.75 46.41 33.38
N PHE W 113 -6.01 46.70 33.04
CA PHE W 113 -7.05 46.95 34.01
C PHE W 113 -8.24 46.02 33.76
N ASN W 114 -8.59 45.24 34.77
CA ASN W 114 -9.69 44.30 34.68
C ASN W 114 -10.93 44.89 35.34
N LYS W 115 -12.09 44.55 34.79
CA LYS W 115 -13.34 45.17 35.21
C LYS W 115 -14.02 44.32 36.28
N ILE W 116 -14.37 44.93 37.40
CA ILE W 116 -15.20 44.31 38.42
C ILE W 116 -16.47 45.14 38.53
N GLN W 117 -17.61 44.45 38.36
CA GLN W 117 -18.93 45.14 38.40
C GLN W 117 -19.33 45.46 39.84
N THR W 118 -19.46 46.75 40.15
CA THR W 118 -19.85 47.18 41.49
C THR W 118 -20.68 48.45 41.38
N THR W 119 -21.60 48.63 42.34
CA THR W 119 -22.34 49.88 42.42
C THR W 119 -21.52 50.98 43.07
N THR W 120 -20.41 50.63 43.71
CA THR W 120 -19.53 51.59 44.39
C THR W 120 -18.10 51.32 43.97
N PRO W 121 -17.75 51.58 42.70
CA PRO W 121 -16.39 51.27 42.25
C PRO W 121 -15.34 52.03 43.01
N HIS W 122 -15.69 53.17 43.62
CA HIS W 122 -14.72 53.96 44.34
C HIS W 122 -14.19 53.22 45.57
N ALA W 123 -15.09 52.61 46.34
CA ALA W 123 -14.68 51.91 47.55
C ALA W 123 -14.09 50.55 47.25
N THR W 124 -14.38 49.99 46.07
CA THR W 124 -13.81 48.70 45.71
C THR W 124 -12.42 48.87 45.09
N TYR W 125 -12.31 49.70 44.05
CA TYR W 125 -11.03 49.88 43.39
C TYR W 125 -10.08 50.72 44.24
N GLY W 126 -10.58 51.79 44.84
CA GLY W 126 -9.74 52.69 45.60
C GLY W 126 -9.21 53.83 44.76
N ASP W 127 -7.93 54.17 44.94
CA ASP W 127 -7.28 55.20 44.15
C ASP W 127 -6.12 54.67 43.32
N ARG W 128 -5.19 53.94 43.92
CA ARG W 128 -3.98 53.49 43.25
C ARG W 128 -3.80 52.00 43.46
N PHE W 129 -3.09 51.38 42.51
CA PHE W 129 -2.86 49.95 42.49
C PHE W 129 -1.38 49.64 42.72
N ILE W 130 -1.11 48.39 43.11
CA ILE W 130 0.23 47.94 43.45
C ILE W 130 0.84 47.36 42.17
N ALA W 131 1.70 48.13 41.52
CA ALA W 131 2.26 47.70 40.24
C ALA W 131 3.39 46.71 40.43
N ASP W 132 4.46 47.14 41.08
CA ASP W 132 5.64 46.31 41.30
C ASP W 132 6.11 46.48 42.73
N PHE W 133 6.75 45.46 43.25
CA PHE W 133 7.27 45.46 44.61
C PHE W 133 8.75 45.79 44.60
N ILE W 134 9.14 46.80 45.36
CA ILE W 134 10.56 47.12 45.50
C ILE W 134 11.21 46.09 46.40
N LYS W 135 12.19 45.37 45.87
CA LYS W 135 12.82 44.27 46.59
C LYS W 135 14.21 44.66 47.04
N GLY W 136 14.71 43.93 48.03
CA GLY W 136 16.03 44.21 48.58
C GLY W 136 16.52 43.16 49.54
N GLY W 137 17.50 43.52 50.36
CA GLY W 137 18.09 42.58 51.31
C GLY W 137 18.90 43.33 52.33
N HIS W 138 19.39 42.58 53.32
CA HIS W 138 20.09 43.18 54.45
C HIS W 138 21.03 42.16 55.07
N PHE W 139 22.13 42.66 55.64
CA PHE W 139 23.05 41.82 56.37
C PHE W 139 23.60 42.59 57.55
N TYR W 140 23.93 41.87 58.61
CA TYR W 140 24.44 42.50 59.82
C TYR W 140 25.13 41.44 60.66
N ALA W 141 26.44 41.57 60.83
CA ALA W 141 27.22 40.57 61.54
C ALA W 141 28.10 41.23 62.57
N ARG W 142 28.36 40.52 63.66
CA ARG W 142 29.27 40.96 64.71
C ARG W 142 29.97 39.74 65.28
N VAL W 143 31.29 39.73 65.23
CA VAL W 143 32.10 38.70 65.86
C VAL W 143 32.91 39.36 66.96
N SER W 144 32.94 38.74 68.14
CA SER W 144 33.68 39.26 69.28
C SER W 144 34.49 38.09 69.85
N ILE W 145 35.70 37.89 69.31
CA ILE W 145 36.59 36.85 69.79
C ILE W 145 37.38 37.41 70.97
N THR W 146 37.17 36.86 72.16
CA THR W 146 37.83 37.38 73.39
C THR W 146 39.25 36.88 73.45
N ALA W 147 40.05 37.39 74.40
CA ALA W 147 41.48 37.02 74.56
C ALA W 147 41.64 35.56 74.94
N LYS W 148 42.88 35.08 74.97
CA LYS W 148 43.17 33.71 75.44
C LYS W 148 43.48 33.83 76.93
N ASN W 149 44.08 34.94 77.35
CA ASN W 149 44.53 35.12 78.72
C ASN W 149 45.39 33.94 79.17
N SER W 150 46.34 33.58 78.32
CA SER W 150 47.31 32.56 78.71
C SER W 150 48.02 33.01 79.96
N SER W 151 48.19 32.09 80.91
CA SER W 151 48.75 32.42 82.21
C SER W 151 49.83 31.44 82.63
N GLU W 152 50.77 31.15 81.74
CA GLU W 152 51.87 30.25 82.06
C GLU W 152 52.71 30.88 83.16
N THR W 153 52.77 30.22 84.32
CA THR W 153 53.61 30.64 85.43
C THR W 153 54.31 29.43 86.02
N SER W 154 55.40 29.68 86.73
CA SER W 154 56.15 28.60 87.36
C SER W 154 57.14 29.17 88.35
N GLU W 155 57.53 28.33 89.31
CA GLU W 155 58.50 28.71 90.34
C GLU W 155 59.35 27.49 90.65
N LEU W 156 60.60 27.71 91.06
CA LEU W 156 61.49 26.63 91.44
C LEU W 156 62.37 27.11 92.59
N LYS W 157 62.79 26.18 93.45
CA LYS W 157 63.56 26.49 94.65
C LYS W 157 64.51 25.34 94.95
N GLN W 158 65.81 25.56 94.76
CA GLN W 158 66.82 24.53 95.02
C GLN W 158 67.75 25.01 96.13
N SER W 159 67.44 24.59 97.35
CA SER W 159 68.29 24.89 98.49
C SER W 159 69.30 23.76 98.69
N ALA W 160 70.57 24.06 98.49
CA ALA W 160 71.63 23.08 98.65
C ALA W 160 71.38 21.86 97.76
N THR W 174 71.46 17.68 102.06
CA THR W 174 70.18 18.38 102.09
C THR W 174 69.81 18.97 100.73
N GLN W 175 68.53 18.84 100.37
CA GLN W 175 68.06 19.27 99.07
C GLN W 175 66.60 19.69 99.20
N GLU W 176 66.15 20.50 98.25
CA GLU W 176 64.77 20.98 98.27
C GLU W 176 64.37 21.36 96.86
N VAL W 177 63.15 20.99 96.47
CA VAL W 177 62.57 21.36 95.18
C VAL W 177 61.13 21.78 95.41
N GLU W 178 60.72 22.86 94.75
CA GLU W 178 59.38 23.44 94.93
C GLU W 178 58.92 23.97 93.57
N ARG W 179 58.04 23.23 92.91
CA ARG W 179 57.47 23.63 91.63
C ARG W 179 55.94 23.77 91.68
N ALA W 180 55.40 24.15 92.82
CA ALA W 180 53.95 24.27 92.97
C ALA W 180 53.43 25.59 92.42
N VAL W 181 53.76 25.88 91.16
CA VAL W 181 53.25 27.07 90.47
C VAL W 181 53.07 26.71 89.01
N SER W 182 51.83 26.78 88.53
CA SER W 182 51.52 26.48 87.14
C SER W 182 50.06 26.85 86.89
N SER W 183 49.82 27.48 85.75
CA SER W 183 48.47 27.87 85.35
C SER W 183 48.43 28.01 83.85
N ILE W 184 47.22 27.98 83.28
CA ILE W 184 47.03 27.98 81.84
C ILE W 184 45.93 28.98 81.49
N LYS W 185 45.76 29.19 80.18
CA LYS W 185 44.79 30.14 79.65
C LYS W 185 43.39 29.80 80.12
N ARG W 186 42.59 30.85 80.33
CA ARG W 186 41.15 30.66 80.53
C ARG W 186 40.46 31.89 79.94
N ASN W 187 40.20 31.82 78.64
CA ASN W 187 39.28 32.74 77.99
C ASN W 187 39.06 32.33 76.55
N ALA W 188 37.80 32.19 76.14
CA ALA W 188 37.49 31.99 74.72
C ALA W 188 36.01 32.34 74.53
N SER W 189 35.73 33.53 74.05
CA SER W 189 34.36 33.99 73.85
C SER W 189 34.16 34.29 72.37
N VAL W 190 33.14 33.68 71.77
CA VAL W 190 32.79 33.91 70.39
C VAL W 190 31.33 34.32 70.37
N LYS W 191 31.07 35.62 70.32
CA LYS W 191 29.73 36.15 70.18
C LYS W 191 29.47 36.44 68.71
N ILE W 192 28.48 35.77 68.13
CA ILE W 192 28.12 35.94 66.74
C ILE W 192 26.65 36.35 66.68
N THR W 193 26.36 37.44 65.98
CA THR W 193 25.00 37.82 65.65
C THR W 193 24.93 38.00 64.15
N ILE W 194 23.97 37.34 63.50
CA ILE W 194 23.79 37.43 62.06
C ILE W 194 22.33 37.74 61.80
N ILE W 195 22.05 38.85 61.13
CA ILE W 195 20.70 39.27 60.78
C ILE W 195 20.62 39.36 59.27
N GLU W 196 19.74 38.57 58.66
CA GLU W 196 19.70 38.44 57.22
C GLU W 196 18.26 38.60 56.72
N SER W 197 18.15 39.17 55.53
CA SER W 197 16.86 39.27 54.81
C SER W 197 17.18 38.92 53.35
N THR W 198 17.08 37.65 53.02
CA THR W 198 17.45 37.18 51.69
C THR W 198 16.34 36.34 51.07
N GLY W 199 16.62 35.71 49.93
CA GLY W 199 15.62 34.93 49.24
C GLY W 199 16.17 33.57 48.84
N THR W 200 15.23 32.67 48.55
CA THR W 200 15.59 31.32 48.16
C THR W 200 16.09 31.28 46.71
N SER W 201 16.91 30.28 46.41
CA SER W 201 17.41 30.11 45.05
C SER W 201 16.26 29.75 44.10
N SER W 216 38.09 29.63 63.41
CA SER W 216 37.99 30.31 62.14
C SER W 216 36.60 30.93 61.98
N ASP W 217 35.99 31.30 63.11
CA ASP W 217 34.64 31.88 63.03
C ASP W 217 34.68 33.25 62.39
N LEU W 218 35.80 33.98 62.51
CA LEU W 218 35.92 35.26 61.82
C LEU W 218 35.86 35.06 60.31
N LEU W 219 36.55 34.04 59.81
CA LEU W 219 36.53 33.77 58.37
C LEU W 219 35.18 33.24 57.92
N ALA W 220 34.52 32.42 58.74
CA ALA W 220 33.24 31.86 58.35
C ALA W 220 32.21 32.97 58.13
N VAL W 221 32.16 33.95 59.03
CA VAL W 221 31.26 35.08 58.84
C VAL W 221 31.64 35.84 57.57
N LYS W 222 32.94 35.94 57.30
CA LYS W 222 33.39 36.68 56.12
C LYS W 222 32.90 36.03 54.84
N GLU W 223 32.97 34.70 54.76
CA GLU W 223 32.54 34.02 53.54
C GLU W 223 31.06 34.25 53.26
N LYS W 224 30.23 34.13 54.29
CA LYS W 224 28.82 34.44 54.11
C LYS W 224 28.63 35.91 53.77
N ALA W 225 29.41 36.79 54.40
CA ALA W 225 29.33 38.20 54.07
C ALA W 225 29.77 38.47 52.64
N ASP W 226 30.88 37.85 52.21
CA ASP W 226 31.32 38.03 50.83
C ASP W 226 30.41 37.28 49.86
N GLN W 227 30.03 36.04 50.21
CA GLN W 227 29.10 35.32 49.36
C GLN W 227 27.80 36.08 49.19
N PHE W 228 27.40 36.84 50.21
CA PHE W 228 26.20 37.66 50.07
C PHE W 228 26.38 38.67 48.95
N TYR W 229 27.56 39.30 48.92
CA TYR W 229 27.88 40.27 47.85
C TYR W 229 27.76 39.53 46.52
N LYS W 230 28.51 38.43 46.35
CA LYS W 230 28.47 37.71 45.09
C LYS W 230 27.09 37.13 44.83
N ASP W 231 26.38 36.73 45.88
CA ASP W 231 25.06 36.14 45.70
C ASP W 231 24.11 37.13 45.05
N ALA W 232 24.22 38.42 45.40
CA ALA W 232 23.32 39.40 44.80
C ALA W 232 23.43 39.41 43.28
N ASP W 233 24.64 39.27 42.73
CA ASP W 233 24.81 39.32 41.29
C ASP W 233 23.94 38.27 40.60
N SER W 234 23.81 37.10 41.22
CA SER W 234 22.89 36.09 40.69
C SER W 234 21.44 36.51 40.80
N GLY W 235 21.15 37.59 41.53
CA GLY W 235 19.80 38.09 41.63
C GLY W 235 18.85 37.18 42.39
N LYS W 236 19.32 36.60 43.49
CA LYS W 236 18.47 35.82 44.38
C LYS W 236 18.03 36.61 45.61
N HIS W 237 18.36 37.89 45.70
CA HIS W 237 18.00 38.71 46.86
C HIS W 237 16.66 39.36 46.57
N SER W 238 15.61 38.57 46.67
CA SER W 238 14.25 39.04 46.39
C SER W 238 13.49 39.02 47.70
N TYR W 239 13.60 40.09 48.46
CA TYR W 239 12.83 40.29 49.68
C TYR W 239 12.00 41.55 49.52
N VAL W 240 10.72 41.45 49.82
CA VAL W 240 9.80 42.56 49.57
C VAL W 240 10.03 43.64 50.63
N LEU W 241 10.35 44.85 50.17
CA LEU W 241 10.58 45.97 51.07
C LEU W 241 9.52 47.05 50.89
N PHE W 242 9.35 47.57 49.69
CA PHE W 242 8.43 48.67 49.41
C PHE W 242 7.53 48.30 48.24
N ALA W 243 6.40 48.99 48.15
CA ALA W 243 5.45 48.81 47.06
C ALA W 243 5.30 50.12 46.31
N VAL W 244 5.37 50.06 44.98
CA VAL W 244 5.29 51.23 44.12
C VAL W 244 3.85 51.39 43.66
N LEU W 245 3.31 52.59 43.83
CA LEU W 245 1.91 52.87 43.53
C LEU W 245 1.78 53.49 42.15
N GLY W 246 0.70 53.13 41.46
CA GLY W 246 0.42 53.70 40.15
C GLY W 246 -1.03 54.12 40.06
N LYS W 247 -1.27 55.13 39.23
CA LYS W 247 -2.60 55.72 39.10
C LYS W 247 -3.38 55.01 38.01
N TYR W 248 -4.65 54.69 38.31
CA TYR W 248 -5.47 53.96 37.36
C TYR W 248 -5.67 54.71 36.05
N ARG W 249 -5.49 56.03 36.05
CA ARG W 249 -5.70 56.80 34.83
C ARG W 249 -4.64 56.46 33.78
N ASN W 250 -3.40 56.24 34.21
CA ASN W 250 -2.31 55.97 33.29
C ASN W 250 -2.43 54.63 32.59
N LEU W 251 -3.32 53.75 33.05
CA LEU W 251 -3.53 52.47 32.37
C LEU W 251 -4.09 52.70 30.98
N SER W 252 -3.51 52.04 29.98
CA SER W 252 -4.05 52.12 28.63
C SER W 252 -5.47 51.56 28.58
N ASN W 253 -5.69 50.40 29.20
CA ASN W 253 -6.97 49.71 29.14
C ASN W 253 -8.05 50.45 29.91
N PHE W 254 -7.68 51.43 30.72
CA PHE W 254 -8.64 52.22 31.46
C PHE W 254 -9.39 53.13 30.50
N GLU W 255 -10.66 52.83 30.26
CA GLU W 255 -11.56 53.69 29.50
C GLU W 255 -12.44 54.53 30.44
N SER W 256 -11.87 54.97 31.55
CA SER W 256 -12.59 55.80 32.51
C SER W 256 -13.79 55.04 33.08
N TYR W 257 -13.49 53.92 33.72
CA TYR W 257 -14.51 53.17 34.43
C TYR W 257 -15.11 54.00 35.57
N PHE W 258 -14.36 54.96 36.07
CA PHE W 258 -14.84 55.83 37.13
C PHE W 258 -13.93 57.05 37.20
N ALA W 259 -14.20 57.93 38.15
CA ALA W 259 -13.39 59.13 38.34
C ALA W 259 -12.66 59.02 39.66
N PRO W 260 -11.39 58.60 39.68
CA PRO W 260 -10.70 58.45 40.96
C PRO W 260 -10.59 59.77 41.70
N PHE W 261 -10.70 59.70 43.02
CA PHE W 261 -10.51 60.88 43.84
C PHE W 261 -9.02 61.19 43.99
N ASP W 262 -8.74 62.45 44.34
CA ASP W 262 -7.36 62.92 44.66
C ASP W 262 -7.40 63.28 46.13
N TYR W 263 -6.92 62.40 47.01
CA TYR W 263 -7.02 62.56 48.46
C TYR W 263 -5.91 63.40 49.06
N GLN W 264 -5.02 63.95 48.23
CA GLN W 264 -3.91 64.73 48.77
C GLN W 264 -4.42 65.88 49.63
N MET W 265 -5.36 66.66 49.10
CA MET W 265 -5.91 67.77 49.88
C MET W 265 -6.81 67.29 51.00
N ALA W 266 -7.62 66.26 50.74
CA ALA W 266 -8.52 65.77 51.77
C ALA W 266 -7.75 65.25 52.98
N SER W 267 -6.67 64.50 52.75
CA SER W 267 -5.86 64.03 53.87
C SER W 267 -5.24 65.19 54.62
N LEU W 268 -4.75 66.21 53.89
CA LEU W 268 -4.16 67.36 54.55
C LEU W 268 -5.18 68.06 55.44
N ARG W 269 -6.38 68.28 54.93
CA ARG W 269 -7.39 68.96 55.74
C ARG W 269 -7.78 68.13 56.96
N SER W 270 -7.94 66.82 56.80
CA SER W 270 -8.42 65.96 57.87
C SER W 270 -7.26 65.29 58.60
N TRP W 271 -6.35 66.10 59.13
CA TRP W 271 -5.28 65.58 59.98
C TRP W 271 -5.60 65.70 61.46
N ALA W 272 -6.28 66.76 61.88
CA ALA W 272 -6.67 66.87 63.28
C ALA W 272 -7.56 65.71 63.71
N LEU W 273 -8.30 65.13 62.76
CA LEU W 273 -9.14 63.99 63.08
C LEU W 273 -8.33 62.71 63.19
N PHE W 274 -7.32 62.54 62.33
CA PHE W 274 -6.52 61.32 62.35
C PHE W 274 -5.79 61.17 63.67
N ASN W 275 -5.23 62.25 64.21
CA ASN W 275 -4.57 62.16 65.50
C ASN W 275 -5.55 61.80 66.60
N ASP W 276 -6.75 62.41 66.59
CA ASP W 276 -7.73 62.10 67.62
C ASP W 276 -8.12 60.63 67.59
N PHE W 277 -7.99 59.98 66.43
CA PHE W 277 -8.27 58.55 66.35
C PHE W 277 -7.30 57.75 67.21
N THR W 278 -6.00 57.97 67.02
CA THR W 278 -5.02 57.21 67.78
C THR W 278 -5.16 57.48 69.27
N LEU W 279 -5.39 58.74 69.65
CA LEU W 279 -5.54 59.07 71.06
C LEU W 279 -6.75 58.36 71.67
N TYR W 280 -7.87 58.35 70.96
CA TYR W 280 -9.07 57.70 71.49
C TYR W 280 -8.89 56.20 71.63
N LYS W 281 -8.24 55.56 70.66
CA LYS W 281 -7.96 54.14 70.77
C LYS W 281 -7.04 53.86 71.95
N ALA W 282 -6.05 54.72 72.17
CA ALA W 282 -5.14 54.51 73.28
C ALA W 282 -5.87 54.59 74.62
N ILE W 283 -6.79 55.56 74.76
CA ILE W 283 -7.46 55.74 76.04
C ILE W 283 -8.56 54.72 76.30
N GLU W 284 -8.88 53.87 75.33
CA GLU W 284 -9.71 52.71 75.65
C GLU W 284 -8.97 51.81 76.64
N THR W 285 -7.68 51.56 76.37
CA THR W 285 -6.87 50.77 77.28
C THR W 285 -6.62 51.48 78.61
N MET W 286 -6.69 52.81 78.63
CA MET W 286 -6.68 53.53 79.90
C MET W 286 -7.70 52.95 80.86
N ILE W 287 -8.97 52.92 80.44
CA ILE W 287 -10.04 52.51 81.34
C ILE W 287 -9.92 51.03 81.67
N LYS W 288 -9.70 50.19 80.66
CA LYS W 288 -9.68 48.76 80.89
C LYS W 288 -8.55 48.36 81.83
N ALA W 289 -7.38 48.95 81.66
CA ALA W 289 -6.22 48.53 82.44
C ALA W 289 -6.42 48.75 83.93
N VAL W 290 -6.95 49.90 84.32
CA VAL W 290 -7.04 50.27 85.73
C VAL W 290 -8.13 49.45 86.41
N PRO W 291 -7.92 48.98 87.64
CA PRO W 291 -8.89 48.09 88.28
C PRO W 291 -10.12 48.84 88.80
N GLU W 292 -11.06 48.05 89.31
CA GLU W 292 -12.31 48.59 89.80
C GLU W 292 -12.12 49.31 91.13
N SER W 293 -11.19 48.83 91.96
CA SER W 293 -11.04 49.34 93.32
C SER W 293 -10.44 50.73 93.38
N LYS W 294 -10.28 51.42 92.26
CA LYS W 294 -9.70 52.76 92.24
C LYS W 294 -10.49 53.67 91.31
N PHE W 295 -11.80 53.41 91.26
CA PHE W 295 -12.72 54.28 90.47
C PHE W 295 -13.56 55.02 91.49
N LYS W 296 -13.87 56.30 91.24
CA LYS W 296 -14.60 57.09 92.21
C LYS W 296 -16.02 56.58 92.40
N ASP W 297 -16.74 56.38 91.30
CA ASP W 297 -18.15 56.00 91.38
C ASP W 297 -18.35 54.51 91.65
N GLY W 298 -17.29 53.71 91.54
CA GLY W 298 -17.39 52.30 91.84
C GLY W 298 -17.82 51.47 90.65
N PRO W 299 -18.78 50.56 90.85
CA PRO W 299 -19.08 49.58 89.79
C PRO W 299 -19.55 50.20 88.49
N GLU W 300 -20.61 51.00 88.54
CA GLU W 300 -21.19 51.53 87.31
C GLU W 300 -20.43 52.76 86.84
N ARG W 301 -19.11 52.63 86.73
CA ARG W 301 -18.27 53.69 86.18
C ARG W 301 -17.39 53.11 85.09
N LYS W 302 -17.01 51.85 85.23
CA LYS W 302 -16.19 51.20 84.20
C LYS W 302 -16.96 51.09 82.89
N THR W 303 -18.21 50.63 82.94
CA THR W 303 -18.88 50.28 81.70
C THR W 303 -19.29 51.50 80.90
N GLN W 304 -19.86 52.54 81.53
CA GLN W 304 -20.26 53.70 80.76
C GLN W 304 -19.10 54.64 80.48
N LEU W 305 -17.97 54.50 81.19
CA LEU W 305 -16.76 55.13 80.70
C LEU W 305 -16.20 54.38 79.51
N ILE W 306 -16.20 53.04 79.58
CA ILE W 306 -15.79 52.25 78.42
C ILE W 306 -16.76 52.47 77.27
N LYS W 307 -18.07 52.44 77.55
CA LYS W 307 -19.03 52.59 76.47
C LYS W 307 -19.01 54.01 75.91
N GLN W 308 -18.82 55.02 76.75
CA GLN W 308 -18.79 56.39 76.25
C GLN W 308 -17.63 56.58 75.29
N ALA W 309 -16.46 56.01 75.60
CA ALA W 309 -15.31 56.13 74.71
C ALA W 309 -15.56 55.43 73.39
N ILE W 310 -16.11 54.21 73.43
CA ILE W 310 -16.34 53.46 72.21
C ILE W 310 -17.45 54.09 71.39
N ASN W 311 -18.48 54.61 72.04
CA ASN W 311 -19.57 55.24 71.29
C ASN W 311 -19.04 56.41 70.47
N ILE W 312 -18.16 57.23 71.06
CA ILE W 312 -17.58 58.34 70.30
C ILE W 312 -16.43 57.87 69.42
N PHE W 313 -15.90 56.67 69.66
CA PHE W 313 -14.98 56.08 68.69
C PHE W 313 -15.70 55.76 67.39
N GLU W 314 -16.97 55.36 67.48
CA GLU W 314 -17.77 55.15 66.29
C GLU W 314 -17.94 56.44 65.50
N THR W 315 -18.17 57.55 66.20
CA THR W 315 -18.48 58.80 65.51
C THR W 315 -17.31 59.24 64.62
N ILE W 316 -16.08 59.11 65.12
CA ILE W 316 -14.94 59.52 64.31
C ILE W 316 -14.55 58.46 63.28
N ARG W 317 -14.77 57.18 63.58
CA ARG W 317 -14.47 56.16 62.58
C ARG W 317 -15.42 56.25 61.39
N ASP W 318 -16.71 56.50 61.65
CA ASP W 318 -17.66 56.66 60.55
C ASP W 318 -17.43 57.95 59.80
N ARG W 319 -16.89 58.97 60.47
CA ARG W 319 -16.51 60.19 59.75
C ARG W 319 -15.40 59.89 58.76
N VAL W 320 -14.42 59.07 59.16
CA VAL W 320 -13.36 58.66 58.24
C VAL W 320 -13.95 57.85 57.09
N ILE W 321 -14.84 56.91 57.40
CA ILE W 321 -15.46 56.12 56.34
C ILE W 321 -16.30 57.01 55.44
N LEU W 322 -16.85 58.09 55.98
CA LEU W 322 -17.60 59.03 55.14
C LEU W 322 -16.67 59.79 54.20
N ILE W 323 -15.46 60.13 54.65
CA ILE W 323 -14.53 60.83 53.77
C ILE W 323 -14.19 59.96 52.57
N SER W 324 -14.22 58.64 52.73
CA SER W 324 -14.00 57.76 51.58
C SER W 324 -15.05 58.00 50.51
N GLU W 325 -16.32 58.07 50.89
CA GLU W 325 -17.38 58.32 49.93
C GLU W 325 -17.38 59.76 49.45
N HIS W 326 -17.15 60.70 50.37
CA HIS W 326 -17.23 62.13 50.05
C HIS W 326 -15.99 62.84 50.60
N PRO W 327 -14.88 62.86 49.85
CA PRO W 327 -13.72 63.64 50.31
C PRO W 327 -13.99 65.12 50.34
N GLU W 328 -14.97 65.62 49.58
CA GLU W 328 -15.36 67.01 49.72
C GLU W 328 -15.93 67.32 51.09
N ALA W 329 -16.39 66.30 51.81
CA ALA W 329 -16.90 66.50 53.16
C ALA W 329 -15.80 66.78 54.18
N ALA W 330 -14.55 66.92 53.74
CA ALA W 330 -13.48 67.26 54.67
C ALA W 330 -13.64 68.66 55.24
N LYS W 331 -14.43 69.51 54.60
CA LYS W 331 -14.60 70.88 55.10
C LYS W 331 -15.28 70.90 56.47
N GLU W 332 -16.31 70.08 56.65
CA GLU W 332 -17.09 70.15 57.88
C GLU W 332 -16.20 69.95 59.09
N ASP W 333 -16.40 70.77 60.11
CA ASP W 333 -15.61 70.68 61.32
C ASP W 333 -16.04 69.45 62.12
N PRO W 334 -15.18 68.97 63.01
CA PRO W 334 -15.56 67.83 63.86
C PRO W 334 -16.78 68.16 64.71
N ASP W 335 -17.61 67.14 64.94
CA ASP W 335 -18.80 67.28 65.77
C ASP W 335 -18.75 66.33 66.96
N HIS W 336 -17.54 66.01 67.42
CA HIS W 336 -17.34 65.03 68.48
C HIS W 336 -16.52 65.66 69.60
N MET W 337 -16.69 65.11 70.80
CA MET W 337 -15.99 65.63 71.96
C MET W 337 -14.49 65.48 71.79
N LYS W 338 -13.74 66.46 72.29
CA LYS W 338 -12.30 66.46 72.13
C LYS W 338 -11.69 65.32 72.95
N PRO W 339 -10.59 64.72 72.50
CA PRO W 339 -9.88 63.77 73.38
C PRO W 339 -9.40 64.41 74.67
N GLY W 340 -9.01 65.68 74.64
CA GLY W 340 -8.60 66.34 75.86
C GLY W 340 -9.73 66.43 76.87
N ASP W 341 -10.91 66.86 76.44
CA ASP W 341 -12.03 66.98 77.37
C ASP W 341 -12.45 65.61 77.90
N PHE W 342 -12.54 64.62 77.01
CA PHE W 342 -12.90 63.28 77.48
C PHE W 342 -11.79 62.69 78.34
N ARG W 343 -10.53 62.95 78.01
CA ARG W 343 -9.45 62.50 78.88
C ARG W 343 -9.59 63.12 80.25
N LEU W 344 -9.85 64.43 80.30
CA LEU W 344 -10.11 65.09 81.58
C LEU W 344 -11.20 64.34 82.35
N GLU W 345 -12.28 63.96 81.67
CA GLU W 345 -13.33 63.21 82.35
C GLU W 345 -12.80 61.91 82.93
N VAL W 346 -11.85 61.26 82.24
CA VAL W 346 -11.31 60.01 82.74
C VAL W 346 -10.61 60.22 84.07
N LEU W 347 -9.71 61.21 84.15
CA LEU W 347 -8.93 61.40 85.37
C LEU W 347 -9.76 62.00 86.50
N ASN W 348 -10.84 62.71 86.20
CA ASN W 348 -11.65 63.29 87.27
C ASN W 348 -12.30 62.21 88.12
N SER W 349 -12.62 61.07 87.52
CA SER W 349 -13.33 60.00 88.20
C SER W 349 -12.38 58.94 88.75
N ILE W 350 -11.20 59.36 89.20
CA ILE W 350 -10.17 58.45 89.68
C ILE W 350 -9.82 58.82 91.12
N GLN W 351 -9.86 57.83 92.01
CA GLN W 351 -9.45 58.03 93.39
C GLN W 351 -7.95 58.29 93.46
N THR W 352 -7.54 58.95 94.54
CA THR W 352 -6.18 59.41 94.69
C THR W 352 -5.68 59.10 96.10
N LYS W 353 -4.37 59.16 96.27
CA LYS W 353 -3.72 58.90 97.54
C LYS W 353 -3.11 60.19 98.09
N LEU W 354 -3.34 60.45 99.37
CA LEU W 354 -2.93 61.71 100.00
C LEU W 354 -1.53 61.55 100.56
N PHE W 355 -0.54 61.59 99.66
CA PHE W 355 0.85 61.49 100.08
C PHE W 355 1.21 62.76 100.82
N HIS W 356 1.07 62.73 102.15
CA HIS W 356 1.38 63.92 103.00
C HIS W 356 2.87 63.85 103.37
N ALA W 357 3.71 64.58 102.64
CA ALA W 357 5.14 64.58 102.90
C ALA W 357 5.41 65.16 104.28
N GLN W 358 6.37 64.56 104.99
CA GLN W 358 6.68 64.95 106.36
C GLN W 358 8.19 65.15 106.48
N SER W 359 8.58 66.16 107.25
CA SER W 359 9.98 66.53 107.39
C SER W 359 10.54 65.83 108.62
N GLN W 360 11.33 64.79 108.41
CA GLN W 360 11.95 64.06 109.51
C GLN W 360 13.00 64.93 110.19
N PRO W 361 12.97 65.02 111.53
CA PRO W 361 14.03 65.75 112.25
C PRO W 361 15.22 64.85 112.56
N ILE W 362 16.42 65.27 112.15
CA ILE W 362 17.64 64.51 112.41
C ILE W 362 18.54 65.34 113.33
N PRO W 363 19.18 64.74 114.33
CA PRO W 363 20.07 65.52 115.19
C PRO W 363 21.21 66.14 114.41
N ASN W 364 21.78 67.21 114.98
CA ASN W 364 22.87 67.95 114.35
C ASN W 364 22.39 68.70 113.11
N THR W 365 21.19 69.28 113.20
CA THR W 365 20.61 70.07 112.13
C THR W 365 19.80 71.21 112.74
N ASP W 366 20.08 72.43 112.29
CA ASP W 366 19.39 73.63 112.75
C ASP W 366 18.74 74.31 111.57
N ASP W 367 17.43 74.52 111.65
CA ASP W 367 16.64 75.10 110.57
C ASP W 367 16.69 74.26 109.30
N TYR W 368 17.20 73.04 109.39
CA TYR W 368 17.30 72.13 108.24
C TYR W 368 16.65 70.82 108.65
N TRP W 369 15.67 70.37 107.87
CA TRP W 369 14.92 69.15 108.14
C TRP W 369 15.24 68.12 107.07
N THR W 370 14.56 66.98 107.14
CA THR W 370 14.70 65.91 106.16
C THR W 370 13.30 65.52 105.68
N ASP W 371 12.99 65.90 104.43
CA ASP W 371 11.65 65.67 103.87
C ASP W 371 11.55 64.23 103.42
N VAL W 372 10.60 63.50 103.99
CA VAL W 372 10.30 62.12 103.60
C VAL W 372 8.86 62.09 103.11
N ILE W 373 8.66 61.63 101.88
CA ILE W 373 7.33 61.59 101.27
C ILE W 373 6.77 60.21 101.58
N LEU W 374 6.19 60.07 102.77
CA LEU W 374 5.55 58.84 103.21
C LEU W 374 4.12 59.11 103.62
N THR W 375 3.22 58.20 103.23
CA THR W 375 1.80 58.34 103.54
C THR W 375 1.50 58.11 105.00
N THR W 376 2.40 57.46 105.75
CA THR W 376 2.15 57.17 107.15
C THR W 376 2.53 58.37 108.00
N LYS W 377 1.63 58.75 108.91
CA LYS W 377 1.89 59.87 109.80
C LYS W 377 3.05 59.54 110.72
N GLY W 378 3.96 60.49 110.90
CA GLY W 378 5.11 60.30 111.76
C GLY W 378 5.06 61.17 113.00
N SER W 379 5.93 60.87 113.96
CA SER W 379 6.00 61.63 115.21
C SER W 379 7.18 62.59 115.15
N GLY W 380 6.89 63.88 115.32
CA GLY W 380 7.92 64.90 115.29
C GLY W 380 8.34 65.33 113.91
N ASN W 381 7.71 64.76 112.88
CA ASN W 381 8.04 65.11 111.48
C ASN W 381 7.08 66.20 111.00
N GLN W 382 7.62 67.30 110.45
CA GLN W 382 6.77 68.40 110.03
C GLN W 382 6.09 68.08 108.71
N PRO W 383 4.76 68.05 108.64
CA PRO W 383 4.09 67.83 107.35
C PRO W 383 4.25 69.03 106.43
N LEU W 384 4.50 68.76 105.15
CA LEU W 384 4.69 69.81 104.15
C LEU W 384 3.40 70.14 103.41
N PHE W 385 2.83 69.17 102.70
CA PHE W 385 1.57 69.36 102.00
C PHE W 385 0.90 68.00 101.84
N THR W 386 -0.43 68.02 101.76
CA THR W 386 -1.22 66.82 101.54
C THR W 386 -1.99 66.99 100.24
N PHE W 387 -1.77 66.07 99.30
CA PHE W 387 -2.26 66.20 97.94
C PHE W 387 -2.73 64.85 97.40
N PRO W 388 -3.75 64.85 96.55
CA PRO W 388 -4.12 63.62 95.85
C PRO W 388 -2.97 63.14 94.97
N ALA W 389 -2.78 61.84 94.88
CA ALA W 389 -1.76 61.24 94.04
C ALA W 389 -2.25 59.90 93.51
N PHE W 390 -1.51 59.37 92.55
CA PHE W 390 -1.87 58.13 91.86
C PHE W 390 -0.97 57.02 92.36
N ASP W 391 -1.58 55.98 92.94
CA ASP W 391 -0.86 54.87 93.55
C ASP W 391 -0.86 53.63 92.68
N PHE W 392 -1.14 53.76 91.39
CA PHE W 392 -1.20 52.63 90.50
C PHE W 392 -0.90 53.10 89.08
N GLY W 393 -0.25 52.24 88.32
CA GLY W 393 0.12 52.58 86.96
C GLY W 393 -1.08 52.49 86.05
N ASP W 394 -0.89 51.96 84.85
CA ASP W 394 -1.95 51.74 83.89
C ASP W 394 -2.65 53.02 83.45
N LEU W 395 -2.13 54.18 83.84
CA LEU W 395 -2.65 55.46 83.41
C LEU W 395 -1.55 56.14 82.60
N ILE W 396 -1.71 56.14 81.27
CA ILE W 396 -0.64 56.66 80.42
C ILE W 396 -0.40 58.14 80.75
N GLY W 397 0.81 58.60 80.48
CA GLY W 397 1.20 59.94 80.83
C GLY W 397 1.68 60.11 82.26
N THR W 398 1.94 59.00 82.96
CA THR W 398 2.35 59.04 84.38
C THR W 398 3.63 58.24 84.59
N GLU W 399 4.48 58.66 85.53
CA GLU W 399 5.70 57.97 85.90
C GLU W 399 5.84 57.92 87.41
N VAL W 400 6.61 56.95 87.89
CA VAL W 400 6.72 56.67 89.31
C VAL W 400 7.99 57.27 89.86
N VAL W 401 7.93 57.73 91.11
CA VAL W 401 9.07 58.25 91.85
C VAL W 401 9.29 57.33 93.04
N SER W 402 10.15 56.33 92.87
CA SER W 402 10.36 55.28 93.86
C SER W 402 11.63 55.58 94.64
N PHE W 403 11.48 56.02 95.88
CA PHE W 403 12.64 56.27 96.71
C PHE W 403 13.45 55.00 96.89
N GLY W 404 14.78 55.13 96.81
CA GLY W 404 15.67 54.02 97.05
C GLY W 404 16.38 54.16 98.38
N LYS W 405 16.01 53.33 99.34
CA LYS W 405 16.64 53.33 100.66
C LYS W 405 17.55 52.11 100.78
N LYS W 406 18.81 52.36 101.08
CA LYS W 406 19.77 51.27 101.20
C LYS W 406 19.37 50.35 102.35
N LYS W 407 19.05 49.10 102.04
CA LYS W 407 18.87 48.10 103.08
C LYS W 407 20.19 47.77 103.76
N ASN W 408 21.28 47.84 103.03
CA ASN W 408 22.62 47.64 103.56
C ASN W 408 23.14 48.89 104.26
N GLY W 409 22.41 49.99 104.21
CA GLY W 409 22.83 51.23 104.82
C GLY W 409 21.66 52.12 105.16
N GLU W 410 21.83 53.43 104.98
CA GLU W 410 20.76 54.38 105.28
C GLU W 410 20.64 55.46 104.23
N GLU W 411 21.34 55.35 103.10
CA GLU W 411 21.28 56.37 102.08
C GLU W 411 19.85 56.56 101.59
N TYR W 412 19.44 57.82 101.44
CA TYR W 412 18.15 58.19 100.89
C TYR W 412 18.32 58.46 99.39
N ASN W 413 17.54 57.76 98.56
CA ASN W 413 17.58 57.96 97.12
C ASN W 413 16.19 58.29 96.60
N CYS W 414 16.17 58.86 95.39
CA CYS W 414 14.93 59.27 94.74
C CYS W 414 15.12 59.07 93.24
N LEU W 415 14.59 57.97 92.72
CA LEU W 415 14.74 57.61 91.32
C LEU W 415 13.37 57.55 90.66
N ILE W 416 13.20 58.26 89.55
CA ILE W 416 11.95 58.27 88.81
C ILE W 416 11.96 57.14 87.81
N GLY W 417 10.88 56.36 87.80
CA GLY W 417 10.79 55.27 86.85
C GLY W 417 11.89 54.24 87.00
N GLU W 418 12.59 54.22 88.14
CA GLU W 418 13.64 53.26 88.41
C GLU W 418 13.45 52.75 89.84
N ARG W 419 12.95 51.53 89.95
CA ARG W 419 12.67 50.96 91.26
C ARG W 419 13.96 50.43 91.90
N VAL W 420 13.80 49.88 93.10
CA VAL W 420 14.91 49.22 93.76
C VAL W 420 15.31 47.93 93.05
N THR W 421 14.37 47.31 92.31
CA THR W 421 14.64 46.01 91.71
C THR W 421 15.84 46.03 90.78
N SER W 422 16.18 47.19 90.21
CA SER W 422 17.38 47.27 89.37
C SER W 422 18.63 46.97 90.19
N LEU W 423 18.71 47.49 91.41
CA LEU W 423 19.81 47.23 92.31
C LEU W 423 19.42 46.12 93.29
N ASP W 424 20.30 45.86 94.27
CA ASP W 424 20.09 44.82 95.26
C ASP W 424 20.22 45.40 96.66
N ASP W 425 19.34 44.98 97.57
CA ASP W 425 19.34 45.45 98.95
C ASP W 425 19.11 46.97 99.02
N TYR W 426 17.90 47.34 98.55
CA TYR W 426 17.46 48.75 98.59
C TYR W 426 15.99 48.69 98.98
N LYS W 427 15.39 49.81 99.40
CA LYS W 427 13.99 49.77 99.90
C LYS W 427 13.16 50.90 99.29
N GLU W 428 11.91 50.59 98.91
CA GLU W 428 11.02 51.62 98.32
C GLU W 428 10.32 52.41 99.44
N LEU W 429 10.98 53.44 99.98
CA LEU W 429 10.30 54.30 100.99
C LEU W 429 8.90 54.63 100.46
N SER W 430 8.82 55.07 99.21
CA SER W 430 7.55 55.48 98.62
C SER W 430 7.63 55.37 97.11
N TYR W 431 6.60 54.78 96.51
CA TYR W 431 6.47 54.73 95.07
C TYR W 431 5.03 55.08 94.70
N PHE W 432 4.88 55.96 93.72
CA PHE W 432 3.56 56.40 93.29
C PHE W 432 3.66 57.11 91.95
N TRP W 433 2.87 56.70 90.97
CA TRP W 433 2.94 57.28 89.65
C TRP W 433 2.41 58.71 89.67
N VAL W 434 3.04 59.58 88.86
CA VAL W 434 2.67 60.98 88.79
C VAL W 434 2.85 61.47 87.36
N PHE W 435 2.29 62.64 87.07
CA PHE W 435 2.48 63.28 85.78
C PHE W 435 3.80 64.04 85.77
N PRO W 436 4.79 63.66 84.97
CA PRO W 436 6.02 64.47 84.87
C PRO W 436 5.78 65.84 84.26
N ASP W 437 4.69 66.04 83.54
CA ASP W 437 4.39 67.30 82.90
C ASP W 437 2.99 67.76 83.29
N SER W 438 2.67 69.00 82.96
CA SER W 438 1.39 69.56 83.34
C SER W 438 0.31 69.13 82.35
N VAL W 439 -0.94 69.27 82.76
CA VAL W 439 -2.09 68.98 81.92
C VAL W 439 -3.04 70.15 82.03
N GLN W 440 -3.89 70.31 81.01
CA GLN W 440 -4.84 71.41 81.00
C GLN W 440 -5.76 71.34 82.21
N LYS W 441 -5.63 72.32 83.10
CA LYS W 441 -6.55 72.58 84.19
C LYS W 441 -6.71 71.42 85.16
N PHE W 442 -5.79 70.45 85.15
CA PHE W 442 -5.79 69.38 86.16
C PHE W 442 -4.52 69.39 87.00
N ALA W 443 -3.35 69.29 86.37
CA ALA W 443 -2.09 69.15 87.09
C ALA W 443 -1.31 70.45 86.92
N MET W 444 -1.48 71.37 87.87
CA MET W 444 -0.85 72.68 87.80
C MET W 444 0.11 72.97 88.94
N GLU W 445 -0.01 72.28 90.06
CA GLU W 445 0.90 72.49 91.17
C GLU W 445 2.14 71.60 91.01
N MET W 446 3.26 72.08 91.52
CA MET W 446 4.57 71.54 91.18
C MET W 446 5.25 70.93 92.39
N TYR W 447 6.10 69.93 92.14
CA TYR W 447 6.99 69.36 93.14
C TYR W 447 8.34 69.11 92.51
N GLY W 448 9.40 69.42 93.25
CA GLY W 448 10.75 69.26 92.77
C GLY W 448 11.60 68.51 93.77
N VAL W 449 12.59 67.79 93.24
CA VAL W 449 13.47 66.94 94.05
C VAL W 449 14.86 67.55 94.04
N SER W 450 15.47 67.66 95.21
CA SER W 450 16.85 68.08 95.37
C SER W 450 17.50 67.25 96.47
N LYS W 451 18.78 66.95 96.29
CA LYS W 451 19.53 66.08 97.20
C LYS W 451 20.90 66.69 97.49
N VAL W 452 21.36 66.52 98.72
CA VAL W 452 22.67 67.05 99.12
C VAL W 452 23.71 65.93 98.95
N PRO W 453 24.74 66.12 98.13
CA PRO W 453 25.70 65.02 97.91
C PRO W 453 26.37 64.54 99.19
N THR W 454 26.72 65.46 100.08
CA THR W 454 27.45 65.06 101.29
C THR W 454 26.60 64.18 102.19
N ARG W 455 25.33 64.54 102.36
CA ARG W 455 24.41 63.80 103.21
C ARG W 455 23.09 63.65 102.48
N ASN W 456 22.55 62.43 102.50
CA ASN W 456 21.35 62.14 101.73
C ASN W 456 20.11 62.65 102.47
N TYR W 457 20.06 63.95 102.71
CA TYR W 457 18.88 64.59 103.29
C TYR W 457 17.96 64.98 102.14
N MET W 458 16.93 64.16 101.91
CA MET W 458 16.00 64.43 100.83
C MET W 458 15.48 65.85 100.94
N ARG W 459 15.66 66.62 99.87
CA ARG W 459 15.21 68.01 99.81
C ARG W 459 14.21 68.10 98.66
N VAL W 460 12.96 67.77 98.95
CA VAL W 460 11.87 67.88 98.00
C VAL W 460 11.04 69.10 98.40
N TYR W 461 10.79 69.98 97.45
CA TYR W 461 10.11 71.23 97.73
C TYR W 461 9.25 71.62 96.54
N ALA W 462 8.37 72.60 96.78
CA ALA W 462 7.52 73.15 95.74
C ALA W 462 8.36 74.02 94.82
N ALA W 463 8.81 73.44 93.70
CA ALA W 463 9.73 74.13 92.80
C ALA W 463 8.95 75.10 91.91
N ASP W 464 9.69 75.71 90.98
CA ASP W 464 9.08 76.71 90.06
C ASP W 464 9.60 76.44 88.65
N GLN W 465 9.01 77.08 87.65
CA GLN W 465 9.50 76.91 86.28
C GLN W 465 10.93 77.41 86.14
N SER W 466 11.31 78.35 87.01
CA SER W 466 12.69 78.90 86.98
C SER W 466 13.65 77.90 87.68
N ASP W 467 13.16 77.18 88.69
CA ASP W 467 14.02 76.13 89.32
C ASP W 467 14.51 75.19 88.22
N ILE W 468 13.63 74.88 87.25
CA ILE W 468 14.05 74.04 86.09
C ILE W 468 15.12 74.83 85.30
N GLU W 469 14.80 76.05 84.88
CA GLU W 469 15.75 76.87 84.09
C GLU W 469 17.14 76.84 84.74
N ASN W 470 17.24 77.27 86.00
CA ASN W 470 18.55 77.23 86.72
C ASN W 470 18.48 76.14 87.79
N PRO W 471 18.91 74.89 87.51
CA PRO W 471 18.79 73.76 88.48
C PRO W 471 19.90 73.76 89.52
N ARG W 472 19.58 73.37 90.75
CA ARG W 472 20.57 73.26 91.80
C ARG W 472 21.34 71.95 91.65
N PRO W 473 22.51 71.83 92.28
CA PRO W 473 23.29 70.59 92.16
C PRO W 473 22.50 69.39 92.63
N TYR W 474 22.65 68.26 91.93
CA TYR W 474 22.01 66.98 92.37
C TYR W 474 20.48 67.11 92.43
N GLN W 475 19.88 68.04 91.68
CA GLN W 475 18.42 68.12 91.64
C GLN W 475 17.95 67.14 90.56
N ARG W 476 17.24 66.09 91.00
CA ARG W 476 17.00 64.96 90.11
C ARG W 476 15.86 65.23 89.14
N PHE W 477 14.65 65.43 89.65
CA PHE W 477 13.47 65.50 88.80
C PHE W 477 12.42 66.39 89.44
N TRP W 478 11.51 66.88 88.61
CA TRP W 478 10.39 67.71 89.05
C TRP W 478 9.11 67.20 88.41
N PHE W 479 8.02 67.28 89.17
CA PHE W 479 6.76 66.66 88.76
C PHE W 479 5.59 67.52 89.20
N TYR W 480 4.50 67.42 88.46
CA TYR W 480 3.28 68.16 88.72
C TYR W 480 2.23 67.22 89.33
N VAL W 481 1.52 67.73 90.33
CA VAL W 481 0.48 66.97 91.04
C VAL W 481 -0.87 67.64 90.76
N PRO W 482 -1.96 66.88 90.73
CA PRO W 482 -3.26 67.48 90.42
C PRO W 482 -3.64 68.59 91.39
N SER W 483 -4.27 69.63 90.85
CA SER W 483 -4.74 70.76 91.63
C SER W 483 -6.15 70.49 92.14
N ALA W 484 -6.35 70.65 93.45
CA ALA W 484 -7.65 70.41 94.05
C ALA W 484 -8.70 71.45 93.62
N ASN W 485 -8.27 72.53 92.98
CA ASN W 485 -9.20 73.58 92.55
C ASN W 485 -10.05 73.17 91.36
N SER W 486 -9.77 72.04 90.74
CA SER W 486 -10.57 71.60 89.59
C SER W 486 -12.01 71.36 90.03
N PRO W 487 -13.00 71.79 89.27
CA PRO W 487 -14.40 71.59 89.68
C PRO W 487 -14.84 70.16 89.39
N PRO W 488 -15.44 69.47 90.36
CA PRO W 488 -15.90 68.10 90.09
C PRO W 488 -17.28 68.06 89.45
N GLY X 2 -12.53 20.52 72.93
CA GLY X 2 -12.60 19.36 72.05
C GLY X 2 -11.91 19.60 70.73
N GLU X 3 -10.58 19.44 70.72
CA GLU X 3 -9.80 19.59 69.50
C GLU X 3 -8.87 18.39 69.29
N VAL X 4 -8.50 17.71 70.38
CA VAL X 4 -7.63 16.56 70.29
C VAL X 4 -8.20 15.44 71.17
N VAL X 5 -7.76 14.22 70.89
CA VAL X 5 -8.22 13.06 71.65
C VAL X 5 -7.12 12.00 71.62
N PRO X 6 -6.85 11.31 72.74
CA PRO X 6 -5.83 10.26 72.71
C PRO X 6 -6.20 9.15 71.74
N TYR X 7 -5.17 8.58 71.11
CA TYR X 7 -5.39 7.54 70.12
C TYR X 7 -6.08 6.34 70.75
N LYS X 8 -7.09 5.82 70.07
CA LYS X 8 -7.77 4.60 70.48
C LYS X 8 -7.66 3.60 69.34
N ALA X 9 -7.19 2.39 69.64
CA ALA X 9 -6.89 1.43 68.59
C ALA X 9 -8.14 1.16 67.76
N GLY X 10 -7.93 0.93 66.46
CA GLY X 10 -9.01 0.74 65.53
C GLY X 10 -9.49 2.01 64.86
N MET X 11 -9.02 3.18 65.30
CA MET X 11 -9.44 4.43 64.71
C MET X 11 -9.12 4.44 63.22
N GLN X 12 -10.08 4.89 62.43
CA GLN X 12 -9.93 5.01 60.99
C GLN X 12 -10.12 6.47 60.62
N ARG X 13 -9.18 7.00 59.83
CA ARG X 13 -9.25 8.40 59.44
C ARG X 13 -10.58 8.67 58.75
N GLY X 14 -11.23 9.76 59.13
CA GLY X 14 -12.49 10.14 58.53
C GLY X 14 -13.66 9.34 59.05
N GLN X 15 -13.91 9.42 60.35
CA GLN X 15 -15.03 8.73 60.97
C GLN X 15 -15.65 9.62 62.03
N GLY X 16 -16.93 9.39 62.28
CA GLY X 16 -17.62 10.16 63.28
C GLY X 16 -17.11 9.87 64.68
N TYR X 17 -17.29 10.86 65.55
CA TYR X 17 -16.84 10.75 66.93
C TYR X 17 -17.87 11.41 67.84
N ASN X 18 -18.51 10.61 68.68
CA ASN X 18 -19.48 11.11 69.65
C ASN X 18 -18.69 11.67 70.83
N THR X 19 -18.46 12.98 70.83
CA THR X 19 -17.54 13.57 71.78
C THR X 19 -18.01 13.36 73.23
N TYR X 20 -19.31 13.27 73.46
CA TYR X 20 -19.79 13.03 74.81
C TYR X 20 -19.49 11.60 75.27
N LEU X 21 -19.97 10.61 74.53
CA LEU X 21 -19.70 9.23 74.87
C LEU X 21 -18.27 8.81 74.56
N GLN X 22 -17.50 9.65 73.87
CA GLN X 22 -16.10 9.36 73.55
C GLN X 22 -15.97 8.02 72.82
N SER X 23 -17.02 7.60 72.13
CA SER X 23 -17.00 6.35 71.39
C SER X 23 -16.64 6.64 69.94
N LEU X 24 -16.71 5.61 69.10
CA LEU X 24 -16.42 5.73 67.68
C LEU X 24 -17.71 5.56 66.89
N CYS X 25 -17.81 6.30 65.79
CA CYS X 25 -19.01 6.27 64.97
C CYS X 25 -18.67 5.97 63.51
N VAL X 26 -19.64 6.14 62.62
CA VAL X 26 -19.52 5.62 61.25
C VAL X 26 -18.16 5.96 60.68
N LYS X 27 -17.58 5.01 59.95
CA LYS X 27 -16.30 5.21 59.29
C LYS X 27 -16.52 5.60 57.84
N ASP X 28 -15.64 6.46 57.34
CA ASP X 28 -15.65 6.89 55.94
C ASP X 28 -16.80 7.86 55.65
N ALA X 29 -17.20 8.64 56.64
CA ALA X 29 -18.13 9.73 56.37
C ALA X 29 -17.43 10.89 55.67
N VAL X 30 -16.13 11.05 55.89
CA VAL X 30 -15.34 12.13 55.31
C VAL X 30 -14.19 11.52 54.56
N THR X 31 -14.04 11.92 53.29
CA THR X 31 -12.91 11.49 52.46
C THR X 31 -11.94 12.64 52.37
N ILE X 32 -10.68 12.39 52.73
CA ILE X 32 -9.62 13.38 52.66
C ILE X 32 -8.71 13.02 51.50
N GLU X 33 -8.58 13.93 50.55
CA GLU X 33 -7.72 13.75 49.40
C GLU X 33 -6.38 14.40 49.68
N ARG X 34 -5.31 13.61 49.63
CA ARG X 34 -3.95 14.11 49.79
C ARG X 34 -3.50 14.67 48.45
N HIS X 35 -3.68 15.98 48.24
CA HIS X 35 -3.29 16.58 46.98
C HIS X 35 -1.80 16.44 46.73
N ASP X 36 -0.99 16.65 47.76
CA ASP X 36 0.46 16.59 47.66
C ASP X 36 0.98 15.52 48.62
N ASP X 37 1.87 14.67 48.12
CA ASP X 37 2.47 13.62 48.93
C ASP X 37 3.74 14.15 49.57
N SER X 38 3.62 14.62 50.82
CA SER X 38 4.76 15.15 51.54
C SER X 38 4.45 15.12 53.03
N ASN X 39 5.44 14.73 53.82
CA ASN X 39 5.25 14.68 55.26
C ASN X 39 5.12 16.10 55.82
N PRO X 40 4.32 16.30 56.86
CA PRO X 40 4.09 17.65 57.37
C PRO X 40 5.28 18.15 58.15
N PRO X 41 5.34 19.45 58.42
CA PRO X 41 6.44 20.00 59.23
C PRO X 41 6.44 19.40 60.62
N PHE X 42 7.63 19.27 61.19
CA PHE X 42 7.81 18.55 62.44
C PHE X 42 8.69 19.36 63.40
N LYS X 43 8.53 19.06 64.69
CA LYS X 43 9.28 19.71 65.75
C LYS X 43 10.08 18.65 66.51
N LYS X 44 11.36 18.94 66.75
CA LYS X 44 12.27 17.99 67.36
C LYS X 44 12.79 18.49 68.70
N GLU X 45 13.10 17.56 69.58
CA GLU X 45 13.79 17.84 70.83
C GLU X 45 14.87 16.80 71.05
N TYR X 46 15.91 17.16 71.80
CA TYR X 46 17.01 16.25 72.06
C TYR X 46 17.69 16.67 73.36
N TYR X 47 17.40 15.95 74.44
CA TYR X 47 18.05 16.15 75.72
C TYR X 47 19.01 14.99 75.95
N SER X 48 20.28 15.30 76.17
CA SER X 48 21.33 14.28 76.29
C SER X 48 22.19 14.54 77.51
N GLU X 49 22.60 13.46 78.17
CA GLU X 49 23.51 13.52 79.31
C GLU X 49 24.56 12.45 79.16
N PHE X 50 25.80 12.78 79.47
CA PHE X 50 26.91 11.82 79.48
C PHE X 50 27.67 12.01 80.77
N ILE X 51 27.32 11.23 81.79
CA ILE X 51 27.84 11.45 83.13
C ILE X 51 29.32 11.11 83.18
N GLU X 52 29.99 11.65 84.18
CA GLU X 52 31.45 11.65 84.26
C GLU X 52 32.02 10.25 84.08
N GLU X 53 33.29 10.19 83.72
CA GLU X 53 34.03 8.94 83.67
C GLU X 53 34.80 8.83 84.99
N TYR X 54 34.25 8.04 85.92
CA TYR X 54 34.86 7.89 87.23
C TYR X 54 36.12 7.05 87.07
N GLU X 55 37.18 7.74 86.62
CA GLU X 55 38.49 7.05 86.43
C GLU X 55 39.35 7.27 87.68
N LYS X 56 39.59 6.20 88.42
CA LYS X 56 40.35 6.27 89.67
C LYS X 56 41.37 5.14 89.68
N ILE X 57 42.65 5.48 89.56
CA ILE X 57 43.73 4.52 89.69
C ILE X 57 44.41 4.79 91.02
N ALA X 58 44.42 3.79 91.89
CA ALA X 58 45.20 3.83 93.12
C ALA X 58 46.16 2.66 93.09
N LYS X 59 47.46 2.94 93.25
CA LYS X 59 48.50 1.96 93.06
C LYS X 59 49.48 2.00 94.22
N SER X 60 50.03 0.83 94.56
CA SER X 60 50.88 0.69 95.74
C SER X 60 52.26 0.19 95.34
N MET X 61 53.30 0.70 96.01
CA MET X 61 54.68 0.20 95.78
C MET X 61 55.42 0.25 97.13
N ARG X 62 55.46 -0.87 97.85
CA ARG X 62 56.05 -1.00 99.17
C ARG X 62 57.25 -1.94 99.08
N ILE X 63 58.43 -1.44 99.39
CA ILE X 63 59.65 -2.23 99.37
C ILE X 63 60.32 -2.09 100.72
N SER X 64 60.97 -3.17 101.15
CA SER X 64 61.69 -3.16 102.43
C SER X 64 62.76 -4.23 102.38
N ALA X 65 64.01 -3.83 102.59
CA ALA X 65 65.13 -4.77 102.59
C ALA X 65 66.22 -4.24 103.49
N GLY X 66 66.98 -5.16 104.06
CA GLY X 66 68.09 -4.80 104.94
C GLY X 66 68.68 -6.00 105.66
N VAL X 78 71.77 -12.75 106.19
CA VAL X 78 70.36 -12.71 106.56
C VAL X 78 69.74 -11.42 106.04
N ASN X 79 69.58 -11.33 104.74
CA ASN X 79 68.99 -10.18 104.08
C ASN X 79 67.60 -10.54 103.58
N VAL X 80 66.62 -9.70 103.89
CA VAL X 80 65.24 -9.96 103.53
C VAL X 80 64.78 -8.90 102.54
N ASP X 81 63.76 -9.24 101.76
CA ASP X 81 63.17 -8.35 100.77
C ASP X 81 61.66 -8.45 100.84
N ILE X 82 60.99 -7.33 100.58
CA ILE X 82 59.54 -7.29 100.50
C ILE X 82 59.17 -6.39 99.32
N LEU X 83 58.27 -6.87 98.46
CA LEU X 83 57.89 -6.15 97.25
C LEU X 83 56.39 -6.33 97.06
N ASN X 84 55.61 -5.32 97.47
CA ASN X 84 54.15 -5.41 97.43
C ASN X 84 53.59 -4.38 96.46
N ARG X 85 52.65 -4.82 95.63
CA ARG X 85 52.01 -3.97 94.65
C ARG X 85 50.50 -4.06 94.80
N SER X 86 49.82 -3.02 94.31
CA SER X 86 48.37 -3.04 94.23
C SER X 86 47.96 -2.11 93.09
N GLU X 87 46.71 -2.27 92.66
CA GLU X 87 46.20 -1.45 91.57
C GLU X 87 44.67 -1.52 91.60
N PHE X 88 44.03 -0.38 91.78
CA PHE X 88 42.57 -0.30 91.83
C PHE X 88 42.11 0.65 90.74
N GLU X 89 41.26 0.16 89.84
CA GLU X 89 40.75 0.95 88.73
C GLU X 89 39.24 1.05 88.83
N THR X 90 38.71 2.19 88.42
CA THR X 90 37.27 2.41 88.38
C THR X 90 36.92 3.15 87.11
N SER X 91 35.73 2.86 86.57
CA SER X 91 35.26 3.56 85.37
C SER X 91 33.74 3.44 85.34
N THR X 92 33.04 4.48 85.76
CA THR X 92 31.59 4.54 85.71
C THR X 92 31.18 5.50 84.62
N LEU X 93 30.63 4.97 83.54
CA LEU X 93 30.08 5.76 82.45
C LEU X 93 28.57 5.60 82.43
N THR X 94 27.86 6.71 82.30
CA THR X 94 26.41 6.68 82.21
C THR X 94 25.97 7.59 81.07
N TYR X 95 24.86 7.25 80.43
CA TYR X 95 24.37 8.00 79.30
C TYR X 95 22.85 8.05 79.35
N GLU X 96 22.26 9.06 78.72
CA GLU X 96 20.81 9.18 78.67
C GLU X 96 20.43 10.22 77.63
N VAL X 97 19.50 9.86 76.75
CA VAL X 97 18.95 10.78 75.77
C VAL X 97 17.43 10.66 75.79
N LYS X 98 16.77 11.69 75.25
CA LYS X 98 15.31 11.70 75.16
C LYS X 98 14.93 12.57 73.97
N VAL X 99 14.54 11.92 72.87
CA VAL X 99 14.24 12.60 71.62
C VAL X 99 12.73 12.60 71.43
N LEU X 100 12.14 13.78 71.26
CA LEU X 100 10.71 13.93 71.04
C LEU X 100 10.50 14.59 69.69
N VAL X 101 9.68 13.95 68.85
CA VAL X 101 9.35 14.45 67.52
C VAL X 101 7.84 14.57 67.42
N GLN X 102 7.37 15.74 66.99
CA GLN X 102 5.94 15.98 66.83
C GLN X 102 5.71 16.64 65.48
N HIS X 103 4.87 16.01 64.66
CA HIS X 103 4.56 16.52 63.34
C HIS X 103 3.40 17.52 63.45
N GLN X 104 2.91 18.01 62.31
CA GLN X 104 1.74 18.86 62.27
C GLN X 104 0.76 18.32 61.24
N VAL X 105 -0.38 18.99 61.08
CA VAL X 105 -1.41 18.57 60.13
C VAL X 105 -1.28 19.45 58.90
N SER X 106 -1.20 18.82 57.74
CA SER X 106 -1.00 19.56 56.50
C SER X 106 -2.20 20.48 56.24
N VAL X 107 -1.92 21.64 55.66
CA VAL X 107 -2.93 22.67 55.44
C VAL X 107 -3.44 22.67 54.01
N LEU X 108 -2.95 21.78 53.15
CA LEU X 108 -3.28 21.78 51.73
C LEU X 108 -4.07 20.53 51.34
N ASP X 109 -5.01 20.12 52.19
CA ASP X 109 -5.87 18.98 51.92
C ASP X 109 -7.31 19.44 51.73
N LYS X 110 -8.10 18.59 51.08
CA LYS X 110 -9.51 18.86 50.83
C LYS X 110 -10.36 17.87 51.63
N HIS X 111 -11.39 18.39 52.28
CA HIS X 111 -12.28 17.59 53.11
C HIS X 111 -13.68 17.59 52.49
N SER X 112 -14.27 16.41 52.40
CA SER X 112 -15.59 16.22 51.80
C SER X 112 -16.46 15.41 52.75
N PHE X 113 -17.76 15.43 52.50
CA PHE X 113 -18.74 14.74 53.33
C PHE X 113 -19.58 13.80 52.47
N ASN X 114 -19.56 12.52 52.83
CA ASN X 114 -20.31 11.50 52.11
C ASN X 114 -21.60 11.18 52.85
N LYS X 115 -22.64 10.87 52.09
CA LYS X 115 -23.98 10.70 52.63
C LYS X 115 -24.24 9.25 52.96
N ILE X 116 -24.66 8.98 54.19
CA ILE X 116 -25.15 7.67 54.60
C ILE X 116 -26.61 7.84 55.00
N GLN X 117 -27.47 7.04 54.37
CA GLN X 117 -28.93 7.12 54.61
C GLN X 117 -29.27 6.43 55.95
N THR X 118 -29.80 7.20 56.90
CA THR X 118 -30.18 6.66 58.20
C THR X 118 -31.37 7.43 58.73
N THR X 119 -32.21 6.75 59.51
CA THR X 119 -33.31 7.42 60.19
C THR X 119 -32.83 8.16 61.44
N THR X 120 -31.62 7.88 61.89
CA THR X 120 -31.05 8.53 63.08
C THR X 120 -29.65 9.01 62.74
N PRO X 121 -29.52 10.02 61.88
CA PRO X 121 -28.18 10.47 61.49
C PRO X 121 -27.36 10.98 62.66
N HIS X 122 -28.01 11.39 63.74
CA HIS X 122 -27.28 11.90 64.89
C HIS X 122 -26.43 10.82 65.55
N ALA X 123 -27.02 9.64 65.75
CA ALA X 123 -26.28 8.56 66.40
C ALA X 123 -25.31 7.87 65.46
N THR X 124 -25.51 8.01 64.15
CA THR X 124 -24.60 7.40 63.20
C THR X 124 -23.40 8.31 62.94
N TYR X 125 -23.66 9.56 62.55
CA TYR X 125 -22.58 10.49 62.25
C TYR X 125 -21.87 10.96 63.52
N GLY X 126 -22.64 11.29 64.55
CA GLY X 126 -22.07 11.82 65.77
C GLY X 126 -22.01 13.33 65.77
N ASP X 127 -20.90 13.90 66.24
CA ASP X 127 -20.69 15.33 66.24
C ASP X 127 -19.51 15.76 65.39
N ARG X 128 -18.34 15.15 65.59
CA ARG X 128 -17.13 15.57 64.91
C ARG X 128 -16.44 14.37 64.28
N PHE X 129 -15.67 14.65 63.24
CA PHE X 129 -14.98 13.64 62.44
C PHE X 129 -13.48 13.74 62.62
N ILE X 130 -12.78 12.66 62.28
CA ILE X 130 -11.33 12.56 62.46
C ILE X 130 -10.69 13.01 61.15
N ALA X 131 -10.19 14.25 61.14
CA ALA X 131 -9.66 14.80 59.90
C ALA X 131 -8.24 14.31 59.63
N ASP X 132 -7.31 14.61 60.53
CA ASP X 132 -5.92 14.22 60.38
C ASP X 132 -5.40 13.72 61.71
N PHE X 133 -4.41 12.84 61.64
CA PHE X 133 -3.81 12.25 62.83
C PHE X 133 -2.51 12.98 63.15
N ILE X 134 -2.40 13.45 64.39
CA ILE X 134 -1.16 14.07 64.84
C ILE X 134 -0.14 12.98 65.08
N LYS X 135 0.98 13.04 64.35
CA LYS X 135 1.98 12.00 64.40
C LYS X 135 3.22 12.49 65.15
N GLY X 136 4.03 11.55 65.61
CA GLY X 136 5.21 11.87 66.37
C GLY X 136 6.12 10.68 66.63
N GLY X 137 6.99 10.80 67.61
CA GLY X 137 7.93 9.75 67.93
C GLY X 137 8.55 10.01 69.29
N HIS X 138 9.35 9.04 69.74
CA HIS X 138 9.91 9.10 71.08
C HIS X 138 11.18 8.28 71.13
N PHE X 139 12.11 8.69 72.00
CA PHE X 139 13.32 7.92 72.24
C PHE X 139 13.70 8.04 73.70
N TYR X 140 14.35 6.99 74.21
CA TYR X 140 14.72 6.96 75.62
C TYR X 140 15.80 5.90 75.78
N ALA X 141 17.00 6.32 76.15
CA ALA X 141 18.12 5.40 76.26
C ALA X 141 18.84 5.62 77.59
N ARG X 142 19.42 4.54 78.11
CA ARG X 142 20.22 4.59 79.32
C ARG X 142 21.33 3.56 79.20
N VAL X 143 22.57 4.01 79.29
CA VAL X 143 23.74 3.12 79.33
C VAL X 143 24.38 3.27 80.70
N SER X 144 24.72 2.14 81.32
CA SER X 144 25.36 2.13 82.64
C SER X 144 26.55 1.19 82.55
N ILE X 145 27.69 1.71 82.13
CA ILE X 145 28.92 0.94 82.04
C ILE X 145 29.58 0.96 83.41
N THR X 146 29.68 -0.19 84.07
CA THR X 146 30.24 -0.27 85.45
C THR X 146 31.75 -0.23 85.37
N ALA X 147 32.42 -0.12 86.52
CA ALA X 147 33.90 -0.04 86.62
C ALA X 147 34.57 -1.32 86.13
N LYS X 148 35.89 -1.31 86.02
CA LYS X 148 36.65 -2.54 85.68
C LYS X 148 37.04 -3.17 87.01
N ASN X 149 37.28 -2.35 88.04
CA ASN X 149 37.78 -2.85 89.33
C ASN X 149 39.00 -3.73 89.14
N SER X 150 39.94 -3.23 88.34
CA SER X 150 41.22 -3.92 88.20
C SER X 150 41.87 -4.04 89.57
N SER X 151 42.40 -5.23 89.85
CA SER X 151 42.93 -5.52 91.18
C SER X 151 44.31 -6.15 91.09
N GLU X 152 45.21 -5.58 90.30
CA GLU X 152 46.57 -6.10 90.18
C GLU X 152 47.26 -5.97 91.53
N THR X 153 47.64 -7.10 92.13
CA THR X 153 48.38 -7.13 93.38
C THR X 153 49.49 -8.16 93.27
N SER X 154 50.51 -8.02 94.11
CA SER X 154 51.62 -8.96 94.11
C SER X 154 52.47 -8.76 95.36
N GLU X 155 53.20 -9.81 95.74
CA GLU X 155 54.08 -9.79 96.89
C GLU X 155 55.30 -10.63 96.56
N LEU X 156 56.44 -10.29 97.16
CA LEU X 156 57.67 -11.04 96.98
C LEU X 156 58.45 -11.04 98.29
N LYS X 157 59.22 -12.09 98.52
CA LYS X 157 59.96 -12.28 99.78
C LYS X 157 61.25 -13.04 99.49
N GLN X 158 62.39 -12.34 99.58
CA GLN X 158 63.70 -12.95 99.34
C GLN X 158 64.52 -12.91 100.63
N SER X 159 64.48 -14.01 101.37
CA SER X 159 65.29 -14.15 102.57
C SER X 159 66.62 -14.81 102.22
N ALA X 160 67.71 -14.06 102.37
CA ALA X 160 69.03 -14.57 102.06
C ALA X 160 69.11 -15.09 100.64
N THR X 174 70.92 -20.65 101.86
CA THR X 174 69.50 -20.54 102.14
C THR X 174 68.84 -19.45 101.30
N GLN X 175 67.65 -19.76 100.79
CA GLN X 175 66.95 -18.86 99.90
C GLN X 175 65.45 -19.07 100.08
N GLU X 176 64.67 -18.06 99.70
CA GLU X 176 63.23 -18.13 99.84
C GLU X 176 62.59 -17.18 98.83
N VAL X 177 61.53 -17.64 98.17
CA VAL X 177 60.75 -16.83 97.25
C VAL X 177 59.27 -17.08 97.52
N GLU X 178 58.48 -16.02 97.52
CA GLU X 178 57.04 -16.11 97.85
C GLU X 178 56.30 -15.09 96.97
N ARG X 179 55.66 -15.57 95.92
CA ARG X 179 54.88 -14.73 95.02
C ARG X 179 53.41 -15.14 94.97
N ALA X 180 52.85 -15.65 96.07
CA ALA X 180 51.47 -16.12 96.09
C ALA X 180 50.51 -14.95 96.32
N VAL X 181 50.61 -13.92 95.48
CA VAL X 181 49.69 -12.80 95.52
C VAL X 181 49.49 -12.31 94.09
N SER X 182 48.26 -12.38 93.60
CA SER X 182 47.94 -11.95 92.25
C SER X 182 46.42 -11.98 92.07
N SER X 183 45.88 -10.93 91.46
CA SER X 183 44.45 -10.85 91.21
C SER X 183 44.23 -9.91 90.03
N ILE X 184 43.06 -10.00 89.42
CA ILE X 184 42.74 -9.26 88.21
C ILE X 184 41.34 -8.65 88.35
N LYS X 185 40.99 -7.81 87.38
CA LYS X 185 39.72 -7.10 87.36
C LYS X 185 38.55 -8.06 87.40
N ARG X 186 37.49 -7.64 88.07
CA ARG X 186 36.21 -8.35 87.98
C ARG X 186 35.11 -7.29 88.09
N ASN X 187 34.76 -6.70 86.95
CA ASN X 187 33.53 -5.93 86.83
C ASN X 187 33.33 -5.51 85.38
N ALA X 188 32.15 -5.78 84.82
CA ALA X 188 31.79 -5.25 83.51
C ALA X 188 30.27 -5.36 83.38
N SER X 189 29.57 -4.26 83.62
CA SER X 189 28.12 -4.22 83.56
C SER X 189 27.69 -3.24 82.48
N VAL X 190 26.89 -3.70 81.54
CA VAL X 190 26.35 -2.86 80.48
C VAL X 190 24.83 -3.01 80.54
N LYS X 191 24.17 -2.06 81.19
CA LYS X 191 22.71 -2.01 81.22
C LYS X 191 22.25 -1.04 80.13
N ILE X 192 21.48 -1.55 79.19
CA ILE X 192 20.95 -0.76 78.09
C ILE X 192 19.44 -0.88 78.10
N THR X 193 18.75 0.26 78.10
CA THR X 193 17.30 0.30 77.89
C THR X 193 17.04 1.26 76.73
N ILE X 194 16.30 0.80 75.74
CA ILE X 194 15.97 1.62 74.58
C ILE X 194 14.46 1.54 74.37
N ILE X 195 13.79 2.68 74.40
CA ILE X 195 12.35 2.75 74.20
C ILE X 195 12.10 3.65 73.00
N GLU X 196 11.48 3.10 71.97
CA GLU X 196 11.33 3.79 70.69
C GLU X 196 9.89 3.73 70.21
N SER X 197 9.48 4.80 69.53
CA SER X 197 8.19 4.87 68.85
C SER X 197 8.46 5.52 67.50
N THR X 198 8.75 4.69 66.50
CA THR X 198 9.13 5.19 65.18
C THR X 198 8.29 4.55 64.09
N GLY X 199 8.66 4.79 62.84
CA GLY X 199 7.91 4.26 61.72
C GLY X 199 8.82 3.62 60.69
N THR X 200 8.21 2.79 59.85
CA THR X 200 8.94 2.09 58.81
C THR X 200 9.29 3.02 57.67
N SER X 201 10.36 2.69 56.94
CA SER X 201 10.76 3.47 55.79
C SER X 201 9.72 3.36 54.68
N SER X 216 32.09 -0.56 72.94
CA SER X 216 31.64 0.65 72.26
C SER X 216 30.13 0.75 72.32
N ASP X 217 29.53 0.22 73.38
CA ASP X 217 28.08 0.29 73.49
C ASP X 217 27.60 1.71 73.73
N LEU X 218 28.43 2.54 74.36
CA LEU X 218 28.06 3.94 74.52
C LEU X 218 27.95 4.63 73.16
N LEU X 219 28.87 4.35 72.24
CA LEU X 219 28.81 4.93 70.91
C LEU X 219 27.67 4.34 70.09
N ALA X 220 27.39 3.05 70.25
CA ALA X 220 26.32 2.43 69.47
C ALA X 220 24.98 3.08 69.79
N VAL X 221 24.70 3.31 71.06
CA VAL X 221 23.47 4.00 71.44
C VAL X 221 23.46 5.40 70.86
N LYS X 222 24.62 6.06 70.83
CA LYS X 222 24.70 7.42 70.32
C LYS X 222 24.34 7.48 68.84
N GLU X 223 24.82 6.53 68.05
CA GLU X 223 24.53 6.56 66.62
C GLU X 223 23.04 6.40 66.37
N LYS X 224 22.38 5.47 67.05
CA LYS X 224 20.93 5.36 66.92
C LYS X 224 20.25 6.62 67.44
N ALA X 225 20.76 7.19 68.53
CA ALA X 225 20.20 8.44 69.03
C ALA X 225 20.39 9.57 68.04
N ASP X 226 21.59 9.70 67.46
CA ASP X 226 21.82 10.74 66.48
C ASP X 226 21.12 10.41 65.17
N GLN X 227 21.19 9.16 64.72
CA GLN X 227 20.48 8.78 63.51
C GLN X 227 18.99 9.04 63.66
N PHE X 228 18.46 8.92 64.87
CA PHE X 228 17.06 9.25 65.09
C PHE X 228 16.80 10.71 64.74
N TYR X 229 17.69 11.59 65.19
CA TYR X 229 17.59 13.03 64.88
C TYR X 229 17.59 13.16 63.37
N LYS X 230 18.63 12.66 62.70
CA LYS X 230 18.73 12.79 61.26
C LYS X 230 17.59 12.05 60.57
N ASP X 231 17.15 10.93 61.14
CA ASP X 231 16.07 10.17 60.52
C ASP X 231 14.79 11.00 60.42
N ALA X 232 14.52 11.81 61.42
CA ALA X 232 13.30 12.61 61.39
C ALA X 232 13.26 13.50 60.15
N ASP X 233 14.39 14.08 59.76
CA ASP X 233 14.39 14.98 58.61
C ASP X 233 13.86 14.29 57.37
N SER X 234 14.16 13.00 57.21
CA SER X 234 13.58 12.23 56.11
C SER X 234 12.09 12.03 56.28
N GLY X 235 11.53 12.36 57.44
CA GLY X 235 10.11 12.26 57.65
C GLY X 235 9.58 10.84 57.68
N LYS X 236 10.31 9.92 58.31
CA LYS X 236 9.84 8.56 58.52
C LYS X 236 9.29 8.33 59.92
N HIS X 237 9.21 9.38 60.74
CA HIS X 237 8.70 9.23 62.11
C HIS X 237 7.20 9.47 62.10
N SER X 238 6.47 8.47 61.62
CA SER X 238 5.03 8.56 61.49
C SER X 238 4.44 7.56 62.48
N TYR X 239 4.25 8.01 63.72
CA TYR X 239 3.58 7.24 64.75
C TYR X 239 2.38 8.03 65.22
N VAL X 240 1.23 7.36 65.28
CA VAL X 240 -0.02 8.06 65.58
C VAL X 240 -0.06 8.37 67.07
N LEU X 241 -0.19 9.65 67.41
CA LEU X 241 -0.26 10.08 68.79
C LEU X 241 -1.63 10.68 69.14
N PHE X 242 -2.06 11.70 68.42
CA PHE X 242 -3.32 12.39 68.69
C PHE X 242 -4.14 12.47 67.42
N ALA X 243 -5.44 12.70 67.60
CA ALA X 243 -6.37 12.87 66.50
C ALA X 243 -7.01 14.25 66.59
N VAL X 244 -7.04 14.96 65.47
CA VAL X 244 -7.58 16.31 65.40
C VAL X 244 -9.03 16.23 64.96
N LEU X 245 -9.91 16.89 65.69
CA LEU X 245 -11.35 16.82 65.46
C LEU X 245 -11.80 18.03 64.64
N GLY X 246 -12.76 17.80 63.75
CA GLY X 246 -13.33 18.86 62.95
C GLY X 246 -14.85 18.78 62.96
N LYS X 247 -15.48 19.94 62.80
CA LYS X 247 -16.93 20.03 62.88
C LYS X 247 -17.53 19.85 61.50
N TYR X 248 -18.60 19.05 61.43
CA TYR X 248 -19.22 18.75 60.15
C TYR X 248 -19.77 19.99 59.46
N ARG X 249 -20.03 21.06 60.22
CA ARG X 249 -20.58 22.26 59.61
C ARG X 249 -19.58 22.92 58.67
N ASN X 250 -18.31 22.91 59.05
CA ASN X 250 -17.27 23.57 58.26
C ASN X 250 -17.01 22.89 56.93
N LEU X 251 -17.53 21.67 56.71
CA LEU X 251 -17.36 21.02 55.42
C LEU X 251 -18.10 21.79 54.34
N SER X 252 -17.43 22.01 53.21
CA SER X 252 -18.09 22.67 52.10
C SER X 252 -19.25 21.81 51.58
N ASN X 253 -19.02 20.50 51.42
CA ASN X 253 -20.01 19.61 50.85
C ASN X 253 -21.19 19.40 51.78
N PHE X 254 -21.09 19.82 53.03
CA PHE X 254 -22.19 19.70 53.98
C PHE X 254 -23.28 20.70 53.59
N GLU X 255 -24.39 20.19 53.10
CA GLU X 255 -25.59 20.98 52.86
C GLU X 255 -26.59 20.82 53.98
N SER X 256 -26.11 20.72 55.22
CA SER X 256 -26.96 20.59 56.39
C SER X 256 -27.80 19.31 56.30
N TYR X 257 -27.09 18.19 56.24
CA TYR X 257 -27.76 16.89 56.30
C TYR X 257 -28.48 16.71 57.62
N PHE X 258 -28.04 17.41 58.66
CA PHE X 258 -28.67 17.32 59.97
C PHE X 258 -28.20 18.51 60.79
N ALA X 259 -28.65 18.57 62.04
CA ALA X 259 -28.26 19.64 62.94
C ALA X 259 -27.41 19.04 64.06
N PRO X 260 -26.09 19.13 63.99
CA PRO X 260 -25.27 18.51 65.03
C PRO X 260 -25.52 19.15 66.39
N PHE X 261 -25.48 18.32 67.42
CA PHE X 261 -25.61 18.82 68.78
C PHE X 261 -24.31 19.46 69.23
N ASP X 262 -24.41 20.32 70.26
CA ASP X 262 -23.23 20.94 70.92
C ASP X 262 -23.25 20.37 72.34
N TYR X 263 -22.43 19.37 72.64
CA TYR X 263 -22.44 18.64 73.90
C TYR X 263 -21.61 19.32 74.98
N GLN X 264 -21.03 20.47 74.70
CA GLN X 264 -20.19 21.13 75.71
C GLN X 264 -20.96 21.37 76.99
N MET X 265 -22.15 21.96 76.89
CA MET X 265 -22.96 22.20 78.09
C MET X 265 -23.54 20.91 78.65
N ALA X 266 -24.00 20.02 77.77
CA ALA X 266 -24.60 18.77 78.25
C ALA X 266 -23.59 17.95 79.05
N SER X 267 -22.35 17.86 78.56
CA SER X 267 -21.33 17.13 79.31
C SER X 267 -21.05 17.80 80.64
N LEU X 268 -20.99 19.13 80.65
CA LEU X 268 -20.74 19.84 81.91
C LEU X 268 -21.84 19.54 82.92
N ARG X 269 -23.11 19.61 82.49
CA ARG X 269 -24.21 19.36 83.41
C ARG X 269 -24.18 17.93 83.92
N SER X 270 -23.92 16.97 83.04
CA SER X 270 -24.00 15.55 83.39
C SER X 270 -22.62 15.00 83.75
N TRP X 271 -21.98 15.61 84.74
CA TRP X 271 -20.72 15.09 85.27
C TRP X 271 -20.93 14.24 86.52
N ALA X 272 -21.87 14.61 87.39
CA ALA X 272 -22.15 13.79 88.55
C ALA X 272 -22.57 12.38 88.16
N LEU X 273 -23.17 12.22 86.98
CA LEU X 273 -23.56 10.90 86.51
C LEU X 273 -22.36 10.12 85.99
N PHE X 274 -21.44 10.80 85.29
CA PHE X 274 -20.29 10.10 84.72
C PHE X 274 -19.43 9.48 85.81
N ASN X 275 -19.22 10.20 86.91
CA ASN X 275 -18.44 9.62 88.00
C ASN X 275 -19.15 8.40 88.61
N ASP X 276 -20.46 8.49 88.79
CA ASP X 276 -21.20 7.37 89.37
C ASP X 276 -21.10 6.14 88.48
N PHE X 277 -20.86 6.32 87.18
CA PHE X 277 -20.67 5.18 86.29
C PHE X 277 -19.42 4.40 86.67
N THR X 278 -18.28 5.09 86.77
CA THR X 278 -17.04 4.40 87.09
C THR X 278 -17.13 3.73 88.46
N LEU X 279 -17.72 4.42 89.43
CA LEU X 279 -17.83 3.83 90.76
C LEU X 279 -18.69 2.56 90.74
N TYR X 280 -19.81 2.58 90.02
CA TYR X 280 -20.68 1.42 89.97
C TYR X 280 -20.00 0.24 89.28
N LYS X 281 -19.28 0.50 88.18
CA LYS X 281 -18.54 -0.56 87.53
C LYS X 281 -17.48 -1.15 88.44
N ALA X 282 -16.79 -0.29 89.20
CA ALA X 282 -15.77 -0.78 90.12
C ALA X 282 -16.37 -1.69 91.19
N ILE X 283 -17.53 -1.33 91.73
CA ILE X 283 -18.11 -2.12 92.82
C ILE X 283 -18.79 -3.39 92.34
N GLU X 284 -18.90 -3.61 91.03
CA GLU X 284 -19.27 -4.94 90.56
C GLU X 284 -18.20 -5.94 90.95
N THR X 285 -16.93 -5.57 90.73
CA THR X 285 -15.82 -6.43 91.15
C THR X 285 -15.71 -6.55 92.66
N MET X 286 -16.19 -5.55 93.41
CA MET X 286 -16.30 -5.72 94.86
C MET X 286 -16.98 -7.02 95.21
N ILE X 287 -18.21 -7.21 94.71
CA ILE X 287 -19.00 -8.37 95.10
C ILE X 287 -18.38 -9.65 94.57
N LYS X 288 -17.98 -9.66 93.29
CA LYS X 288 -17.48 -10.88 92.69
C LYS X 288 -16.21 -11.35 93.37
N ALA X 289 -15.30 -10.42 93.69
CA ALA X 289 -14.01 -10.81 94.22
C ALA X 289 -14.13 -11.53 95.56
N VAL X 290 -14.97 -11.05 96.47
CA VAL X 290 -15.04 -11.59 97.82
C VAL X 290 -15.74 -12.94 97.80
N PRO X 291 -15.28 -13.91 98.58
CA PRO X 291 -15.85 -15.27 98.50
C PRO X 291 -17.19 -15.38 99.21
N GLU X 292 -17.77 -16.56 99.08
CA GLU X 292 -19.09 -16.82 99.66
C GLU X 292 -19.01 -16.95 101.18
N SER X 293 -17.91 -17.48 101.70
CA SER X 293 -17.81 -17.81 103.11
C SER X 293 -17.69 -16.59 104.01
N LYS X 294 -17.87 -15.38 103.48
CA LYS X 294 -17.75 -14.16 104.27
C LYS X 294 -18.87 -13.19 103.92
N PHE X 295 -20.03 -13.78 103.59
CA PHE X 295 -21.25 -12.97 103.33
C PHE X 295 -22.18 -13.23 104.49
N LYS X 296 -22.91 -12.22 104.95
CA LYS X 296 -23.77 -12.38 106.11
C LYS X 296 -24.93 -13.32 105.82
N ASP X 297 -25.65 -13.10 104.72
CA ASP X 297 -26.83 -13.89 104.43
C ASP X 297 -26.52 -15.23 103.80
N GLY X 298 -25.27 -15.46 103.37
CA GLY X 298 -24.88 -16.74 102.83
C GLY X 298 -25.12 -16.85 101.34
N PRO X 299 -25.72 -17.96 100.90
CA PRO X 299 -25.77 -18.21 99.45
C PRO X 299 -26.54 -17.15 98.67
N GLU X 300 -27.80 -16.91 99.04
CA GLU X 300 -28.64 -16.00 98.25
C GLU X 300 -28.35 -14.55 98.62
N ARG X 301 -27.07 -14.18 98.62
CA ARG X 301 -26.68 -12.80 98.84
C ARG X 301 -25.76 -12.35 97.72
N LYS X 302 -24.98 -13.27 97.17
CA LYS X 302 -24.11 -12.93 96.06
C LYS X 302 -24.90 -12.53 94.83
N THR X 303 -25.93 -13.30 94.48
CA THR X 303 -26.56 -13.10 93.19
C THR X 303 -27.42 -11.84 93.17
N GLN X 304 -28.23 -11.59 94.20
CA GLN X 304 -29.06 -10.39 94.17
C GLN X 304 -28.29 -9.14 94.58
N LEU X 305 -27.12 -9.28 95.20
CA LEU X 305 -26.23 -8.14 95.29
C LEU X 305 -25.57 -7.88 93.95
N ILE X 306 -25.13 -8.94 93.27
CA ILE X 306 -24.60 -8.77 91.92
C ILE X 306 -25.68 -8.28 90.99
N LYS X 307 -26.88 -8.87 91.05
CA LYS X 307 -27.94 -8.45 90.15
C LYS X 307 -28.42 -7.05 90.46
N GLN X 308 -28.50 -6.68 91.74
CA GLN X 308 -28.96 -5.35 92.10
C GLN X 308 -28.02 -4.29 91.54
N ALA X 309 -26.71 -4.53 91.61
CA ALA X 309 -25.75 -3.58 91.07
C ALA X 309 -25.87 -3.45 89.55
N ILE X 310 -25.99 -4.59 88.86
CA ILE X 310 -26.07 -4.55 87.41
C ILE X 310 -27.41 -3.97 86.96
N ASN X 311 -28.48 -4.27 87.67
CA ASN X 311 -29.78 -3.70 87.29
C ASN X 311 -29.74 -2.18 87.32
N ILE X 312 -29.12 -1.60 88.35
CA ILE X 312 -29.00 -0.15 88.40
C ILE X 312 -27.85 0.36 87.54
N PHE X 313 -26.94 -0.52 87.14
CA PHE X 313 -25.96 -0.14 86.11
C PHE X 313 -26.66 0.11 84.78
N GLU X 314 -27.72 -0.66 84.50
CA GLU X 314 -28.52 -0.41 83.31
C GLU X 314 -29.17 0.97 83.35
N THR X 315 -29.68 1.36 84.51
CA THR X 315 -30.44 2.60 84.61
C THR X 315 -29.57 3.80 84.26
N ILE X 316 -28.32 3.81 84.72
CA ILE X 316 -27.45 4.94 84.41
C ILE X 316 -26.84 4.83 83.03
N ARG X 317 -26.61 3.62 82.52
CA ARG X 317 -26.09 3.48 81.17
C ARG X 317 -27.11 3.92 80.13
N ASP X 318 -28.39 3.56 80.35
CA ASP X 318 -29.42 3.99 79.42
C ASP X 318 -29.71 5.47 79.55
N ARG X 319 -29.46 6.05 80.73
CA ARG X 319 -29.57 7.50 80.85
C ARG X 319 -28.51 8.17 79.99
N VAL X 320 -27.29 7.63 79.98
CA VAL X 320 -26.25 8.17 79.10
C VAL X 320 -26.64 8.01 77.64
N ILE X 321 -27.15 6.84 77.28
CA ILE X 321 -27.58 6.63 75.90
C ILE X 321 -28.74 7.54 75.55
N LEU X 322 -29.55 7.89 76.54
CA LEU X 322 -30.64 8.85 76.29
C LEU X 322 -30.10 10.24 76.03
N ILE X 323 -29.03 10.64 76.73
CA ILE X 323 -28.47 11.96 76.49
C ILE X 323 -27.97 12.08 75.05
N SER X 324 -27.56 10.97 74.45
CA SER X 324 -27.17 11.01 73.05
C SER X 324 -28.33 11.45 72.18
N GLU X 325 -29.52 10.88 72.40
CA GLU X 325 -30.68 11.28 71.61
C GLU X 325 -31.19 12.65 72.02
N HIS X 326 -31.20 12.93 73.33
CA HIS X 326 -31.76 14.18 73.85
C HIS X 326 -30.78 14.81 74.83
N PRO X 327 -29.81 15.59 74.35
CA PRO X 327 -28.93 16.31 75.29
C PRO X 327 -29.67 17.34 76.11
N GLU X 328 -30.82 17.83 75.66
CA GLU X 328 -31.62 18.70 76.49
C GLU X 328 -32.13 17.99 77.73
N ALA X 329 -32.17 16.66 77.71
CA ALA X 329 -32.59 15.89 78.87
C ALA X 329 -31.55 15.89 79.98
N ALA X 330 -30.46 16.63 79.84
CA ALA X 330 -29.47 16.73 80.91
C ALA X 330 -30.03 17.42 82.15
N LYS X 331 -31.11 18.19 82.01
CA LYS X 331 -31.67 18.89 83.16
C LYS X 331 -32.18 17.93 84.21
N GLU X 332 -32.88 16.87 83.81
CA GLU X 332 -33.52 16.00 84.77
C GLU X 332 -32.50 15.44 85.76
N ASP X 333 -32.87 15.45 87.03
CA ASP X 333 -31.98 14.95 88.06
C ASP X 333 -31.90 13.42 88.00
N PRO X 334 -30.86 12.82 88.55
CA PRO X 334 -30.77 11.36 88.58
C PRO X 334 -31.95 10.76 89.33
N ASP X 335 -32.39 9.58 88.87
CA ASP X 335 -33.47 8.84 89.50
C ASP X 335 -33.00 7.46 89.95
N HIS X 336 -31.72 7.35 90.29
CA HIS X 336 -31.11 6.08 90.64
C HIS X 336 -30.45 6.19 92.00
N MET X 337 -30.32 5.04 92.67
CA MET X 337 -29.72 5.02 94.00
C MET X 337 -28.27 5.49 93.94
N LYS X 338 -27.84 6.19 94.98
CA LYS X 338 -26.50 6.73 95.01
C LYS X 338 -25.48 5.59 95.11
N PRO X 339 -24.29 5.75 94.53
CA PRO X 339 -23.23 4.76 94.82
C PRO X 339 -22.88 4.67 96.28
N GLY X 340 -22.92 5.79 97.00
CA GLY X 340 -22.63 5.74 98.42
C GLY X 340 -23.63 4.88 99.18
N ASP X 341 -24.92 5.08 98.93
CA ASP X 341 -25.93 4.29 99.64
C ASP X 341 -25.83 2.82 99.27
N PHE X 342 -25.68 2.52 97.98
CA PHE X 342 -25.54 1.13 97.58
C PHE X 342 -24.23 0.54 98.10
N ARG X 343 -23.15 1.33 98.10
CA ARG X 343 -21.91 0.84 98.68
C ARG X 343 -22.11 0.51 100.16
N LEU X 344 -22.78 1.40 100.89
CA LEU X 344 -23.12 1.11 102.27
C LEU X 344 -23.82 -0.24 102.38
N GLU X 345 -24.78 -0.49 101.49
CA GLU X 345 -25.47 -1.78 101.51
C GLU X 345 -24.50 -2.93 101.32
N VAL X 346 -23.46 -2.74 100.50
CA VAL X 346 -22.49 -3.80 100.27
C VAL X 346 -21.77 -4.17 101.58
N LEU X 347 -21.25 -3.17 102.29
CA LEU X 347 -20.47 -3.46 103.49
C LEU X 347 -21.34 -3.89 104.66
N ASN X 348 -22.61 -3.51 104.69
CA ASN X 348 -23.46 -3.93 105.80
C ASN X 348 -23.65 -5.44 105.83
N SER X 349 -23.64 -6.08 104.67
CA SER X 349 -23.89 -7.52 104.56
C SER X 349 -22.61 -8.32 104.53
N ILE X 350 -21.59 -7.88 105.25
CA ILE X 350 -20.28 -8.51 105.26
C ILE X 350 -19.94 -8.92 106.69
N GLN X 351 -19.57 -10.20 106.87
CA GLN X 351 -19.12 -10.67 108.16
C GLN X 351 -17.79 -10.04 108.54
N THR X 352 -17.52 -10.01 109.84
CA THR X 352 -16.37 -9.30 110.37
C THR X 352 -15.67 -10.17 111.41
N LYS X 353 -14.44 -9.80 111.74
CA LYS X 353 -13.63 -10.51 112.72
C LYS X 353 -13.42 -9.63 113.94
N LEU X 354 -13.60 -10.21 115.12
CA LEU X 354 -13.57 -9.48 116.37
C LEU X 354 -12.14 -9.46 116.91
N PHE X 355 -11.31 -8.61 116.30
CA PHE X 355 -9.93 -8.49 116.75
C PHE X 355 -9.94 -7.81 118.10
N HIS X 356 -9.93 -8.61 119.17
CA HIS X 356 -9.95 -8.08 120.56
C HIS X 356 -8.49 -7.87 120.99
N ALA X 357 -8.01 -6.63 120.88
CA ALA X 357 -6.63 -6.33 121.25
C ALA X 357 -6.44 -6.57 122.74
N GLN X 358 -5.28 -7.11 123.11
CA GLN X 358 -4.98 -7.48 124.48
C GLN X 358 -3.62 -6.92 124.86
N SER X 359 -3.51 -6.45 126.10
CA SER X 359 -2.30 -5.80 126.58
C SER X 359 -1.43 -6.84 127.27
N GLN X 360 -0.37 -7.26 126.59
CA GLN X 360 0.55 -8.23 127.17
C GLN X 360 1.33 -7.61 128.33
N PRO X 361 1.40 -8.31 129.49
CA PRO X 361 2.23 -7.81 130.59
C PRO X 361 3.67 -8.30 130.50
N ILE X 362 4.61 -7.36 130.51
CA ILE X 362 6.03 -7.71 130.44
C ILE X 362 6.70 -7.29 131.75
N PRO X 363 7.58 -8.10 132.32
CA PRO X 363 8.25 -7.70 133.56
C PRO X 363 9.05 -6.43 133.39
N ASN X 364 9.29 -5.74 134.51
CA ASN X 364 10.02 -4.48 134.53
C ASN X 364 9.21 -3.37 133.87
N THR X 365 7.90 -3.36 134.13
CA THR X 365 7.01 -2.34 133.63
C THR X 365 5.92 -2.06 134.67
N ASP X 366 5.75 -0.79 135.00
CA ASP X 366 4.77 -0.35 135.98
C ASP X 366 3.82 0.64 135.31
N ASP X 367 2.52 0.31 135.34
CA ASP X 367 1.48 1.11 134.69
C ASP X 367 1.69 1.21 133.18
N TYR X 368 2.58 0.38 132.63
CA TYR X 368 2.86 0.35 131.21
C TYR X 368 2.71 -1.09 130.73
N TRP X 369 1.86 -1.30 129.73
CA TRP X 369 1.58 -2.62 129.20
C TRP X 369 2.11 -2.73 127.77
N THR X 370 1.85 -3.85 127.12
CA THR X 370 2.24 -4.07 125.73
C THR X 370 1.01 -4.54 124.97
N ASP X 371 0.46 -3.67 124.12
CA ASP X 371 -0.77 -3.95 123.39
C ASP X 371 -0.44 -4.84 122.19
N VAL X 372 -1.04 -6.03 122.17
CA VAL X 372 -0.92 -6.95 121.04
C VAL X 372 -2.31 -7.17 120.47
N ILE X 373 -2.46 -6.88 119.17
CA ILE X 373 -3.75 -7.00 118.49
C ILE X 373 -3.81 -8.42 117.93
N LEU X 374 -4.20 -9.37 118.77
CA LEU X 374 -4.36 -10.76 118.37
C LEU X 374 -5.75 -11.24 118.70
N THR X 375 -6.34 -12.00 117.78
CA THR X 375 -7.69 -12.52 117.95
C THR X 375 -7.77 -13.61 119.00
N THR X 376 -6.65 -14.24 119.34
CA THR X 376 -6.66 -15.32 120.32
C THR X 376 -6.61 -14.76 121.73
N LYS X 377 -7.49 -15.26 122.59
CA LYS X 377 -7.53 -14.82 123.98
C LYS X 377 -6.24 -15.22 124.68
N GLY X 378 -5.68 -14.29 125.45
CA GLY X 378 -4.45 -14.55 126.18
C GLY X 378 -4.68 -14.60 127.68
N SER X 379 -3.67 -15.09 128.41
CA SER X 379 -3.73 -15.19 129.87
C SER X 379 -2.94 -14.04 130.48
N GLY X 380 -3.62 -13.24 131.31
CA GLY X 380 -2.97 -12.11 131.96
C GLY X 380 -2.85 -10.87 131.10
N ASN X 381 -3.35 -10.94 129.87
CA ASN X 381 -3.29 -9.78 128.94
C ASN X 381 -4.59 -8.98 129.05
N GLN X 382 -4.49 -7.66 129.28
CA GLN X 382 -5.69 -6.85 129.44
C GLN X 382 -6.34 -6.59 128.10
N PRO X 383 -7.59 -7.00 127.87
CA PRO X 383 -8.27 -6.65 126.61
C PRO X 383 -8.60 -5.17 126.54
N LEU X 384 -8.39 -4.58 125.36
CA LEU X 384 -8.64 -3.16 125.14
C LEU X 384 -10.03 -2.90 124.57
N PHE X 385 -10.31 -3.43 123.39
CA PHE X 385 -11.63 -3.30 122.77
C PHE X 385 -11.83 -4.47 121.82
N THR X 386 -13.09 -4.82 121.61
CA THR X 386 -13.48 -5.88 120.68
C THR X 386 -14.37 -5.27 119.61
N PHE X 387 -13.95 -5.38 118.36
CA PHE X 387 -14.58 -4.68 117.24
C PHE X 387 -14.64 -5.54 116.00
N PRO X 388 -15.68 -5.40 115.19
CA PRO X 388 -15.69 -6.07 113.89
C PRO X 388 -14.54 -5.57 113.03
N ALA X 389 -13.94 -6.47 112.25
CA ALA X 389 -12.87 -6.13 111.34
C ALA X 389 -12.94 -7.02 110.10
N PHE X 390 -12.15 -6.66 109.09
CA PHE X 390 -12.16 -7.34 107.80
C PHE X 390 -10.90 -8.18 107.70
N ASP X 391 -11.09 -9.49 107.53
CA ASP X 391 -10.00 -10.45 107.50
C ASP X 391 -9.67 -10.93 106.09
N PHE X 392 -10.10 -10.19 105.07
CA PHE X 392 -9.86 -10.57 103.70
C PHE X 392 -9.87 -9.33 102.83
N GLY X 393 -9.05 -9.36 101.79
CA GLY X 393 -8.94 -8.22 100.90
C GLY X 393 -10.12 -8.17 99.97
N ASP X 394 -9.87 -7.83 98.70
CA ASP X 394 -10.90 -7.81 97.67
C ASP X 394 -12.01 -6.80 97.95
N LEU X 395 -11.86 -5.96 98.97
CA LEU X 395 -12.81 -4.90 99.27
C LEU X 395 -12.07 -3.58 99.09
N ILE X 396 -12.34 -2.88 97.98
CA ILE X 396 -11.58 -1.67 97.68
C ILE X 396 -11.81 -0.66 98.81
N GLY X 397 -10.84 0.23 98.97
CA GLY X 397 -10.88 1.18 100.05
C GLY X 397 -10.35 0.67 101.37
N THR X 398 -9.68 -0.48 101.37
CA THR X 398 -9.16 -1.12 102.61
C THR X 398 -7.69 -1.45 102.48
N GLU X 399 -6.94 -1.38 103.57
CA GLU X 399 -5.53 -1.72 103.62
C GLU X 399 -5.24 -2.55 104.87
N VAL X 400 -4.17 -3.32 104.81
CA VAL X 400 -3.83 -4.30 105.83
C VAL X 400 -2.78 -3.73 106.76
N VAL X 401 -2.87 -4.10 108.04
CA VAL X 401 -1.90 -3.75 109.07
C VAL X 401 -1.29 -5.05 109.56
N SER X 402 -0.16 -5.44 108.97
CA SER X 402 0.46 -6.73 109.22
C SER X 402 1.63 -6.53 110.16
N PHE X 403 1.47 -6.95 111.41
CA PHE X 403 2.55 -6.84 112.38
C PHE X 403 3.74 -7.66 111.90
N GLY X 404 4.94 -7.10 112.05
CA GLY X 404 6.17 -7.80 111.73
C GLY X 404 6.91 -8.20 112.99
N LYS X 405 6.92 -9.50 113.29
CA LYS X 405 7.64 -10.02 114.44
C LYS X 405 8.90 -10.73 113.96
N LYS X 406 10.03 -10.31 114.49
CA LYS X 406 11.30 -10.92 114.09
C LYS X 406 11.33 -12.39 114.48
N LYS X 407 11.41 -13.27 113.49
CA LYS X 407 11.65 -14.68 113.78
C LYS X 407 13.05 -14.90 114.31
N ASN X 408 14.00 -14.07 113.85
CA ASN X 408 15.37 -14.10 114.33
C ASN X 408 15.53 -13.36 115.66
N GLY X 409 14.48 -12.73 116.15
CA GLY X 409 14.53 -11.99 117.39
C GLY X 409 13.16 -11.86 118.03
N GLU X 410 12.88 -10.71 118.64
CA GLU X 410 11.59 -10.50 119.28
C GLU X 410 11.03 -9.11 119.01
N GLU X 411 11.63 -8.34 118.10
CA GLU X 411 11.14 -7.00 117.81
C GLU X 411 9.69 -7.05 117.35
N TYR X 412 8.89 -6.12 117.89
CA TYR X 412 7.51 -5.95 117.49
C TYR X 412 7.44 -4.85 116.42
N ASN X 413 6.85 -5.17 115.27
CA ASN X 413 6.69 -4.20 114.19
C ASN X 413 5.23 -4.11 113.78
N CYS X 414 4.91 -3.00 113.11
CA CYS X 414 3.56 -2.71 112.66
C CYS X 414 3.65 -1.97 111.34
N LEU X 415 3.47 -2.70 110.24
CA LEU X 415 3.60 -2.13 108.89
C LEU X 415 2.26 -2.26 108.18
N ILE X 416 1.78 -1.14 107.63
CA ILE X 416 0.53 -1.12 106.90
C ILE X 416 0.80 -1.43 105.44
N GLY X 417 0.05 -2.37 104.88
CA GLY X 417 0.24 -2.71 103.48
C GLY X 417 1.61 -3.22 103.16
N GLU X 418 2.36 -3.65 104.17
CA GLU X 418 3.71 -4.20 103.96
C GLU X 418 3.83 -5.45 104.84
N ARG X 419 3.76 -6.61 104.20
CA ARG X 419 3.80 -7.85 104.94
C ARG X 419 5.24 -8.21 105.31
N VAL X 420 5.38 -9.36 105.98
CA VAL X 420 6.72 -9.88 106.27
C VAL X 420 7.43 -10.34 105.02
N THR X 421 6.69 -10.69 103.96
CA THR X 421 7.30 -11.28 102.78
C THR X 421 8.35 -10.36 102.15
N SER X 422 8.24 -9.05 102.36
CA SER X 422 9.25 -8.14 101.86
C SER X 422 10.61 -8.42 102.49
N LEU X 423 10.63 -8.68 103.80
CA LEU X 423 11.84 -9.03 104.51
C LEU X 423 11.92 -10.55 104.67
N ASP X 424 12.92 -11.01 105.43
CA ASP X 424 13.13 -12.43 105.65
C ASP X 424 13.22 -12.73 107.14
N ASP X 425 12.61 -13.83 107.55
CA ASP X 425 12.57 -14.25 108.95
C ASP X 425 11.86 -13.20 109.82
N TYR X 426 10.57 -13.08 109.55
CA TYR X 426 9.71 -12.15 110.33
C TYR X 426 8.37 -12.88 110.52
N LYS X 427 8.09 -13.34 111.75
CA LYS X 427 6.81 -14.02 112.05
C LYS X 427 5.64 -13.05 111.85
N GLU X 428 4.46 -13.59 111.52
CA GLU X 428 3.25 -12.74 111.33
C GLU X 428 2.40 -12.77 112.60
N LEU X 429 2.26 -11.63 113.28
CA LEU X 429 1.39 -11.58 114.49
C LEU X 429 -0.08 -11.46 114.04
N SER X 430 -0.43 -10.37 113.34
CA SER X 430 -1.80 -10.14 112.94
C SER X 430 -1.83 -9.35 111.64
N TYR X 431 -2.67 -9.80 110.72
CA TYR X 431 -2.91 -9.07 109.48
C TYR X 431 -4.41 -9.06 109.22
N PHE X 432 -4.93 -7.88 108.88
CA PHE X 432 -6.36 -7.72 108.63
C PHE X 432 -6.61 -6.40 107.93
N TRP X 433 -7.32 -6.43 106.80
CA TRP X 433 -7.56 -5.22 106.04
C TRP X 433 -8.52 -4.30 106.79
N VAL X 434 -8.28 -2.99 106.67
CA VAL X 434 -9.10 -1.99 107.36
C VAL X 434 -9.21 -0.75 106.46
N PHE X 435 -10.15 0.12 106.82
CA PHE X 435 -10.29 1.40 106.12
C PHE X 435 -9.30 2.40 106.69
N PRO X 436 -8.31 2.87 105.92
CA PRO X 436 -7.44 3.93 106.43
C PRO X 436 -8.15 5.25 106.65
N ASP X 437 -9.32 5.45 106.05
CA ASP X 437 -10.07 6.69 106.19
C ASP X 437 -11.50 6.36 106.61
N SER X 438 -12.23 7.40 106.99
CA SER X 438 -13.59 7.22 107.48
C SER X 438 -14.55 7.09 106.30
N VAL X 439 -15.73 6.57 106.59
CA VAL X 439 -16.80 6.45 105.60
C VAL X 439 -18.07 6.99 106.23
N GLN X 440 -19.01 7.41 105.40
CA GLN X 440 -20.26 7.96 105.89
C GLN X 440 -21.00 6.94 106.75
N LYS X 441 -21.11 7.23 108.04
CA LYS X 441 -21.96 6.53 108.98
C LYS X 441 -21.64 5.04 109.12
N PHE X 442 -20.47 4.60 108.67
CA PHE X 442 -20.03 3.23 108.91
C PHE X 442 -18.76 3.16 109.75
N ALA X 443 -17.68 3.81 109.30
CA ALA X 443 -16.39 3.71 109.96
C ALA X 443 -16.08 5.03 110.63
N MET X 444 -16.45 5.16 111.89
CA MET X 444 -16.29 6.41 112.64
C MET X 444 -15.37 6.29 113.83
N GLU X 445 -15.16 5.10 114.37
CA GLU X 445 -14.26 4.93 115.51
C GLU X 445 -12.84 4.73 115.02
N MET X 446 -11.88 5.18 115.83
CA MET X 446 -10.50 5.38 115.40
C MET X 446 -9.55 4.45 116.14
N TYR X 447 -8.46 4.09 115.46
CA TYR X 447 -7.34 3.37 116.07
C TYR X 447 -6.04 3.97 115.55
N GLY X 448 -5.09 4.13 116.46
CA GLY X 448 -3.80 4.71 116.12
C GLY X 448 -2.67 3.84 116.62
N VAL X 449 -1.55 3.90 115.91
CA VAL X 449 -0.37 3.08 116.19
C VAL X 449 0.74 4.00 116.67
N SER X 450 1.38 3.61 117.77
CA SER X 450 2.56 4.29 118.29
C SER X 450 3.54 3.25 118.80
N LYS X 451 4.83 3.53 118.63
CA LYS X 451 5.89 2.60 118.98
C LYS X 451 7.02 3.33 119.70
N VAL X 452 7.61 2.67 120.69
CA VAL X 452 8.72 3.26 121.44
C VAL X 452 10.04 2.83 120.81
N PRO X 453 10.88 3.77 120.34
CA PRO X 453 12.11 3.34 119.66
C PRO X 453 13.02 2.48 120.51
N THR X 454 13.14 2.80 121.81
CA THR X 454 14.07 2.06 122.66
C THR X 454 13.64 0.61 122.82
N ARG X 455 12.34 0.38 123.02
CA ARG X 455 11.79 -0.95 123.21
C ARG X 455 10.52 -1.08 122.38
N ASN X 456 10.42 -2.19 121.65
CA ASN X 456 9.31 -2.38 120.73
C ASN X 456 8.04 -2.79 121.49
N TYR X 457 7.60 -1.94 122.40
CA TYR X 457 6.33 -2.15 123.11
C TYR X 457 5.25 -1.51 122.26
N MET X 458 4.52 -2.33 121.52
CA MET X 458 3.45 -1.82 120.67
C MET X 458 2.50 -0.97 121.49
N ARG X 459 2.33 0.28 121.05
CA ARG X 459 1.45 1.24 121.72
C ARG X 459 0.38 1.63 120.72
N VAL X 460 -0.67 0.82 120.63
CA VAL X 460 -1.82 1.08 119.79
C VAL X 460 -2.96 1.53 120.70
N TYR X 461 -3.57 2.66 120.38
CA TYR X 461 -4.58 3.24 121.23
C TYR X 461 -5.63 3.93 120.38
N ALA X 462 -6.75 4.26 121.02
CA ALA X 462 -7.84 4.99 120.37
C ALA X 462 -7.41 6.45 120.19
N ALA X 463 -6.90 6.77 119.00
CA ALA X 463 -6.35 8.09 118.74
C ALA X 463 -7.47 9.09 118.46
N ASP X 464 -7.07 10.31 118.10
CA ASP X 464 -8.04 11.40 117.84
C ASP X 464 -7.59 12.13 116.58
N GLN X 465 -8.44 13.00 116.04
CA GLN X 465 -8.06 13.80 114.87
C GLN X 465 -6.88 14.70 115.19
N SER X 466 -6.75 15.07 116.48
CA SER X 466 -5.63 15.93 116.92
C SER X 466 -4.34 15.09 117.03
N ASP X 467 -4.47 13.82 117.41
CA ASP X 467 -3.27 12.93 117.44
C ASP X 467 -2.61 12.98 116.07
N ILE X 468 -3.43 13.02 115.01
CA ILE X 468 -2.87 13.15 113.63
C ILE X 468 -2.19 14.52 113.53
N GLU X 469 -2.92 15.59 113.83
CA GLU X 469 -2.36 16.97 113.73
C GLU X 469 -0.98 17.02 114.40
N ASN X 470 -0.90 16.68 115.68
CA ASN X 470 0.40 16.66 116.40
C ASN X 470 0.78 15.20 116.68
N PRO X 471 1.58 14.54 115.80
CA PRO X 471 1.91 13.10 115.96
C PRO X 471 3.06 12.88 116.94
N ARG X 472 2.98 11.79 117.71
CA ARG X 472 4.05 11.44 118.63
C ARG X 472 5.20 10.77 117.86
N PRO X 473 6.38 10.70 118.45
CA PRO X 473 7.51 10.07 117.74
C PRO X 473 7.20 8.63 117.38
N TYR X 474 7.64 8.19 116.18
CA TYR X 474 7.50 6.77 115.77
C TYR X 474 6.02 6.34 115.72
N GLN X 475 5.09 7.28 115.55
CA GLN X 475 3.70 6.90 115.40
C GLN X 475 3.46 6.59 113.92
N ARG X 476 3.17 5.33 113.62
CA ARG X 476 3.23 4.88 112.23
C ARG X 476 1.97 5.27 111.45
N PHE X 477 0.82 4.75 111.86
CA PHE X 477 -0.39 4.91 111.06
C PHE X 477 -1.61 4.89 111.96
N TRP X 478 -2.70 5.45 111.46
CA TRP X 478 -3.98 5.48 112.15
C TRP X 478 -5.08 5.03 111.21
N PHE X 479 -6.07 4.32 111.75
CA PHE X 479 -7.09 3.68 110.93
C PHE X 479 -8.43 3.73 111.65
N TYR X 480 -9.49 3.71 110.85
CA TYR X 480 -10.86 3.73 111.34
C TYR X 480 -11.49 2.35 111.21
N VAL X 481 -12.23 1.95 112.25
CA VAL X 481 -12.89 0.65 112.29
C VAL X 481 -14.39 0.87 112.28
N PRO X 482 -15.19 -0.03 111.71
CA PRO X 482 -16.64 0.18 111.65
C PRO X 482 -17.27 0.38 113.02
N SER X 483 -18.24 1.27 113.08
CA SER X 483 -18.98 1.56 114.31
C SER X 483 -20.17 0.61 114.41
N ALA X 484 -20.29 -0.06 115.57
CA ALA X 484 -21.39 -0.99 115.78
C ALA X 484 -22.74 -0.28 115.90
N ASN X 485 -22.76 1.05 116.01
CA ASN X 485 -24.00 1.78 116.14
C ASN X 485 -24.79 1.86 114.83
N SER X 486 -24.21 1.43 113.72
CA SER X 486 -24.92 1.48 112.45
C SER X 486 -26.16 0.59 112.51
N PRO X 487 -27.31 1.04 112.02
CA PRO X 487 -28.52 0.20 112.09
C PRO X 487 -28.50 -0.86 111.01
N PRO X 488 -28.75 -2.14 111.36
CA PRO X 488 -28.76 -3.19 110.33
C PRO X 488 -30.11 -3.30 109.62
N GLY Y 2 -14.32 -4.47 75.31
CA GLY Y 2 -14.22 -5.30 74.13
C GLY Y 2 -13.58 -4.58 72.96
N GLU Y 3 -12.26 -4.50 72.94
CA GLU Y 3 -11.54 -3.87 71.84
C GLU Y 3 -10.43 -4.77 71.33
N VAL Y 4 -9.92 -5.66 72.17
CA VAL Y 4 -8.86 -6.59 71.78
C VAL Y 4 -9.22 -7.98 72.27
N VAL Y 5 -8.58 -8.97 71.65
CA VAL Y 5 -8.82 -10.37 72.02
C VAL Y 5 -7.56 -11.17 71.71
N PRO Y 6 -7.15 -12.09 72.58
CA PRO Y 6 -5.96 -12.90 72.28
C PRO Y 6 -6.15 -13.72 71.01
N TYR Y 7 -5.06 -13.89 70.28
CA TYR Y 7 -5.12 -14.61 69.01
C TYR Y 7 -5.57 -16.05 69.24
N LYS Y 8 -6.50 -16.51 68.41
CA LYS Y 8 -6.94 -17.90 68.41
C LYS Y 8 -6.69 -18.49 67.03
N ALA Y 9 -6.01 -19.62 66.98
CA ALA Y 9 -5.57 -20.17 65.70
C ALA Y 9 -6.77 -20.39 64.79
N GLY Y 10 -6.55 -20.18 63.50
CA GLY Y 10 -7.60 -20.27 62.51
C GLY Y 10 -8.31 -18.96 62.24
N MET Y 11 -8.03 -17.91 63.01
CA MET Y 11 -8.69 -16.63 62.80
C MET Y 11 -8.40 -16.12 61.40
N GLN Y 12 -9.45 -15.63 60.74
CA GLN Y 12 -9.34 -15.06 59.41
C GLN Y 12 -9.78 -13.61 59.48
N ARG Y 13 -8.96 -12.73 58.91
CA ARG Y 13 -9.29 -11.31 58.94
C ARG Y 13 -10.67 -11.07 58.33
N GLY Y 14 -11.48 -10.27 59.00
CA GLY Y 14 -12.80 -9.95 58.49
C GLY Y 14 -13.80 -11.05 58.71
N GLN Y 15 -14.03 -11.41 59.98
CA GLN Y 15 -15.01 -12.43 60.32
C GLN Y 15 -15.75 -12.01 61.58
N GLY Y 16 -16.97 -12.53 61.71
CA GLY Y 16 -17.76 -12.22 62.88
C GLY Y 16 -17.17 -12.81 64.14
N TYR Y 17 -17.50 -12.18 65.26
CA TYR Y 17 -17.00 -12.61 66.57
C TYR Y 17 -18.12 -12.43 67.59
N ASN Y 18 -18.59 -13.55 68.14
CA ASN Y 18 -19.61 -13.53 69.18
C ASN Y 18 -18.90 -13.22 70.50
N THR Y 19 -18.91 -11.95 70.89
CA THR Y 19 -18.08 -11.53 72.01
C THR Y 19 -18.46 -12.22 73.31
N TYR Y 20 -19.73 -12.60 73.47
CA TYR Y 20 -20.15 -13.31 74.67
C TYR Y 20 -19.58 -14.73 74.69
N LEU Y 21 -19.91 -15.53 73.68
CA LEU Y 21 -19.39 -16.88 73.60
C LEU Y 21 -17.92 -16.94 73.22
N GLN Y 22 -17.32 -15.82 72.84
CA GLN Y 22 -15.90 -15.76 72.49
C GLN Y 22 -15.56 -16.77 71.41
N SER Y 23 -16.53 -17.14 70.60
CA SER Y 23 -16.32 -18.09 69.52
C SER Y 23 -16.04 -17.33 68.22
N LEU Y 24 -15.95 -18.06 67.12
CA LEU Y 24 -15.72 -17.48 65.80
C LEU Y 24 -16.97 -17.62 64.95
N CYS Y 25 -17.23 -16.62 64.12
CA CYS Y 25 -18.42 -16.61 63.29
C CYS Y 25 -18.06 -16.40 61.83
N VAL Y 26 -19.06 -16.14 60.99
CA VAL Y 26 -18.89 -16.21 59.54
C VAL Y 26 -17.62 -15.48 59.13
N LYS Y 27 -16.91 -16.06 58.17
CA LYS Y 27 -15.69 -15.47 57.64
C LYS Y 27 -16.00 -14.71 56.36
N ASP Y 28 -15.29 -13.59 56.17
CA ASP Y 28 -15.41 -12.78 54.96
C ASP Y 28 -16.71 -11.98 54.93
N ALA Y 29 -17.22 -11.60 56.10
CA ALA Y 29 -18.32 -10.65 56.14
C ALA Y 29 -17.85 -9.24 55.82
N VAL Y 30 -16.60 -8.94 56.14
CA VAL Y 30 -16.02 -7.61 55.93
C VAL Y 30 -14.78 -7.76 55.05
N THR Y 31 -14.74 -7.00 53.97
CA THR Y 31 -13.58 -6.95 53.09
C THR Y 31 -12.81 -5.67 53.38
N ILE Y 32 -11.53 -5.81 53.68
CA ILE Y 32 -10.65 -4.68 53.95
C ILE Y 32 -9.72 -4.51 52.76
N GLU Y 33 -9.78 -3.35 52.11
CA GLU Y 33 -8.91 -3.04 50.99
C GLU Y 33 -7.69 -2.28 51.50
N ARG Y 34 -6.52 -2.83 51.25
CA ARG Y 34 -5.26 -2.16 51.59
C ARG Y 34 -4.94 -1.17 50.48
N HIS Y 35 -5.34 0.09 50.68
CA HIS Y 35 -5.09 1.09 49.66
C HIS Y 35 -3.61 1.29 49.43
N ASP Y 36 -2.82 1.33 50.51
CA ASP Y 36 -1.38 1.54 50.44
C ASP Y 36 -0.66 0.35 51.04
N ASP Y 37 0.35 -0.15 50.34
CA ASP Y 37 1.13 -1.29 50.82
C ASP Y 37 2.30 -0.75 51.64
N SER Y 38 2.13 -0.71 52.95
CA SER Y 38 3.18 -0.23 53.84
C SER Y 38 2.92 -0.75 55.25
N ASN Y 39 3.98 -1.18 55.92
CA ASN Y 39 3.81 -1.69 57.27
C ASN Y 39 3.47 -0.54 58.21
N PRO Y 40 2.67 -0.80 59.24
CA PRO Y 40 2.21 0.28 60.11
C PRO Y 40 3.32 0.73 61.05
N PRO Y 41 3.15 1.88 61.70
CA PRO Y 41 4.16 2.34 62.67
C PRO Y 41 4.30 1.36 63.83
N PHE Y 42 5.51 1.28 64.37
CA PHE Y 42 5.84 0.26 65.36
C PHE Y 42 6.58 0.88 66.53
N LYS Y 43 6.51 0.19 67.66
CA LYS Y 43 7.15 0.61 68.91
C LYS Y 43 8.13 -0.47 69.33
N LYS Y 44 9.35 -0.05 69.69
CA LYS Y 44 10.43 -0.98 70.01
C LYS Y 44 10.87 -0.80 71.46
N GLU Y 45 11.36 -1.89 72.04
CA GLU Y 45 12.01 -1.88 73.34
C GLU Y 45 13.27 -2.74 73.26
N TYR Y 46 14.24 -2.45 74.13
CA TYR Y 46 15.49 -3.19 74.13
C TYR Y 46 16.11 -3.06 75.52
N TYR Y 47 15.97 -4.11 76.33
CA TYR Y 47 16.61 -4.19 77.64
C TYR Y 47 17.76 -5.19 77.54
N SER Y 48 18.97 -4.74 77.89
CA SER Y 48 20.16 -5.56 77.73
C SER Y 48 21.00 -5.52 79.00
N GLU Y 49 21.61 -6.66 79.32
CA GLU Y 49 22.51 -6.79 80.46
C GLU Y 49 23.73 -7.59 80.04
N PHE Y 50 24.91 -7.16 80.47
CA PHE Y 50 26.16 -7.87 80.21
C PHE Y 50 26.90 -7.94 81.54
N ILE Y 51 26.70 -9.04 82.27
CA ILE Y 51 27.21 -9.13 83.63
C ILE Y 51 28.74 -9.21 83.62
N GLU Y 52 29.33 -8.89 84.76
CA GLU Y 52 30.76 -8.67 84.87
C GLU Y 52 31.55 -9.84 84.31
N GLU Y 53 32.81 -9.56 83.98
CA GLU Y 53 33.76 -10.60 83.59
C GLU Y 53 34.56 -10.97 84.83
N TYR Y 54 34.18 -12.07 85.48
CA TYR Y 54 34.82 -12.51 86.71
C TYR Y 54 36.21 -13.02 86.34
N GLU Y 55 37.13 -12.07 86.14
CA GLU Y 55 38.53 -12.43 85.81
C GLU Y 55 39.36 -12.46 87.09
N LYS Y 56 39.80 -13.64 87.50
CA LYS Y 56 40.57 -13.81 88.72
C LYS Y 56 41.76 -14.71 88.42
N ILE Y 57 42.96 -14.13 88.45
CA ILE Y 57 44.20 -14.88 88.33
C ILE Y 57 44.84 -14.91 89.71
N ALA Y 58 45.05 -16.10 90.25
CA ALA Y 58 45.83 -16.30 91.45
C ALA Y 58 46.99 -17.22 91.10
N LYS Y 59 48.21 -16.79 91.38
CA LYS Y 59 49.41 -17.48 90.93
C LYS Y 59 50.39 -17.62 92.09
N SER Y 60 51.14 -18.72 92.09
CA SER Y 60 52.02 -19.06 93.19
C SER Y 60 53.46 -19.18 92.71
N MET Y 61 54.41 -18.72 93.54
CA MET Y 61 55.85 -18.89 93.21
C MET Y 61 56.61 -19.12 94.53
N ARG Y 62 56.84 -20.38 94.89
CA ARG Y 62 57.48 -20.77 96.13
C ARG Y 62 58.81 -21.44 95.81
N ILE Y 63 59.90 -20.85 96.29
CA ILE Y 63 61.25 -21.38 96.07
C ILE Y 63 61.92 -21.54 97.43
N SER Y 64 62.75 -22.56 97.54
CA SER Y 64 63.47 -22.82 98.78
C SER Y 64 64.71 -23.63 98.46
N ALA Y 65 65.88 -23.10 98.82
CA ALA Y 65 67.13 -23.79 98.57
C ALA Y 65 68.15 -23.37 99.62
N GLY Y 66 69.07 -24.27 99.92
CA GLY Y 66 70.12 -24.02 100.90
C GLY Y 66 70.91 -25.26 101.25
N VAL Y 78 75.14 -31.22 99.86
CA VAL Y 78 73.75 -31.53 100.17
C VAL Y 78 72.90 -30.27 100.05
N ASN Y 79 72.70 -29.83 98.81
CA ASN Y 79 71.90 -28.66 98.52
C ASN Y 79 70.59 -29.09 97.88
N VAL Y 80 69.49 -28.55 98.40
CA VAL Y 80 68.16 -28.92 97.93
C VAL Y 80 67.51 -27.71 97.28
N ASP Y 81 66.55 -27.98 96.40
CA ASP Y 81 65.80 -26.94 95.71
C ASP Y 81 64.32 -27.32 95.70
N ILE Y 82 63.47 -26.31 95.76
CA ILE Y 82 62.03 -26.49 95.65
C ILE Y 82 61.49 -25.37 94.79
N LEU Y 83 60.67 -25.71 93.80
CA LEU Y 83 60.14 -24.73 92.84
C LEU Y 83 58.69 -25.11 92.56
N ASN Y 84 57.76 -24.42 93.23
CA ASN Y 84 56.34 -24.74 93.12
C ASN Y 84 55.58 -23.58 92.48
N ARG Y 85 54.72 -23.90 91.52
CA ARG Y 85 53.92 -22.92 90.82
C ARG Y 85 52.45 -23.30 90.89
N SER Y 86 51.59 -22.30 90.71
CA SER Y 86 50.16 -22.54 90.58
C SER Y 86 49.57 -21.41 89.75
N GLU Y 87 48.37 -21.63 89.25
CA GLU Y 87 47.70 -20.63 88.44
C GLU Y 87 46.21 -20.96 88.40
N PHE Y 88 45.38 -20.05 88.90
CA PHE Y 88 43.93 -20.24 88.91
C PHE Y 88 43.28 -19.11 88.15
N GLU Y 89 42.52 -19.45 87.12
CA GLU Y 89 41.86 -18.47 86.27
C GLU Y 89 40.36 -18.66 86.35
N THR Y 90 39.63 -17.55 86.26
CA THR Y 90 38.17 -17.59 86.26
C THR Y 90 37.66 -16.57 85.25
N SER Y 91 36.54 -16.88 84.61
CA SER Y 91 35.92 -15.95 83.66
C SER Y 91 34.44 -16.32 83.55
N THR Y 92 33.60 -15.57 84.24
CA THR Y 92 32.15 -15.76 84.16
C THR Y 92 31.56 -14.59 83.39
N LEU Y 93 31.08 -14.88 82.18
CA LEU Y 93 30.39 -13.90 81.37
C LEU Y 93 28.93 -14.30 81.26
N THR Y 94 28.03 -13.34 81.44
CA THR Y 94 26.61 -13.58 81.29
C THR Y 94 26.00 -12.47 80.46
N TYR Y 95 24.95 -12.80 79.72
CA TYR Y 95 24.31 -11.84 78.84
C TYR Y 95 22.80 -12.07 78.86
N GLU Y 96 22.05 -11.02 78.53
CA GLU Y 96 20.59 -11.14 78.48
C GLU Y 96 20.01 -9.92 77.77
N VAL Y 97 19.14 -10.17 76.79
CA VAL Y 97 18.41 -9.09 76.12
C VAL Y 97 16.94 -9.47 76.06
N LYS Y 98 16.11 -8.46 75.83
CA LYS Y 98 14.67 -8.68 75.70
C LYS Y 98 14.12 -7.57 74.80
N VAL Y 99 13.83 -7.92 73.56
CA VAL Y 99 13.39 -6.96 72.55
C VAL Y 99 11.90 -7.16 72.33
N LEU Y 100 11.11 -6.11 72.49
CA LEU Y 100 9.67 -6.14 72.28
C LEU Y 100 9.32 -5.16 71.17
N VAL Y 101 8.60 -5.65 70.16
CA VAL Y 101 8.17 -4.84 69.03
C VAL Y 101 6.65 -4.95 68.93
N GLN Y 102 5.98 -3.81 68.85
CA GLN Y 102 4.52 -3.78 68.73
C GLN Y 102 4.16 -2.80 67.61
N HIS Y 103 3.43 -3.29 66.63
CA HIS Y 103 3.00 -2.47 65.51
C HIS Y 103 1.69 -1.77 65.86
N GLN Y 104 1.11 -1.06 64.90
CA GLN Y 104 -0.20 -0.44 65.09
C GLN Y 104 -1.10 -0.80 63.92
N VAL Y 105 -2.34 -0.32 63.92
CA VAL Y 105 -3.30 -0.61 62.87
C VAL Y 105 -3.36 0.60 61.95
N SER Y 106 -3.18 0.37 60.65
CA SER Y 106 -3.15 1.46 59.70
C SER Y 106 -4.49 2.19 59.69
N VAL Y 107 -4.42 3.51 59.49
CA VAL Y 107 -5.60 4.36 59.54
C VAL Y 107 -6.13 4.72 58.17
N LEU Y 108 -5.53 4.22 57.11
CA LEU Y 108 -5.88 4.57 55.74
C LEU Y 108 -6.45 3.38 54.97
N ASP Y 109 -7.29 2.58 55.63
CA ASP Y 109 -7.94 1.44 55.00
C ASP Y 109 -9.44 1.69 54.92
N LYS Y 110 -10.08 0.94 54.02
CA LYS Y 110 -11.53 1.03 53.81
C LYS Y 110 -12.17 -0.27 54.26
N HIS Y 111 -13.27 -0.16 55.01
CA HIS Y 111 -13.99 -1.30 55.53
C HIS Y 111 -15.37 -1.36 54.89
N SER Y 112 -15.76 -2.55 54.43
CA SER Y 112 -17.04 -2.76 53.78
C SER Y 112 -17.74 -3.96 54.42
N PHE Y 113 -19.03 -4.08 54.13
CA PHE Y 113 -19.86 -5.15 54.69
C PHE Y 113 -20.54 -5.93 53.58
N ASN Y 114 -20.30 -7.23 53.54
CA ASN Y 114 -20.86 -8.10 52.53
C ASN Y 114 -22.07 -8.83 53.10
N LYS Y 115 -23.05 -9.08 52.24
CA LYS Y 115 -24.34 -9.62 52.67
C LYS Y 115 -24.34 -11.14 52.54
N ILE Y 116 -24.68 -11.83 53.63
CA ILE Y 116 -24.93 -13.26 53.62
C ILE Y 116 -26.38 -13.48 54.00
N GLN Y 117 -27.11 -14.19 53.13
CA GLN Y 117 -28.56 -14.43 53.35
C GLN Y 117 -28.75 -15.53 54.41
N THR Y 118 -29.37 -15.18 55.53
CA THR Y 118 -29.63 -16.14 56.61
C THR Y 118 -30.93 -15.78 57.30
N THR Y 119 -31.62 -16.80 57.82
CA THR Y 119 -32.80 -16.54 58.63
C THR Y 119 -32.43 -16.14 60.05
N THR Y 120 -31.18 -16.33 60.45
CA THR Y 120 -30.69 -15.98 61.78
C THR Y 120 -29.41 -15.18 61.65
N PRO Y 121 -29.47 -13.96 61.13
CA PRO Y 121 -28.24 -13.19 60.93
C PRO Y 121 -27.50 -12.93 62.22
N HIS Y 122 -28.18 -12.97 63.36
CA HIS Y 122 -27.54 -12.70 64.63
C HIS Y 122 -26.50 -13.77 64.96
N ALA Y 123 -26.86 -15.03 64.79
CA ALA Y 123 -25.95 -16.12 65.11
C ALA Y 123 -24.89 -16.33 64.04
N THR Y 124 -25.14 -15.84 62.82
CA THR Y 124 -24.14 -15.96 61.76
C THR Y 124 -23.13 -14.83 61.82
N TYR Y 125 -23.62 -13.59 61.82
CA TYR Y 125 -22.71 -12.44 61.83
C TYR Y 125 -22.08 -12.26 63.21
N GLY Y 126 -22.86 -12.39 64.26
CA GLY Y 126 -22.36 -12.15 65.61
C GLY Y 126 -22.57 -10.72 66.05
N ASP Y 127 -21.57 -10.14 66.71
CA ASP Y 127 -21.61 -8.75 67.14
C ASP Y 127 -20.54 -7.90 66.48
N ARG Y 128 -19.28 -8.33 66.53
CA ARG Y 128 -18.16 -7.53 66.05
C ARG Y 128 -17.30 -8.35 65.11
N PHE Y 129 -16.61 -7.64 64.23
CA PHE Y 129 -15.77 -8.24 63.19
C PHE Y 129 -14.30 -7.94 63.44
N ILE Y 130 -13.44 -8.74 62.81
CA ILE Y 130 -12.00 -8.64 63.00
C ILE Y 130 -11.46 -7.73 61.90
N ALA Y 131 -11.19 -6.47 62.26
CA ALA Y 131 -10.77 -5.48 61.27
C ALA Y 131 -9.31 -5.64 60.91
N ASP Y 132 -8.43 -5.45 61.89
CA ASP Y 132 -6.99 -5.54 61.67
C ASP Y 132 -6.36 -6.32 62.81
N PHE Y 133 -5.24 -6.96 62.51
CA PHE Y 133 -4.52 -7.76 63.49
C PHE Y 133 -3.36 -6.95 64.05
N ILE Y 134 -3.31 -6.85 65.38
CA ILE Y 134 -2.19 -6.19 66.04
C ILE Y 134 -0.98 -7.12 65.98
N LYS Y 135 0.09 -6.66 65.33
CA LYS Y 135 1.27 -7.47 65.11
C LYS Y 135 2.41 -7.02 66.00
N GLY Y 136 3.38 -7.92 66.18
CA GLY Y 136 4.51 -7.63 67.05
C GLY Y 136 5.60 -8.67 66.96
N GLY Y 137 6.47 -8.69 67.97
CA GLY Y 137 7.58 -9.63 68.00
C GLY Y 137 8.18 -9.67 69.39
N HIS Y 138 9.14 -10.58 69.55
CA HIS Y 138 9.71 -10.83 70.87
C HIS Y 138 11.11 -11.41 70.71
N PHE Y 139 11.96 -11.12 71.69
CA PHE Y 139 13.30 -11.70 71.73
C PHE Y 139 13.67 -11.96 73.17
N TYR Y 140 14.50 -12.98 73.37
CA TYR Y 140 14.92 -13.37 74.72
C TYR Y 140 16.16 -14.23 74.60
N ALA Y 141 17.28 -13.74 75.11
CA ALA Y 141 18.54 -14.44 74.98
C ALA Y 141 19.23 -14.51 76.33
N ARG Y 142 20.00 -15.58 76.53
CA ARG Y 142 20.82 -15.76 77.73
C ARG Y 142 22.09 -16.49 77.33
N VAL Y 143 23.24 -15.90 77.60
CA VAL Y 143 24.52 -16.54 77.41
C VAL Y 143 25.16 -16.69 78.78
N SER Y 144 25.70 -17.88 79.05
CA SER Y 144 26.36 -18.17 80.32
C SER Y 144 27.69 -18.82 79.99
N ILE Y 145 28.73 -18.02 79.78
CA ILE Y 145 30.07 -18.51 79.52
C ILE Y 145 30.75 -18.78 80.85
N THR Y 146 31.05 -20.05 81.14
CA THR Y 146 31.64 -20.43 82.44
C THR Y 146 33.13 -20.12 82.43
N ALA Y 147 33.80 -20.23 83.58
CA ALA Y 147 35.23 -19.93 83.75
C ALA Y 147 36.11 -20.88 82.92
N LYS Y 148 37.40 -20.61 82.87
CA LYS Y 148 38.35 -21.53 82.20
C LYS Y 148 38.87 -22.46 83.29
N ASN Y 149 38.99 -21.96 84.53
CA ASN Y 149 39.59 -22.71 85.63
C ASN Y 149 40.95 -23.27 85.22
N SER Y 150 41.77 -22.41 84.63
CA SER Y 150 43.14 -22.80 84.34
C SER Y 150 43.83 -23.21 85.63
N SER Y 151 44.57 -24.32 85.57
CA SER Y 151 45.18 -24.90 86.76
C SER Y 151 46.64 -25.23 86.54
N GLU Y 152 47.41 -24.30 85.97
CA GLU Y 152 48.83 -24.53 85.74
C GLU Y 152 49.52 -24.69 87.11
N THR Y 153 50.09 -25.85 87.35
CA THR Y 153 50.87 -26.13 88.56
C THR Y 153 52.13 -26.87 88.18
N SER Y 154 53.13 -26.82 89.06
CA SER Y 154 54.38 -27.51 88.81
C SER Y 154 55.20 -27.56 90.09
N GLU Y 155 56.11 -28.53 90.16
CA GLU Y 155 57.00 -28.71 91.29
C GLU Y 155 58.35 -29.19 90.78
N LEU Y 156 59.42 -28.85 91.48
CA LEU Y 156 60.75 -29.29 91.12
C LEU Y 156 61.55 -29.54 92.39
N LYS Y 157 62.51 -30.47 92.34
CA LYS Y 157 63.28 -30.89 93.49
C LYS Y 157 64.68 -31.30 93.05
N GLN Y 158 65.68 -30.49 93.38
CA GLN Y 158 67.08 -30.76 93.00
C GLN Y 158 67.91 -30.96 94.27
N SER Y 159 68.07 -32.22 94.65
CA SER Y 159 68.91 -32.57 95.78
C SER Y 159 70.33 -32.86 95.29
N ALA Y 160 71.27 -32.01 95.69
CA ALA Y 160 72.67 -32.17 95.29
C ALA Y 160 72.80 -32.22 93.77
N THR Y 174 75.57 -37.50 93.35
CA THR Y 174 74.16 -37.74 93.61
C THR Y 174 73.30 -36.57 93.11
N GLN Y 175 72.17 -36.91 92.50
CA GLN Y 175 71.29 -35.91 91.89
C GLN Y 175 69.86 -36.43 91.96
N GLU Y 176 68.92 -35.50 91.87
CA GLU Y 176 67.51 -35.86 91.92
C GLU Y 176 66.70 -34.77 91.23
N VAL Y 177 65.72 -35.20 90.43
CA VAL Y 177 64.79 -34.29 89.78
C VAL Y 177 63.38 -34.86 89.89
N GLU Y 178 62.41 -33.99 90.20
CA GLU Y 178 61.03 -34.41 90.43
C GLU Y 178 60.11 -33.33 89.88
N ARG Y 179 59.53 -33.58 88.71
CA ARG Y 179 58.59 -32.65 88.07
C ARG Y 179 57.22 -33.27 87.86
N ALA Y 180 56.80 -34.18 88.74
CA ALA Y 180 55.51 -34.85 88.59
C ALA Y 180 54.36 -33.99 89.11
N VAL Y 181 54.27 -32.76 88.62
CA VAL Y 181 53.16 -31.87 88.95
C VAL Y 181 52.87 -31.02 87.74
N SER Y 182 51.64 -31.15 87.21
CA SER Y 182 51.22 -30.39 86.04
C SER Y 182 49.74 -30.63 85.82
N SER Y 183 49.02 -29.57 85.52
CA SER Y 183 47.58 -29.65 85.26
C SER Y 183 47.18 -28.45 84.42
N ILE Y 184 46.02 -28.56 83.75
CA ILE Y 184 45.56 -27.56 82.81
C ILE Y 184 44.08 -27.27 83.08
N LYS Y 185 43.58 -26.25 82.39
CA LYS Y 185 42.21 -25.80 82.54
C LYS Y 185 41.22 -26.92 82.26
N ARG Y 186 40.10 -26.90 83.00
CA ARG Y 186 38.97 -27.74 82.66
C ARG Y 186 37.71 -26.98 83.04
N ASN Y 187 37.24 -26.15 82.11
CA ASN Y 187 35.90 -25.59 82.20
C ASN Y 187 35.59 -24.81 80.92
N ALA Y 188 34.47 -25.10 80.28
CA ALA Y 188 33.99 -24.27 79.18
C ALA Y 188 32.51 -24.60 78.98
N SER Y 189 31.64 -23.75 79.50
CA SER Y 189 30.20 -23.94 79.41
C SER Y 189 29.59 -22.77 78.66
N VAL Y 190 28.85 -23.07 77.60
CA VAL Y 190 28.15 -22.06 76.82
C VAL Y 190 26.69 -22.47 76.79
N LYS Y 191 25.88 -21.88 77.66
CA LYS Y 191 24.45 -22.08 77.66
C LYS Y 191 23.79 -20.95 76.91
N ILE Y 192 23.10 -21.27 75.82
CA ILE Y 192 22.42 -20.28 74.98
C ILE Y 192 20.95 -20.66 74.92
N THR Y 193 20.08 -19.71 75.23
CA THR Y 193 18.65 -19.86 75.00
C THR Y 193 18.20 -18.66 74.17
N ILE Y 194 17.53 -18.92 73.06
CA ILE Y 194 17.03 -17.87 72.19
C ILE Y 194 15.57 -18.14 71.92
N ILE Y 195 14.70 -17.19 72.26
CA ILE Y 195 13.26 -17.30 72.05
C ILE Y 195 12.84 -16.14 71.15
N GLU Y 196 12.30 -16.47 69.98
CA GLU Y 196 12.01 -15.47 68.97
C GLU Y 196 10.60 -15.62 68.46
N SER Y 197 9.99 -14.49 68.10
CA SER Y 197 8.69 -14.44 67.43
C SER Y 197 8.82 -13.38 66.34
N THR Y 198 9.22 -13.82 65.15
CA THR Y 198 9.49 -12.89 64.06
C THR Y 198 8.75 -13.31 62.80
N GLY Y 199 9.04 -12.65 61.67
CA GLY Y 199 8.37 -12.94 60.43
C GLY Y 199 9.36 -13.08 59.29
N THR Y 200 8.88 -13.72 58.22
CA THR Y 200 9.70 -13.94 57.04
C THR Y 200 9.86 -12.67 56.24
N SER Y 201 10.96 -12.59 55.49
CA SER Y 201 11.19 -11.44 54.64
C SER Y 201 10.16 -11.39 53.51
N SER Y 216 33.25 -16.68 70.47
CA SER Y 216 32.59 -15.42 70.16
C SER Y 216 31.08 -15.59 70.21
N ASP Y 217 30.61 -16.51 71.04
CA ASP Y 217 29.17 -16.73 71.13
C ASP Y 217 28.46 -15.54 71.77
N LEU Y 218 29.13 -14.80 72.64
CA LEU Y 218 28.54 -13.59 73.19
C LEU Y 218 28.28 -12.57 72.09
N LEU Y 219 29.23 -12.41 71.17
CA LEU Y 219 29.04 -11.47 70.06
C LEU Y 219 27.99 -11.98 69.08
N ALA Y 220 27.95 -13.29 68.82
CA ALA Y 220 26.98 -13.82 67.87
C ALA Y 220 25.55 -13.54 68.32
N VAL Y 221 25.27 -13.75 69.61
CA VAL Y 221 23.95 -13.42 70.12
C VAL Y 221 23.68 -11.92 69.98
N LYS Y 222 24.72 -11.11 70.19
CA LYS Y 222 24.55 -9.66 70.11
C LYS Y 222 24.14 -9.23 68.70
N GLU Y 223 24.77 -9.81 67.68
CA GLU Y 223 24.45 -9.41 66.31
C GLU Y 223 23.00 -9.71 65.98
N LYS Y 224 22.53 -10.91 66.33
CA LYS Y 224 21.12 -11.23 66.13
C LYS Y 224 20.24 -10.32 66.98
N ALA Y 225 20.67 -10.01 68.20
CA ALA Y 225 19.91 -9.09 69.03
C ALA Y 225 19.89 -7.69 68.43
N ASP Y 226 21.04 -7.20 67.96
CA ASP Y 226 21.06 -5.88 67.33
C ASP Y 226 20.40 -5.92 65.95
N GLN Y 227 20.68 -6.96 65.16
CA GLN Y 227 20.00 -7.08 63.88
C GLN Y 227 18.50 -7.14 64.04
N PHE Y 228 18.02 -7.69 65.15
CA PHE Y 228 16.59 -7.69 65.41
C PHE Y 228 16.07 -6.26 65.50
N TYR Y 229 16.82 -5.42 66.23
CA TYR Y 229 16.46 -3.99 66.35
C TYR Y 229 16.41 -3.41 64.95
N LYS Y 230 17.51 -3.52 64.20
CA LYS Y 230 17.54 -2.94 62.86
C LYS Y 230 16.54 -3.62 61.94
N ASP Y 231 16.31 -4.92 62.14
CA ASP Y 231 15.36 -5.63 61.29
C ASP Y 231 13.97 -5.06 61.40
N ALA Y 232 13.56 -4.63 62.60
CA ALA Y 232 12.23 -4.07 62.76
C ALA Y 232 12.01 -2.88 61.83
N ASP Y 233 13.02 -2.02 61.67
CA ASP Y 233 12.85 -0.84 60.84
C ASP Y 233 12.41 -1.21 59.44
N SER Y 234 12.93 -2.33 58.91
CA SER Y 234 12.47 -2.82 57.62
C SER Y 234 11.04 -3.31 57.67
N GLY Y 235 10.46 -3.45 58.86
CA GLY Y 235 9.08 -3.85 58.99
C GLY Y 235 8.81 -5.28 58.58
N LYS Y 236 9.70 -6.20 58.93
CA LYS Y 236 9.47 -7.62 58.71
C LYS Y 236 8.99 -8.34 59.96
N HIS Y 237 8.74 -7.63 61.06
CA HIS Y 237 8.31 -8.25 62.31
C HIS Y 237 6.79 -8.28 62.31
N SER Y 238 6.23 -9.20 61.54
CA SER Y 238 4.79 -9.33 61.40
C SER Y 238 4.40 -10.66 62.03
N TYR Y 239 4.17 -10.64 63.34
CA TYR Y 239 3.66 -11.78 64.07
C TYR Y 239 2.35 -11.38 64.72
N VAL Y 240 1.33 -12.22 64.55
CA VAL Y 240 -0.01 -11.87 65.01
C VAL Y 240 -0.06 -12.03 66.52
N LEU Y 241 -0.41 -10.95 67.21
CA LEU Y 241 -0.53 -10.95 68.67
C LEU Y 241 -1.96 -10.74 69.12
N PHE Y 242 -2.59 -9.64 68.72
CA PHE Y 242 -3.93 -9.29 69.15
C PHE Y 242 -4.79 -8.96 67.93
N ALA Y 243 -6.10 -9.03 68.13
CA ALA Y 243 -7.07 -8.71 67.09
C ALA Y 243 -7.93 -7.55 67.57
N VAL Y 244 -8.12 -6.55 66.72
CA VAL Y 244 -8.88 -5.35 67.03
C VAL Y 244 -10.31 -5.54 66.54
N LEU Y 245 -11.27 -5.29 67.41
CA LEU Y 245 -12.68 -5.53 67.12
C LEU Y 245 -13.35 -4.23 66.68
N GLY Y 246 -14.27 -4.35 65.73
CA GLY Y 246 -15.04 -3.21 65.28
C GLY Y 246 -16.50 -3.55 65.21
N LYS Y 247 -17.33 -2.52 65.38
CA LYS Y 247 -18.77 -2.69 65.44
C LYS Y 247 -19.37 -2.56 64.04
N TYR Y 248 -20.28 -3.48 63.71
CA TYR Y 248 -20.88 -3.49 62.38
C TYR Y 248 -21.64 -2.21 62.08
N ARG Y 249 -22.07 -1.48 63.10
CA ARG Y 249 -22.83 -0.26 62.86
C ARG Y 249 -21.98 0.81 62.19
N ASN Y 250 -20.70 0.91 62.59
CA ASN Y 250 -19.82 1.94 62.06
C ASN Y 250 -19.48 1.73 60.59
N LEU Y 251 -19.78 0.57 60.02
CA LEU Y 251 -19.54 0.35 58.60
C LEU Y 251 -20.42 1.28 57.77
N SER Y 252 -19.82 1.94 56.79
CA SER Y 252 -20.61 2.77 55.88
C SER Y 252 -21.61 1.93 55.10
N ASN Y 253 -21.16 0.78 54.56
CA ASN Y 253 -22.00 -0.06 53.73
C ASN Y 253 -23.11 -0.73 54.51
N PHE Y 254 -23.06 -0.69 55.84
CA PHE Y 254 -24.09 -1.27 56.67
C PHE Y 254 -25.33 -0.41 56.57
N GLU Y 255 -26.37 -0.93 55.90
CA GLU Y 255 -27.69 -0.31 55.87
C GLU Y 255 -28.63 -0.97 56.88
N SER Y 256 -28.10 -1.34 58.03
CA SER Y 256 -28.90 -1.96 59.09
C SER Y 256 -29.50 -3.28 58.60
N TYR Y 257 -28.61 -4.20 58.24
CA TYR Y 257 -29.03 -5.54 57.89
C TYR Y 257 -29.68 -6.23 59.07
N PHE Y 258 -29.35 -5.81 60.29
CA PHE Y 258 -29.94 -6.39 61.48
C PHE Y 258 -29.65 -5.44 62.64
N ALA Y 259 -30.10 -5.83 63.84
CA ALA Y 259 -29.87 -5.02 65.02
C ALA Y 259 -28.91 -5.76 65.95
N PRO Y 260 -27.62 -5.44 65.94
CA PRO Y 260 -26.68 -6.19 66.79
C PRO Y 260 -27.02 -6.05 68.26
N PHE Y 261 -26.81 -7.12 69.01
CA PHE Y 261 -27.00 -7.07 70.44
C PHE Y 261 -25.80 -6.39 71.10
N ASP Y 262 -26.04 -5.90 72.33
CA ASP Y 262 -24.97 -5.31 73.19
C ASP Y 262 -24.86 -6.27 74.37
N TYR Y 263 -23.88 -7.16 74.38
CA TYR Y 263 -23.74 -8.22 75.38
C TYR Y 263 -23.02 -7.76 76.63
N GLN Y 264 -22.65 -6.49 76.73
CA GLN Y 264 -21.91 -6.04 77.91
C GLN Y 264 -22.69 -6.33 79.18
N MET Y 265 -23.96 -5.94 79.22
CA MET Y 265 -24.77 -6.20 80.41
C MET Y 265 -25.11 -7.68 80.54
N ALA Y 266 -25.43 -8.34 79.43
CA ALA Y 266 -25.79 -9.75 79.50
C ALA Y 266 -24.64 -10.58 80.06
N SER Y 267 -23.41 -10.32 79.59
CA SER Y 267 -22.27 -11.06 80.12
C SER Y 267 -22.08 -10.77 81.60
N LEU Y 268 -22.25 -9.52 82.01
CA LEU Y 268 -22.10 -9.18 83.42
C LEU Y 268 -23.11 -9.94 84.27
N ARG Y 269 -24.38 -9.96 83.84
CA ARG Y 269 -25.39 -10.67 84.61
C ARG Y 269 -25.12 -12.16 84.68
N SER Y 270 -24.71 -12.76 83.56
CA SER Y 270 -24.53 -14.20 83.48
C SER Y 270 -23.07 -14.59 83.70
N TRP Y 271 -22.52 -14.20 84.84
CA TRP Y 271 -21.19 -14.64 85.23
C TRP Y 271 -21.21 -15.83 86.17
N ALA Y 272 -22.20 -15.91 87.08
CA ALA Y 272 -22.29 -17.08 87.94
C ALA Y 272 -22.48 -18.36 87.13
N LEU Y 273 -23.06 -18.25 85.95
CA LEU Y 273 -23.24 -19.43 85.10
C LEU Y 273 -21.93 -19.80 84.40
N PHE Y 274 -21.17 -18.80 83.97
CA PHE Y 274 -19.92 -19.09 83.25
C PHE Y 274 -18.94 -19.85 84.13
N ASN Y 275 -18.83 -19.46 85.40
CA ASN Y 275 -17.95 -20.21 86.29
C ASN Y 275 -18.42 -21.63 86.49
N ASP Y 276 -19.72 -21.83 86.66
CA ASP Y 276 -20.24 -23.18 86.85
C ASP Y 276 -19.95 -24.07 85.65
N PHE Y 277 -19.78 -23.47 84.47
CA PHE Y 277 -19.42 -24.24 83.28
C PHE Y 277 -18.04 -24.87 83.45
N THR Y 278 -17.03 -24.05 83.78
CA THR Y 278 -15.68 -24.59 83.93
C THR Y 278 -15.63 -25.64 85.03
N LEU Y 279 -16.31 -25.39 86.14
CA LEU Y 279 -16.30 -26.35 87.23
C LEU Y 279 -16.92 -27.68 86.81
N TYR Y 280 -18.04 -27.64 86.10
CA TYR Y 280 -18.69 -28.87 85.68
C TYR Y 280 -17.84 -29.66 84.69
N LYS Y 281 -17.19 -28.96 83.76
CA LYS Y 281 -16.30 -29.63 82.82
C LYS Y 281 -15.14 -30.28 83.57
N ALA Y 282 -14.60 -29.58 84.56
CA ALA Y 282 -13.48 -30.14 85.32
C ALA Y 282 -13.88 -31.41 86.05
N ILE Y 283 -15.08 -31.43 86.64
CA ILE Y 283 -15.49 -32.60 87.43
C ILE Y 283 -15.96 -33.76 86.58
N GLU Y 284 -16.06 -33.61 85.26
CA GLU Y 284 -16.21 -34.78 84.41
C GLU Y 284 -14.96 -35.65 84.52
N THR Y 285 -13.78 -35.03 84.46
CA THR Y 285 -12.54 -35.77 84.62
C THR Y 285 -12.36 -36.30 86.04
N MET Y 286 -13.01 -35.67 87.04
CA MET Y 286 -13.05 -36.27 88.37
C MET Y 286 -13.50 -37.72 88.30
N ILE Y 287 -14.67 -37.96 87.73
CA ILE Y 287 -15.25 -39.29 87.73
C ILE Y 287 -14.43 -40.24 86.87
N LYS Y 288 -14.07 -39.80 85.66
CA LYS Y 288 -13.38 -40.68 84.74
C LYS Y 288 -12.02 -41.10 85.29
N ALA Y 289 -11.29 -40.17 85.90
CA ALA Y 289 -9.93 -40.48 86.33
C ALA Y 289 -9.90 -41.58 87.39
N VAL Y 290 -10.79 -41.53 88.37
CA VAL Y 290 -10.74 -42.45 89.50
C VAL Y 290 -11.20 -43.84 89.07
N PRO Y 291 -10.55 -44.91 89.54
CA PRO Y 291 -10.88 -46.25 89.03
C PRO Y 291 -12.17 -46.79 89.65
N GLU Y 292 -12.55 -47.97 89.15
CA GLU Y 292 -13.78 -48.61 89.59
C GLU Y 292 -13.66 -49.16 91.00
N SER Y 293 -12.47 -49.63 91.37
CA SER Y 293 -12.28 -50.34 92.63
C SER Y 293 -12.36 -49.44 93.85
N LYS Y 294 -12.75 -48.18 93.70
CA LYS Y 294 -12.83 -47.24 94.81
C LYS Y 294 -14.11 -46.43 94.74
N PHE Y 295 -15.16 -47.08 94.21
CA PHE Y 295 -16.50 -46.45 94.16
C PHE Y 295 -17.35 -47.20 95.16
N LYS Y 296 -18.23 -46.50 95.88
CA LYS Y 296 -19.03 -47.14 96.91
C LYS Y 296 -20.01 -48.15 96.32
N ASP Y 297 -20.78 -47.73 95.32
CA ASP Y 297 -21.82 -48.59 94.77
C ASP Y 297 -21.28 -49.61 93.78
N GLY Y 298 -20.04 -49.48 93.35
CA GLY Y 298 -19.44 -50.46 92.46
C GLY Y 298 -19.69 -50.16 91.00
N PRO Y 299 -20.09 -51.18 90.23
CA PRO Y 299 -20.14 -50.99 88.76
C PRO Y 299 -21.09 -49.91 88.31
N GLU Y 300 -22.36 -49.99 88.70
CA GLU Y 300 -23.36 -49.06 88.20
C GLU Y 300 -23.32 -47.75 88.99
N ARG Y 301 -22.13 -47.18 89.12
CA ARG Y 301 -21.97 -45.88 89.75
C ARG Y 301 -21.17 -44.96 88.85
N LYS Y 302 -20.24 -45.53 88.08
CA LYS Y 302 -19.47 -44.74 87.14
C LYS Y 302 -20.36 -44.14 86.06
N THR Y 303 -21.24 -44.94 85.47
CA THR Y 303 -21.93 -44.46 84.27
C THR Y 303 -22.99 -43.43 84.60
N GLN Y 304 -23.80 -43.63 85.63
CA GLN Y 304 -24.82 -42.64 85.93
C GLN Y 304 -24.29 -41.46 86.72
N LEU Y 305 -23.09 -41.57 87.31
CA LEU Y 305 -22.40 -40.37 87.76
C LEU Y 305 -21.83 -39.62 86.57
N ILE Y 306 -21.23 -40.34 85.62
CA ILE Y 306 -20.76 -39.69 84.41
C ILE Y 306 -21.94 -39.13 83.63
N LYS Y 307 -23.01 -39.91 83.48
CA LYS Y 307 -24.15 -39.43 82.70
C LYS Y 307 -24.86 -38.29 83.40
N GLN Y 308 -24.96 -38.34 84.74
CA GLN Y 308 -25.64 -37.27 85.45
C GLN Y 308 -24.91 -35.94 85.26
N ALA Y 309 -23.57 -35.97 85.30
CA ALA Y 309 -22.81 -34.75 85.09
C ALA Y 309 -22.99 -34.21 83.68
N ILE Y 310 -22.91 -35.09 82.68
CA ILE Y 310 -23.04 -34.64 81.30
C ILE Y 310 -24.45 -34.18 81.00
N ASN Y 311 -25.46 -34.85 81.56
CA ASN Y 311 -26.84 -34.43 81.32
C ASN Y 311 -27.06 -33.00 81.80
N ILE Y 312 -26.53 -32.67 82.97
CA ILE Y 312 -26.66 -31.30 83.45
C ILE Y 312 -25.63 -30.37 82.82
N PHE Y 313 -24.58 -30.91 82.20
CA PHE Y 313 -23.72 -30.09 81.37
C PHE Y 313 -24.48 -29.59 80.15
N GLU Y 314 -25.38 -30.39 79.62
CA GLU Y 314 -26.25 -29.95 78.53
C GLU Y 314 -27.11 -28.78 78.96
N THR Y 315 -27.67 -28.84 80.18
CA THR Y 315 -28.63 -27.83 80.61
C THR Y 315 -27.98 -26.45 80.65
N ILE Y 316 -26.75 -26.36 81.14
CA ILE Y 316 -26.10 -25.06 81.21
C ILE Y 316 -25.50 -24.65 79.86
N ARG Y 317 -25.07 -25.60 79.03
CA ARG Y 317 -24.56 -25.24 77.72
C ARG Y 317 -25.68 -24.70 76.83
N ASP Y 318 -26.86 -25.32 76.88
CA ASP Y 318 -27.98 -24.82 76.09
C ASP Y 318 -28.51 -23.51 76.65
N ARG Y 319 -28.35 -23.27 77.95
CA ARG Y 319 -28.68 -21.96 78.49
C ARG Y 319 -27.79 -20.89 77.90
N VAL Y 320 -26.49 -21.18 77.76
CA VAL Y 320 -25.58 -20.25 77.12
C VAL Y 320 -25.97 -20.03 75.67
N ILE Y 321 -26.28 -21.11 74.96
CA ILE Y 321 -26.69 -20.97 73.57
C ILE Y 321 -27.99 -20.21 73.47
N LEU Y 322 -28.84 -20.31 74.49
CA LEU Y 322 -30.07 -19.53 74.51
C LEU Y 322 -29.79 -18.04 74.69
N ILE Y 323 -28.79 -17.70 75.51
CA ILE Y 323 -28.46 -16.28 75.69
C ILE Y 323 -28.03 -15.66 74.37
N SER Y 324 -27.44 -16.46 73.47
CA SER Y 324 -27.10 -15.94 72.15
C SER Y 324 -28.34 -15.47 71.41
N GLU Y 325 -29.40 -16.27 71.43
CA GLU Y 325 -30.63 -15.86 70.75
C GLU Y 325 -31.36 -14.78 71.54
N HIS Y 326 -31.40 -14.91 72.87
CA HIS Y 326 -32.15 -13.99 73.72
C HIS Y 326 -31.28 -13.52 74.87
N PRO Y 327 -30.46 -12.47 74.67
CA PRO Y 327 -29.70 -11.93 75.80
C PRO Y 327 -30.58 -11.33 76.87
N GLU Y 328 -31.81 -10.93 76.55
CA GLU Y 328 -32.73 -10.49 77.57
C GLU Y 328 -33.08 -11.62 78.53
N ALA Y 329 -32.90 -12.87 78.12
CA ALA Y 329 -33.16 -14.01 78.99
C ALA Y 329 -32.11 -14.17 80.08
N ALA Y 330 -31.16 -13.23 80.20
CA ALA Y 330 -30.19 -13.29 81.28
C ALA Y 330 -30.82 -13.10 82.65
N LYS Y 331 -32.02 -12.53 82.71
CA LYS Y 331 -32.67 -12.30 84.00
C LYS Y 331 -32.98 -13.60 84.72
N GLU Y 332 -33.50 -14.59 83.99
CA GLU Y 332 -33.96 -15.82 84.62
C GLU Y 332 -32.84 -16.46 85.44
N ASP Y 333 -33.18 -16.89 86.64
CA ASP Y 333 -32.20 -17.52 87.50
C ASP Y 333 -31.86 -18.92 87.00
N PRO Y 334 -30.71 -19.47 87.39
CA PRO Y 334 -30.38 -20.83 86.98
C PRO Y 334 -31.42 -21.83 87.47
N ASP Y 335 -31.66 -22.86 86.67
CA ASP Y 335 -32.58 -23.93 87.02
C ASP Y 335 -31.87 -25.28 87.07
N HIS Y 336 -30.58 -25.27 87.39
CA HIS Y 336 -29.76 -26.47 87.38
C HIS Y 336 -29.10 -26.66 88.73
N MET Y 337 -28.76 -27.90 89.03
CA MET Y 337 -28.14 -28.22 90.31
C MET Y 337 -26.79 -27.52 90.44
N LYS Y 338 -26.47 -27.09 91.65
CA LYS Y 338 -25.24 -26.36 91.88
C LYS Y 338 -24.04 -27.29 91.67
N PRO Y 339 -22.90 -26.77 91.20
CA PRO Y 339 -21.68 -27.60 91.20
C PRO Y 339 -21.28 -28.06 92.59
N GLY Y 340 -21.51 -27.22 93.61
CA GLY Y 340 -21.19 -27.65 94.97
C GLY Y 340 -22.01 -28.85 95.41
N ASP Y 341 -23.32 -28.81 95.18
CA ASP Y 341 -24.16 -29.93 95.59
C ASP Y 341 -23.81 -31.19 94.81
N PHE Y 342 -23.64 -31.06 93.49
CA PHE Y 342 -23.26 -32.22 92.71
C PHE Y 342 -21.87 -32.70 93.06
N ARG Y 343 -20.95 -31.78 93.33
CA ARG Y 343 -19.62 -32.20 93.78
C ARG Y 343 -19.73 -32.98 95.09
N LEU Y 344 -20.53 -32.47 96.04
CA LEU Y 344 -20.79 -33.22 97.26
C LEU Y 344 -21.25 -34.64 96.94
N GLU Y 345 -22.16 -34.78 95.99
CA GLU Y 345 -22.62 -36.11 95.60
C GLU Y 345 -21.47 -36.98 95.10
N VAL Y 346 -20.50 -36.38 94.42
CA VAL Y 346 -19.36 -37.14 93.92
C VAL Y 346 -18.56 -37.74 95.07
N LEU Y 347 -18.21 -36.93 96.06
CA LEU Y 347 -17.37 -37.42 97.15
C LEU Y 347 -18.12 -38.33 98.11
N ASN Y 348 -19.44 -38.20 98.21
CA ASN Y 348 -20.19 -39.06 99.12
C ASN Y 348 -20.10 -40.52 98.70
N SER Y 349 -20.00 -40.79 97.40
CA SER Y 349 -20.02 -42.13 96.86
C SER Y 349 -18.60 -42.66 96.63
N ILE Y 350 -17.66 -42.29 97.49
CA ILE Y 350 -16.26 -42.67 97.36
C ILE Y 350 -15.83 -43.42 98.61
N GLN Y 351 -15.25 -44.60 98.41
CA GLN Y 351 -14.70 -45.36 99.52
C GLN Y 351 -13.48 -44.64 100.11
N THR Y 352 -13.20 -44.95 101.36
CA THR Y 352 -12.17 -44.26 102.12
C THR Y 352 -11.31 -45.26 102.88
N LYS Y 353 -10.15 -44.79 103.34
CA LYS Y 353 -9.22 -45.62 104.08
C LYS Y 353 -9.14 -45.12 105.52
N LEU Y 354 -9.19 -46.05 106.47
CA LEU Y 354 -9.27 -45.72 107.89
C LEU Y 354 -7.85 -45.61 108.45
N PHE Y 355 -7.20 -44.51 108.14
CA PHE Y 355 -5.84 -44.29 108.65
C PHE Y 355 -5.93 -44.05 110.14
N HIS Y 356 -5.76 -45.12 110.92
CA HIS Y 356 -5.84 -45.04 112.40
C HIS Y 356 -4.44 -44.71 112.92
N ALA Y 357 -4.17 -43.44 113.21
CA ALA Y 357 -2.86 -43.03 113.70
C ALA Y 357 -2.61 -43.66 115.06
N GLN Y 358 -1.36 -44.09 115.27
CA GLN Y 358 -0.97 -44.79 116.48
C GLN Y 358 0.27 -44.14 117.06
N SER Y 359 0.33 -44.04 118.38
CA SER Y 359 1.43 -43.37 119.07
C SER Y 359 2.48 -44.40 119.45
N GLN Y 360 3.59 -44.42 118.71
CA GLN Y 360 4.66 -45.35 119.00
C GLN Y 360 5.35 -44.98 120.33
N PRO Y 361 5.55 -45.96 121.22
CA PRO Y 361 6.31 -45.69 122.45
C PRO Y 361 7.81 -45.86 122.25
N ILE Y 362 8.59 -44.82 122.58
CA ILE Y 362 10.03 -44.89 122.45
C ILE Y 362 10.65 -44.77 123.85
N PRO Y 363 11.68 -45.56 124.18
CA PRO Y 363 12.29 -45.44 125.50
C PRO Y 363 12.85 -44.04 125.74
N ASN Y 364 12.99 -43.70 127.02
CA ASN Y 364 13.50 -42.39 127.44
C ASN Y 364 12.49 -41.29 127.11
N THR Y 365 11.21 -41.58 127.32
CA THR Y 365 10.14 -40.62 127.11
C THR Y 365 9.06 -40.85 128.15
N ASP Y 366 8.67 -39.79 128.85
CA ASP Y 366 7.64 -39.84 129.88
C ASP Y 366 6.52 -38.88 129.50
N ASP Y 367 5.30 -39.41 129.40
CA ASP Y 367 4.13 -38.64 128.98
C ASP Y 367 4.29 -38.07 127.57
N TYR Y 368 5.29 -38.53 126.83
CA TYR Y 368 5.54 -38.09 125.46
C TYR Y 368 5.63 -39.33 124.57
N TRP Y 369 4.81 -39.37 123.53
CA TRP Y 369 4.75 -40.51 122.63
C TRP Y 369 5.26 -40.09 121.25
N THR Y 370 5.18 -41.00 120.29
CA THR Y 370 5.57 -40.73 118.91
C THR Y 370 4.43 -41.15 118.01
N ASP Y 371 3.73 -40.18 117.44
CA ASP Y 371 2.54 -40.42 116.62
C ASP Y 371 2.99 -40.85 115.23
N VAL Y 372 2.61 -42.06 114.82
CA VAL Y 372 2.87 -42.58 113.49
C VAL Y 372 1.52 -42.84 112.82
N ILE Y 373 1.29 -42.22 111.67
CA ILE Y 373 0.03 -42.35 110.96
C ILE Y 373 0.20 -43.52 109.98
N LEU Y 374 0.00 -44.74 110.49
CA LEU Y 374 0.08 -45.95 109.70
C LEU Y 374 -1.21 -46.74 109.82
N THR Y 375 -1.68 -47.28 108.71
CA THR Y 375 -2.92 -48.05 108.68
C THR Y 375 -2.79 -49.41 109.35
N THR Y 376 -1.56 -49.89 109.54
CA THR Y 376 -1.36 -51.21 110.14
C THR Y 376 -1.38 -51.09 111.66
N LYS Y 377 -2.16 -51.97 112.30
CA LYS Y 377 -2.23 -51.97 113.75
C LYS Y 377 -0.88 -52.34 114.35
N GLY Y 378 -0.46 -51.60 115.38
CA GLY Y 378 0.80 -51.84 116.04
C GLY Y 378 0.62 -52.38 117.45
N SER Y 379 1.71 -52.87 118.03
CA SER Y 379 1.69 -53.41 119.39
C SER Y 379 2.29 -52.39 120.35
N GLY Y 380 1.51 -51.99 121.35
CA GLY Y 380 1.96 -51.01 122.31
C GLY Y 380 1.85 -49.57 121.88
N ASN Y 381 1.34 -49.37 120.66
CA ASN Y 381 1.19 -47.98 120.11
C ASN Y 381 -0.23 -47.49 120.43
N GLN Y 382 -0.36 -46.30 121.02
CA GLN Y 382 -1.67 -45.79 121.39
C GLN Y 382 -2.39 -45.25 120.16
N PRO Y 383 -3.56 -45.78 119.78
CA PRO Y 383 -4.30 -45.19 118.66
C PRO Y 383 -4.89 -43.84 119.02
N LEU Y 384 -4.81 -42.91 118.07
CA LEU Y 384 -5.31 -41.55 118.29
C LEU Y 384 -6.74 -41.38 117.77
N PHE Y 385 -6.95 -41.57 116.47
CA PHE Y 385 -8.27 -41.48 115.88
C PHE Y 385 -8.30 -42.33 114.63
N THR Y 386 -9.48 -42.82 114.28
CA THR Y 386 -9.69 -43.60 113.07
C THR Y 386 -10.71 -42.87 112.20
N PHE Y 387 -10.30 -42.52 110.98
CA PHE Y 387 -11.06 -41.64 110.11
C PHE Y 387 -11.00 -42.10 108.66
N PRO Y 388 -12.07 -41.90 107.90
CA PRO Y 388 -11.98 -42.15 106.46
C PRO Y 388 -10.96 -41.22 105.81
N ALA Y 389 -10.23 -41.75 104.83
CA ALA Y 389 -9.25 -40.97 104.09
C ALA Y 389 -9.20 -41.44 102.65
N PHE Y 390 -8.51 -40.67 101.81
CA PHE Y 390 -8.41 -40.93 100.38
C PHE Y 390 -7.04 -41.48 100.06
N ASP Y 391 -7.01 -42.69 99.51
CA ASP Y 391 -5.76 -43.40 99.24
C ASP Y 391 -5.39 -43.37 97.77
N PHE Y 392 -5.96 -42.45 97.00
CA PHE Y 392 -5.69 -42.36 95.57
C PHE Y 392 -5.93 -40.93 95.11
N GLY Y 393 -5.14 -40.51 94.14
CA GLY Y 393 -5.25 -39.15 93.63
C GLY Y 393 -6.44 -39.03 92.72
N ASP Y 394 -6.28 -38.31 91.62
CA ASP Y 394 -7.31 -38.15 90.60
C ASP Y 394 -8.57 -37.48 91.13
N LEU Y 395 -8.54 -36.97 92.36
CA LEU Y 395 -9.67 -36.22 92.93
C LEU Y 395 -9.16 -34.80 93.17
N ILE Y 396 -9.57 -33.87 92.31
CA ILE Y 396 -9.03 -32.52 92.42
C ILE Y 396 -9.41 -31.94 93.77
N GLY Y 397 -8.61 -30.98 94.23
CA GLY Y 397 -8.78 -30.41 95.54
C GLY Y 397 -8.15 -31.19 96.67
N THR Y 398 -7.29 -32.16 96.35
CA THR Y 398 -6.65 -33.04 97.36
C THR Y 398 -5.15 -33.05 97.18
N GLU Y 399 -4.40 -33.18 98.27
CA GLU Y 399 -2.94 -33.28 98.27
C GLU Y 399 -2.50 -34.39 99.21
N VAL Y 400 -1.30 -34.91 98.96
CA VAL Y 400 -0.79 -36.07 99.66
C VAL Y 400 0.18 -35.63 100.75
N VAL Y 401 0.17 -36.38 101.85
CA VAL Y 401 1.09 -36.18 102.96
C VAL Y 401 1.93 -37.45 103.07
N SER Y 402 3.09 -37.45 102.42
CA SER Y 402 3.93 -38.63 102.31
C SER Y 402 5.08 -38.52 103.31
N PHE Y 403 5.00 -39.31 104.37
CA PHE Y 403 6.08 -39.31 105.35
C PHE Y 403 7.39 -39.73 104.69
N GLY Y 404 8.47 -39.05 105.05
CA GLY Y 404 9.79 -39.40 104.57
C GLY Y 404 10.62 -40.03 105.67
N LYS Y 405 10.86 -41.33 105.57
CA LYS Y 405 11.68 -42.04 106.53
C LYS Y 405 13.03 -42.35 105.91
N LYS Y 406 14.10 -41.92 106.57
CA LYS Y 406 15.43 -42.15 106.06
C LYS Y 406 15.73 -43.65 106.00
N LYS Y 407 15.93 -44.17 104.78
CA LYS Y 407 16.42 -45.55 104.65
C LYS Y 407 17.85 -45.65 105.14
N ASN Y 408 18.64 -44.59 104.98
CA ASN Y 408 20.00 -44.52 105.48
C ASN Y 408 20.06 -44.20 106.97
N GLY Y 409 18.91 -43.93 107.58
CA GLY Y 409 18.87 -43.60 108.99
C GLY Y 409 17.52 -43.90 109.59
N GLU Y 410 17.05 -43.04 110.51
CA GLU Y 410 15.77 -43.25 111.14
C GLU Y 410 14.97 -41.96 111.27
N GLU Y 411 15.40 -40.88 110.65
CA GLU Y 411 14.68 -39.60 110.76
C GLU Y 411 13.25 -39.77 110.26
N TYR Y 412 12.32 -39.19 111.02
CA TYR Y 412 10.91 -39.14 110.64
C TYR Y 412 10.64 -37.81 109.96
N ASN Y 413 10.08 -37.86 108.74
CA ASN Y 413 9.74 -36.66 108.00
C ASN Y 413 8.27 -36.70 107.59
N CYS Y 414 7.76 -35.52 107.26
CA CYS Y 414 6.36 -35.35 106.87
C CYS Y 414 6.30 -34.25 105.83
N LEU Y 415 6.22 -34.62 104.56
CA LEU Y 415 6.22 -33.68 103.46
C LEU Y 415 4.92 -33.80 102.68
N ILE Y 416 4.24 -32.68 102.49
CA ILE Y 416 2.98 -32.66 101.75
C ILE Y 416 3.28 -32.46 100.28
N GLY Y 417 2.68 -33.31 99.44
CA GLY Y 417 2.89 -33.18 98.01
C GLY Y 417 4.33 -33.34 97.59
N GLU Y 418 5.18 -33.91 98.45
CA GLU Y 418 6.59 -34.14 98.14
C GLU Y 418 6.93 -35.54 98.60
N ARG Y 419 7.06 -36.46 97.66
CA ARG Y 419 7.32 -37.85 97.99
C ARG Y 419 8.81 -38.05 98.28
N VAL Y 420 9.17 -39.30 98.58
CA VAL Y 420 10.56 -39.65 98.76
C VAL Y 420 11.32 -39.58 97.45
N THR Y 421 10.64 -39.73 96.31
CA THR Y 421 11.31 -39.82 95.02
C THR Y 421 12.18 -38.60 94.74
N SER Y 422 11.85 -37.45 95.32
CA SER Y 422 12.68 -36.26 95.13
C SER Y 422 14.08 -36.49 95.69
N LEU Y 423 14.16 -37.12 96.86
CA LEU Y 423 15.44 -37.45 97.49
C LEU Y 423 15.78 -38.91 97.19
N ASP Y 424 16.85 -39.40 97.81
CA ASP Y 424 17.33 -40.76 97.60
C ASP Y 424 17.48 -41.47 98.94
N ASP Y 425 17.08 -42.73 98.99
CA ASP Y 425 17.15 -43.55 100.21
C ASP Y 425 16.30 -42.94 101.32
N TYR Y 426 14.98 -42.98 101.06
CA TYR Y 426 13.99 -42.48 102.04
C TYR Y 426 12.81 -43.45 101.98
N LYS Y 427 12.64 -44.28 103.01
CA LYS Y 427 11.49 -45.23 103.07
C LYS Y 427 10.17 -44.45 103.12
N GLU Y 428 9.09 -45.07 102.63
CA GLU Y 428 7.76 -44.41 102.66
C GLU Y 428 6.94 -44.97 103.82
N LEU Y 429 6.62 -44.13 104.81
CA LEU Y 429 5.78 -44.59 105.96
C LEU Y 429 4.31 -44.59 105.51
N SER Y 430 3.78 -43.43 105.14
CA SER Y 430 2.37 -43.32 104.78
C SER Y 430 2.17 -42.20 103.77
N TYR Y 431 1.41 -42.49 102.73
CA TYR Y 431 1.02 -41.48 101.75
C TYR Y 431 -0.46 -41.64 101.47
N PHE Y 432 -1.18 -40.53 101.47
CA PHE Y 432 -2.62 -40.55 101.23
C PHE Y 432 -3.11 -39.14 100.95
N TRP Y 433 -3.83 -38.96 99.84
CA TRP Y 433 -4.29 -37.63 99.46
C TRP Y 433 -5.38 -37.15 100.43
N VAL Y 434 -5.38 -35.84 100.71
CA VAL Y 434 -6.34 -35.25 101.63
C VAL Y 434 -6.68 -33.84 101.14
N PHE Y 435 -7.74 -33.28 101.72
CA PHE Y 435 -8.11 -31.90 101.42
C PHE Y 435 -7.31 -30.96 102.29
N PRO Y 436 -6.43 -30.12 101.72
CA PRO Y 436 -5.74 -29.13 102.55
C PRO Y 436 -6.66 -28.08 103.14
N ASP Y 437 -7.86 -27.91 102.58
CA ASP Y 437 -8.82 -26.91 103.06
C ASP Y 437 -10.14 -27.59 103.32
N SER Y 438 -11.05 -26.85 103.96
CA SER Y 438 -12.34 -27.40 104.32
C SER Y 438 -13.29 -27.33 103.14
N VAL Y 439 -14.36 -28.11 103.22
CA VAL Y 439 -15.41 -28.10 102.21
C VAL Y 439 -16.75 -28.01 102.93
N GLN Y 440 -17.76 -27.53 102.23
CA GLN Y 440 -19.08 -27.37 102.83
C GLN Y 440 -19.60 -28.72 103.32
N LYS Y 441 -19.74 -28.83 104.63
CA LYS Y 441 -20.43 -29.92 105.30
C LYS Y 441 -19.86 -31.30 105.00
N PHE Y 442 -18.63 -31.39 104.48
CA PHE Y 442 -17.97 -32.68 104.32
C PHE Y 442 -16.69 -32.77 105.14
N ALA Y 443 -15.75 -31.85 104.94
CA ALA Y 443 -14.43 -31.91 105.57
C ALA Y 443 -14.35 -30.81 106.62
N MET Y 444 -14.72 -31.13 107.86
CA MET Y 444 -14.76 -30.16 108.92
C MET Y 444 -13.81 -30.46 110.07
N GLU Y 445 -13.37 -31.70 110.24
CA GLU Y 445 -12.44 -32.05 111.30
C GLU Y 445 -11.02 -31.85 110.82
N MET Y 446 -10.13 -31.50 111.75
CA MET Y 446 -8.82 -30.96 111.44
C MET Y 446 -7.70 -31.89 111.89
N TYR Y 447 -6.58 -31.84 111.18
CA TYR Y 447 -5.35 -32.50 111.59
C TYR Y 447 -4.18 -31.56 111.32
N GLY Y 448 -3.25 -31.52 112.26
CA GLY Y 448 -2.08 -30.65 112.14
C GLY Y 448 -0.80 -31.41 112.41
N VAL Y 449 0.27 -30.97 111.76
CA VAL Y 449 1.57 -31.61 111.84
C VAL Y 449 2.52 -30.70 112.61
N SER Y 450 3.24 -31.29 113.56
CA SER Y 450 4.29 -30.60 114.28
C SER Y 450 5.46 -31.57 114.50
N LYS Y 451 6.68 -31.04 114.46
CA LYS Y 451 7.89 -31.83 114.56
C LYS Y 451 8.88 -31.16 115.50
N VAL Y 452 9.61 -31.97 116.26
CA VAL Y 452 10.61 -31.46 117.20
C VAL Y 452 11.97 -31.44 116.49
N PRO Y 453 12.62 -30.28 116.35
CA PRO Y 453 13.89 -30.27 115.61
C PRO Y 453 14.96 -31.18 116.21
N THR Y 454 15.04 -31.24 117.54
CA THR Y 454 16.11 -32.03 118.16
C THR Y 454 15.93 -33.51 117.86
N ARG Y 455 14.70 -34.02 117.96
CA ARG Y 455 14.40 -35.42 117.73
C ARG Y 455 13.16 -35.50 116.86
N ASN Y 456 13.22 -36.36 115.82
CA ASN Y 456 12.14 -36.45 114.86
C ASN Y 456 10.99 -37.27 115.42
N TYR Y 457 10.42 -36.82 116.52
CA TYR Y 457 9.22 -37.45 117.10
C TYR Y 457 8.02 -36.78 116.46
N MET Y 458 7.43 -37.45 115.47
CA MET Y 458 6.28 -36.90 114.78
C MET Y 458 5.21 -36.50 115.78
N ARG Y 459 4.81 -35.23 115.74
CA ARG Y 459 3.81 -34.68 116.63
C ARG Y 459 2.66 -34.19 115.76
N VAL Y 460 1.77 -35.11 115.41
CA VAL Y 460 0.56 -34.81 114.64
C VAL Y 460 -0.61 -34.85 115.61
N TYR Y 461 -1.42 -33.81 115.60
CA TYR Y 461 -2.49 -33.68 116.57
C TYR Y 461 -3.67 -32.96 115.92
N ALA Y 462 -4.81 -33.03 116.60
CA ALA Y 462 -6.02 -32.34 116.15
C ALA Y 462 -5.85 -30.85 116.42
N ALA Y 463 -5.44 -30.10 115.41
CA ALA Y 463 -5.11 -28.68 115.57
C ALA Y 463 -6.40 -27.86 115.56
N ASP Y 464 -6.23 -26.54 115.59
CA ASP Y 464 -7.37 -25.61 115.63
C ASP Y 464 -7.08 -24.45 114.66
N GLN Y 465 -8.08 -23.63 114.38
CA GLN Y 465 -7.88 -22.47 113.51
C GLN Y 465 -6.86 -21.52 114.12
N SER Y 466 -6.76 -21.53 115.45
CA SER Y 466 -5.79 -20.66 116.16
C SER Y 466 -4.39 -21.27 116.06
N ASP Y 467 -4.28 -22.60 116.02
CA ASP Y 467 -2.95 -23.24 115.82
C ASP Y 467 -2.34 -22.68 114.54
N ILE Y 468 -3.17 -22.41 113.53
CA ILE Y 468 -2.68 -21.77 112.27
C ILE Y 468 -2.25 -20.34 112.63
N GLU Y 469 -3.16 -19.56 113.22
CA GLU Y 469 -2.84 -18.15 113.58
C GLU Y 469 -1.48 -18.09 114.31
N ASN Y 470 -1.36 -18.80 115.43
CA ASN Y 470 -0.07 -18.84 116.17
C ASN Y 470 0.57 -20.21 115.96
N PRO Y 471 1.49 -20.39 114.99
CA PRO Y 471 2.08 -21.73 114.69
C PRO Y 471 3.26 -22.04 115.60
N ARG Y 472 3.42 -23.31 115.97
CA ARG Y 472 4.55 -23.73 116.78
C ARG Y 472 5.77 -23.94 115.88
N PRO Y 473 6.97 -23.98 116.46
CA PRO Y 473 8.16 -24.17 115.63
C PRO Y 473 8.10 -25.47 114.84
N TYR Y 474 8.59 -25.44 113.59
CA TYR Y 474 8.67 -26.69 112.77
C TYR Y 474 7.30 -27.33 112.55
N GLN Y 475 6.21 -26.55 112.64
CA GLN Y 475 4.90 -27.10 112.34
C GLN Y 475 4.69 -26.99 110.84
N ARG Y 476 4.62 -28.13 110.15
CA ARG Y 476 4.72 -28.14 108.70
C ARG Y 476 3.41 -27.75 108.03
N PHE Y 477 2.37 -28.56 108.22
CA PHE Y 477 1.13 -28.37 107.48
C PHE Y 477 -0.05 -28.88 108.30
N TRP Y 478 -1.23 -28.39 107.94
CA TRP Y 478 -2.47 -28.78 108.58
C TRP Y 478 -3.51 -29.10 107.51
N PHE Y 479 -4.34 -30.10 107.78
CA PHE Y 479 -5.26 -30.64 106.79
C PHE Y 479 -6.57 -31.04 107.44
N TYR Y 480 -7.63 -31.00 106.65
CA TYR Y 480 -8.97 -31.36 107.08
C TYR Y 480 -9.35 -32.72 106.53
N VAL Y 481 -10.00 -33.52 107.37
CA VAL Y 481 -10.42 -34.87 107.00
C VAL Y 481 -11.94 -34.93 107.02
N PRO Y 482 -12.58 -35.74 106.18
CA PRO Y 482 -14.05 -35.77 106.14
C PRO Y 482 -14.66 -36.10 107.49
N SER Y 483 -15.79 -35.45 107.77
CA SER Y 483 -16.53 -35.67 109.01
C SER Y 483 -17.53 -36.79 108.79
N ALA Y 484 -17.52 -37.78 109.69
CA ALA Y 484 -18.44 -38.90 109.59
C ALA Y 484 -19.88 -38.51 109.86
N ASN Y 485 -20.12 -37.30 110.37
CA ASN Y 485 -21.48 -36.85 110.67
C ASN Y 485 -22.30 -36.54 109.42
N SER Y 486 -21.68 -36.51 108.25
CA SER Y 486 -22.41 -36.20 107.03
C SER Y 486 -23.48 -37.27 106.78
N PRO Y 487 -24.70 -36.90 106.41
CA PRO Y 487 -25.73 -37.91 106.19
C PRO Y 487 -25.57 -38.59 104.84
N PRO Y 488 -25.58 -39.93 104.79
CA PRO Y 488 -25.44 -40.60 103.50
C PRO Y 488 -26.76 -40.73 102.75
N GLY Z 2 -11.74 -28.97 70.12
CA GLY Z 2 -11.52 -29.38 68.75
C GLY Z 2 -11.05 -28.25 67.86
N GLU Z 3 -9.76 -27.95 67.92
CA GLU Z 3 -9.18 -26.90 67.08
C GLU Z 3 -7.94 -27.40 66.35
N VAL Z 4 -7.27 -28.41 66.91
CA VAL Z 4 -6.08 -28.97 66.30
C VAL Z 4 -6.18 -30.50 66.33
N VAL Z 5 -5.40 -31.13 65.48
CA VAL Z 5 -5.37 -32.59 65.40
C VAL Z 5 -4.00 -33.05 64.91
N PRO Z 6 -3.43 -34.10 65.49
CA PRO Z 6 -2.12 -34.57 64.99
C PRO Z 6 -2.20 -35.00 63.54
N TYR Z 7 -1.11 -34.75 62.82
CA TYR Z 7 -1.07 -35.07 61.39
C TYR Z 7 -1.26 -36.56 61.17
N LYS Z 8 -2.11 -36.91 60.22
CA LYS Z 8 -2.31 -38.28 59.79
C LYS Z 8 -1.99 -38.39 58.31
N ALA Z 9 -1.13 -39.33 57.95
CA ALA Z 9 -0.63 -39.38 56.58
C ALA Z 9 -1.79 -39.52 55.61
N GLY Z 10 -1.64 -38.90 54.44
CA GLY Z 10 -2.68 -38.87 53.45
C GLY Z 10 -3.61 -37.68 53.54
N MET Z 11 -3.50 -36.89 54.60
CA MET Z 11 -4.37 -35.72 54.76
C MET Z 11 -4.21 -34.79 53.57
N GLN Z 12 -5.33 -34.31 53.07
CA GLN Z 12 -5.35 -33.36 51.97
C GLN Z 12 -6.03 -32.09 52.44
N ARG Z 13 -5.40 -30.95 52.20
CA ARG Z 13 -5.96 -29.68 52.63
C ARG Z 13 -7.37 -29.52 52.07
N GLY Z 14 -8.29 -29.10 52.93
CA GLY Z 14 -9.66 -28.87 52.50
C GLY Z 14 -10.45 -30.15 52.35
N GLN Z 15 -10.60 -30.89 53.44
CA GLN Z 15 -11.36 -32.12 53.44
C GLN Z 15 -12.14 -32.23 54.74
N GLY Z 16 -13.25 -32.96 54.67
CA GLY Z 16 -14.06 -33.15 55.86
C GLY Z 16 -13.36 -33.98 56.91
N TYR Z 17 -13.76 -33.77 58.16
CA TYR Z 17 -13.17 -34.48 59.29
C TYR Z 17 -14.27 -34.81 60.27
N ASN Z 18 -14.54 -36.10 60.46
CA ASN Z 18 -15.53 -36.57 61.43
C ASN Z 18 -14.86 -36.54 62.80
N THR Z 19 -15.07 -35.46 63.55
CA THR Z 19 -14.30 -35.26 64.77
C THR Z 19 -14.54 -36.36 65.80
N TYR Z 20 -15.72 -36.98 65.79
CA TYR Z 20 -15.98 -38.08 66.72
C TYR Z 20 -15.17 -39.32 66.34
N LEU Z 21 -15.38 -39.83 65.12
CA LEU Z 21 -14.64 -40.99 64.66
C LEU Z 21 -13.19 -40.69 64.34
N GLN Z 22 -12.80 -39.41 64.32
CA GLN Z 22 -11.42 -39.01 64.05
C GLN Z 22 -10.92 -39.58 62.73
N SER Z 23 -11.84 -39.85 61.81
CA SER Z 23 -11.50 -40.39 60.50
C SER Z 23 -11.37 -39.25 59.50
N LEU Z 24 -11.19 -39.59 58.23
CA LEU Z 24 -11.08 -38.61 57.15
C LEU Z 24 -12.31 -38.71 56.26
N CYS Z 25 -12.75 -37.57 55.76
CA CYS Z 25 -13.95 -37.51 54.93
C CYS Z 25 -13.66 -36.82 53.61
N VAL Z 26 -14.71 -36.50 52.85
CA VAL Z 26 -14.55 -36.10 51.46
C VAL Z 26 -13.45 -35.08 51.32
N LYS Z 27 -12.66 -35.22 50.25
CA LYS Z 27 -11.58 -34.29 49.96
C LYS Z 27 -12.04 -33.25 48.95
N ASP Z 28 -11.54 -32.03 49.13
CA ASP Z 28 -11.82 -30.93 48.21
C ASP Z 28 -13.23 -30.39 48.38
N ALA Z 29 -13.78 -30.46 49.58
CA ALA Z 29 -15.03 -29.77 49.87
C ALA Z 29 -14.81 -28.28 49.99
N VAL Z 30 -13.62 -27.87 50.43
CA VAL Z 30 -13.29 -26.47 50.63
C VAL Z 30 -12.07 -26.13 49.79
N THR Z 31 -12.17 -25.09 48.99
CA THR Z 31 -11.06 -24.59 48.20
C THR Z 31 -10.51 -23.34 48.88
N ILE Z 32 -9.22 -23.34 49.16
CA ILE Z 32 -8.54 -22.20 49.78
C ILE Z 32 -7.68 -21.54 48.72
N GLU Z 33 -7.95 -20.27 48.45
CA GLU Z 33 -7.17 -19.49 47.49
C GLU Z 33 -6.09 -18.72 48.24
N ARG Z 34 -4.85 -18.96 47.88
CA ARG Z 34 -3.72 -18.23 48.44
C ARG Z 34 -3.60 -16.91 47.69
N HIS Z 35 -4.21 -15.85 48.23
CA HIS Z 35 -4.15 -14.56 47.56
C HIS Z 35 -2.72 -14.06 47.44
N ASP Z 36 -1.94 -14.21 48.51
CA ASP Z 36 -0.56 -13.74 48.56
C ASP Z 36 0.36 -14.92 48.81
N ASP Z 37 1.43 -15.01 48.02
CA ASP Z 37 2.41 -16.09 48.17
C ASP Z 37 3.49 -15.62 49.14
N SER Z 38 3.34 -16.00 50.40
CA SER Z 38 4.31 -15.64 51.43
C SER Z 38 4.18 -16.58 52.60
N ASN Z 39 5.30 -17.02 53.15
CA ASN Z 39 5.26 -17.92 54.28
C ASN Z 39 4.74 -17.17 55.52
N PRO Z 40 4.01 -17.87 56.40
CA PRO Z 40 3.40 -17.19 57.53
C PRO Z 40 4.43 -16.86 58.60
N PRO Z 41 4.08 -15.99 59.55
CA PRO Z 41 5.02 -15.68 60.63
C PRO Z 41 5.35 -16.91 61.46
N PHE Z 42 6.57 -16.94 61.99
CA PHE Z 42 7.09 -18.14 62.64
C PHE Z 42 7.74 -17.78 63.97
N LYS Z 43 7.81 -18.78 64.84
CA LYS Z 43 8.39 -18.64 66.17
C LYS Z 43 9.56 -19.61 66.30
N LYS Z 44 10.69 -19.12 66.79
CA LYS Z 44 11.92 -19.90 66.87
C LYS Z 44 12.36 -20.08 68.32
N GLU Z 45 13.04 -21.21 68.56
CA GLU Z 45 13.70 -21.47 69.83
C GLU Z 45 15.09 -22.03 69.54
N TYR Z 46 16.01 -21.85 70.48
CA TYR Z 46 17.38 -22.34 70.30
C TYR Z 46 17.99 -22.52 71.69
N TYR Z 47 18.06 -23.77 72.14
CA TYR Z 47 18.73 -24.13 73.39
C TYR Z 47 20.02 -24.83 73.03
N SER Z 48 21.15 -24.32 73.54
CA SER Z 48 22.46 -24.83 73.19
C SER Z 48 23.30 -25.04 74.44
N GLU Z 49 24.10 -26.10 74.42
CA GLU Z 49 25.04 -26.41 75.50
C GLU Z 49 26.37 -26.81 74.89
N PHE Z 50 27.46 -26.33 75.48
CA PHE Z 50 28.81 -26.71 75.06
C PHE Z 50 29.59 -27.05 76.32
N ILE Z 51 29.59 -28.33 76.70
CA ILE Z 51 30.14 -28.74 77.98
C ILE Z 51 31.66 -28.56 77.99
N GLU Z 52 32.20 -28.48 79.21
CA GLU Z 52 33.58 -28.06 79.42
C GLU Z 52 34.55 -28.87 78.56
N GLU Z 53 35.73 -28.30 78.37
CA GLU Z 53 36.85 -28.99 77.72
C GLU Z 53 37.71 -29.57 78.82
N TYR Z 54 37.54 -30.86 79.10
CA TYR Z 54 38.28 -31.53 80.16
C TYR Z 54 39.73 -31.67 79.70
N GLU Z 55 40.47 -30.55 79.83
CA GLU Z 55 41.90 -30.56 79.44
C GLU Z 55 42.76 -30.81 80.68
N LYS Z 56 43.40 -31.97 80.73
CA LYS Z 56 44.21 -32.37 81.87
C LYS Z 56 45.53 -32.92 81.37
N ILE Z 57 46.61 -32.18 81.60
CA ILE Z 57 47.95 -32.64 81.30
C ILE Z 57 48.63 -32.96 82.62
N ALA Z 58 49.05 -34.21 82.80
CA ALA Z 58 49.87 -34.63 83.91
C ALA Z 58 51.17 -35.19 83.34
N LYS Z 59 52.30 -34.66 83.78
CA LYS Z 59 53.59 -34.96 83.18
C LYS Z 59 54.60 -35.27 84.27
N SER Z 60 55.53 -36.17 83.97
CA SER Z 60 56.48 -36.68 84.95
C SER Z 60 57.91 -36.40 84.50
N MET Z 61 58.78 -36.05 85.45
CA MET Z 61 60.22 -35.88 85.14
C MET Z 61 61.03 -36.34 86.36
N ARG Z 62 61.49 -37.60 86.33
CA ARG Z 62 62.23 -38.24 87.42
C ARG Z 62 63.64 -38.53 86.95
N ILE Z 63 64.62 -37.94 87.63
CA ILE Z 63 66.03 -38.14 87.30
C ILE Z 63 66.74 -38.58 88.57
N SER Z 64 67.74 -39.44 88.40
CA SER Z 64 68.52 -39.92 89.53
C SER Z 64 69.87 -40.37 89.02
N ALA Z 65 70.94 -39.78 89.55
CA ALA Z 65 72.29 -40.14 89.16
C ALA Z 65 73.24 -39.88 90.32
N GLY Z 66 74.31 -40.67 90.36
CA GLY Z 66 75.32 -40.54 91.41
C GLY Z 66 76.32 -41.67 91.40
N VAL Z 78 81.48 -46.14 88.44
CA VAL Z 78 80.17 -46.77 88.60
C VAL Z 78 79.12 -45.70 88.83
N ASN Z 79 78.82 -44.95 87.78
CA ASN Z 79 77.83 -43.88 87.81
C ASN Z 79 76.60 -44.32 87.04
N VAL Z 80 75.43 -44.17 87.66
CA VAL Z 80 74.16 -44.60 87.07
C VAL Z 80 73.31 -43.38 86.78
N ASP Z 81 72.40 -43.54 85.84
CA ASP Z 81 71.46 -42.48 85.45
C ASP Z 81 70.07 -43.09 85.28
N ILE Z 82 69.06 -42.30 85.62
CA ILE Z 82 67.67 -42.68 85.41
C ILE Z 82 66.92 -41.47 84.90
N LEU Z 83 66.15 -41.64 83.83
CA LEU Z 83 65.45 -40.52 83.18
C LEU Z 83 64.07 -41.04 82.77
N ASN Z 84 63.05 -40.75 83.57
CA ASN Z 84 61.71 -41.25 83.34
C ASN Z 84 60.75 -40.11 83.05
N ARG Z 85 59.94 -40.27 82.01
CA ARG Z 85 58.97 -39.28 81.60
C ARG Z 85 57.58 -39.91 81.51
N SER Z 86 56.56 -39.07 81.61
CA SER Z 86 55.20 -39.49 81.36
C SER Z 86 54.40 -38.28 80.89
N GLU Z 87 53.24 -38.56 80.31
CA GLU Z 87 52.39 -37.48 79.82
C GLU Z 87 50.99 -38.04 79.63
N PHE Z 88 50.02 -37.47 80.35
CA PHE Z 88 48.63 -37.89 80.26
C PHE Z 88 47.78 -36.71 79.85
N GLU Z 89 47.06 -36.86 78.74
CA GLU Z 89 46.23 -35.80 78.20
C GLU Z 89 44.78 -36.25 78.17
N THR Z 90 43.86 -35.32 78.40
CA THR Z 90 42.44 -35.59 78.34
C THR Z 90 41.75 -34.43 77.66
N SER Z 91 40.68 -34.72 76.92
CA SER Z 91 39.89 -33.68 76.27
C SER Z 91 38.50 -34.24 76.01
N THR Z 92 37.55 -33.88 76.86
CA THR Z 92 36.15 -34.29 76.68
C THR Z 92 35.36 -33.07 76.27
N LEU Z 93 34.90 -33.05 75.02
CA LEU Z 93 34.04 -32.00 74.51
C LEU Z 93 32.67 -32.60 74.24
N THR Z 94 31.63 -31.91 74.67
CA THR Z 94 30.26 -32.34 74.41
C THR Z 94 29.46 -31.14 73.93
N TYR Z 95 28.46 -31.40 73.09
CA TYR Z 95 27.64 -30.35 72.52
C TYR Z 95 26.20 -30.83 72.42
N GLU Z 96 25.27 -29.89 72.40
CA GLU Z 96 23.86 -30.23 72.26
C GLU Z 96 23.06 -28.98 71.93
N VAL Z 97 22.22 -29.06 70.90
CA VAL Z 97 21.31 -27.98 70.55
C VAL Z 97 19.92 -28.56 70.34
N LYS Z 98 18.92 -27.69 70.39
CA LYS Z 98 17.54 -28.10 70.16
C LYS Z 98 16.79 -26.89 69.61
N VAL Z 99 16.54 -26.89 68.31
CA VAL Z 99 15.91 -25.77 67.62
C VAL Z 99 14.47 -26.15 67.28
N LEU Z 100 13.53 -25.33 67.75
CA LEU Z 100 12.11 -25.55 67.49
C LEU Z 100 11.57 -24.36 66.71
N VAL Z 101 10.93 -24.65 65.57
CA VAL Z 101 10.34 -23.63 64.72
C VAL Z 101 8.86 -23.95 64.55
N GLN Z 102 7.99 -22.98 64.78
CA GLN Z 102 6.56 -23.15 64.63
C GLN Z 102 6.01 -21.97 63.84
N HIS Z 103 5.35 -22.26 62.73
CA HIS Z 103 4.76 -21.23 61.90
C HIS Z 103 3.36 -20.90 62.41
N GLN Z 104 2.65 -20.05 61.68
CA GLN Z 104 1.25 -19.75 62.00
C GLN Z 104 0.41 -19.89 60.74
N VAL Z 105 -0.90 -19.66 60.85
CA VAL Z 105 -1.82 -19.77 59.73
C VAL Z 105 -2.10 -18.38 59.21
N SER Z 106 -1.92 -18.18 57.91
CA SER Z 106 -2.09 -16.86 57.32
C SER Z 106 -3.53 -16.39 57.49
N VAL Z 107 -3.70 -15.09 57.69
CA VAL Z 107 -5.01 -14.50 57.95
C VAL Z 107 -5.63 -13.86 56.72
N LEU Z 108 -4.96 -13.91 55.58
CA LEU Z 108 -5.40 -13.23 54.36
C LEU Z 108 -5.77 -14.22 53.27
N ASP Z 109 -6.44 -15.30 53.64
CA ASP Z 109 -6.90 -16.31 52.68
C ASP Z 109 -8.42 -16.31 52.62
N LYS Z 110 -8.96 -16.85 51.53
CA LYS Z 110 -10.39 -16.95 51.31
C LYS Z 110 -10.79 -18.41 51.33
N HIS Z 111 -11.87 -18.72 52.04
CA HIS Z 111 -12.39 -20.07 52.19
C HIS Z 111 -13.74 -20.18 51.52
N SER Z 112 -13.93 -21.22 50.72
CA SER Z 112 -15.16 -21.44 49.98
C SER Z 112 -15.64 -22.87 50.22
N PHE Z 113 -16.90 -23.13 49.87
CA PHE Z 113 -17.51 -24.44 50.07
C PHE Z 113 -18.08 -24.95 48.75
N ASN Z 114 -17.61 -26.13 48.33
CA ASN Z 114 -18.04 -26.75 47.09
C ASN Z 114 -19.09 -27.80 47.39
N LYS Z 115 -20.04 -27.95 46.46
CA LYS Z 115 -21.20 -28.81 46.67
C LYS Z 115 -20.94 -30.19 46.10
N ILE Z 116 -21.13 -31.22 46.92
CA ILE Z 116 -21.14 -32.61 46.48
C ILE Z 116 -22.52 -33.16 46.74
N GLN Z 117 -23.14 -33.70 45.68
CA GLN Z 117 -24.52 -34.24 45.78
C GLN Z 117 -24.50 -35.62 46.46
N THR Z 118 -25.14 -35.74 47.61
CA THR Z 118 -25.20 -36.99 48.34
C THR Z 118 -26.54 -37.08 49.07
N THR Z 119 -27.03 -38.30 49.24
CA THR Z 119 -28.22 -38.52 50.06
C THR Z 119 -27.90 -38.50 51.54
N THR Z 120 -26.62 -38.57 51.90
CA THR Z 120 -26.18 -38.56 53.30
C THR Z 120 -25.05 -37.56 53.45
N PRO Z 121 -25.33 -36.26 53.31
CA PRO Z 121 -24.26 -35.27 53.39
C PRO Z 121 -23.54 -35.28 54.71
N HIS Z 122 -24.19 -35.78 55.77
CA HIS Z 122 -23.57 -35.79 57.09
C HIS Z 122 -22.36 -36.71 57.12
N ALA Z 123 -22.50 -37.92 56.57
CA ALA Z 123 -21.41 -38.87 56.59
C ALA Z 123 -20.35 -38.57 55.53
N THR Z 124 -20.70 -37.80 54.50
CA THR Z 124 -19.73 -37.42 53.49
C THR Z 124 -18.92 -36.20 53.91
N TYR Z 125 -19.61 -35.12 54.25
CA TYR Z 125 -18.92 -33.89 54.64
C TYR Z 125 -18.30 -34.02 56.03
N GLY Z 126 -19.03 -34.60 56.98
CA GLY Z 126 -18.55 -34.68 58.34
C GLY Z 126 -18.99 -33.51 59.18
N ASP Z 127 -18.09 -32.99 60.00
CA ASP Z 127 -18.36 -31.81 60.83
C ASP Z 127 -17.46 -30.64 60.49
N ARG Z 128 -16.15 -30.84 60.45
CA ARG Z 128 -15.19 -29.75 60.26
C ARG Z 128 -14.22 -30.09 59.14
N PHE Z 129 -13.68 -29.05 58.53
CA PHE Z 129 -12.78 -29.17 57.39
C PHE Z 129 -11.38 -28.71 57.76
N ILE Z 130 -10.40 -29.13 56.95
CA ILE Z 130 -9.00 -28.85 57.20
C ILE Z 130 -8.65 -27.56 56.45
N ALA Z 131 -8.59 -26.45 57.17
CA ALA Z 131 -8.38 -25.16 56.53
C ALA Z 131 -6.91 -24.94 56.19
N ASP Z 132 -6.06 -24.91 57.21
CA ASP Z 132 -4.63 -24.68 57.01
C ASP Z 132 -3.85 -25.65 57.89
N PHE Z 133 -2.64 -25.97 57.45
CA PHE Z 133 -1.77 -26.89 58.17
C PHE Z 133 -0.76 -26.09 58.98
N ILE Z 134 -0.69 -26.39 60.28
CA ILE Z 134 0.31 -25.77 61.14
C ILE Z 134 1.66 -26.41 60.85
N LYS Z 135 2.61 -25.62 60.40
CA LYS Z 135 3.91 -26.11 59.98
C LYS Z 135 4.98 -25.75 61.00
N GLY Z 136 6.08 -26.48 60.94
CA GLY Z 136 7.17 -26.27 61.88
C GLY Z 136 8.42 -27.04 61.53
N GLY Z 137 9.30 -27.22 62.52
CA GLY Z 137 10.56 -27.91 62.30
C GLY Z 137 11.19 -28.27 63.63
N HIS Z 138 12.29 -29.02 63.55
CA HIS Z 138 12.92 -29.53 64.76
C HIS Z 138 14.39 -29.79 64.48
N PHE Z 139 15.21 -29.67 65.52
CA PHE Z 139 16.62 -29.99 65.42
C PHE Z 139 17.07 -30.61 66.74
N TYR Z 140 18.07 -31.48 66.65
CA TYR Z 140 18.57 -32.17 67.84
C TYR Z 140 19.94 -32.74 67.51
N ALA Z 141 20.97 -32.23 68.18
CA ALA Z 141 22.33 -32.64 67.88
C ALA Z 141 23.05 -32.99 69.17
N ARG Z 142 23.99 -33.92 69.07
CA ARG Z 142 24.86 -34.30 70.19
C ARG Z 142 26.22 -34.67 69.63
N VAL Z 143 27.26 -33.98 70.10
CA VAL Z 143 28.63 -34.31 69.77
C VAL Z 143 29.32 -34.75 71.05
N SER Z 144 30.06 -35.86 70.98
CA SER Z 144 30.78 -36.40 72.12
C SER Z 144 32.20 -36.69 71.66
N ILE Z 145 33.08 -35.69 71.74
CA ILE Z 145 34.47 -35.85 71.37
C ILE Z 145 35.22 -36.38 72.58
N THR Z 146 35.75 -37.61 72.50
CA THR Z 146 36.42 -38.25 73.64
C THR Z 146 37.82 -37.70 73.78
N ALA Z 147 38.53 -38.03 74.86
CA ALA Z 147 39.90 -37.56 75.15
C ALA Z 147 40.90 -38.05 74.12
N LYS Z 148 42.14 -37.57 74.17
CA LYS Z 148 43.21 -38.07 73.30
C LYS Z 148 43.91 -39.18 74.08
N ASN Z 149 43.97 -39.06 75.42
CA ASN Z 149 44.71 -39.99 76.25
C ASN Z 149 46.13 -40.16 75.75
N SER Z 150 46.78 -39.03 75.46
CA SER Z 150 48.19 -39.08 75.11
C SER Z 150 48.97 -39.73 76.24
N SER Z 151 49.89 -40.63 75.88
CA SER Z 151 50.61 -41.42 76.87
C SER Z 151 52.10 -41.42 76.60
N GLU Z 152 52.69 -40.26 76.36
CA GLU Z 152 54.13 -40.15 76.13
C GLU Z 152 54.86 -40.58 77.39
N THR Z 153 55.63 -41.66 77.30
CA THR Z 153 56.46 -42.14 78.40
C THR Z 153 57.83 -42.52 77.85
N SER Z 154 58.82 -42.56 78.75
CA SER Z 154 60.17 -42.92 78.34
C SER Z 154 61.01 -43.20 79.58
N GLU Z 155 62.07 -43.98 79.38
CA GLU Z 155 63.00 -44.33 80.45
C GLU Z 155 64.40 -44.39 79.84
N LEU Z 156 65.42 -44.11 80.65
CA LEU Z 156 66.80 -44.19 80.22
C LEU Z 156 67.65 -44.67 81.39
N LYS Z 157 68.75 -45.36 81.08
CA LYS Z 157 69.61 -45.97 82.10
C LYS Z 157 71.05 -45.98 81.58
N GLN Z 158 71.90 -45.14 82.17
CA GLN Z 158 73.32 -45.05 81.78
C GLN Z 158 74.19 -45.48 82.96
N SER Z 159 74.58 -46.75 82.95
CA SER Z 159 75.49 -47.26 83.95
C SER Z 159 76.93 -47.15 83.45
N ALA Z 160 77.72 -46.32 84.11
CA ALA Z 160 79.11 -46.10 83.72
C ALA Z 160 79.22 -45.68 82.27
N THR Z 174 82.85 -50.05 80.39
CA THR Z 174 81.50 -50.58 80.53
C THR Z 174 80.45 -49.49 80.35
N GLN Z 175 79.38 -49.82 79.64
CA GLN Z 175 78.34 -48.85 79.33
C GLN Z 175 77.02 -49.60 79.19
N GLU Z 176 75.92 -48.85 79.35
CA GLU Z 176 74.59 -49.44 79.26
C GLU Z 176 73.59 -48.36 78.89
N VAL Z 177 72.69 -48.69 77.97
CA VAL Z 177 71.60 -47.80 77.58
C VAL Z 177 70.33 -48.61 77.49
N GLU Z 178 69.22 -48.06 77.99
CA GLU Z 178 67.94 -48.75 78.05
C GLU Z 178 66.83 -47.73 77.82
N ARG Z 179 66.28 -47.71 76.61
CA ARG Z 179 65.19 -46.82 76.25
C ARG Z 179 63.93 -47.57 75.81
N ALA Z 180 63.69 -48.75 76.38
CA ALA Z 180 62.53 -49.56 75.99
C ALA Z 180 61.27 -49.10 76.71
N VAL Z 181 60.95 -47.82 76.60
CA VAL Z 181 59.72 -47.27 77.16
C VAL Z 181 59.26 -46.16 76.23
N SER Z 182 58.06 -46.33 75.64
CA SER Z 182 57.49 -45.34 74.75
C SER Z 182 56.07 -45.76 74.41
N SER Z 183 55.16 -44.79 74.43
CA SER Z 183 53.76 -45.04 74.11
C SER Z 183 53.14 -43.73 73.64
N ILE Z 184 52.00 -43.84 72.95
CA ILE Z 184 51.35 -42.70 72.33
C ILE Z 184 49.87 -42.75 72.62
N LYS Z 185 49.18 -41.67 72.25
CA LYS Z 185 47.74 -41.52 72.49
C LYS Z 185 46.96 -42.66 71.86
N ARG Z 186 45.87 -43.05 72.53
CA ARG Z 186 44.90 -43.94 71.91
C ARG Z 186 43.53 -43.55 72.47
N ASN Z 187 42.91 -42.57 71.81
CA ASN Z 187 41.49 -42.30 72.01
C ASN Z 187 41.03 -41.23 71.03
N ALA Z 188 39.96 -41.51 70.29
CA ALA Z 188 39.32 -40.49 69.47
C ALA Z 188 37.92 -40.99 69.13
N SER Z 189 36.92 -40.50 69.86
CA SER Z 189 35.54 -40.90 69.66
C SER Z 189 34.72 -39.68 69.28
N VAL Z 190 34.02 -39.77 68.15
CA VAL Z 190 33.15 -38.70 67.69
C VAL Z 190 31.77 -39.33 67.49
N LYS Z 191 30.90 -39.17 68.47
CA LYS Z 191 29.52 -39.62 68.37
C LYS Z 191 28.66 -38.43 67.96
N ILE Z 192 28.02 -38.53 66.80
CA ILE Z 192 27.15 -37.48 66.28
C ILE Z 192 25.77 -38.06 66.06
N THR Z 193 24.76 -37.41 66.61
CA THR Z 193 23.37 -37.71 66.31
C THR Z 193 22.71 -36.43 65.85
N ILE Z 194 22.06 -36.45 64.70
CA ILE Z 194 21.37 -35.28 64.16
C ILE Z 194 19.97 -35.71 63.78
N ILE Z 195 18.96 -35.07 64.36
CA ILE Z 195 17.56 -35.36 64.07
C ILE Z 195 16.93 -34.08 63.55
N GLU Z 196 16.42 -34.12 62.32
CA GLU Z 196 15.95 -32.93 61.64
C GLU Z 196 14.57 -33.16 61.05
N SER Z 197 13.76 -32.10 61.04
CA SER Z 197 12.47 -32.08 60.37
C SER Z 197 12.39 -30.74 59.65
N THR Z 198 12.83 -30.72 58.39
CA THR Z 198 12.91 -29.49 57.64
C THR Z 198 12.24 -29.64 56.28
N GLY Z 199 12.39 -28.64 55.41
CA GLY Z 199 11.75 -28.66 54.12
C GLY Z 199 12.72 -28.28 53.02
N THR Z 200 12.34 -28.64 51.80
CA THR Z 200 13.16 -28.37 50.63
C THR Z 200 13.08 -26.90 50.24
N SER Z 201 14.13 -26.41 49.59
CA SER Z 201 14.14 -25.04 49.12
C SER Z 201 13.09 -24.83 48.02
N SER Z 216 37.11 -30.90 63.38
CA SER Z 216 36.24 -29.74 63.44
C SER Z 216 34.78 -30.17 63.37
N ASP Z 217 34.49 -31.36 63.90
CA ASP Z 217 33.10 -31.84 63.86
C ASP Z 217 32.22 -31.04 64.80
N LEU Z 218 32.78 -30.48 65.87
CA LEU Z 218 31.99 -29.61 66.74
C LEU Z 218 31.54 -28.37 65.98
N LEU Z 219 32.42 -27.78 65.18
CA LEU Z 219 32.05 -26.61 64.39
C LEU Z 219 31.09 -26.97 63.27
N ALA Z 220 31.26 -28.13 62.64
CA ALA Z 220 30.39 -28.51 61.55
C ALA Z 220 28.95 -28.62 62.01
N VAL Z 221 28.72 -29.25 63.17
CA VAL Z 221 27.37 -29.32 63.72
C VAL Z 221 26.85 -27.92 64.02
N LYS Z 222 27.74 -27.04 64.49
CA LYS Z 222 27.32 -25.69 64.83
C LYS Z 222 26.82 -24.93 63.61
N GLU Z 223 27.51 -25.06 62.48
CA GLU Z 223 27.10 -24.33 61.28
C GLU Z 223 25.71 -24.78 60.82
N LYS Z 224 25.47 -26.09 60.79
CA LYS Z 224 24.12 -26.57 60.47
C LYS Z 224 23.12 -26.11 61.51
N ALA Z 225 23.52 -26.11 62.79
CA ALA Z 225 22.63 -25.62 63.83
C ALA Z 225 22.36 -24.12 63.67
N ASP Z 226 23.39 -23.33 63.40
CA ASP Z 226 23.18 -21.91 63.18
C ASP Z 226 22.51 -21.64 61.85
N GLN Z 227 22.94 -22.34 60.79
CA GLN Z 227 22.27 -22.19 59.50
C GLN Z 227 20.80 -22.54 59.60
N PHE Z 228 20.46 -23.47 60.48
CA PHE Z 228 19.05 -23.79 60.68
C PHE Z 228 18.30 -22.56 61.17
N TYR Z 229 18.90 -21.87 62.14
CA TYR Z 229 18.30 -20.61 62.68
C TYR Z 229 18.12 -19.67 61.50
N LYS Z 230 19.21 -19.35 60.78
CA LYS Z 230 19.11 -18.41 59.68
C LYS Z 230 18.22 -18.96 58.57
N ASP Z 231 18.22 -20.27 58.37
CA ASP Z 231 17.40 -20.85 57.32
C ASP Z 231 15.93 -20.58 57.55
N ALA Z 232 15.48 -20.60 58.80
CA ALA Z 232 14.07 -20.34 59.08
C ALA Z 232 13.63 -18.99 58.55
N ASP Z 233 14.48 -17.97 58.68
CA ASP Z 233 14.09 -16.63 58.23
C ASP Z 233 13.69 -16.64 56.76
N SER Z 234 14.37 -17.45 55.95
CA SER Z 234 13.99 -17.61 54.56
C SER Z 234 12.66 -18.33 54.42
N GLY Z 235 12.14 -18.90 55.49
CA GLY Z 235 10.85 -19.56 55.45
C GLY Z 235 10.82 -20.83 54.62
N LYS Z 236 11.86 -21.65 54.72
CA LYS Z 236 11.88 -22.96 54.08
C LYS Z 236 11.56 -24.08 55.05
N HIS Z 237 11.22 -23.78 56.30
CA HIS Z 237 10.92 -24.81 57.30
C HIS Z 237 9.42 -25.10 57.24
N SER Z 238 9.02 -25.83 56.21
CA SER Z 238 7.62 -26.15 56.00
C SER Z 238 7.48 -27.66 56.20
N TYR Z 239 7.28 -28.07 57.45
CA TYR Z 239 6.99 -29.44 57.79
C TYR Z 239 5.64 -29.48 58.48
N VAL Z 240 4.78 -30.39 58.04
CA VAL Z 240 3.41 -30.43 58.54
C VAL Z 240 3.41 -31.04 59.94
N LEU Z 241 2.90 -30.28 60.91
CA LEU Z 241 2.82 -30.74 62.29
C LEU Z 241 1.37 -30.92 62.75
N PHE Z 242 0.56 -29.86 62.66
CA PHE Z 242 -0.81 -29.90 63.14
C PHE Z 242 -1.74 -29.38 62.05
N ALA Z 243 -3.01 -29.73 62.18
CA ALA Z 243 -4.05 -29.28 61.25
C ALA Z 243 -5.09 -28.48 62.03
N VAL Z 244 -5.45 -27.32 61.49
CA VAL Z 244 -6.41 -26.41 62.13
C VAL Z 244 -7.79 -26.69 61.56
N LEU Z 245 -8.77 -26.88 62.44
CA LEU Z 245 -10.11 -27.25 62.04
C LEU Z 245 -11.01 -26.03 61.99
N GLY Z 246 -11.92 -26.01 61.02
CA GLY Z 246 -12.88 -24.92 60.89
C GLY Z 246 -14.28 -25.48 60.68
N LYS Z 247 -15.25 -24.70 61.13
CA LYS Z 247 -16.65 -25.13 61.08
C LYS Z 247 -17.28 -24.70 59.77
N TYR Z 248 -18.03 -25.62 59.16
CA TYR Z 248 -18.64 -25.33 57.86
C TYR Z 248 -19.63 -24.17 57.92
N ARG Z 249 -20.14 -23.86 59.11
CA ARG Z 249 -21.11 -22.77 59.21
C ARG Z 249 -20.47 -21.43 58.92
N ASN Z 250 -19.22 -21.24 59.36
CA ASN Z 250 -18.54 -19.96 59.19
C ASN Z 250 -18.20 -19.66 57.74
N LEU Z 251 -18.32 -20.63 56.84
CA LEU Z 251 -18.07 -20.37 55.43
C LEU Z 251 -19.11 -19.40 54.89
N SER Z 252 -18.65 -18.39 54.16
CA SER Z 252 -19.59 -17.48 53.51
C SER Z 252 -20.45 -18.21 52.49
N ASN Z 253 -19.82 -19.05 51.66
CA ASN Z 253 -20.52 -19.73 50.59
C ASN Z 253 -21.48 -20.79 51.10
N PHE Z 254 -21.41 -21.13 52.38
CA PHE Z 254 -22.31 -22.10 52.97
C PHE Z 254 -23.69 -21.47 53.08
N GLU Z 255 -24.63 -21.94 52.27
CA GLU Z 255 -26.04 -21.57 52.38
C GLU Z 255 -26.82 -22.64 53.11
N SER Z 256 -26.22 -23.25 54.13
CA SER Z 256 -26.87 -24.28 54.93
C SER Z 256 -27.25 -25.48 54.05
N TYR Z 257 -26.22 -26.09 53.46
CA TYR Z 257 -26.42 -27.32 52.71
C TYR Z 257 -26.91 -28.44 53.62
N PHE Z 258 -26.64 -28.34 54.91
CA PHE Z 258 -27.08 -29.34 55.87
C PHE Z 258 -26.95 -28.74 57.26
N ALA Z 259 -27.29 -29.53 58.28
CA ALA Z 259 -27.18 -29.09 59.66
C ALA Z 259 -26.09 -29.89 60.34
N PRO Z 260 -24.87 -29.37 60.48
CA PRO Z 260 -23.80 -30.17 61.08
C PRO Z 260 -24.13 -30.51 62.53
N PHE Z 261 -23.73 -31.72 62.93
CA PHE Z 261 -23.89 -32.13 64.31
C PHE Z 261 -22.81 -31.48 65.18
N ASP Z 262 -23.10 -31.43 66.49
CA ASP Z 262 -22.13 -30.95 67.52
C ASP Z 262 -21.84 -32.17 68.37
N TYR Z 263 -20.71 -32.84 68.15
CA TYR Z 263 -20.38 -34.11 68.79
C TYR Z 263 -19.71 -33.94 70.14
N GLN Z 264 -19.56 -32.70 70.62
CA GLN Z 264 -18.89 -32.50 71.91
C GLN Z 264 -19.58 -33.28 73.01
N MET Z 265 -20.90 -33.15 73.12
CA MET Z 265 -21.63 -33.88 74.16
C MET Z 265 -21.71 -35.37 73.83
N ALA Z 266 -21.93 -35.72 72.57
CA ALA Z 266 -22.04 -37.12 72.20
C ALA Z 266 -20.76 -37.88 72.52
N SER Z 267 -19.60 -37.29 72.20
CA SER Z 267 -18.34 -37.94 72.53
C SER Z 267 -18.17 -38.08 74.03
N LEU Z 268 -18.54 -37.04 74.79
CA LEU Z 268 -18.42 -37.13 76.24
C LEU Z 268 -19.27 -38.26 76.79
N ARG Z 269 -20.52 -38.37 76.33
CA ARG Z 269 -21.38 -39.43 76.84
C ARG Z 269 -20.86 -40.81 76.46
N SER Z 270 -20.38 -40.97 75.23
CA SER Z 270 -19.96 -42.27 74.73
C SER Z 270 -18.45 -42.45 74.86
N TRP Z 271 -17.95 -42.33 76.09
CA TRP Z 271 -16.55 -42.64 76.38
C TRP Z 271 -16.36 -44.04 76.92
N ALA Z 272 -17.28 -44.55 77.73
CA ALA Z 272 -17.16 -45.92 78.21
C ALA Z 272 -17.14 -46.91 77.05
N LEU Z 273 -17.77 -46.56 75.93
CA LEU Z 273 -17.74 -47.44 74.77
C LEU Z 273 -16.41 -47.36 74.04
N PHE Z 274 -15.84 -46.17 73.94
CA PHE Z 274 -14.58 -46.01 73.21
C PHE Z 274 -13.46 -46.82 73.85
N ASN Z 275 -13.39 -46.82 75.19
CA ASN Z 275 -12.38 -47.63 75.85
C ASN Z 275 -12.59 -49.11 75.60
N ASP Z 276 -13.84 -49.57 75.66
CA ASP Z 276 -14.11 -50.98 75.43
C ASP Z 276 -13.70 -51.41 74.03
N PHE Z 277 -13.66 -50.46 73.08
CA PHE Z 277 -13.20 -50.77 71.74
C PHE Z 277 -11.72 -51.18 71.75
N THR Z 278 -10.87 -50.35 72.34
CA THR Z 278 -9.44 -50.66 72.36
C THR Z 278 -9.19 -51.96 73.10
N LEU Z 279 -9.88 -52.17 74.23
CA LEU Z 279 -9.67 -53.41 74.98
C LEU Z 279 -10.06 -54.63 74.16
N TYR Z 280 -11.19 -54.56 73.46
CA TYR Z 280 -11.64 -55.73 72.68
C TYR Z 280 -10.68 -56.01 71.52
N LYS Z 281 -10.19 -54.98 70.86
CA LYS Z 281 -9.21 -55.18 69.80
C LYS Z 281 -7.94 -55.81 70.35
N ALA Z 282 -7.50 -55.35 71.53
CA ALA Z 282 -6.30 -55.92 72.12
C ALA Z 282 -6.46 -57.40 72.43
N ILE Z 283 -7.63 -57.80 72.95
CA ILE Z 283 -7.81 -59.19 73.35
C ILE Z 283 -8.08 -60.12 72.17
N GLU Z 284 -8.24 -59.59 70.96
CA GLU Z 284 -8.20 -60.47 69.80
C GLU Z 284 -6.82 -61.10 69.69
N THR Z 285 -5.77 -60.30 69.85
CA THR Z 285 -4.42 -60.84 69.83
C THR Z 285 -4.12 -61.73 71.02
N MET Z 286 -4.84 -61.54 72.14
CA MET Z 286 -4.75 -62.51 73.24
C MET Z 286 -4.94 -63.92 72.72
N ILE Z 287 -6.07 -64.18 72.07
CA ILE Z 287 -6.41 -65.54 71.67
C ILE Z 287 -5.46 -66.03 70.59
N LYS Z 288 -5.21 -65.19 69.57
CA LYS Z 288 -4.39 -65.64 68.45
C LYS Z 288 -2.96 -65.96 68.89
N ALA Z 289 -2.40 -65.15 69.77
CA ALA Z 289 -1.00 -65.33 70.14
C ALA Z 289 -0.76 -66.67 70.83
N VAL Z 290 -1.62 -67.07 71.75
CA VAL Z 290 -1.38 -68.26 72.56
C VAL Z 290 -1.61 -69.51 71.72
N PRO Z 291 -0.79 -70.55 71.86
CA PRO Z 291 -0.89 -71.71 70.99
C PRO Z 291 -2.05 -72.62 71.37
N GLU Z 292 -2.23 -73.65 70.53
CA GLU Z 292 -3.32 -74.59 70.72
C GLU Z 292 -3.08 -75.50 71.92
N SER Z 293 -1.81 -75.85 72.17
CA SER Z 293 -1.48 -76.86 73.17
C SER Z 293 -1.69 -76.39 74.59
N LYS Z 294 -2.29 -75.22 74.81
CA LYS Z 294 -2.51 -74.70 76.15
C LYS Z 294 -3.92 -74.11 76.28
N PHE Z 295 -4.84 -74.75 75.55
CA PHE Z 295 -6.27 -74.37 75.65
C PHE Z 295 -6.96 -75.52 76.35
N LYS Z 296 -7.93 -75.23 77.22
CA LYS Z 296 -8.59 -76.28 77.99
C LYS Z 296 -9.40 -77.21 77.10
N ASP Z 297 -10.24 -76.65 76.24
CA ASP Z 297 -11.14 -77.47 75.43
C ASP Z 297 -10.45 -78.05 74.20
N GLY Z 298 -9.25 -77.59 73.86
CA GLY Z 298 -8.52 -78.15 72.75
C GLY Z 298 -8.84 -77.47 71.43
N PRO Z 299 -9.08 -78.27 70.38
CA PRO Z 299 -9.20 -77.66 69.04
C PRO Z 299 -10.33 -76.67 68.91
N GLU Z 300 -11.56 -77.08 69.21
CA GLU Z 300 -12.71 -76.23 68.96
C GLU Z 300 -12.88 -75.23 70.11
N ARG Z 301 -11.80 -74.53 70.44
CA ARG Z 301 -11.86 -73.47 71.45
C ARG Z 301 -11.25 -72.20 70.87
N LYS Z 302 -10.25 -72.36 69.99
CA LYS Z 302 -9.64 -71.19 69.36
C LYS Z 302 -10.64 -70.46 68.48
N THR Z 303 -11.39 -71.18 67.64
CA THR Z 303 -12.17 -70.51 66.63
C THR Z 303 -13.39 -69.80 67.21
N GLN Z 304 -14.14 -70.45 68.11
CA GLN Z 304 -15.31 -69.78 68.66
C GLN Z 304 -14.96 -68.80 69.78
N LEU Z 305 -13.75 -68.89 70.35
CA LEU Z 305 -13.27 -67.78 71.15
C LEU Z 305 -12.86 -66.61 70.26
N ILE Z 306 -12.17 -66.91 69.16
CA ILE Z 306 -11.84 -65.87 68.20
C ILE Z 306 -13.11 -65.30 67.58
N LYS Z 307 -14.04 -66.17 67.18
CA LYS Z 307 -15.26 -65.69 66.54
C LYS Z 307 -16.14 -64.94 67.53
N GLN Z 308 -16.21 -65.41 68.78
CA GLN Z 308 -17.04 -64.72 69.76
C GLN Z 308 -16.55 -63.30 69.99
N ALA Z 309 -15.24 -63.11 70.06
CA ALA Z 309 -14.69 -61.77 70.25
C ALA Z 309 -14.99 -60.87 69.05
N ILE Z 310 -14.79 -61.39 67.84
CA ILE Z 310 -15.01 -60.58 66.65
C ILE Z 310 -16.50 -60.29 66.46
N ASN Z 311 -17.36 -61.27 66.76
CA ASN Z 311 -18.79 -61.04 66.61
C ASN Z 311 -19.24 -59.88 67.49
N ILE Z 312 -18.76 -59.81 68.73
CA ILE Z 312 -19.11 -58.69 69.59
C ILE Z 312 -18.27 -57.46 69.29
N PHE Z 313 -17.16 -57.61 68.56
CA PHE Z 313 -16.47 -56.44 68.05
C PHE Z 313 -17.32 -55.73 67.01
N GLU Z 314 -18.09 -56.49 66.24
CA GLU Z 314 -19.04 -55.89 65.30
C GLU Z 314 -20.09 -55.07 66.03
N THR Z 315 -20.60 -55.59 67.16
CA THR Z 315 -21.70 -54.93 67.83
C THR Z 315 -21.30 -53.54 68.30
N ILE Z 316 -20.10 -53.39 68.83
CA ILE Z 316 -19.68 -52.07 69.30
C ILE Z 316 -19.19 -51.18 68.16
N ARG Z 317 -18.62 -51.76 67.11
CA ARG Z 317 -18.21 -50.95 65.97
C ARG Z 317 -19.42 -50.37 65.24
N ASP Z 318 -20.48 -51.16 65.08
CA ASP Z 318 -21.68 -50.65 64.44
C ASP Z 318 -22.41 -49.67 65.33
N ARG Z 319 -22.26 -49.81 66.65
CA ARG Z 319 -22.81 -48.80 67.55
C ARG Z 319 -22.13 -47.46 67.32
N VAL Z 320 -20.81 -47.48 67.15
CA VAL Z 320 -20.08 -46.25 66.85
C VAL Z 320 -20.53 -45.68 65.51
N ILE Z 321 -20.66 -46.54 64.49
CA ILE Z 321 -21.12 -46.07 63.19
C ILE Z 321 -22.54 -45.54 63.29
N LEU Z 322 -23.34 -46.09 64.22
CA LEU Z 322 -24.69 -45.57 64.41
C LEU Z 322 -24.66 -44.17 65.04
N ILE Z 323 -23.72 -43.93 65.95
CA ILE Z 323 -23.62 -42.59 66.55
C ILE Z 323 -23.34 -41.55 65.49
N SER Z 324 -22.64 -41.93 64.41
CA SER Z 324 -22.42 -40.99 63.32
C SER Z 324 -23.74 -40.53 62.72
N GLU Z 325 -24.66 -41.47 62.46
CA GLU Z 325 -25.94 -41.10 61.89
C GLU Z 325 -26.84 -40.45 62.94
N HIS Z 326 -26.82 -40.96 64.18
CA HIS Z 326 -27.70 -40.47 65.23
C HIS Z 326 -26.90 -40.22 66.51
N PRO Z 327 -26.28 -39.05 66.64
CA PRO Z 327 -25.59 -38.74 67.91
C PRO Z 327 -26.55 -38.65 69.08
N GLU Z 328 -27.83 -38.39 68.85
CA GLU Z 328 -28.79 -38.44 69.93
C GLU Z 328 -28.93 -39.84 70.51
N ALA Z 329 -28.54 -40.86 69.75
CA ALA Z 329 -28.58 -42.24 70.24
C ALA Z 329 -27.49 -42.52 71.27
N ALA Z 330 -26.72 -41.52 71.68
CA ALA Z 330 -25.73 -41.74 72.73
C ALA Z 330 -26.36 -42.07 74.07
N LYS Z 331 -27.64 -41.75 74.26
CA LYS Z 331 -28.29 -42.03 75.54
C LYS Z 331 -28.36 -43.51 75.82
N GLU Z 332 -28.71 -44.33 74.82
CA GLU Z 332 -28.94 -45.74 75.05
C GLU Z 332 -27.71 -46.39 75.67
N ASP Z 333 -27.94 -47.21 76.68
CA ASP Z 333 -26.85 -47.89 77.35
C ASP Z 333 -26.29 -49.00 76.47
N PRO Z 334 -25.06 -49.43 76.72
CA PRO Z 334 -24.50 -50.53 75.93
C PRO Z 334 -25.35 -51.80 76.08
N ASP Z 335 -25.41 -52.57 75.00
CA ASP Z 335 -26.13 -53.84 74.99
C ASP Z 335 -25.20 -55.00 74.65
N HIS Z 336 -23.92 -54.88 75.01
CA HIS Z 336 -22.92 -55.85 74.66
C HIS Z 336 -22.20 -56.31 75.92
N MET Z 337 -21.64 -57.51 75.85
CA MET Z 337 -20.95 -58.08 77.00
C MET Z 337 -19.74 -57.23 77.37
N LYS Z 338 -19.47 -57.14 78.66
CA LYS Z 338 -18.38 -56.31 79.13
C LYS Z 338 -17.04 -56.92 78.70
N PRO Z 339 -16.03 -56.10 78.44
CA PRO Z 339 -14.68 -56.67 78.24
C PRO Z 339 -14.18 -57.44 79.44
N GLY Z 340 -14.52 -57.00 80.65
CA GLY Z 340 -14.11 -57.75 81.83
C GLY Z 340 -14.70 -59.14 81.87
N ASP Z 341 -16.00 -59.27 81.62
CA ASP Z 341 -16.62 -60.59 81.66
C ASP Z 341 -16.09 -61.47 80.55
N PHE Z 342 -15.96 -60.93 79.33
CA PHE Z 342 -15.42 -61.73 78.25
C PHE Z 342 -13.95 -62.05 78.50
N ARG Z 343 -13.19 -61.11 79.05
CA ARG Z 343 -11.81 -61.41 79.40
C ARG Z 343 -11.75 -62.54 80.41
N LEU Z 344 -12.61 -62.48 81.43
CA LEU Z 344 -12.71 -63.60 82.37
C LEU Z 344 -12.92 -64.91 81.65
N GLU Z 345 -13.82 -64.91 80.66
CA GLU Z 345 -14.05 -66.13 79.89
C GLU Z 345 -12.78 -66.60 79.19
N VAL Z 346 -11.94 -65.67 78.74
CA VAL Z 346 -10.70 -66.05 78.08
C VAL Z 346 -9.79 -66.82 79.03
N LEU Z 347 -9.56 -66.29 80.23
CA LEU Z 347 -8.62 -66.92 81.15
C LEU Z 347 -9.18 -68.20 81.77
N ASN Z 348 -10.50 -68.33 81.86
CA ASN Z 348 -11.07 -69.53 82.45
C ASN Z 348 -10.74 -70.77 81.62
N SER Z 349 -10.62 -70.61 80.31
CA SER Z 349 -10.42 -71.73 79.39
C SER Z 349 -8.95 -71.91 79.07
N ILE Z 350 -8.07 -71.66 80.03
CA ILE Z 350 -6.62 -71.73 79.82
C ILE Z 350 -6.04 -72.73 80.81
N GLN Z 351 -5.27 -73.69 80.29
CA GLN Z 351 -4.58 -74.64 81.14
C GLN Z 351 -3.49 -73.93 81.96
N THR Z 352 -3.13 -74.55 83.07
CA THR Z 352 -2.22 -73.94 84.03
C THR Z 352 -1.19 -74.96 84.49
N LYS Z 353 -0.12 -74.46 85.09
CA LYS Z 353 0.96 -75.29 85.60
C LYS Z 353 0.98 -75.24 87.12
N LEU Z 354 1.12 -76.41 87.74
CA LEU Z 354 1.02 -76.53 89.19
C LEU Z 354 2.41 -76.36 89.80
N PHE Z 355 2.85 -75.11 89.86
CA PHE Z 355 4.16 -74.82 90.45
C PHE Z 355 4.06 -75.06 91.95
N HIS Z 356 4.43 -76.27 92.38
CA HIS Z 356 4.36 -76.65 93.82
C HIS Z 356 5.70 -76.26 94.45
N ALA Z 357 5.76 -75.09 95.11
CA ALA Z 357 6.98 -74.63 95.74
C ALA Z 357 7.37 -75.58 96.86
N GLN Z 358 8.68 -75.84 96.97
CA GLN Z 358 9.20 -76.80 97.94
C GLN Z 358 10.33 -76.13 98.72
N SER Z 359 10.40 -76.42 100.01
CA SER Z 359 11.37 -75.81 100.90
C SER Z 359 12.60 -76.72 100.99
N GLN Z 360 13.68 -76.33 100.31
CA GLN Z 360 14.90 -77.10 100.35
C GLN Z 360 15.54 -77.04 101.74
N PRO Z 361 15.93 -78.19 102.32
CA PRO Z 361 16.65 -78.16 103.59
C PRO Z 361 18.16 -78.01 103.40
N ILE Z 362 18.76 -77.01 104.04
CA ILE Z 362 20.18 -76.77 103.95
C ILE Z 362 20.80 -76.98 105.33
N PRO Z 363 21.95 -77.63 105.44
CA PRO Z 363 22.57 -77.82 106.77
C PRO Z 363 22.88 -76.48 107.43
N ASN Z 364 23.00 -76.51 108.75
CA ASN Z 364 23.27 -75.32 109.54
C ASN Z 364 22.09 -74.35 109.53
N THR Z 365 20.89 -74.91 109.61
CA THR Z 365 19.66 -74.13 109.66
C THR Z 365 18.64 -74.85 110.55
N ASP Z 366 18.10 -74.11 111.53
CA ASP Z 366 17.12 -74.64 112.46
C ASP Z 366 15.85 -73.81 112.34
N ASP Z 367 14.73 -74.48 112.05
CA ASP Z 367 13.43 -73.84 111.84
C ASP Z 367 13.45 -72.86 110.67
N TYR Z 368 14.52 -72.91 109.85
CA TYR Z 368 14.66 -72.04 108.69
C TYR Z 368 14.94 -72.92 107.48
N TRP Z 369 14.12 -72.81 106.45
CA TRP Z 369 14.23 -73.61 105.25
C TRP Z 369 14.63 -72.72 104.08
N THR Z 370 14.69 -73.31 102.88
CA THR Z 370 15.00 -72.57 101.66
C THR Z 370 13.93 -72.91 100.63
N ASP Z 371 13.06 -71.93 100.36
CA ASP Z 371 11.92 -72.12 99.46
C ASP Z 371 12.41 -72.04 98.02
N VAL Z 372 12.23 -73.13 97.27
CA VAL Z 372 12.54 -73.17 95.85
C VAL Z 372 11.24 -73.45 95.10
N ILE Z 373 10.90 -72.57 94.16
CA ILE Z 373 9.66 -72.70 93.41
C ILE Z 373 10.01 -73.48 92.14
N LEU Z 374 10.02 -74.80 92.27
CA LEU Z 374 10.30 -75.69 91.15
C LEU Z 374 9.16 -76.69 91.00
N THR Z 375 8.77 -76.94 89.74
CA THR Z 375 7.68 -77.87 89.46
C THR Z 375 8.06 -79.32 89.70
N THR Z 376 9.36 -79.63 89.77
CA THR Z 376 9.80 -81.00 89.97
C THR Z 376 9.79 -81.35 91.45
N LYS Z 377 9.18 -82.50 91.79
CA LYS Z 377 9.14 -82.94 93.16
C LYS Z 377 10.56 -83.23 93.67
N GLY Z 378 10.85 -82.78 94.88
CA GLY Z 378 12.15 -82.98 95.48
C GLY Z 378 12.11 -83.93 96.66
N SER Z 379 13.27 -84.39 97.11
CA SER Z 379 13.37 -85.29 98.24
C SER Z 379 13.81 -84.51 99.48
N GLY Z 380 12.99 -84.57 100.53
CA GLY Z 380 13.28 -83.87 101.76
C GLY Z 380 12.92 -82.40 101.76
N ASN Z 381 12.35 -81.93 100.64
CA ASN Z 381 11.95 -80.50 100.53
C ASN Z 381 10.49 -80.37 100.92
N GLN Z 382 10.17 -79.45 101.84
CA GLN Z 382 8.78 -79.30 102.30
C GLN Z 382 7.97 -78.55 101.26
N PRO Z 383 6.90 -79.14 100.71
CA PRO Z 383 6.04 -78.38 99.80
C PRO Z 383 5.23 -77.32 100.52
N LEU Z 384 5.13 -76.14 99.90
CA LEU Z 384 4.42 -75.02 100.48
C LEU Z 384 2.97 -74.94 100.00
N PHE Z 385 2.77 -74.78 98.69
CA PHE Z 385 1.44 -74.76 98.11
C PHE Z 385 1.53 -75.18 96.66
N THR Z 386 0.44 -75.74 96.15
CA THR Z 386 0.33 -76.14 94.76
C THR Z 386 -0.81 -75.37 94.11
N PHE Z 387 -0.49 -74.61 93.06
CA PHE Z 387 -1.41 -73.67 92.47
C PHE Z 387 -1.30 -73.65 90.95
N PRO Z 388 -2.40 -73.42 90.24
CA PRO Z 388 -2.31 -73.21 88.79
C PRO Z 388 -1.47 -71.97 88.49
N ALA Z 389 -0.69 -72.05 87.42
CA ALA Z 389 0.13 -70.93 86.97
C ALA Z 389 0.23 -70.95 85.46
N PHE Z 390 0.76 -69.86 84.91
CA PHE Z 390 0.86 -69.66 83.46
C PHE Z 390 2.31 -69.85 83.05
N ASP Z 391 2.54 -70.81 82.16
CA ASP Z 391 3.88 -71.19 81.74
C ASP Z 391 4.21 -70.66 80.35
N PHE Z 392 3.48 -69.66 79.86
CA PHE Z 392 3.70 -69.11 78.54
C PHE Z 392 3.21 -67.68 78.51
N GLY Z 393 3.90 -66.86 77.73
CA GLY Z 393 3.54 -65.45 77.65
C GLY Z 393 2.33 -65.27 76.77
N ASP Z 394 2.34 -64.23 75.95
CA ASP Z 394 1.27 -63.96 74.99
C ASP Z 394 -0.07 -63.71 75.66
N LEU Z 395 -0.11 -63.58 76.98
CA LEU Z 395 -1.33 -63.23 77.70
C LEU Z 395 -1.07 -61.89 78.38
N ILE Z 396 -1.65 -60.82 77.82
CA ILE Z 396 -1.35 -59.49 78.33
C ILE Z 396 -1.80 -59.41 79.80
N GLY Z 397 -1.16 -58.52 80.53
CA GLY Z 397 -1.40 -58.39 81.95
C GLY Z 397 -0.62 -59.35 82.82
N THR Z 398 0.39 -60.03 82.24
CA THR Z 398 1.19 -61.04 82.97
C THR Z 398 2.66 -60.75 82.85
N GLU Z 399 3.45 -61.07 83.87
CA GLU Z 399 4.89 -60.91 83.88
C GLU Z 399 5.55 -62.15 84.47
N VAL Z 400 6.81 -62.36 84.12
CA VAL Z 400 7.53 -63.58 84.45
C VAL Z 400 8.44 -63.32 85.65
N VAL Z 401 8.57 -64.35 86.49
CA VAL Z 401 9.47 -64.34 87.63
C VAL Z 401 10.52 -65.42 87.39
N SER Z 402 11.64 -65.03 86.81
CA SER Z 402 12.68 -65.96 86.37
C SER Z 402 13.81 -65.96 87.40
N PHE Z 403 13.90 -67.03 88.17
CA PHE Z 403 14.97 -67.14 89.15
C PHE Z 403 16.32 -67.12 88.43
N GLY Z 404 17.27 -66.39 89.00
CA GLY Z 404 18.62 -66.36 88.49
C GLY Z 404 19.57 -67.14 89.38
N LYS Z 405 20.03 -68.28 88.91
CA LYS Z 405 20.98 -69.11 89.64
C LYS Z 405 22.35 -68.98 89.00
N LYS Z 406 23.35 -68.60 89.79
CA LYS Z 406 24.69 -68.42 89.26
C LYS Z 406 25.23 -69.77 88.79
N LYS Z 407 25.49 -69.87 87.47
CA LYS Z 407 26.21 -71.03 86.96
C LYS Z 407 27.66 -71.03 87.43
N ASN Z 408 28.24 -69.85 87.62
CA ASN Z 408 29.58 -69.71 88.16
C ASN Z 408 29.61 -69.83 89.67
N GLY Z 409 28.45 -69.95 90.31
CA GLY Z 409 28.38 -70.07 91.75
C GLY Z 409 27.11 -70.76 92.20
N GLU Z 410 26.53 -70.30 93.30
CA GLU Z 410 25.31 -70.91 93.82
C GLU Z 410 24.30 -69.87 94.29
N GLU Z 411 24.53 -68.59 94.03
CA GLU Z 411 23.61 -67.55 94.49
C GLU Z 411 22.22 -67.80 93.92
N TYR Z 412 21.21 -67.65 94.78
CA TYR Z 412 19.82 -67.73 94.40
C TYR Z 412 19.29 -66.32 94.13
N ASN Z 413 18.74 -66.10 92.94
CA ASN Z 413 18.17 -64.81 92.57
C ASN Z 413 16.73 -64.98 92.12
N CYS Z 414 16.01 -63.85 92.14
CA CYS Z 414 14.60 -63.82 91.78
C CYS Z 414 14.33 -62.48 91.10
N LEU Z 415 14.29 -62.48 89.78
CA LEU Z 415 14.10 -61.26 89.00
C LEU Z 415 12.82 -61.38 88.19
N ILE Z 416 11.96 -60.38 88.32
CA ILE Z 416 10.70 -60.35 87.58
C ILE Z 416 10.94 -59.68 86.23
N GLY Z 417 10.47 -60.32 85.16
CA GLY Z 417 10.62 -59.75 83.85
C GLY Z 417 12.06 -59.53 83.44
N GLU Z 418 13.01 -60.17 84.12
CA GLU Z 418 14.43 -60.05 83.81
C GLU Z 418 15.03 -61.45 83.84
N ARG Z 419 15.28 -62.01 82.67
CA ARG Z 419 15.79 -63.37 82.58
C ARG Z 419 17.29 -63.39 82.86
N VAL Z 420 17.87 -64.59 82.78
CA VAL Z 420 19.31 -64.74 82.89
C VAL Z 420 20.02 -64.16 81.68
N THR Z 421 19.34 -64.08 80.54
CA THR Z 421 20.00 -63.66 79.29
C THR Z 421 20.63 -62.29 79.41
N SER Z 422 20.12 -61.43 80.30
CA SER Z 422 20.74 -60.12 80.49
C SER Z 422 22.16 -60.26 81.01
N LEU Z 423 22.38 -61.19 81.94
CA LEU Z 423 23.70 -61.47 82.48
C LEU Z 423 24.28 -62.69 81.77
N ASP Z 424 25.44 -63.15 82.25
CA ASP Z 424 26.13 -64.29 81.67
C ASP Z 424 26.43 -65.33 82.74
N ASP Z 425 26.26 -66.60 82.40
CA ASP Z 425 26.49 -67.71 83.32
C ASP Z 425 25.57 -67.61 84.54
N TYR Z 426 24.27 -67.79 84.24
CA TYR Z 426 23.24 -67.78 85.30
C TYR Z 426 22.24 -68.88 84.91
N LYS Z 427 22.24 -70.00 85.63
CA LYS Z 427 21.28 -71.10 85.37
C LYS Z 427 19.84 -70.61 85.62
N GLU Z 428 18.88 -71.23 84.92
CA GLU Z 428 17.46 -70.84 85.10
C GLU Z 428 16.77 -71.85 86.03
N LEU Z 429 16.33 -71.40 87.21
CA LEU Z 429 15.60 -72.31 88.15
C LEU Z 429 14.15 -72.44 87.68
N SER Z 430 13.40 -71.34 87.66
CA SER Z 430 12.00 -71.37 87.29
C SER Z 430 11.59 -70.06 86.66
N TYR Z 431 10.86 -70.15 85.55
CA TYR Z 431 10.29 -68.97 84.90
C TYR Z 431 8.85 -69.29 84.54
N PHE Z 432 7.95 -68.37 84.85
CA PHE Z 432 6.53 -68.57 84.57
C PHE Z 432 5.79 -67.24 84.71
N TRP Z 433 5.04 -66.86 83.68
CA TRP Z 433 4.34 -65.59 83.70
C TRP Z 433 3.21 -65.60 84.72
N VAL Z 434 2.99 -64.46 85.38
CA VAL Z 434 1.97 -64.33 86.40
C VAL Z 434 1.38 -62.93 86.35
N PHE Z 435 0.25 -62.75 87.02
CA PHE Z 435 -0.37 -61.44 87.13
C PHE Z 435 0.29 -60.66 88.28
N PRO Z 436 1.00 -59.56 88.00
CA PRO Z 436 1.53 -58.75 89.11
C PRO Z 436 0.45 -58.10 89.95
N ASP Z 437 -0.78 -57.98 89.44
CA ASP Z 437 -1.87 -57.35 90.15
C ASP Z 437 -3.07 -58.29 90.16
N SER Z 438 -4.06 -57.93 90.97
CA SER Z 438 -5.24 -58.78 91.11
C SER Z 438 -6.21 -58.52 89.97
N VAL Z 439 -7.13 -59.46 89.79
CA VAL Z 439 -8.19 -59.34 88.79
C VAL Z 439 -9.50 -59.70 89.47
N GLN Z 440 -10.60 -59.20 88.90
CA GLN Z 440 -11.92 -59.46 89.48
C GLN Z 440 -12.19 -60.96 89.54
N LYS Z 441 -12.27 -61.48 90.75
CA LYS Z 441 -12.76 -62.82 91.04
C LYS Z 441 -11.96 -63.92 90.37
N PHE Z 442 -10.74 -63.65 89.89
CA PHE Z 442 -9.87 -64.69 89.37
C PHE Z 442 -8.58 -64.81 90.16
N ALA Z 443 -7.81 -63.72 90.28
CA ALA Z 443 -6.49 -63.75 90.90
C ALA Z 443 -6.58 -63.01 92.22
N MET Z 444 -6.86 -63.74 93.30
CA MET Z 444 -7.05 -63.14 94.62
C MET Z 444 -6.03 -63.61 95.65
N GLU Z 445 -5.40 -64.76 95.45
CA GLU Z 445 -4.39 -65.24 96.40
C GLU Z 445 -3.03 -64.66 96.04
N MET Z 446 -2.20 -64.46 97.06
CA MET Z 446 -1.00 -63.64 96.96
C MET Z 446 0.26 -64.45 97.16
N TYR Z 447 1.34 -64.00 96.52
CA TYR Z 447 2.68 -64.53 96.75
C TYR Z 447 3.67 -63.37 96.81
N GLY Z 448 4.59 -63.44 97.76
CA GLY Z 448 5.58 -62.40 97.93
C GLY Z 448 6.98 -62.98 98.00
N VAL Z 449 7.95 -62.19 97.55
CA VAL Z 449 9.34 -62.59 97.47
C VAL Z 449 10.14 -61.81 98.50
N SER Z 450 10.97 -62.52 99.26
CA SER Z 450 11.91 -61.91 100.19
C SER Z 450 13.21 -62.68 100.15
N LYS Z 451 14.33 -61.96 100.31
CA LYS Z 451 15.67 -62.53 100.20
C LYS Z 451 16.54 -62.02 101.33
N VAL Z 452 17.41 -62.87 101.83
CA VAL Z 452 18.33 -62.49 102.91
C VAL Z 452 19.66 -62.04 102.29
N PRO Z 453 20.10 -60.80 102.52
CA PRO Z 453 21.33 -60.35 101.86
C PRO Z 453 22.54 -61.21 102.20
N THR Z 454 22.67 -61.65 103.44
CA THR Z 454 23.86 -62.40 103.84
C THR Z 454 23.94 -63.73 103.12
N ARG Z 455 22.83 -64.43 103.02
CA ARG Z 455 22.75 -65.72 102.37
C ARG Z 455 21.52 -65.77 101.47
N ASN Z 456 21.72 -66.25 100.24
CA ASN Z 456 20.64 -66.23 99.26
C ASN Z 456 19.66 -67.37 99.51
N TYR Z 457 19.05 -67.37 100.69
CA TYR Z 457 18.00 -68.33 101.01
C TYR Z 457 16.69 -67.72 100.55
N MET Z 458 16.20 -68.16 99.40
CA MET Z 458 14.95 -67.64 98.86
C MET Z 458 13.86 -67.73 99.91
N ARG Z 459 13.24 -66.60 100.22
CA ARG Z 459 12.17 -66.52 101.21
C ARG Z 459 10.95 -65.99 100.48
N VAL Z 460 10.21 -66.91 99.85
CA VAL Z 460 8.97 -66.60 99.17
C VAL Z 460 7.84 -67.13 100.04
N TYR Z 461 6.86 -66.28 100.33
CA TYR Z 461 5.80 -66.64 101.25
C TYR Z 461 4.50 -65.97 100.81
N ALA Z 462 3.40 -66.42 101.41
CA ALA Z 462 2.09 -65.84 101.14
C ALA Z 462 2.00 -64.50 101.85
N ALA Z 463 2.26 -63.43 101.12
CA ALA Z 463 2.33 -62.09 101.68
C ALA Z 463 0.92 -61.53 101.89
N ASP Z 464 0.88 -60.27 102.32
CA ASP Z 464 -0.42 -59.60 102.59
C ASP Z 464 -0.36 -58.19 102.01
N GLN Z 465 -1.48 -57.49 101.96
CA GLN Z 465 -1.49 -56.11 101.48
C GLN Z 465 -0.65 -55.22 102.38
N SER Z 466 -0.52 -55.62 103.65
CA SER Z 466 0.31 -54.84 104.62
C SER Z 466 1.79 -55.14 104.38
N ASP Z 467 2.12 -56.36 103.94
CA ASP Z 467 3.54 -56.68 103.61
C ASP Z 467 4.01 -55.66 102.57
N ILE Z 468 3.12 -55.26 101.66
CA ILE Z 468 3.47 -54.21 100.66
C ILE Z 468 3.66 -52.89 101.43
N GLU Z 469 2.65 -52.49 102.21
CA GLU Z 469 2.72 -51.21 102.98
C GLU Z 469 4.06 -51.14 103.73
N ASN Z 470 4.33 -52.13 104.60
CA ASN Z 470 5.62 -52.16 105.33
C ASN Z 470 6.49 -53.29 104.76
N PRO Z 471 7.40 -53.01 103.80
CA PRO Z 471 8.21 -54.06 103.13
C PRO Z 471 9.45 -54.42 103.95
N ARG Z 472 9.82 -55.71 103.93
CA ARG Z 472 11.02 -56.15 104.60
C ARG Z 472 12.25 -55.87 103.73
N PRO Z 473 13.44 -55.87 104.31
CA PRO Z 473 14.64 -55.61 103.50
C PRO Z 473 14.79 -56.60 102.36
N TYR Z 474 15.23 -56.13 101.19
CA TYR Z 474 15.51 -57.04 100.05
C TYR Z 474 14.26 -57.81 99.60
N GLN Z 475 13.07 -57.29 99.88
CA GLN Z 475 11.86 -57.94 99.38
C GLN Z 475 11.60 -57.42 97.97
N ARG Z 476 11.72 -58.31 96.99
CA ARG Z 476 11.78 -57.86 95.61
C ARG Z 476 10.41 -57.52 95.04
N PHE Z 477 9.53 -58.52 94.95
CA PHE Z 477 8.27 -58.34 94.26
C PHE Z 477 7.20 -59.24 94.86
N TRP Z 478 5.95 -58.88 94.62
CA TRP Z 478 4.80 -59.65 95.07
C TRP Z 478 3.82 -59.82 93.92
N PHE Z 479 3.17 -60.99 93.86
CA PHE Z 479 2.35 -61.34 92.73
C PHE Z 479 1.13 -62.15 93.19
N TYR Z 480 0.07 -62.05 92.41
CA TYR Z 480 -1.18 -62.74 92.67
C TYR Z 480 -1.33 -63.92 91.73
N VAL Z 481 -1.81 -65.04 92.28
CA VAL Z 481 -2.00 -66.27 91.52
C VAL Z 481 -3.49 -66.58 91.47
N PRO Z 482 -4.00 -67.21 90.41
CA PRO Z 482 -5.44 -67.47 90.32
C PRO Z 482 -5.96 -68.30 91.49
N SER Z 483 -7.18 -67.95 91.93
CA SER Z 483 -7.85 -68.65 93.01
C SER Z 483 -8.65 -69.81 92.44
N ALA Z 484 -8.44 -71.00 93.00
CA ALA Z 484 -9.15 -72.19 92.55
C ALA Z 484 -10.64 -72.15 92.88
N ASN Z 485 -11.08 -71.20 93.71
CA ASN Z 485 -12.48 -71.10 94.10
C ASN Z 485 -13.37 -70.57 92.97
N SER Z 486 -12.78 -70.09 91.87
CA SER Z 486 -13.59 -69.57 90.78
C SER Z 486 -14.46 -70.68 90.20
N PRO Z 487 -15.73 -70.43 89.91
CA PRO Z 487 -16.59 -71.49 89.37
C PRO Z 487 -16.33 -71.70 87.88
N PRO Z 488 -16.12 -72.95 87.45
CA PRO Z 488 -15.88 -73.18 86.01
C PRO Z 488 -17.18 -73.30 85.22
N GLY AA 2 55.63 28.26 -44.76
CA GLY AA 2 54.57 28.68 -43.88
C GLY AA 2 54.00 27.55 -43.06
N GLU AA 3 54.69 27.22 -41.96
CA GLU AA 3 54.22 26.18 -41.06
C GLU AA 3 54.23 26.65 -39.62
N VAL AA 4 55.06 27.63 -39.29
CA VAL AA 4 55.14 28.17 -37.95
C VAL AA 4 55.17 29.70 -38.04
N VAL AA 5 54.83 30.33 -36.92
CA VAL AA 5 54.80 31.79 -36.84
C VAL AA 5 55.08 32.22 -35.40
N PRO AA 6 55.89 33.25 -35.17
CA PRO AA 6 56.13 33.69 -33.79
C PRO AA 6 54.84 34.14 -33.12
N TYR AA 7 54.75 33.88 -31.82
CA TYR AA 7 53.54 34.20 -31.08
C TYR AA 7 53.30 35.71 -31.11
N LYS AA 8 52.05 36.10 -31.36
CA LYS AA 8 51.61 37.48 -31.31
C LYS AA 8 50.49 37.59 -30.29
N ALA AA 9 50.64 38.52 -29.35
CA ALA AA 9 49.70 38.59 -28.24
C ALA AA 9 48.27 38.77 -28.75
N GLY AA 10 47.33 38.16 -28.04
CA GLY AA 10 45.94 38.16 -28.45
C GLY AA 10 45.54 37.00 -29.32
N MET AA 11 46.49 36.18 -29.77
CA MET AA 11 46.17 35.04 -30.61
C MET AA 11 45.20 34.12 -29.89
N GLN AA 12 44.19 33.67 -30.62
CA GLN AA 12 43.19 32.75 -30.10
C GLN AA 12 43.23 31.48 -30.95
N ARG AA 13 43.32 30.33 -30.29
CA ARG AA 13 43.38 29.07 -31.01
C ARG AA 13 42.19 28.95 -31.95
N GLY AA 14 42.46 28.54 -33.19
CA GLY AA 14 41.40 28.35 -34.16
C GLY AA 14 40.91 29.65 -34.75
N GLN AA 15 41.80 30.39 -35.41
CA GLN AA 15 41.44 31.64 -36.06
C GLN AA 15 42.19 31.74 -37.38
N GLY AA 16 41.60 32.50 -38.30
CA GLY AA 16 42.22 32.68 -39.59
C GLY AA 16 43.51 33.49 -39.50
N TYR AA 17 44.38 33.28 -40.47
CA TYR AA 17 45.66 33.95 -40.52
C TYR AA 17 45.98 34.30 -41.96
N ASN AA 18 46.04 35.58 -42.26
CA ASN AA 18 46.40 36.06 -43.59
C ASN AA 18 47.92 36.01 -43.70
N THR AA 19 48.44 34.92 -44.27
CA THR AA 19 49.87 34.69 -44.22
C THR AA 19 50.67 35.77 -44.92
N TYR AA 20 50.09 36.42 -45.93
CA TYR AA 20 50.79 37.52 -46.61
C TYR AA 20 50.89 38.74 -45.70
N LEU AA 21 49.74 39.26 -45.27
CA LEU AA 21 49.75 40.43 -44.39
C LEU AA 21 50.18 40.08 -42.96
N GLN AA 22 50.33 38.81 -42.64
CA GLN AA 22 50.77 38.37 -41.31
C GLN AA 22 49.89 38.95 -40.21
N SER AA 23 48.65 39.25 -40.55
CA SER AA 23 47.71 39.81 -39.59
C SER AA 23 46.86 38.67 -39.00
N LEU AA 24 45.87 39.02 -38.20
CA LEU AA 24 44.97 38.07 -37.58
C LEU AA 24 43.58 38.20 -38.20
N CYS AA 25 42.90 37.07 -38.35
CA CYS AA 25 41.59 37.07 -38.97
C CYS AA 25 40.56 36.38 -38.07
N VAL AA 26 39.37 36.09 -38.61
CA VAL AA 26 38.23 35.72 -37.78
C VAL AA 26 38.64 34.67 -36.76
N LYS AA 27 38.11 34.81 -35.55
CA LYS AA 27 38.38 33.87 -34.48
C LYS AA 27 37.25 32.84 -34.39
N ASP AA 28 37.62 31.61 -34.06
CA ASP AA 28 36.66 30.52 -33.86
C ASP AA 28 36.08 30.01 -35.18
N ALA AA 29 36.86 30.10 -36.25
CA ALA AA 29 36.46 29.43 -37.50
C ALA AA 29 36.65 27.92 -37.39
N VAL AA 30 37.61 27.47 -36.58
CA VAL AA 30 37.92 26.07 -36.41
C VAL AA 30 37.79 25.72 -34.94
N THR AA 31 37.02 24.68 -34.64
CA THR AA 31 36.88 24.16 -33.29
C THR AA 31 37.70 22.89 -33.17
N ILE AA 32 38.59 22.86 -32.20
CA ILE AA 32 39.44 21.70 -31.93
C ILE AA 32 38.94 21.04 -30.67
N GLU AA 33 38.53 19.78 -30.78
CA GLU AA 33 38.07 18.99 -29.65
C GLU AA 33 39.24 18.18 -29.09
N ARG AA 34 39.55 18.40 -27.83
CA ARG AA 34 40.58 17.62 -27.14
C ARG AA 34 39.96 16.32 -26.68
N HIS AA 35 40.10 15.27 -27.49
CA HIS AA 35 39.51 13.98 -27.13
C HIS AA 35 40.12 13.45 -25.85
N ASP AA 36 41.44 13.57 -25.69
CA ASP AA 36 42.15 13.06 -24.53
C ASP AA 36 42.86 14.21 -23.83
N ASP AA 37 42.71 14.29 -22.52
CA ASP AA 37 43.35 15.33 -21.72
C ASP AA 37 44.72 14.83 -21.28
N SER AA 38 45.75 15.21 -22.04
CA SER AA 38 47.11 14.79 -21.71
C SER AA 38 48.09 15.73 -22.41
N ASN AA 39 49.14 16.13 -21.69
CA ASN AA 39 50.13 17.01 -22.28
C ASN AA 39 50.91 16.27 -23.36
N PRO AA 40 51.33 16.96 -24.42
CA PRO AA 40 51.99 16.29 -25.53
C PRO AA 40 53.42 15.91 -25.17
N PRO AA 41 54.05 15.04 -25.95
CA PRO AA 41 55.44 14.69 -25.70
C PRO AA 41 56.36 15.90 -25.80
N PHE AA 42 57.43 15.90 -25.01
CA PHE AA 42 58.28 17.07 -24.88
C PHE AA 42 59.75 16.68 -24.99
N LYS AA 43 60.57 17.66 -25.34
CA LYS AA 43 62.01 17.49 -25.50
C LYS AA 43 62.72 18.43 -24.55
N LYS AA 44 63.70 17.90 -23.81
CA LYS AA 44 64.39 18.65 -22.77
C LYS AA 44 65.87 18.81 -23.11
N GLU AA 45 66.45 19.90 -22.63
CA GLU AA 45 67.88 20.13 -22.68
C GLU AA 45 68.34 20.67 -21.33
N TYR AA 46 69.61 20.45 -21.00
CA TYR AA 46 70.16 20.91 -19.73
C TYR AA 46 71.66 21.06 -19.88
N TYR AA 47 72.12 22.29 -20.04
CA TYR AA 47 73.54 22.63 -20.07
C TYR AA 47 73.90 23.30 -18.75
N SER AA 48 74.88 22.75 -18.04
CA SER AA 48 75.25 23.24 -16.72
C SER AA 48 76.75 23.40 -16.60
N GLU AA 49 77.17 24.45 -15.90
CA GLU AA 49 78.57 24.72 -15.62
C GLU AA 49 78.73 25.10 -14.16
N PHE AA 50 79.77 24.58 -13.51
CA PHE AA 50 80.08 24.93 -12.13
C PHE AA 50 81.57 25.23 -12.08
N ILE AA 51 81.93 26.51 -12.24
CA ILE AA 51 83.32 26.88 -12.40
C ILE AA 51 84.08 26.66 -11.11
N GLU AA 52 85.41 26.57 -11.22
CA GLU AA 52 86.27 26.11 -10.15
C GLU AA 52 86.03 26.89 -8.87
N GLU AA 53 86.43 26.30 -7.75
CA GLU AA 53 86.45 26.97 -6.46
C GLU AA 53 87.85 27.53 -6.25
N TYR AA 54 88.03 28.81 -6.52
CA TYR AA 54 89.34 29.44 -6.39
C TYR AA 54 89.68 29.55 -4.91
N GLU AA 55 90.12 28.42 -4.35
CA GLU AA 55 90.49 28.39 -2.91
C GLU AA 55 92.00 28.61 -2.79
N LYS AA 56 92.40 29.75 -2.25
CA LYS AA 56 93.81 30.11 -2.11
C LYS AA 56 94.04 30.64 -0.70
N ILE AA 57 94.76 29.87 0.11
CA ILE AA 57 95.18 30.30 1.43
C ILE AA 57 96.68 30.59 1.35
N ALA AA 58 97.06 31.82 1.65
CA ALA AA 58 98.45 32.20 1.82
C ALA AA 58 98.62 32.74 3.24
N LYS AA 59 99.55 32.18 3.99
CA LYS AA 59 99.68 32.47 5.41
C LYS AA 59 101.14 32.73 5.75
N SER AA 60 101.36 33.62 6.72
CA SER AA 60 102.70 34.07 7.06
C SER AA 60 103.01 33.76 8.51
N MET AA 61 104.27 33.38 8.78
CA MET AA 61 104.71 33.17 10.19
C MET AA 61 106.18 33.61 10.29
N ARG AA 62 106.42 34.85 10.72
CA ARG AA 62 107.74 35.46 10.82
C ARG AA 62 108.04 35.73 12.28
N ILE AA 63 109.10 35.09 12.78
CA ILE AA 63 109.53 35.27 14.17
C ILE AA 63 110.99 35.67 14.16
N SER AA 64 111.37 36.51 15.12
CA SER AA 64 112.75 36.95 15.25
C SER AA 64 113.00 37.38 16.68
N ALA AA 65 113.97 36.75 17.33
CA ALA AA 65 114.32 37.09 18.70
C ALA AA 65 115.78 36.79 18.95
N GLY AA 66 116.38 37.55 19.86
CA GLY AA 66 117.78 37.38 20.20
C GLY AA 66 118.30 38.48 21.10
N VAL AA 78 118.41 42.87 27.11
CA VAL AA 78 117.92 43.53 25.90
C VAL AA 78 117.57 42.47 24.86
N ASN AA 79 116.49 41.75 25.12
CA ASN AA 79 116.00 40.71 24.22
C ASN AA 79 114.73 41.19 23.54
N VAL AA 80 114.67 41.06 22.22
CA VAL AA 80 113.55 41.52 21.43
C VAL AA 80 112.84 40.33 20.81
N ASP AA 81 111.57 40.53 20.49
CA ASP AA 81 110.74 39.51 19.86
C ASP AA 81 109.92 40.14 18.76
N ILE AA 82 109.68 39.38 17.69
CA ILE AA 82 108.82 39.80 16.60
C ILE AA 82 107.97 38.60 16.19
N LEU AA 83 106.67 38.81 16.06
CA LEU AA 83 105.73 37.72 15.75
C LEU AA 83 104.70 38.27 14.78
N ASN AA 84 104.88 38.00 13.49
CA ASN AA 84 104.01 38.54 12.45
C ASN AA 84 103.26 37.42 11.75
N ARG AA 85 101.96 37.62 11.56
CA ARG AA 85 101.10 36.66 10.91
C ARG AA 85 100.34 37.32 9.77
N SER AA 86 99.89 36.51 8.83
CA SER AA 86 99.02 36.97 7.77
C SER AA 86 98.19 35.79 7.31
N GLU AA 87 97.12 36.09 6.59
CA GLU AA 87 96.23 35.05 6.08
C GLU AA 87 95.38 35.64 4.97
N PHE AA 88 95.50 35.09 3.76
CA PHE AA 88 94.75 35.55 2.61
C PHE AA 88 93.94 34.40 2.06
N GLU AA 89 92.62 34.57 1.99
CA GLU AA 89 91.72 33.54 1.52
C GLU AA 89 90.97 34.04 0.29
N THR AA 90 90.70 33.11 -0.62
CA THR AA 90 89.94 33.43 -1.82
C THR AA 90 88.97 32.29 -2.10
N SER AA 91 87.81 32.63 -2.65
CA SER AA 91 86.83 31.60 -3.03
C SER AA 91 85.92 32.20 -4.10
N THR AA 92 86.17 31.87 -5.35
CA THR AA 92 85.34 32.30 -6.46
C THR AA 92 84.55 31.10 -6.97
N LEU AA 93 83.25 31.11 -6.73
CA LEU AA 93 82.34 30.10 -7.25
C LEU AA 93 81.44 30.74 -8.29
N THR AA 94 81.27 30.06 -9.43
CA THR AA 94 80.38 30.53 -10.47
C THR AA 94 79.53 29.36 -10.94
N TYR AA 95 78.32 29.66 -11.39
CA TYR AA 95 77.39 28.63 -11.82
C TYR AA 95 76.60 29.15 -13.01
N GLU AA 96 76.09 28.23 -13.82
CA GLU AA 96 75.27 28.61 -14.97
C GLU AA 96 74.56 27.38 -15.52
N VAL AA 97 73.25 27.50 -15.73
CA VAL AA 97 72.46 26.45 -16.35
C VAL AA 97 71.60 27.07 -17.44
N LYS AA 98 71.13 26.23 -18.35
CA LYS AA 98 70.25 26.66 -19.43
C LYS AA 98 69.37 25.48 -19.82
N VAL AA 99 68.11 25.51 -19.39
CA VAL AA 99 67.18 24.41 -19.60
C VAL AA 99 66.19 24.83 -20.69
N LEU AA 100 66.09 24.04 -21.74
CA LEU AA 100 65.16 24.29 -22.83
C LEU AA 100 64.19 23.12 -22.93
N VAL AA 101 62.89 23.44 -22.91
CA VAL AA 101 61.83 22.45 -23.02
C VAL AA 101 60.95 22.82 -24.20
N GLN AA 102 60.71 21.85 -25.08
CA GLN AA 102 59.86 22.07 -26.26
C GLN AA 102 58.88 20.91 -26.36
N HIS AA 103 57.60 21.23 -26.37
CA HIS AA 103 56.55 20.23 -26.47
C HIS AA 103 56.29 19.93 -27.94
N GLN AA 104 55.28 19.10 -28.22
CA GLN AA 104 54.85 18.84 -29.58
C GLN AA 104 53.34 19.02 -29.69
N VAL AA 105 52.79 18.81 -30.88
CA VAL AA 105 51.36 18.96 -31.11
C VAL AA 105 50.72 17.58 -31.11
N SER AA 106 49.69 17.40 -30.31
CA SER AA 106 49.06 16.09 -30.19
C SER AA 106 48.47 15.66 -31.53
N VAL AA 107 48.53 14.35 -31.79
CA VAL AA 107 48.09 13.81 -33.07
C VAL AA 107 46.71 13.19 -33.00
N LEU AA 108 46.05 13.25 -31.84
CA LEU AA 108 44.76 12.59 -31.63
C LEU AA 108 43.65 13.60 -31.40
N ASP AA 109 43.65 14.70 -32.14
CA ASP AA 109 42.63 15.72 -32.05
C ASP AA 109 41.81 15.77 -33.34
N LYS AA 110 40.62 16.33 -33.24
CA LYS AA 110 39.72 16.48 -34.38
C LYS AA 110 39.57 17.95 -34.72
N HIS AA 111 39.65 18.27 -36.00
CA HIS AA 111 39.56 19.63 -36.50
C HIS AA 111 38.30 19.77 -37.33
N SER AA 112 37.54 20.84 -37.09
CA SER AA 112 36.30 21.11 -37.79
C SER AA 112 36.30 22.54 -38.29
N PHE AA 113 35.37 22.83 -39.20
CA PHE AA 113 35.27 24.15 -39.82
C PHE AA 113 33.85 24.69 -39.64
N ASN AA 114 33.76 25.86 -39.01
CA ASN AA 114 32.48 26.51 -38.76
C ASN AA 114 32.23 27.59 -39.80
N LYS AA 115 30.97 27.77 -40.16
CA LYS AA 115 30.59 28.66 -41.26
C LYS AA 115 30.26 30.04 -40.72
N ILE AA 116 30.91 31.06 -41.29
CA ILE AA 116 30.56 32.46 -41.05
C ILE AA 116 30.10 33.04 -42.37
N GLN AA 117 28.89 33.62 -42.36
CA GLN AA 117 28.30 34.18 -43.60
C GLN AA 117 28.93 35.54 -43.90
N THR AA 118 29.61 35.67 -45.04
CA THR AA 118 30.24 36.91 -45.45
C THR AA 118 30.22 37.03 -46.96
N THR AA 119 30.14 38.26 -47.45
CA THR AA 119 30.26 38.49 -48.89
C THR AA 119 31.70 38.44 -49.35
N THR AA 120 32.66 38.48 -48.43
CA THR AA 120 34.09 38.43 -48.74
C THR AA 120 34.75 37.40 -47.84
N PRO AA 121 34.46 36.12 -48.04
CA PRO AA 121 35.04 35.10 -47.16
C PRO AA 121 36.55 35.07 -47.20
N HIS AA 122 37.15 35.57 -48.29
CA HIS AA 122 38.61 35.54 -48.41
C HIS AA 122 39.26 36.44 -47.37
N ALA AA 123 38.74 37.66 -47.19
CA ALA AA 123 39.32 38.59 -46.24
C ALA AA 123 38.93 38.28 -44.81
N THR AA 124 37.85 37.52 -44.61
CA THR AA 124 37.44 37.15 -43.26
C THR AA 124 38.17 35.89 -42.79
N TYR AA 125 38.11 34.82 -43.57
CA TYR AA 125 38.76 33.58 -43.19
C TYR AA 125 40.28 33.67 -43.33
N GLY AA 126 40.75 34.24 -44.43
CA GLY AA 126 42.16 34.30 -44.70
C GLY AA 126 42.65 33.12 -45.52
N ASP AA 127 43.81 32.56 -45.16
CA ASP AA 127 44.35 31.40 -45.81
C ASP AA 127 44.48 30.20 -44.88
N ARG AA 128 45.10 30.37 -43.73
CA ARG AA 128 45.39 29.27 -42.83
C ARG AA 128 44.91 29.60 -41.42
N PHE AA 129 44.63 28.56 -40.65
CA PHE AA 129 44.09 28.66 -39.31
C PHE AA 129 45.11 28.16 -38.28
N ILE AA 130 44.90 28.57 -37.04
CA ILE AA 130 45.81 28.24 -35.94
C ILE AA 130 45.29 26.97 -35.28
N ALA AA 131 45.92 25.85 -35.60
CA ALA AA 131 45.45 24.55 -35.12
C ALA AA 131 45.87 24.31 -33.68
N ASP AA 132 47.18 24.24 -33.45
CA ASP AA 132 47.72 23.98 -32.12
C ASP AA 132 48.89 24.92 -31.87
N PHE AA 133 49.12 25.21 -30.60
CA PHE AA 133 50.20 26.10 -30.19
C PHE AA 133 51.39 25.27 -29.74
N ILE AA 134 52.55 25.54 -30.31
CA ILE AA 134 53.78 24.89 -29.88
C ILE AA 134 54.22 25.50 -28.56
N LYS AA 135 54.29 24.69 -27.52
CA LYS AA 135 54.58 25.16 -26.18
C LYS AA 135 55.99 24.76 -25.77
N GLY AA 136 56.51 25.47 -24.77
CA GLY AA 136 57.86 25.22 -24.30
C GLY AA 136 58.20 25.96 -23.03
N GLY AA 137 59.50 26.10 -22.76
CA GLY AA 137 59.95 26.76 -21.55
C GLY AA 137 61.43 27.08 -21.67
N HIS AA 138 61.93 27.80 -20.66
CA HIS AA 138 63.30 28.29 -20.71
C HIS AA 138 63.79 28.51 -19.30
N PHE AA 139 65.10 28.35 -19.11
CA PHE AA 139 65.73 28.65 -17.83
C PHE AA 139 67.11 29.23 -18.09
N TYR AA 140 67.56 30.09 -17.17
CA TYR AA 140 68.85 30.75 -17.31
C TYR AA 140 69.27 31.28 -15.96
N ALA AA 141 70.35 30.74 -15.41
CA ALA AA 141 70.78 31.12 -14.08
C ALA AA 141 72.27 31.43 -14.09
N ARG AA 142 72.67 32.34 -13.21
CA ARG AA 142 74.08 32.69 -13.01
C ARG AA 142 74.29 33.03 -11.55
N VAL AA 143 75.19 32.31 -10.89
CA VAL AA 143 75.60 32.61 -9.53
C VAL AA 143 77.06 33.01 -9.57
N SER AA 144 77.40 34.10 -8.88
CA SER AA 144 78.76 34.61 -8.81
C SER AA 144 79.08 34.87 -7.35
N ILE AA 145 79.54 33.85 -6.64
CA ILE AA 145 79.94 33.97 -5.24
C ILE AA 145 81.37 34.47 -5.21
N THR AA 146 81.59 35.69 -4.68
CA THR AA 146 82.94 36.30 -4.66
C THR AA 146 83.74 35.71 -3.51
N ALA AA 147 85.03 36.01 -3.44
CA ALA AA 147 85.95 35.49 -2.40
C ALA AA 147 85.57 35.99 -1.02
N LYS AA 148 86.23 35.46 0.01
CA LYS AA 148 86.02 35.95 1.39
C LYS AA 148 87.07 37.03 1.63
N ASN AA 149 88.25 36.89 1.01
CA ASN AA 149 89.37 37.79 1.23
C ASN AA 149 89.65 37.94 2.73
N SER AA 150 89.70 36.81 3.41
CA SER AA 150 90.10 36.82 4.81
C SER AA 150 91.48 37.44 4.94
N SER AA 151 91.65 38.32 5.92
CA SER AA 151 92.88 39.07 6.07
C SER AA 151 93.39 39.04 7.50
N GLU AA 152 93.45 37.86 8.11
CA GLU AA 152 93.97 37.73 9.47
C GLU AA 152 95.44 38.13 9.47
N THR AA 153 95.77 39.19 10.21
CA THR AA 153 97.14 39.63 10.39
C THR AA 153 97.36 39.98 11.85
N SER AA 154 98.63 39.98 12.26
CA SER AA 154 98.97 40.32 13.64
C SER AA 154 100.46 40.56 13.75
N GLU AA 155 100.84 41.32 14.78
CA GLU AA 155 102.23 41.62 15.06
C GLU AA 155 102.41 41.67 16.57
N LEU AA 156 103.61 41.34 17.05
CA LEU AA 156 103.94 41.40 18.46
C LEU AA 156 105.37 41.84 18.62
N LYS AA 157 105.67 42.50 19.74
CA LYS AA 157 107.00 43.07 19.99
C LYS AA 157 107.27 43.06 21.49
N GLN AA 158 108.20 42.19 21.93
CA GLN AA 158 108.55 42.07 23.34
C GLN AA 158 110.02 42.47 23.51
N SER AA 159 110.24 43.73 23.87
CA SER AA 159 111.58 44.20 24.18
C SER AA 159 111.85 44.06 25.67
N ALA AA 160 112.79 43.19 26.01
CA ALA AA 160 113.15 42.96 27.41
C ALA AA 160 111.93 42.55 28.23
N THR AA 174 112.22 46.85 32.36
CA THR AA 174 111.68 47.42 31.14
C THR AA 174 110.98 46.35 30.29
N GLN AA 175 109.84 46.71 29.73
CA GLN AA 175 109.02 45.78 28.97
C GLN AA 175 108.27 46.56 27.90
N GLU AA 176 107.84 45.85 26.87
CA GLU AA 176 107.11 46.47 25.77
C GLU AA 176 106.27 45.42 25.07
N VAL AA 177 105.03 45.78 24.75
CA VAL AA 177 104.13 44.92 23.99
C VAL AA 177 103.42 45.76 22.94
N GLU AA 178 103.30 45.23 21.72
CA GLU AA 178 102.73 45.97 20.60
C GLU AA 178 101.95 44.97 19.74
N ARG AA 179 100.63 44.98 19.87
CA ARG AA 179 99.75 44.12 19.08
C ARG AA 179 98.76 44.90 18.22
N ALA AA 180 99.16 46.08 17.75
CA ALA AA 180 98.27 46.93 16.95
C ALA AA 180 98.24 46.49 15.49
N VAL AA 181 97.96 45.22 15.26
CA VAL AA 181 97.82 44.69 13.90
C VAL AA 181 96.75 43.61 13.95
N SER AA 182 95.66 43.81 13.21
CA SER AA 182 94.58 42.86 13.15
C SER AA 182 93.58 43.30 12.09
N SER AA 183 93.12 42.36 11.28
CA SER AA 183 92.15 42.65 10.23
C SER AA 183 91.40 41.37 9.91
N ILE AA 184 90.24 41.50 9.27
CA ILE AA 184 89.36 40.39 9.00
C ILE AA 184 88.86 40.48 7.56
N LYS AA 185 88.17 39.43 7.13
CA LYS AA 185 87.66 39.31 5.77
C LYS AA 185 86.75 40.47 5.42
N ARG AA 186 86.80 40.87 4.16
CA ARG AA 186 85.81 41.81 3.63
C ARG AA 186 85.60 41.43 2.16
N ASN AA 187 84.69 40.49 1.93
CA ASN AA 187 84.15 40.24 0.60
C ASN AA 187 83.04 39.20 0.68
N ALA AA 188 81.87 39.53 0.12
CA ALA AA 188 80.81 38.52 -0.03
C ALA AA 188 79.83 39.06 -1.08
N SER AA 189 79.95 38.58 -2.30
CA SER AA 189 79.11 39.02 -3.40
C SER AA 189 78.33 37.83 -3.94
N VAL AA 190 77.02 37.95 -3.98
CA VAL AA 190 76.15 36.91 -4.52
C VAL AA 190 75.30 37.57 -5.60
N LYS AA 191 75.73 37.43 -6.85
CA LYS AA 191 74.95 37.90 -8.00
C LYS AA 191 74.14 36.74 -8.54
N ILE AA 192 72.83 36.88 -8.52
CA ILE AA 192 71.92 35.85 -9.02
C ILE AA 192 71.05 36.48 -10.10
N THR AA 193 71.01 35.84 -11.27
CA THR AA 193 70.06 36.19 -12.31
C THR AA 193 69.30 34.93 -12.68
N ILE AA 194 67.98 34.98 -12.66
CA ILE AA 194 67.14 33.84 -13.01
C ILE AA 194 66.11 34.31 -14.02
N ILE AA 195 66.11 33.68 -15.20
CA ILE AA 195 65.17 34.01 -16.26
C ILE AA 195 64.36 32.76 -16.57
N GLU AA 196 63.05 32.83 -16.40
CA GLU AA 196 62.20 31.66 -16.48
C GLU AA 196 61.00 31.94 -17.38
N SER AA 197 60.57 30.89 -18.09
CA SER AA 197 59.34 30.91 -18.88
C SER AA 197 58.64 29.58 -18.61
N THR AA 198 57.78 29.57 -17.59
CA THR AA 198 57.12 28.34 -17.17
C THR AA 198 55.61 28.53 -17.08
N GLY AA 199 54.92 27.54 -16.52
CA GLY AA 199 53.48 27.59 -16.43
C GLY AA 199 53.01 27.21 -15.04
N THR AA 200 51.76 27.60 -14.76
CA THR AA 200 51.15 27.32 -13.47
C THR AA 200 50.73 25.86 -13.37
N SER AA 201 50.68 25.35 -12.14
CA SER AA 201 50.24 23.98 -11.91
C SER AA 201 48.77 23.82 -12.27
N SER AA 216 74.20 29.08 0.95
CA SER AA 216 73.79 27.94 0.14
C SER AA 216 73.02 28.40 -1.08
N ASP AA 217 73.35 29.60 -1.57
CA ASP AA 217 72.65 30.10 -2.74
C ASP AA 217 72.99 29.32 -4.00
N LEU AA 218 74.19 28.73 -4.05
CA LEU AA 218 74.53 27.86 -5.17
C LEU AA 218 73.62 26.64 -5.21
N LEU AA 219 73.35 26.05 -4.04
CA LEU AA 219 72.46 24.90 -4.00
C LEU AA 219 71.00 25.29 -4.27
N ALA AA 220 70.58 26.46 -3.78
CA ALA AA 220 69.21 26.89 -3.99
C ALA AA 220 68.89 27.02 -5.48
N VAL AA 221 69.80 27.64 -6.23
CA VAL AA 221 69.61 27.74 -7.67
C VAL AA 221 69.57 26.34 -8.29
N LYS AA 222 70.40 25.44 -7.78
CA LYS AA 222 70.46 24.09 -8.33
C LYS AA 222 69.12 23.36 -8.16
N GLU AA 223 68.50 23.50 -6.99
CA GLU AA 223 67.23 22.80 -6.76
C GLU AA 223 66.16 23.28 -7.73
N LYS AA 224 66.04 24.59 -7.91
CA LYS AA 224 65.10 25.10 -8.91
C LYS AA 224 65.50 24.65 -10.30
N ALA AA 225 66.80 24.64 -10.59
CA ALA AA 225 67.25 24.15 -11.89
C ALA AA 225 66.92 22.67 -12.07
N ASP AA 226 67.20 21.86 -11.05
CA ASP AA 226 66.86 20.44 -11.15
C ASP AA 226 65.37 20.21 -11.07
N GLN AA 227 64.69 20.91 -10.15
CA GLN AA 227 63.23 20.78 -10.09
C GLN AA 227 62.59 21.17 -11.41
N PHE AA 228 63.20 22.11 -12.14
CA PHE AA 228 62.68 22.45 -13.45
C PHE AA 228 62.70 21.24 -14.36
N TYR AA 229 63.83 20.51 -14.33
CA TYR AA 229 63.96 19.26 -15.14
C TYR AA 229 62.83 18.35 -14.73
N LYS AA 230 62.74 18.01 -13.43
CA LYS AA 230 61.71 17.09 -12.97
C LYS AA 230 60.32 17.67 -13.18
N ASP AA 231 60.18 18.99 -13.06
CA ASP AA 231 58.88 19.60 -13.24
C ASP AA 231 58.34 19.37 -14.64
N ALA AA 232 59.20 19.38 -15.65
CA ALA AA 232 58.74 19.16 -17.01
C ALA AA 232 58.02 17.82 -17.14
N ASP AA 233 58.52 16.77 -16.49
CA ASP AA 233 57.91 15.45 -16.63
C ASP AA 233 56.44 15.51 -16.24
N SER AA 234 56.11 16.30 -15.22
CA SER AA 234 54.70 16.48 -14.87
C SER AA 234 53.94 17.24 -15.94
N GLY AA 235 54.62 17.81 -16.91
CA GLY AA 235 53.96 18.50 -18.00
C GLY AA 235 53.26 19.78 -17.59
N LYS AA 236 53.88 20.57 -16.73
CA LYS AA 236 53.37 21.89 -16.38
C LYS AA 236 54.07 23.01 -17.12
N HIS AA 237 54.98 22.70 -18.05
CA HIS AA 237 55.73 23.72 -18.79
C HIS AA 237 54.94 24.04 -20.05
N SER AA 238 53.86 24.80 -19.87
CA SER AA 238 52.99 25.16 -20.99
C SER AA 238 53.13 26.67 -21.18
N TYR AA 239 54.12 27.06 -21.97
CA TYR AA 239 54.31 28.44 -22.37
C TYR AA 239 54.24 28.51 -23.89
N VAL AA 240 53.44 29.44 -24.40
CA VAL AA 240 53.18 29.50 -25.84
C VAL AA 240 54.41 30.09 -26.52
N LEU AA 241 54.99 29.34 -27.46
CA LEU AA 241 56.15 29.78 -28.22
C LEU AA 241 55.82 29.99 -29.69
N PHE AA 242 55.33 28.96 -30.37
CA PHE AA 242 55.06 29.01 -31.79
C PHE AA 242 53.64 28.53 -32.06
N ALA AA 243 53.11 28.92 -33.23
CA ALA AA 243 51.79 28.50 -33.67
C ALA AA 243 51.93 27.72 -34.96
N VAL AA 244 51.25 26.58 -35.03
CA VAL AA 244 51.30 25.69 -36.18
C VAL AA 244 50.13 26.00 -37.10
N LEU AA 245 50.41 26.20 -38.38
CA LEU AA 245 49.40 26.62 -39.35
C LEU AA 245 48.88 25.40 -40.11
N GLY AA 246 47.59 25.43 -40.42
CA GLY AA 246 46.97 24.37 -41.20
C GLY AA 246 46.11 24.96 -42.29
N LYS AA 247 45.99 24.21 -43.38
CA LYS AA 247 45.27 24.67 -44.55
C LYS AA 247 43.80 24.27 -44.46
N TYR AA 248 42.92 25.21 -44.79
CA TYR AA 248 41.48 24.96 -44.67
C TYR AA 248 41.02 23.82 -45.57
N ARG AA 249 41.78 23.50 -46.62
CA ARG AA 249 41.36 22.45 -47.53
C ARG AA 249 41.39 21.09 -46.85
N ASN AA 250 42.39 20.86 -45.99
CA ASN AA 250 42.55 19.57 -45.34
C ASN AA 250 41.46 19.28 -44.32
N LEU AA 251 40.65 20.27 -43.95
CA LEU AA 251 39.55 20.02 -43.03
C LEU AA 251 38.52 19.09 -43.68
N SER AA 252 38.10 18.07 -42.93
CA SER AA 252 37.05 17.19 -43.44
C SER AA 252 35.75 17.96 -43.66
N ASN AA 253 35.37 18.80 -42.69
CA ASN AA 253 34.10 19.51 -42.75
C ASN AA 253 34.09 20.59 -43.82
N PHE AA 254 35.24 20.91 -44.39
CA PHE AA 254 35.34 21.89 -45.46
C PHE AA 254 34.74 21.30 -46.72
N GLU AA 255 33.56 21.79 -47.11
CA GLU AA 255 32.95 21.46 -48.40
C GLU AA 255 33.22 22.54 -49.44
N SER AA 256 34.42 23.12 -49.41
CA SER AA 256 34.81 24.16 -50.36
C SER AA 256 33.89 25.37 -50.23
N TYR AA 257 33.90 25.96 -49.04
CA TYR AA 257 33.19 27.21 -48.81
C TYR AA 257 33.75 28.32 -49.69
N PHE AA 258 35.01 28.21 -50.09
CA PHE AA 258 35.65 29.20 -50.94
C PHE AA 258 36.90 28.58 -51.53
N ALA AA 259 37.63 29.37 -52.31
CA ALA AA 259 38.87 28.90 -52.91
C ALA AA 259 40.03 29.67 -52.30
N PRO AA 260 40.74 29.12 -51.32
CA PRO AA 260 41.82 29.87 -50.69
C PRO AA 260 42.92 30.21 -51.68
N PHE AA 261 43.49 31.40 -51.52
CA PHE AA 261 44.62 31.79 -52.34
C PHE AA 261 45.89 31.11 -51.86
N ASP AA 262 46.88 31.04 -52.76
CA ASP AA 262 48.24 30.53 -52.44
C ASP AA 262 49.16 31.74 -52.59
N TYR AA 263 49.54 32.38 -51.49
CA TYR AA 263 50.29 33.63 -51.51
C TYR AA 263 51.80 33.42 -51.61
N GLN AA 264 52.26 32.17 -51.74
CA GLN AA 264 53.70 31.94 -51.80
C GLN AA 264 54.33 32.72 -52.94
N MET AA 265 53.77 32.62 -54.14
CA MET AA 265 54.32 33.35 -55.27
C MET AA 265 54.04 34.85 -55.17
N ALA AA 266 52.84 35.22 -54.71
CA ALA AA 266 52.50 36.63 -54.61
C ALA AA 266 53.43 37.35 -53.64
N SER AA 267 53.72 36.73 -52.49
CA SER AA 267 54.64 37.35 -51.55
C SER AA 267 56.04 37.47 -52.15
N LEU AA 268 56.48 36.43 -52.87
CA LEU AA 268 57.79 36.49 -53.50
C LEU AA 268 57.88 37.63 -54.49
N ARG AA 269 56.87 37.78 -55.33
CA ARG AA 269 56.89 38.85 -56.32
C ARG AA 269 56.87 40.23 -55.65
N SER AA 270 56.05 40.40 -54.62
CA SER AA 270 55.85 41.69 -53.99
C SER AA 270 56.73 41.83 -52.75
N TRP AA 271 58.04 41.68 -52.93
CA TRP AA 271 58.99 41.95 -51.86
C TRP AA 271 59.60 43.34 -51.94
N ALA AA 272 59.84 43.87 -53.14
CA ALA AA 272 60.35 45.23 -53.25
C ALA AA 272 59.38 46.22 -52.65
N LEU AA 273 58.10 45.90 -52.63
CA LEU AA 273 57.12 46.80 -52.02
C LEU AA 273 57.15 46.71 -50.50
N PHE AA 274 57.32 45.49 -49.96
CA PHE AA 274 57.31 45.32 -48.52
C PHE AA 274 58.44 46.09 -47.87
N ASN AA 275 59.63 46.07 -48.46
CA ASN AA 275 60.73 46.84 -47.90
C ASN AA 275 60.45 48.33 -47.95
N ASP AA 276 59.89 48.83 -49.05
CA ASP AA 276 59.59 50.24 -49.15
C ASP AA 276 58.59 50.68 -48.08
N PHE AA 277 57.77 49.75 -47.60
CA PHE AA 277 56.85 50.08 -46.52
C PHE AA 277 57.60 50.44 -45.24
N THR AA 278 58.51 49.58 -44.81
CA THR AA 278 59.25 49.85 -43.59
C THR AA 278 60.05 51.13 -43.71
N LEU AA 279 60.68 51.35 -44.86
CA LEU AA 279 61.47 52.56 -45.05
C LEU AA 279 60.60 53.81 -44.96
N TYR AA 280 59.42 53.78 -45.59
CA TYR AA 280 58.56 54.96 -45.56
C TYR AA 280 58.04 55.24 -44.16
N LYS AA 281 57.68 54.20 -43.41
CA LYS AA 281 57.26 54.40 -42.04
C LYS AA 281 58.38 54.99 -41.20
N ALA AA 282 59.61 54.51 -41.41
CA ALA AA 282 60.74 55.03 -40.65
C ALA AA 282 60.96 56.51 -40.93
N ILE AA 283 60.84 56.93 -42.20
CA ILE AA 283 61.13 58.33 -42.54
C ILE AA 283 60.00 59.27 -42.17
N GLU AA 284 58.86 58.76 -41.70
CA GLU AA 284 57.88 59.66 -41.08
C GLU AA 284 58.49 60.27 -39.82
N THR AA 285 59.14 59.43 -39.01
CA THR AA 285 59.81 59.94 -37.81
C THR AA 285 61.02 60.80 -38.15
N MET AA 286 61.62 60.62 -39.32
CA MET AA 286 62.64 61.57 -39.78
C MET AA 286 62.14 63.00 -39.67
N ILE AA 287 61.01 63.29 -40.32
CA ILE AA 287 60.53 64.66 -40.39
C ILE AA 287 60.08 65.14 -39.02
N LYS AA 288 59.31 64.32 -38.31
CA LYS AA 288 58.75 64.75 -37.04
C LYS AA 288 59.85 65.04 -36.02
N ALA AA 289 60.88 64.19 -35.97
CA ALA AA 289 61.90 64.34 -34.94
C ALA AA 289 62.65 65.66 -35.05
N VAL AA 290 63.03 66.06 -36.26
CA VAL AA 290 63.87 67.24 -36.45
C VAL AA 290 63.07 68.51 -36.20
N PRO AA 291 63.63 69.52 -35.54
CA PRO AA 291 62.84 70.70 -35.18
C PRO AA 291 62.61 71.63 -36.36
N GLU AA 292 61.84 72.68 -36.09
CA GLU AA 292 61.46 73.64 -37.12
C GLU AA 292 62.65 74.54 -37.49
N SER AA 293 63.50 74.85 -36.51
CA SER AA 293 64.56 75.83 -36.71
C SER AA 293 65.69 75.35 -37.60
N LYS AA 294 65.54 74.20 -38.26
CA LYS AA 294 66.57 73.65 -39.12
C LYS AA 294 65.98 73.11 -40.40
N PHE AA 295 64.90 73.77 -40.84
CA PHE AA 295 64.26 73.43 -42.14
C PHE AA 295 64.55 74.58 -43.07
N LYS AA 296 64.81 74.30 -44.34
CA LYS AA 296 65.18 75.35 -45.28
C LYS AA 296 64.02 76.33 -45.52
N ASP AA 297 62.84 75.80 -45.84
CA ASP AA 297 61.72 76.65 -46.19
C ASP AA 297 61.01 77.23 -44.98
N GLY AA 298 61.30 76.74 -43.78
CA GLY AA 298 60.72 77.29 -42.58
C GLY AA 298 59.40 76.65 -42.21
N PRO AA 299 58.39 77.47 -41.88
CA PRO AA 299 57.16 76.88 -41.31
C PRO AA 299 56.45 75.92 -42.25
N GLU AA 300 56.10 76.36 -43.45
CA GLU AA 300 55.30 75.53 -44.35
C GLU AA 300 56.18 74.53 -45.08
N ARG AA 301 57.01 73.80 -44.33
CA ARG AA 301 57.81 72.73 -44.89
C ARG AA 301 57.59 71.45 -44.08
N LYS AA 302 57.33 71.59 -42.79
CA LYS AA 302 57.05 70.42 -41.96
C LYS AA 302 55.78 69.73 -42.40
N THR AA 303 54.70 70.48 -42.61
CA THR AA 303 53.40 69.84 -42.80
C THR AA 303 53.29 69.15 -44.14
N GLN AA 304 53.71 69.79 -45.24
CA GLN AA 304 53.59 69.16 -46.54
C GLN AA 304 54.71 68.16 -46.80
N LEU AA 305 55.80 68.20 -46.04
CA LEU AA 305 56.71 67.07 -46.04
C LEU AA 305 56.12 65.91 -45.26
N ILE AA 306 55.51 66.21 -44.10
CA ILE AA 306 54.82 65.17 -43.37
C ILE AA 306 53.64 64.64 -44.16
N LYS AA 307 52.85 65.54 -44.75
CA LYS AA 307 51.68 65.10 -45.50
C LYS AA 307 52.08 64.36 -46.76
N GLN AA 308 53.14 64.81 -47.44
CA GLN AA 308 53.55 64.13 -48.66
C GLN AA 308 53.96 62.69 -48.37
N ALA AA 309 54.67 62.47 -47.27
CA ALA AA 309 55.08 61.12 -46.91
C ALA AA 309 53.87 60.24 -46.59
N ILE AA 310 52.93 60.77 -45.80
CA ILE AA 310 51.77 59.99 -45.41
C ILE AA 310 50.86 59.74 -46.61
N ASN AA 311 50.72 60.73 -47.49
CA ASN AA 311 49.86 60.53 -48.65
C ASN AA 311 50.37 59.37 -49.50
N ILE AA 312 51.68 59.28 -49.70
CA ILE AA 312 52.23 58.15 -50.46
C ILE AA 312 52.36 56.91 -49.60
N PHE AA 313 52.28 57.04 -48.27
CA PHE AA 313 52.15 55.86 -47.43
C PHE AA 313 50.80 55.19 -47.66
N GLU AA 314 49.77 55.98 -47.94
CA GLU AA 314 48.47 55.42 -48.30
C GLU AA 314 48.56 54.61 -49.58
N THR AA 315 49.29 55.13 -50.57
CA THR AA 315 49.31 54.49 -51.88
C THR AA 315 49.89 53.08 -51.79
N ILE AA 316 50.95 52.88 -51.01
CA ILE AA 316 51.53 51.56 -50.90
C ILE AA 316 50.76 50.67 -49.92
N ARG AA 317 50.14 51.25 -48.89
CA ARG AA 317 49.35 50.44 -47.97
C ARG AA 317 48.10 49.91 -48.67
N ASP AA 318 47.45 50.73 -49.50
CA ASP AA 318 46.28 50.26 -50.22
C ASP AA 318 46.67 49.29 -51.32
N ARG AA 319 47.88 49.39 -51.85
CA ARG AA 319 48.36 48.39 -52.79
C ARG AA 319 48.48 47.03 -52.11
N VAL AA 320 48.99 47.03 -50.87
CA VAL AA 320 49.07 45.78 -50.10
C VAL AA 320 47.66 45.25 -49.83
N ILE AA 321 46.73 46.12 -49.44
CA ILE AA 321 45.37 45.68 -49.18
C ILE AA 321 44.73 45.18 -50.48
N LEU AA 322 45.14 45.73 -51.61
CA LEU AA 322 44.64 45.24 -52.89
C LEU AA 322 45.16 43.85 -53.21
N ILE AA 323 46.41 43.55 -52.84
CA ILE AA 323 46.94 42.22 -53.08
C ILE AA 323 46.14 41.18 -52.32
N SER AA 324 45.57 41.55 -51.17
CA SER AA 324 44.71 40.63 -50.45
C SER AA 324 43.51 40.21 -51.30
N GLU AA 325 42.86 41.19 -51.95
CA GLU AA 325 41.73 40.85 -52.79
C GLU AA 325 42.17 40.20 -54.09
N HIS AA 326 43.25 40.71 -54.69
CA HIS AA 326 43.72 40.22 -55.98
C HIS AA 326 45.22 39.93 -55.93
N PRO AA 327 45.62 38.74 -55.47
CA PRO AA 327 47.04 38.40 -55.52
C PRO AA 327 47.59 38.31 -56.93
N GLU AA 328 46.73 38.08 -57.94
CA GLU AA 328 47.19 38.14 -59.31
C GLU AA 328 47.66 39.54 -59.69
N ALA AA 329 47.22 40.56 -58.96
CA ALA AA 329 47.66 41.93 -59.22
C ALA AA 329 49.10 42.18 -58.79
N ALA AA 330 49.83 41.15 -58.35
CA ALA AA 330 51.22 41.32 -57.99
C ALA AA 330 52.09 41.66 -59.21
N LYS AA 331 51.60 41.37 -60.42
CA LYS AA 331 52.39 41.64 -61.61
C LYS AA 331 52.64 43.13 -61.79
N GLU AA 332 51.62 43.95 -61.58
CA GLU AA 332 51.74 45.38 -61.88
C GLU AA 332 52.91 45.98 -61.12
N ASP AA 333 53.68 46.80 -61.81
CA ASP AA 333 54.83 47.44 -61.19
C ASP AA 333 54.36 48.55 -60.25
N PRO AA 334 55.20 48.95 -59.29
CA PRO AA 334 54.83 50.05 -58.41
C PRO AA 334 54.56 51.32 -59.19
N ASP AA 335 53.61 52.12 -58.71
CA ASP AA 335 53.28 53.41 -59.31
C ASP AA 335 53.48 54.55 -58.31
N HIS AA 336 54.42 54.38 -57.38
CA HIS AA 336 54.66 55.34 -56.32
C HIS AA 336 56.11 55.76 -56.33
N MET AA 337 56.35 56.95 -55.80
CA MET AA 337 57.71 57.49 -55.76
C MET AA 337 58.61 56.60 -54.91
N LYS AA 338 59.86 56.48 -55.32
CA LYS AA 338 60.79 55.63 -54.62
C LYS AA 338 61.10 56.20 -53.24
N PRO AA 339 61.36 55.36 -52.23
CA PRO AA 339 61.87 55.91 -50.96
C PRO AA 339 63.19 56.65 -51.12
N GLY AA 340 64.05 56.21 -52.02
CA GLY AA 340 65.30 56.92 -52.24
C GLY AA 340 65.07 58.33 -52.75
N ASP AA 341 64.22 58.48 -53.76
CA ASP AA 341 63.97 59.82 -54.30
C ASP AA 341 63.29 60.71 -53.27
N PHE AA 342 62.29 60.18 -52.56
CA PHE AA 342 61.64 60.98 -51.54
C PHE AA 342 62.60 61.26 -50.38
N ARG AA 343 63.43 60.30 -50.01
CA ARG AA 343 64.44 60.55 -48.99
C ARG AA 343 65.37 61.68 -49.43
N LEU AA 344 65.82 61.63 -50.68
CA LEU AA 344 66.62 62.73 -51.22
C LEU AA 344 65.91 64.05 -51.02
N GLU AA 345 64.60 64.10 -51.31
CA GLU AA 345 63.85 65.32 -51.10
C GLU AA 345 63.90 65.77 -49.66
N VAL AA 346 63.91 64.82 -48.71
CA VAL AA 346 63.95 65.18 -47.30
C VAL AA 346 65.24 65.92 -46.98
N LEU AA 347 66.39 65.36 -47.38
CA LEU AA 347 67.67 65.97 -47.01
C LEU AA 347 67.96 67.24 -47.79
N ASN AA 348 67.39 67.40 -48.98
CA ASN AA 348 67.65 68.62 -49.76
C ASN AA 348 67.12 69.86 -49.05
N SER AA 349 66.03 69.71 -48.28
CA SER AA 349 65.37 70.83 -47.63
C SER AA 349 65.82 70.99 -46.19
N ILE AA 350 67.09 70.70 -45.91
CA ILE AA 350 67.64 70.74 -44.56
C ILE AA 350 68.80 71.71 -44.54
N GLN AA 351 68.76 72.66 -43.59
CA GLN AA 351 69.88 73.58 -43.40
C GLN AA 351 71.10 72.84 -42.88
N THR AA 352 72.26 73.42 -43.11
CA THR AA 352 73.53 72.77 -42.81
C THR AA 352 74.46 73.77 -42.13
N LYS AA 353 75.52 73.24 -41.52
CA LYS AA 353 76.51 74.03 -40.82
C LYS AA 353 77.83 73.96 -41.56
N LEU AA 354 78.47 75.11 -41.74
CA LEU AA 354 79.68 75.22 -42.55
C LEU AA 354 80.89 75.01 -41.65
N PHE AA 355 81.14 73.74 -41.31
CA PHE AA 355 82.29 73.41 -40.48
C PHE AA 355 83.55 73.63 -41.31
N HIS AA 356 84.14 74.83 -41.19
CA HIS AA 356 85.36 75.19 -41.96
C HIS AA 356 86.56 74.75 -41.12
N ALA AA 357 87.13 73.59 -41.41
CA ALA AA 357 88.28 73.08 -40.68
C ALA AA 357 89.47 74.01 -40.87
N GLN AA 358 90.23 74.22 -39.80
CA GLN AA 358 91.35 75.15 -39.81
C GLN AA 358 92.56 74.46 -39.23
N SER AA 359 93.73 74.73 -39.82
CA SER AA 359 94.98 74.08 -39.43
C SER AA 359 95.68 74.96 -38.40
N GLN AA 360 95.62 74.55 -37.13
CA GLN AA 360 96.29 75.29 -36.08
C GLN AA 360 97.81 75.19 -36.22
N PRO AA 361 98.52 76.33 -36.15
CA PRO AA 361 100.00 76.26 -36.16
C PRO AA 361 100.58 76.07 -34.77
N ILE AA 362 101.40 75.05 -34.59
CA ILE AA 362 102.04 74.78 -33.30
C ILE AA 362 103.54 74.95 -33.46
N PRO AA 363 104.24 75.58 -32.50
CA PRO AA 363 105.69 75.72 -32.63
C PRO AA 363 106.39 74.37 -32.70
N ASN AA 364 107.59 74.38 -33.27
CA ASN AA 364 108.39 73.17 -33.44
C ASN AA 364 107.76 72.24 -34.48
N THR AA 365 107.24 72.83 -35.55
CA THR AA 365 106.65 72.08 -36.65
C THR AA 365 106.94 72.80 -37.95
N ASP AA 366 107.49 72.06 -38.92
CA ASP AA 366 107.81 72.60 -40.23
C ASP AA 366 107.06 71.81 -41.29
N ASP AA 367 106.27 72.52 -42.11
CA ASP AA 367 105.44 71.91 -43.13
C ASP AA 367 104.41 70.94 -42.54
N TYR AA 368 104.22 70.97 -41.22
CA TYR AA 368 103.27 70.13 -40.53
C TYR AA 368 102.39 71.01 -39.67
N TRP AA 369 101.08 70.93 -39.86
CA TRP AA 369 100.11 71.75 -39.16
C TRP AA 369 99.28 70.87 -38.23
N THR AA 370 98.28 71.47 -37.58
CA THR AA 370 97.36 70.75 -36.71
C THR AA 370 95.94 71.11 -37.13
N ASP AA 371 95.25 70.17 -37.75
CA ASP AA 371 93.91 70.40 -38.29
C ASP AA 371 92.90 70.33 -37.16
N VAL AA 372 92.19 71.42 -36.91
CA VAL AA 372 91.11 71.48 -35.94
C VAL AA 372 89.83 71.80 -36.68
N ILE AA 373 88.82 70.94 -36.52
CA ILE AA 373 87.54 71.11 -37.22
C ILE AA 373 86.64 71.90 -36.28
N LEU AA 374 86.79 73.22 -36.31
CA LEU AA 374 85.98 74.12 -35.50
C LEU AA 374 85.31 75.15 -36.39
N THR AA 375 84.04 75.43 -36.10
CA THR AA 375 83.26 76.38 -36.88
C THR AA 375 83.70 77.82 -36.66
N THR AA 376 84.41 78.10 -35.57
CA THR AA 376 84.84 79.46 -35.27
C THR AA 376 86.13 79.79 -36.01
N LYS AA 377 86.14 80.94 -36.68
CA LYS AA 377 87.33 81.37 -37.40
C LYS AA 377 88.48 81.62 -36.42
N GLY AA 378 89.67 81.14 -36.78
CA GLY AA 378 90.83 81.31 -35.94
C GLY AA 378 91.86 82.24 -36.56
N SER AA 379 92.84 82.66 -35.77
CA SER AA 379 93.90 83.55 -36.24
C SER AA 379 95.17 82.74 -36.49
N GLY AA 380 95.67 82.80 -37.72
CA GLY AA 380 96.86 82.07 -38.08
C GLY AA 380 96.65 80.61 -38.42
N ASN AA 381 95.38 80.18 -38.36
CA ASN AA 381 95.06 78.76 -38.67
C ASN AA 381 94.66 78.66 -40.15
N GLN AA 382 95.27 77.73 -40.89
CA GLN AA 382 94.99 77.61 -42.32
C GLN AA 382 93.65 76.90 -42.53
N PRO AA 383 92.65 77.52 -43.16
CA PRO AA 383 91.41 76.80 -43.45
C PRO AA 383 91.61 75.74 -44.53
N LEU AA 384 91.00 74.58 -44.33
CA LEU AA 384 91.12 73.46 -45.26
C LEU AA 384 89.98 73.44 -46.27
N PHE AA 385 88.74 73.29 -45.79
CA PHE AA 385 87.57 73.30 -46.66
C PHE AA 385 86.37 73.75 -45.85
N THR AA 386 85.40 74.34 -46.53
CA THR AA 386 84.15 74.77 -45.92
C THR AA 386 83.01 74.03 -46.60
N PHE AA 387 82.24 73.29 -45.81
CA PHE AA 387 81.24 72.37 -46.33
C PHE AA 387 79.97 72.37 -45.48
N PRO AA 388 78.81 72.18 -46.08
CA PRO AA 388 77.60 71.98 -45.27
C PRO AA 388 77.73 70.74 -44.41
N ALA AA 389 77.19 70.81 -43.20
CA ALA AA 389 77.19 69.67 -42.29
C ALA AA 389 75.91 69.71 -41.44
N PHE AA 390 75.69 68.61 -40.72
CA PHE AA 390 74.48 68.42 -39.92
C PHE AA 390 74.85 68.59 -38.46
N ASP AA 391 74.22 69.56 -37.80
CA ASP AA 391 74.52 69.92 -36.42
C ASP AA 391 73.47 69.40 -35.45
N PHE AA 392 72.66 68.42 -35.86
CA PHE AA 392 71.61 67.89 -35.01
C PHE AA 392 71.31 66.47 -35.45
N GLY AA 393 70.95 65.63 -34.48
CA GLY AA 393 70.67 64.24 -34.75
C GLY AA 393 69.30 64.10 -35.37
N ASP AA 394 68.56 63.08 -34.97
CA ASP AA 394 67.20 62.85 -35.41
C ASP AA 394 67.09 62.61 -36.92
N LEU AA 395 68.22 62.48 -37.61
CA LEU AA 395 68.24 62.14 -39.04
C LEU AA 395 68.91 60.78 -39.16
N ILE AA 396 68.11 59.74 -39.41
CA ILE AA 396 68.67 58.40 -39.43
C ILE AA 396 69.71 58.31 -40.54
N GLY AA 397 70.65 57.38 -40.37
CA GLY AA 397 71.75 57.25 -41.30
C GLY AA 397 72.92 58.18 -41.03
N THR AA 398 72.94 58.83 -39.86
CA THR AA 398 74.00 59.82 -39.52
C THR AA 398 74.62 59.49 -38.18
N GLU AA 399 75.91 59.78 -38.01
CA GLU AA 399 76.63 59.58 -36.76
C GLU AA 399 77.50 60.79 -36.47
N VAL AA 400 77.83 60.98 -35.20
CA VAL AA 400 78.51 62.18 -34.72
C VAL AA 400 79.99 61.88 -34.55
N VAL AA 401 80.81 62.89 -34.82
CA VAL AA 401 82.25 62.85 -34.62
C VAL AA 401 82.59 63.90 -33.57
N SER AA 402 82.64 63.49 -32.32
CA SER AA 402 82.80 64.41 -31.19
C SER AA 402 84.24 64.37 -30.72
N PHE AA 403 84.99 65.42 -31.01
CA PHE AA 403 86.38 65.49 -30.57
C PHE AA 403 86.42 65.44 -29.05
N GLY AA 404 87.37 64.69 -28.51
CA GLY AA 404 87.61 64.63 -27.09
C GLY AA 404 88.87 65.36 -26.70
N LYS AA 405 88.72 66.52 -26.05
CA LYS AA 405 89.84 67.30 -25.58
C LYS AA 405 89.97 67.15 -24.07
N LYS AA 406 91.13 66.73 -23.61
CA LYS AA 406 91.36 66.53 -22.19
C LYS AA 406 91.23 67.86 -21.46
N LYS AA 407 90.24 67.98 -20.58
CA LYS AA 407 90.17 69.13 -19.69
C LYS AA 407 91.31 69.09 -18.67
N ASN AA 408 91.73 67.89 -18.28
CA ASN AA 408 92.86 67.70 -17.38
C ASN AA 408 94.19 67.81 -18.10
N GLY AA 409 94.17 67.95 -19.43
CA GLY AA 409 95.39 68.04 -20.21
C GLY AA 409 95.16 68.77 -21.52
N GLU AA 410 95.82 68.31 -22.59
CA GLU AA 410 95.66 68.93 -23.89
C GLU AA 410 95.55 67.92 -25.01
N GLU AA 411 95.41 66.63 -24.70
CA GLU AA 411 95.31 65.62 -25.74
C GLU AA 411 94.14 65.90 -26.67
N TYR AA 412 94.38 65.76 -27.97
CA TYR AA 412 93.36 65.88 -28.98
C TYR AA 412 92.82 64.49 -29.32
N ASN AA 413 91.51 64.31 -29.21
CA ASN AA 413 90.88 63.04 -29.53
C ASN AA 413 89.77 63.23 -30.56
N CYS AA 414 89.40 62.14 -31.21
CA CYS AA 414 88.39 62.14 -32.25
C CYS AA 414 87.64 60.82 -32.17
N LEU AA 415 86.47 60.84 -31.54
CA LEU AA 415 85.67 59.63 -31.33
C LEU AA 415 84.33 59.79 -32.03
N ILE AA 416 83.98 58.81 -32.86
CA ILE AA 416 82.72 58.82 -33.58
C ILE AA 416 81.65 58.17 -32.72
N GLY AA 417 80.51 58.84 -32.58
CA GLY AA 417 79.43 58.28 -31.79
C GLY AA 417 79.79 58.03 -30.35
N GLU AA 418 80.86 58.64 -29.86
CA GLU AA 418 81.30 58.49 -28.47
C GLU AA 418 81.66 59.87 -27.95
N ARG AA 419 80.79 60.44 -27.14
CA ARG AA 419 81.00 61.79 -26.64
C ARG AA 419 82.00 61.77 -25.47
N VAL AA 420 82.24 62.96 -24.92
CA VAL AA 420 83.06 63.07 -23.72
C VAL AA 420 82.35 62.49 -22.51
N THR AA 421 81.01 62.44 -22.53
CA THR AA 421 80.26 62.03 -21.34
C THR AA 421 80.64 60.63 -20.88
N SER AA 422 81.13 59.77 -21.78
CA SER AA 422 81.58 58.45 -21.35
C SER AA 422 82.74 58.55 -20.38
N LEU AA 423 83.68 59.46 -20.64
CA LEU AA 423 84.80 59.70 -19.76
C LEU AA 423 84.52 60.92 -18.89
N ASP AA 424 85.52 61.35 -18.11
CA ASP AA 424 85.39 62.48 -17.21
C ASP AA 424 86.50 63.48 -17.47
N ASP AA 425 86.15 64.76 -17.42
CA ASP AA 425 87.08 65.85 -17.67
C ASP AA 425 87.68 65.77 -19.08
N TYR AA 426 86.79 65.98 -20.05
CA TYR AA 426 87.18 65.99 -21.47
C TYR AA 426 86.37 67.11 -22.13
N LYS AA 427 87.03 68.22 -22.49
CA LYS AA 427 86.35 69.35 -23.18
C LYS AA 427 85.82 68.88 -24.54
N GLU AA 428 84.77 69.53 -25.04
CA GLU AA 428 84.20 69.18 -26.36
C GLU AA 428 84.70 70.20 -27.41
N LEU AA 429 85.49 69.75 -28.38
CA LEU AA 429 85.96 70.66 -29.45
C LEU AA 429 84.82 70.84 -30.48
N SER AA 430 84.40 69.74 -31.13
CA SER AA 430 83.38 69.82 -32.16
C SER AA 430 82.61 68.52 -32.21
N TYR AA 431 81.29 68.64 -32.29
CA TYR AA 431 80.41 67.50 -32.48
C TYR AA 431 79.38 67.85 -33.54
N PHE AA 432 79.18 66.95 -34.50
CA PHE AA 432 78.23 67.19 -35.58
C PHE AA 432 77.95 65.88 -36.30
N TRP AA 433 76.67 65.53 -36.45
CA TRP AA 433 76.32 64.27 -37.08
C TRP AA 433 76.64 64.30 -38.57
N VAL AA 434 77.07 63.16 -39.10
CA VAL AA 434 77.45 63.04 -40.51
C VAL AA 434 77.06 61.66 -41.01
N PHE AA 435 77.08 61.49 -42.34
CA PHE AA 435 76.84 60.19 -42.94
C PHE AA 435 78.14 59.38 -42.95
N PRO AA 436 78.23 58.27 -42.22
CA PRO AA 436 79.43 57.44 -42.32
C PRO AA 436 79.61 56.80 -43.69
N ASP AA 437 78.54 56.71 -44.49
CA ASP AA 437 78.60 56.10 -45.81
C ASP AA 437 78.04 57.07 -46.84
N SER AA 438 78.23 56.72 -48.11
CA SER AA 438 77.79 57.60 -49.18
C SER AA 438 76.31 57.39 -49.46
N VAL AA 439 75.72 58.35 -50.14
CA VAL AA 439 74.32 58.27 -50.57
C VAL AA 439 74.26 58.64 -52.03
N GLN AA 440 73.21 58.19 -52.71
CA GLN AA 440 73.07 58.46 -54.13
C GLN AA 440 73.01 59.96 -54.39
N LYS AA 441 74.04 60.48 -55.05
CA LYS AA 441 74.08 61.83 -55.61
C LYS AA 441 73.92 62.92 -54.56
N PHE AA 442 74.10 62.62 -53.27
CA PHE AA 442 74.12 63.65 -52.24
C PHE AA 442 75.45 63.72 -51.51
N ALA AA 443 75.91 62.62 -50.93
CA ALA AA 443 77.10 62.61 -50.10
C ALA AA 443 78.19 61.85 -50.85
N MET AA 444 79.00 62.58 -51.60
CA MET AA 444 80.03 61.96 -52.43
C MET AA 444 81.45 62.38 -52.07
N GLU AA 445 81.62 63.52 -51.40
CA GLU AA 445 82.95 63.96 -51.00
C GLU AA 445 83.31 63.36 -49.64
N MET AA 446 84.60 63.12 -49.43
CA MET AA 446 85.09 62.27 -48.36
C MET AA 446 85.91 63.05 -47.35
N TYR AA 447 85.90 62.59 -46.11
CA TYR AA 447 86.77 63.07 -45.06
C TYR AA 447 87.28 61.90 -44.24
N GLY AA 448 88.57 61.93 -43.91
CA GLY AA 448 89.18 60.87 -43.15
C GLY AA 448 89.95 61.41 -41.97
N VAL AA 449 90.04 60.59 -40.93
CA VAL AA 449 90.67 60.97 -39.66
C VAL AA 449 91.94 60.15 -39.50
N SER AA 450 93.03 60.83 -39.15
CA SER AA 450 94.29 60.18 -38.81
C SER AA 450 94.92 60.92 -37.65
N LYS AA 451 95.59 60.17 -36.77
CA LYS AA 451 96.19 60.71 -35.56
C LYS AA 451 97.59 60.15 -35.36
N VAL AA 452 98.48 60.99 -34.84
CA VAL AA 452 99.86 60.57 -34.59
C VAL AA 452 99.97 60.09 -33.14
N PRO AA 453 100.36 58.84 -32.89
CA PRO AA 453 100.39 58.37 -31.50
C PRO AA 453 101.31 59.19 -30.61
N THR AA 454 102.46 59.61 -31.11
CA THR AA 454 103.42 60.32 -30.27
C THR AA 454 102.87 61.66 -29.81
N ARG AA 455 102.24 62.39 -30.73
CA ARG AA 455 101.67 63.70 -30.45
C ARG AA 455 100.28 63.78 -31.05
N ASN AA 456 99.33 64.28 -30.27
CA ASN AA 456 97.95 64.30 -30.72
C ASN AA 456 97.70 65.46 -31.67
N TYR AA 457 98.42 65.46 -32.79
CA TYR AA 457 98.19 66.44 -33.85
C TYR AA 457 97.12 65.87 -34.77
N MET AA 458 95.89 66.33 -34.61
CA MET AA 458 94.79 65.85 -35.43
C MET AA 458 95.16 65.96 -36.90
N ARG AA 459 95.10 64.83 -37.60
CA ARG AA 459 95.41 64.76 -39.03
C ARG AA 459 94.15 64.28 -39.74
N VAL AA 460 93.26 65.22 -40.03
CA VAL AA 460 92.06 64.96 -40.79
C VAL AA 460 92.25 65.50 -42.19
N TYR AA 461 92.00 64.67 -43.20
CA TYR AA 461 92.28 65.03 -44.57
C TYR AA 461 91.22 64.41 -45.48
N ALA AA 462 91.20 64.88 -46.72
CA ALA AA 462 90.31 64.34 -47.74
C ALA AA 462 90.85 62.99 -48.19
N ALA AA 463 90.31 61.92 -47.61
CA ALA AA 463 90.81 60.57 -47.86
C ALA AA 463 90.26 60.05 -49.18
N ASP AA 464 90.58 58.77 -49.45
CA ASP AA 464 90.16 58.14 -50.72
C ASP AA 464 89.66 56.73 -50.39
N GLN AA 465 89.03 56.07 -51.36
CA GLN AA 465 88.57 54.70 -51.14
C GLN AA 465 89.75 53.77 -50.88
N SER AA 466 90.93 54.15 -51.40
CA SER AA 466 92.15 53.34 -51.18
C SER AA 466 92.70 53.59 -49.78
N ASP AA 467 92.55 54.82 -49.27
CA ASP AA 467 92.97 55.10 -47.87
C ASP AA 467 92.27 54.10 -46.95
N ILE AA 468 91.01 53.78 -47.26
CA ILE AA 468 90.28 52.74 -46.47
C ILE AA 468 91.00 51.40 -46.68
N GLU AA 469 91.15 50.98 -47.94
CA GLU AA 469 91.80 49.67 -48.26
C GLU AA 469 93.10 49.54 -47.45
N ASN AA 470 94.05 50.46 -47.63
CA ASN AA 470 95.32 50.42 -46.85
C ASN AA 470 95.30 51.56 -45.84
N PRO AA 471 94.88 51.32 -44.58
CA PRO AA 471 94.76 52.40 -43.55
C PRO AA 471 96.09 52.70 -42.86
N ARG AA 472 96.33 53.98 -42.57
CA ARG AA 472 97.54 54.38 -41.86
C ARG AA 472 97.37 54.09 -40.37
N PRO AA 473 98.47 54.05 -39.62
CA PRO AA 473 98.36 53.77 -38.18
C PRO AA 473 97.47 54.77 -37.48
N TYR AA 474 96.67 54.31 -36.51
CA TYR AA 474 95.84 55.22 -35.68
C TYR AA 474 94.85 56.02 -36.53
N GLN AA 475 94.48 55.53 -37.72
CA GLN AA 475 93.47 56.22 -38.51
C GLN AA 475 92.11 55.73 -38.03
N ARG AA 476 91.33 56.63 -37.43
CA ARG AA 476 90.15 56.20 -36.69
C ARG AA 476 88.97 55.91 -37.61
N PHE AA 477 88.48 56.92 -38.31
CA PHE AA 477 87.25 56.78 -39.06
C PHE AA 477 87.25 57.71 -40.26
N TRP AA 478 86.41 57.39 -41.23
CA TRP AA 478 86.25 58.18 -42.45
C TRP AA 478 84.77 58.38 -42.72
N PHE AA 479 84.42 59.56 -43.23
CA PHE AA 479 83.04 59.95 -43.38
C PHE AA 479 82.86 60.78 -44.64
N TYR AA 480 81.64 60.72 -45.18
CA TYR AA 480 81.27 61.44 -46.39
C TYR AA 480 80.40 62.64 -46.04
N VAL AA 481 80.67 63.76 -46.70
CA VAL AA 481 79.94 65.01 -46.47
C VAL AA 481 79.16 65.35 -47.74
N PRO AA 482 78.01 66.01 -47.63
CA PRO AA 482 77.22 66.31 -48.84
C PRO AA 482 77.98 67.13 -49.86
N SER AA 483 77.75 66.81 -51.13
CA SER AA 483 78.37 67.50 -52.24
C SER AA 483 77.51 68.69 -52.64
N ALA AA 484 78.13 69.87 -52.73
CA ALA AA 484 77.42 71.07 -53.10
C ALA AA 484 76.95 71.07 -54.55
N ASN AA 485 77.43 70.12 -55.35
CA ASN AA 485 77.06 70.06 -56.77
C ASN AA 485 75.64 69.56 -56.98
N SER AA 486 74.97 69.08 -55.93
CA SER AA 486 73.60 68.60 -56.10
C SER AA 486 72.70 69.74 -56.54
N PRO AA 487 71.80 69.53 -57.50
CA PRO AA 487 70.93 70.61 -57.96
C PRO AA 487 69.79 70.83 -56.99
N PRO AA 488 69.54 72.08 -56.57
CA PRO AA 488 68.42 72.32 -55.66
C PRO AA 488 67.08 72.49 -56.39
N GLY BA 2 50.46 -43.72 -37.92
CA GLY BA 2 49.92 -42.38 -37.90
C GLY BA 2 49.13 -42.08 -36.65
N GLU BA 3 49.84 -41.73 -35.58
CA GLU BA 3 49.20 -41.37 -34.32
C GLU BA 3 49.73 -40.06 -33.78
N VAL BA 4 50.96 -39.70 -34.15
CA VAL BA 4 51.57 -38.46 -33.70
C VAL BA 4 52.22 -37.77 -34.89
N VAL BA 5 52.45 -36.48 -34.74
CA VAL BA 5 53.07 -35.67 -35.80
C VAL BA 5 53.82 -34.51 -35.16
N PRO BA 6 55.03 -34.17 -35.63
CA PRO BA 6 55.74 -33.03 -35.05
C PRO BA 6 54.95 -31.75 -35.23
N TYR BA 7 55.07 -30.87 -34.24
CA TYR BA 7 54.32 -29.61 -34.27
C TYR BA 7 54.74 -28.78 -35.48
N LYS BA 8 53.75 -28.23 -36.17
CA LYS BA 8 53.98 -27.31 -37.27
C LYS BA 8 53.27 -25.99 -36.96
N ALA BA 9 54.02 -24.88 -37.03
CA ALA BA 9 53.47 -23.62 -36.58
C ALA BA 9 52.19 -23.28 -37.32
N GLY BA 10 51.26 -22.64 -36.62
CA GLY BA 10 49.96 -22.33 -37.16
C GLY BA 10 48.91 -23.39 -36.91
N MET BA 11 49.29 -24.55 -36.38
CA MET BA 11 48.34 -25.60 -36.12
C MET BA 11 47.25 -25.11 -35.17
N GLN BA 12 46.00 -25.43 -35.49
CA GLN BA 12 44.87 -25.07 -34.68
C GLN BA 12 44.17 -26.35 -34.24
N ARG BA 13 43.89 -26.47 -32.95
CA ARG BA 13 43.25 -27.67 -32.44
C ARG BA 13 41.93 -27.90 -33.18
N GLY BA 14 41.72 -29.15 -33.58
CA GLY BA 14 40.49 -29.51 -34.27
C GLY BA 14 40.48 -29.08 -35.72
N GLN BA 15 41.42 -29.59 -36.50
CA GLN BA 15 41.49 -29.30 -37.92
C GLN BA 15 41.89 -30.56 -38.67
N GLY BA 16 41.49 -30.61 -39.94
CA GLY BA 16 41.82 -31.75 -40.76
C GLY BA 16 43.30 -31.84 -41.04
N TYR BA 17 43.75 -33.06 -41.31
CA TYR BA 17 45.15 -33.32 -41.59
C TYR BA 17 45.25 -34.37 -42.68
N ASN BA 18 45.78 -33.97 -43.83
CA ASN BA 18 46.00 -34.89 -44.95
C ASN BA 18 47.28 -35.66 -44.67
N THR BA 19 47.14 -36.86 -44.10
CA THR BA 19 48.30 -37.57 -43.59
C THR BA 19 49.30 -37.90 -44.69
N TYR BA 20 48.85 -38.08 -45.93
CA TYR BA 20 49.77 -38.33 -47.03
C TYR BA 20 50.58 -37.09 -47.37
N LEU BA 21 49.91 -36.00 -47.73
CA LEU BA 21 50.61 -34.76 -48.05
C LEU BA 21 51.17 -34.07 -46.82
N GLN BA 22 50.82 -34.53 -45.61
CA GLN BA 22 51.33 -33.95 -44.37
C GLN BA 22 51.05 -32.45 -44.30
N SER BA 23 50.02 -32.00 -44.99
CA SER BA 23 49.65 -30.59 -44.99
C SER BA 23 48.57 -30.36 -43.95
N LEU BA 24 48.03 -29.14 -43.91
CA LEU BA 24 46.98 -28.77 -42.99
C LEU BA 24 45.69 -28.56 -43.77
N CYS BA 25 44.57 -28.92 -43.15
CA CYS BA 25 43.27 -28.82 -43.81
C CYS BA 25 42.29 -28.03 -42.94
N VAL BA 26 41.01 -28.05 -43.30
CA VAL BA 26 40.04 -27.13 -42.73
C VAL BA 26 40.18 -27.07 -41.22
N LYS BA 27 40.06 -25.87 -40.67
CA LYS BA 27 40.13 -25.66 -39.23
C LYS BA 27 38.73 -25.61 -38.65
N ASP BA 28 38.60 -26.14 -37.43
CA ASP BA 28 37.33 -26.11 -36.68
C ASP BA 28 36.31 -27.09 -37.24
N ALA BA 29 36.79 -28.20 -37.81
CA ALA BA 29 35.86 -29.28 -38.17
C ALA BA 29 35.41 -30.03 -36.93
N VAL BA 30 36.24 -30.07 -35.90
CA VAL BA 30 35.95 -30.80 -34.66
C VAL BA 30 36.03 -29.82 -33.51
N THR BA 31 34.97 -29.77 -32.71
CA THR BA 31 34.95 -28.95 -31.49
C THR BA 31 35.14 -29.87 -30.30
N ILE BA 32 36.14 -29.55 -29.48
CA ILE BA 32 36.43 -30.31 -28.27
C ILE BA 32 36.00 -29.47 -27.08
N GLU BA 33 35.09 -30.01 -26.28
CA GLU BA 33 34.61 -29.36 -25.07
C GLU BA 33 35.41 -29.86 -23.89
N ARG BA 34 36.07 -28.95 -23.19
CA ARG BA 34 36.80 -29.27 -21.97
C ARG BA 34 35.80 -29.31 -20.81
N HIS BA 35 35.29 -30.51 -20.51
CA HIS BA 35 34.31 -30.62 -19.44
C HIS BA 35 34.90 -30.19 -18.10
N ASP BA 36 36.13 -30.60 -17.83
CA ASP BA 36 36.81 -30.29 -16.58
C ASP BA 36 38.09 -29.51 -16.86
N ASP BA 37 38.29 -28.43 -16.13
CA ASP BA 37 39.49 -27.59 -16.29
C ASP BA 37 40.57 -28.11 -15.36
N SER BA 38 41.46 -28.95 -15.89
CA SER BA 38 42.54 -29.51 -15.11
C SER BA 38 43.64 -29.99 -16.04
N ASN BA 39 44.88 -29.71 -15.69
CA ASN BA 39 45.99 -30.15 -16.52
C ASN BA 39 46.11 -31.67 -16.47
N PRO BA 40 46.54 -32.29 -17.57
CA PRO BA 40 46.58 -33.75 -17.62
C PRO BA 40 47.75 -34.30 -16.82
N PRO BA 41 47.75 -35.60 -16.54
CA PRO BA 41 48.88 -36.20 -15.82
C PRO BA 41 50.16 -36.07 -16.62
N PHE BA 42 51.27 -35.95 -15.90
CA PHE BA 42 52.56 -35.64 -16.52
C PHE BA 42 53.65 -36.56 -15.99
N LYS BA 43 54.70 -36.69 -16.79
CA LYS BA 43 55.85 -37.53 -16.46
C LYS BA 43 57.09 -36.66 -16.43
N LYS BA 44 57.90 -36.81 -15.37
CA LYS BA 44 59.07 -35.97 -15.15
C LYS BA 44 60.34 -36.79 -15.16
N GLU BA 45 61.43 -36.14 -15.58
CA GLU BA 45 62.77 -36.68 -15.49
C GLU BA 45 63.71 -35.62 -14.95
N TYR BA 46 64.80 -36.05 -14.33
CA TYR BA 46 65.76 -35.10 -13.76
C TYR BA 46 67.12 -35.80 -13.66
N TYR BA 47 68.01 -35.50 -14.60
CA TYR BA 47 69.38 -35.99 -14.58
C TYR BA 47 70.28 -34.83 -14.20
N SER BA 48 71.06 -35.01 -13.13
CA SER BA 48 71.89 -33.93 -12.60
C SER BA 48 73.31 -34.43 -12.35
N GLU BA 49 74.29 -33.56 -12.60
CA GLU BA 49 75.69 -33.83 -12.34
C GLU BA 49 76.32 -32.61 -11.70
N PHE BA 50 77.16 -32.85 -10.68
CA PHE BA 50 77.91 -31.78 -10.02
C PHE BA 50 79.35 -32.25 -9.91
N ILE BA 51 80.17 -31.89 -10.89
CA ILE BA 51 81.51 -32.44 -11.00
C ILE BA 51 82.38 -31.91 -9.86
N GLU BA 52 83.46 -32.64 -9.60
CA GLU BA 52 84.28 -32.44 -8.40
C GLU BA 52 84.69 -30.99 -8.24
N GLU BA 53 85.05 -30.63 -7.01
CA GLU BA 53 85.64 -29.34 -6.71
C GLU BA 53 87.15 -29.53 -6.70
N TYR BA 54 87.80 -29.15 -7.80
CA TYR BA 54 89.25 -29.33 -7.93
C TYR BA 54 89.91 -28.31 -7.02
N GLU BA 55 89.96 -28.65 -5.73
CA GLU BA 55 90.60 -27.76 -4.73
C GLU BA 55 92.05 -28.22 -4.51
N LYS BA 56 93.00 -27.42 -4.95
CA LYS BA 56 94.42 -27.75 -4.85
C LYS BA 56 95.17 -26.55 -4.32
N ILE BA 57 95.66 -26.64 -3.08
CA ILE BA 57 96.51 -25.62 -2.50
C ILE BA 57 97.93 -26.20 -2.46
N ALA BA 58 98.85 -25.52 -3.12
CA ALA BA 58 100.28 -25.82 -3.01
C ALA BA 58 100.96 -24.57 -2.51
N LYS BA 59 101.72 -24.70 -1.42
CA LYS BA 59 102.28 -23.55 -0.73
C LYS BA 59 103.75 -23.81 -0.41
N SER BA 60 104.54 -22.75 -0.43
CA SER BA 60 105.99 -22.85 -0.28
C SER BA 60 106.46 -22.06 0.92
N MET BA 61 107.46 -22.59 1.63
CA MET BA 61 108.08 -21.84 2.76
C MET BA 61 109.57 -22.19 2.79
N ARG BA 62 110.41 -21.37 2.17
CA ARG BA 62 111.84 -21.57 2.06
C ARG BA 62 112.56 -20.48 2.82
N ILE BA 63 113.33 -20.87 3.83
CA ILE BA 63 114.10 -19.95 4.65
C ILE BA 63 115.55 -20.39 4.65
N SER BA 64 116.46 -19.42 4.69
CA SER BA 64 117.88 -19.72 4.71
C SER BA 64 118.61 -18.54 5.35
N ALA BA 65 119.34 -18.79 6.42
CA ALA BA 65 120.10 -17.76 7.10
C ALA BA 65 121.31 -18.38 7.77
N GLY BA 66 122.37 -17.57 7.88
CA GLY BA 66 123.60 -18.02 8.52
C GLY BA 66 124.74 -17.03 8.36
N VAL BA 78 128.09 -10.40 8.83
CA VAL BA 78 127.66 -10.75 7.48
C VAL BA 78 126.66 -11.90 7.55
N ASN BA 79 125.46 -11.60 8.04
CA ASN BA 79 124.39 -12.57 8.16
C ASN BA 79 123.33 -12.27 7.11
N VAL BA 80 122.91 -13.31 6.38
CA VAL BA 80 121.96 -13.16 5.30
C VAL BA 80 120.68 -13.92 5.67
N ASP BA 81 119.58 -13.49 5.07
CA ASP BA 81 118.28 -14.11 5.27
C ASP BA 81 117.58 -14.26 3.93
N ILE BA 82 116.80 -15.33 3.79
CA ILE BA 82 115.97 -15.56 2.62
C ILE BA 82 114.63 -16.09 3.09
N LEU BA 83 113.54 -15.50 2.59
CA LEU BA 83 112.19 -15.86 3.02
C LEU BA 83 111.30 -15.87 1.78
N ASN BA 84 111.05 -17.05 1.22
CA ASN BA 84 110.28 -17.17 -0.02
C ASN BA 84 108.98 -17.91 0.24
N ARG BA 85 107.89 -17.38 -0.29
CA ARG BA 85 106.57 -17.98 -0.15
C ARG BA 85 105.94 -18.15 -1.52
N SER BA 86 104.98 -19.08 -1.58
CA SER BA 86 104.17 -19.25 -2.77
C SER BA 86 102.83 -19.82 -2.35
N GLU BA 87 101.85 -19.73 -3.25
CA GLU BA 87 100.52 -20.24 -2.96
C GLU BA 87 99.78 -20.41 -4.27
N PHE BA 88 99.37 -21.63 -4.58
CA PHE BA 88 98.65 -21.93 -5.81
C PHE BA 88 97.32 -22.56 -5.44
N GLU BA 89 96.23 -21.94 -5.89
CA GLU BA 89 94.88 -22.41 -5.59
C GLU BA 89 94.17 -22.75 -6.89
N THR BA 90 93.33 -23.77 -6.82
CA THR BA 90 92.51 -24.18 -7.96
C THR BA 90 91.13 -24.53 -7.47
N SER BA 91 90.11 -24.28 -8.31
CA SER BA 91 88.75 -24.62 -7.98
C SER BA 91 87.95 -24.72 -9.28
N THR BA 92 87.75 -25.95 -9.76
CA THR BA 92 86.95 -26.18 -10.95
C THR BA 92 85.63 -26.81 -10.53
N LEU BA 93 84.55 -26.06 -10.66
CA LEU BA 93 83.21 -26.56 -10.40
C LEU BA 93 82.45 -26.62 -11.71
N THR BA 94 81.76 -27.72 -11.95
CA THR BA 94 80.94 -27.88 -13.13
C THR BA 94 79.59 -28.45 -12.72
N TYR BA 95 78.55 -28.09 -13.48
CA TYR BA 95 77.21 -28.52 -13.16
C TYR BA 95 76.46 -28.80 -14.46
N GLU BA 96 75.43 -29.64 -14.37
CA GLU BA 96 74.62 -29.95 -15.54
C GLU BA 96 73.35 -30.66 -15.11
N VAL BA 97 72.21 -30.19 -15.59
CA VAL BA 97 70.93 -30.83 -15.36
C VAL BA 97 70.19 -30.95 -16.68
N LYS BA 98 69.20 -31.85 -16.71
CA LYS BA 98 68.36 -32.04 -17.89
C LYS BA 98 67.00 -32.53 -17.42
N VAL BA 99 66.02 -31.65 -17.44
CA VAL BA 99 64.68 -31.95 -16.93
C VAL BA 99 63.75 -32.11 -18.13
N LEU BA 100 63.08 -33.25 -18.21
CA LEU BA 100 62.13 -33.54 -19.27
C LEU BA 100 60.76 -33.75 -18.65
N VAL BA 101 59.76 -33.02 -19.15
CA VAL BA 101 58.38 -33.13 -18.68
C VAL BA 101 57.50 -33.44 -19.88
N GLN BA 102 56.67 -34.47 -19.76
CA GLN BA 102 55.76 -34.86 -20.83
C GLN BA 102 54.39 -35.09 -20.22
N HIS BA 103 53.39 -34.36 -20.73
CA HIS BA 103 52.02 -34.49 -20.25
C HIS BA 103 51.33 -35.62 -21.00
N GLN BA 104 50.03 -35.79 -20.75
CA GLN BA 104 49.23 -36.76 -21.49
C GLN BA 104 47.96 -36.09 -22.00
N VAL BA 105 47.12 -36.83 -22.70
CA VAL BA 105 45.88 -36.30 -23.26
C VAL BA 105 44.74 -36.72 -22.34
N SER BA 106 43.93 -35.75 -21.92
CA SER BA 106 42.86 -36.04 -20.99
C SER BA 106 41.85 -36.99 -21.62
N VAL BA 107 41.29 -37.86 -20.78
CA VAL BA 107 40.38 -38.90 -21.26
C VAL BA 107 38.92 -38.54 -21.03
N LEU BA 108 38.63 -37.37 -20.48
CA LEU BA 108 37.28 -36.97 -20.13
C LEU BA 108 36.79 -35.80 -20.97
N ASP BA 109 37.10 -35.81 -22.26
CA ASP BA 109 36.65 -34.78 -23.17
C ASP BA 109 35.66 -35.36 -24.19
N LYS BA 110 34.88 -34.48 -24.80
CA LYS BA 110 33.89 -34.87 -25.79
C LYS BA 110 34.31 -34.32 -27.15
N HIS BA 111 34.23 -35.15 -28.18
CA HIS BA 111 34.62 -34.79 -29.53
C HIS BA 111 33.38 -34.80 -30.43
N SER BA 112 33.24 -33.75 -31.23
CA SER BA 112 32.09 -33.59 -32.13
C SER BA 112 32.59 -33.26 -33.52
N PHE BA 113 31.70 -33.37 -34.50
CA PHE BA 113 32.04 -33.13 -35.89
C PHE BA 113 31.08 -32.10 -36.48
N ASN BA 114 31.63 -31.01 -36.99
CA ASN BA 114 30.85 -29.93 -37.58
C ASN BA 114 30.85 -30.06 -39.09
N LYS BA 115 29.75 -29.68 -39.71
CA LYS BA 115 29.54 -29.89 -41.14
C LYS BA 115 29.97 -28.65 -41.92
N ILE BA 116 30.84 -28.85 -42.91
CA ILE BA 116 31.19 -27.82 -43.88
C ILE BA 116 30.73 -28.32 -45.25
N GLN BA 117 29.92 -27.49 -45.92
CA GLN BA 117 29.36 -27.87 -47.24
C GLN BA 117 30.43 -27.69 -48.33
N THR BA 118 30.81 -28.78 -48.99
CA THR BA 118 31.80 -28.73 -50.06
C THR BA 118 31.48 -29.79 -51.09
N THR BA 119 31.83 -29.51 -52.34
CA THR BA 119 31.70 -30.52 -53.39
C THR BA 119 32.84 -31.54 -53.34
N THR BA 120 33.90 -31.24 -52.60
CA THR BA 120 35.06 -32.11 -52.47
C THR BA 120 35.41 -32.27 -50.99
N PRO BA 121 34.55 -32.93 -50.21
CA PRO BA 121 34.83 -33.04 -48.78
C PRO BA 121 36.13 -33.75 -48.47
N HIS BA 122 36.62 -34.57 -49.40
CA HIS BA 122 37.86 -35.31 -49.17
C HIS BA 122 39.04 -34.36 -49.05
N ALA BA 123 39.15 -33.40 -49.97
CA ALA BA 123 40.28 -32.49 -49.96
C ALA BA 123 40.13 -31.40 -48.90
N THR BA 124 38.91 -31.16 -48.43
CA THR BA 124 38.69 -30.15 -47.38
C THR BA 124 38.91 -30.75 -46.00
N TYR BA 125 38.22 -31.85 -45.70
CA TYR BA 125 38.34 -32.46 -44.38
C TYR BA 125 39.67 -33.20 -44.23
N GLY BA 126 40.07 -33.93 -45.26
CA GLY BA 126 41.29 -34.73 -45.19
C GLY BA 126 41.02 -36.14 -44.70
N ASP BA 127 41.88 -36.65 -43.83
CA ASP BA 127 41.70 -37.98 -43.24
C ASP BA 127 41.52 -37.94 -41.74
N ARG BA 128 42.40 -37.26 -41.01
CA ARG BA 128 42.38 -37.26 -39.55
C ARG BA 128 42.43 -35.83 -39.03
N PHE BA 129 41.91 -35.67 -37.82
CA PHE BA 129 41.80 -34.37 -37.17
C PHE BA 129 42.70 -34.30 -35.94
N ILE BA 130 42.99 -33.08 -35.51
CA ILE BA 130 43.89 -32.83 -34.40
C ILE BA 130 43.04 -32.75 -33.14
N ALA BA 131 43.04 -33.83 -32.36
CA ALA BA 131 42.18 -33.90 -31.18
C ALA BA 131 42.79 -33.13 -30.01
N ASP BA 132 43.96 -33.56 -29.55
CA ASP BA 132 44.61 -32.95 -28.41
C ASP BA 132 46.09 -32.80 -28.72
N PHE BA 133 46.72 -31.81 -28.10
CA PHE BA 133 48.13 -31.54 -28.30
C PHE BA 133 48.93 -32.14 -27.14
N ILE BA 134 49.92 -32.94 -27.46
CA ILE BA 134 50.82 -33.49 -26.45
C ILE BA 134 51.76 -32.38 -26.01
N LYS BA 135 51.71 -32.05 -24.73
CA LYS BA 135 52.47 -30.94 -24.18
C LYS BA 135 53.64 -31.46 -23.34
N GLY BA 136 54.63 -30.59 -23.14
CA GLY BA 136 55.80 -30.96 -22.39
C GLY BA 136 56.71 -29.79 -22.07
N GLY BA 137 57.96 -30.08 -21.74
CA GLY BA 137 58.92 -29.05 -21.39
C GLY BA 137 60.32 -29.62 -21.41
N HIS BA 138 61.30 -28.73 -21.22
CA HIS BA 138 62.69 -29.13 -21.34
C HIS BA 138 63.55 -28.18 -20.52
N PHE BA 139 64.67 -28.70 -20.01
CA PHE BA 139 65.64 -27.87 -19.31
C PHE BA 139 67.04 -28.37 -19.63
N TYR BA 140 68.00 -27.47 -19.61
CA TYR BA 140 69.38 -27.81 -19.94
C TYR BA 140 70.27 -26.72 -19.40
N ALA BA 141 71.12 -27.04 -18.43
CA ALA BA 141 71.96 -26.05 -17.79
C ALA BA 141 73.40 -26.56 -17.74
N ARG BA 142 74.34 -25.63 -17.78
CA ARG BA 142 75.76 -25.93 -17.64
C ARG BA 142 76.42 -24.75 -16.93
N VAL BA 143 77.06 -25.02 -15.80
CA VAL BA 143 77.86 -24.04 -15.09
C VAL BA 143 79.31 -24.50 -15.12
N SER BA 144 80.22 -23.59 -15.44
CA SER BA 144 81.65 -23.90 -15.50
C SER BA 144 82.37 -22.81 -14.72
N ILE BA 145 82.50 -23.00 -13.41
CA ILE BA 145 83.21 -22.06 -12.56
C ILE BA 145 84.69 -22.42 -12.61
N THR BA 146 85.52 -21.51 -13.15
CA THR BA 146 86.97 -21.79 -13.32
C THR BA 146 87.69 -21.58 -12.01
N ALA BA 147 88.96 -21.94 -11.92
CA ALA BA 147 89.78 -21.83 -10.70
C ALA BA 147 89.97 -20.38 -10.28
N LYS BA 148 90.56 -20.17 -9.10
CA LYS BA 148 90.91 -18.79 -8.66
C LYS BA 148 92.34 -18.55 -9.11
N ASN BA 149 93.17 -19.60 -9.15
CA ASN BA 149 94.58 -19.47 -9.45
C ASN BA 149 95.24 -18.40 -8.57
N SER BA 150 94.95 -18.48 -7.28
CA SER BA 150 95.62 -17.60 -6.32
C SER BA 150 97.13 -17.81 -6.43
N SER BA 151 97.87 -16.72 -6.45
CA SER BA 151 99.31 -16.77 -6.68
C SER BA 151 100.07 -15.94 -5.66
N GLU BA 152 99.75 -16.10 -4.37
CA GLU BA 152 100.46 -15.38 -3.32
C GLU BA 152 101.92 -15.83 -3.31
N THR BA 153 102.83 -14.89 -3.58
CA THR BA 153 104.26 -15.14 -3.53
C THR BA 153 104.94 -13.97 -2.83
N SER BA 154 106.14 -14.21 -2.32
CA SER BA 154 106.90 -13.18 -1.64
C SER BA 154 108.34 -13.62 -1.45
N GLU BA 155 109.22 -12.64 -1.29
CA GLU BA 155 110.64 -12.89 -1.06
C GLU BA 155 111.16 -11.82 -0.12
N LEU BA 156 112.18 -12.16 0.66
CA LEU BA 156 112.81 -11.22 1.58
C LEU BA 156 114.30 -11.51 1.64
N LYS BA 157 115.10 -10.48 1.90
CA LYS BA 157 116.56 -10.59 1.90
C LYS BA 157 117.13 -9.59 2.90
N GLN BA 158 117.67 -10.11 4.02
CA GLN BA 158 118.26 -9.27 5.06
C GLN BA 158 119.74 -9.59 5.18
N SER BA 159 120.55 -8.78 4.50
CA SER BA 159 122.00 -8.92 4.60
C SER BA 159 122.52 -7.99 5.69
N ALA BA 160 123.06 -8.58 6.76
CA ALA BA 160 123.58 -7.81 7.88
C ALA BA 160 122.53 -6.87 8.45
N THR BA 174 125.58 -1.76 7.86
CA THR BA 174 125.06 -2.16 6.54
C THR BA 174 123.80 -3.01 6.68
N GLN BA 175 122.82 -2.74 5.82
CA GLN BA 175 121.54 -3.42 5.88
C GLN BA 175 120.97 -3.50 4.47
N GLU BA 176 120.05 -4.44 4.28
CA GLU BA 176 119.44 -4.62 2.98
C GLU BA 176 118.08 -5.30 3.16
N VAL BA 177 117.08 -4.82 2.43
CA VAL BA 177 115.75 -5.41 2.42
C VAL BA 177 115.26 -5.47 0.98
N GLU BA 178 114.65 -6.59 0.60
CA GLU BA 178 114.20 -6.82 -0.77
C GLU BA 178 112.89 -7.61 -0.71
N ARG BA 179 111.77 -6.93 -0.91
CA ARG BA 179 110.46 -7.56 -0.94
C ARG BA 179 109.74 -7.37 -2.27
N ALA BA 180 110.47 -7.31 -3.37
CA ALA BA 180 109.87 -7.10 -4.69
C ALA BA 180 109.34 -8.39 -5.28
N VAL BA 181 108.49 -9.09 -4.52
CA VAL BA 181 107.82 -10.28 -5.00
C VAL BA 181 106.44 -10.33 -4.38
N SER BA 182 105.41 -10.29 -5.22
CA SER BA 182 104.03 -10.33 -4.75
C SER BA 182 103.11 -10.47 -5.96
N SER BA 183 102.12 -11.34 -5.85
CA SER BA 183 101.15 -11.55 -6.92
C SER BA 183 99.88 -12.10 -6.31
N ILE BA 184 98.78 -12.00 -7.04
CA ILE BA 184 97.46 -12.36 -6.55
C ILE BA 184 96.74 -13.18 -7.62
N LYS BA 185 95.58 -13.73 -7.24
CA LYS BA 185 94.78 -14.58 -8.11
C LYS BA 185 94.40 -13.86 -9.39
N ARG BA 186 94.33 -14.62 -10.47
CA ARG BA 186 93.73 -14.10 -11.70
C ARG BA 186 93.05 -15.30 -12.38
N ASN BA 187 91.81 -15.55 -12.01
CA ASN BA 187 90.92 -16.42 -12.76
C ASN BA 187 89.52 -16.39 -12.16
N ALA BA 188 88.51 -16.13 -12.98
CA ALA BA 188 87.12 -16.28 -12.54
C ALA BA 188 86.26 -16.37 -13.80
N SER BA 189 85.88 -17.57 -14.18
CA SER BA 189 85.07 -17.80 -15.38
C SER BA 189 83.76 -18.46 -14.96
N VAL BA 190 82.66 -17.85 -15.35
CA VAL BA 190 81.33 -18.39 -15.09
C VAL BA 190 80.63 -18.49 -16.43
N LYS BA 191 80.64 -19.69 -17.03
CA LYS BA 191 79.91 -19.95 -18.26
C LYS BA 191 78.58 -20.59 -17.89
N ILE BA 192 77.49 -19.93 -18.25
CA ILE BA 192 76.15 -20.41 -17.97
C ILE BA 192 75.39 -20.52 -19.29
N THR BA 193 74.83 -21.70 -19.55
CA THR BA 193 73.90 -21.89 -20.66
C THR BA 193 72.61 -22.46 -20.09
N ILE BA 194 71.49 -21.83 -20.39
CA ILE BA 194 70.20 -22.30 -19.92
C ILE BA 194 69.26 -22.37 -21.12
N ILE BA 195 68.72 -23.55 -21.38
CA ILE BA 195 67.79 -23.77 -22.48
C ILE BA 195 66.48 -24.28 -21.90
N GLU BA 196 65.41 -23.53 -22.10
CA GLU BA 196 64.14 -23.81 -21.46
C GLU BA 196 63.00 -23.81 -22.47
N SER BA 197 62.02 -24.67 -22.21
CA SER BA 197 60.78 -24.71 -22.98
C SER BA 197 59.66 -24.86 -21.95
N THR BA 198 59.13 -23.74 -21.48
CA THR BA 198 58.12 -23.75 -20.42
C THR BA 198 56.91 -22.92 -20.82
N GLY BA 199 56.00 -22.70 -19.86
CA GLY BA 199 54.79 -21.97 -20.14
C GLY BA 199 54.52 -20.91 -19.09
N THR BA 200 53.67 -19.96 -19.45
CA THR BA 200 53.31 -18.87 -18.56
C THR BA 200 52.35 -19.35 -17.48
N SER BA 201 52.36 -18.66 -16.34
CA SER BA 201 51.45 -18.98 -15.26
C SER BA 201 50.02 -18.68 -15.67
N SER BA 216 77.53 -17.36 -6.17
CA SER BA 216 76.50 -18.36 -5.89
C SER BA 216 75.75 -18.70 -7.17
N ASP BA 217 76.43 -18.62 -8.31
CA ASP BA 217 75.77 -18.93 -9.56
C ASP BA 217 75.44 -20.40 -9.68
N LEU BA 218 76.23 -21.27 -9.03
CA LEU BA 218 75.90 -22.69 -9.01
C LEU BA 218 74.57 -22.92 -8.31
N LEU BA 219 74.35 -22.23 -7.18
CA LEU BA 219 73.08 -22.38 -6.46
C LEU BA 219 71.92 -21.75 -7.23
N ALA BA 220 72.16 -20.62 -7.89
CA ALA BA 220 71.08 -19.95 -8.62
C ALA BA 220 70.53 -20.85 -9.71
N VAL BA 221 71.42 -21.51 -10.47
CA VAL BA 221 70.96 -22.46 -11.48
C VAL BA 221 70.19 -23.59 -10.82
N LYS BA 222 70.64 -24.03 -9.65
CA LYS BA 222 69.99 -25.13 -8.97
C LYS BA 222 68.56 -24.79 -8.59
N GLU BA 223 68.33 -23.57 -8.09
CA GLU BA 223 66.99 -23.20 -7.68
C GLU BA 223 66.03 -23.21 -8.86
N LYS BA 224 66.45 -22.64 -9.99
CA LYS BA 224 65.62 -22.70 -11.19
C LYS BA 224 65.45 -24.15 -11.64
N ALA BA 225 66.51 -24.95 -11.54
CA ALA BA 225 66.40 -26.36 -11.90
C ALA BA 225 65.45 -27.09 -10.96
N ASP BA 226 65.56 -26.85 -9.66
CA ASP BA 226 64.65 -27.49 -8.72
C ASP BA 226 63.25 -26.88 -8.80
N GLN BA 227 63.17 -25.55 -8.89
CA GLN BA 227 61.86 -24.93 -9.06
C GLN BA 227 61.17 -25.44 -10.31
N PHE BA 228 61.93 -25.78 -11.34
CA PHE BA 228 61.33 -26.35 -12.53
C PHE BA 228 60.62 -27.66 -12.18
N TYR BA 229 61.29 -28.49 -11.39
CA TYR BA 229 60.70 -29.77 -10.92
C TYR BA 229 59.41 -29.43 -10.20
N LYS BA 230 59.49 -28.59 -9.15
CA LYS BA 230 58.30 -28.26 -8.39
C LYS BA 230 57.28 -27.52 -9.24
N ASP BA 231 57.75 -26.70 -10.19
CA ASP BA 231 56.83 -25.95 -11.03
C ASP BA 231 55.93 -26.88 -11.84
N ALA BA 232 56.46 -28.00 -12.30
CA ALA BA 232 55.65 -28.93 -13.08
C ALA BA 232 54.42 -29.38 -12.31
N ASP BA 233 54.57 -29.65 -11.00
CA ASP BA 233 53.43 -30.13 -10.22
C ASP BA 233 52.26 -29.17 -10.31
N SER BA 234 52.53 -27.87 -10.35
CA SER BA 234 51.47 -26.89 -10.54
C SER BA 234 50.88 -26.97 -11.94
N GLY BA 235 51.51 -27.72 -12.85
CA GLY BA 235 50.96 -27.90 -14.18
C GLY BA 235 50.99 -26.65 -15.03
N LYS BA 236 52.08 -25.88 -14.96
CA LYS BA 236 52.27 -24.73 -15.84
C LYS BA 236 53.20 -25.04 -17.01
N HIS BA 237 53.65 -26.28 -17.17
CA HIS BA 237 54.55 -26.65 -18.24
C HIS BA 237 53.72 -27.09 -19.44
N SER BA 238 53.14 -26.10 -20.12
CA SER BA 238 52.28 -26.36 -21.26
C SER BA 238 53.00 -25.82 -22.49
N TYR BA 239 53.85 -26.65 -23.08
CA TYR BA 239 54.52 -26.33 -24.33
C TYR BA 239 54.13 -27.40 -25.35
N VAL BA 240 53.72 -26.97 -26.53
CA VAL BA 240 53.20 -27.90 -27.53
C VAL BA 240 54.36 -28.65 -28.15
N LEU BA 241 54.33 -29.99 -28.05
CA LEU BA 241 55.36 -30.84 -28.62
C LEU BA 241 54.83 -31.69 -29.76
N PHE BA 242 53.80 -32.50 -29.52
CA PHE BA 242 53.25 -33.42 -30.50
C PHE BA 242 51.75 -33.23 -30.59
N ALA BA 243 51.19 -33.68 -31.72
CA ALA BA 243 49.76 -33.63 -31.95
C ALA BA 243 49.24 -35.05 -32.15
N VAL BA 244 48.15 -35.38 -31.46
CA VAL BA 244 47.55 -36.70 -31.50
C VAL BA 244 46.45 -36.71 -32.55
N LEU BA 245 46.48 -37.68 -33.45
CA LEU BA 245 45.55 -37.76 -34.57
C LEU BA 245 44.40 -38.70 -34.24
N GLY BA 246 43.21 -38.35 -34.72
CA GLY BA 246 42.04 -39.19 -34.53
C GLY BA 246 41.29 -39.33 -35.84
N LYS BA 247 40.61 -40.47 -35.97
CA LYS BA 247 39.91 -40.80 -37.21
C LYS BA 247 38.48 -40.29 -37.15
N TYR BA 248 38.03 -39.67 -38.24
CA TYR BA 248 36.70 -39.08 -38.27
C TYR BA 248 35.60 -40.11 -38.07
N ARG BA 249 35.89 -41.39 -38.34
CA ARG BA 249 34.86 -42.41 -38.18
C ARG BA 249 34.47 -42.59 -36.73
N ASN BA 250 35.44 -42.51 -35.82
CA ASN BA 250 35.19 -42.74 -34.40
C ASN BA 250 34.34 -41.64 -33.77
N LEU BA 251 34.13 -40.52 -34.46
CA LEU BA 251 33.27 -39.47 -33.92
C LEU BA 251 31.84 -39.97 -33.83
N SER BA 252 31.19 -39.74 -32.68
CA SER BA 252 29.78 -40.10 -32.56
C SER BA 252 28.93 -39.30 -33.53
N ASN BA 253 29.17 -37.99 -33.63
CA ASN BA 253 28.35 -37.12 -34.47
C ASN BA 253 28.57 -37.38 -35.95
N PHE BA 254 29.59 -38.16 -36.31
CA PHE BA 254 29.83 -38.49 -37.70
C PHE BA 254 28.77 -39.47 -38.17
N GLU BA 255 27.87 -39.00 -39.03
CA GLU BA 255 26.90 -39.85 -39.71
C GLU BA 255 27.36 -40.20 -41.11
N SER BA 256 28.66 -40.42 -41.29
CA SER BA 256 29.22 -40.78 -42.59
C SER BA 256 28.97 -39.68 -43.60
N TYR BA 257 29.51 -38.50 -43.30
CA TYR BA 257 29.46 -37.40 -44.25
C TYR BA 257 30.23 -37.74 -45.52
N PHE BA 258 31.19 -38.64 -45.42
CA PHE BA 258 31.98 -39.07 -46.57
C PHE BA 258 32.67 -40.37 -46.21
N ALA BA 259 33.46 -40.87 -47.15
CA ALA BA 259 34.21 -42.11 -46.93
C ALA BA 259 35.69 -41.78 -46.89
N PRO BA 260 36.31 -41.63 -45.70
CA PRO BA 260 37.72 -41.25 -45.66
C PRO BA 260 38.60 -42.31 -46.32
N PHE BA 261 39.64 -41.84 -46.99
CA PHE BA 261 40.61 -42.76 -47.57
C PHE BA 261 41.54 -43.31 -46.49
N ASP BA 262 42.18 -44.44 -46.81
CA ASP BA 262 43.21 -45.06 -45.94
C ASP BA 262 44.50 -44.97 -46.75
N TYR BA 263 45.36 -44.00 -46.47
CA TYR BA 263 46.55 -43.71 -47.28
C TYR BA 263 47.75 -44.56 -46.88
N GLN BA 264 47.60 -45.48 -45.92
CA GLN BA 264 48.73 -46.28 -45.49
C GLN BA 264 49.36 -47.01 -46.66
N MET BA 265 48.56 -47.71 -47.45
CA MET BA 265 49.09 -48.43 -48.59
C MET BA 265 49.50 -47.48 -49.71
N ALA BA 266 48.71 -46.43 -49.96
CA ALA BA 266 49.05 -45.50 -51.02
C ALA BA 266 50.40 -44.84 -50.77
N SER BA 267 50.64 -44.40 -49.53
CA SER BA 267 51.93 -43.80 -49.22
C SER BA 267 53.06 -44.80 -49.39
N LEU BA 268 52.84 -46.05 -48.97
CA LEU BA 268 53.88 -47.07 -49.14
C LEU BA 268 54.21 -47.27 -50.61
N ARG BA 269 53.19 -47.39 -51.46
CA ARG BA 269 53.45 -47.59 -52.88
C ARG BA 269 54.17 -46.40 -53.49
N SER BA 270 53.75 -45.19 -53.14
CA SER BA 270 54.29 -43.97 -53.76
C SER BA 270 55.40 -43.37 -52.91
N TRP BA 271 56.44 -44.15 -52.65
CA TRP BA 271 57.62 -43.64 -51.99
C TRP BA 271 58.73 -43.27 -52.96
N ALA BA 272 58.90 -44.01 -54.06
CA ALA BA 272 59.90 -43.64 -55.04
C ALA BA 272 59.62 -42.26 -55.61
N LEU BA 273 58.35 -41.85 -55.63
CA LEU BA 273 58.03 -40.52 -56.13
C LEU BA 273 58.35 -39.44 -55.09
N PHE BA 274 58.11 -39.73 -53.81
CA PHE BA 274 58.36 -38.73 -52.78
C PHE BA 274 59.84 -38.35 -52.72
N ASN BA 275 60.73 -39.34 -52.83
CA ASN BA 275 62.14 -39.02 -52.84
C ASN BA 275 62.52 -38.17 -54.05
N ASP BA 276 61.99 -38.50 -55.22
CA ASP BA 276 62.32 -37.74 -56.42
C ASP BA 276 61.87 -36.29 -56.28
N PHE BA 277 60.87 -36.02 -55.44
CA PHE BA 277 60.44 -34.65 -55.20
C PHE BA 277 61.55 -33.85 -54.52
N THR BA 278 62.08 -34.37 -53.42
CA THR BA 278 63.13 -33.63 -52.71
C THR BA 278 64.35 -33.44 -53.59
N LEU BA 279 64.73 -34.47 -54.34
CA LEU BA 279 65.89 -34.35 -55.21
C LEU BA 279 65.68 -33.27 -56.28
N TYR BA 280 64.50 -33.24 -56.89
CA TYR BA 280 64.25 -32.25 -57.94
C TYR BA 280 64.24 -30.84 -57.38
N LYS BA 281 63.65 -30.64 -56.20
CA LYS BA 281 63.68 -29.33 -55.57
C LYS BA 281 65.11 -28.91 -55.26
N ALA BA 282 65.93 -29.84 -54.79
CA ALA BA 282 67.31 -29.51 -54.47
C ALA BA 282 68.08 -29.07 -55.72
N ILE BA 283 67.86 -29.76 -56.85
CA ILE BA 283 68.63 -29.44 -58.05
C ILE BA 283 68.13 -28.19 -58.77
N GLU BA 284 67.02 -27.60 -58.33
CA GLU BA 284 66.70 -26.26 -58.81
C GLU BA 284 67.78 -25.28 -58.35
N THR BA 285 68.17 -25.37 -57.08
CA THR BA 285 69.25 -24.53 -56.58
C THR BA 285 70.60 -24.88 -57.19
N MET BA 286 70.78 -26.12 -57.67
CA MET BA 286 71.97 -26.43 -58.47
C MET BA 286 72.17 -25.41 -59.58
N ILE BA 287 71.15 -25.25 -60.43
CA ILE BA 287 71.30 -24.40 -61.60
C ILE BA 287 71.42 -22.95 -61.20
N LYS BA 288 70.56 -22.48 -60.29
CA LYS BA 288 70.56 -21.08 -59.94
C LYS BA 288 71.88 -20.66 -59.30
N ALA BA 289 72.42 -21.50 -58.42
CA ALA BA 289 73.61 -21.10 -57.68
C ALA BA 289 74.80 -20.86 -58.59
N VAL BA 290 75.03 -21.73 -59.57
CA VAL BA 290 76.24 -21.64 -60.39
C VAL BA 290 76.12 -20.47 -61.36
N PRO BA 291 77.20 -19.72 -61.61
CA PRO BA 291 77.11 -18.51 -62.43
C PRO BA 291 77.02 -18.83 -63.91
N GLU BA 292 76.85 -17.76 -64.69
CA GLU BA 292 76.72 -17.89 -66.14
C GLU BA 292 78.04 -18.23 -66.80
N SER BA 293 79.14 -17.73 -66.25
CA SER BA 293 80.45 -17.85 -66.90
C SER BA 293 81.02 -19.25 -66.86
N LYS BA 294 80.26 -20.25 -66.43
CA LYS BA 294 80.73 -21.62 -66.35
C LYS BA 294 79.67 -22.59 -66.87
N PHE BA 295 78.92 -22.11 -67.86
CA PHE BA 295 77.92 -22.96 -68.54
C PHE BA 295 78.46 -23.21 -69.94
N LYS BA 296 78.26 -24.42 -70.47
CA LYS BA 296 78.82 -24.75 -71.78
C LYS BA 296 78.17 -23.94 -72.88
N ASP BA 297 76.85 -23.92 -72.93
CA ASP BA 297 76.14 -23.26 -74.02
C ASP BA 297 76.04 -21.76 -73.85
N GLY BA 298 76.37 -21.23 -72.67
CA GLY BA 298 76.37 -19.80 -72.45
C GLY BA 298 75.02 -19.27 -72.01
N PRO BA 299 74.56 -18.18 -72.62
CA PRO BA 299 73.37 -17.50 -72.08
C PRO BA 299 72.12 -18.36 -72.08
N GLU BA 300 71.73 -18.90 -73.23
CA GLU BA 300 70.48 -19.62 -73.33
C GLU BA 300 70.65 -21.06 -72.85
N ARG BA 301 71.22 -21.22 -71.67
CA ARG BA 301 71.33 -22.53 -71.04
C ARG BA 301 70.79 -22.47 -69.64
N LYS BA 302 70.92 -21.32 -68.97
CA LYS BA 302 70.37 -21.17 -67.64
C LYS BA 302 68.85 -21.28 -67.65
N THR BA 303 68.19 -20.59 -68.58
CA THR BA 303 66.74 -20.47 -68.46
C THR BA 303 66.03 -21.77 -68.82
N GLN BA 304 66.43 -22.46 -69.90
CA GLN BA 304 65.74 -23.70 -70.25
C GLN BA 304 66.24 -24.89 -69.45
N LEU BA 305 67.39 -24.77 -68.78
CA LEU BA 305 67.71 -25.74 -67.74
C LEU BA 305 66.87 -25.47 -66.50
N ILE BA 306 66.73 -24.20 -66.12
CA ILE BA 306 65.85 -23.86 -65.01
C ILE BA 306 64.41 -24.20 -65.36
N LYS BA 307 63.97 -23.84 -66.57
CA LYS BA 307 62.58 -24.11 -66.94
C LYS BA 307 62.32 -25.59 -67.09
N GLN BA 308 63.29 -26.34 -67.64
CA GLN BA 308 63.08 -27.78 -67.80
C GLN BA 308 62.89 -28.46 -66.45
N ALA BA 309 63.67 -28.05 -65.45
CA ALA BA 309 63.53 -28.64 -64.13
C ALA BA 309 62.18 -28.31 -63.52
N ILE BA 310 61.75 -27.05 -63.61
CA ILE BA 310 60.49 -26.64 -63.01
C ILE BA 310 59.32 -27.25 -63.76
N ASN BA 311 59.42 -27.35 -65.09
CA ASN BA 311 58.31 -27.95 -65.84
C ASN BA 311 58.07 -29.38 -65.40
N ILE BA 312 59.13 -30.15 -65.18
CA ILE BA 312 58.96 -31.52 -64.70
C ILE BA 312 58.73 -31.56 -63.19
N PHE BA 313 59.03 -30.47 -62.48
CA PHE BA 313 58.60 -30.37 -61.09
C PHE BA 313 57.09 -30.29 -61.01
N GLU BA 314 56.46 -29.64 -61.99
CA GLU BA 314 55.00 -29.62 -62.05
C GLU BA 314 54.44 -31.03 -62.23
N THR BA 315 55.08 -31.83 -63.09
CA THR BA 315 54.52 -33.14 -63.42
C THR BA 315 54.43 -34.02 -62.18
N ILE BA 316 55.46 -34.00 -61.34
CA ILE BA 316 55.42 -34.84 -60.14
C ILE BA 316 54.60 -34.22 -59.02
N ARG BA 317 54.55 -32.88 -58.95
CA ARG BA 317 53.71 -32.26 -57.92
C ARG BA 317 52.23 -32.50 -58.21
N ASP BA 318 51.82 -32.41 -59.47
CA ASP BA 318 50.43 -32.68 -59.81
C ASP BA 318 50.11 -34.17 -59.69
N ARG BA 319 51.10 -35.03 -59.85
CA ARG BA 319 50.87 -36.45 -59.59
C ARG BA 319 50.55 -36.66 -58.12
N VAL BA 320 51.27 -35.97 -57.23
CA VAL BA 320 50.98 -36.05 -55.81
C VAL BA 320 49.60 -35.50 -55.52
N ILE BA 321 49.25 -34.37 -56.12
CA ILE BA 321 47.92 -33.80 -55.91
C ILE BA 321 46.86 -34.72 -56.46
N LEU BA 322 47.19 -35.48 -57.51
CA LEU BA 322 46.25 -36.45 -58.04
C LEU BA 322 46.03 -37.61 -57.08
N ILE BA 323 47.09 -38.05 -56.38
CA ILE BA 323 46.92 -39.13 -55.41
C ILE BA 323 45.96 -38.72 -54.32
N SER BA 324 45.88 -37.43 -54.00
CA SER BA 324 44.90 -36.98 -53.02
C SER BA 324 43.48 -37.29 -53.49
N GLU BA 325 43.17 -37.00 -54.75
CA GLU BA 325 41.83 -37.30 -55.26
C GLU BA 325 41.66 -38.79 -55.50
N HIS BA 326 42.68 -39.46 -56.03
CA HIS BA 326 42.59 -40.87 -56.38
C HIS BA 326 43.79 -41.63 -55.82
N PRO BA 327 43.74 -42.06 -54.56
CA PRO BA 327 44.82 -42.91 -54.04
C PRO BA 327 44.94 -44.24 -54.74
N GLU BA 328 43.87 -44.72 -55.37
CA GLU BA 328 43.98 -45.92 -56.19
C GLU BA 328 44.90 -45.71 -57.38
N ALA BA 329 45.12 -44.46 -57.78
CA ALA BA 329 46.02 -44.16 -58.88
C ALA BA 329 47.48 -44.35 -58.50
N ALA BA 330 47.79 -44.85 -57.31
CA ALA BA 330 49.17 -45.12 -56.94
C ALA BA 330 49.78 -46.23 -57.77
N LYS BA 331 48.95 -47.07 -58.41
CA LYS BA 331 49.49 -48.18 -59.20
C LYS BA 331 50.30 -47.68 -60.38
N GLU BA 332 49.80 -46.66 -61.09
CA GLU BA 332 50.45 -46.22 -62.31
C GLU BA 332 51.91 -45.86 -62.06
N ASP BA 333 52.78 -46.31 -62.94
CA ASP BA 333 54.19 -46.03 -62.81
C ASP BA 333 54.48 -44.57 -63.14
N PRO BA 334 55.61 -44.03 -62.68
CA PRO BA 334 55.95 -42.64 -63.03
C PRO BA 334 56.08 -42.48 -64.54
N ASP BA 335 55.70 -41.30 -65.02
CA ASP BA 335 55.82 -40.96 -66.43
C ASP BA 335 56.72 -39.74 -66.63
N HIS BA 336 57.68 -39.54 -65.74
CA HIS BA 336 58.54 -38.37 -65.74
C HIS BA 336 59.99 -38.80 -65.77
N MET BA 337 60.83 -37.92 -66.28
CA MET BA 337 62.25 -38.22 -66.40
C MET BA 337 62.86 -38.42 -65.01
N LYS BA 338 63.81 -39.35 -64.92
CA LYS BA 338 64.41 -39.66 -63.64
C LYS BA 338 65.25 -38.48 -63.16
N PRO BA 339 65.35 -38.26 -61.84
CA PRO BA 339 66.32 -37.27 -61.35
C PRO BA 339 67.75 -37.59 -61.74
N GLY BA 340 68.11 -38.86 -61.79
CA GLY BA 340 69.45 -39.23 -62.21
C GLY BA 340 69.74 -38.80 -63.64
N ASP BA 341 68.83 -39.09 -64.56
CA ASP BA 341 69.06 -38.72 -65.95
C ASP BA 341 69.09 -37.21 -66.12
N PHE BA 342 68.14 -36.50 -65.48
CA PHE BA 342 68.16 -35.05 -65.57
C PHE BA 342 69.37 -34.47 -64.87
N ARG BA 343 69.77 -35.05 -63.74
CA ARG BA 343 71.00 -34.59 -63.09
C ARG BA 343 72.19 -34.77 -64.02
N LEU BA 344 72.28 -35.93 -64.67
CA LEU BA 344 73.32 -36.13 -65.67
C LEU BA 344 73.32 -35.01 -66.70
N GLU BA 345 72.13 -34.63 -67.17
CA GLU BA 345 72.04 -33.53 -68.13
C GLU BA 345 72.60 -32.25 -67.54
N VAL BA 346 72.42 -32.02 -66.24
CA VAL BA 346 72.94 -30.80 -65.62
C VAL BA 346 74.46 -30.77 -65.70
N LEU BA 347 75.13 -31.85 -65.31
CA LEU BA 347 76.59 -31.84 -65.28
C LEU BA 347 77.21 -31.92 -66.65
N ASN BA 348 76.51 -32.46 -67.64
CA ASN BA 348 77.07 -32.55 -68.99
C ASN BA 348 77.31 -31.17 -69.58
N SER BA 349 76.46 -30.19 -69.23
CA SER BA 349 76.51 -28.85 -69.79
C SER BA 349 77.31 -27.89 -68.92
N ILE BA 350 78.36 -28.39 -68.26
CA ILE BA 350 79.16 -27.61 -67.35
C ILE BA 350 80.61 -27.61 -67.81
N GLN BA 351 81.20 -26.42 -67.95
CA GLN BA 351 82.60 -26.31 -68.30
C GLN BA 351 83.47 -26.83 -67.16
N THR BA 352 84.69 -27.21 -67.50
CA THR BA 352 85.59 -27.88 -66.58
C THR BA 352 86.99 -27.28 -66.71
N LYS BA 353 87.82 -27.55 -65.71
CA LYS BA 353 89.19 -27.07 -65.67
C LYS BA 353 90.15 -28.24 -65.80
N LEU BA 354 91.15 -28.08 -66.66
CA LEU BA 354 92.08 -29.17 -67.00
C LEU BA 354 93.25 -29.13 -66.03
N PHE BA 355 93.01 -29.61 -64.82
CA PHE BA 355 94.06 -29.67 -63.80
C PHE BA 355 95.06 -30.72 -64.24
N HIS BA 356 96.11 -30.29 -64.95
CA HIS BA 356 97.16 -31.22 -65.44
C HIS BA 356 98.23 -31.35 -64.34
N ALA BA 357 98.15 -32.41 -63.54
CA ALA BA 357 99.10 -32.62 -62.46
C ALA BA 357 100.50 -32.82 -63.04
N GLN BA 358 101.50 -32.24 -62.38
CA GLN BA 358 102.88 -32.29 -62.86
C GLN BA 358 103.78 -32.73 -61.72
N SER BA 359 104.78 -33.55 -62.05
CA SER BA 359 105.68 -34.13 -61.06
C SER BA 359 106.90 -33.23 -60.94
N GLN BA 360 106.98 -32.46 -59.85
CA GLN BA 360 108.11 -31.59 -59.61
C GLN BA 360 109.36 -32.43 -59.31
N PRO BA 361 110.49 -32.12 -59.98
CA PRO BA 361 111.75 -32.81 -59.64
C PRO BA 361 112.50 -32.12 -58.51
N ILE BA 362 112.82 -32.86 -57.46
CA ILE BA 362 113.56 -32.31 -56.32
C ILE BA 362 114.91 -33.01 -56.23
N PRO BA 363 116.00 -32.29 -55.97
CA PRO BA 363 117.30 -32.94 -55.86
C PRO BA 363 117.32 -33.98 -54.74
N ASN BA 364 118.25 -34.93 -54.86
CA ASN BA 364 118.39 -36.01 -53.90
C ASN BA 364 117.21 -36.98 -53.97
N THR BA 365 116.76 -37.25 -55.19
CA THR BA 365 115.67 -38.19 -55.43
C THR BA 365 115.93 -38.93 -56.73
N ASP BA 366 115.87 -40.26 -56.68
CA ASP BA 366 116.10 -41.12 -57.83
C ASP BA 366 114.85 -41.97 -58.06
N ASP BA 367 114.27 -41.88 -59.25
CA ASP BA 367 113.04 -42.58 -59.60
C ASP BA 367 111.87 -42.16 -58.73
N TYR BA 368 112.04 -41.08 -57.96
CA TYR BA 368 110.98 -40.57 -57.07
C TYR BA 368 110.79 -39.10 -57.39
N TRP BA 369 109.57 -38.71 -57.72
CA TRP BA 369 109.24 -37.35 -58.09
C TRP BA 369 108.34 -36.73 -57.02
N THR BA 370 107.89 -35.51 -57.27
CA THR BA 370 106.97 -34.82 -56.37
C THR BA 370 105.79 -34.32 -57.19
N ASP BA 371 104.63 -34.95 -57.01
CA ASP BA 371 103.44 -34.64 -57.80
C ASP BA 371 102.78 -33.39 -57.23
N VAL BA 372 102.68 -32.36 -58.07
CA VAL BA 372 101.99 -31.12 -57.71
C VAL BA 372 100.83 -30.94 -58.69
N ILE BA 373 99.62 -30.83 -58.14
CA ILE BA 373 98.41 -30.70 -58.97
C ILE BA 373 98.18 -29.20 -59.15
N LEU BA 374 98.88 -28.63 -60.13
CA LEU BA 374 98.73 -27.22 -60.48
C LEU BA 374 98.38 -27.07 -61.94
N THR BA 375 97.45 -26.16 -62.23
CA THR BA 375 97.01 -25.93 -63.60
C THR BA 375 98.06 -25.23 -64.45
N THR BA 376 99.05 -24.59 -63.83
CA THR BA 376 100.07 -23.87 -64.58
C THR BA 376 101.16 -24.83 -65.04
N LYS BA 377 101.52 -24.77 -66.32
CA LYS BA 377 102.58 -25.61 -66.85
C LYS BA 377 103.90 -25.26 -66.19
N GLY BA 378 104.65 -26.29 -65.80
CA GLY BA 378 105.95 -26.10 -65.17
C GLY BA 378 107.09 -26.54 -66.06
N SER BA 379 108.32 -26.17 -65.68
CA SER BA 379 109.52 -26.54 -66.42
C SER BA 379 110.21 -27.68 -65.71
N GLY BA 380 110.40 -28.79 -66.42
CA GLY BA 380 111.06 -29.96 -65.86
C GLY BA 380 110.16 -30.85 -65.02
N ASN BA 381 108.89 -30.46 -64.90
CA ASN BA 381 107.92 -31.25 -64.10
C ASN BA 381 107.19 -32.24 -65.02
N GLN BA 382 107.17 -33.53 -64.67
CA GLN BA 382 106.53 -34.52 -65.53
C GLN BA 382 105.02 -34.45 -65.39
N PRO BA 383 104.27 -34.18 -66.46
CA PRO BA 383 102.80 -34.21 -66.36
C PRO BA 383 102.29 -35.62 -66.19
N LEU BA 384 101.29 -35.78 -65.31
CA LEU BA 384 100.70 -37.09 -65.03
C LEU BA 384 99.46 -37.35 -65.88
N PHE BA 385 98.43 -36.54 -65.72
CA PHE BA 385 97.21 -36.66 -66.52
C PHE BA 385 96.53 -35.29 -66.58
N THR BA 386 95.79 -35.08 -67.66
CA THR BA 386 95.02 -33.87 -67.86
C THR BA 386 93.55 -34.24 -67.96
N PHE BA 387 92.74 -33.68 -67.06
CA PHE BA 387 91.35 -34.09 -66.89
C PHE BA 387 90.45 -32.89 -66.62
N PRO BA 388 89.21 -32.93 -67.09
CA PRO BA 388 88.24 -31.89 -66.69
C PRO BA 388 88.02 -31.93 -65.19
N ALA BA 389 87.86 -30.76 -64.59
CA ALA BA 389 87.58 -30.64 -63.16
C ALA BA 389 86.68 -29.44 -62.92
N PHE BA 390 86.17 -29.34 -61.69
CA PHE BA 390 85.22 -28.31 -61.30
C PHE BA 390 85.95 -27.30 -60.43
N ASP BA 391 85.96 -26.04 -60.88
CA ASP BA 391 86.70 -24.97 -60.22
C ASP BA 391 85.78 -24.04 -59.44
N PHE BA 392 84.56 -24.48 -59.12
CA PHE BA 392 83.61 -23.66 -58.41
C PHE BA 392 82.63 -24.56 -57.67
N GLY BA 393 82.20 -24.09 -56.51
CA GLY BA 393 81.29 -24.87 -55.69
C GLY BA 393 79.89 -24.80 -56.26
N ASP BA 394 78.90 -24.69 -55.38
CA ASP BA 394 77.50 -24.53 -55.77
C ASP BA 394 76.98 -25.72 -56.55
N LEU BA 395 77.73 -26.81 -56.65
CA LEU BA 395 77.28 -28.04 -57.29
C LEU BA 395 77.26 -29.12 -56.20
N ILE BA 396 76.06 -29.47 -55.73
CA ILE BA 396 75.97 -30.40 -54.61
C ILE BA 396 76.59 -31.74 -55.04
N GLY BA 397 77.05 -32.48 -54.04
CA GLY BA 397 77.76 -33.72 -54.30
C GLY BA 397 79.23 -33.57 -54.59
N THR BA 398 79.79 -32.38 -54.35
CA THR BA 398 81.21 -32.10 -54.66
C THR BA 398 81.93 -31.53 -53.45
N GLU BA 399 83.21 -31.83 -53.29
CA GLU BA 399 84.05 -31.32 -52.22
C GLU BA 399 85.39 -30.88 -52.78
N VAL BA 400 86.05 -29.98 -52.06
CA VAL BA 400 87.27 -29.33 -52.51
C VAL BA 400 88.48 -29.99 -51.88
N VAL BA 401 89.56 -30.06 -52.65
CA VAL BA 401 90.85 -30.56 -52.20
C VAL BA 401 91.83 -29.40 -52.27
N SER BA 402 91.99 -28.68 -51.16
CA SER BA 402 92.78 -27.46 -51.12
C SER BA 402 94.14 -27.77 -50.49
N PHE BA 403 95.17 -27.79 -51.32
CA PHE BA 403 96.51 -28.03 -50.81
C PHE BA 403 96.89 -26.94 -49.81
N GLY BA 404 97.52 -27.34 -48.72
CA GLY BA 404 98.02 -26.41 -47.74
C GLY BA 404 99.53 -26.30 -47.79
N LYS BA 405 100.03 -25.18 -48.28
CA LYS BA 405 101.47 -24.93 -48.34
C LYS BA 405 101.86 -23.94 -47.27
N LYS BA 406 102.80 -24.32 -46.42
CA LYS BA 406 103.23 -23.45 -45.34
C LYS BA 406 103.87 -22.19 -45.92
N LYS BA 407 103.24 -21.03 -45.65
CA LYS BA 407 103.89 -19.76 -45.97
C LYS BA 407 105.10 -19.52 -45.08
N ASN BA 408 105.05 -20.01 -43.84
CA ASN BA 408 106.16 -19.93 -42.90
C ASN BA 408 107.20 -21.02 -43.17
N GLY BA 409 106.94 -21.92 -44.11
CA GLY BA 409 107.86 -22.99 -44.42
C GLY BA 409 107.67 -23.50 -45.83
N GLU BA 410 107.80 -24.81 -46.01
CA GLU BA 410 107.65 -25.41 -47.33
C GLU BA 410 106.85 -26.71 -47.29
N GLU BA 411 106.25 -27.05 -46.16
CA GLU BA 411 105.50 -28.29 -46.05
C GLU BA 411 104.38 -28.33 -47.10
N TYR BA 412 104.23 -29.47 -47.76
CA TYR BA 412 103.15 -29.72 -48.69
C TYR BA 412 102.01 -30.43 -47.96
N ASN BA 413 100.81 -29.86 -48.02
CA ASN BA 413 99.64 -30.47 -47.40
C ASN BA 413 98.53 -30.64 -48.42
N CYS BA 414 97.58 -31.52 -48.07
CA CYS BA 414 96.46 -31.85 -48.93
C CYS BA 414 95.26 -32.11 -48.03
N LEU BA 415 94.38 -31.13 -47.89
CA LEU BA 415 93.22 -31.22 -47.02
C LEU BA 415 91.96 -31.08 -47.86
N ILE BA 416 91.05 -32.02 -47.70
CA ILE BA 416 89.78 -32.00 -48.42
C ILE BA 416 88.76 -31.22 -47.61
N GLY BA 417 88.08 -30.28 -48.26
CA GLY BA 417 87.08 -29.50 -47.56
C GLY BA 417 87.62 -28.70 -46.39
N GLU BA 418 88.94 -28.51 -46.33
CA GLU BA 418 89.57 -27.74 -45.26
C GLU BA 418 90.59 -26.82 -45.91
N ARG BA 419 90.26 -25.54 -46.01
CA ARG BA 419 91.13 -24.58 -46.66
C ARG BA 419 92.26 -24.16 -45.71
N VAL BA 420 93.12 -23.26 -46.22
CA VAL BA 420 94.15 -22.68 -45.38
C VAL BA 420 93.55 -21.75 -44.33
N THR BA 421 92.37 -21.20 -44.58
CA THR BA 421 91.80 -20.20 -43.69
C THR BA 421 91.64 -20.71 -42.27
N SER BA 422 91.50 -22.02 -42.08
CA SER BA 422 91.43 -22.57 -40.73
C SER BA 422 92.70 -22.30 -39.96
N LEU BA 423 93.85 -22.45 -40.61
CA LEU BA 423 95.15 -22.18 -40.01
C LEU BA 423 95.62 -20.79 -40.44
N ASP BA 424 96.84 -20.43 -40.07
CA ASP BA 424 97.42 -19.13 -40.38
C ASP BA 424 98.76 -19.32 -41.08
N ASP BA 425 99.02 -18.49 -42.10
CA ASP BA 425 100.25 -18.54 -42.88
C ASP BA 425 100.41 -19.89 -43.57
N TYR BA 426 99.45 -20.14 -44.48
CA TYR BA 426 99.47 -21.38 -45.30
C TYR BA 426 99.04 -20.92 -46.70
N LYS BA 427 99.24 -21.75 -47.73
CA LYS BA 427 98.94 -21.28 -49.11
C LYS BA 427 98.16 -22.35 -49.88
N GLU BA 428 97.15 -21.94 -50.66
CA GLU BA 428 96.35 -22.89 -51.45
C GLU BA 428 97.05 -23.18 -52.78
N LEU BA 429 97.99 -24.12 -52.80
CA LEU BA 429 98.64 -24.50 -54.09
C LEU BA 429 97.52 -24.70 -55.11
N SER BA 430 96.48 -25.45 -54.76
CA SER BA 430 95.39 -25.74 -55.68
C SER BA 430 94.14 -26.09 -54.89
N TYR BA 431 93.02 -25.51 -55.31
CA TYR BA 431 91.72 -25.83 -54.74
C TYR BA 431 90.72 -25.99 -55.88
N PHE BA 432 89.95 -27.07 -55.84
CA PHE BA 432 88.97 -27.34 -56.88
C PHE BA 432 87.99 -28.41 -56.41
N TRP BA 433 86.70 -28.14 -56.50
CA TRP BA 433 85.70 -29.08 -56.02
C TRP BA 433 85.66 -30.31 -56.92
N VAL BA 434 85.43 -31.47 -56.29
CA VAL BA 434 85.38 -32.74 -57.01
C VAL BA 434 84.34 -33.64 -56.35
N PHE BA 435 83.99 -34.71 -57.05
CA PHE BA 435 83.08 -35.72 -56.50
C PHE BA 435 83.86 -36.70 -55.63
N PRO BA 436 83.63 -36.75 -54.32
CA PRO BA 436 84.30 -37.78 -53.51
C PRO BA 436 83.87 -39.19 -53.85
N ASP BA 437 82.72 -39.37 -54.50
CA ASP BA 437 82.21 -40.68 -54.85
C ASP BA 437 81.89 -40.71 -56.34
N SER BA 438 81.63 -41.92 -56.84
CA SER BA 438 81.37 -42.09 -58.25
C SER BA 438 79.92 -41.75 -58.57
N VAL BA 439 79.66 -41.52 -59.84
CA VAL BA 439 78.30 -41.27 -60.34
C VAL BA 439 78.08 -42.15 -61.55
N GLN BA 440 76.81 -42.41 -61.85
CA GLN BA 440 76.48 -43.27 -62.97
C GLN BA 440 77.01 -42.69 -64.28
N LYS BA 441 77.97 -43.38 -64.86
CA LYS BA 441 78.46 -43.14 -66.21
C LYS BA 441 79.03 -41.74 -66.42
N PHE BA 442 79.35 -41.01 -65.35
CA PHE BA 442 80.04 -39.73 -65.48
C PHE BA 442 81.41 -39.74 -64.81
N ALA BA 443 81.47 -40.04 -63.51
CA ALA BA 443 82.70 -39.97 -62.74
C ALA BA 443 83.15 -41.38 -62.41
N MET BA 444 84.00 -41.94 -63.27
CA MET BA 444 84.45 -43.32 -63.12
C MET BA 444 85.95 -43.46 -62.92
N GLU BA 445 86.74 -42.47 -63.32
CA GLU BA 445 88.19 -42.53 -63.13
C GLU BA 445 88.55 -41.98 -61.75
N MET BA 446 89.63 -42.51 -61.18
CA MET BA 446 89.94 -42.36 -59.77
C MET BA 446 91.23 -41.57 -59.56
N TYR BA 447 91.29 -40.86 -58.43
CA TYR BA 447 92.51 -40.22 -57.96
C TYR BA 447 92.64 -40.43 -56.46
N GLY BA 448 93.86 -40.73 -56.03
CA GLY BA 448 94.11 -40.97 -54.62
C GLY BA 448 95.29 -40.15 -54.13
N VAL BA 449 95.25 -39.82 -52.84
CA VAL BA 449 96.25 -38.96 -52.21
C VAL BA 449 97.05 -39.81 -51.24
N SER BA 450 98.37 -39.69 -51.31
CA SER BA 450 99.28 -40.32 -50.35
C SER BA 450 100.42 -39.35 -50.05
N LYS BA 451 100.88 -39.37 -48.80
CA LYS BA 451 101.91 -38.45 -48.32
C LYS BA 451 102.94 -39.20 -47.50
N VAL BA 452 104.20 -38.80 -47.63
CA VAL BA 452 105.28 -39.42 -46.87
C VAL BA 452 105.51 -38.63 -45.58
N PRO BA 453 105.38 -39.24 -44.40
CA PRO BA 453 105.52 -38.46 -43.17
C PRO BA 453 106.87 -37.78 -43.04
N THR BA 454 107.95 -38.45 -43.43
CA THR BA 454 109.28 -37.89 -43.24
C THR BA 454 109.48 -36.63 -44.09
N ARG BA 455 109.03 -36.67 -45.33
CA ARG BA 455 109.16 -35.56 -46.26
C ARG BA 455 107.84 -35.37 -46.99
N ASN BA 456 107.40 -34.11 -47.07
CA ASN BA 456 106.09 -33.82 -47.64
C ASN BA 456 106.15 -33.85 -49.17
N TYR BA 457 106.52 -34.99 -49.72
CA TYR BA 457 106.50 -35.20 -51.17
C TYR BA 457 105.12 -35.71 -51.53
N MET BA 458 104.28 -34.80 -52.03
CA MET BA 458 102.92 -35.18 -52.41
C MET BA 458 102.95 -36.38 -53.33
N ARG BA 459 102.25 -37.44 -52.93
CA ARG BA 459 102.17 -38.68 -53.71
C ARG BA 459 100.70 -38.89 -54.04
N VAL BA 460 100.26 -38.26 -55.12
CA VAL BA 460 98.91 -38.42 -55.64
C VAL BA 460 99.00 -39.28 -56.88
N TYR BA 461 98.19 -40.33 -56.94
CA TYR BA 461 98.28 -41.30 -58.02
C TYR BA 461 96.88 -41.83 -58.33
N ALA BA 462 96.77 -42.51 -59.47
CA ALA BA 462 95.53 -43.15 -59.88
C ALA BA 462 95.32 -44.40 -59.03
N ALA BA 463 94.53 -44.26 -57.97
CA ALA BA 463 94.34 -45.33 -57.01
C ALA BA 463 93.33 -46.35 -57.55
N ASP BA 464 93.00 -47.33 -56.70
CA ASP BA 464 92.07 -48.41 -57.10
C ASP BA 464 91.10 -48.65 -55.94
N GLN BA 465 90.05 -49.42 -56.17
CA GLN BA 465 89.11 -49.75 -55.10
C GLN BA 465 89.81 -50.52 -53.99
N SER BA 466 90.88 -51.24 -54.36
CA SER BA 466 91.66 -52.02 -53.36
C SER BA 466 92.57 -51.07 -52.57
N ASP BA 467 93.05 -49.99 -53.19
CA ASP BA 467 93.87 -48.99 -52.44
C ASP BA 467 93.04 -48.51 -51.25
N ILE BA 468 91.73 -48.38 -51.43
CA ILE BA 468 90.84 -48.01 -50.29
C ILE BA 468 90.85 -49.17 -49.29
N GLU BA 469 90.53 -50.39 -49.75
CA GLU BA 469 90.49 -51.58 -48.86
C GLU BA 469 91.78 -51.63 -48.01
N ASN BA 470 92.93 -51.67 -48.68
CA ASN BA 470 94.23 -51.69 -47.95
C ASN BA 470 94.91 -50.32 -48.12
N PRO BA 471 94.73 -49.36 -47.20
CA PRO BA 471 95.29 -47.98 -47.35
C PRO BA 471 96.74 -47.91 -46.90
N ARG BA 472 97.56 -47.12 -47.61
CA ARG BA 472 98.95 -46.91 -47.23
C ARG BA 472 99.01 -45.88 -46.10
N PRO BA 473 100.13 -45.82 -45.38
CA PRO BA 473 100.24 -44.85 -44.30
C PRO BA 473 100.05 -43.43 -44.79
N TYR BA 474 99.37 -42.58 -44.00
CA TYR BA 474 99.23 -41.14 -44.34
C TYR BA 474 98.51 -40.94 -45.68
N GLN BA 475 97.71 -41.91 -46.13
CA GLN BA 475 96.94 -41.71 -47.34
C GLN BA 475 95.65 -41.00 -46.95
N ARG BA 476 95.49 -39.76 -47.42
CA ARG BA 476 94.45 -38.90 -46.87
C ARG BA 476 93.07 -39.21 -47.46
N PHE BA 477 92.92 -39.01 -48.77
CA PHE BA 477 91.61 -39.09 -49.38
C PHE BA 477 91.74 -39.53 -50.83
N TRP BA 478 90.64 -40.06 -51.37
CA TRP BA 478 90.56 -40.49 -52.76
C TRP BA 478 89.29 -39.94 -53.38
N PHE BA 479 89.37 -39.59 -54.66
CA PHE BA 479 88.30 -38.89 -55.33
C PHE BA 479 88.20 -39.35 -56.78
N TYR BA 480 86.99 -39.23 -57.32
CA TYR BA 480 86.69 -39.61 -58.69
C TYR BA 480 86.53 -38.37 -59.56
N VAL BA 481 87.09 -38.42 -60.76
CA VAL BA 481 87.04 -37.30 -61.70
C VAL BA 481 86.22 -37.74 -62.91
N PRO BA 482 85.51 -36.82 -63.58
CA PRO BA 482 84.67 -37.22 -64.72
C PRO BA 482 85.46 -37.92 -65.81
N SER BA 483 84.83 -38.92 -66.42
CA SER BA 483 85.41 -39.68 -67.52
C SER BA 483 85.08 -39.00 -68.83
N ALA BA 484 86.11 -38.74 -69.65
CA ALA BA 484 85.90 -38.11 -70.94
C ALA BA 484 85.16 -38.99 -71.93
N ASN BA 485 85.00 -40.28 -71.62
CA ASN BA 485 84.31 -41.20 -72.53
C ASN BA 485 82.81 -40.98 -72.59
N SER BA 486 82.26 -40.15 -71.71
CA SER BA 486 80.82 -39.91 -71.72
C SER BA 486 80.42 -39.26 -73.05
N PRO BA 487 79.32 -39.70 -73.67
CA PRO BA 487 78.92 -39.11 -74.95
C PRO BA 487 78.23 -37.78 -74.74
N PRO BA 488 78.65 -36.72 -75.48
CA PRO BA 488 77.99 -35.43 -75.31
C PRO BA 488 76.73 -35.31 -76.16
N GLY CA 2 39.06 64.37 -15.09
CA GLY CA 2 38.00 63.86 -14.25
C GLY CA 2 37.91 62.34 -14.26
N GLU CA 3 38.77 61.71 -13.46
CA GLU CA 3 38.75 60.25 -13.35
C GLU CA 3 38.73 59.81 -11.89
N VAL CA 4 39.23 60.65 -10.99
CA VAL CA 4 39.25 60.34 -9.58
C VAL CA 4 38.77 61.57 -8.80
N VAL CA 5 38.36 61.32 -7.56
CA VAL CA 5 37.87 62.39 -6.69
C VAL CA 5 38.12 62.00 -5.24
N PRO CA 6 38.57 62.92 -4.39
CA PRO CA 6 38.78 62.56 -2.98
C PRO CA 6 37.48 62.12 -2.32
N TYR CA 7 37.60 61.17 -1.40
CA TYR CA 7 36.43 60.62 -0.73
C TYR CA 7 35.70 61.71 0.03
N LYS CA 8 34.38 61.75 -0.09
CA LYS CA 8 33.52 62.64 0.68
C LYS CA 8 32.53 61.80 1.45
N ALA CA 9 32.45 62.02 2.76
CA ALA CA 9 31.65 61.16 3.60
C ALA CA 9 30.20 61.13 3.12
N GLY CA 10 29.58 59.97 3.27
CA GLY CA 10 28.23 59.76 2.78
C GLY CA 10 28.15 59.22 1.38
N MET CA 11 29.27 59.15 0.66
CA MET CA 11 29.25 58.65 -0.70
C MET CA 11 28.71 57.24 -0.74
N GLN CA 12 27.83 56.98 -1.69
CA GLN CA 12 27.24 55.66 -1.89
C GLN CA 12 27.62 55.17 -3.28
N ARG CA 13 28.13 53.95 -3.37
CA ARG CA 13 28.53 53.41 -4.66
C ARG CA 13 27.36 53.46 -5.63
N GLY CA 14 27.63 53.93 -6.85
CA GLY CA 14 26.60 53.98 -7.87
C GLY CA 14 25.67 55.16 -7.69
N GLN CA 15 26.21 56.37 -7.73
CA GLN CA 15 25.41 57.57 -7.61
C GLN CA 15 25.95 58.63 -8.56
N GLY CA 16 25.07 59.54 -8.97
CA GLY CA 16 25.47 60.60 -9.85
C GLY CA 16 26.43 61.56 -9.19
N TYR CA 17 27.23 62.23 -10.01
CA TYR CA 17 28.23 63.18 -9.53
C TYR CA 17 28.28 64.35 -10.50
N ASN CA 18 27.88 65.52 -10.02
CA ASN CA 18 27.95 66.75 -10.82
C ASN CA 18 29.38 67.25 -10.77
N THR CA 19 30.17 66.90 -11.79
CA THR CA 19 31.60 67.15 -11.72
C THR CA 19 31.93 68.63 -11.60
N TYR CA 20 31.09 69.51 -12.14
CA TYR CA 20 31.33 70.94 -12.02
C TYR CA 20 31.11 71.41 -10.58
N LEU CA 21 29.91 71.21 -10.05
CA LEU CA 21 29.61 71.60 -8.68
C LEU CA 21 30.26 70.69 -7.65
N GLN CA 22 30.84 69.57 -8.07
CA GLN CA 22 31.53 68.64 -7.17
C GLN CA 22 30.60 68.18 -6.04
N SER CA 23 29.30 68.21 -6.29
CA SER CA 23 28.33 67.80 -5.30
C SER CA 23 27.97 66.33 -5.53
N LEU CA 24 26.98 65.83 -4.78
CA LEU CA 24 26.50 64.47 -4.91
C LEU CA 24 25.10 64.49 -5.50
N CYS CA 25 24.80 63.48 -6.32
CA CYS CA 25 23.51 63.41 -6.99
C CYS CA 25 22.86 62.05 -6.73
N VAL CA 26 21.78 61.75 -7.47
CA VAL CA 26 20.90 60.64 -7.12
C VAL CA 26 21.72 59.40 -6.82
N LYS CA 27 21.29 58.66 -5.79
CA LYS CA 27 21.95 57.42 -5.41
C LYS CA 27 21.22 56.24 -6.03
N ASP CA 28 22.00 55.22 -6.40
CA ASP CA 28 21.46 53.97 -6.95
C ASP CA 28 20.97 54.14 -8.37
N ALA CA 29 21.58 55.05 -9.13
CA ALA CA 29 21.30 55.09 -10.56
C ALA CA 29 21.98 53.94 -11.30
N VAL CA 30 23.10 53.46 -10.77
CA VAL CA 30 23.86 52.39 -11.38
C VAL CA 30 23.99 51.25 -10.38
N THR CA 31 23.63 50.05 -10.78
CA THR CA 31 23.79 48.85 -9.97
C THR CA 31 24.98 48.07 -10.48
N ILE CA 32 25.92 47.78 -9.61
CA ILE CA 32 27.12 47.02 -9.94
C ILE CA 32 26.99 45.64 -9.32
N GLU CA 33 27.00 44.61 -10.16
CA GLU CA 33 26.92 43.23 -9.71
C GLU CA 33 28.34 42.68 -9.57
N ARG CA 34 28.68 42.24 -8.38
CA ARG CA 34 29.96 41.59 -8.12
C ARG CA 34 29.84 40.13 -8.53
N HIS CA 35 30.24 39.83 -9.77
CA HIS CA 35 30.14 38.46 -10.26
C HIS CA 35 31.01 37.52 -9.42
N ASP CA 36 32.22 37.94 -9.09
CA ASP CA 36 33.16 37.14 -8.33
C ASP CA 36 33.52 37.86 -7.04
N ASP CA 37 33.47 37.13 -5.93
CA ASP CA 37 33.81 37.70 -4.62
C ASP CA 37 35.31 37.50 -4.39
N SER CA 38 36.08 38.54 -4.69
CA SER CA 38 37.53 38.47 -4.49
C SER CA 38 38.08 39.88 -4.44
N ASN CA 39 39.01 40.12 -3.52
CA ASN CA 39 39.60 41.44 -3.40
C ASN CA 39 40.48 41.73 -4.62
N PRO CA 40 40.54 42.98 -5.06
CA PRO CA 40 41.29 43.29 -6.28
C PRO CA 40 42.78 43.26 -6.03
N PRO CA 41 43.59 43.24 -7.09
CA PRO CA 41 45.04 43.27 -6.92
C PRO CA 41 45.50 44.56 -6.23
N PHE CA 42 46.58 44.44 -5.47
CA PHE CA 42 47.01 45.54 -4.61
C PHE CA 42 48.51 45.76 -4.75
N LYS CA 43 48.93 46.98 -4.41
CA LYS CA 43 50.33 47.39 -4.47
C LYS CA 43 50.78 47.81 -3.09
N LYS CA 44 51.94 47.31 -2.67
CA LYS CA 44 52.45 47.53 -1.32
C LYS CA 44 53.76 48.30 -1.35
N GLU CA 45 54.00 49.06 -0.28
CA GLU CA 45 55.26 49.72 -0.04
C GLU CA 45 55.64 49.52 1.42
N TYR CA 46 56.95 49.57 1.70
CA TYR CA 46 57.42 49.39 3.08
C TYR CA 46 58.78 50.07 3.20
N TYR CA 47 58.80 51.25 3.80
CA TYR CA 47 60.03 51.98 4.12
C TYR CA 47 60.27 51.88 5.62
N SER CA 48 61.43 51.36 6.00
CA SER CA 48 61.74 51.11 7.41
C SER CA 48 63.12 51.66 7.76
N GLU CA 49 63.23 52.20 8.97
CA GLU CA 49 64.49 52.70 9.50
C GLU CA 49 64.65 52.23 10.94
N PHE CA 50 65.85 51.79 11.30
CA PHE CA 50 66.16 51.39 12.67
C PHE CA 50 67.48 52.08 13.04
N ILE CA 51 67.38 53.25 13.65
CA ILE CA 51 68.56 54.07 13.88
C ILE CA 51 69.47 53.43 14.92
N GLU CA 52 70.73 53.84 14.91
CA GLU CA 52 71.79 53.16 15.64
C GLU CA 52 71.43 52.97 17.10
N GLU CA 53 72.11 52.03 17.73
CA GLU CA 53 72.02 51.82 19.18
C GLU CA 53 73.18 52.57 19.81
N TYR CA 54 72.91 53.76 20.33
CA TYR CA 54 73.95 54.60 20.91
C TYR CA 54 74.36 53.96 22.25
N GLU CA 55 75.20 52.92 22.13
CA GLU CA 55 75.70 52.22 23.34
C GLU CA 55 77.05 52.80 23.73
N LYS CA 56 77.11 53.49 24.85
CA LYS CA 56 78.33 54.14 25.32
C LYS CA 56 78.51 53.83 26.79
N ILE CA 57 79.51 53.02 27.12
CA ILE CA 57 79.89 52.75 28.49
C ILE CA 57 81.20 53.49 28.75
N ALA CA 58 81.19 54.39 29.73
CA ALA CA 58 82.39 55.03 30.23
C ALA CA 58 82.50 54.71 31.71
N LYS CA 59 83.63 54.15 32.12
CA LYS CA 59 83.79 53.62 33.47
C LYS CA 59 85.11 54.10 34.05
N SER CA 60 85.13 54.31 35.37
CA SER CA 60 86.27 54.89 36.05
C SER CA 60 86.79 53.95 37.12
N MET CA 61 88.12 53.90 37.26
CA MET CA 61 88.74 53.10 38.36
C MET CA 61 89.99 53.84 38.85
N ARG CA 62 89.85 54.63 39.92
CA ARG CA 62 90.91 55.46 40.48
C ARG CA 62 91.24 54.94 41.87
N ILE CA 63 92.49 54.52 42.05
CA ILE CA 63 92.96 54.02 43.33
C ILE CA 63 94.22 54.80 43.71
N SER CA 64 94.38 55.02 45.01
CA SER CA 64 95.55 55.73 45.51
C SER CA 64 95.77 55.33 46.96
N ALA CA 65 96.95 54.80 47.25
CA ALA CA 65 97.29 54.40 48.62
C ALA CA 65 98.80 54.52 48.81
N GLY CA 66 99.19 54.78 50.05
CA GLY CA 66 100.59 54.89 50.39
C GLY CA 66 100.82 55.41 51.80
N VAL CA 78 100.06 55.45 59.21
CA VAL CA 78 99.27 56.47 58.52
C VAL CA 78 99.19 56.13 57.04
N ASN CA 79 98.43 55.10 56.72
CA ASN CA 79 98.22 54.64 55.35
C ASN CA 79 96.80 54.99 54.93
N VAL CA 80 96.68 55.60 53.75
CA VAL CA 80 95.38 56.04 53.25
C VAL CA 80 95.06 55.24 51.99
N ASP CA 81 93.76 55.16 51.70
CA ASP CA 81 93.26 54.47 50.52
C ASP CA 81 92.17 55.32 49.86
N ILE CA 82 92.11 55.25 48.54
CA ILE CA 82 91.06 55.91 47.78
C ILE CA 82 90.61 54.95 46.69
N LEU CA 83 89.30 54.76 46.54
CA LEU CA 83 88.74 53.80 45.59
C LEU CA 83 87.50 54.45 44.98
N ASN CA 84 87.64 55.01 43.78
CA ASN CA 84 86.56 55.73 43.13
C ASN CA 84 86.14 55.02 41.85
N ARG CA 85 84.83 54.86 41.66
CA ARG CA 85 84.28 54.21 40.49
C ARG CA 85 83.24 55.12 39.84
N SER CA 86 83.00 54.88 38.56
CA SER CA 86 81.93 55.54 37.84
C SER CA 86 81.48 54.63 36.71
N GLU CA 87 80.30 54.93 36.18
CA GLU CA 87 79.76 54.13 35.07
C GLU CA 87 78.67 54.93 34.40
N PHE CA 88 78.86 55.22 33.11
CA PHE CA 88 77.89 55.98 32.33
C PHE CA 88 77.45 55.14 31.15
N GLU CA 89 76.15 54.89 31.04
CA GLU CA 89 75.59 54.07 29.98
C GLU CA 89 74.61 54.91 29.17
N THR CA 90 74.56 54.62 27.87
CA THR CA 90 73.64 55.30 26.96
C THR CA 90 73.08 54.27 26.00
N SER CA 91 71.82 54.46 25.60
CA SER CA 91 71.19 53.58 24.62
C SER CA 91 70.05 54.34 23.97
N THR CA 92 70.28 54.87 22.77
CA THR CA 92 69.24 55.55 22.01
C THR CA 92 68.85 54.67 20.84
N LEU CA 93 67.64 54.13 20.90
CA LEU CA 93 67.07 53.35 19.81
C LEU CA 93 65.92 54.13 19.21
N THR CA 94 65.88 54.19 17.88
CA THR CA 94 64.78 54.85 17.18
C THR CA 94 64.32 53.95 16.05
N TYR CA 95 63.04 54.04 15.71
CA TYR CA 95 62.46 53.20 14.68
C TYR CA 95 61.43 54.00 13.90
N GLU CA 96 61.18 53.58 12.66
CA GLU CA 96 60.18 54.26 11.83
C GLU CA 96 59.86 53.40 10.63
N VAL CA 97 58.57 53.19 10.38
CA VAL CA 97 58.11 52.49 9.19
C VAL CA 97 57.00 53.30 8.54
N LYS CA 98 56.75 53.00 7.27
CA LYS CA 98 55.67 53.66 6.53
C LYS CA 98 55.19 52.69 5.45
N VAL CA 99 54.04 52.07 5.68
CA VAL CA 99 53.50 51.06 4.80
C VAL CA 99 52.32 51.66 4.03
N LEU CA 100 52.39 51.61 2.70
CA LEU CA 100 51.34 52.12 1.84
C LEU CA 100 50.79 50.98 1.01
N VAL CA 101 49.47 50.79 1.04
CA VAL CA 101 48.79 49.75 0.30
C VAL CA 101 47.73 50.42 -0.57
N GLN CA 102 47.73 50.09 -1.86
CA GLN CA 102 46.75 50.64 -2.79
C GLN CA 102 46.19 49.51 -3.63
N HIS CA 103 44.88 49.34 -3.60
CA HIS CA 103 44.21 48.30 -4.36
C HIS CA 103 43.93 48.81 -5.77
N GLN CA 104 43.22 48.01 -6.57
CA GLN CA 104 42.78 48.42 -7.89
C GLN CA 104 41.29 48.13 -8.04
N VAL CA 105 40.72 48.47 -9.20
CA VAL CA 105 39.30 48.26 -9.46
C VAL CA 105 39.16 47.00 -10.31
N SER CA 106 38.32 46.08 -9.86
CA SER CA 106 38.16 44.82 -10.55
C SER CA 106 37.62 45.05 -11.95
N VAL CA 107 38.08 44.21 -12.88
CA VAL CA 107 37.73 44.37 -14.29
C VAL CA 107 36.63 43.41 -14.73
N LEU CA 108 36.10 42.59 -13.83
CA LEU CA 108 35.12 41.57 -14.16
C LEU CA 108 33.76 41.86 -13.52
N ASP CA 109 33.34 43.12 -13.52
CA ASP CA 109 32.05 43.51 -12.99
C ASP CA 109 31.15 44.01 -14.12
N LYS CA 110 29.85 44.01 -13.86
CA LYS CA 110 28.86 44.47 -14.82
C LYS CA 110 28.21 45.74 -14.30
N HIS CA 111 28.06 46.73 -15.17
CA HIS CA 111 27.48 48.02 -14.83
C HIS CA 111 26.18 48.20 -15.59
N SER CA 112 25.14 48.63 -14.88
CA SER CA 112 23.82 48.83 -15.45
C SER CA 112 23.31 50.21 -15.06
N PHE CA 113 22.26 50.65 -15.75
CA PHE CA 113 21.67 51.97 -15.54
C PHE CA 113 20.18 51.84 -15.25
N ASN CA 114 19.77 52.35 -14.10
CA ASN CA 114 18.39 52.30 -13.66
C ASN CA 114 17.71 53.63 -13.95
N LYS CA 115 16.42 53.57 -14.29
CA LYS CA 115 15.68 54.74 -14.74
C LYS CA 115 14.97 55.40 -13.57
N ILE CA 116 15.19 56.70 -13.41
CA ILE CA 116 14.43 57.52 -12.46
C ILE CA 116 13.70 58.56 -13.28
N GLN CA 117 12.37 58.61 -13.10
CA GLN CA 117 11.51 59.55 -13.86
C GLN CA 117 11.63 60.96 -13.28
N THR CA 118 12.14 61.91 -14.08
CA THR CA 118 12.28 63.29 -13.66
C THR CA 118 12.08 64.21 -14.85
N THR CA 119 11.57 65.42 -14.58
CA THR CA 119 11.48 66.42 -15.61
C THR CA 119 12.82 67.10 -15.87
N THR CA 120 13.77 66.92 -14.98
CA THR CA 120 15.11 67.52 -15.10
C THR CA 120 16.15 66.44 -14.87
N PRO CA 121 16.27 65.48 -15.78
CA PRO CA 121 17.23 64.38 -15.55
C PRO CA 121 18.66 64.87 -15.44
N HIS CA 122 18.96 66.05 -15.98
CA HIS CA 122 20.33 66.56 -15.93
C HIS CA 122 20.75 66.87 -14.50
N ALA CA 123 19.88 67.54 -13.75
CA ALA CA 123 20.22 67.91 -12.38
C ALA CA 123 20.09 66.74 -11.41
N THR CA 124 19.33 65.71 -11.80
CA THR CA 124 19.19 64.54 -10.93
C THR CA 124 20.34 63.56 -11.15
N TYR CA 125 20.54 63.14 -12.41
CA TYR CA 125 21.60 62.18 -12.70
C TYR CA 125 22.98 62.81 -12.61
N GLY CA 126 23.13 64.02 -13.14
CA GLY CA 126 24.42 64.67 -13.18
C GLY CA 126 25.19 64.38 -14.45
N ASP CA 127 26.49 64.12 -14.33
CA ASP CA 127 27.33 63.76 -15.47
C ASP CA 127 27.92 62.37 -15.36
N ARG CA 128 28.56 62.05 -14.23
CA ARG CA 128 29.26 60.78 -14.07
C ARG CA 128 28.84 60.10 -12.77
N PHE CA 129 28.98 58.78 -12.76
CA PHE CA 129 28.56 57.95 -11.64
C PHE CA 129 29.78 57.31 -10.97
N ILE CA 130 29.56 56.87 -9.73
CA ILE CA 130 30.63 56.30 -8.91
C ILE CA 130 30.62 54.80 -9.13
N ALA CA 131 31.55 54.31 -9.95
CA ALA CA 131 31.55 52.90 -10.32
C ALA CA 131 32.17 52.04 -9.22
N ASP CA 132 33.45 52.28 -8.92
CA ASP CA 132 34.16 51.51 -7.91
C ASP CA 132 34.98 52.46 -7.06
N PHE CA 133 35.22 52.05 -5.83
CA PHE CA 133 35.99 52.85 -4.87
C PHE CA 133 37.42 52.34 -4.83
N ILE CA 134 38.37 53.24 -5.02
CA ILE CA 134 39.79 52.89 -4.90
C ILE CA 134 40.11 52.76 -3.41
N LYS CA 135 40.54 51.57 -3.00
CA LYS CA 135 40.79 51.29 -1.60
C LYS CA 135 42.28 51.21 -1.34
N GLY CA 136 42.64 51.35 -0.07
CA GLY CA 136 44.03 51.33 0.34
C GLY CA 136 44.23 51.29 1.84
N GLY CA 137 45.42 51.66 2.28
CA GLY CA 137 45.75 51.64 3.69
C GLY CA 137 47.03 52.42 3.94
N HIS CA 138 47.35 52.57 5.22
CA HIS CA 138 48.48 53.40 5.60
C HIS CA 138 49.01 52.95 6.95
N PHE CA 139 50.32 53.14 7.16
CA PHE CA 139 50.92 52.85 8.45
C PHE CA 139 52.01 53.88 8.71
N TYR CA 140 52.24 54.17 9.99
CA TYR CA 140 53.23 55.17 10.38
C TYR CA 140 53.57 54.95 11.84
N ALA CA 141 54.81 54.57 12.12
CA ALA CA 141 55.22 54.25 13.48
C ALA CA 141 56.52 54.98 13.80
N ARG CA 142 56.69 55.31 15.07
CA ARG CA 142 57.92 55.92 15.58
C ARG CA 142 58.14 55.43 17.00
N VAL CA 143 59.28 54.79 17.24
CA VAL CA 143 59.69 54.40 18.58
C VAL CA 143 60.93 55.20 18.93
N SER CA 144 60.96 55.75 20.14
CA SER CA 144 62.09 56.53 20.62
C SER CA 144 62.44 56.02 22.01
N ILE CA 145 63.28 54.99 22.08
CA ILE CA 145 63.73 54.43 23.35
C ILE CA 145 64.93 55.25 23.81
N THR CA 146 64.78 55.96 24.94
CA THR CA 146 65.86 56.84 25.44
C THR CA 146 66.90 56.01 26.16
N ALA CA 147 68.04 56.61 26.53
CA ALA CA 147 69.16 55.93 27.20
C ALA CA 147 68.77 55.41 28.58
N LYS CA 148 69.66 54.64 29.20
CA LYS CA 148 69.43 54.19 30.59
C LYS CA 148 70.09 55.22 31.49
N ASN CA 149 71.18 55.83 31.03
CA ASN CA 149 71.98 56.75 31.85
C ASN CA 149 72.32 56.11 33.20
N SER CA 150 72.81 54.88 33.13
CA SER CA 150 73.30 54.23 34.33
C SER CA 150 74.42 55.08 34.93
N SER CA 151 74.38 55.26 36.26
CA SER CA 151 75.31 56.15 36.93
C SER CA 151 75.94 55.49 38.15
N GLU CA 152 76.43 54.27 38.01
CA GLU CA 152 77.07 53.57 39.11
C GLU CA 152 78.33 54.34 39.49
N THR CA 153 78.37 54.85 40.72
CA THR CA 153 79.54 55.52 41.27
C THR CA 153 79.77 55.04 42.70
N SER CA 154 80.99 55.22 43.18
CA SER CA 154 81.33 54.82 44.53
C SER CA 154 82.67 55.41 44.92
N GLU CA 155 82.88 55.54 46.24
CA GLU CA 155 84.12 56.06 46.80
C GLU CA 155 84.41 55.31 48.09
N LEU CA 156 85.69 55.19 48.43
CA LEU CA 156 86.10 54.54 49.65
C LEU CA 156 87.34 55.24 50.20
N LYS CA 157 87.51 55.23 51.52
CA LYS CA 157 88.59 55.95 52.19
C LYS CA 157 88.99 55.18 53.45
N GLN CA 158 90.17 54.57 53.42
CA GLN CA 158 90.69 53.80 54.57
C GLN CA 158 91.95 54.46 55.10
N SER CA 159 91.78 55.31 56.11
CA SER CA 159 92.91 55.93 56.77
C SER CA 159 93.36 55.07 57.95
N ALA CA 160 94.56 54.52 57.87
CA ALA CA 160 95.10 53.67 58.93
C ALA CA 160 94.16 52.51 59.23
N THR CA 174 93.42 53.60 65.06
CA THR CA 174 92.62 54.54 64.31
C THR CA 174 92.23 53.98 62.94
N GLN CA 175 90.98 54.21 62.56
CA GLN CA 175 90.44 53.65 61.32
C GLN CA 175 89.38 54.61 60.79
N GLU CA 176 89.11 54.50 59.49
CA GLU CA 176 88.13 55.36 58.85
C GLU CA 176 87.61 54.67 57.60
N VAL CA 177 86.29 54.74 57.39
CA VAL CA 177 85.65 54.21 56.20
C VAL CA 177 84.62 55.23 55.72
N GLU CA 178 84.57 55.45 54.41
CA GLU CA 178 83.69 56.46 53.82
C GLU CA 178 83.20 55.92 52.47
N ARG CA 179 81.96 55.45 52.43
CA ARG CA 179 81.34 54.94 51.22
C ARG CA 179 80.08 55.71 50.84
N ALA CA 180 80.02 57.01 51.15
CA ALA CA 180 78.84 57.81 50.86
C ALA CA 180 78.82 58.28 49.41
N VAL CA 181 78.95 57.35 48.47
CA VAL CA 181 78.85 57.65 47.05
C VAL CA 181 78.21 56.47 46.37
N SER CA 182 77.05 56.68 45.75
CA SER CA 182 76.33 55.64 45.05
C SER CA 182 75.15 56.26 44.32
N SER CA 183 74.94 55.84 43.07
CA SER CA 183 73.85 56.34 42.27
C SER CA 183 73.53 55.30 41.20
N ILE CA 184 72.33 55.38 40.64
CA ILE CA 184 71.83 54.40 39.69
C ILE CA 184 71.20 55.11 38.49
N LYS CA 185 70.86 54.32 37.48
CA LYS CA 185 70.29 54.83 36.24
C LYS CA 185 69.02 55.63 36.50
N ARG CA 186 68.82 56.67 35.68
CA ARG CA 186 67.53 57.35 35.65
C ARG CA 186 67.32 57.82 34.21
N ASN CA 187 66.76 56.94 33.40
CA ASN CA 187 66.21 57.32 32.11
C ASN CA 187 65.51 56.13 31.47
N ALA CA 188 64.24 56.31 31.06
CA ALA CA 188 63.57 55.29 30.27
C ALA CA 188 62.37 55.97 29.59
N SER CA 189 62.53 56.33 28.33
CA SER CA 189 61.49 57.00 27.57
C SER CA 189 61.10 56.15 26.39
N VAL CA 190 59.81 55.84 26.27
CA VAL CA 190 59.27 55.08 25.16
C VAL CA 190 58.18 55.91 24.54
N LYS CA 191 58.49 56.63 23.47
CA LYS CA 191 57.51 57.39 22.72
C LYS CA 191 57.08 56.56 21.53
N ILE CA 192 55.79 56.23 21.47
CA ILE CA 192 55.22 55.43 20.39
C ILE CA 192 54.10 56.23 19.74
N THR CA 193 54.16 56.38 18.43
CA THR CA 193 53.06 56.93 17.66
C THR CA 193 52.73 55.92 16.56
N ILE CA 194 51.46 55.53 16.47
CA ILE CA 194 51.01 54.58 15.46
C ILE CA 194 49.80 55.18 14.77
N ILE CA 195 49.89 55.35 13.45
CA ILE CA 195 48.79 55.90 12.65
C ILE CA 195 48.42 54.86 11.61
N GLU CA 196 47.17 54.39 11.66
CA GLU CA 196 46.74 53.28 10.83
C GLU CA 196 45.45 53.62 10.12
N SER CA 197 45.31 53.07 8.91
CA SER CA 197 44.08 53.13 8.13
C SER CA 197 43.87 51.74 7.54
N THR CA 198 43.16 50.89 8.27
CA THR CA 198 42.98 49.50 7.88
C THR CA 198 41.51 49.11 7.89
N GLY CA 199 41.22 47.82 7.71
CA GLY CA 199 39.86 47.35 7.66
C GLY CA 199 39.66 46.14 8.55
N THR CA 200 38.40 45.87 8.85
CA THR CA 200 38.03 44.76 9.69
C THR CA 200 38.13 43.45 8.92
N SER CA 201 38.35 42.36 9.65
CA SER CA 201 38.41 41.03 9.04
C SER CA 201 37.04 40.64 8.48
N SER CA 216 60.49 45.40 25.11
CA SER CA 216 60.39 44.84 23.77
C SER CA 216 59.41 45.63 22.93
N ASP CA 217 59.29 46.93 23.22
CA ASP CA 217 58.35 47.76 22.46
C ASP CA 217 58.83 47.95 21.03
N LEU CA 218 60.13 47.92 20.79
CA LEU CA 218 60.63 47.99 19.42
C LEU CA 218 60.16 46.79 18.61
N LEU CA 219 60.21 45.59 19.21
CA LEU CA 219 59.75 44.39 18.52
C LEU CA 219 58.23 44.39 18.36
N ALA CA 220 57.49 44.88 19.35
CA ALA CA 220 56.04 44.88 19.26
C ALA CA 220 55.56 45.71 18.08
N VAL CA 221 56.15 46.89 17.90
CA VAL CA 221 55.80 47.72 16.74
C VAL CA 221 56.16 46.99 15.46
N LYS CA 222 57.29 46.26 15.47
CA LYS CA 222 57.73 45.56 14.27
C LYS CA 222 56.72 44.48 13.86
N GLU CA 223 56.19 43.73 14.83
CA GLU CA 223 55.26 42.67 14.48
C GLU CA 223 54.00 43.23 13.84
N LYS CA 224 53.44 44.30 14.41
CA LYS CA 224 52.30 44.95 13.77
C LYS CA 224 52.69 45.52 12.41
N ALA CA 225 53.89 46.07 12.31
CA ALA CA 225 54.36 46.57 11.01
C ALA CA 225 54.52 45.44 10.02
N ASP CA 226 55.13 44.32 10.43
CA ASP CA 226 55.27 43.19 9.52
C ASP CA 226 53.94 42.49 9.31
N GLN CA 227 53.16 42.30 10.36
CA GLN CA 227 51.84 41.71 10.19
C GLN CA 227 50.99 42.54 9.25
N PHE CA 228 51.19 43.86 9.24
CA PHE CA 228 50.46 44.69 8.29
C PHE CA 228 50.80 44.28 6.86
N TYR CA 229 52.10 44.06 6.60
CA TYR CA 229 52.55 43.59 5.27
C TYR CA 229 51.82 42.30 4.97
N LYS CA 230 51.96 41.29 5.85
CA LYS CA 230 51.34 40.00 5.60
C LYS CA 230 49.82 40.12 5.59
N ASP CA 231 49.27 41.02 6.41
CA ASP CA 231 47.82 41.17 6.46
C ASP CA 231 47.27 41.60 5.11
N ALA CA 232 47.98 42.45 4.38
CA ALA CA 232 47.49 42.89 3.08
C ALA CA 232 47.24 41.72 2.15
N ASP CA 233 48.12 40.72 2.16
CA ASP CA 233 47.95 39.58 1.26
C ASP CA 233 46.59 38.93 1.44
N SER CA 234 46.10 38.86 2.68
CA SER CA 234 44.76 38.36 2.93
C SER CA 234 43.69 39.30 2.38
N GLY CA 235 44.06 40.50 1.97
CA GLY CA 235 43.12 41.42 1.37
C GLY CA 235 42.08 41.95 2.34
N LYS CA 236 42.49 42.28 3.56
CA LYS CA 236 41.61 42.92 4.53
C LYS CA 236 41.85 44.42 4.62
N HIS CA 237 42.71 44.99 3.78
CA HIS CA 237 43.01 46.42 3.82
C HIS CA 237 42.05 47.12 2.86
N SER CA 238 40.81 47.26 3.31
CA SER CA 238 39.77 47.88 2.50
C SER CA 238 39.39 49.19 3.19
N TYR CA 239 40.12 50.25 2.87
CA TYR CA 239 39.81 51.59 3.33
C TYR CA 239 39.59 52.46 2.11
N VAL CA 240 38.49 53.21 2.11
CA VAL CA 240 38.10 53.98 0.94
C VAL CA 240 39.00 55.20 0.82
N LEU CA 241 39.69 55.34 -0.30
CA LEU CA 241 40.58 56.46 -0.55
C LEU CA 241 40.08 57.34 -1.69
N PHE CA 242 39.88 56.77 -2.87
CA PHE CA 242 39.47 57.53 -4.04
C PHE CA 242 38.26 56.85 -4.68
N ALA CA 243 37.55 57.62 -5.49
CA ALA CA 243 36.38 57.14 -6.23
C ALA CA 243 36.65 57.30 -7.72
N VAL CA 244 36.38 56.25 -8.49
CA VAL CA 244 36.61 56.23 -9.92
C VAL CA 244 35.32 56.60 -10.63
N LEU CA 245 35.40 57.56 -11.55
CA LEU CA 245 34.23 58.09 -12.23
C LEU CA 245 34.05 57.43 -13.58
N GLY CA 246 32.80 57.21 -13.96
CA GLY CA 246 32.49 56.64 -15.26
C GLY CA 246 31.39 57.43 -15.94
N LYS CA 247 31.42 57.42 -17.26
CA LYS CA 247 30.47 58.19 -18.05
C LYS CA 247 29.24 57.37 -18.37
N TYR CA 248 28.06 57.99 -18.21
CA TYR CA 248 26.82 57.28 -18.41
C TYR CA 248 26.66 56.77 -19.83
N ARG CA 249 27.39 57.34 -20.79
CA ARG CA 249 27.25 56.90 -22.18
C ARG CA 249 27.79 55.49 -22.36
N ASN CA 250 28.88 55.16 -21.66
CA ASN CA 250 29.51 53.86 -21.83
C ASN CA 250 28.67 52.72 -21.27
N LEU CA 251 27.61 53.01 -20.51
CA LEU CA 251 26.74 51.96 -20.01
C LEU CA 251 26.03 51.28 -21.18
N SER CA 252 26.03 49.95 -21.17
CA SER CA 252 25.28 49.23 -22.19
C SER CA 252 23.78 49.53 -22.10
N ASN CA 253 23.24 49.51 -20.87
CA ASN CA 253 21.81 49.69 -20.66
C ASN CA 253 21.35 51.10 -20.95
N PHE CA 254 22.28 52.03 -21.11
CA PHE CA 254 21.95 53.40 -21.43
C PHE CA 254 21.46 53.47 -22.87
N GLU CA 255 20.16 53.70 -23.05
CA GLU CA 255 19.57 53.96 -24.36
C GLU CA 255 19.38 55.46 -24.58
N SER CA 256 20.32 56.27 -24.11
CA SER CA 256 20.27 57.71 -24.27
C SER CA 256 19.02 58.29 -23.60
N TYR CA 257 18.95 58.07 -22.29
CA TYR CA 257 17.89 58.68 -21.50
C TYR CA 257 17.98 60.19 -21.52
N PHE CA 258 19.17 60.73 -21.79
CA PHE CA 258 19.36 62.17 -21.87
C PHE CA 258 20.70 62.42 -22.56
N ALA CA 259 21.06 63.69 -22.69
CA ALA CA 259 22.32 64.07 -23.30
C ALA CA 259 23.22 64.68 -22.25
N PRO CA 260 24.15 63.94 -21.67
CA PRO CA 260 24.98 64.51 -20.61
C PRO CA 260 25.82 65.67 -21.12
N PHE CA 261 25.98 66.67 -20.26
CA PHE CA 261 26.85 67.79 -20.60
C PHE CA 261 28.31 67.41 -20.44
N ASP CA 262 29.18 68.18 -21.10
CA ASP CA 262 30.65 68.03 -20.99
C ASP CA 262 31.12 69.34 -20.33
N TYR CA 263 31.37 69.34 -19.03
CA TYR CA 263 31.67 70.54 -18.27
C TYR CA 263 33.15 70.92 -18.30
N GLN CA 264 33.97 70.18 -19.05
CA GLN CA 264 35.40 70.50 -19.07
C GLN CA 264 35.64 71.94 -19.50
N MET CA 265 35.03 72.34 -20.61
CA MET CA 265 35.20 73.71 -21.08
C MET CA 265 34.46 74.71 -20.19
N ALA CA 266 33.25 74.36 -19.75
CA ALA CA 266 32.49 75.28 -18.91
C ALA CA 266 33.22 75.58 -17.62
N SER CA 267 33.79 74.56 -16.97
CA SER CA 267 34.55 74.80 -15.76
C SER CA 267 35.77 75.67 -16.03
N LEU CA 268 36.45 75.42 -17.15
CA LEU CA 268 37.62 76.23 -17.49
C LEU CA 268 37.24 77.69 -17.67
N ARG CA 269 36.16 77.96 -18.39
CA ARG CA 269 35.74 79.34 -18.60
C ARG CA 269 35.34 80.01 -17.30
N SER CA 270 34.61 79.30 -16.45
CA SER CA 270 34.06 79.88 -15.23
C SER CA 270 34.95 79.58 -14.02
N TRP CA 271 36.22 79.98 -14.12
CA TRP CA 271 37.13 79.89 -12.98
C TRP CA 271 37.23 81.19 -12.21
N ALA CA 272 37.19 82.34 -12.88
CA ALA CA 272 37.22 83.61 -12.17
C ALA CA 272 36.04 83.73 -11.21
N LEU CA 273 34.93 83.06 -11.52
CA LEU CA 273 33.78 83.10 -10.62
C LEU CA 273 33.97 82.17 -9.43
N PHE CA 274 34.58 81.01 -9.64
CA PHE CA 274 34.76 80.07 -8.54
C PHE CA 274 35.63 80.65 -7.46
N ASN CA 275 36.71 81.35 -7.83
CA ASN CA 275 37.55 81.98 -6.81
C ASN CA 275 36.79 83.05 -6.05
N ASP CA 276 36.00 83.87 -6.76
CA ASP CA 276 35.24 84.91 -6.08
C ASP CA 276 34.26 84.34 -5.08
N PHE CA 277 33.84 83.09 -5.28
CA PHE CA 277 32.96 82.44 -4.30
C PHE CA 277 33.67 82.26 -2.98
N THR CA 278 34.86 81.65 -2.99
CA THR CA 278 35.57 81.40 -1.74
C THR CA 278 35.90 82.71 -1.05
N LEU CA 279 36.32 83.72 -1.81
CA LEU CA 279 36.65 85.01 -1.20
C LEU CA 279 35.44 85.64 -0.53
N TYR CA 280 34.27 85.59 -1.20
CA TYR CA 280 33.08 86.20 -0.62
C TYR CA 280 32.63 85.48 0.63
N LYS CA 281 32.70 84.15 0.64
CA LYS CA 281 32.36 83.39 1.84
C LYS CA 281 33.32 83.73 2.97
N ALA CA 282 34.61 83.87 2.67
CA ALA CA 282 35.57 84.21 3.71
C ALA CA 282 35.27 85.57 4.33
N ILE CA 283 34.91 86.56 3.51
CA ILE CA 283 34.69 87.91 4.04
C ILE CA 283 33.35 88.07 4.74
N GLU CA 284 32.49 87.06 4.71
CA GLU CA 284 31.34 87.09 5.61
C GLU CA 284 31.83 87.05 7.05
N THR CA 285 32.78 86.16 7.33
CA THR CA 285 33.37 86.09 8.67
C THR CA 285 34.19 87.32 9.01
N MET CA 286 34.71 88.03 8.01
CA MET CA 286 35.32 89.34 8.27
C MET CA 286 34.39 90.21 9.09
N ILE CA 287 33.17 90.44 8.60
CA ILE CA 287 32.27 91.37 9.25
C ILE CA 287 31.82 90.83 10.59
N LYS CA 288 31.42 89.56 10.64
CA LYS CA 288 30.88 89.01 11.87
C LYS CA 288 31.91 89.01 12.99
N ALA CA 289 33.16 88.67 12.67
CA ALA CA 289 34.16 88.52 13.71
C ALA CA 289 34.43 89.84 14.43
N VAL CA 290 34.55 90.94 13.71
CA VAL CA 290 34.94 92.22 14.30
C VAL CA 290 33.80 92.79 15.12
N PRO CA 291 34.06 93.39 16.28
CA PRO CA 291 32.96 93.83 17.15
C PRO CA 291 32.34 95.13 16.66
N GLU CA 292 31.30 95.54 17.38
CA GLU CA 292 30.54 96.73 17.03
C GLU CA 292 31.33 97.99 17.36
N SER CA 293 32.13 97.97 18.42
CA SER CA 293 32.78 99.17 18.92
C SER CA 293 33.92 99.65 18.04
N LYS CA 294 34.09 99.09 16.85
CA LYS CA 294 35.16 99.49 15.95
C LYS CA 294 34.66 99.59 14.53
N PHE CA 295 33.39 100.00 14.41
CA PHE CA 295 32.77 100.26 13.09
C PHE CA 295 32.59 101.76 12.98
N LYS CA 296 32.81 102.34 11.81
CA LYS CA 296 32.73 103.78 11.66
C LYS CA 296 31.31 104.29 11.86
N ASP CA 297 30.33 103.68 11.19
CA ASP CA 297 28.97 104.18 11.24
C ASP CA 297 28.22 103.72 12.49
N GLY CA 298 28.76 102.77 13.24
CA GLY CA 298 28.15 102.33 14.47
C GLY CA 298 27.15 101.22 14.27
N PRO CA 299 25.96 101.34 14.89
CA PRO CA 299 25.05 100.18 14.89
C PRO CA 299 24.60 99.73 13.51
N GLU CA 300 24.03 100.63 12.72
CA GLU CA 300 23.46 100.25 11.44
C GLU CA 300 24.55 100.17 10.37
N ARG CA 301 25.63 99.45 10.68
CA ARG CA 301 26.68 99.19 9.71
C ARG CA 301 26.96 97.70 9.64
N LYS CA 302 26.79 97.01 10.76
CA LYS CA 302 26.98 95.56 10.77
C LYS CA 302 25.97 94.87 9.87
N THR CA 303 24.69 95.22 10.00
CA THR CA 303 23.66 94.42 9.35
C THR CA 303 23.64 94.61 7.83
N GLN CA 304 23.74 95.85 7.35
CA GLN CA 304 23.71 96.04 5.90
C GLN CA 304 25.06 95.79 5.25
N LEU CA 305 26.14 95.74 6.03
CA LEU CA 305 27.37 95.17 5.50
C LEU CA 305 27.26 93.65 5.44
N ILE CA 306 26.70 93.04 6.49
CA ILE CA 306 26.46 91.60 6.44
C ILE CA 306 25.44 91.27 5.36
N LYS CA 307 24.35 92.04 5.30
CA LYS CA 307 23.32 91.74 4.31
C LYS CA 307 23.82 92.01 2.89
N GLN CA 308 24.61 93.07 2.70
CA GLN CA 308 25.11 93.36 1.36
C GLN CA 308 25.99 92.23 0.85
N ALA CA 309 26.83 91.67 1.71
CA ALA CA 309 27.69 90.56 1.30
C ALA CA 309 26.86 89.33 0.94
N ILE CA 310 25.88 89.00 1.79
CA ILE CA 310 25.08 87.80 1.54
C ILE CA 310 24.18 87.99 0.32
N ASN CA 311 23.64 89.20 0.13
CA ASN CA 311 22.81 89.43 -1.04
C ASN CA 311 23.57 89.17 -2.33
N ILE CA 312 24.82 89.64 -2.40
CA ILE CA 312 25.64 89.36 -3.58
C ILE CA 312 26.24 87.98 -3.55
N PHE CA 313 26.26 87.32 -2.39
CA PHE CA 313 26.58 85.90 -2.36
C PHE CA 313 25.52 85.08 -3.07
N GLU CA 314 24.25 85.51 -2.98
CA GLU CA 314 23.19 84.87 -3.73
C GLU CA 314 23.41 84.99 -5.23
N THR CA 315 23.84 86.18 -5.68
CA THR CA 315 23.95 86.42 -7.11
C THR CA 315 24.96 85.47 -7.75
N ILE CA 316 26.09 85.22 -7.10
CA ILE CA 316 27.08 84.34 -7.68
C ILE CA 316 26.74 82.86 -7.45
N ARG CA 317 26.05 82.54 -6.35
CA ARG CA 317 25.65 81.16 -6.13
C ARG CA 317 24.59 80.73 -7.14
N ASP CA 318 23.63 81.61 -7.43
CA ASP CA 318 22.62 81.29 -8.42
C ASP CA 318 23.20 81.28 -9.83
N ARG CA 319 24.26 82.05 -10.06
CA ARG CA 319 24.95 81.95 -11.35
C ARG CA 319 25.56 80.57 -11.52
N VAL CA 320 26.16 80.03 -10.46
CA VAL CA 320 26.70 78.68 -10.50
C VAL CA 320 25.58 77.67 -10.73
N ILE CA 321 24.47 77.83 -10.02
CA ILE CA 321 23.35 76.91 -10.21
C ILE CA 321 22.79 77.04 -11.62
N LEU CA 322 22.89 78.24 -12.20
CA LEU CA 322 22.45 78.42 -13.59
C LEU CA 322 23.37 77.68 -14.56
N ILE CA 323 24.67 77.66 -14.29
CA ILE CA 323 25.58 76.94 -15.17
C ILE CA 323 25.23 75.45 -15.20
N SER CA 324 24.68 74.92 -14.11
CA SER CA 324 24.24 73.54 -14.13
C SER CA 324 23.17 73.31 -15.19
N GLU CA 325 22.18 74.21 -15.26
CA GLU CA 325 21.14 74.06 -16.26
C GLU CA 325 21.65 74.44 -17.65
N HIS CA 326 22.46 75.49 -17.74
CA HIS CA 326 22.93 76.00 -19.03
C HIS CA 326 24.44 76.22 -18.97
N PRO CA 327 25.25 75.19 -19.22
CA PRO CA 327 26.70 75.40 -19.29
C PRO CA 327 27.10 76.29 -20.44
N GLU CA 328 26.28 76.41 -21.49
CA GLU CA 328 26.57 77.37 -22.54
C GLU CA 328 26.52 78.80 -22.02
N ALA CA 329 25.84 79.04 -20.90
CA ALA CA 329 25.79 80.36 -20.30
C ALA CA 329 27.10 80.77 -19.66
N ALA CA 330 28.16 79.97 -19.78
CA ALA CA 330 29.45 80.37 -19.25
C ALA CA 330 30.05 81.56 -19.97
N LYS CA 331 29.57 81.86 -21.18
CA LYS CA 331 30.12 82.99 -21.93
C LYS CA 331 29.85 84.32 -21.22
N GLU CA 332 28.64 84.51 -20.70
CA GLU CA 332 28.27 85.79 -20.15
C GLU CA 332 29.23 86.21 -19.05
N ASP CA 333 29.65 87.47 -19.08
CA ASP CA 333 30.57 87.97 -18.09
C ASP CA 333 29.85 88.15 -16.75
N PRO CA 334 30.61 88.19 -15.65
CA PRO CA 334 29.98 88.42 -14.35
C PRO CA 334 29.24 89.75 -14.32
N ASP CA 335 28.14 89.78 -13.58
CA ASP CA 335 27.35 91.00 -13.40
C ASP CA 335 27.26 91.39 -11.92
N HIS CA 336 28.28 91.04 -11.15
CA HIS CA 336 28.29 91.25 -9.71
C HIS CA 336 29.53 92.04 -9.31
N MET CA 337 29.42 92.73 -8.19
CA MET CA 337 30.52 93.56 -7.72
C MET CA 337 31.73 92.70 -7.41
N LYS CA 338 32.91 93.23 -7.68
CA LYS CA 338 34.14 92.48 -7.47
C LYS CA 338 34.37 92.25 -5.97
N PRO CA 339 34.98 91.13 -5.59
CA PRO CA 339 35.40 91.00 -4.18
C PRO CA 339 36.38 92.07 -3.75
N GLY CA 340 37.25 92.51 -4.66
CA GLY CA 340 38.18 93.58 -4.31
C GLY CA 340 37.47 94.87 -3.96
N ASP CA 341 36.51 95.28 -4.81
CA ASP CA 341 35.79 96.52 -4.54
C ASP CA 341 34.96 96.41 -3.27
N PHE CA 342 34.25 95.30 -3.08
CA PHE CA 342 33.48 95.13 -1.86
C PHE CA 342 34.39 95.01 -0.66
N ARG CA 343 35.53 94.33 -0.79
CA ARG CA 343 36.48 94.27 0.31
C ARG CA 343 36.95 95.67 0.67
N LEU CA 344 37.30 96.48 -0.34
CA LEU CA 344 37.64 97.88 -0.09
C LEU CA 344 36.55 98.56 0.73
N GLU CA 345 35.28 98.33 0.37
CA GLU CA 345 34.19 98.92 1.14
C GLU CA 345 34.23 98.47 2.59
N VAL CA 346 34.62 97.22 2.84
CA VAL CA 346 34.69 96.72 4.22
C VAL CA 346 35.69 97.52 5.04
N LEU CA 347 36.91 97.69 4.51
CA LEU CA 347 37.95 98.35 5.29
C LEU CA 347 37.75 99.86 5.39
N ASN CA 348 37.05 100.46 4.43
CA ASN CA 348 36.83 101.90 4.50
C ASN CA 348 35.99 102.28 5.71
N SER CA 349 35.09 101.41 6.14
CA SER CA 349 34.16 101.69 7.24
C SER CA 349 34.67 101.15 8.56
N ILE CA 350 35.97 101.17 8.77
CA ILE CA 350 36.60 100.62 9.97
C ILE CA 350 37.39 101.73 10.66
N GLN CA 351 37.13 101.92 11.95
CA GLN CA 351 37.90 102.87 12.74
C GLN CA 351 39.34 102.39 12.90
N THR CA 352 40.23 103.34 13.15
CA THR CA 352 41.66 103.09 13.18
C THR CA 352 42.27 103.76 14.40
N LYS CA 353 43.49 103.35 14.73
CA LYS CA 353 44.24 103.89 15.86
C LYS CA 353 45.44 104.66 15.34
N LEU CA 354 45.65 105.86 15.90
CA LEU CA 354 46.68 106.77 15.43
C LEU CA 354 47.97 106.50 16.19
N PHE CA 355 48.64 105.42 15.80
CA PHE CA 355 49.91 105.06 16.42
C PHE CA 355 50.95 106.10 16.01
N HIS CA 356 51.12 107.14 16.83
CA HIS CA 356 52.09 108.23 16.54
C HIS CA 356 53.44 107.81 17.12
N ALA CA 357 54.33 107.27 16.28
CA ALA CA 357 55.64 106.83 16.74
C ALA CA 357 56.44 108.03 17.22
N GLN CA 358 57.19 107.84 18.31
CA GLN CA 358 57.94 108.91 18.94
C GLN CA 358 59.36 108.44 19.16
N SER CA 359 60.31 109.35 18.97
CA SER CA 359 61.73 109.03 19.07
C SER CA 359 62.21 109.35 20.47
N GLN CA 360 62.41 108.32 21.29
CA GLN CA 360 62.89 108.50 22.64
C GLN CA 360 64.34 109.00 22.64
N PRO CA 361 64.66 110.05 23.40
CA PRO CA 361 66.06 110.47 23.53
C PRO CA 361 66.79 109.74 24.63
N ILE CA 362 67.92 109.11 24.30
CA ILE CA 362 68.73 108.40 25.28
C ILE CA 362 70.07 109.09 25.41
N PRO CA 363 70.61 109.27 26.62
CA PRO CA 363 71.92 109.91 26.76
C PRO CA 363 73.00 109.13 26.04
N ASN CA 364 74.08 109.85 25.70
CA ASN CA 364 75.21 109.27 24.98
C ASN CA 364 74.83 108.92 23.53
N THR CA 365 74.05 109.80 22.91
CA THR CA 365 73.63 109.66 21.52
C THR CA 365 73.55 111.04 20.88
N ASP CA 366 74.21 111.19 19.75
CA ASP CA 366 74.23 112.44 18.99
C ASP CA 366 73.68 112.18 17.60
N ASP CA 367 72.63 112.93 17.24
CA ASP CA 367 71.95 112.77 15.96
C ASP CA 367 71.35 111.37 15.80
N TYR CA 368 71.29 110.60 16.88
CA TYR CA 368 70.72 109.26 16.87
C TYR CA 368 69.68 109.18 17.98
N TRP CA 369 68.46 108.80 17.62
CA TRP CA 369 67.35 108.74 18.56
C TRP CA 369 66.93 107.27 18.74
N THR CA 370 65.86 107.05 19.50
CA THR CA 370 65.31 105.72 19.72
C THR CA 370 63.82 105.78 19.43
N ASP CA 371 63.42 105.19 18.30
CA ASP CA 371 62.03 105.24 17.85
C ASP CA 371 61.21 104.22 18.63
N VAL CA 372 60.20 104.71 19.36
CA VAL CA 372 59.26 103.86 20.08
C VAL CA 372 57.88 104.11 19.50
N ILE CA 373 57.22 103.05 19.03
CA ILE CA 373 55.91 103.15 18.41
C ILE CA 373 54.88 102.95 19.54
N LEU CA 374 54.60 104.02 20.26
CA LEU CA 374 53.62 104.00 21.34
C LEU CA 374 52.57 105.07 21.10
N THR CA 375 51.31 104.72 21.36
CA THR CA 375 50.21 105.64 21.15
C THR CA 375 50.16 106.76 22.18
N THR CA 376 50.84 106.60 23.31
CA THR CA 376 50.83 107.60 24.36
C THR CA 376 51.87 108.68 24.08
N LYS CA 377 51.45 109.94 24.16
CA LYS CA 377 52.36 111.05 23.94
C LYS CA 377 53.45 111.06 25.00
N GLY CA 378 54.70 111.27 24.58
CA GLY CA 378 55.82 111.31 25.49
C GLY CA 378 56.42 112.69 25.61
N SER CA 379 57.28 112.88 26.61
CA SER CA 379 57.94 114.16 26.83
C SER CA 379 59.37 114.08 26.32
N GLY CA 380 59.72 114.98 25.39
CA GLY CA 380 61.04 115.01 24.82
C GLY CA 380 61.29 114.01 23.71
N ASN CA 381 60.24 113.24 23.37
CA ASN CA 381 60.36 112.22 22.29
C ASN CA 381 59.89 112.84 20.97
N GLN CA 382 60.70 112.74 19.91
CA GLN CA 382 60.33 113.35 18.64
C GLN CA 382 59.29 112.50 17.92
N PRO CA 383 58.09 113.01 17.63
CA PRO CA 383 57.13 112.23 16.86
C PRO CA 383 57.56 112.08 15.40
N LEU CA 384 57.37 110.88 14.86
CA LEU CA 384 57.77 110.59 13.48
C LEU CA 384 56.60 110.76 12.51
N PHE CA 385 55.54 109.99 12.69
CA PHE CA 385 54.35 110.12 11.85
C PHE CA 385 53.15 109.61 12.64
N THR CA 386 51.98 110.15 12.30
CA THR CA 386 50.73 109.73 12.89
C THR CA 386 49.82 109.18 11.80
N PHE CA 387 49.40 107.93 11.95
CA PHE CA 387 48.72 107.19 10.91
C PHE CA 387 47.61 106.32 11.47
N PRO CA 388 46.52 106.14 10.74
CA PRO CA 388 45.52 105.15 11.17
C PRO CA 388 46.11 103.75 11.19
N ALA CA 389 45.70 102.96 12.18
CA ALA CA 389 46.14 101.58 12.30
C ALA CA 389 45.02 100.73 12.88
N PHE CA 390 45.23 99.42 12.84
CA PHE CA 390 44.23 98.44 13.26
C PHE CA 390 44.65 97.87 14.60
N ASP CA 391 43.81 98.05 15.61
CA ASP CA 391 44.10 97.64 16.97
C ASP CA 391 43.38 96.37 17.37
N PHE CA 392 42.89 95.60 16.41
CA PHE CA 392 42.15 94.38 16.68
C PHE CA 392 42.29 93.44 15.52
N GLY CA 393 42.31 92.14 15.82
CA GLY CA 393 42.47 91.15 14.79
C GLY CA 393 41.18 90.94 14.04
N ASP CA 394 40.84 89.70 13.73
CA ASP CA 394 39.60 89.34 13.08
C ASP CA 394 39.43 89.96 11.70
N LEU CA 395 40.47 90.60 11.18
CA LEU CA 395 40.46 91.14 9.82
C LEU CA 395 41.53 90.40 9.02
N ILE CA 396 41.10 89.48 8.16
CA ILE CA 396 42.06 88.63 7.46
C ILE CA 396 42.97 89.52 6.61
N GLY CA 397 44.16 89.02 6.34
CA GLY CA 397 45.16 89.78 5.63
C GLY CA 397 45.97 90.71 6.49
N THR CA 398 45.89 90.57 7.82
CA THR CA 398 46.60 91.47 8.76
C THR CA 398 47.42 90.67 9.76
N GLU CA 399 48.56 91.20 10.20
CA GLU CA 399 49.41 90.59 11.20
C GLU CA 399 49.86 91.64 12.20
N VAL CA 400 50.23 91.17 13.39
CA VAL CA 400 50.53 92.03 14.53
C VAL CA 400 52.03 92.19 14.67
N VAL CA 401 52.44 93.38 15.09
CA VAL CA 401 53.84 93.69 15.39
C VAL CA 401 53.90 94.02 16.88
N SER CA 402 54.21 93.02 17.70
CA SER CA 402 54.16 93.15 19.15
C SER CA 402 55.58 93.31 19.67
N PHE CA 403 55.92 94.51 20.09
CA PHE CA 403 57.24 94.76 20.66
C PHE CA 403 57.44 93.90 21.89
N GLY CA 404 58.63 93.32 22.01
CA GLY CA 404 59.00 92.55 23.18
C GLY CA 404 59.98 93.31 24.05
N LYS CA 405 59.53 93.77 25.21
CA LYS CA 405 60.38 94.47 26.15
C LYS CA 405 60.68 93.55 27.32
N LYS CA 406 61.97 93.35 27.60
CA LYS CA 406 62.37 92.48 28.69
C LYS CA 406 61.89 93.05 30.02
N LYS CA 407 61.00 92.33 30.70
CA LYS CA 407 60.65 92.69 32.07
C LYS CA 407 61.82 92.46 33.01
N ASN CA 408 62.64 91.46 32.72
CA ASN CA 408 63.85 91.17 33.47
C ASN CA 408 65.00 92.08 33.08
N GLY CA 409 64.80 92.91 32.06
CA GLY CA 409 65.84 93.81 31.61
C GLY CA 409 65.28 95.02 30.90
N GLU CA 410 65.96 95.48 29.84
CA GLU CA 410 65.48 96.64 29.10
C GLU CA 410 65.61 96.45 27.60
N GLU CA 411 65.92 95.24 27.13
CA GLU CA 411 66.06 95.02 25.70
C GLU CA 411 64.78 95.38 24.96
N TYR CA 412 64.93 96.07 23.83
CA TYR CA 412 63.83 96.41 22.94
C TYR CA 412 63.75 95.35 21.84
N ASN CA 413 62.58 94.74 21.69
CA ASN CA 413 62.37 93.74 20.65
C ASN CA 413 61.16 94.12 19.79
N CYS CA 414 61.12 93.52 18.60
CA CYS CA 414 60.06 93.78 17.63
C CYS CA 414 59.80 92.48 16.89
N LEU CA 415 58.74 91.77 17.28
CA LEU CA 415 58.41 90.48 16.70
C LEU CA 415 57.03 90.56 16.06
N ILE CA 416 56.94 90.16 14.80
CA ILE CA 416 55.67 90.17 14.07
C ILE CA 416 54.96 88.85 14.30
N GLY CA 417 53.69 88.92 14.66
CA GLY CA 417 52.94 87.71 14.87
C GLY CA 417 53.48 86.82 15.97
N GLU CA 418 54.34 87.36 16.83
CA GLU CA 418 54.92 86.61 17.94
C GLU CA 418 54.87 87.51 19.18
N ARG CA 419 53.93 87.21 20.07
CA ARG CA 419 53.75 88.02 21.26
C ARG CA 419 54.80 87.67 22.31
N VAL CA 420 54.69 88.35 23.45
CA VAL CA 420 55.54 88.03 24.59
C VAL CA 420 55.17 86.68 25.19
N THR CA 421 53.92 86.23 25.00
CA THR CA 421 53.46 85.02 25.66
C THR CA 421 54.31 83.81 25.32
N SER CA 422 54.97 83.81 24.16
CA SER CA 422 55.85 82.70 23.82
C SER CA 422 57.01 82.60 24.81
N LEU CA 423 57.58 83.74 25.20
CA LEU CA 423 58.64 83.80 26.18
C LEU CA 423 58.05 84.15 27.55
N ASP CA 424 58.92 84.37 28.53
CA ASP CA 424 58.52 84.69 29.89
C ASP CA 424 59.22 85.95 30.36
N ASP CA 425 58.47 86.80 31.06
CA ASP CA 425 58.98 88.07 31.57
C ASP CA 425 59.44 88.98 30.42
N TYR CA 426 58.45 89.35 29.61
CA TYR CA 426 58.67 90.28 28.47
C TYR CA 426 57.44 91.19 28.46
N LYS CA 427 57.50 92.33 27.76
CA LYS CA 427 56.37 93.29 27.82
C LYS CA 427 55.98 93.77 26.42
N GLU CA 428 54.67 93.89 26.16
CA GLU CA 428 54.19 94.36 24.83
C GLU CA 428 54.18 95.89 24.79
N LEU CA 429 55.32 96.51 24.50
CA LEU CA 429 55.33 97.99 24.34
C LEU CA 429 54.13 98.38 23.47
N SER CA 430 53.95 97.70 22.34
CA SER CA 430 52.88 98.03 21.41
C SER CA 430 52.56 96.81 20.56
N TYR CA 431 51.27 96.52 20.42
CA TYR CA 431 50.80 95.48 19.53
C TYR CA 431 49.61 96.01 18.75
N PHE CA 432 49.63 95.79 17.44
CA PHE CA 432 48.57 96.27 16.57
C PHE CA 432 48.66 95.57 15.21
N TRP CA 433 47.56 94.98 14.76
CA TRP CA 433 47.57 94.26 13.50
C TRP CA 433 47.72 95.22 12.33
N VAL CA 434 48.46 94.78 11.30
CA VAL CA 434 48.70 95.59 10.12
C VAL CA 434 48.76 94.68 8.89
N PHE CA 435 48.70 95.30 7.72
CA PHE CA 435 48.85 94.57 6.46
C PHE CA 435 50.32 94.37 6.16
N PRO CA 436 50.83 93.14 6.14
CA PRO CA 436 52.23 92.94 5.73
C PRO CA 436 52.47 93.27 4.27
N ASP CA 437 51.43 93.31 3.45
CA ASP CA 437 51.57 93.60 2.02
C ASP CA 437 50.63 94.73 1.65
N SER CA 438 50.79 95.24 0.44
CA SER CA 438 50.00 96.37 -0.02
C SER CA 438 48.65 95.89 -0.53
N VAL CA 439 47.71 96.82 -0.62
CA VAL CA 439 46.39 96.56 -1.17
C VAL CA 439 46.07 97.64 -2.18
N GLN CA 440 45.17 97.34 -3.11
CA GLN CA 440 44.82 98.29 -4.15
C GLN CA 440 44.26 99.56 -3.52
N LYS CA 441 45.00 100.66 -3.68
CA LYS CA 441 44.55 102.01 -3.38
C LYS CA 441 44.14 102.22 -1.93
N PHE CA 442 44.52 101.32 -1.02
CA PHE CA 442 44.29 101.55 0.41
C PHE CA 442 45.60 101.61 1.19
N ALA CA 443 46.43 100.59 1.12
CA ALA CA 443 47.65 100.50 1.93
C ALA CA 443 48.85 100.68 1.02
N MET CA 444 49.31 101.92 0.88
CA MET CA 444 50.40 102.25 -0.04
C MET CA 444 51.62 102.81 0.65
N GLU CA 445 51.49 103.36 1.86
CA GLU CA 445 52.63 103.90 2.58
C GLU CA 445 53.28 102.79 3.40
N MET CA 446 54.59 102.92 3.59
CA MET CA 446 55.43 101.81 4.05
C MET CA 446 56.05 102.11 5.40
N TYR CA 447 56.29 101.06 6.18
CA TYR CA 447 57.06 101.12 7.41
C TYR CA 447 58.00 99.93 7.48
N GLY CA 448 59.23 100.19 7.93
CA GLY CA 448 60.23 99.14 8.03
C GLY CA 448 60.88 99.14 9.39
N VAL CA 449 61.32 97.96 9.80
CA VAL CA 449 61.91 97.74 11.12
C VAL CA 449 63.39 97.43 10.94
N SER CA 450 64.23 98.09 11.73
CA SER CA 450 65.65 97.82 11.78
C SER CA 450 66.12 97.93 13.23
N LYS CA 451 67.08 97.08 13.60
CA LYS CA 451 67.57 97.01 14.97
C LYS CA 451 69.09 96.92 14.98
N VAL CA 452 69.70 97.55 15.97
CA VAL CA 452 71.16 97.53 16.10
C VAL CA 452 71.55 96.40 17.04
N PRO CA 453 72.35 95.42 16.59
CA PRO CA 453 72.67 94.29 17.48
C PRO CA 453 73.34 94.71 18.77
N THR CA 454 74.25 95.68 18.72
CA THR CA 454 74.99 96.06 19.92
C THR CA 454 74.08 96.67 20.97
N ARG CA 455 73.16 97.54 20.55
CA ARG CA 455 72.24 98.20 21.45
C ARG CA 455 70.84 98.16 20.84
N ASN CA 456 69.86 97.80 21.66
CA ASN CA 456 68.50 97.61 21.15
C ASN CA 456 67.81 98.96 20.98
N TYR CA 457 68.38 99.82 20.13
CA TYR CA 457 67.76 101.09 19.77
C TYR CA 457 66.85 100.82 18.58
N MET CA 458 65.55 100.70 18.84
CA MET CA 458 64.60 100.43 17.78
C MET CA 458 64.77 101.46 16.66
N ARG CA 459 65.02 100.97 15.45
CA ARG CA 459 65.21 101.81 14.27
C ARG CA 459 64.11 101.44 13.29
N VAL CA 460 62.94 102.04 13.46
CA VAL CA 460 61.81 101.87 12.55
C VAL CA 460 61.70 103.14 11.73
N TYR CA 461 61.63 102.97 10.41
CA TYR CA 461 61.64 104.11 9.51
C TYR CA 461 60.78 103.81 8.29
N ALA CA 462 60.49 104.85 7.53
CA ALA CA 462 59.73 104.72 6.29
C ALA CA 462 60.63 104.11 5.23
N ALA CA 463 60.53 102.79 5.06
CA ALA CA 463 61.42 102.06 4.16
C ALA CA 463 60.95 102.21 2.72
N ASP CA 464 61.64 101.50 1.82
CA ASP CA 464 61.33 101.59 0.37
C ASP CA 464 61.34 100.17 -0.19
N GLN CA 465 60.87 99.99 -1.42
CA GLN CA 465 60.91 98.67 -2.07
C GLN CA 465 62.34 98.19 -2.22
N SER CA 466 63.28 99.14 -2.30
CA SER CA 466 64.72 98.80 -2.43
C SER CA 466 65.28 98.39 -1.06
N ASP CA 467 64.77 98.98 0.02
CA ASP CA 467 65.21 98.55 1.38
C ASP CA 467 64.97 97.04 1.50
N ILE CA 468 63.88 96.55 0.91
CA ILE CA 468 63.62 95.08 0.89
C ILE CA 468 64.72 94.42 0.04
N GLU CA 469 64.87 94.88 -1.21
CA GLU CA 469 65.89 94.29 -2.13
C GLU CA 469 67.24 94.18 -1.41
N ASN CA 470 67.76 95.32 -0.92
CA ASN CA 470 69.04 95.31 -0.17
C ASN CA 470 68.75 95.55 1.32
N PRO CA 471 68.59 94.50 2.15
CA PRO CA 471 68.21 94.66 3.59
C PRO CA 471 69.42 94.95 4.47
N ARG CA 472 69.24 95.82 5.47
CA ARG CA 472 70.31 96.11 6.41
C ARG CA 472 70.39 95.00 7.45
N PRO CA 473 71.50 94.90 8.18
CA PRO CA 473 71.63 93.85 9.19
C PRO CA 473 70.52 93.94 10.23
N TYR CA 474 70.01 92.79 10.68
CA TYR CA 474 69.00 92.76 11.79
C TYR CA 474 67.73 93.54 11.42
N GLN CA 475 67.44 93.71 10.13
CA GLN CA 475 66.19 94.35 9.75
C GLN CA 475 65.11 93.28 9.72
N ARG CA 476 64.15 93.38 10.63
CA ARG CA 476 63.25 92.26 10.87
C ARG CA 476 62.14 92.17 9.82
N PHE CA 477 61.29 93.19 9.76
CA PHE CA 477 60.09 93.10 8.92
C PHE CA 477 59.70 94.49 8.45
N TRP CA 478 58.92 94.52 7.36
CA TRP CA 478 58.40 95.75 6.79
C TRP CA 478 56.91 95.59 6.52
N PHE CA 479 56.16 96.67 6.71
CA PHE CA 479 54.71 96.61 6.65
C PHE CA 479 54.16 97.88 6.04
N TYR CA 480 52.98 97.76 5.44
CA TYR CA 480 52.28 98.86 4.80
C TYR CA 480 51.12 99.31 5.66
N VAL CA 481 50.93 100.62 5.76
CA VAL CA 481 49.87 101.22 6.56
C VAL CA 481 48.91 101.94 5.62
N PRO CA 482 47.63 102.02 5.95
CA PRO CA 482 46.67 102.67 5.03
C PRO CA 482 47.03 104.11 4.73
N SER CA 483 46.79 104.50 3.48
CA SER CA 483 47.06 105.86 3.02
C SER CA 483 45.83 106.71 3.26
N ALA CA 484 46.02 107.86 3.90
CA ALA CA 484 44.91 108.77 4.19
C ALA CA 484 44.35 109.42 2.93
N ASN CA 485 45.04 109.30 1.80
CA ASN CA 485 44.58 109.91 0.56
C ASN CA 485 43.37 109.20 -0.05
N SER CA 486 42.99 108.04 0.47
CA SER CA 486 41.85 107.32 -0.08
C SER CA 486 40.59 108.16 0.09
N PRO CA 487 39.73 108.24 -0.93
CA PRO CA 487 38.52 109.06 -0.80
C PRO CA 487 37.45 108.31 0.00
N PRO CA 488 36.86 108.97 1.02
CA PRO CA 488 35.80 108.28 1.78
C PRO CA 488 34.42 108.39 1.13
N GLY DA 2 41.09 -60.96 -22.17
CA GLY DA 2 40.77 -59.59 -22.57
C GLY DA 2 40.09 -58.81 -21.47
N GLU DA 3 40.88 -58.29 -20.54
CA GLU DA 3 40.34 -57.47 -19.46
C GLU DA 3 41.11 -56.17 -19.32
N VAL DA 4 42.37 -56.15 -19.76
CA VAL DA 4 43.20 -54.95 -19.68
C VAL DA 4 43.91 -54.77 -21.01
N VAL DA 5 44.37 -53.54 -21.25
CA VAL DA 5 45.09 -53.22 -22.47
C VAL DA 5 46.04 -52.07 -22.20
N PRO DA 6 47.27 -52.10 -22.72
CA PRO DA 6 48.18 -50.97 -22.49
C PRO DA 6 47.63 -49.68 -23.07
N TYR DA 7 47.91 -48.58 -22.38
CA TYR DA 7 47.40 -47.29 -22.79
C TYR DA 7 47.91 -46.93 -24.18
N LYS DA 8 47.01 -46.44 -25.03
CA LYS DA 8 47.36 -45.94 -26.35
C LYS DA 8 46.90 -44.49 -26.44
N ALA DA 9 47.81 -43.61 -26.83
CA ALA DA 9 47.51 -42.18 -26.79
C ALA DA 9 46.28 -41.87 -27.63
N GLY DA 10 45.51 -40.90 -27.16
CA GLY DA 10 44.25 -40.54 -27.80
C GLY DA 10 43.05 -41.29 -27.27
N MET DA 11 43.25 -42.28 -26.42
CA MET DA 11 42.12 -43.03 -25.87
C MET DA 11 41.17 -42.10 -25.14
N GLN DA 12 39.89 -42.28 -25.38
CA GLN DA 12 38.85 -41.51 -24.72
C GLN DA 12 37.96 -42.46 -23.95
N ARG DA 13 37.71 -42.15 -22.68
CA ARG DA 13 36.88 -43.01 -21.86
C ARG DA 13 35.53 -43.22 -22.52
N GLY DA 14 35.09 -44.48 -22.55
CA GLY DA 14 33.79 -44.80 -23.12
C GLY DA 14 33.81 -44.83 -24.62
N GLN DA 15 34.63 -45.71 -25.20
CA GLN DA 15 34.70 -45.86 -26.64
C GLN DA 15 34.85 -47.34 -26.98
N GLY DA 16 34.41 -47.69 -28.18
CA GLY DA 16 34.51 -49.06 -28.63
C GLY DA 16 35.95 -49.48 -28.83
N TYR DA 17 36.18 -50.79 -28.73
CA TYR DA 17 37.52 -51.35 -28.87
C TYR DA 17 37.39 -52.68 -29.61
N ASN DA 18 37.95 -52.74 -30.81
CA ASN DA 18 37.97 -53.96 -31.60
C ASN DA 18 39.10 -54.83 -31.08
N THR DA 19 38.78 -55.76 -30.18
CA THR DA 19 39.82 -56.48 -29.46
C THR DA 19 40.72 -57.29 -30.39
N TYR DA 20 40.21 -57.74 -31.53
CA TYR DA 20 41.03 -58.48 -32.48
C TYR DA 20 42.04 -57.55 -33.16
N LEU DA 21 41.55 -56.51 -33.84
CA LEU DA 21 42.43 -55.56 -34.49
C LEU DA 21 43.14 -54.63 -33.52
N GLN DA 22 42.76 -54.66 -32.24
CA GLN DA 22 43.40 -53.84 -31.21
C GLN DA 22 43.38 -52.36 -31.59
N SER DA 23 42.42 -51.96 -32.41
CA SER DA 23 42.30 -50.58 -32.84
C SER DA 23 41.31 -49.86 -31.93
N LEU DA 24 40.98 -48.62 -32.27
CA LEU DA 24 40.03 -47.80 -31.52
C LEU DA 24 38.78 -47.61 -32.36
N CYS DA 25 37.63 -47.59 -31.68
CA CYS DA 25 36.36 -47.46 -32.36
C CYS DA 25 35.55 -46.30 -31.78
N VAL DA 26 34.27 -46.20 -32.15
CA VAL DA 26 33.49 -45.00 -31.91
C VAL DA 26 33.68 -44.52 -30.48
N LYS DA 27 33.79 -43.20 -30.32
CA LYS DA 27 33.94 -42.60 -29.00
C LYS DA 27 32.59 -42.13 -28.49
N ASP DA 28 32.40 -42.25 -27.18
CA ASP DA 28 31.19 -41.79 -26.50
C ASP DA 28 30.00 -42.70 -26.76
N ALA DA 29 30.25 -44.00 -26.97
CA ALA DA 29 29.16 -44.95 -27.01
C ALA DA 29 28.62 -45.22 -25.61
N VAL DA 30 29.46 -45.09 -24.59
CA VAL DA 30 29.09 -45.36 -23.21
C VAL DA 30 29.38 -44.10 -22.39
N THR DA 31 28.37 -43.64 -21.66
CA THR DA 31 28.51 -42.51 -20.75
C THR DA 31 28.59 -43.04 -19.33
N ILE DA 32 29.64 -42.68 -18.62
CA ILE DA 32 29.85 -43.08 -17.23
C ILE DA 32 29.60 -41.87 -16.35
N GLU DA 33 28.63 -41.99 -15.45
CA GLU DA 33 28.31 -40.93 -14.51
C GLU DA 33 29.06 -41.19 -13.20
N ARG DA 34 29.89 -40.24 -12.79
CA ARG DA 34 30.58 -40.31 -11.52
C ARG DA 34 29.63 -39.83 -10.43
N HIS DA 35 28.93 -40.78 -9.79
CA HIS DA 35 27.98 -40.40 -8.75
C HIS DA 35 28.68 -39.70 -7.60
N ASP DA 36 29.83 -40.22 -7.19
CA ASP DA 36 30.59 -39.68 -6.06
C ASP DA 36 31.97 -39.25 -6.55
N ASP DA 37 32.39 -38.04 -6.16
CA ASP DA 37 33.69 -37.51 -6.54
C ASP DA 37 34.69 -37.91 -5.47
N SER DA 38 35.41 -39.01 -5.72
CA SER DA 38 36.41 -39.49 -4.78
C SER DA 38 37.38 -40.41 -5.51
N ASN DA 39 38.67 -40.26 -5.22
CA ASN DA 39 39.66 -41.11 -5.86
C ASN DA 39 39.52 -42.54 -5.37
N PRO DA 40 39.79 -43.52 -6.22
CA PRO DA 40 39.58 -44.91 -5.83
C PRO DA 40 40.66 -45.40 -4.88
N PRO DA 41 40.46 -46.53 -4.22
CA PRO DA 41 41.48 -47.08 -3.34
C PRO DA 41 42.76 -47.41 -4.11
N PHE DA 42 43.89 -47.28 -3.43
CA PHE DA 42 45.18 -47.39 -4.09
C PHE DA 42 46.12 -48.28 -3.29
N LYS DA 43 47.11 -48.83 -3.99
CA LYS DA 43 48.11 -49.71 -3.41
C LYS DA 43 49.49 -49.10 -3.61
N LYS DA 44 50.28 -49.07 -2.54
CA LYS DA 44 51.58 -48.41 -2.55
C LYS DA 44 52.70 -49.41 -2.30
N GLU DA 45 53.87 -49.11 -2.86
CA GLU DA 45 55.09 -49.83 -2.58
C GLU DA 45 56.22 -48.82 -2.37
N TYR DA 46 57.24 -49.23 -1.63
CA TYR DA 46 58.37 -48.34 -1.35
C TYR DA 46 59.59 -49.20 -1.01
N TYR DA 47 60.48 -49.35 -1.98
CA TYR DA 47 61.76 -50.04 -1.78
C TYR DA 47 62.85 -48.99 -1.73
N SER DA 48 63.63 -48.97 -0.66
CA SER DA 48 64.65 -47.95 -0.45
C SER DA 48 65.97 -48.59 -0.03
N GLU DA 49 67.06 -48.01 -0.51
CA GLU DA 49 68.41 -48.44 -0.16
C GLU DA 49 69.26 -47.21 0.13
N PHE DA 50 70.07 -47.27 1.18
CA PHE DA 50 71.01 -46.20 1.50
C PHE DA 50 72.36 -46.86 1.78
N ILE DA 51 73.19 -46.95 0.75
CA ILE DA 51 74.42 -47.73 0.84
C ILE DA 51 75.40 -47.05 1.80
N GLU DA 52 76.35 -47.83 2.29
CA GLU DA 52 77.22 -47.43 3.38
C GLU DA 52 77.88 -46.10 3.11
N GLU DA 53 78.34 -45.46 4.19
CA GLU DA 53 79.15 -44.26 4.10
C GLU DA 53 80.61 -44.69 4.19
N TYR DA 54 81.28 -44.78 3.05
CA TYR DA 54 82.66 -45.23 3.00
C TYR DA 54 83.53 -44.12 3.59
N GLU DA 55 83.56 -44.06 4.92
CA GLU DA 55 84.36 -43.04 5.63
C GLU DA 55 85.71 -43.66 6.00
N LYS DA 56 86.78 -43.20 5.37
CA LYS DA 56 88.12 -43.74 5.59
C LYS DA 56 89.08 -42.56 5.76
N ILE DA 57 89.58 -42.37 6.97
CA ILE DA 57 90.63 -41.39 7.26
C ILE DA 57 91.91 -42.15 7.49
N ALA DA 58 92.93 -41.88 6.68
CA ALA DA 58 94.27 -42.38 6.90
C ALA DA 58 95.19 -41.17 7.03
N LYS DA 59 95.93 -41.10 8.12
CA LYS DA 59 96.71 -39.91 8.45
C LYS DA 59 98.12 -40.31 8.86
N SER DA 60 99.08 -39.46 8.55
CA SER DA 60 100.49 -39.76 8.74
C SER DA 60 101.13 -38.73 9.67
N MET DA 61 102.05 -39.20 10.52
CA MET DA 61 102.82 -38.27 11.40
C MET DA 61 104.24 -38.85 11.56
N ARG DA 62 105.18 -38.39 10.74
CA ARG DA 62 106.55 -38.87 10.72
C ARG DA 62 107.47 -37.73 11.15
N ILE DA 63 108.20 -37.95 12.25
CA ILE DA 63 109.13 -36.97 12.78
C ILE DA 63 110.49 -37.63 12.93
N SER DA 64 111.54 -36.86 12.71
CA SER DA 64 112.90 -37.39 12.84
C SER DA 64 113.83 -36.21 13.10
N ALA DA 65 114.54 -36.26 14.23
CA ALA DA 65 115.49 -35.21 14.57
C ALA DA 65 116.60 -35.81 15.43
N GLY DA 66 117.78 -35.19 15.33
CA GLY DA 66 118.94 -35.64 16.10
C GLY DA 66 120.21 -34.96 15.67
N VAL DA 78 124.67 -29.16 14.23
CA VAL DA 78 124.14 -29.82 13.04
C VAL DA 78 122.97 -30.70 13.42
N ASN DA 79 121.85 -30.07 13.77
CA ASN DA 79 120.63 -30.76 14.14
C ASN DA 79 119.60 -30.62 13.03
N VAL DA 80 119.01 -31.73 12.63
CA VAL DA 80 118.04 -31.75 11.54
C VAL DA 80 116.68 -32.13 12.09
N ASP DA 81 115.64 -31.72 11.36
CA ASP DA 81 114.26 -32.01 11.71
C ASP DA 81 113.50 -32.43 10.47
N ILE DA 82 112.55 -33.34 10.64
CA ILE DA 82 111.66 -33.76 9.56
C ILE DA 82 110.27 -33.89 10.14
N LEU DA 83 109.28 -33.30 9.47
CA LEU DA 83 107.90 -33.28 9.96
C LEU DA 83 106.98 -33.50 8.76
N ASN DA 84 106.51 -34.73 8.57
CA ASN DA 84 105.70 -35.08 7.41
C ASN DA 84 104.30 -35.48 7.84
N ARG DA 85 103.30 -34.95 7.16
CA ARG DA 85 101.91 -35.23 7.44
C ARG DA 85 101.20 -35.71 6.17
N SER DA 86 100.11 -36.42 6.36
CA SER DA 86 99.24 -36.80 5.26
C SER DA 86 97.83 -36.98 5.81
N GLU DA 87 96.87 -36.99 4.90
CA GLU DA 87 95.48 -37.16 5.30
C GLU DA 87 94.67 -37.57 4.08
N PHE DA 88 94.05 -38.74 4.15
CA PHE DA 88 93.25 -39.26 3.04
C PHE DA 88 91.84 -39.51 3.55
N GLU DA 89 90.86 -38.89 2.92
CA GLU DA 89 89.47 -39.00 3.31
C GLU DA 89 88.66 -39.59 2.17
N THR DA 90 87.66 -40.38 2.51
CA THR DA 90 86.76 -40.97 1.52
C THR DA 90 85.34 -40.91 2.06
N SER DA 91 84.37 -40.74 1.17
CA SER DA 91 82.97 -40.74 1.56
C SER DA 91 82.14 -41.08 0.33
N THR DA 92 81.71 -42.33 0.23
CA THR DA 92 80.84 -42.77 -0.86
C THR DA 92 79.45 -43.01 -0.30
N LEU DA 93 78.51 -42.16 -0.66
CA LEU DA 93 77.12 -42.31 -0.29
C LEU DA 93 76.32 -42.63 -1.55
N THR DA 94 75.44 -43.62 -1.45
CA THR DA 94 74.56 -43.98 -2.56
C THR DA 94 73.16 -44.15 -2.03
N TYR DA 95 72.17 -43.86 -2.87
CA TYR DA 95 70.78 -43.94 -2.48
C TYR DA 95 69.95 -44.46 -3.65
N GLU DA 96 68.80 -45.05 -3.34
CA GLU DA 96 67.91 -45.56 -4.39
C GLU DA 96 66.55 -45.87 -3.78
N VAL DA 97 65.49 -45.36 -4.41
CA VAL DA 97 64.13 -45.68 -4.02
C VAL DA 97 63.34 -46.07 -5.27
N LYS DA 98 62.22 -46.73 -5.05
CA LYS DA 98 61.33 -47.14 -6.13
C LYS DA 98 59.92 -47.23 -5.57
N VAL DA 99 59.10 -46.22 -5.87
CA VAL DA 99 57.75 -46.13 -5.33
C VAL DA 99 56.77 -46.47 -6.44
N LEU DA 100 55.90 -47.46 -6.19
CA LEU DA 100 54.89 -47.88 -7.14
C LEU DA 100 53.51 -47.66 -6.52
N VAL DA 101 52.64 -46.95 -7.23
CA VAL DA 101 51.29 -46.68 -6.78
C VAL DA 101 50.33 -47.16 -7.85
N GLN DA 102 49.34 -47.96 -7.44
CA GLN DA 102 48.34 -48.49 -8.36
C GLN DA 102 46.96 -48.27 -7.75
N HIS DA 103 46.10 -47.59 -8.47
CA HIS DA 103 44.75 -47.32 -8.01
C HIS DA 103 43.84 -48.49 -8.40
N GLN DA 104 42.54 -48.35 -8.14
CA GLN DA 104 41.57 -49.34 -8.58
C GLN DA 104 40.42 -48.64 -9.29
N VAL DA 105 39.43 -49.40 -9.77
CA VAL DA 105 38.29 -48.86 -10.47
C VAL DA 105 37.12 -48.78 -9.50
N SER DA 106 36.51 -47.61 -9.40
CA SER DA 106 35.43 -47.42 -8.44
C SER DA 106 34.26 -48.32 -8.79
N VAL DA 107 33.58 -48.80 -7.75
CA VAL DA 107 32.49 -49.77 -7.90
C VAL DA 107 31.12 -49.12 -7.83
N LEU DA 108 31.06 -47.80 -7.66
CA LEU DA 108 29.80 -47.09 -7.46
C LEU DA 108 29.49 -46.15 -8.63
N ASP DA 109 29.75 -46.59 -9.85
CA ASP DA 109 29.46 -45.81 -11.05
C ASP DA 109 28.35 -46.49 -11.85
N LYS DA 110 27.72 -45.72 -12.72
CA LYS DA 110 26.65 -46.20 -13.58
C LYS DA 110 27.11 -46.15 -15.02
N HIS DA 111 26.85 -47.24 -15.76
CA HIS DA 111 27.25 -47.36 -17.15
C HIS DA 111 26.01 -47.42 -18.03
N SER DA 112 26.02 -46.64 -19.11
CA SER DA 112 24.90 -46.56 -20.03
C SER DA 112 25.40 -46.74 -21.45
N PHE DA 113 24.48 -46.99 -22.37
CA PHE DA 113 24.80 -47.24 -23.77
C PHE DA 113 24.01 -46.28 -24.65
N ASN DA 114 24.73 -45.50 -25.46
CA ASN DA 114 24.13 -44.52 -26.35
C ASN DA 114 24.06 -45.09 -27.76
N LYS DA 115 23.02 -44.73 -28.50
CA LYS DA 115 22.73 -45.32 -29.80
C LYS DA 115 23.34 -44.46 -30.90
N ILE DA 116 24.13 -45.09 -31.77
CA ILE DA 116 24.62 -44.46 -32.99
C ILE DA 116 24.05 -45.25 -34.15
N GLN DA 117 23.36 -44.54 -35.06
CA GLN DA 117 22.71 -45.19 -36.23
C GLN DA 117 23.75 -45.52 -37.29
N THR DA 118 23.93 -46.81 -37.59
CA THR DA 118 24.87 -47.26 -38.60
C THR DA 118 24.35 -48.50 -39.28
N THR DA 119 24.71 -48.67 -40.55
CA THR DA 119 24.38 -49.91 -41.25
C THR DA 119 25.33 -51.04 -40.88
N THR DA 120 26.45 -50.73 -40.24
CA THR DA 120 27.43 -51.71 -39.83
C THR DA 120 27.80 -51.47 -38.37
N PRO DA 121 26.87 -51.71 -37.46
CA PRO DA 121 27.17 -51.44 -36.04
C PRO DA 121 28.33 -52.24 -35.51
N HIS DA 122 28.66 -53.38 -36.14
CA HIS DA 122 29.75 -54.21 -35.68
C HIS DA 122 31.09 -53.50 -35.82
N ALA DA 123 31.32 -52.88 -36.97
CA ALA DA 123 32.59 -52.21 -37.21
C ALA DA 123 32.67 -50.84 -36.53
N THR DA 124 31.51 -50.27 -36.18
CA THR DA 124 31.51 -48.99 -35.48
C THR DA 124 31.67 -49.18 -33.98
N TYR DA 125 30.80 -49.99 -33.39
CA TYR DA 125 30.86 -50.20 -31.94
C TYR DA 125 32.05 -51.08 -31.55
N GLY DA 126 32.29 -52.15 -32.30
CA GLY DA 126 33.35 -53.08 -31.96
C GLY DA 126 32.86 -54.22 -31.10
N ASP DA 127 33.64 -54.58 -30.09
CA ASP DA 127 33.26 -55.63 -29.14
C ASP DA 127 33.13 -55.11 -27.73
N ARG DA 128 34.14 -54.41 -27.21
CA ARG DA 128 34.17 -53.98 -25.82
C ARG DA 128 34.47 -52.49 -25.74
N PHE DA 129 34.03 -51.89 -24.65
CA PHE DA 129 34.16 -50.46 -24.41
C PHE DA 129 35.10 -50.19 -23.24
N ILE DA 130 35.60 -48.96 -23.19
CA ILE DA 130 36.57 -48.54 -22.18
C ILE DA 130 35.80 -47.95 -21.02
N ALA DA 131 35.63 -48.74 -19.95
CA ALA DA 131 34.81 -48.31 -18.83
C ALA DA 131 35.56 -47.35 -17.92
N ASP DA 132 36.66 -47.82 -17.33
CA ASP DA 132 37.45 -47.01 -16.41
C ASP DA 132 38.93 -47.23 -16.72
N PHE DA 133 39.72 -46.21 -16.41
CA PHE DA 133 41.16 -46.26 -16.64
C PHE DA 133 41.87 -46.61 -15.35
N ILE DA 134 42.71 -47.64 -15.41
CA ILE DA 134 43.53 -48.01 -14.26
C ILE DA 134 44.66 -47.00 -14.13
N LYS DA 135 44.71 -46.30 -13.01
CA LYS DA 135 45.67 -45.24 -12.81
C LYS DA 135 46.75 -45.66 -11.82
N GLY DA 136 47.87 -44.96 -11.87
CA GLY DA 136 49.00 -45.29 -11.01
C GLY DA 136 50.10 -44.25 -11.04
N GLY DA 137 51.29 -44.64 -10.62
CA GLY DA 137 52.42 -43.74 -10.57
C GLY DA 137 53.71 -44.51 -10.38
N HIS DA 138 54.82 -43.80 -10.45
CA HIS DA 138 56.13 -44.44 -10.41
C HIS DA 138 57.17 -43.46 -9.90
N PHE DA 139 58.19 -43.99 -9.24
CA PHE DA 139 59.31 -43.17 -8.78
C PHE DA 139 60.59 -43.98 -8.91
N TYR DA 140 61.69 -43.28 -9.14
CA TYR DA 140 62.98 -43.93 -9.32
C TYR DA 140 64.07 -42.90 -9.12
N ALA DA 141 64.88 -43.07 -8.08
CA ALA DA 141 65.90 -42.10 -7.74
C ALA DA 141 67.22 -42.81 -7.50
N ARG DA 142 68.31 -42.10 -7.81
CA ARG DA 142 69.66 -42.58 -7.55
C ARG DA 142 70.54 -41.39 -7.21
N VAL DA 143 71.15 -41.41 -6.04
CA VAL DA 143 72.13 -40.41 -5.64
C VAL DA 143 73.47 -41.12 -5.50
N SER DA 144 74.51 -40.51 -6.05
CA SER DA 144 75.87 -41.06 -5.99
C SER DA 144 76.79 -39.92 -5.55
N ILE DA 145 76.93 -39.74 -4.24
CA ILE DA 145 77.82 -38.73 -3.68
C ILE DA 145 79.22 -39.33 -3.60
N THR DA 146 80.16 -38.79 -4.37
CA THR DA 146 81.54 -39.35 -4.42
C THR DA 146 82.32 -38.88 -3.22
N ALA DA 147 83.52 -39.42 -3.00
CA ALA DA 147 84.38 -39.09 -1.84
C ALA DA 147 84.84 -37.64 -1.87
N LYS DA 148 85.48 -37.19 -0.79
CA LYS DA 148 86.07 -35.83 -0.77
C LYS DA 148 87.51 -35.98 -1.24
N ASN DA 149 88.14 -37.12 -0.95
CA ASN DA 149 89.56 -37.33 -1.25
C ASN DA 149 90.40 -36.18 -0.71
N SER DA 150 90.15 -35.83 0.54
CA SER DA 150 90.99 -34.84 1.20
C SER DA 150 92.43 -35.32 1.19
N SER DA 151 93.36 -34.42 0.87
CA SER DA 151 94.76 -34.78 0.70
C SER DA 151 95.68 -33.84 1.45
N GLU DA 152 95.38 -33.55 2.71
CA GLU DA 152 96.23 -32.69 3.51
C GLU DA 152 97.58 -33.35 3.68
N THR DA 153 98.63 -32.72 3.17
CA THR DA 153 100.01 -33.17 3.33
C THR DA 153 100.90 -31.99 3.66
N SER DA 154 102.06 -32.27 4.24
CA SER DA 154 103.00 -31.22 4.59
C SER DA 154 104.34 -31.84 4.95
N GLU DA 155 105.39 -31.02 4.83
CA GLU DA 155 106.75 -31.43 5.14
C GLU DA 155 107.48 -30.23 5.74
N LEU DA 156 108.45 -30.50 6.62
CA LEU DA 156 109.25 -29.45 7.21
C LEU DA 156 110.67 -29.97 7.40
N LYS DA 157 111.65 -29.06 7.36
CA LYS DA 157 113.07 -29.41 7.41
C LYS DA 157 113.83 -28.28 8.09
N GLN DA 158 114.30 -28.52 9.32
CA GLN DA 158 115.05 -27.52 10.08
C GLN DA 158 116.47 -28.04 10.33
N SER DA 159 117.39 -27.63 9.45
CA SER DA 159 118.79 -27.96 9.61
C SER DA 159 119.49 -26.87 10.39
N ALA DA 160 119.96 -27.20 11.60
CA ALA DA 160 120.64 -26.24 12.45
C ALA DA 160 119.78 -25.00 12.69
N THR DA 174 123.63 -20.90 10.68
CA THR DA 174 123.02 -21.57 9.54
C THR DA 174 121.63 -22.12 9.89
N GLN DA 175 120.69 -21.95 8.96
CA GLN DA 175 119.31 -22.35 9.20
C GLN DA 175 118.70 -22.74 7.86
N GLU DA 176 117.62 -23.53 7.94
CA GLU DA 176 116.94 -23.98 6.74
C GLU DA 176 115.50 -24.33 7.08
N VAL DA 177 114.57 -23.92 6.22
CA VAL DA 177 113.15 -24.25 6.36
C VAL DA 177 112.62 -24.64 5.00
N GLU DA 178 111.82 -25.71 4.96
CA GLU DA 178 111.29 -26.25 3.69
C GLU DA 178 109.88 -26.75 3.96
N ARG DA 179 108.88 -25.97 3.54
CA ARG DA 179 107.47 -26.35 3.68
C ARG DA 179 106.76 -26.44 2.34
N ALA DA 180 107.47 -26.84 1.28
CA ALA DA 180 106.87 -26.92 -0.05
C ALA DA 180 106.10 -28.22 -0.24
N VAL DA 181 105.17 -28.50 0.67
CA VAL DA 181 104.30 -29.66 0.55
C VAL DA 181 102.94 -29.28 1.13
N SER DA 182 101.91 -29.31 0.30
CA SER DA 182 100.56 -28.98 0.72
C SER DA 182 99.60 -29.31 -0.40
N SER DA 183 98.46 -29.92 -0.06
CA SER DA 183 97.46 -30.27 -1.04
C SER DA 183 96.12 -30.40 -0.32
N ILE DA 184 95.03 -30.32 -1.08
CA ILE DA 184 93.68 -30.30 -0.53
C ILE DA 184 92.80 -31.26 -1.33
N LYS DA 185 91.58 -31.45 -0.82
CA LYS DA 185 90.63 -32.37 -1.42
C LYS DA 185 90.34 -32.01 -2.86
N ARG DA 186 90.09 -33.03 -3.68
CA ARG DA 186 89.56 -32.81 -5.02
C ARG DA 186 88.66 -34.02 -5.33
N ASN DA 187 87.41 -33.92 -4.91
CA ASN DA 187 86.36 -34.82 -5.39
C ASN DA 187 85.01 -34.38 -4.85
N ALA DA 188 84.03 -34.20 -5.74
CA ALA DA 188 82.65 -33.98 -5.31
C ALA DA 188 81.75 -34.27 -6.50
N SER DA 189 81.16 -35.46 -6.51
CA SER DA 189 80.29 -35.88 -7.60
C SER DA 189 78.90 -36.15 -7.04
N VAL DA 190 77.89 -35.51 -7.62
CA VAL DA 190 76.50 -35.70 -7.24
C VAL DA 190 75.76 -36.08 -8.50
N LYS DA 191 75.55 -37.37 -8.71
CA LYS DA 191 74.75 -37.87 -9.82
C LYS DA 191 73.34 -38.13 -9.31
N ILE DA 192 72.36 -37.43 -9.88
CA ILE DA 192 70.96 -37.56 -9.49
C ILE DA 192 70.18 -37.94 -10.74
N THR DA 193 69.40 -39.01 -10.65
CA THR DA 193 68.43 -39.36 -11.67
C THR DA 193 67.08 -39.51 -10.99
N ILE DA 194 66.06 -38.82 -11.49
CA ILE DA 194 64.72 -38.90 -10.93
C ILE DA 194 63.76 -39.16 -12.06
N ILE DA 195 63.00 -40.26 -11.97
CA ILE DA 195 62.02 -40.62 -12.99
C ILE DA 195 60.67 -40.70 -12.30
N GLU DA 196 59.73 -39.87 -12.75
CA GLU DA 196 58.45 -39.73 -12.07
C GLU DA 196 57.31 -39.84 -13.06
N SER DA 197 56.19 -40.40 -12.58
CA SER DA 197 54.93 -40.44 -13.32
C SER DA 197 53.84 -40.10 -12.32
N THR DA 198 53.53 -38.80 -12.23
CA THR DA 198 52.58 -38.33 -11.23
C THR DA 198 51.51 -37.46 -11.88
N GLY DA 199 50.68 -36.81 -11.06
CA GLY DA 199 49.59 -36.00 -11.55
C GLY DA 199 49.55 -34.65 -10.86
N THR DA 200 48.86 -33.72 -11.52
CA THR DA 200 48.73 -32.37 -10.99
C THR DA 200 47.73 -32.33 -9.84
N SER DA 201 47.90 -31.35 -8.97
CA SER DA 201 46.98 -31.17 -7.85
C SER DA 201 45.60 -30.77 -8.37
N SER DA 216 73.22 -31.46 0.90
CA SER DA 216 72.04 -32.12 1.43
C SER DA 216 71.20 -32.70 0.30
N ASP DA 217 71.85 -33.08 -0.80
CA ASP DA 217 71.11 -33.61 -1.92
C ASP DA 217 70.54 -34.99 -1.59
N LEU DA 218 71.18 -35.74 -0.71
CA LEU DA 218 70.62 -37.01 -0.27
C LEU DA 218 69.29 -36.79 0.44
N LEU DA 219 69.22 -35.78 1.31
CA LEU DA 219 67.97 -35.49 2.01
C LEU DA 219 66.92 -34.92 1.07
N ALA DA 220 67.32 -34.09 0.10
CA ALA DA 220 66.36 -33.50 -0.82
C ALA DA 220 65.62 -34.57 -1.61
N VAL DA 221 66.36 -35.57 -2.11
CA VAL DA 221 65.71 -36.68 -2.80
C VAL DA 221 64.78 -37.42 -1.86
N LYS DA 222 65.20 -37.55 -0.60
CA LYS DA 222 64.38 -38.29 0.37
C LYS DA 222 63.04 -37.60 0.59
N GLU DA 223 63.04 -36.27 0.71
CA GLU DA 223 61.79 -35.56 0.96
C GLU DA 223 60.81 -35.76 -0.19
N LYS DA 224 61.28 -35.63 -1.42
CA LYS DA 224 60.41 -35.91 -2.57
C LYS DA 224 59.99 -37.37 -2.57
N ALA DA 225 60.90 -38.27 -2.22
CA ALA DA 225 60.54 -39.69 -2.14
C ALA DA 225 59.51 -39.93 -1.05
N ASP DA 226 59.71 -39.34 0.13
CA ASP DA 226 58.72 -39.50 1.19
C ASP DA 226 57.46 -38.72 0.91
N GLN DA 227 57.60 -37.49 0.42
CA GLN DA 227 56.41 -36.72 0.05
C GLN DA 227 55.60 -37.44 -1.01
N PHE DA 228 56.27 -38.21 -1.88
CA PHE DA 228 55.52 -39.00 -2.85
C PHE DA 228 54.62 -39.99 -2.15
N TYR DA 229 55.17 -40.66 -1.12
CA TYR DA 229 54.38 -41.63 -0.32
C TYR DA 229 53.19 -40.86 0.24
N LYS DA 230 53.44 -39.78 0.99
CA LYS DA 230 52.35 -39.04 1.60
C LYS DA 230 51.44 -38.41 0.55
N ASP DA 231 52.02 -38.02 -0.59
CA ASP DA 231 51.21 -37.40 -1.64
C ASP DA 231 50.15 -38.35 -2.15
N ALA DA 232 50.46 -39.64 -2.25
CA ALA DA 232 49.48 -40.60 -2.74
C ALA DA 232 48.22 -40.58 -1.88
N ASP DA 233 48.35 -40.47 -0.56
CA ASP DA 233 47.19 -40.50 0.30
C ASP DA 233 46.18 -39.42 -0.09
N SER DA 234 46.68 -38.26 -0.50
CA SER DA 234 45.79 -37.22 -1.01
C SER DA 234 45.15 -37.61 -2.34
N GLY DA 235 45.61 -38.68 -2.96
CA GLY DA 235 45.01 -39.15 -4.19
C GLY DA 235 45.23 -38.23 -5.38
N LYS DA 236 46.42 -37.67 -5.51
CA LYS DA 236 46.78 -36.89 -6.69
C LYS DA 236 47.61 -37.68 -7.69
N HIS DA 237 47.83 -38.97 -7.47
CA HIS DA 237 48.63 -39.80 -8.36
C HIS DA 237 47.70 -40.42 -9.39
N SER DA 238 47.28 -39.60 -10.35
CA SER DA 238 46.34 -40.03 -11.38
C SER DA 238 47.11 -40.00 -12.70
N TYR DA 239 47.79 -41.11 -12.99
CA TYR DA 239 48.45 -41.30 -14.27
C TYR DA 239 47.86 -42.54 -14.92
N VAL DA 240 47.49 -42.40 -16.20
CA VAL DA 240 46.80 -43.49 -16.88
C VAL DA 240 47.80 -44.58 -17.22
N LEU DA 241 47.53 -45.79 -16.74
CA LEU DA 241 48.40 -46.95 -17.01
C LEU DA 241 47.69 -48.00 -17.85
N PHE DA 242 46.54 -48.50 -17.41
CA PHE DA 242 45.82 -49.55 -18.08
C PHE DA 242 44.36 -49.15 -18.27
N ALA DA 243 43.71 -49.80 -19.21
CA ALA DA 243 42.29 -49.59 -19.48
C ALA DA 243 41.54 -50.89 -19.26
N VAL DA 244 40.42 -50.81 -18.53
CA VAL DA 244 39.60 -51.96 -18.19
C VAL DA 244 38.48 -52.09 -19.21
N LEU DA 245 38.33 -53.28 -19.77
CA LEU DA 245 37.37 -53.52 -20.85
C LEU DA 245 36.09 -54.11 -20.28
N GLY DA 246 34.96 -53.72 -20.85
CA GLY DA 246 33.67 -54.25 -20.46
C GLY DA 246 32.86 -54.64 -21.67
N LYS DA 247 32.00 -55.64 -21.49
CA LYS DA 247 31.21 -56.19 -22.57
C LYS DA 247 29.89 -55.44 -22.70
N TYR DA 248 29.52 -55.10 -23.94
CA TYR DA 248 28.31 -54.33 -24.18
C TYR DA 248 27.06 -55.06 -23.70
N ARG DA 249 27.11 -56.38 -23.57
CA ARG DA 249 25.93 -57.12 -23.14
C ARG DA 249 25.56 -56.79 -21.71
N ASN DA 250 26.56 -56.61 -20.84
CA ASN DA 250 26.31 -56.36 -19.43
C ASN DA 250 25.68 -55.00 -19.17
N LEU DA 251 25.65 -54.11 -20.15
CA LEU DA 251 25.00 -52.83 -19.97
C LEU DA 251 23.50 -53.02 -19.77
N SER DA 252 22.95 -52.35 -18.77
CA SER DA 252 21.50 -52.40 -18.56
C SER DA 252 20.77 -51.81 -19.75
N ASN DA 253 21.22 -50.65 -20.23
CA ASN DA 253 20.54 -49.93 -21.31
C ASN DA 253 20.65 -50.65 -22.64
N PHE DA 254 21.52 -51.65 -22.73
CA PHE DA 254 21.66 -52.43 -23.96
C PHE DA 254 20.43 -53.31 -24.13
N GLU DA 255 19.59 -52.97 -25.11
CA GLU DA 255 18.47 -53.80 -25.53
C GLU DA 255 18.82 -54.63 -26.76
N SER DA 256 20.06 -55.10 -26.84
CA SER DA 256 20.51 -55.92 -27.94
C SER DA 256 20.42 -55.15 -29.26
N TYR DA 257 21.16 -54.04 -29.31
CA TYR DA 257 21.28 -53.27 -30.54
C TYR DA 257 21.95 -54.09 -31.63
N PHE DA 258 22.74 -55.09 -31.24
CA PHE DA 258 23.40 -55.97 -32.21
C PHE DA 258 23.88 -57.20 -31.46
N ALA DA 259 24.54 -58.09 -32.19
CA ALA DA 259 25.07 -59.30 -31.59
C ALA DA 259 26.59 -59.24 -31.62
N PRO DA 260 27.25 -58.86 -30.53
CA PRO DA 260 28.72 -58.74 -30.57
C PRO DA 260 29.37 -60.07 -30.85
N PHE DA 261 30.47 -60.01 -31.61
CA PHE DA 261 31.24 -61.21 -31.88
C PHE DA 261 32.10 -61.57 -30.66
N ASP DA 262 32.52 -62.84 -30.62
CA ASP DA 262 33.46 -63.34 -29.58
C ASP DA 262 34.72 -63.72 -30.36
N TYR DA 263 35.74 -62.87 -30.36
CA TYR DA 263 36.94 -63.05 -31.18
C TYR DA 263 37.99 -63.93 -30.53
N GLN DA 264 37.70 -64.48 -29.35
CA GLN DA 264 38.71 -65.30 -28.67
C GLN DA 264 39.17 -66.44 -29.57
N MET DA 265 38.22 -67.20 -30.13
CA MET DA 265 38.59 -68.30 -31.00
C MET DA 265 39.13 -67.82 -32.34
N ALA DA 266 38.52 -66.77 -32.89
CA ALA DA 266 38.98 -66.27 -34.19
C ALA DA 266 40.43 -65.79 -34.12
N SER DA 267 40.78 -65.06 -33.06
CA SER DA 267 42.16 -64.62 -32.89
C SER DA 267 43.10 -65.81 -32.75
N LEU DA 268 42.68 -66.82 -31.98
CA LEU DA 268 43.53 -68.00 -31.81
C LEU DA 268 43.78 -68.68 -33.15
N ARG DA 269 42.73 -68.87 -33.95
CA ARG DA 269 42.89 -69.53 -35.24
C ARG DA 269 43.79 -68.72 -36.16
N SER DA 270 43.60 -67.40 -36.20
CA SER DA 270 44.31 -66.54 -37.14
C SER DA 270 45.54 -65.91 -36.49
N TRP DA 271 46.43 -66.75 -35.98
CA TRP DA 271 47.72 -66.28 -35.47
C TRP DA 271 48.84 -66.40 -36.49
N ALA DA 272 48.84 -67.45 -37.31
CA ALA DA 272 49.85 -67.57 -38.34
C ALA DA 272 49.80 -66.40 -39.30
N LEU DA 273 48.62 -65.79 -39.47
CA LEU DA 273 48.51 -64.62 -40.34
C LEU DA 273 49.04 -63.38 -39.67
N PHE DA 274 48.80 -63.22 -38.36
CA PHE DA 274 49.26 -62.02 -37.67
C PHE DA 274 50.77 -61.90 -37.69
N ASN DA 275 51.47 -63.01 -37.50
CA ASN DA 275 52.93 -62.96 -37.56
C ASN DA 275 53.41 -62.59 -38.96
N ASP DA 276 52.79 -63.15 -40.00
CA ASP DA 276 53.19 -62.84 -41.35
C ASP DA 276 53.01 -61.37 -41.67
N PHE DA 277 52.09 -60.70 -40.97
CA PHE DA 277 51.92 -59.26 -41.15
C PHE DA 277 53.16 -58.50 -40.72
N THR DA 278 53.65 -58.74 -39.50
CA THR DA 278 54.81 -58.02 -39.01
C THR DA 278 56.02 -58.32 -39.88
N LEU DA 279 56.19 -59.57 -40.30
CA LEU DA 279 57.34 -59.91 -41.14
C LEU DA 279 57.28 -59.19 -42.47
N TYR DA 280 56.11 -59.13 -43.09
CA TYR DA 280 55.99 -58.46 -44.39
C TYR DA 280 56.24 -56.97 -44.28
N LYS DA 281 55.73 -56.34 -43.22
CA LYS DA 281 56.01 -54.92 -43.02
C LYS DA 281 57.50 -54.68 -42.81
N ALA DA 282 58.16 -55.56 -42.07
CA ALA DA 282 59.59 -55.40 -41.83
C ALA DA 282 60.37 -55.49 -43.13
N ILE DA 283 60.01 -56.43 -44.02
CA ILE DA 283 60.79 -56.62 -45.24
C ILE DA 283 60.49 -55.57 -46.31
N GLU DA 284 59.51 -54.69 -46.09
CA GLU DA 284 59.40 -53.52 -46.95
C GLU DA 284 60.64 -52.65 -46.78
N THR DA 285 61.05 -52.43 -45.54
CA THR DA 285 62.27 -51.67 -45.28
C THR DA 285 63.52 -52.41 -45.74
N MET DA 286 63.48 -53.75 -45.83
CA MET DA 286 64.57 -54.48 -46.45
C MET DA 286 64.90 -53.88 -47.82
N ILE DA 287 63.91 -53.82 -48.70
CA ILE DA 287 64.17 -53.39 -50.07
C ILE DA 287 64.55 -51.92 -50.12
N LYS DA 288 63.81 -51.08 -49.41
CA LYS DA 288 64.05 -49.64 -49.49
C LYS DA 288 65.43 -49.28 -48.97
N ALA DA 289 65.86 -49.92 -47.87
CA ALA DA 289 67.12 -49.52 -47.26
C ALA DA 289 68.31 -49.77 -48.17
N VAL DA 290 68.36 -50.92 -48.85
CA VAL DA 290 69.53 -51.29 -49.64
C VAL DA 290 69.60 -50.46 -50.91
N PRO DA 291 70.78 -50.01 -51.34
CA PRO DA 291 70.85 -49.10 -52.48
C PRO DA 291 70.68 -49.83 -53.80
N GLU DA 292 70.67 -49.02 -54.87
CA GLU DA 292 70.46 -49.54 -56.22
C GLU DA 292 71.69 -50.29 -56.72
N SER DA 293 72.88 -49.85 -56.32
CA SER DA 293 74.12 -50.38 -56.88
C SER DA 293 74.44 -51.77 -56.41
N LYS DA 294 73.53 -52.45 -55.72
CA LYS DA 294 73.77 -53.80 -55.23
C LYS DA 294 72.56 -54.68 -55.46
N PHE DA 295 71.86 -54.39 -56.56
CA PHE DA 295 70.70 -55.22 -56.98
C PHE DA 295 71.15 -55.97 -58.23
N LYS DA 296 70.74 -57.23 -58.38
CA LYS DA 296 71.20 -58.02 -59.52
C LYS DA 296 70.65 -57.48 -60.83
N ASP DA 297 69.35 -57.24 -60.90
CA ASP DA 297 68.74 -56.83 -62.16
C ASP DA 297 68.90 -55.34 -62.45
N GLY DA 298 69.35 -54.55 -61.47
CA GLY DA 298 69.60 -53.15 -61.69
C GLY DA 298 68.38 -52.29 -61.45
N PRO DA 299 68.09 -51.36 -62.37
CA PRO DA 299 67.05 -50.36 -62.08
C PRO DA 299 65.68 -50.96 -61.85
N GLU DA 300 65.16 -51.74 -62.80
CA GLU DA 300 63.80 -52.23 -62.71
C GLU DA 300 63.74 -53.47 -61.82
N ARG DA 301 64.32 -53.37 -60.62
CA ARG DA 301 64.23 -54.43 -59.64
C ARG DA 301 63.73 -53.86 -58.33
N LYS DA 302 64.08 -52.61 -58.04
CA LYS DA 302 63.61 -51.98 -56.82
C LYS DA 302 62.09 -51.83 -56.82
N THR DA 303 61.53 -51.33 -57.92
CA THR DA 303 60.12 -50.95 -57.89
C THR DA 303 59.19 -52.16 -57.86
N GLN DA 304 59.44 -53.18 -58.68
CA GLN DA 304 58.54 -54.33 -58.66
C GLN DA 304 58.85 -55.30 -57.52
N LEU DA 305 60.02 -55.18 -56.90
CA LEU DA 305 60.20 -55.85 -55.61
C LEU DA 305 59.46 -55.08 -54.52
N ILE DA 306 59.55 -53.75 -54.54
CA ILE DA 306 58.77 -52.95 -53.60
C ILE DA 306 57.29 -53.12 -53.87
N LYS DA 307 56.88 -53.07 -55.13
CA LYS DA 307 55.46 -53.19 -55.44
C LYS DA 307 54.95 -54.59 -55.14
N GLN DA 308 55.75 -55.62 -55.42
CA GLN DA 308 55.30 -56.98 -55.17
C GLN DA 308 55.04 -57.19 -53.68
N ALA DA 309 55.91 -56.65 -52.82
CA ALA DA 309 55.71 -56.79 -51.38
C ALA DA 309 54.44 -56.06 -50.94
N ILE DA 310 54.25 -54.83 -51.41
CA ILE DA 310 53.09 -54.05 -50.98
C ILE DA 310 51.80 -54.65 -51.54
N ASN DA 311 51.84 -55.16 -52.78
CA ASN DA 311 50.64 -55.74 -53.34
C ASN DA 311 50.16 -56.92 -52.50
N ILE DA 312 51.08 -57.77 -52.05
CA ILE DA 312 50.70 -58.87 -51.18
C ILE DA 312 50.52 -58.43 -49.73
N PHE DA 313 51.02 -57.24 -49.37
CA PHE DA 313 50.66 -56.66 -48.08
C PHE DA 313 49.18 -56.30 -48.05
N GLU DA 314 48.64 -55.88 -49.20
CA GLU DA 314 47.21 -55.62 -49.30
C GLU DA 314 46.40 -56.90 -49.06
N THR DA 315 46.87 -58.01 -49.63
CA THR DA 315 46.09 -59.25 -49.56
C THR DA 315 45.89 -59.71 -48.13
N ILE DA 316 46.93 -59.61 -47.30
CA ILE DA 316 46.80 -60.04 -45.92
C ILE DA 316 46.13 -58.98 -45.05
N ARG DA 317 46.29 -57.69 -45.37
CA ARG DA 317 45.61 -56.66 -44.61
C ARG DA 317 44.11 -56.71 -44.83
N ASP DA 318 43.68 -56.94 -46.07
CA ASP DA 318 42.26 -57.05 -46.35
C ASP DA 318 41.68 -58.35 -45.81
N ARG DA 319 42.51 -59.39 -45.67
CA ARG DA 319 42.05 -60.60 -45.01
C ARG DA 319 41.75 -60.31 -43.54
N VAL DA 320 42.61 -59.53 -42.89
CA VAL DA 320 42.35 -59.13 -41.51
C VAL DA 320 41.08 -58.29 -41.42
N ILE DA 321 40.92 -57.33 -42.35
CA ILE DA 321 39.71 -56.51 -42.33
C ILE DA 321 38.49 -57.36 -42.62
N LEU DA 322 38.67 -58.45 -43.39
CA LEU DA 322 37.54 -59.36 -43.63
C LEU DA 322 37.17 -60.13 -42.37
N ILE DA 323 38.16 -60.50 -41.55
CA ILE DA 323 37.83 -61.21 -40.31
C ILE DA 323 36.99 -60.33 -39.40
N SER DA 324 37.14 -59.01 -39.49
CA SER DA 324 36.28 -58.13 -38.71
C SER DA 324 34.82 -58.31 -39.09
N GLU DA 325 34.52 -58.37 -40.40
CA GLU DA 325 33.15 -58.56 -40.82
C GLU DA 325 32.70 -60.01 -40.61
N HIS DA 326 33.58 -60.97 -40.89
CA HIS DA 326 33.24 -62.39 -40.81
C HIS DA 326 34.31 -63.13 -40.03
N PRO DA 327 34.22 -63.17 -38.69
CA PRO DA 327 35.17 -63.99 -37.92
C PRO DA 327 35.03 -65.47 -38.20
N GLU DA 328 33.88 -65.93 -38.68
CA GLU DA 328 33.76 -67.31 -39.09
C GLU DA 328 34.65 -67.62 -40.27
N ALA DA 329 35.07 -66.61 -41.03
CA ALA DA 329 35.98 -66.80 -42.15
C ALA DA 329 37.40 -67.12 -41.70
N ALA DA 330 37.64 -67.29 -40.40
CA ALA DA 330 38.98 -67.67 -39.94
C ALA DA 330 39.37 -69.07 -40.39
N LYS DA 331 38.39 -69.90 -40.77
CA LYS DA 331 38.70 -71.26 -41.19
C LYS DA 331 39.55 -71.29 -42.45
N GLU DA 332 39.21 -70.45 -43.42
CA GLU DA 332 39.89 -70.51 -44.71
C GLU DA 332 41.39 -70.36 -44.55
N ASP DA 333 42.15 -71.19 -45.24
CA ASP DA 333 43.59 -71.12 -45.17
C ASP DA 333 44.11 -69.91 -45.92
N PRO DA 334 45.32 -69.45 -45.61
CA PRO DA 334 45.89 -68.32 -46.35
C PRO DA 334 45.99 -68.63 -47.83
N ASP DA 335 45.82 -67.60 -48.65
CA ASP DA 335 45.95 -67.72 -50.10
C ASP DA 335 47.02 -66.78 -50.63
N HIS DA 336 48.03 -66.50 -49.81
CA HIS DA 336 49.08 -65.55 -50.16
C HIS DA 336 50.44 -66.21 -50.01
N MET DA 337 51.40 -65.68 -50.75
CA MET DA 337 52.75 -66.24 -50.74
C MET DA 337 53.34 -66.12 -49.34
N LYS DA 338 54.13 -67.12 -48.97
CA LYS DA 338 54.72 -67.14 -47.64
C LYS DA 338 55.76 -66.03 -47.50
N PRO DA 339 55.93 -65.46 -46.31
CA PRO DA 339 57.07 -64.55 -46.12
C PRO DA 339 58.41 -65.21 -46.37
N GLY DA 340 58.55 -66.49 -46.03
CA GLY DA 340 59.79 -67.18 -46.30
C GLY DA 340 60.11 -67.26 -47.77
N ASP DA 341 59.12 -67.65 -48.59
CA ASP DA 341 59.37 -67.75 -50.03
C ASP DA 341 59.65 -66.38 -50.63
N PHE DA 342 58.86 -65.37 -50.25
CA PHE DA 342 59.12 -64.03 -50.77
C PHE DA 342 60.44 -63.48 -50.25
N ARG DA 343 60.78 -63.76 -48.99
CA ARG DA 343 62.07 -63.36 -48.48
C ARG DA 343 63.19 -64.00 -49.29
N LEU DA 344 63.07 -65.30 -49.56
CA LEU DA 344 64.02 -65.97 -50.44
C LEU DA 344 64.18 -65.21 -51.75
N GLU DA 345 63.06 -64.79 -52.34
CA GLU DA 345 63.13 -64.03 -53.58
C GLU DA 345 63.92 -62.74 -53.40
N VAL DA 346 63.82 -62.11 -52.22
CA VAL DA 346 64.56 -60.87 -51.97
C VAL DA 346 66.06 -61.13 -52.04
N LEU DA 347 66.54 -62.14 -51.32
CA LEU DA 347 67.98 -62.37 -51.26
C LEU DA 347 68.55 -62.96 -52.55
N ASN DA 348 67.73 -63.65 -53.34
CA ASN DA 348 68.23 -64.22 -54.58
C ASN DA 348 68.67 -63.14 -55.55
N SER DA 349 68.03 -61.97 -55.52
CA SER DA 349 68.29 -60.89 -56.46
C SER DA 349 69.26 -59.87 -55.89
N ILE DA 350 70.23 -60.32 -55.11
CA ILE DA 350 71.18 -59.45 -54.43
C ILE DA 350 72.59 -59.84 -54.86
N GLN DA 351 73.36 -58.87 -55.33
CA GLN DA 351 74.76 -59.10 -55.66
C GLN DA 351 75.57 -59.40 -54.40
N THR DA 352 76.68 -60.08 -54.60
CA THR DA 352 77.49 -60.58 -53.49
C THR DA 352 78.96 -60.30 -53.76
N LYS DA 353 79.77 -60.40 -52.71
CA LYS DA 353 81.20 -60.17 -52.78
C LYS DA 353 81.93 -61.48 -52.55
N LEU DA 354 82.93 -61.75 -53.38
CA LEU DA 354 83.64 -63.03 -53.37
C LEU DA 354 84.83 -62.92 -52.43
N PHE DA 355 84.54 -62.97 -51.13
CA PHE DA 355 85.61 -62.90 -50.13
C PHE DA 355 86.40 -64.19 -50.21
N HIS DA 356 87.49 -64.18 -50.99
CA HIS DA 356 88.35 -65.39 -51.16
C HIS DA 356 89.41 -65.37 -50.06
N ALA DA 357 89.18 -66.11 -48.97
CA ALA DA 357 90.13 -66.15 -47.87
C ALA DA 357 91.44 -66.75 -48.32
N GLN DA 358 92.54 -66.19 -47.85
CA GLN DA 358 93.87 -66.60 -48.26
C GLN DA 358 94.72 -66.85 -47.02
N SER DA 359 95.56 -67.88 -47.08
CA SER DA 359 96.38 -68.27 -45.94
C SER DA 359 97.74 -67.61 -46.06
N GLN DA 360 97.97 -66.58 -45.25
CA GLN DA 360 99.25 -65.89 -45.26
C GLN DA 360 100.35 -66.80 -44.70
N PRO DA 361 101.50 -66.90 -45.40
CA PRO DA 361 102.63 -67.67 -44.84
C PRO DA 361 103.52 -66.80 -43.96
N ILE DA 362 103.74 -67.25 -42.72
CA ILE DA 362 104.60 -66.52 -41.78
C ILE DA 362 105.81 -67.38 -41.47
N PRO DA 363 107.03 -66.82 -41.41
CA PRO DA 363 108.20 -67.63 -41.09
C PRO DA 363 108.06 -68.27 -39.71
N ASN DA 364 108.81 -69.36 -39.52
CA ASN DA 364 108.80 -70.12 -38.26
C ASN DA 364 107.47 -70.84 -38.08
N THR DA 365 106.94 -71.39 -39.17
CA THR DA 365 105.70 -72.15 -39.15
C THR DA 365 105.79 -73.27 -40.17
N ASP DA 366 105.51 -74.50 -39.72
CA ASP DA 366 105.54 -75.68 -40.56
C ASP DA 366 104.17 -76.33 -40.54
N ASP DA 367 103.59 -76.50 -41.74
CA ASP DA 367 102.25 -77.05 -41.89
C ASP DA 367 101.19 -76.20 -41.19
N TYR DA 368 101.54 -74.99 -40.78
CA TYR DA 368 100.63 -74.07 -40.11
C TYR DA 368 100.68 -72.75 -40.86
N TRP DA 369 99.53 -72.27 -41.31
CA TRP DA 369 99.43 -71.03 -42.08
C TRP DA 369 98.68 -69.99 -41.25
N THR DA 370 98.43 -68.84 -41.87
CA THR DA 370 97.67 -67.76 -41.23
C THR DA 370 96.57 -67.33 -42.19
N ASP DA 371 95.34 -67.68 -41.86
CA ASP DA 371 94.19 -67.41 -42.72
C ASP DA 371 93.77 -65.96 -42.57
N VAL DA 372 93.82 -65.21 -43.67
CA VAL DA 372 93.36 -63.83 -43.71
C VAL DA 372 92.22 -63.75 -44.71
N ILE DA 373 91.06 -63.28 -44.26
CA ILE DA 373 89.87 -63.18 -45.11
C ILE DA 373 89.89 -61.79 -45.74
N LEU DA 374 90.64 -61.66 -46.83
CA LEU DA 374 90.73 -60.42 -47.58
C LEU DA 374 90.37 -60.66 -49.03
N THR DA 375 89.60 -59.72 -49.60
CA THR DA 375 89.16 -59.83 -50.98
C THR DA 375 90.28 -59.61 -51.98
N THR DA 376 91.39 -59.00 -51.56
CA THR DA 376 92.49 -58.72 -52.47
C THR DA 376 93.39 -59.94 -52.58
N LYS DA 377 93.71 -60.32 -53.83
CA LYS DA 377 94.59 -61.45 -54.06
C LYS DA 377 95.99 -61.16 -53.51
N GLY DA 378 96.57 -62.14 -52.82
CA GLY DA 378 97.88 -61.99 -52.25
C GLY DA 378 98.91 -62.88 -52.93
N SER DA 379 100.19 -62.62 -52.65
CA SER DA 379 101.28 -63.39 -53.22
C SER DA 379 101.80 -64.38 -52.19
N GLY DA 380 101.77 -65.67 -52.54
CA GLY DA 380 102.24 -66.71 -51.65
C GLY DA 380 101.24 -67.13 -50.59
N ASN DA 381 100.05 -66.53 -50.63
CA ASN DA 381 98.98 -66.87 -49.64
C ASN DA 381 98.07 -67.93 -50.25
N GLN DA 382 97.83 -69.03 -49.53
CA GLN DA 382 97.02 -70.12 -50.07
C GLN DA 382 95.53 -69.74 -49.99
N PRO DA 383 94.81 -69.68 -51.12
CA PRO DA 383 93.37 -69.43 -51.04
C PRO DA 383 92.62 -70.63 -50.47
N LEU DA 384 91.64 -70.33 -49.61
CA LEU DA 384 90.86 -71.39 -48.96
C LEU DA 384 89.56 -71.67 -49.72
N PHE DA 385 88.68 -70.67 -49.83
CA PHE DA 385 87.44 -70.82 -50.58
C PHE DA 385 87.01 -69.44 -51.06
N THR DA 386 86.27 -69.43 -52.16
CA THR DA 386 85.71 -68.22 -52.73
C THR DA 386 84.20 -68.34 -52.75
N PHE DA 387 83.52 -67.41 -52.08
CA PHE DA 387 82.09 -67.50 -51.82
C PHE DA 387 81.41 -66.15 -51.94
N PRO DA 388 80.17 -66.10 -52.40
CA PRO DA 388 79.42 -64.85 -52.35
C PRO DA 388 79.23 -64.40 -50.91
N ALA DA 389 79.28 -63.09 -50.69
CA ALA DA 389 79.08 -62.51 -49.37
C ALA DA 389 78.40 -61.16 -49.51
N PHE DA 390 77.97 -60.62 -48.37
CA PHE DA 390 77.22 -59.36 -48.33
C PHE DA 390 78.13 -58.28 -47.79
N ASP DA 391 78.35 -57.24 -48.59
CA ASP DA 391 79.26 -56.16 -48.26
C ASP DA 391 78.55 -54.90 -47.80
N PHE DA 392 77.29 -55.01 -47.40
CA PHE DA 392 76.50 -53.86 -46.99
C PHE DA 392 75.42 -54.32 -46.03
N GLY DA 393 75.10 -53.47 -45.07
CA GLY DA 393 74.10 -53.81 -44.08
C GLY DA 393 72.72 -53.66 -44.66
N ASP DA 394 71.79 -53.12 -43.88
CA ASP DA 394 70.42 -52.85 -44.33
C ASP DA 394 69.67 -54.11 -44.73
N LEU DA 395 70.24 -55.29 -44.50
CA LEU DA 395 69.56 -56.57 -44.75
C LEU DA 395 69.39 -57.25 -43.39
N ILE DA 396 68.16 -57.24 -42.87
CA ILE DA 396 67.96 -57.77 -41.53
C ILE DA 396 68.32 -59.25 -41.52
N GLY DA 397 68.68 -59.74 -40.34
CA GLY DA 397 69.15 -61.09 -40.19
C GLY DA 397 70.62 -61.30 -40.50
N THR DA 398 71.39 -60.20 -40.60
CA THR DA 398 72.82 -60.28 -40.95
C THR DA 398 73.66 -59.51 -39.95
N GLU DA 399 74.89 -59.96 -39.68
CA GLU DA 399 75.83 -59.30 -38.79
C GLU DA 399 77.21 -59.30 -39.43
N VAL DA 400 78.03 -58.35 -38.99
CA VAL DA 400 79.33 -58.08 -39.60
C VAL DA 400 80.43 -58.73 -38.77
N VAL DA 401 81.46 -59.20 -39.46
CA VAL DA 401 82.66 -59.76 -38.85
C VAL DA 401 83.82 -58.86 -39.25
N SER DA 402 84.14 -57.89 -38.39
CA SER DA 402 85.12 -56.86 -38.70
C SER DA 402 86.42 -57.19 -37.99
N PHE DA 403 87.42 -57.64 -38.74
CA PHE DA 403 88.71 -57.94 -38.15
C PHE DA 403 89.29 -56.69 -37.53
N GLY DA 404 89.88 -56.85 -36.34
CA GLY DA 404 90.56 -55.76 -35.67
C GLY DA 404 92.07 -55.94 -35.72
N LYS DA 405 92.74 -55.12 -36.51
CA LYS DA 405 94.19 -55.15 -36.62
C LYS DA 405 94.78 -53.96 -35.88
N LYS DA 406 95.67 -54.24 -34.93
CA LYS DA 406 96.29 -53.18 -34.16
C LYS DA 406 97.10 -52.26 -35.06
N LYS DA 407 96.70 -51.00 -35.16
CA LYS DA 407 97.53 -50.01 -35.84
C LYS DA 407 98.79 -49.73 -35.03
N ASN DA 408 98.69 -49.82 -33.70
CA ASN DA 408 99.83 -49.66 -32.81
C ASN DA 408 100.67 -50.92 -32.72
N GLY DA 409 100.22 -52.01 -33.35
CA GLY DA 409 100.94 -53.27 -33.32
C GLY DA 409 100.62 -54.13 -34.50
N GLU DA 410 100.53 -55.44 -34.29
CA GLU DA 410 100.22 -56.36 -35.38
C GLU DA 410 99.23 -57.44 -34.97
N GLU DA 411 98.61 -57.32 -33.79
CA GLU DA 411 97.66 -58.33 -33.35
C GLU DA 411 96.52 -58.47 -34.35
N TYR DA 412 96.16 -59.73 -34.64
CA TYR DA 412 95.02 -60.05 -35.49
C TYR DA 412 93.81 -60.31 -34.61
N ASN DA 413 92.72 -59.57 -34.86
CA ASN DA 413 91.48 -59.76 -34.10
C ASN DA 413 90.32 -60.04 -35.06
N CYS DA 414 89.26 -60.59 -34.47
CA CYS DA 414 88.06 -60.96 -35.23
C CYS DA 414 86.87 -60.75 -34.32
N LEU DA 415 86.17 -59.62 -34.50
CA LEU DA 415 85.05 -59.25 -33.67
C LEU DA 415 83.80 -59.14 -34.52
N ILE DA 416 82.73 -59.84 -34.12
CA ILE DA 416 81.46 -59.82 -34.84
C ILE DA 416 80.63 -58.66 -34.32
N GLY DA 417 80.11 -57.85 -35.23
CA GLY DA 417 79.27 -56.74 -34.82
C GLY DA 417 79.97 -55.74 -33.93
N GLU DA 418 81.30 -55.77 -33.90
CA GLU DA 418 82.09 -54.83 -33.10
C GLU DA 418 83.24 -54.34 -33.97
N ARG DA 419 83.12 -53.10 -34.44
CA ARG DA 419 84.13 -52.55 -35.33
C ARG DA 419 85.34 -52.07 -34.53
N VAL DA 420 86.31 -51.52 -35.26
CA VAL DA 420 87.46 -50.90 -34.61
C VAL DA 420 87.07 -49.61 -33.90
N THR DA 421 85.98 -48.96 -34.32
CA THR DA 421 85.62 -47.66 -33.78
C THR DA 421 85.43 -47.69 -32.27
N SER DA 422 85.07 -48.85 -31.71
CA SER DA 422 84.93 -48.95 -30.26
C SER DA 422 86.28 -48.69 -29.57
N LEU DA 423 87.36 -49.23 -30.13
CA LEU DA 423 88.69 -49.01 -29.61
C LEU DA 423 89.38 -47.91 -30.42
N ASP DA 424 90.67 -47.68 -30.15
CA ASP DA 424 91.44 -46.66 -30.82
C ASP DA 424 92.72 -47.26 -31.41
N ASP DA 425 93.07 -46.83 -32.62
CA ASP DA 425 94.25 -47.32 -33.32
C ASP DA 425 94.15 -48.83 -33.58
N TYR DA 426 93.19 -49.16 -34.44
CA TYR DA 426 92.98 -50.56 -34.85
C TYR DA 426 92.63 -50.52 -36.34
N LYS DA 427 93.56 -50.95 -37.20
CA LYS DA 427 93.31 -51.01 -38.67
C LYS DA 427 92.16 -51.98 -38.96
N GLU DA 428 91.46 -51.75 -40.07
CA GLU DA 428 90.35 -52.66 -40.47
C GLU DA 428 90.83 -53.61 -41.58
N LEU DA 429 90.89 -54.91 -41.29
CA LEU DA 429 91.29 -55.89 -42.33
C LEU DA 429 90.09 -56.16 -43.25
N SER DA 430 88.99 -56.68 -42.70
CA SER DA 430 87.84 -57.04 -43.51
C SER DA 430 86.58 -56.92 -42.68
N TYR DA 431 85.55 -56.29 -43.27
CA TYR DA 431 84.23 -56.22 -42.66
C TYR DA 431 83.20 -56.53 -43.73
N PHE DA 432 82.25 -57.39 -43.38
CA PHE DA 432 81.21 -57.79 -44.32
C PHE DA 432 80.08 -58.49 -43.57
N TRP DA 433 78.85 -58.04 -43.77
CA TRP DA 433 77.73 -58.61 -43.05
C TRP DA 433 77.44 -60.02 -43.54
N VAL DA 434 77.04 -60.89 -42.60
CA VAL DA 434 76.75 -62.28 -42.91
C VAL DA 434 75.60 -62.76 -42.04
N PHE DA 435 75.03 -63.92 -42.40
CA PHE DA 435 73.99 -64.53 -41.60
C PHE DA 435 74.63 -65.34 -40.46
N PRO DA 436 74.42 -64.95 -39.19
CA PRO DA 436 74.94 -65.80 -38.10
C PRO DA 436 74.26 -67.15 -38.02
N ASP DA 437 73.09 -67.31 -38.61
CA ASP DA 437 72.35 -68.56 -38.57
C ASP DA 437 71.98 -68.98 -39.98
N SER DA 438 71.50 -70.21 -40.11
CA SER DA 438 71.17 -70.75 -41.42
C SER DA 438 69.79 -70.27 -41.85
N VAL DA 439 69.52 -70.39 -43.14
CA VAL DA 439 68.23 -70.07 -43.71
C VAL DA 439 67.81 -71.21 -44.61
N GLN DA 440 66.51 -71.34 -44.84
CA GLN DA 440 66.00 -72.42 -45.67
C GLN DA 440 66.59 -72.34 -47.07
N LYS DA 441 67.40 -73.34 -47.41
CA LYS DA 441 67.88 -73.60 -48.77
C LYS DA 441 68.67 -72.43 -49.36
N PHE DA 442 69.14 -71.48 -48.55
CA PHE DA 442 70.04 -70.44 -49.05
C PHE DA 442 71.40 -70.48 -48.37
N ALA DA 443 71.44 -70.41 -47.04
CA ALA DA 443 72.70 -70.31 -46.30
C ALA DA 443 72.92 -71.62 -45.55
N MET DA 444 73.62 -72.55 -46.19
CA MET DA 444 73.84 -73.87 -45.63
C MET DA 444 75.31 -74.20 -45.37
N GLU DA 445 76.24 -73.52 -46.02
CA GLU DA 445 77.65 -73.78 -45.79
C GLU DA 445 78.15 -72.92 -44.63
N MET DA 446 79.14 -73.43 -43.92
CA MET DA 446 79.51 -72.91 -42.61
C MET DA 446 80.92 -72.34 -42.61
N TYR DA 447 81.14 -71.36 -41.74
CA TYR DA 447 82.46 -70.83 -41.46
C TYR DA 447 82.61 -70.60 -39.96
N GLY DA 448 83.77 -70.96 -39.42
CA GLY DA 448 84.03 -70.81 -38.01
C GLY DA 448 85.34 -70.10 -37.76
N VAL DA 449 85.39 -69.40 -36.63
CA VAL DA 449 86.54 -68.58 -36.26
C VAL DA 449 87.22 -69.23 -35.05
N SER DA 450 88.54 -69.37 -35.13
CA SER DA 450 89.36 -69.83 -34.01
C SER DA 450 90.65 -69.03 -33.99
N LYS DA 451 91.15 -68.75 -32.78
CA LYS DA 451 92.33 -67.92 -32.58
C LYS DA 451 93.24 -68.57 -31.54
N VAL DA 452 94.55 -68.44 -31.76
CA VAL DA 452 95.53 -68.98 -30.82
C VAL DA 452 95.92 -67.90 -29.83
N PRO DA 453 95.72 -68.10 -28.52
CA PRO DA 453 96.04 -67.03 -27.58
C PRO DA 453 97.49 -66.58 -27.62
N THR DA 454 98.43 -67.52 -27.78
CA THR DA 454 99.84 -67.16 -27.73
C THR DA 454 100.21 -66.26 -28.91
N ARG DA 455 99.73 -66.60 -30.11
CA ARG DA 455 100.02 -65.84 -31.31
C ARG DA 455 98.74 -65.65 -32.09
N ASN DA 456 98.50 -64.42 -32.55
CA ASN DA 456 97.25 -64.09 -33.21
C ASN DA 456 97.26 -64.58 -34.65
N TYR DA 457 97.41 -65.88 -34.84
CA TYR DA 457 97.31 -66.50 -36.15
C TYR DA 457 95.85 -66.84 -36.38
N MET DA 458 95.16 -66.00 -37.14
CA MET DA 458 93.75 -66.23 -37.41
C MET DA 458 93.54 -67.64 -37.96
N ARG DA 459 92.70 -68.40 -37.27
CA ARG DA 459 92.38 -69.78 -37.64
C ARG DA 459 90.88 -69.83 -37.93
N VAL DA 460 90.52 -69.47 -39.16
CA VAL DA 460 89.14 -69.54 -39.63
C VAL DA 460 89.05 -70.74 -40.57
N TYR DA 461 88.07 -71.60 -40.33
CA TYR DA 461 87.96 -72.84 -41.07
C TYR DA 461 86.49 -73.20 -41.24
N ALA DA 462 86.23 -74.15 -42.12
CA ALA DA 462 84.89 -74.66 -42.35
C ALA DA 462 84.49 -75.55 -41.18
N ALA DA 463 83.77 -74.97 -40.22
CA ALA DA 463 83.42 -75.66 -38.98
C ALA DA 463 82.24 -76.60 -39.22
N ASP DA 464 81.78 -77.21 -38.13
CA ASP DA 464 80.66 -78.19 -38.21
C ASP DA 464 79.71 -77.90 -37.05
N GLN DA 465 78.53 -78.51 -37.07
CA GLN DA 465 77.59 -78.34 -35.96
C GLN DA 465 78.17 -78.87 -34.67
N SER DA 466 79.09 -79.84 -34.78
CA SER DA 466 79.75 -80.41 -33.58
C SER DA 466 80.84 -79.46 -33.08
N ASP DA 467 81.50 -78.73 -33.98
CA ASP DA 467 82.49 -77.72 -33.56
C ASP DA 467 81.81 -76.77 -32.57
N ILE DA 468 80.54 -76.43 -32.84
CA ILE DA 468 79.77 -75.58 -31.88
C ILE DA 468 79.60 -76.37 -30.59
N GLU DA 469 79.05 -77.58 -30.66
CA GLU DA 469 78.82 -78.42 -29.45
C GLU DA 469 80.07 -78.41 -28.56
N ASN DA 470 81.21 -78.87 -29.11
CA ASN DA 470 82.48 -78.87 -28.33
C ASN DA 470 83.41 -77.79 -28.93
N PRO DA 471 83.41 -76.55 -28.39
CA PRO DA 471 84.21 -75.44 -28.97
C PRO DA 471 85.66 -75.48 -28.52
N ARG DA 472 86.58 -75.11 -29.42
CA ARG DA 472 87.99 -75.04 -29.08
C ARG DA 472 88.27 -73.75 -28.31
N PRO DA 473 89.41 -73.67 -27.62
CA PRO DA 473 89.72 -72.45 -26.87
C PRO DA 473 89.77 -71.23 -27.77
N TYR DA 474 89.26 -70.10 -27.27
CA TYR DA 474 89.35 -68.81 -28.03
C TYR DA 474 88.64 -68.90 -29.38
N GLN DA 475 87.68 -69.80 -29.54
CA GLN DA 475 86.90 -69.85 -30.78
C GLN DA 475 85.77 -68.84 -30.65
N ARG DA 476 85.81 -67.78 -31.45
CA ARG DA 476 84.95 -66.63 -31.21
C ARG DA 476 83.53 -66.87 -31.71
N PHE DA 477 83.37 -67.04 -33.03
CA PHE DA 477 82.04 -67.07 -33.62
C PHE DA 477 82.05 -67.94 -34.86
N TRP DA 478 80.86 -68.40 -35.25
CA TRP DA 478 80.66 -69.20 -36.44
C TRP DA 478 79.49 -68.65 -37.23
N PHE DA 479 79.59 -68.71 -38.55
CA PHE DA 479 78.62 -68.06 -39.43
C PHE DA 479 78.40 -68.91 -40.68
N TYR DA 480 77.21 -68.76 -41.25
CA TYR DA 480 76.81 -69.47 -42.45
C TYR DA 480 76.85 -68.53 -43.65
N VAL DA 481 77.34 -69.02 -44.78
CA VAL DA 481 77.46 -68.25 -46.01
C VAL DA 481 76.53 -68.87 -47.05
N PRO DA 482 75.98 -68.09 -47.97
CA PRO DA 482 75.05 -68.65 -48.95
C PRO DA 482 75.67 -69.78 -49.78
N SER DA 483 74.85 -70.78 -50.08
CA SER DA 483 75.28 -71.92 -50.88
C SER DA 483 75.02 -71.61 -52.35
N ALA DA 484 76.04 -71.80 -53.19
CA ALA DA 484 75.91 -71.54 -54.61
C ALA DA 484 75.01 -72.54 -55.31
N ASN DA 485 74.64 -73.62 -54.64
CA ASN DA 485 73.78 -74.64 -55.24
C ASN DA 485 72.33 -74.19 -55.39
N SER DA 486 71.96 -73.05 -54.82
CA SER DA 486 70.58 -72.59 -54.93
C SER DA 486 70.25 -72.31 -56.39
N PRO DA 487 69.07 -72.71 -56.88
CA PRO DA 487 68.75 -72.47 -58.29
C PRO DA 487 68.29 -71.04 -58.50
N PRO DA 488 68.87 -70.34 -59.50
CA PRO DA 488 68.43 -68.96 -59.74
C PRO DA 488 67.19 -68.88 -60.62
N GLY EA 2 58.20 3.75 -49.95
CA GLY EA 2 57.25 4.59 -49.25
C GLY EA 2 56.52 3.87 -48.14
N GLU EA 3 57.18 3.76 -46.98
CA GLU EA 3 56.57 3.13 -45.82
C GLU EA 3 56.70 4.01 -44.58
N VAL EA 4 57.70 4.88 -44.55
CA VAL EA 4 57.91 5.78 -43.43
C VAL EA 4 58.19 7.18 -43.96
N VAL EA 5 58.01 8.16 -43.08
CA VAL EA 5 58.24 9.56 -43.45
C VAL EA 5 58.62 10.33 -42.20
N PRO EA 6 59.60 11.23 -42.26
CA PRO EA 6 59.95 12.01 -41.07
C PRO EA 6 58.78 12.85 -40.59
N TYR EA 7 58.69 13.01 -39.28
CA TYR EA 7 57.59 13.74 -38.69
C TYR EA 7 57.59 15.18 -39.17
N LYS EA 8 56.42 15.69 -39.55
CA LYS EA 8 56.23 17.09 -39.92
C LYS EA 8 55.18 17.68 -39.00
N ALA EA 9 55.50 18.81 -38.37
CA ALA EA 9 54.62 19.36 -37.35
C ALA EA 9 53.24 19.62 -37.93
N GLY EA 10 52.23 19.43 -37.09
CA GLY EA 10 50.85 19.54 -37.51
C GLY EA 10 50.22 18.27 -38.01
N MET EA 11 51.02 17.20 -38.17
CA MET EA 11 50.47 15.94 -38.64
C MET EA 11 49.38 15.45 -37.71
N GLN EA 12 48.29 14.99 -38.29
CA GLN EA 12 47.17 14.44 -37.54
C GLN EA 12 46.97 13.00 -37.98
N ARG EA 13 46.87 12.09 -37.00
CA ARG EA 13 46.70 10.68 -37.32
C ARG EA 13 45.48 10.50 -38.21
N GLY EA 14 45.63 9.71 -39.26
CA GLY EA 14 44.53 9.42 -40.15
C GLY EA 14 44.25 10.55 -41.12
N GLN EA 15 45.23 10.89 -41.94
CA GLN EA 15 45.07 11.93 -42.94
C GLN EA 15 45.78 11.52 -44.22
N GLY EA 16 45.30 12.07 -45.34
CA GLY EA 16 45.91 11.75 -46.61
C GLY EA 16 47.31 12.31 -46.73
N TYR EA 17 48.10 11.67 -47.57
CA TYR EA 17 49.49 12.07 -47.79
C TYR EA 17 49.81 11.91 -49.27
N ASN EA 18 50.08 13.02 -49.94
CA ASN EA 18 50.47 13.01 -51.34
C ASN EA 18 51.95 12.68 -51.39
N THR EA 19 52.27 11.40 -51.61
CA THR EA 19 53.64 10.94 -51.46
C THR EA 19 54.59 11.62 -52.42
N TYR EA 20 54.10 12.03 -53.60
CA TYR EA 20 54.96 12.74 -54.55
C TYR EA 20 55.28 14.14 -54.05
N LEU EA 21 54.27 14.96 -53.82
CA LEU EA 21 54.49 16.30 -53.31
C LEU EA 21 54.90 16.34 -51.85
N GLN EA 22 54.84 15.20 -51.15
CA GLN EA 22 55.25 15.11 -49.75
C GLN EA 22 54.51 16.13 -48.89
N SER EA 23 53.32 16.54 -49.33
CA SER EA 23 52.52 17.49 -48.59
C SER EA 23 51.52 16.74 -47.71
N LEU EA 24 50.62 17.49 -47.07
CA LEU EA 24 49.59 16.92 -46.22
C LEU EA 24 48.23 17.11 -46.88
N CYS EA 25 47.36 16.12 -46.70
CA CYS EA 25 46.05 16.16 -47.32
C CYS EA 25 44.95 15.96 -46.28
N VAL EA 26 43.71 15.74 -46.74
CA VAL EA 26 42.55 15.82 -45.86
C VAL EA 26 42.81 15.06 -44.57
N LYS EA 27 42.35 15.64 -43.46
CA LYS EA 27 42.48 15.03 -42.15
C LYS EA 27 41.20 14.29 -41.80
N ASP EA 28 41.36 13.16 -41.10
CA ASP EA 28 40.23 12.36 -40.61
C ASP EA 28 39.54 11.59 -41.73
N ALA EA 29 40.29 11.21 -42.76
CA ALA EA 29 39.75 10.30 -43.75
C ALA EA 29 39.67 8.89 -43.21
N VAL EA 30 40.57 8.54 -42.29
CA VAL EA 30 40.64 7.21 -41.70
C VAL EA 30 40.49 7.34 -40.19
N THR EA 31 39.57 6.59 -39.62
CA THR EA 31 39.39 6.53 -38.18
C THR EA 31 39.98 5.23 -37.67
N ILE EA 32 40.88 5.32 -36.71
CA ILE EA 32 41.53 4.16 -36.10
C ILE EA 32 40.95 4.00 -34.71
N GLU EA 33 40.34 2.85 -34.44
CA GLU EA 33 39.79 2.53 -33.14
C GLU EA 33 40.82 1.73 -32.35
N ARG EA 34 41.21 2.26 -31.20
CA ARG EA 34 42.11 1.56 -30.29
C ARG EA 34 41.29 0.57 -29.47
N HIS EA 35 41.23 -0.68 -29.94
CA HIS EA 35 40.44 -1.68 -29.23
C HIS EA 35 40.98 -1.90 -27.83
N ASP EA 36 42.31 -1.98 -27.69
CA ASP EA 36 42.95 -2.23 -26.41
C ASP EA 36 43.87 -1.06 -26.08
N ASP EA 37 43.78 -0.57 -24.84
CA ASP EA 37 44.62 0.53 -24.38
C ASP EA 37 45.89 -0.04 -23.78
N SER EA 38 46.95 -0.10 -24.59
CA SER EA 38 48.22 -0.62 -24.13
C SER EA 38 49.33 -0.12 -25.05
N ASN EA 39 50.45 0.28 -24.46
CA ASN EA 39 51.55 0.78 -25.27
C ASN EA 39 52.17 -0.37 -26.06
N PRO EA 40 52.67 -0.11 -27.27
CA PRO EA 40 53.17 -1.19 -28.11
C PRO EA 40 54.52 -1.68 -27.62
N PRO EA 41 54.97 -2.84 -28.11
CA PRO EA 41 56.30 -3.33 -27.72
C PRO EA 41 57.39 -2.37 -28.17
N PHE EA 42 58.47 -2.34 -27.39
CA PHE EA 42 59.52 -1.34 -27.58
C PHE EA 42 60.89 -1.99 -27.54
N LYS EA 43 61.86 -1.32 -28.16
CA LYS EA 43 63.23 -1.77 -28.23
C LYS EA 43 64.13 -0.72 -27.58
N LYS EA 44 65.02 -1.17 -26.70
CA LYS EA 44 65.87 -0.28 -25.92
C LYS EA 44 67.34 -0.49 -26.25
N GLU EA 45 68.12 0.58 -26.10
CA GLU EA 45 69.56 0.53 -26.19
C GLU EA 45 70.14 1.36 -25.05
N TYR EA 46 71.38 1.02 -24.65
CA TYR EA 46 72.02 1.74 -23.55
C TYR EA 46 73.53 1.58 -23.71
N TYR EA 47 74.19 2.62 -24.22
CA TYR EA 47 75.65 2.67 -24.32
C TYR EA 47 76.15 3.63 -23.26
N SER EA 48 77.05 3.15 -22.39
CA SER EA 48 77.53 3.94 -21.26
C SER EA 48 79.05 3.87 -21.18
N GLU EA 49 79.65 4.99 -20.79
CA GLU EA 49 81.09 5.08 -20.58
C GLU EA 49 81.35 5.85 -19.30
N PHE EA 50 82.31 5.38 -18.50
CA PHE EA 50 82.72 6.06 -17.28
C PHE EA 50 84.25 6.11 -17.30
N ILE EA 51 84.81 7.20 -17.81
CA ILE EA 51 86.24 7.26 -18.05
C ILE EA 51 87.00 7.30 -16.72
N GLU EA 52 88.27 6.94 -16.79
CA GLU EA 52 89.08 6.69 -15.61
C GLU EA 52 89.02 7.84 -14.63
N GLU EA 53 89.35 7.54 -13.37
CA GLU EA 53 89.52 8.56 -12.34
C GLU EA 53 91.00 8.89 -12.27
N TYR EA 54 91.39 9.99 -12.91
CA TYR EA 54 92.79 10.40 -12.95
C TYR EA 54 93.17 10.89 -11.56
N GLU EA 55 93.45 9.91 -10.68
CA GLU EA 55 93.86 10.25 -9.28
C GLU EA 55 95.39 10.23 -9.21
N LYS EA 56 95.99 11.39 -9.01
CA LYS EA 56 97.44 11.52 -8.97
C LYS EA 56 97.80 12.40 -7.77
N ILE EA 57 98.40 11.79 -6.75
CA ILE EA 57 98.93 12.51 -5.60
C ILE EA 57 100.45 12.50 -5.73
N ALA EA 58 101.05 13.68 -5.80
CA ALA EA 58 102.49 13.85 -5.72
C ALA EA 58 102.79 14.75 -4.54
N LYS EA 59 103.63 14.28 -3.63
CA LYS EA 59 103.85 14.95 -2.36
C LYS EA 59 105.35 15.04 -2.08
N SER EA 60 105.75 16.12 -1.41
CA SER EA 60 107.15 16.43 -1.19
C SER EA 60 107.45 16.51 0.29
N MET EA 61 108.64 16.02 0.69
CA MET EA 61 109.08 16.16 2.11
C MET EA 61 110.60 16.35 2.11
N ARG EA 62 111.06 17.60 2.16
CA ARG EA 62 112.46 17.97 2.10
C ARG EA 62 112.86 18.60 3.42
N ILE EA 63 113.81 17.97 4.11
CA ILE EA 63 114.30 18.47 5.38
C ILE EA 63 115.82 18.60 5.30
N SER EA 64 116.36 19.61 5.98
CA SER EA 64 117.80 19.82 5.98
C SER EA 64 118.15 20.60 7.24
N ALA EA 65 119.03 20.04 8.06
CA ALA EA 65 119.47 20.71 9.28
C ALA EA 65 120.88 20.24 9.63
N GLY EA 66 121.62 21.13 10.29
CA GLY EA 66 122.97 20.82 10.70
C GLY EA 66 123.71 22.03 11.24
N VAL EA 78 124.76 27.92 15.68
CA VAL EA 78 124.35 28.25 14.32
C VAL EA 78 123.79 27.03 13.64
N ASN EA 79 122.61 26.60 14.07
CA ASN EA 79 121.92 25.45 13.51
C ASN EA 79 120.73 25.92 12.69
N VAL EA 80 120.62 25.41 11.47
CA VAL EA 80 119.56 25.81 10.55
C VAL EA 80 118.64 24.63 10.30
N ASP EA 81 117.41 24.94 9.91
CA ASP EA 81 116.41 23.94 9.60
C ASP EA 81 115.66 24.35 8.33
N ILE EA 82 115.27 23.36 7.54
CA ILE EA 82 114.45 23.57 6.35
C ILE EA 82 113.41 22.47 6.30
N LEU EA 83 112.15 22.85 6.09
CA LEU EA 83 111.03 21.91 6.10
C LEU EA 83 110.09 22.31 4.97
N ASN EA 84 110.17 21.64 3.83
CA ASN EA 84 109.39 21.99 2.66
C ASN EA 84 108.42 20.86 2.31
N ARG EA 85 107.18 21.22 2.05
CA ARG EA 85 106.14 20.27 1.69
C ARG EA 85 105.47 20.69 0.38
N SER EA 86 104.87 19.72 -0.28
CA SER EA 86 104.05 19.99 -1.45
C SER EA 86 103.01 18.89 -1.56
N GLU EA 87 101.98 19.15 -2.36
CA GLU EA 87 100.91 18.17 -2.56
C GLU EA 87 100.15 18.54 -3.81
N PHE EA 88 100.14 17.64 -4.79
CA PHE EA 88 99.44 17.87 -6.05
C PHE EA 88 98.42 16.76 -6.24
N GLU EA 89 97.15 17.14 -6.39
CA GLU EA 89 96.07 16.18 -6.55
C GLU EA 89 95.38 16.42 -7.89
N THR EA 90 94.93 15.33 -8.50
CA THR EA 90 94.20 15.40 -9.75
C THR EA 90 93.05 14.41 -9.70
N SER EA 91 91.94 14.76 -10.35
CA SER EA 91 90.79 13.86 -10.43
C SER EA 91 89.96 14.26 -11.65
N THR EA 92 90.11 13.53 -12.74
CA THR EA 92 89.33 13.75 -13.94
C THR EA 92 88.33 12.62 -14.09
N LEU EA 93 87.06 12.92 -13.90
CA LEU EA 93 85.99 11.97 -14.10
C LEU EA 93 85.17 12.42 -15.31
N THR EA 94 84.85 11.48 -16.19
CA THR EA 94 84.02 11.76 -17.34
C THR EA 94 82.98 10.67 -17.47
N TYR EA 95 81.82 11.03 -18.01
CA TYR EA 95 80.71 10.10 -18.15
C TYR EA 95 79.98 10.37 -19.45
N GLU EA 96 79.30 9.34 -19.96
CA GLU EA 96 78.52 9.50 -21.19
C GLU EA 96 77.60 8.31 -21.36
N VAL EA 97 76.32 8.58 -21.63
CA VAL EA 97 75.35 7.54 -21.93
C VAL EA 97 74.57 7.96 -23.17
N LYS EA 98 73.93 6.97 -23.79
CA LYS EA 98 73.10 7.23 -24.97
C LYS EA 98 72.03 6.15 -25.01
N VAL EA 99 70.81 6.52 -24.64
CA VAL EA 99 69.69 5.58 -24.54
C VAL EA 99 68.75 5.83 -25.71
N LEU EA 100 68.49 4.78 -26.49
CA LEU EA 100 67.59 4.86 -27.62
C LEU EA 100 66.43 3.91 -27.40
N VAL EA 101 65.20 4.43 -27.51
CA VAL EA 101 63.99 3.65 -27.33
C VAL EA 101 63.15 3.80 -28.59
N GLN EA 102 62.71 2.68 -29.15
CA GLN EA 102 61.88 2.68 -30.35
C GLN EA 102 60.72 1.73 -30.13
N HIS EA 103 59.51 2.25 -30.26
CA HIS EA 103 58.30 1.46 -30.08
C HIS EA 103 57.94 0.78 -31.41
N GLN EA 104 56.80 0.10 -31.44
CA GLN EA 104 56.29 -0.49 -32.68
C GLN EA 104 54.83 -0.08 -32.86
N VAL EA 105 54.21 -0.53 -33.95
CA VAL EA 105 52.82 -0.21 -34.25
C VAL EA 105 51.97 -1.40 -33.85
N SER EA 106 50.94 -1.16 -33.05
CA SER EA 106 50.10 -2.25 -32.57
C SER EA 106 49.41 -2.94 -33.73
N VAL EA 107 49.24 -4.25 -33.59
CA VAL EA 107 48.67 -5.07 -34.65
C VAL EA 107 47.20 -5.39 -34.44
N LEU EA 108 46.60 -4.89 -33.36
CA LEU EA 108 45.23 -5.22 -32.99
C LEU EA 108 44.31 -4.01 -33.09
N ASP EA 109 44.48 -3.19 -34.13
CA ASP EA 109 43.65 -2.03 -34.36
C ASP EA 109 42.81 -2.23 -35.63
N LYS EA 110 41.73 -1.47 -35.73
CA LYS EA 110 40.83 -1.52 -36.88
C LYS EA 110 40.93 -0.20 -37.64
N HIS EA 111 41.03 -0.30 -38.96
CA HIS EA 111 41.15 0.86 -39.84
C HIS EA 111 39.92 0.95 -40.71
N SER EA 112 39.35 2.16 -40.80
CA SER EA 112 38.15 2.42 -41.57
C SER EA 112 38.39 3.62 -42.49
N PHE EA 113 37.50 3.78 -43.46
CA PHE EA 113 37.59 4.86 -44.44
C PHE EA 113 36.31 5.67 -44.46
N ASN EA 114 36.43 6.96 -44.22
CA ASN EA 114 35.28 7.87 -44.19
C ASN EA 114 35.19 8.62 -45.51
N LYS EA 115 33.97 8.91 -45.93
CA LYS EA 115 33.72 9.47 -47.25
C LYS EA 115 33.64 10.99 -47.16
N ILE EA 116 34.43 11.67 -47.99
CA ILE EA 116 34.34 13.11 -48.18
C ILE EA 116 33.95 13.36 -49.62
N GLN EA 117 32.85 14.10 -49.81
CA GLN EA 117 32.32 14.37 -51.18
C GLN EA 117 33.17 15.45 -51.85
N THR EA 118 33.83 15.11 -52.96
CA THR EA 118 34.65 16.05 -53.71
C THR EA 118 34.59 15.72 -55.18
N THR EA 119 34.72 16.74 -56.03
CA THR EA 119 34.83 16.51 -57.45
C THR EA 119 36.23 16.08 -57.85
N THR EA 120 37.21 16.23 -56.96
CA THR EA 120 38.59 15.85 -57.22
C THR EA 120 39.10 15.03 -56.05
N PRO EA 121 38.58 13.81 -55.86
CA PRO EA 121 39.01 13.02 -54.70
C PRO EA 121 40.49 12.71 -54.70
N HIS EA 122 41.14 12.75 -55.86
CA HIS EA 122 42.56 12.46 -55.95
C HIS EA 122 43.39 13.49 -55.20
N ALA EA 123 43.09 14.77 -55.40
CA ALA EA 123 43.86 15.83 -54.77
C ALA EA 123 43.46 16.02 -53.30
N THR EA 124 42.27 15.56 -52.93
CA THR EA 124 41.85 15.68 -51.53
C THR EA 124 42.38 14.51 -50.70
N TYR EA 125 42.10 13.29 -51.13
CA TYR EA 125 42.54 12.12 -50.37
C TYR EA 125 44.04 11.90 -50.51
N GLY EA 126 44.57 12.03 -51.72
CA GLY EA 126 45.98 11.76 -51.97
C GLY EA 126 46.22 10.33 -52.38
N ASP EA 127 47.27 9.72 -51.85
CA ASP EA 127 47.59 8.32 -52.12
C ASP EA 127 47.54 7.46 -50.88
N ARG EA 128 48.22 7.86 -49.80
CA ARG EA 128 48.33 7.03 -48.61
C ARG EA 128 47.97 7.85 -47.38
N PHE EA 129 47.54 7.13 -46.35
CA PHE EA 129 47.07 7.73 -45.10
C PHE EA 129 48.01 7.38 -43.96
N ILE EA 130 47.92 8.18 -42.88
CA ILE EA 130 48.80 8.04 -41.72
C ILE EA 130 48.09 7.13 -40.73
N ALA EA 131 48.51 5.86 -40.70
CA ALA EA 131 47.83 4.87 -39.86
C ALA EA 131 48.26 5.00 -38.40
N ASP EA 132 49.54 4.77 -38.13
CA ASP EA 132 50.07 4.83 -36.78
C ASP EA 132 51.39 5.58 -36.79
N PHE EA 133 51.70 6.20 -35.65
CA PHE EA 133 52.94 6.96 -35.51
C PHE EA 133 53.98 6.12 -34.79
N ILE EA 134 55.15 6.00 -35.41
CA ILE EA 134 56.27 5.30 -34.78
C ILE EA 134 56.83 6.20 -33.69
N LYS EA 135 56.80 5.72 -32.45
CA LYS EA 135 57.21 6.51 -31.31
C LYS EA 135 58.55 6.01 -30.78
N GLY EA 136 59.21 6.88 -30.02
CA GLY EA 136 60.50 6.56 -29.47
C GLY EA 136 61.02 7.57 -28.46
N GLY EA 137 62.32 7.56 -28.22
CA GLY EA 137 62.92 8.45 -27.25
C GLY EA 137 64.42 8.47 -27.42
N HIS EA 138 65.07 9.36 -26.67
CA HIS EA 138 66.50 9.57 -26.83
C HIS EA 138 67.08 10.11 -25.53
N PHE EA 139 68.34 9.79 -25.28
CA PHE EA 139 69.05 10.34 -24.14
C PHE EA 139 70.50 10.58 -24.52
N TYR EA 140 71.11 11.57 -23.89
CA TYR EA 140 72.49 11.92 -24.19
C TYR EA 140 73.03 12.76 -23.04
N ALA EA 141 74.02 12.23 -22.33
CA ALA EA 141 74.56 12.90 -21.17
C ALA EA 141 76.07 12.94 -21.24
N ARG EA 142 76.66 13.98 -20.67
CA ARG EA 142 78.11 14.12 -20.55
C ARG EA 142 78.42 14.84 -19.25
N VAL EA 143 79.20 14.20 -18.39
CA VAL EA 143 79.70 14.81 -17.17
C VAL EA 143 81.21 14.93 -17.30
N SER EA 144 81.74 16.10 -16.95
CA SER EA 144 83.18 16.36 -17.01
C SER EA 144 83.57 16.99 -15.68
N ILE EA 145 83.89 16.15 -14.70
CA ILE EA 145 84.34 16.62 -13.39
C ILE EA 145 85.84 16.85 -13.47
N THR EA 146 86.28 18.11 -13.33
CA THR EA 146 87.71 18.45 -13.46
C THR EA 146 88.43 18.10 -12.18
N ALA EA 147 89.76 18.19 -12.17
CA ALA EA 147 90.61 17.85 -11.01
C ALA EA 147 90.36 18.79 -9.84
N LYS EA 148 90.95 18.49 -8.68
CA LYS EA 148 90.87 19.40 -7.51
C LYS EA 148 92.10 20.29 -7.59
N ASN EA 149 93.21 19.77 -8.12
CA ASN EA 149 94.48 20.49 -8.13
C ASN EA 149 94.82 21.03 -6.74
N SER EA 150 94.71 20.15 -5.75
CA SER EA 150 95.14 20.51 -4.41
C SER EA 150 96.61 20.89 -4.45
N SER EA 151 96.96 21.98 -3.76
CA SER EA 151 98.31 22.52 -3.83
C SER EA 151 98.86 22.83 -2.44
N GLU EA 152 98.73 21.89 -1.51
CA GLU EA 152 99.25 22.08 -0.17
C GLU EA 152 100.76 22.20 -0.24
N THR EA 153 101.29 23.36 0.15
CA THR EA 153 102.73 23.59 0.22
C THR EA 153 103.06 24.31 1.52
N SER EA 154 104.32 24.23 1.93
CA SER EA 154 104.74 24.88 3.16
C SER EA 154 106.26 24.89 3.23
N GLU EA 155 106.80 25.83 4.00
CA GLU EA 155 108.24 25.97 4.20
C GLU EA 155 108.46 26.42 5.64
N LEU EA 156 109.60 26.05 6.20
CA LEU EA 156 109.97 26.46 7.55
C LEU EA 156 111.48 26.68 7.61
N LYS EA 157 111.91 27.59 8.48
CA LYS EA 157 113.33 27.97 8.58
C LYS EA 157 113.64 28.35 10.02
N GLN EA 158 114.41 27.51 10.72
CA GLN EA 158 114.79 27.75 12.10
C GLN EA 158 116.31 27.92 12.19
N SER EA 159 116.75 29.16 12.17
CA SER EA 159 118.16 29.48 12.34
C SER EA 159 118.45 29.74 13.81
N ALA EA 160 119.24 28.87 14.42
CA ALA EA 160 119.59 28.99 15.84
C ALA EA 160 118.35 29.05 16.70
N THR EA 174 119.50 34.27 19.39
CA THR EA 174 119.03 34.54 18.04
C THR EA 174 118.13 33.40 17.53
N GLN EA 175 117.05 33.78 16.86
CA GLN EA 175 116.05 32.82 16.40
C GLN EA 175 115.42 33.36 15.13
N GLU EA 176 114.84 32.46 14.35
CA GLU EA 176 114.20 32.85 13.09
C GLU EA 176 113.16 31.79 12.72
N VAL EA 177 111.99 32.25 12.27
CA VAL EA 177 110.93 31.38 11.79
C VAL EA 177 110.35 31.99 10.52
N GLU EA 178 110.12 31.15 9.51
CA GLU EA 178 109.63 31.60 8.20
C GLU EA 178 108.68 30.53 7.67
N ARG EA 179 107.37 30.82 7.76
CA ARG EA 179 106.34 29.92 7.25
C ARG EA 179 105.47 30.58 6.18
N ALA EA 180 106.06 31.48 5.38
CA ALA EA 180 105.29 32.19 4.36
C ALA EA 180 105.15 31.35 3.09
N VAL EA 181 104.65 30.13 3.23
CA VAL EA 181 104.37 29.26 2.10
C VAL EA 181 103.13 28.44 2.43
N SER EA 182 102.08 28.61 1.64
CA SER EA 182 100.84 27.89 1.85
C SER EA 182 99.91 28.16 0.68
N SER EA 183 99.26 27.11 0.17
CA SER EA 183 98.33 27.23 -0.93
C SER EA 183 97.36 26.06 -0.87
N ILE EA 184 96.22 26.21 -1.55
CA ILE EA 184 95.15 25.24 -1.49
C ILE EA 184 94.63 24.98 -2.91
N LYS EA 185 93.76 23.98 -3.02
CA LYS EA 185 93.20 23.56 -4.29
C LYS EA 185 92.49 24.71 -4.99
N ARG EA 186 92.57 24.70 -6.31
CA ARG EA 186 91.73 25.59 -7.12
C ARG EA 186 91.41 24.84 -8.41
N ASN EA 187 90.36 24.04 -8.37
CA ASN EA 187 89.74 23.51 -9.58
C ASN EA 187 88.48 22.75 -9.23
N ALA EA 188 87.35 23.08 -9.87
CA ALA EA 188 86.14 22.29 -9.74
C ALA EA 188 85.24 22.65 -10.92
N SER EA 189 85.24 21.81 -11.95
CA SER EA 189 84.43 22.05 -13.15
C SER EA 189 83.47 20.91 -13.32
N VAL EA 190 82.18 21.23 -13.43
CA VAL EA 190 81.13 20.25 -13.65
C VAL EA 190 80.38 20.70 -14.90
N LYS EA 191 80.73 20.12 -16.04
CA LYS EA 191 80.02 20.36 -17.29
C LYS EA 191 79.01 19.25 -17.49
N ILE EA 192 77.73 19.61 -17.54
CA ILE EA 192 76.64 18.65 -17.73
C ILE EA 192 75.86 19.06 -18.96
N THR EA 193 75.67 18.13 -19.88
CA THR EA 193 74.76 18.31 -21.00
C THR EA 193 73.79 17.14 -21.00
N ILE EA 194 72.50 17.43 -21.03
CA ILE EA 194 71.47 16.39 -21.04
C ILE EA 194 70.51 16.71 -22.17
N ILE EA 195 70.35 15.78 -23.10
CA ILE EA 195 69.45 15.93 -24.24
C ILE EA 195 68.44 14.80 -24.17
N GLU EA 196 67.17 15.16 -24.06
CA GLU EA 196 66.12 14.17 -23.81
C GLU EA 196 64.96 14.37 -24.78
N SER EA 197 64.34 13.26 -25.15
CA SER EA 197 63.11 13.25 -25.94
C SER EA 197 62.20 12.21 -25.30
N THR EA 198 61.38 12.65 -24.35
CA THR EA 198 60.54 11.73 -23.60
C THR EA 198 59.09 12.19 -23.59
N GLY EA 199 58.25 11.54 -22.78
CA GLY EA 199 56.84 11.86 -22.74
C GLY EA 199 56.34 12.00 -21.31
N THR EA 200 55.21 12.66 -21.19
CA THR EA 200 54.59 12.88 -19.88
C THR EA 200 53.95 11.61 -19.36
N SER EA 201 53.84 11.52 -18.05
CA SER EA 201 53.18 10.37 -17.43
C SER EA 201 51.70 10.37 -17.76
N SER EA 216 78.05 14.84 -6.14
CA SER EA 216 77.42 13.60 -6.59
C SER EA 216 76.71 13.80 -7.91
N ASP EA 217 77.22 14.72 -8.73
CA ASP EA 217 76.58 14.98 -10.01
C ASP EA 217 76.75 13.80 -10.96
N LEU EA 218 77.82 13.04 -10.82
CA LEU EA 218 77.97 11.83 -11.63
C LEU EA 218 76.86 10.83 -11.32
N LEU EA 219 76.53 10.66 -10.04
CA LEU EA 219 75.46 9.74 -9.66
C LEU EA 219 74.09 10.29 -10.07
N ALA EA 220 73.89 11.61 -9.97
CA ALA EA 220 72.59 12.17 -10.32
C ALA EA 220 72.27 11.92 -11.79
N VAL EA 221 73.24 12.12 -12.67
CA VAL EA 221 73.02 11.81 -14.09
C VAL EA 221 72.73 10.33 -14.26
N LYS EA 222 73.41 9.49 -13.48
CA LYS EA 222 73.21 8.05 -13.61
C LYS EA 222 71.78 7.65 -13.26
N GLU EA 223 71.23 8.23 -12.20
CA GLU EA 223 69.87 7.85 -11.80
C GLU EA 223 68.86 8.20 -12.88
N LYS EA 224 68.97 9.40 -13.45
CA LYS EA 224 68.10 9.75 -14.57
C LYS EA 224 68.37 8.86 -15.76
N ALA EA 225 69.63 8.52 -16.01
CA ALA EA 225 69.96 7.60 -17.09
C ALA EA 225 69.38 6.22 -16.84
N ASP EA 226 69.54 5.71 -15.61
CA ASP EA 226 68.97 4.40 -15.29
C ASP EA 226 67.45 4.47 -15.19
N GLN EA 227 66.93 5.51 -14.53
CA GLN EA 227 65.48 5.66 -14.46
C GLN EA 227 64.88 5.76 -15.85
N PHE EA 228 65.62 6.31 -16.82
CA PHE EA 228 65.12 6.34 -18.18
C PHE EA 228 64.91 4.92 -18.69
N TYR EA 229 65.89 4.05 -18.42
CA TYR EA 229 65.79 2.63 -18.81
C TYR EA 229 64.53 2.07 -18.17
N LYS EA 230 64.43 2.16 -16.84
CA LYS EA 230 63.27 1.60 -16.15
C LYS EA 230 62.00 2.32 -16.56
N ASP EA 231 62.09 3.63 -16.84
CA ASP EA 231 60.89 4.37 -17.21
C ASP EA 231 60.28 3.83 -18.49
N ALA EA 232 61.10 3.40 -19.44
CA ALA EA 232 60.56 2.87 -20.68
C ALA EA 232 59.63 1.70 -20.43
N ASP EA 233 59.97 0.82 -19.49
CA ASP EA 233 59.13 -0.36 -19.24
C ASP EA 233 57.70 0.06 -18.91
N SER EA 234 57.54 1.15 -18.19
CA SER EA 234 56.20 1.68 -17.93
C SER EA 234 55.54 2.21 -19.19
N GLY EA 235 56.29 2.34 -20.28
CA GLY EA 235 55.71 2.77 -21.54
C GLY EA 235 55.26 4.22 -21.55
N LYS EA 236 56.04 5.11 -20.94
CA LYS EA 236 55.76 6.55 -21.01
C LYS EA 236 56.62 7.26 -22.04
N HIS EA 237 57.44 6.54 -22.80
CA HIS EA 237 58.31 7.15 -23.80
C HIS EA 237 57.56 7.21 -25.12
N SER EA 238 56.64 8.15 -25.20
CA SER EA 238 55.80 8.33 -26.38
C SER EA 238 56.19 9.66 -27.02
N TYR EA 239 57.21 9.62 -27.86
CA TYR EA 239 57.62 10.77 -28.65
C TYR EA 239 57.51 10.39 -30.12
N VAL EA 240 56.87 11.26 -30.91
CA VAL EA 240 56.60 10.93 -32.30
C VAL EA 240 57.87 11.07 -33.10
N LEU EA 241 58.28 9.99 -33.76
CA LEU EA 241 59.48 9.98 -34.59
C LEU EA 241 59.15 9.79 -36.07
N PHE EA 242 58.47 8.72 -36.42
CA PHE EA 242 58.17 8.39 -37.80
C PHE EA 242 56.68 8.11 -37.95
N ALA EA 243 56.20 8.21 -39.18
CA ALA EA 243 54.80 7.92 -39.51
C ALA EA 243 54.76 6.78 -40.51
N VAL EA 244 53.90 5.79 -40.25
CA VAL EA 244 53.77 4.61 -41.09
C VAL EA 244 52.63 4.84 -42.07
N LEU EA 245 52.90 4.61 -43.35
CA LEU EA 245 51.95 4.88 -44.42
C LEU EA 245 51.21 3.61 -44.81
N GLY EA 246 49.93 3.77 -45.12
CA GLY EA 246 49.12 2.65 -45.58
C GLY EA 246 48.33 3.02 -46.81
N LYS EA 247 48.06 2.02 -47.63
CA LYS EA 247 47.38 2.23 -48.91
C LYS EA 247 45.87 2.13 -48.73
N TYR EA 248 45.15 3.08 -49.33
CA TYR EA 248 43.70 3.12 -49.18
C TYR EA 248 43.02 1.86 -49.72
N ARG EA 249 43.69 1.12 -50.61
CA ARG EA 249 43.06 -0.08 -51.16
C ARG EA 249 42.89 -1.15 -50.11
N ASN EA 250 43.86 -1.28 -49.20
CA ASN EA 250 43.81 -2.33 -48.19
C ASN EA 250 42.72 -2.11 -47.16
N LEU EA 251 42.10 -0.94 -47.12
CA LEU EA 251 41.00 -0.72 -46.19
C LEU EA 251 39.82 -1.60 -46.56
N SER EA 252 39.25 -2.27 -45.55
CA SER EA 252 38.05 -3.06 -45.80
C SER EA 252 36.89 -2.18 -46.27
N ASN EA 253 36.69 -1.05 -45.60
CA ASN EA 253 35.56 -0.16 -45.89
C ASN EA 253 35.70 0.53 -47.23
N PHE EA 254 36.88 0.46 -47.85
CA PHE EA 254 37.10 1.05 -49.15
C PHE EA 254 36.37 0.23 -50.20
N GLU EA 255 35.29 0.78 -50.74
CA GLU EA 255 34.59 0.20 -51.88
C GLU EA 255 35.01 0.86 -53.19
N SER EA 256 36.29 1.21 -53.31
CA SER EA 256 36.82 1.83 -54.51
C SER EA 256 36.12 3.17 -54.77
N TYR EA 257 36.27 4.07 -53.81
CA TYR EA 257 35.78 5.43 -53.98
C TYR EA 257 36.51 6.13 -55.12
N PHE EA 258 37.71 5.68 -55.45
CA PHE EA 258 38.48 6.25 -56.54
C PHE EA 258 39.59 5.28 -56.90
N ALA EA 259 40.42 5.67 -57.87
CA ALA EA 259 41.55 4.83 -58.27
C ALA EA 259 42.84 5.54 -57.89
N PRO EA 260 43.47 5.18 -56.78
CA PRO EA 260 44.69 5.90 -56.38
C PRO EA 260 45.79 5.73 -57.40
N PHE EA 261 46.57 6.79 -57.59
CA PHE EA 261 47.72 6.73 -58.46
C PHE EA 261 48.87 6.01 -57.77
N ASP EA 262 49.81 5.51 -58.59
CA ASP EA 262 51.06 4.88 -58.11
C ASP EA 262 52.17 5.82 -58.58
N TYR EA 263 52.70 6.68 -57.72
CA TYR EA 263 53.65 7.72 -58.09
C TYR EA 263 55.09 7.24 -58.09
N GLN EA 264 55.33 5.96 -57.84
CA GLN EA 264 56.70 5.46 -57.80
C GLN EA 264 57.43 5.76 -59.10
N MET EA 265 56.82 5.40 -60.23
CA MET EA 265 57.45 5.66 -61.52
C MET EA 265 57.43 7.15 -61.86
N ALA EA 266 56.32 7.83 -61.57
CA ALA EA 266 56.24 9.25 -61.90
C ALA EA 266 57.31 10.05 -61.17
N SER EA 267 57.52 9.76 -59.88
CA SER EA 267 58.56 10.46 -59.14
C SER EA 267 59.94 10.15 -59.72
N LEU EA 268 60.18 8.89 -60.09
CA LEU EA 268 61.45 8.53 -60.67
C LEU EA 268 61.71 9.30 -61.97
N ARG EA 269 60.71 9.37 -62.84
CA ARG EA 269 60.89 10.07 -64.11
C ARG EA 269 61.12 11.57 -63.87
N SER EA 270 60.37 12.17 -62.95
CA SER EA 270 60.42 13.61 -62.73
C SER EA 270 61.35 13.96 -61.57
N TRP EA 271 62.60 13.54 -61.68
CA TRP EA 271 63.62 13.94 -60.71
C TRP EA 271 64.45 15.12 -61.18
N ALA EA 272 64.75 15.21 -62.48
CA ALA EA 272 65.48 16.37 -62.99
C ALA EA 272 64.72 17.66 -62.72
N LEU EA 273 63.39 17.59 -62.64
CA LEU EA 273 62.60 18.77 -62.34
C LEU EA 273 62.65 19.13 -60.86
N PHE EA 274 62.64 18.11 -59.99
CA PHE EA 274 62.65 18.39 -58.55
C PHE EA 274 63.91 19.11 -58.14
N ASN EA 275 65.06 18.70 -58.68
CA ASN EA 275 66.30 19.41 -58.35
C ASN EA 275 66.27 20.84 -58.84
N ASP EA 276 65.76 21.07 -60.05
CA ASP EA 276 65.70 22.43 -60.57
C ASP EA 276 64.83 23.33 -59.71
N PHE EA 277 63.87 22.74 -58.98
CA PHE EA 277 63.06 23.52 -58.06
C PHE EA 277 63.90 24.11 -56.94
N THR EA 278 64.68 23.27 -56.25
CA THR EA 278 65.48 23.77 -55.14
C THR EA 278 66.49 24.80 -55.63
N LEU EA 279 67.11 24.55 -56.79
CA LEU EA 279 68.09 25.49 -57.30
C LEU EA 279 67.45 26.84 -57.60
N TYR EA 280 66.27 26.84 -58.22
CA TYR EA 280 65.61 28.10 -58.56
C TYR EA 280 65.19 28.88 -57.32
N LYS EA 281 64.69 28.18 -56.31
CA LYS EA 281 64.35 28.84 -55.06
C LYS EA 281 65.58 29.44 -54.41
N ALA EA 282 66.70 28.72 -54.44
CA ALA EA 282 67.93 29.24 -53.85
C ALA EA 282 68.39 30.51 -54.55
N ILE EA 283 68.30 30.55 -55.88
CA ILE EA 283 68.81 31.72 -56.61
C ILE EA 283 67.87 32.91 -56.57
N GLU EA 284 66.68 32.77 -56.00
CA GLU EA 284 65.89 33.96 -55.69
C GLU EA 284 66.63 34.80 -54.66
N THR EA 285 67.15 34.15 -53.62
CA THR EA 285 67.94 34.85 -52.61
C THR EA 285 69.26 35.36 -53.17
N MET EA 286 69.79 34.74 -54.22
CA MET EA 286 70.94 35.32 -54.91
C MET EA 286 70.69 36.78 -55.24
N ILE EA 287 69.61 37.05 -55.97
CA ILE EA 287 69.37 38.40 -56.45
C ILE EA 287 69.05 39.34 -55.30
N LYS EA 288 68.17 38.90 -54.39
CA LYS EA 288 67.74 39.79 -53.32
C LYS EA 288 68.89 40.17 -52.41
N ALA EA 289 69.77 39.21 -52.10
CA ALA EA 289 70.83 39.48 -51.13
C ALA EA 289 71.79 40.56 -51.62
N VAL EA 290 72.20 40.51 -52.88
CA VAL EA 290 73.22 41.42 -53.39
C VAL EA 290 72.65 42.83 -53.54
N PRO EA 291 73.40 43.87 -53.21
CA PRO EA 291 72.84 45.23 -53.22
C PRO EA 291 72.74 45.79 -54.64
N GLU EA 292 72.15 46.99 -54.70
CA GLU EA 292 71.92 47.65 -55.98
C GLU EA 292 73.23 48.18 -56.56
N SER EA 293 74.16 48.61 -55.72
CA SER EA 293 75.35 49.30 -56.17
C SER EA 293 76.36 48.38 -56.86
N LYS EA 294 76.00 47.13 -57.14
CA LYS EA 294 76.90 46.19 -57.78
C LYS EA 294 76.18 45.41 -58.86
N PHE EA 295 75.21 46.09 -59.49
CA PHE EA 295 74.48 45.49 -60.64
C PHE EA 295 74.94 46.26 -61.88
N LYS EA 296 75.11 45.56 -63.00
CA LYS EA 296 75.62 46.21 -64.20
C LYS EA 296 74.65 47.25 -64.74
N ASP EA 297 73.38 46.86 -64.91
CA ASP EA 297 72.41 47.75 -65.53
C ASP EA 297 71.84 48.78 -64.56
N GLY EA 298 72.09 48.62 -63.25
CA GLY EA 298 71.65 49.60 -62.28
C GLY EA 298 70.24 49.34 -61.78
N PRO EA 299 69.40 50.37 -61.73
CA PRO EA 299 68.11 50.20 -61.04
C PRO EA 299 67.21 49.15 -61.65
N GLU EA 300 66.91 49.26 -62.95
CA GLU EA 300 65.95 48.36 -63.58
C GLU EA 300 66.62 47.04 -63.96
N ARG EA 301 67.33 46.43 -63.00
CA ARG EA 301 67.92 45.12 -63.19
C ARG EA 301 67.51 44.20 -62.06
N LYS EA 302 67.32 44.77 -60.86
CA LYS EA 302 66.87 43.96 -59.74
C LYS EA 302 65.49 43.39 -59.98
N THR EA 303 64.55 44.23 -60.43
CA THR EA 303 63.16 43.79 -60.44
C THR EA 303 62.89 42.77 -61.53
N GLN EA 304 63.38 42.98 -62.75
CA GLN EA 304 63.10 42.01 -63.80
C GLN EA 304 64.03 40.80 -63.75
N LEU EA 305 65.14 40.88 -63.00
CA LEU EA 305 65.84 39.66 -62.65
C LEU EA 305 65.09 38.91 -61.57
N ILE EA 306 64.58 39.63 -60.57
CA ILE EA 306 63.74 38.99 -59.57
C ILE EA 306 62.46 38.47 -60.20
N LYS EA 307 61.82 39.28 -61.05
CA LYS EA 307 60.57 38.83 -61.65
C LYS EA 307 60.79 37.69 -62.63
N GLN EA 308 61.89 37.74 -63.39
CA GLN EA 308 62.15 36.67 -64.34
C GLN EA 308 62.32 35.33 -63.64
N ALA EA 309 63.01 35.32 -62.50
CA ALA EA 309 63.19 34.08 -61.75
C ALA EA 309 61.87 33.57 -61.21
N ILE EA 310 61.05 34.46 -60.63
CA ILE EA 310 59.79 34.03 -60.05
C ILE EA 310 58.80 33.61 -61.14
N ASN EA 311 58.81 34.30 -62.28
CA ASN EA 311 57.91 33.92 -63.36
C ASN EA 311 58.17 32.49 -63.82
N ILE EA 312 59.45 32.12 -63.95
CA ILE EA 312 59.77 30.75 -64.31
C ILE EA 312 59.71 29.81 -63.12
N PHE EA 313 59.71 30.34 -61.90
CA PHE EA 313 59.40 29.51 -60.75
C PHE EA 313 57.95 29.04 -60.80
N GLU EA 314 57.05 29.87 -61.32
CA GLU EA 314 55.67 29.46 -61.52
C GLU EA 314 55.58 28.31 -62.51
N THR EA 315 56.36 28.37 -63.59
CA THR EA 315 56.23 27.37 -64.65
C THR EA 315 56.56 25.98 -64.13
N ILE EA 316 57.59 25.86 -63.31
CA ILE EA 316 57.95 24.54 -62.80
C ILE EA 316 57.07 24.13 -61.61
N ARG EA 317 56.58 25.08 -60.82
CA ARG EA 317 55.69 24.73 -59.72
C ARG EA 317 54.36 24.23 -60.25
N ASP EA 318 53.82 24.88 -61.29
CA ASP EA 318 52.57 24.41 -61.88
C ASP EA 318 52.76 23.11 -62.63
N ARG EA 319 53.96 22.85 -63.15
CA ARG EA 319 54.23 21.54 -63.74
C ARG EA 319 54.13 20.46 -62.68
N VAL EA 320 54.67 20.72 -61.48
CA VAL EA 320 54.55 19.77 -60.38
C VAL EA 320 53.09 19.58 -59.99
N ILE EA 321 52.35 20.68 -59.90
CA ILE EA 321 50.93 20.58 -59.55
C ILE EA 321 50.18 19.84 -60.65
N LEU EA 322 50.64 19.95 -61.89
CA LEU EA 322 50.02 19.20 -62.98
C LEU EA 322 50.28 17.71 -62.85
N ILE EA 323 51.47 17.33 -62.40
CA ILE EA 323 51.76 15.90 -62.22
C ILE EA 323 50.82 15.29 -61.20
N SER EA 324 50.36 16.09 -60.22
CA SER EA 324 49.38 15.58 -59.28
C SER EA 324 48.10 15.14 -59.99
N GLU EA 325 47.60 15.97 -60.91
CA GLU EA 325 46.40 15.60 -61.64
C GLU EA 325 46.68 14.53 -62.68
N HIS EA 326 47.83 14.64 -63.38
CA HIS EA 326 48.16 13.73 -64.46
C HIS EA 326 49.59 13.22 -64.29
N PRO EA 327 49.79 12.16 -63.49
CA PRO EA 327 51.14 11.57 -63.41
C PRO EA 327 51.61 10.98 -64.72
N GLU EA 328 50.71 10.62 -65.62
CA GLU EA 328 51.12 10.19 -66.95
C GLU EA 328 51.81 11.31 -67.71
N ALA EA 329 51.58 12.57 -67.33
CA ALA EA 329 52.23 13.70 -67.96
C ALA EA 329 53.71 13.81 -67.60
N ALA EA 330 54.26 12.85 -66.86
CA ALA EA 330 55.68 12.88 -66.55
C ALA EA 330 56.55 12.68 -67.79
N LYS EA 331 55.98 12.14 -68.87
CA LYS EA 331 56.77 11.91 -70.07
C LYS EA 331 57.26 13.21 -70.68
N GLU EA 332 56.40 14.21 -70.75
CA GLU EA 332 56.75 15.45 -71.45
C GLU EA 332 58.03 16.04 -70.88
N ASP EA 333 58.92 16.47 -71.76
CA ASP EA 333 60.17 17.06 -71.34
C ASP EA 333 59.93 18.46 -70.77
N PRO EA 334 60.86 18.97 -69.97
CA PRO EA 334 60.70 20.33 -69.45
C PRO EA 334 60.64 21.35 -70.58
N ASP EA 335 59.85 22.40 -70.38
CA ASP EA 335 59.72 23.48 -71.34
C ASP EA 335 60.14 24.81 -70.73
N HIS EA 336 61.07 24.77 -69.77
CA HIS EA 336 61.49 25.95 -69.04
C HIS EA 336 63.01 26.09 -69.13
N MET EA 337 63.47 27.33 -68.97
CA MET EA 337 64.89 27.61 -69.07
C MET EA 337 65.65 26.88 -67.97
N LYS EA 338 66.85 26.43 -68.31
CA LYS EA 338 67.65 25.66 -67.36
C LYS EA 338 68.09 26.57 -66.21
N PRO EA 339 68.24 26.03 -64.99
CA PRO EA 339 68.87 26.83 -63.93
C PRO EA 339 70.28 27.25 -64.27
N GLY EA 340 71.04 26.41 -64.98
CA GLY EA 340 72.38 26.81 -65.38
C GLY EA 340 72.38 28.02 -66.29
N ASP EA 341 71.52 28.01 -67.32
CA ASP EA 341 71.50 29.15 -68.23
C ASP EA 341 71.01 30.41 -67.53
N PHE EA 342 69.96 30.30 -66.72
CA PHE EA 342 69.49 31.46 -65.99
C PHE EA 342 70.51 31.91 -64.94
N ARG EA 343 71.19 30.95 -64.30
CA ARG EA 343 72.24 31.33 -63.37
C ARG EA 343 73.33 32.10 -64.10
N LEU EA 344 73.75 31.61 -65.27
CA LEU EA 344 74.70 32.34 -66.10
C LEU EA 344 74.23 33.77 -66.32
N GLU EA 345 72.94 33.94 -66.63
CA GLU EA 345 72.42 35.30 -66.82
C GLU EA 345 72.59 36.13 -65.56
N VAL EA 346 72.47 35.52 -64.38
CA VAL EA 346 72.62 36.27 -63.14
C VAL EA 346 74.03 36.83 -63.03
N LEU EA 347 75.05 35.99 -63.21
CA LEU EA 347 76.41 36.45 -63.03
C LEU EA 347 76.90 37.36 -64.14
N ASN EA 348 76.32 37.27 -65.33
CA ASN EA 348 76.76 38.13 -66.42
C ASN EA 348 76.47 39.59 -66.12
N SER EA 349 75.40 39.87 -65.38
CA SER EA 349 74.96 41.23 -65.10
C SER EA 349 75.48 41.73 -63.77
N ILE EA 350 76.68 41.32 -63.38
CA ILE EA 350 77.28 41.66 -62.09
C ILE EA 350 78.59 42.38 -62.33
N GLN EA 351 78.74 43.56 -61.71
CA GLN EA 351 80.00 44.29 -61.78
C GLN EA 351 81.09 43.53 -61.03
N THR EA 352 82.34 43.81 -61.40
CA THR EA 352 83.48 43.08 -60.90
C THR EA 352 84.59 44.05 -60.52
N LYS EA 353 85.56 43.55 -59.76
CA LYS EA 353 86.69 44.34 -59.30
C LYS EA 353 87.97 43.82 -59.97
N LEU EA 354 88.78 44.74 -60.47
CA LEU EA 354 89.97 44.39 -61.24
C LEU EA 354 91.16 44.25 -60.30
N PHE EA 355 91.19 43.12 -59.59
CA PHE EA 355 92.29 42.86 -58.68
C PHE EA 355 93.54 42.60 -59.51
N HIS EA 356 94.33 43.66 -59.74
CA HIS EA 356 95.57 43.56 -60.54
C HIS EA 356 96.72 43.19 -59.59
N ALA EA 357 97.06 41.90 -59.52
CA ALA EA 357 98.13 41.45 -58.64
C ALA EA 357 99.45 42.06 -59.08
N GLN EA 358 100.27 42.46 -58.10
CA GLN EA 358 101.53 43.13 -58.37
C GLN EA 358 102.63 42.44 -57.58
N SER EA 359 103.81 42.32 -58.19
CA SER EA 359 104.93 41.61 -57.60
C SER EA 359 105.81 42.62 -56.87
N GLN EA 360 105.72 42.62 -55.54
CA GLN EA 360 106.54 43.51 -54.74
C GLN EA 360 108.01 43.12 -54.81
N PRO EA 361 108.91 44.08 -55.06
CA PRO EA 361 110.35 43.76 -55.02
C PRO EA 361 110.93 43.90 -53.62
N ILE EA 362 111.57 42.85 -53.13
CA ILE EA 362 112.20 42.87 -51.81
C ILE EA 362 113.70 42.71 -51.97
N PRO EA 363 114.52 43.48 -51.24
CA PRO EA 363 115.97 43.32 -51.37
C PRO EA 363 116.43 41.91 -51.02
N ASN EA 364 117.59 41.55 -51.54
CA ASN EA 364 118.17 40.21 -51.33
C ASN EA 364 117.36 39.14 -52.06
N THR EA 365 116.91 39.46 -53.26
CA THR EA 365 116.17 38.54 -54.11
C THR EA 365 116.54 38.79 -55.57
N ASP EA 366 116.92 37.71 -56.25
CA ASP EA 366 117.30 37.77 -57.66
C ASP EA 366 116.39 36.85 -58.45
N ASP EA 367 115.71 37.41 -59.46
CA ASP EA 367 114.74 36.67 -60.27
C ASP EA 367 113.59 36.12 -59.45
N TYR EA 368 113.45 36.57 -58.20
CA TYR EA 368 112.38 36.14 -57.30
C TYR EA 368 111.70 37.39 -56.77
N TRP EA 369 110.39 37.48 -56.96
CA TRP EA 369 109.60 38.62 -56.54
C TRP EA 369 108.66 38.21 -55.42
N THR EA 370 107.81 39.14 -55.00
CA THR EA 370 106.80 38.87 -53.96
C THR EA 370 105.45 39.34 -54.50
N ASP EA 371 104.59 38.39 -54.84
CA ASP EA 371 103.29 38.67 -55.45
C ASP EA 371 102.32 39.11 -54.36
N VAL EA 372 101.81 40.34 -54.48
CA VAL EA 372 100.79 40.87 -53.58
C VAL EA 372 99.56 41.17 -54.41
N ILE EA 373 98.43 40.58 -54.03
CA ILE EA 373 97.17 40.75 -54.77
C ILE EA 373 96.44 41.92 -54.12
N LEU EA 374 96.82 43.14 -54.54
CA LEU EA 374 96.20 44.36 -54.04
C LEU EA 374 95.69 45.18 -55.22
N THR EA 375 94.50 45.74 -55.06
CA THR EA 375 93.88 46.54 -56.10
C THR EA 375 94.56 47.89 -56.30
N THR EA 376 95.34 48.35 -55.34
CA THR EA 376 95.99 49.64 -55.44
C THR EA 376 97.30 49.51 -56.22
N LYS EA 377 97.49 50.39 -57.20
CA LYS EA 377 98.72 50.38 -57.99
C LYS EA 377 99.91 50.70 -57.11
N GLY EA 378 100.99 49.93 -57.27
CA GLY EA 378 102.20 50.14 -56.51
C GLY EA 378 103.35 50.66 -57.36
N SER EA 379 104.41 51.13 -56.70
CA SER EA 379 105.58 51.64 -57.38
C SER EA 379 106.68 50.58 -57.36
N GLY EA 380 107.15 50.19 -58.54
CA GLY EA 380 108.19 49.19 -58.65
C GLY EA 380 107.73 47.76 -58.54
N ASN EA 381 106.41 47.58 -58.37
CA ASN EA 381 105.83 46.21 -58.27
C ASN EA 381 105.38 45.75 -59.65
N GLN EA 382 105.80 44.56 -60.08
CA GLN EA 382 105.45 44.07 -61.41
C GLN EA 382 104.01 43.57 -61.43
N PRO EA 383 103.12 44.14 -62.23
CA PRO EA 383 101.76 43.59 -62.33
C PRO EA 383 101.75 42.24 -63.04
N LEU EA 384 100.95 41.32 -62.51
CA LEU EA 384 100.85 39.97 -63.07
C LEU EA 384 99.69 39.84 -64.05
N PHE EA 385 98.46 40.05 -63.58
CA PHE EA 385 97.28 40.02 -64.44
C PHE EA 385 96.20 40.89 -63.82
N THR EA 386 95.33 41.41 -64.67
CA THR EA 386 94.19 42.20 -64.24
C THR EA 386 92.91 41.51 -64.69
N PHE EA 387 92.05 41.18 -63.73
CA PHE EA 387 90.89 40.33 -63.97
C PHE EA 387 89.69 40.81 -63.19
N PRO EA 388 88.48 40.64 -63.73
CA PRO EA 388 87.28 40.91 -62.93
C PRO EA 388 87.22 39.96 -61.74
N ALA EA 389 86.74 40.48 -60.61
CA ALA EA 389 86.57 39.69 -59.40
C ALA EA 389 85.36 40.19 -58.63
N PHE EA 390 84.96 39.41 -57.63
CA PHE EA 390 83.77 39.69 -56.83
C PHE EA 390 84.20 40.20 -55.46
N ASP EA 391 83.77 41.43 -55.15
CA ASP EA 391 84.16 42.11 -53.93
C ASP EA 391 83.07 42.08 -52.87
N PHE EA 392 82.10 41.19 -52.99
CA PHE EA 392 80.99 41.12 -52.05
C PHE EA 392 80.44 39.70 -52.04
N GLY EA 393 79.98 39.27 -50.88
CA GLY EA 393 79.46 37.93 -50.74
C GLY EA 393 78.07 37.85 -51.31
N ASP EA 394 77.18 37.13 -50.64
CA ASP EA 394 75.78 37.03 -51.03
C ASP EA 394 75.59 36.38 -52.39
N LEU EA 395 76.66 35.85 -52.99
CA LEU EA 395 76.57 35.11 -54.25
C LEU EA 395 77.00 33.68 -53.96
N ILE EA 396 76.03 32.77 -53.90
CA ILE EA 396 76.35 31.41 -53.51
C ILE EA 396 77.33 30.82 -54.52
N GLY EA 397 78.09 29.83 -54.08
CA GLY EA 397 79.13 29.24 -54.88
C GLY EA 397 80.44 30.00 -54.89
N THR EA 398 80.61 30.95 -53.96
CA THR EA 398 81.83 31.80 -53.90
C THR EA 398 82.43 31.77 -52.51
N GLU EA 399 83.76 31.88 -52.40
CA GLU EA 399 84.47 31.93 -51.14
C GLU EA 399 85.55 33.01 -51.21
N VAL EA 400 85.94 33.51 -50.04
CA VAL EA 400 86.83 34.65 -49.92
C VAL EA 400 88.24 34.17 -49.64
N VAL EA 401 89.21 34.90 -50.19
CA VAL EA 401 90.64 34.67 -49.95
C VAL EA 401 91.17 35.91 -49.26
N SER EA 402 91.19 35.89 -47.93
CA SER EA 402 91.54 37.06 -47.13
C SER EA 402 92.97 36.90 -46.63
N PHE EA 403 93.88 37.67 -47.21
CA PHE EA 403 95.27 37.64 -46.77
C PHE EA 403 95.36 38.04 -45.31
N GLY EA 404 96.18 37.32 -44.56
CA GLY EA 404 96.44 37.64 -43.17
C GLY EA 404 97.82 38.24 -43.00
N LYS EA 405 97.89 39.54 -42.72
CA LYS EA 405 99.16 40.22 -42.48
C LYS EA 405 99.30 40.50 -40.99
N LYS EA 406 100.38 40.04 -40.40
CA LYS EA 406 100.62 40.24 -38.98
C LYS EA 406 100.74 41.73 -38.68
N LYS EA 407 99.81 42.26 -37.90
CA LYS EA 407 99.98 43.62 -37.39
C LYS EA 407 101.11 43.69 -36.38
N ASN EA 408 101.33 42.61 -35.64
CA ASN EA 408 102.45 42.50 -34.71
C ASN EA 408 103.75 42.15 -35.40
N GLY EA 409 103.72 41.90 -36.71
CA GLY EA 409 104.90 41.55 -37.45
C GLY EA 409 104.76 41.88 -38.93
N GLU EA 410 105.30 41.02 -39.79
CA GLU EA 410 105.21 41.25 -41.23
C GLU EA 410 104.90 39.97 -42.00
N GLU EA 411 104.54 38.89 -41.32
CA GLU EA 411 104.24 37.65 -42.02
C GLU EA 411 103.11 37.84 -43.01
N TYR EA 412 103.28 37.28 -44.20
CA TYR EA 412 102.26 37.27 -45.24
C TYR EA 412 101.49 35.96 -45.15
N ASN EA 413 100.17 36.05 -45.02
CA ASN EA 413 99.32 34.86 -44.96
C ASN EA 413 98.24 34.94 -46.03
N CYS EA 414 97.66 33.77 -46.33
CA CYS EA 414 96.63 33.65 -47.36
C CYS EA 414 95.67 32.56 -46.90
N LEU EA 415 94.54 32.96 -46.32
CA LEU EA 415 93.55 32.03 -45.79
C LEU EA 415 92.24 32.21 -46.53
N ILE EA 416 91.70 31.09 -47.03
CA ILE EA 416 90.43 31.11 -47.76
C ILE EA 416 89.30 30.94 -46.77
N GLY EA 417 88.30 31.81 -46.85
CA GLY EA 417 87.16 31.69 -45.95
C GLY EA 417 87.52 31.82 -44.50
N GLU EA 418 88.70 32.36 -44.19
CA GLU EA 418 89.14 32.55 -42.81
C GLU EA 418 89.75 33.95 -42.71
N ARG EA 419 89.01 34.88 -42.13
CA ARG EA 419 89.47 36.25 -42.04
C ARG EA 419 90.48 36.41 -40.90
N VAL EA 420 90.94 37.64 -40.72
CA VAL EA 420 91.80 37.95 -39.59
C VAL EA 420 91.04 37.90 -38.28
N THR EA 421 89.71 38.07 -38.31
CA THR EA 421 88.94 38.16 -37.07
C THR EA 421 89.09 36.92 -36.20
N SER EA 422 89.40 35.77 -36.80
CA SER EA 422 89.63 34.57 -35.99
C SER EA 422 90.82 34.76 -35.06
N LEU EA 423 91.90 35.37 -35.57
CA LEU EA 423 93.07 35.66 -34.78
C LEU EA 423 93.02 37.12 -34.30
N ASP EA 424 94.11 37.57 -33.67
CA ASP EA 424 94.19 38.93 -33.14
C ASP EA 424 95.45 39.60 -33.67
N ASP EA 425 95.33 40.89 -34.03
CA ASP EA 425 96.43 41.67 -34.56
C ASP EA 425 96.95 41.07 -35.86
N TYR EA 426 96.06 41.08 -36.85
CA TYR EA 426 96.39 40.60 -38.22
C TYR EA 426 95.71 41.59 -39.17
N LYS EA 427 96.07 41.60 -40.45
CA LYS EA 427 95.52 42.63 -41.37
C LYS EA 427 95.07 41.99 -42.68
N GLU EA 428 93.91 42.42 -43.20
CA GLU EA 428 93.38 41.88 -44.48
C GLU EA 428 94.02 42.62 -45.66
N LEU EA 429 95.21 42.22 -46.09
CA LEU EA 429 95.82 42.85 -47.29
C LEU EA 429 94.73 42.92 -48.37
N SER EA 430 94.03 41.81 -48.61
CA SER EA 430 93.02 41.76 -49.65
C SER EA 430 92.02 40.64 -49.33
N TYR EA 431 90.75 40.97 -49.46
CA TYR EA 431 89.68 39.98 -49.33
C TYR EA 431 88.69 40.18 -50.47
N PHE EA 432 88.31 39.09 -51.11
CA PHE EA 432 87.38 39.15 -52.23
C PHE EA 432 86.86 37.76 -52.55
N TRP EA 433 85.54 37.61 -52.61
CA TRP EA 433 84.96 36.30 -52.85
C TRP EA 433 85.23 35.83 -54.28
N VAL EA 434 85.45 34.53 -54.43
CA VAL EA 434 85.75 33.94 -55.73
C VAL EA 434 85.12 32.56 -55.80
N PHE EA 435 85.07 32.01 -57.03
CA PHE EA 435 84.59 30.64 -57.22
C PHE EA 435 85.73 29.67 -56.96
N PRO EA 436 85.65 28.81 -55.93
CA PRO EA 436 86.69 27.79 -55.76
C PRO EA 436 86.70 26.76 -56.87
N ASP EA 437 85.63 26.62 -57.63
CA ASP EA 437 85.54 25.65 -58.71
C ASP EA 437 85.11 26.35 -59.99
N SER EA 438 85.21 25.63 -61.10
CA SER EA 438 84.89 26.20 -62.39
C SER EA 438 83.39 26.18 -62.62
N VAL EA 439 82.94 26.98 -63.58
CA VAL EA 439 81.55 27.01 -63.99
C VAL EA 439 81.51 26.95 -65.50
N GLN EA 440 80.38 26.50 -66.04
CA GLN EA 440 80.23 26.36 -67.48
C GLN EA 440 80.42 27.71 -68.16
N LYS EA 441 81.51 27.81 -68.93
CA LYS EA 441 81.76 28.92 -69.85
C LYS EA 441 81.82 30.28 -69.19
N PHE EA 442 81.98 30.34 -67.86
CA PHE EA 442 82.21 31.62 -67.18
C PHE EA 442 83.56 31.67 -66.48
N ALA EA 443 83.84 30.72 -65.58
CA ALA EA 443 85.04 30.75 -64.76
C ALA EA 443 85.96 29.63 -65.23
N MET EA 444 86.86 29.95 -66.16
CA MET EA 444 87.75 28.95 -66.74
C MET EA 444 89.22 29.21 -66.48
N GLU EA 445 89.60 30.44 -66.18
CA GLU EA 445 91.00 30.75 -65.90
C GLU EA 445 91.29 30.52 -64.42
N MET EA 446 92.53 30.15 -64.13
CA MET EA 446 92.90 29.57 -62.84
C MET EA 446 93.88 30.46 -62.10
N TYR EA 447 93.82 30.40 -60.76
CA TYR EA 447 94.80 31.02 -59.88
C TYR EA 447 95.13 30.06 -58.76
N GLY EA 448 96.41 29.98 -58.41
CA GLY EA 448 96.86 29.08 -57.36
C GLY EA 448 97.75 29.82 -56.38
N VAL EA 449 97.71 29.35 -55.14
CA VAL EA 449 98.45 29.97 -54.03
C VAL EA 449 99.56 29.02 -53.60
N SER EA 450 100.76 29.57 -53.45
CA SER EA 450 101.91 28.86 -52.91
C SER EA 450 102.69 29.78 -52.00
N LYS EA 451 103.25 29.22 -50.93
CA LYS EA 451 103.96 29.98 -49.91
C LYS EA 451 105.25 29.28 -49.53
N VAL EA 452 106.29 30.06 -49.27
CA VAL EA 452 107.59 29.50 -48.87
C VAL EA 452 107.66 29.46 -47.34
N PRO EA 453 107.83 28.30 -46.73
CA PRO EA 453 107.83 28.26 -45.25
C PRO EA 453 108.90 29.13 -44.62
N THR EA 454 110.09 29.18 -45.21
CA THR EA 454 111.18 29.93 -44.59
C THR EA 454 110.88 31.42 -44.58
N ARG EA 455 110.35 31.95 -45.68
CA ARG EA 455 110.04 33.36 -45.81
C ARG EA 455 108.66 33.50 -46.44
N ASN EA 456 107.83 34.36 -45.86
CA ASN EA 456 106.46 34.49 -46.32
C ASN EA 456 106.38 35.33 -47.58
N TYR EA 457 107.06 34.88 -48.64
CA TYR EA 457 106.97 35.53 -49.94
C TYR EA 457 105.79 34.90 -50.68
N MET EA 458 104.66 35.60 -50.69
CA MET EA 458 103.47 35.09 -51.35
C MET EA 458 103.80 34.70 -52.77
N ARG EA 459 103.53 33.44 -53.12
CA ARG EA 459 103.79 32.90 -54.45
C ARG EA 459 102.44 32.45 -55.01
N VAL EA 460 101.72 33.40 -55.59
CA VAL EA 460 100.45 33.14 -56.25
C VAL EA 460 100.70 33.21 -57.75
N TYR EA 461 100.27 32.17 -58.48
CA TYR EA 461 100.57 32.06 -59.89
C TYR EA 461 99.40 31.39 -60.59
N ALA EA 462 99.42 31.46 -61.92
CA ALA EA 462 98.42 30.81 -62.75
C ALA EA 462 98.70 29.31 -62.77
N ALA EA 463 98.01 28.57 -61.90
CA ALA EA 463 98.26 27.15 -61.73
C ALA EA 463 97.60 26.35 -62.86
N ASP EA 464 97.69 25.03 -62.73
CA ASP EA 464 97.11 24.13 -63.76
C ASP EA 464 96.39 22.99 -63.04
N GLN EA 465 95.62 22.18 -63.78
CA GLN EA 465 94.96 21.03 -63.18
C GLN EA 465 95.97 20.04 -62.62
N SER EA 466 97.17 20.04 -63.20
CA SER EA 466 98.25 19.14 -62.73
C SER EA 466 98.88 19.70 -61.46
N ASP EA 467 98.95 21.02 -61.33
CA ASP EA 467 99.46 21.64 -60.08
C ASP EA 467 98.64 21.08 -58.92
N ILE EA 468 97.34 20.91 -59.12
CA ILE EA 468 96.49 20.27 -58.07
C ILE EA 468 96.95 18.83 -57.89
N GLU EA 469 96.98 18.04 -58.97
CA GLU EA 469 97.40 16.61 -58.89
C GLU EA 469 98.68 16.49 -58.05
N ASN EA 470 99.75 17.15 -58.47
CA ASN EA 470 101.03 17.12 -57.70
C ASN EA 470 101.24 18.50 -57.05
N PRO EA 471 100.81 18.71 -55.78
CA PRO EA 471 100.90 20.04 -55.12
C PRO EA 471 102.28 20.30 -54.55
N ARG EA 472 102.74 21.56 -54.62
CA ARG EA 472 104.01 21.94 -54.03
C ARG EA 472 103.85 22.13 -52.52
N PRO EA 473 104.95 22.13 -51.77
CA PRO EA 473 104.84 22.31 -50.32
C PRO EA 473 104.16 23.61 -49.96
N TYR EA 474 103.31 23.59 -48.92
CA TYR EA 474 102.67 24.85 -48.41
C TYR EA 474 101.81 25.52 -49.48
N GLN EA 475 101.33 24.77 -50.48
CA GLN EA 475 100.42 25.36 -51.46
C GLN EA 475 99.02 25.27 -50.89
N ARG EA 476 98.43 26.44 -50.60
CA ARG EA 476 97.22 26.45 -49.78
C ARG EA 476 95.97 26.11 -50.60
N PHE EA 477 95.64 26.94 -51.58
CA PHE EA 477 94.37 26.80 -52.28
C PHE EA 477 94.51 27.32 -53.70
N TRP EA 478 93.59 26.87 -54.56
CA TRP EA 478 93.53 27.28 -55.96
C TRP EA 478 92.10 27.65 -56.31
N PHE EA 479 91.95 28.67 -57.16
CA PHE EA 479 90.64 29.23 -57.44
C PHE EA 479 90.56 29.65 -58.90
N TYR EA 480 89.34 29.65 -59.42
CA TYR EA 480 89.05 30.04 -60.79
C TYR EA 480 88.42 31.42 -60.83
N VAL EA 481 88.85 32.22 -61.79
CA VAL EA 481 88.36 33.60 -61.96
C VAL EA 481 87.60 33.68 -63.28
N PRO EA 482 86.59 34.52 -63.40
CA PRO EA 482 85.82 34.58 -64.65
C PRO EA 482 86.69 34.91 -65.86
N SER EA 483 86.36 34.29 -66.98
CA SER EA 483 87.06 34.51 -68.24
C SER EA 483 86.40 35.65 -68.98
N ALA EA 484 87.22 36.63 -69.40
CA ALA EA 484 86.70 37.78 -70.13
C ALA EA 484 86.19 37.41 -71.53
N ASN EA 485 86.49 36.20 -72.01
CA ASN EA 485 86.06 35.79 -73.34
C ASN EA 485 84.57 35.51 -73.43
N SER EA 486 83.86 35.48 -72.30
CA SER EA 486 82.42 35.21 -72.34
C SER EA 486 81.71 36.31 -73.12
N PRO EA 487 80.77 35.97 -74.00
CA PRO EA 487 80.08 37.01 -74.78
C PRO EA 487 79.02 37.71 -73.94
N PRO EA 488 79.01 39.05 -73.91
CA PRO EA 488 77.97 39.74 -73.14
C PRO EA 488 76.67 39.91 -73.91
N GLY FA 2 56.41 -21.24 -47.58
CA GLY FA 2 55.64 -20.07 -47.18
C GLY FA 2 54.84 -20.30 -45.91
N GLU FA 3 55.50 -20.17 -44.77
CA GLU FA 3 54.83 -20.33 -43.48
C GLU FA 3 55.14 -19.15 -42.56
N VAL FA 4 56.28 -18.49 -42.76
CA VAL FA 4 56.68 -17.35 -41.96
C VAL FA 4 57.17 -16.25 -42.86
N VAL FA 5 57.19 -15.03 -42.33
CA VAL FA 5 57.63 -13.87 -43.09
C VAL FA 5 58.19 -12.83 -42.11
N PRO FA 6 59.30 -12.18 -42.42
CA PRO FA 6 59.82 -11.15 -41.50
C PRO FA 6 58.82 -10.02 -41.32
N TYR FA 7 58.80 -9.47 -40.12
CA TYR FA 7 57.86 -8.41 -39.79
C TYR FA 7 58.10 -7.20 -40.68
N LYS FA 8 57.01 -6.63 -41.21
CA LYS FA 8 57.06 -5.41 -42.00
C LYS FA 8 56.15 -4.39 -41.32
N ALA FA 9 56.68 -3.20 -41.04
CA ALA FA 9 55.94 -2.23 -40.25
C ALA FA 9 54.60 -1.92 -40.91
N GLY FA 10 53.60 -1.69 -40.08
CA GLY FA 10 52.25 -1.46 -40.54
C GLY FA 10 51.40 -2.70 -40.65
N MET FA 11 51.99 -3.87 -40.46
CA MET FA 11 51.23 -5.12 -40.56
C MET FA 11 50.10 -5.11 -39.55
N GLN FA 12 48.93 -5.53 -39.99
CA GLN FA 12 47.76 -5.63 -39.14
C GLN FA 12 47.30 -7.08 -39.12
N ARG FA 13 47.08 -7.62 -37.93
CA ARG FA 13 46.66 -9.01 -37.82
C ARG FA 13 45.39 -9.23 -38.64
N GLY FA 14 45.38 -10.32 -39.39
CA GLY FA 14 44.21 -10.67 -40.19
C GLY FA 14 44.10 -9.83 -41.45
N GLN FA 15 45.10 -9.93 -42.32
CA GLN FA 15 45.09 -9.22 -43.59
C GLN FA 15 45.68 -10.11 -44.67
N GLY FA 16 45.27 -9.85 -45.90
CA GLY FA 16 45.77 -10.62 -47.02
C GLY FA 16 47.25 -10.37 -47.27
N TYR FA 17 47.89 -11.36 -47.87
CA TYR FA 17 49.31 -11.28 -48.17
C TYR FA 17 49.56 -11.92 -49.52
N ASN FA 18 50.00 -11.12 -50.49
CA ASN FA 18 50.34 -11.61 -51.81
C ASN FA 18 51.74 -12.20 -51.73
N THR FA 19 51.82 -13.52 -51.55
CA THR FA 19 53.10 -14.14 -51.24
C THR FA 19 54.11 -13.96 -52.35
N TYR FA 20 53.67 -13.84 -53.60
CA TYR FA 20 54.60 -13.60 -54.70
C TYR FA 20 55.18 -12.19 -54.63
N LEU FA 21 54.33 -11.17 -54.66
CA LEU FA 21 54.79 -9.79 -54.59
C LEU FA 21 55.25 -9.41 -53.19
N GLN FA 22 55.01 -10.25 -52.19
CA GLN FA 22 55.44 -10.00 -50.82
C GLN FA 22 54.91 -8.66 -50.31
N SER FA 23 53.80 -8.21 -50.87
CA SER FA 23 53.20 -6.95 -50.47
C SER FA 23 52.12 -7.22 -49.43
N LEU FA 24 51.38 -6.18 -49.06
CA LEU FA 24 50.29 -6.28 -48.11
C LEU FA 24 48.97 -6.07 -48.82
N CYS FA 25 47.94 -6.79 -48.37
CA CYS FA 25 46.64 -6.71 -49.01
C CYS FA 25 45.55 -6.41 -47.98
N VAL FA 26 44.29 -6.54 -48.37
CA VAL FA 26 43.18 -6.00 -47.58
C VAL FA 26 43.35 -6.36 -46.12
N LYS FA 27 43.03 -5.42 -45.24
CA LYS FA 27 43.10 -5.63 -43.81
C LYS FA 27 41.72 -6.00 -43.27
N ASP FA 28 41.71 -6.88 -42.28
CA ASP FA 28 40.48 -7.29 -41.60
C ASP FA 28 39.62 -8.22 -42.45
N ALA FA 29 40.27 -9.02 -43.31
CA ALA FA 29 39.54 -10.08 -44.00
C ALA FA 29 39.25 -11.23 -43.05
N VAL FA 30 40.09 -11.44 -42.06
CA VAL FA 30 39.96 -12.53 -41.10
C VAL FA 30 39.89 -11.94 -39.70
N THR FA 31 38.86 -12.31 -38.95
CA THR FA 31 38.72 -11.91 -37.55
C THR FA 31 39.10 -13.09 -36.67
N ILE FA 32 40.04 -12.87 -35.76
CA ILE FA 32 40.49 -13.89 -34.83
C ILE FA 32 39.94 -13.53 -33.45
N GLU FA 33 39.15 -14.43 -32.88
CA GLU FA 33 38.60 -14.24 -31.55
C GLU FA 33 39.50 -14.94 -30.54
N ARG FA 34 40.00 -14.18 -29.58
CA ARG FA 34 40.80 -14.72 -28.49
C ARG FA 34 39.85 -15.26 -27.44
N HIS FA 35 39.56 -16.56 -27.51
CA HIS FA 35 38.64 -17.16 -26.55
C HIS FA 35 39.17 -17.05 -25.14
N ASP FA 36 40.46 -17.30 -24.96
CA ASP FA 36 41.11 -17.27 -23.65
C ASP FA 36 42.22 -16.23 -23.65
N ASP FA 37 42.25 -15.40 -22.62
CA ASP FA 37 43.28 -14.37 -22.49
C ASP FA 37 44.46 -14.95 -21.73
N SER FA 38 45.46 -15.43 -22.45
CA SER FA 38 46.64 -15.99 -21.84
C SER FA 38 47.79 -15.98 -22.84
N ASN FA 39 48.97 -15.62 -22.38
CA ASN FA 39 50.12 -15.60 -23.27
C ASN FA 39 50.51 -17.02 -23.66
N PRO FA 40 51.01 -17.21 -24.89
CA PRO FA 40 51.29 -18.56 -25.36
C PRO FA 40 52.56 -19.11 -24.73
N PRO FA 41 52.78 -20.41 -24.83
CA PRO FA 41 54.02 -20.99 -24.30
C PRO FA 41 55.25 -20.41 -24.98
N PHE FA 42 56.33 -20.33 -24.22
CA PHE FA 42 57.53 -19.63 -24.67
C PHE FA 42 58.77 -20.47 -24.41
N LYS FA 43 59.81 -20.19 -25.18
CA LYS FA 43 61.10 -20.87 -25.08
C LYS FA 43 62.17 -19.85 -24.76
N LYS FA 44 63.02 -20.16 -23.77
CA LYS FA 44 64.02 -19.25 -23.27
C LYS FA 44 65.43 -19.79 -23.49
N GLU FA 45 66.37 -18.87 -23.66
CA GLU FA 45 67.79 -19.19 -23.69
C GLU FA 45 68.54 -18.18 -22.83
N TYR FA 46 69.71 -18.58 -22.33
CA TYR FA 46 70.50 -17.70 -21.48
C TYR FA 46 71.96 -18.15 -21.55
N TYR FA 47 72.77 -17.44 -22.33
CA TYR FA 47 74.20 -17.68 -22.42
C TYR FA 47 74.89 -16.54 -21.67
N SER FA 48 75.72 -16.89 -20.69
CA SER FA 48 76.36 -15.90 -19.84
C SER FA 48 77.85 -16.20 -19.70
N GLU FA 49 78.66 -15.14 -19.65
CA GLU FA 49 80.10 -15.23 -19.44
C GLU FA 49 80.52 -14.18 -18.44
N PHE FA 50 81.40 -14.56 -17.52
CA PHE FA 50 81.97 -13.62 -16.54
C PHE FA 50 83.48 -13.85 -16.54
N ILE FA 51 84.20 -13.08 -17.35
CA ILE FA 51 85.62 -13.34 -17.57
C ILE FA 51 86.40 -13.04 -16.30
N GLU FA 52 87.60 -13.61 -16.22
CA GLU FA 52 88.39 -13.64 -15.00
C GLU FA 52 88.55 -12.25 -14.40
N GLU FA 53 88.87 -12.22 -13.12
CA GLU FA 53 89.23 -10.99 -12.42
C GLU FA 53 90.76 -10.90 -12.43
N TYR FA 54 91.31 -10.13 -13.36
CA TYR FA 54 92.76 -10.00 -13.48
C TYR FA 54 93.27 -9.20 -12.30
N GLU FA 55 93.39 -9.90 -11.16
CA GLU FA 55 93.90 -9.25 -9.91
C GLU FA 55 95.40 -9.50 -9.80
N LYS FA 56 96.20 -8.45 -9.95
CA LYS FA 56 97.65 -8.56 -9.91
C LYS FA 56 98.20 -7.45 -9.02
N ILE FA 57 98.71 -7.82 -7.85
CA ILE FA 57 99.40 -6.90 -6.97
C ILE FA 57 100.88 -7.21 -7.05
N ALA FA 58 101.67 -6.22 -7.46
CA ALA FA 58 103.12 -6.29 -7.40
C ALA FA 58 103.61 -5.15 -6.53
N LYS FA 59 104.39 -5.46 -5.51
CA LYS FA 59 104.76 -4.49 -4.48
C LYS FA 59 106.25 -4.58 -4.21
N SER FA 60 106.86 -3.44 -3.89
CA SER FA 60 108.30 -3.33 -3.74
C SER FA 60 108.65 -2.86 -2.34
N MET FA 61 109.75 -3.41 -1.79
CA MET FA 61 110.25 -2.93 -0.47
C MET FA 61 111.79 -3.01 -0.50
N ARG FA 62 112.45 -1.91 -0.81
CA ARG FA 62 113.90 -1.82 -0.95
C ARG FA 62 114.43 -0.90 0.14
N ILE FA 63 115.28 -1.45 1.00
CA ILE FA 63 115.89 -0.69 2.08
C ILE FA 63 117.40 -0.86 1.99
N SER FA 64 118.13 0.20 2.36
CA SER FA 64 119.59 0.15 2.33
C SER FA 64 120.10 1.19 3.30
N ALA FA 65 120.90 0.76 4.27
CA ALA FA 65 121.48 1.67 5.26
C ALA FA 65 122.79 1.10 5.75
N GLY FA 66 123.70 1.99 6.14
CA GLY FA 66 124.99 1.60 6.65
C GLY FA 66 125.94 2.76 6.82
N VAL FA 78 128.12 9.43 9.33
CA VAL FA 78 127.73 9.42 7.93
C VAL FA 78 126.95 8.15 7.62
N ASN FA 79 125.72 8.09 8.13
CA ASN FA 79 124.84 6.96 7.93
C ASN FA 79 123.72 7.36 6.98
N VAL FA 80 123.48 6.54 5.97
CA VAL FA 80 122.48 6.84 4.96
C VAL FA 80 121.37 5.80 5.04
N ASP FA 81 120.19 6.19 4.55
CA ASP FA 81 119.03 5.33 4.53
C ASP FA 81 118.33 5.47 3.18
N ILE FA 82 117.74 4.36 2.71
CA ILE FA 82 116.94 4.36 1.50
C ILE FA 82 115.71 3.50 1.75
N LEU FA 83 114.54 4.00 1.41
CA LEU FA 83 113.27 3.31 1.67
C LEU FA 83 112.38 3.52 0.47
N ASN FA 84 112.31 2.54 -0.42
CA ASN FA 84 111.55 2.66 -1.67
C ASN FA 84 110.41 1.66 -1.68
N ARG FA 85 109.23 2.14 -2.06
CA ARG FA 85 108.04 1.31 -2.16
C ARG FA 85 107.41 1.43 -3.53
N SER FA 86 106.64 0.43 -3.89
CA SER FA 86 105.84 0.48 -5.10
C SER FA 86 104.62 -0.41 -4.91
N GLU FA 87 103.64 -0.22 -5.78
CA GLU FA 87 102.41 -1.02 -5.69
C GLU FA 87 101.68 -0.91 -7.02
N PHE FA 88 101.49 -2.04 -7.68
CA PHE FA 88 100.79 -2.08 -8.97
C PHE FA 88 99.60 -3.01 -8.84
N GLU FA 89 98.41 -2.48 -9.13
CA GLU FA 89 97.18 -3.24 -9.02
C GLU FA 89 96.50 -3.30 -10.39
N THR FA 90 95.85 -4.42 -10.65
CA THR FA 90 95.10 -4.61 -11.88
C THR FA 90 93.80 -5.31 -11.57
N SER FA 91 92.75 -4.99 -12.31
CA SER FA 91 91.46 -5.65 -12.14
C SER FA 91 90.68 -5.50 -13.44
N THR FA 92 90.66 -6.53 -14.27
CA THR FA 92 89.90 -6.54 -15.51
C THR FA 92 88.72 -7.48 -15.33
N LEU FA 93 87.52 -6.92 -15.26
CA LEU FA 93 86.28 -7.70 -15.20
C LEU FA 93 85.52 -7.49 -16.50
N THR FA 94 85.03 -8.58 -17.07
CA THR FA 94 84.22 -8.51 -18.27
C THR FA 94 82.99 -9.40 -18.09
N TYR FA 95 81.90 -9.01 -18.73
CA TYR FA 95 80.65 -9.74 -18.60
C TYR FA 95 79.94 -9.75 -19.95
N GLU FA 96 79.07 -10.74 -20.16
CA GLU FA 96 78.30 -10.82 -21.38
C GLU FA 96 77.18 -11.84 -21.22
N VAL FA 97 75.96 -11.43 -21.57
CA VAL FA 97 74.82 -12.33 -21.58
C VAL FA 97 74.08 -12.17 -22.90
N LYS FA 98 73.26 -13.18 -23.22
CA LYS FA 98 72.46 -13.15 -24.43
C LYS FA 98 71.21 -13.99 -24.18
N VAL FA 99 70.08 -13.32 -23.97
CA VAL FA 99 68.83 -13.98 -23.61
C VAL FA 99 67.91 -13.93 -24.82
N LEU FA 100 67.45 -15.10 -25.26
CA LEU FA 100 66.54 -15.21 -26.40
C LEU FA 100 65.23 -15.84 -25.92
N VAL FA 101 64.12 -15.17 -26.20
CA VAL FA 101 62.79 -15.64 -25.82
C VAL FA 101 61.95 -15.73 -27.09
N GLN FA 102 61.31 -16.87 -27.30
CA GLN FA 102 60.46 -17.08 -28.47
C GLN FA 102 59.16 -17.70 -28.00
N HIS FA 103 58.04 -17.05 -28.30
CA HIS FA 103 56.73 -17.53 -27.92
C HIS FA 103 56.22 -18.50 -29.00
N GLN FA 104 54.98 -18.95 -28.85
CA GLN FA 104 54.34 -19.78 -29.87
C GLN FA 104 52.96 -19.21 -30.19
N VAL FA 105 52.25 -19.85 -31.11
CA VAL FA 105 50.93 -19.39 -31.53
C VAL FA 105 49.90 -20.25 -30.81
N SER FA 106 48.94 -19.60 -30.14
CA SER FA 106 47.95 -20.34 -29.37
C SER FA 106 47.11 -21.21 -30.29
N VAL FA 107 46.73 -22.38 -29.76
CA VAL FA 107 46.00 -23.36 -30.55
C VAL FA 107 44.51 -23.35 -30.28
N LEU FA 108 44.03 -22.46 -29.42
CA LEU FA 108 42.63 -22.43 -29.00
C LEU FA 108 41.93 -21.15 -29.47
N ASP FA 109 42.21 -20.73 -30.69
CA ASP FA 109 41.57 -19.56 -31.28
C ASP FA 109 40.68 -19.98 -32.44
N LYS FA 110 39.75 -19.11 -32.80
CA LYS FA 110 38.82 -19.34 -33.90
C LYS FA 110 39.11 -18.35 -35.01
N HIS FA 111 39.15 -18.84 -36.24
CA HIS FA 111 39.44 -18.04 -37.42
C HIS FA 111 38.20 -17.98 -38.31
N SER FA 112 37.86 -16.78 -38.77
CA SER FA 112 36.69 -16.57 -39.62
C SER FA 112 37.09 -15.75 -40.83
N PHE FA 113 36.22 -15.72 -41.83
CA PHE FA 113 36.48 -15.03 -43.08
C PHE FA 113 35.34 -14.05 -43.37
N ASN FA 114 35.69 -12.77 -43.51
CA ASN FA 114 34.72 -11.72 -43.78
C ASN FA 114 34.72 -11.40 -45.27
N LYS FA 115 33.55 -11.04 -45.78
CA LYS FA 115 33.36 -10.85 -47.21
C LYS FA 115 33.54 -9.39 -47.57
N ILE FA 116 34.41 -9.14 -48.55
CA ILE FA 116 34.56 -7.82 -49.16
C ILE FA 116 34.17 -7.95 -50.63
N GLN FA 117 33.21 -7.12 -51.05
CA GLN FA 117 32.70 -7.17 -52.45
C GLN FA 117 33.69 -6.50 -53.39
N THR FA 118 34.25 -7.26 -54.33
CA THR FA 118 35.19 -6.74 -55.31
C THR FA 118 35.04 -7.48 -56.62
N THR FA 119 35.31 -6.78 -57.73
CA THR FA 119 35.33 -7.45 -59.02
C THR FA 119 36.63 -8.21 -59.24
N THR FA 120 37.64 -7.98 -58.41
CA THR FA 120 38.93 -8.64 -58.52
C THR FA 120 39.33 -9.16 -57.14
N PRO FA 121 38.62 -10.16 -56.62
CA PRO FA 121 38.94 -10.64 -55.27
C PRO FA 121 40.35 -11.18 -55.15
N HIS FA 122 40.95 -11.60 -56.26
CA HIS FA 122 42.30 -12.15 -56.21
C HIS FA 122 43.32 -11.10 -55.78
N ALA FA 123 43.23 -9.90 -56.38
CA ALA FA 123 44.20 -8.85 -56.06
C ALA FA 123 43.87 -8.16 -54.73
N THR FA 124 42.64 -8.28 -54.25
CA THR FA 124 42.28 -7.69 -52.97
C THR FA 124 42.64 -8.63 -51.82
N TYR FA 125 42.14 -9.86 -51.87
CA TYR FA 125 42.39 -10.81 -50.79
C TYR FA 125 43.83 -11.31 -50.82
N GLY FA 126 44.33 -11.64 -52.02
CA GLY FA 126 45.67 -12.20 -52.14
C GLY FA 126 45.66 -13.72 -52.10
N ASP FA 127 46.61 -14.31 -51.39
CA ASP FA 127 46.68 -15.76 -51.23
C ASP FA 127 46.51 -16.20 -49.78
N ARG FA 128 47.28 -15.62 -48.86
CA ARG FA 128 47.30 -16.06 -47.48
C ARG FA 128 47.12 -14.87 -46.55
N PHE FA 129 46.60 -15.16 -45.36
CA PHE FA 129 46.28 -14.15 -44.36
C PHE FA 129 47.18 -14.30 -43.14
N ILE FA 130 47.26 -13.23 -42.36
CA ILE FA 130 48.14 -13.16 -41.19
C ILE FA 130 47.32 -13.61 -39.99
N ALA FA 131 47.51 -14.86 -39.56
CA ALA FA 131 46.70 -15.41 -38.49
C ALA FA 131 47.19 -14.95 -37.13
N ASP FA 132 48.43 -15.29 -36.78
CA ASP FA 132 48.99 -14.93 -35.49
C ASP FA 132 50.42 -14.45 -35.69
N PHE FA 133 50.87 -13.59 -34.79
CA PHE FA 133 52.21 -13.04 -34.85
C PHE FA 133 53.13 -13.81 -33.90
N ILE FA 134 54.24 -14.30 -34.42
CA ILE FA 134 55.24 -14.97 -33.58
C ILE FA 134 55.98 -13.90 -32.80
N LYS FA 135 55.90 -13.98 -31.49
CA LYS FA 135 56.48 -12.97 -30.62
C LYS FA 135 57.74 -13.50 -29.93
N GLY FA 136 58.56 -12.57 -29.44
CA GLY FA 136 59.79 -12.95 -28.79
C GLY FA 136 60.50 -11.78 -28.13
N GLY FA 137 61.79 -11.94 -27.87
CA GLY FA 137 62.56 -10.91 -27.20
C GLY FA 137 64.03 -11.20 -27.33
N HIS FA 138 64.85 -10.27 -26.86
CA HIS FA 138 66.29 -10.36 -27.05
C HIS FA 138 66.99 -9.57 -25.96
N PHE FA 139 68.19 -10.01 -25.60
CA PHE FA 139 69.02 -9.28 -24.65
C PHE FA 139 70.48 -9.43 -25.06
N TYR FA 140 71.27 -8.40 -24.74
CA TYR FA 140 72.67 -8.40 -25.11
C TYR FA 140 73.38 -7.38 -24.25
N ALA FA 141 74.29 -7.83 -23.39
CA ALA FA 141 74.97 -6.94 -22.47
C ALA FA 141 76.47 -7.20 -22.51
N ARG FA 142 77.24 -6.14 -22.26
CA ARG FA 142 78.70 -6.22 -22.16
C ARG FA 142 79.16 -5.22 -21.11
N VAL FA 143 79.86 -5.70 -20.10
CA VAL FA 143 80.49 -4.85 -19.10
C VAL FA 143 81.99 -5.03 -19.23
N SER FA 144 82.73 -3.92 -19.23
CA SER FA 144 84.18 -3.95 -19.33
C SER FA 144 84.72 -3.03 -18.24
N ILE FA 145 84.91 -3.58 -17.05
CA ILE FA 145 85.48 -2.83 -15.93
C ILE FA 145 86.99 -2.89 -16.04
N THR FA 146 87.65 -1.75 -16.27
CA THR FA 146 89.11 -1.71 -16.46
C THR FA 146 89.80 -1.78 -15.13
N ALA FA 147 91.13 -1.93 -15.11
CA ALA FA 147 91.95 -2.04 -13.89
C ALA FA 147 91.89 -0.78 -13.05
N LYS FA 148 92.46 -0.81 -11.84
CA LYS FA 148 92.57 0.39 -11.00
C LYS FA 148 93.93 1.01 -11.32
N ASN FA 149 94.93 0.17 -11.64
CA ASN FA 149 96.30 0.63 -11.84
C ASN FA 149 96.77 1.48 -10.67
N SER FA 150 96.53 0.97 -9.46
CA SER FA 150 97.07 1.62 -8.29
C SER FA 150 98.58 1.72 -8.40
N SER FA 151 99.12 2.88 -8.07
CA SER FA 151 100.55 3.14 -8.26
C SER FA 151 101.18 3.74 -7.01
N GLU FA 152 100.91 3.16 -5.85
CA GLU FA 152 101.51 3.65 -4.60
C GLU FA 152 103.02 3.48 -4.68
N THR FA 153 103.75 4.58 -4.64
CA THR FA 153 105.20 4.57 -4.61
C THR FA 153 105.69 5.59 -3.58
N SER FA 154 106.93 5.41 -3.13
CA SER FA 154 107.50 6.32 -2.15
C SER FA 154 109.00 6.09 -2.05
N GLU FA 155 109.71 7.10 -1.57
CA GLU FA 155 111.16 7.05 -1.40
C GLU FA 155 111.51 7.86 -0.15
N LEU FA 156 112.58 7.48 0.52
CA LEU FA 156 113.06 8.21 1.69
C LEU FA 156 114.58 8.16 1.71
N LYS FA 157 115.19 9.20 2.28
CA LYS FA 157 116.65 9.35 2.29
C LYS FA 157 117.07 10.08 3.57
N GLN FA 158 117.70 9.35 4.50
CA GLN FA 158 118.16 9.93 5.76
C GLN FA 158 119.69 9.85 5.83
N SER FA 159 120.34 10.94 5.44
CA SER FA 159 121.78 11.04 5.54
C SER FA 159 122.15 11.68 6.87
N ALA FA 160 122.81 10.90 7.74
CA ALA FA 160 123.22 11.37 9.05
C ALA FA 160 122.03 11.91 9.84
N THR FA 174 124.14 17.41 10.87
CA THR FA 174 123.67 17.33 9.50
C THR FA 174 122.58 16.27 9.33
N GLN FA 175 121.55 16.62 8.55
CA GLN FA 175 120.40 15.74 8.38
C GLN FA 175 119.83 15.99 7.00
N GLU FA 176 119.08 15.01 6.50
CA GLU FA 176 118.48 15.11 5.18
C GLU FA 176 117.27 14.20 5.11
N VAL FA 177 116.18 14.70 4.53
CA VAL FA 177 114.97 13.91 4.30
C VAL FA 177 114.47 14.21 2.89
N GLU FA 178 114.05 13.16 2.19
CA GLU FA 178 113.61 13.28 0.79
C GLU FA 178 112.48 12.29 0.57
N ARG FA 179 111.24 12.80 0.54
CA ARG FA 179 110.05 11.99 0.30
C ARG FA 179 109.29 12.44 -0.94
N ALA FA 180 109.98 12.95 -1.95
CA ALA FA 180 109.33 13.44 -3.16
C ALA FA 180 109.00 12.31 -4.13
N VAL FA 181 108.31 11.28 -3.63
CA VAL FA 181 107.85 10.19 -4.47
C VAL FA 181 106.50 9.73 -3.93
N SER FA 182 105.47 9.83 -4.76
CA SER FA 182 104.12 9.42 -4.36
C SER FA 182 103.22 9.49 -5.59
N SER FA 183 102.39 8.48 -5.77
CA SER FA 183 101.46 8.42 -6.88
C SER FA 183 100.30 7.51 -6.50
N ILE FA 184 99.19 7.64 -7.21
CA ILE FA 184 97.96 6.93 -6.89
C ILE FA 184 97.37 6.36 -8.18
N LYS FA 185 96.34 5.53 -8.01
CA LYS FA 185 95.68 4.86 -9.11
C LYS FA 185 95.15 5.85 -10.13
N ARG FA 186 95.18 5.44 -11.39
CA ARG FA 186 94.48 6.18 -12.44
C ARG FA 186 94.01 5.15 -13.46
N ASN FA 187 92.83 4.59 -13.21
CA ASN FA 187 92.10 3.85 -14.21
C ASN FA 187 90.73 3.45 -13.68
N ALA FA 188 89.66 3.77 -14.42
CA ALA FA 188 88.33 3.26 -14.10
C ALA FA 188 87.47 3.41 -15.34
N SER FA 189 87.29 2.32 -16.07
CA SER FA 189 86.51 2.32 -17.30
C SER FA 189 85.34 1.37 -17.15
N VAL FA 190 84.14 1.87 -17.37
CA VAL FA 190 82.93 1.05 -17.33
C VAL FA 190 82.23 1.24 -18.66
N LYS FA 191 82.44 0.29 -19.57
CA LYS FA 191 81.74 0.27 -20.85
C LYS FA 191 80.55 -0.66 -20.73
N ILE FA 192 79.35 -0.11 -20.91
CA ILE FA 192 78.11 -0.88 -20.83
C ILE FA 192 77.38 -0.72 -22.15
N THR FA 193 77.01 -1.83 -22.77
CA THR FA 193 76.10 -1.84 -23.90
C THR FA 193 74.95 -2.78 -23.57
N ILE FA 194 73.73 -2.29 -23.72
CA ILE FA 194 72.53 -3.08 -23.44
C ILE FA 194 71.60 -2.96 -24.63
N ILE FA 195 71.27 -4.09 -25.25
CA ILE FA 195 70.37 -4.12 -26.39
C ILE FA 195 69.18 -4.99 -26.02
N GLU FA 196 67.99 -4.41 -26.04
CA GLU FA 196 66.80 -5.08 -25.54
C GLU FA 196 65.66 -4.98 -26.55
N SER FA 197 64.84 -6.02 -26.58
CA SER FA 197 63.61 -6.05 -27.37
C SER FA 197 62.55 -6.69 -26.46
N THR FA 198 61.85 -5.86 -25.70
CA THR FA 198 60.89 -6.36 -24.72
C THR FA 198 59.54 -5.67 -24.89
N GLY FA 199 58.63 -5.90 -23.94
CA GLY FA 199 57.30 -5.33 -24.02
C GLY FA 199 56.88 -4.69 -22.72
N THR FA 200 55.87 -3.85 -22.81
CA THR FA 200 55.35 -3.15 -21.65
C THR FA 200 54.51 -4.07 -20.79
N SER FA 201 54.43 -3.76 -19.51
CA SER FA 201 53.60 -4.54 -18.59
C SER FA 201 52.13 -4.38 -18.93
N SER FA 216 79.21 -1.28 -8.62
CA SER FA 216 78.36 -2.47 -8.68
C SER FA 216 77.66 -2.54 -10.03
N ASP FA 217 78.29 -2.00 -11.07
CA ASP FA 217 77.67 -2.03 -12.38
C ASP FA 217 77.60 -3.45 -12.94
N LEU FA 218 78.54 -4.32 -12.55
CA LEU FA 218 78.45 -5.72 -12.96
C LEU FA 218 77.20 -6.37 -12.39
N LEU FA 219 76.88 -6.10 -11.13
CA LEU FA 219 75.67 -6.66 -10.53
C LEU FA 219 74.41 -6.04 -11.10
N ALA FA 220 74.44 -4.73 -11.39
CA ALA FA 220 73.25 -4.08 -11.93
C ALA FA 220 72.84 -4.70 -13.25
N VAL FA 221 73.81 -4.94 -14.14
CA VAL FA 221 73.50 -5.60 -15.40
C VAL FA 221 72.95 -7.00 -15.14
N LYS FA 222 73.49 -7.68 -14.13
CA LYS FA 222 73.05 -9.04 -13.83
C LYS FA 222 71.59 -9.07 -13.41
N GLU FA 223 71.17 -8.11 -12.58
CA GLU FA 223 69.79 -8.11 -12.12
C GLU FA 223 68.82 -7.93 -13.28
N LYS FA 224 69.11 -6.98 -14.17
CA LYS FA 224 68.28 -6.84 -15.36
C LYS FA 224 68.35 -8.08 -16.23
N ALA FA 225 69.54 -8.69 -16.34
CA ALA FA 225 69.67 -9.92 -17.10
C ALA FA 225 68.87 -11.05 -16.45
N ASP FA 226 68.97 -11.20 -15.13
CA ASP FA 226 68.20 -12.23 -14.45
C ASP FA 226 66.72 -11.87 -14.39
N GLN FA 227 66.41 -10.61 -14.09
CA GLN FA 227 65.01 -10.20 -14.10
C GLN FA 227 64.39 -10.42 -15.47
N PHE FA 228 65.18 -10.32 -16.53
CA PHE FA 228 64.65 -10.60 -17.85
C PHE FA 228 64.18 -12.04 -17.94
N TYR FA 229 65.01 -12.95 -17.40
CA TYR FA 229 64.65 -14.40 -17.36
C TYR FA 229 63.34 -14.50 -16.61
N LYS FA 230 63.29 -14.01 -15.36
CA LYS FA 230 62.09 -14.13 -14.56
C LYS FA 230 60.94 -13.36 -15.19
N ASP FA 231 61.24 -12.23 -15.84
CA ASP FA 231 60.19 -11.43 -16.44
C ASP FA 231 59.44 -12.21 -17.51
N ALA FA 232 60.16 -13.04 -18.27
CA ALA FA 232 59.50 -13.83 -19.32
C ALA FA 232 58.38 -14.68 -18.75
N ASP FA 233 58.60 -15.29 -17.58
CA ASP FA 233 57.57 -16.17 -17.01
C ASP FA 233 56.26 -15.45 -16.85
N SER FA 234 56.30 -14.16 -16.49
CA SER FA 234 55.08 -13.37 -16.43
C SER FA 234 54.49 -13.13 -17.80
N GLY FA 235 55.21 -13.46 -18.87
CA GLY FA 235 54.67 -13.33 -20.21
C GLY FA 235 54.48 -11.90 -20.65
N LYS FA 236 55.40 -11.00 -20.33
CA LYS FA 236 55.39 -9.64 -20.82
C LYS FA 236 56.32 -9.41 -21.99
N HIS FA 237 56.98 -10.47 -22.50
CA HIS FA 237 57.92 -10.33 -23.62
C HIS FA 237 57.14 -10.53 -24.90
N SER FA 238 56.39 -9.51 -25.28
CA SER FA 238 55.56 -9.56 -26.48
C SER FA 238 56.15 -8.56 -27.47
N TYR FA 239 57.12 -9.02 -28.25
CA TYR FA 239 57.70 -8.24 -29.33
C TYR FA 239 57.48 -9.01 -30.63
N VAL FA 240 56.97 -8.32 -31.64
CA VAL FA 240 56.60 -9.00 -32.88
C VAL FA 240 57.86 -9.32 -33.67
N LEU FA 241 58.06 -10.60 -33.96
CA LEU FA 241 59.21 -11.06 -34.73
C LEU FA 241 58.81 -11.61 -36.09
N PHE FA 242 57.94 -12.62 -36.12
CA PHE FA 242 57.54 -13.28 -37.35
C PHE FA 242 56.02 -13.33 -37.43
N ALA FA 243 55.53 -13.52 -38.66
CA ALA FA 243 54.10 -13.65 -38.91
C ALA FA 243 53.84 -15.01 -39.53
N VAL FA 244 52.83 -15.71 -39.01
CA VAL FA 244 52.47 -17.05 -39.46
C VAL FA 244 51.36 -16.93 -40.49
N LEU FA 245 51.54 -17.57 -41.64
CA LEU FA 245 50.61 -17.47 -42.76
C LEU FA 245 49.66 -18.65 -42.77
N GLY FA 246 48.41 -18.38 -43.15
CA GLY FA 246 47.42 -19.42 -43.26
C GLY FA 246 46.66 -19.30 -44.57
N LYS FA 247 46.19 -20.44 -45.06
CA LYS FA 247 45.52 -20.50 -46.35
C LYS FA 247 44.02 -20.28 -46.19
N TYR FA 248 43.46 -19.46 -47.07
CA TYR FA 248 42.05 -19.12 -46.96
C TYR FA 248 41.15 -20.33 -47.12
N ARG FA 249 41.65 -21.40 -47.72
CA ARG FA 249 40.81 -22.58 -47.93
C ARG FA 249 40.49 -23.26 -46.60
N ASN FA 250 41.45 -23.29 -45.67
CA ASN FA 250 41.26 -23.96 -44.41
C ASN FA 250 40.26 -23.26 -43.49
N LEU FA 251 39.84 -22.04 -43.82
CA LEU FA 251 38.83 -21.36 -43.03
C LEU FA 251 37.50 -22.10 -43.14
N SER FA 252 36.85 -22.33 -42.00
CA SER FA 252 35.53 -22.94 -42.01
C SER FA 252 34.53 -22.06 -42.75
N ASN FA 253 34.54 -20.76 -42.45
CA ASN FA 253 33.57 -19.82 -43.02
C ASN FA 253 33.80 -19.59 -44.50
N PHE FA 254 34.92 -20.04 -45.04
CA PHE FA 254 35.19 -19.91 -46.46
C PHE FA 254 34.30 -20.86 -47.23
N GLU FA 255 33.32 -20.32 -47.94
CA GLU FA 255 32.49 -21.09 -48.87
C GLU FA 255 32.98 -20.92 -50.30
N SER FA 256 34.29 -20.86 -50.49
CA SER FA 256 34.88 -20.71 -51.81
C SER FA 256 34.42 -19.42 -52.47
N TYR FA 257 34.75 -18.31 -51.81
CA TYR FA 257 34.50 -17.00 -52.40
C TYR FA 257 35.29 -16.81 -53.68
N PHE FA 258 36.40 -17.53 -53.84
CA PHE FA 258 37.22 -17.45 -55.04
C PHE FA 258 38.13 -18.67 -55.05
N ALA FA 259 38.98 -18.73 -56.08
CA ALA FA 259 39.93 -19.81 -56.20
C ALA FA 259 41.33 -19.27 -56.01
N PRO FA 260 41.94 -19.38 -54.83
CA PRO FA 260 43.27 -18.80 -54.63
C PRO FA 260 44.30 -19.45 -55.54
N PHE FA 261 45.24 -18.63 -56.01
CA PHE FA 261 46.33 -19.16 -56.81
C PHE FA 261 47.36 -19.83 -55.91
N ASP FA 262 48.18 -20.69 -56.53
CA ASP FA 262 49.32 -21.35 -55.85
C ASP FA 262 50.56 -20.81 -56.55
N TYR FA 263 51.25 -19.83 -55.98
CA TYR FA 263 52.35 -19.13 -56.63
C TYR FA 263 53.68 -19.84 -56.46
N GLN FA 264 53.71 -21.01 -55.82
CA GLN FA 264 54.99 -21.70 -55.61
C GLN FA 264 55.71 -21.93 -56.92
N MET FA 265 55.01 -22.49 -57.91
CA MET FA 265 55.64 -22.73 -59.20
C MET FA 265 55.86 -21.45 -59.97
N ALA FA 266 54.90 -20.51 -59.91
CA ALA FA 266 55.04 -19.27 -60.65
C ALA FA 266 56.26 -18.48 -60.17
N SER FA 267 56.46 -18.41 -58.85
CA SER FA 267 57.62 -17.72 -58.33
C SER FA 267 58.91 -18.42 -58.76
N LEU FA 268 58.91 -19.75 -58.74
CA LEU FA 268 60.10 -20.47 -59.17
C LEU FA 268 60.44 -20.18 -60.61
N ARG FA 269 59.44 -20.21 -61.49
CA ARG FA 269 59.70 -19.95 -62.90
C ARG FA 269 60.19 -18.51 -63.12
N SER FA 270 59.58 -17.55 -62.44
CA SER FA 270 59.88 -16.13 -62.65
C SER FA 270 60.89 -15.62 -61.63
N TRP FA 271 62.05 -16.27 -61.58
CA TRP FA 271 63.16 -15.78 -60.76
C TRP FA 271 64.15 -14.94 -61.54
N ALA FA 272 64.43 -15.30 -62.80
CA ALA FA 272 65.32 -14.49 -63.61
C ALA FA 272 64.80 -13.06 -63.75
N LEU FA 273 63.49 -12.89 -63.68
CA LEU FA 273 62.92 -11.55 -63.77
C LEU FA 273 63.08 -10.79 -62.45
N PHE FA 274 62.92 -11.47 -61.33
CA PHE FA 274 63.02 -10.79 -60.04
C PHE FA 274 64.40 -10.21 -59.82
N ASN FA 275 65.44 -10.95 -60.20
CA ASN FA 275 66.79 -10.40 -60.06
C ASN FA 275 66.99 -9.19 -60.95
N ASP FA 276 66.50 -9.24 -62.19
CA ASP FA 276 66.66 -8.12 -63.10
C ASP FA 276 65.97 -6.87 -62.56
N PHE FA 277 64.96 -7.04 -61.71
CA PHE FA 277 64.31 -5.89 -61.08
C PHE FA 277 65.28 -5.15 -60.16
N THR FA 278 65.92 -5.87 -59.24
CA THR FA 278 66.83 -5.22 -58.32
C THR FA 278 67.99 -4.57 -59.06
N LEU FA 279 68.52 -5.24 -60.08
CA LEU FA 279 69.63 -4.68 -60.83
C LEU FA 279 69.22 -3.39 -61.53
N TYR FA 280 68.03 -3.38 -62.15
CA TYR FA 280 67.59 -2.18 -62.87
C TYR FA 280 67.35 -1.01 -61.91
N LYS FA 281 66.76 -1.28 -60.75
CA LYS FA 281 66.58 -0.23 -59.76
C LYS FA 281 67.93 0.31 -59.29
N ALA FA 282 68.90 -0.57 -59.09
CA ALA FA 282 70.21 -0.11 -58.65
C ALA FA 282 70.86 0.80 -59.69
N ILE FA 283 70.75 0.45 -60.97
CA ILE FA 283 71.42 1.24 -62.00
C ILE FA 283 70.70 2.54 -62.33
N GLU FA 284 69.52 2.78 -61.78
CA GLU FA 284 68.96 4.13 -61.85
C GLU FA 284 69.85 5.09 -61.10
N THR FA 285 70.29 4.69 -59.90
CA THR FA 285 71.22 5.52 -59.13
C THR FA 285 72.59 5.61 -59.78
N MET FA 286 72.98 4.63 -60.59
CA MET FA 286 74.19 4.76 -61.40
C MET FA 286 74.17 6.08 -62.16
N ILE FA 287 73.14 6.31 -62.96
CA ILE FA 287 73.11 7.48 -63.83
C ILE FA 287 72.99 8.75 -63.00
N LYS FA 288 72.09 8.76 -62.03
CA LYS FA 288 71.84 9.99 -61.27
C LYS FA 288 73.07 10.42 -60.49
N ALA FA 289 73.79 9.46 -59.90
CA ALA FA 289 74.90 9.82 -59.03
C ALA FA 289 76.02 10.52 -59.79
N VAL FA 290 76.37 10.03 -60.97
CA VAL FA 290 77.52 10.56 -61.71
C VAL FA 290 77.19 11.93 -62.28
N PRO FA 291 78.12 12.89 -62.26
CA PRO FA 291 77.80 14.24 -62.69
C PRO FA 291 77.74 14.38 -64.21
N GLU FA 292 77.38 15.58 -64.64
CA GLU FA 292 77.22 15.86 -66.06
C GLU FA 292 78.58 15.96 -66.75
N SER FA 293 79.59 16.46 -66.04
CA SER FA 293 80.88 16.77 -66.66
C SER FA 293 81.69 15.53 -67.02
N LYS FA 294 81.12 14.34 -66.93
CA LYS FA 294 81.82 13.11 -67.24
C LYS FA 294 80.93 12.18 -68.05
N PHE FA 295 80.09 12.80 -68.88
CA PHE FA 295 79.23 12.02 -69.82
C PHE FA 295 79.77 12.29 -71.21
N LYS FA 296 79.78 11.28 -72.08
CA LYS FA 296 80.36 11.45 -73.40
C LYS FA 296 79.56 12.43 -74.24
N ASP FA 297 78.24 12.23 -74.32
CA ASP FA 297 77.42 13.05 -75.20
C ASP FA 297 77.07 14.41 -74.59
N GLY FA 298 77.33 14.60 -73.29
CA GLY FA 298 77.08 15.89 -72.67
C GLY FA 298 75.67 16.02 -72.13
N PRO FA 299 75.02 17.16 -72.40
CA PRO FA 299 73.74 17.43 -71.72
C PRO FA 299 72.66 16.40 -72.02
N GLU FA 300 72.34 16.18 -73.29
CA GLU FA 300 71.23 15.31 -73.65
C GLU FA 300 71.65 13.85 -73.61
N ARG FA 301 72.27 13.45 -72.49
CA ARG FA 301 72.63 12.05 -72.29
C ARG FA 301 72.10 11.59 -70.93
N LYS FA 302 72.04 12.51 -69.97
CA LYS FA 302 71.50 12.16 -68.66
C LYS FA 302 70.03 11.79 -68.75
N THR FA 303 69.24 12.60 -69.45
CA THR FA 303 67.80 12.43 -69.36
C THR FA 303 67.32 11.19 -70.10
N GLN FA 304 67.80 10.94 -71.33
CA GLN FA 304 67.33 9.76 -72.05
C GLN FA 304 68.04 8.49 -71.61
N LEU FA 305 69.17 8.60 -70.90
CA LEU FA 305 69.67 7.43 -70.19
C LEU FA 305 68.82 7.17 -68.95
N ILE FA 306 68.47 8.23 -68.22
CA ILE FA 306 67.57 8.07 -67.09
C ILE FA 306 66.20 7.61 -67.57
N LYS FA 307 65.69 8.23 -68.63
CA LYS FA 307 64.36 7.86 -69.10
C LYS FA 307 64.36 6.46 -69.69
N GLN FA 308 65.42 6.08 -70.40
CA GLN FA 308 65.46 4.75 -71.00
C GLN FA 308 65.42 3.68 -69.91
N ALA FA 309 66.14 3.89 -68.82
CA ALA FA 309 66.13 2.92 -67.73
C ALA FA 309 64.75 2.82 -67.10
N ILE FA 310 64.13 3.97 -66.82
CA ILE FA 310 62.82 3.95 -66.17
C ILE FA 310 61.75 3.40 -67.10
N ASN FA 311 61.83 3.72 -68.40
CA ASN FA 311 60.85 3.20 -69.33
C ASN FA 311 60.85 1.68 -69.34
N ILE FA 312 62.04 1.07 -69.33
CA ILE FA 312 62.12 -0.39 -69.27
C ILE FA 312 61.93 -0.91 -67.85
N PHE FA 313 62.06 -0.05 -66.84
CA PHE FA 313 61.64 -0.44 -65.50
C PHE FA 313 60.14 -0.65 -65.43
N GLU FA 314 59.38 0.14 -66.20
CA GLU FA 314 57.95 -0.07 -66.30
C GLU FA 314 57.63 -1.43 -66.91
N THR FA 315 58.37 -1.82 -67.94
CA THR FA 315 58.04 -3.05 -68.65
C THR FA 315 58.14 -4.26 -67.74
N ILE FA 316 59.17 -4.32 -66.90
CA ILE FA 316 59.30 -5.46 -66.00
C ILE FA 316 58.41 -5.34 -64.78
N ARG FA 317 58.12 -4.13 -64.31
CA ARG FA 317 57.21 -3.99 -63.18
C ARG FA 317 55.80 -4.38 -63.56
N ASP FA 318 55.35 -3.99 -64.76
CA ASP FA 318 54.02 -4.38 -65.21
C ASP FA 318 53.96 -5.87 -65.54
N ARG FA 319 55.08 -6.46 -65.93
CA ARG FA 319 55.10 -7.92 -66.10
C ARG FA 319 54.86 -8.61 -64.76
N VAL FA 320 55.47 -8.10 -63.69
CA VAL FA 320 55.22 -8.64 -62.35
C VAL FA 320 53.77 -8.45 -61.97
N ILE FA 321 53.22 -7.26 -62.21
CA ILE FA 321 51.82 -7.01 -61.88
C ILE FA 321 50.92 -7.90 -62.73
N LEU FA 322 51.36 -8.25 -63.94
CA LEU FA 322 50.58 -9.16 -64.77
C LEU FA 322 50.60 -10.58 -64.20
N ILE FA 323 51.71 -11.00 -63.63
CA ILE FA 323 51.76 -12.34 -63.03
C ILE FA 323 50.76 -12.45 -61.89
N SER FA 324 50.47 -11.34 -61.21
CA SER FA 324 49.45 -11.37 -60.17
C SER FA 324 48.10 -11.77 -60.75
N GLU FA 325 47.71 -11.17 -61.88
CA GLU FA 325 46.44 -11.52 -62.50
C GLU FA 325 46.51 -12.90 -63.18
N HIS FA 326 47.63 -13.19 -63.84
CA HIS FA 326 47.77 -14.43 -64.60
C HIS FA 326 49.10 -15.10 -64.25
N PRO FA 327 49.14 -15.90 -63.18
CA PRO FA 327 50.37 -16.65 -62.90
C PRO FA 327 50.70 -17.67 -63.96
N GLU FA 328 49.71 -18.13 -64.74
CA GLU FA 328 50.01 -19.00 -65.86
C GLU FA 328 50.86 -18.29 -66.91
N ALA FA 329 50.85 -16.95 -66.92
CA ALA FA 329 51.66 -16.20 -67.85
C ALA FA 329 53.14 -16.23 -67.50
N ALA FA 330 53.55 -17.01 -66.49
CA ALA FA 330 54.96 -17.14 -66.18
C ALA FA 330 55.75 -17.84 -67.28
N LYS FA 331 55.07 -18.57 -68.16
CA LYS FA 331 55.76 -19.29 -69.23
C LYS FA 331 56.45 -18.32 -70.20
N GLU FA 332 55.77 -17.25 -70.57
CA GLU FA 332 56.31 -16.36 -71.59
C GLU FA 332 57.69 -15.84 -71.20
N ASP FA 333 58.61 -15.86 -72.16
CA ASP FA 333 59.95 -15.40 -71.89
C ASP FA 333 59.97 -13.88 -71.78
N PRO FA 334 61.00 -13.32 -71.14
CA PRO FA 334 61.09 -11.85 -71.06
C PRO FA 334 61.16 -11.23 -72.44
N ASP FA 335 60.58 -10.04 -72.57
CA ASP FA 335 60.61 -9.28 -73.81
C ASP FA 335 61.27 -7.93 -73.61
N HIS FA 336 62.20 -7.84 -72.67
CA HIS FA 336 62.85 -6.59 -72.31
C HIS FA 336 64.35 -6.74 -72.40
N MET FA 337 65.02 -5.62 -72.61
CA MET FA 337 66.47 -5.63 -72.77
C MET FA 337 67.14 -6.12 -71.48
N LYS FA 338 68.22 -6.85 -71.64
CA LYS FA 338 68.91 -7.43 -70.49
C LYS FA 338 69.54 -6.32 -69.65
N PRO FA 339 69.63 -6.48 -68.33
CA PRO FA 339 70.42 -5.53 -67.54
C PRO FA 339 71.87 -5.47 -67.96
N GLY FA 340 72.45 -6.60 -68.38
CA GLY FA 340 73.81 -6.58 -68.84
C GLY FA 340 74.01 -5.71 -70.07
N ASP FA 341 73.13 -5.87 -71.07
CA ASP FA 341 73.26 -5.06 -72.28
C ASP FA 341 73.03 -3.58 -71.99
N PHE FA 342 72.00 -3.28 -71.20
CA PHE FA 342 71.76 -1.88 -70.86
C PHE FA 342 72.86 -1.34 -69.99
N ARG FA 343 73.39 -2.15 -69.06
CA ARG FA 343 74.52 -1.70 -68.27
C ARG FA 343 75.71 -1.39 -69.17
N LEU FA 344 75.99 -2.27 -70.13
CA LEU FA 344 77.03 -1.99 -71.12
C LEU FA 344 76.80 -0.63 -71.77
N GLU FA 345 75.56 -0.33 -72.14
CA GLU FA 345 75.26 0.97 -72.73
C GLU FA 345 75.62 2.10 -71.78
N VAL FA 346 75.42 1.89 -70.47
CA VAL FA 346 75.74 2.94 -69.50
C VAL FA 346 77.23 3.26 -69.53
N LEU FA 347 78.09 2.24 -69.44
CA LEU FA 347 79.51 2.49 -69.37
C LEU FA 347 80.11 2.93 -70.69
N ASN FA 348 79.50 2.59 -71.81
CA ASN FA 348 80.04 3.01 -73.10
C ASN FA 348 80.02 4.51 -73.26
N SER FA 349 79.03 5.18 -72.65
CA SER FA 349 78.84 6.62 -72.80
C SER FA 349 79.47 7.39 -71.65
N ILE FA 350 80.61 6.91 -71.15
CA ILE FA 350 81.28 7.51 -70.00
C ILE FA 350 82.69 7.90 -70.42
N GLN FA 351 83.06 9.15 -70.18
CA GLN FA 351 84.43 9.60 -70.43
C GLN FA 351 85.39 8.93 -69.46
N THR FA 352 86.66 8.87 -69.88
CA THR FA 352 87.68 8.13 -69.16
C THR FA 352 88.94 8.96 -69.06
N LYS FA 353 89.83 8.56 -68.16
CA LYS FA 353 91.10 9.23 -67.94
C LYS FA 353 92.24 8.33 -68.38
N LEU FA 354 93.19 8.91 -69.12
CA LEU FA 354 94.28 8.14 -69.73
C LEU FA 354 95.45 8.08 -68.76
N PHE FA 355 95.32 7.24 -67.75
CA PHE FA 355 96.38 7.06 -66.78
C PHE FA 355 97.54 6.37 -67.47
N HIS FA 356 98.49 7.16 -67.98
CA HIS FA 356 99.67 6.61 -68.70
C HIS FA 356 100.77 6.35 -67.66
N ALA FA 357 100.89 5.10 -67.20
CA ALA FA 357 101.89 4.75 -66.21
C ALA FA 357 103.29 4.97 -66.78
N GLN FA 358 104.19 5.49 -65.94
CA GLN FA 358 105.54 5.83 -66.37
C GLN FA 358 106.53 5.21 -65.39
N SER FA 359 107.65 4.73 -65.92
CA SER FA 359 108.65 4.04 -65.11
C SER FA 359 109.70 5.05 -64.69
N GLN FA 360 109.66 5.46 -63.42
CA GLN FA 360 110.65 6.40 -62.91
C GLN FA 360 112.02 5.75 -62.83
N PRO FA 361 113.07 6.42 -63.34
CA PRO FA 361 114.43 5.89 -63.17
C PRO FA 361 115.08 6.33 -61.88
N ILE FA 362 115.54 5.37 -61.07
CA ILE FA 362 116.20 5.68 -59.80
C ILE FA 362 117.65 5.23 -59.88
N PRO FA 363 118.61 6.02 -59.38
CA PRO FA 363 120.01 5.59 -59.44
C PRO FA 363 120.23 4.29 -58.68
N ASN FA 364 121.30 3.58 -59.04
CA ASN FA 364 121.65 2.31 -58.43
C ASN FA 364 120.65 1.22 -58.83
N THR FA 365 120.22 1.24 -60.09
CA THR FA 365 119.30 0.25 -60.63
C THR FA 365 119.66 -0.02 -62.08
N ASP FA 366 119.84 -1.29 -62.42
CA ASP FA 366 120.17 -1.71 -63.77
C ASP FA 366 119.10 -2.66 -64.28
N ASP FA 367 118.49 -2.32 -65.41
CA ASP FA 367 117.39 -3.08 -65.99
C ASP FA 367 116.18 -3.15 -65.06
N TYR FA 368 116.16 -2.34 -64.01
CA TYR FA 368 115.07 -2.29 -63.04
C TYR FA 368 114.62 -0.85 -62.92
N TRP FA 369 113.34 -0.60 -63.15
CA TRP FA 369 112.77 0.74 -63.12
C TRP FA 369 111.81 0.85 -61.94
N THR FA 370 111.13 1.99 -61.83
CA THR FA 370 110.13 2.21 -60.79
C THR FA 370 108.87 2.73 -61.47
N ASP FA 371 107.85 1.89 -61.53
CA ASP FA 371 106.60 2.21 -62.22
C ASP FA 371 105.75 3.10 -61.34
N VAL FA 372 105.46 4.30 -61.82
CA VAL FA 372 104.57 5.24 -61.14
C VAL FA 372 103.38 5.50 -62.05
N ILE FA 373 102.18 5.24 -61.54
CA ILE FA 373 100.95 5.40 -62.33
C ILE FA 373 100.46 6.82 -62.07
N LEU FA 374 101.02 7.77 -62.81
CA LEU FA 374 100.63 9.18 -62.72
C LEU FA 374 100.23 9.68 -64.10
N THR FA 375 99.16 10.48 -64.13
CA THR FA 375 98.65 11.01 -65.38
C THR FA 375 99.54 12.10 -65.96
N THR FA 376 100.42 12.69 -65.15
CA THR FA 376 101.28 13.77 -65.62
C THR FA 376 102.52 13.19 -66.30
N LYS FA 377 102.83 13.69 -67.49
CA LYS FA 377 104.01 13.23 -68.22
C LYS FA 377 105.27 13.59 -67.45
N GLY FA 378 106.19 12.63 -67.35
CA GLY FA 378 107.45 12.85 -66.66
C GLY FA 378 108.64 12.88 -67.59
N SER FA 379 109.78 13.33 -67.08
CA SER FA 379 111.02 13.41 -67.86
C SER FA 379 111.91 12.24 -67.51
N GLY FA 380 112.27 11.44 -68.51
CA GLY FA 380 113.13 10.30 -68.30
C GLY FA 380 112.42 9.06 -67.78
N ASN FA 381 111.10 9.16 -67.59
CA ASN FA 381 110.30 8.02 -67.09
C ASN FA 381 109.73 7.25 -68.29
N GLN FA 382 109.93 5.93 -68.33
CA GLN FA 382 109.47 5.14 -69.47
C GLN FA 382 107.96 4.90 -69.36
N PRO FA 383 107.16 5.35 -70.32
CA PRO FA 383 105.72 5.05 -70.28
C PRO FA 383 105.46 3.56 -70.56
N LEU FA 384 104.52 2.99 -69.80
CA LEU FA 384 104.18 1.59 -69.94
C LEU FA 384 102.98 1.38 -70.86
N PHE FA 385 101.83 1.92 -70.50
CA PHE FA 385 100.64 1.84 -71.34
C PHE FA 385 99.73 3.02 -71.02
N THR FA 386 98.93 3.41 -72.01
CA THR FA 386 97.96 4.48 -71.85
C THR FA 386 96.58 3.91 -72.11
N PHE FA 387 95.70 4.03 -71.11
CA PHE FA 387 94.41 3.36 -71.11
C PHE FA 387 93.32 4.25 -70.53
N PRO FA 388 92.09 4.15 -71.03
CA PRO FA 388 90.98 4.84 -70.37
C PRO FA 388 90.80 4.32 -68.95
N ALA FA 389 90.44 5.22 -68.03
CA ALA FA 389 90.18 4.85 -66.65
C ALA FA 389 89.09 5.76 -66.10
N PHE FA 390 88.60 5.40 -64.90
CA PHE FA 390 87.50 6.09 -64.26
C PHE FA 390 88.05 6.92 -63.11
N ASP FA 391 87.85 8.23 -63.17
CA ASP FA 391 88.39 9.16 -62.20
C ASP FA 391 87.35 9.64 -61.20
N PHE FA 392 86.24 8.93 -61.07
CA PHE FA 392 85.16 9.33 -60.18
C PHE FA 392 84.38 8.11 -59.76
N GLY FA 393 83.89 8.12 -58.53
CA GLY FA 393 83.16 6.99 -58.01
C GLY FA 393 81.76 6.98 -58.57
N ASP FA 394 80.77 6.67 -57.73
CA ASP FA 394 79.36 6.68 -58.10
C ASP FA 394 79.02 5.71 -59.22
N LEU FA 395 79.97 4.85 -59.61
CA LEU FA 395 79.71 3.80 -60.60
C LEU FA 395 79.90 2.47 -59.88
N ILE FA 396 78.79 1.80 -59.57
CA ILE FA 396 78.89 0.57 -58.79
C ILE FA 396 79.72 -0.45 -59.56
N GLY FA 397 80.32 -1.38 -58.83
CA GLY FA 397 81.21 -2.35 -59.40
C GLY FA 397 82.63 -1.86 -59.59
N THR FA 398 82.99 -0.72 -58.99
CA THR FA 398 84.34 -0.12 -59.17
C THR FA 398 84.97 0.17 -57.82
N GLU FA 399 86.30 0.07 -57.71
CA GLU FA 399 87.05 0.37 -56.51
C GLU FA 399 88.29 1.18 -56.88
N VAL FA 400 88.79 1.92 -55.90
CA VAL FA 400 89.88 2.88 -56.11
C VAL FA 400 91.19 2.27 -55.67
N VAL FA 401 92.25 2.62 -56.39
CA VAL FA 401 93.62 2.24 -56.05
C VAL FA 401 94.39 3.52 -55.76
N SER FA 402 94.45 3.89 -54.48
CA SER FA 402 95.01 5.16 -54.05
C SER FA 402 96.41 4.91 -53.50
N PHE FA 403 97.42 5.31 -54.26
CA PHE FA 403 98.79 5.17 -53.80
C PHE FA 403 98.99 5.96 -52.53
N GLY FA 404 99.70 5.37 -51.58
CA GLY FA 404 100.06 6.04 -50.34
C GLY FA 404 101.53 6.41 -50.32
N LYS FA 405 101.82 7.70 -50.44
CA LYS FA 405 103.19 8.19 -50.39
C LYS FA 405 103.43 8.87 -49.05
N LYS FA 406 104.44 8.42 -48.32
CA LYS FA 406 104.74 9.00 -47.02
C LYS FA 406 105.13 10.46 -47.17
N LYS FA 407 104.33 11.36 -46.60
CA LYS FA 407 104.75 12.76 -46.52
C LYS FA 407 105.90 12.92 -45.55
N ASN FA 408 105.96 12.08 -44.52
CA ASN FA 408 107.07 12.07 -43.58
C ASN FA 408 108.27 11.31 -44.10
N GLY FA 409 108.15 10.70 -45.28
CA GLY FA 409 109.24 9.95 -45.85
C GLY FA 409 109.11 9.85 -47.37
N GLU FA 410 109.46 8.68 -47.92
CA GLU FA 410 109.37 8.50 -49.37
C GLU FA 410 108.82 7.13 -49.73
N GLU FA 411 108.32 6.36 -48.78
CA GLU FA 411 107.78 5.04 -49.07
C GLU FA 411 106.67 5.12 -50.10
N TYR FA 412 106.71 4.21 -51.07
CA TYR FA 412 105.66 4.08 -52.08
C TYR FA 412 104.69 3.00 -51.63
N ASN FA 413 103.40 3.36 -51.56
CA ASN FA 413 102.36 2.40 -51.16
C ASN FA 413 101.28 2.35 -52.22
N CYS FA 414 100.51 1.26 -52.19
CA CYS FA 414 99.43 1.02 -53.14
C CYS FA 414 98.32 0.29 -52.40
N LEU FA 415 97.28 1.03 -52.01
CA LEU FA 415 96.18 0.49 -51.23
C LEU FA 415 94.89 0.65 -52.02
N ILE FA 416 94.15 -0.44 -52.19
CA ILE FA 416 92.88 -0.43 -52.91
C ILE FA 416 91.77 -0.10 -51.93
N GLY FA 417 90.93 0.86 -52.29
CA GLY FA 417 89.83 1.22 -51.43
C GLY FA 417 90.24 1.70 -50.07
N GLU FA 418 91.50 2.10 -49.91
CA GLU FA 418 92.01 2.62 -48.64
C GLU FA 418 92.86 3.85 -48.95
N ARG FA 419 92.31 5.02 -48.68
CA ARG FA 419 92.99 6.26 -48.99
C ARG FA 419 94.05 6.57 -47.94
N VAL FA 420 94.72 7.70 -48.12
CA VAL FA 420 95.66 8.19 -47.11
C VAL FA 420 94.94 8.65 -45.85
N THR FA 421 93.66 9.03 -45.97
CA THR FA 421 92.96 9.62 -44.84
C THR FA 421 92.92 8.69 -43.63
N SER FA 422 93.01 7.38 -43.85
CA SER FA 422 93.05 6.45 -42.73
C SER FA 422 94.29 6.69 -41.87
N LEU FA 423 95.43 6.93 -42.50
CA LEU FA 423 96.67 7.24 -41.81
C LEU FA 423 96.88 8.75 -41.79
N ASP FA 424 98.04 9.18 -41.31
CA ASP FA 424 98.38 10.59 -41.19
C ASP FA 424 99.72 10.86 -41.87
N ASP FA 425 99.80 11.98 -42.59
CA ASP FA 425 101.00 12.37 -43.31
C ASP FA 425 101.38 11.33 -44.37
N TYR FA 426 100.47 11.20 -45.34
CA TYR FA 426 100.67 10.28 -46.49
C TYR FA 426 100.14 11.05 -47.70
N LYS FA 427 100.46 10.63 -48.92
CA LYS FA 427 100.06 11.42 -50.11
C LYS FA 427 99.46 10.50 -51.20
N GLU FA 428 98.38 10.95 -51.84
CA GLU FA 428 97.73 10.15 -52.91
C GLU FA 428 98.44 10.41 -54.24
N LEU FA 429 99.54 9.69 -54.51
CA LEU FA 429 100.20 9.82 -55.83
C LEU FA 429 99.11 9.76 -56.90
N SER FA 430 98.23 8.75 -56.82
CA SER FA 430 97.19 8.57 -57.82
C SER FA 430 96.03 7.80 -57.21
N TYR FA 431 94.82 8.28 -57.46
CA TYR FA 431 93.61 7.58 -57.06
C TYR FA 431 92.64 7.60 -58.23
N PHE FA 432 92.05 6.44 -58.52
CA PHE FA 432 91.12 6.33 -59.63
C PHE FA 432 90.35 5.02 -59.53
N TRP FA 433 89.03 5.08 -59.57
CA TRP FA 433 88.22 3.89 -59.43
C TRP FA 433 88.37 2.98 -60.65
N VAL FA 434 88.35 1.67 -60.40
CA VAL FA 434 88.51 0.68 -61.46
C VAL FA 434 87.65 -0.54 -61.13
N PHE FA 435 87.47 -1.40 -62.14
CA PHE FA 435 86.76 -2.65 -61.93
C PHE FA 435 87.73 -3.70 -61.37
N PRO FA 436 87.53 -4.17 -60.14
CA PRO FA 436 88.39 -5.27 -59.64
C PRO FA 436 88.19 -6.57 -60.40
N ASP FA 437 87.09 -6.74 -61.11
CA ASP FA 437 86.80 -7.96 -61.85
C ASP FA 437 86.46 -7.60 -63.29
N SER FA 438 86.40 -8.63 -64.13
CA SER FA 438 86.13 -8.42 -65.54
C SER FA 438 84.65 -8.25 -65.78
N VAL FA 439 84.32 -7.70 -66.96
CA VAL FA 439 82.93 -7.55 -67.38
C VAL FA 439 82.83 -8.06 -68.81
N GLN FA 440 81.62 -8.44 -69.21
CA GLN FA 440 81.42 -8.96 -70.55
C GLN FA 440 81.82 -7.93 -71.59
N LYS FA 441 82.88 -8.24 -72.34
CA LYS FA 441 83.29 -7.54 -73.55
C LYS FA 441 83.60 -6.06 -73.31
N PHE FA 442 83.81 -5.64 -72.06
CA PHE FA 442 84.26 -4.28 -71.78
C PHE FA 442 85.62 -4.26 -71.10
N ALA FA 443 85.76 -4.92 -69.96
CA ALA FA 443 86.98 -4.86 -69.15
C ALA FA 443 87.69 -6.22 -69.25
N MET FA 444 88.60 -6.35 -70.21
CA MET FA 444 89.27 -7.60 -70.45
C MET FA 444 90.79 -7.54 -70.26
N GLU FA 445 91.39 -6.35 -70.32
CA GLU FA 445 92.82 -6.23 -70.12
C GLU FA 445 93.12 -6.06 -68.63
N MET FA 446 94.28 -6.54 -68.21
CA MET FA 446 94.58 -6.75 -66.80
C MET FA 446 95.72 -5.86 -66.33
N TYR FA 447 95.70 -5.52 -65.04
CA TYR FA 447 96.79 -4.85 -64.38
C TYR FA 447 96.99 -5.47 -63.00
N GLY FA 448 98.25 -5.67 -62.62
CA GLY FA 448 98.57 -6.27 -61.34
C GLY FA 448 99.60 -5.45 -60.60
N VAL FA 449 99.53 -5.51 -59.27
CA VAL FA 449 100.38 -4.73 -58.39
C VAL FA 449 101.34 -5.69 -57.68
N SER FA 450 102.62 -5.33 -57.66
CA SER FA 450 103.64 -6.04 -56.92
C SER FA 450 104.60 -5.04 -56.30
N LYS FA 451 105.09 -5.34 -55.10
CA LYS FA 451 105.95 -4.44 -54.35
C LYS FA 451 107.11 -5.22 -53.75
N VAL FA 452 108.28 -4.59 -53.70
CA VAL FA 452 109.47 -5.22 -53.13
C VAL FA 452 109.58 -4.81 -51.66
N PRO FA 453 109.58 -5.76 -50.73
CA PRO FA 453 109.62 -5.36 -49.31
C PRO FA 453 110.84 -4.53 -48.94
N THR FA 454 112.00 -4.86 -49.49
CA THR FA 454 113.22 -4.17 -49.10
C THR FA 454 113.17 -2.71 -49.53
N ARG FA 455 112.71 -2.45 -50.74
CA ARG FA 455 112.64 -1.10 -51.29
C ARG FA 455 111.29 -0.93 -51.97
N ASN FA 456 110.64 0.20 -51.69
CA ASN FA 456 109.28 0.42 -52.20
C ASN FA 456 109.32 0.85 -53.65
N TYR FA 457 109.87 0.00 -54.52
CA TYR FA 457 109.85 0.23 -55.95
C TYR FA 457 108.56 -0.38 -56.49
N MET FA 458 107.57 0.48 -56.74
CA MET FA 458 106.29 0.01 -57.23
C MET FA 458 106.52 -0.84 -58.49
N ARG FA 459 106.02 -2.07 -58.44
CA ARG FA 459 106.14 -3.02 -59.55
C ARG FA 459 104.71 -3.37 -59.97
N VAL FA 460 104.15 -2.53 -60.83
CA VAL FA 460 102.83 -2.75 -61.42
C VAL FA 460 103.04 -3.18 -62.85
N TYR FA 461 102.42 -4.29 -63.25
CA TYR FA 461 102.65 -4.86 -64.56
C TYR FA 461 101.37 -5.51 -65.06
N ALA FA 462 101.36 -5.83 -66.35
CA ALA FA 462 100.23 -6.51 -66.96
C ALA FA 462 100.25 -7.97 -66.53
N ALA FA 463 99.48 -8.30 -65.51
CA ALA FA 463 99.49 -9.63 -64.90
C ALA FA 463 98.66 -10.59 -65.76
N ASP FA 464 98.53 -11.81 -65.24
CA ASP FA 464 97.78 -12.87 -65.98
C ASP FA 464 96.90 -13.61 -64.97
N GLN FA 465 95.98 -14.45 -65.45
CA GLN FA 465 95.15 -15.23 -64.55
C GLN FA 465 95.98 -16.17 -63.70
N SER FA 466 97.15 -16.55 -64.24
CA SER FA 466 98.08 -17.46 -63.49
C SER FA 466 98.83 -16.66 -62.43
N ASP FA 467 99.13 -15.38 -62.70
CA ASP FA 467 99.78 -14.53 -61.67
C ASP FA 467 98.92 -14.57 -60.42
N ILE FA 468 97.59 -14.56 -60.58
CA ILE FA 468 96.67 -14.70 -59.42
C ILE FA 468 96.89 -16.09 -58.79
N GLU FA 469 96.76 -17.14 -59.60
CA GLU FA 469 96.92 -18.54 -59.09
C GLU FA 469 98.18 -18.63 -58.22
N ASN FA 470 99.35 -18.31 -58.80
CA ASN FA 470 100.62 -18.33 -58.02
C ASN FA 470 101.09 -16.89 -57.81
N PRO FA 471 100.74 -16.24 -56.69
CA PRO FA 471 101.09 -14.80 -56.44
C PRO FA 471 102.51 -14.63 -55.94
N ARG FA 472 103.17 -13.55 -56.37
CA ARG FA 472 104.50 -13.24 -55.89
C ARG FA 472 104.42 -12.59 -54.51
N PRO FA 473 105.53 -12.55 -53.77
CA PRO FA 473 105.49 -11.93 -52.44
C PRO FA 473 105.05 -10.47 -52.49
N TYR FA 474 104.25 -10.04 -51.51
CA TYR FA 474 103.86 -8.61 -51.42
C TYR FA 474 103.09 -8.14 -52.66
N GLN FA 475 102.46 -9.06 -53.40
CA GLN FA 475 101.63 -8.64 -54.53
C GLN FA 475 100.25 -8.31 -53.98
N ARG FA 476 99.87 -7.04 -54.06
CA ARG FA 476 98.71 -6.57 -53.32
C ARG FA 476 97.40 -6.92 -54.02
N PHE FA 477 97.19 -6.37 -55.21
CA PHE FA 477 95.89 -6.49 -55.86
C PHE FA 477 96.07 -6.45 -57.38
N TRP FA 478 95.07 -6.97 -58.07
CA TRP FA 478 95.03 -6.98 -59.53
C TRP FA 478 93.67 -6.49 -60.00
N PHE FA 479 93.67 -5.76 -61.12
CA PHE FA 479 92.47 -5.09 -61.59
C PHE FA 479 92.42 -5.11 -63.11
N TYR FA 480 91.20 -5.06 -63.63
CA TYR FA 480 90.94 -5.05 -65.07
C TYR FA 480 90.55 -3.65 -65.52
N VAL FA 481 91.08 -3.26 -66.67
CA VAL FA 481 90.83 -1.93 -67.25
C VAL FA 481 90.06 -2.12 -68.56
N PRO FA 482 89.20 -1.18 -68.94
CA PRO FA 482 88.41 -1.37 -70.17
C PRO FA 482 89.28 -1.56 -71.40
N SER FA 483 88.83 -2.43 -72.29
CA SER FA 483 89.51 -2.71 -73.54
C SER FA 483 89.04 -1.74 -74.61
N ALA FA 484 89.99 -1.09 -75.28
CA ALA FA 484 89.65 -0.14 -76.33
C ALA FA 484 89.05 -0.80 -77.57
N ASN FA 485 89.12 -2.13 -77.66
CA ASN FA 485 88.58 -2.85 -78.81
C ASN FA 485 87.07 -2.88 -78.85
N SER FA 486 86.40 -2.45 -77.78
CA SER FA 486 84.94 -2.47 -77.77
C SER FA 486 84.40 -1.55 -78.86
N PRO FA 487 83.38 -1.95 -79.61
CA PRO FA 487 82.86 -1.09 -80.68
C PRO FA 487 81.96 -0.01 -80.11
N PRO FA 488 82.17 1.27 -80.48
CA PRO FA 488 81.29 2.32 -79.97
C PRO FA 488 80.01 2.47 -80.78
N GLY GA 2 29.38 -70.91 -2.22
CA GLY GA 2 29.29 -69.69 -3.01
C GLY GA 2 28.79 -68.51 -2.21
N GLU GA 3 29.68 -67.87 -1.45
CA GLU GA 3 29.32 -66.70 -0.67
C GLU GA 3 30.31 -65.56 -0.91
N VAL GA 4 31.53 -65.89 -1.31
CA VAL GA 4 32.56 -64.89 -1.57
C VAL GA 4 33.26 -65.23 -2.88
N VAL GA 5 33.90 -64.23 -3.46
CA VAL GA 5 34.63 -64.41 -4.72
C VAL GA 5 35.77 -63.41 -4.77
N PRO GA 6 36.97 -63.80 -5.23
CA PRO GA 6 38.06 -62.83 -5.33
C PRO GA 6 37.72 -61.70 -6.27
N TYR GA 7 38.20 -60.51 -5.93
CA TYR GA 7 37.90 -59.32 -6.72
C TYR GA 7 38.43 -59.49 -8.14
N LYS GA 8 37.60 -59.12 -9.12
CA LYS GA 8 37.99 -59.11 -10.52
C LYS GA 8 37.78 -57.70 -11.05
N ALA GA 9 38.82 -57.13 -11.66
CA ALA GA 9 38.77 -55.72 -12.05
C ALA GA 9 37.58 -55.48 -12.97
N GLY GA 10 36.99 -54.29 -12.84
CA GLY GA 10 35.81 -53.93 -13.57
C GLY GA 10 34.51 -54.26 -12.87
N MET GA 11 34.55 -54.98 -11.76
CA MET GA 11 33.33 -55.33 -11.04
C MET GA 11 32.59 -54.07 -10.63
N GLN GA 12 31.28 -54.10 -10.84
CA GLN GA 12 30.41 -53.00 -10.47
C GLN GA 12 29.39 -53.51 -9.46
N ARG GA 13 29.24 -52.80 -8.35
CA ARG GA 13 28.30 -53.22 -7.33
C ARG GA 13 26.91 -53.39 -7.92
N GLY GA 14 26.26 -54.50 -7.59
CA GLY GA 14 24.91 -54.75 -8.06
C GLY GA 14 24.88 -55.23 -9.49
N GLN GA 15 25.52 -56.36 -9.76
CA GLN GA 15 25.53 -56.94 -11.09
C GLN GA 15 25.40 -58.45 -10.97
N GLY GA 16 24.88 -59.06 -12.03
CA GLY GA 16 24.73 -60.50 -12.04
C GLY GA 16 26.07 -61.21 -12.09
N TYR GA 17 26.08 -62.44 -11.58
CA TYR GA 17 27.29 -63.25 -11.53
C TYR GA 17 26.93 -64.69 -11.85
N ASN GA 18 27.42 -65.20 -12.96
CA ASN GA 18 27.21 -66.58 -13.36
C ASN GA 18 28.20 -67.43 -12.57
N THR GA 19 27.74 -67.99 -11.45
CA THR GA 19 28.67 -68.63 -10.53
C THR GA 19 29.39 -69.82 -11.16
N TYR GA 20 28.77 -70.50 -12.12
CA TYR GA 20 29.43 -71.60 -12.80
C TYR GA 20 30.55 -71.11 -13.69
N LEU GA 21 30.23 -70.25 -14.66
CA LEU GA 21 31.25 -69.71 -15.55
C LEU GA 21 32.13 -68.67 -14.87
N GLN GA 22 31.80 -68.24 -13.66
CA GLN GA 22 32.59 -67.28 -12.91
C GLN GA 22 32.82 -66.00 -13.70
N SER GA 23 31.91 -65.71 -14.63
CA SER GA 23 32.01 -64.51 -15.45
C SER GA 23 31.18 -63.40 -14.82
N LEU GA 24 31.07 -62.28 -15.52
CA LEU GA 24 30.29 -61.13 -15.07
C LEU GA 24 29.06 -60.98 -15.94
N CYS GA 25 27.96 -60.56 -15.33
CA CYS GA 25 26.70 -60.42 -16.04
C CYS GA 25 26.13 -59.02 -15.86
N VAL GA 26 24.87 -58.82 -16.26
CA VAL GA 26 24.32 -57.48 -16.40
C VAL GA 26 24.64 -56.64 -15.17
N LYS GA 27 24.97 -55.37 -15.41
CA LYS GA 27 25.26 -54.45 -14.33
C LYS GA 27 24.03 -53.62 -14.01
N ASP GA 28 23.86 -53.31 -12.73
CA ASP GA 28 22.77 -52.46 -12.24
C ASP GA 28 21.43 -53.20 -12.24
N ALA GA 29 21.46 -54.51 -12.05
CA ALA GA 29 20.21 -55.24 -11.83
C ALA GA 29 19.68 -54.99 -10.42
N VAL GA 30 20.56 -54.71 -9.47
CA VAL GA 30 20.18 -54.48 -8.08
C VAL GA 30 20.71 -53.12 -7.67
N THR GA 31 19.82 -52.30 -7.13
CA THR GA 31 20.18 -50.98 -6.59
C THR GA 31 20.21 -51.09 -5.07
N ILE GA 32 21.34 -50.72 -4.48
CA ILE GA 32 21.51 -50.73 -3.03
C ILE GA 32 21.50 -49.28 -2.55
N GLU GA 33 20.55 -48.96 -1.69
CA GLU GA 33 20.45 -47.62 -1.10
C GLU GA 33 21.17 -47.62 0.24
N ARG GA 34 22.17 -46.74 0.36
CA ARG GA 34 22.89 -46.55 1.62
C ARG GA 34 22.05 -45.61 2.49
N HIS GA 35 21.22 -46.20 3.37
CA HIS GA 35 20.38 -45.37 4.22
C HIS GA 35 21.23 -44.49 5.14
N ASP GA 36 22.29 -45.05 5.70
CA ASP GA 36 23.16 -44.35 6.64
C ASP GA 36 24.57 -44.32 6.08
N ASP GA 37 25.20 -43.15 6.10
CA ASP GA 37 26.57 -42.99 5.60
C ASP GA 37 27.53 -43.22 6.77
N SER GA 38 28.03 -44.44 6.87
CA SER GA 38 28.97 -44.79 7.93
C SER GA 38 29.74 -46.04 7.53
N ASN GA 39 31.04 -46.03 7.79
CA ASN GA 39 31.85 -47.19 7.45
C ASN GA 39 31.49 -48.36 8.34
N PRO GA 40 31.56 -49.59 7.82
CA PRO GA 40 31.14 -50.75 8.61
C PRO GA 40 32.15 -51.10 9.68
N PRO GA 41 31.77 -51.93 10.64
CA PRO GA 41 32.72 -52.36 11.67
C PRO GA 41 33.88 -53.12 11.06
N PHE GA 42 35.05 -53.00 11.68
CA PHE GA 42 36.29 -53.51 11.11
C PHE GA 42 37.07 -54.28 12.17
N LYS GA 43 37.94 -55.17 11.68
CA LYS GA 43 38.79 -56.01 12.52
C LYS GA 43 40.24 -55.72 12.18
N LYS GA 44 41.06 -55.51 13.20
CA LYS GA 44 42.45 -55.12 13.02
C LYS GA 44 43.39 -56.17 13.58
N GLU GA 45 44.58 -56.25 12.99
CA GLU GA 45 45.68 -57.06 13.50
C GLU GA 45 46.97 -56.25 13.42
N TYR GA 46 47.92 -56.59 14.28
CA TYR GA 46 49.19 -55.87 14.29
C TYR GA 46 50.26 -56.77 14.90
N TYR GA 47 51.08 -57.36 14.04
CA TYR GA 47 52.22 -58.17 14.46
C TYR GA 47 53.49 -57.36 14.21
N SER GA 48 54.28 -57.16 15.26
CA SER GA 48 55.47 -56.31 15.18
C SER GA 48 56.67 -57.01 15.79
N GLU GA 49 57.84 -56.80 15.18
CA GLU GA 49 59.11 -57.33 15.69
C GLU GA 49 60.15 -56.23 15.60
N PHE GA 50 60.98 -56.12 16.64
CA PHE GA 50 62.10 -55.18 16.66
C PHE GA 50 63.32 -55.95 17.15
N ILE GA 51 64.09 -56.49 16.20
CA ILE GA 51 65.17 -57.40 16.56
C ILE GA 51 66.28 -56.65 17.28
N GLU GA 52 67.10 -57.41 18.00
CA GLU GA 52 68.05 -56.85 18.94
C GLU GA 52 68.93 -55.79 18.31
N GLU GA 53 69.52 -54.95 19.16
CA GLU GA 53 70.53 -53.98 18.73
C GLU GA 53 71.88 -54.61 18.98
N TYR GA 54 72.49 -55.15 17.93
CA TYR GA 54 73.78 -55.83 18.05
C TYR GA 54 74.84 -54.76 18.29
N GLU GA 55 74.90 -54.29 19.55
CA GLU GA 55 75.92 -53.29 19.92
C GLU GA 55 77.13 -54.02 20.48
N LYS GA 56 78.26 -53.93 19.78
CA LYS GA 56 79.50 -54.59 20.19
C LYS GA 56 80.65 -53.61 20.03
N ILE GA 57 81.20 -53.16 21.14
CA ILE GA 57 82.41 -52.34 21.14
C ILE GA 57 83.56 -53.21 21.63
N ALA GA 58 84.57 -53.35 20.78
CA ALA GA 58 85.83 -53.99 21.17
C ALA GA 58 86.93 -52.97 20.95
N LYS GA 59 87.72 -52.71 21.99
CA LYS GA 59 88.69 -51.63 21.98
C LYS GA 59 90.02 -52.13 22.51
N SER GA 60 91.11 -51.58 21.98
CA SER GA 60 92.46 -52.05 22.29
C SER GA 60 93.29 -50.93 22.88
N MET GA 61 94.13 -51.27 23.86
CA MET GA 61 95.07 -50.27 24.43
C MET GA 61 96.38 -51.01 24.79
N ARG GA 62 97.36 -50.98 23.89
CA ARG GA 62 98.64 -51.68 24.04
C ARG GA 62 99.74 -50.64 24.13
N ILE GA 63 100.46 -50.64 25.26
CA ILE GA 63 101.56 -49.72 25.49
C ILE GA 63 102.79 -50.54 25.86
N SER GA 64 103.95 -50.06 25.45
CA SER GA 64 105.20 -50.74 25.76
C SER GA 64 106.33 -49.72 25.68
N ALA GA 65 107.06 -49.56 26.79
CA ALA GA 65 108.18 -48.64 26.83
C ALA GA 65 109.20 -49.13 27.84
N GLY GA 66 110.46 -48.79 27.59
CA GLY GA 66 111.55 -49.17 28.48
C GLY GA 66 112.92 -48.88 27.89
N VAL GA 78 118.23 -44.63 24.89
CA VAL GA 78 117.57 -45.50 23.94
C VAL GA 78 116.27 -46.02 24.55
N ASN GA 79 115.30 -45.13 24.66
CA ASN GA 79 113.98 -45.47 25.21
C ASN GA 79 112.97 -45.48 24.09
N VAL GA 80 112.17 -46.54 24.01
CA VAL GA 80 111.20 -46.71 22.96
C VAL GA 80 109.79 -46.67 23.57
N ASP GA 81 108.82 -46.32 22.73
CA ASP GA 81 107.42 -46.26 23.13
C ASP GA 81 106.57 -46.89 22.04
N ILE GA 82 105.48 -47.54 22.45
CA ILE GA 82 104.50 -48.10 21.53
C ILE GA 82 103.12 -47.80 22.09
N LEU GA 83 102.23 -47.28 21.25
CA LEU GA 83 100.89 -46.87 21.69
C LEU GA 83 99.91 -47.27 20.58
N ASN GA 84 99.23 -48.41 20.76
CA ASN GA 84 98.34 -48.94 19.73
C ASN GA 84 96.90 -48.95 20.24
N ARG GA 85 95.98 -48.49 19.41
CA ARG GA 85 94.57 -48.43 19.73
C ARG GA 85 93.77 -49.12 18.65
N SER GA 86 92.56 -49.55 19.02
CA SER GA 86 91.61 -50.09 18.05
C SER GA 86 90.22 -49.85 18.61
N GLU GA 87 89.23 -49.96 17.72
CA GLU GA 87 87.85 -49.76 18.12
C GLU GA 87 86.95 -50.37 17.06
N PHE GA 88 86.14 -51.35 17.46
CA PHE GA 88 85.22 -52.03 16.54
C PHE GA 88 83.81 -51.88 17.07
N GLU GA 89 82.93 -51.30 16.27
CA GLU GA 89 81.55 -51.05 16.65
C GLU GA 89 80.63 -51.81 15.71
N THR GA 90 79.51 -52.28 16.25
CA THR GA 90 78.50 -52.96 15.46
C THR GA 90 77.13 -52.52 15.92
N SER GA 91 76.17 -52.44 15.00
CA SER GA 91 74.81 -52.09 15.35
C SER GA 91 73.89 -52.63 14.25
N THR GA 92 73.25 -53.76 14.52
CA THR GA 92 72.30 -54.35 13.60
C THR GA 92 70.90 -54.17 14.18
N LEU GA 93 70.10 -53.31 13.55
CA LEU GA 93 68.71 -53.11 13.92
C LEU GA 93 67.84 -53.64 12.80
N THR GA 94 66.81 -54.39 13.16
CA THR GA 94 65.86 -54.90 12.19
C THR GA 94 64.44 -54.67 12.72
N TYR GA 95 63.50 -54.48 11.81
CA TYR GA 95 62.12 -54.20 12.18
C TYR GA 95 61.20 -54.90 11.20
N GLU GA 96 59.97 -55.15 11.64
CA GLU GA 96 58.98 -55.78 10.78
C GLU GA 96 57.61 -55.66 11.41
N VAL GA 97 56.62 -55.20 10.64
CA VAL GA 97 55.24 -55.15 11.09
C VAL GA 97 54.36 -55.74 9.98
N LYS GA 98 53.14 -56.11 10.37
CA LYS GA 98 52.17 -56.65 9.42
C LYS GA 98 50.78 -56.33 9.96
N VAL GA 99 50.13 -55.34 9.37
CA VAL GA 99 48.83 -54.86 9.83
C VAL GA 99 47.77 -55.33 8.85
N LEU GA 100 46.77 -56.03 9.36
CA LEU GA 100 45.66 -56.54 8.55
C LEU GA 100 44.36 -55.92 9.06
N VAL GA 101 43.61 -55.31 8.16
CA VAL GA 101 42.33 -54.68 8.47
C VAL GA 101 41.27 -55.30 7.57
N GLN GA 102 40.18 -55.76 8.17
CA GLN GA 102 39.07 -56.35 7.43
C GLN GA 102 37.77 -55.74 7.92
N HIS GA 103 37.01 -55.15 7.01
CA HIS GA 103 35.74 -54.54 7.35
C HIS GA 103 34.64 -55.60 7.30
N GLN GA 104 33.39 -55.16 7.47
CA GLN GA 104 32.25 -56.06 7.33
C GLN GA 104 31.21 -55.41 6.42
N VAL GA 105 30.11 -56.09 6.18
CA VAL GA 105 29.05 -55.60 5.31
C VAL GA 105 27.94 -55.04 6.18
N SER GA 106 27.54 -53.80 5.93
CA SER GA 106 26.54 -53.16 6.76
C SER GA 106 25.21 -53.90 6.67
N VAL GA 107 24.50 -53.94 7.79
CA VAL GA 107 23.27 -54.69 7.90
C VAL GA 107 22.02 -53.83 7.76
N LEU GA 108 22.19 -52.52 7.53
CA LEU GA 108 21.08 -51.58 7.48
C LEU GA 108 20.90 -50.99 6.08
N ASP GA 109 21.04 -51.82 5.05
CA ASP GA 109 20.84 -51.39 3.67
C ASP GA 109 19.62 -52.07 3.08
N LYS GA 110 19.10 -51.49 2.01
CA LYS GA 110 17.93 -52.01 1.31
C LYS GA 110 18.36 -52.48 -0.07
N HIS GA 111 17.90 -53.67 -0.46
CA HIS GA 111 18.22 -54.27 -1.75
C HIS GA 111 16.97 -54.36 -2.60
N SER GA 112 17.06 -53.96 -3.85
CA SER GA 112 15.95 -53.96 -4.78
C SER GA 112 16.37 -54.64 -6.07
N PHE GA 113 15.39 -54.98 -6.89
CA PHE GA 113 15.62 -55.69 -8.16
C PHE GA 113 14.99 -54.91 -9.30
N ASN GA 114 15.79 -54.54 -10.28
CA ASN GA 114 15.34 -53.79 -11.44
C ASN GA 114 15.14 -54.72 -12.61
N LYS GA 115 14.15 -54.41 -13.45
CA LYS GA 115 13.73 -55.31 -14.52
C LYS GA 115 14.44 -54.93 -15.81
N ILE GA 116 15.08 -55.91 -16.44
CA ILE GA 116 15.64 -55.78 -17.78
C ILE GA 116 14.90 -56.76 -18.67
N GLN GA 117 14.32 -56.23 -19.76
CA GLN GA 117 13.53 -57.08 -20.69
C GLN GA 117 14.47 -57.89 -21.59
N THR GA 118 14.41 -59.22 -21.50
CA THR GA 118 15.24 -60.09 -22.30
C THR GA 118 14.48 -61.38 -22.60
N THR GA 119 14.77 -61.98 -23.75
CA THR GA 119 14.21 -63.29 -24.07
C THR GA 119 14.96 -64.40 -23.36
N THR GA 120 16.14 -64.11 -22.81
CA THR GA 120 16.97 -65.09 -22.11
C THR GA 120 17.41 -64.49 -20.78
N PRO GA 121 16.48 -64.29 -19.85
CA PRO GA 121 16.86 -63.66 -18.57
C PRO GA 121 17.89 -64.47 -17.81
N HIS GA 122 17.99 -65.77 -18.06
CA HIS GA 122 18.95 -66.60 -17.34
C HIS GA 122 20.37 -66.20 -17.66
N ALA GA 123 20.68 -66.01 -18.95
CA ALA GA 123 22.04 -65.67 -19.35
C ALA GA 123 22.36 -64.20 -19.10
N THR GA 124 21.34 -63.36 -18.96
CA THR GA 124 21.57 -61.95 -18.68
C THR GA 124 21.74 -61.71 -17.18
N TYR GA 125 20.78 -62.15 -16.38
CA TYR GA 125 20.84 -61.93 -14.95
C TYR GA 125 21.88 -62.84 -14.29
N GLY GA 126 21.90 -64.11 -14.69
CA GLY GA 126 22.80 -65.07 -14.07
C GLY GA 126 22.14 -65.79 -12.92
N ASP GA 127 22.88 -65.98 -11.82
CA ASP GA 127 22.37 -66.61 -10.61
C ASP GA 127 22.37 -65.68 -9.42
N ARG GA 128 23.49 -65.04 -9.12
CA ARG GA 128 23.64 -64.24 -7.91
C ARG GA 128 24.21 -62.87 -8.27
N PHE GA 129 23.90 -61.90 -7.42
CA PHE GA 129 24.27 -60.51 -7.62
C PHE GA 129 25.29 -60.07 -6.56
N ILE GA 130 25.99 -58.98 -6.87
CA ILE GA 130 27.05 -58.47 -6.00
C ILE GA 130 26.41 -57.43 -5.08
N ALA GA 131 26.16 -57.83 -3.83
CA ALA GA 131 25.46 -56.95 -2.91
C ALA GA 131 26.40 -55.91 -2.31
N ASP GA 132 27.41 -56.37 -1.57
CA ASP GA 132 28.36 -55.47 -0.93
C ASP GA 132 29.75 -56.02 -1.12
N PHE GA 133 30.73 -55.12 -1.11
CA PHE GA 133 32.12 -55.47 -1.29
C PHE GA 133 32.81 -55.54 0.06
N ILE GA 134 33.45 -56.67 0.34
CA ILE GA 134 34.23 -56.82 1.56
C ILE GA 134 35.52 -56.03 1.40
N LYS GA 135 35.72 -55.04 2.27
CA LYS GA 135 36.86 -54.15 2.16
C LYS GA 135 37.88 -54.45 3.26
N GLY GA 136 39.11 -53.99 3.03
CA GLY GA 136 40.18 -54.24 3.97
C GLY GA 136 41.44 -53.46 3.65
N GLY GA 137 42.57 -53.92 4.21
CA GLY GA 137 43.84 -53.24 4.00
C GLY GA 137 44.97 -54.14 4.44
N HIS GA 138 46.19 -53.68 4.18
CA HIS GA 138 47.37 -54.49 4.44
C HIS GA 138 48.57 -53.59 4.66
N PHE GA 139 49.52 -54.06 5.47
CA PHE GA 139 50.77 -53.36 5.68
C PHE GA 139 51.89 -54.38 5.83
N TYR GA 140 53.08 -53.97 5.42
CA TYR GA 140 54.24 -54.88 5.48
C TYR GA 140 55.49 -54.02 5.39
N ALA GA 141 56.29 -54.01 6.45
CA ALA GA 141 57.48 -53.18 6.50
C ALA GA 141 58.67 -53.99 6.96
N ARG GA 142 59.85 -53.62 6.50
CA ARG GA 142 61.10 -54.22 6.90
C ARG GA 142 62.18 -53.15 6.89
N VAL GA 143 62.81 -52.94 8.04
CA VAL GA 143 63.96 -52.05 8.15
C VAL GA 143 65.17 -52.90 8.52
N SER GA 144 66.28 -52.67 7.82
CA SER GA 144 67.52 -53.39 8.08
C SER GA 144 68.64 -52.35 8.19
N ILE GA 145 68.85 -51.83 9.38
CA ILE GA 145 69.91 -50.86 9.63
C ILE GA 145 71.19 -51.65 9.92
N THR GA 146 72.19 -51.53 9.04
CA THR GA 146 73.45 -52.30 9.19
C THR GA 146 74.34 -51.63 10.22
N ALA GA 147 75.43 -52.28 10.62
CA ALA GA 147 76.37 -51.79 11.64
C ALA GA 147 77.06 -50.50 11.20
N LYS GA 148 77.81 -49.87 12.10
CA LYS GA 148 78.63 -48.69 11.74
C LYS GA 148 80.01 -49.22 11.35
N ASN GA 149 80.45 -50.32 11.98
CA ASN GA 149 81.78 -50.84 11.79
C ASN GA 149 82.84 -49.75 11.98
N SER GA 150 82.68 -49.00 13.07
CA SER GA 150 83.71 -48.02 13.42
C SER GA 150 85.04 -48.73 13.59
N SER GA 151 86.09 -48.13 13.03
CA SER GA 151 87.40 -48.77 13.01
C SER GA 151 88.49 -47.82 13.46
N GLU GA 152 88.29 -47.13 14.58
CA GLU GA 152 89.30 -46.22 15.11
C GLU GA 152 90.53 -47.03 15.50
N THR GA 153 91.66 -46.76 14.84
CA THR GA 153 92.93 -47.38 15.16
C THR GA 153 94.02 -46.33 15.14
N SER GA 154 95.13 -46.62 15.81
CA SER GA 154 96.25 -45.68 15.86
C SER GA 154 97.48 -46.38 16.40
N GLU GA 155 98.64 -45.84 16.07
CA GLU GA 155 99.92 -46.37 16.51
C GLU GA 155 100.85 -45.19 16.75
N LEU GA 156 101.79 -45.34 17.68
CA LEU GA 156 102.79 -44.33 17.96
C LEU GA 156 104.11 -44.99 18.32
N LYS GA 157 105.22 -44.32 18.02
CA LYS GA 157 106.55 -44.88 18.22
C LYS GA 157 107.52 -43.74 18.54
N GLN GA 158 107.99 -43.69 19.80
CA GLN GA 158 108.92 -42.66 20.25
C GLN GA 158 110.23 -43.32 20.66
N SER GA 159 111.18 -43.35 19.73
CA SER GA 159 112.51 -43.85 20.01
C SER GA 159 113.42 -42.71 20.45
N ALA GA 160 113.85 -42.75 21.70
CA ALA GA 160 114.71 -41.71 22.26
C ALA GA 160 114.09 -40.34 22.10
N THR GA 174 118.52 -37.74 19.04
CA THR GA 174 117.76 -38.60 18.13
C THR GA 174 116.32 -38.77 18.61
N GLN GA 175 115.39 -38.73 17.65
CA GLN GA 175 113.97 -38.79 17.96
C GLN GA 175 113.25 -39.45 16.80
N GLU GA 176 112.07 -39.98 17.07
CA GLU GA 176 111.28 -40.64 16.04
C GLU GA 176 109.82 -40.62 16.44
N VAL GA 177 108.94 -40.33 15.49
CA VAL GA 177 107.50 -40.36 15.68
C VAL GA 177 106.87 -41.04 14.49
N GLU GA 178 105.89 -41.91 14.75
CA GLU GA 178 105.24 -42.70 13.70
C GLU GA 178 103.76 -42.86 14.07
N ARG GA 179 102.90 -42.08 13.42
CA ARG GA 179 101.46 -42.15 13.63
C ARG GA 179 100.70 -42.51 12.36
N ALA GA 180 101.29 -43.31 11.48
CA ALA GA 180 100.65 -43.68 10.22
C ALA GA 180 99.66 -44.83 10.41
N VAL GA 181 98.73 -44.67 11.34
CA VAL GA 181 97.67 -45.64 11.56
C VAL GA 181 96.42 -44.87 11.97
N SER GA 182 95.36 -44.98 11.15
CA SER GA 182 94.10 -44.31 11.44
C SER GA 182 93.07 -44.78 10.43
N SER GA 183 91.87 -45.06 10.92
CA SER GA 183 90.77 -45.51 10.07
C SER GA 183 89.46 -45.18 10.76
N ILE GA 184 88.38 -45.15 9.99
CA ILE GA 184 87.07 -44.73 10.47
C ILE GA 184 86.02 -45.71 9.99
N LYS GA 185 84.80 -45.54 10.50
CA LYS GA 185 83.67 -46.41 10.19
C LYS GA 185 83.41 -46.45 8.69
N ARG GA 186 82.98 -47.61 8.22
CA ARG GA 186 82.44 -47.71 6.87
C ARG GA 186 81.35 -48.78 6.90
N ASN GA 187 80.14 -48.36 7.24
CA ASN GA 187 78.94 -49.16 7.03
C ASN GA 187 77.70 -48.35 7.38
N ALA GA 188 76.74 -48.28 6.46
CA ALA GA 188 75.43 -47.70 6.78
C ALA GA 188 74.45 -48.18 5.70
N SER GA 189 73.67 -49.20 6.03
CA SER GA 189 72.71 -49.77 5.10
C SER GA 189 71.31 -49.62 5.68
N VAL GA 190 70.42 -49.01 4.92
CA VAL GA 190 69.03 -48.84 5.32
C VAL GA 190 68.19 -49.44 4.20
N LYS GA 191 67.75 -50.69 4.38
CA LYS GA 191 66.84 -51.33 3.45
C LYS GA 191 65.43 -51.19 3.99
N ILE GA 192 64.57 -50.53 3.23
CA ILE GA 192 63.18 -50.31 3.60
C ILE GA 192 62.30 -50.89 2.49
N THR GA 193 61.36 -51.75 2.88
CA THR GA 193 60.30 -52.21 1.99
C THR GA 193 58.97 -51.92 2.66
N ILE GA 194 58.08 -51.23 1.95
CA ILE GA 194 56.76 -50.91 2.49
C ILE GA 194 55.73 -51.32 1.46
N ILE GA 195 54.81 -52.20 1.86
CA ILE GA 195 53.74 -52.68 0.97
C ILE GA 195 52.42 -52.31 1.62
N GLU GA 196 51.62 -51.51 0.92
CA GLU GA 196 50.41 -50.96 1.51
C GLU GA 196 49.23 -51.15 0.57
N SER GA 197 48.06 -51.34 1.17
CA SER GA 197 46.79 -51.39 0.45
C SER GA 197 45.80 -50.58 1.27
N THR GA 198 45.71 -49.28 0.98
CA THR GA 198 44.89 -48.38 1.77
C THR GA 198 43.96 -47.57 0.87
N GLY GA 199 43.29 -46.58 1.45
CA GLY GA 199 42.34 -45.77 0.70
C GLY GA 199 42.55 -44.30 0.96
N THR GA 200 42.00 -43.49 0.05
CA THR GA 200 42.12 -42.06 0.15
C THR GA 200 41.18 -41.50 1.21
N SER GA 201 41.54 -40.35 1.76
CA SER GA 201 40.70 -39.70 2.75
C SER GA 201 39.40 -39.23 2.12
N SER GA 216 66.76 -41.87 11.76
CA SER GA 216 65.51 -42.15 12.43
C SER GA 216 64.55 -42.87 11.51
N ASP GA 217 65.09 -43.67 10.59
CA ASP GA 217 64.24 -44.38 9.66
C ASP GA 217 63.44 -45.48 10.36
N LEU GA 218 63.98 -46.03 11.45
CA LEU GA 218 63.22 -47.01 12.23
C LEU GA 218 61.96 -46.36 12.82
N LEU GA 219 62.10 -45.14 13.34
CA LEU GA 219 60.94 -44.44 13.90
C LEU GA 219 59.97 -44.00 12.81
N ALA GA 220 60.49 -43.58 11.66
CA ALA GA 220 59.60 -43.13 10.58
C ALA GA 220 58.67 -44.25 10.13
N VAL GA 221 59.21 -45.46 9.96
CA VAL GA 221 58.37 -46.59 9.60
C VAL GA 221 57.36 -46.86 10.71
N LYS GA 222 57.77 -46.68 11.96
CA LYS GA 222 56.88 -46.94 13.08
C LYS GA 222 55.69 -46.00 13.08
N GLU GA 223 55.91 -44.72 12.79
CA GLU GA 223 54.81 -43.76 12.79
C GLU GA 223 53.78 -44.12 11.74
N LYS GA 224 54.22 -44.43 10.52
CA LYS GA 224 53.29 -44.89 9.50
C LYS GA 224 52.62 -46.19 9.90
N ALA GA 225 53.37 -47.09 10.53
CA ALA GA 225 52.78 -48.33 11.02
C ALA GA 225 51.76 -48.06 12.12
N ASP GA 226 52.09 -47.20 13.07
CA ASP GA 226 51.13 -46.86 14.12
C ASP GA 226 50.00 -46.00 13.58
N GLN GA 227 50.33 -45.00 12.75
CA GLN GA 227 49.28 -44.19 12.15
C GLN GA 227 48.34 -45.05 11.33
N PHE GA 228 48.83 -46.14 10.74
CA PHE GA 228 47.93 -47.04 10.03
C PHE GA 228 46.89 -47.62 10.97
N TYR GA 229 47.35 -48.03 12.17
CA TYR GA 229 46.43 -48.56 13.21
C TYR GA 229 45.41 -47.47 13.49
N LYS GA 230 45.87 -46.28 13.89
CA LYS GA 230 44.93 -45.22 14.23
C LYS GA 230 44.13 -44.79 13.02
N ASP GA 231 44.72 -44.85 11.83
CA ASP GA 231 43.99 -44.44 10.63
C ASP GA 231 42.77 -45.30 10.40
N ALA GA 232 42.87 -46.59 10.69
CA ALA GA 232 41.71 -47.47 10.49
C ALA GA 232 40.50 -46.99 11.27
N ASP GA 233 40.70 -46.52 12.51
CA ASP GA 233 39.56 -46.08 13.31
C ASP GA 233 38.75 -45.02 12.59
N SER GA 234 39.42 -44.13 11.87
CA SER GA 234 38.71 -43.15 11.05
C SER GA 234 37.97 -43.80 9.90
N GLY GA 235 38.22 -45.08 9.63
CA GLY GA 235 37.51 -45.78 8.57
C GLY GA 235 37.84 -45.29 7.18
N LYS GA 236 39.11 -45.02 6.91
CA LYS GA 236 39.57 -44.69 5.57
C LYS GA 236 40.21 -45.88 4.85
N HIS GA 237 40.22 -47.05 5.46
CA HIS GA 237 40.84 -48.23 4.86
C HIS GA 237 39.78 -48.96 4.04
N SER GA 238 39.47 -48.40 2.88
CA SER GA 238 38.46 -48.95 2.01
C SER GA 238 39.17 -49.45 0.75
N TYR GA 239 39.64 -50.69 0.80
CA TYR GA 239 40.24 -51.36 -0.34
C TYR GA 239 39.41 -52.62 -0.61
N VAL GA 240 39.04 -52.81 -1.87
CA VAL GA 240 38.14 -53.90 -2.22
C VAL GA 240 38.93 -55.20 -2.21
N LEU GA 241 38.48 -56.15 -1.39
CA LEU GA 241 39.12 -57.46 -1.28
C LEU GA 241 38.22 -58.58 -1.79
N PHE GA 242 37.02 -58.72 -1.24
CA PHE GA 242 36.11 -59.80 -1.59
C PHE GA 242 34.74 -59.21 -1.92
N ALA GA 243 33.95 -60.00 -2.64
CA ALA GA 243 32.59 -59.64 -2.99
C ALA GA 243 31.62 -60.66 -2.41
N VAL GA 244 30.56 -60.18 -1.76
CA VAL GA 244 29.57 -61.02 -1.11
C VAL GA 244 28.42 -61.24 -2.08
N LEU GA 245 28.04 -62.51 -2.26
CA LEU GA 245 27.02 -62.88 -3.23
C LEU GA 245 25.68 -63.05 -2.55
N GLY GA 246 24.62 -62.66 -3.24
CA GLY GA 246 23.27 -62.82 -2.73
C GLY GA 246 22.37 -63.41 -3.79
N LYS GA 247 21.35 -64.14 -3.33
CA LYS GA 247 20.45 -64.84 -4.23
C LYS GA 247 19.27 -63.95 -4.60
N TYR GA 248 18.93 -63.94 -5.89
CA TYR GA 248 17.86 -63.07 -6.37
C TYR GA 248 16.52 -63.40 -5.72
N ARG GA 249 16.35 -64.62 -5.20
CA ARG GA 249 15.07 -64.98 -4.60
C ARG GA 249 14.80 -64.19 -3.33
N ASN GA 250 15.85 -63.94 -2.54
CA ASN GA 250 15.69 -63.24 -1.27
C ASN GA 250 15.31 -61.77 -1.44
N LEU GA 251 15.40 -61.22 -2.65
CA LEU GA 251 14.99 -59.84 -2.87
C LEU GA 251 13.48 -59.72 -2.66
N SER GA 252 13.08 -58.69 -1.89
CA SER GA 252 11.66 -58.44 -1.72
C SER GA 252 11.00 -58.10 -3.05
N ASN GA 253 11.63 -57.23 -3.84
CA ASN GA 253 11.05 -56.76 -5.09
C ASN GA 253 10.99 -57.85 -6.15
N PHE GA 254 11.68 -58.97 -5.92
CA PHE GA 254 11.64 -60.08 -6.85
C PHE GA 254 10.28 -60.75 -6.79
N GLU GA 255 9.49 -60.57 -7.84
CA GLU GA 255 8.23 -61.28 -8.02
C GLU GA 255 8.38 -62.48 -8.94
N SER GA 256 9.53 -63.17 -8.85
CA SER GA 256 9.80 -64.35 -9.66
C SER GA 256 9.79 -63.99 -11.15
N TYR GA 257 10.72 -63.08 -11.50
CA TYR GA 257 10.92 -62.75 -12.90
C TYR GA 257 11.40 -63.97 -13.69
N PHE GA 258 12.02 -64.93 -13.01
CA PHE GA 258 12.50 -66.14 -13.65
C PHE GA 258 12.78 -67.16 -12.57
N ALA GA 259 13.26 -68.33 -12.98
CA ALA GA 259 13.60 -69.38 -12.05
C ALA GA 259 15.10 -69.59 -12.05
N PRO GA 260 15.85 -69.02 -11.11
CA PRO GA 260 17.31 -69.18 -11.15
C PRO GA 260 17.73 -70.63 -11.02
N PHE GA 261 18.79 -70.99 -11.73
CA PHE GA 261 19.33 -72.32 -11.62
C PHE GA 261 20.16 -72.45 -10.34
N ASP GA 262 20.36 -73.70 -9.91
CA ASP GA 262 21.24 -74.03 -8.75
C ASP GA 262 22.39 -74.82 -9.35
N TYR GA 263 23.54 -74.20 -9.59
CA TYR GA 263 24.66 -74.81 -10.29
C TYR GA 263 25.56 -75.63 -9.39
N GLN GA 264 25.23 -75.76 -8.09
CA GLN GA 264 26.09 -76.50 -7.19
C GLN GA 264 26.32 -77.91 -7.69
N MET GA 265 25.25 -78.63 -8.02
CA MET GA 265 25.40 -79.99 -8.52
C MET GA 265 25.97 -80.01 -9.93
N ALA GA 266 25.53 -79.09 -10.79
CA ALA GA 266 26.03 -79.08 -12.16
C ALA GA 266 27.54 -78.86 -12.20
N SER GA 267 28.04 -77.92 -11.39
CA SER GA 267 29.48 -77.70 -11.35
C SER GA 267 30.20 -78.94 -10.83
N LEU GA 268 29.65 -79.59 -9.81
CA LEU GA 268 30.28 -80.80 -9.28
C LEU GA 268 30.37 -81.88 -10.35
N ARG GA 269 29.28 -82.11 -11.08
CA ARG GA 269 29.30 -83.14 -12.11
C ARG GA 269 30.28 -82.80 -13.22
N SER GA 270 30.32 -81.54 -13.64
CA SER GA 270 31.14 -81.13 -14.78
C SER GA 270 32.48 -80.55 -14.32
N TRP GA 271 33.23 -81.35 -13.57
CA TRP GA 271 34.59 -80.97 -13.20
C TRP GA 271 35.64 -81.59 -14.10
N ALA GA 272 35.43 -82.82 -14.57
CA ALA GA 272 36.39 -83.41 -15.51
C ALA GA 272 36.50 -82.58 -16.78
N LEU GA 273 35.45 -81.86 -17.13
CA LEU GA 273 35.50 -81.00 -18.32
C LEU GA 273 36.27 -79.71 -18.03
N PHE GA 274 36.09 -79.14 -16.85
CA PHE GA 274 36.76 -77.88 -16.53
C PHE GA 274 38.27 -78.04 -16.55
N ASN GA 275 38.79 -79.15 -16.02
CA ASN GA 275 40.22 -79.36 -16.07
C ASN GA 275 40.71 -79.52 -17.50
N ASP GA 276 39.98 -80.25 -18.33
CA ASP GA 276 40.40 -80.43 -19.72
C ASP GA 276 40.45 -79.09 -20.45
N PHE GA 277 39.68 -78.10 -19.99
CA PHE GA 277 39.76 -76.78 -20.61
C PHE GA 277 41.13 -76.15 -20.40
N THR GA 278 41.58 -76.11 -19.15
CA THR GA 278 42.88 -75.49 -18.88
C THR GA 278 44.00 -76.23 -19.59
N LEU GA 279 43.94 -77.56 -19.61
CA LEU GA 279 44.98 -78.32 -20.28
C LEU GA 279 45.00 -78.02 -21.78
N TYR GA 280 43.84 -77.95 -22.42
CA TYR GA 280 43.80 -77.69 -23.85
C TYR GA 280 44.31 -76.30 -24.18
N LYS GA 281 43.95 -75.31 -23.37
CA LYS GA 281 44.46 -73.95 -23.59
C LYS GA 281 45.97 -73.93 -23.43
N ALA GA 282 46.49 -74.65 -22.45
CA ALA GA 282 47.94 -74.67 -22.25
C ALA GA 282 48.66 -75.28 -23.44
N ILE GA 283 48.12 -76.36 -24.00
CA ILE GA 283 48.80 -77.03 -25.11
C ILE GA 283 48.65 -76.31 -26.45
N GLU GA 284 47.84 -75.25 -26.52
CA GLU GA 284 47.91 -74.39 -27.69
C GLU GA 284 49.29 -73.73 -27.77
N THR GA 285 49.78 -73.23 -26.63
CA THR GA 285 51.11 -72.65 -26.58
C THR GA 285 52.21 -73.69 -26.77
N MET GA 286 51.94 -74.96 -26.46
CA MET GA 286 52.86 -76.03 -26.83
C MET GA 286 53.25 -75.93 -28.29
N ILE GA 287 52.26 -75.95 -29.18
CA ILE GA 287 52.53 -76.01 -30.61
C ILE GA 287 53.16 -74.70 -31.08
N LYS GA 288 52.59 -73.57 -30.66
CA LYS GA 288 53.07 -72.29 -31.16
C LYS GA 288 54.52 -72.04 -30.73
N ALA GA 289 54.86 -72.37 -29.50
CA ALA GA 289 56.19 -72.04 -29.00
C ALA GA 289 57.29 -72.75 -29.78
N VAL GA 290 57.12 -74.03 -30.08
CA VAL GA 290 58.19 -74.83 -30.70
C VAL GA 290 58.35 -74.42 -32.17
N PRO GA 291 59.58 -74.33 -32.68
CA PRO GA 291 59.78 -73.83 -34.03
C PRO GA 291 59.44 -74.88 -35.10
N GLU GA 292 59.54 -74.43 -36.35
CA GLU GA 292 59.20 -75.29 -37.47
C GLU GA 292 60.26 -76.34 -37.71
N SER GA 293 61.53 -76.01 -37.43
CA SER GA 293 62.65 -76.89 -37.79
C SER GA 293 62.74 -78.13 -36.92
N LYS GA 294 61.75 -78.40 -36.08
CA LYS GA 294 61.77 -79.57 -35.21
C LYS GA 294 60.41 -80.25 -35.19
N PHE GA 295 59.74 -80.19 -36.34
CA PHE GA 295 58.44 -80.89 -36.53
C PHE GA 295 58.72 -82.04 -37.48
N LYS GA 296 58.10 -83.20 -37.26
CA LYS GA 296 58.38 -84.36 -38.11
C LYS GA 296 57.90 -84.14 -39.53
N ASP GA 297 56.65 -83.71 -39.70
CA ASP GA 297 56.08 -83.59 -41.04
C ASP GA 297 56.49 -82.31 -41.74
N GLY GA 298 57.09 -81.35 -41.03
CA GLY GA 298 57.57 -80.14 -41.65
C GLY GA 298 56.52 -79.06 -41.70
N PRO GA 299 56.37 -78.41 -42.87
CA PRO GA 299 55.52 -77.20 -42.91
C PRO GA 299 54.07 -77.46 -42.53
N GLU GA 300 53.41 -78.38 -43.23
CA GLU GA 300 51.98 -78.59 -43.02
C GLU GA 300 51.74 -79.48 -41.81
N ARG GA 301 52.36 -79.13 -40.69
CA ARG GA 301 52.12 -79.82 -39.43
C ARG GA 301 51.77 -78.82 -38.36
N LYS GA 302 52.34 -77.61 -38.44
CA LYS GA 302 52.02 -76.57 -37.47
C LYS GA 302 50.55 -76.17 -37.56
N THR GA 303 50.04 -75.94 -38.77
CA THR GA 303 48.73 -75.33 -38.88
C THR GA 303 47.61 -76.29 -38.51
N GLN GA 304 47.64 -77.53 -38.99
CA GLN GA 304 46.57 -78.46 -38.65
C GLN GA 304 46.74 -79.08 -37.27
N LEU GA 305 47.94 -79.00 -36.68
CA LEU GA 305 48.04 -79.27 -35.24
C LEU GA 305 47.47 -78.10 -34.45
N ILE GA 306 47.79 -76.87 -34.87
CA ILE GA 306 47.19 -75.71 -34.22
C ILE GA 306 45.69 -75.70 -34.46
N LYS GA 307 45.26 -75.95 -35.69
CA LYS GA 307 43.83 -75.91 -35.98
C LYS GA 307 43.09 -77.05 -35.29
N GLN GA 308 43.71 -78.23 -35.24
CA GLN GA 308 43.03 -79.36 -34.60
C GLN GA 308 42.78 -79.07 -33.12
N ALA GA 309 43.75 -78.46 -32.45
CA ALA GA 309 43.58 -78.14 -31.04
C ALA GA 309 42.48 -77.09 -30.84
N ILE GA 310 42.49 -76.05 -31.66
CA ILE GA 310 41.48 -75.00 -31.51
C ILE GA 310 40.10 -75.49 -31.90
N ASN GA 311 40.01 -76.34 -32.93
CA ASN GA 311 38.71 -76.87 -33.32
C ASN GA 311 38.07 -77.63 -32.17
N ILE GA 312 38.85 -78.45 -31.47
CA ILE GA 312 38.30 -79.17 -30.33
C ILE GA 312 38.25 -78.29 -29.08
N PHE GA 313 38.95 -77.16 -29.07
CA PHE GA 313 38.74 -76.17 -28.02
C PHE GA 313 37.34 -75.57 -28.14
N GLU GA 314 36.85 -75.41 -29.36
CA GLU GA 314 35.47 -74.96 -29.57
C GLU GA 314 34.48 -75.96 -28.98
N THR GA 315 34.73 -77.25 -29.18
CA THR GA 315 33.75 -78.25 -28.77
C THR GA 315 33.52 -78.22 -27.27
N ILE GA 316 34.59 -78.07 -26.49
CA ILE GA 316 34.42 -78.04 -25.04
C ILE GA 316 33.97 -76.67 -24.54
N ARG GA 317 34.35 -75.59 -25.22
CA ARG GA 317 33.87 -74.28 -24.81
C ARG GA 317 32.37 -74.13 -25.04
N ASP GA 318 31.89 -74.64 -26.17
CA ASP GA 318 30.45 -74.59 -26.44
C ASP GA 318 29.68 -75.54 -25.54
N ARG GA 319 30.32 -76.63 -25.09
CA ARG GA 319 29.69 -77.48 -24.11
C ARG GA 319 29.47 -76.73 -22.80
N VAL GA 320 30.47 -75.94 -22.39
CA VAL GA 320 30.33 -75.11 -21.20
C VAL GA 320 29.23 -74.09 -21.39
N ILE GA 321 29.20 -73.43 -22.55
CA ILE GA 321 28.16 -72.45 -22.82
C ILE GA 321 26.80 -73.13 -22.86
N LEU GA 322 26.76 -74.40 -23.27
CA LEU GA 322 25.50 -75.13 -23.25
C LEU GA 322 25.03 -75.42 -21.83
N ILE GA 323 25.97 -75.70 -20.92
CA ILE GA 323 25.58 -75.94 -19.53
C ILE GA 323 24.91 -74.70 -18.95
N SER GA 324 25.28 -73.52 -19.41
CA SER GA 324 24.62 -72.31 -18.95
C SER GA 324 23.13 -72.35 -19.29
N GLU GA 325 22.79 -72.73 -20.52
CA GLU GA 325 21.38 -72.80 -20.90
C GLU GA 325 20.72 -74.02 -20.28
N HIS GA 326 21.41 -75.15 -20.25
CA HIS GA 326 20.84 -76.41 -19.76
C HIS GA 326 21.78 -77.07 -18.75
N PRO GA 327 21.73 -76.68 -17.48
CA PRO GA 327 22.54 -77.39 -16.48
C PRO GA 327 22.15 -78.84 -16.31
N GLU GA 328 20.92 -79.21 -16.66
CA GLU GA 328 20.55 -80.62 -16.65
C GLU GA 328 21.35 -81.41 -17.66
N ALA GA 329 21.92 -80.75 -18.68
CA ALA GA 329 22.74 -81.42 -19.67
C ALA GA 329 24.10 -81.84 -19.12
N ALA GA 330 24.35 -81.65 -17.82
CA ALA GA 330 25.60 -82.11 -17.23
C ALA GA 330 25.73 -83.63 -17.24
N LYS GA 331 24.62 -84.35 -17.38
CA LYS GA 331 24.68 -85.80 -17.36
C LYS GA 331 25.48 -86.34 -18.55
N GLU GA 332 25.26 -85.78 -19.74
CA GLU GA 332 25.87 -86.35 -20.93
C GLU GA 332 27.39 -86.40 -20.79
N ASP GA 333 27.97 -87.52 -21.20
CA ASP GA 333 29.40 -87.68 -21.11
C ASP GA 333 30.10 -86.84 -22.17
N PRO GA 334 31.38 -86.54 -21.98
CA PRO GA 334 32.10 -85.79 -23.01
C PRO GA 334 32.12 -86.54 -24.34
N ASP GA 335 32.08 -85.79 -25.43
CA ASP GA 335 32.16 -86.35 -26.78
C ASP GA 335 33.36 -85.81 -27.54
N HIS GA 336 34.43 -85.48 -26.82
CA HIS GA 336 35.61 -84.86 -27.41
C HIS GA 336 36.83 -85.68 -27.05
N MET GA 337 37.85 -85.56 -27.89
CA MET GA 337 39.08 -86.31 -27.67
C MET GA 337 39.74 -85.89 -26.37
N LYS GA 338 40.35 -86.86 -25.69
CA LYS GA 338 40.97 -86.59 -24.41
C LYS GA 338 42.18 -85.68 -24.59
N PRO GA 339 42.49 -84.82 -23.62
CA PRO GA 339 43.77 -84.10 -23.68
C PRO GA 339 44.97 -85.02 -23.68
N GLY GA 340 44.89 -86.16 -22.98
CA GLY GA 340 46.00 -87.10 -23.01
C GLY GA 340 46.25 -87.66 -24.40
N ASP GA 341 45.19 -88.10 -25.08
CA ASP GA 341 45.37 -88.66 -26.41
C ASP GA 341 45.86 -87.59 -27.38
N PHE GA 342 45.27 -86.41 -27.34
CA PHE GA 342 45.74 -85.34 -28.22
C PHE GA 342 47.14 -84.91 -27.86
N ARG GA 343 47.46 -84.85 -26.57
CA ARG GA 343 48.83 -84.54 -26.18
C ARG GA 343 49.79 -85.58 -26.73
N LEU GA 344 49.45 -86.86 -26.61
CA LEU GA 344 50.24 -87.90 -27.23
C LEU GA 344 50.48 -87.61 -28.70
N GLU GA 345 49.43 -87.20 -29.41
CA GLU GA 345 49.60 -86.85 -30.83
C GLU GA 345 50.60 -85.73 -31.01
N VAL GA 346 50.64 -84.78 -30.08
CA VAL GA 346 51.59 -83.67 -30.19
C VAL GA 346 53.03 -84.18 -30.15
N LEU GA 347 53.35 -85.00 -29.16
CA LEU GA 347 54.74 -85.45 -29.00
C LEU GA 347 55.14 -86.48 -30.04
N ASN GA 348 54.19 -87.23 -30.61
CA ASN GA 348 54.55 -88.21 -31.62
C ASN GA 348 55.15 -87.55 -32.85
N SER GA 349 54.71 -86.34 -33.18
CA SER GA 349 55.11 -85.65 -34.40
C SER GA 349 56.27 -84.69 -34.14
N ILE GA 350 57.17 -85.05 -33.23
CA ILE GA 350 58.28 -84.20 -32.82
C ILE GA 350 59.59 -84.92 -33.08
N GLN GA 351 60.50 -84.28 -33.80
CA GLN GA 351 61.82 -84.85 -34.02
C GLN GA 351 62.61 -84.89 -32.71
N THR GA 352 63.59 -85.78 -32.67
CA THR GA 352 64.33 -86.06 -31.45
C THR GA 352 65.82 -86.13 -31.77
N LYS GA 353 66.62 -86.05 -30.72
CA LYS GA 353 68.08 -86.10 -30.82
C LYS GA 353 68.58 -87.39 -30.19
N LEU GA 354 69.49 -88.07 -30.89
CA LEU GA 354 69.98 -89.38 -30.48
C LEU GA 354 71.19 -89.20 -29.59
N PHE GA 355 70.95 -88.82 -28.35
CA PHE GA 355 72.03 -88.65 -27.39
C PHE GA 355 72.60 -90.02 -27.06
N HIS GA 356 73.64 -90.42 -27.78
CA HIS GA 356 74.28 -91.76 -27.58
C HIS GA 356 75.36 -91.58 -26.50
N ALA GA 357 75.05 -91.92 -25.25
CA ALA GA 357 76.00 -91.80 -24.16
C ALA GA 357 77.18 -92.73 -24.41
N GLN GA 358 78.37 -92.24 -24.08
CA GLN GA 358 79.60 -92.98 -24.33
C GLN GA 358 80.44 -92.99 -23.06
N SER GA 359 81.08 -94.12 -22.79
CA SER GA 359 81.85 -94.30 -21.57
C SER GA 359 83.31 -93.95 -21.84
N GLN GA 360 83.74 -92.79 -21.37
CA GLN GA 360 85.11 -92.36 -21.56
C GLN GA 360 86.06 -93.23 -20.73
N PRO GA 361 87.15 -93.73 -21.34
CA PRO GA 361 88.14 -94.48 -20.57
C PRO GA 361 89.20 -93.56 -19.95
N ILE GA 362 89.38 -93.66 -18.63
CA ILE GA 362 90.38 -92.84 -17.94
C ILE GA 362 91.44 -93.77 -17.36
N PRO GA 363 92.72 -93.42 -17.44
CA PRO GA 363 93.76 -94.30 -16.86
C PRO GA 363 93.56 -94.47 -15.37
N ASN GA 364 94.11 -95.56 -14.84
CA ASN GA 364 94.02 -95.90 -13.42
C ASN GA 364 92.58 -96.29 -13.06
N THR GA 365 91.94 -97.04 -13.95
CA THR GA 365 90.59 -97.54 -13.73
C THR GA 365 90.46 -98.92 -14.37
N ASP GA 366 89.99 -99.88 -13.58
CA ASP GA 366 89.79 -101.25 -14.04
C ASP GA 366 88.33 -101.63 -13.86
N ASP GA 367 87.68 -102.03 -14.95
CA ASP GA 367 86.26 -102.37 -14.97
C ASP GA 367 85.38 -101.18 -14.58
N TYR GA 368 85.96 -99.98 -14.53
CA TYR GA 368 85.24 -98.76 -14.19
C TYR GA 368 85.49 -97.74 -15.30
N TRP GA 369 84.42 -97.23 -15.89
CA TRP GA 369 84.51 -96.28 -16.99
C TRP GA 369 83.98 -94.92 -16.53
N THR GA 370 83.91 -93.97 -17.46
CA THR GA 370 83.37 -92.65 -17.19
C THR GA 370 82.32 -92.34 -18.25
N ASP GA 371 81.06 -92.36 -17.86
CA ASP GA 371 79.94 -92.17 -18.79
C ASP GA 371 79.78 -90.68 -19.09
N VAL GA 372 79.93 -90.32 -20.35
CA VAL GA 372 79.71 -88.95 -20.82
C VAL GA 372 78.56 -88.99 -21.82
N ILE GA 373 77.52 -88.19 -21.55
CA ILE GA 373 76.34 -88.16 -22.42
C ILE GA 373 76.58 -87.04 -23.43
N LEU GA 374 77.30 -87.37 -24.49
CA LEU GA 374 77.58 -86.43 -25.57
C LEU GA 374 77.13 -87.03 -26.90
N THR GA 375 76.52 -86.19 -27.74
CA THR GA 375 76.02 -86.63 -29.03
C THR GA 375 77.14 -86.90 -30.03
N THR GA 376 78.34 -86.39 -29.78
CA THR GA 376 79.45 -86.59 -30.71
C THR GA 376 80.13 -87.92 -30.45
N LYS GA 377 80.34 -88.70 -31.51
CA LYS GA 377 81.01 -89.99 -31.38
C LYS GA 377 82.45 -89.79 -30.91
N GLY GA 378 82.86 -90.60 -29.94
CA GLY GA 378 84.21 -90.53 -29.41
C GLY GA 378 85.06 -91.73 -29.78
N SER GA 379 86.37 -91.63 -29.57
CA SER GA 379 87.29 -92.71 -29.86
C SER GA 379 87.67 -93.43 -28.57
N GLY GA 380 87.41 -94.73 -28.52
CA GLY GA 380 87.72 -95.52 -27.35
C GLY GA 380 86.69 -95.45 -26.24
N ASN GA 381 85.62 -94.67 -26.48
CA ASN GA 381 84.54 -94.53 -25.45
C ASN GA 381 83.45 -95.55 -25.75
N GLN GA 382 83.04 -96.33 -24.73
CA GLN GA 382 82.03 -97.36 -24.95
C GLN GA 382 80.65 -96.74 -25.02
N PRO GA 383 79.91 -96.89 -26.12
CA PRO GA 383 78.54 -96.38 -26.15
C PRO GA 383 77.61 -97.20 -25.27
N LEU GA 384 76.72 -96.51 -24.55
CA LEU GA 384 75.79 -97.17 -23.64
C LEU GA 384 74.44 -97.44 -24.31
N PHE GA 385 73.74 -96.39 -24.73
CA PHE GA 385 72.48 -96.53 -25.42
C PHE GA 385 72.27 -95.30 -26.30
N THR GA 386 71.51 -95.49 -27.38
CA THR GA 386 71.15 -94.41 -28.29
C THR GA 386 69.63 -94.29 -28.30
N PHE GA 387 69.15 -93.09 -27.95
CA PHE GA 387 67.74 -92.87 -27.70
C PHE GA 387 67.29 -91.50 -28.24
N PRO GA 388 66.06 -91.39 -28.72
CA PRO GA 388 65.53 -90.06 -29.06
C PRO GA 388 65.47 -89.19 -27.82
N ALA GA 389 65.76 -87.90 -28.00
CA ALA GA 389 65.69 -86.93 -26.92
C ALA GA 389 65.26 -85.58 -27.47
N PHE GA 390 64.95 -84.67 -26.56
CA PHE GA 390 64.42 -83.35 -26.89
C PHE GA 390 65.53 -82.32 -26.68
N ASP GA 391 65.89 -81.62 -27.75
CA ASP GA 391 66.99 -80.67 -27.73
C ASP GA 391 66.51 -79.22 -27.69
N PHE GA 392 65.26 -78.99 -27.30
CA PHE GA 392 64.70 -77.65 -27.26
C PHE GA 392 63.58 -77.62 -26.24
N GLY GA 393 63.45 -76.48 -25.58
CA GLY GA 393 62.43 -76.33 -24.55
C GLY GA 393 61.08 -76.13 -25.19
N ASP GA 394 60.28 -75.23 -24.61
CA ASP GA 394 58.97 -74.88 -25.15
C ASP GA 394 58.01 -76.06 -25.18
N LEU GA 395 58.37 -77.19 -24.58
CA LEU GA 395 57.48 -78.34 -24.46
C LEU GA 395 57.23 -78.56 -22.97
N ILE GA 396 56.05 -78.18 -22.51
CA ILE GA 396 55.79 -78.24 -21.06
C ILE GA 396 55.90 -79.69 -20.62
N GLY GA 397 56.21 -79.86 -19.34
CA GLY GA 397 56.44 -81.18 -18.78
C GLY GA 397 57.84 -81.71 -18.98
N THR GA 398 58.78 -80.85 -19.39
CA THR GA 398 60.18 -81.26 -19.67
C THR GA 398 61.16 -80.39 -18.93
N GLU GA 399 62.30 -80.95 -18.51
CA GLU GA 399 63.37 -80.23 -17.83
C GLU GA 399 64.71 -80.65 -18.42
N VAL GA 400 65.69 -79.76 -18.26
CA VAL GA 400 66.99 -79.92 -18.89
C VAL GA 400 68.00 -80.47 -17.89
N VAL GA 401 68.90 -81.30 -18.38
CA VAL GA 401 70.01 -81.85 -17.62
C VAL GA 401 71.30 -81.32 -18.23
N SER GA 402 71.80 -80.21 -17.70
CA SER GA 402 72.94 -79.50 -18.28
C SER GA 402 74.18 -79.83 -17.46
N PHE GA 403 75.06 -80.64 -18.04
CA PHE GA 403 76.30 -80.98 -17.36
C PHE GA 403 77.12 -79.71 -17.12
N GLY GA 404 77.70 -79.62 -15.92
CA GLY GA 404 78.58 -78.51 -15.59
C GLY GA 404 80.03 -78.95 -15.56
N LYS GA 405 80.81 -78.53 -16.54
CA LYS GA 405 82.22 -78.84 -16.59
C LYS GA 405 83.03 -77.61 -16.23
N LYS GA 406 83.89 -77.74 -15.23
CA LYS GA 406 84.70 -76.61 -14.79
C LYS GA 406 85.63 -76.17 -15.90
N LYS GA 407 85.44 -74.94 -16.39
CA LYS GA 407 86.42 -74.35 -17.31
C LYS GA 407 87.73 -74.06 -16.58
N ASN GA 408 87.66 -73.74 -15.30
CA ASN GA 408 88.83 -73.52 -14.47
C ASN GA 408 89.44 -74.83 -14.00
N GLY GA 409 88.80 -75.96 -14.28
CA GLY GA 409 89.30 -77.25 -13.86
C GLY GA 409 88.80 -78.36 -14.74
N GLU GA 410 88.49 -79.51 -14.16
CA GLU GA 410 88.00 -80.65 -14.92
C GLU GA 410 86.85 -81.36 -14.23
N GLU GA 411 86.29 -80.80 -13.17
CA GLU GA 411 85.20 -81.46 -12.46
C GLU GA 411 84.02 -81.69 -13.40
N TYR GA 412 83.45 -82.89 -13.31
CA TYR GA 412 82.24 -83.25 -14.05
C TYR GA 412 81.03 -83.02 -13.16
N ASN GA 413 80.07 -82.23 -13.64
CA ASN GA 413 78.84 -81.96 -12.89
C ASN GA 413 77.63 -82.30 -13.74
N CYS GA 414 76.51 -82.47 -13.04
CA CYS GA 414 75.24 -82.83 -13.68
C CYS GA 414 74.12 -82.16 -12.91
N LEU GA 415 73.63 -81.04 -13.42
CA LEU GA 415 72.60 -80.25 -12.76
C LEU GA 415 71.37 -80.19 -13.64
N ILE GA 416 70.22 -80.54 -13.06
CA ILE GA 416 68.96 -80.51 -13.79
C ILE GA 416 68.34 -79.13 -13.65
N GLY GA 417 67.93 -78.54 -14.78
CA GLY GA 417 67.31 -77.24 -14.73
C GLY GA 417 68.20 -76.15 -14.16
N GLU GA 418 69.51 -76.40 -14.10
CA GLU GA 418 70.47 -75.42 -13.59
C GLU GA 418 71.66 -75.41 -14.54
N ARG GA 419 71.73 -74.37 -15.36
CA ARG GA 419 72.80 -74.29 -16.35
C ARG GA 419 74.09 -73.81 -15.71
N VAL GA 420 75.13 -73.67 -16.54
CA VAL GA 420 76.38 -73.09 -16.09
C VAL GA 420 76.23 -71.60 -15.80
N THR GA 421 75.26 -70.94 -16.42
CA THR GA 421 75.15 -69.49 -16.29
C THR GA 421 75.00 -69.04 -14.84
N SER GA 422 74.47 -69.91 -13.97
CA SER GA 422 74.36 -69.55 -12.56
C SER GA 422 75.74 -69.33 -11.96
N LEU GA 423 76.70 -70.18 -12.30
CA LEU GA 423 78.08 -70.06 -11.85
C LEU GA 423 78.92 -69.38 -12.94
N ASP GA 424 80.22 -69.31 -12.71
CA ASP GA 424 81.15 -68.67 -13.64
C ASP GA 424 82.27 -69.63 -13.99
N ASP GA 425 82.66 -69.64 -15.27
CA ASP GA 425 83.72 -70.51 -15.77
C ASP GA 425 83.36 -71.99 -15.56
N TYR GA 426 82.28 -72.38 -16.27
CA TYR GA 426 81.81 -73.78 -16.26
C TYR GA 426 81.39 -74.06 -17.69
N LYS GA 427 81.21 -75.33 -18.08
CA LYS GA 427 80.92 -75.64 -19.51
C LYS GA 427 79.77 -76.64 -19.61
N GLU GA 428 78.87 -76.43 -20.58
CA GLU GA 428 77.71 -77.35 -20.78
C GLU GA 428 78.14 -78.54 -21.65
N LEU GA 429 78.73 -79.57 -21.04
CA LEU GA 429 79.06 -80.78 -21.83
C LEU GA 429 77.84 -81.15 -22.68
N SER GA 430 76.66 -81.18 -22.06
CA SER GA 430 75.44 -81.56 -22.76
C SER GA 430 74.23 -80.98 -22.03
N TYR GA 431 73.32 -80.40 -22.79
CA TYR GA 431 72.05 -79.92 -22.27
C TYR GA 431 70.95 -80.35 -23.21
N PHE GA 432 69.87 -80.89 -22.65
CA PHE GA 432 68.76 -81.37 -23.44
C PHE GA 432 67.55 -81.61 -22.55
N TRP GA 433 66.40 -81.03 -22.90
CA TRP GA 433 65.21 -81.16 -22.06
C TRP GA 433 64.69 -82.59 -22.11
N VAL GA 434 64.16 -83.06 -20.98
CA VAL GA 434 63.63 -84.41 -20.86
C VAL GA 434 62.44 -84.40 -19.91
N PHE GA 435 61.69 -85.50 -19.93
CA PHE GA 435 60.57 -85.66 -19.00
C PHE GA 435 61.10 -86.18 -17.67
N PRO GA 436 61.01 -85.42 -16.58
CA PRO GA 436 61.40 -85.98 -15.27
C PRO GA 436 60.51 -87.11 -14.80
N ASP GA 437 59.30 -87.24 -15.34
CA ASP GA 437 58.36 -88.27 -14.95
C ASP GA 437 57.89 -89.01 -16.19
N SER GA 438 57.20 -90.13 -15.95
CA SER GA 438 56.74 -90.97 -17.05
C SER GA 438 55.45 -90.41 -17.63
N VAL GA 439 55.14 -90.85 -18.84
CA VAL GA 439 53.90 -90.50 -19.50
C VAL GA 439 53.26 -91.77 -20.04
N GLN GA 440 51.95 -91.72 -20.25
CA GLN GA 440 51.24 -92.90 -20.73
C GLN GA 440 51.79 -93.35 -22.07
N LYS GA 441 52.40 -94.52 -22.09
CA LYS GA 441 52.80 -95.24 -23.29
C LYS GA 441 53.75 -94.46 -24.19
N PHE GA 442 54.41 -93.42 -23.68
CA PHE GA 442 55.44 -92.73 -24.44
C PHE GA 442 56.80 -92.80 -23.76
N ALA GA 443 56.90 -92.34 -22.51
CA ALA GA 443 58.18 -92.25 -21.80
C ALA GA 443 58.18 -93.30 -20.71
N MET GA 444 58.71 -94.49 -21.02
CA MET GA 444 58.72 -95.61 -20.09
C MET GA 444 60.10 -96.08 -19.70
N GLU GA 445 61.13 -95.81 -20.51
CA GLU GA 445 62.48 -96.21 -20.19
C GLU GA 445 63.15 -95.15 -19.33
N MET GA 446 64.06 -95.59 -18.47
CA MET GA 446 64.55 -94.79 -17.36
C MET GA 446 66.04 -94.49 -17.50
N TYR GA 447 66.45 -93.35 -16.96
CA TYR GA 447 67.86 -92.99 -16.83
C TYR GA 447 68.08 -92.36 -15.45
N GLY GA 448 69.17 -92.73 -14.82
CA GLY GA 448 69.50 -92.23 -13.51
C GLY GA 448 70.92 -91.71 -13.45
N VAL GA 449 71.13 -90.72 -12.58
CA VAL GA 449 72.42 -90.05 -12.44
C VAL GA 449 73.00 -90.41 -11.09
N SER GA 450 74.28 -90.79 -11.09
CA SER GA 450 75.04 -91.04 -9.87
C SER GA 450 76.45 -90.50 -10.04
N LYS GA 451 77.02 -89.97 -8.96
CA LYS GA 451 78.34 -89.34 -8.99
C LYS GA 451 79.16 -89.79 -7.80
N VAL GA 452 80.46 -89.95 -8.01
CA VAL GA 452 81.36 -90.36 -6.94
C VAL GA 452 81.97 -89.11 -6.30
N PRO GA 453 81.78 -88.89 -5.00
CA PRO GA 453 82.30 -87.64 -4.41
C PRO GA 453 83.80 -87.49 -4.55
N THR GA 454 84.57 -88.58 -4.40
CA THR GA 454 86.01 -88.47 -4.44
C THR GA 454 86.50 -88.04 -5.81
N ARG GA 455 85.93 -88.62 -6.86
CA ARG GA 455 86.31 -88.32 -8.24
C ARG GA 455 85.05 -88.16 -9.06
N ASN GA 456 85.02 -87.09 -9.87
CA ASN GA 456 83.82 -86.76 -10.63
C ASN GA 456 83.71 -87.65 -11.86
N TYR GA 457 83.62 -88.96 -11.65
CA TYR GA 457 83.38 -89.91 -12.73
C TYR GA 457 81.87 -90.04 -12.87
N MET GA 458 81.31 -89.36 -13.86
CA MET GA 458 79.87 -89.42 -14.09
C MET GA 458 79.42 -90.86 -14.18
N ARG GA 459 78.47 -91.23 -13.33
CA ARG GA 459 77.92 -92.58 -13.28
C ARG GA 459 76.43 -92.45 -13.57
N VAL GA 460 76.09 -92.42 -14.85
CA VAL GA 460 74.72 -92.39 -15.33
C VAL GA 460 74.39 -93.77 -15.86
N TYR GA 461 73.28 -94.34 -15.39
CA TYR GA 461 72.93 -95.71 -15.73
C TYR GA 461 71.42 -95.84 -15.82
N ALA GA 462 70.98 -96.96 -16.39
CA ALA GA 462 69.55 -97.27 -16.49
C ALA GA 462 69.06 -97.69 -15.12
N ALA GA 463 68.46 -96.73 -14.39
CA ALA GA 463 68.05 -96.96 -13.01
C ALA GA 463 66.71 -97.72 -12.98
N ASP GA 464 66.19 -97.88 -11.77
CA ASP GA 464 64.93 -98.63 -11.58
C ASP GA 464 64.06 -97.86 -10.58
N GLN GA 465 62.81 -98.24 -10.44
CA GLN GA 465 61.94 -97.59 -9.45
C GLN GA 465 62.47 -97.80 -8.04
N SER GA 466 63.22 -98.90 -7.86
CA SER GA 466 63.81 -99.20 -6.52
C SER GA 466 65.10 -98.38 -6.33
N ASP GA 467 65.77 -97.99 -7.42
CA ASP GA 467 66.95 -97.11 -7.29
C ASP GA 467 66.48 -95.80 -6.65
N ILE GA 468 65.23 -95.41 -6.92
CA ILE GA 468 64.67 -94.20 -6.26
C ILE GA 468 64.39 -94.55 -4.80
N GLU GA 469 63.75 -95.70 -4.56
CA GLU GA 469 63.45 -96.13 -3.17
C GLU GA 469 64.74 -96.20 -2.36
N ASN GA 470 65.79 -96.80 -2.93
CA ASN GA 470 67.11 -96.88 -2.23
C ASN GA 470 68.13 -96.05 -3.00
N PRO GA 471 68.25 -94.74 -2.73
CA PRO GA 471 69.18 -93.85 -3.50
C PRO GA 471 70.62 -94.00 -3.03
N ARG GA 472 71.55 -94.17 -3.97
CA ARG GA 472 72.97 -94.24 -3.64
C ARG GA 472 73.48 -92.85 -3.27
N PRO GA 473 74.64 -92.77 -2.62
CA PRO GA 473 75.17 -91.45 -2.25
C PRO GA 473 75.40 -90.58 -3.48
N TYR GA 474 75.11 -89.27 -3.35
CA TYR GA 474 75.40 -88.31 -4.46
C TYR GA 474 74.64 -88.67 -5.73
N GLN GA 475 73.52 -89.40 -5.64
CA GLN GA 475 72.72 -89.67 -6.82
C GLN GA 475 71.78 -88.49 -7.02
N ARG GA 476 71.98 -87.74 -8.11
CA ARG GA 476 71.33 -86.44 -8.23
C ARG GA 476 69.88 -86.57 -8.67
N PHE GA 477 69.65 -87.09 -9.88
CA PHE GA 477 68.31 -87.07 -10.45
C PHE GA 477 68.14 -88.25 -11.40
N TRP GA 478 66.88 -88.59 -11.65
CA TRP GA 478 66.52 -89.67 -12.55
C TRP GA 478 65.42 -89.19 -13.50
N PHE GA 479 65.47 -89.65 -14.74
CA PHE GA 479 64.61 -89.14 -15.79
C PHE GA 479 64.21 -90.26 -16.74
N TYR GA 480 63.04 -90.08 -17.35
CA TYR GA 480 62.49 -91.04 -18.30
C TYR GA 480 62.65 -90.51 -19.72
N VAL GA 481 63.01 -91.39 -20.63
CA VAL GA 481 63.22 -91.05 -22.03
C VAL GA 481 62.17 -91.79 -22.87
N PRO GA 482 61.73 -91.23 -23.99
CA PRO GA 482 60.68 -91.90 -24.79
C PRO GA 482 61.09 -93.29 -25.23
N SER GA 483 60.11 -94.18 -25.23
CA SER GA 483 60.29 -95.57 -25.65
C SER GA 483 60.06 -95.66 -27.15
N ALA GA 484 61.01 -96.26 -27.87
CA ALA GA 484 60.88 -96.42 -29.31
C ALA GA 484 59.80 -97.41 -29.70
N ASN GA 485 59.25 -98.16 -28.75
CA ASN GA 485 58.23 -99.15 -29.04
C ASN GA 485 56.87 -98.53 -29.35
N SER GA 486 56.71 -97.23 -29.14
CA SER GA 486 55.44 -96.59 -29.41
C SER GA 486 55.11 -96.69 -30.90
N PRO GA 487 53.87 -97.02 -31.28
CA PRO GA 487 53.54 -97.15 -32.70
C PRO GA 487 53.34 -95.79 -33.34
N PRO GA 488 53.99 -95.53 -34.49
CA PRO GA 488 53.80 -94.22 -35.14
C PRO GA 488 52.56 -94.19 -36.03
N GLY HA 2 48.97 49.31 -32.67
CA GLY HA 2 47.86 49.26 -31.73
C GLY HA 2 47.52 47.86 -31.30
N GLU HA 3 48.28 47.33 -30.33
CA GLU HA 3 48.02 46.01 -29.79
C GLU HA 3 47.97 46.02 -28.27
N VAL HA 4 48.63 47.00 -27.65
CA VAL HA 4 48.64 47.13 -26.21
C VAL HA 4 48.41 48.58 -25.84
N VAL HA 5 47.99 48.80 -24.59
CA VAL HA 5 47.72 50.13 -24.09
C VAL HA 5 47.95 50.15 -22.58
N PRO HA 6 48.57 51.19 -22.02
CA PRO HA 6 48.76 51.24 -20.57
C PRO HA 6 47.42 51.24 -19.84
N TYR HA 7 47.41 50.59 -18.68
CA TYR HA 7 46.19 50.48 -17.91
C TYR HA 7 45.68 51.86 -17.51
N LYS HA 8 44.38 52.08 -17.66
CA LYS HA 8 43.71 53.30 -17.22
C LYS HA 8 42.61 52.91 -16.25
N ALA HA 9 42.61 53.52 -15.07
CA ALA HA 9 41.71 53.10 -14.02
C ALA HA 9 40.27 53.18 -14.50
N GLY HA 10 39.45 52.24 -14.03
CA GLY HA 10 38.08 52.12 -14.46
C GLY HA 10 37.86 51.22 -15.65
N MET HA 11 38.93 50.75 -16.29
CA MET HA 11 38.78 49.88 -17.44
C MET HA 11 38.01 48.62 -17.06
N GLN HA 12 37.07 48.25 -17.92
CA GLN HA 12 36.27 47.05 -17.73
C GLN HA 12 36.50 46.13 -18.91
N ARG HA 13 36.79 44.86 -18.62
CA ARG HA 13 37.05 43.90 -19.68
C ARG HA 13 35.88 43.87 -20.65
N GLY HA 14 36.19 43.90 -21.94
CA GLY HA 14 35.16 43.83 -22.95
C GLY HA 14 34.44 45.14 -23.15
N GLN HA 15 35.18 46.17 -23.53
CA GLN HA 15 34.60 47.48 -23.81
C GLN HA 15 35.28 48.10 -25.01
N GLY HA 16 34.55 48.99 -25.68
CA GLY HA 16 35.10 49.65 -26.83
C GLY HA 16 36.24 50.59 -26.47
N TYR HA 17 37.11 50.83 -27.43
CA TYR HA 17 38.27 51.70 -27.23
C TYR HA 17 38.49 52.50 -28.51
N ASN HA 18 38.31 53.81 -28.41
CA ASN HA 18 38.56 54.73 -29.53
C ASN HA 18 40.06 54.96 -29.60
N THR HA 19 40.75 54.19 -30.45
CA THR HA 19 42.20 54.20 -30.43
C THR HA 19 42.79 55.57 -30.74
N TYR HA 20 42.08 56.38 -31.54
CA TYR HA 20 42.58 57.72 -31.84
C TYR HA 20 42.49 58.63 -30.61
N LEU HA 21 41.27 58.79 -30.07
CA LEU HA 21 41.09 59.62 -28.89
C LEU HA 21 41.61 58.95 -27.62
N GLN HA 22 41.98 57.68 -27.68
CA GLN HA 22 42.52 56.95 -26.53
C GLN HA 22 41.58 57.01 -25.34
N SER HA 23 40.29 57.19 -25.60
CA SER HA 23 39.29 57.27 -24.56
C SER HA 23 38.67 55.89 -24.36
N LEU HA 24 37.64 55.81 -23.51
CA LEU HA 24 36.93 54.57 -23.24
C LEU HA 24 35.54 54.66 -23.84
N CYS HA 25 35.05 53.51 -24.33
CA CYS HA 25 33.74 53.47 -24.97
C CYS HA 25 32.88 52.39 -24.34
N VAL HA 26 31.75 52.07 -24.97
CA VAL HA 26 30.70 51.29 -24.34
C VAL HA 26 31.30 50.07 -23.66
N LYS HA 27 30.78 49.75 -22.47
CA LYS HA 27 31.23 48.59 -21.72
C LYS HA 27 30.30 47.41 -21.98
N ASP HA 28 30.88 46.21 -22.02
CA ASP HA 28 30.13 44.97 -22.18
C ASP HA 28 29.62 44.79 -23.60
N ALA HA 29 30.34 45.31 -24.58
CA ALA HA 29 30.05 44.98 -25.97
C ALA HA 29 30.48 43.57 -26.31
N VAL HA 30 31.52 43.08 -25.64
CA VAL HA 30 32.07 41.75 -25.89
C VAL HA 30 32.04 40.97 -24.59
N THR HA 31 31.46 39.77 -24.64
CA THR HA 31 31.44 38.86 -23.50
C THR HA 31 32.47 37.77 -23.74
N ILE HA 32 33.37 37.60 -22.79
CA ILE HA 32 34.41 36.58 -22.86
C ILE HA 32 34.06 35.49 -21.86
N GLU HA 33 33.88 34.27 -22.35
CA GLU HA 33 33.58 33.12 -21.52
C GLU HA 33 34.89 32.40 -21.20
N ARG HA 34 35.18 32.28 -19.91
CA ARG HA 34 36.35 31.52 -19.45
C ARG HA 34 35.97 30.05 -19.41
N HIS HA 35 36.27 29.34 -20.50
CA HIS HA 35 35.92 27.91 -20.56
C HIS HA 35 36.63 27.13 -19.47
N ASP HA 36 37.91 27.42 -19.24
CA ASP HA 36 38.73 26.73 -18.26
C ASP HA 36 39.24 27.73 -17.24
N ASP HA 37 39.11 27.38 -15.96
CA ASP HA 37 39.58 28.24 -14.87
C ASP HA 37 41.02 27.87 -14.56
N SER HA 38 41.96 28.61 -15.14
CA SER HA 38 43.38 28.36 -14.90
C SER HA 38 44.16 29.62 -15.26
N ASN HA 39 45.14 29.96 -14.43
CA ASN HA 39 45.95 31.13 -14.71
C ASN HA 39 46.83 30.89 -15.93
N PRO HA 40 47.10 31.92 -16.72
CA PRO HA 40 47.84 31.72 -17.95
C PRO HA 40 49.33 31.51 -17.68
N PRO HA 41 50.07 31.04 -18.67
CA PRO HA 41 51.52 30.87 -18.48
C PRO HA 41 52.21 32.19 -18.19
N PHE HA 42 53.28 32.14 -17.41
CA PHE HA 42 53.92 33.34 -16.90
C PHE HA 42 55.43 33.25 -17.08
N LYS HA 43 56.06 34.42 -17.10
CA LYS HA 43 57.50 34.56 -17.26
C LYS HA 43 58.06 35.27 -16.05
N LYS HA 44 59.13 34.73 -15.47
CA LYS HA 44 59.71 35.25 -14.25
C LYS HA 44 61.13 35.74 -14.47
N GLU HA 45 61.53 36.73 -13.67
CA GLU HA 45 62.90 37.20 -13.61
C GLU HA 45 63.28 37.39 -12.15
N TYR HA 46 64.58 37.30 -11.86
CA TYR HA 46 65.07 37.44 -10.49
C TYR HA 46 66.52 37.89 -10.54
N TYR HA 47 66.76 39.17 -10.32
CA TYR HA 47 68.10 39.74 -10.21
C TYR HA 47 68.37 40.04 -8.74
N SER HA 48 69.44 39.47 -8.19
CA SER HA 48 69.75 39.60 -6.78
C SER HA 48 71.21 39.99 -6.57
N GLU HA 49 71.45 40.83 -5.57
CA GLU HA 49 72.79 41.23 -5.19
C GLU HA 49 72.91 41.19 -3.67
N PHE HA 50 74.03 40.68 -3.17
CA PHE HA 50 74.32 40.66 -1.74
C PHE HA 50 75.73 41.18 -1.56
N ILE HA 51 75.86 42.48 -1.32
CA ILE HA 51 77.17 43.12 -1.33
C ILE HA 51 77.99 42.66 -0.13
N GLU HA 52 79.30 42.82 -0.24
CA GLU HA 52 80.25 42.22 0.69
C GLU HA 52 79.90 42.55 2.13
N GLU HA 53 80.44 41.72 3.04
CA GLU HA 53 80.36 41.98 4.47
C GLU HA 53 81.65 42.66 4.87
N TYR HA 54 81.60 43.99 5.01
CA TYR HA 54 82.78 44.76 5.35
C TYR HA 54 83.12 44.49 6.82
N GLU HA 55 83.77 43.34 7.02
CA GLU HA 55 84.18 42.94 8.40
C GLU HA 55 85.63 43.38 8.63
N LYS HA 56 85.83 44.35 9.50
CA LYS HA 56 87.16 44.89 9.77
C LYS HA 56 87.33 45.00 11.29
N ILE HA 57 88.19 44.16 11.85
CA ILE HA 57 88.56 44.24 13.26
C ILE HA 57 89.98 44.79 13.31
N ALA HA 58 90.16 45.93 13.97
CA ALA HA 58 91.46 46.47 14.29
C ALA HA 58 91.56 46.59 15.80
N LYS HA 59 92.59 45.99 16.38
CA LYS HA 59 92.70 45.86 17.83
C LYS HA 59 94.10 46.27 18.27
N SER HA 60 94.19 46.85 19.47
CA SER HA 60 95.44 47.41 19.97
C SER HA 60 95.83 46.73 21.29
N MET HA 61 97.13 46.50 21.47
CA MET HA 61 97.63 45.97 22.77
C MET HA 61 99.01 46.59 23.04
N ARG HA 62 99.04 47.68 23.81
CA ARG HA 62 100.24 48.44 24.13
C ARG HA 62 100.53 48.32 25.62
N ILE HA 63 101.69 47.75 25.94
CA ILE HA 63 102.12 47.58 27.32
C ILE HA 63 103.49 48.20 27.49
N SER HA 64 103.73 48.77 28.66
CA SER HA 64 105.02 49.39 28.95
C SER HA 64 105.21 49.40 30.46
N ALA HA 65 106.30 48.79 30.93
CA ALA HA 65 106.60 48.76 32.35
C ALA HA 65 108.11 48.66 32.53
N GLY HA 66 108.58 49.20 33.65
CA GLY HA 66 110.00 49.17 33.97
C GLY HA 66 110.34 50.04 35.16
N VAL HA 78 109.83 52.40 42.21
CA VAL HA 78 109.21 53.28 41.23
C VAL HA 78 109.02 52.55 39.92
N ASN HA 79 108.09 51.61 39.91
CA ASN HA 79 107.76 50.82 38.74
C ASN HA 79 106.42 51.25 38.20
N VAL HA 80 106.35 51.50 36.89
CA VAL HA 80 105.15 51.99 36.24
C VAL HA 80 104.65 50.93 35.27
N ASP HA 81 103.35 50.99 34.99
CA ASP HA 81 102.70 50.07 34.06
C ASP HA 81 101.76 50.87 33.16
N ILE HA 82 101.63 50.42 31.92
CA ILE HA 82 100.69 50.99 30.96
C ILE HA 82 100.05 49.85 30.20
N LEU HA 83 98.73 49.85 30.10
CA LEU HA 83 97.98 48.77 29.46
C LEU HA 83 96.85 49.40 28.65
N ASN HA 84 97.05 49.56 27.34
CA ASN HA 84 96.08 50.22 26.49
C ASN HA 84 95.51 49.25 25.47
N ARG HA 85 94.20 49.27 25.31
CA ARG HA 85 93.50 48.41 24.37
C ARG HA 85 92.62 49.25 23.46
N SER HA 86 92.29 48.68 22.30
CA SER HA 86 91.33 49.28 21.39
C SER HA 86 90.70 48.17 20.57
N GLU HA 87 89.58 48.49 19.95
CA GLU HA 87 88.87 47.51 19.14
C GLU HA 87 87.91 48.25 18.22
N PHE HA 88 88.10 48.11 16.91
CA PHE HA 88 87.25 48.76 15.92
C PHE HA 88 86.64 47.70 15.03
N GLU HA 89 85.32 47.66 14.98
CA GLU HA 89 84.59 46.67 14.20
C GLU HA 89 83.75 47.38 13.15
N THR HA 90 83.61 46.74 11.99
CA THR HA 90 82.79 47.26 10.91
C THR HA 90 82.03 46.11 10.27
N SER HA 91 80.81 46.39 9.81
CA SER HA 91 80.01 45.38 9.13
C SER HA 91 78.99 46.10 8.26
N THR HA 92 79.28 46.20 6.96
CA THR HA 92 78.35 46.79 6.00
C THR HA 92 77.78 45.68 5.15
N LEU HA 93 76.49 45.40 5.33
CA LEU HA 93 75.77 44.45 4.51
C LEU HA 93 74.74 45.20 3.69
N THR HA 94 74.67 44.88 2.40
CA THR HA 94 73.69 45.48 1.51
C THR HA 94 73.04 44.36 0.69
N TYR HA 95 71.78 44.58 0.32
CA TYR HA 95 71.04 43.59 -0.44
C TYR HA 95 70.14 44.29 -1.45
N GLU HA 96 69.78 43.57 -2.50
CA GLU HA 96 68.90 44.14 -3.51
C GLU HA 96 68.38 43.02 -4.42
N VAL HA 97 67.07 42.97 -4.63
CA VAL HA 97 66.46 42.04 -5.56
C VAL HA 97 65.48 42.80 -6.44
N LYS HA 98 65.14 42.19 -7.57
CA LYS HA 98 64.17 42.77 -8.50
C LYS HA 98 63.51 41.63 -9.25
N VAL HA 99 62.27 41.31 -8.87
CA VAL HA 99 61.54 40.19 -9.43
C VAL HA 99 60.46 40.73 -10.36
N LEU HA 100 60.48 40.28 -11.61
CA LEU HA 100 59.50 40.69 -12.61
C LEU HA 100 58.74 39.46 -13.07
N VAL HA 101 57.41 39.53 -13.02
CA VAL HA 101 56.54 38.45 -13.44
C VAL HA 101 55.58 39.00 -14.48
N GLN HA 102 55.48 38.31 -15.61
CA GLN HA 102 54.59 38.71 -16.70
C GLN HA 102 53.81 37.49 -17.16
N HIS HA 103 52.50 37.58 -17.12
CA HIS HA 103 51.64 36.49 -17.54
C HIS HA 103 51.39 36.59 -19.06
N GLN HA 104 50.54 35.73 -19.59
CA GLN HA 104 50.14 35.81 -20.99
C GLN HA 104 48.62 35.76 -21.08
N VAL HA 105 48.08 35.83 -22.30
CA VAL HA 105 46.63 35.79 -22.52
C VAL HA 105 46.26 34.39 -22.94
N SER HA 106 45.29 33.80 -22.26
CA SER HA 106 44.89 32.44 -22.55
C SER HA 106 44.35 32.32 -23.97
N VAL HA 107 44.64 31.18 -24.61
CA VAL HA 107 44.27 30.97 -26.00
C VAL HA 107 43.01 30.13 -26.16
N LEU HA 108 42.38 29.73 -25.06
CA LEU HA 108 41.23 28.83 -25.10
C LEU HA 108 39.96 29.52 -24.61
N ASP HA 109 39.77 30.78 -25.00
CA ASP HA 109 38.58 31.53 -24.63
C ASP HA 109 37.74 31.82 -25.88
N LYS HA 110 36.46 32.13 -25.65
CA LYS HA 110 35.53 32.44 -26.72
C LYS HA 110 35.13 33.90 -26.62
N HIS HA 111 35.13 34.59 -27.75
CA HIS HA 111 34.79 36.01 -27.82
C HIS HA 111 33.51 36.18 -28.62
N SER HA 112 32.58 36.98 -28.09
CA SER HA 112 31.30 37.23 -28.72
C SER HA 112 31.04 38.72 -28.78
N PHE HA 113 30.06 39.11 -29.58
CA PHE HA 113 29.72 40.51 -29.79
C PHE HA 113 28.24 40.73 -29.50
N ASN HA 114 27.96 41.63 -28.57
CA ASN HA 114 26.59 41.94 -28.16
C ASN HA 114 26.14 43.22 -28.84
N LYS HA 115 24.86 43.29 -29.17
CA LYS HA 115 24.31 44.38 -29.98
C LYS HA 115 23.77 45.47 -29.06
N ILE HA 116 24.20 46.70 -29.28
CA ILE HA 116 23.63 47.88 -28.66
C ILE HA 116 23.06 48.75 -29.76
N GLN HA 117 21.75 49.08 -29.62
CA GLN HA 117 21.05 49.88 -30.66
C GLN HA 117 21.43 51.35 -30.51
N THR HA 118 22.06 51.92 -31.55
CA THR HA 118 22.45 53.32 -31.54
C THR HA 118 22.38 53.87 -32.96
N THR HA 119 22.09 55.16 -33.06
CA THR HA 119 22.14 55.83 -34.36
C THR HA 119 23.56 56.16 -34.77
N THR HA 120 24.51 56.09 -33.85
CA THR HA 120 25.92 56.38 -34.11
C THR HA 120 26.78 55.26 -33.55
N PRO HA 121 26.70 54.06 -34.13
CA PRO HA 121 27.45 52.94 -33.57
C PRO HA 121 28.95 53.18 -33.58
N HIS HA 122 29.44 54.07 -34.44
CA HIS HA 122 30.87 54.34 -34.52
C HIS HA 122 31.38 54.98 -33.23
N ALA HA 123 30.67 55.98 -32.72
CA ALA HA 123 31.10 56.67 -31.52
C ALA HA 123 30.80 55.88 -30.26
N THR HA 124 29.87 54.94 -30.33
CA THR HA 124 29.56 54.12 -29.16
C THR HA 124 30.51 52.93 -29.06
N TYR HA 125 30.61 52.13 -30.14
CA TYR HA 125 31.47 50.96 -30.11
C TYR HA 125 32.94 51.34 -30.18
N GLY HA 126 33.29 52.29 -31.05
CA GLY HA 126 34.67 52.67 -31.23
C GLY HA 126 35.32 51.89 -32.35
N ASP HA 127 36.57 51.46 -32.13
CA ASP HA 127 37.29 50.64 -33.09
C ASP HA 127 37.64 49.26 -32.55
N ARG HA 128 38.26 49.19 -31.38
CA ARG HA 128 38.75 47.93 -30.83
C ARG HA 128 38.25 47.75 -29.41
N PHE HA 129 38.16 46.48 -29.00
CA PHE HA 129 37.65 46.10 -27.69
C PHE HA 129 38.75 45.49 -26.84
N ILE HA 130 38.51 45.47 -25.53
CA ILE HA 130 39.48 45.00 -24.55
C ILE HA 130 39.21 43.53 -24.32
N ALA HA 131 40.01 42.67 -24.94
CA ALA HA 131 39.78 41.23 -24.87
C ALA HA 131 40.27 40.65 -23.56
N ASP HA 132 41.57 40.73 -23.31
CA ASP HA 132 42.17 40.18 -22.11
C ASP HA 132 43.17 41.19 -21.55
N PHE HA 133 43.38 41.13 -20.25
CA PHE HA 133 44.30 42.02 -19.56
C PHE HA 133 45.62 41.31 -19.33
N ILE HA 134 46.71 41.94 -19.77
CA ILE HA 134 48.04 41.40 -19.52
C ILE HA 134 48.39 41.67 -18.05
N LYS HA 135 48.62 40.60 -17.30
CA LYS HA 135 48.86 40.70 -15.88
C LYS HA 135 50.33 40.44 -15.56
N GLY HA 136 50.74 40.89 -14.39
CA GLY HA 136 52.13 40.76 -13.97
C GLY HA 136 52.36 41.13 -12.52
N GLY HA 137 53.61 41.40 -12.18
CA GLY HA 137 53.98 41.74 -10.82
C GLY HA 137 55.37 42.33 -10.78
N HIS HA 138 55.76 42.79 -9.60
CA HIS HA 138 57.02 43.50 -9.46
C HIS HA 138 57.51 43.38 -8.02
N PHE HA 139 58.83 43.39 -7.85
CA PHE HA 139 59.43 43.40 -6.52
C PHE HA 139 60.67 44.26 -6.56
N TYR HA 140 60.99 44.87 -5.42
CA TYR HA 140 62.15 45.75 -5.32
C TYR HA 140 62.49 45.91 -3.85
N ALA HA 141 63.66 45.43 -3.45
CA ALA HA 141 64.05 45.47 -2.06
C ALA HA 141 65.46 46.02 -1.93
N ARG HA 142 65.72 46.68 -0.81
CA ARG HA 142 67.05 47.19 -0.47
C ARG HA 142 67.23 47.11 1.03
N VAL HA 143 68.26 46.39 1.47
CA VAL HA 143 68.64 46.34 2.87
C VAL HA 143 70.01 46.98 3.00
N SER HA 144 70.17 47.85 3.99
CA SER HA 144 71.43 48.53 4.24
C SER HA 144 71.72 48.40 5.73
N ILE HA 145 72.38 47.32 6.11
CA ILE HA 145 72.76 47.09 7.50
C ILE HA 145 74.10 47.79 7.73
N THR HA 146 74.12 48.81 8.59
CA THR HA 146 75.35 49.60 8.84
C THR HA 146 76.24 48.86 9.79
N ALA HA 147 77.48 49.34 9.98
CA ALA HA 147 78.49 48.70 10.85
C ALA HA 147 78.06 48.68 12.31
N LYS HA 148 78.82 47.99 13.16
CA LYS HA 148 78.56 48.02 14.61
C LYS HA 148 79.43 49.14 15.18
N ASN HA 149 80.60 49.39 14.58
CA ASN HA 149 81.54 50.35 15.11
C ASN HA 149 81.83 50.10 16.59
N SER HA 150 82.08 48.84 16.91
CA SER HA 150 82.51 48.50 18.26
C SER HA 150 83.76 49.28 18.60
N SER HA 151 83.80 49.84 19.80
CA SER HA 151 84.89 50.72 20.21
C SER HA 151 85.43 50.36 21.58
N GLU HA 152 85.70 49.08 21.81
CA GLU HA 152 86.26 48.64 23.09
C GLU HA 152 87.64 49.25 23.26
N THR HA 153 87.80 50.09 24.28
CA THR HA 153 89.08 50.69 24.62
C THR HA 153 89.27 50.62 26.13
N SER HA 154 90.52 50.73 26.57
CA SER HA 154 90.83 50.69 27.99
C SER HA 154 92.27 51.13 28.22
N GLU HA 155 92.53 51.59 29.44
CA GLU HA 155 93.85 52.04 29.84
C GLU HA 155 94.06 51.66 31.29
N LEU HA 156 95.30 51.43 31.69
CA LEU HA 156 95.64 51.11 33.07
C LEU HA 156 97.00 51.73 33.40
N LYS HA 157 97.19 52.08 34.67
CA LYS HA 157 98.40 52.76 35.11
C LYS HA 157 98.71 52.35 36.55
N GLN HA 158 99.77 51.56 36.75
CA GLN HA 158 100.18 51.08 38.07
C GLN HA 158 101.56 51.65 38.40
N SER HA 159 101.56 52.76 39.13
CA SER HA 159 102.81 53.35 39.60
C SER HA 159 103.13 52.82 40.99
N ALA HA 160 104.22 52.07 41.08
CA ALA HA 160 104.64 51.49 42.36
C ALA HA 160 103.52 50.66 42.98
N THR HA 174 103.17 53.53 48.22
CA THR HA 174 102.50 54.33 47.19
C THR HA 174 101.99 53.46 46.04
N GLN HA 175 100.78 53.78 45.58
CA GLN HA 175 100.12 52.98 44.56
C GLN HA 175 99.23 53.91 43.74
N GLU HA 176 98.90 53.46 42.53
CA GLU HA 176 98.06 54.26 41.65
C GLU HA 176 97.39 53.33 40.65
N VAL HA 177 96.10 53.55 40.40
CA VAL HA 177 95.34 52.82 39.40
C VAL HA 177 94.49 53.81 38.62
N GLU HA 178 94.44 53.64 37.30
CA GLU HA 178 93.72 54.56 36.42
C GLU HA 178 93.10 53.75 35.28
N ARG HA 179 91.80 53.50 35.36
CA ARG HA 179 91.07 52.77 34.34
C ARG HA 179 89.94 53.60 33.73
N ALA HA 180 90.12 54.92 33.62
CA ALA HA 180 89.08 55.79 33.09
C ALA HA 180 89.11 55.82 31.56
N VAL HA 181 89.05 54.63 30.95
CA VAL HA 181 88.96 54.52 29.51
C VAL HA 181 88.09 53.31 29.19
N SER HA 182 86.96 53.54 28.51
CA SER HA 182 86.05 52.46 28.14
C SER HA 182 84.98 53.04 27.23
N SER HA 183 84.67 52.31 26.16
CA SER HA 183 83.64 52.72 25.21
C SER HA 183 83.12 51.48 24.51
N ILE HA 184 81.94 51.61 23.91
CA ILE HA 184 81.24 50.49 23.29
C ILE HA 184 80.72 50.92 21.92
N LYS HA 185 80.21 49.94 21.19
CA LYS HA 185 79.70 50.15 19.84
C LYS HA 185 78.60 51.19 19.82
N ARG HA 186 78.55 51.96 18.73
CA ARG HA 186 77.39 52.81 18.47
C ARG HA 186 77.23 52.86 16.95
N ASN HA 187 76.49 51.89 16.42
CA ASN HA 187 75.97 51.96 15.07
C ASN HA 187 75.06 50.77 14.80
N ALA HA 188 73.84 51.03 14.33
CA ALA HA 188 72.97 49.97 13.85
C ALA HA 188 71.89 50.62 12.98
N SER HA 189 72.07 50.55 11.67
CA SER HA 189 71.13 51.15 10.73
C SER HA 189 70.56 50.05 9.84
N VAL HA 190 69.24 49.95 9.80
CA VAL HA 190 68.55 48.99 8.95
C VAL HA 190 67.59 49.79 8.08
N LYS HA 191 67.99 50.09 6.86
CA LYS HA 191 67.13 50.75 5.89
C LYS HA 191 66.52 49.68 4.99
N ILE HA 192 65.19 49.58 5.01
CA ILE HA 192 64.47 48.61 4.21
C ILE HA 192 63.48 49.37 3.33
N THR HA 193 63.52 49.11 2.03
CA THR HA 193 62.50 49.59 1.10
C THR HA 193 61.97 48.37 0.36
N ILE HA 194 60.65 48.20 0.35
CA ILE HA 194 60.02 47.09 -0.35
C ILE HA 194 58.91 47.65 -1.21
N ILE HA 195 58.98 47.41 -2.52
CA ILE HA 195 57.97 47.87 -3.46
C ILE HA 195 57.40 46.66 -4.15
N GLU HA 196 56.09 46.45 -4.00
CA GLU HA 196 55.46 45.22 -4.46
C GLU HA 196 54.21 45.55 -5.27
N SER HA 197 53.94 44.70 -6.27
CA SER HA 197 52.71 44.75 -7.06
C SER HA 197 52.26 43.30 -7.22
N THR HA 198 51.43 42.84 -6.27
CA THR HA 198 51.01 41.45 -6.25
C THR HA 198 49.50 41.34 -6.15
N GLY HA 199 48.99 40.13 -5.94
CA GLY HA 199 47.57 39.90 -5.88
C GLY HA 199 47.19 39.06 -4.68
N THR HA 200 45.91 39.12 -4.34
CA THR HA 200 45.38 38.37 -3.21
C THR HA 200 45.24 36.90 -3.56
N SER HA 201 45.29 36.06 -2.53
CA SER HA 201 45.10 34.62 -2.73
C SER HA 201 43.66 34.33 -3.17
N SER HA 216 68.10 39.68 11.79
CA SER HA 216 67.87 38.77 10.68
C SER HA 216 67.00 39.44 9.62
N ASP HA 217 67.12 40.77 9.51
CA ASP HA 217 66.30 41.47 8.53
C ASP HA 217 66.76 41.16 7.11
N LEU HA 218 68.03 40.83 6.92
CA LEU HA 218 68.49 40.40 5.60
C LEU HA 218 67.80 39.11 5.17
N LEU HA 219 67.66 38.16 6.10
CA LEU HA 219 66.98 36.91 5.78
C LEU HA 219 65.48 37.12 5.60
N ALA HA 220 64.87 38.01 6.39
CA ALA HA 220 63.44 38.23 6.28
C ALA HA 220 63.08 38.74 4.89
N VAL HA 221 63.85 39.70 4.37
CA VAL HA 221 63.61 40.18 3.01
C VAL HA 221 63.80 39.06 2.01
N LYS HA 222 64.79 38.18 2.27
CA LYS HA 222 65.06 37.09 1.34
C LYS HA 222 63.87 36.14 1.25
N GLU HA 223 63.26 35.80 2.38
CA GLU HA 223 62.14 34.88 2.35
C GLU HA 223 60.98 35.42 1.54
N LYS HA 224 60.63 36.69 1.76
CA LYS HA 224 59.59 37.31 0.93
C LYS HA 224 60.03 37.37 -0.52
N ALA HA 225 61.31 37.67 -0.77
CA ALA HA 225 61.81 37.67 -2.14
C ALA HA 225 61.76 36.27 -2.76
N ASP HA 226 62.18 35.25 -2.02
CA ASP HA 226 62.09 33.89 -2.54
C ASP HA 226 60.65 33.40 -2.57
N GLN HA 227 59.89 33.66 -1.52
CA GLN HA 227 58.47 33.29 -1.54
C GLN HA 227 57.75 33.94 -2.70
N PHE HA 228 58.18 35.14 -3.10
CA PHE HA 228 57.57 35.76 -4.27
C PHE HA 228 57.79 34.90 -5.50
N TYR HA 229 59.02 34.39 -5.66
CA TYR HA 229 59.35 33.48 -6.78
C TYR HA 229 58.40 32.30 -6.70
N LYS HA 230 58.40 31.59 -5.56
CA LYS HA 230 57.56 30.42 -5.43
C LYS HA 230 56.08 30.78 -5.51
N ASP HA 231 55.71 31.96 -5.00
CA ASP HA 231 54.32 32.38 -5.03
C ASP HA 231 53.80 32.47 -6.46
N ALA HA 232 54.63 32.93 -7.39
CA ALA HA 232 54.18 33.04 -8.77
C ALA HA 232 53.69 31.71 -9.31
N ASP HA 233 54.39 30.61 -8.99
CA ASP HA 233 54.01 29.32 -9.52
C ASP HA 233 52.56 28.99 -9.18
N SER HA 234 52.11 29.38 -7.99
CA SER HA 234 50.71 29.21 -7.64
C SER HA 234 49.80 30.11 -8.46
N GLY HA 235 50.36 31.06 -9.20
CA GLY HA 235 49.57 31.91 -10.06
C GLY HA 235 48.67 32.87 -9.31
N LYS HA 236 49.16 33.47 -8.23
CA LYS HA 236 48.43 34.52 -7.52
C LYS HA 236 48.93 35.92 -7.88
N HIS HA 237 49.85 36.04 -8.83
CA HIS HA 237 50.39 37.35 -9.21
C HIS HA 237 49.53 37.90 -10.35
N SER HA 238 48.35 38.37 -9.99
CA SER HA 238 47.40 38.89 -10.97
C SER HA 238 47.27 40.39 -10.70
N TYR HA 239 48.17 41.16 -11.31
CA TYR HA 239 48.10 42.61 -11.27
C TYR HA 239 47.99 43.11 -12.70
N VAL HA 240 47.04 44.01 -12.95
CA VAL HA 240 46.75 44.44 -14.30
C VAL HA 240 47.85 45.41 -14.75
N LEU HA 241 48.52 45.07 -15.85
CA LEU HA 241 49.58 45.92 -16.40
C LEU HA 241 49.18 46.49 -17.76
N PHE HA 242 48.86 45.64 -18.73
CA PHE HA 242 48.55 46.06 -20.08
C PHE HA 242 47.23 45.46 -20.53
N ALA HA 243 46.63 46.07 -21.54
CA ALA HA 243 45.38 45.59 -22.12
C ALA HA 243 45.62 45.26 -23.59
N VAL HA 244 45.15 44.09 -24.01
CA VAL HA 244 45.33 43.60 -25.38
C VAL HA 244 44.10 43.97 -26.19
N LEU HA 245 44.31 44.59 -27.34
CA LEU HA 245 43.23 45.10 -28.18
C LEU HA 245 42.91 44.09 -29.28
N GLY HA 246 41.62 43.98 -29.60
CA GLY HA 246 41.18 43.12 -30.67
C GLY HA 246 40.20 43.86 -31.58
N LYS HA 247 40.20 43.44 -32.84
CA LYS HA 247 39.37 44.11 -33.85
C LYS HA 247 38.00 43.45 -33.93
N TYR HA 248 36.96 44.28 -33.98
CA TYR HA 248 35.60 43.77 -34.00
C TYR HA 248 35.32 42.89 -35.21
N ARG HA 249 36.10 43.03 -36.28
CA ARG HA 249 35.85 42.23 -37.47
C ARG HA 249 36.13 40.76 -37.21
N ASN HA 250 37.17 40.47 -36.43
CA ASN HA 250 37.56 39.09 -36.18
C ASN HA 250 36.56 38.32 -35.33
N LEU HA 251 35.59 39.01 -34.71
CA LEU HA 251 34.57 38.31 -33.95
C LEU HA 251 33.71 37.46 -34.87
N SER HA 252 33.48 36.21 -34.47
CA SER HA 252 32.59 35.35 -35.25
C SER HA 252 31.17 35.92 -35.28
N ASN HA 253 30.67 36.35 -34.11
CA ASN HA 253 29.30 36.82 -33.99
C ASN HA 253 29.09 38.15 -34.70
N PHE HA 254 30.16 38.82 -35.11
CA PHE HA 254 30.06 40.07 -35.84
C PHE HA 254 29.53 39.79 -37.25
N GLU HA 255 28.29 40.18 -37.51
CA GLU HA 255 27.72 40.14 -38.85
C GLU HA 255 27.77 41.51 -39.50
N SER HA 256 28.85 42.25 -39.27
CA SER HA 256 29.04 43.57 -39.86
C SER HA 256 27.93 44.52 -39.41
N TYR HA 257 27.86 44.71 -38.09
CA TYR HA 257 26.95 45.70 -37.54
C TYR HA 257 27.30 47.11 -38.01
N PHE HA 258 28.55 47.33 -38.41
CA PHE HA 258 28.99 48.62 -38.90
C PHE HA 258 30.32 48.42 -39.61
N ALA HA 259 30.88 49.52 -40.10
CA ALA HA 259 32.17 49.48 -40.77
C ALA HA 259 33.20 50.21 -39.93
N PRO HA 260 34.01 49.52 -39.13
CA PRO HA 260 34.96 50.24 -38.27
C PRO HA 260 35.96 51.03 -39.09
N PHE HA 261 36.32 52.19 -38.56
CA PHE HA 261 37.35 53.00 -39.20
C PHE HA 261 38.74 52.42 -38.89
N ASP HA 262 39.70 52.81 -39.75
CA ASP HA 262 41.13 52.45 -39.55
C ASP HA 262 41.83 53.79 -39.31
N TYR HA 263 42.12 54.14 -38.06
CA TYR HA 263 42.65 55.44 -37.68
C TYR HA 263 44.16 55.53 -37.79
N GLN HA 264 44.82 54.48 -38.27
CA GLN HA 264 46.28 54.52 -38.36
C GLN HA 264 46.75 55.71 -39.19
N MET HA 265 46.18 55.86 -40.39
CA MET HA 265 46.57 56.98 -41.23
C MET HA 265 46.04 58.31 -40.70
N ALA HA 266 44.81 58.33 -40.20
CA ALA HA 266 44.24 59.56 -39.70
C ALA HA 266 45.05 60.11 -38.53
N SER HA 267 45.46 59.24 -37.59
CA SER HA 267 46.29 59.69 -36.49
C SER HA 267 47.63 60.21 -36.99
N LEU HA 268 48.23 59.53 -37.97
CA LEU HA 268 49.50 59.99 -38.50
C LEU HA 268 49.37 61.38 -39.10
N ARG HA 269 48.32 61.60 -39.91
CA ARG HA 269 48.15 62.91 -40.53
C ARG HA 269 47.90 63.99 -39.49
N SER HA 270 47.08 63.71 -38.48
CA SER HA 270 46.68 64.70 -37.49
C SER HA 270 47.56 64.61 -36.24
N TRP HA 271 48.86 64.75 -36.43
CA TRP HA 271 49.77 64.85 -35.29
C TRP HA 271 50.13 66.28 -34.94
N ALA HA 272 50.26 67.17 -35.92
CA ALA HA 272 50.53 68.57 -35.61
C ALA HA 272 49.41 69.16 -34.76
N LEU HA 273 48.19 68.64 -34.88
CA LEU HA 273 47.10 69.13 -34.07
C LEU HA 273 47.18 68.59 -32.65
N PHE HA 274 47.56 67.33 -32.49
CA PHE HA 274 47.61 66.74 -31.16
C PHE HA 274 48.61 67.46 -30.27
N ASN HA 275 49.78 67.82 -30.81
CA ASN HA 275 50.74 68.57 -30.01
C ASN HA 275 50.20 69.93 -29.62
N ASP HA 276 49.54 70.62 -30.55
CA ASP HA 276 49.00 71.94 -30.23
C ASP HA 276 47.97 71.86 -29.12
N PHE HA 277 47.32 70.70 -28.95
CA PHE HA 277 46.38 70.52 -27.85
C PHE HA 277 47.09 70.62 -26.51
N THR HA 278 48.15 69.84 -26.33
CA THR HA 278 48.85 69.86 -25.04
C THR HA 278 49.42 71.24 -24.76
N LEU HA 279 49.99 71.89 -25.78
CA LEU HA 279 50.55 73.22 -25.58
C LEU HA 279 49.47 74.22 -25.15
N TYR HA 280 48.31 74.18 -25.79
CA TYR HA 280 47.25 75.13 -25.45
C TYR HA 280 46.72 74.90 -24.04
N LYS HA 281 46.56 73.63 -23.64
CA LYS HA 281 46.14 73.33 -22.28
C LYS HA 281 47.17 73.83 -21.28
N ALA HA 282 48.46 73.65 -21.59
CA ALA HA 282 49.50 74.11 -20.67
C ALA HA 282 49.45 75.62 -20.49
N ILE HA 283 49.24 76.37 -21.58
CA ILE HA 283 49.27 77.83 -21.48
C ILE HA 283 48.00 78.42 -20.88
N GLU HA 284 46.97 77.61 -20.63
CA GLU HA 284 45.88 78.10 -19.80
C GLU HA 284 46.40 78.41 -18.40
N THR HA 285 47.20 77.49 -17.84
CA THR HA 285 47.80 77.72 -16.54
C THR HA 285 48.84 78.84 -16.56
N MET HA 286 49.43 79.12 -17.72
CA MET HA 286 50.26 80.32 -17.84
C MET HA 286 49.52 81.54 -17.33
N ILE HA 287 48.36 81.81 -17.90
CA ILE HA 287 47.64 83.05 -17.58
C ILE HA 287 47.14 83.01 -16.14
N LYS HA 288 46.53 81.90 -15.73
CA LYS HA 288 45.94 81.83 -14.41
C LYS HA 288 47.00 81.99 -13.31
N ALA HA 289 48.15 81.36 -13.49
CA ALA HA 289 49.16 81.37 -12.43
C ALA HA 289 49.68 82.76 -12.12
N VAL HA 290 49.94 83.56 -13.14
CA VAL HA 290 50.58 84.87 -12.94
C VAL HA 290 49.57 85.85 -12.36
N PRO HA 291 49.96 86.70 -11.42
CA PRO HA 291 48.99 87.57 -10.74
C PRO HA 291 48.58 88.75 -11.60
N GLU HA 292 47.64 89.52 -11.06
CA GLU HA 292 47.10 90.68 -11.77
C GLU HA 292 48.09 91.82 -11.82
N SER HA 293 48.91 91.98 -10.77
CA SER HA 293 49.77 93.15 -10.64
C SER HA 293 50.94 93.14 -11.60
N LYS HA 294 50.99 92.23 -12.57
CA LYS HA 294 52.08 92.15 -13.52
C LYS HA 294 51.55 91.92 -14.93
N PHE HA 295 50.37 92.48 -15.18
CA PHE HA 295 49.77 92.44 -16.53
C PHE HA 295 49.85 93.85 -17.08
N LYS HA 296 50.12 94.01 -18.37
CA LYS HA 296 50.29 95.35 -18.94
C LYS HA 296 48.98 96.13 -18.92
N ASP HA 297 47.90 95.52 -19.41
CA ASP HA 297 46.63 96.23 -19.54
C ASP HA 297 45.86 96.30 -18.22
N GLY HA 298 46.26 95.54 -17.22
CA GLY HA 298 45.62 95.60 -15.92
C GLY HA 298 44.43 94.66 -15.80
N PRO HA 299 43.31 95.16 -15.28
CA PRO HA 299 42.21 94.24 -14.95
C PRO HA 299 41.65 93.48 -16.14
N GLU HA 300 41.21 94.20 -17.18
CA GLU HA 300 40.55 93.55 -18.30
C GLU HA 300 41.57 92.97 -19.27
N ARG HA 301 42.51 92.20 -18.74
CA ARG HA 301 43.49 91.49 -19.57
C ARG HA 301 43.50 90.03 -19.19
N LYS HA 302 43.25 89.73 -17.91
CA LYS HA 302 43.19 88.34 -17.47
C LYS HA 302 42.04 87.60 -18.15
N THR HA 303 40.85 88.19 -18.16
CA THR HA 303 39.68 87.42 -18.56
C THR HA 303 39.65 87.15 -20.06
N GLN HA 304 39.95 88.16 -20.90
CA GLN HA 304 39.91 87.91 -22.33
C GLN HA 304 41.16 87.25 -22.85
N LEU HA 305 42.25 87.26 -22.07
CA LEU HA 305 43.35 86.34 -22.38
C LEU HA 305 42.97 84.92 -21.99
N ILE HA 306 42.35 84.75 -20.82
CA ILE HA 306 41.87 83.43 -20.44
C ILE HA 306 40.77 82.98 -21.39
N LYS HA 307 39.83 83.87 -21.71
CA LYS HA 307 38.74 83.47 -22.59
C LYS HA 307 39.23 83.21 -24.01
N GLN HA 308 40.18 84.02 -24.50
CA GLN HA 308 40.68 83.81 -25.85
C GLN HA 308 41.34 82.45 -25.98
N ALA HA 309 42.10 82.04 -24.97
CA ALA HA 309 42.74 80.72 -25.02
C ALA HA 309 41.70 79.60 -25.00
N ILE HA 310 40.71 79.71 -24.13
CA ILE HA 310 39.71 78.65 -24.03
C ILE HA 310 38.82 78.62 -25.26
N ASN HA 311 38.50 79.79 -25.82
CA ASN HA 311 37.66 79.80 -27.02
C ASN HA 311 38.34 79.06 -28.15
N ILE HA 312 39.65 79.25 -28.34
CA ILE HA 312 40.36 78.51 -29.37
C ILE HA 312 40.72 77.10 -28.92
N PHE HA 313 40.66 76.82 -27.61
CA PHE HA 313 40.74 75.44 -27.16
C PHE HA 313 39.53 74.65 -27.62
N GLU HA 314 38.37 75.29 -27.68
CA GLU HA 314 37.18 74.66 -28.23
C GLU HA 314 37.38 74.30 -29.69
N THR HA 315 37.99 75.20 -30.46
CA THR HA 315 38.10 74.98 -31.90
C THR HA 315 38.90 73.73 -32.21
N ILE HA 316 39.99 73.50 -31.49
CA ILE HA 316 40.80 72.32 -31.76
C ILE HA 316 40.22 71.07 -31.11
N ARG HA 317 39.53 71.20 -29.98
CA ARG HA 317 38.91 70.04 -29.37
C ARG HA 317 37.76 69.52 -30.23
N ASP HA 318 36.95 70.43 -30.79
CA ASP HA 318 35.86 70.00 -31.66
C ASP HA 318 36.40 69.48 -33.00
N ARG HA 319 37.56 69.95 -33.42
CA ARG HA 319 38.19 69.36 -34.60
C ARG HA 319 38.55 67.91 -34.35
N VAL HA 320 39.08 67.62 -33.15
CA VAL HA 320 39.38 66.23 -32.79
C VAL HA 320 38.10 65.42 -32.74
N ILE HA 321 37.04 65.96 -32.12
CA ILE HA 321 35.78 65.24 -32.05
C ILE HA 321 35.21 65.05 -33.45
N LEU HA 322 35.50 65.98 -34.36
CA LEU HA 322 35.05 65.81 -35.74
C LEU HA 322 35.80 64.68 -36.44
N ILE HA 323 37.10 64.52 -36.15
CA ILE HA 323 37.84 63.42 -36.75
C ILE HA 323 37.24 62.07 -36.35
N SER HA 324 36.64 61.99 -35.17
CA SER HA 324 35.97 60.75 -34.78
C SER HA 324 34.84 60.42 -35.75
N GLU HA 325 34.01 61.41 -36.10
CA GLU HA 325 32.93 61.15 -37.04
C GLU HA 325 33.46 61.00 -38.47
N HIS HA 326 34.43 61.84 -38.85
CA HIS HA 326 34.94 61.85 -40.21
C HIS HA 326 36.46 61.81 -40.19
N PRO HA 327 37.08 60.63 -40.11
CA PRO HA 327 38.55 60.56 -40.21
C PRO HA 327 39.06 60.99 -41.56
N GLU HA 328 38.24 60.93 -42.61
CA GLU HA 328 38.65 61.48 -43.89
C GLU HA 328 38.86 62.98 -43.82
N ALA HA 329 38.27 63.65 -42.84
CA ALA HA 329 38.46 65.08 -42.67
C ALA HA 329 39.85 65.43 -42.14
N ALA HA 330 40.75 64.46 -42.00
CA ALA HA 330 42.11 64.76 -41.57
C ALA HA 330 42.87 65.58 -42.61
N LYS HA 331 42.42 65.58 -43.86
CA LYS HA 331 43.12 66.32 -44.90
C LYS HA 331 43.10 67.82 -44.63
N GLU HA 332 41.96 68.36 -44.21
CA GLU HA 332 41.83 69.80 -44.07
C GLU HA 332 42.89 70.35 -43.13
N ASP HA 333 43.51 71.46 -43.52
CA ASP HA 333 44.54 72.06 -42.71
C ASP HA 333 43.91 72.75 -41.49
N PRO HA 334 44.68 72.98 -40.44
CA PRO HA 334 44.15 73.70 -39.27
C PRO HA 334 43.65 75.08 -39.66
N ASP HA 335 42.59 75.52 -38.99
CA ASP HA 335 42.03 76.85 -39.19
C ASP HA 335 42.05 77.66 -37.89
N HIS HA 336 43.03 77.38 -37.03
CA HIS HA 336 43.11 78.02 -35.72
C HIS HA 336 44.47 78.65 -35.55
N MET HA 337 44.52 79.66 -34.69
CA MET HA 337 45.76 80.39 -34.46
C MET HA 337 46.82 79.46 -33.88
N LYS HA 338 48.07 79.68 -34.27
CA LYS HA 338 49.15 78.82 -33.83
C LYS HA 338 49.38 79.01 -32.33
N PRO HA 339 49.80 77.97 -31.61
CA PRO HA 339 50.24 78.19 -30.22
C PRO HA 339 51.40 79.15 -30.11
N GLY HA 340 52.32 79.15 -31.08
CA GLY HA 340 53.41 80.09 -31.04
C GLY HA 340 52.94 81.54 -31.12
N ASP HA 341 52.05 81.83 -32.06
CA ASP HA 341 51.56 83.20 -32.18
C ASP HA 341 50.77 83.62 -30.96
N PHE HA 342 49.88 82.74 -30.47
CA PHE HA 342 49.14 83.09 -29.27
C PHE HA 342 50.04 83.17 -28.06
N ARG HA 343 51.04 82.30 -27.97
CA ARG HA 343 52.01 82.41 -26.88
C ARG HA 343 52.72 83.75 -26.94
N LEU HA 344 53.16 84.15 -28.14
CA LEU HA 344 53.74 85.48 -28.31
C LEU HA 344 52.81 86.54 -27.74
N GLU HA 345 51.52 86.45 -28.04
CA GLU HA 345 50.57 87.42 -27.51
C GLU HA 345 50.57 87.41 -25.99
N VAL HA 346 50.76 86.25 -25.37
CA VAL HA 346 50.78 86.17 -23.91
C VAL HA 346 51.94 86.99 -23.35
N LEU HA 347 53.14 86.78 -23.86
CA LEU HA 347 54.30 87.46 -23.29
C LEU HA 347 54.36 88.93 -23.65
N ASN HA 348 53.74 89.34 -24.77
CA ASN HA 348 53.77 90.76 -25.13
C ASN HA 348 53.06 91.62 -24.09
N SER HA 349 52.03 91.07 -23.45
CA SER HA 349 51.19 91.82 -22.52
C SER HA 349 51.65 91.62 -21.08
N ILE HA 350 52.95 91.48 -20.86
CA ILE HA 350 53.51 91.20 -19.54
C ILE HA 350 54.50 92.31 -19.19
N GLN HA 351 54.31 92.91 -18.01
CA GLN HA 351 55.26 93.91 -17.52
C GLN HA 351 56.60 93.26 -17.20
N THR HA 352 57.64 94.08 -17.22
CA THR HA 352 59.01 93.61 -17.09
C THR HA 352 59.77 94.49 -16.12
N LYS HA 353 60.90 93.99 -15.66
CA LYS HA 353 61.77 94.70 -14.72
C LYS HA 353 63.07 95.07 -15.41
N LEU HA 354 63.50 96.33 -15.23
CA LEU HA 354 64.66 96.87 -15.93
C LEU HA 354 65.90 96.60 -15.09
N PHE HA 355 66.37 95.36 -15.14
CA PHE HA 355 67.58 94.99 -14.41
C PHE HA 355 68.76 95.67 -15.09
N HIS HA 356 69.13 96.86 -14.60
CA HIS HA 356 70.26 97.62 -15.19
C HIS HA 356 71.54 97.17 -14.49
N ALA HA 357 72.30 96.26 -15.10
CA ALA HA 357 73.53 95.77 -14.51
C ALA HA 357 74.53 96.90 -14.39
N GLN HA 358 75.26 96.91 -13.28
CA GLN HA 358 76.21 97.98 -12.98
C GLN HA 358 77.54 97.36 -12.59
N SER HA 359 78.63 97.99 -13.03
CA SER HA 359 79.97 97.47 -12.81
C SER HA 359 80.55 98.11 -11.55
N GLN HA 360 80.59 97.34 -10.47
CA GLN HA 360 81.13 97.84 -9.22
C GLN HA 360 82.65 98.04 -9.33
N PRO HA 361 83.16 99.21 -8.91
CA PRO HA 361 84.61 99.40 -8.90
C PRO HA 361 85.25 98.92 -7.60
N ILE HA 362 86.25 98.04 -7.70
CA ILE HA 362 86.94 97.52 -6.54
C ILE HA 362 88.40 97.97 -6.59
N PRO HA 363 88.98 98.41 -5.48
CA PRO HA 363 90.40 98.82 -5.51
C PRO HA 363 91.30 97.69 -5.95
N ASN HA 364 92.48 98.07 -6.45
CA ASN HA 364 93.47 97.12 -6.96
C ASN HA 364 92.99 96.45 -8.23
N THR HA 365 92.35 97.23 -9.10
CA THR HA 365 91.88 96.75 -10.39
C THR HA 365 92.01 97.87 -11.42
N ASP HA 366 92.66 97.56 -12.54
CA ASP HA 366 92.86 98.51 -13.62
C ASP HA 366 92.24 97.95 -14.89
N ASP HA 367 91.32 98.72 -15.48
CA ASP HA 367 90.57 98.31 -16.67
C ASP HA 367 89.73 97.05 -16.43
N TYR HA 368 89.58 96.66 -15.16
CA TYR HA 368 88.80 95.49 -14.78
C TYR HA 368 87.79 95.93 -13.72
N TRP HA 369 86.51 95.68 -13.97
CA TRP HA 369 85.44 96.08 -13.08
C TRP HA 369 84.79 94.83 -12.49
N THR HA 370 83.72 95.04 -11.72
CA THR HA 370 82.96 93.94 -11.13
C THR HA 370 81.49 94.17 -11.46
N ASP HA 371 80.95 93.35 -12.37
CA ASP HA 371 79.58 93.50 -12.84
C ASP HA 371 78.63 92.92 -11.81
N VAL HA 372 77.74 93.76 -11.28
CA VAL HA 372 76.68 93.33 -10.36
C VAL HA 372 75.35 93.64 -11.02
N ILE HA 373 74.51 92.62 -11.17
CA ILE HA 373 73.21 92.76 -11.81
C ILE HA 373 72.21 93.07 -10.71
N LEU HA 374 72.13 94.35 -10.33
CA LEU HA 374 71.20 94.81 -9.32
C LEU HA 374 70.33 95.93 -9.89
N THR HA 375 69.05 95.89 -9.57
CA THR HA 375 68.10 96.89 -10.06
C THR HA 375 68.29 98.25 -9.41
N THR HA 376 68.97 98.31 -8.26
CA THR HA 376 69.16 99.57 -7.55
C THR HA 376 70.36 100.32 -8.13
N LYS HA 377 70.16 101.60 -8.43
CA LYS HA 377 71.24 102.43 -8.95
C LYS HA 377 72.35 102.56 -7.91
N GLY HA 378 73.59 102.41 -8.37
CA GLY HA 378 74.73 102.53 -7.48
C GLY HA 378 75.57 103.76 -7.76
N SER HA 379 76.48 104.09 -6.85
CA SER HA 379 77.36 105.24 -7.00
C SER HA 379 78.74 104.77 -7.44
N GLY HA 380 79.20 105.28 -8.58
CA GLY HA 380 80.50 104.91 -9.11
C GLY HA 380 80.53 103.60 -9.87
N ASN HA 381 79.36 102.95 -9.98
CA ASN HA 381 79.26 101.66 -10.71
C ASN HA 381 78.87 101.94 -12.16
N GLN HA 382 79.61 101.38 -13.12
CA GLN HA 382 79.31 101.65 -14.53
C GLN HA 382 78.12 100.82 -14.98
N PRO HA 383 77.02 101.42 -15.44
CA PRO HA 383 75.92 100.61 -15.96
C PRO HA 383 76.28 99.97 -17.30
N LEU HA 384 75.87 98.71 -17.47
CA LEU HA 384 76.16 97.97 -18.68
C LEU HA 384 75.01 98.04 -19.69
N PHE HA 385 73.83 97.56 -19.32
CA PHE HA 385 72.66 97.63 -20.18
C PHE HA 385 71.42 97.60 -19.30
N THR HA 386 70.35 98.20 -19.81
CA THR HA 386 69.06 98.20 -19.15
C THR HA 386 68.04 97.52 -20.05
N PHE HA 387 67.42 96.45 -19.53
CA PHE HA 387 66.59 95.57 -20.33
C PHE HA 387 65.37 95.12 -19.55
N PRO HA 388 64.24 94.90 -20.22
CA PRO HA 388 63.09 94.29 -19.55
C PRO HA 388 63.45 92.88 -19.10
N ALA HA 389 62.93 92.48 -17.93
CA ALA HA 389 63.14 91.15 -17.39
C ALA HA 389 61.91 90.72 -16.61
N PHE HA 390 61.88 89.44 -16.26
CA PHE HA 390 60.75 88.82 -15.59
C PHE HA 390 61.11 88.60 -14.12
N ASP HA 391 60.33 89.22 -13.23
CA ASP HA 391 60.60 89.18 -11.80
C ASP HA 391 59.68 88.23 -11.05
N PHE HA 392 59.04 87.30 -11.77
CA PHE HA 392 58.11 86.37 -11.15
C PHE HA 392 58.05 85.11 -12.00
N GLY HA 393 57.87 83.98 -11.32
CA GLY HA 393 57.82 82.71 -12.01
C GLY HA 393 56.49 82.53 -12.68
N ASP HA 394 55.95 81.32 -12.62
CA ASP HA 394 54.62 81.00 -13.16
C ASP HA 394 54.54 81.21 -14.67
N LEU HA 395 55.66 81.48 -15.33
CA LEU HA 395 55.69 81.60 -16.79
C LEU HA 395 56.59 80.46 -17.30
N ILE HA 396 55.98 79.42 -17.86
CA ILE HA 396 56.76 78.26 -18.26
C ILE HA 396 57.78 78.69 -19.32
N GLY HA 397 58.86 77.93 -19.40
CA GLY HA 397 59.96 78.26 -20.29
C GLY HA 397 60.94 79.25 -19.72
N THR HA 398 60.88 79.52 -18.41
CA THR HA 398 61.76 80.53 -17.76
C THR HA 398 62.45 79.93 -16.56
N GLU HA 399 63.67 80.37 -16.26
CA GLU HA 399 64.44 79.93 -15.11
C GLU HA 399 65.10 81.14 -14.45
N VAL HA 400 65.42 80.99 -13.18
CA VAL HA 400 65.90 82.09 -12.35
C VAL HA 400 67.41 82.02 -12.22
N VAL HA 401 68.04 83.19 -12.16
CA VAL HA 401 69.47 83.33 -11.94
C VAL HA 401 69.64 84.07 -10.61
N SER HA 402 69.79 83.31 -9.53
CA SER HA 402 69.82 83.87 -8.18
C SER HA 402 71.26 83.94 -7.70
N PHE HA 403 71.81 85.14 -7.65
CA PHE HA 403 73.16 85.31 -7.16
C PHE HA 403 73.26 84.83 -5.72
N GLY HA 404 74.34 84.11 -5.41
CA GLY HA 404 74.60 83.68 -4.05
C GLY HA 404 75.73 84.47 -3.43
N LYS HA 405 75.40 85.33 -2.47
CA LYS HA 405 76.38 86.13 -1.75
C LYS HA 405 76.56 85.56 -0.35
N LYS HA 406 77.80 85.22 -0.01
CA LYS HA 406 78.07 84.66 1.30
C LYS HA 406 77.75 85.67 2.39
N LYS HA 407 76.76 85.34 3.23
CA LYS HA 407 76.52 86.15 4.42
C LYS HA 407 77.66 86.00 5.42
N ASN HA 408 78.29 84.83 5.45
CA ASN HA 408 79.46 84.59 6.29
C ASN HA 408 80.74 85.12 5.67
N GLY HA 409 80.66 85.64 4.44
CA GLY HA 409 81.82 86.17 3.77
C GLY HA 409 81.45 87.20 2.72
N GLU HA 410 82.15 87.19 1.59
CA GLU HA 410 81.87 88.14 0.52
C GLU HA 410 81.91 87.50 -0.86
N GLU HA 411 81.99 86.18 -0.95
CA GLU HA 411 82.06 85.51 -2.24
C GLU HA 411 80.82 85.86 -3.07
N TYR HA 412 81.07 86.15 -4.35
CA TYR HA 412 80.01 86.40 -5.32
C TYR HA 412 79.71 85.10 -6.06
N ASN HA 413 78.45 84.67 -6.05
CA ASN HA 413 78.04 83.46 -6.76
C ASN HA 413 76.90 83.76 -7.71
N CYS HA 414 76.72 82.86 -8.67
CA CYS HA 414 75.69 83.01 -9.69
C CYS HA 414 75.18 81.61 -10.03
N LEU HA 415 74.03 81.24 -9.46
CA LEU HA 415 73.46 79.91 -9.64
C LEU HA 415 72.10 80.04 -10.31
N ILE HA 416 71.90 79.30 -11.39
CA ILE HA 416 70.64 79.32 -12.12
C ILE HA 416 69.72 78.26 -11.52
N GLY HA 417 68.48 78.66 -11.23
CA GLY HA 417 67.54 77.71 -10.67
C GLY HA 417 67.97 77.11 -9.36
N GLU HA 418 68.94 77.72 -8.68
CA GLU HA 418 69.42 77.24 -7.39
C GLU HA 418 69.54 78.45 -6.47
N ARG HA 419 68.60 78.60 -5.55
CA ARG HA 419 68.59 79.75 -4.66
C ARG HA 419 69.60 79.55 -3.53
N VAL HA 420 69.65 80.55 -2.64
CA VAL HA 420 70.46 80.44 -1.44
C VAL HA 420 69.88 79.41 -0.47
N THR HA 421 68.58 79.14 -0.54
CA THR HA 421 67.93 78.28 0.43
C THR HA 421 68.56 76.90 0.48
N SER HA 422 69.18 76.44 -0.62
CA SER HA 422 69.84 75.14 -0.59
C SER HA 422 70.99 75.15 0.41
N LEU HA 423 71.76 76.23 0.45
CA LEU HA 423 72.85 76.39 1.40
C LEU HA 423 72.37 77.23 2.59
N ASP HA 424 73.30 77.57 3.48
CA ASP HA 424 73.00 78.35 4.68
C ASP HA 424 73.91 79.55 4.76
N ASP HA 425 73.34 80.69 5.17
CA ASP HA 425 74.08 81.95 5.28
C ASP HA 425 74.65 82.38 3.93
N TYR HA 426 73.70 82.72 3.04
CA TYR HA 426 74.07 83.22 1.69
C TYR HA 426 73.07 84.32 1.37
N LYS HA 427 73.51 85.59 1.38
CA LYS HA 427 72.64 86.74 1.04
C LYS HA 427 72.18 86.61 -0.42
N GLU HA 428 71.01 87.20 -0.73
CA GLU HA 428 70.49 87.16 -2.12
C GLU HA 428 70.77 88.52 -2.79
N LEU HA 429 71.62 88.52 -3.83
CA LEU HA 429 71.88 89.77 -4.58
C LEU HA 429 70.73 90.05 -5.55
N SER HA 430 70.48 89.13 -6.49
CA SER HA 430 69.45 89.35 -7.49
C SER HA 430 68.90 88.00 -7.95
N TYR HA 431 67.57 87.91 -8.03
CA TYR HA 431 66.90 86.75 -8.58
C TYR HA 431 65.81 87.22 -9.51
N PHE HA 432 65.75 86.62 -10.70
CA PHE HA 432 64.76 87.01 -11.69
C PHE HA 432 64.68 85.94 -12.78
N TRP HA 433 63.48 85.44 -13.06
CA TRP HA 433 63.33 84.38 -14.05
C TRP HA 433 63.61 84.92 -15.45
N VAL HA 434 64.22 84.07 -16.28
CA VAL HA 434 64.57 84.44 -17.64
C VAL HA 434 64.43 83.21 -18.55
N PHE HA 435 64.45 83.46 -19.86
CA PHE HA 435 64.42 82.38 -20.83
C PHE HA 435 65.83 81.84 -21.04
N PRO HA 436 66.13 80.59 -20.66
CA PRO HA 436 67.45 80.04 -20.97
C PRO HA 436 67.71 79.87 -22.46
N ASP HA 437 66.66 79.85 -23.29
CA ASP HA 437 66.80 79.68 -24.72
C ASP HA 437 66.05 80.80 -25.44
N SER HA 438 66.27 80.90 -26.74
CA SER HA 438 65.67 81.96 -27.52
C SER HA 438 64.24 81.58 -27.90
N VAL HA 439 63.48 82.59 -28.29
CA VAL HA 439 62.11 82.41 -28.77
C VAL HA 439 61.95 83.18 -30.05
N GLN HA 440 60.98 82.78 -30.87
CA GLN HA 440 60.76 83.43 -32.14
C GLN HA 440 60.44 84.91 -31.95
N LYS HA 441 61.35 85.76 -32.40
CA LYS HA 441 61.15 87.20 -32.53
C LYS HA 441 60.83 87.89 -31.21
N PHE HA 442 61.08 87.25 -30.07
CA PHE HA 442 60.94 87.93 -28.77
C PHE HA 442 62.26 87.99 -28.02
N ALA HA 443 62.91 86.87 -27.77
CA ALA HA 443 64.11 86.81 -26.95
C ALA HA 443 65.30 86.50 -27.85
N MET HA 444 65.96 87.55 -28.34
CA MET HA 444 67.06 87.40 -29.27
C MET HA 444 68.38 87.93 -28.76
N GLU HA 445 68.38 88.83 -27.78
CA GLU HA 445 69.62 89.35 -27.22
C GLU HA 445 70.10 88.44 -26.10
N MET HA 446 71.42 88.38 -25.92
CA MET HA 446 72.08 87.34 -25.14
C MET HA 446 72.78 87.92 -23.92
N TYR HA 447 72.86 87.10 -22.86
CA TYR HA 447 73.66 87.40 -21.69
C TYR HA 447 74.39 86.14 -21.25
N GLY HA 448 75.65 86.30 -20.88
CA GLY HA 448 76.46 85.17 -20.46
C GLY HA 448 77.15 85.46 -19.14
N VAL HA 449 77.39 84.40 -18.38
CA VAL HA 449 77.97 84.49 -17.04
C VAL HA 449 79.37 83.88 -17.10
N SER HA 450 80.33 84.60 -16.53
CA SER HA 450 81.69 84.11 -16.35
C SER HA 450 82.21 84.57 -15.00
N LYS HA 451 83.02 83.72 -14.37
CA LYS HA 451 83.55 83.96 -13.03
C LYS HA 451 85.03 83.62 -12.97
N VAL HA 452 85.77 84.41 -12.20
CA VAL HA 452 87.20 84.17 -12.04
C VAL HA 452 87.43 83.32 -10.79
N PRO HA 453 88.03 82.13 -10.92
CA PRO HA 453 88.18 81.28 -9.73
C PRO HA 453 88.96 81.93 -8.60
N THR HA 454 90.01 82.68 -8.92
CA THR HA 454 90.84 83.25 -7.87
C THR HA 454 90.08 84.29 -7.06
N ARG HA 455 89.32 85.15 -7.74
CA ARG HA 455 88.55 86.19 -7.09
C ARG HA 455 87.16 86.22 -7.70
N ASN HA 456 86.14 86.28 -6.84
CA ASN HA 456 84.76 86.20 -7.29
C ASN HA 456 84.30 87.53 -7.87
N TYR HA 457 84.98 87.98 -8.92
CA TYR HA 457 84.57 89.18 -9.65
C TYR HA 457 83.60 88.73 -10.73
N MET HA 458 82.31 88.92 -10.47
CA MET HA 458 81.29 88.52 -11.44
C MET HA 458 81.60 89.12 -12.79
N ARG HA 459 81.72 88.27 -13.81
CA ARG HA 459 82.01 88.68 -15.18
C ARG HA 459 80.84 88.21 -16.03
N VAL HA 460 79.79 89.04 -16.06
CA VAL HA 460 78.63 88.80 -16.90
C VAL HA 460 78.71 89.77 -18.07
N TYR HA 461 78.57 89.25 -19.28
CA TYR HA 461 78.76 90.04 -20.48
C TYR HA 461 77.82 89.55 -21.57
N ALA HA 462 77.68 90.35 -22.61
CA ALA HA 462 76.87 89.99 -23.77
C ALA HA 462 77.62 88.94 -24.59
N ALA HA 463 77.29 87.67 -24.36
CA ALA HA 463 78.01 86.57 -24.98
C ALA HA 463 77.54 86.37 -26.42
N ASP HA 464 78.06 85.32 -27.04
CA ASP HA 464 77.72 85.03 -28.46
C ASP HA 464 77.48 83.52 -28.58
N GLN HA 465 76.95 83.07 -29.72
CA GLN HA 465 76.74 81.64 -29.93
C GLN HA 465 78.07 80.90 -29.91
N SER HA 466 79.15 81.60 -30.25
CA SER HA 466 80.50 80.98 -30.24
C SER HA 466 81.03 80.90 -28.80
N ASP HA 467 80.65 81.87 -27.95
CA ASP HA 467 81.06 81.79 -26.51
C ASP HA 467 80.56 80.45 -25.96
N ILE HA 468 79.40 80.00 -26.41
CA ILE HA 468 78.90 78.65 -25.99
C ILE HA 468 79.83 77.60 -26.59
N GLU HA 469 80.02 77.62 -27.91
CA GLU HA 469 80.90 76.63 -28.59
C GLU HA 469 82.23 76.52 -27.84
N ASN HA 470 82.95 77.64 -27.68
CA ASN HA 470 84.24 77.64 -26.94
C ASN HA 470 84.03 78.35 -25.60
N PRO HA 471 83.72 77.64 -24.50
CA PRO HA 471 83.42 78.28 -23.18
C PRO HA 471 84.69 78.60 -22.41
N ARG HA 472 84.70 79.74 -21.72
CA ARG HA 472 85.82 80.11 -20.89
C ARG HA 472 85.75 79.37 -19.55
N PRO HA 473 86.85 79.30 -18.81
CA PRO HA 473 86.82 78.59 -17.53
C PRO HA 473 85.78 79.17 -16.58
N TYR HA 474 85.09 78.31 -15.83
CA TYR HA 474 84.14 78.79 -14.79
C TYR HA 474 83.00 79.63 -15.39
N GLN HA 475 82.70 79.45 -16.67
CA GLN HA 475 81.57 80.15 -17.26
C GLN HA 475 80.33 79.32 -16.99
N ARG HA 476 79.42 79.86 -16.17
CA ARG HA 476 78.35 79.04 -15.63
C ARG HA 476 77.21 78.83 -16.63
N PHE HA 477 76.54 79.91 -17.01
CA PHE HA 477 75.34 79.79 -17.81
C PHE HA 477 75.16 81.02 -18.69
N TRP HA 478 74.37 80.86 -19.74
CA TRP HA 478 74.04 81.94 -20.67
C TRP HA 478 72.54 81.96 -20.91
N PHE HA 479 71.99 83.16 -21.06
CA PHE HA 479 70.55 83.33 -21.13
C PHE HA 479 70.21 84.45 -22.10
N TYR HA 480 69.01 84.36 -22.67
CA TYR HA 480 68.49 85.32 -23.61
C TYR HA 480 67.45 86.20 -22.95
N VAL HA 481 67.49 87.49 -23.24
CA VAL HA 481 66.57 88.48 -22.69
C VAL HA 481 65.72 89.04 -23.81
N PRO HA 482 64.47 89.43 -23.56
CA PRO HA 482 63.62 89.93 -24.64
C PRO HA 482 64.22 91.14 -25.35
N SER HA 483 64.01 91.17 -26.66
CA SER HA 483 64.48 92.27 -27.50
C SER HA 483 63.42 93.36 -27.56
N ALA HA 484 63.83 94.59 -27.27
CA ALA HA 484 62.90 95.72 -27.29
C ALA HA 484 62.41 96.06 -28.70
N ASN HA 485 63.04 95.49 -29.73
CA ASN HA 485 62.65 95.79 -31.10
C ASN HA 485 61.33 95.14 -31.50
N SER HA 486 60.77 94.27 -30.66
CA SER HA 486 59.51 93.63 -31.01
C SER HA 486 58.41 94.68 -31.12
N PRO HA 487 57.55 94.61 -32.13
CA PRO HA 487 56.49 95.62 -32.28
C PRO HA 487 55.34 95.35 -31.32
N PRO HA 488 54.89 96.35 -30.55
CA PRO HA 488 53.77 96.12 -29.64
C PRO HA 488 52.42 96.26 -30.33
N GLY IA 2 16.79 -72.34 19.53
CA GLY IA 2 16.87 -71.42 18.42
C GLY IA 2 16.61 -69.98 18.82
N GLU IA 3 17.62 -69.32 19.37
CA GLU IA 3 17.49 -67.92 19.76
C GLU IA 3 18.65 -67.10 19.21
N VAL IA 4 19.79 -67.73 18.96
CA VAL IA 4 20.96 -67.04 18.43
C VAL IA 4 21.54 -67.87 17.30
N VAL IA 5 22.34 -67.21 16.46
CA VAL IA 5 22.98 -67.88 15.33
C VAL IA 5 24.28 -67.15 15.01
N PRO IA 6 25.37 -67.86 14.70
CA PRO IA 6 26.61 -67.16 14.35
C PRO IA 6 26.43 -66.31 13.10
N TYR IA 7 27.13 -65.18 13.09
CA TYR IA 7 27.01 -64.26 11.98
C TYR IA 7 27.45 -64.92 10.67
N LYS IA 8 26.67 -64.73 9.62
CA LYS IA 8 27.01 -65.19 8.28
C LYS IA 8 27.03 -63.98 7.35
N ALA IA 9 28.12 -63.81 6.63
CA ALA IA 9 28.30 -62.60 5.84
C ALA IA 9 27.14 -62.43 4.87
N GLY IA 10 26.78 -61.17 4.63
CA GLY IA 10 25.64 -60.85 3.79
C GLY IA 10 24.33 -60.73 4.53
N MET IA 11 24.30 -61.08 5.81
CA MET IA 11 23.06 -60.99 6.57
C MET IA 11 22.54 -59.57 6.57
N GLN IA 12 21.25 -59.42 6.36
CA GLN IA 12 20.58 -58.12 6.37
C GLN IA 12 19.53 -58.14 7.46
N ARG IA 13 19.54 -57.11 8.30
CA ARG IA 13 18.58 -57.05 9.39
C ARG IA 13 17.16 -57.14 8.84
N GLY IA 14 16.34 -57.97 9.48
CA GLY IA 14 14.96 -58.11 9.07
C GLY IA 14 14.80 -58.98 7.84
N GLN IA 15 15.22 -60.24 7.93
CA GLN IA 15 15.09 -61.18 6.84
C GLN IA 15 14.72 -62.55 7.39
N GLY IA 16 14.06 -63.34 6.56
CA GLY IA 16 13.67 -64.67 6.97
C GLY IA 16 14.87 -65.58 7.16
N TYR IA 17 14.68 -66.59 8.00
CA TYR IA 17 15.74 -67.54 8.32
C TYR IA 17 15.12 -68.93 8.44
N ASN IA 18 15.49 -69.81 7.53
CA ASN IA 18 15.03 -71.20 7.57
C ASN IA 18 15.89 -71.94 8.58
N THR IA 19 15.38 -72.05 9.81
CA THR IA 19 16.21 -72.55 10.90
C THR IA 19 16.70 -73.96 10.68
N TYR IA 20 15.94 -74.78 9.93
CA TYR IA 20 16.38 -76.13 9.64
C TYR IA 20 17.55 -76.12 8.66
N LEU IA 21 17.34 -75.55 7.47
CA LEU IA 21 18.40 -75.48 6.48
C LEU IA 21 19.47 -74.46 6.84
N GLN IA 22 19.25 -73.63 7.87
CA GLN IA 22 20.23 -72.64 8.31
C GLN IA 22 20.64 -71.72 7.17
N SER IA 23 19.78 -71.55 6.19
CA SER IA 23 20.05 -70.69 5.05
C SER IA 23 19.45 -69.32 5.31
N LEU IA 24 19.50 -68.45 4.31
CA LEU IA 24 18.95 -67.11 4.39
C LEU IA 24 17.73 -67.01 3.47
N CYS IA 25 16.74 -66.25 3.91
CA CYS IA 25 15.50 -66.11 3.16
C CYS IA 25 15.18 -64.63 2.91
N VAL IA 26 13.96 -64.35 2.44
CA VAL IA 26 13.64 -63.04 1.90
C VAL IA 26 14.13 -61.95 2.83
N LYS IA 27 14.67 -60.89 2.24
CA LYS IA 27 15.15 -59.74 2.99
C LYS IA 27 14.08 -58.66 3.03
N ASP IA 28 14.01 -57.96 4.17
CA ASP IA 28 13.09 -56.84 4.35
C ASP IA 28 11.66 -57.30 4.54
N ALA IA 29 11.46 -58.48 5.11
CA ALA IA 29 10.12 -58.88 5.52
C ALA IA 29 9.68 -58.14 6.77
N VAL IA 30 10.63 -57.76 7.61
CA VAL IA 30 10.34 -57.07 8.87
C VAL IA 30 11.09 -55.74 8.87
N THR IA 31 10.39 -54.66 9.12
CA THR IA 31 10.97 -53.33 9.26
C THR IA 31 11.04 -52.98 10.74
N ILE IA 32 12.23 -52.65 11.21
CA ILE IA 32 12.45 -52.26 12.60
C ILE IA 32 12.70 -50.77 12.63
N GLU IA 33 11.85 -50.03 13.34
CA GLU IA 33 11.98 -48.60 13.50
C GLU IA 33 12.75 -48.32 14.79
N ARG IA 34 13.87 -47.62 14.67
CA ARG IA 34 14.65 -47.20 15.83
C ARG IA 34 14.02 -45.92 16.37
N HIS IA 35 13.14 -46.07 17.36
CA HIS IA 35 12.48 -44.89 17.92
C HIS IA 35 13.49 -43.95 18.55
N ASP IA 36 14.46 -44.49 19.28
CA ASP IA 36 15.47 -43.70 19.97
C ASP IA 36 16.84 -44.08 19.47
N ASP IA 37 17.65 -43.08 19.15
CA ASP IA 37 19.01 -43.31 18.67
C ASP IA 37 19.95 -43.35 19.87
N SER IA 38 20.25 -44.55 20.33
CA SER IA 38 21.15 -44.72 21.47
C SER IA 38 21.68 -46.15 21.46
N ASN IA 39 22.97 -46.29 21.74
CA ASN IA 39 23.56 -47.62 21.78
C ASN IA 39 23.03 -48.39 22.97
N PRO IA 40 22.88 -49.71 22.84
CA PRO IA 40 22.28 -50.49 23.92
C PRO IA 40 23.25 -50.68 25.07
N PRO IA 41 22.77 -51.12 26.23
CA PRO IA 41 23.66 -51.39 27.36
C PRO IA 41 24.66 -52.49 27.03
N PHE IA 42 25.85 -52.38 27.62
CA PHE IA 42 26.96 -53.24 27.25
C PHE IA 42 27.64 -53.79 28.50
N LYS IA 43 28.33 -54.91 28.32
CA LYS IA 43 29.05 -55.59 29.39
C LYS IA 43 30.52 -55.69 29.00
N LYS IA 44 31.39 -55.32 29.93
CA LYS IA 44 32.82 -55.25 29.68
C LYS IA 44 33.59 -56.24 30.55
N GLU IA 45 34.72 -56.69 30.03
CA GLU IA 45 35.68 -57.49 30.77
C GLU IA 45 37.08 -56.97 30.48
N TYR IA 46 38.00 -57.20 31.42
CA TYR IA 46 39.37 -56.72 31.26
C TYR IA 46 40.29 -57.59 32.13
N TYR IA 47 40.97 -58.53 31.50
CA TYR IA 47 41.97 -59.37 32.16
C TYR IA 47 43.35 -58.89 31.71
N SER IA 48 44.20 -58.53 32.67
CA SER IA 48 45.50 -57.97 32.37
C SER IA 48 46.59 -58.65 33.18
N GLU IA 49 47.75 -58.83 32.56
CA GLU IA 49 48.92 -59.39 33.23
C GLU IA 49 50.15 -58.57 32.84
N PHE IA 50 51.01 -58.31 33.82
CA PHE IA 50 52.27 -57.61 33.58
C PHE IA 50 53.35 -58.40 34.30
N ILE IA 51 54.00 -59.31 33.58
CA ILE IA 51 54.92 -60.25 34.20
C ILE IA 51 56.17 -59.52 34.70
N GLU IA 52 56.86 -60.16 35.63
CA GLU IA 52 57.92 -59.52 36.39
C GLU IA 52 58.95 -58.87 35.48
N GLU IA 53 59.70 -57.92 36.05
CA GLU IA 53 60.84 -57.31 35.39
C GLU IA 53 62.08 -58.06 35.84
N TYR IA 54 62.56 -58.99 35.01
CA TYR IA 54 63.71 -59.80 35.35
C TYR IA 54 64.95 -58.92 35.29
N GLU IA 55 65.14 -58.14 36.37
CA GLU IA 55 66.30 -57.23 36.45
C GLU IA 55 67.43 -57.93 37.23
N LYS IA 56 68.50 -58.28 36.54
CA LYS IA 56 69.61 -59.00 37.15
C LYS IA 56 70.91 -58.32 36.73
N ILE IA 57 71.58 -57.66 37.67
CA ILE IA 57 72.89 -57.09 37.45
C ILE IA 57 73.90 -57.97 38.18
N ALA IA 58 74.85 -58.54 37.46
CA ALA IA 58 75.98 -59.23 38.04
C ALA IA 58 77.24 -58.53 37.55
N LYS IA 59 78.09 -58.11 38.48
CA LYS IA 59 79.23 -57.26 38.17
C LYS IA 59 80.48 -57.80 38.85
N SER IA 60 81.63 -57.64 38.21
CA SER IA 60 82.88 -58.22 38.66
C SER IA 60 83.91 -57.13 38.92
N MET IA 61 84.71 -57.31 39.98
CA MET IA 61 85.84 -56.36 40.23
C MET IA 61 87.00 -57.16 40.83
N ARG IA 62 87.95 -57.58 39.99
CA ARG IA 62 89.08 -58.41 40.36
C ARG IA 62 90.36 -57.60 40.17
N ILE IA 63 91.09 -57.39 41.26
CA ILE IA 63 92.34 -56.65 41.23
C ILE IA 63 93.43 -57.52 41.86
N SER IA 64 94.64 -57.39 41.34
CA SER IA 64 95.77 -58.15 41.87
C SER IA 64 97.05 -57.40 41.51
N ALA IA 65 97.83 -57.06 42.54
CA ALA IA 65 99.09 -56.36 42.32
C ALA IA 65 100.05 -56.71 43.46
N GLY IA 66 101.33 -56.68 43.15
CA GLY IA 66 102.36 -56.97 44.12
C GLY IA 66 103.74 -57.10 43.52
N VAL IA 78 109.62 -54.90 39.51
CA VAL IA 78 108.78 -55.89 38.84
C VAL IA 78 107.44 -55.98 39.55
N ASN IA 79 106.62 -54.94 39.37
CA ASN IA 79 105.30 -54.87 39.96
C ASN IA 79 104.25 -55.03 38.87
N VAL IA 80 103.29 -55.92 39.11
CA VAL IA 80 102.26 -56.22 38.12
C VAL IA 80 100.92 -55.77 38.66
N ASP IA 81 99.99 -55.51 37.74
CA ASP IA 81 98.64 -55.10 38.07
C ASP IA 81 97.65 -55.87 37.20
N ILE IA 82 96.48 -56.17 37.77
CA ILE IA 82 95.39 -56.79 37.03
C ILE IA 82 94.10 -56.11 37.45
N LEU IA 83 93.29 -55.72 36.48
CA LEU IA 83 92.05 -54.98 36.74
C LEU IA 83 90.99 -55.51 35.78
N ASN IA 84 90.13 -56.41 36.27
CA ASN IA 84 89.13 -57.07 35.44
C ASN IA 84 87.73 -56.68 35.89
N ARG IA 85 86.88 -56.32 34.94
CA ARG IA 85 85.51 -55.93 35.20
C ARG IA 85 84.55 -56.77 34.35
N SER IA 86 83.31 -56.86 34.82
CA SER IA 86 82.25 -57.47 34.04
C SER IA 86 80.93 -56.85 34.46
N GLU IA 87 79.92 -57.05 33.63
CA GLU IA 87 78.59 -56.51 33.92
C GLU IA 87 77.58 -57.24 33.07
N PHE IA 88 76.63 -57.91 33.72
CA PHE IA 88 75.59 -58.65 33.02
C PHE IA 88 74.23 -58.10 33.46
N GLU IA 89 73.45 -57.65 32.49
CA GLU IA 89 72.14 -57.08 32.76
C GLU IA 89 71.07 -57.90 32.06
N THR IA 90 69.91 -58.00 32.69
CA THR IA 90 68.77 -58.69 32.13
C THR IA 90 67.51 -57.89 32.41
N SER IA 91 66.55 -57.94 31.48
CA SER IA 91 65.27 -57.27 31.68
C SER IA 91 64.25 -57.95 30.77
N THR IA 92 63.43 -58.81 31.36
CA THR IA 92 62.36 -59.48 30.62
C THR IA 92 61.03 -58.90 31.10
N LEU IA 93 60.38 -58.14 30.23
CA LEU IA 93 59.06 -57.61 30.49
C LEU IA 93 58.07 -58.29 29.56
N THR IA 94 56.94 -58.71 30.11
CA THR IA 94 55.88 -59.31 29.31
C THR IA 94 54.55 -58.69 29.73
N TYR IA 95 53.63 -58.62 28.77
CA TYR IA 95 52.33 -58.01 29.02
C TYR IA 95 51.26 -58.79 28.26
N GLU IA 96 50.03 -58.70 28.74
CA GLU IA 96 48.91 -59.37 28.07
C GLU IA 96 47.60 -58.83 28.62
N VAL IA 97 46.69 -58.46 27.72
CA VAL IA 97 45.35 -58.05 28.10
C VAL IA 97 44.34 -58.77 27.22
N LYS IA 98 43.10 -58.80 27.67
CA LYS IA 98 42.02 -59.42 26.90
C LYS IA 98 40.72 -58.72 27.29
N VAL IA 99 40.23 -57.85 26.42
CA VAL IA 99 39.05 -57.04 26.69
C VAL IA 99 37.89 -57.59 25.86
N LEU IA 100 36.80 -57.93 26.54
CA LEU IA 100 35.60 -58.46 25.90
C LEU IA 100 34.44 -57.51 26.17
N VAL IA 101 33.78 -57.06 25.10
CA VAL IA 101 32.64 -56.17 25.20
C VAL IA 101 31.46 -56.83 24.50
N GLN IA 102 30.33 -56.89 25.18
CA GLN IA 102 29.11 -57.47 24.64
C GLN IA 102 27.94 -56.53 24.90
N HIS IA 103 27.27 -56.12 23.83
CA HIS IA 103 26.14 -55.23 23.95
C HIS IA 103 24.87 -56.04 24.19
N GLN IA 104 23.72 -55.38 24.21
CA GLN IA 104 22.43 -56.05 24.31
C GLN IA 104 21.50 -55.54 23.23
N VAL IA 105 20.28 -56.07 23.16
CA VAL IA 105 19.30 -55.67 22.18
C VAL IA 105 18.32 -54.70 22.83
N SER IA 106 18.14 -53.54 22.20
CA SER IA 106 17.28 -52.52 22.78
C SER IA 106 15.85 -53.02 22.90
N VAL IA 107 15.17 -52.59 23.96
CA VAL IA 107 13.83 -53.07 24.26
C VAL IA 107 12.76 -52.08 23.84
N LEU IA 108 13.13 -50.96 23.23
CA LEU IA 108 12.19 -49.89 22.88
C LEU IA 108 12.08 -49.71 21.37
N ASP IA 109 12.04 -50.82 20.64
CA ASP IA 109 11.88 -50.79 19.19
C ASP IA 109 10.54 -51.40 18.80
N LYS IA 110 10.10 -51.08 17.59
CA LYS IA 110 8.84 -51.58 17.06
C LYS IA 110 9.14 -52.50 15.88
N HIS IA 111 8.46 -53.65 15.85
CA HIS IA 111 8.65 -54.65 14.81
C HIS IA 111 7.36 -54.77 14.01
N SER IA 112 7.49 -54.78 12.68
CA SER IA 112 6.36 -54.87 11.78
C SER IA 112 6.63 -55.96 10.75
N PHE IA 113 5.57 -56.36 10.05
CA PHE IA 113 5.64 -57.43 9.06
C PHE IA 113 5.11 -56.93 7.72
N ASN IA 114 5.94 -57.01 6.69
CA ASN IA 114 5.59 -56.56 5.35
C ASN IA 114 5.19 -57.76 4.51
N LYS IA 115 4.24 -57.55 3.60
CA LYS IA 115 3.64 -58.63 2.83
C LYS IA 115 4.36 -58.78 1.50
N ILE IA 116 4.81 -60.00 1.20
CA ILE IA 116 5.33 -60.36 -0.11
C ILE IA 116 4.42 -61.43 -0.68
N GLN IA 117 3.90 -61.16 -1.89
CA GLN IA 117 2.95 -62.09 -2.54
C GLN IA 117 3.71 -63.28 -3.14
N THR IA 118 3.43 -64.48 -2.65
CA THR IA 118 4.07 -65.69 -3.15
C THR IA 118 3.10 -66.85 -3.07
N THR IA 119 3.25 -67.81 -3.98
CA THR IA 119 2.46 -69.03 -3.90
C THR IA 119 3.04 -70.00 -2.89
N THR IA 120 4.27 -69.77 -2.43
CA THR IA 120 4.93 -70.62 -1.46
C THR IA 120 5.50 -69.75 -0.35
N PRO IA 121 4.65 -69.12 0.47
CA PRO IA 121 5.18 -68.22 1.50
C PRO IA 121 6.08 -68.92 2.49
N HIS IA 122 5.95 -70.24 2.64
CA HIS IA 122 6.76 -70.98 3.59
C HIS IA 122 8.24 -70.95 3.20
N ALA IA 123 8.53 -71.19 1.92
CA ALA IA 123 9.91 -71.22 1.47
C ALA IA 123 10.49 -69.83 1.28
N THR IA 124 9.63 -68.82 1.13
CA THR IA 124 10.11 -67.45 0.99
C THR IA 124 10.36 -66.81 2.36
N TYR IA 125 9.35 -66.82 3.23
CA TYR IA 125 9.51 -66.20 4.54
C TYR IA 125 10.39 -67.04 5.45
N GLY IA 126 10.19 -68.36 5.45
CA GLY IA 126 10.93 -69.23 6.34
C GLY IA 126 10.19 -69.46 7.65
N ASP IA 127 10.93 -69.43 8.76
CA ASP IA 127 10.34 -69.59 10.09
C ASP IA 127 10.54 -68.36 10.96
N ARG IA 128 11.77 -67.86 11.09
CA ARG IA 128 12.09 -66.78 12.00
C ARG IA 128 12.86 -65.69 11.26
N PHE IA 129 12.75 -64.47 11.78
CA PHE IA 129 13.36 -63.29 11.18
C PHE IA 129 14.46 -62.74 12.09
N ILE IA 130 15.33 -61.93 11.49
CA ILE IA 130 16.49 -61.37 12.18
C ILE IA 130 16.07 -60.01 12.74
N ALA IA 131 15.78 -59.97 14.04
CA ALA IA 131 15.28 -58.75 14.65
C ALA IA 131 16.39 -57.76 14.94
N ASP IA 132 17.33 -58.15 15.79
CA ASP IA 132 18.43 -57.28 16.17
C ASP IA 132 19.72 -58.09 16.17
N PHE IA 133 20.83 -57.41 15.93
CA PHE IA 133 22.15 -58.04 15.90
C PHE IA 133 22.85 -57.82 17.23
N ILE IA 134 23.30 -58.91 17.84
CA ILE IA 134 24.08 -58.82 19.06
C ILE IA 134 25.49 -58.35 18.70
N LYS IA 135 25.87 -57.20 19.25
CA LYS IA 135 27.14 -56.58 18.90
C LYS IA 135 28.13 -56.71 20.06
N GLY IA 136 29.41 -56.57 19.73
CA GLY IA 136 30.46 -56.70 20.72
C GLY IA 136 31.82 -56.29 20.21
N GLY IA 137 32.86 -56.74 20.90
CA GLY IA 137 34.22 -56.39 20.53
C GLY IA 137 35.21 -57.30 21.25
N HIS IA 138 36.48 -57.14 20.89
CA HIS IA 138 37.51 -58.04 21.40
C HIS IA 138 38.85 -57.33 21.38
N PHE IA 139 39.73 -57.71 22.31
CA PHE IA 139 41.08 -57.20 22.32
C PHE IA 139 42.01 -58.30 22.79
N TYR IA 140 43.25 -58.25 22.31
CA TYR IA 140 44.23 -59.28 22.65
C TYR IA 140 45.62 -58.72 22.34
N ALA IA 141 46.43 -58.53 23.37
CA ALA IA 141 47.75 -57.93 23.19
C ALA IA 141 48.79 -58.77 23.90
N ARG IA 142 50.00 -58.76 23.36
CA ARG IA 142 51.15 -59.42 23.97
C ARG IA 142 52.40 -58.60 23.66
N VAL IA 143 53.10 -58.17 24.70
CA VAL IA 143 54.38 -57.49 24.56
C VAL IA 143 55.43 -58.39 25.20
N SER IA 144 56.55 -58.57 24.49
CA SER IA 144 57.65 -59.40 24.98
C SER IA 144 58.93 -58.58 24.79
N ILE IA 145 59.27 -57.77 25.78
CA ILE IA 145 60.49 -56.98 25.75
C ILE IA 145 61.62 -57.84 26.30
N THR IA 146 62.60 -58.16 25.45
CA THR IA 146 63.71 -59.05 25.84
C THR IA 146 64.72 -58.28 26.65
N ALA IA 147 65.71 -58.97 27.24
CA ALA IA 147 66.75 -58.36 28.09
C ALA IA 147 67.64 -57.40 27.29
N LYS IA 148 68.52 -56.67 27.98
CA LYS IA 148 69.50 -55.81 27.30
C LYS IA 148 70.75 -56.65 27.13
N ASN IA 149 71.02 -57.57 28.06
CA ASN IA 149 72.25 -58.35 28.07
C ASN IA 149 73.47 -57.44 27.94
N SER IA 150 73.49 -56.40 28.76
CA SER IA 150 74.67 -55.55 28.82
C SER IA 150 75.87 -56.40 29.22
N SER IA 151 76.99 -56.18 28.54
CA SER IA 151 78.17 -57.01 28.74
C SER IA 151 79.42 -56.18 28.91
N GLU IA 152 79.38 -55.15 29.76
CA GLU IA 152 80.54 -54.32 30.01
C GLU IA 152 81.62 -55.17 30.66
N THR IA 153 82.76 -55.31 29.97
CA THR IA 153 83.91 -56.03 30.49
C THR IA 153 85.18 -55.21 30.18
N SER IA 154 86.24 -55.49 30.93
CA SER IA 154 87.49 -54.79 30.72
C SER IA 154 88.61 -55.50 31.47
N GLU IA 155 89.84 -55.28 31.02
CA GLU IA 155 91.02 -55.87 31.64
C GLU IA 155 92.15 -54.85 31.53
N LEU IA 156 93.07 -54.89 32.48
CA LEU IA 156 94.24 -54.01 32.46
C LEU IA 156 95.43 -54.76 33.04
N LYS IA 157 96.63 -54.41 32.57
CA LYS IA 157 97.87 -55.11 32.95
C LYS IA 157 99.02 -54.11 32.95
N GLN IA 158 99.52 -53.77 34.14
CA GLN IA 158 100.63 -52.83 34.29
C GLN IA 158 101.83 -53.56 34.90
N SER IA 159 102.73 -54.01 34.05
CA SER IA 159 103.96 -54.63 34.50
C SER IA 159 105.05 -53.59 34.59
N ALA IA 160 105.52 -53.33 35.81
CA ALA IA 160 106.56 -52.34 36.05
C ALA IA 160 106.17 -50.98 35.47
N THR IA 174 110.88 -50.20 31.87
CA THR IA 174 109.97 -51.15 31.25
C THR IA 174 108.52 -50.92 31.72
N GLN IA 175 107.59 -51.01 30.78
CA GLN IA 175 106.19 -50.73 31.06
C GLN IA 175 105.34 -51.57 30.13
N GLU IA 176 104.09 -51.78 30.53
CA GLU IA 176 103.17 -52.57 29.72
C GLU IA 176 101.74 -52.19 30.07
N VAL IA 177 100.90 -52.04 29.05
CA VAL IA 177 99.48 -51.77 29.22
C VAL IA 177 98.70 -52.65 28.26
N GLU IA 178 97.60 -53.23 28.75
CA GLU IA 178 96.79 -54.17 27.96
C GLU IA 178 95.33 -53.95 28.34
N ARG IA 179 94.59 -53.27 27.46
CA ARG IA 179 93.16 -53.02 27.66
C ARG IA 179 92.31 -53.61 26.53
N ALA IA 180 92.73 -54.72 25.95
CA ALA IA 180 92.00 -55.33 24.84
C ALA IA 180 90.83 -56.18 25.34
N VAL IA 181 89.97 -55.59 26.16
CA VAL IA 181 88.77 -56.25 26.64
C VAL IA 181 87.68 -55.21 26.77
N SER IA 182 86.60 -55.36 26.00
CA SER IA 182 85.49 -54.43 26.05
C SER IA 182 84.35 -55.00 25.22
N SER IA 183 83.13 -54.91 25.74
CA SER IA 183 81.96 -55.39 25.03
C SER IA 183 80.74 -54.65 25.57
N ILE IA 184 79.66 -54.67 24.79
CA ILE IA 184 78.46 -53.91 25.12
C ILE IA 184 77.23 -54.79 24.91
N LYS IA 185 76.07 -54.27 25.33
CA LYS IA 185 74.82 -54.99 25.26
C LYS IA 185 74.50 -55.42 23.84
N ARG IA 186 73.86 -56.58 23.72
CA ARG IA 186 73.27 -56.98 22.44
C ARG IA 186 72.02 -57.78 22.78
N ASN IA 187 70.91 -57.07 22.95
CA ASN IA 187 69.59 -57.69 22.95
C ASN IA 187 68.52 -56.61 23.03
N ALA IA 188 67.55 -56.65 22.11
CA ALA IA 188 66.38 -55.78 22.21
C ALA IA 188 65.30 -56.39 21.31
N SER IA 189 64.36 -57.11 21.91
CA SER IA 189 63.28 -57.76 21.17
C SER IA 189 61.96 -57.21 21.65
N VAL IA 190 61.15 -56.70 20.72
CA VAL IA 190 59.82 -56.20 21.02
C VAL IA 190 58.86 -56.94 20.12
N LYS IA 191 58.23 -57.99 20.65
CA LYS IA 191 57.19 -58.71 19.94
C LYS IA 191 55.84 -58.17 20.37
N ILE IA 192 55.08 -57.64 19.42
CA ILE IA 192 53.76 -57.08 19.69
C ILE IA 192 52.76 -57.79 18.79
N THR IA 193 51.70 -58.33 19.40
CA THR IA 193 50.56 -58.83 18.66
C THR IA 193 49.32 -58.14 19.19
N ILE IA 194 48.53 -57.55 18.29
CA ILE IA 194 47.30 -56.86 18.67
C ILE IA 194 46.19 -57.38 17.79
N ILE IA 195 45.14 -57.93 18.41
CA ILE IA 195 43.99 -58.46 17.68
C ILE IA 195 42.77 -57.70 18.17
N GLU IA 196 42.09 -57.00 17.25
CA GLU IA 196 41.01 -56.10 17.61
C GLU IA 196 39.79 -56.37 16.75
N SER IA 197 38.62 -56.16 17.35
CA SER IA 197 37.33 -56.20 16.66
C SER IA 197 36.52 -55.02 17.19
N THR IA 198 36.65 -53.88 16.52
CA THR IA 198 36.02 -52.66 16.99
C THR IA 198 35.22 -52.00 15.87
N GLY IA 199 34.73 -50.79 16.11
CA GLY IA 199 33.92 -50.09 15.14
C GLY IA 199 34.38 -48.66 14.96
N THR IA 200 33.96 -48.08 13.84
CA THR IA 200 34.31 -46.71 13.50
C THR IA 200 33.52 -45.73 14.33
N SER IA 201 34.09 -44.54 14.52
CA SER IA 201 33.41 -43.48 15.26
C SER IA 201 32.17 -43.01 14.49
N SER IA 216 58.98 -47.36 25.06
CA SER IA 216 57.72 -47.19 25.76
C SER IA 216 56.62 -47.98 25.07
N ASP IA 217 56.99 -49.10 24.44
CA ASP IA 217 55.99 -49.90 23.74
C ASP IA 217 55.06 -50.58 24.73
N LEU IA 218 55.52 -50.88 25.94
CA LEU IA 218 54.62 -51.42 26.95
C LEU IA 218 53.53 -50.43 27.30
N LEU IA 219 53.88 -49.14 27.44
CA LEU IA 219 52.88 -48.13 27.74
C LEU IA 219 51.97 -47.87 26.55
N ALA IA 220 52.50 -47.91 25.33
CA ALA IA 220 51.68 -47.65 24.15
C ALA IA 220 50.55 -48.67 24.04
N VAL IA 221 50.87 -49.95 24.25
CA VAL IA 221 49.84 -50.98 24.22
C VAL IA 221 48.84 -50.73 25.33
N LYS IA 222 49.32 -50.26 26.49
CA LYS IA 222 48.42 -50.03 27.62
C LYS IA 222 47.40 -48.94 27.30
N GLU IA 223 47.84 -47.86 26.65
CA GLU IA 223 46.91 -46.77 26.36
C GLU IA 223 45.81 -47.23 25.42
N LYS IA 224 46.16 -47.97 24.37
CA LYS IA 224 45.12 -48.54 23.50
C LYS IA 224 44.26 -49.53 24.27
N ALA IA 225 44.87 -50.32 25.16
CA ALA IA 225 44.09 -51.24 25.97
C ALA IA 225 43.16 -50.49 26.92
N ASP IA 226 43.67 -49.44 27.58
CA ASP IA 226 42.80 -48.66 28.46
C ASP IA 226 41.83 -47.81 27.66
N GLN IA 227 42.30 -47.18 26.59
CA GLN IA 227 41.38 -46.41 25.74
C GLN IA 227 40.27 -47.30 25.20
N PHE IA 228 40.56 -48.58 24.98
CA PHE IA 228 39.50 -49.48 24.54
C PHE IA 228 38.41 -49.56 25.60
N TYR IA 229 38.83 -49.68 26.86
CA TYR IA 229 37.87 -49.71 27.99
C TYR IA 229 37.05 -48.44 27.92
N LYS IA 230 37.72 -47.28 27.95
CA LYS IA 230 36.99 -46.01 27.95
C LYS IA 230 36.22 -45.83 26.65
N ASP IA 231 36.76 -46.34 25.54
CA ASP IA 231 36.09 -46.18 24.25
C ASP IA 231 34.73 -46.85 24.27
N ALA IA 232 34.60 -47.99 24.93
CA ALA IA 232 33.32 -48.69 24.98
C ALA IA 232 32.23 -47.79 25.55
N ASP IA 233 32.56 -47.05 26.61
CA ASP IA 233 31.56 -46.14 27.25
C ASP IA 233 30.88 -45.31 26.17
N SER IA 234 31.67 -44.74 25.25
CA SER IA 234 31.11 -43.93 24.17
C SER IA 234 30.24 -44.76 23.24
N GLY IA 235 30.26 -46.09 23.37
CA GLY IA 235 29.41 -46.93 22.56
C GLY IA 235 29.77 -46.96 21.09
N LYS IA 236 31.06 -46.99 20.77
CA LYS IA 236 31.52 -47.16 19.40
C LYS IA 236 31.94 -48.58 19.09
N HIS IA 237 31.76 -49.53 20.01
CA HIS IA 237 32.16 -50.92 19.81
C HIS IA 237 30.96 -51.66 19.22
N SER IA 238 30.72 -51.42 17.94
CA SER IA 238 29.59 -52.02 17.24
C SER IA 238 30.17 -52.98 16.21
N TYR IA 239 30.43 -54.21 16.64
CA TYR IA 239 30.85 -55.29 15.76
C TYR IA 239 29.83 -56.40 15.86
N VAL IA 240 29.38 -56.90 14.70
CA VAL IA 240 28.31 -57.86 14.67
C VAL IA 240 28.86 -59.22 15.09
N LEU IA 241 28.28 -59.80 16.15
CA LEU IA 241 28.70 -61.11 16.65
C LEU IA 241 27.61 -62.15 16.47
N PHE IA 242 26.42 -61.91 17.01
CA PHE IA 242 25.32 -62.87 16.98
C PHE IA 242 24.06 -62.19 16.47
N ALA IA 243 23.13 -63.00 16.00
CA ALA IA 243 21.83 -62.53 15.51
C ALA IA 243 20.73 -63.15 16.36
N VAL IA 244 19.79 -62.32 16.81
CA VAL IA 244 18.69 -62.75 17.66
C VAL IA 244 17.48 -63.06 16.79
N LEU IA 245 16.90 -64.23 16.97
CA LEU IA 245 15.80 -64.69 16.14
C LEU IA 245 14.47 -64.42 16.81
N GLY IA 246 13.47 -64.08 16.01
CA GLY IA 246 12.13 -63.84 16.52
C GLY IA 246 11.11 -64.56 15.66
N LYS IA 247 10.00 -64.93 16.29
CA LYS IA 247 8.96 -65.70 15.63
C LYS IA 247 7.94 -64.77 14.99
N TYR IA 248 7.57 -65.08 13.74
CA TYR IA 248 6.64 -64.23 13.01
C TYR IA 248 5.28 -64.12 13.69
N ARG IA 249 4.93 -65.08 14.54
CA ARG IA 249 3.63 -65.02 15.20
C ARG IA 249 3.54 -63.85 16.16
N ASN IA 250 4.64 -63.56 16.87
CA ASN IA 250 4.64 -62.51 17.86
C ASN IA 250 4.51 -61.11 17.27
N LEU IA 251 4.66 -60.96 15.95
CA LEU IA 251 4.47 -59.67 15.32
C LEU IA 251 3.02 -59.22 15.46
N SER IA 252 2.82 -57.96 15.88
CA SER IA 252 1.47 -57.43 15.94
C SER IA 252 0.84 -57.39 14.55
N ASN IA 253 1.58 -56.92 13.55
CA ASN IA 253 1.05 -56.75 12.20
C ASN IA 253 0.78 -58.07 11.52
N PHE IA 254 1.26 -59.17 12.08
CA PHE IA 254 1.02 -60.49 11.52
C PHE IA 254 -0.44 -60.87 11.74
N GLU IA 255 -1.23 -60.88 10.67
CA GLU IA 255 -2.60 -61.38 10.69
C GLU IA 255 -2.67 -62.81 10.17
N SER IA 256 -1.66 -63.61 10.49
CA SER IA 256 -1.62 -65.01 10.07
C SER IA 256 -1.61 -65.11 8.54
N TYR IA 257 -0.56 -64.53 7.95
CA TYR IA 257 -0.34 -64.67 6.52
C TYR IA 257 -0.10 -66.12 6.14
N PHE IA 258 0.37 -66.93 7.09
CA PHE IA 258 0.61 -68.34 6.84
C PHE IA 258 0.75 -69.03 8.19
N ALA IA 259 1.01 -70.33 8.14
CA ALA IA 259 1.19 -71.11 9.37
C ALA IA 259 2.64 -71.56 9.45
N PRO IA 260 3.50 -70.88 10.20
CA PRO IA 260 4.92 -71.28 10.23
C PRO IA 260 5.07 -72.68 10.80
N PHE IA 261 6.04 -73.41 10.24
CA PHE IA 261 6.36 -74.72 10.76
C PHE IA 261 7.19 -74.60 12.04
N ASP IA 262 7.18 -75.68 12.83
CA ASP IA 262 8.03 -75.80 14.05
C ASP IA 262 9.00 -76.93 13.74
N TYR IA 263 10.24 -76.61 13.35
CA TYR IA 263 11.22 -77.59 12.88
C TYR IA 263 12.00 -78.25 14.01
N GLN IA 264 11.69 -77.92 15.27
CA GLN IA 264 12.44 -78.50 16.37
C GLN IA 264 12.41 -80.02 16.32
N MET IA 265 11.22 -80.60 16.19
CA MET IA 265 11.12 -82.05 16.12
C MET IA 265 11.63 -82.59 14.80
N ALA IA 266 11.33 -81.90 13.70
CA ALA IA 266 11.78 -82.38 12.39
C ALA IA 266 13.31 -82.45 12.33
N SER IA 267 13.98 -81.41 12.82
CA SER IA 267 15.44 -81.44 12.84
C SER IA 267 15.96 -82.58 13.71
N LEU IA 268 15.34 -82.79 14.86
CA LEU IA 268 15.77 -83.88 15.74
C LEU IA 268 15.64 -85.22 15.05
N ARG IA 269 14.50 -85.47 14.39
CA ARG IA 269 14.32 -86.74 13.71
C ARG IA 269 15.30 -86.92 12.58
N SER IA 270 15.54 -85.87 11.79
CA SER IA 270 16.39 -85.96 10.60
C SER IA 270 17.82 -85.51 10.91
N TRP IA 271 18.45 -86.17 11.88
CA TRP IA 271 19.86 -85.94 12.15
C TRP IA 271 20.76 -86.97 11.47
N ALA IA 272 20.34 -88.23 11.39
CA ALA IA 272 21.14 -89.22 10.70
C ALA IA 272 21.36 -88.84 9.24
N LEU IA 273 20.42 -88.08 8.66
CA LEU IA 273 20.60 -87.64 7.28
C LEU IA 273 21.58 -86.48 7.19
N PHE IA 274 21.53 -85.56 8.15
CA PHE IA 274 22.42 -84.40 8.09
C PHE IA 274 23.88 -84.81 8.15
N ASN IA 275 24.22 -85.78 9.00
CA ASN IA 275 25.59 -86.25 9.05
C ASN IA 275 26.01 -86.89 7.73
N ASP IA 276 25.13 -87.71 7.14
CA ASP IA 276 25.46 -88.35 5.87
C ASP IA 276 25.73 -87.33 4.78
N PHE IA 277 25.15 -86.13 4.90
CA PHE IA 277 25.42 -85.07 3.94
C PHE IA 277 26.89 -84.66 3.97
N THR IA 278 27.39 -84.33 5.17
CA THR IA 278 28.77 -83.89 5.27
C THR IA 278 29.73 -84.99 4.83
N LEU IA 279 29.44 -86.24 5.20
CA LEU IA 279 30.32 -87.33 4.81
C LEU IA 279 30.35 -87.50 3.30
N TYR IA 280 29.19 -87.41 2.64
CA TYR IA 280 29.15 -87.59 1.19
C TYR IA 280 29.88 -86.46 0.47
N LYS IA 281 29.71 -85.23 0.94
CA LYS IA 281 30.45 -84.12 0.35
C LYS IA 281 31.95 -84.30 0.52
N ALA IA 282 32.37 -84.78 1.70
CA ALA IA 282 33.80 -84.99 1.92
C ALA IA 282 34.36 -86.04 0.97
N ILE IA 283 33.63 -87.12 0.74
CA ILE IA 283 34.16 -88.19 -0.10
C ILE IA 283 34.09 -87.89 -1.59
N GLU IA 284 33.48 -86.78 -1.99
CA GLU IA 284 33.66 -86.33 -3.37
C GLU IA 284 35.11 -85.97 -3.60
N THR IA 285 35.71 -85.25 -2.66
CA THR IA 285 37.14 -84.91 -2.76
C THR IA 285 38.02 -86.14 -2.60
N MET IA 286 37.55 -87.20 -1.93
CA MET IA 286 38.27 -88.46 -1.94
C MET IA 286 38.63 -88.87 -3.37
N ILE IA 287 37.61 -88.99 -4.23
CA ILE IA 287 37.83 -89.51 -5.57
C ILE IA 287 38.66 -88.53 -6.40
N LYS IA 288 38.31 -87.24 -6.34
CA LYS IA 288 38.98 -86.27 -7.19
C LYS IA 288 40.46 -86.16 -6.84
N ALA IA 289 40.78 -86.17 -5.54
CA ALA IA 289 42.16 -85.94 -5.14
C ALA IA 289 43.11 -87.02 -5.65
N VAL IA 290 42.71 -88.29 -5.56
CA VAL IA 290 43.60 -89.39 -5.89
C VAL IA 290 43.79 -89.48 -7.40
N PRO IA 291 44.99 -89.75 -7.89
CA PRO IA 291 45.23 -89.72 -9.34
C PRO IA 291 44.69 -90.96 -10.04
N GLU IA 292 44.82 -90.93 -11.37
CA GLU IA 292 44.31 -92.01 -12.21
C GLU IA 292 45.18 -93.26 -12.09
N SER IA 293 46.48 -93.08 -11.90
CA SER IA 293 47.42 -94.19 -11.96
C SER IA 293 47.33 -95.12 -10.76
N LYS IA 294 46.33 -94.96 -9.89
CA LYS IA 294 46.19 -95.80 -8.71
C LYS IA 294 44.73 -96.21 -8.52
N PHE IA 295 44.05 -96.37 -9.66
CA PHE IA 295 42.64 -96.87 -9.64
C PHE IA 295 42.69 -98.27 -10.23
N LYS IA 296 41.89 -99.18 -9.68
CA LYS IA 296 41.94 -100.57 -10.13
C LYS IA 296 41.45 -100.71 -11.57
N ASP IA 297 40.29 -100.14 -11.89
CA ASP IA 297 39.71 -100.32 -13.21
C ASP IA 297 40.31 -99.40 -14.25
N GLY IA 298 41.08 -98.40 -13.85
CA GLY IA 298 41.74 -97.52 -14.79
C GLY IA 298 40.90 -96.33 -15.19
N PRO IA 299 40.82 -96.05 -16.49
CA PRO IA 299 40.19 -94.78 -16.90
C PRO IA 299 38.73 -94.66 -16.50
N GLU IA 300 37.89 -95.62 -16.90
CA GLU IA 300 36.46 -95.50 -16.67
C GLU IA 300 36.11 -95.94 -15.26
N ARG IA 301 36.82 -95.38 -14.28
CA ARG IA 301 36.51 -95.63 -12.88
C ARG IA 301 36.37 -94.31 -12.15
N LYS IA 302 37.12 -93.29 -12.59
CA LYS IA 302 37.01 -91.98 -11.98
C LYS IA 302 35.64 -91.38 -12.20
N THR IA 303 35.14 -91.43 -13.44
CA THR IA 303 33.95 -90.65 -13.75
C THR IA 303 32.69 -91.26 -13.14
N GLN IA 304 32.50 -92.58 -13.22
CA GLN IA 304 31.29 -93.16 -12.65
C GLN IA 304 31.41 -93.37 -11.15
N LEU IA 305 32.61 -93.32 -10.58
CA LEU IA 305 32.71 -93.16 -9.14
C LEU IA 305 32.38 -91.74 -8.73
N ILE IA 306 32.88 -90.77 -9.49
CA ILE IA 306 32.51 -89.38 -9.22
C ILE IA 306 31.02 -89.18 -9.48
N LYS IA 307 30.52 -89.71 -10.60
CA LYS IA 307 29.12 -89.50 -10.91
C LYS IA 307 28.21 -90.24 -9.93
N GLN IA 308 28.61 -91.45 -9.52
CA GLN IA 308 27.78 -92.21 -8.59
C GLN IA 308 27.64 -91.45 -7.27
N ALA IA 309 28.72 -90.86 -6.78
CA ALA IA 309 28.64 -90.09 -5.54
C ALA IA 309 27.75 -88.87 -5.69
N ILE IA 310 27.89 -88.13 -6.78
CA ILE IA 310 27.10 -86.93 -6.97
C ILE IA 310 25.64 -87.27 -7.23
N ASN IA 311 25.38 -88.36 -7.96
CA ASN IA 311 23.99 -88.73 -8.20
C ASN IA 311 23.25 -89.01 -6.89
N ILE IA 312 23.92 -89.71 -5.96
CA ILE IA 312 23.29 -89.95 -4.66
C ILE IA 312 23.42 -88.75 -3.74
N PHE IA 313 24.31 -87.80 -4.05
CA PHE IA 313 24.30 -86.52 -3.35
C PHE IA 313 23.02 -85.75 -3.66
N GLU IA 314 22.52 -85.88 -4.89
CA GLU IA 314 21.24 -85.29 -5.24
C GLU IA 314 20.11 -85.87 -4.42
N THR IA 315 20.12 -87.19 -4.22
CA THR IA 315 19.01 -87.85 -3.55
C THR IA 315 18.84 -87.33 -2.13
N ILE IA 316 19.94 -87.14 -1.40
CA ILE IA 316 19.83 -86.66 -0.04
C ILE IA 316 19.63 -85.14 0.03
N ARG IA 317 20.16 -84.40 -0.94
CA ARG IA 317 19.94 -82.96 -0.94
C ARG IA 317 18.47 -82.64 -1.24
N ASP IA 318 17.86 -83.36 -2.18
CA ASP IA 318 16.46 -83.14 -2.48
C ASP IA 318 15.57 -83.65 -1.35
N ARG IA 319 16.02 -84.64 -0.59
CA ARG IA 319 15.28 -85.04 0.59
C ARG IA 319 15.25 -83.92 1.61
N VAL IA 320 16.38 -83.22 1.79
CA VAL IA 320 16.41 -82.07 2.68
C VAL IA 320 15.49 -80.98 2.17
N ILE IA 321 15.55 -80.70 0.86
CA ILE IA 321 14.68 -79.67 0.29
C ILE IA 321 13.22 -80.09 0.43
N LEU IA 322 12.95 -81.39 0.41
CA LEU IA 322 11.58 -81.86 0.61
C LEU IA 322 11.13 -81.63 2.05
N ILE IA 323 12.03 -81.79 3.03
CA ILE IA 323 11.64 -81.53 4.41
C ILE IA 323 11.22 -80.08 4.59
N SER IA 324 11.77 -79.17 3.80
CA SER IA 324 11.33 -77.79 3.87
C SER IA 324 9.85 -77.67 3.52
N GLU IA 325 9.41 -78.33 2.45
CA GLU IA 325 8.01 -78.27 2.09
C GLU IA 325 7.15 -79.12 3.02
N HIS IA 326 7.64 -80.29 3.42
CA HIS IA 326 6.88 -81.22 4.24
C HIS IA 326 7.73 -81.71 5.40
N PRO IA 327 7.79 -80.96 6.51
CA PRO IA 327 8.51 -81.47 7.69
C PRO IA 327 7.87 -82.72 8.27
N GLU IA 328 6.59 -82.96 8.03
CA GLU IA 328 5.99 -84.21 8.45
C GLU IA 328 6.60 -85.40 7.73
N ALA IA 329 7.24 -85.18 6.58
CA ALA IA 329 7.91 -86.24 5.85
C ALA IA 329 9.19 -86.70 6.53
N ALA IA 330 9.51 -86.19 7.71
CA ALA IA 330 10.69 -86.66 8.43
C ALA IA 330 10.56 -88.10 8.88
N LYS IA 331 9.34 -88.63 8.94
CA LYS IA 331 9.15 -90.01 9.39
C LYS IA 331 9.80 -91.01 8.43
N GLU IA 332 9.65 -90.79 7.13
CA GLU IA 332 10.12 -91.78 6.16
C GLU IA 332 11.61 -92.05 6.35
N ASP IA 333 11.97 -93.32 6.31
CA ASP IA 333 13.36 -93.70 6.48
C ASP IA 333 14.16 -93.34 5.22
N PRO IA 334 15.47 -93.22 5.33
CA PRO IA 334 16.29 -92.95 4.15
C PRO IA 334 16.13 -94.04 3.11
N ASP IA 335 16.19 -93.65 1.84
CA ASP IA 335 16.12 -94.59 0.71
C ASP IA 335 17.37 -94.51 -0.14
N HIS IA 336 18.50 -94.17 0.46
CA HIS IA 336 19.75 -93.97 -0.25
C HIS IA 336 20.83 -94.84 0.37
N MET IA 337 21.83 -95.16 -0.46
CA MET IA 337 22.92 -96.01 -0.01
C MET IA 337 23.68 -95.35 1.14
N LYS IA 338 24.14 -96.16 2.08
CA LYS IA 338 24.83 -95.63 3.24
C LYS IA 338 26.18 -95.04 2.83
N PRO IA 339 26.66 -93.99 3.50
CA PRO IA 339 28.04 -93.56 3.26
C PRO IA 339 29.07 -94.64 3.56
N GLY IA 340 28.82 -95.47 4.56
CA GLY IA 340 29.75 -96.56 4.83
C GLY IA 340 29.86 -97.54 3.68
N ASP IA 341 28.72 -97.97 3.14
CA ASP IA 341 28.76 -98.92 2.03
C ASP IA 341 29.40 -98.30 0.80
N PHE IA 342 29.02 -97.06 0.48
CA PHE IA 342 29.62 -96.41 -0.68
C PHE IA 342 31.10 -96.13 -0.43
N ARG IA 343 31.46 -95.75 0.80
CA ARG IA 343 32.87 -95.57 1.11
C ARG IA 343 33.63 -96.88 0.90
N LEU IA 344 33.07 -97.99 1.39
CA LEU IA 344 33.66 -99.30 1.13
C LEU IA 344 33.90 -99.50 -0.36
N GLU IA 345 32.91 -99.14 -1.19
CA GLU IA 345 33.09 -99.27 -2.62
C GLU IA 345 34.27 -98.43 -3.12
N VAL IA 346 34.49 -97.27 -2.51
CA VAL IA 346 35.61 -96.42 -2.93
C VAL IA 346 36.94 -97.14 -2.70
N LEU IA 347 37.16 -97.68 -1.50
CA LEU IA 347 38.44 -98.28 -1.19
C LEU IA 347 38.64 -99.63 -1.87
N ASN IA 348 37.56 -100.33 -2.21
CA ASN IA 348 37.72 -101.62 -2.88
C ASN IA 348 38.37 -101.48 -4.24
N SER IA 349 38.14 -100.36 -4.93
CA SER IA 349 38.62 -100.13 -6.28
C SER IA 349 39.92 -99.35 -6.29
N ILE IA 350 40.78 -99.57 -5.30
CA ILE IA 350 42.03 -98.83 -5.14
C ILE IA 350 43.18 -99.84 -5.14
N GLN IA 351 44.16 -99.59 -6.00
CA GLN IA 351 45.38 -100.41 -6.02
C GLN IA 351 46.17 -100.21 -4.74
N THR IA 352 46.99 -101.20 -4.41
CA THR IA 352 47.71 -101.24 -3.15
C THR IA 352 49.15 -101.64 -3.40
N LYS IA 353 50.00 -101.40 -2.40
CA LYS IA 353 51.42 -101.74 -2.46
C LYS IA 353 51.72 -102.84 -1.46
N LEU IA 354 52.47 -103.84 -1.91
CA LEU IA 354 52.73 -105.04 -1.12
C LEU IA 354 54.00 -104.81 -0.29
N PHE IA 355 53.86 -104.05 0.78
CA PHE IA 355 54.99 -103.78 1.66
C PHE IA 355 55.32 -105.07 2.39
N HIS IA 356 56.25 -105.84 1.84
CA HIS IA 356 56.66 -107.14 2.46
C HIS IA 356 57.79 -106.85 3.45
N ALA IA 357 57.45 -106.75 4.74
CA ALA IA 357 58.45 -106.47 5.76
C ALA IA 357 59.45 -107.62 5.83
N GLN IA 358 60.73 -107.28 6.02
CA GLN IA 358 61.80 -108.26 6.03
C GLN IA 358 62.66 -108.04 7.26
N SER IA 359 63.11 -109.12 7.87
CA SER IA 359 63.88 -109.07 9.11
C SER IA 359 65.36 -109.07 8.76
N GLN IA 360 65.99 -107.91 8.87
CA GLN IA 360 67.42 -107.79 8.61
C GLN IA 360 68.22 -108.53 9.67
N PRO IA 361 69.19 -109.37 9.26
CA PRO IA 361 70.08 -110.01 10.25
C PRO IA 361 71.28 -109.16 10.58
N ILE IA 362 71.49 -108.88 11.86
CA ILE IA 362 72.63 -108.08 12.31
C ILE IA 362 73.53 -108.96 13.16
N PRO IA 363 74.87 -108.89 13.00
CA PRO IA 363 75.74 -109.71 13.84
C PRO IA 363 75.57 -109.40 15.32
N ASN IA 364 75.95 -110.37 16.15
CA ASN IA 364 75.83 -110.25 17.60
C ASN IA 364 74.37 -110.26 18.04
N THR IA 365 73.57 -111.11 17.40
CA THR IA 365 72.17 -111.29 17.72
C THR IA 365 71.78 -112.75 17.52
N ASP IA 366 71.18 -113.34 18.55
CA ASP IA 366 70.74 -114.74 18.51
C ASP IA 366 69.24 -114.78 18.76
N ASP IA 367 68.50 -115.38 17.83
CA ASP IA 367 67.05 -115.45 17.89
C ASP IA 367 66.40 -114.07 17.89
N TYR IA 368 67.17 -113.02 17.59
CA TYR IA 368 66.68 -111.66 17.53
C TYR IA 368 67.07 -111.06 16.19
N TRP IA 369 66.09 -110.58 15.44
CA TRP IA 369 66.29 -110.03 14.11
C TRP IA 369 66.02 -108.52 14.14
N THR IA 370 66.08 -107.90 12.97
CA THR IA 370 65.79 -106.48 12.82
C THR IA 370 64.77 -106.33 11.69
N ASP IA 371 63.53 -106.00 12.05
CA ASP IA 371 62.44 -105.91 11.09
C ASP IA 371 62.53 -104.58 10.36
N VAL IA 372 62.69 -104.63 9.04
CA VAL IA 372 62.70 -103.44 8.19
C VAL IA 372 61.54 -103.58 7.21
N ILE IA 373 60.65 -102.58 7.21
CA ILE IA 373 59.46 -102.60 6.35
C ILE IA 373 59.85 -101.89 5.06
N LEU IA 374 60.48 -102.64 4.15
CA LEU IA 374 60.88 -102.13 2.85
C LEU IA 374 60.30 -102.99 1.75
N THR IA 375 59.82 -102.34 0.69
CA THR IA 375 59.21 -103.05 -0.42
C THR IA 375 60.23 -103.80 -1.26
N THR IA 376 61.51 -103.46 -1.17
CA THR IA 376 62.54 -104.10 -1.97
C THR IA 376 62.99 -105.39 -1.30
N LYS IA 377 63.03 -106.48 -2.08
CA LYS IA 377 63.47 -107.76 -1.57
C LYS IA 377 64.94 -107.69 -1.14
N GLY IA 378 65.24 -108.25 0.03
CA GLY IA 378 66.60 -108.25 0.54
C GLY IA 378 67.21 -109.62 0.56
N SER IA 379 68.53 -109.69 0.76
CA SER IA 379 69.25 -110.96 0.82
C SER IA 379 69.53 -111.31 2.27
N GLY IA 380 69.06 -112.47 2.70
CA GLY IA 380 69.26 -112.93 4.06
C GLY IA 380 68.30 -112.35 5.08
N ASN IA 381 67.37 -111.52 4.61
CA ASN IA 381 66.37 -110.88 5.50
C ASN IA 381 65.10 -111.74 5.51
N GLN IA 382 64.60 -112.11 6.70
CA GLN IA 382 63.43 -112.97 6.78
C GLN IA 382 62.17 -112.17 6.51
N PRO IA 383 61.39 -112.50 5.48
CA PRO IA 383 60.11 -111.79 5.27
C PRO IA 383 59.09 -112.16 6.34
N LEU IA 384 58.36 -111.14 6.80
CA LEU IA 384 57.35 -111.33 7.84
C LEU IA 384 55.96 -111.54 7.26
N PHE IA 385 55.44 -110.57 6.53
CA PHE IA 385 54.14 -110.69 5.87
C PHE IA 385 54.11 -109.77 4.67
N THR IA 386 53.30 -110.13 3.69
CA THR IA 386 53.11 -109.32 2.49
C THR IA 386 51.64 -108.94 2.40
N PHE IA 387 51.37 -107.64 2.38
CA PHE IA 387 50.02 -107.10 2.51
C PHE IA 387 49.81 -105.91 1.60
N PRO IA 388 48.60 -105.73 1.07
CA PRO IA 388 48.29 -104.49 0.35
C PRO IA 388 48.42 -103.29 1.27
N ALA IA 389 48.92 -102.18 0.73
CA ALA IA 389 49.05 -100.94 1.47
C ALA IA 389 48.83 -99.76 0.53
N PHE IA 390 48.71 -98.58 1.13
CA PHE IA 390 48.41 -97.35 0.40
C PHE IA 390 49.68 -96.50 0.32
N ASP IA 391 50.13 -96.23 -0.90
CA ASP IA 391 51.37 -95.52 -1.14
C ASP IA 391 51.15 -94.07 -1.54
N PHE IA 392 49.97 -93.52 -1.26
CA PHE IA 392 49.64 -92.16 -1.63
C PHE IA 392 48.58 -91.62 -0.68
N GLY IA 393 48.66 -90.33 -0.40
CA GLY IA 393 47.72 -89.72 0.52
C GLY IA 393 46.41 -89.48 -0.18
N ASP IA 394 45.78 -88.34 0.08
CA ASP IA 394 44.54 -87.94 -0.56
C ASP IA 394 43.38 -88.88 -0.26
N LEU IA 395 43.57 -89.84 0.65
CA LEU IA 395 42.50 -90.73 1.09
C LEU IA 395 42.26 -90.45 2.57
N ILE IA 396 41.18 -89.76 2.88
CA ILE IA 396 40.96 -89.35 4.26
C ILE IA 396 40.83 -90.60 5.14
N GLY IA 397 41.15 -90.44 6.41
CA GLY IA 397 41.17 -91.55 7.33
C GLY IA 397 42.45 -92.34 7.33
N THR IA 398 43.51 -91.81 6.71
CA THR IA 398 44.81 -92.53 6.58
C THR IA 398 45.95 -91.66 7.06
N GLU IA 399 46.99 -92.25 7.65
CA GLU IA 399 48.18 -91.55 8.11
C GLU IA 399 49.42 -92.36 7.70
N VAL IA 400 50.54 -91.65 7.60
CA VAL IA 400 51.78 -92.20 7.08
C VAL IA 400 52.70 -92.59 8.22
N VAL IA 401 53.44 -93.68 8.01
CA VAL IA 401 54.46 -94.15 8.94
C VAL IA 401 55.79 -94.06 8.22
N SER IA 402 56.50 -92.95 8.40
CA SER IA 402 57.72 -92.65 7.66
C SER IA 402 58.91 -92.93 8.57
N PHE IA 403 59.62 -94.01 8.29
CA PHE IA 403 60.81 -94.34 9.05
C PHE IA 403 61.83 -93.22 8.93
N GLY IA 404 62.46 -92.88 10.05
CA GLY IA 404 63.53 -91.89 10.06
C GLY IA 404 64.88 -92.55 10.25
N LYS IA 405 65.69 -92.58 9.20
CA LYS IA 405 67.03 -93.13 9.27
C LYS IA 405 68.05 -91.99 9.28
N LYS IA 406 68.90 -91.98 10.28
CA LYS IA 406 69.90 -90.92 10.39
C LYS IA 406 70.86 -91.00 9.21
N LYS IA 407 70.87 -89.95 8.39
CA LYS IA 407 71.90 -89.85 7.36
C LYS IA 407 73.26 -89.58 7.98
N ASN IA 408 73.29 -88.88 9.11
CA ASN IA 408 74.51 -88.64 9.86
C ASN IA 408 74.90 -89.83 10.73
N GLY IA 409 74.08 -90.87 10.77
CA GLY IA 409 74.36 -92.04 11.57
C GLY IA 409 73.64 -93.26 11.03
N GLU IA 410 73.16 -94.12 11.93
CA GLU IA 410 72.46 -95.33 11.52
C GLU IA 410 71.22 -95.60 12.37
N GLU IA 411 70.81 -94.66 13.21
CA GLU IA 411 69.64 -94.88 14.05
C GLU IA 411 68.41 -95.17 13.20
N TYR IA 412 67.65 -96.18 13.63
CA TYR IA 412 66.37 -96.53 13.01
C TYR IA 412 65.25 -95.83 13.77
N ASN IA 413 64.43 -95.07 13.05
CA ASN IA 413 63.29 -94.39 13.66
C ASN IA 413 62.01 -94.75 12.93
N CYS IA 414 60.89 -94.51 13.62
CA CYS IA 414 59.56 -94.83 13.09
C CYS IA 414 58.61 -93.77 13.61
N LEU IA 415 58.30 -92.78 12.77
CA LEU IA 415 57.43 -91.66 13.16
C LEU IA 415 56.20 -91.66 12.27
N ILE IA 416 55.03 -91.61 12.89
CA ILE IA 416 53.76 -91.59 12.16
C ILE IA 416 53.40 -90.14 11.87
N GLY IA 417 53.06 -89.86 10.62
CA GLY IA 417 52.67 -88.51 10.27
C GLY IA 417 53.75 -87.48 10.50
N GLU IA 418 55.00 -87.91 10.66
CA GLU IA 418 56.12 -87.00 10.88
C GLU IA 418 57.27 -87.48 10.00
N ARG IA 419 57.51 -86.77 8.90
CA ARG IA 419 58.53 -87.16 7.96
C ARG IA 419 59.91 -86.74 8.45
N VAL IA 420 60.92 -87.04 7.64
CA VAL IA 420 62.27 -86.58 7.93
C VAL IA 420 62.39 -85.07 7.77
N THR IA 421 61.52 -84.46 6.95
CA THR IA 421 61.67 -83.03 6.64
C THR IA 421 61.63 -82.17 7.88
N SER IA 422 60.99 -82.62 8.96
CA SER IA 422 60.99 -81.85 10.20
C SER IA 422 62.41 -81.70 10.74
N LEU IA 423 63.20 -82.77 10.68
CA LEU IA 423 64.58 -82.76 11.11
C LEU IA 423 65.49 -82.58 9.89
N ASP IA 424 66.80 -82.68 10.11
CA ASP IA 424 67.79 -82.52 9.05
C ASP IA 424 68.73 -83.72 9.03
N ASP IA 425 69.06 -84.16 7.82
CA ASP IA 425 69.95 -85.32 7.62
C ASP IA 425 69.35 -86.58 8.24
N TYR IA 426 68.21 -86.97 7.67
CA TYR IA 426 67.49 -88.20 8.09
C TYR IA 426 66.99 -88.83 6.78
N LYS IA 427 66.59 -90.10 6.80
CA LYS IA 427 66.21 -90.77 5.52
C LYS IA 427 64.88 -91.53 5.69
N GLU IA 428 64.01 -91.46 4.69
CA GLU IA 428 62.71 -92.18 4.74
C GLU IA 428 62.90 -93.63 4.27
N LEU IA 429 63.32 -94.53 5.16
CA LEU IA 429 63.42 -95.95 4.78
C LEU IA 429 62.12 -96.33 4.05
N SER IA 430 60.98 -95.99 4.63
CA SER IA 430 59.69 -96.34 4.05
C SER IA 430 58.62 -95.37 4.56
N TYR IA 431 57.80 -94.90 3.63
CA TYR IA 431 56.65 -94.07 3.96
C TYR IA 431 55.46 -94.57 3.17
N PHE IA 432 54.32 -94.72 3.84
CA PHE IA 432 53.11 -95.22 3.20
C PHE IA 432 51.92 -94.97 4.10
N TRP IA 433 50.88 -94.33 3.57
CA TRP IA 433 49.72 -94.00 4.38
C TRP IA 433 48.94 -95.27 4.74
N VAL IA 434 48.39 -95.28 5.96
CA VAL IA 434 47.64 -96.43 6.45
C VAL IA 434 46.50 -95.94 7.33
N PHE IA 435 45.56 -96.84 7.62
CA PHE IA 435 44.47 -96.53 8.54
C PHE IA 435 44.95 -96.71 9.98
N PRO IA 436 45.02 -95.66 10.80
CA PRO IA 436 45.36 -95.87 12.21
C PRO IA 436 44.29 -96.64 12.98
N ASP IA 437 43.07 -96.71 12.47
CA ASP IA 437 41.97 -97.40 13.14
C ASP IA 437 41.34 -98.39 12.17
N SER IA 438 40.48 -99.24 12.71
CA SER IA 438 39.86 -100.27 11.90
C SER IA 438 38.66 -99.71 11.15
N VAL IA 439 38.23 -100.43 10.12
CA VAL IA 439 37.05 -100.07 9.35
C VAL IA 439 36.20 -101.32 9.21
N GLN IA 440 34.91 -101.12 8.97
CA GLN IA 440 33.98 -102.24 8.84
C GLN IA 440 34.41 -103.15 7.70
N LYS IA 441 34.82 -104.35 8.05
CA LYS IA 441 35.04 -105.46 7.11
C LYS IA 441 36.09 -105.16 6.05
N PHE IA 442 36.93 -104.14 6.23
CA PHE IA 442 38.05 -103.90 5.33
C PHE IA 442 39.40 -104.00 6.04
N ALA IA 443 39.61 -103.22 7.09
CA ALA IA 443 40.89 -103.14 7.77
C ALA IA 443 40.77 -103.81 9.13
N MET IA 444 41.07 -105.10 9.19
CA MET IA 444 40.91 -105.87 10.41
C MET IA 444 42.21 -106.45 10.95
N GLU IA 445 43.24 -106.60 10.11
CA GLU IA 445 44.51 -107.12 10.57
C GLU IA 445 45.38 -105.99 11.10
N MET IA 446 46.22 -106.30 12.07
CA MET IA 446 46.89 -105.30 12.89
C MET IA 446 48.39 -105.32 12.70
N TYR IA 447 49.02 -104.15 12.89
CA TYR IA 447 50.47 -104.02 12.94
C TYR IA 447 50.83 -103.07 14.06
N GLY IA 448 51.87 -103.41 14.81
CA GLY IA 448 52.31 -102.60 15.93
C GLY IA 448 53.80 -102.35 15.85
N VAL IA 449 54.20 -101.20 16.40
CA VAL IA 449 55.60 -100.74 16.36
C VAL IA 449 56.15 -100.79 17.77
N SER IA 450 57.35 -101.36 17.91
CA SER IA 450 58.09 -101.36 19.16
C SER IA 450 59.56 -101.15 18.85
N LYS IA 451 60.25 -100.43 19.75
CA LYS IA 451 61.64 -100.07 19.56
C LYS IA 451 62.42 -100.29 20.86
N VAL IA 452 63.66 -100.73 20.73
CA VAL IA 452 64.52 -100.95 21.89
C VAL IA 452 65.35 -99.69 22.15
N PRO IA 453 65.24 -99.06 23.31
CA PRO IA 453 65.99 -97.81 23.53
C PRO IA 453 67.49 -97.97 23.37
N THR IA 454 68.05 -99.07 23.85
CA THR IA 454 69.50 -99.24 23.82
C THR IA 454 70.02 -99.32 22.39
N ARG IA 455 69.31 -100.08 21.54
CA ARG IA 455 69.70 -100.27 20.15
C ARG IA 455 68.46 -100.13 19.28
N ASN IA 456 68.59 -99.38 18.19
CA ASN IA 456 67.44 -99.08 17.34
C ASN IA 456 67.14 -100.26 16.43
N TYR IA 457 66.84 -101.41 17.03
CA TYR IA 457 66.40 -102.59 16.28
C TYR IA 457 64.88 -102.50 16.14
N MET IA 458 64.42 -102.06 14.97
CA MET IA 458 62.99 -101.92 14.75
C MET IA 458 62.30 -103.23 15.09
N ARG IA 459 61.33 -103.15 15.98
CA ARG IA 459 60.55 -104.32 16.42
C ARG IA 459 59.09 -104.03 16.07
N VAL IA 460 58.73 -104.32 14.83
CA VAL IA 460 57.37 -104.20 14.35
C VAL IA 460 56.79 -105.60 14.24
N TYR IA 461 55.62 -105.80 14.82
CA TYR IA 461 55.03 -107.13 14.90
C TYR IA 461 53.52 -107.02 14.82
N ALA IA 462 52.87 -108.16 14.60
CA ALA IA 462 51.42 -108.24 14.57
C ALA IA 462 50.90 -108.13 16.00
N ALA IA 463 50.50 -106.93 16.40
CA ALA IA 463 50.09 -106.67 17.77
C ALA IA 463 48.65 -107.14 17.99
N ASP IA 464 48.15 -106.84 19.19
CA ASP IA 464 46.78 -107.28 19.56
C ASP IA 464 46.10 -106.10 20.27
N GLN IA 465 44.80 -106.19 20.50
CA GLN IA 465 44.08 -105.15 21.22
C GLN IA 465 44.61 -105.02 22.64
N SER IA 466 45.14 -106.13 23.18
CA SER IA 466 45.72 -106.12 24.54
C SER IA 466 47.10 -105.46 24.52
N ASP IA 467 47.85 -105.62 23.42
CA ASP IA 467 49.17 -104.92 23.31
C ASP IA 467 48.91 -103.43 23.52
N ILE IA 468 47.79 -102.92 22.99
CA ILE IA 468 47.42 -101.50 23.22
C ILE IA 468 47.17 -101.31 24.73
N GLU IA 469 46.26 -102.10 25.30
CA GLU IA 469 45.92 -101.99 26.74
C GLU IA 469 47.21 -101.90 27.58
N ASN IA 470 48.06 -102.93 27.49
CA ASN IA 470 49.36 -102.91 28.23
C ASN IA 470 50.49 -102.71 27.23
N PRO IA 471 50.97 -101.47 27.00
CA PRO IA 471 52.02 -101.20 25.98
C PRO IA 471 53.42 -101.45 26.50
N ARG IA 472 54.31 -101.96 25.65
CA ARG IA 472 55.68 -102.18 26.02
C ARG IA 472 56.45 -100.86 25.96
N PRO IA 473 57.62 -100.79 26.59
CA PRO IA 473 58.39 -99.53 26.55
C PRO IA 473 58.72 -99.10 25.13
N TYR IA 474 58.66 -97.80 24.86
CA TYR IA 474 59.07 -97.27 23.53
C TYR IA 474 58.22 -97.86 22.39
N GLN IA 475 57.01 -98.31 22.68
CA GLN IA 475 56.13 -98.78 21.60
C GLN IA 475 55.40 -97.57 21.05
N ARG IA 476 55.69 -97.23 19.80
CA ARG IA 476 55.27 -95.93 19.28
C ARG IA 476 53.80 -95.92 18.86
N PHE IA 477 53.45 -96.73 17.87
CA PHE IA 477 52.12 -96.66 17.28
C PHE IA 477 51.71 -98.01 16.74
N TRP IA 478 50.41 -98.19 16.56
CA TRP IA 478 49.83 -99.42 16.01
C TRP IA 478 48.82 -99.05 14.94
N PHE IA 479 48.75 -99.85 13.89
CA PHE IA 479 47.95 -99.53 12.73
C PHE IA 479 47.34 -100.80 12.14
N TYR IA 480 46.21 -100.62 11.48
CA TYR IA 480 45.47 -101.70 10.84
C TYR IA 480 45.66 -101.65 9.34
N VAL IA 481 45.85 -102.82 8.73
CA VAL IA 481 46.07 -102.95 7.30
C VAL IA 481 44.88 -103.70 6.69
N PRO IA 482 44.51 -103.43 5.45
CA PRO IA 482 43.34 -104.12 4.87
C PRO IA 482 43.48 -105.63 4.87
N SER IA 483 42.36 -106.30 5.11
CA SER IA 483 42.31 -107.76 5.12
C SER IA 483 42.00 -108.25 3.71
N ALA IA 484 42.82 -109.19 3.23
CA ALA IA 484 42.62 -109.73 1.90
C ALA IA 484 41.36 -110.60 1.79
N ASN IA 485 40.74 -110.94 2.91
CA ASN IA 485 39.55 -111.77 2.90
C ASN IA 485 38.31 -111.05 2.39
N SER IA 486 38.39 -109.73 2.20
CA SER IA 486 37.22 -108.99 1.72
C SER IA 486 36.84 -109.48 0.33
N PRO IA 487 35.55 -109.68 0.05
CA PRO IA 487 35.16 -110.17 -1.27
C PRO IA 487 35.18 -109.04 -2.30
N PRO IA 488 35.82 -109.25 -3.46
CA PRO IA 488 35.83 -108.18 -4.47
C PRO IA 488 34.59 -108.20 -5.36
N GLY JA 2 4.83 -65.09 40.46
CA GLY JA 2 5.05 -64.57 39.12
C GLY JA 2 5.03 -63.06 39.08
N GLU JA 3 6.16 -62.45 39.43
CA GLU JA 3 6.28 -61.00 39.38
C GLU JA 3 7.55 -60.58 38.64
N VAL JA 4 8.56 -61.45 38.61
CA VAL JA 4 9.81 -61.16 37.92
C VAL JA 4 10.21 -62.37 37.10
N VAL JA 5 11.08 -62.15 36.12
CA VAL JA 5 11.56 -63.20 35.25
C VAL JA 5 12.96 -62.84 34.76
N PRO JA 6 13.90 -63.78 34.70
CA PRO JA 6 15.23 -63.46 34.18
C PRO JA 6 15.16 -62.99 32.74
N TYR JA 7 16.04 -62.06 32.41
CA TYR JA 7 16.04 -61.49 31.06
C TYR JA 7 16.33 -62.57 30.03
N LYS JA 8 15.56 -62.57 28.95
CA LYS JA 8 15.77 -63.46 27.81
C LYS JA 8 15.96 -62.61 26.57
N ALA JA 9 17.06 -62.85 25.85
CA ALA JA 9 17.41 -61.98 24.74
C ALA JA 9 16.27 -61.90 23.74
N GLY JA 10 16.11 -60.73 23.13
CA GLY JA 10 15.03 -60.48 22.21
C GLY JA 10 13.78 -59.92 22.85
N MET JA 11 13.71 -59.87 24.18
CA MET JA 11 12.54 -59.34 24.86
C MET JA 11 12.28 -57.91 24.42
N GLN JA 12 11.01 -57.62 24.15
CA GLN JA 12 10.59 -56.28 23.76
C GLN JA 12 9.58 -55.80 24.78
N ARG JA 13 9.78 -54.58 25.28
CA ARG JA 13 8.89 -54.03 26.28
C ARG JA 13 7.45 -54.04 25.75
N GLY JA 14 6.53 -54.50 26.58
CA GLY JA 14 5.13 -54.51 26.21
C GLY JA 14 4.79 -55.66 25.30
N GLN JA 15 4.99 -56.89 25.76
CA GLN JA 15 4.67 -58.08 25.00
C GLN JA 15 4.09 -59.13 25.92
N GLY JA 16 3.28 -60.01 25.34
CA GLY JA 16 2.68 -61.06 26.12
C GLY JA 16 3.72 -62.07 26.60
N TYR JA 17 3.38 -62.74 27.71
CA TYR JA 17 4.26 -63.72 28.31
C TYR JA 17 3.43 -64.88 28.82
N ASN JA 18 3.61 -66.05 28.23
CA ASN JA 18 2.93 -67.27 28.66
C ASN JA 18 3.67 -67.80 29.87
N THR JA 19 3.20 -67.46 31.07
CA THR JA 19 3.96 -67.73 32.27
C THR JA 19 4.19 -69.23 32.48
N TYR JA 20 3.28 -70.08 32.00
CA TYR JA 20 3.47 -71.52 32.13
C TYR JA 20 4.60 -72.00 31.21
N LEU JA 21 4.46 -71.78 29.91
CA LEU JA 21 5.49 -72.18 28.96
C LEU JA 21 6.73 -71.30 29.02
N GLN JA 22 6.68 -70.19 29.76
CA GLN JA 22 7.82 -69.29 29.91
C GLN JA 22 8.35 -68.83 28.56
N SER JA 23 7.49 -68.82 27.55
CA SER JA 23 7.88 -68.39 26.22
C SER JA 23 7.52 -66.92 26.03
N LEU JA 24 7.70 -66.41 24.83
CA LEU JA 24 7.37 -65.03 24.49
C LEU JA 24 6.18 -65.00 23.56
N CYS JA 25 5.34 -63.98 23.74
CA CYS JA 25 4.11 -63.86 22.95
C CYS JA 25 4.04 -62.50 22.27
N VAL JA 26 2.88 -62.17 21.71
CA VAL JA 26 2.77 -61.04 20.80
C VAL JA 26 3.47 -59.81 21.38
N LYS JA 27 4.16 -59.08 20.50
CA LYS JA 27 4.86 -57.87 20.90
C LYS JA 27 3.98 -56.65 20.60
N ASP JA 28 4.07 -55.65 21.46
CA ASP JA 28 3.37 -54.39 21.30
C ASP JA 28 1.88 -54.51 21.57
N ALA JA 29 1.50 -55.42 22.47
CA ALA JA 29 0.12 -55.45 22.94
C ALA JA 29 -0.14 -54.31 23.91
N VAL JA 30 0.88 -53.86 24.63
CA VAL JA 30 0.76 -52.79 25.61
C VAL JA 30 1.73 -51.68 25.23
N THR JA 31 1.22 -50.45 25.14
CA THR JA 31 2.03 -49.28 24.89
C THR JA 31 2.19 -48.52 26.19
N ILE JA 32 3.44 -48.28 26.58
CA ILE JA 32 3.76 -47.53 27.79
C ILE JA 32 4.26 -46.16 27.38
N GLU JA 33 3.57 -45.12 27.84
CA GLU JA 33 3.96 -43.74 27.56
C GLU JA 33 4.80 -43.23 28.73
N ARG JA 34 6.02 -42.81 28.43
CA ARG JA 34 6.90 -42.20 29.42
C ARG JA 34 6.51 -40.73 29.55
N HIS JA 35 5.65 -40.42 30.52
CA HIS JA 35 5.21 -39.04 30.69
C HIS JA 35 6.38 -38.13 31.03
N ASP JA 36 7.28 -38.59 31.91
CA ASP JA 36 8.42 -37.82 32.35
C ASP JA 36 9.70 -38.57 32.02
N ASP JA 37 10.66 -37.87 31.44
CA ASP JA 37 11.95 -38.46 31.07
C ASP JA 37 12.90 -38.30 32.24
N SER JA 38 13.00 -39.35 33.06
CA SER JA 38 13.88 -39.33 34.21
C SER JA 38 14.18 -40.76 34.64
N ASN JA 39 15.42 -41.03 34.97
CA ASN JA 39 15.79 -42.37 35.40
C ASN JA 39 15.17 -42.65 36.78
N PRO JA 40 14.80 -43.91 37.04
CA PRO JA 40 14.10 -44.22 38.29
C PRO JA 40 15.06 -44.22 39.46
N PRO JA 41 14.54 -44.21 40.69
CA PRO JA 41 15.42 -44.28 41.86
C PRO JA 41 16.20 -45.57 41.89
N PHE JA 42 17.42 -45.51 42.44
CA PHE JA 42 18.35 -46.62 42.38
C PHE JA 42 18.96 -46.88 43.75
N LYS JA 43 19.44 -48.11 43.92
CA LYS JA 43 20.06 -48.56 45.16
C LYS JA 43 21.49 -49.00 44.85
N LYS JA 44 22.45 -48.54 45.65
CA LYS JA 44 23.86 -48.80 45.42
C LYS JA 44 24.47 -49.60 46.55
N GLU JA 45 25.49 -50.37 46.21
CA GLU JA 45 26.32 -51.06 47.18
C GLU JA 45 27.78 -50.90 46.79
N TYR JA 46 28.67 -51.00 47.77
CA TYR JA 46 30.11 -50.84 47.50
C TYR JA 46 30.88 -51.56 48.61
N TYR JA 47 31.38 -52.74 48.30
CA TYR JA 47 32.24 -53.50 49.20
C TYR JA 47 33.66 -53.43 48.66
N SER JA 48 34.59 -52.96 49.49
CA SER JA 48 35.97 -52.74 49.06
C SER JA 48 36.94 -53.32 50.05
N GLU JA 49 38.04 -53.87 49.55
CA GLU JA 49 39.12 -54.41 50.37
C GLU JA 49 40.45 -53.96 49.79
N PHE JA 50 41.37 -53.57 50.65
CA PHE JA 50 42.73 -53.20 50.25
C PHE JA 50 43.68 -53.92 51.20
N ILE JA 51 44.14 -55.10 50.79
CA ILE JA 51 44.91 -55.96 51.68
C ILE JA 51 46.27 -55.34 51.97
N GLU JA 52 46.87 -55.79 53.06
CA GLU JA 52 48.06 -55.15 53.63
C GLU JA 52 49.15 -54.97 52.58
N GLU JA 53 50.07 -54.05 52.86
CA GLU JA 53 51.28 -53.86 52.07
C GLU JA 53 52.39 -54.65 52.75
N TYR JA 54 52.66 -55.85 52.24
CA TYR JA 54 53.68 -56.71 52.84
C TYR JA 54 55.04 -56.10 52.53
N GLU JA 55 55.39 -55.09 53.34
CA GLU JA 55 56.69 -54.41 53.18
C GLU JA 55 57.71 -55.03 54.15
N LYS JA 56 58.69 -55.75 53.62
CA LYS JA 56 59.69 -56.44 54.43
C LYS JA 56 61.07 -56.15 53.86
N ILE JA 57 61.87 -55.36 54.58
CA ILE JA 57 63.25 -55.12 54.22
C ILE JA 57 64.11 -55.89 55.21
N ALA JA 58 64.92 -56.81 54.70
CA ALA JA 58 65.94 -57.49 55.49
C ALA JA 58 67.29 -57.19 54.84
N LYS JA 59 68.23 -56.67 55.63
CA LYS JA 59 69.48 -56.17 55.11
C LYS JA 59 70.64 -56.68 55.95
N SER JA 60 71.77 -56.91 55.30
CA SER JA 60 72.93 -57.53 55.94
C SER JA 60 74.14 -56.61 55.87
N MET JA 61 74.94 -56.60 56.95
CA MET JA 61 76.20 -55.83 56.96
C MET JA 61 77.23 -56.62 57.78
N ARG JA 62 78.06 -57.41 57.11
CA ARG JA 62 79.06 -58.28 57.74
C ARG JA 62 80.44 -57.79 57.34
N ILE JA 63 81.24 -57.40 58.34
CA ILE JA 63 82.60 -56.93 58.12
C ILE JA 63 83.53 -57.74 58.99
N SER JA 64 84.73 -57.99 58.48
CA SER JA 64 85.73 -58.74 59.24
C SER JA 64 87.11 -58.37 58.72
N ALA JA 65 87.97 -57.87 59.60
CA ALA JA 65 89.32 -57.50 59.22
C ALA JA 65 90.24 -57.65 60.42
N GLY JA 66 91.50 -57.93 60.15
CA GLY JA 66 92.50 -58.09 61.19
C GLY JA 66 93.81 -58.64 60.67
N VAL JA 78 99.85 -58.77 56.31
CA VAL JA 78 98.84 -59.76 55.96
C VAL JA 78 97.52 -59.40 56.62
N ASN JA 79 96.90 -58.33 56.14
CA ASN JA 79 95.62 -57.86 56.65
C ASN JA 79 94.52 -58.16 55.63
N VAL JA 80 93.43 -58.75 56.10
CA VAL JA 80 92.35 -59.15 55.24
C VAL JA 80 91.11 -58.33 55.59
N ASP JA 81 90.21 -58.22 54.61
CA ASP JA 81 88.95 -57.49 54.77
C ASP JA 81 87.83 -58.30 54.16
N ILE JA 82 86.65 -58.21 54.75
CA ILE JA 82 85.44 -58.83 54.22
C ILE JA 82 84.30 -57.85 54.39
N LEU JA 83 83.53 -57.63 53.33
CA LEU JA 83 82.45 -56.63 53.33
C LEU JA 83 81.28 -57.24 52.55
N ASN JA 84 80.30 -57.79 53.27
CA ASN JA 84 79.17 -58.47 52.64
C ASN JA 84 77.88 -57.74 52.93
N ARG JA 85 77.07 -57.55 51.89
CA ARG JA 85 75.79 -56.86 52.01
C ARG JA 85 74.69 -57.74 51.42
N SER JA 86 73.46 -57.47 51.86
CA SER JA 86 72.29 -58.10 51.27
C SER JA 86 71.12 -57.17 51.47
N GLU JA 87 70.05 -57.41 50.71
CA GLU JA 87 68.85 -56.60 50.80
C GLU JA 87 67.70 -57.36 50.19
N PHE JA 88 66.67 -57.62 50.98
CA PHE JA 88 65.50 -58.35 50.52
C PHE JA 88 64.27 -57.48 50.75
N GLU JA 89 63.54 -57.21 49.67
CA GLU JA 89 62.36 -56.36 49.72
C GLU JA 89 61.14 -57.16 49.28
N THR JA 90 60.00 -56.86 49.89
CA THR JA 90 58.75 -57.49 49.54
C THR JA 90 57.65 -56.43 49.54
N SER JA 91 56.67 -56.59 48.66
CA SER JA 91 55.54 -55.68 48.61
C SER JA 91 54.38 -56.40 47.93
N THR JA 92 53.45 -56.91 48.72
CA THR JA 92 52.25 -57.56 48.20
C THR JA 92 51.06 -56.65 48.45
N LEU JA 93 50.52 -56.09 47.39
CA LEU JA 93 49.31 -55.28 47.44
C LEU JA 93 48.19 -56.02 46.74
N THR JA 94 47.02 -56.07 47.36
CA THR JA 94 45.86 -56.68 46.75
C THR JA 94 44.66 -55.76 46.94
N TYR JA 95 43.73 -55.82 45.99
CA TYR JA 95 42.57 -54.94 46.01
C TYR JA 95 41.37 -55.71 45.51
N GLU JA 96 40.18 -55.27 45.90
CA GLU JA 96 38.95 -55.91 45.45
C GLU JA 96 37.76 -55.02 45.79
N VAL JA 97 36.91 -54.78 44.80
CA VAL JA 97 35.67 -54.05 45.00
C VAL JA 97 34.53 -54.81 44.35
N LYS JA 98 33.30 -54.49 44.77
CA LYS JA 98 32.11 -55.11 44.20
C LYS JA 98 30.97 -54.12 44.34
N VAL JA 99 30.60 -53.48 43.23
CA VAL JA 99 29.59 -52.44 43.21
C VAL JA 99 28.33 -53.00 42.58
N LEU JA 100 27.22 -52.93 43.30
CA LEU JA 100 25.93 -53.40 42.81
C LEU JA 100 24.96 -52.23 42.77
N VAL JA 101 24.34 -52.02 41.61
CA VAL JA 101 23.38 -50.95 41.40
C VAL JA 101 22.08 -51.57 40.91
N GLN JA 102 20.97 -51.23 41.56
CA GLN JA 102 19.66 -51.74 41.18
C GLN JA 102 18.69 -50.58 41.12
N HIS JA 103 18.05 -50.38 39.97
CA HIS JA 103 17.09 -49.31 39.78
C HIS JA 103 15.71 -49.79 40.24
N GLN JA 104 14.69 -48.96 40.03
CA GLN JA 104 13.32 -49.35 40.31
C GLN JA 104 12.45 -49.03 39.10
N VAL JA 105 11.16 -49.33 39.17
CA VAL JA 105 10.22 -49.08 38.09
C VAL JA 105 9.46 -47.81 38.40
N SER JA 106 9.45 -46.88 37.45
CA SER JA 106 8.80 -45.59 37.68
C SER JA 106 7.31 -45.79 37.92
N VAL JA 107 6.75 -44.96 38.79
CA VAL JA 107 5.35 -45.08 39.19
C VAL JA 107 4.45 -44.09 38.48
N LEU JA 108 4.99 -43.28 37.57
CA LEU JA 108 4.24 -42.23 36.90
C LEU JA 108 4.11 -42.48 35.40
N ASP JA 109 3.86 -43.73 35.03
CA ASP JA 109 3.67 -44.11 33.64
C ASP JA 109 2.23 -44.56 33.42
N LYS JA 110 1.80 -44.54 32.16
CA LYS JA 110 0.46 -44.95 31.77
C LYS JA 110 0.56 -46.21 30.93
N HIS JA 111 -0.29 -47.18 31.23
CA HIS JA 111 -0.32 -48.47 30.54
C HIS JA 111 -1.62 -48.60 29.77
N SER JA 112 -1.54 -49.02 28.52
CA SER JA 112 -2.70 -49.18 27.65
C SER JA 112 -2.65 -50.56 27.00
N PHE JA 113 -3.79 -50.96 26.43
CA PHE JA 113 -3.93 -52.27 25.80
C PHE JA 113 -4.41 -52.10 24.36
N ASN JA 114 -3.63 -52.62 23.42
CA ASN JA 114 -3.96 -52.53 22.00
C ASN JA 114 -4.57 -53.85 21.54
N LYS JA 115 -5.50 -53.75 20.60
CA LYS JA 115 -6.29 -54.90 20.17
C LYS JA 115 -5.65 -55.55 18.96
N ILE JA 116 -5.43 -56.86 19.05
CA ILE JA 116 -5.01 -57.67 17.91
C ILE JA 116 -6.12 -58.69 17.66
N GLN JA 117 -6.62 -58.70 16.42
CA GLN JA 117 -7.73 -59.61 16.05
C GLN JA 117 -7.21 -61.04 15.84
N THR JA 118 -7.68 -61.99 16.66
CA THR JA 118 -7.26 -63.37 16.56
C THR JA 118 -8.41 -64.27 16.97
N THR JA 119 -8.47 -65.46 16.37
CA THR JA 119 -9.44 -66.46 16.79
C THR JA 119 -9.02 -67.16 18.07
N THR JA 120 -7.75 -67.02 18.46
CA THR JA 120 -7.21 -67.65 19.67
C THR JA 120 -6.45 -66.60 20.47
N PRO JA 121 -7.16 -65.62 21.04
CA PRO JA 121 -6.46 -64.57 21.78
C PRO JA 121 -5.66 -65.08 22.95
N HIS JA 122 -6.01 -66.26 23.47
CA HIS JA 122 -5.30 -66.81 24.62
C HIS JA 122 -3.86 -67.14 24.27
N ALA JA 123 -3.66 -67.80 23.13
CA ALA JA 123 -2.30 -68.21 22.74
C ALA JA 123 -1.52 -67.04 22.15
N THR JA 124 -2.19 -65.99 21.69
CA THR JA 124 -1.49 -64.83 21.16
C THR JA 124 -1.09 -63.87 22.28
N TYR JA 125 -2.05 -63.46 23.10
CA TYR JA 125 -1.76 -62.51 24.16
C TYR JA 125 -1.01 -63.18 25.31
N GLY JA 126 -1.42 -64.38 25.69
CA GLY JA 126 -0.82 -65.07 26.82
C GLY JA 126 -1.54 -64.77 28.12
N ASP JA 127 -0.78 -64.55 29.19
CA ASP JA 127 -1.34 -64.19 30.49
C ASP JA 127 -0.90 -62.81 30.96
N ARG JA 128 0.39 -62.53 30.96
CA ARG JA 128 0.92 -61.29 31.51
C ARG JA 128 1.84 -60.62 30.50
N PHE JA 129 1.96 -59.30 30.64
CA PHE JA 129 2.74 -58.47 29.74
C PHE JA 129 3.94 -57.88 30.45
N ILE JA 130 4.92 -57.44 29.66
CA ILE JA 130 6.17 -56.92 30.18
C ILE JA 130 6.02 -55.40 30.30
N ALA JA 131 5.78 -54.93 31.53
CA ALA JA 131 5.50 -53.51 31.73
C ALA JA 131 6.78 -52.69 31.74
N ASP JA 132 7.67 -52.96 32.69
CA ASP JA 132 8.92 -52.23 32.81
C ASP JA 132 10.05 -53.21 33.09
N PHE JA 133 11.25 -52.83 32.68
CA PHE JA 133 12.44 -53.66 32.86
C PHE JA 133 13.21 -53.17 34.08
N ILE JA 134 13.48 -54.10 35.00
CA ILE JA 134 14.31 -53.78 36.16
C ILE JA 134 15.75 -53.69 35.70
N LYS JA 135 16.36 -52.52 35.89
CA LYS JA 135 17.70 -52.25 35.41
C LYS JA 135 18.68 -52.21 36.57
N GLY JA 136 19.96 -52.39 36.23
CA GLY JA 136 20.99 -52.40 37.25
C GLY JA 136 22.40 -52.40 36.67
N GLY JA 137 23.37 -52.80 37.48
CA GLY JA 137 24.75 -52.81 37.06
C GLY JA 137 25.58 -53.62 38.02
N HIS JA 138 26.86 -53.80 37.66
CA HIS JA 138 27.73 -54.67 38.44
C HIS JA 138 29.17 -54.24 38.23
N PHE JA 139 30.00 -54.47 39.25
CA PHE JA 139 31.43 -54.22 39.14
C PHE JA 139 32.17 -55.28 39.94
N TYR JA 140 33.38 -55.58 39.49
CA TYR JA 140 34.18 -56.61 40.14
C TYR JA 140 35.63 -56.42 39.71
N ALA JA 141 36.50 -56.09 40.65
CA ALA JA 141 37.89 -55.80 40.33
C ALA JA 141 38.80 -56.56 41.29
N ARG JA 142 39.99 -56.91 40.79
CA ARG JA 142 41.02 -57.56 41.58
C ARG JA 142 42.37 -57.09 41.08
N VAL JA 143 43.16 -56.50 41.95
CA VAL JA 143 44.54 -56.12 41.66
C VAL JA 143 45.45 -56.96 42.55
N SER JA 144 46.49 -57.53 41.96
CA SER JA 144 47.46 -58.35 42.68
C SER JA 144 48.85 -57.87 42.29
N ILE JA 145 49.34 -56.86 43.00
CA ILE JA 145 50.68 -56.33 42.76
C ILE JA 145 51.66 -57.18 43.56
N THR JA 146 52.55 -57.90 42.86
CA THR JA 146 53.51 -58.82 43.53
C THR JA 146 54.66 -58.03 44.10
N ALA JA 147 55.53 -58.66 44.88
CA ALA JA 147 56.69 -58.02 45.53
C ALA JA 147 57.70 -57.51 44.51
N LYS JA 148 58.71 -56.77 44.97
CA LYS JA 148 59.81 -56.32 44.09
C LYS JA 148 60.90 -57.39 44.21
N ASN JA 149 61.03 -58.02 45.37
CA ASN JA 149 62.10 -58.96 45.63
C ASN JA 149 63.47 -58.37 45.27
N SER JA 150 63.68 -57.14 45.73
CA SER JA 150 64.99 -56.53 45.58
C SER JA 150 66.04 -57.41 46.23
N SER JA 151 67.16 -57.61 45.53
CA SER JA 151 68.19 -58.53 45.99
C SER JA 151 69.57 -57.90 45.94
N GLU JA 152 69.72 -56.68 46.44
CA GLU JA 152 71.02 -56.02 46.47
C GLU JA 152 71.96 -56.82 47.35
N THR JA 153 73.03 -57.35 46.77
CA THR JA 153 74.07 -58.06 47.50
C THR JA 153 75.43 -57.62 46.99
N SER JA 154 76.46 -57.84 47.80
CA SER JA 154 77.81 -57.46 47.42
C SER JA 154 78.81 -58.09 48.38
N GLU JA 155 80.04 -58.23 47.90
CA GLU JA 155 81.13 -58.81 48.69
C GLU JA 155 82.41 -58.07 48.31
N LEU JA 156 83.35 -57.98 49.25
CA LEU JA 156 84.65 -57.37 49.00
C LEU JA 156 85.70 -58.11 49.80
N LYS JA 157 86.93 -58.13 49.28
CA LYS JA 157 88.03 -58.87 49.87
C LYS JA 157 89.35 -58.14 49.60
N GLN JA 158 89.94 -57.55 50.65
CA GLN JA 158 91.20 -56.81 50.53
C GLN JA 158 92.27 -57.52 51.36
N SER JA 159 93.04 -58.37 50.69
CA SER JA 159 94.16 -59.03 51.33
C SER JA 159 95.44 -58.21 51.14
N ALA JA 160 95.97 -57.68 52.23
CA ALA JA 160 97.17 -56.86 52.18
C ALA JA 160 97.01 -55.69 51.23
N THR JA 174 101.66 -56.83 47.66
CA THR JA 174 100.58 -57.74 47.32
C THR JA 174 99.21 -57.15 47.68
N GLN JA 175 98.25 -57.34 46.79
CA GLN JA 175 96.93 -56.75 46.95
C GLN JA 175 95.92 -57.68 46.28
N GLU JA 176 94.66 -57.54 46.70
CA GLU JA 176 93.59 -58.37 46.15
C GLU JA 176 92.27 -57.65 46.34
N VAL JA 177 91.43 -57.68 45.31
CA VAL JA 177 90.09 -57.12 45.35
C VAL JA 177 89.13 -58.10 44.68
N GLU JA 178 87.96 -58.31 45.29
CA GLU JA 178 86.99 -59.29 44.81
C GLU JA 178 85.59 -58.72 45.07
N ARG JA 179 84.95 -58.21 44.01
CA ARG JA 179 83.60 -57.67 44.09
C ARG JA 179 82.62 -58.41 43.18
N ALA JA 180 82.83 -59.70 42.96
CA ALA JA 180 81.97 -60.47 42.07
C ALA JA 180 80.70 -60.93 42.76
N VAL JA 181 79.97 -59.98 43.36
CA VAL JA 181 78.69 -60.26 43.99
C VAL JA 181 77.80 -59.05 43.78
N SER JA 182 76.68 -59.24 43.08
CA SER JA 182 75.74 -58.15 42.82
C SER JA 182 74.51 -58.74 42.16
N SER JA 183 73.34 -58.29 42.61
CA SER JA 183 72.07 -58.75 42.05
C SER JA 183 71.02 -57.69 42.33
N ILE JA 184 69.92 -57.75 41.57
CA ILE JA 184 68.89 -56.72 41.62
C ILE JA 184 67.52 -57.41 41.67
N LYS JA 185 66.49 -56.61 41.88
CA LYS JA 185 65.12 -57.08 42.00
C LYS JA 185 64.69 -57.84 40.77
N ARG JA 186 63.86 -58.86 40.98
CA ARG JA 186 63.18 -59.52 39.87
C ARG JA 186 61.81 -59.96 40.40
N ASN JA 187 60.84 -59.05 40.34
CA ASN JA 187 59.44 -59.40 40.49
C ASN JA 187 58.57 -58.18 40.22
N ALA JA 188 57.58 -58.32 39.34
CA ALA JA 188 56.57 -57.28 39.15
C ALA JA 188 55.38 -57.92 38.44
N SER JA 189 54.35 -58.27 39.21
CA SER JA 189 53.16 -58.91 38.67
C SER JA 189 51.96 -58.02 38.94
N VAL JA 190 51.23 -57.68 37.89
CA VAL JA 190 50.02 -56.88 38.00
C VAL JA 190 48.91 -57.69 37.33
N LYS JA 191 48.12 -58.41 38.14
CA LYS JA 191 46.96 -59.13 37.65
C LYS JA 191 45.73 -58.25 37.88
N ILE JA 192 45.05 -57.89 36.80
CA ILE JA 192 43.85 -57.08 36.87
C ILE JA 192 42.72 -57.84 36.20
N THR JA 193 41.60 -57.97 36.91
CA THR JA 193 40.36 -58.47 36.33
C THR JA 193 39.28 -57.45 36.60
N ILE JA 194 38.57 -57.02 35.56
CA ILE JA 194 37.50 -56.06 35.69
C ILE JA 194 36.28 -56.62 34.98
N ILE JA 195 35.18 -56.77 35.71
CA ILE JA 195 33.93 -57.27 35.15
C ILE JA 195 32.87 -56.21 35.36
N GLU JA 196 32.30 -55.72 34.27
CA GLU JA 196 31.40 -54.58 34.32
C GLU JA 196 30.12 -54.86 33.55
N SER JA 197 29.02 -54.29 34.05
CA SER JA 197 27.73 -54.32 33.37
C SER JA 197 27.15 -52.91 33.50
N THR JA 198 27.45 -52.06 32.52
CA THR JA 198 27.04 -50.66 32.60
C THR JA 198 26.34 -50.23 31.32
N GLY JA 199 26.08 -48.94 31.18
CA GLY JA 199 25.36 -48.44 30.03
C GLY JA 199 26.05 -47.22 29.44
N THR JA 200 25.71 -46.94 28.19
CA THR JA 200 26.28 -45.82 27.47
C THR JA 200 25.68 -44.50 27.95
N SER JA 201 26.45 -43.43 27.79
CA SER JA 201 25.98 -42.10 28.17
C SER JA 201 24.83 -41.68 27.27
N SER JA 216 50.82 -47.24 39.21
CA SER JA 216 49.63 -46.66 39.81
C SER JA 216 48.39 -47.43 39.36
N ASP JA 217 48.55 -48.72 39.10
CA ASP JA 217 47.40 -49.51 38.66
C ASP JA 217 46.39 -49.70 39.77
N LEU JA 218 46.84 -49.69 41.03
CA LEU JA 218 45.90 -49.76 42.13
C LEU JA 218 44.99 -48.52 42.15
N LEU JA 219 45.57 -47.35 41.92
CA LEU JA 219 44.76 -46.13 41.87
C LEU JA 219 43.86 -46.09 40.64
N ALA JA 220 44.35 -46.56 39.50
CA ALA JA 220 43.54 -46.53 38.29
C ALA JA 220 42.26 -47.34 38.46
N VAL JA 221 42.36 -48.53 39.03
CA VAL JA 221 41.18 -49.32 39.30
C VAL JA 221 40.26 -48.58 40.27
N LYS JA 222 40.84 -47.89 41.24
CA LYS JA 222 40.04 -47.18 42.23
C LYS JA 222 39.22 -46.07 41.59
N GLU JA 223 39.81 -45.32 40.65
CA GLU JA 223 39.08 -44.23 40.02
C GLU JA 223 37.87 -44.75 39.25
N LYS JA 224 38.06 -45.82 38.46
CA LYS JA 224 36.92 -46.43 37.79
C LYS JA 224 35.93 -46.98 38.80
N ALA JA 225 36.42 -47.58 39.88
CA ALA JA 225 35.51 -48.06 40.92
C ALA JA 225 34.76 -46.91 41.58
N ASP JA 226 35.45 -45.83 41.91
CA ASP JA 226 34.77 -44.68 42.51
C ASP JA 226 33.93 -43.95 41.47
N GLN JA 227 34.46 -43.75 40.26
CA GLN JA 227 33.67 -43.13 39.22
C GLN JA 227 32.41 -43.92 38.94
N PHE JA 228 32.46 -45.24 39.10
CA PHE JA 228 31.26 -46.05 38.94
C PHE JA 228 30.20 -45.62 39.95
N TYR JA 229 30.63 -45.43 41.20
CA TYR JA 229 29.71 -44.96 42.26
C TYR JA 229 29.13 -43.64 41.81
N LYS JA 230 29.99 -42.65 41.51
CA LYS JA 230 29.48 -41.34 41.11
C LYS JA 230 28.72 -41.43 39.80
N ASP JA 231 29.13 -42.32 38.90
CA ASP JA 231 28.45 -42.44 37.62
C ASP JA 231 26.99 -42.83 37.80
N ALA JA 232 26.70 -43.68 38.78
CA ALA JA 232 25.32 -44.09 38.99
C ALA JA 232 24.41 -42.90 39.25
N ASP JA 233 24.89 -41.92 40.02
CA ASP JA 233 24.04 -40.77 40.34
C ASP JA 233 23.54 -40.09 39.09
N SER JA 234 24.37 -40.03 38.05
CA SER JA 234 23.93 -39.50 36.77
C SER JA 234 22.90 -40.40 36.11
N GLY JA 235 22.70 -41.61 36.62
CA GLY JA 235 21.68 -42.50 36.07
C GLY JA 235 21.99 -43.02 34.69
N LYS JA 236 23.24 -43.45 34.49
CA LYS JA 236 23.67 -44.01 33.17
C LYS JA 236 23.75 -45.53 33.28
N HIS JA 237 23.49 -46.09 34.47
CA HIS JA 237 23.62 -47.53 34.69
C HIS JA 237 22.31 -48.19 34.32
N SER JA 238 22.07 -48.31 33.02
CA SER JA 238 20.84 -48.88 32.51
C SER JA 238 21.21 -50.19 31.83
N TYR JA 239 21.28 -51.26 32.61
CA TYR JA 239 21.48 -52.61 32.10
C TYR JA 239 20.29 -53.46 32.49
N VAL JA 240 19.73 -54.17 31.53
CA VAL JA 240 18.49 -54.92 31.77
C VAL JA 240 18.82 -56.17 32.58
N LEU JA 241 18.19 -56.29 33.75
CA LEU JA 241 18.38 -57.44 34.62
C LEU JA 241 17.12 -58.28 34.74
N PHE JA 242 16.02 -57.70 35.17
CA PHE JA 242 14.77 -58.42 35.39
C PHE JA 242 13.63 -57.72 34.68
N ALA JA 243 12.55 -58.46 34.44
CA ALA JA 243 11.35 -57.93 33.82
C ALA JA 243 10.19 -58.08 34.78
N VAL JA 244 9.42 -57.00 34.95
CA VAL JA 244 8.28 -56.97 35.87
C VAL JA 244 7.02 -57.30 35.10
N LEU JA 245 6.25 -58.26 35.60
CA LEU JA 245 5.05 -58.75 34.92
C LEU JA 245 3.81 -58.06 35.47
N GLY JA 246 2.86 -57.80 34.58
CA GLY JA 246 1.60 -57.21 34.96
C GLY JA 246 0.44 -57.95 34.33
N LYS JA 247 -0.70 -57.92 35.02
CA LYS JA 247 -1.87 -58.67 34.59
C LYS JA 247 -2.73 -57.81 33.69
N TYR JA 248 -3.19 -58.41 32.59
CA TYR JA 248 -3.98 -57.66 31.61
C TYR JA 248 -5.28 -57.13 32.19
N ARG JA 249 -5.76 -57.71 33.29
CA ARG JA 249 -7.01 -57.24 33.87
C ARG JA 249 -6.87 -55.84 34.44
N ASN JA 250 -5.71 -55.55 35.05
CA ASN JA 250 -5.51 -54.25 35.70
C ASN JA 250 -5.42 -53.11 34.71
N LEU JA 251 -5.30 -53.38 33.41
CA LEU JA 251 -5.27 -52.32 32.42
C LEU JA 251 -6.61 -51.61 32.39
N SER JA 252 -6.58 -50.28 32.41
CA SER JA 252 -7.82 -49.52 32.28
C SER JA 252 -8.49 -49.78 30.93
N ASN JA 253 -7.71 -49.76 29.85
CA ASN JA 253 -8.24 -49.91 28.51
C ASN JA 253 -8.75 -51.31 28.24
N PHE JA 254 -8.45 -52.26 29.11
CA PHE JA 254 -8.93 -53.62 28.96
C PHE JA 254 -10.43 -53.65 29.26
N GLU JA 255 -11.23 -53.84 28.22
CA GLU JA 255 -12.66 -54.08 28.35
C GLU JA 255 -12.99 -55.56 28.28
N SER JA 256 -12.13 -56.40 28.85
CA SER JA 256 -12.34 -57.84 28.86
C SER JA 256 -12.39 -58.39 27.44
N TYR JA 257 -11.28 -58.20 26.72
CA TYR JA 257 -11.14 -58.78 25.40
C TYR JA 257 -11.16 -60.31 25.47
N PHE JA 258 -10.80 -60.87 26.62
CA PHE JA 258 -10.81 -62.31 26.81
C PHE JA 258 -10.76 -62.58 28.31
N ALA JA 259 -10.72 -63.87 28.66
CA ALA JA 259 -10.64 -64.26 30.06
C ALA JA 259 -9.28 -64.91 30.30
N PRO JA 260 -8.29 -64.20 30.83
CA PRO JA 260 -6.98 -64.81 31.02
C PRO JA 260 -7.03 -65.99 31.97
N PHE JA 261 -6.23 -67.00 31.67
CA PHE JA 261 -6.12 -68.14 32.58
C PHE JA 261 -5.25 -67.79 33.77
N ASP JA 262 -5.41 -68.57 34.85
CA ASP JA 262 -4.56 -68.47 36.06
C ASP JA 262 -3.80 -69.78 36.12
N TYR JA 263 -2.54 -69.81 35.68
CA TYR JA 263 -1.77 -71.04 35.55
C TYR JA 263 -1.06 -71.45 36.84
N GLN JA 264 -1.28 -70.73 37.93
CA GLN JA 264 -0.59 -71.07 39.18
C GLN JA 264 -0.88 -72.51 39.58
N MET JA 265 -2.16 -72.89 39.60
CA MET JA 265 -2.51 -74.25 39.96
C MET JA 265 -2.14 -75.24 38.87
N ALA JA 266 -2.35 -74.88 37.61
CA ALA JA 266 -2.03 -75.78 36.51
C ALA JA 266 -0.55 -76.13 36.50
N SER JA 267 0.32 -75.13 36.68
CA SER JA 267 1.74 -75.41 36.73
C SER JA 267 2.09 -76.30 37.92
N LEU JA 268 1.47 -76.05 39.07
CA LEU JA 268 1.74 -76.88 40.23
C LEU JA 268 1.36 -78.33 39.96
N ARG JA 269 0.19 -78.56 39.39
CA ARG JA 269 -0.24 -79.93 39.12
C ARG JA 269 0.68 -80.60 38.11
N SER JA 270 1.06 -79.89 37.06
CA SER JA 270 1.84 -80.47 35.96
C SER JA 270 3.33 -80.21 36.15
N TRP JA 271 3.87 -80.64 37.28
CA TRP JA 271 5.31 -80.59 37.51
C TRP JA 271 6.00 -81.91 37.19
N ALA JA 272 5.37 -83.04 37.47
CA ALA JA 272 5.97 -84.32 37.12
C ALA JA 272 6.21 -84.42 35.62
N LEU JA 273 5.40 -83.74 34.83
CA LEU JA 273 5.60 -83.75 33.38
C LEU JA 273 6.76 -82.85 32.96
N PHE JA 274 6.91 -81.70 33.61
CA PHE JA 274 7.96 -80.77 33.23
C PHE JA 274 9.33 -81.40 33.44
N ASN JA 275 9.53 -82.12 34.54
CA ASN JA 275 10.81 -82.78 34.76
C ASN JA 275 11.06 -83.85 33.70
N ASP JA 276 10.04 -84.64 33.36
CA ASP JA 276 10.22 -85.67 32.36
C ASP JA 276 10.62 -85.08 31.01
N PHE JA 277 10.26 -83.82 30.76
CA PHE JA 277 10.68 -83.17 29.53
C PHE JA 277 12.20 -83.01 29.48
N THR JA 278 12.78 -82.43 30.52
CA THR JA 278 14.23 -82.23 30.52
C THR JA 278 14.97 -83.56 30.44
N LEU JA 279 14.49 -84.57 31.17
CA LEU JA 279 15.15 -85.87 31.13
C LEU JA 279 15.10 -86.47 29.73
N TYR JA 280 13.95 -86.39 29.06
CA TYR JA 280 13.84 -86.98 27.73
C TYR JA 280 14.73 -86.26 26.73
N LYS JA 281 14.79 -84.93 26.81
CA LYS JA 281 15.69 -84.18 25.93
C LYS JA 281 17.13 -84.56 26.18
N ALA JA 282 17.51 -84.74 27.44
CA ALA JA 282 18.88 -85.12 27.75
C ALA JA 282 19.24 -86.48 27.17
N ILE JA 283 18.32 -87.44 27.26
CA ILE JA 283 18.63 -88.79 26.78
C ILE JA 283 18.56 -88.94 25.27
N GLU JA 284 18.13 -87.91 24.54
CA GLU JA 284 18.34 -87.91 23.10
C GLU JA 284 19.84 -87.90 22.80
N THR JA 285 20.59 -87.04 23.50
CA THR JA 285 22.03 -87.00 23.34
C THR JA 285 22.71 -88.26 23.87
N MET JA 286 22.08 -88.98 24.80
CA MET JA 286 22.57 -90.30 25.19
C MET JA 286 22.81 -91.16 23.96
N ILE JA 287 21.77 -91.35 23.15
CA ILE JA 287 21.85 -92.27 22.02
C ILE JA 287 22.80 -91.74 20.97
N LYS JA 288 22.68 -90.45 20.62
CA LYS JA 288 23.49 -89.91 19.54
C LYS JA 288 24.97 -89.95 19.89
N ALA JA 289 25.32 -89.63 21.13
CA ALA JA 289 26.74 -89.53 21.48
C ALA JA 289 27.46 -90.87 21.33
N VAL JA 290 26.86 -91.96 21.78
CA VAL JA 290 27.54 -93.25 21.81
C VAL JA 290 27.66 -93.81 20.40
N PRO JA 291 28.79 -94.42 20.03
CA PRO JA 291 28.99 -94.85 18.65
C PRO JA 291 28.22 -96.14 18.33
N GLU JA 292 28.31 -96.52 17.06
CA GLU JA 292 27.60 -97.70 16.56
C GLU JA 292 28.24 -98.99 17.06
N SER JA 293 29.56 -98.99 17.22
CA SER JA 293 30.29 -100.21 17.52
C SER JA 293 30.09 -100.71 18.94
N LYS JA 294 29.16 -100.13 19.70
CA LYS JA 294 28.90 -100.54 21.07
C LYS JA 294 27.41 -100.62 21.34
N PHE JA 295 26.67 -101.00 20.29
CA PHE JA 295 25.21 -101.22 20.42
C PHE JA 295 25.00 -102.71 20.29
N LYS JA 296 24.06 -103.27 21.06
CA LYS JA 296 23.86 -104.73 21.04
C LYS JA 296 23.32 -105.19 19.70
N ASP JA 297 22.26 -104.55 19.20
CA ASP JA 297 21.62 -105.01 17.98
C ASP JA 297 22.33 -104.55 16.72
N GLY JA 298 23.29 -103.63 16.83
CA GLY JA 298 24.06 -103.21 15.69
C GLY JA 298 23.40 -102.06 14.94
N PRO JA 299 23.34 -102.15 13.61
CA PRO JA 299 22.92 -100.98 12.82
C PRO JA 299 21.52 -100.50 13.13
N GLU JA 300 20.51 -101.38 13.02
CA GLU JA 300 19.14 -100.96 13.18
C GLU JA 300 18.76 -100.88 14.65
N ARG JA 301 19.58 -100.20 15.44
CA ARG JA 301 19.27 -99.95 16.83
C ARG JA 301 19.39 -98.47 17.13
N LYS JA 302 20.29 -97.78 16.44
CA LYS JA 302 20.43 -96.35 16.63
C LYS JA 302 19.16 -95.61 16.20
N THR JA 303 18.62 -95.94 15.03
CA THR JA 303 17.57 -95.10 14.47
C THR JA 303 16.25 -95.27 15.21
N GLN JA 304 15.84 -96.50 15.52
CA GLN JA 304 14.57 -96.67 16.21
C GLN JA 304 14.69 -96.44 17.71
N LEU JA 305 15.90 -96.44 18.26
CA LEU JA 305 16.07 -95.88 19.60
C LEU JA 305 16.00 -94.37 19.55
N ILE JA 306 16.65 -93.76 18.56
CA ILE JA 306 16.52 -92.31 18.39
C ILE JA 306 15.08 -91.95 18.05
N LYS JA 307 14.46 -92.68 17.13
CA LYS JA 307 13.10 -92.35 16.74
C LYS JA 307 12.11 -92.61 17.87
N GLN JA 308 12.32 -93.68 18.63
CA GLN JA 308 11.40 -93.97 19.73
C GLN JA 308 11.42 -92.86 20.77
N ALA JA 309 12.60 -92.33 21.07
CA ALA JA 309 12.70 -91.23 22.04
C ALA JA 309 12.02 -89.98 21.51
N ILE JA 310 12.27 -89.62 20.25
CA ILE JA 310 11.68 -88.41 19.69
C ILE JA 310 10.17 -88.56 19.53
N ASN JA 311 9.70 -89.76 19.15
CA ASN JA 311 8.27 -89.94 18.99
C ASN JA 311 7.55 -89.69 20.30
N ILE JA 312 8.09 -90.18 21.42
CA ILE JA 312 7.48 -89.92 22.72
C ILE JA 312 7.84 -88.54 23.24
N PHE JA 313 8.87 -87.89 22.68
CA PHE JA 313 9.10 -86.48 22.98
C PHE JA 313 7.96 -85.64 22.42
N GLU JA 314 7.41 -86.03 21.28
CA GLU JA 314 6.24 -85.36 20.73
C GLU JA 314 5.06 -85.47 21.68
N THR JA 315 4.85 -86.65 22.26
CA THR JA 315 3.66 -86.88 23.07
C THR JA 315 3.62 -85.94 24.27
N ILE JA 316 4.76 -85.74 24.92
CA ILE JA 316 4.78 -84.86 26.09
C ILE JA 316 4.84 -83.39 25.69
N ARG JA 317 5.46 -83.06 24.56
CA ARG JA 317 5.48 -81.67 24.13
C ARG JA 317 4.09 -81.21 23.71
N ASP JA 318 3.34 -82.06 23.02
CA ASP JA 318 1.97 -81.69 22.64
C ASP JA 318 1.05 -81.68 23.84
N ARG JA 319 1.35 -82.47 24.87
CA ARG JA 319 0.59 -82.38 26.11
C ARG JA 319 0.79 -81.01 26.75
N VAL JA 320 2.02 -80.50 26.73
CA VAL JA 320 2.29 -79.15 27.24
C VAL JA 320 1.55 -78.12 26.41
N ILE JA 321 1.60 -78.26 25.08
CA ILE JA 321 0.90 -77.31 24.22
C ILE JA 321 -0.60 -77.42 24.44
N LEU JA 322 -1.08 -78.61 24.81
CA LEU JA 322 -2.50 -78.75 25.11
C LEU JA 322 -2.88 -78.03 26.40
N ILE JA 323 -1.99 -78.03 27.40
CA ILE JA 323 -2.28 -77.33 28.64
C ILE JA 323 -2.44 -75.84 28.37
N SER JA 324 -1.76 -75.31 27.36
CA SER JA 324 -1.96 -73.91 27.00
C SER JA 324 -3.40 -73.65 26.61
N GLU JA 325 -3.98 -74.51 25.78
CA GLU JA 325 -5.37 -74.32 25.38
C GLU JA 325 -6.32 -74.69 26.51
N HIS JA 326 -6.03 -75.77 27.23
CA HIS JA 326 -6.92 -76.26 28.29
C HIS JA 326 -6.12 -76.53 29.56
N PRO JA 327 -5.91 -75.51 30.40
CA PRO JA 327 -5.25 -75.76 31.68
C PRO JA 327 -6.07 -76.65 32.60
N GLU JA 328 -7.38 -76.72 32.41
CA GLU JA 328 -8.18 -77.67 33.17
C GLU JA 328 -7.79 -79.11 32.85
N ALA JA 329 -7.16 -79.35 31.70
CA ALA JA 329 -6.71 -80.68 31.33
C ALA JA 329 -5.50 -81.13 32.14
N ALA JA 330 -5.06 -80.36 33.13
CA ALA JA 330 -3.96 -80.78 33.98
C ALA JA 330 -4.31 -81.98 34.83
N LYS JA 331 -5.61 -82.26 35.03
CA LYS JA 331 -6.01 -83.39 35.85
C LYS JA 331 -5.57 -84.71 35.25
N GLU JA 332 -5.73 -84.88 33.94
CA GLU JA 332 -5.46 -86.17 33.32
C GLU JA 332 -4.04 -86.62 33.61
N ASP JA 333 -3.90 -87.90 33.96
CA ASP JA 333 -2.59 -88.44 34.26
C ASP JA 333 -1.79 -88.61 32.97
N PRO JA 334 -0.46 -88.69 33.07
CA PRO JA 334 0.35 -88.93 31.87
C PRO JA 334 -0.03 -90.23 31.19
N ASP JA 335 0.06 -90.25 29.87
CA ASP JA 335 -0.20 -91.45 29.08
C ASP JA 335 1.02 -91.85 28.26
N HIS JA 336 2.21 -91.54 28.77
CA HIS JA 336 3.45 -91.78 28.06
C HIS JA 336 4.39 -92.60 28.92
N MET JA 337 5.29 -93.32 28.25
CA MET JA 337 6.23 -94.17 28.95
C MET JA 337 7.13 -93.34 29.86
N LYS JA 338 7.47 -93.91 31.01
CA LYS JA 338 8.28 -93.18 31.99
C LYS JA 338 9.69 -92.99 31.44
N PRO JA 339 10.36 -91.88 31.78
CA PRO JA 339 11.79 -91.78 31.45
C PRO JA 339 12.63 -92.89 32.07
N GLY JA 340 12.27 -93.33 33.27
CA GLY JA 340 13.01 -94.42 33.88
C GLY JA 340 12.91 -95.70 33.07
N ASP JA 341 11.70 -96.07 32.66
CA ASP JA 341 11.55 -97.30 31.89
C ASP JA 341 12.24 -97.20 30.54
N PHE JA 342 12.06 -96.06 29.86
CA PHE JA 342 12.75 -95.90 28.57
C PHE JA 342 14.25 -95.82 28.76
N ARG JA 343 14.71 -95.16 29.82
CA ARG JA 343 16.14 -95.15 30.11
C ARG JA 343 16.66 -96.56 30.30
N LEU JA 344 15.93 -97.36 31.10
CA LEU JA 344 16.28 -98.77 31.24
C LEU JA 344 16.44 -99.44 29.88
N GLU JA 345 15.50 -99.18 28.97
CA GLU JA 345 15.61 -99.75 27.64
C GLU JA 345 16.89 -99.32 26.94
N VAL JA 346 17.34 -98.09 27.18
CA VAL JA 346 18.58 -97.61 26.56
C VAL JA 346 19.77 -98.44 27.01
N LEU JA 347 19.92 -98.62 28.32
CA LEU JA 347 21.10 -99.33 28.82
C LEU JA 347 21.04 -100.83 28.58
N ASN JA 348 19.84 -101.40 28.44
CA ASN JA 348 19.75 -102.83 28.19
C ASN JA 348 20.39 -103.21 26.86
N SER JA 349 20.32 -102.33 25.87
CA SER JA 349 20.79 -102.60 24.51
C SER JA 349 22.21 -102.09 24.31
N ILE JA 350 23.05 -102.15 25.33
CA ILE JA 350 24.41 -101.63 25.29
C ILE JA 350 25.38 -102.77 25.61
N GLN JA 351 26.36 -102.96 24.74
CA GLN JA 351 27.40 -103.95 24.99
C GLN JA 351 28.27 -103.51 26.17
N THR JA 352 28.92 -104.49 26.79
CA THR JA 352 29.66 -104.27 28.02
C THR JA 352 31.01 -104.98 27.94
N LYS JA 353 31.90 -104.60 28.84
CA LYS JA 353 33.24 -105.18 28.91
C LYS JA 353 33.38 -105.97 30.20
N LEU JA 354 33.94 -107.17 30.08
CA LEU JA 354 34.02 -108.11 31.20
C LEU JA 354 35.33 -107.87 31.95
N PHE JA 355 35.35 -106.81 32.74
CA PHE JA 355 36.54 -106.50 33.53
C PHE JA 355 36.66 -107.55 34.62
N HIS JA 356 37.45 -108.60 34.34
CA HIS JA 356 37.64 -109.71 35.31
C HIS JA 356 38.83 -109.34 36.21
N ALA JA 357 38.56 -108.80 37.39
CA ALA JA 357 39.63 -108.41 38.31
C ALA JA 357 40.41 -109.63 38.74
N GLN JA 358 41.73 -109.48 38.84
CA GLN JA 358 42.62 -110.58 39.16
C GLN JA 358 43.54 -110.15 40.29
N SER JA 359 43.82 -111.08 41.21
CA SER JA 359 44.62 -110.79 42.39
C SER JA 359 46.07 -111.14 42.09
N GLN JA 360 46.90 -110.12 41.87
CA GLN JA 360 48.31 -110.35 41.61
C GLN JA 360 49.02 -110.87 42.86
N PRO JA 361 49.82 -111.95 42.74
CA PRO JA 361 50.60 -112.41 43.89
C PRO JA 361 51.96 -111.72 43.98
N ILE JA 362 52.24 -111.11 45.13
CA ILE JA 362 53.51 -110.42 45.35
C ILE JA 362 54.29 -111.15 46.44
N PRO JA 363 55.59 -111.35 46.30
CA PRO JA 363 56.36 -112.03 47.35
C PRO JA 363 56.28 -111.28 48.67
N ASN JA 364 56.51 -112.01 49.76
CA ASN JA 364 56.46 -111.44 51.11
C ASN JA 364 55.03 -111.08 51.50
N THR JA 365 54.09 -111.93 51.12
CA THR JA 365 52.68 -111.76 51.46
C THR JA 365 52.04 -113.13 51.69
N ASP JA 366 51.39 -113.27 52.83
CA ASP JA 366 50.72 -114.51 53.20
C ASP JA 366 49.24 -114.22 53.42
N ASP JA 367 48.39 -114.93 52.69
CA ASP JA 367 46.93 -114.73 52.73
C ASP JA 367 46.54 -113.33 52.32
N TYR JA 368 47.46 -112.56 51.73
CA TYR JA 368 47.21 -111.21 51.27
C TYR JA 368 47.65 -111.12 49.82
N TRP JA 369 46.74 -110.72 48.94
CA TRP JA 369 47.00 -110.63 47.51
C TRP JA 369 46.98 -109.16 47.09
N THR JA 370 47.12 -108.93 45.78
CA THR JA 370 47.06 -107.58 45.22
C THR JA 370 46.06 -107.60 44.07
N ASP JA 371 44.90 -106.98 44.28
CA ASP JA 371 43.81 -107.00 43.30
C ASP JA 371 44.10 -105.97 42.23
N VAL JA 372 44.21 -106.44 40.99
CA VAL JA 372 44.40 -105.57 39.81
C VAL JA 372 43.20 -105.78 38.90
N ILE JA 373 42.49 -104.70 38.59
CA ILE JA 373 41.30 -104.77 37.75
C ILE JA 373 41.77 -104.54 36.32
N LEU JA 374 42.23 -105.62 35.69
CA LEU JA 374 42.66 -105.60 34.30
C LEU JA 374 41.91 -106.64 33.49
N THR JA 375 41.51 -106.27 32.28
CA THR JA 375 40.76 -107.15 31.41
C THR JA 375 41.61 -108.28 30.85
N THR JA 376 42.92 -108.15 30.87
CA THR JA 376 43.81 -109.17 30.32
C THR JA 376 44.05 -110.27 31.34
N LYS JA 377 43.88 -111.52 30.92
CA LYS JA 377 44.12 -112.65 31.81
C LYS JA 377 45.58 -112.71 32.22
N GLY JA 378 45.83 -112.93 33.51
CA GLY JA 378 47.18 -113.02 34.03
C GLY JA 378 47.55 -114.42 34.47
N SER JA 379 48.83 -114.65 34.71
CA SER JA 379 49.34 -115.94 35.16
C SER JA 379 49.60 -115.89 36.66
N GLY JA 380 48.95 -116.78 37.39
CA GLY JA 380 49.11 -116.83 38.84
C GLY JA 380 48.29 -115.82 39.62
N ASN JA 381 47.51 -115.02 38.89
CA ASN JA 381 46.65 -113.99 39.54
C ASN JA 381 45.26 -114.58 39.78
N GLN JA 382 44.75 -114.49 41.02
CA GLN JA 382 43.45 -115.07 41.32
C GLN JA 382 42.34 -114.18 40.79
N PRO JA 383 41.47 -114.66 39.90
CA PRO JA 383 40.33 -113.84 39.46
C PRO JA 383 39.30 -113.69 40.56
N LEU JA 384 38.76 -112.47 40.69
CA LEU JA 384 37.77 -112.16 41.71
C LEU JA 384 36.35 -112.30 41.20
N PHE JA 385 35.98 -111.50 40.19
CA PHE JA 385 34.66 -111.59 39.58
C PHE JA 385 34.76 -111.08 38.16
N THR JA 386 33.87 -111.57 37.31
CA THR JA 386 33.77 -111.13 35.92
C THR JA 386 32.38 -110.55 35.69
N PHE JA 387 32.34 -109.28 35.28
CA PHE JA 387 31.12 -108.51 35.23
C PHE JA 387 31.07 -107.62 33.98
N PRO JA 388 29.89 -107.40 33.42
CA PRO JA 388 29.78 -106.40 32.34
C PRO JA 388 30.14 -105.02 32.87
N ALA JA 389 30.80 -104.23 32.03
CA ALA JA 389 31.17 -102.86 32.38
C ALA JA 389 31.13 -102.00 31.13
N PHE JA 390 31.23 -100.68 31.34
CA PHE JA 390 31.12 -99.70 30.27
C PHE JA 390 32.51 -99.14 29.98
N ASP JA 391 32.96 -99.32 28.74
CA ASP JA 391 34.31 -98.94 28.32
C ASP JA 391 34.31 -97.65 27.51
N PHE JA 392 33.25 -96.85 27.59
CA PHE JA 392 33.16 -95.63 26.82
C PHE JA 392 32.23 -94.67 27.54
N GLY JA 393 32.54 -93.38 27.44
CA GLY JA 393 31.75 -92.37 28.10
C GLY JA 393 30.46 -92.13 27.35
N ASP JA 394 30.06 -90.87 27.24
CA ASP JA 394 28.88 -90.47 26.48
C ASP JA 394 27.59 -91.07 27.03
N LEU JA 395 27.63 -91.73 28.18
CA LEU JA 395 26.45 -92.26 28.84
C LEU JA 395 26.31 -91.51 30.18
N ILE JA 396 25.37 -90.57 30.24
CA ILE JA 396 25.27 -89.75 31.44
C ILE JA 396 24.95 -90.64 32.63
N GLY JA 397 25.33 -90.17 33.81
CA GLY JA 397 25.19 -90.94 35.03
C GLY JA 397 26.32 -91.91 35.29
N THR JA 398 27.44 -91.78 34.55
CA THR JA 398 28.59 -92.71 34.68
C THR JA 398 29.87 -91.95 34.90
N GLU JA 399 30.81 -92.51 35.66
CA GLU JA 399 32.12 -91.93 35.91
C GLU JA 399 33.19 -93.01 35.78
N VAL JA 400 34.41 -92.57 35.51
CA VAL JA 400 35.52 -93.47 35.19
C VAL JA 400 36.40 -93.65 36.42
N VAL JA 401 36.94 -94.86 36.56
CA VAL JA 401 37.89 -95.21 37.60
C VAL JA 401 39.20 -95.56 36.92
N SER JA 402 40.08 -94.58 36.79
CA SER JA 402 41.31 -94.73 36.02
C SER JA 402 42.47 -94.93 36.98
N PHE JA 403 42.98 -96.16 37.05
CA PHE JA 403 44.11 -96.45 37.91
C PHE JA 403 45.31 -95.60 37.48
N GLY JA 404 46.02 -95.05 38.46
CA GLY JA 404 47.24 -94.31 38.20
C GLY JA 404 48.47 -95.10 38.61
N LYS JA 405 49.22 -95.58 37.63
CA LYS JA 405 50.46 -96.31 37.89
C LYS JA 405 51.64 -95.42 37.58
N LYS JA 406 52.52 -95.24 38.56
CA LYS JA 406 53.69 -94.41 38.37
C LYS JA 406 54.59 -94.98 37.28
N LYS JA 407 54.75 -94.24 36.18
CA LYS JA 407 55.75 -94.62 35.19
C LYS JA 407 57.16 -94.42 35.74
N ASN JA 408 57.34 -93.44 36.61
CA ASN JA 408 58.60 -93.20 37.28
C ASN JA 408 58.81 -94.13 38.46
N GLY JA 409 57.82 -94.95 38.79
CA GLY JA 409 57.93 -95.87 39.91
C GLY JA 409 57.00 -97.05 39.75
N GLU JA 410 56.40 -97.50 40.86
CA GLU JA 410 55.50 -98.64 40.81
C GLU JA 410 54.25 -98.44 41.67
N GLU JA 411 54.04 -97.23 42.18
CA GLU JA 411 52.87 -96.98 43.04
C GLU JA 411 51.58 -97.30 42.29
N TYR JA 412 50.68 -97.99 42.97
CA TYR JA 412 49.35 -98.28 42.45
C TYR JA 412 48.37 -97.22 42.94
N ASN JA 413 47.67 -96.56 42.02
CA ASN JA 413 46.69 -95.54 42.37
C ASN JA 413 45.34 -95.88 41.76
N CYS JA 414 44.31 -95.26 42.32
CA CYS JA 414 42.93 -95.48 41.88
C CYS JA 414 42.18 -94.18 42.04
N LEU JA 415 42.01 -93.44 40.94
CA LEU JA 415 41.37 -92.13 40.96
C LEU JA 415 40.13 -92.18 40.09
N ILE JA 416 39.00 -91.75 40.65
CA ILE JA 416 37.74 -91.72 39.92
C ILE JA 416 37.62 -90.39 39.20
N GLY JA 417 37.29 -90.44 37.91
CA GLY JA 417 37.13 -89.20 37.16
C GLY JA 417 38.38 -88.35 37.11
N GLU JA 418 39.54 -88.92 37.42
CA GLU JA 418 40.81 -88.20 37.38
C GLU JA 418 41.83 -89.10 36.69
N ARG JA 419 42.14 -88.80 35.44
CA ARG JA 419 43.05 -89.63 34.68
C ARG JA 419 44.50 -89.32 35.06
N VAL JA 420 45.43 -90.02 34.40
CA VAL JA 420 46.84 -89.72 34.56
C VAL JA 420 47.21 -88.38 33.96
N THR JA 421 46.44 -87.90 32.99
CA THR JA 421 46.81 -86.68 32.27
C THR JA 421 46.97 -85.48 33.20
N SER JA 422 46.28 -85.48 34.34
CA SER JA 422 46.46 -84.39 35.31
C SER JA 422 47.90 -84.34 35.81
N LEU JA 423 48.49 -85.50 36.08
CA LEU JA 423 49.88 -85.60 36.52
C LEU JA 423 50.76 -85.95 35.33
N ASP JA 424 52.04 -86.20 35.58
CA ASP JA 424 53.01 -86.53 34.55
C ASP JA 424 53.72 -87.82 34.91
N ASP JA 425 53.95 -88.67 33.89
CA ASP JA 425 54.61 -89.96 34.06
C ASP JA 425 53.82 -90.86 35.02
N TYR JA 426 52.60 -91.19 34.56
CA TYR JA 426 51.71 -92.11 35.31
C TYR JA 426 51.07 -93.00 34.24
N LYS JA 427 50.45 -94.11 34.62
CA LYS JA 427 49.92 -95.05 33.59
C LYS JA 427 48.51 -95.50 33.95
N GLU JA 428 47.61 -95.57 32.96
CA GLU JA 428 46.22 -96.02 33.19
C GLU JA 428 46.14 -97.55 33.18
N LEU JA 429 46.43 -98.19 34.30
CA LEU JA 429 46.28 -99.67 34.36
C LEU JA 429 44.91 -100.01 33.75
N SER JA 430 43.86 -99.32 34.18
CA SER JA 430 42.52 -99.60 33.70
C SER JA 430 41.64 -98.36 33.87
N TYR JA 431 40.89 -98.05 32.82
CA TYR JA 431 39.91 -96.97 32.87
C TYR JA 431 38.62 -97.47 32.24
N PHE JA 432 37.50 -97.23 32.91
CA PHE JA 432 36.20 -97.68 32.42
C PHE JA 432 35.09 -96.97 33.17
N TRP JA 433 34.16 -96.34 32.46
CA TRP JA 433 33.09 -95.60 33.11
C TRP JA 433 32.13 -96.54 33.81
N VAL JA 434 31.62 -96.11 34.96
CA VAL JA 434 30.70 -96.90 35.77
C VAL JA 434 29.69 -95.99 36.44
N PHE JA 435 28.63 -96.59 36.97
CA PHE JA 435 27.64 -95.84 37.72
C PHE JA 435 28.11 -95.67 39.16
N PRO JA 436 28.39 -94.45 39.62
CA PRO JA 436 28.72 -94.28 41.05
C PRO JA 436 27.57 -94.59 41.99
N ASP JA 437 26.34 -94.60 41.49
CA ASP JA 437 25.16 -94.87 42.32
C ASP JA 437 24.35 -95.98 41.68
N SER JA 438 23.37 -96.48 42.42
CA SER JA 438 22.55 -97.57 41.94
C SER JA 438 21.45 -97.05 41.04
N VAL JA 439 20.88 -97.96 40.25
CA VAL JA 439 19.75 -97.65 39.39
C VAL JA 439 18.69 -98.72 39.60
N GLN JA 440 17.44 -98.37 39.29
CA GLN JA 440 16.34 -99.31 39.49
C GLN JA 440 16.57 -100.58 38.67
N LYS JA 441 16.77 -101.68 39.37
CA LYS JA 441 16.78 -103.03 38.81
C LYS JA 441 17.82 -103.25 37.73
N PHE JA 442 18.83 -102.37 37.63
CA PHE JA 442 19.95 -102.61 36.71
C PHE JA 442 21.28 -102.73 37.44
N ALA JA 443 21.65 -101.72 38.22
CA ALA JA 443 22.97 -101.66 38.87
C ALA JA 443 22.77 -101.86 40.37
N MET JA 444 22.84 -103.12 40.81
CA MET JA 444 22.59 -103.45 42.20
C MET JA 444 23.79 -104.06 42.91
N GLU JA 445 24.75 -104.62 42.19
CA GLU JA 445 25.93 -105.20 42.81
C GLU JA 445 26.99 -104.13 42.98
N MET JA 446 27.81 -104.28 44.03
CA MET JA 446 28.65 -103.21 44.54
C MET JA 446 30.13 -103.54 44.39
N TYR JA 447 30.94 -102.50 44.23
CA TYR JA 447 32.40 -102.61 44.27
C TYR JA 447 32.95 -101.44 45.08
N GLY JA 448 33.93 -101.73 45.91
CA GLY JA 448 34.56 -100.71 46.75
C GLY JA 448 36.06 -100.75 46.63
N VAL JA 449 36.67 -99.58 46.82
CA VAL JA 449 38.11 -99.40 46.67
C VAL JA 449 38.71 -99.11 48.04
N SER JA 450 39.78 -99.82 48.37
CA SER JA 450 40.55 -99.58 49.58
C SER JA 450 42.04 -99.73 49.26
N LYS JA 451 42.86 -98.91 49.92
CA LYS JA 451 44.29 -98.86 49.66
C LYS JA 451 45.06 -98.82 50.97
N VAL JA 452 46.21 -99.48 51.00
CA VAL JA 452 47.05 -99.50 52.21
C VAL JA 452 48.08 -98.38 52.08
N PRO JA 453 48.12 -97.42 53.02
CA PRO JA 453 49.07 -96.31 52.86
C PRO JA 453 50.52 -96.76 52.80
N THR JA 454 50.90 -97.76 53.59
CA THR JA 454 52.30 -98.17 53.65
C THR JA 454 52.74 -98.76 52.31
N ARG JA 455 51.90 -99.61 51.72
CA ARG JA 455 52.21 -100.26 50.45
C ARG JA 455 50.98 -100.18 49.56
N ASN JA 456 51.20 -99.80 48.29
CA ASN JA 456 50.09 -99.58 47.37
C ASN JA 456 49.56 -100.91 46.84
N TYR JA 457 49.09 -101.76 47.74
CA TYR JA 457 48.44 -103.01 47.36
C TYR JA 457 46.96 -102.71 47.18
N MET JA 458 46.55 -102.55 45.93
CA MET JA 458 45.15 -102.25 45.64
C MET JA 458 44.25 -103.27 46.33
N ARG JA 459 43.33 -102.76 47.15
CA ARG JA 459 42.39 -103.59 47.89
C ARG JA 459 40.99 -103.17 47.45
N VAL JA 460 40.55 -103.75 46.34
CA VAL JA 460 39.21 -103.54 45.81
C VAL JA 460 38.40 -104.79 46.12
N TYR JA 461 37.23 -104.62 46.71
CA TYR JA 461 36.43 -105.74 47.16
C TYR JA 461 34.95 -105.40 47.02
N ALA JA 462 34.12 -106.42 47.14
CA ALA JA 462 32.66 -106.26 47.10
C ALA JA 462 32.21 -105.65 48.42
N ALA JA 463 32.04 -104.33 48.44
CA ALA JA 463 31.74 -103.59 49.66
C ALA JA 463 30.24 -103.73 49.98
N ASP JA 464 29.84 -103.02 51.03
CA ASP JA 464 28.41 -103.08 51.49
C ASP JA 464 27.97 -101.64 51.80
N GLN JA 465 26.68 -101.44 52.04
CA GLN JA 465 26.23 -100.08 52.47
C GLN JA 465 26.94 -99.77 53.80
N SER JA 466 27.43 -100.80 54.49
CA SER JA 466 28.12 -100.60 55.80
C SER JA 466 29.56 -100.12 55.55
N ASP JA 467 30.21 -100.61 54.49
CA ASP JA 467 31.56 -100.11 54.16
C ASP JA 467 31.46 -98.59 53.96
N ILE JA 468 30.35 -98.13 53.38
CA ILE JA 468 30.12 -96.66 53.24
C ILE JA 468 29.88 -96.10 54.65
N GLU JA 469 28.92 -96.67 55.39
CA GLU JA 469 28.61 -96.20 56.76
C GLU JA 469 29.91 -96.06 57.58
N ASN JA 470 30.64 -97.16 57.73
CA ASN JA 470 31.95 -97.11 58.45
C ASN JA 470 33.08 -97.32 57.45
N PRO JA 471 33.74 -96.24 56.95
CA PRO JA 471 34.81 -96.36 55.92
C PRO JA 471 36.16 -96.69 56.53
N ARG JA 472 36.92 -97.57 55.87
CA ARG JA 472 38.26 -97.91 56.32
C ARG JA 472 39.24 -96.81 55.89
N PRO JA 473 40.42 -96.76 56.49
CA PRO JA 473 41.39 -95.72 56.11
C PRO JA 473 41.74 -95.80 54.63
N TYR JA 474 41.90 -94.64 53.98
CA TYR JA 474 42.35 -94.61 52.55
C TYR JA 474 41.38 -95.35 51.63
N GLN JA 475 40.11 -95.49 52.01
CA GLN JA 475 39.14 -96.10 51.11
C GLN JA 475 38.61 -94.99 50.21
N ARG JA 476 38.90 -95.09 48.92
CA ARG JA 476 38.70 -93.95 48.03
C ARG JA 476 37.25 -93.82 47.60
N PHE JA 477 36.72 -94.82 46.88
CA PHE JA 477 35.42 -94.69 46.27
C PHE JA 477 34.77 -96.06 46.13
N TRP JA 478 33.45 -96.05 46.00
CA TRP JA 478 32.66 -97.26 45.83
C TRP JA 478 31.68 -97.06 44.68
N PHE JA 479 31.44 -98.13 43.91
CA PHE JA 479 30.67 -98.02 42.68
C PHE JA 479 29.84 -99.28 42.49
N TYR JA 480 28.73 -99.11 41.78
CA TYR JA 480 27.80 -100.18 41.48
C TYR JA 480 27.96 -100.62 40.03
N VAL JA 481 27.92 -101.93 39.81
CA VAL JA 481 28.07 -102.52 38.48
C VAL JA 481 26.76 -103.20 38.10
N PRO JA 482 26.39 -103.25 36.81
CA PRO JA 482 25.11 -103.85 36.44
C PRO JA 482 25.00 -105.31 36.89
N SER JA 483 23.78 -105.67 37.30
CA SER JA 483 23.48 -107.03 37.75
C SER JA 483 23.04 -107.86 36.54
N ALA JA 484 23.68 -109.02 36.37
CA ALA JA 484 23.35 -109.89 35.26
C ALA JA 484 21.97 -110.52 35.39
N ASN JA 485 21.32 -110.40 36.55
CA ASN JA 485 20.01 -110.99 36.75
C ASN JA 485 18.90 -110.23 36.03
N SER JA 486 19.19 -109.08 35.46
CA SER JA 486 18.16 -108.31 34.76
C SER JA 486 17.65 -109.12 33.57
N PRO JA 487 16.34 -109.17 33.33
CA PRO JA 487 15.83 -109.95 32.20
C PRO JA 487 16.01 -109.21 30.89
N PRO JA 488 16.57 -109.85 29.85
CA PRO JA 488 16.73 -109.15 28.57
C PRO JA 488 15.47 -109.21 27.71
#